data_6RM3
#
_entry.id   6RM3
#
loop_
_entity.id
_entity.type
_entity.pdbx_description
1 polymer '16S rRNA'
2 polymer '5S rRNA'
3 polymer uL2
4 polymer uS2
5 polymer uL15
6 polymer eS26
7 polymer uL3
8 polymer eS1
9 polymer eL29
10 polymer eS27
11 polymer uL4
12 polymer uS5
13 polymer eL30
14 polymer eS28
15 polymer uL18
16 polymer uS3
17 polymer eL31
18 polymer uS14
19 polymer eL6
20 polymer eS4
21 polymer eL32
22 polymer eS30
23 polymer uL30
24 polymer uS7
25 polymer eL33
26 polymer eS31
27 polymer eL8
28 polymer eS6
29 polymer eL34
30 polymer RACK1
31 polymer uL6
32 polymer eS7
33 polymer uL29
34 polymer uL16
35 polymer eS8
36 polymer eL36
37 polymer uL5
38 polymer uS4
39 polymer eL37
40 polymer eL13
41 polymer uS17
42 polymer eL39
43 polymer eL14
44 polymer eL40
45 polymer eS12
46 polymer eL15
47 polymer uS15
48 polymer MDF2
49 polymer MDF1
50 polymer uL13
51 polymer uS11
52 polymer eL42
53 polymer uL22
54 polymer uS19
55 polymer eL43
56 polymer eL18
57 polymer uS9
58 polymer eL19
59 polymer eS17
60 polymer eL20
61 polymer uS13
62 polymer eL21
63 polymer eS19
64 polymer eL22
65 polymer uS10
66 polymer uL14
67 polymer eS21
68 polymer eL24
69 polymer uS8
70 polymer uL23
71 polymer uS12
72 polymer msL1
73 polymer uL24
74 polymer eS24
75 polymer eL27
76 polymer eS25
77 polymer eS10
78 polymer '23S rRNA'
79 non-polymer 'MAGNESIUM ION'
80 non-polymer 'ZINC ION'
#
loop_
_entity_poly.entity_id
_entity_poly.type
_entity_poly.pdbx_seq_one_letter_code
_entity_poly.pdbx_strand_id
1 'polyribonucleotide'
;ACCAGGUUGAUUCUGCCUGACGUAGACGCUAUUCCCUAAGAUUAACCCAUGCAUGUUUUUGAUAUGGAAAAAUGGACUGC
UCAGUAAUACUCACUUUAUUUAAUGUAUUAAAUUAGUAUAACUGCGUUAAAGUGUAGCAUAAGACAUAUACAGUAAGAGU
GAGACCUAUCAGCUAGUUGUUAAGGUAAUGGCUUAACAAGGCAAUGACGGGUAACGGUAUUACUUUGUAAUAUUCCGGAG
AAGGAGCCUGAGAGACGGCUACUAAGUCUAAGGAUUGCAGCAGGGGCGAAACUUGACCUAUGGAUUUUAUCUGAGGCAGU
UAUGGGAAGUAAUAUUCUAUUGUUUCAUAUUGUAAAAGUAUAUGAGGUGAUUAAUUGGAGGGCAAAUCAAGUGCCAGCAG
CCGCGGUAAUACUUGUUCCAAGAGUGUGUAUGAUGAUUGAUGCAGUUAAAAAGUCCGUAGUUUAUAUUUAAGAAGCAAUA
UGAGGUGUACUGUAUAGUUGGGAGAGAGAUGAAAUGUGACGACCCUGACUGGACGAACAGAAGCGAAAGCUGUACACUUG
UAUGUAUUUUUUGAACAAGGACGUAAGCUGGAGGAGCGAAGAUGAUUAGAUACCAUUGUAGUUCCAGCAGUAAACUAUGC
CGACGAUGUGAUAUGAUAUUAAUUGUAUUAGAUGAUAGAAAUUUGAGUUUUUUGGCUCUGGGGAUAGUAUGAUCGCAAGA
UUGAAAAUUAAAGAAAUUGACGGAAGAAUACCACAAGGAGUGGAUUGUGCGGCUUAAUUUGACUCAACGCGAGGUAACUU
ACCAAUAUUUUAUUAUUCAGAGAAGAUUUUAAUCUGAGAAUGAUAAUAGUGGUGCAUGGCCGUUUUCAAUGGAUGCUGUG
AAGUUUUGAUUAAUUUCAACAAGACGUGAGACCCUUUUAUUAAUAGACAGACACAAUCAGUGUAGGAAGGAAAGGAUUAA
AACAGGUCCGUUAUGCCCUCAGACAUUUUGGGCUGCACGCGCAAUACAAUAGAUAUAUAAUCUUUAUGGGAUAAUAUUUU
GUAAGAGAUAUUUGAACUUGGAAUUGCUAGUAAAUUUUAUUAAAUAAGUAGAAUUGAAUGUGUCCCUGUUCUUUGUACAC
ACCGCCCGUCGCUAUCUAAGAUGAUAUGUGUUGUGAAAUUAGUGAAAACUACUUGAACAAUAUGUAUUAGAUCUGAUAUA
AGUCGUAACAUGGUUGCUGUUGGAGAACCAUUAGCAGGAUCAUA
;
S60
2 'polyribonucleotide'
;AGUUACGGCCAUAUCUACUGUAAAACACCGGAACUCGUCAGCUCUCCGAAGUUAAGCCAGUAAGAGCCUUGUGAGUACUG
AGAUGGGAGACCGCUCGGAAAAGCAAGGUGCUGUAAUUU
;
L70
3 'polypeptide(L)'
;MGKVTRKIREETKKLRNPRKLSSPKYPNFPETTQGTVVDLVHERGRGVPLAHVKFNDEIYSLIATEGLYTGQTIFIGDNA
PISIGNITKLKNVPGGMAVHSIEYDYEDGGCVGMTGGAYSTVVTHREETNETVLGLPSGQKKIFSSEVRCIVGVPSAGGI
KEKPFLKASVAHYFNKAHCKKWPRVRCVAMNPVDHKFGGGNHQHVGRPTTISKRRPHAQLMGLIGARRTGRVKGSKK
;
LA0
4 'polypeptide(L)'
;MAKVNIPIPEDFVKLILISQGHLGGIKTSKHMGRYVYGTRKPENIKVIDIEKTWEKFILASRMFCSLQNPSEAVVVSTKT
FGRKGVLKFCEATNATPVIGRFIPGTFCNNQVKRPLEPRVLIVSDPFADKQALDESSYVNLQTVAFCNTDNDVSFVDVVI
PMNNRSPVSISTGLFILSRLVRFMKTGEPLDENMKEIELFIYRDPVELERLVEEQKAIDSANINIGNQEFSDPEDYSTVN
NWASDMTNISVETTRSGAERGWGN
;
SA0
5 'polypeptide(L)'
;MLKHVKKTRKLRGHVSHGHGRVGKHRKHSGGRGICGGLKHMKTWFQKYHPDYFGKRGHRIYHRKKNDEWARWISAAKLWS
LIPKETRYELIDKQQEGVPVINCRDFGYHVVVGGELSLDRPVVVKARKFTEDAKEQIEKVGGKWIICP
;
LAA
6 'polypeptide(L)'
;MPVKRKNHGKNRKNRGSCKPVQCDKCGRCVPKDKAIKRFKIVPLVEAGSMDDVKVASIYDIFEVPRISYKNQYCISCACH
ARIVRVRSRQGRKIRYDGERRMIK
;
SAA
7 'polypeptide(L)'
;MSCRKFNAPRHGSLAFCPRKRSKTIRPPIRAFPKDDPSSKIHLTGFIGYKAGMTHVVRTKTVQTKNKQSLKEILDAVTIV
ETPANVIYGVTGYEQTGRGLKRVATVFSNHIDQGVLRRRYGLKWEEISGKLSGLSIEDTETKISEIKKRSCVIRVLVHSQ
PSKIPVLNLKKSHTAEIQVNGGSIEEKVDWALEHFEKEFNVQDIFGVDENLDVIGVTKGKGFTGVIKRFGVTKQPRKSRK
GIRKVACIGAWHPSRVMTTVARAGGKGFHRRTEINKKVYMIGHGNEKIKTEYDLTKKFITPMGGFPHYGQIKNEFIMLKG
AIVGPSKRVVTLRKSLLKNQKKNEDLVIKFVDTSSKIGNGRFQTTEEKRAFYGIKKSEVVNSTD
;
LB0
8 'polypeptide(L)'
;MAIQPPGSYAKANKKGSKKNQKIDNFTKKEWYNLKAPSVFPNNVCGKTMATRTSNKQDLSTLLIGRKFEVNQADLTGNLE
EHARKFSFRVNEVRGKDCIGVFDGMHMTSDKIKGIVRKWHTLIEAEKDIVTKDGAILRVFVNAVTKKTPACTSKRVYCKS
SDEKRIRKVMFDIIEEELKDQDISKIMKKLSQEVIGKNIEKAGSAIYPLQNCCVIKVKTVKKAREERHPMTVEAETY
;
SB0
9 'polypeptide(L)' MAKKKNGTLANKNYKDHRNGIKRQKIGKLLELPGVNQKFLRNMKYAREGLKSSNE LBB
10 'polypeptide(L)'
;MVSKNLHNFQNFDLAFPTEEQIKKTHKTKNLYAVPTGYFMQVLCDGCKGVTLCYSHSQRDMNCKGCGETILKSTGGKARL
IGECAFKKVDYSFE
;
SBB
11 'polypeptide(L)'
;MDSKINIYELDGNTVKSTVNLPDVFSVDIRSDIIEQVHSLERLNLRQPYAVSPNAGMQHSAVSWGTGRAIARCPRIGGGG
SRRSGQGAFANFCRKGRMAHPTTTMRRWCRKIVLNTRRIALAMSIAASAKTSFVESRGHKIENLKNIPLVVSDDLKKFEK
TKDAFELLKNFNLTEEVERVKNSKTLRGTKGKMRNRRFRMRKGLLLIHDSPVELKAFRNIPGVDQLSINKLNIFELAPGG
HAGRLVMWTESAFKKLEKLFGKFNEESRILKKFTLPKKMITTDSLEELFLSKEVQAVLNEPAYIPEFSPRKTEEEIAEGE
KFISMFDSERILSK
;
LC0
12 'polypeptide(L)'
;MQNKKFNRNAKEEEWVPKTKLGKLVKDRKIQSLDTIFTHSLQIREAGIVDFLLGQNIRDEVLAIKSVQKQTRAGQKTSIK
AVVAIGDGKGYVGIGTFSSKDAATAIKTAASKAKCNIRPVRLGLWQGEMGQVHTVTTRASGKCGSSVVKIIPAPKGTGIS
ASSVPKTILELAGVKDAYTQCFGATYTTENFAKATIEALEKSSSLFLPSQWTEPIKQLNPLMEFSNHLNKQEKIQFN
;
SC0
13 'polypeptide(L)'
;MSRRYSKAVGLAASLPLVVKTGKYDIGFKSALRNVITKKAKCIVVSSSLPSVKRKQLEYYCVLAGGIPLKFYEGTNNALA
NLCELKYRTGVMSVLHEGESDLLTEKIN
;
LCC
14 'polypeptide(L)' MEANLQQQFYCKVLKTADRAGSAGALVLVRVELLNNGRKMNRLIKGSVREGDIIALLECEREHRRSR SCC
15 'polypeptide(L)'
;MARKAGRRNKKAKSAATKRSRFQVKRRRRRECKTNYRHRINLIKQDYNKQGALKFRLVVRRTNTKVICQITRSYIDGDRV
FAFADSTELKNYGVDFGLKNHFAFYATGFLAARRALAKLEMDDLYKAKETDGTYTVTEDIDEERRALKVFLDIGLSRSTK
GGNTFIAMKGCSDAGVYIPHSESKFIGYEKNKPFKADELRDRIFCKHVSEYMKTLKENDEEKFKIQFSDYIKKNIEPDNI
AGIYQNALDGIIKNPSRQEKEKKDYSGFKKFKVEKLSLEERKKRIQEKLSALKAN
;
LD0
16 'polypeptide(L)'
;MGNDNKILKKFIADGMIFAELKELFEKCLINEGFSSLELRLEESPVKVILKVVKPHDLIGDKKWKVNQIQHLVASRLSLP
DSNVVVIIDKVVEKGLCPIYQANLIKEKMLANIPHKRAANLVLKNTKFAGATGCLVTISGKLKGLRACTKKFLEGVVIKS
GQPSRDYVKKHITTVNTKQGVIGIQVSIMLPHDPEGIIGPSTLLPDKIVVLDAKE
;
SD0
17 'polypeptide(L)'
;MNTALENNKMMEITVNLGKLTKGCNWTKKASIAIKKFRSHLKKMLKTDEKITIQKDLNKYIFSKGLTKVPRRVRIKVERI
ADKDNAELNVIKCSHVLVGNFKGLKTEIISE
;
LDD
18 'polypeptide(L)' MNLADILDVPIKQNEPKGPFSHKVATNEEAKKCRACSGFRGIIFKYDMTICRRCFREYAKDIGFNVYD SDD
19 'polypeptide(L)'
;AIKDIQIRLQETAKYQSEDVPKYIEKYMKKLNKQNERKRRTDLECGMIVVVCEGIYEAKRVFYLKGLDKNLVLCAVLKDG
NNVSFFKIDESYLLATSTKININVNEIHISEDEVPLITKDKSIEIMDIENSEKMTKIEKSIMDEVRKVDYLKTYLNTPFE
IDSSVEFYSQKY
;
LE0
20 'polypeptide(L)'
;TGGPRKHLNRKVAPTSWKLDKSIGTYAIRPHSGPHKKDLCIPLAYVLEKFLEYANNRKEIQIILKSKNIKINGKIIEKRK
YPVGFGDVLSIIKTDEHYRVFYGVDKNFTFIKIDKEEANFKLAKVTNKKVMYENVPYIFTNDGACFKYCDPAININDTVK
IDLETRLVVDYVSFKEGDVVFVMRGEDTGRVGIIKKIQNTTVICEDLSNKEFETSIDSMIVIGDNEESLLISLPEEKGIR
LTALEESNLKFGEIVENEVEVN
;
SE0
21 'polypeptide(L)'
;MEEQFTAPNPLIAIKEEFRKKIKFVRHHSDRYNRVKPSWRKPRGIDSNVRKGLHGQRKMPKIGYKKPDVVRYLLPNGLRK
FIIHNADDLEPLICLNRTYCAEIAHSVGAKKRIAIVNRAKELGIHVTNEKARLVEAIPE
;
LEE
22 'polypeptide(L)' MATQINIKKAGKVKNQTPKVAKQEKQRAKTGRCANRRKYEARLEMGYFECNGKMKLNLKA SEE
23 'polypeptide(L)'
;MSSSVAPNSFKSLQEYEKKQALIIDAKKSEYEQRVLRNKEYALETTEKLLNKYYDSVKELEKTKSDYKSKNMLYIPKEPN
FLVVVKIKSSIGAAPRQRSILKLLRLNKTNSAVLVKNNKSMKRMLQLAKDYISYGSISYELLRKLVYKHGVIKVNDKHRK
LNNENIEDAFRGELKCIEEIIHNIYFGTEYFKVCANTLIPFRLKSPQGGFKGKKSKGFTEGGNLGNHYDLIGELVERML
;
LF0
24 'polypeptide(L)'
;MADIKLFEKYSYDDVNCSDESISSYINLSRRFIIPHEGSRAIIKSKTKANLSIINRFVNSLMRNGRNSGKKRLANVCVED
AFVIINCLTKKNPLQVLVDAIINAGPREDTARVGRGGSMKRTAVDVSPSKRVSLAIQLLSNGIRSSAFKSRKSLAECIAD
ELNNAAANSQNSYAVKKREEIERIAKSNR
;
SF0
25 'polypeptide(L)'
;MFIPGIFVSHRRALRRIRHTQALIKINNVVNKEQAKNYIGHVVVSKRLNDDKTPRDVEGVVIGVHGNKGLVRVKFERNMP
AKSVTNVVEVRLVKKEIN
;
LFF
26 'polypeptide(L)'
;MQIFVKTLTGKTITLEVEPSDSIENVKAKIQDKEGIPPDQQRLIFAGKQLEDGRTLSDYNIQKESTLHLVLRLRGGNKKK
KAFKTPKIVKPAVVKEKMGWLKNFRIGTDGSVQVIGKMCEKCDDCSFMRNMKFNYKCGKCGLSENKQEISA
;
SFF
27 'polypeptide(L)'
;MALGKPKQKKSFVPKLTKDQKDEKERLITKKIYKLAYAIKRPPAIQQFKTILESEDCKRALALFSKYKPETHEERLERLK
KSNPQEGPKPILAKQGLRHVTRLIETKKAKFVLVAADVNPAELVLFIPTLCKKMNIPYAIVESQNMLGSVVNMKKTTILA
LCDVKGEDKKELEEIIKISNEMFSEQYEQHMTRWGGLRTN
;
LG0
28 'polypeptide(L)'
;MKLNIADPVNGTQKMYEIEHKAQLKLYNKKIGDQFNGDILDEKFNGYVFEITGGDDAQGFPMSKKYLTPNRIRPLLSKGD
VGYRCRRKGVRMRKSVRGAIVSEETNVLAIIVIKKGDNELEGLTDRSNPRTHLPKKDKKLRSMFNIPEGEDIVTYLKDLL
SKNLPEGAKLPNIKPTGHIHERKRAQKEASKKAHAERKARNEAQRQQWLKTYNIKQD
;
SG0
29 'polypeptide(L)'
;MHKIIIHKGRTYKTRSNVRKVVKTPSGKLVARRQKKHAKFHRCHECNTKLLSIARMRPAEFSRQKVSARKVNRPLGSTTC
GKCVKEKIIEAFLNDEERIVREKATA
;
LGG
30 'polypeptide(L)'
;MSSSDLRVLEPLLAHKQSVTCIQKLRNGSSNVLISASKDKSIFYWSLDSEIESDFGKLLKEYAGKHSKNVNGVAISPNGD
MLVSVGSDKMGYIWDVTSKNITASLKGHDRDILSVAINKEGTKIVTGSVDCSIKLWNTKGILINTFGPGLENCHKNWVTC
LEFDSRDENILYSGSKDGSVKIWNIEDGTLLKTFVEGNVLDYQNYEKETGEKPKDNELALSVTCLTFCEGGNFLIYGGKN
NKVYIVNLDTNECVASVAVENTVRSVTSFESFAGIAIGTDDAIYIYDVCSKSIVATHSLLEMGKGISCNSLVSQGNILYC
GLSNGQIYTLEYSKRSE
;
SGG
31 'polypeptide(L)'
;MTRILTERKISIPGECQVDLTKKCFTFTGPKGKLVHDCSKYLMYFTVEDSEIVIRLWHAKRKQIALATTVTSLLRNSITA
VTKGFSYVMKAVHKHFSINFEIKENGKVLLIKNFMGEKAPREFRMKGQAVVKMLPERKGCISIEGPSLPDVSQTAGDITN
ACRAKKLDARLFLDGIYVVEKTTMVE
;
LH0
32 'polypeptide(L)'
;MSAQTETEKQISEIIKKFVTDIDEKKLQEINIQTFIRDNKRKVMTVKVPVEIISKSQINFGSIIKNIKQKFQDYYIILVE
NIKNEEKTSWNDCKKIFKGACYPFNINGIRTDVISPEEEIVNVLLEKKCTFNEDEFKMIETAIKGLVGMNVVVSTNFHSL
N
;
SH0
33 'polypeptide(L)'
;MKMDCQSFREKNISELEEEIINLKNDLLQLRQKKVSSTVEPDEIKTARKNIAKALRVRHEKLLEEQCKKYENMPLNKIPK
ELRPKKTRAERRKLTKKQANRKVPKVWRRELKNPKIYFAYTE
;
LHH
34 'polypeptide(L)'
;MARRPGRCYRYLSKKAYHKSRFCKSVPDLKIKIWDSGRRKAEVLDFPICINLISHARENISEQALDAARIAAHHYMVKTA
GRDNFHLRVNVYPFHVLRINKMLSCAGADRLQTGMRQSFGKPEGRVARIFFDQIVMSIRTKKGNEAAAMEALRRSRHKFP
GKYEVQVSSKFGFTGLYTEEFNKLREEGCLLANGNTVAVLKQKGPISQYMKKLEKQL
;
LI0
35 'polypeptide(L)'
;NLLIIFLGINHRGEHKRKKSGGKSVLHRKKRNNRRGSQMAATKVGSTKVVEKRARGGNKKYKALRLNEGEFLYKSGNIIN
SSKIIEVMYHPTNNDYVRTNTITKSSVVKISSEGIKIQDEEDLKEMYEKGYLYAVINSRPGQVGKAEGEILQGSKLEFYT
NLFKKN
;
SI0
36 'polypeptide(L)'
;MRRGLKKTQVHHQVTKIDIPKIMPKYKKNSKRIEEKKFARSLVREISGYAPYESKAISILKLKDIARATIFLKRRLGSNK
RTQKKIKELQIAASE
;
LII
37 'polypeptide(L)'
;MKINPMREIKIKKLSIVINVGGGSSTRLNNAAKVLKQLTSQDCLFSKARYTLRNFGIRRNEKISVHVNVSGDKAMEILKK
ALKVREYELSKDCFNQTGCFGLGINEHIDLGMKYDPDIGIYGMNFYVDLKRPGDRVSKRKRFRSKIGNKQKISKEDAQKW
FVDTFEGILLE
;
LJ0
38 'polypeptide(L)'
;MANQFSKRLVHKPRNPFEKDRLIKEMQIVGKFGLKNKHELRLVEKNFSNDKKEARLLLTSNKVEDISINSRNLLDKLCTA
GILNGIDLTSKEEILNGLNSILDLTIDSYLERTLQYKVYSSGLAKSVHHSRWLITKGQISIQGVVIKRPNYVVKAEEEAF
IELTPYSWSNNTKITKSQKKKAAKTDEEE
;
SJ0
39 'polypeptide(L)'
;MSKGTASFGKKNKRNHTLCKRCGKMSYHKQLRKCASCAYPQPKMRTPGSIKARRRNALGTGRMRHLKKVIHEHVHGKKVN
PILAAFWKTIKQD
;
LJJ
40 'polypeptide(L)'
;MKNNHILPNNHRNAMKRVKEWHNQPSRAQRRAKTRSSKAKVLYPAPLKKLCPIVRCPTIRYNKKQRLGKGFTPEELKEAG
LEVNYARRIGIRVDNRRRNMNKETLDLNAQRLKEYLSKITIFKNGKEAKESGVKQHLGRIMPVHKMTPKVEIIKKAEVAS
YE
;
LL0
41 'polypeptide(L)'
;MIDTTLKYKIFPEQKGVSLDPYATAEELKASRRINEMREGFTVPKTAIDATYIDKKCPFTGDVKVTGKIFEGVVYKMKAD
KTIVVRINRLVYNKKYRRYGRRHTNVSTHMSPCFEGLIHVGDTVICGETRRLSKTKSSVVLDFRKKSTEGNFKRLEDF
;
SL0
42 'polypeptide(L)' MGSRKTEIIKTRLVRARRSNRAIPAWKSELPEFKDKYNMKRRHWRAKKLKIY LLL
43 'polypeptide(L)'
;MKFIELGRLVAPIIKKERNIKAIIIGIIDSTFVVLKKSNGENEVCPVSSLILLDEVYDIKNLSSEEIVKLIENKKEEGGA
SNDFERFKNKLREEVKKNILREKGI
;
LM0
44 'polypeptide(L)'
;MSIICRFNNKSSFYAQETAADLKQEISTRNALSYDSILLSSGCRILEDTFQLSSLNGLEINATVKCLGGGNMLDENDREL
ANKRNKKLICRRCNVRLSVNATNCRKKGCGSKDLRPKKQLKPKALKK
;
LMM
45 'polypeptide(L)'
;MSDEEYKPIVEQQYTLRDALTQACRAARISNNLAKGGRECVKKICANNAKFVLLAEDCEPKIKTVATFFAQKNKIPIISI
EDRKELGRILNFEKTNLAGKVRNNGCGIALISEFNEKTKASEFILNELETN
;
SM0
46 'polypeptide(L)'
;MAAADYIREIQKAKQSDIMRYLLRLRVCEYRQRGEVFRVERPTFLQRARTLGYRNKEGVLCYIARVKKGNRKREYNNGNT
RGKCKNARIHQITPAVRHQATAEQIVGKRHPNLRVLNSYWVNQDLVYKYFEVIMVDPFHNAIRNDPKLNWICKGVMKHRE
CRGLTSASKKSRGLGHGIKYNNTIGGSVRACWKRNVTTSLRRFR
;
LN0
47 'polypeptide(L)'
;MAKMHSSGRGISTSMKPFSTMFPTWIDVSVDEIKADVLKMNTKGVSSAEIGNKLRDVYGVGDCKTIFDGLSLSRFLEKEG
NFIEIPEDVKDLVKRANILRKHINTHSRDKDSKYRLGLIISRLNRCVKHYKKKLRIPSTWKPKLVELIK
;
SN0
48 'polypeptide(L)'
;MEKQQNEKKLNEEETEKLALTEEHPKKKVNEEDNLDTLPEKREEDIVFKKVNVEKNKEKEEDHNFSSNYADHKIDLLSVE
NKDFPKKQKKVKDSLHLLKENRDRDFGRSKRGHVRNKKQGRETGTRRIKIRKNNYESNDINNYNIKTISKKSRRKEAERQ
;
LNN
49 'polypeptide(L)'
;MKYELIAKADFDNIKGLSCDQTYPAILSCTACSFVHPKVVILTSESTIKEPNVYKCNWEMKCHSCKNDIKVSIYKSPSLS
TVNIKDRYEDDVLVSYNPVNKNECLLSILECSGGEIREIKNVPLNILTDDLRLFNEKVVDEKRSLAEVYGNNKTYSIINY
ELEIRRVK
;
SNN
50 'polypeptide(L)'
;MHKHIVVDASNHVAGKLASKIAKFLLEGHKVTVLCTERSILTGPLDRSILKFKSFMNKRCRVNPRKGPFHHVLPSMRFKR
IIRGMIPYKFHKGKEALKNLECHEGIPSEFINSERVMFPECLLKYCNKPGKKYCLLGELLVKFGWKHSKIVKELTDSILE
KEKSRETTSEIEKIVESKEFQDELEKRLLSLK
;
LO0
51 'polypeptide(L)'
;MTEAIETSNEYTAICHIKATKNNTIIHVTDITGSETICRISGGMRVKSKRDEGSPYAAMIAAQDVAAIIAKRGVKTVHFM
LRGAGGVKPKALGAGAQVAVRSIIRSGIKMGRIEDVTPEPTDKVRMKGGHRGRRV
;
SO0
52 'polypeptide(L)'
;MVNLPKVRRTHCAHCNAHTVHKVSLYKKSKDSEIVSGARRYRLKQKTIGQTKPILKRKAKLTKKIMLKLECPKCKKIQQK
VCKRAKHVVMGGEKKRKNEALEY
;
LOO
53 'polypeptide(L)'
;MAINFAYDVVDPTKVIKSQIDSARVSFKKTRETANTLRKRSLLNAISYLNNVVVKKECVPMRRYARGCGHTRQARAFNQR
KGRWPKKSALALLQVLENIKEQAVEKGLEVEKLDLDHVQICRAPKVFGRIFRAHGRVNPFNKSPCHILVAAKVRDLEVNE
ENDIMKQEE
;
LP0
54 'polypeptide(L)'
;MAPTEKKSFRKFSYRGVDFDIIKNMKFSEYAELLPSRLRRRVKRGLSGREVELIKSCIASKEAMTNAHEKPEIVKTHARS
AIIWPCMVGSIVGVHVGNGYLPIEIRPEMLGCLLSDFAPTRVHPKHGKPGIADHAGSKFVPLK
;
SP0
55 'polypeptide(L)'
;MSNGTKKVGISGRFGARYGSTLRKRMKKVLETQKKTYECRACGKTSVKRDVVGIWTCRSCKIKFAGGAYAYVTPAGTTFN
NMLKQSNAN
;
LPP
56 'polypeptide(L)'
;MAITFAKKIIPKSTVIKRKTVKSPNPLLQSLADFYIKVAKNCSNDDIKRIAKRLTMSNKDRPVVRVSEIVKSLNEDSDKV
AVVVGKVLDDERLVTLPPMRIVALDWSKSVQEKVERSSGKFFTLDQLFKICSDLNNMVLIQGDRMKRKSAKYWGKSPGQK
GSTTLPRANKKQRGGEKRIRMKGRKASNKKSEN
;
LQ0
57 'polypeptide(L)'
;MTGTIKSVITQGKRKTALATCKCSESEEMSILVDKVPYKILSNKLMLSKIKEIICVVDDVNLKNLSFQITTKIKEGVVTH
KKGNGEVALAYAVRMAFAKAIVAYYGTYCDEWKKQEIKKVLMSFDRYCLVGDIRKKEPKKFGGPGARARYQKSYR
;
SQ0
58 'polypeptide(L)'
;MESEKKINKSEKARSMAAKVLNCGKNKIWLDPSGKEQINQVSTREQIRQLIDDNVIIKKLDKYNSKGRSRIYKEAVAKGR
HMGLGKRLGTANARLNKKTLWIKKIRVMRKELKDMKAEGKINAEEYQLFRKRAKGNLFKNRVTMKEHIAKKQAAELRIKE
LEEQAKALKMKKNSN
;
LR0
59 'polypeptide(L)'
;GNIRNRVIKRAARQIVEKHFLSLDKSFDDNLLVVQDVALVQSKRVRNQIAGYVTHLYKCILKGTAKKLYIKSHEDEREKK
ENIMPKDSIMDTEVVEVDPMTLEMLNKNEYRGNFKLITY
;
SR0
60 'polypeptide(L)'
;MDFAKRNYTVPPFKEYKLSACLTPTSKNPQPQIYESTIYAQNHVFARSKFFKLLNDKYKLKPSKLVLLGAEEIKEQVTGE
VKNYGISFVFRCKKGLQNSYREFRAISRVSALDFLFREAAIRIRCKRNDIFVIDIKELEDEEIKTGKVAEFNQPDLKFPV
FGKYANTRDLYVPVNTNLSD
;
LS0
61 'polypeptide(L)'
;MSAENEVRSYTSDPQELQHIIRIFNTNVDGTKRIAHALCAITGVGKRISNAICKRVGVDVLRRAGDLNSDELEKIQKAIA
DPTSVGIPTSFFNFKRNPVDGNDVHLVSTRMDAEYRMMLEKGKKMRHVRLCRVACGLKVHGQRSKSNGRHIRAGMVFRRK
;
SS0
62 'polypeptide(L)'
;MSAGGYRRKTRQLLKQPFRKHGTPGLSVYLATYRIGDYVTISINPSIHKGMPFKYYHGRTGRVFTVNPKSVGVVLHKKVN
GRLSVKTIFVRVEHLKKYKGRDAFLERVNKNNEILKEAREKGIKLEYIRQKEEGPREEFILNLDENKPVKVGYEPFIKVY
;
LT0
63 'polypeptide(L)'
;MDEIYTVKTTDFVNILKKSLQSNTDITLPKDHDILKTSTGKENCPVSDDWYYARMAAILNLIAKKGNMTVEEACVEFGNY
KNRGRRPSMFVKADEMFMKSIFENLEKIGYLKENKLTSNAKEIIMDVIQSLSE
;
ST0
64 'polypeptide(L)'
;MSKDNSQKKEYSIDCTHPASDNLLSPSDLQSHLEEKIKTYTGKKEKLLEVSVNDTTVVVKVNEDIINKQGLKNVIRRFLH
AKRLSAFIKVYGDKKNGFEFRYMNVAE
;
LU0
65 'polypeptide(L)'
;MKVHIDISTTNKSAITLACEKFEAFAENFIESLEKEVLPKQVGLVPTLKTPCGQGTKTWAKYKIIVHQVRYVITSSHDQL
EKVIQFLKNFPEININLGIYN
;
SU0
66 'polypeptide(L)'
;MAAEKKVDSGEKKVARKPHRRMTKGCQMETLLKCADNSGAKLLKVIGVRGYKGRLNRYPAAAPGDIVVVSCKKGKPDLRK
KVHYAILVRQKKVWRREDGTHIGFEDNAAVLITAKGDMRGGQISGSLPKEVAECWPKISNSGNSIN
;
LV0
67 'polypeptide(L)' MFERRICSFTKRPIASSDKSSVQITLADIDENGRLLNTISTYDVCGVVRRNGLSDGYLTDKIFGEEY SV0
68 'polypeptide(L)'
;MIDGISIYSGRAIPKGSSTVRITNDGKQQLTANKKERSLISRKINPKLVKWTIPSRVVRKKHELFTSSQKNIPRPARIER
GFRNISADLLK
;
LW0
69 'polypeptide(L)'
;MKQLSNLCKAINNASRAGKRQLLLHESNSVTRDFLKQMLKHGYITKYSYVDDKRKGKTIVWLNGRLNKCGAICPNYKVSL
DHIENYRSRLLPARQFGHLLFSTEKGIIDHNECIGSNLGGSILGFFY
;
SW0
70 'polypeptide(L)'
;METVKKETKRIIPKPDIVPQDIIKNIHTSEKAMRNVEMHNTLVLIVDKKFNKRQIRNAVTKLYGCPCIKVNTLIDFKGRK
KAYAKLKNDGDAIKIAGQSGAI
;
LX0
71 'polypeptide(L)'
;MNGLFAANDLIKSRKVKRRSDPYYRKKILGTKYKHSKIGNGPQAKGIVLEKTGVEAKQPNSAVRKIVKIQLIKTGKKISA
FVPHDGSLNYIELNDEVVVEGFGKKGHSCGDIPGISYKVVKVQNVSLLALFKGKKEKPSR
;
SX0
72 'polypeptide(L)' MASKLKKSWKDEKKKSKTAIFSLEKQKVMKQERLQKAKILREKIKGLKEKKKQYYLDLARQKADKLEADKLLN LXX
73 'polypeptide(L)'
;MLAGRKTKSSLRKKQRKALFTAVGKDRLKRMSSHLSEELRSQYGFRSFPVAVGDIVKVHSGPYKGKEGQILEVFLKDYRI
TVEGCLEENEEKENVPAKLHPCNVTFVKFNMDNGREKQLEEKKIARVQHIEREQKKIVQ
;
LY0
74 'polypeptide(L)'
;MAANCELEILLQKSNSLLSRKELSLKIHHEESPVPQKKVITDKLSKLFQTKNDNIVVYDITNTPGTHTSIGRVNIYSNQD
DMKRVEKSYMVARKTGETSIRKPRRTRKDERKKAYKRFGTVKRAMKKAERKNK
;
SY0
75 'polypeptide(L)'
;MLFIPNMIVIPTAGKFAGKKAVVVKNLDNRNVLIAGVQRLPKESEDYMSKVEKRKNDRFLSFVKKVNVRHLMATRYKADI
GLGEADYSKIDDLNIKKEVRNKVVEIMKKAQESGKAKFLFTELKFQ
;
LZ0
76 'polypeptide(L)'
;MAKKVQETKEKKALKAASTSKKEKKKWTEIKKKDEARKVFTVSDELLQKVEKEVKKMKIVTIFSLGSKMNLTLSVSKNLL
RHCVNKGIISLIHKSQQTSIYGQPIEVQAPVESVVPVEEVVTE
;
SZ0
77 'polypeptide(L)'
;MSLTNSQKVAVMKHFKNKGSLLVYDRKLEKNEILDINNKKLRSYIQSLKDQGYIEEHYVWQQLYCFATESGMKYFNDQLE
IPDVIEEGIRMEAVQQKEE
;
SK0
78 'polyribonucleotide'
;AUUUACCCACACAUGGGAUCAAUAGGAUACCAUAACGAUGAAGGUCGUAAUAGAAUACGAAAGUAUAUUAUUUACCUAAU
UAAUAUAUUUAUAAUGUAUUGAUAACCCUUUGAACUUAAGCAUAUCAUUAAAAGGAGGAAAAGAAACUAACUAGGAUUUC
UUUAGUAGCAGCGAGUGAACAAGAAAUAACCCUCCAUUGUAAUCCUUAAUUGGAGUUGUAAAUGGUUUAUUCUAUUAAUU
AUAUUUAUAGAGAAUAUUAUAUUCGUUAUUAAUAGAAUAGAAUAAUGUACUUGAGUAGAGCUGCUUGGUAGUGCAGUUUG
AAUAAAGGUAGAAUGAAAUAUCUAAGGUUAAAUAUAAUGGUAUACCGAUAGAAAAUAAGUACUGCGAAGGAACUUGUGAA
AAUGUGUGGAGUUUAGCCUUAUUUUUAAGGACCCGUCUUGAAACACGGACCAAGGAGAUUAUAAUUAUAGCAAGAUAAAA
AUUAAAUUUUUUAAUCUUUAUUAACUUGAUUAGUUAUAAUUAUAAGACCCGAAACACAGUGAACUAUACAUGUUCUGGUU
GAAGAUAAGCAACAGUUUAUUGGAAGACCAUAAUCAUUCUGACGUGCAAAUCGAUGAUUUAAGAUGUGUAUAGUGGCGAA
AGACCAAUCGAACUGUGUGGUAGCUGGUUCACAGCGAAAUGUCUCUCAGGACAGCAGUUAUUAUUAUAUAGGACAUAGAU
GUAGGACACUGUUAUAGUUUUUUAACUAUGAGAAAUCUUUAAUUCUAUGGAAUUAUAUAAAUUAAAUUUAUAUAAUGAAU
CUAUUGUAUAACUAGUGGGCACAUGAUUGUAAGAAUGAUGUGCAAAAAGGGAUGAACCUUAUGAAACAUUAAAUAUUCUA
AAUAGUAGAUAUUAUACCAUAAAUAUGAUGAAUACAUUGAGACAGUAGGGCGGUUGUUAUGGAAGUAGAAAUCCGCUAAG
AAACGUGUUACAACGUACCUACCGAAUGUAUUAUUGUAUAAAAUGGAAGAAGAUUACUACUUUUAUGAGAUGUUUCUAAU
AAAUAUUUAGGUAGCUGUGCAAUUUGUUUGUAUUGAAGUAUAUAUGUGAGUAUAUAUAGAAGAAACAAAUGAGCCGAUCU
UGGAGGCAGUAACAAUAUAUUUGUAUAGAUAUAGACUAGGGUUUUCAAUUAUUAUUGAAGUGAAUCGGUGUUAUUUAUAA
AAACAAAAAAGAUUAAUAAUUCUUUAUUAAAUUAUUAUAAGGUAACUUGAUAAUGACAGUAUAUUUCAAUAAAUUUAAGA
UAAAUGAAUUAAAUUUAAUUUUAACUAUGGAUUGUCAUGAUAAGAAAUAGUUAAUUAUAUAUACUUGAUAAAAAUAAAAU
AAUUUUAACCGUACCUAUACCGCAUCAGGUGUCUUUGUAUCAUAACAAAUAUUUUAAAUUAAAGUAAGUAAGGGAAUUCG
GCAAAUUAGAUCUGUAACUUUGGGAUAAAGAUUGGCUCUAGCAUGCUAGAACUUUUACUAUGUAAGGAAUCUGACUGUUU
AUUAAAAACAUAGCUUUUUGUAUUUACAAGAAGUGAAUUCUGCCCAGUGCAUUUAUUGUUAAAGUUGUGUAAGCGAAUGU
AAACGGCGGGAGUAACUAUGACUCUCUUAAGGUAGCCAAAUGCCUCGUCAUUUAAUUGGUGACGCGCAUGAAUGGAGCAA
CGAGAUUCCUACUGUCCCUACUUACAAUUUUGUGAAACCACGAGACAAGGGAACGGGCUUGUUAUUUAUCAGCGGGGAAA
GAAGACCCUGUUGAGCUUGACUUUAGUAUGUUUUAAUAAAUAUUCGGUAUAUUGUAGAGAGGUGGGAGAAGUAUUGUGAA
ACCACUAGUAUGUUUGAAUAUUUAUUUAUUAGAAUAUAUGGGGAGUUUGGCUGGGGCGGUACAGCUGUUAAAAAGUAACA
CAGCUGUCCUAAGGUAGAUGAAUGAUGGAUGGUAACCAUCAGUUUAUUAUAAGGGAAUAAAUCUGCUUUACUUUAUGCAU
AUGACUGUAUUUAGUAGGGAAACCUUGGCCUAGCGAUCCCAAUUACAUUCAUUAUGUAUUGGGUGAUUGAAAAGUUACCA
CAGGGAUAACUGGCUUGUAGCAGGCAAGCGAUCAUAGCGACUCUGCUUUUUGAUUCUUCGAUGUCGUCUCUUCUGAUCAU
CGUAGUGUAUAUGUUACGAAGUGUUGGAUUGUUCACCCGGUAAUGAGGAACGUGAGAUGGGUUUAGACCGUCGUGAGACA
GGUUAGUUUUACCCUACUGUAAGUAUUUUUGAGUGAACUUUGAUAGUACGAGAGGAACUCUAAGUGAUGACCACUGGUAG
UGCGAUUAACUAUUAAGUUAUGUUGCUUAGCUACGUCGUUUCGAUUAAGGCUGAAAGCCUCUUAAGCCUGAAGCGUAGCU
CAAAGAUACAUUUAGGAGAAUACUACUCUUUUAAGCAGAACUGUAAGAAUGAAGGUGUAUGCCGACAUUUUGAGGUUACU
GCUU
;
L50
#
# COMPACT_ATOMS: atom_id res chain seq x y z
N GLY C 2 -31.65 -4.38 23.78
CA GLY C 2 -30.53 -5.24 24.11
C GLY C 2 -30.75 -5.97 25.41
N LYS C 3 -29.67 -6.43 26.02
CA LYS C 3 -29.74 -7.12 27.30
C LYS C 3 -28.83 -6.41 28.29
N VAL C 4 -28.93 -6.83 29.56
CA VAL C 4 -28.03 -6.29 30.58
C VAL C 4 -26.65 -6.88 30.38
N THR C 5 -25.64 -6.01 30.41
CA THR C 5 -24.28 -6.42 30.06
C THR C 5 -23.62 -7.15 31.22
N ARG C 6 -22.31 -7.35 31.08
CA ARG C 6 -21.60 -8.19 32.04
C ARG C 6 -21.28 -7.43 33.31
N LYS C 7 -21.03 -6.12 33.20
CA LYS C 7 -20.52 -5.37 34.34
C LYS C 7 -21.58 -5.18 35.42
N ILE C 8 -22.81 -4.85 35.00
CA ILE C 8 -23.88 -4.68 35.97
C ILE C 8 -24.32 -6.02 36.52
N ARG C 9 -24.19 -7.08 35.73
CA ARG C 9 -24.62 -8.39 36.18
C ARG C 9 -23.60 -8.99 37.15
N GLU C 10 -22.39 -8.46 37.18
CA GLU C 10 -21.40 -8.97 38.12
C GLU C 10 -21.57 -8.34 39.50
N GLU C 11 -22.00 -7.09 39.54
CA GLU C 11 -22.14 -6.40 40.82
C GLU C 11 -23.34 -6.91 41.61
N THR C 12 -24.41 -7.28 40.91
CA THR C 12 -25.57 -7.83 41.60
C THR C 12 -25.36 -9.28 41.98
N LYS C 13 -24.34 -9.92 41.41
CA LYS C 13 -23.96 -11.24 41.88
C LYS C 13 -23.11 -11.13 43.13
N LYS C 14 -22.60 -9.94 43.43
CA LYS C 14 -21.87 -9.73 44.67
C LYS C 14 -22.80 -9.40 45.83
N LEU C 15 -24.06 -9.07 45.51
CA LEU C 15 -25.02 -8.79 46.58
C LEU C 15 -25.73 -10.06 47.00
N ARG C 16 -25.67 -11.10 46.17
CA ARG C 16 -26.29 -12.36 46.56
C ARG C 16 -25.35 -13.19 47.41
N ASN C 17 -24.04 -12.98 47.27
CA ASN C 17 -23.03 -13.73 48.01
C ASN C 17 -21.73 -12.95 48.02
N PRO C 18 -21.56 -12.03 48.98
CA PRO C 18 -20.37 -11.19 48.99
C PRO C 18 -19.16 -11.95 49.51
N ARG C 19 -17.98 -11.38 49.27
CA ARG C 19 -16.76 -12.06 49.70
C ARG C 19 -16.46 -11.73 51.15
N LYS C 20 -15.78 -12.67 51.82
CA LYS C 20 -15.60 -12.63 53.26
C LYS C 20 -14.12 -12.62 53.59
N LEU C 21 -13.71 -11.73 54.48
CA LEU C 21 -12.35 -11.68 54.96
C LEU C 21 -12.34 -11.35 56.43
N SER C 22 -11.15 -11.12 56.97
CA SER C 22 -10.94 -11.17 58.42
C SER C 22 -11.05 -9.79 59.06
N SER C 23 -10.45 -8.77 58.44
CA SER C 23 -10.26 -7.43 59.01
C SER C 23 -9.61 -7.46 60.41
N PRO C 24 -8.31 -7.71 60.50
CA PRO C 24 -7.67 -7.82 61.82
C PRO C 24 -7.30 -6.45 62.40
N LYS C 25 -7.67 -6.26 63.67
CA LYS C 25 -7.41 -5.01 64.37
C LYS C 25 -6.75 -5.32 65.71
N TYR C 26 -5.98 -4.34 66.23
CA TYR C 26 -5.32 -4.49 67.52
C TYR C 26 -6.04 -3.67 68.60
N PRO C 27 -6.01 -4.09 69.87
CA PRO C 27 -6.76 -3.35 70.89
C PRO C 27 -6.06 -2.08 71.29
N ASN C 28 -6.66 -1.41 72.27
CA ASN C 28 -6.11 -0.19 72.85
C ASN C 28 -5.88 -0.40 74.34
N PHE C 29 -4.71 0.00 74.82
CA PHE C 29 -4.37 -0.16 76.23
C PHE C 29 -3.74 1.13 76.75
N PRO C 30 -3.99 1.49 78.02
CA PRO C 30 -3.52 2.80 78.50
C PRO C 30 -2.00 2.90 78.69
N GLU C 31 -1.38 1.89 79.27
CA GLU C 31 0.06 1.92 79.52
C GLU C 31 0.75 0.79 78.77
N THR C 32 2.07 0.78 78.85
CA THR C 32 2.85 -0.20 78.10
C THR C 32 2.75 -1.57 78.75
N THR C 33 2.36 -2.57 77.96
CA THR C 33 2.30 -3.94 78.41
C THR C 33 3.22 -4.79 77.55
N GLN C 34 3.31 -6.07 77.87
CA GLN C 34 4.16 -7.01 77.17
C GLN C 34 3.34 -8.19 76.70
N GLY C 35 3.60 -8.65 75.48
CA GLY C 35 2.86 -9.76 74.92
C GLY C 35 3.78 -10.73 74.19
N THR C 36 3.27 -11.93 73.97
CA THR C 36 4.02 -13.02 73.39
C THR C 36 3.38 -13.51 72.10
N VAL C 37 4.22 -13.89 71.13
CA VAL C 37 3.71 -14.43 69.87
C VAL C 37 3.43 -15.92 70.07
N VAL C 38 2.26 -16.36 69.63
CA VAL C 38 1.80 -17.71 69.88
C VAL C 38 1.97 -18.61 68.67
N ASP C 39 1.36 -18.26 67.54
CA ASP C 39 1.49 -19.09 66.33
C ASP C 39 1.22 -18.26 65.09
N LEU C 40 1.53 -18.86 63.95
CA LEU C 40 1.39 -18.25 62.63
C LEU C 40 0.47 -19.11 61.77
N VAL C 41 -0.49 -18.46 61.10
CA VAL C 41 -1.49 -19.18 60.32
C VAL C 41 -1.58 -18.59 58.92
N HIS C 42 -2.49 -19.13 58.13
CA HIS C 42 -2.70 -18.74 56.74
C HIS C 42 -4.19 -18.74 56.44
N GLU C 43 -4.66 -17.71 55.73
CA GLU C 43 -6.07 -17.56 55.44
C GLU C 43 -6.33 -17.91 53.97
N ARG C 44 -7.62 -17.98 53.61
CA ARG C 44 -7.99 -18.42 52.27
C ARG C 44 -7.71 -17.37 51.21
N GLY C 45 -8.16 -16.14 51.43
CA GLY C 45 -8.14 -15.16 50.37
C GLY C 45 -6.80 -14.45 50.21
N ARG C 46 -6.21 -14.02 51.31
CA ARG C 46 -5.04 -13.15 51.28
C ARG C 46 -3.75 -13.95 51.32
N GLY C 47 -2.66 -13.32 50.90
CA GLY C 47 -1.40 -14.01 50.81
C GLY C 47 -0.51 -13.80 52.02
N VAL C 48 -0.66 -12.67 52.69
CA VAL C 48 0.21 -12.36 53.84
C VAL C 48 -0.24 -13.16 55.06
N PRO C 49 0.68 -13.83 55.76
CA PRO C 49 0.27 -14.61 56.94
C PRO C 49 -0.04 -13.77 58.15
N LEU C 50 -1.00 -14.20 58.96
CA LEU C 50 -1.35 -13.46 60.16
C LEU C 50 -0.62 -14.05 61.37
N ALA C 51 -0.66 -13.31 62.48
CA ALA C 51 0.01 -13.71 63.71
C ALA C 51 -0.94 -13.55 64.88
N HIS C 52 -0.84 -14.43 65.86
CA HIS C 52 -1.68 -14.39 67.05
C HIS C 52 -0.82 -14.00 68.24
N VAL C 53 -1.09 -12.82 68.80
CA VAL C 53 -0.35 -12.33 69.96
C VAL C 53 -1.25 -12.47 71.17
N LYS C 54 -0.66 -12.31 72.36
CA LYS C 54 -1.37 -12.54 73.61
C LYS C 54 -1.07 -11.42 74.60
N PHE C 55 -2.04 -10.53 74.80
CA PHE C 55 -1.94 -9.46 75.79
C PHE C 55 -2.93 -9.71 76.91
N ASN C 56 -2.41 -9.81 78.14
CA ASN C 56 -3.20 -9.93 79.37
C ASN C 56 -4.14 -11.14 79.34
N ASP C 57 -3.59 -12.28 78.89
CA ASP C 57 -4.30 -13.54 78.71
C ASP C 57 -5.50 -13.40 77.77
N GLU C 58 -5.33 -12.64 76.69
CA GLU C 58 -6.33 -12.52 75.63
C GLU C 58 -5.61 -12.58 74.30
N ILE C 59 -6.11 -13.40 73.39
CA ILE C 59 -5.44 -13.67 72.12
C ILE C 59 -6.13 -12.89 71.02
N TYR C 60 -5.37 -12.05 70.32
CA TYR C 60 -5.86 -11.26 69.20
C TYR C 60 -5.14 -11.71 67.94
N SER C 61 -5.44 -11.05 66.82
CA SER C 61 -4.82 -11.38 65.54
C SER C 61 -4.20 -10.13 64.94
N LEU C 62 -3.03 -10.28 64.34
CA LEU C 62 -2.27 -9.18 63.79
C LEU C 62 -1.48 -9.63 62.57
N ILE C 63 -1.10 -8.67 61.74
CA ILE C 63 -0.28 -8.95 60.57
C ILE C 63 1.17 -9.14 60.99
N ALA C 64 1.78 -10.23 60.53
CA ALA C 64 3.14 -10.55 60.92
C ALA C 64 4.14 -9.65 60.22
N THR C 65 5.10 -9.13 60.98
CA THR C 65 6.20 -8.35 60.46
C THR C 65 7.27 -9.30 59.91
N GLU C 66 8.46 -8.77 59.61
CA GLU C 66 9.40 -9.54 58.81
C GLU C 66 10.13 -10.59 59.62
N GLY C 67 10.90 -10.17 60.62
CA GLY C 67 11.59 -11.14 61.45
C GLY C 67 10.81 -11.43 62.70
N LEU C 68 10.07 -12.54 62.71
CA LEU C 68 9.24 -12.89 63.84
C LEU C 68 9.25 -14.39 64.02
N TYR C 69 9.53 -14.84 65.24
CA TYR C 69 9.54 -16.26 65.53
C TYR C 69 8.64 -16.53 66.72
N THR C 70 8.28 -17.80 66.86
CA THR C 70 7.33 -18.21 67.89
C THR C 70 7.93 -18.11 69.27
N GLY C 71 7.25 -17.38 70.16
CA GLY C 71 7.69 -17.24 71.53
C GLY C 71 8.36 -15.92 71.85
N GLN C 72 8.59 -15.08 70.85
CA GLN C 72 9.21 -13.77 71.03
C GLN C 72 8.28 -12.84 71.81
N THR C 73 8.87 -11.79 72.38
CA THR C 73 8.12 -10.86 73.21
C THR C 73 8.12 -9.48 72.57
N ILE C 74 6.94 -8.86 72.51
CA ILE C 74 6.79 -7.50 71.99
C ILE C 74 6.03 -6.66 73.01
N PHE C 75 6.13 -5.35 72.84
CA PHE C 75 5.50 -4.37 73.72
C PHE C 75 4.49 -3.56 72.92
N ILE C 76 3.42 -3.14 73.59
CA ILE C 76 2.41 -2.28 72.98
C ILE C 76 2.12 -1.13 73.94
N GLY C 77 2.10 0.10 73.41
CA GLY C 77 1.78 1.25 74.22
C GLY C 77 2.07 2.53 73.47
N ASP C 78 1.72 3.65 74.11
CA ASP C 78 1.93 4.95 73.51
C ASP C 78 3.40 5.36 73.53
N ASN C 79 4.18 4.79 74.44
CA ASN C 79 5.58 5.15 74.59
C ASN C 79 6.49 3.92 74.67
N ALA C 80 6.28 2.94 73.81
CA ALA C 80 7.14 1.77 73.78
C ALA C 80 8.45 2.10 73.08
N PRO C 81 9.52 1.35 73.34
CA PRO C 81 10.74 1.53 72.55
C PRO C 81 10.55 1.04 71.12
N ILE C 82 11.22 1.68 70.19
CA ILE C 82 11.02 1.37 68.78
C ILE C 82 12.03 0.31 68.34
N SER C 83 11.50 -0.80 67.82
CA SER C 83 12.31 -1.87 67.23
C SER C 83 11.41 -2.66 66.30
N ILE C 84 11.91 -3.83 65.89
CA ILE C 84 11.17 -4.64 64.93
C ILE C 84 9.98 -5.28 65.61
N GLY C 85 8.79 -5.01 65.08
CA GLY C 85 7.58 -5.66 65.54
C GLY C 85 6.84 -4.96 66.64
N ASN C 86 7.41 -3.92 67.23
CA ASN C 86 6.76 -3.19 68.30
C ASN C 86 5.78 -2.20 67.71
N ILE C 87 4.84 -1.74 68.53
CA ILE C 87 3.80 -0.82 68.08
C ILE C 87 3.79 0.41 68.99
N THR C 88 4.15 1.56 68.42
CA THR C 88 4.34 2.79 69.16
C THR C 88 3.50 3.90 68.54
N LYS C 89 3.62 5.09 69.09
CA LYS C 89 3.00 6.25 68.50
C LYS C 89 3.83 6.73 67.30
N LEU C 90 3.23 7.60 66.49
CA LEU C 90 3.88 7.99 65.24
C LEU C 90 4.99 9.01 65.45
N LYS C 91 4.95 9.76 66.55
CA LYS C 91 5.87 10.88 66.69
C LYS C 91 7.26 10.41 67.12
N ASN C 92 7.38 9.18 67.61
CA ASN C 92 8.64 8.73 68.19
C ASN C 92 9.64 8.28 67.14
N VAL C 93 9.15 7.79 66.00
CA VAL C 93 10.04 7.18 65.01
C VAL C 93 10.79 8.27 64.24
N PRO C 94 12.09 8.14 64.02
CA PRO C 94 12.82 9.14 63.23
C PRO C 94 12.51 9.02 61.75
N GLY C 95 12.97 10.02 61.01
CA GLY C 95 12.69 10.05 59.59
C GLY C 95 13.48 9.01 58.82
N GLY C 96 12.77 8.20 58.06
CA GLY C 96 13.40 7.25 57.17
C GLY C 96 13.04 5.80 57.39
N MET C 97 12.17 5.49 58.34
CA MET C 97 11.88 4.09 58.62
C MET C 97 10.63 3.63 57.88
N ALA C 98 10.15 2.44 58.25
CA ALA C 98 9.07 1.77 57.55
C ALA C 98 8.00 1.31 58.53
N VAL C 99 6.77 1.76 58.32
CA VAL C 99 5.63 1.40 59.15
C VAL C 99 4.59 0.73 58.27
N HIS C 100 3.75 -0.13 58.88
CA HIS C 100 2.86 -0.93 58.06
C HIS C 100 1.46 -1.14 58.63
N SER C 101 1.00 -0.33 59.58
CA SER C 101 -0.42 -0.26 59.88
C SER C 101 -0.71 1.08 60.53
N ILE C 102 -1.39 1.95 59.79
CA ILE C 102 -1.62 3.31 60.24
C ILE C 102 -3.11 3.52 60.36
N GLU C 103 -3.56 3.90 61.55
CA GLU C 103 -4.94 4.27 61.78
C GLU C 103 -5.12 5.72 61.36
N TYR C 104 -6.29 6.04 60.78
CA TYR C 104 -6.55 7.41 60.36
C TYR C 104 -6.76 8.32 61.55
N ASP C 105 -7.49 7.85 62.56
CA ASP C 105 -7.77 8.59 63.77
C ASP C 105 -7.32 7.76 64.96
N TYR C 106 -7.43 8.34 66.15
CA TYR C 106 -6.99 7.63 67.34
C TYR C 106 -8.00 6.55 67.71
N GLU C 107 -7.49 5.50 68.38
CA GLU C 107 -8.27 4.39 68.94
C GLU C 107 -9.03 3.62 67.85
N ASP C 108 -8.41 3.49 66.69
CA ASP C 108 -8.93 2.71 65.59
C ASP C 108 -8.03 1.50 65.40
N GLY C 109 -8.49 0.53 64.60
CA GLY C 109 -7.68 -0.67 64.41
C GLY C 109 -6.49 -0.43 63.50
N GLY C 110 -6.75 -0.10 62.25
CA GLY C 110 -5.69 0.11 61.28
C GLY C 110 -6.31 0.29 59.92
N CYS C 111 -5.63 1.06 59.08
CA CYS C 111 -6.21 1.35 57.78
C CYS C 111 -5.25 1.14 56.61
N VAL C 112 -3.99 1.50 56.76
CA VAL C 112 -3.08 1.67 55.63
C VAL C 112 -1.94 0.67 55.74
N GLY C 113 -1.68 -0.06 54.66
CA GLY C 113 -0.56 -0.97 54.60
C GLY C 113 -0.86 -2.40 54.93
N MET C 114 -2.00 -2.94 54.49
CA MET C 114 -2.45 -4.22 55.00
C MET C 114 -1.81 -5.39 54.27
N THR C 115 -1.52 -5.23 52.98
CA THR C 115 -1.10 -6.38 52.20
C THR C 115 0.38 -6.67 52.42
N GLY C 116 0.81 -7.84 51.94
CA GLY C 116 2.18 -8.27 52.14
C GLY C 116 3.10 -7.63 51.11
N GLY C 117 4.30 -7.25 51.55
CA GLY C 117 5.30 -6.71 50.68
C GLY C 117 5.22 -5.21 50.44
N ALA C 118 4.16 -4.55 50.89
CA ALA C 118 3.97 -3.13 50.64
C ALA C 118 4.11 -2.35 51.94
N TYR C 119 4.98 -1.36 51.94
CA TYR C 119 5.25 -0.56 53.13
C TYR C 119 5.23 0.92 52.78
N SER C 120 5.27 1.74 53.82
CA SER C 120 5.25 3.20 53.71
C SER C 120 6.47 3.76 54.43
N THR C 121 6.82 5.00 54.09
CA THR C 121 7.95 5.69 54.70
C THR C 121 7.52 7.04 55.27
N VAL C 122 8.25 7.50 56.28
CA VAL C 122 8.02 8.80 56.90
C VAL C 122 9.06 9.77 56.34
N VAL C 123 8.66 11.02 56.08
CA VAL C 123 9.59 11.94 55.43
C VAL C 123 9.97 13.10 56.35
N THR C 124 9.09 13.49 57.28
CA THR C 124 9.37 14.67 58.09
C THR C 124 8.54 14.68 59.37
N HIS C 125 8.77 15.70 60.18
CA HIS C 125 7.95 16.05 61.32
C HIS C 125 7.83 17.57 61.36
N ARG C 126 6.62 18.04 61.73
CA ARG C 126 6.35 19.47 61.83
C ARG C 126 5.80 19.76 63.20
N GLU C 127 6.59 20.45 64.03
CA GLU C 127 6.20 20.65 65.42
C GLU C 127 5.07 21.66 65.56
N GLU C 128 4.98 22.61 64.63
CA GLU C 128 3.80 23.44 64.54
C GLU C 128 2.65 22.61 63.99
N THR C 129 1.49 22.71 64.65
CA THR C 129 0.21 22.03 64.42
C THR C 129 0.26 20.52 64.62
N ASN C 130 1.41 19.95 65.00
CA ASN C 130 1.57 18.53 65.35
C ASN C 130 1.16 17.59 64.21
N GLU C 131 1.89 17.67 63.10
CA GLU C 131 1.58 16.87 61.94
C GLU C 131 2.87 16.32 61.33
N THR C 132 2.77 15.13 60.76
CA THR C 132 3.88 14.50 60.06
C THR C 132 3.41 14.04 58.68
N VAL C 133 4.29 14.13 57.70
CA VAL C 133 3.94 13.72 56.35
C VAL C 133 4.45 12.32 56.09
N LEU C 134 3.60 11.47 55.54
CA LEU C 134 3.93 10.08 55.25
C LEU C 134 4.07 9.90 53.76
N GLY C 135 4.82 8.87 53.36
CA GLY C 135 4.94 8.49 51.97
C GLY C 135 4.22 7.18 51.71
N LEU C 136 3.07 7.28 51.05
CA LEU C 136 2.21 6.12 50.81
C LEU C 136 2.87 5.16 49.82
N PRO C 137 2.46 3.89 49.82
CA PRO C 137 3.03 2.96 48.83
C PRO C 137 2.61 3.27 47.40
N SER C 138 1.49 3.99 47.22
CA SER C 138 1.07 4.34 45.87
C SER C 138 1.92 5.44 45.27
N GLY C 139 2.69 6.15 46.09
CA GLY C 139 3.59 7.18 45.62
C GLY C 139 3.13 8.59 45.88
N GLN C 140 2.06 8.80 46.64
CA GLN C 140 1.52 10.12 46.89
C GLN C 140 1.80 10.54 48.33
N LYS C 141 2.23 11.78 48.51
CA LYS C 141 2.50 12.31 49.84
C LYS C 141 1.19 12.72 50.50
N LYS C 142 0.89 12.11 51.64
CA LYS C 142 -0.30 12.44 52.40
C LYS C 142 0.09 12.94 53.78
N ILE C 143 -0.60 13.98 54.23
CA ILE C 143 -0.32 14.62 55.51
C ILE C 143 -1.19 13.96 56.56
N PHE C 144 -0.54 13.43 57.60
CA PHE C 144 -1.22 12.73 58.68
C PHE C 144 -1.10 13.55 59.95
N SER C 145 -2.15 13.56 60.75
CA SER C 145 -2.02 14.10 62.09
C SER C 145 -1.22 13.12 62.94
N SER C 146 -0.53 13.66 63.94
CA SER C 146 0.18 12.80 64.86
C SER C 146 -0.78 12.24 65.90
N GLU C 147 -0.20 11.59 66.92
CA GLU C 147 -0.82 10.87 68.03
C GLU C 147 -1.57 9.61 67.59
N VAL C 148 -1.57 9.25 66.31
CA VAL C 148 -2.03 7.95 65.89
C VAL C 148 -0.90 6.95 66.14
N ARG C 149 -1.26 5.71 66.41
CA ARG C 149 -0.20 4.75 66.68
C ARG C 149 -0.09 3.75 65.53
N CYS C 150 1.09 3.17 65.41
CA CYS C 150 1.44 2.37 64.25
C CYS C 150 2.50 1.36 64.66
N ILE C 151 2.84 0.47 63.72
CA ILE C 151 3.71 -0.67 63.97
C ILE C 151 4.98 -0.49 63.14
N VAL C 152 6.13 -0.86 63.71
CA VAL C 152 7.40 -0.61 63.03
C VAL C 152 7.87 -1.86 62.29
N GLY C 153 8.16 -1.69 61.01
CA GLY C 153 8.77 -2.74 60.21
C GLY C 153 8.10 -2.89 58.87
N VAL C 154 8.72 -3.73 58.03
CA VAL C 154 8.23 -4.05 56.70
C VAL C 154 7.40 -5.33 56.82
N PRO C 155 6.25 -5.44 56.14
CA PRO C 155 5.46 -6.66 56.26
C PRO C 155 6.10 -7.82 55.53
N SER C 156 5.63 -9.02 55.84
CA SER C 156 6.19 -10.25 55.32
C SER C 156 5.69 -10.53 53.91
N ALA C 157 5.90 -11.77 53.48
CA ALA C 157 5.44 -12.44 52.27
C ALA C 157 6.18 -12.00 51.00
N GLY C 158 7.07 -11.00 51.09
CA GLY C 158 8.07 -10.78 50.04
C GLY C 158 7.49 -10.29 48.73
N GLY C 159 8.21 -10.57 47.66
CA GLY C 159 7.75 -10.21 46.33
C GLY C 159 7.15 -11.41 45.61
N ILE C 160 5.81 -11.47 45.58
CA ILE C 160 5.15 -12.63 45.02
C ILE C 160 5.19 -12.59 43.51
N LYS C 161 5.32 -11.39 42.93
CA LYS C 161 5.19 -11.21 41.50
C LYS C 161 6.45 -11.53 40.72
N GLU C 162 7.36 -12.33 41.28
CA GLU C 162 8.58 -12.66 40.55
C GLU C 162 8.32 -13.70 39.48
N LYS C 163 7.91 -14.90 39.87
CA LYS C 163 7.76 -15.95 38.89
C LYS C 163 6.38 -15.88 38.27
N PRO C 164 6.24 -16.11 36.97
CA PRO C 164 4.94 -15.93 36.33
C PRO C 164 4.05 -17.16 36.49
N PHE C 165 2.78 -16.96 36.19
CA PHE C 165 1.88 -18.07 35.92
C PHE C 165 2.28 -18.61 34.55
N LEU C 166 3.19 -19.56 34.51
CA LEU C 166 3.64 -20.03 33.21
C LEU C 166 2.60 -20.92 32.56
N LYS C 167 1.71 -21.52 33.35
CA LYS C 167 0.64 -22.34 32.82
C LYS C 167 -0.68 -21.61 32.93
N ALA C 168 -1.71 -22.16 32.29
CA ALA C 168 -3.05 -21.61 32.46
C ALA C 168 -3.69 -22.12 33.74
N SER C 169 -3.21 -23.27 34.23
CA SER C 169 -3.82 -23.87 35.40
C SER C 169 -3.45 -23.13 36.67
N VAL C 170 -2.34 -22.38 36.65
CA VAL C 170 -1.92 -21.65 37.84
C VAL C 170 -2.84 -20.45 38.06
N ALA C 171 -3.31 -19.83 36.99
CA ALA C 171 -4.17 -18.67 37.14
C ALA C 171 -5.61 -19.08 37.44
N HIS C 172 -5.93 -20.36 37.25
CA HIS C 172 -7.27 -20.85 37.54
C HIS C 172 -7.53 -20.87 39.04
N TYR C 173 -6.54 -21.29 39.81
CA TYR C 173 -6.73 -21.41 41.26
C TYR C 173 -6.55 -20.07 41.95
N PHE C 174 -5.93 -19.11 41.28
CA PHE C 174 -5.78 -17.79 41.88
C PHE C 174 -7.10 -17.04 41.88
N ASN C 175 -7.74 -16.96 40.73
CA ASN C 175 -8.98 -16.19 40.62
C ASN C 175 -10.14 -16.88 41.32
N LYS C 176 -10.05 -18.19 41.49
CA LYS C 176 -11.12 -18.92 42.15
C LYS C 176 -11.09 -18.67 43.65
N ALA C 177 -9.90 -18.52 44.23
CA ALA C 177 -9.82 -18.25 45.65
C ALA C 177 -10.09 -16.78 45.94
N HIS C 178 -9.85 -15.91 44.98
CA HIS C 178 -10.04 -14.48 45.20
C HIS C 178 -11.42 -13.99 44.76
N CYS C 179 -12.29 -14.90 44.33
CA CYS C 179 -13.68 -14.68 43.91
C CYS C 179 -13.80 -13.72 42.73
N LYS C 180 -12.94 -13.81 41.73
CA LYS C 180 -13.09 -12.96 40.56
C LYS C 180 -13.52 -13.78 39.36
N LYS C 181 -13.99 -13.11 38.31
CA LYS C 181 -14.42 -13.82 37.11
C LYS C 181 -13.23 -14.09 36.21
N TRP C 182 -13.07 -15.36 35.84
CA TRP C 182 -12.02 -15.81 34.93
C TRP C 182 -12.50 -17.08 34.26
N PRO C 183 -12.27 -17.21 32.94
CA PRO C 183 -11.59 -16.35 31.98
C PRO C 183 -12.46 -15.21 31.51
N ARG C 184 -11.91 -14.29 30.73
CA ARG C 184 -12.67 -13.16 30.23
C ARG C 184 -12.65 -13.13 28.71
N VAL C 185 -13.78 -12.80 28.12
CA VAL C 185 -13.90 -12.73 26.67
C VAL C 185 -13.79 -11.27 26.26
N ARG C 186 -13.05 -11.01 25.18
CA ARG C 186 -12.93 -9.65 24.68
C ARG C 186 -14.25 -9.18 24.11
N CYS C 187 -14.48 -7.87 24.17
CA CYS C 187 -15.80 -7.33 23.86
C CYS C 187 -16.02 -7.22 22.36
N VAL C 188 -14.96 -7.32 21.57
CA VAL C 188 -15.10 -7.22 20.12
C VAL C 188 -15.66 -8.52 19.56
N ALA C 189 -15.43 -9.63 20.24
CA ALA C 189 -15.93 -10.91 19.75
C ALA C 189 -17.43 -11.08 19.96
N MET C 190 -18.05 -10.24 20.77
CA MET C 190 -19.45 -10.42 21.11
C MET C 190 -20.36 -9.88 20.02
N ASN C 191 -21.62 -10.32 20.05
CA ASN C 191 -22.65 -9.83 19.17
C ASN C 191 -23.19 -8.50 19.71
N PRO C 192 -23.79 -7.65 18.88
CA PRO C 192 -24.10 -6.28 19.34
C PRO C 192 -25.22 -6.17 20.33
N VAL C 193 -25.86 -7.29 20.72
CA VAL C 193 -26.78 -7.23 21.84
C VAL C 193 -26.03 -7.07 23.15
N ASP C 194 -24.98 -7.86 23.34
CA ASP C 194 -24.35 -7.96 24.66
C ASP C 194 -23.49 -6.74 24.97
N HIS C 195 -22.85 -6.15 23.98
CA HIS C 195 -21.92 -5.06 24.25
C HIS C 195 -21.99 -4.04 23.13
N LYS C 196 -21.57 -2.82 23.47
CA LYS C 196 -21.65 -1.70 22.52
C LYS C 196 -20.64 -1.86 21.39
N PHE C 197 -19.48 -2.41 21.70
CA PHE C 197 -18.40 -2.56 20.72
C PHE C 197 -18.63 -3.72 19.77
N GLY C 198 -19.64 -4.55 20.02
CA GLY C 198 -19.76 -5.81 19.31
C GLY C 198 -20.28 -5.65 17.90
N GLY C 199 -20.37 -6.78 17.21
CA GLY C 199 -20.86 -6.83 15.86
C GLY C 199 -19.85 -6.39 14.83
N GLY C 200 -20.23 -6.54 13.58
CA GLY C 200 -19.42 -6.06 12.49
C GLY C 200 -19.00 -7.16 11.54
N ASN C 201 -18.32 -6.76 10.47
CA ASN C 201 -17.84 -7.74 9.50
C ASN C 201 -16.39 -8.11 9.77
N HIS C 202 -15.58 -7.17 10.24
CA HIS C 202 -14.26 -7.44 10.78
C HIS C 202 -14.28 -7.12 12.27
N GLN C 203 -13.25 -7.55 12.99
CA GLN C 203 -13.17 -7.25 14.40
C GLN C 203 -12.48 -5.91 14.63
N HIS C 204 -13.29 -4.88 14.87
CA HIS C 204 -12.76 -3.54 15.10
C HIS C 204 -13.74 -2.78 15.99
N VAL C 205 -13.34 -1.57 16.38
CA VAL C 205 -14.13 -0.82 17.36
C VAL C 205 -15.07 0.15 16.66
N GLY C 206 -14.53 1.09 15.90
CA GLY C 206 -15.35 2.06 15.20
C GLY C 206 -15.79 3.26 16.00
N ARG C 207 -15.59 3.24 17.32
CA ARG C 207 -15.94 4.35 18.19
C ARG C 207 -14.70 4.70 18.99
N PRO C 208 -14.56 5.95 19.41
CA PRO C 208 -13.45 6.31 20.30
C PRO C 208 -13.61 5.68 21.66
N THR C 209 -12.54 5.08 22.17
CA THR C 209 -12.60 4.30 23.39
C THR C 209 -12.48 5.12 24.65
N THR C 210 -12.15 6.41 24.55
CA THR C 210 -12.09 7.28 25.71
C THR C 210 -13.48 7.80 25.99
N ILE C 211 -14.01 7.50 27.18
CA ILE C 211 -15.37 7.83 27.55
C ILE C 211 -15.32 8.76 28.76
N SER C 212 -16.07 9.85 28.70
CA SER C 212 -16.11 10.82 29.79
C SER C 212 -16.81 10.25 31.02
N LYS C 213 -16.61 10.91 32.14
CA LYS C 213 -17.29 10.55 33.38
C LYS C 213 -18.62 11.25 33.53
N ARG C 214 -18.97 12.11 32.57
CA ARG C 214 -20.23 12.84 32.63
C ARG C 214 -21.43 11.92 32.41
N ARG C 215 -21.23 10.85 31.64
CA ARG C 215 -22.31 9.98 31.20
C ARG C 215 -22.85 9.13 32.35
N PRO C 216 -24.05 8.57 32.21
CA PRO C 216 -24.61 7.75 33.29
C PRO C 216 -23.87 6.44 33.50
N HIS C 217 -24.33 5.68 34.49
CA HIS C 217 -23.54 4.59 35.03
C HIS C 217 -23.48 3.39 34.10
N ALA C 218 -24.55 3.11 33.37
CA ALA C 218 -24.55 1.94 32.51
C ALA C 218 -23.84 2.17 31.18
N GLN C 219 -23.40 3.39 30.90
CA GLN C 219 -22.73 3.70 29.65
C GLN C 219 -21.22 3.73 29.79
N LEU C 220 -20.69 3.42 30.97
CA LEU C 220 -19.27 3.53 31.23
C LEU C 220 -18.56 2.25 30.81
N MET C 221 -17.67 2.37 29.82
CA MET C 221 -16.90 1.24 29.34
C MET C 221 -15.66 1.77 28.64
N GLY C 222 -14.64 0.93 28.55
CA GLY C 222 -13.40 1.34 27.94
C GLY C 222 -12.51 2.08 28.92
N LEU C 223 -11.65 2.94 28.38
CA LEU C 223 -10.77 3.74 29.22
C LEU C 223 -11.54 4.96 29.72
N ILE C 224 -11.98 4.93 30.96
CA ILE C 224 -12.92 5.91 31.50
C ILE C 224 -12.16 7.13 32.00
N GLY C 225 -12.32 8.24 31.30
CA GLY C 225 -11.82 9.53 31.75
C GLY C 225 -10.32 9.64 31.84
N ALA C 226 -9.64 9.45 30.72
CA ALA C 226 -8.19 9.41 30.69
C ALA C 226 -7.62 10.79 30.44
N ARG C 227 -6.53 11.12 31.13
CA ARG C 227 -5.85 12.39 30.89
C ARG C 227 -4.83 12.25 29.78
N ARG C 228 -4.49 11.02 29.41
CA ARG C 228 -3.45 10.72 28.44
C ARG C 228 -3.63 9.29 27.98
N THR C 229 -3.13 8.98 26.79
CA THR C 229 -3.14 7.62 26.27
C THR C 229 -1.89 7.41 25.42
N GLY C 230 -1.23 6.29 25.61
CA GLY C 230 -0.12 5.92 24.75
C GLY C 230 1.13 5.69 25.54
N ARG C 231 2.15 5.16 24.87
CA ARG C 231 3.46 5.06 25.47
C ARG C 231 4.10 6.44 25.51
N VAL C 232 4.76 6.75 26.63
CA VAL C 232 5.41 8.05 26.76
C VAL C 232 6.65 8.12 25.88
N LYS C 233 7.51 7.10 25.97
CA LYS C 233 8.68 6.99 25.10
C LYS C 233 9.13 5.54 24.97
N ILE D 6 119.80 22.54 40.72
CA ILE D 6 118.53 23.15 40.36
C ILE D 6 118.39 24.52 41.03
N PRO D 7 117.91 25.52 40.28
CA PRO D 7 117.76 26.87 40.85
C PRO D 7 116.73 26.93 41.99
N ILE D 8 116.86 27.97 42.80
CA ILE D 8 116.10 28.12 44.04
C ILE D 8 115.32 29.43 43.96
N PRO D 9 114.02 29.42 44.25
CA PRO D 9 113.27 30.69 44.29
C PRO D 9 113.64 31.50 45.52
N GLU D 10 114.10 32.72 45.30
CA GLU D 10 114.53 33.60 46.39
C GLU D 10 113.69 34.87 46.35
N ASP D 11 112.92 35.09 47.43
CA ASP D 11 112.19 36.33 47.71
C ASP D 11 111.11 36.62 46.67
N PHE D 12 110.75 35.60 45.89
CA PHE D 12 109.59 35.66 45.03
C PHE D 12 108.32 35.25 45.76
N VAL D 13 108.47 34.65 46.95
CA VAL D 13 107.33 34.33 47.78
C VAL D 13 106.67 35.60 48.29
N LYS D 14 107.44 36.67 48.42
CA LYS D 14 106.86 37.95 48.79
C LYS D 14 106.06 38.55 47.64
N LEU D 15 106.40 38.17 46.42
CA LEU D 15 105.67 38.70 45.26
C LEU D 15 104.32 38.03 45.10
N ILE D 16 104.26 36.71 45.29
CA ILE D 16 103.03 35.97 45.02
C ILE D 16 102.05 36.12 46.18
N LEU D 17 102.58 36.16 47.42
CA LEU D 17 101.71 36.30 48.58
C LEU D 17 101.12 37.70 48.66
N ILE D 18 101.81 38.69 48.08
CA ILE D 18 101.22 40.02 47.97
C ILE D 18 100.15 40.02 46.89
N SER D 19 100.44 39.44 45.73
CA SER D 19 99.60 39.58 44.55
C SER D 19 98.45 38.58 44.50
N GLN D 20 98.27 37.77 45.55
CA GLN D 20 97.20 36.77 45.67
C GLN D 20 97.21 35.77 44.52
N GLY D 21 98.41 35.37 44.11
CA GLY D 21 98.53 34.41 43.03
C GLY D 21 98.23 32.98 43.46
N HIS D 22 98.24 32.74 44.77
CA HIS D 22 97.96 31.39 45.28
C HIS D 22 96.48 31.21 45.57
N LEU D 23 95.69 32.27 45.38
CA LEU D 23 94.26 32.17 45.64
C LEU D 23 93.57 31.42 44.52
N GLY D 24 92.48 30.73 44.85
CA GLY D 24 91.80 29.86 43.91
C GLY D 24 90.31 30.14 43.85
N GLY D 25 89.58 29.20 43.26
CA GLY D 25 88.15 29.34 43.16
C GLY D 25 87.41 28.53 44.22
N ILE D 26 86.08 28.54 44.10
CA ILE D 26 85.24 27.86 45.09
C ILE D 26 85.28 26.35 44.88
N LYS D 27 85.28 25.91 43.62
CA LYS D 27 85.29 24.50 43.27
C LYS D 27 86.48 24.19 42.39
N THR D 28 86.92 22.94 42.42
CA THR D 28 88.09 22.48 41.67
C THR D 28 87.67 21.47 40.63
N SER D 29 88.34 21.48 39.48
CA SER D 29 88.06 20.51 38.44
C SER D 29 88.74 19.17 38.77
N LYS D 30 88.42 18.16 37.97
CA LYS D 30 88.89 16.82 38.28
C LYS D 30 90.36 16.65 37.90
N HIS D 31 90.84 17.45 36.96
CA HIS D 31 92.20 17.24 36.47
C HIS D 31 93.19 18.15 37.17
N MET D 32 92.71 19.12 37.94
CA MET D 32 93.62 20.01 38.66
C MET D 32 94.26 19.28 39.83
N GLY D 33 93.44 18.83 40.77
CA GLY D 33 93.85 17.83 41.73
C GLY D 33 94.95 18.21 42.71
N ARG D 34 96.16 17.72 42.42
CA ARG D 34 97.28 17.76 43.35
C ARG D 34 97.76 19.16 43.68
N TYR D 35 97.32 20.18 42.94
CA TYR D 35 97.79 21.53 43.19
C TYR D 35 97.07 22.21 44.33
N VAL D 36 96.03 21.60 44.89
CA VAL D 36 95.31 22.17 46.01
C VAL D 36 95.84 21.56 47.29
N TYR D 37 96.22 22.41 48.24
CA TYR D 37 96.71 21.98 49.53
C TYR D 37 95.61 21.95 50.58
N GLY D 38 94.65 22.86 50.46
CA GLY D 38 93.51 22.89 51.38
C GLY D 38 92.61 24.04 51.03
N THR D 39 91.59 24.23 51.86
CA THR D 39 90.60 25.28 51.68
C THR D 39 90.49 26.13 52.94
N ARG D 40 90.06 27.38 52.77
CA ARG D 40 89.72 28.21 53.91
C ARG D 40 88.45 27.67 54.57
N LYS D 41 88.31 27.92 55.86
CA LYS D 41 87.05 27.57 56.51
C LYS D 41 85.93 28.61 56.28
N PRO D 42 86.11 29.96 56.53
CA PRO D 42 84.94 30.84 56.38
C PRO D 42 84.51 31.10 54.94
N GLU D 43 85.46 31.33 54.02
CA GLU D 43 85.12 31.68 52.66
C GLU D 43 85.26 30.53 51.68
N ASN D 44 85.78 29.38 52.11
CA ASN D 44 85.81 28.12 51.36
C ASN D 44 86.59 28.25 50.06
N ILE D 45 87.72 28.95 50.12
CA ILE D 45 88.53 29.23 48.95
C ILE D 45 89.78 28.37 49.01
N LYS D 46 90.05 27.64 47.94
CA LYS D 46 91.19 26.74 47.89
C LYS D 46 92.50 27.52 47.77
N VAL D 47 93.59 26.85 48.09
CA VAL D 47 94.93 27.43 48.02
C VAL D 47 95.76 26.61 47.04
N ILE D 48 96.81 27.22 46.51
CA ILE D 48 97.71 26.56 45.57
C ILE D 48 99.07 26.43 46.22
N ASP D 49 99.69 25.25 46.08
CA ASP D 49 101.04 25.06 46.59
C ASP D 49 102.04 25.87 45.77
N ILE D 50 102.80 26.72 46.46
CA ILE D 50 103.74 27.58 45.77
C ILE D 50 105.01 26.82 45.43
N GLU D 51 105.16 25.62 45.98
CA GLU D 51 106.30 24.77 45.64
C GLU D 51 106.17 24.23 44.22
N LYS D 52 105.03 23.60 43.91
CA LYS D 52 104.90 22.91 42.63
C LYS D 52 104.66 23.88 41.49
N THR D 53 104.22 25.10 41.80
CA THR D 53 104.11 26.11 40.75
C THR D 53 105.48 26.58 40.30
N TRP D 54 106.47 26.52 41.20
CA TRP D 54 107.84 26.82 40.81
C TRP D 54 108.40 25.73 39.91
N GLU D 55 107.91 24.50 40.06
CA GLU D 55 108.36 23.40 39.21
C GLU D 55 107.90 23.59 37.78
N LYS D 56 106.71 24.15 37.58
CA LYS D 56 106.23 24.40 36.24
C LYS D 56 106.89 25.63 35.64
N PHE D 57 107.36 26.55 36.49
CA PHE D 57 108.08 27.71 36.00
C PHE D 57 109.43 27.33 35.42
N ILE D 58 110.09 26.33 36.03
CA ILE D 58 111.32 25.80 35.47
C ILE D 58 111.05 25.07 34.16
N LEU D 59 109.96 24.30 34.14
CA LEU D 59 109.69 23.43 32.99
C LEU D 59 109.24 24.22 31.77
N ALA D 60 108.47 25.29 32.00
CA ALA D 60 108.00 26.11 30.88
C ALA D 60 109.15 26.89 30.26
N SER D 61 110.12 27.29 31.08
CA SER D 61 111.31 27.94 30.56
C SER D 61 112.19 26.95 29.81
N ARG D 62 112.17 25.69 30.25
CA ARG D 62 112.99 24.67 29.60
C ARG D 62 112.49 24.37 28.19
N MET D 63 111.19 24.49 27.96
CA MET D 63 110.64 24.27 26.63
C MET D 63 110.80 25.51 25.77
N PHE D 64 110.79 26.69 26.39
CA PHE D 64 110.92 27.93 25.62
C PHE D 64 112.34 28.14 25.16
N CYS D 65 113.33 27.71 25.95
CA CYS D 65 114.70 27.89 25.50
C CYS D 65 115.05 26.84 24.45
N SER D 66 116.27 26.95 23.94
CA SER D 66 116.89 26.22 22.83
C SER D 66 116.16 26.44 21.50
N LEU D 67 115.20 27.36 21.42
CA LEU D 67 114.72 27.80 20.12
C LEU D 67 115.82 28.61 19.45
N GLN D 68 116.06 28.35 18.17
CA GLN D 68 117.16 29.01 17.48
C GLN D 68 116.83 30.47 17.21
N ASN D 69 115.55 30.78 17.03
CA ASN D 69 115.08 32.15 16.82
C ASN D 69 113.85 32.39 17.67
N PRO D 70 113.93 33.27 18.67
CA PRO D 70 112.79 33.44 19.58
C PRO D 70 111.63 34.23 18.99
N SER D 71 111.78 34.70 17.75
CA SER D 71 110.68 35.40 17.07
C SER D 71 109.55 34.43 16.71
N GLU D 72 109.83 33.14 16.67
CA GLU D 72 108.83 32.12 16.36
C GLU D 72 108.10 31.67 17.62
N ALA D 73 107.59 32.63 18.39
CA ALA D 73 106.87 32.37 19.61
C ALA D 73 105.84 33.47 19.80
N VAL D 74 104.60 33.06 19.99
CA VAL D 74 103.47 33.97 19.96
C VAL D 74 102.77 34.00 21.31
N VAL D 75 102.32 35.18 21.71
CA VAL D 75 101.57 35.36 22.94
C VAL D 75 100.24 35.98 22.57
N VAL D 76 99.15 35.51 23.18
CA VAL D 76 97.82 36.04 22.94
C VAL D 76 97.25 36.54 24.25
N SER D 77 96.36 37.53 24.17
CA SER D 77 95.70 38.10 25.34
C SER D 77 94.44 38.81 24.89
N THR D 78 93.36 38.65 25.66
CA THR D 78 92.11 39.32 25.32
C THR D 78 91.70 40.32 26.40
N LYS D 79 92.22 40.15 27.62
CA LYS D 79 91.86 41.03 28.72
C LYS D 79 92.42 42.43 28.50
N THR D 80 91.63 43.43 28.90
CA THR D 80 92.00 44.82 28.67
C THR D 80 93.20 45.23 29.50
N PHE D 81 93.38 44.62 30.66
CA PHE D 81 94.52 44.91 31.50
C PHE D 81 95.76 44.16 31.01
N GLY D 82 95.54 43.11 30.20
CA GLY D 82 96.63 42.25 29.81
C GLY D 82 97.53 42.81 28.73
N ARG D 83 97.14 43.94 28.14
CA ARG D 83 97.93 44.51 27.05
C ARG D 83 99.26 45.06 27.56
N LYS D 84 99.23 45.76 28.70
CA LYS D 84 100.41 46.43 29.21
C LYS D 84 101.47 45.44 29.68
N GLY D 85 101.05 44.31 30.23
CA GLY D 85 101.98 43.35 30.78
C GLY D 85 102.67 42.48 29.75
N VAL D 86 101.99 42.16 28.65
CA VAL D 86 102.60 41.27 27.66
C VAL D 86 103.57 42.06 26.79
N LEU D 87 103.35 43.37 26.65
CA LEU D 87 104.22 44.18 25.80
C LEU D 87 105.54 44.46 26.50
N LYS D 88 105.52 44.50 27.83
CA LYS D 88 106.78 44.55 28.56
C LYS D 88 107.50 43.21 28.52
N PHE D 89 106.72 42.12 28.41
CA PHE D 89 107.34 40.80 28.37
C PHE D 89 107.90 40.48 27.00
N CYS D 90 107.27 40.98 25.95
CA CYS D 90 107.62 40.56 24.59
C CYS D 90 108.96 41.17 24.16
N GLU D 91 109.24 42.39 24.60
CA GLU D 91 110.44 43.08 24.14
C GLU D 91 111.69 42.47 24.74
N ALA D 92 111.59 41.94 25.97
CA ALA D 92 112.76 41.36 26.62
C ALA D 92 113.04 39.95 26.11
N THR D 93 112.04 39.31 25.52
CA THR D 93 112.17 37.94 25.05
C THR D 93 112.09 37.81 23.54
N ASN D 94 111.97 38.93 22.81
CA ASN D 94 111.92 38.98 21.35
C ASN D 94 110.78 38.13 20.77
N ALA D 95 109.60 38.22 21.36
CA ALA D 95 108.44 37.48 20.90
C ALA D 95 107.44 38.42 20.25
N THR D 96 106.65 37.88 19.33
CA THR D 96 105.65 38.67 18.64
C THR D 96 104.33 38.65 19.41
N PRO D 97 103.85 39.78 19.90
CA PRO D 97 102.61 39.78 20.68
C PRO D 97 101.36 40.00 19.85
N VAL D 98 100.27 39.33 20.19
CA VAL D 98 98.98 39.49 19.54
C VAL D 98 97.96 39.88 20.60
N ILE D 99 97.36 41.06 20.42
CA ILE D 99 96.54 41.68 21.45
C ILE D 99 95.13 41.83 20.91
N GLY D 100 94.15 41.58 21.77
CA GLY D 100 92.77 41.83 21.42
C GLY D 100 92.07 40.58 20.90
N ARG D 101 91.07 40.82 20.06
CA ARG D 101 90.25 39.74 19.53
C ARG D 101 91.05 38.92 18.53
N PHE D 102 91.14 37.63 18.78
CA PHE D 102 91.89 36.74 17.91
C PHE D 102 91.10 36.44 16.65
N ILE D 103 91.66 36.80 15.51
CA ILE D 103 90.96 36.65 14.23
C ILE D 103 91.03 35.19 13.81
N PRO D 104 89.90 34.56 13.49
CA PRO D 104 89.93 33.15 13.08
C PRO D 104 90.50 32.99 11.68
N GLY D 105 91.51 32.12 11.56
CA GLY D 105 92.14 31.84 10.29
C GLY D 105 93.56 32.31 10.14
N THR D 106 94.18 32.82 11.21
CA THR D 106 95.53 33.38 11.09
C THR D 106 96.58 32.28 11.03
N PHE D 107 96.22 31.05 11.37
CA PHE D 107 97.18 29.96 11.26
C PHE D 107 96.90 29.11 10.04
N CYS D 108 95.63 28.96 9.68
CA CYS D 108 95.22 28.04 8.62
C CYS D 108 94.96 28.74 7.29
N ASN D 109 94.11 29.76 7.28
CA ASN D 109 93.81 30.48 6.06
C ASN D 109 94.98 31.36 5.67
N ASN D 110 95.26 31.41 4.36
CA ASN D 110 96.42 32.11 3.84
C ASN D 110 96.07 33.46 3.22
N GLN D 111 94.82 33.91 3.33
CA GLN D 111 94.38 35.15 2.74
C GLN D 111 94.18 36.26 3.76
N VAL D 112 94.56 36.02 5.02
CA VAL D 112 94.45 37.05 6.04
C VAL D 112 95.57 38.08 5.82
N LYS D 113 95.42 39.24 6.46
CA LYS D 113 96.37 40.34 6.26
C LYS D 113 97.73 40.01 6.86
N ARG D 114 97.76 39.44 8.06
CA ARG D 114 99.02 39.08 8.71
C ARG D 114 99.08 37.57 8.89
N PRO D 115 99.65 36.82 7.96
CA PRO D 115 99.84 35.39 8.18
C PRO D 115 101.09 35.12 8.99
N LEU D 116 101.07 34.06 9.78
CA LEU D 116 102.17 33.75 10.70
C LEU D 116 102.24 32.24 10.93
N GLU D 117 103.46 31.72 10.96
CA GLU D 117 103.73 30.29 11.04
C GLU D 117 104.58 30.01 12.27
N PRO D 118 103.98 29.96 13.46
CA PRO D 118 104.76 29.84 14.68
C PRO D 118 105.13 28.41 15.04
N ARG D 119 105.88 28.25 16.13
CA ARG D 119 106.21 26.91 16.61
C ARG D 119 105.73 26.70 18.04
N VAL D 120 105.84 27.72 18.88
CA VAL D 120 105.43 27.65 20.28
C VAL D 120 104.38 28.72 20.53
N LEU D 121 103.30 28.33 21.21
CA LEU D 121 102.18 29.23 21.47
C LEU D 121 101.97 29.34 22.97
N ILE D 122 101.71 30.56 23.44
CA ILE D 122 101.50 30.84 24.86
C ILE D 122 100.14 31.50 25.02
N VAL D 123 99.40 31.08 26.05
CA VAL D 123 98.05 31.58 26.32
C VAL D 123 97.97 32.06 27.76
N SER D 124 97.44 33.28 27.94
CA SER D 124 97.16 33.81 29.27
C SER D 124 96.03 33.08 29.97
N ASP D 125 94.82 33.09 29.40
CA ASP D 125 93.66 32.43 30.00
C ASP D 125 93.06 31.45 29.01
N PRO D 126 92.89 30.18 29.36
CA PRO D 126 92.41 29.19 28.37
C PRO D 126 90.95 29.37 27.99
N PHE D 127 90.08 29.69 28.96
CA PHE D 127 88.66 29.85 28.64
C PHE D 127 88.41 31.15 27.90
N ALA D 128 89.19 32.19 28.20
CA ALA D 128 88.99 33.48 27.55
C ALA D 128 89.51 33.47 26.12
N ASP D 129 90.46 32.59 25.81
CA ASP D 129 91.04 32.48 24.48
C ASP D 129 90.87 31.04 23.99
N LYS D 130 89.73 30.75 23.38
CA LYS D 130 89.45 29.40 22.96
C LYS D 130 89.89 29.16 21.52
N GLN D 131 89.85 30.20 20.69
CA GLN D 131 90.08 30.03 19.25
C GLN D 131 91.54 29.75 18.95
N ALA D 132 92.45 30.26 19.79
CA ALA D 132 93.86 29.96 19.62
C ALA D 132 94.16 28.51 19.94
N LEU D 133 93.55 27.98 21.00
CA LEU D 133 93.70 26.56 21.31
C LEU D 133 92.94 25.71 20.30
N ASP D 134 91.84 26.23 19.75
CA ASP D 134 91.07 25.50 18.76
C ASP D 134 91.84 25.35 17.47
N GLU D 135 92.57 26.39 17.07
CA GLU D 135 93.40 26.34 15.87
C GLU D 135 94.75 25.70 16.13
N SER D 136 95.09 25.43 17.39
CA SER D 136 96.30 24.68 17.67
C SER D 136 96.06 23.19 17.57
N SER D 137 94.80 22.78 17.39
CA SER D 137 94.50 21.37 17.16
C SER D 137 94.64 21.03 15.69
N TYR D 138 94.58 22.03 14.82
CA TYR D 138 94.67 21.77 13.38
C TYR D 138 96.13 21.61 12.95
N VAL D 139 97.00 22.52 13.36
CA VAL D 139 98.42 22.46 13.05
C VAL D 139 99.15 22.11 14.34
N ASN D 140 100.19 21.28 14.22
CA ASN D 140 100.89 20.73 15.38
C ASN D 140 101.66 21.81 16.12
N LEU D 141 101.23 22.13 17.35
CA LEU D 141 101.84 23.18 18.14
C LEU D 141 101.88 22.77 19.61
N GLN D 142 102.84 23.32 20.34
CA GLN D 142 102.88 23.20 21.79
C GLN D 142 102.28 24.43 22.44
N THR D 143 101.56 24.22 23.54
CA THR D 143 100.81 25.30 24.17
C THR D 143 101.16 25.40 25.65
N VAL D 144 101.30 26.62 26.13
CA VAL D 144 101.48 26.90 27.56
C VAL D 144 100.31 27.75 28.01
N ALA D 145 99.78 27.45 29.20
CA ALA D 145 98.61 28.16 29.67
C ALA D 145 98.65 28.35 31.18
N PHE D 146 98.24 29.54 31.63
CA PHE D 146 98.03 29.79 33.04
C PHE D 146 96.56 29.55 33.37
N CYS D 147 96.28 28.52 34.16
CA CYS D 147 94.91 28.07 34.37
C CYS D 147 94.53 28.16 35.84
N ASN D 148 93.27 28.51 36.10
CA ASN D 148 92.71 28.54 37.44
C ASN D 148 92.31 27.13 37.88
N THR D 149 91.69 27.04 39.06
CA THR D 149 91.29 25.75 39.58
C THR D 149 90.08 25.19 38.83
N ASP D 150 89.30 26.06 38.20
CA ASP D 150 88.13 25.65 37.44
C ASP D 150 88.34 25.99 35.97
N ASN D 151 89.00 25.09 35.25
CA ASN D 151 89.23 25.25 33.83
C ASN D 151 89.32 23.87 33.20
N ASP D 152 89.04 23.80 31.90
CA ASP D 152 89.31 22.58 31.17
C ASP D 152 90.75 22.58 30.67
N VAL D 153 91.30 21.38 30.54
CA VAL D 153 92.71 21.24 30.19
C VAL D 153 92.89 20.54 28.85
N SER D 154 91.96 20.70 27.92
CA SER D 154 92.12 20.09 26.61
C SER D 154 93.13 20.86 25.79
N PHE D 155 93.94 20.13 25.02
CA PHE D 155 94.91 20.67 24.06
C PHE D 155 95.97 21.53 24.74
N VAL D 156 96.34 21.18 25.96
CA VAL D 156 97.41 21.86 26.68
C VAL D 156 98.22 20.84 27.47
N ASP D 157 99.55 20.93 27.36
CA ASP D 157 100.40 19.89 27.95
C ASP D 157 101.13 20.39 29.19
N VAL D 158 101.39 21.70 29.29
CA VAL D 158 101.95 22.26 30.51
C VAL D 158 100.99 23.30 31.08
N VAL D 159 100.75 23.18 32.38
CA VAL D 159 99.83 24.05 33.10
C VAL D 159 100.58 24.72 34.23
N ILE D 160 100.46 26.04 34.31
CA ILE D 160 100.99 26.82 35.41
C ILE D 160 99.81 27.32 36.22
N PRO D 161 99.48 26.72 37.36
CA PRO D 161 98.28 27.13 38.09
C PRO D 161 98.48 28.42 38.86
N MET D 162 97.66 29.42 38.55
CA MET D 162 97.72 30.72 39.19
C MET D 162 96.29 31.23 39.38
N ASN D 163 96.18 32.51 39.71
CA ASN D 163 94.89 33.19 39.81
C ASN D 163 94.81 34.15 38.64
N ASN D 164 93.80 33.97 37.79
CA ASN D 164 93.69 34.72 36.55
C ASN D 164 92.52 35.70 36.54
N ARG D 165 91.84 35.89 37.66
CA ARG D 165 90.76 36.87 37.68
C ARG D 165 91.28 38.27 37.98
N SER D 166 92.15 38.39 38.97
CA SER D 166 92.69 39.69 39.33
C SER D 166 93.73 40.12 38.30
N PRO D 167 93.66 41.36 37.81
CA PRO D 167 94.61 41.81 36.79
C PRO D 167 96.02 42.02 37.31
N VAL D 168 96.16 42.23 38.62
CA VAL D 168 97.48 42.49 39.18
C VAL D 168 98.32 41.22 39.20
N SER D 169 97.66 40.06 39.28
CA SER D 169 98.39 38.80 39.41
C SER D 169 98.94 38.34 38.06
N ILE D 170 98.31 38.74 36.96
CA ILE D 170 98.70 38.23 35.65
C ILE D 170 100.03 38.84 35.20
N SER D 171 100.34 40.04 35.69
CA SER D 171 101.62 40.65 35.34
C SER D 171 102.76 40.00 36.10
N THR D 172 102.46 39.34 37.20
CA THR D 172 103.51 38.70 38.00
C THR D 172 104.07 37.48 37.29
N GLY D 173 103.20 36.67 36.69
CA GLY D 173 103.67 35.47 36.02
C GLY D 173 104.49 35.77 34.78
N LEU D 174 104.21 36.91 34.12
CA LEU D 174 105.06 37.37 33.05
C LEU D 174 106.38 37.90 33.60
N PHE D 175 106.36 38.43 34.82
CA PHE D 175 107.57 39.01 35.40
C PHE D 175 108.57 37.94 35.81
N ILE D 176 108.08 36.85 36.40
CA ILE D 176 108.97 35.76 36.79
C ILE D 176 109.46 35.02 35.56
N LEU D 177 108.65 34.97 34.50
CA LEU D 177 109.07 34.30 33.28
C LEU D 177 110.12 35.13 32.54
N SER D 178 110.14 36.44 32.76
CA SER D 178 111.10 37.29 32.06
C SER D 178 112.50 37.14 32.64
N ARG D 179 112.59 36.75 33.91
CA ARG D 179 113.90 36.60 34.53
C ARG D 179 114.56 35.28 34.15
N LEU D 180 113.76 34.20 34.09
CA LEU D 180 114.34 32.86 33.96
C LEU D 180 114.92 32.64 32.58
N VAL D 181 114.24 33.12 31.53
CA VAL D 181 114.78 33.02 30.19
C VAL D 181 116.00 33.92 30.05
N ARG D 182 116.00 35.04 30.76
CA ARG D 182 117.20 35.86 30.85
C ARG D 182 118.28 35.15 31.66
N PHE D 183 117.87 34.33 32.63
CA PHE D 183 118.84 33.64 33.48
C PHE D 183 119.40 32.41 32.79
N MET D 184 118.56 31.69 32.05
CA MET D 184 119.03 30.46 31.40
C MET D 184 119.93 30.76 30.22
N LYS D 185 119.70 31.90 29.56
CA LYS D 185 120.50 32.21 28.37
C LYS D 185 121.80 32.90 28.76
N THR D 186 121.72 33.91 29.62
CA THR D 186 122.91 34.61 30.11
C THR D 186 123.05 34.32 31.60
N GLY D 187 124.24 33.92 32.02
CA GLY D 187 124.46 33.68 33.43
C GLY D 187 124.45 34.98 34.22
N GLU D 188 123.37 35.20 34.96
CA GLU D 188 123.16 36.45 35.66
C GLU D 188 122.46 36.18 36.99
N PRO D 189 122.62 37.05 37.98
CA PRO D 189 121.80 36.90 39.19
C PRO D 189 120.37 37.36 38.95
N LEU D 190 119.41 36.47 39.19
CA LEU D 190 118.01 36.86 39.09
C LEU D 190 117.62 37.73 40.27
N ASP D 191 116.44 38.36 40.13
CA ASP D 191 115.95 39.42 41.02
C ASP D 191 116.97 40.55 41.18
N GLU D 192 117.27 41.21 40.05
CA GLU D 192 118.18 42.36 40.08
C GLU D 192 117.53 43.56 40.75
N ASN D 193 116.43 44.04 40.17
CA ASN D 193 115.68 45.15 40.72
C ASN D 193 114.24 44.73 40.85
N MET D 194 113.75 44.68 42.08
CA MET D 194 112.35 44.36 42.36
C MET D 194 111.41 45.46 41.88
N LYS D 195 111.90 46.68 41.74
CA LYS D 195 111.08 47.84 41.38
C LYS D 195 110.67 47.86 39.90
N GLU D 196 111.01 46.85 39.12
CA GLU D 196 110.66 46.87 37.70
C GLU D 196 109.28 46.28 37.44
N ILE D 197 108.54 45.94 38.50
CA ILE D 197 107.18 45.47 38.35
C ILE D 197 106.21 46.61 38.08
N GLU D 198 106.64 47.86 38.27
CA GLU D 198 105.75 49.00 38.07
C GLU D 198 105.47 49.23 36.59
N LEU D 199 106.41 48.82 35.73
CA LEU D 199 106.20 48.98 34.29
C LEU D 199 105.19 47.98 33.77
N PHE D 200 104.96 46.90 34.51
CA PHE D 200 103.99 45.89 34.09
C PHE D 200 102.59 46.29 34.53
N ILE D 201 102.43 46.69 35.78
CA ILE D 201 101.13 47.09 36.31
C ILE D 201 100.84 48.51 35.86
N TYR D 202 99.60 48.95 36.02
CA TYR D 202 99.26 50.35 35.78
C TYR D 202 99.92 51.30 36.78
N MET E 1 -103.55 -8.25 6.62
CA MET E 1 -103.06 -6.91 6.33
C MET E 1 -102.08 -6.96 5.16
N LEU E 2 -101.75 -5.79 4.61
CA LEU E 2 -100.92 -5.75 3.41
C LEU E 2 -99.46 -5.99 3.76
N LYS E 3 -98.77 -6.75 2.90
CA LYS E 3 -97.44 -7.25 3.20
C LYS E 3 -96.62 -7.32 1.92
N HIS E 4 -95.30 -7.35 2.08
CA HIS E 4 -94.38 -7.43 0.96
C HIS E 4 -93.27 -8.42 1.30
N VAL E 5 -92.92 -9.26 0.32
CA VAL E 5 -91.90 -10.27 0.53
C VAL E 5 -90.53 -9.60 0.56
N LYS E 6 -89.63 -10.11 1.41
CA LYS E 6 -88.29 -9.56 1.50
C LYS E 6 -87.48 -9.88 0.26
N LYS E 7 -86.34 -9.19 0.12
CA LYS E 7 -85.52 -9.37 -1.07
C LYS E 7 -84.57 -10.55 -0.92
N THR E 8 -84.44 -11.11 0.28
CA THR E 8 -83.53 -12.22 0.47
C THR E 8 -84.12 -13.51 -0.09
N ARG E 9 -85.45 -13.64 -0.07
CA ARG E 9 -86.07 -14.89 -0.48
C ARG E 9 -86.00 -15.06 -1.98
N LYS E 10 -85.91 -13.96 -2.72
CA LYS E 10 -85.78 -14.06 -4.17
C LYS E 10 -84.33 -14.24 -4.58
N LEU E 11 -83.40 -14.20 -3.62
CA LEU E 11 -81.99 -14.20 -3.97
C LEU E 11 -81.28 -15.49 -3.62
N ARG E 12 -81.99 -16.51 -3.13
CA ARG E 12 -81.37 -17.81 -2.95
C ARG E 12 -81.23 -18.50 -4.30
N GLY E 13 -80.13 -19.20 -4.50
CA GLY E 13 -79.88 -19.88 -5.74
C GLY E 13 -78.89 -19.20 -6.65
N HIS E 14 -78.72 -17.89 -6.54
CA HIS E 14 -77.71 -17.17 -7.30
C HIS E 14 -76.43 -17.15 -6.49
N VAL E 15 -75.30 -17.22 -7.20
CA VAL E 15 -74.00 -17.50 -6.58
C VAL E 15 -73.61 -16.40 -5.60
N SER E 16 -73.86 -15.17 -5.97
CA SER E 16 -73.74 -14.07 -5.02
C SER E 16 -75.15 -13.57 -4.71
N HIS E 17 -75.24 -12.64 -3.77
CA HIS E 17 -76.40 -11.75 -3.71
C HIS E 17 -76.19 -10.60 -4.69
N GLY E 18 -77.01 -9.56 -4.58
CA GLY E 18 -76.87 -8.45 -5.48
C GLY E 18 -75.63 -7.58 -5.26
N HIS E 19 -74.44 -8.17 -5.38
CA HIS E 19 -73.20 -7.49 -5.10
C HIS E 19 -72.10 -7.77 -6.12
N GLY E 20 -72.41 -8.46 -7.21
CA GLY E 20 -71.48 -8.58 -8.32
C GLY E 20 -70.44 -9.66 -8.10
N ARG E 21 -69.63 -9.88 -9.13
CA ARG E 21 -68.56 -10.86 -9.08
C ARG E 21 -67.17 -10.23 -9.07
N VAL E 22 -66.97 -9.18 -9.85
CA VAL E 22 -65.66 -8.54 -9.90
C VAL E 22 -65.42 -7.72 -8.64
N GLY E 23 -66.31 -6.78 -8.35
CA GLY E 23 -66.20 -6.00 -7.14
C GLY E 23 -66.97 -6.63 -6.01
N LYS E 24 -66.26 -7.37 -5.15
CA LYS E 24 -66.88 -8.18 -4.12
C LYS E 24 -67.36 -7.30 -2.97
N HIS E 25 -68.08 -7.91 -2.04
CA HIS E 25 -68.58 -7.21 -0.86
C HIS E 25 -67.64 -7.50 0.30
N ARG E 26 -66.77 -6.54 0.60
CA ARG E 26 -65.81 -6.66 1.67
C ARG E 26 -66.22 -5.73 2.81
N LYS E 27 -65.44 -5.75 3.89
CA LYS E 27 -65.69 -4.91 5.05
C LYS E 27 -64.99 -3.58 4.85
N HIS E 28 -65.76 -2.49 4.78
CA HIS E 28 -65.28 -1.12 4.92
C HIS E 28 -64.25 -0.73 3.86
N SER E 29 -64.70 -0.69 2.61
CA SER E 29 -63.89 -0.08 1.56
C SER E 29 -64.17 1.42 1.52
N GLY E 30 -63.17 2.21 1.86
CA GLY E 30 -63.30 3.64 1.84
C GLY E 30 -63.30 4.32 3.20
N GLY E 31 -63.25 3.56 4.28
CA GLY E 31 -63.13 4.13 5.60
C GLY E 31 -64.42 4.04 6.38
N ARG E 32 -64.33 4.41 7.66
CA ARG E 32 -65.45 4.34 8.59
C ARG E 32 -65.94 5.75 8.90
N GLY E 33 -67.26 5.91 8.91
CA GLY E 33 -67.82 7.19 9.33
C GLY E 33 -67.86 8.17 8.18
N ILE E 34 -67.38 9.38 8.45
CA ILE E 34 -67.35 10.45 7.46
C ILE E 34 -65.91 10.84 7.12
N CYS E 35 -65.01 9.86 7.08
CA CYS E 35 -63.59 10.17 6.98
C CYS E 35 -63.22 10.58 5.56
N GLY E 36 -62.20 11.40 5.44
CA GLY E 36 -61.66 11.78 4.15
C GLY E 36 -62.37 12.90 3.44
N GLY E 37 -62.83 13.92 4.17
CA GLY E 37 -63.58 14.98 3.53
C GLY E 37 -62.72 15.95 2.74
N LEU E 38 -61.41 15.87 2.91
CA LEU E 38 -60.49 16.79 2.24
C LEU E 38 -59.64 16.13 1.17
N LYS E 39 -59.64 14.80 1.09
CA LYS E 39 -58.75 14.17 0.12
C LYS E 39 -59.47 13.41 -0.98
N HIS E 40 -60.30 12.43 -0.62
CA HIS E 40 -60.85 11.59 -1.68
C HIS E 40 -62.37 11.60 -1.71
N MET E 41 -63.01 12.06 -0.64
CA MET E 41 -64.44 12.34 -0.67
C MET E 41 -64.73 13.81 -0.88
N LYS E 42 -63.83 14.50 -1.59
CA LYS E 42 -63.99 15.93 -1.84
C LYS E 42 -65.16 16.21 -2.76
N THR E 43 -65.40 15.32 -3.72
CA THR E 43 -66.44 15.57 -4.71
C THR E 43 -67.82 15.32 -4.15
N TRP E 44 -67.94 14.51 -3.10
CA TRP E 44 -69.25 14.31 -2.49
C TRP E 44 -69.61 15.47 -1.60
N PHE E 45 -68.62 16.07 -0.93
CA PHE E 45 -68.91 17.21 -0.07
C PHE E 45 -69.21 18.46 -0.90
N GLN E 46 -68.65 18.54 -2.11
CA GLN E 46 -68.82 19.73 -2.92
C GLN E 46 -70.23 19.82 -3.48
N LYS E 47 -70.82 18.68 -3.84
CA LYS E 47 -72.11 18.71 -4.52
C LYS E 47 -73.25 18.86 -3.52
N TYR E 48 -73.17 18.22 -2.36
CA TYR E 48 -74.31 18.13 -1.46
C TYR E 48 -74.19 18.95 -0.20
N HIS E 49 -72.98 19.22 0.31
CA HIS E 49 -72.81 19.91 1.58
C HIS E 49 -71.69 20.95 1.51
N PRO E 50 -71.95 22.13 0.97
CA PRO E 50 -71.06 23.25 1.24
C PRO E 50 -71.33 23.78 2.64
N ASP E 51 -70.41 24.61 3.12
CA ASP E 51 -70.35 25.21 4.47
C ASP E 51 -70.19 24.18 5.58
N TYR E 52 -69.53 23.06 5.34
CA TYR E 52 -69.28 22.15 6.45
C TYR E 52 -68.04 22.54 7.22
N PHE E 53 -67.00 22.97 6.51
CA PHE E 53 -65.74 23.30 7.15
C PHE E 53 -65.68 24.79 7.48
N GLY E 54 -65.06 25.10 8.62
CA GLY E 54 -64.76 26.47 8.99
C GLY E 54 -65.62 26.99 10.13
N LYS E 55 -65.21 28.13 10.65
CA LYS E 55 -65.87 28.81 11.76
C LYS E 55 -66.65 30.00 11.23
N ARG E 56 -67.68 30.41 11.98
CA ARG E 56 -68.42 31.62 11.65
C ARG E 56 -69.14 32.11 12.90
N GLY E 57 -69.28 33.42 13.01
CA GLY E 57 -70.12 34.01 14.02
C GLY E 57 -69.46 34.13 15.38
N HIS E 58 -70.24 34.61 16.33
CA HIS E 58 -69.81 34.82 17.71
C HIS E 58 -70.37 33.70 18.57
N ARG E 59 -69.55 33.18 19.47
CA ARG E 59 -69.96 32.07 20.32
C ARG E 59 -70.48 32.58 21.66
N ILE E 60 -71.65 32.11 22.05
CA ILE E 60 -72.30 32.50 23.30
C ILE E 60 -72.42 31.27 24.17
N TYR E 61 -71.79 31.31 25.34
CA TYR E 61 -71.91 30.20 26.28
C TYR E 61 -73.25 30.26 26.99
N HIS E 62 -73.94 29.12 27.03
CA HIS E 62 -75.18 28.90 27.78
C HIS E 62 -76.28 29.87 27.36
N ARG E 63 -76.79 29.66 26.15
CA ARG E 63 -78.01 30.32 25.74
C ARG E 63 -79.17 29.84 26.60
N LYS E 64 -79.96 30.79 27.09
CA LYS E 64 -81.14 30.48 27.89
C LYS E 64 -82.35 30.43 26.97
N LYS E 65 -82.95 29.25 26.84
CA LYS E 65 -84.07 29.10 25.92
C LYS E 65 -85.33 29.76 26.44
N ASN E 66 -85.53 29.75 27.76
CA ASN E 66 -86.76 30.26 28.33
C ASN E 66 -86.80 31.78 28.30
N ASP E 67 -85.64 32.43 28.31
CA ASP E 67 -85.61 33.88 28.34
C ASP E 67 -85.83 34.46 26.95
N GLU E 68 -85.59 33.67 25.91
CA GLU E 68 -85.74 34.12 24.54
C GLU E 68 -86.94 33.52 23.84
N TRP E 69 -88.07 33.40 24.55
CA TRP E 69 -89.26 32.78 23.99
C TRP E 69 -90.07 33.80 23.21
N ALA E 70 -90.54 33.40 22.03
CA ALA E 70 -91.39 34.26 21.22
C ALA E 70 -92.21 33.40 20.27
N ARG E 71 -93.53 33.56 20.32
CA ARG E 71 -94.43 32.89 19.39
C ARG E 71 -95.18 33.94 18.60
N TRP E 72 -95.47 33.65 17.34
CA TRP E 72 -96.07 34.61 16.44
C TRP E 72 -97.28 34.00 15.74
N ILE E 73 -98.31 34.80 15.56
CA ILE E 73 -99.44 34.47 14.69
C ILE E 73 -99.68 35.64 13.77
N SER E 74 -100.32 35.38 12.63
CA SER E 74 -100.65 36.45 11.71
C SER E 74 -101.78 37.30 12.26
N ALA E 75 -102.02 38.44 11.62
CA ALA E 75 -103.10 39.30 12.05
C ALA E 75 -104.44 38.75 11.60
N ALA E 76 -104.43 37.82 10.65
CA ALA E 76 -105.68 37.32 10.08
C ALA E 76 -106.42 36.40 11.05
N LYS E 77 -105.70 35.64 11.86
CA LYS E 77 -106.31 34.59 12.66
C LYS E 77 -106.73 35.07 14.04
N LEU E 78 -106.87 36.37 14.26
CA LEU E 78 -107.29 36.86 15.56
C LEU E 78 -108.77 36.64 15.80
N TRP E 79 -109.57 36.57 14.74
CA TRP E 79 -110.98 36.28 14.93
C TRP E 79 -111.19 34.79 15.21
N SER E 80 -110.18 33.97 14.93
CA SER E 80 -110.27 32.55 15.25
C SER E 80 -109.94 32.28 16.72
N LEU E 81 -109.32 33.24 17.40
CA LEU E 81 -108.95 33.02 18.79
C LEU E 81 -110.16 33.11 19.71
N ILE E 82 -111.22 33.75 19.25
CA ILE E 82 -112.43 33.91 20.07
C ILE E 82 -113.12 32.55 20.18
N PRO E 83 -113.53 32.13 21.38
CA PRO E 83 -114.14 30.80 21.52
C PRO E 83 -115.48 30.70 20.83
N LYS E 84 -115.88 29.46 20.55
CA LYS E 84 -116.90 29.17 19.54
C LYS E 84 -118.28 29.66 19.98
N GLU E 85 -118.53 29.74 21.28
CA GLU E 85 -119.82 30.21 21.76
C GLU E 85 -120.00 31.70 21.53
N THR E 86 -119.09 32.51 22.08
CA THR E 86 -119.29 33.96 22.05
C THR E 86 -118.92 34.54 20.70
N ARG E 87 -118.20 33.78 19.86
CA ARG E 87 -117.88 34.25 18.52
C ARG E 87 -119.14 34.32 17.66
N TYR E 88 -120.10 33.44 17.92
CA TYR E 88 -121.35 33.49 17.18
C TYR E 88 -122.19 34.68 17.59
N GLU E 89 -122.15 35.04 18.88
CA GLU E 89 -123.04 36.06 19.40
C GLU E 89 -122.67 37.46 18.89
N LEU E 90 -121.39 37.65 18.56
CA LEU E 90 -120.96 38.93 18.01
C LEU E 90 -121.42 39.11 16.57
N ILE E 91 -121.73 37.99 15.90
CA ILE E 91 -122.05 38.06 14.47
C ILE E 91 -123.51 38.40 14.26
N ASP E 92 -124.42 37.62 14.85
CA ASP E 92 -125.83 37.79 14.53
C ASP E 92 -126.48 38.92 15.31
N LYS E 93 -126.23 39.02 16.61
CA LYS E 93 -127.00 39.99 17.39
C LYS E 93 -126.20 41.18 17.89
N GLN E 94 -125.12 40.94 18.64
CA GLN E 94 -124.32 42.03 19.17
C GLN E 94 -123.35 42.53 18.10
N GLN E 95 -123.88 43.33 17.19
CA GLN E 95 -123.07 43.79 16.06
C GLN E 95 -122.37 45.10 16.38
N GLU E 96 -122.66 45.67 17.55
CA GLU E 96 -122.06 46.96 17.89
C GLU E 96 -120.96 46.81 18.93
N GLY E 97 -120.90 45.67 19.60
CA GLY E 97 -119.91 45.50 20.65
C GLY E 97 -118.54 45.19 20.07
N VAL E 98 -117.52 45.69 20.74
CA VAL E 98 -116.14 45.57 20.29
C VAL E 98 -115.46 44.51 21.15
N PRO E 99 -114.92 43.45 20.57
CA PRO E 99 -114.25 42.43 21.37
C PRO E 99 -112.85 42.86 21.77
N VAL E 100 -112.42 42.35 22.92
CA VAL E 100 -111.09 42.63 23.46
C VAL E 100 -110.33 41.32 23.52
N ILE E 101 -109.17 41.29 22.89
CA ILE E 101 -108.38 40.06 22.75
C ILE E 101 -107.08 40.23 23.52
N ASN E 102 -106.80 39.29 24.41
CA ASN E 102 -105.51 39.21 25.10
C ASN E 102 -104.75 38.03 24.51
N CYS E 103 -103.68 38.33 23.78
CA CYS E 103 -102.96 37.27 23.08
C CYS E 103 -102.13 36.43 24.03
N ARG E 104 -101.77 36.98 25.19
CA ARG E 104 -100.96 36.23 26.14
C ARG E 104 -101.81 35.23 26.91
N ASP E 105 -103.13 35.40 26.90
CA ASP E 105 -103.99 34.45 27.60
C ASP E 105 -104.16 33.16 26.82
N PHE E 106 -103.83 33.18 25.54
CA PHE E 106 -103.89 31.98 24.71
C PHE E 106 -102.52 31.40 24.43
N GLY E 107 -101.45 32.14 24.69
CA GLY E 107 -100.11 31.65 24.48
C GLY E 107 -99.38 32.19 23.28
N TYR E 108 -99.74 33.38 22.80
CA TYR E 108 -99.03 34.01 21.71
C TYR E 108 -98.46 35.35 22.17
N HIS E 109 -97.28 35.69 21.67
CA HIS E 109 -96.59 36.90 22.11
C HIS E 109 -96.50 37.97 21.03
N VAL E 110 -96.14 37.61 19.80
CA VAL E 110 -95.86 38.57 18.74
C VAL E 110 -96.97 38.45 17.70
N VAL E 111 -97.31 39.56 17.06
CA VAL E 111 -98.33 39.58 16.01
C VAL E 111 -97.69 40.07 14.72
N VAL E 112 -97.54 39.19 13.75
CA VAL E 112 -97.04 39.56 12.43
C VAL E 112 -98.20 40.00 11.55
N GLY E 113 -97.88 40.58 10.41
CA GLY E 113 -98.89 41.26 9.60
C GLY E 113 -99.86 40.30 8.92
N GLY E 114 -100.85 40.89 8.27
CA GLY E 114 -101.95 40.16 7.67
C GLY E 114 -103.13 41.09 7.54
N GLU E 115 -104.26 40.53 7.10
CA GLU E 115 -105.49 41.31 6.91
C GLU E 115 -106.58 40.75 7.82
N LEU E 116 -107.27 41.65 8.53
CA LEU E 116 -108.34 41.24 9.42
C LEU E 116 -109.54 40.71 8.64
N SER E 117 -110.37 39.92 9.32
CA SER E 117 -111.47 39.23 8.64
C SER E 117 -112.63 40.16 8.34
N LEU E 118 -113.22 40.75 9.36
CA LEU E 118 -114.42 41.57 9.20
C LEU E 118 -114.05 43.04 9.36
N ASP E 119 -115.04 43.90 9.11
CA ASP E 119 -114.85 45.34 9.14
C ASP E 119 -115.32 45.98 10.44
N ARG E 120 -115.09 45.34 11.57
CA ARG E 120 -115.47 45.93 12.84
C ARG E 120 -114.22 46.27 13.66
N PRO E 121 -114.26 47.32 14.48
CA PRO E 121 -113.09 47.65 15.29
C PRO E 121 -112.87 46.68 16.43
N VAL E 122 -111.60 46.49 16.81
CA VAL E 122 -111.19 45.55 17.84
C VAL E 122 -110.16 46.19 18.74
N VAL E 123 -109.83 45.50 19.84
CA VAL E 123 -108.79 45.92 20.77
C VAL E 123 -107.86 44.75 21.02
N VAL E 124 -106.58 44.93 20.70
CA VAL E 124 -105.59 43.85 20.72
C VAL E 124 -104.49 44.23 21.71
N LYS E 125 -104.05 43.24 22.50
CA LYS E 125 -102.96 43.42 23.46
C LYS E 125 -101.91 42.35 23.24
N ALA E 126 -100.65 42.78 23.12
CA ALA E 126 -99.54 41.85 22.93
C ALA E 126 -98.24 42.57 23.26
N ARG E 127 -97.13 41.96 22.86
CA ARG E 127 -95.82 42.57 22.86
C ARG E 127 -95.30 42.60 21.43
N LYS E 128 -94.72 43.74 21.02
CA LYS E 128 -94.01 43.91 19.75
C LYS E 128 -94.88 43.62 18.53
N PHE E 129 -95.84 44.50 18.29
CA PHE E 129 -96.51 44.52 16.99
C PHE E 129 -95.50 44.85 15.89
N THR E 130 -95.59 44.14 14.77
CA THR E 130 -94.80 44.54 13.62
C THR E 130 -95.43 45.76 12.95
N GLU E 131 -94.71 46.32 11.98
CA GLU E 131 -95.13 47.58 11.39
C GLU E 131 -96.35 47.41 10.50
N ASP E 132 -96.51 46.23 9.90
CA ASP E 132 -97.71 45.99 9.11
C ASP E 132 -98.90 45.67 10.00
N ALA E 133 -98.65 45.12 11.19
CA ALA E 133 -99.74 44.79 12.09
C ALA E 133 -100.29 46.03 12.76
N LYS E 134 -99.46 47.06 12.93
CA LYS E 134 -99.97 48.33 13.45
C LYS E 134 -100.84 49.01 12.42
N GLU E 135 -100.59 48.75 11.14
CA GLU E 135 -101.24 49.49 10.08
C GLU E 135 -102.62 48.93 9.77
N GLN E 136 -102.73 47.60 9.69
CA GLN E 136 -103.97 47.01 9.22
C GLN E 136 -104.96 46.77 10.35
N ILE E 137 -104.52 46.93 11.59
CA ILE E 137 -105.45 46.97 12.71
C ILE E 137 -106.12 48.33 12.78
N GLU E 138 -105.34 49.39 12.61
CA GLU E 138 -105.88 50.75 12.68
C GLU E 138 -106.65 51.13 11.43
N LYS E 139 -106.50 50.39 10.33
CA LYS E 139 -107.27 50.68 9.12
C LYS E 139 -108.76 50.45 9.35
N VAL E 140 -109.09 49.40 10.09
CA VAL E 140 -110.48 49.13 10.42
C VAL E 140 -111.00 50.12 11.45
N GLY E 141 -110.14 50.56 12.36
CA GLY E 141 -110.56 51.43 13.43
C GLY E 141 -110.18 50.91 14.79
N GLY E 142 -109.21 50.00 14.84
CA GLY E 142 -108.82 49.38 16.07
C GLY E 142 -107.84 50.20 16.90
N LYS E 143 -107.22 49.52 17.86
CA LYS E 143 -106.21 50.10 18.73
C LYS E 143 -105.30 49.00 19.24
N TRP E 144 -104.00 49.31 19.37
CA TRP E 144 -103.01 48.36 19.84
C TRP E 144 -102.35 48.90 21.09
N ILE E 145 -102.26 48.08 22.12
CA ILE E 145 -101.69 48.44 23.42
C ILE E 145 -100.64 47.42 23.79
N ILE E 146 -99.43 47.87 24.10
CA ILE E 146 -98.38 46.97 24.56
C ILE E 146 -98.70 46.52 25.97
N CYS E 147 -98.83 45.21 26.15
CA CYS E 147 -99.33 44.60 27.37
C CYS E 147 -98.25 43.78 28.07
N PRO E 148 -98.13 43.90 29.40
CA PRO E 148 -97.15 43.11 30.17
C PRO E 148 -97.45 41.63 30.16
N PRO F 2 58.41 12.91 12.22
CA PRO F 2 59.44 13.09 13.23
C PRO F 2 58.84 13.45 14.58
N VAL F 3 59.69 13.69 15.58
CA VAL F 3 59.22 14.13 16.88
C VAL F 3 59.47 15.62 16.99
N LYS F 4 58.52 16.36 17.56
CA LYS F 4 58.65 17.81 17.60
C LYS F 4 59.26 18.28 18.91
N ARG F 5 58.80 17.76 20.04
CA ARG F 5 59.31 18.18 21.34
C ARG F 5 59.79 16.96 22.12
N LYS F 6 60.65 17.21 23.11
CA LYS F 6 61.25 16.13 23.90
C LYS F 6 60.21 15.46 24.78
N ASN F 7 59.66 16.18 25.75
CA ASN F 7 58.40 15.81 26.34
C ASN F 7 57.35 16.08 25.27
N HIS F 8 56.46 15.13 25.04
CA HIS F 8 55.76 15.09 23.77
C HIS F 8 54.70 16.18 23.67
N GLY F 9 53.80 16.26 24.64
CA GLY F 9 52.87 17.37 24.64
C GLY F 9 52.85 18.11 25.95
N LYS F 10 53.32 17.44 26.99
CA LYS F 10 53.09 17.83 28.37
C LYS F 10 54.21 17.29 29.23
N ASN F 11 54.27 17.77 30.47
CA ASN F 11 55.31 17.36 31.41
C ASN F 11 54.71 16.37 32.42
N ARG F 12 54.64 15.12 31.99
CA ARG F 12 54.16 14.02 32.81
C ARG F 12 55.10 12.84 32.66
N LYS F 13 55.62 12.33 33.77
CA LYS F 13 56.50 11.18 33.75
C LYS F 13 56.19 10.28 34.93
N ASN F 14 56.40 8.97 34.74
CA ASN F 14 56.19 7.89 35.69
C ASN F 14 54.75 7.79 36.18
N ARG F 15 53.78 8.18 35.37
CA ARG F 15 52.37 8.10 35.71
C ARG F 15 51.62 7.42 34.58
N GLY F 16 50.33 7.16 34.80
CA GLY F 16 49.48 6.63 33.76
C GLY F 16 48.40 7.56 33.29
N SER F 17 47.81 8.36 34.17
CA SER F 17 46.65 9.16 33.80
C SER F 17 46.45 10.29 34.80
N CYS F 18 45.70 11.30 34.37
CA CYS F 18 45.28 12.40 35.22
C CYS F 18 43.85 12.77 34.86
N LYS F 19 43.10 13.21 35.86
CA LYS F 19 41.70 13.55 35.64
C LYS F 19 41.57 14.88 34.89
N PRO F 20 40.59 15.00 34.00
CA PRO F 20 40.52 16.18 33.15
C PRO F 20 39.81 17.37 33.78
N VAL F 21 40.25 18.58 33.40
CA VAL F 21 39.58 19.82 33.77
C VAL F 21 39.01 20.44 32.50
N GLN F 22 38.32 21.56 32.63
CA GLN F 22 37.54 22.12 31.54
C GLN F 22 37.93 23.57 31.30
N CYS F 23 38.03 23.95 30.02
CA CYS F 23 38.39 25.32 29.65
C CYS F 23 37.23 26.25 29.96
N ASP F 24 37.55 27.53 30.14
CA ASP F 24 36.52 28.49 30.53
C ASP F 24 35.83 29.10 29.32
N LYS F 25 36.57 29.37 28.25
CA LYS F 25 36.00 29.98 27.06
C LYS F 25 35.19 28.99 26.22
N CYS F 26 35.82 27.94 25.73
CA CYS F 26 35.07 26.99 24.92
C CYS F 26 34.35 25.98 25.80
N GLY F 27 35.08 25.31 26.69
CA GLY F 27 34.48 24.33 27.55
C GLY F 27 34.76 22.89 27.18
N ARG F 28 35.85 22.62 26.47
CA ARG F 28 36.22 21.26 26.16
C ARG F 28 37.12 20.69 27.26
N CYS F 29 37.10 19.37 27.36
CA CYS F 29 37.86 18.68 28.41
C CYS F 29 39.32 18.63 28.03
N VAL F 30 40.19 18.92 28.99
CA VAL F 30 41.63 18.91 28.76
C VAL F 30 42.28 18.29 29.99
N PRO F 31 43.33 17.49 29.84
CA PRO F 31 44.03 16.97 31.02
C PRO F 31 44.77 18.08 31.75
N LYS F 32 44.95 17.88 33.06
CA LYS F 32 45.45 18.97 33.91
C LYS F 32 46.93 19.23 33.67
N ASP F 33 47.66 18.29 33.10
CA ASP F 33 49.05 18.55 32.75
C ASP F 33 49.14 19.41 31.50
N LYS F 34 48.28 19.13 30.51
CA LYS F 34 48.38 19.75 29.20
C LYS F 34 47.50 21.00 29.14
N ALA F 35 47.67 21.86 30.13
CA ALA F 35 46.87 23.06 30.22
C ALA F 35 47.77 24.28 30.31
N ILE F 36 47.18 25.45 30.09
CA ILE F 36 47.89 26.71 30.20
C ILE F 36 47.20 27.52 31.29
N LYS F 37 47.94 27.82 32.35
CA LYS F 37 47.42 28.47 33.54
C LYS F 37 48.17 29.76 33.80
N ARG F 38 47.45 30.85 34.01
CA ARG F 38 48.05 32.14 34.33
C ARG F 38 47.50 32.65 35.65
N PHE F 39 48.24 33.56 36.27
CA PHE F 39 47.90 34.13 37.56
C PHE F 39 48.06 35.64 37.49
N LYS F 40 47.05 36.38 37.95
CA LYS F 40 47.12 37.84 38.00
C LYS F 40 46.26 38.37 39.13
N ILE F 41 46.71 39.48 39.71
CA ILE F 41 46.07 40.09 40.88
C ILE F 41 45.65 41.52 40.55
N VAL F 42 44.35 41.77 40.67
CA VAL F 42 43.77 43.08 40.36
C VAL F 42 43.13 43.67 41.61
N PRO F 43 43.17 44.99 41.78
CA PRO F 43 42.49 45.59 42.94
C PRO F 43 41.03 45.82 42.66
N LEU F 44 40.26 46.03 43.73
CA LEU F 44 38.83 46.32 43.57
C LEU F 44 38.61 47.70 42.98
N VAL F 45 39.39 48.67 43.41
CA VAL F 45 39.24 50.06 42.98
C VAL F 45 40.21 50.30 41.82
N GLU F 46 39.84 51.24 40.95
CA GLU F 46 40.72 51.64 39.88
C GLU F 46 41.72 52.68 40.40
N ALA F 47 42.85 52.80 39.69
CA ALA F 47 43.78 53.88 40.01
C ALA F 47 43.23 55.22 39.58
N GLY F 48 42.36 55.23 38.57
CA GLY F 48 41.74 56.47 38.14
C GLY F 48 40.74 57.00 39.14
N SER F 49 40.18 56.13 39.97
CA SER F 49 39.28 56.52 41.05
C SER F 49 39.93 56.47 42.41
N MET F 50 41.25 56.61 42.48
CA MET F 50 41.95 56.47 43.75
C MET F 50 41.80 57.71 44.62
N ASP F 51 41.81 58.90 44.00
CA ASP F 51 41.77 60.13 44.77
C ASP F 51 40.35 60.50 45.17
N ASP F 52 39.36 60.06 44.39
CA ASP F 52 38.00 60.51 44.61
C ASP F 52 37.34 59.80 45.79
N VAL F 53 37.87 58.64 46.20
CA VAL F 53 37.35 57.97 47.39
C VAL F 53 37.87 58.65 48.64
N LYS F 54 38.97 59.39 48.52
CA LYS F 54 39.60 60.00 49.68
C LYS F 54 38.74 61.15 50.24
N VAL F 55 38.03 61.84 49.36
CA VAL F 55 37.17 62.94 49.81
C VAL F 55 35.84 62.42 50.30
N ALA F 56 35.53 61.15 50.01
CA ALA F 56 34.24 60.60 50.41
C ALA F 56 34.38 59.61 51.57
N SER F 57 35.59 59.45 52.09
CA SER F 57 35.80 58.47 53.14
C SER F 57 35.33 59.00 54.49
N ILE F 58 34.54 58.18 55.20
CA ILE F 58 34.22 58.50 56.59
C ILE F 58 35.37 58.12 57.49
N TYR F 59 36.20 57.19 57.05
CA TYR F 59 37.36 56.78 57.83
C TYR F 59 38.51 57.74 57.64
N ASP F 60 39.52 57.63 58.52
CA ASP F 60 40.71 58.45 58.37
C ASP F 60 41.67 57.85 57.36
N ILE F 61 42.20 56.67 57.65
CA ILE F 61 43.08 55.96 56.74
C ILE F 61 42.56 54.52 56.63
N PHE F 62 42.69 53.94 55.44
CA PHE F 62 42.29 52.56 55.21
C PHE F 62 43.03 52.03 53.99
N GLU F 63 43.05 50.71 53.85
CA GLU F 63 43.80 50.04 52.81
C GLU F 63 42.85 49.61 51.70
N VAL F 64 43.31 49.72 50.45
CA VAL F 64 42.51 49.21 49.34
C VAL F 64 42.86 47.73 49.11
N PRO F 65 41.88 46.85 49.01
CA PRO F 65 42.18 45.42 48.92
C PRO F 65 42.30 44.90 47.49
N ARG F 66 42.96 43.76 47.36
CA ARG F 66 43.21 43.12 46.08
C ARG F 66 42.70 41.68 46.13
N ILE F 67 42.37 41.13 44.97
CA ILE F 67 41.90 39.75 44.83
C ILE F 67 42.76 39.06 43.79
N SER F 68 42.83 37.73 43.88
CA SER F 68 43.60 36.98 42.91
C SER F 68 42.68 36.15 42.03
N TYR F 69 43.26 35.61 40.95
CA TYR F 69 42.53 34.79 40.01
C TYR F 69 43.46 33.75 39.40
N LYS F 70 42.89 32.59 39.08
CA LYS F 70 43.58 31.57 38.31
C LYS F 70 42.69 31.16 37.14
N ASN F 71 43.28 31.08 35.96
CA ASN F 71 42.53 30.78 34.74
C ASN F 71 43.11 29.53 34.08
N GLN F 72 42.28 28.84 33.31
CA GLN F 72 42.69 27.63 32.61
C GLN F 72 42.16 27.68 31.18
N TYR F 73 42.97 27.19 30.24
CA TYR F 73 42.63 27.26 28.83
C TYR F 73 43.12 26.01 28.11
N CYS F 74 42.39 25.63 27.08
CA CYS F 74 42.92 24.72 26.08
C CYS F 74 43.83 25.50 25.13
N ILE F 75 44.64 24.77 24.35
CA ILE F 75 45.67 25.45 23.60
C ILE F 75 45.11 26.03 22.31
N SER F 76 43.90 25.62 21.93
CA SER F 76 43.26 26.25 20.79
C SER F 76 42.79 27.65 21.13
N CYS F 77 42.21 27.81 22.33
CA CYS F 77 41.76 29.13 22.77
C CYS F 77 42.93 30.03 23.12
N ALA F 78 44.05 29.44 23.56
CA ALA F 78 45.15 30.22 24.10
C ALA F 78 45.92 30.93 23.00
N CYS F 79 46.22 30.23 21.90
CA CYS F 79 46.97 30.85 20.82
C CYS F 79 46.11 31.85 20.05
N HIS F 80 44.79 31.67 20.09
CA HIS F 80 43.90 32.60 19.39
C HIS F 80 43.84 33.95 20.09
N ALA F 81 43.98 33.97 21.41
CA ALA F 81 43.98 35.21 22.17
C ALA F 81 45.39 35.72 22.43
N ARG F 82 46.39 35.16 21.75
CA ARG F 82 47.78 35.61 21.78
C ARG F 82 48.40 35.57 23.18
N ILE F 83 47.94 34.62 23.99
CA ILE F 83 48.58 34.41 25.28
C ILE F 83 49.92 33.73 25.08
N VAL F 84 50.01 32.85 24.09
CA VAL F 84 51.19 32.05 23.83
C VAL F 84 51.44 32.05 22.32
N ARG F 85 52.68 32.32 21.92
CA ARG F 85 52.99 32.59 20.53
C ARG F 85 53.98 31.58 19.98
N VAL F 86 54.05 31.50 18.65
CA VAL F 86 54.97 30.60 17.99
C VAL F 86 56.38 31.15 18.11
N ARG F 87 57.32 30.29 18.51
CA ARG F 87 58.70 30.69 18.73
C ARG F 87 59.62 29.98 17.76
N SER F 88 60.87 30.40 17.75
CA SER F 88 61.87 29.81 16.87
C SER F 88 62.22 28.40 17.33
N ARG F 89 62.76 27.60 16.41
CA ARG F 89 63.06 26.20 16.70
C ARG F 89 64.20 26.06 17.70
N GLN F 90 65.26 26.83 17.51
CA GLN F 90 66.37 26.80 18.47
C GLN F 90 66.01 27.57 19.74
N GLY F 91 65.02 28.46 19.66
CA GLY F 91 64.63 29.22 20.83
C GLY F 91 63.45 28.60 21.57
N ARG F 92 63.07 27.38 21.21
CA ARG F 92 61.95 26.74 21.88
C ARG F 92 62.36 26.17 23.23
N LYS F 93 63.66 26.01 23.46
CA LYS F 93 64.11 25.27 24.64
C LYS F 93 64.30 26.18 25.84
N ILE F 94 64.01 27.47 25.71
CA ILE F 94 64.15 28.38 26.84
C ILE F 94 62.91 28.26 27.72
N ARG F 95 63.13 28.20 29.03
CA ARG F 95 62.06 28.02 30.00
C ARG F 95 62.10 29.14 31.02
N TYR F 96 61.04 29.94 31.07
CA TYR F 96 60.95 31.10 31.95
C TYR F 96 60.21 30.71 33.24
N ASP F 97 60.97 30.25 34.22
CA ASP F 97 60.38 30.02 35.53
C ASP F 97 60.26 31.34 36.27
N GLY F 98 59.25 31.44 37.13
CA GLY F 98 58.99 32.66 37.87
C GLY F 98 60.02 32.95 38.96
N SER G 2 -28.71 -32.46 -26.40
CA SER G 2 -27.39 -32.33 -26.98
C SER G 2 -26.94 -33.65 -27.57
N CYS G 3 -25.81 -33.64 -28.24
CA CYS G 3 -25.32 -34.85 -28.89
C CYS G 3 -24.52 -35.69 -27.91
N ARG G 4 -24.28 -36.94 -28.31
CA ARG G 4 -23.40 -37.82 -27.58
C ARG G 4 -21.96 -37.34 -27.70
N LYS G 5 -21.16 -37.53 -26.65
CA LYS G 5 -19.83 -36.93 -26.64
C LYS G 5 -18.84 -37.74 -27.46
N PHE G 6 -18.80 -39.06 -27.26
CA PHE G 6 -17.86 -39.92 -27.98
C PHE G 6 -18.61 -41.04 -28.68
N ASN G 7 -18.02 -41.54 -29.76
CA ASN G 7 -18.65 -42.58 -30.56
C ASN G 7 -18.30 -43.96 -30.03
N ALA G 8 -19.23 -44.89 -30.14
CA ALA G 8 -19.05 -46.27 -29.71
C ALA G 8 -20.08 -47.14 -30.40
N PRO G 9 -19.73 -48.39 -30.72
CA PRO G 9 -20.72 -49.31 -31.29
C PRO G 9 -21.73 -49.74 -30.23
N ARG G 10 -22.80 -50.37 -30.70
CA ARG G 10 -23.83 -50.84 -29.79
C ARG G 10 -23.45 -52.22 -29.24
N HIS G 11 -24.14 -52.62 -28.18
CA HIS G 11 -23.91 -53.90 -27.54
C HIS G 11 -25.01 -54.87 -27.93
N GLY G 12 -24.63 -56.02 -28.47
CA GLY G 12 -25.59 -57.04 -28.85
C GLY G 12 -26.00 -56.92 -30.31
N SER G 13 -26.72 -57.94 -30.76
CA SER G 13 -27.16 -58.03 -32.15
C SER G 13 -28.67 -57.95 -32.20
N LEU G 14 -29.18 -57.20 -33.17
CA LEU G 14 -30.62 -57.10 -33.35
C LEU G 14 -31.17 -58.14 -34.31
N ALA G 15 -30.32 -59.02 -34.83
CA ALA G 15 -30.81 -60.05 -35.75
C ALA G 15 -31.50 -61.16 -34.98
N PHE G 16 -31.26 -61.26 -33.68
CA PHE G 16 -31.80 -62.33 -32.85
C PHE G 16 -32.82 -61.84 -31.84
N CYS G 17 -33.15 -60.55 -31.84
CA CYS G 17 -34.26 -60.07 -31.03
C CYS G 17 -35.58 -60.36 -31.73
N PRO G 18 -36.59 -60.87 -31.00
CA PRO G 18 -36.64 -61.22 -29.58
C PRO G 18 -36.06 -62.58 -29.27
N ARG G 19 -35.66 -62.80 -28.02
CA ARG G 19 -35.03 -64.04 -27.60
C ARG G 19 -36.05 -64.89 -26.87
N LYS G 20 -36.45 -66.00 -27.50
CA LYS G 20 -37.43 -66.92 -26.94
C LYS G 20 -36.89 -68.34 -27.02
N ARG G 21 -37.47 -69.21 -26.22
CA ARG G 21 -37.15 -70.63 -26.30
C ARG G 21 -37.80 -71.23 -27.53
N SER G 22 -37.13 -72.21 -28.14
CA SER G 22 -37.69 -72.85 -29.31
C SER G 22 -38.82 -73.80 -28.92
N LYS G 23 -39.69 -74.07 -29.88
CA LYS G 23 -40.92 -74.82 -29.57
C LYS G 23 -40.67 -76.32 -29.57
N THR G 24 -39.63 -76.77 -30.25
CA THR G 24 -39.35 -78.20 -30.36
C THR G 24 -37.89 -78.46 -30.04
N ILE G 25 -37.57 -79.74 -29.87
CA ILE G 25 -36.19 -80.11 -29.56
C ILE G 25 -35.45 -80.56 -30.81
N ARG G 26 -36.19 -80.83 -31.88
CA ARG G 26 -35.58 -81.14 -33.16
C ARG G 26 -36.11 -80.17 -34.20
N PRO G 27 -35.33 -79.17 -34.58
CA PRO G 27 -35.85 -78.14 -35.47
C PRO G 27 -35.86 -78.61 -36.92
N PRO G 28 -36.84 -78.17 -37.70
CA PRO G 28 -36.85 -78.53 -39.12
C PRO G 28 -35.81 -77.73 -39.89
N ILE G 29 -35.64 -78.10 -41.16
CA ILE G 29 -34.70 -77.44 -42.05
C ILE G 29 -35.48 -76.49 -42.94
N ARG G 30 -34.99 -75.25 -43.05
CA ARG G 30 -35.73 -74.24 -43.82
C ARG G 30 -35.30 -74.23 -45.27
N ALA G 31 -34.04 -74.59 -45.55
CA ALA G 31 -33.49 -74.46 -46.89
C ALA G 31 -32.76 -75.74 -47.28
N PHE G 32 -32.77 -76.02 -48.57
CA PHE G 32 -32.11 -77.17 -49.17
C PHE G 32 -31.38 -76.70 -50.42
N PRO G 33 -30.25 -77.31 -50.75
CA PRO G 33 -29.47 -76.84 -51.89
C PRO G 33 -30.15 -77.14 -53.22
N LYS G 34 -29.69 -76.45 -54.26
CA LYS G 34 -30.27 -76.59 -55.58
C LYS G 34 -29.92 -77.95 -56.17
N ASP G 35 -30.83 -78.46 -56.98
CA ASP G 35 -30.67 -79.74 -57.63
C ASP G 35 -30.22 -79.55 -59.08
N ASP G 36 -29.35 -80.44 -59.54
CA ASP G 36 -28.95 -80.47 -60.93
C ASP G 36 -29.42 -81.78 -61.54
N PRO G 37 -30.07 -81.74 -62.71
CA PRO G 37 -30.62 -82.99 -63.26
C PRO G 37 -29.58 -83.89 -63.90
N SER G 38 -28.31 -83.48 -63.92
CA SER G 38 -27.28 -84.30 -64.53
C SER G 38 -26.67 -85.29 -63.53
N SER G 39 -26.52 -84.88 -62.27
CA SER G 39 -25.81 -85.70 -61.29
C SER G 39 -26.65 -86.88 -60.81
N LYS G 40 -26.03 -87.70 -59.97
CA LYS G 40 -26.65 -88.93 -59.51
C LYS G 40 -27.68 -88.65 -58.41
N ILE G 41 -28.45 -89.68 -58.07
CA ILE G 41 -29.42 -89.57 -57.01
C ILE G 41 -28.74 -89.80 -55.67
N HIS G 42 -28.90 -88.84 -54.75
CA HIS G 42 -28.28 -88.94 -53.44
C HIS G 42 -29.11 -88.15 -52.45
N LEU G 43 -28.99 -88.54 -51.18
CA LEU G 43 -29.68 -87.88 -50.07
C LEU G 43 -28.86 -86.69 -49.61
N THR G 44 -29.42 -85.91 -48.68
CA THR G 44 -28.82 -84.65 -48.27
C THR G 44 -28.68 -84.47 -46.77
N GLY G 45 -29.13 -85.43 -45.94
CA GLY G 45 -29.16 -85.18 -44.52
C GLY G 45 -28.90 -86.41 -43.68
N PHE G 46 -28.88 -86.19 -42.37
CA PHE G 46 -28.64 -87.26 -41.39
C PHE G 46 -29.08 -86.77 -40.01
N ILE G 47 -29.12 -87.71 -39.06
CA ILE G 47 -29.52 -87.45 -37.68
C ILE G 47 -28.53 -88.14 -36.75
N GLY G 48 -27.97 -87.39 -35.80
CA GLY G 48 -26.97 -87.94 -34.91
C GLY G 48 -27.15 -87.49 -33.48
N TYR G 49 -26.21 -87.91 -32.62
CA TYR G 49 -26.20 -87.61 -31.20
C TYR G 49 -24.78 -87.23 -30.78
N LYS G 50 -24.66 -86.14 -30.04
CA LYS G 50 -23.34 -85.63 -29.66
C LYS G 50 -22.75 -86.46 -28.51
N ALA G 51 -21.45 -86.75 -28.59
CA ALA G 51 -20.81 -87.63 -27.62
C ALA G 51 -19.76 -86.93 -26.77
N GLY G 52 -18.72 -86.36 -27.36
CA GLY G 52 -17.61 -85.87 -26.57
C GLY G 52 -16.65 -85.02 -27.39
N MET G 53 -15.42 -84.93 -26.91
CA MET G 53 -14.45 -83.99 -27.44
C MET G 53 -13.03 -84.39 -27.05
N THR G 54 -12.14 -84.50 -28.04
CA THR G 54 -10.72 -84.75 -27.81
C THR G 54 -9.92 -83.91 -28.78
N HIS G 55 -8.61 -84.20 -28.88
CA HIS G 55 -7.75 -83.46 -29.78
C HIS G 55 -6.81 -84.37 -30.56
N VAL G 56 -6.38 -83.92 -31.74
CA VAL G 56 -5.43 -84.60 -32.60
C VAL G 56 -4.40 -83.57 -33.06
N VAL G 57 -3.33 -84.06 -33.68
CA VAL G 57 -2.30 -83.21 -34.28
C VAL G 57 -2.16 -83.58 -35.75
N ARG G 58 -1.64 -82.65 -36.55
CA ARG G 58 -1.50 -82.84 -37.98
C ARG G 58 -0.33 -82.05 -38.53
N THR G 59 -0.07 -82.22 -39.83
CA THR G 59 1.08 -81.62 -40.50
C THR G 59 0.62 -80.66 -41.58
N LYS G 60 1.44 -79.65 -41.86
CA LYS G 60 1.23 -78.76 -42.99
C LYS G 60 2.57 -78.23 -43.49
N THR G 61 2.81 -78.40 -44.79
CA THR G 61 4.05 -77.93 -45.42
C THR G 61 3.79 -76.59 -46.08
N VAL G 62 4.82 -75.78 -46.19
CA VAL G 62 4.69 -74.42 -46.70
C VAL G 62 5.70 -74.13 -47.80
N GLN G 68 11.15 -74.78 -47.96
CA GLN G 68 10.04 -75.61 -47.52
C GLN G 68 10.37 -76.39 -46.27
N SER G 69 9.43 -76.41 -45.33
CA SER G 69 9.58 -77.17 -44.09
C SER G 69 8.20 -77.48 -43.52
N LEU G 70 8.14 -78.52 -42.68
CA LEU G 70 6.88 -78.97 -42.13
C LEU G 70 6.56 -78.26 -40.81
N LYS G 71 5.36 -78.53 -40.30
CA LYS G 71 4.88 -77.92 -39.08
C LYS G 71 4.22 -78.97 -38.22
N GLU G 72 3.83 -78.55 -37.02
CA GLU G 72 3.01 -79.34 -36.12
C GLU G 72 1.91 -78.45 -35.58
N ILE G 73 0.66 -78.78 -35.91
CA ILE G 73 -0.50 -78.00 -35.49
C ILE G 73 -1.35 -78.88 -34.59
N LEU G 74 -1.89 -78.30 -33.53
CA LEU G 74 -2.71 -79.03 -32.56
C LEU G 74 -4.14 -78.53 -32.63
N ASP G 75 -5.06 -79.42 -33.02
CA ASP G 75 -6.45 -79.06 -33.26
C ASP G 75 -7.37 -79.89 -32.40
N ALA G 76 -8.52 -79.32 -32.06
CA ALA G 76 -9.51 -79.97 -31.21
C ALA G 76 -10.69 -80.44 -32.05
N VAL G 77 -11.09 -81.69 -31.87
CA VAL G 77 -12.12 -82.32 -32.68
C VAL G 77 -13.28 -82.71 -31.78
N THR G 78 -14.41 -83.07 -32.39
CA THR G 78 -15.59 -83.52 -31.66
C THR G 78 -16.20 -84.74 -32.35
N ILE G 79 -16.89 -85.57 -31.57
CA ILE G 79 -17.34 -86.88 -32.02
C ILE G 79 -18.87 -86.93 -31.94
N VAL G 80 -19.50 -87.45 -32.99
CA VAL G 80 -20.94 -87.63 -33.05
C VAL G 80 -21.22 -89.10 -33.34
N GLU G 81 -21.96 -89.75 -32.45
CA GLU G 81 -22.29 -91.16 -32.63
C GLU G 81 -23.54 -91.30 -33.47
N THR G 82 -23.42 -92.02 -34.60
CA THR G 82 -24.50 -92.14 -35.58
C THR G 82 -24.76 -93.60 -35.93
N PRO G 83 -25.83 -94.18 -35.40
CA PRO G 83 -26.34 -95.43 -35.96
C PRO G 83 -27.14 -95.18 -37.24
N ALA G 84 -27.65 -96.24 -37.83
CA ALA G 84 -28.27 -96.14 -39.15
C ALA G 84 -29.66 -95.53 -39.09
N ASN G 85 -30.14 -95.06 -40.24
CA ASN G 85 -31.48 -94.48 -40.39
C ASN G 85 -32.27 -95.24 -41.45
N VAL G 86 -33.60 -95.31 -41.25
CA VAL G 86 -34.49 -96.11 -42.09
C VAL G 86 -35.49 -95.19 -42.78
N ILE G 87 -35.87 -95.56 -44.01
CA ILE G 87 -36.79 -94.79 -44.84
C ILE G 87 -38.18 -95.44 -44.79
N TYR G 88 -39.22 -94.63 -44.58
CA TYR G 88 -40.57 -95.19 -44.46
C TYR G 88 -41.67 -94.36 -45.09
N GLY G 89 -41.36 -93.42 -45.98
CA GLY G 89 -42.43 -92.66 -46.61
C GLY G 89 -41.93 -91.74 -47.71
N VAL G 90 -42.86 -91.32 -48.57
CA VAL G 90 -42.57 -90.46 -49.71
C VAL G 90 -43.70 -89.44 -49.87
N THR G 91 -43.33 -88.16 -49.95
CA THR G 91 -44.29 -87.09 -50.22
C THR G 91 -43.96 -86.45 -51.56
N GLY G 92 -44.71 -85.41 -51.88
CA GLY G 92 -44.47 -84.66 -53.10
C GLY G 92 -45.13 -83.29 -53.03
N TYR G 93 -44.47 -82.32 -53.64
CA TYR G 93 -44.93 -80.93 -53.66
C TYR G 93 -45.03 -80.44 -55.09
N GLU G 94 -45.99 -79.57 -55.35
CA GLU G 94 -46.21 -79.02 -56.67
C GLU G 94 -46.08 -77.50 -56.62
N GLN G 95 -46.01 -76.87 -57.79
CA GLN G 95 -45.89 -75.42 -57.85
C GLN G 95 -47.21 -74.80 -58.30
N THR G 96 -47.71 -73.86 -57.51
CA THR G 96 -48.95 -73.17 -57.82
C THR G 96 -48.68 -71.68 -57.97
N GLY G 97 -49.77 -70.92 -58.09
CA GLY G 97 -49.64 -69.48 -58.11
C GLY G 97 -49.28 -68.91 -56.76
N ARG G 98 -49.82 -69.50 -55.70
CA ARG G 98 -49.48 -69.03 -54.36
C ARG G 98 -48.10 -69.55 -53.94
N GLY G 99 -47.81 -70.81 -54.22
CA GLY G 99 -46.53 -71.38 -53.85
C GLY G 99 -46.60 -72.90 -53.85
N LEU G 100 -45.73 -73.50 -53.04
CA LEU G 100 -45.68 -74.95 -52.94
C LEU G 100 -46.90 -75.49 -52.21
N LYS G 101 -47.47 -76.56 -52.74
CA LYS G 101 -48.60 -77.24 -52.11
C LYS G 101 -48.38 -78.73 -52.13
N ARG G 102 -48.82 -79.41 -51.08
CA ARG G 102 -48.62 -80.84 -50.99
C ARG G 102 -49.60 -81.57 -51.90
N VAL G 103 -49.19 -82.73 -52.40
CA VAL G 103 -49.99 -83.54 -53.31
C VAL G 103 -50.52 -84.78 -52.60
N ALA G 104 -49.63 -85.64 -52.09
CA ALA G 104 -50.06 -86.87 -51.45
C ALA G 104 -48.95 -87.34 -50.50
N THR G 105 -49.27 -88.39 -49.74
CA THR G 105 -48.32 -89.03 -48.84
C THR G 105 -48.58 -90.52 -48.80
N VAL G 106 -47.54 -91.32 -49.07
CA VAL G 106 -47.63 -92.76 -49.11
C VAL G 106 -46.65 -93.34 -48.10
N PHE G 107 -47.16 -94.14 -47.17
CA PHE G 107 -46.32 -94.79 -46.18
C PHE G 107 -46.11 -96.25 -46.54
N SER G 108 -45.16 -96.88 -45.86
CA SER G 108 -44.92 -98.29 -46.05
C SER G 108 -45.94 -99.11 -45.25
N ASN G 109 -45.83 -100.42 -45.36
CA ASN G 109 -46.81 -101.30 -44.73
C ASN G 109 -46.54 -101.47 -43.25
N HIS G 110 -45.38 -102.02 -42.90
CA HIS G 110 -45.04 -102.30 -41.51
C HIS G 110 -44.25 -101.13 -40.94
N ILE G 111 -44.81 -100.47 -39.95
CA ILE G 111 -44.21 -99.30 -39.31
C ILE G 111 -43.71 -99.74 -37.94
N ASP G 112 -42.53 -99.27 -37.55
CA ASP G 112 -41.96 -99.63 -36.26
C ASP G 112 -42.74 -98.97 -35.13
N GLN G 113 -42.63 -99.56 -33.94
CA GLN G 113 -43.32 -99.02 -32.78
C GLN G 113 -42.66 -97.75 -32.26
N GLY G 114 -41.44 -97.45 -32.71
CA GLY G 114 -40.81 -96.20 -32.33
C GLY G 114 -41.52 -95.01 -32.92
N VAL G 115 -42.01 -95.13 -34.16
CA VAL G 115 -42.79 -94.06 -34.76
C VAL G 115 -44.17 -94.01 -34.13
N LEU G 116 -44.66 -95.16 -33.67
CA LEU G 116 -45.95 -95.19 -32.98
C LEU G 116 -45.86 -94.52 -31.61
N ARG G 117 -44.68 -94.55 -31.00
CA ARG G 117 -44.49 -93.82 -29.75
C ARG G 117 -44.42 -92.32 -29.99
N ARG G 118 -43.99 -91.93 -31.19
CA ARG G 118 -43.84 -90.50 -31.48
C ARG G 118 -45.18 -89.88 -31.88
N ARG G 119 -45.97 -90.60 -32.65
CA ARG G 119 -47.25 -90.06 -33.11
C ARG G 119 -48.26 -90.02 -31.97
N TYR G 120 -48.28 -91.06 -31.15
CA TYR G 120 -49.27 -91.21 -30.09
C TYR G 120 -48.51 -91.38 -28.78
N GLY G 121 -48.64 -90.39 -27.89
CA GLY G 121 -47.73 -90.31 -26.76
C GLY G 121 -47.96 -91.42 -25.73
N LEU G 122 -49.03 -91.30 -24.95
CA LEU G 122 -49.39 -92.32 -23.99
C LEU G 122 -50.57 -93.07 -24.55
N LYS G 123 -50.75 -94.31 -24.07
CA LYS G 123 -51.75 -95.26 -24.58
C LYS G 123 -51.60 -95.46 -26.09
N TRP G 124 -50.36 -95.65 -26.55
CA TRP G 124 -50.13 -95.86 -27.96
C TRP G 124 -50.54 -97.25 -28.39
N GLU G 125 -50.65 -98.18 -27.44
CA GLU G 125 -51.08 -99.53 -27.78
C GLU G 125 -52.57 -99.56 -28.09
N GLU G 126 -53.34 -98.64 -27.49
CA GLU G 126 -54.79 -98.63 -27.70
C GLU G 126 -55.13 -98.04 -29.06
N ILE G 127 -54.48 -96.95 -29.43
CA ILE G 127 -54.85 -96.23 -30.65
C ILE G 127 -54.33 -96.96 -31.88
N SER G 128 -53.15 -97.55 -31.79
CA SER G 128 -52.55 -98.20 -32.95
C SER G 128 -53.23 -99.54 -33.26
N GLY G 129 -53.83 -100.15 -32.25
CA GLY G 129 -54.54 -101.40 -32.49
C GLY G 129 -55.86 -101.19 -33.21
N LYS G 130 -56.46 -100.01 -33.05
CA LYS G 130 -57.78 -99.78 -33.62
C LYS G 130 -57.69 -99.41 -35.09
N LEU G 131 -56.59 -98.79 -35.51
CA LEU G 131 -56.50 -98.27 -36.86
C LEU G 131 -56.21 -99.38 -37.87
N SER G 132 -56.37 -99.04 -39.15
CA SER G 132 -56.15 -99.96 -40.24
C SER G 132 -55.58 -99.21 -41.44
N GLY G 133 -55.08 -99.98 -42.41
CA GLY G 133 -54.31 -99.37 -43.47
C GLY G 133 -55.09 -99.20 -44.76
N LEU G 134 -54.40 -98.66 -45.76
CA LEU G 134 -54.98 -98.39 -47.06
C LEU G 134 -55.01 -99.66 -47.92
N SER G 135 -55.80 -99.62 -48.97
CA SER G 135 -55.94 -100.77 -49.86
C SER G 135 -54.83 -100.78 -50.90
N ILE G 136 -55.01 -101.65 -51.89
CA ILE G 136 -54.16 -101.63 -53.08
C ILE G 136 -54.56 -100.47 -53.99
N GLU G 137 -55.87 -100.22 -54.10
CA GLU G 137 -56.35 -99.29 -55.10
C GLU G 137 -56.14 -97.84 -54.68
N ASP G 138 -56.03 -97.59 -53.38
CA ASP G 138 -55.80 -96.24 -52.92
C ASP G 138 -54.37 -95.80 -53.21
N THR G 139 -53.41 -96.70 -53.01
CA THR G 139 -52.01 -96.33 -53.18
C THR G 139 -51.62 -96.27 -54.64
N GLU G 140 -52.34 -97.00 -55.51
CA GLU G 140 -52.01 -96.96 -56.93
C GLU G 140 -52.51 -95.68 -57.58
N THR G 141 -53.46 -95.00 -56.94
CA THR G 141 -53.88 -93.70 -57.45
C THR G 141 -52.96 -92.60 -56.99
N LYS G 142 -52.40 -92.73 -55.78
CA LYS G 142 -51.63 -91.64 -55.21
C LYS G 142 -50.27 -91.51 -55.86
N ILE G 143 -49.63 -92.63 -56.18
CA ILE G 143 -48.29 -92.58 -56.77
C ILE G 143 -48.37 -92.09 -58.22
N SER G 144 -49.49 -92.34 -58.87
CA SER G 144 -49.70 -91.78 -60.21
C SER G 144 -49.87 -90.28 -60.15
N GLU G 145 -50.54 -89.77 -59.12
CA GLU G 145 -50.76 -88.33 -59.03
C GLU G 145 -49.55 -87.62 -58.44
N ILE G 146 -48.60 -88.39 -57.90
CA ILE G 146 -47.32 -87.80 -57.52
C ILE G 146 -46.46 -87.60 -58.76
N LYS G 147 -46.45 -88.58 -59.66
CA LYS G 147 -45.52 -88.56 -60.80
C LYS G 147 -45.91 -87.51 -61.83
N LYS G 148 -47.16 -87.07 -61.84
CA LYS G 148 -47.62 -86.20 -62.91
C LYS G 148 -47.55 -84.73 -62.51
N ARG G 149 -47.65 -84.44 -61.21
CA ARG G 149 -47.80 -83.06 -60.78
C ARG G 149 -46.66 -82.52 -59.93
N SER G 150 -45.78 -83.38 -59.43
CA SER G 150 -44.79 -82.91 -58.45
C SER G 150 -43.57 -82.32 -59.14
N CYS G 151 -42.81 -81.55 -58.37
CA CYS G 151 -41.51 -81.03 -58.77
C CYS G 151 -40.44 -81.23 -57.71
N VAL G 152 -40.82 -81.31 -56.44
CA VAL G 152 -39.90 -81.53 -55.33
C VAL G 152 -40.35 -82.77 -54.58
N ILE G 153 -39.47 -83.75 -54.45
CA ILE G 153 -39.79 -85.03 -53.82
C ILE G 153 -38.93 -85.18 -52.57
N ARG G 154 -39.57 -85.49 -51.45
CA ARG G 154 -38.87 -85.68 -50.18
C ARG G 154 -39.29 -87.00 -49.56
N VAL G 155 -38.42 -87.56 -48.73
CA VAL G 155 -38.67 -88.83 -48.08
C VAL G 155 -38.75 -88.62 -46.58
N LEU G 156 -39.27 -89.63 -45.88
CA LEU G 156 -39.43 -89.61 -44.43
C LEU G 156 -38.45 -90.57 -43.80
N VAL G 157 -37.70 -90.09 -42.82
CA VAL G 157 -36.61 -90.83 -42.21
C VAL G 157 -36.78 -90.79 -40.70
N HIS G 158 -36.65 -91.94 -40.04
CA HIS G 158 -36.73 -92.03 -38.59
C HIS G 158 -35.45 -92.66 -38.06
N SER G 159 -35.08 -92.30 -36.84
CA SER G 159 -33.83 -92.72 -36.24
C SER G 159 -34.03 -93.96 -35.36
N GLN G 160 -32.94 -94.45 -34.80
CA GLN G 160 -32.94 -95.68 -33.99
C GLN G 160 -32.19 -95.43 -32.69
N PRO G 161 -32.86 -94.85 -31.68
CA PRO G 161 -32.17 -94.53 -30.43
C PRO G 161 -32.11 -95.68 -29.45
N SER G 162 -32.71 -96.83 -29.75
CA SER G 162 -32.73 -97.92 -28.79
C SER G 162 -31.41 -98.69 -28.79
N LYS G 163 -30.52 -98.42 -29.74
CA LYS G 163 -29.24 -99.11 -29.77
C LYS G 163 -28.22 -98.44 -28.85
N ILE G 164 -28.55 -97.29 -28.29
CA ILE G 164 -27.70 -96.61 -27.32
C ILE G 164 -28.43 -96.62 -25.97
N PRO G 165 -28.08 -97.51 -25.05
CA PRO G 165 -28.86 -97.61 -23.81
C PRO G 165 -28.59 -96.51 -22.81
N VAL G 166 -27.61 -95.63 -23.06
CA VAL G 166 -27.31 -94.57 -22.12
C VAL G 166 -28.37 -93.47 -22.19
N LEU G 167 -29.03 -93.34 -23.35
CA LEU G 167 -29.90 -92.20 -23.57
C LEU G 167 -31.24 -92.35 -22.85
N ASN G 168 -31.62 -93.60 -22.51
CA ASN G 168 -32.94 -93.95 -21.98
C ASN G 168 -34.05 -93.41 -22.87
N LEU G 169 -33.98 -93.74 -24.15
CA LEU G 169 -34.92 -93.24 -25.14
C LEU G 169 -35.54 -94.40 -25.90
N LYS G 170 -36.85 -94.34 -26.12
CA LYS G 170 -37.53 -95.26 -27.03
C LYS G 170 -38.43 -94.56 -28.03
N LYS G 171 -38.78 -93.30 -27.80
CA LYS G 171 -39.34 -92.49 -28.87
C LYS G 171 -38.24 -92.15 -29.87
N SER G 172 -38.52 -92.33 -31.15
CA SER G 172 -37.55 -92.08 -32.21
C SER G 172 -37.91 -90.81 -32.96
N HIS G 173 -36.91 -89.98 -33.22
CA HIS G 173 -37.15 -88.73 -33.92
C HIS G 173 -37.32 -88.98 -35.42
N THR G 174 -38.20 -88.19 -36.04
CA THR G 174 -38.50 -88.30 -37.46
C THR G 174 -38.07 -87.03 -38.17
N ALA G 175 -37.94 -87.11 -39.49
CA ALA G 175 -37.46 -85.96 -40.25
C ALA G 175 -37.87 -86.10 -41.72
N GLU G 176 -37.65 -85.02 -42.47
CA GLU G 176 -37.85 -84.97 -43.91
C GLU G 176 -36.54 -84.59 -44.58
N ILE G 177 -36.18 -85.30 -45.64
CA ILE G 177 -34.91 -85.09 -46.34
C ILE G 177 -35.18 -85.06 -47.84
N GLN G 178 -34.72 -84.01 -48.50
CA GLN G 178 -34.91 -83.86 -49.94
C GLN G 178 -34.06 -84.86 -50.72
N VAL G 179 -34.50 -85.16 -51.94
CA VAL G 179 -33.80 -86.06 -52.84
C VAL G 179 -33.41 -85.27 -54.08
N ASN G 180 -32.10 -85.06 -54.27
CA ASN G 180 -31.58 -84.38 -55.44
C ASN G 180 -31.03 -85.43 -56.39
N GLY G 181 -31.59 -85.48 -57.59
CA GLY G 181 -31.22 -86.52 -58.54
C GLY G 181 -31.54 -86.12 -59.96
N GLY G 182 -31.55 -87.13 -60.83
CA GLY G 182 -31.68 -86.86 -62.26
C GLY G 182 -33.10 -86.51 -62.66
N SER G 183 -34.01 -87.48 -62.60
CA SER G 183 -35.33 -87.35 -63.17
C SER G 183 -36.39 -87.50 -62.10
N ILE G 184 -37.52 -86.81 -62.30
CA ILE G 184 -38.60 -86.80 -61.31
C ILE G 184 -39.24 -88.17 -61.20
N GLU G 185 -39.50 -88.80 -62.35
CA GLU G 185 -40.05 -90.15 -62.32
C GLU G 185 -39.03 -91.17 -61.82
N GLU G 186 -37.75 -90.92 -62.09
CA GLU G 186 -36.71 -91.82 -61.64
C GLU G 186 -36.50 -91.73 -60.13
N LYS G 187 -36.81 -90.56 -59.55
CA LYS G 187 -36.61 -90.36 -58.12
C LYS G 187 -37.60 -91.16 -57.29
N VAL G 188 -38.84 -91.27 -57.76
CA VAL G 188 -39.87 -91.98 -57.01
C VAL G 188 -39.59 -93.49 -57.04
N ASP G 189 -39.10 -93.99 -58.18
CA ASP G 189 -38.82 -95.41 -58.31
C ASP G 189 -37.61 -95.82 -57.49
N TRP G 190 -36.69 -94.89 -57.27
CA TRP G 190 -35.57 -95.17 -56.38
C TRP G 190 -36.03 -95.25 -54.93
N ALA G 191 -36.97 -94.38 -54.55
CA ALA G 191 -37.36 -94.30 -53.15
C ALA G 191 -38.33 -95.41 -52.76
N LEU G 192 -39.11 -95.91 -53.72
CA LEU G 192 -39.98 -97.04 -53.41
C LEU G 192 -39.19 -98.32 -53.19
N GLU G 193 -37.99 -98.40 -53.77
CA GLU G 193 -37.15 -99.56 -53.57
C GLU G 193 -36.60 -99.61 -52.15
N HIS G 194 -36.30 -98.45 -51.58
CA HIS G 194 -35.59 -98.38 -50.31
C HIS G 194 -36.51 -98.40 -49.10
N PHE G 195 -37.71 -98.92 -49.21
CA PHE G 195 -38.60 -98.99 -48.05
C PHE G 195 -38.07 -100.03 -47.06
N GLU G 196 -38.06 -99.64 -45.78
CA GLU G 196 -37.62 -100.48 -44.66
C GLU G 196 -36.17 -100.95 -44.81
N LYS G 197 -35.34 -100.18 -45.49
CA LYS G 197 -33.93 -100.50 -45.68
C LYS G 197 -33.11 -99.35 -45.15
N GLU G 198 -31.98 -99.67 -44.51
CA GLU G 198 -31.22 -98.64 -43.82
C GLU G 198 -30.11 -98.10 -44.71
N PHE G 199 -29.54 -96.99 -44.27
CA PHE G 199 -28.36 -96.40 -44.92
C PHE G 199 -27.50 -95.74 -43.86
N ASN G 200 -26.18 -95.83 -44.03
CA ASN G 200 -25.25 -95.34 -43.01
C ASN G 200 -24.82 -93.91 -43.31
N VAL G 201 -23.86 -93.44 -42.52
CA VAL G 201 -23.37 -92.08 -42.71
C VAL G 201 -22.32 -92.04 -43.81
N GLN G 202 -21.76 -93.19 -44.18
CA GLN G 202 -20.63 -93.24 -45.10
C GLN G 202 -21.08 -92.97 -46.53
N ASP G 203 -22.37 -93.10 -46.79
CA ASP G 203 -22.88 -93.02 -48.16
C ASP G 203 -22.98 -91.58 -48.63
N ILE G 204 -23.24 -90.66 -47.72
CA ILE G 204 -23.55 -89.29 -48.11
C ILE G 204 -22.30 -88.41 -48.07
N PHE G 205 -21.62 -88.37 -46.93
CA PHE G 205 -20.48 -87.49 -46.75
C PHE G 205 -19.18 -88.28 -46.80
N GLY G 206 -18.18 -87.67 -47.43
CA GLY G 206 -16.84 -88.20 -47.40
C GLY G 206 -15.94 -87.26 -46.61
N VAL G 207 -14.64 -87.56 -46.65
CA VAL G 207 -13.67 -86.70 -45.99
C VAL G 207 -13.57 -85.40 -46.78
N ASP G 208 -13.31 -84.29 -46.07
CA ASP G 208 -13.11 -82.94 -46.64
C ASP G 208 -14.36 -82.44 -47.34
N GLU G 209 -15.47 -82.38 -46.61
CA GLU G 209 -16.73 -81.87 -47.12
C GLU G 209 -17.41 -81.06 -46.02
N ASN G 210 -17.57 -79.76 -46.26
CA ASN G 210 -18.10 -78.88 -45.24
C ASN G 210 -19.60 -79.09 -45.07
N LEU G 211 -20.05 -79.03 -43.82
CA LEU G 211 -21.41 -79.36 -43.44
C LEU G 211 -22.06 -78.16 -42.77
N ASP G 212 -23.36 -78.31 -42.48
CA ASP G 212 -24.10 -77.41 -41.62
C ASP G 212 -24.62 -78.21 -40.44
N VAL G 213 -24.66 -77.57 -39.27
CA VAL G 213 -25.08 -78.22 -38.03
C VAL G 213 -26.25 -77.44 -37.45
N ILE G 214 -27.32 -78.16 -37.09
CA ILE G 214 -28.53 -77.55 -36.54
C ILE G 214 -28.79 -78.15 -35.16
N GLY G 215 -28.84 -77.30 -34.13
CA GLY G 215 -29.01 -77.78 -32.79
C GLY G 215 -29.63 -76.75 -31.88
N VAL G 216 -29.71 -77.11 -30.59
CA VAL G 216 -30.28 -76.26 -29.55
C VAL G 216 -29.21 -76.02 -28.49
N THR G 217 -29.07 -74.79 -28.03
CA THR G 217 -28.00 -74.44 -27.10
C THR G 217 -28.33 -74.87 -25.68
N LYS G 218 -27.34 -74.73 -24.80
CA LYS G 218 -27.53 -75.04 -23.39
C LYS G 218 -28.37 -73.94 -22.72
N GLY G 219 -28.95 -74.26 -21.57
CA GLY G 219 -29.85 -73.36 -20.87
C GLY G 219 -29.16 -72.74 -19.67
N LYS G 220 -29.51 -71.48 -19.38
CA LYS G 220 -28.86 -70.73 -18.32
C LYS G 220 -29.84 -69.97 -17.43
N GLY G 221 -31.14 -70.03 -17.70
CA GLY G 221 -32.12 -69.47 -16.79
C GLY G 221 -32.28 -67.96 -16.91
N PHE G 222 -32.84 -67.39 -15.85
CA PHE G 222 -33.04 -65.94 -15.76
C PHE G 222 -31.71 -65.26 -15.45
N THR G 223 -31.23 -64.45 -16.40
CA THR G 223 -29.92 -63.81 -16.25
C THR G 223 -30.07 -62.31 -16.20
N GLY G 224 -28.97 -61.65 -15.83
CA GLY G 224 -28.96 -60.21 -15.72
C GLY G 224 -28.74 -59.52 -17.05
N VAL G 225 -28.24 -58.28 -16.96
CA VAL G 225 -28.04 -57.48 -18.17
C VAL G 225 -26.63 -57.66 -18.71
N ILE G 226 -25.66 -57.87 -17.82
CA ILE G 226 -24.27 -57.91 -18.23
C ILE G 226 -23.96 -59.21 -18.95
N LYS G 227 -24.48 -60.33 -18.44
CA LYS G 227 -24.21 -61.62 -19.07
C LYS G 227 -25.03 -61.79 -20.33
N ARG G 228 -26.10 -61.00 -20.49
CA ARG G 228 -26.95 -61.15 -21.66
C ARG G 228 -26.43 -60.35 -22.83
N PHE G 229 -25.91 -59.14 -22.60
CA PHE G 229 -25.56 -58.23 -23.68
C PHE G 229 -24.09 -57.81 -23.70
N GLY G 230 -23.48 -57.52 -22.56
CA GLY G 230 -22.13 -57.01 -22.58
C GLY G 230 -21.97 -55.56 -22.19
N VAL G 231 -22.70 -55.11 -21.15
CA VAL G 231 -22.70 -53.71 -20.76
C VAL G 231 -21.63 -53.47 -19.69
N THR G 232 -20.95 -52.33 -19.80
CA THR G 232 -19.95 -51.93 -18.82
C THR G 232 -20.61 -51.61 -17.46
N LYS G 233 -19.97 -52.06 -16.39
CA LYS G 233 -20.44 -51.81 -15.02
C LYS G 233 -20.42 -50.33 -14.67
N GLN G 234 -21.03 -50.02 -13.54
CA GLN G 234 -21.05 -48.67 -12.99
C GLN G 234 -19.82 -48.47 -12.12
N PRO G 235 -19.55 -47.23 -11.68
CA PRO G 235 -18.50 -47.03 -10.68
C PRO G 235 -18.89 -47.60 -9.31
N ARG G 236 -17.89 -47.65 -8.44
CA ARG G 236 -18.08 -48.27 -7.12
C ARG G 236 -18.91 -47.40 -6.20
N LYS G 237 -18.88 -46.08 -6.40
CA LYS G 237 -19.49 -45.15 -5.46
C LYS G 237 -21.02 -45.20 -5.49
N SER G 238 -21.60 -45.81 -6.53
CA SER G 238 -23.01 -45.58 -6.83
C SER G 238 -23.93 -46.35 -5.89
N ARG G 239 -25.06 -45.74 -5.59
CA ARG G 239 -26.15 -46.34 -4.83
C ARG G 239 -27.03 -47.17 -5.76
N LYS G 240 -27.91 -47.97 -5.14
CA LYS G 240 -29.00 -48.70 -5.81
C LYS G 240 -28.49 -49.71 -6.84
N GLY G 241 -27.31 -50.26 -6.61
CA GLY G 241 -26.88 -51.34 -7.46
C GLY G 241 -25.86 -50.91 -8.49
N ILE G 242 -25.12 -51.88 -9.01
CA ILE G 242 -24.05 -51.63 -9.97
C ILE G 242 -24.33 -52.27 -11.32
N ARG G 243 -24.70 -53.55 -11.32
CA ARG G 243 -24.84 -54.31 -12.57
C ARG G 243 -26.17 -53.98 -13.24
N LYS G 244 -26.22 -52.78 -13.83
CA LYS G 244 -27.43 -52.32 -14.51
C LYS G 244 -27.02 -51.28 -15.54
N VAL G 245 -28.00 -50.87 -16.35
CA VAL G 245 -27.81 -49.80 -17.32
C VAL G 245 -28.44 -48.53 -16.75
N ALA G 246 -27.80 -47.38 -16.96
CA ALA G 246 -28.20 -46.18 -16.23
C ALA G 246 -29.43 -45.53 -16.85
N CYS G 247 -29.36 -45.15 -18.11
CA CYS G 247 -30.43 -44.40 -18.76
C CYS G 247 -31.19 -45.31 -19.71
N ILE G 248 -32.52 -45.23 -19.68
CA ILE G 248 -33.33 -46.08 -20.54
C ILE G 248 -33.71 -45.35 -21.82
N GLY G 249 -34.16 -44.11 -21.69
CA GLY G 249 -34.51 -43.33 -22.87
C GLY G 249 -34.50 -41.86 -22.54
N ALA G 250 -34.79 -41.05 -23.54
CA ALA G 250 -34.93 -39.62 -23.33
C ALA G 250 -36.34 -39.30 -22.88
N TRP G 251 -36.62 -38.00 -22.73
CA TRP G 251 -37.98 -37.58 -22.41
C TRP G 251 -38.92 -37.85 -23.57
N HIS G 252 -38.61 -37.33 -24.75
CA HIS G 252 -39.44 -37.57 -25.91
C HIS G 252 -38.71 -38.46 -26.90
N PRO G 253 -39.31 -39.56 -27.36
CA PRO G 253 -40.68 -40.03 -27.14
C PRO G 253 -40.89 -40.67 -25.78
N SER G 254 -42.11 -40.57 -25.24
CA SER G 254 -42.36 -40.92 -23.85
C SER G 254 -42.78 -42.40 -23.73
N ARG G 255 -41.99 -43.24 -24.38
CA ARG G 255 -42.14 -44.69 -24.28
C ARG G 255 -40.76 -45.30 -24.25
N VAL G 256 -40.69 -46.58 -23.97
CA VAL G 256 -39.42 -47.29 -23.91
C VAL G 256 -39.24 -48.07 -25.20
N MET G 257 -38.14 -47.82 -25.89
CA MET G 257 -37.90 -48.40 -27.20
C MET G 257 -37.50 -49.86 -27.09
N THR G 258 -37.64 -50.58 -28.20
CA THR G 258 -37.39 -52.02 -28.18
C THR G 258 -35.92 -52.34 -28.42
N THR G 259 -35.08 -51.32 -28.55
CA THR G 259 -33.69 -51.59 -28.86
C THR G 259 -32.80 -51.55 -27.62
N VAL G 260 -33.36 -51.17 -26.47
CA VAL G 260 -32.54 -51.07 -25.27
C VAL G 260 -32.29 -52.45 -24.69
N ALA G 261 -31.31 -52.54 -23.80
CA ALA G 261 -30.99 -53.82 -23.17
C ALA G 261 -31.82 -54.00 -21.92
N ARG G 262 -32.49 -55.15 -21.82
CA ARG G 262 -33.39 -55.42 -20.72
C ARG G 262 -33.20 -56.86 -20.27
N ALA G 263 -33.34 -57.09 -18.97
CA ALA G 263 -33.05 -58.41 -18.40
C ALA G 263 -34.15 -59.40 -18.71
N GLY G 264 -33.76 -60.65 -18.96
CA GLY G 264 -34.72 -61.69 -19.26
C GLY G 264 -34.04 -63.04 -19.32
N GLY G 265 -34.74 -64.01 -19.89
CA GLY G 265 -34.22 -65.36 -19.95
C GLY G 265 -33.12 -65.50 -20.99
N LYS G 266 -32.39 -66.60 -20.89
CA LYS G 266 -31.30 -66.90 -21.80
C LYS G 266 -31.17 -68.42 -21.96
N GLY G 267 -30.70 -68.83 -23.12
CA GLY G 267 -30.48 -70.24 -23.38
C GLY G 267 -31.65 -70.91 -24.06
N PHE G 268 -31.40 -72.17 -24.45
CA PHE G 268 -32.35 -73.05 -25.14
C PHE G 268 -32.86 -72.44 -26.44
N HIS G 269 -31.98 -71.73 -27.13
CA HIS G 269 -32.29 -71.10 -28.40
C HIS G 269 -31.89 -72.02 -29.54
N ARG G 270 -32.25 -71.63 -30.75
CA ARG G 270 -31.97 -72.39 -31.95
C ARG G 270 -30.94 -71.67 -32.79
N ARG G 271 -29.84 -72.36 -33.12
CA ARG G 271 -28.78 -71.77 -33.92
C ARG G 271 -28.51 -72.64 -35.13
N THR G 272 -27.67 -72.11 -36.04
CA THR G 272 -27.26 -72.80 -37.25
C THR G 272 -25.92 -72.23 -37.70
N GLU G 273 -24.91 -73.08 -37.82
CA GLU G 273 -23.58 -72.67 -38.24
C GLU G 273 -23.07 -73.56 -39.36
N ILE G 274 -22.14 -73.02 -40.15
CA ILE G 274 -21.72 -73.64 -41.39
C ILE G 274 -20.22 -73.92 -41.35
N ASN G 275 -19.76 -74.65 -42.37
CA ASN G 275 -18.34 -74.88 -42.68
C ASN G 275 -17.60 -75.60 -41.56
N LYS G 276 -18.04 -76.81 -41.25
CA LYS G 276 -17.33 -77.70 -40.35
C LYS G 276 -16.68 -78.80 -41.18
N LYS G 277 -15.38 -79.00 -41.02
CA LYS G 277 -14.67 -79.98 -41.83
C LYS G 277 -14.79 -81.37 -41.22
N VAL G 278 -14.79 -82.38 -42.09
CA VAL G 278 -14.91 -83.77 -41.69
C VAL G 278 -13.50 -84.34 -41.67
N TYR G 279 -13.11 -84.97 -40.54
CA TYR G 279 -11.75 -85.48 -40.43
C TYR G 279 -11.70 -86.99 -40.58
N MET G 280 -12.57 -87.72 -39.89
CA MET G 280 -12.48 -89.17 -39.89
C MET G 280 -13.87 -89.79 -39.79
N ILE G 281 -14.04 -90.92 -40.45
CA ILE G 281 -15.29 -91.66 -40.49
C ILE G 281 -14.98 -93.13 -40.26
N GLY G 282 -15.61 -93.74 -39.28
CA GLY G 282 -15.33 -95.14 -39.01
C GLY G 282 -16.33 -95.75 -38.06
N HIS G 283 -15.90 -96.84 -37.43
CA HIS G 283 -16.72 -97.59 -36.48
C HIS G 283 -16.05 -97.58 -35.13
N GLY G 284 -16.85 -97.72 -34.07
CA GLY G 284 -16.31 -97.57 -32.73
C GLY G 284 -15.62 -98.82 -32.22
N ASN G 285 -16.07 -99.99 -32.68
CA ASN G 285 -15.49 -101.24 -32.19
C ASN G 285 -14.13 -101.50 -32.81
N GLU G 286 -13.87 -100.93 -33.98
CA GLU G 286 -12.62 -101.16 -34.68
C GLU G 286 -11.47 -100.39 -34.04
N LYS G 287 -10.26 -100.86 -34.31
CA LYS G 287 -9.05 -100.19 -33.88
C LYS G 287 -8.55 -99.31 -35.02
N ILE G 288 -8.17 -98.08 -34.71
CA ILE G 288 -7.65 -97.15 -35.70
C ILE G 288 -6.13 -97.12 -35.60
N LYS G 289 -5.46 -97.34 -36.74
CA LYS G 289 -4.01 -97.30 -36.81
C LYS G 289 -3.60 -96.18 -37.75
N THR G 290 -2.63 -95.38 -37.32
CA THR G 290 -2.03 -94.37 -38.17
C THR G 290 -0.68 -94.85 -38.69
N GLU G 291 0.07 -93.93 -39.27
CA GLU G 291 1.41 -94.28 -39.76
C GLU G 291 2.49 -93.92 -38.73
N TYR G 292 2.28 -92.84 -37.97
CA TYR G 292 3.37 -92.29 -37.18
C TYR G 292 3.44 -92.91 -35.78
N ASP G 293 2.48 -93.76 -35.43
CA ASP G 293 2.54 -94.49 -34.18
C ASP G 293 2.99 -95.92 -34.41
N LEU G 294 3.35 -96.61 -33.34
CA LEU G 294 3.52 -98.05 -33.41
C LEU G 294 2.35 -98.78 -32.77
N THR G 295 1.70 -98.15 -31.79
CA THR G 295 0.58 -98.79 -31.11
C THR G 295 -0.73 -98.51 -31.84
N LYS G 296 -1.71 -99.37 -31.59
CA LYS G 296 -3.06 -99.23 -32.12
C LYS G 296 -4.02 -99.21 -30.94
N LYS G 297 -5.06 -98.39 -31.02
CA LYS G 297 -5.93 -98.19 -29.87
C LYS G 297 -7.34 -97.85 -30.33
N PHE G 298 -8.28 -97.97 -29.39
CA PHE G 298 -9.66 -97.62 -29.65
C PHE G 298 -9.86 -96.12 -29.56
N ILE G 299 -11.10 -95.69 -29.80
CA ILE G 299 -11.38 -94.26 -29.81
C ILE G 299 -11.81 -93.80 -28.42
N THR G 300 -12.37 -94.69 -27.62
CA THR G 300 -12.85 -94.31 -26.31
C THR G 300 -11.67 -94.18 -25.34
N PRO G 301 -11.55 -93.05 -24.64
CA PRO G 301 -10.46 -92.88 -23.69
C PRO G 301 -10.65 -93.75 -22.45
N MET G 302 -9.63 -93.71 -21.58
CA MET G 302 -9.65 -94.51 -20.36
C MET G 302 -10.71 -93.99 -19.40
N GLY G 303 -11.52 -94.91 -18.88
CA GLY G 303 -12.62 -94.53 -18.03
C GLY G 303 -13.83 -94.00 -18.77
N GLY G 304 -13.86 -94.10 -20.09
CA GLY G 304 -14.97 -93.62 -20.87
C GLY G 304 -15.01 -92.10 -20.98
N PHE G 305 -15.91 -91.63 -21.81
CA PHE G 305 -16.18 -90.21 -21.86
C PHE G 305 -16.90 -89.79 -20.59
N PRO G 306 -16.68 -88.57 -20.10
CA PRO G 306 -17.44 -88.11 -18.94
C PRO G 306 -18.91 -87.90 -19.28
N HIS G 307 -19.78 -88.46 -18.43
CA HIS G 307 -21.24 -88.48 -18.55
C HIS G 307 -21.74 -89.26 -19.77
N TYR G 308 -20.89 -89.98 -20.49
CA TYR G 308 -21.39 -90.74 -21.62
C TYR G 308 -21.18 -92.24 -21.49
N GLY G 309 -19.95 -92.67 -21.31
CA GLY G 309 -19.66 -94.09 -21.34
C GLY G 309 -18.74 -94.47 -22.48
N GLN G 310 -19.10 -95.50 -23.25
CA GLN G 310 -18.30 -95.98 -24.35
C GLN G 310 -19.06 -95.86 -25.66
N ILE G 311 -18.32 -95.99 -26.77
CA ILE G 311 -18.93 -95.98 -28.09
C ILE G 311 -18.92 -97.39 -28.66
N LYS G 312 -20.09 -97.86 -29.10
CA LYS G 312 -20.22 -99.20 -29.66
C LYS G 312 -20.76 -99.21 -31.08
N ASN G 313 -20.82 -98.06 -31.75
CA ASN G 313 -21.44 -97.95 -33.06
C ASN G 313 -20.53 -97.19 -34.01
N GLU G 314 -21.07 -96.88 -35.17
CA GLU G 314 -20.38 -96.01 -36.12
C GLU G 314 -20.38 -94.58 -35.61
N PHE G 315 -19.42 -93.79 -36.08
CA PHE G 315 -19.23 -92.44 -35.57
C PHE G 315 -18.62 -91.56 -36.65
N ILE G 316 -18.56 -90.27 -36.37
CA ILE G 316 -17.92 -89.29 -37.24
C ILE G 316 -17.10 -88.36 -36.34
N MET G 317 -16.03 -87.80 -36.89
CA MET G 317 -15.15 -86.90 -36.14
C MET G 317 -14.90 -85.65 -36.95
N LEU G 318 -15.32 -84.51 -36.42
CA LEU G 318 -15.26 -83.26 -37.16
C LEU G 318 -14.64 -82.18 -36.30
N LYS G 319 -14.22 -81.10 -36.96
CA LYS G 319 -13.38 -80.10 -36.34
C LYS G 319 -14.19 -78.95 -35.75
N GLY G 320 -13.87 -78.58 -34.52
CA GLY G 320 -14.46 -77.40 -33.91
C GLY G 320 -15.45 -77.71 -32.81
N ALA G 321 -16.19 -76.68 -32.41
CA ALA G 321 -17.21 -76.80 -31.38
C ALA G 321 -18.60 -76.94 -32.00
N ILE G 322 -19.48 -77.66 -31.29
CA ILE G 322 -20.80 -78.02 -31.79
C ILE G 322 -21.84 -77.62 -30.76
N VAL G 323 -22.98 -77.11 -31.24
CA VAL G 323 -24.04 -76.60 -30.38
C VAL G 323 -24.59 -77.66 -29.46
N GLY G 324 -24.71 -77.33 -28.18
CA GLY G 324 -25.48 -78.11 -27.25
C GLY G 324 -24.64 -78.95 -26.31
N PRO G 325 -25.28 -79.53 -25.29
CA PRO G 325 -24.57 -80.43 -24.38
C PRO G 325 -24.48 -81.82 -24.99
N SER G 326 -23.95 -82.74 -24.18
CA SER G 326 -23.88 -84.13 -24.61
C SER G 326 -25.26 -84.76 -24.57
N LYS G 327 -25.42 -85.83 -25.36
CA LYS G 327 -26.65 -86.62 -25.46
C LYS G 327 -27.86 -85.79 -25.89
N ARG G 328 -27.77 -85.19 -27.07
CA ARG G 328 -28.87 -84.42 -27.64
C ARG G 328 -28.84 -84.57 -29.16
N VAL G 329 -30.01 -84.43 -29.80
CA VAL G 329 -30.12 -84.62 -31.24
C VAL G 329 -29.41 -83.50 -31.98
N VAL G 330 -28.70 -83.89 -33.04
CA VAL G 330 -27.95 -82.97 -33.88
C VAL G 330 -28.18 -83.35 -35.33
N THR G 331 -28.59 -82.38 -36.14
CA THR G 331 -28.93 -82.62 -37.54
C THR G 331 -27.80 -82.15 -38.44
N LEU G 332 -27.42 -83.00 -39.40
CA LEU G 332 -26.34 -82.72 -40.34
C LEU G 332 -26.91 -82.64 -41.74
N ARG G 333 -26.47 -81.65 -42.52
CA ARG G 333 -26.95 -81.50 -43.89
C ARG G 333 -25.82 -80.98 -44.78
N LYS G 334 -26.03 -81.08 -46.08
CA LYS G 334 -25.03 -80.63 -47.04
C LYS G 334 -24.99 -79.11 -47.11
N SER G 335 -23.98 -78.59 -47.79
CA SER G 335 -23.74 -77.15 -47.81
C SER G 335 -24.55 -76.46 -48.89
N LEU G 336 -24.96 -75.23 -48.61
CA LEU G 336 -25.67 -74.44 -49.61
C LEU G 336 -24.72 -73.74 -50.55
N LEU G 337 -23.60 -73.24 -50.02
CA LEU G 337 -22.66 -72.47 -50.82
C LEU G 337 -21.92 -73.37 -51.81
N LYS G 338 -21.54 -72.78 -52.93
CA LYS G 338 -20.71 -73.42 -53.92
C LYS G 338 -19.45 -72.60 -54.08
N ASN G 339 -18.57 -73.07 -54.97
CA ASN G 339 -17.23 -72.50 -55.20
C ASN G 339 -16.42 -72.44 -53.91
N GLN G 340 -16.33 -73.58 -53.22
CA GLN G 340 -15.48 -73.68 -52.05
C GLN G 340 -14.01 -73.70 -52.47
N LYS G 341 -13.15 -73.21 -51.59
CA LYS G 341 -11.74 -73.07 -51.95
C LYS G 341 -10.98 -74.36 -51.74
N LYS G 342 -10.14 -74.70 -52.70
CA LYS G 342 -9.32 -75.91 -52.61
C LYS G 342 -8.18 -75.71 -51.62
N ASN G 343 -7.94 -76.74 -50.81
CA ASN G 343 -6.82 -76.77 -49.88
C ASN G 343 -6.00 -78.02 -50.15
N GLU G 344 -5.12 -78.34 -49.21
CA GLU G 344 -4.29 -79.51 -49.38
C GLU G 344 -4.80 -80.69 -48.57
N ASP G 345 -4.01 -81.75 -48.56
CA ASP G 345 -4.40 -83.00 -47.92
C ASP G 345 -4.35 -82.89 -46.40
N LEU G 346 -4.90 -83.91 -45.74
CA LEU G 346 -4.94 -83.96 -44.29
C LEU G 346 -4.16 -85.20 -43.82
N VAL G 347 -3.12 -84.96 -43.02
CA VAL G 347 -2.26 -86.02 -42.51
C VAL G 347 -2.32 -85.99 -41.00
N ILE G 348 -2.96 -86.99 -40.41
CA ILE G 348 -3.18 -87.05 -38.97
C ILE G 348 -2.08 -87.89 -38.37
N LYS G 349 -1.37 -87.34 -37.39
CA LYS G 349 -0.24 -88.05 -36.81
C LYS G 349 -0.68 -89.00 -35.71
N PHE G 350 -1.36 -88.51 -34.67
CA PHE G 350 -1.90 -89.41 -33.67
C PHE G 350 -3.13 -88.78 -33.01
N VAL G 351 -3.90 -89.64 -32.35
CA VAL G 351 -5.14 -89.27 -31.67
C VAL G 351 -4.95 -89.53 -30.18
N ASP G 352 -5.36 -88.58 -29.35
CA ASP G 352 -5.13 -88.70 -27.91
C ASP G 352 -6.23 -89.55 -27.28
N THR G 353 -5.86 -90.33 -26.26
CA THR G 353 -6.77 -91.26 -25.60
C THR G 353 -6.62 -91.26 -24.08
N SER G 354 -6.05 -90.20 -23.50
CA SER G 354 -5.87 -90.15 -22.06
C SER G 354 -7.18 -89.91 -21.35
N SER G 355 -7.18 -90.12 -20.04
CA SER G 355 -8.39 -89.93 -19.25
C SER G 355 -8.69 -88.45 -19.11
N LYS G 356 -9.96 -88.10 -19.29
CA LYS G 356 -10.39 -86.71 -19.28
C LYS G 356 -10.93 -86.27 -17.94
N ILE G 357 -10.86 -87.12 -16.92
CA ILE G 357 -11.33 -86.71 -15.60
C ILE G 357 -10.28 -85.85 -14.92
N GLY G 358 -9.13 -86.42 -14.59
CA GLY G 358 -8.10 -85.64 -13.93
C GLY G 358 -6.98 -85.36 -14.90
N ASN G 359 -5.84 -84.97 -14.34
CA ASN G 359 -4.64 -84.88 -15.14
C ASN G 359 -4.10 -86.27 -15.42
N GLY G 360 -4.36 -86.79 -16.61
CA GLY G 360 -3.97 -88.15 -16.95
C GLY G 360 -2.68 -88.19 -17.72
N ARG G 361 -1.80 -89.15 -17.39
CA ARG G 361 -0.47 -89.22 -17.96
C ARG G 361 -0.21 -90.47 -18.79
N PHE G 362 -1.16 -91.39 -18.86
CA PHE G 362 -0.94 -92.69 -19.49
C PHE G 362 -1.90 -92.86 -20.65
N GLN G 363 -1.46 -93.58 -21.68
CA GLN G 363 -2.29 -93.75 -22.87
C GLN G 363 -3.16 -95.00 -22.76
N THR G 364 -2.53 -96.17 -22.62
CA THR G 364 -3.28 -97.41 -22.50
C THR G 364 -3.08 -97.97 -21.09
N THR G 365 -3.80 -99.05 -20.79
CA THR G 365 -3.73 -99.62 -19.45
C THR G 365 -2.44 -100.39 -19.23
N GLU G 366 -1.76 -100.77 -20.30
CA GLU G 366 -0.50 -101.48 -20.15
C GLU G 366 0.61 -100.54 -19.73
N GLU G 367 0.50 -99.25 -20.07
CA GLU G 367 1.49 -98.28 -19.63
C GLU G 367 1.34 -97.97 -18.15
N LYS G 368 0.13 -98.15 -17.62
CA LYS G 368 -0.11 -97.84 -16.22
C LYS G 368 0.49 -98.91 -15.31
N ARG G 369 0.39 -100.18 -15.72
CA ARG G 369 0.85 -101.24 -14.85
C ARG G 369 2.34 -101.52 -15.03
N ALA G 370 2.89 -101.14 -16.19
CA ALA G 370 4.33 -101.27 -16.37
C ALA G 370 5.06 -100.18 -15.60
N PHE G 371 4.37 -99.08 -15.32
CA PHE G 371 4.97 -98.00 -14.55
C PHE G 371 5.03 -98.35 -13.07
N TYR G 372 3.92 -98.84 -12.52
CA TYR G 372 3.88 -99.12 -11.09
C TYR G 372 4.51 -100.46 -10.76
N GLY G 373 4.57 -101.36 -11.73
CA GLY G 373 5.16 -102.66 -11.49
C GLY G 373 4.30 -103.56 -10.63
N ILE G 374 2.98 -103.37 -10.69
CA ILE G 374 1.96 -104.08 -9.89
C ILE G 374 2.24 -103.97 -8.39
N ALA H 2 14.47 51.42 28.41
CA ALA H 2 13.06 51.20 28.10
C ALA H 2 12.92 50.44 26.80
N ILE H 3 13.43 49.20 26.80
CA ILE H 3 13.41 48.40 25.57
C ILE H 3 12.00 47.90 25.28
N GLN H 4 11.16 47.81 26.31
CA GLN H 4 9.86 47.20 26.13
C GLN H 4 8.79 48.27 25.89
N PRO H 5 8.12 48.24 24.74
CA PRO H 5 7.00 49.16 24.52
C PRO H 5 5.81 48.75 25.39
N PRO H 6 4.99 49.71 25.82
CA PRO H 6 3.96 49.39 26.82
C PRO H 6 2.77 48.61 26.27
N GLY H 7 2.45 48.78 25.00
CA GLY H 7 1.32 48.13 24.39
C GLY H 7 1.60 46.80 23.73
N SER H 8 2.80 46.24 23.89
CA SER H 8 3.13 44.98 23.24
C SER H 8 2.77 43.79 24.11
N TYR H 9 3.18 43.82 25.38
CA TYR H 9 2.92 42.72 26.30
C TYR H 9 1.70 43.00 27.16
N ALA H 10 0.95 41.95 27.47
CA ALA H 10 -0.18 42.05 28.37
C ALA H 10 0.28 42.24 29.80
N ASP H 24 1.66 55.25 47.98
CA ASP H 24 3.10 55.17 48.17
C ASP H 24 3.42 54.52 49.51
N ASN H 25 3.75 53.22 49.47
CA ASN H 25 3.86 52.42 50.68
C ASN H 25 5.11 52.75 51.50
N PHE H 26 6.07 53.49 50.94
CA PHE H 26 7.25 53.86 51.69
C PHE H 26 6.94 54.84 52.81
N THR H 27 5.83 55.58 52.67
CA THR H 27 5.48 56.59 53.67
C THR H 27 4.95 55.96 54.95
N LYS H 28 4.16 54.90 54.82
CA LYS H 28 3.51 54.27 55.97
C LYS H 28 4.40 53.16 56.53
N LYS H 29 5.61 53.52 56.93
CA LYS H 29 6.55 52.53 57.43
C LYS H 29 7.19 53.05 58.71
N GLU H 30 7.22 52.18 59.72
CA GLU H 30 7.74 52.53 61.03
C GLU H 30 9.21 52.17 61.11
N TRP H 31 9.92 52.82 62.03
CA TRP H 31 11.37 52.74 62.10
C TRP H 31 11.79 52.29 63.48
N TYR H 32 12.87 51.51 63.55
CA TYR H 32 13.31 50.90 64.80
C TYR H 32 14.81 51.08 64.96
N ASN H 33 15.32 50.63 66.10
CA ASN H 33 16.74 50.71 66.41
C ASN H 33 17.29 49.32 66.69
N LEU H 34 18.53 49.10 66.31
CA LEU H 34 19.20 47.84 66.60
C LEU H 34 20.04 47.97 67.86
N LYS H 35 20.26 46.84 68.54
CA LYS H 35 21.12 46.78 69.71
C LYS H 35 21.96 45.51 69.61
N ALA H 36 23.28 45.67 69.74
CA ALA H 36 24.18 44.54 69.88
C ALA H 36 24.19 44.09 71.33
N PRO H 37 24.73 42.89 71.62
CA PRO H 37 25.03 42.56 73.01
C PRO H 37 26.09 43.49 73.57
N SER H 38 26.05 43.68 74.89
CA SER H 38 26.78 44.77 75.53
C SER H 38 28.23 44.43 75.83
N VAL H 39 28.80 43.41 75.20
CA VAL H 39 30.21 43.12 75.41
C VAL H 39 31.07 44.12 74.65
N PHE H 40 30.65 44.49 73.45
CA PHE H 40 31.38 45.49 72.69
C PHE H 40 30.93 46.90 73.10
N PRO H 41 31.85 47.86 73.12
CA PRO H 41 31.49 49.19 73.63
C PRO H 41 30.58 49.99 72.72
N ASN H 42 30.40 49.58 71.47
CA ASN H 42 29.53 50.27 70.54
C ASN H 42 28.40 49.33 70.14
N ASN H 43 27.34 49.29 70.95
CA ASN H 43 26.26 48.34 70.74
C ASN H 43 25.21 48.81 69.75
N VAL H 44 25.26 50.07 69.34
CA VAL H 44 24.31 50.63 68.39
C VAL H 44 24.84 50.42 66.99
N CYS H 45 23.97 50.00 66.07
CA CYS H 45 24.40 49.66 64.71
C CYS H 45 23.73 50.50 63.64
N GLY H 46 22.41 50.61 63.64
CA GLY H 46 21.73 51.32 62.56
C GLY H 46 20.23 51.14 62.67
N LYS H 47 19.54 51.74 61.69
CA LYS H 47 18.08 51.78 61.65
C LYS H 47 17.56 50.74 60.68
N THR H 48 16.39 50.18 61.02
CA THR H 48 15.69 49.28 60.13
C THR H 48 14.34 49.89 59.77
N MET H 49 13.51 49.09 59.13
CA MET H 49 12.20 49.54 58.67
C MET H 49 11.19 48.43 58.93
N ALA H 50 9.92 48.81 59.10
CA ALA H 50 8.82 47.87 59.24
C ALA H 50 7.54 48.56 58.80
N THR H 51 6.69 47.82 58.11
CA THR H 51 5.44 48.35 57.58
C THR H 51 4.30 47.97 58.52
N ARG H 52 3.54 48.97 58.95
CA ARG H 52 2.34 48.75 59.75
C ARG H 52 1.14 48.77 58.83
N THR H 53 0.38 47.68 58.80
CA THR H 53 -0.78 47.60 57.92
C THR H 53 -1.91 48.47 58.44
N SER H 54 -2.35 48.23 59.67
CA SER H 54 -3.42 49.01 60.29
C SER H 54 -3.16 49.04 61.78
N ASN H 55 -4.11 49.65 62.50
CA ASN H 55 -4.08 49.61 63.96
C ASN H 55 -4.38 48.22 64.50
N LYS H 56 -4.22 48.09 65.83
CA LYS H 56 -4.35 46.84 66.61
C LYS H 56 -3.56 45.67 66.00
N GLN H 57 -2.38 45.97 65.46
CA GLN H 57 -1.51 44.98 64.85
C GLN H 57 -0.18 44.97 65.59
N ASP H 58 0.35 43.78 65.80
CA ASP H 58 1.65 43.59 66.44
C ASP H 58 2.71 43.26 65.39
N LEU H 59 3.71 44.13 65.29
CA LEU H 59 4.77 43.98 64.29
C LEU H 59 5.92 43.12 64.78
N SER H 60 5.80 42.49 65.94
CA SER H 60 6.95 41.85 66.57
C SER H 60 7.28 40.50 65.92
N THR H 61 6.38 39.97 65.10
CA THR H 61 6.66 38.71 64.43
C THR H 61 7.66 38.91 63.30
N LEU H 62 7.67 40.09 62.70
CA LEU H 62 8.49 40.31 61.51
C LEU H 62 9.91 40.71 61.88
N LEU H 63 10.10 41.27 63.06
CA LEU H 63 11.41 41.76 63.47
C LEU H 63 12.29 40.68 64.06
N ILE H 64 11.77 39.49 64.34
CA ILE H 64 12.56 38.48 65.00
C ILE H 64 13.50 37.80 64.01
N GLY H 65 12.96 37.25 62.92
CA GLY H 65 13.70 36.37 62.04
C GLY H 65 14.82 36.98 61.22
N ARG H 66 15.06 38.27 61.30
CA ARG H 66 16.05 38.90 60.44
C ARG H 66 17.45 38.84 61.07
N LYS H 67 18.45 38.90 60.21
CA LYS H 67 19.85 38.86 60.62
C LYS H 67 20.58 40.08 60.04
N PHE H 68 21.53 40.60 60.80
CA PHE H 68 22.38 41.68 60.33
C PHE H 68 23.84 41.29 60.53
N GLU H 69 24.73 42.08 59.97
CA GLU H 69 26.16 41.78 59.99
C GLU H 69 26.95 43.07 60.17
N VAL H 70 27.75 43.13 61.22
CA VAL H 70 28.53 44.31 61.57
C VAL H 70 30.01 43.93 61.55
N ASN H 71 30.84 44.88 61.13
CA ASN H 71 32.29 44.73 61.23
C ASN H 71 32.72 44.65 62.68
N GLN H 72 33.85 43.97 62.91
CA GLN H 72 34.42 43.88 64.24
C GLN H 72 35.06 45.20 64.65
N ALA H 73 35.66 45.91 63.69
CA ALA H 73 36.35 47.15 64.00
C ALA H 73 35.39 48.26 64.39
N ASP H 74 34.16 48.20 63.90
CA ASP H 74 33.17 49.21 64.27
C ASP H 74 32.66 48.95 65.69
N LEU H 75 32.64 47.69 66.10
CA LEU H 75 32.25 47.36 67.47
C LEU H 75 33.35 47.73 68.45
N THR H 76 34.59 47.36 68.13
CA THR H 76 35.72 47.66 69.01
C THR H 76 36.16 49.11 68.95
N GLY H 77 35.75 49.86 67.94
CA GLY H 77 36.21 51.23 67.79
C GLY H 77 37.68 51.36 67.48
N ASN H 78 38.27 50.31 66.92
CA ASN H 78 39.71 50.27 66.64
C ASN H 78 39.91 50.29 65.13
N LEU H 79 41.05 50.82 64.70
CA LEU H 79 41.42 50.87 63.30
C LEU H 79 42.49 49.84 62.95
N GLU H 80 42.92 49.01 63.89
CA GLU H 80 44.02 48.10 63.62
C GLU H 80 43.56 46.91 62.78
N GLU H 81 42.65 46.10 63.30
CA GLU H 81 42.18 44.90 62.63
C GLU H 81 40.78 45.16 62.09
N HIS H 82 40.49 44.59 60.93
CA HIS H 82 39.19 44.73 60.30
C HIS H 82 38.75 43.45 59.61
N ALA H 83 39.53 42.37 59.73
CA ALA H 83 39.31 41.21 58.90
C ALA H 83 38.13 40.36 59.39
N ARG H 84 37.98 40.24 60.69
CA ARG H 84 36.92 39.39 61.22
C ARG H 84 35.57 40.08 61.11
N LYS H 85 34.51 39.28 61.11
CA LYS H 85 33.17 39.78 60.84
C LYS H 85 32.16 38.97 61.63
N PHE H 86 31.15 39.68 62.15
CA PHE H 86 30.20 39.10 63.09
C PHE H 86 28.78 39.30 62.61
N SER H 87 27.96 38.27 62.80
CA SER H 87 26.55 38.33 62.44
C SER H 87 25.72 37.92 63.65
N PHE H 88 24.60 38.61 63.86
CA PHE H 88 23.82 38.47 65.08
C PHE H 88 22.38 38.12 64.75
N ARG H 89 21.73 37.40 65.66
CA ARG H 89 20.34 36.99 65.48
C ARG H 89 19.43 37.71 66.46
N VAL H 90 18.27 38.13 65.96
CA VAL H 90 17.31 38.90 66.74
C VAL H 90 16.30 37.92 67.33
N ASN H 91 15.92 38.13 68.60
CA ASN H 91 14.93 37.29 69.25
C ASN H 91 13.91 38.07 70.07
N GLU H 92 14.16 39.34 70.36
CA GLU H 92 13.31 40.07 71.30
C GLU H 92 13.33 41.55 70.98
N VAL H 93 12.19 42.19 71.21
CA VAL H 93 11.99 43.62 70.93
C VAL H 93 11.62 44.30 72.25
N ARG H 94 12.21 45.47 72.50
CA ARG H 94 11.86 46.31 73.64
C ARG H 94 11.63 47.73 73.16
N GLY H 95 10.36 48.15 73.11
CA GLY H 95 10.05 49.52 72.72
C GLY H 95 10.33 49.74 71.25
N LYS H 96 11.41 50.46 70.97
CA LYS H 96 11.87 50.69 69.60
C LYS H 96 13.20 50.01 69.32
N ASP H 97 13.69 49.17 70.23
CA ASP H 97 15.00 48.56 70.11
C ASP H 97 14.88 47.07 69.82
N CYS H 98 15.84 46.55 69.05
CA CYS H 98 15.90 45.15 68.68
C CYS H 98 17.19 44.55 69.23
N ILE H 99 17.08 43.41 69.91
CA ILE H 99 18.22 42.85 70.63
C ILE H 99 18.80 41.67 69.86
N GLY H 100 20.13 41.58 69.87
CA GLY H 100 20.83 40.57 69.11
C GLY H 100 21.64 39.63 69.98
N VAL H 101 21.96 38.47 69.40
CA VAL H 101 22.77 37.45 70.06
C VAL H 101 23.68 36.82 69.02
N PHE H 102 24.88 36.44 69.46
CA PHE H 102 25.94 35.96 68.59
C PHE H 102 25.63 34.55 68.09
N ASP H 103 25.59 34.38 66.77
CA ASP H 103 25.42 33.07 66.18
C ASP H 103 26.33 32.79 64.99
N GLY H 104 27.03 33.79 64.47
CA GLY H 104 27.80 33.57 63.26
C GLY H 104 29.05 34.41 63.22
N MET H 105 30.08 33.83 62.59
CA MET H 105 31.35 34.51 62.38
C MET H 105 31.98 33.94 61.13
N HIS H 106 32.64 34.80 60.36
CA HIS H 106 33.39 34.38 59.18
C HIS H 106 34.45 35.43 58.86
N MET H 107 35.56 34.96 58.32
CA MET H 107 36.64 35.84 57.91
C MET H 107 36.32 36.46 56.56
N THR H 108 37.00 37.56 56.25
CA THR H 108 36.83 38.20 54.96
C THR H 108 37.53 37.41 53.86
N SER H 109 37.01 37.55 52.63
CA SER H 109 37.40 36.65 51.55
C SER H 109 38.77 37.01 50.98
N ASP H 110 39.19 38.27 51.11
CA ASP H 110 40.44 38.70 50.50
C ASP H 110 41.64 38.29 51.34
N LYS H 111 41.47 38.16 52.66
CA LYS H 111 42.58 37.73 53.48
C LYS H 111 42.68 36.21 53.51
N ILE H 112 41.59 35.52 53.22
CA ILE H 112 41.62 34.07 53.09
C ILE H 112 42.42 33.67 51.86
N LYS H 113 42.22 34.37 50.75
CA LYS H 113 42.92 34.04 49.52
C LYS H 113 44.38 34.46 49.59
N GLY H 114 44.72 35.39 50.48
CA GLY H 114 46.07 35.92 50.50
C GLY H 114 47.07 35.00 51.19
N ILE H 115 46.59 34.16 52.11
CA ILE H 115 47.53 33.40 52.94
C ILE H 115 48.01 32.15 52.20
N VAL H 116 47.29 31.72 51.18
CA VAL H 116 47.68 30.50 50.47
C VAL H 116 48.75 30.84 49.45
N ARG H 117 49.68 29.90 49.24
CA ARG H 117 50.81 30.12 48.34
C ARG H 117 51.13 28.84 47.60
N LYS H 118 51.89 28.98 46.52
CA LYS H 118 52.49 27.83 45.86
C LYS H 118 53.76 27.43 46.59
N TRP H 119 54.16 26.16 46.38
CA TRP H 119 55.35 25.55 46.97
C TRP H 119 55.34 25.59 48.49
N HIS H 120 54.16 25.49 49.10
CA HIS H 120 54.04 25.55 50.55
C HIS H 120 52.89 24.67 51.00
N THR H 121 53.08 24.02 52.14
CA THR H 121 52.16 23.03 52.68
C THR H 121 51.05 23.71 53.46
N LEU H 122 49.80 23.43 53.10
CA LEU H 122 48.63 23.96 53.79
C LEU H 122 47.99 22.87 54.63
N ILE H 123 47.69 23.18 55.89
CA ILE H 123 47.05 22.25 56.82
C ILE H 123 45.77 22.90 57.34
N GLU H 124 44.66 22.15 57.33
CA GLU H 124 43.42 22.63 57.89
C GLU H 124 42.72 21.53 58.68
N ALA H 125 41.81 21.94 59.56
CA ALA H 125 41.07 21.01 60.40
C ALA H 125 39.79 21.67 60.89
N GLU H 126 38.98 20.90 61.59
CA GLU H 126 37.69 21.37 62.10
C GLU H 126 37.26 20.52 63.27
N LYS H 127 36.26 20.99 64.01
CA LYS H 127 35.66 20.23 65.12
C LYS H 127 34.30 20.82 65.47
N ASP H 128 33.44 19.96 65.98
CA ASP H 128 32.17 20.37 66.57
C ASP H 128 32.37 20.53 68.07
N ILE H 129 31.69 21.51 68.66
CA ILE H 129 31.86 21.81 70.09
C ILE H 129 30.55 22.36 70.64
N VAL H 130 30.34 22.19 71.95
CA VAL H 130 29.09 22.52 72.63
C VAL H 130 29.39 23.56 73.69
N THR H 131 28.53 24.58 73.79
CA THR H 131 28.67 25.65 74.77
C THR H 131 28.14 25.22 76.14
N LYS H 132 27.97 26.21 77.02
CA LYS H 132 27.38 25.94 78.33
C LYS H 132 25.86 25.76 78.22
N ASP H 133 25.24 26.49 77.31
CA ASP H 133 23.82 26.31 77.03
C ASP H 133 23.59 25.17 76.05
N GLY H 134 22.35 25.02 75.62
CA GLY H 134 21.99 23.99 74.66
C GLY H 134 22.21 24.41 73.22
N ALA H 135 23.47 24.48 72.80
CA ALA H 135 23.81 24.83 71.43
C ALA H 135 25.14 24.18 71.06
N ILE H 136 25.28 23.84 69.79
CA ILE H 136 26.48 23.20 69.26
C ILE H 136 27.11 24.13 68.25
N LEU H 137 28.44 24.26 68.31
CA LEU H 137 29.18 25.13 67.42
C LEU H 137 30.13 24.30 66.57
N ARG H 138 30.62 24.92 65.49
CA ARG H 138 31.70 24.37 64.68
C ARG H 138 32.76 25.44 64.50
N VAL H 139 34.02 25.02 64.39
CA VAL H 139 35.14 25.91 64.18
C VAL H 139 36.02 25.35 63.06
N PHE H 140 36.75 26.24 62.38
CA PHE H 140 37.68 25.86 61.33
C PHE H 140 39.01 26.56 61.57
N VAL H 141 40.10 25.80 61.52
CA VAL H 141 41.43 26.29 61.80
C VAL H 141 42.32 25.98 60.60
N ASN H 142 43.11 26.96 60.16
CA ASN H 142 44.07 26.75 59.09
C ASN H 142 45.47 27.11 59.55
N ALA H 143 46.45 26.63 58.78
CA ALA H 143 47.85 26.94 58.98
C ALA H 143 48.60 26.61 57.70
N VAL H 144 49.70 27.31 57.48
CA VAL H 144 50.59 27.06 56.36
C VAL H 144 51.99 26.87 56.92
N THR H 145 52.90 26.36 56.09
CA THR H 145 54.24 26.09 56.59
C THR H 145 55.12 27.33 56.44
N LYS H 146 56.20 27.36 57.19
CA LYS H 146 57.14 28.47 57.22
C LYS H 146 58.46 28.06 56.56
N LYS H 147 59.20 29.06 56.10
CA LYS H 147 60.49 28.84 55.44
C LYS H 147 61.56 28.63 56.50
N THR H 148 62.35 27.57 56.33
CA THR H 148 63.48 27.22 57.18
C THR H 148 64.66 28.14 56.87
N PRO H 149 65.63 28.27 57.77
CA PRO H 149 66.91 28.90 57.40
C PRO H 149 67.82 28.04 56.53
N ALA H 150 67.42 26.81 56.20
CA ALA H 150 68.10 26.02 55.18
C ALA H 150 67.53 26.44 53.82
N CYS H 151 68.03 27.57 53.33
CA CYS H 151 67.37 28.25 52.21
C CYS H 151 67.79 27.69 50.86
N THR H 152 68.50 26.56 50.85
CA THR H 152 68.83 25.90 49.59
C THR H 152 67.58 25.30 48.95
N SER H 153 66.62 24.89 49.77
CA SER H 153 65.47 24.18 49.25
C SER H 153 64.36 25.17 48.86
N LYS H 154 63.88 25.03 47.62
CA LYS H 154 62.56 25.49 47.25
C LYS H 154 61.49 24.48 47.66
N ARG H 155 61.92 23.28 48.04
CA ARG H 155 61.01 22.20 48.38
C ARG H 155 60.71 22.17 49.88
N VAL H 156 60.01 23.19 50.38
CA VAL H 156 59.76 23.30 51.82
C VAL H 156 58.55 22.48 52.27
N TYR H 157 58.03 21.63 51.39
CA TYR H 157 56.99 20.66 51.68
C TYR H 157 57.36 19.79 52.89
N CYS H 158 56.33 19.42 53.64
CA CYS H 158 56.47 18.57 54.82
C CYS H 158 55.83 17.22 54.54
N LYS H 159 56.21 16.22 55.33
CA LYS H 159 55.75 14.86 55.13
C LYS H 159 54.28 14.72 55.51
N SER H 160 53.65 13.67 54.97
CA SER H 160 52.25 13.44 55.25
C SER H 160 52.07 12.73 56.59
N SER H 161 53.17 12.22 57.16
CA SER H 161 53.10 11.67 58.51
C SER H 161 52.91 12.76 59.55
N ASP H 162 53.52 13.93 59.31
CA ASP H 162 53.49 14.98 60.32
C ASP H 162 52.21 15.79 60.26
N GLU H 163 51.49 15.72 59.13
CA GLU H 163 50.20 16.39 59.07
C GLU H 163 49.17 15.70 59.94
N LYS H 164 49.39 14.42 60.24
CA LYS H 164 48.55 13.75 61.24
C LYS H 164 48.81 14.32 62.63
N ARG H 165 50.07 14.52 62.98
CA ARG H 165 50.42 14.93 64.34
C ARG H 165 50.00 16.36 64.63
N ILE H 166 50.11 17.25 63.65
CA ILE H 166 49.68 18.63 63.83
C ILE H 166 48.16 18.70 63.94
N ARG H 167 47.47 17.77 63.28
CA ARG H 167 46.01 17.75 63.38
C ARG H 167 45.54 17.30 64.76
N LYS H 168 46.34 16.48 65.45
CA LYS H 168 45.96 16.05 66.79
C LYS H 168 46.06 17.20 67.78
N VAL H 169 47.07 18.06 67.60
CA VAL H 169 47.21 19.23 68.46
C VAL H 169 46.12 20.25 68.16
N MET H 170 45.64 20.25 66.91
CA MET H 170 44.52 21.13 66.54
C MET H 170 43.23 20.71 67.21
N PHE H 171 43.09 19.43 67.53
CA PHE H 171 41.88 18.96 68.20
C PHE H 171 41.91 19.30 69.68
N ASP H 172 43.10 19.41 70.26
CA ASP H 172 43.21 19.58 71.70
C ASP H 172 42.89 21.00 72.12
N ILE H 173 43.46 21.99 71.41
CA ILE H 173 43.32 23.38 71.79
C ILE H 173 41.90 23.86 71.51
N ILE H 174 41.25 23.28 70.51
CA ILE H 174 39.85 23.61 70.23
C ILE H 174 38.96 23.13 71.36
N GLU H 175 39.22 21.93 71.88
CA GLU H 175 38.42 21.40 72.99
C GLU H 175 38.77 22.10 74.30
N GLU H 176 39.99 22.62 74.42
CA GLU H 176 40.41 23.20 75.69
C GLU H 176 39.99 24.66 75.82
N GLU H 177 40.10 25.42 74.73
CA GLU H 177 39.81 26.85 74.82
C GLU H 177 38.31 27.11 74.81
N LEU H 178 37.53 26.21 74.22
CA LEU H 178 36.09 26.41 74.07
C LEU H 178 35.29 25.25 74.65
N LYS H 179 35.66 24.77 75.84
CA LYS H 179 35.02 23.58 76.38
C LYS H 179 33.60 23.86 76.84
N ASP H 180 33.46 24.67 77.89
CA ASP H 180 32.13 24.98 78.40
C ASP H 180 31.99 26.43 78.85
N GLN H 181 32.89 27.32 78.43
CA GLN H 181 32.79 28.71 78.86
C GLN H 181 31.61 29.40 78.17
N ASP H 182 31.10 30.46 78.81
CA ASP H 182 29.89 31.08 78.34
C ASP H 182 30.20 32.04 77.19
N ILE H 183 29.15 32.73 76.72
CA ILE H 183 29.20 33.49 75.48
C ILE H 183 30.08 34.73 75.63
N SER H 184 30.16 35.27 76.85
CA SER H 184 31.04 36.41 77.11
C SER H 184 32.51 36.01 76.98
N LYS H 185 32.84 34.77 77.36
CA LYS H 185 34.19 34.28 77.16
C LYS H 185 34.36 33.69 75.76
N ILE H 186 33.25 33.40 75.09
CA ILE H 186 33.32 32.84 73.74
C ILE H 186 33.68 33.93 72.74
N MET H 187 32.98 35.07 72.79
CA MET H 187 33.15 36.09 71.77
C MET H 187 34.44 36.86 71.95
N LYS H 188 34.87 37.04 73.20
CA LYS H 188 36.07 37.83 73.44
C LYS H 188 37.33 37.02 73.18
N LYS H 189 37.23 35.69 73.24
CA LYS H 189 38.39 34.87 72.93
C LYS H 189 38.64 34.82 71.44
N LEU H 190 37.60 35.02 70.63
CA LEU H 190 37.78 35.06 69.19
C LEU H 190 38.28 36.42 68.75
N SER H 191 37.79 37.50 69.38
CA SER H 191 38.18 38.85 68.97
C SER H 191 39.61 39.18 69.39
N GLN H 192 40.13 38.47 70.39
CA GLN H 192 41.50 38.71 70.81
C GLN H 192 42.50 37.78 70.14
N GLU H 193 42.03 36.78 69.39
CA GLU H 193 42.86 35.76 68.73
C GLU H 193 43.75 35.03 69.74
N VAL H 194 43.13 34.26 70.62
CA VAL H 194 43.89 33.51 71.61
C VAL H 194 44.23 32.12 71.08
N ILE H 195 43.49 31.65 70.07
CA ILE H 195 43.62 30.26 69.64
C ILE H 195 44.83 30.09 68.74
N GLY H 196 44.92 30.92 67.70
CA GLY H 196 45.94 30.74 66.69
C GLY H 196 47.34 31.05 67.18
N LYS H 197 47.45 31.93 68.17
CA LYS H 197 48.75 32.24 68.73
C LYS H 197 49.23 31.11 69.63
N ASN H 198 48.30 30.50 70.37
CA ASN H 198 48.65 29.37 71.21
C ASN H 198 48.92 28.12 70.39
N ILE H 199 48.26 28.00 69.23
CA ILE H 199 48.47 26.84 68.37
C ILE H 199 49.74 27.01 67.55
N GLU H 200 50.26 28.25 67.47
CA GLU H 200 51.49 28.47 66.75
C GLU H 200 52.70 28.07 67.59
N LYS H 201 52.63 28.28 68.90
CA LYS H 201 53.71 27.88 69.78
C LYS H 201 53.77 26.36 69.92
N ALA H 202 52.60 25.72 70.03
CA ALA H 202 52.57 24.28 70.25
C ALA H 202 52.85 23.51 68.98
N GLY H 203 52.37 24.01 67.83
CA GLY H 203 52.55 23.28 66.59
C GLY H 203 53.96 23.40 66.04
N SER H 204 54.71 24.40 66.49
CA SER H 204 56.03 24.66 65.92
C SER H 204 57.10 23.70 66.42
N ALA H 205 56.76 22.80 67.33
CA ALA H 205 57.76 21.85 67.82
C ALA H 205 58.11 20.82 66.74
N ILE H 206 57.10 20.36 66.00
CA ILE H 206 57.32 19.33 64.99
C ILE H 206 57.84 19.96 63.70
N TYR H 207 57.22 21.05 63.27
CA TYR H 207 57.63 21.77 62.07
C TYR H 207 57.26 23.23 62.26
N PRO H 208 58.12 24.16 61.84
CA PRO H 208 57.82 25.58 62.03
C PRO H 208 56.67 26.03 61.13
N LEU H 209 55.71 26.72 61.74
CA LEU H 209 54.51 27.15 61.04
C LEU H 209 54.44 28.67 61.03
N GLN H 210 53.41 29.17 60.37
CA GLN H 210 53.11 30.60 60.36
C GLN H 210 51.64 30.76 59.99
N ASN H 211 51.14 31.98 60.19
CA ASN H 211 49.89 32.47 59.61
C ASN H 211 48.67 31.70 60.12
N CYS H 212 48.77 31.19 61.34
CA CYS H 212 47.72 30.40 61.95
C CYS H 212 46.53 31.30 62.30
N CYS H 213 45.34 30.90 61.88
CA CYS H 213 44.17 31.74 62.09
C CYS H 213 42.92 30.87 62.11
N VAL H 214 41.79 31.53 62.39
CA VAL H 214 40.48 30.88 62.41
C VAL H 214 39.69 31.43 61.23
N ILE H 215 39.03 30.55 60.48
CA ILE H 215 38.33 31.01 59.27
C ILE H 215 36.87 31.31 59.58
N LYS H 216 36.15 30.35 60.14
CA LYS H 216 34.70 30.46 60.20
C LYS H 216 34.20 29.79 61.48
N VAL H 217 33.05 30.25 61.95
CA VAL H 217 32.37 29.64 63.09
C VAL H 217 30.91 29.44 62.72
N LYS H 218 30.45 28.20 62.80
CA LYS H 218 29.10 27.83 62.41
C LYS H 218 28.33 27.31 63.61
N THR H 219 27.04 27.64 63.65
CA THR H 219 26.15 27.17 64.71
C THR H 219 25.36 25.99 64.16
N VAL H 220 25.26 24.92 64.94
CA VAL H 220 24.56 23.73 64.47
C VAL H 220 23.08 23.82 64.82
N LYS H 221 22.76 23.89 66.11
CA LYS H 221 21.38 23.92 66.56
C LYS H 221 21.19 25.07 67.55
N LYS H 222 19.96 25.57 67.61
CA LYS H 222 19.68 26.80 68.33
C LYS H 222 19.57 26.55 69.83
N ALA H 223 19.73 27.61 70.60
CA ALA H 223 19.61 27.56 72.05
C ALA H 223 18.16 27.86 72.44
N ARG H 224 17.65 27.10 73.41
CA ARG H 224 16.29 27.26 73.88
C ARG H 224 16.10 28.54 74.69
N MET I 1 -48.42 -0.10 -11.47
CA MET I 1 -49.27 -0.94 -12.29
C MET I 1 -48.46 -1.82 -13.24
N ALA I 2 -49.16 -2.43 -14.19
CA ALA I 2 -48.54 -3.24 -15.24
C ALA I 2 -48.26 -2.42 -16.49
N LYS I 3 -48.12 -1.11 -16.35
CA LYS I 3 -48.14 -0.13 -17.45
C LYS I 3 -49.38 -0.36 -18.32
N LYS I 4 -50.54 -0.15 -17.72
CA LYS I 4 -51.79 -0.45 -18.42
C LYS I 4 -52.11 0.61 -19.45
N LYS I 5 -53.24 0.41 -20.13
CA LYS I 5 -53.69 1.34 -21.15
C LYS I 5 -54.09 2.66 -20.53
N ASN I 6 -53.68 3.76 -21.16
CA ASN I 6 -53.89 5.07 -20.58
C ASN I 6 -55.35 5.48 -20.67
N GLY I 7 -55.93 5.45 -21.87
CA GLY I 7 -57.34 5.76 -22.03
C GLY I 7 -57.72 6.04 -23.47
N THR I 8 -58.92 5.64 -23.87
CA THR I 8 -59.37 5.82 -25.25
C THR I 8 -60.65 6.62 -25.28
N LEU I 9 -61.12 6.93 -26.48
CA LEU I 9 -62.38 7.61 -26.68
C LEU I 9 -63.40 6.79 -27.45
N ALA I 10 -63.25 5.47 -27.47
CA ALA I 10 -64.18 4.64 -28.22
C ALA I 10 -65.53 4.60 -27.51
N ASN I 11 -66.58 4.43 -28.32
CA ASN I 11 -68.01 4.51 -28.03
C ASN I 11 -68.40 5.65 -27.09
N LYS I 12 -67.77 6.81 -27.21
CA LYS I 12 -68.36 8.01 -26.63
C LYS I 12 -69.57 8.45 -27.44
N ASN I 13 -69.50 8.29 -28.76
CA ASN I 13 -70.62 8.67 -29.62
C ASN I 13 -71.78 7.70 -29.49
N TYR I 14 -71.49 6.45 -29.14
CA TYR I 14 -72.55 5.46 -29.02
C TYR I 14 -73.36 5.66 -27.76
N LYS I 15 -72.70 6.10 -26.68
CA LYS I 15 -73.41 6.29 -25.41
C LYS I 15 -74.25 7.56 -25.44
N ASP I 16 -73.88 8.52 -26.29
CA ASP I 16 -74.61 9.78 -26.34
C ASP I 16 -75.98 9.60 -26.98
N HIS I 17 -76.03 8.94 -28.14
CA HIS I 17 -77.25 8.83 -28.92
C HIS I 17 -78.17 7.71 -28.45
N ARG I 18 -78.01 7.22 -27.23
CA ARG I 18 -78.89 6.17 -26.73
C ARG I 18 -80.28 6.73 -26.45
N ASN I 19 -80.35 7.87 -25.77
CA ASN I 19 -81.62 8.53 -25.49
C ASN I 19 -81.85 9.77 -26.34
N GLY I 20 -81.22 9.85 -27.50
CA GLY I 20 -81.29 11.04 -28.32
C GLY I 20 -80.44 12.16 -27.76
N ILE I 21 -80.50 13.31 -28.42
CA ILE I 21 -79.81 14.51 -27.98
C ILE I 21 -80.84 15.61 -27.83
N LYS I 22 -81.03 16.08 -26.59
CA LYS I 22 -82.05 17.07 -26.31
C LYS I 22 -81.52 18.46 -26.58
N ARG I 23 -82.38 19.32 -27.12
CA ARG I 23 -82.02 20.71 -27.40
C ARG I 23 -82.72 21.61 -26.39
N GLN I 24 -81.92 22.24 -25.51
CA GLN I 24 -82.47 23.07 -24.46
C GLN I 24 -83.04 24.36 -25.03
N LYS I 25 -84.32 24.59 -24.77
CA LYS I 25 -85.08 25.65 -25.42
C LYS I 25 -84.71 27.00 -24.82
N ILE I 26 -84.21 27.92 -25.66
CA ILE I 26 -84.09 29.30 -25.27
C ILE I 26 -85.48 29.88 -25.09
N GLY I 27 -85.70 30.56 -23.98
CA GLY I 27 -87.01 31.08 -23.68
C GLY I 27 -87.35 32.32 -24.47
N LYS I 28 -88.20 33.15 -23.88
CA LYS I 28 -88.47 34.46 -24.42
C LYS I 28 -87.25 35.34 -24.24
N LEU I 29 -86.98 36.19 -25.23
CA LEU I 29 -85.87 37.13 -25.13
C LEU I 29 -86.17 38.21 -24.10
N LEU I 30 -85.15 39.00 -23.78
CA LEU I 30 -85.09 40.02 -22.72
C LEU I 30 -85.28 39.39 -21.34
N GLU I 31 -85.04 38.09 -21.18
CA GLU I 31 -85.16 37.41 -19.90
C GLU I 31 -83.89 36.66 -19.52
N LEU I 32 -82.97 36.50 -20.46
CA LEU I 32 -81.71 35.86 -20.18
C LEU I 32 -80.85 36.75 -19.28
N PRO I 33 -79.97 36.18 -18.46
CA PRO I 33 -79.16 37.00 -17.57
C PRO I 33 -78.13 37.82 -18.34
N GLY I 34 -78.05 39.10 -18.00
CA GLY I 34 -77.10 40.00 -18.60
C GLY I 34 -77.67 41.17 -19.36
N VAL I 35 -78.97 41.44 -19.24
CA VAL I 35 -79.56 42.57 -19.93
C VAL I 35 -79.07 43.88 -19.29
N ASN I 36 -78.97 44.92 -20.12
CA ASN I 36 -78.56 46.25 -19.68
C ASN I 36 -79.48 46.79 -18.59
N GLN I 37 -78.89 47.21 -17.47
CA GLN I 37 -79.68 47.64 -16.33
C GLN I 37 -80.40 48.94 -16.60
N LYS I 38 -79.78 49.83 -17.38
CA LYS I 38 -80.43 51.09 -17.74
C LYS I 38 -81.61 50.84 -18.65
N PHE I 39 -81.51 49.82 -19.50
CA PHE I 39 -82.60 49.49 -20.40
C PHE I 39 -83.77 48.85 -19.65
N LEU I 40 -83.47 48.15 -18.55
CA LEU I 40 -84.54 47.43 -17.85
C LEU I 40 -85.36 48.35 -16.97
N ARG I 41 -84.73 49.38 -16.40
CA ARG I 41 -85.46 50.29 -15.51
C ARG I 41 -86.49 51.09 -16.28
N ASN I 42 -86.17 51.48 -17.52
CA ASN I 42 -87.13 52.22 -18.32
C ASN I 42 -88.25 51.32 -18.80
N MET I 43 -87.97 50.02 -18.96
CA MET I 43 -88.99 49.08 -19.35
C MET I 43 -89.99 48.86 -18.23
N LYS I 44 -89.53 48.89 -16.98
CA LYS I 44 -90.40 48.75 -15.83
C LYS I 44 -91.32 49.96 -15.67
N TYR I 45 -90.78 51.16 -15.88
CA TYR I 45 -91.58 52.37 -15.73
C TYR I 45 -92.62 52.50 -16.82
N ALA I 46 -92.35 51.93 -18.00
CA ALA I 46 -93.28 52.06 -19.11
C ALA I 46 -94.47 51.14 -18.95
N ARG I 47 -94.35 50.11 -18.11
CA ARG I 47 -95.44 49.16 -17.97
C ARG I 47 -96.40 49.59 -16.87
N GLU I 48 -95.92 50.31 -15.86
CA GLU I 48 -96.78 50.73 -14.76
C GLU I 48 -97.74 51.81 -15.21
N GLY I 49 -97.25 52.79 -15.99
CA GLY I 49 -98.13 53.84 -16.48
C GLY I 49 -99.09 53.34 -17.55
N LEU I 50 -98.78 52.20 -18.15
CA LEU I 50 -99.71 51.55 -19.05
C LEU I 50 -100.95 51.07 -18.32
N LYS I 51 -100.78 50.14 -17.39
CA LYS I 51 -101.88 49.64 -16.58
C LYS I 51 -101.88 50.29 -15.19
N PHE J 12 98.14 5.31 43.27
CA PHE J 12 96.78 5.01 42.84
C PHE J 12 96.72 3.63 42.21
N ASP J 13 96.65 2.60 43.06
CA ASP J 13 96.64 1.21 42.63
C ASP J 13 95.30 0.59 42.98
N LEU J 14 94.75 -0.20 42.06
CA LEU J 14 93.53 -0.94 42.36
C LEU J 14 93.82 -2.16 43.20
N ALA J 15 94.99 -2.78 43.02
CA ALA J 15 95.33 -3.97 43.79
C ALA J 15 95.72 -3.61 45.21
N PHE J 16 96.20 -2.40 45.42
CA PHE J 16 96.60 -1.93 46.75
C PHE J 16 95.86 -0.63 47.05
N PRO J 17 94.70 -0.71 47.71
CA PRO J 17 93.95 0.52 47.97
C PRO J 17 94.54 1.31 49.12
N THR J 18 94.26 2.62 49.09
CA THR J 18 94.64 3.49 50.19
C THR J 18 93.45 3.70 51.12
N GLU J 19 93.73 4.29 52.28
CA GLU J 19 92.77 4.30 53.38
C GLU J 19 91.58 5.20 53.10
N GLU J 20 91.75 6.18 52.20
CA GLU J 20 90.61 7.00 51.82
C GLU J 20 89.69 6.26 50.85
N GLN J 21 90.27 5.43 49.98
CA GLN J 21 89.48 4.67 49.03
C GLN J 21 88.72 3.55 49.72
N ILE J 22 89.21 3.10 50.87
CA ILE J 22 88.44 2.17 51.69
C ILE J 22 87.24 2.88 52.31
N LYS J 23 87.41 4.17 52.65
CA LYS J 23 86.31 4.91 53.28
C LYS J 23 85.26 5.30 52.26
N LYS J 24 85.57 5.22 50.97
CA LYS J 24 84.59 5.57 49.95
C LYS J 24 83.73 4.38 49.56
N THR J 25 84.30 3.17 49.57
CA THR J 25 83.65 2.03 48.96
C THR J 25 82.52 1.48 49.84
N HIS J 26 81.66 0.67 49.21
CA HIS J 26 80.64 -0.07 49.92
C HIS J 26 81.26 -1.25 50.66
N LYS J 27 80.53 -1.78 51.64
CA LYS J 27 81.08 -2.84 52.48
C LYS J 27 81.10 -4.18 51.74
N THR J 28 80.30 -4.31 50.69
CA THR J 28 80.30 -5.55 49.93
C THR J 28 81.32 -5.52 48.79
N LYS J 29 81.60 -4.35 48.23
CA LYS J 29 82.48 -4.22 47.09
C LYS J 29 83.89 -3.81 47.46
N ASN J 30 84.38 -4.23 48.63
CA ASN J 30 85.77 -4.03 48.98
C ASN J 30 86.64 -5.09 48.33
N LEU J 31 87.94 -4.94 48.47
CA LEU J 31 88.85 -5.98 47.99
C LEU J 31 88.80 -7.19 48.91
N TYR J 32 88.74 -6.96 50.22
CA TYR J 32 88.70 -8.03 51.22
C TYR J 32 87.45 -7.87 52.07
N ALA J 33 86.69 -8.95 52.20
CA ALA J 33 85.43 -8.91 52.92
C ALA J 33 85.67 -8.87 54.43
N VAL J 34 85.34 -7.75 55.06
CA VAL J 34 85.37 -7.63 56.51
C VAL J 34 84.05 -7.01 56.97
N PRO J 35 83.35 -7.63 57.91
CA PRO J 35 82.09 -7.05 58.38
C PRO J 35 82.29 -5.84 59.28
N THR J 36 81.19 -5.28 59.75
CA THR J 36 81.22 -4.10 60.59
C THR J 36 80.43 -4.27 61.88
N GLY J 37 80.38 -5.48 62.43
CA GLY J 37 79.68 -5.73 63.68
C GLY J 37 80.66 -6.28 64.72
N TYR J 38 80.54 -5.79 65.94
CA TYR J 38 81.39 -6.21 67.03
C TYR J 38 80.59 -6.30 68.31
N PHE J 39 81.19 -6.90 69.33
CA PHE J 39 80.56 -7.04 70.64
C PHE J 39 81.23 -6.13 71.66
N MET J 40 80.42 -5.63 72.59
CA MET J 40 80.86 -4.58 73.49
C MET J 40 80.32 -4.86 74.88
N GLN J 41 80.87 -4.15 75.87
CA GLN J 41 80.45 -4.26 77.25
C GLN J 41 80.12 -2.87 77.78
N VAL J 42 78.91 -2.72 78.32
CA VAL J 42 78.37 -1.42 78.72
C VAL J 42 78.42 -1.34 80.24
N LEU J 43 78.82 -0.18 80.77
CA LEU J 43 78.93 0.04 82.19
C LEU J 43 77.85 1.02 82.64
N CYS J 44 77.07 0.63 83.65
CA CYS J 44 76.01 1.47 84.17
C CYS J 44 76.60 2.65 84.96
N ASP J 45 75.77 3.67 85.18
CA ASP J 45 76.27 4.90 85.79
C ASP J 45 76.10 4.89 87.30
N GLY J 46 74.91 4.55 87.79
CA GLY J 46 74.68 4.53 89.22
C GLY J 46 75.25 3.28 89.86
N CYS J 47 74.71 2.12 89.50
CA CYS J 47 75.27 0.84 89.91
C CYS J 47 76.44 0.53 89.00
N LYS J 48 77.25 -0.46 89.38
CA LYS J 48 78.36 -0.88 88.53
C LYS J 48 78.12 -2.32 88.06
N GLY J 49 77.38 -2.43 86.97
CA GLY J 49 77.17 -3.69 86.32
C GLY J 49 77.60 -3.65 84.87
N VAL J 50 78.20 -4.74 84.38
CA VAL J 50 78.57 -4.87 82.99
C VAL J 50 77.60 -5.81 82.31
N THR J 51 77.49 -5.70 80.98
CA THR J 51 76.53 -6.46 80.20
C THR J 51 77.10 -6.64 78.79
N LEU J 52 76.97 -7.86 78.26
CA LEU J 52 77.35 -8.12 76.89
C LEU J 52 76.33 -7.51 75.95
N CYS J 53 76.81 -6.93 74.84
CA CYS J 53 75.95 -6.23 73.90
C CYS J 53 76.51 -6.35 72.49
N TYR J 54 75.84 -5.71 71.55
CA TYR J 54 76.15 -5.79 70.13
C TYR J 54 76.22 -4.38 69.54
N SER J 55 76.86 -4.27 68.38
CA SER J 55 76.98 -2.98 67.70
C SER J 55 75.62 -2.49 67.22
N HIS J 56 74.92 -3.30 66.43
CA HIS J 56 73.60 -2.94 65.91
C HIS J 56 72.60 -3.93 66.49
N SER J 57 72.14 -3.65 67.71
CA SER J 57 71.23 -4.56 68.36
C SER J 57 69.82 -4.39 67.82
N GLN J 58 69.05 -5.48 67.83
CA GLN J 58 67.69 -5.48 67.32
C GLN J 58 66.66 -5.47 68.43
N ARG J 59 67.09 -5.46 69.69
CA ARG J 59 66.16 -5.48 70.81
C ARG J 59 66.74 -4.67 71.96
N ASP J 60 65.88 -4.38 72.93
CA ASP J 60 66.23 -3.56 74.07
C ASP J 60 66.93 -4.42 75.11
N MET J 61 68.18 -4.07 75.42
CA MET J 61 68.89 -4.70 76.51
C MET J 61 68.65 -3.92 77.80
N ASN J 62 68.80 -4.62 78.93
CA ASN J 62 68.60 -4.00 80.24
C ASN J 62 69.86 -4.18 81.08
N CYS J 63 69.99 -3.32 82.08
CA CYS J 63 71.10 -3.43 83.01
C CYS J 63 70.90 -4.63 83.92
N LYS J 64 72.02 -5.21 84.39
CA LYS J 64 71.95 -6.46 85.14
C LYS J 64 71.28 -6.27 86.49
N GLY J 65 71.89 -5.49 87.38
CA GLY J 65 71.21 -4.90 88.51
C GLY J 65 70.56 -3.62 88.00
N CYS J 66 69.59 -3.10 88.74
CA CYS J 66 68.78 -1.92 88.42
C CYS J 66 68.22 -1.97 86.99
N GLY J 67 67.34 -2.95 86.77
CA GLY J 67 66.77 -3.21 85.46
C GLY J 67 66.01 -2.05 84.84
N GLU J 68 66.59 -1.45 83.80
CA GLU J 68 66.06 -0.25 83.18
C GLU J 68 66.60 -0.16 81.76
N THR J 69 66.29 0.94 81.09
CA THR J 69 66.69 1.10 79.70
C THR J 69 68.19 1.38 79.59
N ILE J 70 68.85 0.65 78.70
CA ILE J 70 70.25 0.90 78.38
C ILE J 70 70.48 1.14 76.89
N LEU J 71 70.07 0.22 76.02
CA LEU J 71 70.13 0.41 74.58
C LEU J 71 68.72 0.63 74.06
N LYS J 72 68.60 0.86 72.74
CA LYS J 72 67.31 0.88 72.07
C LYS J 72 67.50 0.62 70.59
N SER J 73 66.48 0.02 69.98
CA SER J 73 66.57 -0.38 68.58
C SER J 73 66.34 0.82 67.67
N THR J 74 67.23 0.97 66.69
CA THR J 74 67.15 2.06 65.73
C THR J 74 67.41 1.51 64.34
N GLY J 75 67.41 2.41 63.36
CA GLY J 75 67.70 2.00 62.00
C GLY J 75 69.18 1.72 61.77
N GLY J 76 70.05 2.35 62.56
CA GLY J 76 71.48 2.18 62.38
C GLY J 76 72.19 1.61 63.59
N LYS J 77 73.15 2.36 64.12
CA LYS J 77 73.83 1.95 65.33
C LYS J 77 72.90 2.05 66.54
N ALA J 78 73.23 1.31 67.59
CA ALA J 78 72.39 1.29 68.77
C ALA J 78 72.58 2.56 69.58
N ARG J 79 71.48 3.08 70.11
CA ARG J 79 71.53 4.30 70.90
C ARG J 79 71.72 3.99 72.38
N LEU J 80 72.72 4.62 72.98
CA LEU J 80 73.03 4.47 74.40
C LEU J 80 72.28 5.53 75.17
N ILE J 81 71.44 5.11 76.11
CA ILE J 81 70.64 6.02 76.91
C ILE J 81 71.41 6.36 78.18
N GLY J 82 71.67 7.64 78.40
CA GLY J 82 72.42 8.08 79.55
C GLY J 82 73.92 7.98 79.31
N GLU J 83 74.68 8.27 80.35
CA GLU J 83 76.14 8.23 80.29
C GLU J 83 76.60 6.84 80.68
N CYS J 84 76.86 6.01 79.68
CA CYS J 84 77.26 4.61 79.89
C CYS J 84 78.42 4.32 78.93
N ALA J 85 79.64 4.31 79.47
CA ALA J 85 80.81 4.11 78.61
C ALA J 85 80.98 2.64 78.28
N PHE J 86 81.52 2.38 77.08
CA PHE J 86 81.70 1.02 76.57
C PHE J 86 83.05 0.89 75.87
N LYS J 87 83.40 -0.34 75.51
CA LYS J 87 84.57 -0.64 74.71
C LYS J 87 84.41 -1.99 74.04
N LYS J 88 85.15 -2.18 72.95
CA LYS J 88 85.11 -3.45 72.23
C LYS J 88 85.97 -4.49 72.93
N VAL J 89 85.56 -5.74 72.80
CA VAL J 89 86.29 -6.88 73.34
C VAL J 89 86.71 -7.76 72.17
N ASP J 90 87.69 -8.62 72.41
CA ASP J 90 88.26 -9.44 71.35
C ASP J 90 88.71 -10.78 71.88
N TYR J 91 89.54 -11.46 71.09
CA TYR J 91 90.12 -12.73 71.50
C TYR J 91 91.19 -12.51 72.55
N SER J 92 91.17 -13.37 73.58
CA SER J 92 92.18 -13.36 74.64
C SER J 92 92.56 -14.82 74.89
N PHE J 93 93.55 -15.30 74.16
CA PHE J 93 93.94 -16.70 74.22
C PHE J 93 95.12 -16.91 75.17
N SER K 3 -135.44 0.06 16.25
CA SER K 3 -136.88 -0.04 16.48
C SER K 3 -137.16 -0.19 17.97
N LYS K 4 -138.00 -1.16 18.31
CA LYS K 4 -138.34 -1.45 19.70
C LYS K 4 -137.90 -2.86 20.03
N ILE K 5 -137.22 -3.00 21.18
CA ILE K 5 -136.54 -4.22 21.55
C ILE K 5 -137.17 -4.76 22.83
N ASN K 6 -137.64 -6.01 22.78
CA ASN K 6 -138.31 -6.61 23.92
C ASN K 6 -137.34 -6.96 25.03
N ILE K 7 -137.80 -6.80 26.26
CA ILE K 7 -137.06 -7.20 27.45
C ILE K 7 -137.72 -8.45 27.99
N TYR K 8 -137.03 -9.59 27.91
CA TYR K 8 -137.56 -10.84 28.41
C TYR K 8 -137.16 -11.03 29.86
N GLU K 9 -138.06 -11.56 30.67
CA GLU K 9 -137.72 -11.89 32.04
C GLU K 9 -137.03 -13.26 32.10
N LEU K 10 -136.87 -13.77 33.32
CA LEU K 10 -136.08 -14.98 33.52
C LEU K 10 -136.84 -16.22 33.05
N ASP K 11 -138.16 -16.14 32.96
CA ASP K 11 -138.96 -17.33 32.66
C ASP K 11 -138.86 -17.68 31.19
N GLY K 12 -138.83 -16.68 30.33
CA GLY K 12 -139.03 -16.92 28.92
C GLY K 12 -140.47 -16.66 28.51
N ASN K 13 -140.59 -15.96 27.37
CA ASN K 13 -141.86 -15.54 26.78
C ASN K 13 -142.68 -14.66 27.72
N THR K 14 -142.02 -13.72 28.38
CA THR K 14 -142.66 -12.67 29.16
C THR K 14 -142.00 -11.34 28.84
N VAL K 15 -142.77 -10.45 28.23
CA VAL K 15 -142.27 -9.16 27.77
C VAL K 15 -142.34 -8.21 28.95
N LYS K 16 -141.19 -7.70 29.38
CA LYS K 16 -141.16 -6.79 30.52
C LYS K 16 -141.35 -5.35 30.08
N SER K 17 -140.57 -4.90 29.11
CA SER K 17 -140.62 -3.54 28.60
C SER K 17 -140.00 -3.50 27.22
N THR K 18 -139.94 -2.31 26.63
CA THR K 18 -139.36 -2.10 25.32
C THR K 18 -138.47 -0.87 25.34
N VAL K 19 -137.34 -0.93 24.65
CA VAL K 19 -136.38 0.17 24.57
C VAL K 19 -136.03 0.40 23.11
N ASN K 20 -135.38 1.53 22.84
CA ASN K 20 -135.06 1.91 21.47
C ASN K 20 -133.64 1.46 21.13
N LEU K 21 -133.36 1.39 19.82
CA LEU K 21 -132.09 0.87 19.37
C LEU K 21 -130.99 1.93 19.52
N PRO K 22 -129.85 1.57 20.12
CA PRO K 22 -128.93 2.61 20.64
C PRO K 22 -128.00 3.23 19.60
N ASP K 23 -128.28 3.09 18.30
CA ASP K 23 -127.63 3.78 17.17
C ASP K 23 -126.19 3.36 16.92
N VAL K 24 -125.62 2.46 17.72
CA VAL K 24 -124.31 1.93 17.40
C VAL K 24 -124.44 0.88 16.30
N PHE K 25 -125.63 0.31 16.15
CA PHE K 25 -125.81 -0.81 15.23
C PHE K 25 -126.01 -0.33 13.80
N SER K 26 -126.04 0.99 13.57
CA SER K 26 -126.26 1.48 12.21
C SER K 26 -124.95 1.79 11.50
N VAL K 27 -123.81 1.40 12.05
CA VAL K 27 -122.53 1.73 11.43
C VAL K 27 -122.21 0.72 10.35
N ASP K 28 -121.70 1.20 9.21
CA ASP K 28 -121.25 0.32 8.15
C ASP K 28 -119.99 -0.43 8.57
N ILE K 29 -119.93 -1.70 8.19
CA ILE K 29 -118.90 -2.61 8.68
C ILE K 29 -117.80 -2.73 7.63
N ARG K 30 -116.58 -2.38 8.03
CA ARG K 30 -115.38 -2.61 7.24
C ARG K 30 -114.68 -3.86 7.78
N SER K 31 -114.26 -4.74 6.87
CA SER K 31 -113.66 -5.98 7.33
C SER K 31 -112.16 -5.85 7.51
N ASP K 32 -111.54 -4.86 6.87
CA ASP K 32 -110.09 -4.74 6.93
C ASP K 32 -109.64 -4.12 8.25
N ILE K 33 -110.50 -3.31 8.87
CA ILE K 33 -110.13 -2.66 10.13
C ILE K 33 -110.13 -3.67 11.25
N ILE K 34 -111.14 -4.56 11.28
CA ILE K 34 -111.22 -5.60 12.30
C ILE K 34 -110.09 -6.60 12.12
N GLU K 35 -109.63 -6.80 10.88
CA GLU K 35 -108.54 -7.73 10.65
C GLU K 35 -107.21 -7.16 11.12
N GLN K 36 -107.02 -5.85 10.97
CA GLN K 36 -105.72 -5.27 11.29
C GLN K 36 -105.57 -5.01 12.77
N VAL K 37 -106.65 -4.60 13.43
CA VAL K 37 -106.58 -4.28 14.86
C VAL K 37 -106.42 -5.56 15.67
N HIS K 38 -107.12 -6.61 15.28
CA HIS K 38 -107.03 -7.88 16.00
C HIS K 38 -105.67 -8.53 15.80
N SER K 39 -105.07 -8.38 14.63
CA SER K 39 -103.77 -8.99 14.38
C SER K 39 -102.65 -8.20 15.06
N LEU K 40 -102.90 -6.93 15.38
CA LEU K 40 -101.86 -6.11 16.00
C LEU K 40 -101.96 -6.12 17.51
N GLU K 41 -103.19 -6.13 18.04
CA GLU K 41 -103.36 -6.14 19.48
C GLU K 41 -103.04 -7.49 20.09
N ARG K 42 -103.01 -8.53 19.26
CA ARG K 42 -102.65 -9.86 19.71
C ARG K 42 -101.17 -9.94 20.08
N LEU K 43 -100.33 -9.20 19.38
CA LEU K 43 -98.89 -9.34 19.54
C LEU K 43 -98.38 -8.70 20.82
N ASN K 44 -99.24 -7.97 21.54
CA ASN K 44 -98.77 -7.28 22.73
C ASN K 44 -98.72 -8.20 23.94
N LEU K 45 -99.33 -9.38 23.84
CA LEU K 45 -99.45 -10.29 24.98
C LEU K 45 -98.42 -11.43 24.86
N ARG K 46 -97.15 -11.05 24.87
CA ARG K 46 -96.09 -12.02 24.62
C ARG K 46 -94.99 -11.87 25.67
N GLN K 47 -94.28 -12.99 25.89
CA GLN K 47 -93.15 -13.01 26.81
C GLN K 47 -91.87 -13.19 26.02
N PRO K 48 -90.79 -12.53 26.41
CA PRO K 48 -89.57 -12.60 25.61
C PRO K 48 -88.84 -13.93 25.76
N TYR K 49 -88.34 -14.43 24.63
CA TYR K 49 -87.53 -15.64 24.60
C TYR K 49 -86.19 -15.33 23.96
N ALA K 50 -85.13 -15.94 24.47
CA ALA K 50 -83.80 -15.70 23.96
C ALA K 50 -82.89 -16.88 24.23
N VAL K 51 -81.85 -17.00 23.41
CA VAL K 51 -80.80 -17.97 23.67
C VAL K 51 -79.80 -17.38 24.65
N SER K 52 -79.13 -18.25 25.40
CA SER K 52 -78.17 -17.81 26.41
C SER K 52 -76.97 -17.12 25.76
N PRO K 53 -76.42 -16.09 26.41
CA PRO K 53 -75.30 -15.38 25.78
C PRO K 53 -73.99 -16.15 25.81
N ASN K 54 -73.77 -16.95 26.85
CA ASN K 54 -72.47 -17.59 27.01
C ASN K 54 -72.38 -18.87 26.20
N ALA K 55 -73.47 -19.31 25.60
CA ALA K 55 -73.55 -20.64 25.03
C ALA K 55 -72.75 -20.75 23.75
N GLY K 56 -71.78 -21.67 23.75
CA GLY K 56 -70.97 -21.92 22.59
C GLY K 56 -69.56 -21.37 22.65
N MET K 57 -69.31 -20.36 23.49
CA MET K 57 -68.03 -19.66 23.50
C MET K 57 -67.23 -19.95 24.76
N GLN K 58 -67.35 -21.15 25.34
CA GLN K 58 -66.77 -21.37 26.66
C GLN K 58 -65.30 -21.72 26.57
N HIS K 59 -64.87 -22.30 25.46
CA HIS K 59 -63.51 -22.82 25.39
C HIS K 59 -62.51 -21.71 25.09
N SER K 60 -61.27 -22.13 24.87
CA SER K 60 -60.17 -21.21 24.60
C SER K 60 -59.40 -21.59 23.34
N ALA K 61 -60.11 -21.86 22.26
CA ALA K 61 -59.48 -22.38 21.05
C ALA K 61 -58.74 -21.29 20.29
N VAL K 62 -57.90 -21.73 19.35
CA VAL K 62 -57.13 -20.84 18.49
C VAL K 62 -56.78 -21.64 17.23
N SER K 63 -56.69 -20.94 16.11
CA SER K 63 -56.34 -21.59 14.85
C SER K 63 -54.88 -22.03 14.84
N TRP K 64 -54.63 -23.15 14.16
CA TRP K 64 -53.27 -23.69 14.12
C TRP K 64 -52.46 -23.07 12.99
N GLY K 65 -53.12 -22.65 11.92
CA GLY K 65 -52.45 -22.05 10.79
C GLY K 65 -52.34 -23.01 9.62
N THR K 66 -51.65 -22.55 8.59
CA THR K 66 -51.46 -23.36 7.40
C THR K 66 -50.17 -24.17 7.50
N GLY K 67 -49.99 -25.05 6.52
CA GLY K 67 -48.80 -25.88 6.46
C GLY K 67 -48.94 -27.25 7.06
N ARG K 68 -50.17 -27.69 7.37
CA ARG K 68 -50.39 -28.96 8.05
C ARG K 68 -51.37 -29.87 7.32
N ALA K 69 -51.79 -29.50 6.10
CA ALA K 69 -52.84 -30.18 5.34
C ALA K 69 -54.12 -30.32 6.15
N ILE K 70 -54.67 -29.17 6.58
CA ILE K 70 -55.82 -29.12 7.45
C ILE K 70 -56.49 -27.76 7.25
N ALA K 71 -57.74 -27.64 7.68
CA ALA K 71 -58.47 -26.41 7.44
C ALA K 71 -58.01 -25.28 8.37
N ARG K 72 -58.62 -24.11 8.20
CA ARG K 72 -58.17 -22.92 8.91
C ARG K 72 -58.98 -22.70 10.19
N CYS K 73 -60.07 -23.43 10.36
CA CYS K 73 -61.03 -23.16 11.43
C CYS K 73 -60.42 -23.47 12.80
N PRO K 74 -60.89 -22.84 13.87
CA PRO K 74 -60.22 -22.99 15.16
C PRO K 74 -60.36 -24.39 15.75
N ARG K 75 -59.24 -24.90 16.26
CA ARG K 75 -59.13 -26.25 16.79
C ARG K 75 -59.02 -26.21 18.30
N ILE K 76 -59.61 -27.21 18.97
CA ILE K 76 -59.49 -27.30 20.42
C ILE K 76 -58.11 -27.81 20.78
N GLY K 77 -57.39 -27.05 21.59
CA GLY K 77 -56.07 -27.43 22.02
C GLY K 77 -56.11 -28.41 23.17
N GLY K 78 -54.92 -28.74 23.65
CA GLY K 78 -54.80 -29.68 24.75
C GLY K 78 -54.36 -31.05 24.30
N GLY K 79 -54.93 -32.06 24.93
CA GLY K 79 -54.67 -33.43 24.54
C GLY K 79 -55.29 -34.39 25.53
N GLY K 80 -55.21 -35.67 25.18
CA GLY K 80 -55.56 -36.72 26.10
C GLY K 80 -56.97 -37.28 25.98
N SER K 81 -57.74 -36.86 24.97
CA SER K 81 -59.08 -37.38 24.81
C SER K 81 -59.46 -37.32 23.34
N ARG K 82 -60.70 -37.73 23.05
CA ARG K 82 -61.19 -37.67 21.67
C ARG K 82 -61.58 -36.25 21.30
N ARG K 83 -61.76 -35.38 22.29
CA ARG K 83 -62.23 -34.04 22.03
C ARG K 83 -61.14 -33.17 21.43
N SER K 84 -59.90 -33.40 21.85
CA SER K 84 -58.80 -32.51 21.48
C SER K 84 -58.43 -32.66 20.02
N GLY K 85 -58.49 -31.56 19.28
CA GLY K 85 -58.26 -31.56 17.86
C GLY K 85 -59.50 -31.31 17.03
N GLN K 86 -60.65 -31.06 17.66
CA GLN K 86 -61.87 -30.83 16.92
C GLN K 86 -62.13 -29.33 16.75
N GLY K 87 -63.05 -29.00 15.87
CA GLY K 87 -63.32 -27.61 15.58
C GLY K 87 -64.23 -26.96 16.60
N ALA K 88 -64.19 -25.63 16.65
CA ALA K 88 -65.01 -24.86 17.57
C ALA K 88 -65.22 -23.45 17.04
N PHE K 89 -66.08 -22.71 17.73
CA PHE K 89 -66.26 -21.26 17.57
C PHE K 89 -66.79 -20.88 16.19
N ALA K 90 -67.67 -21.68 15.63
CA ALA K 90 -68.20 -21.37 14.32
C ALA K 90 -69.61 -21.91 14.19
N ASN K 91 -70.38 -21.33 13.28
CA ASN K 91 -71.75 -21.76 13.12
C ASN K 91 -71.83 -23.09 12.39
N PHE K 92 -70.79 -23.45 11.64
CA PHE K 92 -70.83 -24.72 10.91
C PHE K 92 -70.09 -25.81 11.67
N CYS K 93 -69.68 -25.53 12.90
CA CYS K 93 -69.02 -26.55 13.69
C CYS K 93 -70.00 -27.17 14.69
N ARG K 94 -69.79 -28.45 14.98
CA ARG K 94 -70.61 -29.14 15.97
C ARG K 94 -70.27 -28.65 17.36
N LYS K 95 -71.32 -28.43 18.17
CA LYS K 95 -71.25 -27.81 19.49
C LYS K 95 -70.60 -26.43 19.42
N GLY K 96 -70.97 -25.66 18.40
CA GLY K 96 -70.54 -24.28 18.27
C GLY K 96 -71.75 -23.36 18.25
N ARG K 97 -71.51 -22.09 18.56
CA ARG K 97 -72.61 -21.14 18.64
C ARG K 97 -73.10 -20.78 17.25
N MET K 98 -74.35 -20.34 17.18
CA MET K 98 -74.92 -19.97 15.89
C MET K 98 -74.60 -18.50 15.58
N ALA K 99 -74.47 -18.21 14.29
CA ALA K 99 -74.32 -16.82 13.88
C ALA K 99 -75.65 -16.10 14.02
N HIS K 100 -75.58 -14.81 14.33
CA HIS K 100 -76.71 -13.97 14.69
C HIS K 100 -77.57 -14.58 15.80
N PRO K 101 -77.10 -14.58 17.05
CA PRO K 101 -77.91 -15.14 18.13
C PRO K 101 -79.07 -14.23 18.47
N THR K 102 -80.19 -14.83 18.84
CA THR K 102 -81.38 -14.06 19.18
C THR K 102 -81.17 -13.36 20.51
N THR K 103 -81.97 -12.32 20.75
CA THR K 103 -81.77 -11.47 21.91
C THR K 103 -83.08 -10.86 22.34
N THR K 104 -83.08 -10.29 23.55
CA THR K 104 -84.27 -9.64 24.09
C THR K 104 -84.35 -8.16 23.73
N MET K 105 -83.55 -7.70 22.76
CA MET K 105 -83.67 -6.33 22.29
C MET K 105 -84.83 -6.18 21.31
N ARG K 106 -85.37 -7.28 20.84
CA ARG K 106 -86.37 -7.29 19.78
C ARG K 106 -87.67 -6.64 20.24
N ARG K 107 -88.29 -5.86 19.36
CA ARG K 107 -89.55 -5.21 19.67
C ARG K 107 -90.66 -6.25 19.82
N TRP K 108 -91.31 -6.25 20.98
CA TRP K 108 -92.36 -7.21 21.26
C TRP K 108 -93.75 -6.63 21.10
N CYS K 109 -93.90 -5.30 21.09
CA CYS K 109 -95.21 -4.67 21.10
C CYS K 109 -95.29 -3.65 19.98
N ARG K 110 -96.50 -3.43 19.47
CA ARG K 110 -96.77 -2.44 18.44
C ARG K 110 -97.58 -1.30 19.03
N LYS K 111 -97.76 -0.25 18.25
CA LYS K 111 -98.46 0.95 18.70
C LYS K 111 -99.56 1.30 17.71
N ILE K 112 -100.80 1.38 18.21
CA ILE K 112 -101.96 1.64 17.38
C ILE K 112 -102.60 2.95 17.84
N VAL K 113 -103.20 3.67 16.90
CA VAL K 113 -103.83 4.95 17.18
C VAL K 113 -105.08 4.72 18.04
N LEU K 114 -105.34 5.63 18.98
CA LEU K 114 -106.42 5.43 19.94
C LEU K 114 -107.79 5.51 19.29
N ASN K 115 -107.95 6.40 18.30
CA ASN K 115 -109.24 6.56 17.66
C ASN K 115 -109.59 5.37 16.78
N THR K 116 -108.58 4.59 16.37
CA THR K 116 -108.84 3.44 15.53
C THR K 116 -109.27 2.24 16.37
N ARG K 117 -108.78 2.16 17.61
CA ARG K 117 -109.14 1.04 18.48
C ARG K 117 -110.61 1.12 18.90
N ARG K 118 -111.15 2.33 18.98
CA ARG K 118 -112.55 2.46 19.37
C ARG K 118 -113.48 2.20 18.19
N ILE K 119 -112.97 2.33 16.96
CA ILE K 119 -113.79 2.06 15.79
C ILE K 119 -114.02 0.56 15.64
N ALA K 120 -112.97 -0.24 15.86
CA ALA K 120 -113.09 -1.68 15.70
C ALA K 120 -113.97 -2.30 16.78
N LEU K 121 -114.10 -1.64 17.92
CA LEU K 121 -115.09 -2.06 18.90
C LEU K 121 -116.50 -1.71 18.44
N ALA K 122 -116.65 -0.55 17.80
CA ALA K 122 -117.99 -0.11 17.42
C ALA K 122 -118.51 -0.88 16.22
N MET K 123 -117.62 -1.44 15.42
CA MET K 123 -118.07 -2.18 14.24
C MET K 123 -118.43 -3.61 14.58
N SER K 124 -117.63 -4.26 15.42
CA SER K 124 -117.86 -5.67 15.72
C SER K 124 -119.07 -5.85 16.62
N ILE K 125 -119.43 -4.81 17.38
CA ILE K 125 -120.69 -4.85 18.14
C ILE K 125 -121.87 -4.89 17.19
N ALA K 126 -121.80 -4.12 16.10
CA ALA K 126 -122.92 -4.03 15.17
C ALA K 126 -123.06 -5.29 14.34
N ALA K 127 -121.98 -6.07 14.22
CA ALA K 127 -122.05 -7.29 13.42
C ALA K 127 -122.74 -8.40 14.19
N SER K 128 -122.82 -8.29 15.52
CA SER K 128 -123.46 -9.33 16.31
C SER K 128 -124.97 -9.27 16.20
N ALA K 129 -125.51 -8.16 15.66
CA ALA K 129 -126.94 -8.07 15.44
C ALA K 129 -127.31 -8.56 14.04
N LYS K 130 -126.32 -8.72 13.17
CA LYS K 130 -126.60 -9.17 11.80
C LYS K 130 -126.83 -10.67 11.78
N THR K 131 -127.71 -11.11 10.88
CA THR K 131 -128.07 -12.53 10.85
C THR K 131 -126.98 -13.37 10.22
N SER K 132 -126.58 -13.04 8.99
CA SER K 132 -125.69 -13.92 8.23
C SER K 132 -124.26 -13.87 8.76
N PHE K 133 -123.91 -12.82 9.50
CA PHE K 133 -122.59 -12.74 10.11
C PHE K 133 -122.46 -13.74 11.25
N VAL K 134 -123.55 -14.03 11.94
CA VAL K 134 -123.52 -15.03 13.01
C VAL K 134 -123.56 -16.43 12.42
N GLU K 135 -124.35 -16.63 11.37
CA GLU K 135 -124.52 -17.94 10.79
C GLU K 135 -123.26 -18.40 10.05
N SER K 136 -122.49 -17.45 9.51
CA SER K 136 -121.26 -17.82 8.84
C SER K 136 -120.17 -18.16 9.83
N ARG K 137 -120.31 -17.71 11.08
CA ARG K 137 -119.35 -18.05 12.11
C ARG K 137 -119.45 -19.52 12.48
N GLY K 138 -120.67 -20.05 12.51
CA GLY K 138 -120.90 -21.45 12.81
C GLY K 138 -121.83 -21.71 13.96
N HIS K 139 -122.43 -20.68 14.54
CA HIS K 139 -123.36 -20.87 15.63
C HIS K 139 -124.70 -21.40 15.10
N LYS K 140 -125.41 -22.12 15.97
CA LYS K 140 -126.71 -22.67 15.62
C LYS K 140 -127.80 -21.82 16.27
N ILE K 141 -128.35 -20.88 15.50
CA ILE K 141 -129.35 -19.96 16.01
C ILE K 141 -130.69 -20.13 15.29
N GLU K 142 -131.01 -21.36 14.88
CA GLU K 142 -132.24 -21.58 14.13
C GLU K 142 -133.47 -21.44 15.02
N ASN K 143 -133.37 -21.85 16.28
CA ASN K 143 -134.52 -21.84 17.16
C ASN K 143 -134.51 -20.69 18.16
N LEU K 144 -133.53 -19.80 18.07
CA LEU K 144 -133.47 -18.67 19.00
C LEU K 144 -134.55 -17.66 18.67
N LYS K 145 -134.94 -16.87 19.68
CA LYS K 145 -136.16 -16.09 19.57
C LYS K 145 -135.98 -14.86 18.69
N ASN K 146 -135.11 -13.94 19.11
CA ASN K 146 -134.86 -12.73 18.33
C ASN K 146 -133.48 -12.21 18.68
N ILE K 147 -132.84 -11.59 17.70
CA ILE K 147 -131.48 -11.12 17.87
C ILE K 147 -131.41 -9.64 17.50
N PRO K 148 -130.81 -8.78 18.33
CA PRO K 148 -130.21 -8.98 19.64
C PRO K 148 -131.23 -9.24 20.74
N LEU K 149 -130.82 -9.98 21.77
CA LEU K 149 -131.69 -10.37 22.86
C LEU K 149 -131.16 -9.79 24.16
N VAL K 150 -132.06 -9.41 25.05
CA VAL K 150 -131.70 -8.75 26.30
C VAL K 150 -132.62 -9.25 27.42
N VAL K 151 -132.02 -9.90 28.41
CA VAL K 151 -132.74 -10.51 29.52
C VAL K 151 -132.91 -9.51 30.65
N SER K 152 -133.72 -9.85 31.64
CA SER K 152 -133.97 -8.96 32.76
C SER K 152 -132.73 -8.82 33.64
N ASP K 153 -132.76 -7.84 34.53
CA ASP K 153 -131.55 -7.47 35.28
C ASP K 153 -131.31 -8.43 36.43
N ASP K 154 -132.38 -8.98 37.01
CA ASP K 154 -132.29 -9.79 38.22
C ASP K 154 -131.72 -11.17 37.87
N LEU K 155 -130.41 -11.19 37.62
CA LEU K 155 -129.72 -12.38 37.17
C LEU K 155 -128.60 -12.78 38.11
N LYS K 156 -127.97 -11.82 38.78
CA LYS K 156 -126.82 -12.10 39.62
C LYS K 156 -127.20 -12.53 41.03
N LYS K 157 -128.43 -13.00 41.24
CA LYS K 157 -128.79 -13.56 42.53
C LYS K 157 -128.58 -15.07 42.56
N PHE K 158 -128.16 -15.65 41.43
CA PHE K 158 -128.02 -17.09 41.34
C PHE K 158 -126.75 -17.53 42.05
N GLU K 159 -126.93 -18.43 43.03
CA GLU K 159 -125.81 -18.90 43.83
C GLU K 159 -125.50 -20.37 43.61
N LYS K 160 -126.24 -21.04 42.73
CA LYS K 160 -125.98 -22.44 42.41
C LYS K 160 -125.84 -22.59 40.91
N THR K 161 -125.11 -23.63 40.50
CA THR K 161 -124.92 -23.89 39.08
C THR K 161 -126.18 -24.50 38.49
N LYS K 162 -126.99 -25.15 39.32
CA LYS K 162 -128.20 -25.81 38.83
C LYS K 162 -129.25 -24.79 38.40
N ASP K 163 -129.32 -23.65 39.09
CA ASP K 163 -130.31 -22.65 38.75
C ASP K 163 -129.96 -21.92 37.45
N ALA K 164 -128.67 -21.63 37.25
CA ALA K 164 -128.26 -20.89 36.06
C ALA K 164 -128.34 -21.76 34.82
N PHE K 165 -128.28 -23.08 34.97
CA PHE K 165 -128.36 -23.96 33.81
C PHE K 165 -129.79 -24.05 33.29
N GLU K 166 -130.77 -23.75 34.13
CA GLU K 166 -132.15 -23.78 33.67
C GLU K 166 -132.47 -22.57 32.80
N LEU K 167 -131.76 -21.46 33.03
CA LEU K 167 -132.00 -20.24 32.27
C LEU K 167 -131.65 -20.42 30.81
N LEU K 168 -130.58 -21.16 30.52
CA LEU K 168 -130.27 -21.48 29.14
C LEU K 168 -131.26 -22.49 28.59
N LYS K 169 -131.86 -23.30 29.45
CA LYS K 169 -132.80 -24.32 29.01
C LYS K 169 -134.18 -23.73 28.80
N ASN K 170 -134.45 -22.57 29.41
CA ASN K 170 -135.74 -21.91 29.20
C ASN K 170 -135.86 -21.39 27.77
N PHE K 171 -134.82 -20.77 27.25
CA PHE K 171 -134.72 -20.53 25.83
C PHE K 171 -134.23 -21.79 25.13
N ASN K 172 -134.12 -21.72 23.81
CA ASN K 172 -133.62 -22.85 23.02
C ASN K 172 -132.11 -22.74 22.91
N LEU K 173 -131.45 -22.82 24.07
CA LEU K 173 -130.02 -22.60 24.16
C LEU K 173 -129.40 -23.75 24.96
N THR K 174 -129.25 -24.90 24.30
CA THR K 174 -128.58 -26.06 24.85
C THR K 174 -127.60 -26.70 23.88
N GLU K 175 -127.88 -26.59 22.59
CA GLU K 175 -127.05 -27.24 21.59
C GLU K 175 -125.70 -26.55 21.44
N GLU K 176 -125.60 -25.30 21.89
CA GLU K 176 -124.31 -24.64 21.93
C GLU K 176 -123.45 -25.18 23.05
N VAL K 177 -124.08 -25.66 24.13
CA VAL K 177 -123.32 -26.25 25.21
C VAL K 177 -122.84 -27.64 24.81
N GLU K 178 -123.63 -28.34 24.00
CA GLU K 178 -123.24 -29.68 23.61
C GLU K 178 -122.23 -29.67 22.46
N ARG K 179 -122.37 -28.73 21.53
CA ARG K 179 -121.46 -28.72 20.38
C ARG K 179 -120.08 -28.22 20.76
N VAL K 180 -119.98 -27.50 21.88
CA VAL K 180 -118.66 -27.18 22.42
C VAL K 180 -118.02 -28.43 23.01
N LYS K 181 -118.84 -29.24 23.69
CA LYS K 181 -118.32 -30.30 24.54
C LYS K 181 -117.81 -31.49 23.73
N ASN K 182 -118.40 -31.73 22.56
CA ASN K 182 -118.00 -32.90 21.78
C ASN K 182 -116.83 -32.60 20.86
N SER K 183 -116.36 -31.35 20.85
CA SER K 183 -115.35 -30.96 19.87
C SER K 183 -113.94 -30.93 20.43
N LYS K 184 -113.70 -31.58 21.57
CA LYS K 184 -112.37 -31.57 22.14
C LYS K 184 -111.49 -32.63 21.50
N THR K 185 -110.25 -32.26 21.14
CA THR K 185 -109.31 -33.16 20.52
C THR K 185 -107.89 -32.74 20.85
N LEU K 186 -106.92 -33.51 20.36
CA LEU K 186 -105.52 -33.19 20.58
C LEU K 186 -105.03 -32.17 19.58
N ARG K 187 -103.90 -31.53 19.90
CA ARG K 187 -103.26 -30.62 18.97
C ARG K 187 -102.27 -31.39 18.11
N GLY K 188 -102.14 -30.99 16.85
CA GLY K 188 -101.35 -31.77 15.91
C GLY K 188 -99.87 -31.56 16.06
N THR K 189 -99.46 -30.44 16.63
CA THR K 189 -98.05 -30.05 16.61
C THR K 189 -97.31 -30.49 17.87
N LYS K 190 -96.10 -29.96 18.04
CA LYS K 190 -95.26 -30.20 19.21
C LYS K 190 -95.77 -29.45 20.44
N GLY K 191 -96.76 -28.59 20.29
CA GLY K 191 -97.34 -27.86 21.39
C GLY K 191 -98.18 -28.66 22.36
N LYS K 192 -98.25 -29.99 22.21
CA LYS K 192 -98.89 -30.81 23.22
C LYS K 192 -98.09 -30.81 24.51
N MET K 193 -96.78 -30.77 24.38
CA MET K 193 -95.88 -30.86 25.52
C MET K 193 -95.67 -29.52 26.21
N ARG K 194 -96.30 -28.45 25.73
CA ARG K 194 -96.09 -27.10 26.24
C ARG K 194 -97.39 -26.42 26.65
N ASN K 195 -98.23 -27.12 27.42
CA ASN K 195 -99.45 -26.61 28.04
C ASN K 195 -100.48 -26.11 27.03
N ARG K 196 -100.55 -26.72 25.85
CA ARG K 196 -101.52 -26.35 24.81
C ARG K 196 -102.11 -27.64 24.25
N ARG K 197 -102.58 -28.53 25.13
CA ARG K 197 -102.90 -29.88 24.70
C ARG K 197 -104.19 -29.96 23.89
N PHE K 198 -105.30 -29.48 24.45
CA PHE K 198 -106.59 -29.63 23.80
C PHE K 198 -107.05 -28.28 23.24
N ARG K 199 -107.86 -28.35 22.19
CA ARG K 199 -108.49 -27.16 21.64
C ARG K 199 -109.93 -27.47 21.25
N MET K 200 -110.81 -26.51 21.47
CA MET K 200 -112.23 -26.71 21.27
C MET K 200 -112.85 -25.45 20.69
N ARG K 201 -114.16 -25.49 20.45
CA ARG K 201 -114.83 -24.39 19.80
C ARG K 201 -115.19 -23.29 20.81
N LYS K 202 -115.75 -22.20 20.29
CA LYS K 202 -116.12 -21.04 21.09
C LYS K 202 -117.63 -20.93 21.16
N GLY K 203 -118.14 -20.57 22.34
CA GLY K 203 -119.56 -20.50 22.58
C GLY K 203 -120.04 -19.09 22.91
N LEU K 204 -121.13 -19.04 23.67
CA LEU K 204 -121.86 -17.80 23.89
C LEU K 204 -121.10 -16.86 24.82
N LEU K 205 -121.31 -15.56 24.59
CA LEU K 205 -120.76 -14.49 25.42
C LEU K 205 -121.89 -13.78 26.14
N LEU K 206 -121.64 -13.41 27.39
CA LEU K 206 -122.64 -12.78 28.25
C LEU K 206 -122.04 -11.54 28.87
N ILE K 207 -122.63 -10.38 28.60
CA ILE K 207 -122.12 -9.10 29.08
C ILE K 207 -122.99 -8.62 30.24
N HIS K 208 -122.35 -8.21 31.32
CA HIS K 208 -123.04 -7.86 32.55
C HIS K 208 -122.45 -6.57 33.11
N ASP K 209 -122.88 -6.23 34.33
CA ASP K 209 -122.56 -4.91 34.87
C ASP K 209 -121.72 -5.01 36.16
N SER K 210 -121.57 -6.20 36.70
CA SER K 210 -120.90 -6.35 37.98
C SER K 210 -119.39 -6.20 37.82
N PRO K 211 -118.71 -5.54 38.78
CA PRO K 211 -117.26 -5.40 38.67
C PRO K 211 -116.50 -6.66 39.05
N VAL K 212 -117.18 -7.62 39.67
CA VAL K 212 -116.61 -8.93 39.97
C VAL K 212 -117.40 -9.96 39.17
N GLU K 213 -116.71 -10.98 38.65
CA GLU K 213 -117.37 -11.97 37.81
C GLU K 213 -118.30 -12.86 38.62
N LEU K 214 -119.25 -13.48 37.93
CA LEU K 214 -120.26 -14.29 38.59
C LEU K 214 -119.79 -15.73 38.70
N LYS K 215 -119.85 -16.26 39.92
CA LYS K 215 -119.38 -17.63 40.16
C LYS K 215 -120.37 -18.68 39.69
N ALA K 216 -121.61 -18.28 39.37
CA ALA K 216 -122.60 -19.26 39.00
C ALA K 216 -122.38 -19.80 37.59
N PHE K 217 -121.77 -18.99 36.73
CA PHE K 217 -121.65 -19.37 35.33
C PHE K 217 -120.26 -19.87 35.00
N ARG K 218 -119.41 -20.05 35.99
CA ARG K 218 -118.00 -20.32 35.74
C ARG K 218 -117.73 -21.74 35.27
N ASN K 219 -118.62 -22.68 35.57
CA ASN K 219 -118.31 -24.08 35.33
C ASN K 219 -118.78 -24.56 33.97
N ILE K 220 -119.78 -23.88 33.40
CA ILE K 220 -120.44 -24.37 32.18
C ILE K 220 -119.49 -24.24 31.00
N PRO K 221 -119.31 -25.26 30.17
CA PRO K 221 -118.36 -25.16 29.06
C PRO K 221 -118.91 -24.31 27.93
N GLY K 222 -118.06 -23.46 27.39
CA GLY K 222 -118.45 -22.64 26.26
C GLY K 222 -119.31 -21.44 26.63
N VAL K 223 -119.06 -20.84 27.78
CA VAL K 223 -119.73 -19.62 28.22
C VAL K 223 -118.69 -18.70 28.83
N ASP K 224 -118.56 -17.50 28.27
CA ASP K 224 -117.62 -16.53 28.80
C ASP K 224 -118.37 -15.26 29.16
N GLN K 225 -117.81 -14.53 30.12
CA GLN K 225 -118.45 -13.34 30.64
C GLN K 225 -117.46 -12.18 30.67
N LEU K 226 -117.99 -10.97 30.51
CA LEU K 226 -117.18 -9.77 30.35
C LEU K 226 -117.97 -8.55 30.80
N SER K 227 -117.33 -7.65 31.54
CA SER K 227 -118.02 -6.47 32.05
C SER K 227 -118.19 -5.43 30.95
N ILE K 228 -119.05 -4.45 31.19
CA ILE K 228 -119.35 -3.45 30.18
C ILE K 228 -118.23 -2.41 30.11
N ASN K 229 -117.46 -2.26 31.19
CA ASN K 229 -116.50 -1.17 31.28
C ASN K 229 -115.27 -1.44 30.43
N LYS K 230 -114.84 -2.69 30.33
CA LYS K 230 -113.53 -2.97 29.74
C LYS K 230 -113.65 -3.25 28.25
N LEU K 231 -114.49 -4.21 27.86
CA LEU K 231 -114.87 -4.47 26.45
C LEU K 231 -113.68 -4.80 25.56
N ASN K 232 -113.10 -5.98 25.79
CA ASN K 232 -111.96 -6.46 25.01
C ASN K 232 -112.35 -6.73 23.56
N ILE K 233 -111.34 -6.81 22.69
CA ILE K 233 -111.59 -7.20 21.30
C ILE K 233 -111.26 -8.68 21.10
N PHE K 234 -110.65 -9.31 22.09
CA PHE K 234 -110.27 -10.71 21.93
C PHE K 234 -111.46 -11.62 22.06
N GLU K 235 -112.57 -11.09 22.57
CA GLU K 235 -113.81 -11.84 22.68
C GLU K 235 -114.84 -11.43 21.64
N LEU K 236 -114.94 -10.14 21.33
CA LEU K 236 -116.02 -9.66 20.48
C LEU K 236 -115.80 -10.02 19.01
N ALA K 237 -114.55 -10.30 18.64
CA ALA K 237 -114.23 -10.76 17.29
C ALA K 237 -113.02 -11.68 17.36
N PRO K 238 -113.21 -12.95 17.72
CA PRO K 238 -112.08 -13.86 17.80
C PRO K 238 -111.72 -14.40 16.43
N GLY K 239 -110.42 -14.54 16.19
CA GLY K 239 -109.96 -15.08 14.94
C GLY K 239 -110.10 -14.17 13.75
N GLY K 240 -110.26 -12.87 13.98
CA GLY K 240 -110.36 -11.93 12.88
C GLY K 240 -111.65 -11.99 12.11
N HIS K 241 -112.71 -12.54 12.69
CA HIS K 241 -114.03 -12.53 12.08
C HIS K 241 -115.04 -12.07 13.11
N ALA K 242 -116.10 -11.41 12.65
CA ALA K 242 -117.07 -10.87 13.58
C ALA K 242 -118.38 -11.66 13.51
N GLY K 243 -119.22 -11.45 14.51
CA GLY K 243 -120.51 -12.11 14.55
C GLY K 243 -120.73 -13.07 15.68
N ARG K 244 -120.15 -12.84 16.86
CA ARG K 244 -120.35 -13.73 17.98
C ARG K 244 -121.75 -13.55 18.55
N LEU K 245 -122.35 -14.64 19.03
CA LEU K 245 -123.66 -14.60 19.67
C LEU K 245 -123.55 -14.01 21.08
N VAL K 246 -124.11 -12.81 21.24
CA VAL K 246 -124.03 -12.10 22.50
C VAL K 246 -125.40 -12.06 23.17
N MET K 247 -125.40 -12.10 24.51
CA MET K 247 -126.60 -11.86 25.31
C MET K 247 -126.32 -10.71 26.26
N TRP K 248 -127.21 -9.72 26.28
CA TRP K 248 -127.04 -8.54 27.09
C TRP K 248 -127.94 -8.60 28.32
N THR K 249 -127.49 -8.02 29.42
CA THR K 249 -128.39 -7.75 30.53
C THR K 249 -129.10 -6.41 30.30
N GLU K 250 -129.87 -5.98 31.29
CA GLU K 250 -130.70 -4.80 31.09
C GLU K 250 -129.90 -3.53 31.27
N SER K 251 -129.18 -3.41 32.39
CA SER K 251 -128.50 -2.15 32.70
C SER K 251 -127.29 -1.93 31.80
N ALA K 252 -126.67 -3.01 31.33
CA ALA K 252 -125.54 -2.85 30.42
C ALA K 252 -126.01 -2.41 29.04
N PHE K 253 -127.17 -2.87 28.62
CA PHE K 253 -127.69 -2.48 27.31
C PHE K 253 -128.16 -1.03 27.32
N LYS K 254 -128.54 -0.53 28.50
CA LYS K 254 -129.02 0.85 28.60
C LYS K 254 -127.86 1.82 28.74
N LYS K 255 -126.66 1.31 29.04
CA LYS K 255 -125.50 2.18 29.14
C LYS K 255 -124.84 2.46 27.79
N LEU K 256 -125.35 1.91 26.70
CA LEU K 256 -124.71 2.10 25.41
C LEU K 256 -124.97 3.48 24.85
N GLU K 257 -126.10 4.10 25.21
CA GLU K 257 -126.47 5.37 24.58
C GLU K 257 -125.62 6.52 25.10
N LYS K 258 -125.02 6.36 26.27
CA LYS K 258 -124.06 7.36 26.74
C LYS K 258 -122.67 7.07 26.22
N LEU K 259 -122.38 5.81 25.91
CA LEU K 259 -121.01 5.41 25.62
C LEU K 259 -120.58 5.81 24.22
N PHE K 260 -121.54 6.02 23.32
CA PHE K 260 -121.20 6.30 21.94
C PHE K 260 -121.93 7.48 21.34
N GLY K 261 -123.10 7.84 21.87
CA GLY K 261 -123.85 8.97 21.36
C GLY K 261 -124.46 8.70 20.00
N LYS K 262 -124.94 9.77 19.38
CA LYS K 262 -125.52 9.68 18.05
C LYS K 262 -124.51 10.08 16.99
N PHE K 263 -125.00 10.25 15.76
CA PHE K 263 -124.12 10.61 14.65
C PHE K 263 -123.65 12.06 14.74
N ASN K 264 -124.43 12.92 15.40
CA ASN K 264 -124.02 14.31 15.50
C ASN K 264 -123.40 14.61 16.85
N GLU K 265 -123.85 13.93 17.90
CA GLU K 265 -123.38 14.23 19.24
C GLU K 265 -121.97 13.67 19.46
N GLU K 266 -121.31 14.19 20.48
CA GLU K 266 -120.01 13.72 20.93
C GLU K 266 -120.22 12.77 22.09
N SER K 267 -119.26 11.89 22.32
CA SER K 267 -119.30 11.05 23.51
C SER K 267 -118.73 11.81 24.69
N ARG K 268 -119.40 11.74 25.84
CA ARG K 268 -118.91 12.44 27.02
C ARG K 268 -118.01 11.54 27.85
N ILE K 269 -118.28 10.23 27.84
CA ILE K 269 -117.44 9.31 28.61
C ILE K 269 -116.11 9.11 27.91
N LEU K 270 -116.14 8.77 26.63
CA LEU K 270 -114.95 8.71 25.80
C LEU K 270 -114.73 10.09 25.20
N LYS K 271 -113.70 10.79 25.65
CA LYS K 271 -113.43 12.12 25.13
C LYS K 271 -112.93 12.05 23.70
N LYS K 272 -113.40 13.01 22.88
CA LYS K 272 -112.99 13.19 21.48
C LYS K 272 -113.30 11.96 20.63
N PHE K 273 -114.54 11.50 20.66
CA PHE K 273 -114.98 10.41 19.81
C PHE K 273 -116.33 10.75 19.21
N THR K 274 -116.46 10.48 17.91
CA THR K 274 -117.72 10.60 17.19
C THR K 274 -117.79 9.48 16.17
N LEU K 275 -118.98 8.94 15.98
CA LEU K 275 -119.16 7.82 15.06
C LEU K 275 -118.91 8.26 13.63
N PRO K 276 -118.26 7.45 12.81
CA PRO K 276 -117.94 7.85 11.44
C PRO K 276 -119.18 7.87 10.56
N LYS K 277 -119.09 8.62 9.47
CA LYS K 277 -120.21 8.74 8.57
C LYS K 277 -120.19 7.61 7.56
N LYS K 278 -121.22 7.59 6.70
CA LYS K 278 -121.33 6.59 5.65
C LYS K 278 -120.70 7.14 4.38
N MET K 279 -119.83 6.35 3.75
CA MET K 279 -119.23 6.79 2.49
C MET K 279 -120.24 6.76 1.37
N ILE K 280 -121.18 5.82 1.41
CA ILE K 280 -122.18 5.66 0.36
C ILE K 280 -123.55 5.81 1.00
N THR K 281 -124.55 6.15 0.18
CA THR K 281 -125.90 6.42 0.68
C THR K 281 -126.95 5.54 0.05
N THR K 282 -126.85 5.27 -1.25
CA THR K 282 -127.82 4.43 -1.92
C THR K 282 -127.65 2.98 -1.49
N ASP K 283 -128.76 2.30 -1.20
CA ASP K 283 -128.69 0.97 -0.59
C ASP K 283 -128.18 -0.09 -1.56
N SER K 284 -128.34 0.14 -2.86
CA SER K 284 -127.90 -0.81 -3.87
C SER K 284 -127.35 -0.07 -5.07
N LEU K 285 -126.14 -0.45 -5.49
CA LEU K 285 -125.52 0.22 -6.62
C LEU K 285 -126.06 -0.30 -7.94
N GLU K 286 -126.66 -1.48 -7.93
CA GLU K 286 -127.17 -2.04 -9.18
C GLU K 286 -128.45 -1.34 -9.61
N GLU K 287 -129.33 -1.01 -8.65
CA GLU K 287 -130.57 -0.34 -9.00
C GLU K 287 -130.32 1.11 -9.37
N LEU K 288 -129.23 1.69 -8.86
CA LEU K 288 -128.84 3.03 -9.27
C LEU K 288 -128.41 3.03 -10.74
N PHE K 289 -127.81 1.93 -11.20
CA PHE K 289 -127.41 1.83 -12.60
C PHE K 289 -128.63 1.71 -13.51
N LEU K 290 -129.71 1.14 -13.00
CA LEU K 290 -130.93 0.96 -13.78
C LEU K 290 -131.90 2.11 -13.60
N SER K 291 -131.48 3.22 -13.01
CA SER K 291 -132.39 4.31 -12.72
C SER K 291 -132.75 5.09 -13.98
N LYS K 292 -133.54 6.15 -13.79
CA LYS K 292 -133.97 6.95 -14.93
C LYS K 292 -132.98 8.07 -15.23
N GLU K 293 -132.32 8.59 -14.19
CA GLU K 293 -131.38 9.69 -14.40
C GLU K 293 -130.10 9.21 -15.06
N VAL K 294 -129.65 8.01 -14.71
CA VAL K 294 -128.34 7.54 -15.18
C VAL K 294 -128.43 7.10 -16.63
N GLN K 295 -129.55 6.47 -17.01
CA GLN K 295 -129.66 5.97 -18.38
C GLN K 295 -129.99 7.11 -19.36
N ALA K 296 -130.35 8.29 -18.85
CA ALA K 296 -130.54 9.44 -19.72
C ALA K 296 -129.20 10.00 -20.19
N VAL K 297 -128.12 9.69 -19.48
CA VAL K 297 -126.81 10.23 -19.85
C VAL K 297 -126.06 9.23 -20.73
N LEU K 298 -126.47 7.96 -20.67
CA LEU K 298 -125.76 6.91 -21.40
C LEU K 298 -125.97 7.02 -22.91
N ASN K 299 -125.12 6.35 -23.66
CA ASN K 299 -125.20 6.39 -25.11
C ASN K 299 -125.74 5.08 -25.66
N GLU K 300 -125.78 4.98 -26.99
CA GLU K 300 -126.33 3.80 -27.63
C GLU K 300 -125.22 2.81 -27.98
N PRO K 301 -125.52 1.51 -27.96
CA PRO K 301 -124.53 0.53 -28.38
C PRO K 301 -124.42 0.44 -29.89
N ALA K 302 -123.32 -0.14 -30.35
CA ALA K 302 -123.06 -0.32 -31.76
C ALA K 302 -122.97 -1.80 -32.09
N TYR K 303 -123.01 -2.11 -33.38
CA TYR K 303 -122.89 -3.48 -33.87
C TYR K 303 -121.51 -3.68 -34.48
N ILE K 304 -120.76 -4.62 -33.93
CA ILE K 304 -119.40 -4.91 -34.36
C ILE K 304 -119.42 -6.23 -35.11
N PRO K 305 -119.08 -6.25 -36.40
CA PRO K 305 -119.14 -7.50 -37.16
C PRO K 305 -118.02 -8.45 -36.75
N GLU K 306 -118.10 -9.67 -37.26
CA GLU K 306 -117.13 -10.68 -36.86
C GLU K 306 -115.79 -10.44 -37.53
N PHE K 307 -114.74 -10.52 -36.74
CA PHE K 307 -113.39 -10.17 -37.15
C PHE K 307 -112.58 -11.46 -37.30
N SER K 308 -111.65 -11.47 -38.26
CA SER K 308 -110.84 -12.65 -38.52
C SER K 308 -109.51 -12.22 -39.13
N PRO K 309 -108.38 -12.64 -38.58
CA PRO K 309 -107.10 -12.18 -39.13
C PRO K 309 -106.59 -13.02 -40.28
N ARG K 310 -107.04 -14.27 -40.38
CA ARG K 310 -106.52 -15.17 -41.41
C ARG K 310 -107.42 -15.13 -42.63
N LYS K 311 -106.84 -15.45 -43.78
CA LYS K 311 -107.61 -15.48 -45.02
C LYS K 311 -108.43 -16.76 -45.11
N THR K 312 -109.47 -16.70 -45.93
CA THR K 312 -110.36 -17.83 -46.15
C THR K 312 -110.17 -18.34 -47.58
N GLU K 313 -111.03 -19.28 -47.98
CA GLU K 313 -110.92 -19.83 -49.32
C GLU K 313 -111.75 -19.02 -50.32
N GLU K 314 -112.87 -18.45 -49.88
CA GLU K 314 -113.73 -17.71 -50.81
C GLU K 314 -113.14 -16.34 -51.10
N GLU K 315 -112.38 -15.78 -50.16
CA GLU K 315 -111.70 -14.52 -50.41
C GLU K 315 -110.56 -14.71 -51.39
N ILE K 316 -110.03 -15.93 -51.48
CA ILE K 316 -109.02 -16.24 -52.48
C ILE K 316 -109.66 -16.28 -53.87
N ALA K 317 -110.90 -16.74 -53.96
CA ALA K 317 -111.59 -16.81 -55.24
C ALA K 317 -111.91 -15.42 -55.78
N GLU K 318 -112.06 -14.44 -54.90
CA GLU K 318 -112.22 -13.07 -55.36
C GLU K 318 -110.90 -12.47 -55.79
N GLY K 319 -109.80 -12.95 -55.22
CA GLY K 319 -108.49 -12.46 -55.62
C GLY K 319 -108.09 -12.94 -56.99
N GLU K 320 -108.55 -14.13 -57.38
CA GLU K 320 -108.24 -14.64 -58.71
C GLU K 320 -109.19 -14.07 -59.75
N LYS K 321 -110.40 -13.69 -59.32
CA LYS K 321 -111.41 -13.25 -60.28
C LYS K 321 -111.12 -11.85 -60.79
N PHE K 322 -110.77 -10.94 -59.89
CA PHE K 322 -110.54 -9.55 -60.29
C PHE K 322 -109.24 -9.40 -61.06
N ILE K 323 -108.29 -10.30 -60.82
CA ILE K 323 -107.03 -10.27 -61.55
C ILE K 323 -107.25 -10.70 -62.99
N SER K 324 -108.18 -11.63 -63.21
CA SER K 324 -108.42 -12.19 -64.53
C SER K 324 -109.04 -11.18 -65.48
N MET K 325 -109.71 -10.15 -64.95
CA MET K 325 -110.32 -9.11 -65.79
C MET K 325 -109.23 -8.17 -66.32
N PHE K 326 -108.51 -8.67 -67.31
CA PHE K 326 -107.49 -7.90 -68.01
C PHE K 326 -107.35 -8.46 -69.41
N ASP K 327 -107.29 -7.59 -70.40
CA ASP K 327 -107.08 -8.00 -71.78
C ASP K 327 -105.71 -7.54 -72.22
N SER K 328 -104.87 -8.50 -72.61
CA SER K 328 -103.53 -8.15 -73.06
C SER K 328 -103.55 -7.66 -74.50
N GLU K 329 -104.60 -7.99 -75.25
CA GLU K 329 -104.65 -7.61 -76.65
C GLU K 329 -104.94 -6.12 -76.82
N ARG K 330 -105.59 -5.50 -75.83
CA ARG K 330 -106.06 -4.14 -75.99
C ARG K 330 -104.95 -3.11 -75.77
N ILE K 331 -103.74 -3.56 -75.49
CA ILE K 331 -102.61 -2.66 -75.33
C ILE K 331 -102.10 -2.22 -76.70
N GLU L 14 105.04 29.64 -13.30
CA GLU L 14 105.82 28.80 -12.41
C GLU L 14 105.19 28.71 -11.04
N TRP L 15 105.88 28.03 -10.12
CA TRP L 15 105.39 27.84 -8.77
C TRP L 15 106.25 28.63 -7.80
N VAL L 16 105.62 29.30 -6.85
CA VAL L 16 106.33 30.08 -5.84
C VAL L 16 105.99 29.55 -4.45
N PRO L 17 107.00 29.29 -3.61
CA PRO L 17 106.73 28.71 -2.29
C PRO L 17 106.20 29.73 -1.29
N LYS L 18 104.87 29.93 -1.28
CA LYS L 18 104.26 30.83 -0.31
C LYS L 18 104.36 30.25 1.11
N THR L 19 104.13 28.95 1.24
CA THR L 19 104.24 28.28 2.53
C THR L 19 105.71 28.03 2.85
N LYS L 20 106.07 28.24 4.12
CA LYS L 20 107.45 28.08 4.59
C LYS L 20 107.93 26.64 4.43
N LEU L 21 107.03 25.67 4.54
CA LEU L 21 107.40 24.27 4.36
C LEU L 21 107.78 23.97 2.92
N GLY L 22 107.19 24.69 1.98
CA GLY L 22 107.51 24.45 0.58
C GLY L 22 108.79 25.12 0.15
N LYS L 23 109.30 26.04 0.96
CA LYS L 23 110.55 26.72 0.61
C LYS L 23 111.75 25.81 0.83
N LEU L 24 111.61 24.82 1.71
CA LEU L 24 112.72 23.92 1.98
C LEU L 24 112.87 22.91 0.84
N VAL L 25 111.76 22.52 0.22
CA VAL L 25 111.84 21.52 -0.83
C VAL L 25 112.29 22.15 -2.15
N LYS L 26 112.12 23.47 -2.29
CA LYS L 26 112.65 24.14 -3.46
C LYS L 26 114.15 24.35 -3.31
N ASP L 27 114.63 24.46 -2.07
CA ASP L 27 116.06 24.65 -1.84
C ASP L 27 116.78 23.33 -1.59
N ARG L 28 116.16 22.21 -1.95
CA ARG L 28 116.69 20.85 -1.92
C ARG L 28 117.08 20.41 -0.51
N LYS L 29 116.38 20.89 0.52
CA LYS L 29 116.68 20.43 1.87
C LYS L 29 116.06 19.07 2.14
N ILE L 30 114.80 18.90 1.77
CA ILE L 30 114.09 17.64 1.97
C ILE L 30 114.19 16.83 0.69
N GLN L 31 114.68 15.59 0.80
CA GLN L 31 115.02 14.83 -0.40
C GLN L 31 113.81 14.09 -0.96
N SER L 32 113.04 13.43 -0.10
CA SER L 32 111.95 12.58 -0.59
C SER L 32 110.73 12.77 0.30
N LEU L 33 109.69 12.01 -0.02
CA LEU L 33 108.41 12.15 0.68
C LEU L 33 108.43 11.47 2.03
N ASP L 34 109.44 10.64 2.30
CA ASP L 34 109.38 9.74 3.44
C ASP L 34 109.59 10.48 4.76
N THR L 35 110.37 11.56 4.74
CA THR L 35 110.53 12.35 5.96
C THR L 35 109.27 13.15 6.25
N ILE L 36 108.45 13.41 5.23
CA ILE L 36 107.23 14.16 5.42
C ILE L 36 106.17 13.30 6.08
N PHE L 37 105.99 12.08 5.60
CA PHE L 37 104.91 11.22 6.08
C PHE L 37 105.18 10.70 7.48
N THR L 38 106.45 10.41 7.79
CA THR L 38 106.77 9.88 9.11
C THR L 38 106.74 10.98 10.17
N HIS L 39 107.08 12.21 9.78
CA HIS L 39 107.03 13.30 10.75
C HIS L 39 105.67 13.99 10.74
N SER L 40 104.74 13.53 9.90
CA SER L 40 103.34 13.96 9.85
C SER L 40 103.20 15.48 9.68
N LEU L 41 103.87 16.02 8.68
CA LEU L 41 103.71 17.42 8.35
C LEU L 41 102.65 17.56 7.26
N GLN L 42 101.57 18.26 7.59
CA GLN L 42 100.50 18.46 6.62
C GLN L 42 100.94 19.45 5.56
N ILE L 43 100.61 19.14 4.31
CA ILE L 43 100.99 19.97 3.17
C ILE L 43 99.79 20.81 2.78
N ARG L 44 100.04 22.05 2.37
CA ARG L 44 98.97 22.96 2.01
C ARG L 44 99.21 23.67 0.69
N GLU L 45 100.04 23.11 -0.19
CA GLU L 45 100.21 23.60 -1.55
C GLU L 45 100.30 22.41 -2.49
N ALA L 46 99.73 22.56 -3.69
CA ALA L 46 99.84 21.51 -4.69
C ALA L 46 101.22 21.48 -5.34
N GLY L 47 102.01 22.55 -5.21
CA GLY L 47 103.29 22.60 -5.87
C GLY L 47 104.36 21.74 -5.22
N ILE L 48 104.12 21.32 -3.97
CA ILE L 48 105.13 20.54 -3.27
C ILE L 48 105.22 19.14 -3.83
N VAL L 49 104.07 18.54 -4.15
CA VAL L 49 104.09 17.18 -4.70
C VAL L 49 104.52 17.20 -6.16
N ASP L 50 104.30 18.33 -6.84
CA ASP L 50 104.71 18.44 -8.23
C ASP L 50 106.22 18.58 -8.36
N PHE L 51 106.84 19.33 -7.45
CA PHE L 51 108.29 19.48 -7.51
C PHE L 51 108.97 18.22 -7.00
N LEU L 52 108.36 17.54 -6.03
CA LEU L 52 108.92 16.30 -5.52
C LEU L 52 108.77 15.18 -6.55
N LEU L 53 107.67 15.19 -7.30
CA LEU L 53 107.35 14.10 -8.21
C LEU L 53 106.92 14.70 -9.55
N GLY L 54 107.77 14.55 -10.55
CA GLY L 54 107.46 15.07 -11.87
C GLY L 54 107.42 13.98 -12.91
N GLN L 55 106.39 13.99 -13.76
CA GLN L 55 106.11 13.07 -14.86
C GLN L 55 105.91 11.63 -14.41
N ASN L 56 105.71 11.38 -13.12
CA ASN L 56 105.28 10.09 -12.62
C ASN L 56 103.89 10.18 -12.02
N ILE L 57 103.20 11.29 -12.25
CA ILE L 57 101.83 11.49 -11.80
C ILE L 57 100.89 10.86 -12.81
N ARG L 58 99.99 10.01 -12.33
CA ARG L 58 98.96 9.39 -13.15
C ARG L 58 97.61 9.80 -12.58
N ASP L 59 96.68 10.17 -13.46
CA ASP L 59 95.40 10.71 -13.01
C ASP L 59 94.29 10.22 -13.93
N GLU L 60 93.05 10.45 -13.48
CA GLU L 60 91.85 10.16 -14.23
C GLU L 60 90.68 10.85 -13.57
N VAL L 61 89.50 10.72 -14.18
CA VAL L 61 88.24 11.10 -13.56
C VAL L 61 87.45 9.82 -13.35
N LEU L 62 86.49 9.87 -12.42
CA LEU L 62 85.71 8.67 -12.15
C LEU L 62 84.27 8.84 -12.63
N ALA L 63 83.62 9.93 -12.25
CA ALA L 63 82.29 10.22 -12.74
C ALA L 63 82.09 11.72 -12.76
N ILE L 64 81.11 12.16 -13.53
CA ILE L 64 80.76 13.57 -13.67
C ILE L 64 79.24 13.68 -13.64
N LYS L 65 78.73 14.48 -12.71
CA LYS L 65 77.30 14.61 -12.51
C LYS L 65 76.93 16.08 -12.43
N SER L 66 75.71 16.39 -12.84
CA SER L 66 75.18 17.75 -12.80
C SER L 66 74.09 17.83 -11.75
N VAL L 67 74.22 18.79 -10.84
CA VAL L 67 73.22 19.09 -9.83
C VAL L 67 72.55 20.40 -10.22
N GLN L 68 71.31 20.58 -9.81
CA GLN L 68 70.49 21.70 -10.25
C GLN L 68 69.65 22.21 -9.09
N LYS L 69 69.80 23.50 -8.78
CA LYS L 69 69.13 24.10 -7.62
C LYS L 69 68.08 25.08 -8.11
N GLN L 70 66.91 25.05 -7.49
CA GLN L 70 65.81 25.89 -7.94
C GLN L 70 65.76 27.22 -7.18
N THR L 71 65.48 28.28 -7.93
CA THR L 71 65.19 29.60 -7.38
C THR L 71 63.87 30.08 -7.97
N ARG L 72 63.60 31.38 -7.82
CA ARG L 72 62.30 31.94 -8.15
C ARG L 72 62.00 31.87 -9.65
N ALA L 73 62.88 32.42 -10.47
CA ALA L 73 62.63 32.43 -11.91
C ALA L 73 63.06 31.13 -12.55
N GLY L 74 64.36 30.85 -12.49
CA GLY L 74 64.88 29.69 -13.16
C GLY L 74 65.47 28.68 -12.19
N GLN L 75 66.50 27.98 -12.67
CA GLN L 75 67.17 26.94 -11.93
C GLN L 75 68.66 26.95 -12.25
N LYS L 76 69.46 27.42 -11.30
CA LYS L 76 70.91 27.51 -11.48
C LYS L 76 71.53 26.11 -11.47
N THR L 77 72.36 25.85 -12.46
CA THR L 77 72.88 24.51 -12.71
C THR L 77 74.40 24.53 -12.56
N SER L 78 74.90 23.57 -11.79
CA SER L 78 76.33 23.42 -11.56
C SER L 78 76.73 21.99 -11.92
N ILE L 79 78.04 21.77 -12.02
CA ILE L 79 78.62 20.51 -12.45
C ILE L 79 79.63 20.06 -11.40
N LYS L 80 79.52 18.80 -10.98
CA LYS L 80 80.37 18.24 -9.95
C LYS L 80 81.18 17.08 -10.54
N ALA L 81 82.47 17.03 -10.21
CA ALA L 81 83.36 16.02 -10.74
C ALA L 81 84.30 15.53 -9.64
N VAL L 82 84.71 14.26 -9.77
CA VAL L 82 85.62 13.63 -8.82
C VAL L 82 86.87 13.17 -9.56
N VAL L 83 88.03 13.36 -8.94
CA VAL L 83 89.31 13.07 -9.56
C VAL L 83 90.13 12.25 -8.58
N ALA L 84 90.71 11.16 -9.08
CA ALA L 84 91.64 10.35 -8.31
C ALA L 84 93.06 10.59 -8.81
N ILE L 85 93.97 10.90 -7.90
CA ILE L 85 95.37 11.13 -8.21
C ILE L 85 96.14 9.90 -7.77
N GLY L 86 97.26 9.61 -8.42
CA GLY L 86 97.99 8.41 -8.08
C GLY L 86 99.41 8.30 -8.58
N ASP L 87 100.23 7.59 -7.83
CA ASP L 87 101.59 7.24 -8.19
C ASP L 87 101.63 5.88 -8.89
N GLY L 88 102.83 5.31 -8.96
CA GLY L 88 102.95 3.93 -9.37
C GLY L 88 102.97 2.97 -8.19
N LYS L 89 103.61 3.39 -7.10
CA LYS L 89 103.80 2.52 -5.93
C LYS L 89 103.38 3.24 -4.66
N GLY L 90 102.09 3.19 -4.34
CA GLY L 90 101.64 3.45 -2.99
C GLY L 90 101.42 4.90 -2.59
N TYR L 91 100.84 5.73 -3.45
CA TYR L 91 100.43 7.07 -3.09
C TYR L 91 99.12 7.39 -3.81
N VAL L 92 98.04 7.55 -3.04
CA VAL L 92 96.71 7.72 -3.61
C VAL L 92 96.01 8.86 -2.87
N GLY L 93 95.40 9.77 -3.63
CA GLY L 93 94.55 10.79 -3.06
C GLY L 93 93.34 11.04 -3.94
N ILE L 94 92.25 11.45 -3.31
CA ILE L 94 90.99 11.72 -3.99
C ILE L 94 90.40 13.03 -3.45
N GLY L 95 90.05 13.94 -4.36
CA GLY L 95 89.37 15.15 -3.97
C GLY L 95 88.20 15.45 -4.90
N THR L 96 87.28 16.29 -4.41
CA THR L 96 86.10 16.67 -5.17
C THR L 96 86.02 18.18 -5.25
N PHE L 97 85.24 18.66 -6.23
CA PHE L 97 85.01 20.10 -6.40
C PHE L 97 83.75 20.27 -7.24
N SER L 98 83.11 21.42 -7.05
CA SER L 98 81.95 21.79 -7.85
C SER L 98 82.12 23.21 -8.36
N SER L 99 81.74 23.41 -9.63
CA SER L 99 81.94 24.70 -10.27
C SER L 99 80.81 24.92 -11.28
N LYS L 100 80.82 26.10 -11.88
CA LYS L 100 79.83 26.40 -12.91
C LYS L 100 80.27 25.86 -14.26
N ASP L 101 81.56 25.94 -14.56
CA ASP L 101 82.10 25.50 -15.84
C ASP L 101 82.68 24.09 -15.69
N ALA L 102 82.40 23.23 -16.67
CA ALA L 102 82.88 21.85 -16.60
C ALA L 102 84.39 21.78 -16.82
N ALA L 103 84.96 22.78 -17.50
CA ALA L 103 86.40 22.76 -17.76
C ALA L 103 87.18 23.05 -16.48
N THR L 104 86.76 24.06 -15.72
CA THR L 104 87.49 24.41 -14.50
C THR L 104 87.07 23.55 -13.32
N ALA L 105 86.05 22.70 -13.52
CA ALA L 105 85.64 21.79 -12.45
C ALA L 105 86.69 20.71 -12.24
N ILE L 106 87.28 20.22 -13.32
CA ILE L 106 88.24 19.13 -13.22
C ILE L 106 89.59 19.64 -12.74
N LYS L 107 89.93 20.87 -13.13
CA LYS L 107 91.29 21.37 -12.93
C LYS L 107 91.56 21.66 -11.45
N THR L 108 90.59 22.24 -10.75
CA THR L 108 90.78 22.52 -9.34
C THR L 108 90.64 21.25 -8.51
N ALA L 109 89.79 20.33 -8.96
CA ALA L 109 89.60 19.06 -8.24
C ALA L 109 90.83 18.18 -8.31
N ALA L 110 91.64 18.34 -9.35
CA ALA L 110 92.89 17.60 -9.42
C ALA L 110 93.91 18.14 -8.42
N SER L 111 93.85 19.43 -8.12
CA SER L 111 94.78 20.02 -7.17
C SER L 111 94.44 19.64 -5.74
N LYS L 112 93.15 19.57 -5.43
CA LYS L 112 92.72 19.20 -4.09
C LYS L 112 93.01 17.74 -3.78
N ALA L 113 93.06 16.91 -4.83
CA ALA L 113 93.41 15.50 -4.62
C ALA L 113 94.88 15.34 -4.29
N LYS L 114 95.71 16.31 -4.70
CA LYS L 114 97.12 16.27 -4.34
C LYS L 114 97.32 16.64 -2.88
N CYS L 115 96.38 17.40 -2.30
CA CYS L 115 96.50 17.75 -0.90
C CYS L 115 96.07 16.59 0.00
N ASN L 116 95.27 15.67 -0.53
CA ASN L 116 94.74 14.57 0.26
C ASN L 116 95.48 13.26 0.03
N ILE L 117 96.75 13.31 -0.38
CA ILE L 117 97.45 12.08 -0.71
C ILE L 117 97.89 11.36 0.57
N ARG L 118 98.04 10.05 0.48
CA ARG L 118 98.36 9.19 1.61
C ARG L 118 99.16 8.00 1.12
N PRO L 119 99.99 7.40 1.98
CA PRO L 119 100.70 6.16 1.60
C PRO L 119 99.94 4.91 2.01
N VAL L 120 100.31 3.76 1.46
CA VAL L 120 99.66 2.49 1.79
C VAL L 120 100.74 1.43 2.03
N ARG L 121 100.50 0.55 2.99
CA ARG L 121 101.44 -0.52 3.30
C ARG L 121 101.25 -1.69 2.34
N LEU L 122 102.36 -2.33 1.97
CA LEU L 122 102.35 -3.50 1.11
C LEU L 122 103.02 -4.67 1.82
N GLY L 123 102.65 -5.88 1.45
CA GLY L 123 103.20 -7.06 2.09
C GLY L 123 103.19 -8.26 1.14
N LEU L 124 103.18 -9.44 1.73
CA LEU L 124 103.17 -10.69 0.99
C LEU L 124 101.95 -11.53 1.35
N TRP L 125 101.74 -12.60 0.56
CA TRP L 125 100.68 -13.55 0.88
C TRP L 125 101.12 -14.49 1.99
N GLN L 126 102.26 -15.16 1.80
CA GLN L 126 102.83 -15.99 2.85
C GLN L 126 104.34 -15.93 2.74
N GLY L 127 105.01 -16.31 3.84
CA GLY L 127 106.45 -16.26 3.89
C GLY L 127 106.98 -14.91 4.32
N GLU L 128 108.28 -14.75 4.14
CA GLU L 128 108.98 -13.52 4.53
C GLU L 128 109.70 -12.84 3.37
N MET L 129 110.13 -13.58 2.36
CA MET L 129 110.95 -13.05 1.29
C MET L 129 110.16 -13.03 -0.01
N GLY L 130 110.36 -11.98 -0.79
CA GLY L 130 109.65 -11.82 -2.05
C GLY L 130 109.20 -10.40 -2.23
N GLN L 131 108.96 -10.04 -3.49
CA GLN L 131 108.53 -8.71 -3.86
C GLN L 131 107.11 -8.45 -3.38
N VAL L 132 106.88 -7.28 -2.78
CA VAL L 132 105.58 -6.97 -2.23
C VAL L 132 104.57 -6.75 -3.36
N HIS L 133 103.42 -7.41 -3.23
CA HIS L 133 102.39 -7.32 -4.25
C HIS L 133 100.98 -7.15 -3.71
N THR L 134 100.73 -7.51 -2.47
CA THR L 134 99.38 -7.65 -1.95
C THR L 134 99.24 -6.83 -0.68
N VAL L 135 98.00 -6.38 -0.42
CA VAL L 135 97.66 -5.79 0.87
C VAL L 135 97.85 -6.84 1.96
N THR L 136 98.25 -6.40 3.16
CA THR L 136 98.68 -7.36 4.18
C THR L 136 97.49 -8.06 4.83
N THR L 137 96.62 -7.30 5.49
CA THR L 137 95.56 -7.89 6.28
C THR L 137 94.19 -7.52 5.70
N ARG L 138 93.15 -8.17 6.21
CA ARG L 138 91.80 -7.79 5.83
C ARG L 138 91.40 -6.49 6.49
N ALA L 139 90.64 -5.68 5.76
CA ALA L 139 90.09 -4.44 6.31
C ALA L 139 88.75 -4.16 5.65
N SER L 140 88.01 -3.23 6.24
CA SER L 140 86.66 -2.90 5.79
C SER L 140 86.43 -1.40 5.94
N GLY L 141 85.92 -0.77 4.89
CA GLY L 141 85.63 0.65 4.94
C GLY L 141 84.17 0.94 4.68
N LYS L 142 83.59 1.85 5.47
CA LYS L 142 82.17 2.18 5.36
C LYS L 142 82.03 3.70 5.35
N CYS L 143 81.33 4.23 4.35
CA CYS L 143 81.03 5.65 4.29
C CYS L 143 79.64 5.82 3.69
N GLY L 144 78.64 5.94 4.55
CA GLY L 144 77.29 6.20 4.08
C GLY L 144 76.63 5.05 3.36
N SER L 145 76.30 3.98 4.09
CA SER L 145 75.54 2.82 3.63
C SER L 145 76.21 2.06 2.49
N SER L 146 77.53 2.06 2.43
CA SER L 146 78.27 1.28 1.44
C SER L 146 79.49 0.70 2.14
N VAL L 147 79.65 -0.62 2.10
CA VAL L 147 80.77 -1.27 2.75
C VAL L 147 81.61 -1.99 1.71
N VAL L 148 82.90 -1.64 1.64
CA VAL L 148 83.83 -2.31 0.74
C VAL L 148 84.82 -3.10 1.58
N LYS L 149 85.13 -4.32 1.13
CA LYS L 149 85.95 -5.26 1.87
C LYS L 149 87.07 -5.80 0.98
N ILE L 150 88.30 -5.69 1.45
CA ILE L 150 89.48 -6.08 0.67
C ILE L 150 90.16 -7.26 1.34
N ILE L 151 90.33 -8.34 0.59
CA ILE L 151 90.87 -9.60 1.09
C ILE L 151 92.17 -9.87 0.33
N PRO L 152 93.27 -10.22 1.01
CA PRO L 152 94.52 -10.51 0.31
C PRO L 152 94.43 -11.80 -0.51
N ALA L 153 95.30 -11.90 -1.49
CA ALA L 153 95.23 -12.91 -2.54
C ALA L 153 96.60 -13.52 -2.74
N PRO L 154 96.68 -14.74 -3.26
CA PRO L 154 97.97 -15.29 -3.67
C PRO L 154 98.47 -14.62 -4.94
N LYS L 155 99.74 -14.86 -5.25
CA LYS L 155 100.36 -14.22 -6.41
C LYS L 155 99.85 -14.85 -7.70
N GLY L 156 99.80 -14.05 -8.76
CA GLY L 156 99.36 -14.52 -10.04
C GLY L 156 97.86 -14.48 -10.26
N THR L 157 97.11 -13.88 -9.34
CA THR L 157 95.67 -13.85 -9.48
C THR L 157 95.23 -12.61 -10.26
N GLY L 158 95.80 -11.46 -9.95
CA GLY L 158 95.34 -10.21 -10.52
C GLY L 158 94.23 -9.60 -9.69
N ILE L 159 93.82 -8.41 -10.10
CA ILE L 159 92.79 -7.66 -9.39
C ILE L 159 91.44 -8.12 -9.91
N SER L 160 90.53 -8.43 -8.98
CA SER L 160 89.19 -8.89 -9.32
C SER L 160 88.19 -8.01 -8.63
N ALA L 161 87.69 -7.00 -9.34
CA ALA L 161 86.78 -6.02 -8.74
C ALA L 161 85.91 -5.41 -9.83
N SER L 162 85.19 -4.37 -9.43
CA SER L 162 84.26 -3.72 -10.35
C SER L 162 84.98 -2.73 -11.25
N SER L 163 84.21 -1.87 -11.91
CA SER L 163 84.77 -0.89 -12.83
C SER L 163 85.55 0.19 -12.11
N VAL L 164 84.94 0.80 -11.10
CA VAL L 164 85.59 1.92 -10.42
C VAL L 164 86.70 1.51 -9.46
N PRO L 165 86.51 0.62 -8.47
CA PRO L 165 87.59 0.49 -7.47
C PRO L 165 88.79 -0.31 -7.95
N LYS L 166 88.67 -0.97 -9.10
CA LYS L 166 89.85 -1.56 -9.73
C LYS L 166 90.78 -0.48 -10.24
N THR L 167 90.22 0.60 -10.78
CA THR L 167 91.03 1.68 -11.34
C THR L 167 91.74 2.46 -10.25
N ILE L 168 91.18 2.45 -9.03
CA ILE L 168 91.88 3.05 -7.90
C ILE L 168 93.04 2.16 -7.48
N LEU L 169 92.82 0.84 -7.44
CA LEU L 169 93.84 -0.07 -6.95
C LEU L 169 94.99 -0.23 -7.95
N GLU L 170 94.73 0.07 -9.22
CA GLU L 170 95.83 0.10 -10.19
C GLU L 170 96.72 1.30 -9.96
N LEU L 171 96.18 2.37 -9.38
CA LEU L 171 97.00 3.53 -9.05
C LEU L 171 97.83 3.28 -7.81
N ALA L 172 97.30 2.50 -6.87
CA ALA L 172 98.03 2.25 -5.63
C ALA L 172 99.21 1.31 -5.88
N GLY L 173 99.05 0.38 -6.81
CA GLY L 173 100.12 -0.54 -7.13
C GLY L 173 99.94 -1.95 -6.60
N VAL L 174 98.78 -2.28 -6.04
CA VAL L 174 98.55 -3.65 -5.62
C VAL L 174 98.27 -4.50 -6.85
N LYS L 175 98.96 -5.63 -6.95
CA LYS L 175 98.84 -6.45 -8.15
C LYS L 175 97.60 -7.35 -8.10
N ASP L 176 97.16 -7.71 -6.90
CA ASP L 176 96.20 -8.78 -6.73
C ASP L 176 95.52 -8.71 -5.38
N ALA L 177 94.18 -8.74 -5.39
CA ALA L 177 93.38 -8.72 -4.17
C ALA L 177 91.98 -9.21 -4.48
N TYR L 178 91.25 -9.59 -3.43
CA TYR L 178 89.87 -10.04 -3.54
C TYR L 178 88.96 -9.01 -2.90
N THR L 179 87.84 -8.72 -3.56
CA THR L 179 86.93 -7.67 -3.13
C THR L 179 85.51 -8.22 -3.01
N GLN L 180 84.71 -7.53 -2.20
CA GLN L 180 83.27 -7.73 -2.09
C GLN L 180 82.64 -6.37 -1.93
N CYS L 181 81.31 -6.31 -1.94
CA CYS L 181 80.58 -5.07 -1.75
C CYS L 181 79.31 -5.33 -0.95
N PHE L 182 78.85 -4.32 -0.24
CA PHE L 182 77.60 -4.39 0.49
C PHE L 182 76.96 -3.01 0.49
N GLY L 183 75.69 -2.95 0.11
CA GLY L 183 74.96 -1.70 0.16
C GLY L 183 74.75 -1.06 -1.20
N ALA L 184 74.29 0.18 -1.14
CA ALA L 184 73.99 0.92 -2.36
C ALA L 184 75.27 1.44 -3.00
N THR L 185 75.65 0.87 -4.14
CA THR L 185 76.87 1.26 -4.84
C THR L 185 76.59 2.07 -6.09
N TYR L 186 75.35 2.49 -6.32
CA TYR L 186 75.05 3.21 -7.55
C TYR L 186 75.39 4.68 -7.42
N THR L 187 75.69 5.15 -6.21
CA THR L 187 76.31 6.45 -6.07
C THR L 187 77.82 6.30 -5.97
N THR L 188 78.51 6.76 -7.01
CA THR L 188 79.94 6.48 -7.14
C THR L 188 80.78 7.40 -6.26
N GLU L 189 80.16 8.43 -5.68
CA GLU L 189 80.88 9.30 -4.77
C GLU L 189 81.19 8.58 -3.46
N ASN L 190 80.18 7.96 -2.84
CA ASN L 190 80.40 7.25 -1.60
C ASN L 190 81.12 5.93 -1.82
N PHE L 191 81.03 5.39 -3.03
CA PHE L 191 81.69 4.13 -3.33
C PHE L 191 83.20 4.32 -3.47
N ALA L 192 83.62 5.55 -3.80
CA ALA L 192 85.06 5.81 -3.89
C ALA L 192 85.62 6.20 -2.53
N LYS L 193 84.81 6.82 -1.68
CA LYS L 193 85.28 7.26 -0.38
C LYS L 193 85.45 6.11 0.59
N ALA L 194 84.76 4.99 0.33
CA ALA L 194 84.82 3.86 1.25
C ALA L 194 86.09 3.04 1.05
N THR L 195 86.59 2.97 -0.18
CA THR L 195 87.81 2.21 -0.44
C THR L 195 89.03 2.96 0.10
N ILE L 196 88.91 4.27 0.27
CA ILE L 196 89.96 5.04 0.93
C ILE L 196 90.09 4.62 2.38
N GLU L 197 88.96 4.51 3.09
CA GLU L 197 88.97 4.08 4.47
C GLU L 197 89.37 2.62 4.59
N ALA L 198 89.03 1.81 3.57
CA ALA L 198 89.41 0.42 3.58
C ALA L 198 90.91 0.25 3.41
N LEU L 199 91.54 1.11 2.60
CA LEU L 199 92.98 1.02 2.43
C LEU L 199 93.71 1.59 3.63
N GLU L 200 93.10 2.57 4.31
CA GLU L 200 93.73 3.15 5.49
C GLU L 200 93.66 2.20 6.68
N LYS L 201 92.54 1.50 6.83
CA LYS L 201 92.33 0.67 8.01
C LYS L 201 93.25 -0.54 8.01
N SER L 202 93.66 -1.01 6.84
CA SER L 202 94.59 -2.13 6.78
C SER L 202 95.99 -1.69 7.18
N SER L 203 96.32 -0.43 6.92
CA SER L 203 97.68 0.04 7.20
C SER L 203 97.83 0.47 8.65
N SER L 204 96.73 0.57 9.38
CA SER L 204 96.80 1.09 10.73
C SER L 204 96.80 -0.01 11.78
N LEU L 205 96.87 -1.27 11.37
CA LEU L 205 96.92 -2.36 12.33
C LEU L 205 98.30 -2.47 12.97
N PHE L 206 98.31 -2.74 14.27
CA PHE L 206 99.55 -2.86 15.01
C PHE L 206 100.03 -4.30 15.02
N LEU L 207 101.22 -4.52 14.47
CA LEU L 207 101.75 -5.84 14.17
C LEU L 207 102.77 -6.24 15.22
N PRO L 208 103.01 -7.54 15.39
CA PRO L 208 104.10 -7.95 16.30
C PRO L 208 105.48 -7.69 15.72
N SER L 209 105.57 -7.49 14.41
CA SER L 209 106.86 -7.10 13.82
C SER L 209 107.19 -5.65 14.14
N GLN L 210 106.19 -4.86 14.54
CA GLN L 210 106.40 -3.50 15.00
C GLN L 210 106.67 -3.41 16.49
N TRP L 211 107.04 -4.51 17.13
CA TRP L 211 107.33 -4.48 18.57
C TRP L 211 108.70 -3.89 18.85
N THR L 212 109.59 -3.92 17.86
CA THR L 212 110.93 -3.36 18.05
C THR L 212 110.88 -1.85 18.14
N GLU L 213 111.75 -1.29 18.96
CA GLU L 213 111.68 0.15 19.23
C GLU L 213 112.31 0.94 18.09
N PRO L 214 111.63 1.93 17.54
CA PRO L 214 112.22 2.75 16.48
C PRO L 214 113.07 3.88 17.06
N ILE L 215 113.87 4.49 16.19
CA ILE L 215 114.79 5.53 16.63
C ILE L 215 114.05 6.85 16.74
N LYS L 216 114.26 7.55 17.86
CA LYS L 216 113.77 8.91 17.99
C LYS L 216 114.53 9.84 17.06
N GLN L 217 113.82 10.82 16.51
CA GLN L 217 114.42 11.79 15.61
C GLN L 217 113.90 13.17 15.93
N LEU L 218 114.47 14.16 15.27
CA LEU L 218 114.03 15.55 15.40
C LEU L 218 113.23 15.94 14.16
N ASN L 219 112.26 16.82 14.37
CA ASN L 219 111.48 17.36 13.28
C ASN L 219 112.38 18.16 12.34
N PRO L 220 112.20 18.02 11.02
CA PRO L 220 113.09 18.73 10.09
C PRO L 220 112.85 20.23 10.05
N LEU L 221 111.74 20.73 10.58
CA LEU L 221 111.54 22.18 10.64
C LEU L 221 112.45 22.80 11.70
N MET L 222 112.74 22.06 12.77
CA MET L 222 113.58 22.60 13.83
C MET L 222 115.05 22.60 13.42
N GLU L 223 115.43 21.73 12.49
CA GLU L 223 116.83 21.63 12.10
C GLU L 223 117.22 22.76 11.15
N PHE L 224 116.38 23.03 10.15
CA PHE L 224 116.65 24.05 9.16
C PHE L 224 115.96 25.38 9.49
N SER L 225 115.73 25.65 10.79
CA SER L 225 115.07 26.89 11.16
C SER L 225 115.99 28.09 10.93
N ASN L 226 117.28 27.92 11.19
CA ASN L 226 118.22 29.04 11.04
C ASN L 226 118.46 29.37 9.58
N HIS L 227 118.28 28.40 8.68
CA HIS L 227 118.42 28.68 7.26
C HIS L 227 117.22 29.44 6.73
N LEU L 228 116.03 29.18 7.30
CA LEU L 228 114.81 29.76 6.76
C LEU L 228 114.71 31.25 7.04
N ASN L 229 114.93 31.66 8.29
CA ASN L 229 114.77 33.06 8.65
C ASN L 229 115.91 33.91 8.09
N LYS L 230 117.08 33.30 7.90
CA LYS L 230 118.25 34.04 7.42
C LYS L 230 118.98 33.25 6.34
N SER M 2 53.53 -1.17 55.42
CA SER M 2 54.18 -2.16 56.26
C SER M 2 53.18 -3.20 56.72
N ARG M 3 53.67 -4.25 57.39
CA ARG M 3 52.83 -5.31 57.92
C ARG M 3 52.99 -5.41 59.42
N ARG M 4 51.88 -5.28 60.14
CA ARG M 4 51.87 -5.54 61.58
C ARG M 4 50.46 -5.98 61.94
N TYR M 5 50.35 -7.18 62.51
CA TYR M 5 49.08 -7.73 62.91
C TYR M 5 48.87 -7.49 64.40
N SER M 6 47.80 -6.76 64.74
CA SER M 6 47.50 -6.48 66.12
C SER M 6 47.00 -7.75 66.81
N LYS M 7 47.48 -7.99 68.02
CA LYS M 7 47.13 -9.19 68.74
C LYS M 7 45.74 -9.07 69.37
N ALA M 8 45.06 -10.20 69.48
CA ALA M 8 43.76 -10.23 70.17
C ALA M 8 43.98 -10.13 71.67
N VAL M 9 43.06 -9.42 72.34
CA VAL M 9 43.24 -9.07 73.75
C VAL M 9 42.24 -9.77 74.67
N GLY M 10 41.01 -9.97 74.22
CA GLY M 10 39.97 -10.47 75.11
C GLY M 10 40.05 -11.97 75.33
N LEU M 11 38.89 -12.56 75.59
CA LEU M 11 38.83 -14.00 75.79
C LEU M 11 38.92 -14.75 74.45
N ALA M 12 38.88 -14.01 73.34
CA ALA M 12 39.11 -14.61 72.03
C ALA M 12 40.54 -15.12 71.91
N ALA M 13 41.49 -14.48 72.60
CA ALA M 13 42.86 -14.96 72.57
C ALA M 13 43.13 -15.96 73.67
N SER M 14 42.51 -15.77 74.83
CA SER M 14 42.78 -16.62 75.98
C SER M 14 42.15 -18.00 75.87
N LEU M 15 41.16 -18.18 75.00
CA LEU M 15 40.51 -19.47 74.87
C LEU M 15 41.28 -20.52 74.07
N PRO M 16 41.99 -20.22 72.96
CA PRO M 16 42.81 -21.28 72.34
C PRO M 16 43.99 -21.72 73.18
N LEU M 17 44.39 -20.94 74.19
CA LEU M 17 45.45 -21.39 75.08
C LEU M 17 44.92 -22.40 76.10
N VAL M 18 43.60 -22.43 76.28
CA VAL M 18 43.00 -23.39 77.21
C VAL M 18 43.00 -24.78 76.60
N VAL M 19 42.69 -24.88 75.31
CA VAL M 19 42.49 -26.17 74.67
C VAL M 19 43.82 -26.88 74.48
N LYS M 20 44.90 -26.12 74.31
CA LYS M 20 46.20 -26.74 74.09
C LYS M 20 46.83 -27.22 75.40
N THR M 21 46.84 -26.38 76.41
CA THR M 21 47.60 -26.63 77.64
C THR M 21 46.72 -26.91 78.85
N GLY M 22 45.45 -27.26 78.66
CA GLY M 22 44.56 -27.52 79.77
C GLY M 22 43.60 -28.65 79.47
N LYS M 23 42.67 -28.87 80.41
CA LYS M 23 41.67 -29.92 80.29
C LYS M 23 40.28 -29.31 80.34
N TYR M 24 39.37 -29.87 79.54
CA TYR M 24 38.04 -29.29 79.40
C TYR M 24 37.03 -30.37 79.06
N ASP M 25 35.76 -29.97 79.06
CA ASP M 25 34.66 -30.81 78.62
C ASP M 25 33.53 -29.93 78.11
N ILE M 26 32.85 -30.40 77.08
CA ILE M 26 31.72 -29.69 76.50
C ILE M 26 30.47 -30.51 76.72
N GLY M 27 29.33 -29.89 76.44
CA GLY M 27 28.05 -30.54 76.65
C GLY M 27 27.34 -30.00 77.87
N PHE M 28 26.01 -29.93 77.82
CA PHE M 28 25.27 -29.40 78.95
C PHE M 28 25.16 -30.42 80.07
N LYS M 29 25.11 -31.71 79.72
CA LYS M 29 24.98 -32.75 80.73
C LYS M 29 26.24 -32.84 81.59
N SER M 30 27.40 -32.67 80.98
CA SER M 30 28.64 -32.67 81.74
C SER M 30 28.81 -31.37 82.51
N ALA M 31 28.14 -30.30 82.06
CA ALA M 31 28.26 -29.02 82.72
C ALA M 31 27.48 -28.99 84.03
N LEU M 32 26.41 -29.77 84.11
CA LEU M 32 25.65 -29.81 85.35
C LEU M 32 26.34 -30.68 86.40
N ARG M 33 27.13 -31.66 85.95
CA ARG M 33 27.76 -32.56 86.90
C ARG M 33 28.91 -31.89 87.61
N ASN M 34 29.65 -31.02 86.91
CA ASN M 34 30.83 -30.41 87.52
C ASN M 34 30.44 -29.33 88.52
N VAL M 35 29.27 -28.72 88.34
CA VAL M 35 28.82 -27.69 89.28
C VAL M 35 28.36 -28.32 90.57
N ILE M 36 27.67 -29.46 90.49
CA ILE M 36 27.15 -30.11 91.68
C ILE M 36 28.29 -30.69 92.51
N THR M 37 29.28 -31.28 91.85
CA THR M 37 30.42 -31.84 92.55
C THR M 37 31.55 -30.83 92.78
N LYS M 38 31.32 -29.56 92.45
CA LYS M 38 32.23 -28.43 92.76
C LYS M 38 33.62 -28.61 92.16
N LYS M 39 33.69 -29.25 90.99
CA LYS M 39 34.97 -29.56 90.37
C LYS M 39 35.27 -28.70 89.16
N ALA M 40 34.46 -27.68 88.89
CA ALA M 40 34.63 -26.83 87.72
C ALA M 40 35.32 -25.55 88.13
N LYS M 41 36.11 -24.97 87.22
CA LYS M 41 36.74 -23.70 87.50
C LYS M 41 35.99 -22.55 86.86
N CYS M 42 35.69 -22.65 85.57
CA CYS M 42 34.94 -21.61 84.89
C CYS M 42 34.01 -22.22 83.87
N ILE M 43 32.98 -21.46 83.49
CA ILE M 43 31.95 -21.90 82.56
C ILE M 43 31.78 -20.85 81.48
N VAL M 44 31.90 -21.26 80.22
CA VAL M 44 31.69 -20.39 79.07
C VAL M 44 30.43 -20.84 78.35
N VAL M 45 29.48 -19.93 78.19
CA VAL M 45 28.21 -20.22 77.55
C VAL M 45 28.16 -19.52 76.21
N SER M 46 27.36 -20.06 75.29
CA SER M 46 27.14 -19.38 74.02
C SER M 46 25.86 -18.56 74.07
N SER M 47 25.59 -17.88 72.95
CA SER M 47 24.41 -17.02 72.90
C SER M 47 23.17 -17.81 72.49
N SER M 48 23.36 -19.00 71.95
CA SER M 48 22.25 -19.80 71.45
C SER M 48 21.81 -20.90 72.39
N LEU M 49 21.91 -20.68 73.69
CA LEU M 49 21.30 -21.61 74.64
C LEU M 49 19.82 -21.27 74.80
N PRO M 50 18.97 -22.25 75.14
CA PRO M 50 17.60 -21.93 75.50
C PRO M 50 17.53 -21.13 76.79
N SER M 51 16.48 -20.32 76.92
CA SER M 51 16.39 -19.39 78.04
C SER M 51 16.10 -20.11 79.35
N VAL M 52 15.61 -21.34 79.28
CA VAL M 52 15.35 -22.10 80.50
C VAL M 52 16.65 -22.69 81.03
N LYS M 53 17.46 -23.28 80.13
CA LYS M 53 18.68 -23.94 80.57
C LYS M 53 19.76 -22.95 80.96
N ARG M 54 19.65 -21.70 80.51
CA ARG M 54 20.69 -20.72 80.82
C ARG M 54 20.56 -20.20 82.24
N LYS M 55 19.34 -19.83 82.65
CA LYS M 55 19.16 -19.24 83.97
C LYS M 55 19.28 -20.27 85.08
N GLN M 56 19.17 -21.55 84.74
CA GLN M 56 19.40 -22.60 85.72
C GLN M 56 20.87 -22.70 86.08
N LEU M 57 21.76 -22.35 85.14
CA LEU M 57 23.18 -22.39 85.43
C LEU M 57 23.62 -21.18 86.23
N GLU M 58 22.93 -20.05 86.06
CA GLU M 58 23.24 -18.87 86.86
C GLU M 58 22.79 -19.05 88.29
N TYR M 59 21.68 -19.75 88.50
CA TYR M 59 21.16 -19.93 89.85
C TYR M 59 21.95 -20.98 90.61
N TYR M 60 22.57 -21.92 89.89
CA TYR M 60 23.26 -23.02 90.56
C TYR M 60 24.72 -22.67 90.82
N CYS M 61 25.28 -21.74 90.05
CA CYS M 61 26.70 -21.43 90.21
C CYS M 61 26.93 -20.61 91.47
N VAL M 62 25.93 -19.84 91.89
CA VAL M 62 26.04 -19.10 93.14
C VAL M 62 25.91 -20.07 94.32
N LEU M 63 25.10 -21.11 94.15
CA LEU M 63 24.90 -22.10 95.21
C LEU M 63 26.14 -22.98 95.38
N ALA M 64 26.83 -23.26 94.28
CA ALA M 64 28.01 -24.12 94.36
C ALA M 64 29.20 -23.38 94.95
N GLY M 65 29.25 -22.06 94.77
CA GLY M 65 30.33 -21.28 95.34
C GLY M 65 30.55 -20.00 94.57
N GLY M 66 31.81 -19.61 94.47
CA GLY M 66 32.18 -18.44 93.69
C GLY M 66 32.57 -18.74 92.26
N ILE M 67 31.82 -19.61 91.58
CA ILE M 67 32.18 -19.93 90.20
C ILE M 67 31.73 -18.79 89.29
N PRO M 68 32.60 -18.26 88.45
CA PRO M 68 32.20 -17.16 87.57
C PRO M 68 31.54 -17.67 86.31
N LEU M 69 30.88 -16.76 85.58
CA LEU M 69 30.24 -17.10 84.31
C LEU M 69 30.55 -16.01 83.30
N LYS M 70 31.03 -16.41 82.13
CA LYS M 70 31.42 -15.48 81.08
C LYS M 70 30.49 -15.65 79.88
N PHE M 71 30.15 -14.54 79.25
CA PHE M 71 29.21 -14.54 78.14
C PHE M 71 29.92 -14.31 76.82
N TYR M 72 29.74 -15.23 75.88
CA TYR M 72 30.29 -15.12 74.55
C TYR M 72 29.21 -14.61 73.61
N GLU M 73 29.60 -13.78 72.66
CA GLU M 73 28.66 -13.24 71.68
C GLU M 73 28.88 -13.95 70.35
N GLY M 74 28.25 -15.11 70.18
CA GLY M 74 28.44 -15.88 68.96
C GLY M 74 27.54 -17.09 68.92
N THR M 75 27.57 -17.76 67.76
CA THR M 75 26.79 -18.97 67.55
C THR M 75 27.68 -20.18 67.84
N ASN M 76 27.05 -21.36 67.93
CA ASN M 76 27.78 -22.60 68.17
C ASN M 76 28.77 -22.89 67.06
N ASN M 77 28.42 -22.54 65.81
CA ASN M 77 29.33 -22.76 64.70
C ASN M 77 30.50 -21.78 64.74
N ALA M 78 30.32 -20.64 65.41
CA ALA M 78 31.42 -19.70 65.57
C ALA M 78 32.39 -20.19 66.63
N LEU M 79 31.87 -20.74 67.73
CA LEU M 79 32.72 -21.17 68.83
C LEU M 79 33.55 -22.39 68.46
N ALA M 80 33.05 -23.19 67.51
CA ALA M 80 33.85 -24.30 67.01
C ALA M 80 34.91 -23.81 66.03
N ASN M 81 34.73 -22.61 65.49
CA ASN M 81 35.74 -22.05 64.59
C ASN M 81 36.76 -21.24 65.37
N LEU M 82 36.40 -20.79 66.57
CA LEU M 82 37.34 -20.02 67.39
C LEU M 82 38.46 -20.91 67.91
N CYS M 83 38.10 -21.95 68.66
CA CYS M 83 39.03 -23.01 69.02
C CYS M 83 38.53 -24.30 68.39
N GLU M 84 39.45 -25.17 68.01
CA GLU M 84 39.09 -26.30 67.19
C GLU M 84 38.41 -27.39 68.01
N LEU M 85 37.13 -27.61 67.75
CA LEU M 85 36.35 -28.62 68.45
C LEU M 85 35.77 -29.59 67.44
N LYS M 86 35.35 -30.75 67.93
CA LYS M 86 34.83 -31.79 67.04
C LYS M 86 33.43 -31.44 66.56
N TYR M 87 32.57 -31.03 67.47
CA TYR M 87 31.19 -30.71 67.17
C TYR M 87 30.88 -29.32 67.70
N ARG M 88 29.77 -28.75 67.24
CA ARG M 88 29.32 -27.47 67.78
C ARG M 88 28.84 -27.67 69.21
N THR M 89 28.95 -26.63 70.01
CA THR M 89 28.68 -26.74 71.44
C THR M 89 27.87 -25.57 71.96
N GLY M 90 27.00 -25.87 72.92
CA GLY M 90 26.33 -24.81 73.64
C GLY M 90 27.21 -24.21 74.73
N VAL M 91 27.58 -25.04 75.71
CA VAL M 91 28.35 -24.57 76.85
C VAL M 91 29.69 -25.30 76.90
N MET M 92 30.68 -24.64 77.48
CA MET M 92 32.01 -25.19 77.66
C MET M 92 32.36 -25.17 79.13
N SER M 93 32.90 -26.27 79.64
CA SER M 93 33.31 -26.39 81.03
C SER M 93 34.83 -26.60 81.10
N VAL M 94 35.50 -25.80 81.92
CA VAL M 94 36.95 -25.82 82.02
C VAL M 94 37.34 -26.57 83.28
N LEU M 95 37.92 -27.75 83.10
CA LEU M 95 38.38 -28.52 84.26
C LEU M 95 39.73 -28.01 84.76
N HIS M 96 40.68 -27.82 83.86
CA HIS M 96 42.01 -27.35 84.24
C HIS M 96 42.56 -26.50 83.12
N GLU M 97 43.39 -25.54 83.47
CA GLU M 97 43.98 -24.63 82.51
C GLU M 97 45.50 -24.70 82.58
N GLY M 98 46.15 -24.04 81.63
CA GLY M 98 47.59 -23.95 81.65
C GLY M 98 48.07 -22.53 81.82
N GLU M 99 48.57 -21.95 80.74
CA GLU M 99 49.09 -20.59 80.75
C GLU M 99 48.03 -19.54 80.49
N SER M 100 46.75 -19.87 80.64
CA SER M 100 45.69 -18.93 80.34
C SER M 100 45.52 -17.92 81.47
N ASP M 101 45.13 -16.71 81.09
CA ASP M 101 44.81 -15.64 82.02
C ASP M 101 43.31 -15.45 82.17
N LEU M 102 42.55 -16.55 82.12
CA LEU M 102 41.10 -16.47 82.10
C LEU M 102 40.54 -16.14 83.48
N LEU M 103 41.18 -16.65 84.52
CA LEU M 103 40.68 -16.41 85.87
C LEU M 103 41.13 -15.06 86.41
N THR M 104 42.28 -14.58 85.95
CA THR M 104 42.82 -13.33 86.49
C THR M 104 42.12 -12.12 85.88
N GLU M 105 41.45 -12.29 84.74
CA GLU M 105 40.77 -11.20 84.08
C GLU M 105 39.51 -10.79 84.82
N GLU N 2 36.69 90.19 32.60
CA GLU N 2 37.74 90.23 33.61
C GLU N 2 37.49 89.16 34.67
N ALA N 3 36.26 88.63 34.69
CA ALA N 3 35.91 87.61 35.68
C ALA N 3 36.51 86.25 35.32
N ASN N 4 36.96 86.09 34.08
CA ASN N 4 37.54 84.82 33.66
C ASN N 4 39.00 84.73 34.07
N LEU N 5 39.56 85.79 34.64
CA LEU N 5 40.98 85.82 34.95
C LEU N 5 41.28 85.26 36.34
N GLN N 6 40.26 85.16 37.20
CA GLN N 6 40.50 84.72 38.57
C GLN N 6 40.63 83.21 38.66
N GLN N 7 40.19 82.48 37.63
CA GLN N 7 40.11 81.03 37.73
C GLN N 7 41.47 80.38 37.51
N GLN N 8 42.41 81.09 36.89
CA GLN N 8 43.68 80.48 36.49
C GLN N 8 44.55 80.15 37.70
N PHE N 9 45.29 79.06 37.58
CA PHE N 9 46.36 78.71 38.50
C PHE N 9 47.65 78.62 37.70
N TYR N 10 48.76 78.96 38.34
CA TYR N 10 50.03 79.11 37.65
C TYR N 10 51.00 78.01 38.06
N CYS N 11 51.62 77.40 37.06
CA CYS N 11 52.42 76.19 37.23
C CYS N 11 53.43 76.08 36.10
N LYS N 12 54.57 75.50 36.40
CA LYS N 12 55.69 75.41 35.46
C LYS N 12 56.05 73.96 35.16
N VAL N 13 56.25 73.67 33.88
CA VAL N 13 56.61 72.35 33.41
C VAL N 13 58.07 72.11 33.76
N LEU N 14 58.44 70.84 34.01
CA LEU N 14 59.85 70.50 34.16
C LEU N 14 60.43 69.96 32.86
N LYS N 15 59.87 68.85 32.37
CA LYS N 15 60.46 68.14 31.25
C LYS N 15 59.39 67.28 30.58
N THR N 16 59.74 66.77 29.40
CA THR N 16 58.86 65.92 28.61
C THR N 16 59.25 64.46 28.82
N ALA N 17 58.25 63.59 28.94
CA ALA N 17 58.52 62.19 29.18
C ALA N 17 58.40 61.37 27.89
N ASP N 18 57.21 61.36 27.29
CA ASP N 18 56.95 60.60 26.06
C ASP N 18 55.61 61.06 25.50
N ARG N 19 55.32 60.56 24.30
CA ARG N 19 54.05 60.83 23.63
C ARG N 19 53.14 59.63 23.76
N ALA N 20 51.85 59.89 23.97
CA ALA N 20 50.85 58.83 24.10
C ALA N 20 49.49 59.37 23.69
N GLY N 21 48.81 58.65 22.81
CA GLY N 21 47.51 59.06 22.36
C GLY N 21 46.91 58.03 21.44
N SER N 22 45.73 58.37 20.91
CA SER N 22 45.07 57.48 19.95
C SER N 22 45.83 57.45 18.64
N ALA N 23 46.33 58.59 18.19
CA ALA N 23 47.20 58.68 17.03
C ALA N 23 48.54 59.31 17.37
N GLY N 24 48.86 59.44 18.65
CA GLY N 24 50.10 60.08 19.06
C GLY N 24 50.02 61.58 18.94
N ALA N 25 48.96 62.16 19.50
CA ALA N 25 48.75 63.60 19.44
C ALA N 25 48.82 64.27 20.81
N LEU N 26 48.87 63.48 21.89
CA LEU N 26 48.94 64.02 23.23
C LEU N 26 50.30 63.66 23.82
N VAL N 27 50.75 64.46 24.79
CA VAL N 27 52.06 64.28 25.40
C VAL N 27 51.89 64.28 26.91
N LEU N 28 52.81 63.61 27.60
CA LEU N 28 52.84 63.61 29.05
C LEU N 28 54.00 64.48 29.55
N VAL N 29 53.76 65.25 30.61
CA VAL N 29 54.73 66.22 31.10
C VAL N 29 54.77 66.17 32.62
N ARG N 30 55.88 66.62 33.20
CA ARG N 30 56.01 66.78 34.64
C ARG N 30 55.96 68.27 34.97
N VAL N 31 55.04 68.66 35.85
CA VAL N 31 54.73 70.06 36.10
C VAL N 31 54.68 70.30 37.61
N GLU N 32 55.22 71.43 38.06
CA GLU N 32 55.20 71.81 39.46
C GLU N 32 54.49 73.15 39.62
N LEU N 33 53.83 73.34 40.76
CA LEU N 33 53.05 74.55 40.97
C LEU N 33 53.94 75.70 41.42
N LEU N 34 53.62 76.91 40.95
CA LEU N 34 54.37 78.08 41.37
C LEU N 34 53.89 78.61 42.72
N ASN N 35 52.70 78.19 43.15
CA ASN N 35 52.21 78.62 44.46
C ASN N 35 52.89 77.84 45.58
N ASN N 36 52.88 76.52 45.49
CA ASN N 36 53.48 75.66 46.51
C ASN N 36 54.29 74.57 45.82
N GLY N 37 55.26 74.03 46.56
CA GLY N 37 56.08 72.94 46.06
C GLY N 37 55.32 71.63 45.91
N ARG N 38 55.20 71.15 44.69
CA ARG N 38 54.43 69.95 44.37
C ARG N 38 55.06 69.32 43.14
N LYS N 39 54.48 68.20 42.68
CA LYS N 39 54.91 67.54 41.46
C LYS N 39 53.72 66.79 40.89
N MET N 40 53.34 67.16 39.68
CA MET N 40 52.14 66.60 39.07
C MET N 40 52.49 66.06 37.70
N ASN N 41 51.75 65.03 37.30
CA ASN N 41 51.85 64.45 35.97
C ASN N 41 50.48 64.57 35.32
N ARG N 42 50.43 65.08 34.10
CA ARG N 42 49.17 65.36 33.43
C ARG N 42 49.41 65.43 31.92
N LEU N 43 48.39 65.08 31.15
CA LEU N 43 48.45 65.11 29.69
C LEU N 43 47.97 66.47 29.20
N ILE N 44 48.61 66.98 28.15
CA ILE N 44 48.24 68.25 27.54
C ILE N 44 48.17 68.06 26.04
N LYS N 45 47.29 68.82 25.38
CA LYS N 45 47.03 68.58 23.96
C LYS N 45 48.10 69.22 23.07
N GLY N 46 48.37 70.50 23.26
CA GLY N 46 49.24 71.21 22.35
C GLY N 46 50.71 70.93 22.58
N SER N 47 51.52 71.39 21.62
CA SER N 47 52.95 71.13 21.66
C SER N 47 53.66 72.14 22.55
N VAL N 48 54.55 71.64 23.42
CA VAL N 48 55.23 72.44 24.41
C VAL N 48 56.73 72.24 24.33
N ARG N 49 57.47 73.21 24.88
CA ARG N 49 58.88 73.09 25.12
C ARG N 49 59.13 73.24 26.61
N GLU N 50 60.40 73.13 27.01
CA GLU N 50 60.73 73.23 28.43
C GLU N 50 60.67 74.68 28.88
N GLY N 51 60.19 74.89 30.11
CA GLY N 51 60.13 76.21 30.70
C GLY N 51 58.82 76.95 30.51
N ASP N 52 57.80 76.30 29.96
CA ASP N 52 56.54 76.96 29.71
C ASP N 52 55.74 77.15 30.99
N ILE N 53 54.77 78.07 30.95
CA ILE N 53 53.83 78.24 32.05
C ILE N 53 52.44 77.95 31.52
N ILE N 54 51.78 76.94 32.10
CA ILE N 54 50.51 76.49 31.57
C ILE N 54 49.37 76.95 32.47
N ALA N 55 48.31 77.48 31.86
CA ALA N 55 47.11 77.89 32.57
C ALA N 55 46.21 76.67 32.71
N LEU N 56 45.69 76.44 33.91
CA LEU N 56 44.83 75.29 34.17
C LEU N 56 43.73 75.69 35.15
N LEU N 57 42.56 75.09 34.98
CA LEU N 57 41.43 75.39 35.85
C LEU N 57 41.52 74.61 37.17
N GLU N 58 41.48 73.28 37.08
CA GLU N 58 41.48 72.40 38.24
C GLU N 58 42.92 71.97 38.51
N CYS N 59 43.34 72.03 39.77
CA CYS N 59 44.69 71.64 40.13
C CYS N 59 44.77 70.34 40.91
N GLU N 60 43.65 69.67 41.17
CA GLU N 60 43.64 68.57 42.13
C GLU N 60 43.64 67.21 41.43
N ARG N 61 43.17 67.15 40.18
CA ARG N 61 43.08 65.88 39.48
C ARG N 61 44.47 65.38 39.11
N GLU N 62 44.59 64.06 38.95
CA GLU N 62 45.89 63.45 38.73
C GLU N 62 45.83 62.44 37.58
N HIS N 63 46.99 62.00 37.10
CA HIS N 63 47.09 60.99 36.07
C HIS N 63 47.67 59.72 36.66
N ARG N 64 46.97 58.60 36.46
CA ARG N 64 47.27 57.28 37.04
C ARG N 64 47.40 57.31 38.55
N ALA O 12 -31.47 38.76 -53.39
CA ALA O 12 -31.23 38.09 -54.65
C ALA O 12 -32.53 37.84 -55.39
N LYS O 13 -33.60 38.48 -54.94
CA LYS O 13 -34.88 38.36 -55.60
C LYS O 13 -34.87 39.08 -56.94
N SER O 14 -35.80 38.72 -57.81
CA SER O 14 -35.84 39.23 -59.17
C SER O 14 -36.48 40.61 -59.19
N ALA O 15 -36.74 41.11 -60.40
CA ALA O 15 -37.49 42.35 -60.53
C ALA O 15 -38.99 42.09 -60.57
N ALA O 16 -39.38 40.86 -60.89
CA ALA O 16 -40.81 40.55 -60.99
C ALA O 16 -41.39 40.16 -59.64
N THR O 17 -40.59 39.50 -58.80
CA THR O 17 -41.10 39.10 -57.49
C THR O 17 -41.24 40.30 -56.56
N LYS O 18 -40.42 41.33 -56.78
CA LYS O 18 -40.51 42.54 -55.95
C LYS O 18 -41.78 43.32 -56.26
N ARG O 19 -42.36 43.12 -57.44
CA ARG O 19 -43.60 43.78 -57.77
C ARG O 19 -44.80 42.95 -57.34
N SER O 20 -44.65 41.62 -57.29
CA SER O 20 -45.79 40.78 -56.95
C SER O 20 -46.04 40.76 -55.45
N ARG O 21 -45.02 41.04 -54.63
CA ARG O 21 -45.21 41.01 -53.19
C ARG O 21 -45.64 42.37 -52.65
N PHE O 22 -45.96 43.30 -53.55
CA PHE O 22 -46.27 44.67 -53.16
C PHE O 22 -47.72 44.82 -52.72
N GLN O 23 -47.93 45.44 -51.56
CA GLN O 23 -49.27 45.78 -51.10
C GLN O 23 -49.47 47.28 -51.26
N VAL O 24 -50.46 47.65 -52.08
CA VAL O 24 -50.70 49.05 -52.41
C VAL O 24 -51.65 49.66 -51.39
N LYS O 25 -51.29 50.83 -50.88
CA LYS O 25 -52.11 51.53 -49.90
C LYS O 25 -53.39 52.07 -50.54
N ARG O 26 -54.24 52.65 -49.70
CA ARG O 26 -55.53 53.13 -50.17
C ARG O 26 -55.37 54.35 -51.06
N ARG O 27 -56.40 54.62 -51.86
CA ARG O 27 -56.28 55.64 -52.90
C ARG O 27 -56.20 57.04 -52.30
N ARG O 28 -56.99 57.30 -51.27
CA ARG O 28 -56.98 58.64 -50.70
C ARG O 28 -55.77 58.83 -49.80
N ARG O 29 -55.15 57.74 -49.35
CA ARG O 29 -53.90 57.84 -48.62
C ARG O 29 -52.72 57.97 -49.58
N ARG O 30 -52.87 57.42 -50.79
CA ARG O 30 -51.82 57.50 -51.80
C ARG O 30 -51.57 58.92 -52.26
N GLU O 31 -52.62 59.74 -52.28
CA GLU O 31 -52.52 61.11 -52.74
C GLU O 31 -52.22 62.11 -51.64
N CYS O 32 -51.93 61.63 -50.42
CA CYS O 32 -51.53 62.43 -49.27
C CYS O 32 -52.56 63.50 -48.92
N LYS O 33 -53.79 63.06 -48.66
CA LYS O 33 -54.88 63.99 -48.40
C LYS O 33 -55.57 63.76 -47.07
N THR O 34 -55.42 62.60 -46.45
CA THR O 34 -56.18 62.30 -45.24
C THR O 34 -55.34 61.46 -44.28
N ASN O 35 -55.86 61.35 -43.06
CA ASN O 35 -55.26 60.54 -42.01
C ASN O 35 -56.36 59.63 -41.48
N TYR O 36 -56.29 58.34 -41.84
CA TYR O 36 -57.44 57.46 -41.69
C TYR O 36 -57.69 57.12 -40.23
N ARG O 37 -56.66 57.15 -39.40
CA ARG O 37 -56.87 56.94 -37.97
C ARG O 37 -57.58 58.12 -37.34
N HIS O 38 -57.37 59.32 -37.90
CA HIS O 38 -58.01 60.51 -37.34
C HIS O 38 -59.47 60.60 -37.75
N ARG O 39 -59.84 59.96 -38.85
CA ARG O 39 -61.21 60.03 -39.33
C ARG O 39 -62.12 59.09 -38.57
N ILE O 40 -61.63 57.89 -38.26
CA ILE O 40 -62.47 56.86 -37.65
C ILE O 40 -62.80 57.22 -36.21
N ASN O 41 -61.86 57.87 -35.51
CA ASN O 41 -62.13 58.32 -34.15
C ASN O 41 -63.13 59.45 -34.12
N LEU O 42 -63.28 60.17 -35.23
CA LEU O 42 -64.22 61.29 -35.28
C LEU O 42 -65.64 60.80 -35.50
N ILE O 43 -65.82 59.76 -36.31
CA ILE O 43 -67.16 59.32 -36.71
C ILE O 43 -67.55 58.01 -36.02
N LYS O 44 -66.97 57.71 -34.86
CA LYS O 44 -67.43 56.58 -34.06
C LYS O 44 -68.77 56.91 -33.42
N GLN O 45 -69.45 55.88 -32.94
CA GLN O 45 -70.70 56.07 -32.20
C GLN O 45 -70.93 54.90 -31.26
N ASP O 46 -71.49 55.19 -30.09
CA ASP O 46 -71.97 54.14 -29.20
C ASP O 46 -73.13 53.40 -29.85
N TYR O 47 -73.29 52.13 -29.49
CA TYR O 47 -74.15 51.25 -30.27
C TYR O 47 -75.63 51.47 -29.98
N ASN O 48 -75.95 52.10 -28.84
CA ASN O 48 -77.36 52.27 -28.47
C ASN O 48 -78.03 53.33 -29.33
N LYS O 49 -77.31 54.38 -29.69
CA LYS O 49 -77.87 55.47 -30.48
C LYS O 49 -77.74 55.15 -31.97
N GLN O 50 -78.66 54.30 -32.44
CA GLN O 50 -78.60 53.87 -33.82
C GLN O 50 -79.09 54.96 -34.76
N GLY O 51 -80.20 55.62 -34.41
CA GLY O 51 -80.81 56.60 -35.28
C GLY O 51 -80.18 57.97 -35.29
N ALA O 52 -79.20 58.23 -34.42
CA ALA O 52 -78.60 59.56 -34.31
C ALA O 52 -77.22 59.56 -34.97
N LEU O 53 -77.11 60.26 -36.09
CA LEU O 53 -75.86 60.39 -36.83
C LEU O 53 -75.16 61.67 -36.38
N LYS O 54 -73.83 61.65 -36.40
CA LYS O 54 -73.09 62.82 -35.97
C LYS O 54 -73.02 63.86 -37.07
N PHE O 55 -72.64 65.07 -36.68
CA PHE O 55 -72.34 66.16 -37.61
C PHE O 55 -70.86 66.48 -37.51
N ARG O 56 -70.31 67.13 -38.53
CA ARG O 56 -68.93 67.61 -38.49
C ARG O 56 -68.81 68.82 -39.40
N LEU O 57 -67.96 69.76 -39.01
CA LEU O 57 -67.69 70.94 -39.82
C LEU O 57 -66.30 70.83 -40.41
N VAL O 58 -66.20 71.02 -41.72
CA VAL O 58 -64.93 70.91 -42.43
C VAL O 58 -64.48 72.31 -42.82
N VAL O 59 -63.26 72.67 -42.46
CA VAL O 59 -62.69 73.98 -42.79
C VAL O 59 -61.41 73.75 -43.57
N ARG O 60 -61.47 74.00 -44.87
CA ARG O 60 -60.31 73.87 -45.74
C ARG O 60 -60.12 75.16 -46.51
N ARG O 61 -58.89 75.39 -46.96
CA ARG O 61 -58.58 76.55 -47.78
C ARG O 61 -57.76 76.11 -48.98
N THR O 62 -58.08 76.67 -50.13
CA THR O 62 -57.25 76.52 -51.31
C THR O 62 -56.18 77.63 -51.27
N ASN O 63 -55.54 77.86 -52.40
CA ASN O 63 -54.50 78.89 -52.44
C ASN O 63 -55.09 80.28 -52.40
N THR O 64 -56.36 80.44 -52.82
CA THR O 64 -57.00 81.75 -52.86
C THR O 64 -58.46 81.71 -52.39
N LYS O 65 -58.86 80.68 -51.66
CA LYS O 65 -60.26 80.57 -51.24
C LYS O 65 -60.33 79.92 -49.87
N VAL O 66 -61.53 79.96 -49.29
CA VAL O 66 -61.85 79.24 -48.06
C VAL O 66 -63.13 78.47 -48.30
N ILE O 67 -63.10 77.16 -48.05
CA ILE O 67 -64.24 76.28 -48.25
C ILE O 67 -64.69 75.77 -46.89
N CYS O 68 -65.99 75.83 -46.62
CA CYS O 68 -66.57 75.34 -45.38
C CYS O 68 -67.83 74.55 -45.68
N GLN O 69 -67.88 73.31 -45.18
CA GLN O 69 -69.03 72.44 -45.39
C GLN O 69 -69.44 71.83 -44.05
N ILE O 70 -70.72 71.47 -43.96
CA ILE O 70 -71.26 70.69 -42.84
C ILE O 70 -71.84 69.42 -43.41
N THR O 71 -71.30 68.27 -43.00
CA THR O 71 -71.63 67.00 -43.62
C THR O 71 -72.08 65.99 -42.58
N ARG O 72 -72.67 64.90 -43.07
CA ARG O 72 -73.01 63.72 -42.28
C ARG O 72 -72.74 62.49 -43.13
N SER O 73 -72.05 61.51 -42.57
CA SER O 73 -71.46 60.45 -43.38
C SER O 73 -72.43 59.30 -43.60
N TYR O 74 -72.22 58.58 -44.69
CA TYR O 74 -73.01 57.40 -45.04
C TYR O 74 -72.11 56.35 -45.65
N ILE O 75 -72.72 55.23 -46.03
CA ILE O 75 -71.95 54.08 -46.48
C ILE O 75 -71.45 54.27 -47.91
N ASP O 76 -72.33 54.70 -48.81
CA ASP O 76 -71.94 54.90 -50.20
C ASP O 76 -71.10 56.16 -50.37
N GLY O 77 -71.16 57.07 -49.41
CA GLY O 77 -70.37 58.28 -49.47
C GLY O 77 -71.02 59.37 -48.66
N ASP O 78 -70.27 60.46 -48.49
CA ASP O 78 -70.75 61.57 -47.69
C ASP O 78 -71.80 62.38 -48.43
N ARG O 79 -72.51 63.22 -47.69
CA ARG O 79 -73.49 64.15 -48.22
C ARG O 79 -73.34 65.47 -47.48
N VAL O 80 -73.56 66.58 -48.16
CA VAL O 80 -73.41 67.90 -47.54
C VAL O 80 -74.77 68.36 -47.05
N PHE O 81 -74.76 69.13 -45.97
CA PHE O 81 -76.00 69.71 -45.47
C PHE O 81 -76.09 71.18 -45.87
N ALA O 82 -75.00 71.92 -45.70
CA ALA O 82 -74.93 73.32 -46.08
C ALA O 82 -73.47 73.68 -46.28
N PHE O 83 -73.21 74.51 -47.29
CA PHE O 83 -71.86 74.90 -47.62
C PHE O 83 -71.78 76.42 -47.72
N ALA O 84 -70.56 76.93 -47.68
CA ALA O 84 -70.30 78.35 -47.86
C ALA O 84 -68.94 78.52 -48.50
N ASP O 85 -68.84 79.49 -49.42
CA ASP O 85 -67.61 79.76 -50.13
C ASP O 85 -67.17 81.19 -49.88
N SER O 86 -65.85 81.39 -49.75
CA SER O 86 -65.33 82.71 -49.43
C SER O 86 -65.49 83.69 -50.59
N THR O 87 -65.69 83.18 -51.80
CA THR O 87 -65.91 84.03 -52.95
C THR O 87 -67.35 84.51 -53.07
N GLU O 88 -68.19 84.21 -52.10
CA GLU O 88 -69.55 84.74 -52.06
C GLU O 88 -69.63 86.10 -51.39
N LEU O 89 -68.52 86.61 -50.88
CA LEU O 89 -68.53 87.86 -50.13
C LEU O 89 -68.45 89.09 -51.02
N LYS O 90 -68.49 88.93 -52.34
CA LYS O 90 -68.58 90.08 -53.21
C LYS O 90 -69.97 90.70 -53.14
N ASN O 91 -70.97 89.90 -52.75
CA ASN O 91 -72.33 90.41 -52.65
C ASN O 91 -72.49 91.33 -51.46
N TYR O 92 -71.62 91.22 -50.47
CA TYR O 92 -71.68 92.08 -49.30
C TYR O 92 -70.59 93.14 -49.28
N GLY O 93 -69.67 93.11 -50.26
CA GLY O 93 -68.74 94.21 -50.43
C GLY O 93 -67.31 93.93 -50.03
N VAL O 94 -66.97 92.72 -49.62
CA VAL O 94 -65.60 92.37 -49.28
C VAL O 94 -65.05 91.53 -50.41
N ASP O 95 -64.18 92.12 -51.22
CA ASP O 95 -63.57 91.44 -52.35
C ASP O 95 -62.11 91.76 -52.55
N PHE O 96 -61.44 92.33 -51.54
CA PHE O 96 -60.01 92.62 -51.64
C PHE O 96 -59.20 91.60 -50.87
N GLY O 97 -59.72 91.10 -49.76
CA GLY O 97 -59.05 90.08 -48.99
C GLY O 97 -59.94 88.85 -48.86
N LEU O 98 -59.52 87.76 -49.51
CA LEU O 98 -60.30 86.53 -49.50
C LEU O 98 -59.63 85.41 -48.74
N LYS O 99 -58.54 85.68 -48.04
CA LYS O 99 -57.80 84.66 -47.32
C LYS O 99 -57.31 85.17 -45.97
N ASN O 100 -57.87 86.27 -45.48
CA ASN O 100 -57.39 86.92 -44.28
C ASN O 100 -57.94 86.23 -43.03
N HIS O 101 -57.65 86.83 -41.88
CA HIS O 101 -58.23 86.37 -40.63
C HIS O 101 -59.72 86.67 -40.57
N PHE O 102 -60.15 87.70 -41.28
CA PHE O 102 -61.59 87.99 -41.36
C PHE O 102 -62.29 87.05 -42.32
N ALA O 103 -61.56 86.58 -43.34
CA ALA O 103 -62.20 85.77 -44.38
C ALA O 103 -62.60 84.40 -43.86
N PHE O 104 -61.84 83.85 -42.90
CA PHE O 104 -62.24 82.60 -42.28
C PHE O 104 -63.44 82.80 -41.38
N TYR O 105 -63.53 83.97 -40.74
CA TYR O 105 -64.59 84.20 -39.76
C TYR O 105 -65.94 84.34 -40.43
N ALA O 106 -66.02 85.14 -41.50
CA ALA O 106 -67.31 85.42 -42.10
C ALA O 106 -67.83 84.24 -42.91
N THR O 107 -66.93 83.32 -43.28
CA THR O 107 -67.37 82.20 -44.11
C THR O 107 -68.14 81.18 -43.30
N GLY O 108 -67.62 80.80 -42.14
CA GLY O 108 -68.34 79.87 -41.28
C GLY O 108 -69.55 80.52 -40.64
N PHE O 109 -69.51 81.84 -40.46
CA PHE O 109 -70.66 82.58 -39.95
C PHE O 109 -71.81 82.53 -40.94
N LEU O 110 -71.50 82.57 -42.23
CA LEU O 110 -72.53 82.39 -43.25
C LEU O 110 -72.96 80.94 -43.34
N ALA O 111 -72.05 80.01 -42.97
CA ALA O 111 -72.37 78.59 -43.07
C ALA O 111 -73.39 78.17 -42.02
N ALA O 112 -73.16 78.54 -40.76
CA ALA O 112 -74.06 78.14 -39.69
C ALA O 112 -75.38 78.90 -39.76
N ARG O 113 -75.35 80.11 -40.29
CA ARG O 113 -76.60 80.87 -40.47
C ARG O 113 -77.44 80.26 -41.58
N ARG O 114 -76.82 79.57 -42.54
CA ARG O 114 -77.57 79.01 -43.65
C ARG O 114 -78.16 77.65 -43.27
N ALA O 115 -77.54 76.96 -42.31
CA ALA O 115 -78.00 75.63 -41.95
C ALA O 115 -79.27 75.69 -41.12
N LEU O 116 -79.37 76.68 -40.23
CA LEU O 116 -80.52 76.77 -39.35
C LEU O 116 -81.78 77.18 -40.12
N ALA O 117 -81.60 77.90 -41.22
CA ALA O 117 -82.76 78.32 -42.01
C ALA O 117 -83.35 77.18 -42.81
N LYS O 118 -82.63 76.06 -42.90
CA LYS O 118 -83.22 74.83 -43.44
C LYS O 118 -84.06 74.13 -42.38
N LEU O 119 -83.80 74.42 -41.11
CA LEU O 119 -84.47 73.79 -39.98
C LEU O 119 -85.39 74.70 -39.20
N GLU O 120 -85.49 75.98 -39.61
CA GLU O 120 -86.42 76.96 -39.05
C GLU O 120 -86.21 77.19 -37.55
N MET O 121 -84.95 77.25 -37.15
CA MET O 121 -84.59 77.64 -35.79
C MET O 121 -84.01 79.05 -35.74
N ASP O 122 -84.32 79.87 -36.74
CA ASP O 122 -83.75 81.22 -36.80
C ASP O 122 -84.38 82.13 -35.77
N ASP O 123 -85.64 81.90 -35.43
CA ASP O 123 -86.33 82.79 -34.52
C ASP O 123 -85.95 82.50 -33.07
N LEU O 124 -85.78 81.22 -32.72
CA LEU O 124 -85.46 80.88 -31.35
C LEU O 124 -84.00 81.14 -31.03
N TYR O 125 -83.12 80.92 -31.99
CA TYR O 125 -81.69 81.05 -31.79
C TYR O 125 -81.13 82.03 -32.80
N LYS O 126 -80.79 83.24 -32.33
CA LYS O 126 -80.31 84.29 -33.21
C LYS O 126 -78.88 84.66 -32.84
N ALA O 127 -78.28 85.48 -33.69
CA ALA O 127 -76.86 85.77 -33.60
C ALA O 127 -76.54 86.71 -32.45
N LYS O 128 -75.28 86.71 -32.03
CA LYS O 128 -74.79 87.62 -31.02
C LYS O 128 -73.92 88.70 -31.64
N GLU O 129 -73.49 89.64 -30.81
CA GLU O 129 -72.58 90.68 -31.29
C GLU O 129 -71.13 90.22 -31.15
N THR O 130 -70.32 90.56 -32.14
CA THR O 130 -68.93 90.11 -32.21
C THR O 130 -68.06 90.86 -31.20
N ASP O 131 -68.21 90.48 -29.93
CA ASP O 131 -67.46 91.14 -28.87
C ASP O 131 -66.09 90.51 -28.70
N GLY O 132 -65.99 89.19 -28.86
CA GLY O 132 -64.77 88.48 -28.61
C GLY O 132 -64.66 87.84 -27.25
N THR O 133 -65.71 87.90 -26.44
CA THR O 133 -65.70 87.25 -25.14
C THR O 133 -65.87 85.74 -25.30
N TYR O 134 -65.23 84.98 -24.42
CA TYR O 134 -65.29 83.53 -24.49
C TYR O 134 -66.61 83.05 -23.91
N THR O 135 -67.55 82.72 -24.78
CA THR O 135 -68.85 82.21 -24.35
C THR O 135 -69.20 81.00 -25.20
N VAL O 136 -70.03 80.14 -24.62
CA VAL O 136 -70.60 78.99 -25.30
C VAL O 136 -72.11 79.03 -25.10
N THR O 137 -72.86 78.90 -26.19
CA THR O 137 -74.31 79.05 -26.13
C THR O 137 -74.95 77.92 -25.35
N GLU O 138 -76.14 78.18 -24.82
CA GLU O 138 -76.83 77.26 -23.93
C GLU O 138 -78.24 77.01 -24.43
N ASP O 139 -79.02 76.30 -23.62
CA ASP O 139 -80.34 75.85 -24.04
C ASP O 139 -81.44 76.74 -23.48
N ILE O 140 -82.55 76.79 -24.21
CA ILE O 140 -83.72 77.52 -23.74
C ILE O 140 -84.56 76.56 -22.88
N ASP O 141 -85.47 77.13 -22.08
CA ASP O 141 -86.06 76.37 -20.98
C ASP O 141 -87.11 75.37 -21.46
N GLU O 142 -87.89 75.73 -22.47
CA GLU O 142 -88.94 74.83 -22.93
C GLU O 142 -88.72 74.27 -24.33
N GLU O 143 -88.10 75.00 -25.24
CA GLU O 143 -88.09 74.60 -26.64
C GLU O 143 -87.00 73.58 -26.92
N ARG O 144 -86.71 73.43 -28.21
CA ARG O 144 -85.69 72.51 -28.68
C ARG O 144 -84.31 72.93 -28.19
N ARG O 145 -83.44 71.95 -27.95
CA ARG O 145 -82.09 72.30 -27.56
C ARG O 145 -81.28 72.72 -28.79
N ALA O 146 -80.07 73.20 -28.53
CA ALA O 146 -79.23 73.68 -29.60
C ALA O 146 -78.64 72.53 -30.41
N LEU O 147 -78.11 72.87 -31.57
CA LEU O 147 -77.57 71.86 -32.47
C LEU O 147 -76.11 71.60 -32.14
N LYS O 148 -75.64 70.40 -32.48
CA LYS O 148 -74.34 69.90 -32.05
C LYS O 148 -73.46 69.65 -33.28
N VAL O 149 -72.29 70.29 -33.32
CA VAL O 149 -71.35 70.17 -34.43
C VAL O 149 -69.94 70.03 -33.88
N PHE O 150 -69.19 69.06 -34.41
CA PHE O 150 -67.78 68.89 -34.09
C PHE O 150 -66.92 69.41 -35.23
N LEU O 151 -65.63 69.54 -34.97
CA LEU O 151 -64.71 70.26 -35.86
C LEU O 151 -63.64 69.33 -36.40
N ASP O 152 -63.38 69.43 -37.71
CA ASP O 152 -62.33 68.67 -38.39
C ASP O 152 -61.19 69.62 -38.74
N ILE O 153 -60.01 69.37 -38.19
CA ILE O 153 -58.88 70.27 -38.41
C ILE O 153 -58.16 69.92 -39.71
N GLY O 154 -58.40 68.73 -40.23
CA GLY O 154 -57.71 68.30 -41.43
C GLY O 154 -56.27 67.90 -41.16
N LEU O 155 -55.40 68.23 -42.12
CA LEU O 155 -54.00 67.83 -42.03
C LEU O 155 -53.11 68.95 -41.50
N SER O 156 -53.65 70.16 -41.35
CA SER O 156 -52.84 71.29 -40.94
C SER O 156 -52.49 71.20 -39.46
N ARG O 157 -51.29 71.68 -39.11
CA ARG O 157 -50.85 71.69 -37.73
C ARG O 157 -51.63 72.72 -36.93
N SER O 158 -51.60 72.56 -35.61
CA SER O 158 -52.35 73.39 -34.68
C SER O 158 -51.38 74.33 -33.97
N THR O 159 -51.63 75.63 -34.08
CA THR O 159 -50.84 76.65 -33.40
C THR O 159 -51.76 77.53 -32.58
N LYS O 160 -51.19 78.57 -31.99
CA LYS O 160 -51.97 79.43 -31.11
C LYS O 160 -52.91 80.32 -31.91
N GLY O 161 -52.37 81.22 -32.72
CA GLY O 161 -53.17 82.13 -33.50
C GLY O 161 -53.57 81.62 -34.87
N GLY O 162 -54.03 80.39 -34.98
CA GLY O 162 -54.31 79.82 -36.30
C GLY O 162 -55.59 80.38 -36.87
N ASN O 163 -55.73 80.28 -38.20
CA ASN O 163 -56.91 80.79 -38.87
C ASN O 163 -58.07 79.80 -38.81
N THR O 164 -57.75 78.53 -38.57
CA THR O 164 -58.80 77.51 -38.50
C THR O 164 -59.62 77.65 -37.23
N PHE O 165 -58.99 78.03 -36.13
CA PHE O 165 -59.68 78.09 -34.85
C PHE O 165 -60.62 79.28 -34.78
N ILE O 166 -60.43 80.27 -35.65
CA ILE O 166 -61.32 81.42 -35.60
C ILE O 166 -62.59 81.14 -36.38
N ALA O 167 -62.59 80.09 -37.21
CA ALA O 167 -63.79 79.76 -37.97
C ALA O 167 -64.81 79.09 -37.09
N MET O 168 -64.37 78.36 -36.07
CA MET O 168 -65.31 77.80 -35.11
C MET O 168 -65.83 78.87 -34.17
N LYS O 169 -65.11 79.99 -34.05
CA LYS O 169 -65.65 81.14 -33.32
C LYS O 169 -66.83 81.75 -34.07
N GLY O 170 -66.79 81.69 -35.40
CA GLY O 170 -67.88 82.24 -36.18
C GLY O 170 -69.13 81.39 -36.13
N CYS O 171 -68.97 80.09 -35.87
CA CYS O 171 -70.14 79.22 -35.78
C CYS O 171 -70.82 79.35 -34.42
N SER O 172 -70.05 79.65 -33.37
CA SER O 172 -70.65 79.83 -32.06
C SER O 172 -71.43 81.13 -31.99
N ASP O 173 -71.01 82.13 -32.76
CA ASP O 173 -71.70 83.42 -32.74
C ASP O 173 -73.01 83.35 -33.50
N ALA O 174 -73.12 82.42 -34.45
CA ALA O 174 -74.39 82.26 -35.15
C ALA O 174 -75.41 81.54 -34.28
N GLY O 175 -74.95 80.82 -33.26
CA GLY O 175 -75.85 80.18 -32.33
C GLY O 175 -75.69 78.68 -32.23
N VAL O 176 -75.00 78.09 -33.20
CA VAL O 176 -74.79 76.65 -33.20
C VAL O 176 -73.76 76.28 -32.14
N TYR O 177 -74.09 75.29 -31.32
CA TYR O 177 -73.29 74.93 -30.16
C TYR O 177 -72.11 74.06 -30.62
N ILE O 178 -70.90 74.49 -30.27
CA ILE O 178 -69.67 73.77 -30.57
C ILE O 178 -68.85 73.73 -29.29
N PRO O 179 -68.47 72.54 -28.81
CA PRO O 179 -67.60 72.48 -27.63
C PRO O 179 -66.17 72.85 -27.99
N HIS O 180 -65.63 73.85 -27.27
CA HIS O 180 -64.26 74.29 -27.47
C HIS O 180 -63.81 75.02 -26.22
N SER O 181 -62.51 75.23 -26.11
CA SER O 181 -61.92 75.95 -24.99
C SER O 181 -61.07 77.10 -25.51
N GLU O 182 -60.81 78.05 -24.62
CA GLU O 182 -60.21 79.33 -24.97
C GLU O 182 -58.69 79.31 -25.00
N SER O 183 -58.07 78.14 -24.96
CA SER O 183 -56.62 78.09 -24.81
C SER O 183 -55.91 78.41 -26.12
N LYS O 184 -56.58 78.21 -27.25
CA LYS O 184 -55.92 78.46 -28.53
C LYS O 184 -56.37 79.76 -29.16
N PHE O 185 -56.56 80.80 -28.36
CA PHE O 185 -56.95 82.08 -28.91
C PHE O 185 -55.85 83.12 -28.69
N ILE O 186 -56.07 84.31 -29.24
CA ILE O 186 -55.10 85.37 -29.17
C ILE O 186 -55.44 86.29 -28.01
N GLY O 187 -54.47 86.48 -27.12
CA GLY O 187 -54.68 87.27 -25.92
C GLY O 187 -54.94 86.47 -24.67
N TYR O 188 -54.86 85.15 -24.73
CA TYR O 188 -55.02 84.30 -23.57
C TYR O 188 -53.65 84.03 -22.96
N GLU O 189 -53.54 84.21 -21.67
CA GLU O 189 -52.39 83.73 -20.92
C GLU O 189 -52.90 82.94 -19.73
N LYS O 190 -52.04 82.06 -19.21
CA LYS O 190 -52.46 81.16 -18.15
C LYS O 190 -52.62 81.92 -16.84
N ASN O 191 -53.64 81.51 -16.07
CA ASN O 191 -53.91 82.01 -14.72
C ASN O 191 -54.20 83.51 -14.71
N LYS O 192 -54.86 83.99 -15.75
CA LYS O 192 -55.28 85.38 -15.87
C LYS O 192 -56.64 85.41 -16.53
N PRO O 193 -57.44 86.46 -16.29
CA PRO O 193 -58.67 86.63 -17.06
C PRO O 193 -58.37 86.90 -18.53
N PHE O 194 -59.31 86.50 -19.39
CA PHE O 194 -59.07 86.54 -20.82
C PHE O 194 -59.17 87.97 -21.35
N LYS O 195 -58.18 88.37 -22.14
CA LYS O 195 -58.12 89.72 -22.70
C LYS O 195 -59.00 89.76 -23.94
N ALA O 196 -60.25 90.19 -23.76
CA ALA O 196 -61.24 90.08 -24.83
C ALA O 196 -61.00 91.13 -25.91
N ASP O 197 -60.35 92.24 -25.58
CA ASP O 197 -60.20 93.30 -26.56
C ASP O 197 -59.01 93.04 -27.48
N GLU O 198 -58.03 92.27 -27.02
CA GLU O 198 -56.90 91.94 -27.89
C GLU O 198 -57.32 90.94 -28.96
N LEU O 199 -58.28 90.07 -28.65
CA LEU O 199 -58.82 89.18 -29.65
C LEU O 199 -59.62 89.97 -30.69
N ARG O 200 -60.20 91.09 -30.27
CA ARG O 200 -61.01 91.90 -31.17
C ARG O 200 -60.15 92.64 -32.20
N ASP O 201 -58.84 92.70 -31.98
CA ASP O 201 -57.97 93.40 -32.93
C ASP O 201 -57.44 92.47 -34.01
N ARG O 202 -57.59 91.15 -33.82
CA ARG O 202 -57.18 90.23 -34.86
C ARG O 202 -58.36 89.74 -35.67
N ILE O 203 -59.57 89.81 -35.11
CA ILE O 203 -60.77 89.46 -35.87
C ILE O 203 -61.00 90.48 -36.97
N PHE O 204 -61.07 91.75 -36.62
CA PHE O 204 -60.96 92.79 -37.61
C PHE O 204 -59.51 92.93 -38.01
N CYS O 205 -59.28 93.41 -39.24
CA CYS O 205 -57.96 93.36 -39.83
C CYS O 205 -57.13 94.60 -39.44
N LYS O 206 -56.91 94.73 -38.14
CA LYS O 206 -56.20 95.90 -37.65
C LYS O 206 -54.70 95.80 -37.91
N HIS O 207 -54.15 94.58 -37.79
CA HIS O 207 -52.71 94.39 -38.03
C HIS O 207 -52.37 94.58 -39.50
N VAL O 208 -53.34 94.34 -40.39
CA VAL O 208 -53.12 94.57 -41.81
C VAL O 208 -53.06 96.06 -42.11
N SER O 209 -53.92 96.84 -41.45
CA SER O 209 -53.98 98.27 -41.73
C SER O 209 -52.75 98.99 -41.19
N GLU O 210 -52.23 98.56 -40.05
CA GLU O 210 -51.11 99.25 -39.46
C GLU O 210 -49.80 98.85 -40.11
N TYR O 211 -49.77 97.68 -40.76
CA TYR O 211 -48.65 97.36 -41.62
C TYR O 211 -48.71 98.19 -42.90
N MET O 212 -49.93 98.49 -43.37
CA MET O 212 -50.08 99.28 -44.58
C MET O 212 -49.71 100.74 -44.33
N LYS O 213 -50.01 101.25 -43.14
CA LYS O 213 -49.67 102.63 -42.83
C LYS O 213 -48.17 102.79 -42.59
N THR O 214 -47.52 101.72 -42.11
CA THR O 214 -46.10 101.80 -41.83
C THR O 214 -45.28 101.79 -43.11
N LEU O 215 -45.79 101.14 -44.16
CA LEU O 215 -44.99 100.95 -45.36
C LEU O 215 -44.91 102.21 -46.20
N LYS O 216 -45.83 103.15 -46.00
CA LYS O 216 -45.88 104.31 -46.88
C LYS O 216 -44.75 105.29 -46.60
N GLU O 217 -44.50 105.59 -45.32
CA GLU O 217 -43.41 106.51 -45.01
C GLU O 217 -42.07 105.81 -45.04
N ASN O 218 -42.06 104.48 -45.00
CA ASN O 218 -40.80 103.76 -44.86
C ASN O 218 -40.27 103.31 -46.21
N ASP O 219 -41.10 102.66 -47.03
CA ASP O 219 -40.64 102.16 -48.33
C ASP O 219 -41.76 102.32 -49.33
N GLU O 220 -41.72 103.41 -50.10
CA GLU O 220 -42.73 103.66 -51.11
C GLU O 220 -42.60 102.68 -52.28
N GLU O 221 -41.40 102.14 -52.49
CA GLU O 221 -41.20 101.21 -53.60
C GLU O 221 -41.73 99.82 -53.27
N LYS O 222 -41.47 99.34 -52.05
CA LYS O 222 -41.91 98.01 -51.67
C LYS O 222 -43.41 97.97 -51.44
N PHE O 223 -44.00 99.11 -51.05
CA PHE O 223 -45.41 99.16 -50.73
C PHE O 223 -46.27 99.05 -51.98
N LYS O 224 -45.76 99.51 -53.12
CA LYS O 224 -46.53 99.44 -54.35
C LYS O 224 -46.51 98.03 -54.95
N ILE O 225 -45.56 97.20 -54.52
CA ILE O 225 -45.52 95.82 -54.97
C ILE O 225 -46.46 94.96 -54.13
N GLN O 226 -46.40 95.12 -52.81
CA GLN O 226 -47.08 94.19 -51.91
C GLN O 226 -48.58 94.38 -51.91
N PHE O 227 -49.05 95.62 -51.93
CA PHE O 227 -50.46 95.92 -51.77
C PHE O 227 -51.03 96.51 -53.04
N SER O 228 -50.70 95.90 -54.18
CA SER O 228 -51.03 96.49 -55.47
C SER O 228 -52.53 96.49 -55.75
N ASP O 229 -53.24 95.44 -55.33
CA ASP O 229 -54.68 95.45 -55.50
C ASP O 229 -55.35 96.38 -54.50
N TYR O 230 -54.70 96.61 -53.36
CA TYR O 230 -55.17 97.64 -52.43
C TYR O 230 -54.92 99.03 -53.00
N ILE O 231 -53.92 99.15 -53.88
CA ILE O 231 -53.66 100.42 -54.55
C ILE O 231 -54.59 100.58 -55.75
N LYS O 232 -54.76 99.50 -56.53
CA LYS O 232 -55.51 99.59 -57.78
C LYS O 232 -57.00 99.80 -57.52
N LYS O 233 -57.58 99.03 -56.62
CA LYS O 233 -58.85 99.43 -56.06
C LYS O 233 -58.63 100.63 -55.13
N ASN O 234 -59.63 101.48 -55.02
CA ASN O 234 -59.46 102.74 -54.30
C ASN O 234 -59.80 102.52 -52.82
N ILE O 235 -58.89 101.84 -52.13
CA ILE O 235 -59.09 101.36 -50.77
C ILE O 235 -58.07 102.01 -49.86
N GLU O 236 -58.55 102.66 -48.81
CA GLU O 236 -57.71 103.37 -47.86
C GLU O 236 -57.59 102.56 -46.58
N PRO O 237 -56.45 102.60 -45.89
CA PRO O 237 -56.28 101.71 -44.74
C PRO O 237 -57.00 102.17 -43.49
N ASP O 238 -57.30 103.46 -43.39
CA ASP O 238 -57.85 103.99 -42.13
C ASP O 238 -59.31 103.60 -41.96
N ASN O 239 -59.95 103.16 -43.04
CA ASN O 239 -61.33 102.66 -42.99
C ASN O 239 -61.37 101.25 -43.60
N ILE O 240 -61.16 100.24 -42.75
CA ILE O 240 -61.46 98.88 -43.14
C ILE O 240 -62.56 98.28 -42.25
N ALA O 241 -62.51 98.54 -40.94
CA ALA O 241 -63.44 97.89 -40.02
C ALA O 241 -64.82 98.53 -40.09
N GLY O 242 -64.94 99.68 -40.72
CA GLY O 242 -66.26 100.19 -41.04
C GLY O 242 -66.93 99.40 -42.16
N ILE O 243 -66.12 98.90 -43.09
CA ILE O 243 -66.64 98.11 -44.20
C ILE O 243 -66.90 96.68 -43.74
N TYR O 244 -66.02 96.15 -42.90
CA TYR O 244 -66.17 94.78 -42.40
C TYR O 244 -67.41 94.65 -41.52
N GLN O 245 -67.68 95.67 -40.70
CA GLN O 245 -68.85 95.63 -39.83
C GLN O 245 -70.13 95.73 -40.66
N ASN O 246 -70.08 96.45 -41.78
CA ASN O 246 -71.25 96.54 -42.64
C ASN O 246 -71.49 95.23 -43.39
N ALA O 247 -70.45 94.41 -43.53
CA ALA O 247 -70.60 93.14 -44.23
C ALA O 247 -71.34 92.12 -43.38
N LEU O 248 -71.13 92.16 -42.06
CA LEU O 248 -71.76 91.18 -41.18
C LEU O 248 -73.25 91.46 -41.03
N ASP O 249 -73.67 92.69 -41.28
CA ASP O 249 -75.06 93.06 -41.05
C ASP O 249 -75.96 92.54 -42.16
N GLY O 250 -75.41 92.33 -43.36
CA GLY O 250 -76.21 91.82 -44.46
C GLY O 250 -76.48 90.33 -44.34
N ILE O 251 -75.60 89.61 -43.64
CA ILE O 251 -75.78 88.18 -43.46
C ILE O 251 -76.93 87.89 -42.50
N ILE O 252 -77.09 88.74 -41.49
CA ILE O 252 -78.19 88.56 -40.54
C ILE O 252 -79.51 88.95 -41.16
N LYS O 253 -79.48 89.88 -42.12
CA LYS O 253 -80.71 90.23 -42.84
C LYS O 253 -81.16 89.10 -43.75
N ASN O 254 -80.29 88.68 -44.66
CA ASN O 254 -80.64 87.66 -45.66
C ASN O 254 -79.48 86.69 -45.81
N PRO O 255 -79.66 85.42 -45.45
CA PRO O 255 -78.62 84.41 -45.71
C PRO O 255 -78.84 83.58 -46.96
N SER O 256 -79.85 83.90 -47.79
CA SER O 256 -80.24 83.03 -48.89
C SER O 256 -79.24 83.09 -50.03
N ARG O 257 -79.14 81.99 -50.77
CA ARG O 257 -78.32 81.96 -51.96
C ARG O 257 -79.04 82.63 -53.13
N GLN O 258 -78.31 82.78 -54.23
CA GLN O 258 -78.88 83.27 -55.48
C GLN O 258 -78.68 82.22 -56.57
N GLU O 259 -79.74 81.91 -57.31
CA GLU O 259 -79.70 80.83 -58.28
C GLU O 259 -79.05 81.28 -59.58
N LYS O 260 -78.41 80.31 -60.23
CA LYS O 260 -77.87 80.48 -61.57
C LYS O 260 -78.71 79.68 -62.55
N GLU O 261 -78.83 80.19 -63.76
CA GLU O 261 -79.52 79.46 -64.82
C GLU O 261 -78.64 78.33 -65.31
N LYS O 262 -79.27 77.21 -65.65
CA LYS O 262 -78.51 76.06 -66.11
C LYS O 262 -78.33 76.10 -67.62
N LYS O 263 -77.08 76.20 -68.06
CA LYS O 263 -76.71 76.13 -69.46
C LYS O 263 -76.29 74.70 -69.76
N ASP O 264 -76.08 74.41 -71.03
CA ASP O 264 -75.61 73.10 -71.46
C ASP O 264 -74.21 73.22 -72.03
N TYR O 265 -73.28 72.44 -71.48
CA TYR O 265 -71.92 72.39 -71.96
C TYR O 265 -71.67 71.03 -72.61
N SER O 266 -72.08 70.88 -73.86
CA SER O 266 -71.74 69.70 -74.64
C SER O 266 -70.86 70.02 -75.82
N GLY O 267 -70.57 71.29 -76.08
CA GLY O 267 -69.59 71.62 -77.10
C GLY O 267 -68.17 71.48 -76.61
N PHE O 268 -68.00 71.22 -75.31
CA PHE O 268 -66.68 71.04 -74.72
C PHE O 268 -66.13 69.64 -74.95
N LYS O 269 -66.85 68.77 -75.66
CA LYS O 269 -66.47 67.37 -75.76
C LYS O 269 -65.30 67.16 -76.73
N LYS O 270 -64.89 68.21 -77.44
CA LYS O 270 -63.89 68.03 -78.48
C LYS O 270 -62.48 67.91 -77.91
N PHE O 271 -62.30 68.29 -76.65
CA PHE O 271 -61.01 68.13 -75.98
C PHE O 271 -61.00 66.81 -75.19
N LYS O 272 -61.19 65.72 -75.92
CA LYS O 272 -61.31 64.40 -75.33
C LYS O 272 -60.67 63.39 -76.27
N VAL O 273 -59.86 62.49 -75.70
CA VAL O 273 -59.09 61.52 -76.46
C VAL O 273 -59.56 60.12 -76.09
N GLU O 274 -60.07 59.38 -77.06
CA GLU O 274 -60.46 58.00 -76.82
C GLU O 274 -59.24 57.09 -76.81
N LYS O 275 -59.49 55.82 -76.54
CA LYS O 275 -58.42 54.83 -76.64
C LYS O 275 -58.36 54.26 -78.05
N LEU O 276 -57.16 53.86 -78.46
CA LEU O 276 -57.01 53.30 -79.80
C LEU O 276 -57.60 51.89 -79.86
N SER O 277 -58.26 51.59 -80.98
CA SER O 277 -58.96 50.33 -81.09
C SER O 277 -58.01 49.19 -81.46
N LEU O 278 -58.58 48.00 -81.63
CA LEU O 278 -57.76 46.81 -81.84
C LEU O 278 -57.26 46.72 -83.27
N GLU O 279 -58.01 47.27 -84.22
CA GLU O 279 -57.60 47.21 -85.62
C GLU O 279 -56.40 48.12 -85.87
N GLU O 280 -56.36 49.27 -85.22
CA GLU O 280 -55.24 50.18 -85.41
C GLU O 280 -54.03 49.73 -84.60
N ARG O 281 -54.26 48.92 -83.56
CA ARG O 281 -53.14 48.41 -82.78
C ARG O 281 -52.35 47.37 -83.56
N LYS O 282 -53.05 46.46 -84.25
CA LYS O 282 -52.36 45.42 -85.00
C LYS O 282 -51.80 45.97 -86.30
N LYS O 283 -52.31 47.10 -86.77
CA LYS O 283 -51.78 47.69 -87.98
C LYS O 283 -50.47 48.43 -87.71
N ARG O 284 -50.35 49.04 -86.54
CA ARG O 284 -49.16 49.83 -86.23
C ARG O 284 -47.95 48.95 -85.95
N ILE O 285 -48.19 47.69 -85.58
CA ILE O 285 -47.08 46.79 -85.25
C ILE O 285 -46.35 46.37 -86.51
N GLN O 286 -47.10 46.04 -87.56
CA GLN O 286 -46.49 45.51 -88.77
C GLN O 286 -45.75 46.59 -89.55
N GLU O 287 -46.18 47.84 -89.41
CA GLU O 287 -45.43 48.93 -90.01
C GLU O 287 -44.13 49.17 -89.27
N LYS O 288 -44.11 48.88 -87.97
CA LYS O 288 -42.87 48.95 -87.21
C LYS O 288 -41.93 47.81 -87.58
N LEU O 289 -42.50 46.65 -87.93
CA LEU O 289 -41.68 45.53 -88.37
C LEU O 289 -41.23 45.70 -89.81
N SER O 290 -41.95 46.53 -90.58
CA SER O 290 -41.63 46.69 -91.99
C SER O 290 -40.37 47.51 -92.19
N ALA O 291 -40.15 48.51 -91.34
CA ALA O 291 -39.03 49.42 -91.54
C ALA O 291 -37.69 48.76 -91.19
N LEU O 292 -37.74 47.69 -90.41
CA LEU O 292 -36.49 47.05 -89.99
C LEU O 292 -35.96 46.11 -91.07
N LYS O 293 -36.85 45.41 -91.75
CA LYS O 293 -36.43 44.47 -92.79
C LYS O 293 -36.29 45.17 -94.13
N ASN P 5 67.47 81.51 -35.06
CA ASN P 5 66.40 80.60 -35.45
C ASN P 5 66.70 79.97 -36.81
N LYS P 6 67.33 80.77 -37.68
CA LYS P 6 67.65 80.28 -39.01
C LYS P 6 68.87 79.37 -38.99
N ILE P 7 69.81 79.63 -38.08
CA ILE P 7 71.03 78.84 -38.03
C ILE P 7 70.77 77.49 -37.37
N LEU P 8 69.68 77.38 -36.60
CA LEU P 8 69.29 76.09 -36.07
C LEU P 8 68.69 75.23 -37.16
N LYS P 9 68.03 75.85 -38.14
CA LYS P 9 67.28 75.11 -39.15
C LYS P 9 68.20 74.42 -40.14
N LYS P 10 69.42 74.95 -40.32
CA LYS P 10 70.34 74.32 -41.26
C LYS P 10 70.93 73.04 -40.69
N PHE P 11 71.25 73.04 -39.39
CA PHE P 11 71.95 71.91 -38.80
C PHE P 11 71.05 70.67 -38.69
N ILE P 12 69.73 70.88 -38.67
CA ILE P 12 68.81 69.76 -38.66
C ILE P 12 68.81 69.04 -40.00
N ALA P 13 68.90 69.81 -41.09
CA ALA P 13 68.68 69.25 -42.42
C ALA P 13 69.86 68.39 -42.87
N ASP P 14 71.07 68.72 -42.42
CA ASP P 14 72.22 67.92 -42.81
C ASP P 14 72.27 66.62 -42.00
N GLY P 15 71.59 66.59 -40.87
CA GLY P 15 71.54 65.37 -40.06
C GLY P 15 70.54 64.36 -40.59
N MET P 16 69.47 64.82 -41.23
CA MET P 16 68.52 63.89 -41.85
C MET P 16 69.14 63.24 -43.08
N ILE P 17 70.10 63.93 -43.70
CA ILE P 17 70.94 63.30 -44.72
C ILE P 17 71.80 62.22 -44.10
N PHE P 18 72.28 62.46 -42.87
CA PHE P 18 73.17 61.51 -42.22
C PHE P 18 72.44 60.24 -41.78
N ALA P 19 71.17 60.37 -41.41
CA ALA P 19 70.40 59.20 -40.99
C ALA P 19 70.10 58.29 -42.17
N GLU P 20 69.85 58.87 -43.33
CA GLU P 20 69.55 58.09 -44.52
C GLU P 20 70.82 57.45 -45.08
N LEU P 21 71.95 58.14 -44.96
CA LEU P 21 73.19 57.65 -45.55
C LEU P 21 73.87 56.60 -44.68
N LYS P 22 73.46 56.50 -43.41
CA LYS P 22 74.02 55.47 -42.55
C LYS P 22 73.41 54.10 -42.86
N GLU P 23 72.09 54.06 -43.06
CA GLU P 23 71.42 52.77 -43.22
C GLU P 23 71.64 52.19 -44.61
N LEU P 24 72.25 52.95 -45.52
CA LEU P 24 72.69 52.39 -46.79
C LEU P 24 73.91 51.50 -46.58
N PHE P 25 74.80 51.91 -45.68
CA PHE P 25 76.03 51.14 -45.46
C PHE P 25 75.76 49.89 -44.65
N GLU P 26 74.66 49.87 -43.90
CA GLU P 26 74.27 48.68 -43.17
C GLU P 26 73.58 47.67 -44.10
N LYS P 27 73.23 48.09 -45.31
CA LYS P 27 72.63 47.16 -46.25
C LYS P 27 73.61 46.77 -47.36
N CYS P 28 74.56 47.64 -47.69
CA CYS P 28 75.36 47.42 -48.88
C CYS P 28 76.74 46.85 -48.56
N LEU P 29 77.25 47.08 -47.36
CA LEU P 29 78.64 46.76 -47.02
C LEU P 29 78.75 45.68 -45.96
N ILE P 30 77.96 44.62 -46.11
CA ILE P 30 78.05 43.49 -45.19
C ILE P 30 79.31 42.68 -45.45
N ASN P 31 79.81 42.71 -46.70
CA ASN P 31 80.91 41.85 -47.11
C ASN P 31 82.23 42.29 -46.48
N GLU P 32 82.47 43.60 -46.43
CA GLU P 32 83.74 44.11 -45.95
C GLU P 32 83.70 44.61 -44.52
N GLY P 33 82.51 44.78 -43.94
CA GLY P 33 82.42 45.15 -42.54
C GLY P 33 82.88 46.55 -42.21
N PHE P 34 82.08 47.57 -42.55
CA PHE P 34 82.42 48.93 -42.16
C PHE P 34 82.28 49.09 -40.65
N SER P 35 83.09 49.99 -40.07
CA SER P 35 82.93 50.30 -38.65
C SER P 35 82.04 51.51 -38.44
N SER P 36 82.25 52.57 -39.23
CA SER P 36 81.51 53.81 -39.07
C SER P 36 81.55 54.59 -40.37
N LEU P 37 81.04 55.81 -40.30
CA LEU P 37 81.16 56.78 -41.38
C LEU P 37 81.36 58.16 -40.75
N GLU P 38 81.93 59.08 -41.51
CA GLU P 38 82.03 60.47 -41.11
C GLU P 38 81.84 61.32 -42.35
N LEU P 39 81.14 62.44 -42.19
CA LEU P 39 80.80 63.33 -43.30
C LEU P 39 81.34 64.71 -43.00
N ARG P 40 82.08 65.28 -43.94
CA ARG P 40 82.51 66.67 -43.89
C ARG P 40 81.84 67.41 -45.04
N LEU P 41 81.13 68.49 -44.72
CA LEU P 41 80.21 69.12 -45.66
C LEU P 41 80.61 70.56 -46.00
N GLU P 42 81.46 71.19 -45.20
CA GLU P 42 81.75 72.61 -45.37
C GLU P 42 83.01 72.89 -46.16
N GLU P 43 83.48 71.92 -46.95
CA GLU P 43 84.65 72.10 -47.80
C GLU P 43 84.20 71.97 -49.24
N SER P 44 85.02 72.46 -50.19
CA SER P 44 84.61 72.46 -51.59
C SER P 44 84.51 71.05 -52.18
N PRO P 45 85.39 70.10 -51.89
CA PRO P 45 84.96 68.70 -52.01
C PRO P 45 84.36 68.25 -50.69
N VAL P 46 83.06 67.92 -50.70
CA VAL P 46 82.46 67.47 -49.45
C VAL P 46 82.87 66.02 -49.22
N LYS P 47 83.36 65.76 -48.01
CA LYS P 47 84.16 64.56 -47.75
C LYS P 47 83.33 63.49 -47.08
N VAL P 48 83.28 62.32 -47.71
CA VAL P 48 82.74 61.10 -47.12
C VAL P 48 83.93 60.23 -46.74
N ILE P 49 84.05 59.93 -45.45
CA ILE P 49 85.13 59.11 -44.92
C ILE P 49 84.54 57.84 -44.32
N LEU P 50 85.07 56.70 -44.72
CA LEU P 50 84.58 55.39 -44.27
C LEU P 50 85.69 54.62 -43.59
N LYS P 51 85.40 54.09 -42.41
CA LYS P 51 86.28 53.17 -41.70
C LYS P 51 85.86 51.73 -41.88
N VAL P 52 86.43 51.04 -42.87
CA VAL P 52 86.09 49.63 -43.09
C VAL P 52 87.19 48.75 -42.53
N VAL P 53 86.80 47.58 -42.02
CA VAL P 53 87.75 46.62 -41.45
C VAL P 53 88.66 46.04 -42.53
N LYS P 54 88.12 45.79 -43.72
CA LYS P 54 88.87 45.17 -44.82
C LYS P 54 88.90 46.10 -46.02
N PRO P 55 89.85 47.05 -46.05
CA PRO P 55 89.94 47.93 -47.23
C PRO P 55 90.82 47.36 -48.33
N HIS P 56 91.56 46.28 -48.06
CA HIS P 56 92.50 45.76 -49.05
C HIS P 56 91.78 45.01 -50.16
N ASP P 57 90.53 44.59 -49.92
CA ASP P 57 89.74 43.99 -50.98
C ASP P 57 89.34 45.02 -52.02
N LEU P 58 89.06 46.25 -51.57
CA LEU P 58 88.50 47.26 -52.46
C LEU P 58 89.57 47.86 -53.37
N ILE P 59 90.63 48.40 -52.77
CA ILE P 59 91.65 49.10 -53.54
C ILE P 59 92.53 48.10 -54.28
N GLY P 60 92.59 46.86 -53.78
CA GLY P 60 93.30 45.83 -54.52
C GLY P 60 92.58 45.41 -55.78
N ASP P 61 91.25 45.33 -55.72
CA ASP P 61 90.49 44.94 -56.91
C ASP P 61 90.35 46.13 -57.87
N LYS P 62 90.20 47.33 -57.32
CA LYS P 62 89.79 48.54 -58.06
C LYS P 62 88.50 48.29 -58.84
N LYS P 63 87.43 48.03 -58.11
CA LYS P 63 86.12 47.74 -58.67
C LYS P 63 85.33 49.03 -58.86
N TRP P 64 84.04 48.86 -59.12
CA TRP P 64 83.17 50.02 -59.29
C TRP P 64 82.62 50.52 -57.97
N LYS P 65 82.87 49.80 -56.88
CA LYS P 65 82.28 50.15 -55.59
C LYS P 65 82.83 51.46 -55.04
N VAL P 66 84.05 51.82 -55.43
CA VAL P 66 84.57 53.14 -55.11
C VAL P 66 83.86 54.20 -55.95
N ASN P 67 83.39 53.81 -57.14
CA ASN P 67 82.88 54.78 -58.10
C ASN P 67 81.36 54.79 -58.16
N GLN P 68 80.73 53.61 -58.02
CA GLN P 68 79.27 53.53 -58.04
C GLN P 68 78.66 54.25 -56.86
N ILE P 69 79.31 54.17 -55.70
CA ILE P 69 78.85 54.89 -54.51
C ILE P 69 79.10 56.38 -54.70
N GLN P 70 80.15 56.74 -55.43
CA GLN P 70 80.51 58.14 -55.61
C GLN P 70 79.50 58.88 -56.50
N HIS P 71 78.88 58.15 -57.44
CA HIS P 71 77.85 58.76 -58.27
C HIS P 71 76.55 58.95 -57.49
N LEU P 72 76.24 58.02 -56.59
CA LEU P 72 74.96 58.06 -55.88
C LEU P 72 74.94 59.18 -54.84
N VAL P 73 76.07 59.43 -54.18
CA VAL P 73 76.09 60.36 -53.06
C VAL P 73 75.95 61.80 -53.55
N ALA P 74 76.42 62.09 -54.77
CA ALA P 74 76.29 63.42 -55.32
C ALA P 74 74.91 63.60 -55.97
N SER P 75 74.39 62.54 -56.59
CA SER P 75 73.09 62.63 -57.23
C SER P 75 71.96 62.64 -56.21
N ARG P 76 72.20 62.06 -55.02
CA ARG P 76 71.25 62.21 -53.93
C ARG P 76 71.25 63.63 -53.41
N LEU P 77 72.43 64.21 -53.22
CA LEU P 77 72.53 65.56 -52.68
C LEU P 77 72.41 66.63 -53.77
N SER P 78 72.07 66.24 -55.01
CA SER P 78 71.92 67.06 -56.22
C SER P 78 73.17 67.84 -56.59
N LEU P 79 74.34 67.45 -56.09
CA LEU P 79 75.58 68.05 -56.51
C LEU P 79 76.11 67.31 -57.74
N PRO P 80 76.87 67.99 -58.60
CA PRO P 80 77.42 67.29 -59.76
C PRO P 80 78.54 66.34 -59.37
N ASP P 81 78.83 65.41 -60.27
CA ASP P 81 79.88 64.42 -60.04
C ASP P 81 81.25 65.08 -60.11
N SER P 82 82.26 64.35 -59.61
CA SER P 82 83.62 64.84 -59.36
C SER P 82 83.62 66.11 -58.49
N ASN P 83 82.71 66.16 -57.52
CA ASN P 83 82.74 67.15 -56.46
C ASN P 83 82.76 66.51 -55.08
N VAL P 84 82.72 65.19 -55.00
CA VAL P 84 82.81 64.45 -53.75
C VAL P 84 84.05 63.56 -53.80
N VAL P 85 84.74 63.45 -52.66
CA VAL P 85 85.91 62.61 -52.54
C VAL P 85 85.71 61.64 -51.38
N VAL P 86 85.83 60.35 -51.70
CA VAL P 86 85.62 59.29 -50.73
C VAL P 86 86.95 58.70 -50.31
N ILE P 87 87.22 58.74 -49.00
CA ILE P 87 88.49 58.31 -48.43
C ILE P 87 88.26 57.05 -47.60
N ILE P 88 89.14 56.07 -47.76
CA ILE P 88 88.99 54.75 -47.14
C ILE P 88 90.15 54.56 -46.17
N ASP P 89 89.86 54.00 -44.99
CA ASP P 89 90.86 53.78 -43.96
C ASP P 89 90.68 52.38 -43.39
N LYS P 90 91.56 52.00 -42.46
CA LYS P 90 91.43 50.74 -41.76
C LYS P 90 90.81 50.94 -40.38
N VAL P 91 90.41 49.84 -39.75
CA VAL P 91 90.02 49.87 -38.35
C VAL P 91 91.13 49.27 -37.50
N VAL P 92 91.33 49.86 -36.31
CA VAL P 92 92.48 49.50 -35.47
C VAL P 92 92.33 48.11 -34.89
N GLU P 93 91.20 47.83 -34.25
CA GLU P 93 91.04 46.55 -33.55
C GLU P 93 89.68 45.96 -33.87
N LYS P 94 89.68 44.73 -34.38
CA LYS P 94 88.44 44.13 -34.87
C LYS P 94 87.55 43.68 -33.72
N GLY P 95 88.14 43.43 -32.54
CA GLY P 95 87.36 42.91 -31.44
C GLY P 95 86.45 43.94 -30.80
N LEU P 96 86.85 45.21 -30.83
CA LEU P 96 86.10 46.26 -30.18
C LEU P 96 84.96 46.80 -31.02
N CYS P 97 84.81 46.34 -32.27
CA CYS P 97 83.75 46.83 -33.13
C CYS P 97 82.55 45.91 -33.00
N PRO P 98 81.48 46.34 -32.31
CA PRO P 98 80.38 45.40 -32.05
C PRO P 98 79.52 45.14 -33.28
N ILE P 99 79.63 45.98 -34.30
CA ILE P 99 78.88 45.74 -35.53
C ILE P 99 79.49 44.56 -36.29
N TYR P 100 80.81 44.42 -36.25
CA TYR P 100 81.45 43.28 -36.89
C TYR P 100 81.26 42.02 -36.06
N GLN P 101 81.28 42.14 -34.74
CA GLN P 101 81.12 40.98 -33.87
C GLN P 101 79.69 40.44 -33.92
N ALA P 102 78.72 41.31 -34.16
CA ALA P 102 77.35 40.85 -34.29
C ALA P 102 77.08 40.31 -35.69
N ASN P 103 77.81 40.83 -36.69
CA ASN P 103 77.66 40.35 -38.06
C ASN P 103 78.16 38.92 -38.20
N LEU P 104 79.16 38.54 -37.39
CA LEU P 104 79.69 37.19 -37.45
C LEU P 104 78.68 36.17 -36.94
N ILE P 105 77.80 36.59 -36.04
CA ILE P 105 76.74 35.70 -35.55
C ILE P 105 75.68 35.52 -36.63
N LYS P 106 75.49 36.53 -37.47
CA LYS P 106 74.56 36.41 -38.59
C LYS P 106 75.07 35.40 -39.61
N GLU P 107 76.39 35.30 -39.78
CA GLU P 107 76.96 34.29 -40.65
C GLU P 107 76.89 32.91 -40.01
N LYS P 108 77.23 32.82 -38.74
CA LYS P 108 77.39 31.52 -38.10
C LYS P 108 76.06 30.84 -37.82
N MET P 109 74.99 31.63 -37.64
CA MET P 109 73.70 31.04 -37.35
C MET P 109 73.05 30.47 -38.61
N LEU P 110 73.50 30.94 -39.78
CA LEU P 110 72.95 30.44 -41.03
C LEU P 110 73.50 29.06 -41.41
N ALA P 111 74.63 28.66 -40.84
CA ALA P 111 75.21 27.35 -41.10
C ALA P 111 74.72 26.28 -40.14
N ASN P 112 73.59 26.50 -39.48
CA ASN P 112 72.92 25.63 -38.50
C ASN P 112 73.80 25.32 -37.28
N ILE P 113 74.79 26.14 -36.98
CA ILE P 113 75.54 25.97 -35.73
C ILE P 113 74.67 26.45 -34.58
N PRO P 114 74.60 25.73 -33.46
CA PRO P 114 73.70 26.15 -32.38
C PRO P 114 74.16 27.42 -31.69
N HIS P 115 73.23 28.03 -30.95
CA HIS P 115 73.44 29.37 -30.44
C HIS P 115 74.42 29.38 -29.27
N LYS P 116 74.52 28.26 -28.54
CA LYS P 116 75.48 28.17 -27.45
C LYS P 116 76.91 28.09 -27.97
N ARG P 117 77.08 27.56 -29.18
CA ARG P 117 78.40 27.53 -29.80
C ARG P 117 78.76 28.91 -30.35
N ALA P 118 77.80 29.59 -30.95
CA ALA P 118 78.07 30.88 -31.59
C ALA P 118 78.30 31.97 -30.57
N ALA P 119 77.63 31.89 -29.42
CA ALA P 119 77.85 32.88 -28.38
C ALA P 119 79.16 32.63 -27.66
N ASN P 120 79.66 31.39 -27.67
CA ASN P 120 80.87 31.07 -26.94
C ASN P 120 82.11 31.48 -27.71
N LEU P 121 81.97 31.77 -29.01
CA LEU P 121 83.13 32.16 -29.79
C LEU P 121 83.39 33.65 -29.66
N VAL P 122 82.33 34.45 -29.52
CA VAL P 122 82.49 35.90 -29.53
C VAL P 122 83.04 36.40 -28.21
N LEU P 123 82.89 35.62 -27.13
CA LEU P 123 83.48 36.00 -25.87
C LEU P 123 84.99 35.76 -25.86
N LYS P 124 85.45 34.81 -26.66
CA LYS P 124 86.86 34.47 -26.65
C LYS P 124 87.68 35.48 -27.42
N ASN P 125 87.07 36.15 -28.40
CA ASN P 125 87.80 37.10 -29.23
C ASN P 125 88.15 38.36 -28.46
N THR P 126 87.20 38.87 -27.68
CA THR P 126 87.42 40.12 -26.96
C THR P 126 88.31 39.92 -25.74
N LYS P 127 88.37 38.68 -25.22
CA LYS P 127 89.33 38.38 -24.17
C LYS P 127 90.75 38.43 -24.70
N PHE P 128 90.92 38.11 -25.98
CA PHE P 128 92.22 38.31 -26.61
C PHE P 128 92.43 39.78 -26.98
N ALA P 129 91.34 40.50 -27.24
CA ALA P 129 91.46 41.90 -27.61
C ALA P 129 91.85 42.77 -26.42
N GLY P 130 91.30 42.46 -25.25
CA GLY P 130 91.64 43.19 -24.03
C GLY P 130 90.49 43.92 -23.38
N ALA P 131 89.26 43.75 -23.84
CA ALA P 131 88.12 44.38 -23.18
C ALA P 131 87.87 43.73 -21.84
N THR P 132 87.30 44.49 -20.90
CA THR P 132 87.10 43.96 -19.56
C THR P 132 85.89 43.04 -19.49
N GLY P 133 84.84 43.34 -20.26
CA GLY P 133 83.65 42.51 -20.22
C GLY P 133 82.76 42.73 -21.41
N CYS P 134 81.92 41.73 -21.68
CA CYS P 134 80.94 41.77 -22.76
C CYS P 134 79.61 41.23 -22.29
N LEU P 135 78.59 41.38 -23.11
CA LEU P 135 77.26 40.85 -22.82
C LEU P 135 76.55 40.56 -24.14
N VAL P 136 76.20 39.30 -24.35
CA VAL P 136 75.45 38.87 -25.53
C VAL P 136 74.12 38.32 -25.05
N THR P 137 73.02 38.75 -25.68
CA THR P 137 71.69 38.24 -25.39
C THR P 137 71.10 37.65 -26.66
N ILE P 138 70.53 36.46 -26.55
CA ILE P 138 69.77 35.85 -27.62
C ILE P 138 68.32 35.76 -27.15
N SER P 139 67.37 35.99 -28.06
CA SER P 139 65.96 36.08 -27.70
C SER P 139 65.09 35.69 -28.88
N GLY P 140 64.08 34.87 -28.60
CA GLY P 140 63.10 34.53 -29.60
C GLY P 140 62.73 33.08 -29.51
N LYS P 141 62.28 32.54 -30.65
CA LYS P 141 61.92 31.13 -30.78
C LYS P 141 63.19 30.29 -30.88
N LEU P 142 63.55 29.67 -29.77
CA LEU P 142 64.80 28.90 -29.74
C LEU P 142 64.53 27.41 -29.85
N LYS P 143 63.43 26.93 -29.28
CA LYS P 143 63.19 25.50 -29.18
C LYS P 143 61.73 25.12 -29.44
N GLY P 144 60.99 25.93 -30.17
CA GLY P 144 59.64 25.50 -30.45
C GLY P 144 58.64 26.62 -30.40
N LEU P 145 57.45 26.31 -29.88
CA LEU P 145 56.28 27.19 -29.89
C LEU P 145 56.54 28.33 -28.90
N ARG P 146 56.90 28.05 -27.65
CA ARG P 146 57.11 29.13 -26.70
C ARG P 146 58.44 29.82 -26.95
N ALA P 147 58.49 31.12 -26.64
CA ALA P 147 59.69 31.92 -26.80
C ALA P 147 60.28 32.22 -25.43
N CYS P 148 61.60 32.40 -25.40
CA CYS P 148 62.30 32.79 -24.19
C CYS P 148 63.46 33.70 -24.57
N THR P 149 64.35 33.93 -23.61
CA THR P 149 65.59 34.66 -23.86
C THR P 149 66.71 34.07 -23.01
N LYS P 150 67.91 34.08 -23.57
CA LYS P 150 69.11 33.63 -22.88
C LYS P 150 70.18 34.70 -23.03
N LYS P 151 70.83 35.06 -21.93
CA LYS P 151 71.93 36.02 -21.97
C LYS P 151 73.21 35.35 -21.47
N PHE P 152 74.34 35.77 -22.02
CA PHE P 152 75.63 35.14 -21.75
C PHE P 152 76.63 36.21 -21.37
N LEU P 153 76.88 36.35 -20.07
CA LEU P 153 77.64 37.45 -19.51
C LEU P 153 79.07 37.01 -19.28
N GLU P 154 80.01 37.85 -19.70
CA GLU P 154 81.43 37.65 -19.44
C GLU P 154 82.00 38.96 -18.91
N GLY P 155 82.77 38.88 -17.82
CA GLY P 155 83.44 40.05 -17.30
C GLY P 155 82.49 40.98 -16.56
N VAL P 156 82.91 42.23 -16.44
CA VAL P 156 82.16 43.27 -15.72
C VAL P 156 81.67 44.29 -16.73
N VAL P 157 80.58 44.97 -16.40
CA VAL P 157 79.96 45.97 -17.28
C VAL P 157 79.19 46.94 -16.39
N ILE P 158 79.26 48.22 -16.72
CA ILE P 158 78.58 49.28 -15.98
C ILE P 158 77.49 49.86 -16.87
N LYS P 159 76.28 50.04 -16.33
CA LYS P 159 75.14 50.47 -17.13
C LYS P 159 74.30 51.54 -16.40
N SER P 160 74.97 52.55 -15.85
CA SER P 160 74.23 53.62 -15.19
C SER P 160 75.00 54.92 -15.28
N GLY P 161 74.30 55.97 -15.72
CA GLY P 161 74.84 57.31 -15.69
C GLY P 161 75.58 57.70 -16.96
N GLN P 162 76.09 58.93 -16.93
CA GLN P 162 76.91 59.42 -18.04
C GLN P 162 78.24 58.69 -18.24
N PRO P 163 79.04 58.33 -17.20
CA PRO P 163 80.27 57.57 -17.51
C PRO P 163 80.03 56.16 -18.03
N SER P 164 78.79 55.66 -17.99
CA SER P 164 78.46 54.49 -18.76
C SER P 164 78.50 54.78 -20.26
N ARG P 165 78.12 56.00 -20.65
CA ARG P 165 77.96 56.33 -22.06
C ARG P 165 79.30 56.43 -22.79
N ASP P 166 80.38 56.63 -22.05
CA ASP P 166 81.70 56.68 -22.67
C ASP P 166 82.37 55.32 -22.72
N TYR P 167 81.78 54.29 -22.12
CA TYR P 167 82.48 53.03 -21.90
C TYR P 167 81.75 51.80 -22.43
N VAL P 168 80.63 51.97 -23.13
CA VAL P 168 79.92 50.82 -23.70
C VAL P 168 79.76 51.06 -25.19
N LYS P 169 79.46 49.98 -25.91
CA LYS P 169 79.15 50.05 -27.34
C LYS P 169 78.18 48.94 -27.66
N LYS P 170 76.94 49.30 -28.01
CA LYS P 170 75.91 48.29 -28.19
C LYS P 170 75.30 48.43 -29.58
N HIS P 171 74.60 47.37 -30.00
CA HIS P 171 74.02 47.29 -31.32
C HIS P 171 72.93 46.24 -31.33
N ILE P 172 71.91 46.45 -32.16
CA ILE P 172 70.79 45.52 -32.30
C ILE P 172 70.74 45.04 -33.75
N THR P 173 70.91 43.74 -33.95
CA THR P 173 70.71 43.11 -35.24
C THR P 173 69.65 42.01 -35.09
N THR P 174 69.00 41.67 -36.19
CA THR P 174 68.02 40.60 -36.22
C THR P 174 68.37 39.62 -37.32
N VAL P 175 68.02 38.35 -37.11
CA VAL P 175 68.17 37.33 -38.14
C VAL P 175 66.79 36.79 -38.49
N ASN P 176 66.47 36.82 -39.78
CA ASN P 176 65.26 36.16 -40.25
C ASN P 176 65.52 34.67 -40.41
N THR P 177 64.55 33.86 -40.05
CA THR P 177 64.63 32.42 -40.22
C THR P 177 63.28 31.95 -40.76
N LYS P 178 63.17 30.64 -41.02
CA LYS P 178 62.00 30.08 -41.66
C LYS P 178 60.78 30.13 -40.75
N GLN P 179 61.00 30.20 -39.44
CA GLN P 179 59.92 30.38 -38.50
C GLN P 179 60.29 31.49 -37.53
N GLY P 180 59.72 32.68 -37.73
CA GLY P 180 59.91 33.78 -36.82
C GLY P 180 61.24 34.49 -37.01
N VAL P 181 61.35 35.62 -36.31
CA VAL P 181 62.53 36.46 -36.32
C VAL P 181 63.18 36.39 -34.95
N ILE P 182 64.51 36.32 -34.92
CA ILE P 182 65.29 36.19 -33.71
C ILE P 182 66.14 37.44 -33.54
N GLY P 183 66.03 38.09 -32.38
CA GLY P 183 66.78 39.30 -32.11
C GLY P 183 68.13 38.99 -31.50
N ILE P 184 69.13 39.78 -31.86
CA ILE P 184 70.51 39.61 -31.41
C ILE P 184 71.01 40.95 -30.88
N GLN P 185 71.46 40.97 -29.62
CA GLN P 185 72.00 42.16 -28.99
C GLN P 185 73.40 41.86 -28.47
N VAL P 186 74.32 42.79 -28.67
CA VAL P 186 75.72 42.64 -28.26
C VAL P 186 76.17 43.95 -27.63
N SER P 187 76.80 43.87 -26.45
CA SER P 187 77.43 45.01 -25.82
C SER P 187 78.90 44.71 -25.58
N ILE P 188 79.74 45.75 -25.60
CA ILE P 188 81.17 45.63 -25.40
C ILE P 188 81.63 46.78 -24.52
N MET P 189 82.32 46.45 -23.42
CA MET P 189 82.84 47.46 -22.50
C MET P 189 84.29 47.75 -22.85
N LEU P 190 84.58 49.00 -23.19
CA LEU P 190 85.90 49.37 -23.68
C LEU P 190 86.85 49.54 -22.50
N PRO P 191 88.11 49.11 -22.63
CA PRO P 191 89.09 49.33 -21.54
C PRO P 191 89.67 50.73 -21.60
N HIS P 192 90.28 51.13 -20.49
CA HIS P 192 90.91 52.44 -20.41
C HIS P 192 92.26 52.46 -21.13
N ASP P 193 92.50 53.54 -21.86
CA ASP P 193 93.84 53.87 -22.33
C ASP P 193 93.99 55.39 -22.40
N PRO P 194 95.04 55.94 -21.78
CA PRO P 194 95.17 57.41 -21.77
C PRO P 194 95.76 57.98 -23.06
N GLU P 195 95.97 57.16 -24.09
CA GLU P 195 96.39 57.72 -25.37
C GLU P 195 95.22 58.30 -26.14
N GLY P 196 94.05 57.67 -26.03
CA GLY P 196 92.86 58.11 -26.74
C GLY P 196 92.59 57.36 -28.03
N ILE P 197 93.53 56.51 -28.47
CA ILE P 197 93.36 55.78 -29.72
C ILE P 197 92.40 54.62 -29.53
N ILE P 198 92.59 53.84 -28.46
CA ILE P 198 91.84 52.61 -28.26
C ILE P 198 90.54 52.86 -27.50
N GLY P 199 90.60 53.65 -26.43
CA GLY P 199 89.43 53.91 -25.62
C GLY P 199 89.36 55.33 -25.11
N PRO P 200 88.45 55.58 -24.17
CA PRO P 200 88.38 56.91 -23.55
C PRO P 200 89.60 57.20 -22.68
N SER P 201 90.01 58.46 -22.67
CA SER P 201 91.23 58.85 -21.97
C SER P 201 90.98 59.08 -20.49
N THR P 202 89.81 59.60 -20.15
CA THR P 202 89.53 59.99 -18.78
C THR P 202 89.32 58.77 -17.91
N LEU P 203 89.42 58.96 -16.60
CA LEU P 203 89.41 57.84 -15.67
C LEU P 203 88.06 57.71 -14.98
N LEU P 204 87.85 56.56 -14.36
CA LEU P 204 86.62 56.32 -13.64
C LEU P 204 86.61 57.11 -12.34
N PRO P 205 85.47 57.70 -11.98
CA PRO P 205 85.43 58.48 -10.73
C PRO P 205 85.36 57.62 -9.47
N ASP P 206 85.00 56.33 -9.60
CA ASP P 206 84.97 55.46 -8.44
C ASP P 206 86.38 55.12 -7.96
N LYS P 207 87.28 54.83 -8.90
CA LYS P 207 88.60 54.35 -8.54
C LYS P 207 89.53 55.50 -8.18
N ILE P 208 90.04 55.48 -6.95
CA ILE P 208 90.90 56.54 -6.44
C ILE P 208 92.20 55.92 -5.98
N VAL P 209 93.30 56.33 -6.61
CA VAL P 209 94.62 55.80 -6.31
C VAL P 209 95.38 56.83 -5.47
N VAL P 210 96.16 56.35 -4.52
CA VAL P 210 96.86 57.20 -3.57
C VAL P 210 98.35 57.12 -3.87
N LEU P 211 98.97 58.28 -4.08
CA LEU P 211 100.40 58.35 -4.30
C LEU P 211 101.15 57.95 -3.04
N ASP P 212 102.27 57.24 -3.22
CA ASP P 212 103.09 56.82 -2.10
C ASP P 212 103.82 57.99 -1.48
N ALA P 213 104.32 57.78 -0.26
CA ALA P 213 105.02 58.85 0.45
C ALA P 213 106.41 59.07 -0.10
N LYS P 214 107.08 57.99 -0.52
CA LYS P 214 108.45 57.97 -1.08
C LYS P 214 109.48 58.65 -0.19
N ASN Q 8 -43.02 -112.28 7.65
CA ASN Q 8 -42.41 -111.12 8.29
C ASN Q 8 -40.89 -111.24 8.32
N LYS Q 9 -40.22 -110.39 7.56
CA LYS Q 9 -38.76 -110.40 7.48
C LYS Q 9 -38.22 -109.03 7.83
N MET Q 10 -37.02 -109.01 8.40
CA MET Q 10 -36.34 -107.79 8.76
C MET Q 10 -35.22 -107.48 7.77
N MET Q 11 -34.82 -106.21 7.73
CA MET Q 11 -33.85 -105.72 6.77
C MET Q 11 -32.67 -105.11 7.49
N GLU Q 12 -31.56 -104.97 6.78
CA GLU Q 12 -30.41 -104.20 7.24
C GLU Q 12 -29.83 -103.44 6.06
N ILE Q 13 -29.80 -102.12 6.15
CA ILE Q 13 -29.28 -101.26 5.08
C ILE Q 13 -28.18 -100.40 5.69
N THR Q 14 -27.22 -99.99 4.84
CA THR Q 14 -26.26 -98.96 5.18
C THR Q 14 -26.65 -97.69 4.43
N VAL Q 15 -26.81 -96.59 5.16
CA VAL Q 15 -27.21 -95.32 4.57
C VAL Q 15 -26.20 -94.27 4.95
N ASN Q 16 -25.59 -93.63 3.95
CA ASN Q 16 -24.60 -92.59 4.19
C ASN Q 16 -25.28 -91.23 4.05
N LEU Q 17 -25.05 -90.36 5.02
CA LEU Q 17 -25.74 -89.09 5.05
C LEU Q 17 -24.90 -87.99 4.43
N GLY Q 18 -23.63 -88.28 4.16
CA GLY Q 18 -22.80 -87.30 3.47
C GLY Q 18 -23.18 -87.16 2.00
N LYS Q 19 -23.79 -88.20 1.44
CA LYS Q 19 -24.27 -88.12 0.07
C LYS Q 19 -25.63 -87.43 0.00
N LEU Q 20 -26.48 -87.69 0.99
CA LEU Q 20 -27.83 -87.14 0.94
C LEU Q 20 -27.85 -85.65 1.23
N THR Q 21 -27.04 -85.20 2.18
CA THR Q 21 -27.02 -83.80 2.56
C THR Q 21 -25.90 -83.02 1.90
N LYS Q 22 -25.57 -83.35 0.65
CA LYS Q 22 -24.52 -82.61 -0.03
C LYS Q 22 -25.07 -81.32 -0.62
N GLY Q 23 -24.59 -80.20 -0.11
CA GLY Q 23 -24.95 -78.91 -0.67
C GLY Q 23 -26.20 -78.28 -0.10
N CYS Q 24 -26.54 -78.61 1.13
CA CYS Q 24 -27.57 -77.89 1.86
C CYS Q 24 -26.91 -76.87 2.76
N ASN Q 25 -27.70 -75.97 3.35
CA ASN Q 25 -27.13 -74.94 4.17
C ASN Q 25 -26.66 -75.52 5.50
N TRP Q 26 -25.42 -75.21 5.86
CA TRP Q 26 -24.76 -75.87 6.98
C TRP Q 26 -25.23 -75.34 8.32
N THR Q 27 -26.08 -74.33 8.33
CA THR Q 27 -26.63 -73.83 9.58
C THR Q 27 -27.65 -74.80 10.17
N LYS Q 28 -28.16 -75.71 9.35
CA LYS Q 28 -29.21 -76.63 9.74
C LYS Q 28 -28.96 -78.04 9.23
N LYS Q 29 -27.72 -78.49 9.25
CA LYS Q 29 -27.36 -79.70 8.51
C LYS Q 29 -27.86 -80.96 9.20
N ALA Q 30 -27.91 -80.95 10.53
CA ALA Q 30 -28.40 -82.12 11.24
C ALA Q 30 -29.92 -82.22 11.15
N SER Q 31 -30.60 -81.07 11.20
CA SER Q 31 -32.07 -81.09 11.22
C SER Q 31 -32.63 -81.41 9.84
N ILE Q 32 -31.91 -81.03 8.79
CA ILE Q 32 -32.33 -81.38 7.44
C ILE Q 32 -32.10 -82.86 7.17
N ALA Q 33 -31.08 -83.42 7.84
CA ALA Q 33 -30.69 -84.81 7.58
C ALA Q 33 -31.70 -85.81 8.12
N ILE Q 34 -32.68 -85.34 8.89
CA ILE Q 34 -33.75 -86.23 9.33
C ILE Q 34 -34.89 -86.25 8.32
N LYS Q 35 -35.24 -85.08 7.78
CA LYS Q 35 -36.34 -85.00 6.83
C LYS Q 35 -35.97 -85.63 5.49
N LYS Q 36 -34.70 -85.51 5.08
CA LYS Q 36 -34.25 -86.19 3.87
C LYS Q 36 -34.18 -87.70 4.10
N PHE Q 37 -33.96 -88.11 5.35
CA PHE Q 37 -33.88 -89.53 5.67
C PHE Q 37 -35.24 -90.19 5.60
N ARG Q 38 -36.31 -89.43 5.89
CA ARG Q 38 -37.65 -90.00 5.83
C ARG Q 38 -38.11 -90.20 4.41
N SER Q 39 -37.77 -89.29 3.51
CA SER Q 39 -38.25 -89.41 2.14
C SER Q 39 -37.44 -90.44 1.36
N HIS Q 40 -36.27 -90.82 1.88
CA HIS Q 40 -35.44 -91.79 1.17
C HIS Q 40 -35.99 -93.20 1.27
N LEU Q 41 -36.62 -93.53 2.41
CA LEU Q 41 -37.13 -94.88 2.57
C LEU Q 41 -38.54 -95.01 1.99
N LYS Q 42 -39.23 -93.89 1.79
CA LYS Q 42 -40.47 -93.93 1.04
C LYS Q 42 -40.20 -94.19 -0.44
N LYS Q 43 -38.99 -93.89 -0.90
CA LYS Q 43 -38.60 -94.20 -2.26
C LYS Q 43 -38.40 -95.70 -2.44
N MET Q 44 -37.73 -96.35 -1.49
CA MET Q 44 -37.44 -97.78 -1.61
C MET Q 44 -38.68 -98.61 -1.34
N LEU Q 45 -39.19 -98.55 -0.12
CA LEU Q 45 -40.43 -99.22 0.23
C LEU Q 45 -41.57 -98.46 -0.41
N LYS Q 46 -42.35 -99.12 -1.25
CA LYS Q 46 -43.39 -98.44 -2.01
C LYS Q 46 -44.55 -98.03 -1.14
N THR Q 47 -44.66 -98.61 0.06
CA THR Q 47 -45.80 -98.39 0.92
C THR Q 47 -45.68 -97.03 1.59
N ASP Q 48 -46.81 -96.36 1.80
CA ASP Q 48 -46.79 -94.95 2.17
C ASP Q 48 -47.43 -94.71 3.53
N GLU Q 49 -47.31 -95.67 4.46
CA GLU Q 49 -47.92 -95.56 5.78
C GLU Q 49 -47.24 -94.43 6.57
N LYS Q 50 -46.00 -94.62 7.03
CA LYS Q 50 -45.29 -93.69 7.90
C LYS Q 50 -43.91 -94.28 8.16
N ILE Q 51 -43.01 -93.44 8.67
CA ILE Q 51 -41.67 -93.87 9.04
C ILE Q 51 -41.34 -93.25 10.40
N THR Q 52 -41.00 -94.10 11.37
CA THR Q 52 -40.74 -93.67 12.74
C THR Q 52 -39.31 -94.02 13.12
N ILE Q 53 -38.77 -93.26 14.06
CA ILE Q 53 -37.35 -93.31 14.41
C ILE Q 53 -37.21 -93.54 15.90
N GLN Q 54 -36.40 -94.54 16.27
CA GLN Q 54 -36.09 -94.80 17.67
C GLN Q 54 -35.19 -93.71 18.24
N LYS Q 55 -35.18 -93.59 19.56
CA LYS Q 55 -34.54 -92.44 20.20
C LYS Q 55 -33.03 -92.54 20.17
N ASP Q 56 -32.48 -93.76 20.16
CA ASP Q 56 -31.03 -93.89 20.15
C ASP Q 56 -30.48 -93.65 18.76
N LEU Q 57 -31.31 -93.77 17.73
CA LEU Q 57 -30.89 -93.35 16.40
C LEU Q 57 -30.87 -91.84 16.27
N ASN Q 58 -31.86 -91.18 16.86
CA ASN Q 58 -31.95 -89.73 16.79
C ASN Q 58 -30.82 -89.06 17.55
N LYS Q 59 -30.37 -89.67 18.64
CA LYS Q 59 -29.30 -89.10 19.44
C LYS Q 59 -27.95 -89.23 18.74
N TYR Q 60 -27.79 -90.26 17.91
CA TYR Q 60 -26.51 -90.50 17.25
C TYR Q 60 -26.30 -89.51 16.11
N ILE Q 61 -27.38 -89.04 15.49
CA ILE Q 61 -27.25 -88.12 14.37
C ILE Q 61 -26.83 -86.74 14.88
N PHE Q 62 -27.34 -86.35 16.04
CA PHE Q 62 -27.00 -85.07 16.66
C PHE Q 62 -25.73 -85.14 17.50
N SER Q 63 -24.86 -86.11 17.26
CA SER Q 63 -23.71 -86.30 18.14
C SER Q 63 -22.65 -85.24 17.93
N LYS Q 64 -22.55 -84.69 16.72
CA LYS Q 64 -21.53 -83.70 16.44
C LYS Q 64 -22.05 -82.28 16.59
N GLY Q 65 -23.35 -82.10 16.45
CA GLY Q 65 -23.93 -80.76 16.47
C GLY Q 65 -24.73 -80.55 15.21
N LEU Q 66 -25.20 -79.30 15.04
CA LEU Q 66 -26.00 -78.98 13.87
C LEU Q 66 -25.17 -78.90 12.60
N THR Q 67 -23.92 -78.44 12.71
CA THR Q 67 -23.18 -78.14 11.49
C THR Q 67 -22.61 -79.39 10.84
N LYS Q 68 -22.23 -80.38 11.64
CA LYS Q 68 -21.59 -81.58 11.10
C LYS Q 68 -22.50 -82.79 11.29
N VAL Q 69 -22.37 -83.74 10.37
CA VAL Q 69 -23.14 -84.98 10.37
C VAL Q 69 -22.18 -86.12 10.11
N PRO Q 70 -22.23 -87.22 10.87
CA PRO Q 70 -21.34 -88.36 10.59
C PRO Q 70 -21.64 -89.01 9.26
N ARG Q 71 -20.67 -89.78 8.76
CA ARG Q 71 -20.70 -90.21 7.37
C ARG Q 71 -21.78 -91.25 7.12
N ARG Q 72 -21.66 -92.43 7.72
CA ARG Q 72 -22.55 -93.53 7.43
C ARG Q 72 -23.16 -94.05 8.71
N VAL Q 73 -24.19 -94.88 8.56
CA VAL Q 73 -24.89 -95.47 9.69
C VAL Q 73 -25.45 -96.81 9.25
N ARG Q 74 -25.58 -97.72 10.20
CA ARG Q 74 -26.12 -99.06 9.95
C ARG Q 74 -27.43 -99.20 10.71
N ILE Q 75 -28.45 -99.73 10.03
CA ILE Q 75 -29.82 -99.63 10.49
C ILE Q 75 -30.47 -101.01 10.41
N LYS Q 76 -31.61 -101.16 11.09
CA LYS Q 76 -32.49 -102.30 10.87
C LYS Q 76 -33.94 -101.82 10.90
N VAL Q 77 -34.76 -102.40 10.02
CA VAL Q 77 -36.10 -101.89 9.73
C VAL Q 77 -37.08 -103.04 9.89
N GLU Q 78 -38.18 -102.79 10.61
CA GLU Q 78 -39.24 -103.77 10.76
C GLU Q 78 -40.59 -103.08 10.77
N ARG Q 79 -41.64 -103.85 10.53
CA ARG Q 79 -43.00 -103.32 10.57
C ARG Q 79 -43.71 -103.79 11.84
N ILE Q 80 -44.29 -102.86 12.58
CA ILE Q 80 -44.96 -103.14 13.84
C ILE Q 80 -46.39 -102.63 13.76
N ALA Q 81 -47.13 -102.82 14.86
CA ALA Q 81 -48.50 -102.37 14.93
C ALA Q 81 -48.59 -100.94 15.45
N ASP Q 82 -49.70 -100.28 15.16
CA ASP Q 82 -49.86 -98.88 15.50
C ASP Q 82 -50.37 -98.70 16.92
N LYS Q 83 -50.14 -97.51 17.48
CA LYS Q 83 -50.59 -97.22 18.84
C LYS Q 83 -51.97 -96.59 18.85
N ASP Q 84 -52.49 -96.22 17.68
CA ASP Q 84 -53.82 -95.62 17.62
C ASP Q 84 -54.87 -96.65 17.24
N ASN Q 85 -54.67 -97.34 16.12
CA ASN Q 85 -55.54 -98.41 15.68
C ASN Q 85 -54.75 -99.70 15.73
N ALA Q 86 -55.40 -100.79 16.11
CA ALA Q 86 -54.68 -102.06 16.19
C ALA Q 86 -54.42 -102.65 14.81
N GLU Q 87 -55.32 -102.41 13.87
CA GLU Q 87 -55.25 -103.11 12.59
C GLU Q 87 -54.35 -102.38 11.60
N LEU Q 88 -53.99 -101.12 11.88
CA LEU Q 88 -53.07 -100.41 11.00
C LEU Q 88 -51.64 -100.60 11.48
N ASN Q 89 -50.69 -100.26 10.60
CA ASN Q 89 -49.29 -100.55 10.83
C ASN Q 89 -48.45 -99.30 10.66
N VAL Q 90 -47.19 -99.42 11.04
CA VAL Q 90 -46.20 -98.36 10.98
C VAL Q 90 -44.84 -99.02 10.95
N ILE Q 91 -43.82 -98.27 10.53
CA ILE Q 91 -42.49 -98.81 10.28
C ILE Q 91 -41.51 -98.13 11.23
N LYS Q 92 -40.71 -98.95 11.94
CA LYS Q 92 -39.78 -98.46 12.95
C LYS Q 92 -38.34 -98.74 12.53
N CYS Q 93 -37.44 -97.80 12.79
CA CYS Q 93 -36.03 -97.90 12.45
C CYS Q 93 -35.20 -97.84 13.71
N SER Q 94 -34.07 -98.57 13.74
CA SER Q 94 -33.25 -98.67 14.94
C SER Q 94 -31.77 -98.76 14.58
N HIS Q 95 -30.93 -98.36 15.52
CA HIS Q 95 -29.50 -98.25 15.28
C HIS Q 95 -28.80 -99.58 15.55
N VAL Q 96 -27.76 -99.86 14.77
CA VAL Q 96 -26.94 -101.07 14.91
C VAL Q 96 -25.48 -100.64 14.94
N LEU Q 97 -24.75 -101.07 15.96
CA LEU Q 97 -23.36 -100.67 16.16
C LEU Q 97 -22.47 -101.54 15.27
N VAL Q 98 -21.59 -100.90 14.51
CA VAL Q 98 -20.60 -101.59 13.69
C VAL Q 98 -19.41 -100.64 13.50
N GLY Q 99 -18.20 -101.18 13.49
CA GLY Q 99 -17.03 -100.34 13.40
C GLY Q 99 -16.60 -100.05 11.97
N ASN Q 100 -16.33 -101.09 11.19
CA ASN Q 100 -15.79 -100.93 9.84
C ASN Q 100 -16.86 -101.32 8.82
N PHE Q 101 -17.05 -100.45 7.83
CA PHE Q 101 -18.14 -100.60 6.87
C PHE Q 101 -17.71 -101.26 5.57
N LYS Q 102 -16.52 -101.85 5.52
CA LYS Q 102 -16.01 -102.36 4.26
C LYS Q 102 -16.41 -103.82 4.09
N GLY Q 103 -17.15 -104.09 3.01
CA GLY Q 103 -17.58 -105.44 2.71
C GLY Q 103 -18.98 -105.78 3.15
N LEU Q 104 -19.66 -104.90 3.89
CA LEU Q 104 -20.99 -105.21 4.38
C LEU Q 104 -22.03 -105.01 3.29
N LYS Q 105 -22.90 -106.01 3.13
CA LYS Q 105 -23.95 -105.98 2.13
C LYS Q 105 -25.30 -106.02 2.82
N THR Q 106 -26.35 -105.62 2.09
CA THR Q 106 -27.68 -105.60 2.67
C THR Q 106 -28.24 -107.02 2.74
N GLU Q 107 -28.66 -107.40 3.94
CA GLU Q 107 -29.12 -108.76 4.20
C GLU Q 107 -30.56 -108.73 4.68
N ILE Q 108 -31.19 -109.90 4.65
CA ILE Q 108 -32.58 -110.07 5.08
C ILE Q 108 -32.61 -111.05 6.24
N ILE Q 109 -33.09 -110.58 7.39
CA ILE Q 109 -33.21 -111.43 8.56
C ILE Q 109 -34.55 -112.13 8.54
N ASN R 2 17.95 82.63 -74.09
CA ASN R 2 17.56 83.51 -72.99
C ASN R 2 18.49 83.34 -71.80
N LEU R 3 19.04 82.13 -71.65
CA LEU R 3 19.86 81.81 -70.48
C LEU R 3 21.19 82.54 -70.52
N ALA R 4 21.72 82.81 -71.72
CA ALA R 4 22.98 83.54 -71.81
C ALA R 4 22.79 85.01 -71.54
N ASP R 5 21.55 85.50 -71.63
CA ASP R 5 21.28 86.92 -71.41
C ASP R 5 21.17 87.23 -69.91
N ILE R 6 20.56 86.32 -69.15
CA ILE R 6 20.36 86.59 -67.73
C ILE R 6 21.58 86.18 -66.92
N LEU R 7 22.34 85.19 -67.40
CA LEU R 7 23.53 84.76 -66.68
C LEU R 7 24.63 85.81 -66.76
N ASP R 8 24.83 86.52 -65.66
CA ASP R 8 25.85 87.55 -65.58
C ASP R 8 26.85 87.30 -64.46
N VAL R 9 26.78 86.16 -63.78
CA VAL R 9 27.57 85.95 -62.56
C VAL R 9 28.97 85.46 -62.92
N PRO R 10 29.97 85.64 -62.06
CA PRO R 10 31.29 85.06 -62.36
C PRO R 10 31.35 83.58 -62.01
N ILE R 11 32.15 82.85 -62.79
CA ILE R 11 32.39 81.43 -62.58
C ILE R 11 33.89 81.23 -62.38
N LYS R 12 34.26 80.33 -61.47
CA LYS R 12 35.65 79.92 -61.32
C LYS R 12 36.12 79.25 -62.61
N GLN R 13 37.36 79.53 -63.01
CA GLN R 13 37.79 79.17 -64.35
C GLN R 13 38.42 77.78 -64.38
N ASN R 14 39.32 77.48 -63.45
CA ASN R 14 40.07 76.23 -63.44
C ASN R 14 39.38 75.22 -62.54
N GLU R 15 39.35 73.95 -62.98
CA GLU R 15 38.73 72.86 -62.26
C GLU R 15 39.61 71.62 -62.35
N PRO R 16 39.75 70.85 -61.28
CA PRO R 16 40.56 69.62 -61.35
C PRO R 16 39.89 68.52 -62.17
N LYS R 17 40.69 67.55 -62.59
CA LYS R 17 40.22 66.51 -63.49
C LYS R 17 39.48 65.41 -62.73
N GLY R 18 39.22 64.31 -63.44
CA GLY R 18 38.53 63.17 -62.87
C GLY R 18 39.35 62.24 -62.02
N PRO R 19 40.32 61.49 -62.59
CA PRO R 19 41.04 60.50 -61.78
C PRO R 19 42.35 61.04 -61.24
N PHE R 20 42.71 60.59 -60.02
CA PHE R 20 44.03 60.79 -59.39
C PHE R 20 44.34 62.26 -59.14
N SER R 21 43.33 63.11 -59.04
CA SER R 21 43.58 64.54 -59.12
C SER R 21 43.18 65.34 -57.88
N HIS R 22 42.28 64.81 -57.04
CA HIS R 22 41.93 65.54 -55.83
C HIS R 22 43.04 65.48 -54.80
N LYS R 23 43.88 64.44 -54.87
CA LYS R 23 44.97 64.29 -53.91
C LYS R 23 46.16 65.16 -54.28
N VAL R 24 46.53 65.20 -55.57
CA VAL R 24 47.72 65.94 -55.98
C VAL R 24 47.44 67.44 -55.99
N ALA R 25 46.16 67.83 -56.04
CA ALA R 25 45.82 69.25 -55.99
C ALA R 25 46.03 69.82 -54.60
N THR R 26 45.66 69.05 -53.57
CA THR R 26 45.80 69.48 -52.19
C THR R 26 47.14 69.10 -51.58
N ASN R 27 48.07 68.61 -52.41
CA ASN R 27 49.42 68.18 -52.02
C ASN R 27 49.38 67.09 -50.95
N GLU R 28 48.85 65.94 -51.35
CA GLU R 28 48.70 64.82 -50.43
C GLU R 28 50.04 64.15 -50.14
N GLU R 29 51.05 64.39 -50.97
CA GLU R 29 52.36 63.78 -50.72
C GLU R 29 53.21 64.59 -49.75
N ALA R 30 52.79 65.81 -49.41
CA ALA R 30 53.53 66.59 -48.42
C ALA R 30 53.13 66.26 -47.00
N LYS R 31 52.14 65.38 -46.79
CA LYS R 31 51.71 64.99 -45.46
C LYS R 31 51.99 63.49 -45.28
N LYS R 32 53.24 63.17 -44.96
CA LYS R 32 53.72 61.81 -44.92
C LYS R 32 55.06 61.77 -44.19
N CYS R 33 55.28 60.73 -43.40
CA CYS R 33 56.58 60.52 -42.79
C CYS R 33 57.59 60.14 -43.86
N ARG R 34 58.75 60.79 -43.85
CA ARG R 34 59.72 60.55 -44.90
C ARG R 34 60.47 59.24 -44.69
N ALA R 35 60.34 58.66 -43.49
CA ALA R 35 61.01 57.39 -43.24
C ALA R 35 60.01 56.23 -43.18
N CYS R 36 58.77 56.51 -42.76
CA CYS R 36 57.82 55.45 -42.49
C CYS R 36 56.55 55.53 -43.34
N SER R 37 56.34 56.63 -44.06
CA SER R 37 55.16 56.87 -44.93
C SER R 37 53.86 56.78 -44.14
N GLY R 38 53.90 57.22 -42.88
CA GLY R 38 52.74 57.15 -42.02
C GLY R 38 52.02 58.48 -41.93
N PHE R 39 50.81 58.43 -41.39
CA PHE R 39 49.95 59.59 -41.32
C PHE R 39 49.62 60.01 -39.90
N ARG R 40 50.18 59.33 -38.91
CA ARG R 40 49.80 59.52 -37.51
C ARG R 40 50.99 60.05 -36.70
N GLY R 41 50.77 61.11 -35.95
CA GLY R 41 51.77 61.67 -35.06
C GLY R 41 52.90 62.40 -35.76
N ILE R 42 52.55 63.27 -36.72
CA ILE R 42 53.56 63.93 -37.54
C ILE R 42 53.95 65.26 -36.91
N ILE R 43 55.23 65.59 -36.99
CA ILE R 43 55.76 66.83 -36.41
C ILE R 43 55.99 67.83 -37.55
N PHE R 44 55.58 69.08 -37.33
CA PHE R 44 55.84 70.12 -38.30
C PHE R 44 56.70 71.26 -37.75
N LYS R 45 57.08 71.22 -36.48
CA LYS R 45 57.94 72.25 -35.91
C LYS R 45 59.37 72.07 -36.36
N TYR R 46 60.03 73.17 -36.71
CA TYR R 46 61.40 73.23 -37.24
C TYR R 46 61.59 72.41 -38.51
N ASP R 47 60.50 72.18 -39.26
CA ASP R 47 60.50 71.36 -40.49
C ASP R 47 61.04 69.96 -40.25
N MET R 48 60.32 69.16 -39.46
CA MET R 48 60.72 67.78 -39.26
C MET R 48 60.09 66.87 -40.31
N THR R 49 58.75 66.85 -40.37
CA THR R 49 57.94 65.97 -41.23
C THR R 49 58.34 64.51 -41.04
N ILE R 50 58.16 64.03 -39.81
CA ILE R 50 58.53 62.69 -39.39
C ILE R 50 57.57 62.28 -38.29
N CYS R 51 57.14 61.02 -38.31
CA CYS R 51 56.24 60.54 -37.27
C CYS R 51 56.99 60.39 -35.97
N ARG R 52 56.26 60.44 -34.85
CA ARG R 52 56.90 60.52 -33.54
C ARG R 52 57.56 59.20 -33.16
N ARG R 53 57.05 58.09 -33.68
CA ARG R 53 57.67 56.80 -33.41
C ARG R 53 58.90 56.60 -34.28
N CYS R 54 58.90 57.20 -35.47
CA CYS R 54 60.11 57.19 -36.29
C CYS R 54 61.12 58.19 -35.77
N PHE R 55 60.70 59.12 -34.92
CA PHE R 55 61.62 60.15 -34.43
C PHE R 55 62.53 59.61 -33.35
N ARG R 56 61.99 58.81 -32.41
CA ARG R 56 62.80 58.29 -31.31
C ARG R 56 63.82 57.28 -31.79
N GLU R 57 63.55 56.62 -32.91
CA GLU R 57 64.52 55.67 -33.46
C GLU R 57 65.69 56.39 -34.08
N TYR R 58 65.41 57.39 -34.91
CA TYR R 58 66.46 58.17 -35.54
C TYR R 58 66.79 59.45 -34.78
N ALA R 59 66.61 59.47 -33.46
CA ALA R 59 66.88 60.66 -32.66
C ALA R 59 68.37 60.97 -32.57
N LYS R 60 69.20 59.94 -32.40
CA LYS R 60 70.62 60.20 -32.15
C LYS R 60 71.35 60.54 -33.44
N ASP R 61 70.76 60.24 -34.59
CA ASP R 61 71.42 60.56 -35.85
C ASP R 61 71.35 62.04 -36.15
N ILE R 62 70.25 62.68 -35.79
CA ILE R 62 70.10 64.11 -36.03
C ILE R 62 70.88 64.90 -34.98
N GLY R 63 71.01 64.35 -33.78
CA GLY R 63 71.79 64.99 -32.73
C GLY R 63 71.00 65.34 -31.49
N PHE R 64 69.94 64.62 -31.15
CA PHE R 64 69.14 64.94 -29.98
C PHE R 64 69.51 64.02 -28.82
N ASN R 65 69.85 64.62 -27.68
CA ASN R 65 70.20 63.88 -26.49
C ASN R 65 69.42 64.43 -25.31
N VAL R 66 68.97 63.52 -24.44
CA VAL R 66 68.18 63.90 -23.28
C VAL R 66 69.12 64.19 -22.13
N TYR R 67 69.13 65.45 -21.67
CA TYR R 67 69.89 65.83 -20.49
C TYR R 67 69.02 66.11 -19.28
N ASP R 68 67.77 66.51 -19.49
CA ASP R 68 66.88 66.82 -18.39
C ASP R 68 65.46 66.39 -18.74
N ALA S 1 -118.85 -29.33 2.63
CA ALA S 1 -117.49 -28.81 2.66
C ALA S 1 -117.48 -27.34 3.07
N ILE S 2 -116.31 -26.71 2.96
CA ILE S 2 -116.20 -25.29 3.22
C ILE S 2 -116.88 -24.53 2.09
N LYS S 3 -117.76 -23.57 2.45
CA LYS S 3 -118.55 -22.85 1.46
C LYS S 3 -117.69 -21.99 0.55
N ASP S 4 -116.52 -21.56 1.02
CA ASP S 4 -115.64 -20.77 0.18
C ASP S 4 -114.89 -21.64 -0.80
N ILE S 5 -114.77 -22.93 -0.53
CA ILE S 5 -114.18 -23.84 -1.52
C ILE S 5 -115.21 -24.18 -2.60
N GLN S 6 -116.48 -24.27 -2.21
CA GLN S 6 -117.53 -24.69 -3.13
C GLN S 6 -117.76 -23.67 -4.24
N ILE S 7 -117.55 -22.39 -3.93
CA ILE S 7 -117.76 -21.35 -4.94
C ILE S 7 -116.66 -21.39 -5.98
N ARG S 8 -115.41 -21.58 -5.54
CA ARG S 8 -114.28 -21.54 -6.47
C ARG S 8 -114.22 -22.78 -7.34
N LEU S 9 -114.90 -23.85 -6.94
CA LEU S 9 -115.03 -24.99 -7.84
C LEU S 9 -116.04 -24.70 -8.94
N GLN S 10 -117.06 -23.90 -8.64
CA GLN S 10 -118.05 -23.58 -9.64
C GLN S 10 -117.62 -22.42 -10.53
N GLU S 11 -116.77 -21.52 -10.01
CA GLU S 11 -116.27 -20.42 -10.81
C GLU S 11 -115.31 -20.93 -11.87
N THR S 12 -114.53 -21.96 -11.55
CA THR S 12 -113.64 -22.55 -12.54
C THR S 12 -114.38 -23.56 -13.40
N ALA S 13 -115.58 -23.97 -12.99
CA ALA S 13 -116.36 -24.91 -13.79
C ALA S 13 -116.91 -24.22 -15.04
N LYS S 14 -117.46 -23.02 -14.88
CA LYS S 14 -118.02 -22.30 -16.02
C LYS S 14 -116.92 -21.76 -16.92
N TYR S 15 -115.73 -21.52 -16.35
CA TYR S 15 -114.61 -21.03 -17.14
C TYR S 15 -114.06 -22.12 -18.05
N GLN S 16 -114.16 -23.38 -17.61
CA GLN S 16 -113.57 -24.45 -18.40
C GLN S 16 -114.51 -24.94 -19.50
N SER S 17 -115.81 -24.69 -19.35
CA SER S 17 -116.77 -25.27 -20.28
C SER S 17 -117.33 -24.25 -21.28
N GLU S 18 -116.64 -23.14 -21.51
CA GLU S 18 -117.15 -22.17 -22.49
C GLU S 18 -116.50 -22.37 -23.86
N ASP S 19 -115.26 -22.84 -23.89
CA ASP S 19 -114.53 -23.02 -25.14
C ASP S 19 -114.54 -24.46 -25.63
N VAL S 20 -115.32 -25.33 -24.99
CA VAL S 20 -115.35 -26.73 -25.41
C VAL S 20 -116.00 -26.97 -26.77
N PRO S 21 -117.20 -26.43 -27.10
CA PRO S 21 -117.78 -26.79 -28.40
C PRO S 21 -117.07 -26.16 -29.59
N LYS S 22 -116.29 -25.10 -29.38
CA LYS S 22 -115.55 -24.49 -30.48
C LYS S 22 -114.43 -25.40 -30.97
N TYR S 23 -113.94 -26.28 -30.10
CA TYR S 23 -112.87 -27.19 -30.50
C TYR S 23 -113.42 -28.42 -31.20
N ILE S 24 -114.67 -28.77 -30.92
CA ILE S 24 -115.24 -30.00 -31.48
C ILE S 24 -115.63 -29.78 -32.95
N GLU S 25 -116.09 -28.59 -33.29
CA GLU S 25 -116.48 -28.32 -34.67
C GLU S 25 -115.25 -28.23 -35.57
N LYS S 26 -114.14 -27.75 -35.02
CA LYS S 26 -112.89 -27.81 -35.78
C LYS S 26 -112.39 -29.24 -35.88
N TYR S 27 -112.66 -30.06 -34.86
CA TYR S 27 -112.30 -31.47 -34.92
C TYR S 27 -113.16 -32.20 -35.93
N MET S 28 -114.44 -31.82 -36.04
CA MET S 28 -115.32 -32.48 -36.99
C MET S 28 -115.00 -32.06 -38.42
N LYS S 29 -114.65 -30.79 -38.62
CA LYS S 29 -114.39 -30.30 -39.98
C LYS S 29 -113.03 -30.76 -40.48
N LYS S 30 -112.17 -31.25 -39.59
CA LYS S 30 -110.88 -31.76 -40.02
C LYS S 30 -111.01 -33.12 -40.68
N LEU S 31 -111.93 -33.95 -40.17
CA LEU S 31 -112.08 -35.31 -40.66
C LEU S 31 -112.65 -35.33 -42.08
N ASN S 32 -113.39 -34.30 -42.45
CA ASN S 32 -114.09 -34.30 -43.73
C ASN S 32 -113.14 -34.10 -44.90
N LYS S 33 -111.93 -33.59 -44.63
CA LYS S 33 -110.97 -33.38 -45.71
C LYS S 33 -110.32 -34.68 -46.14
N GLN S 34 -110.22 -35.66 -45.22
CA GLN S 34 -109.67 -36.95 -45.60
C GLN S 34 -110.74 -37.84 -46.23
N ASN S 35 -111.99 -37.69 -45.80
CA ASN S 35 -113.03 -38.63 -46.23
C ASN S 35 -113.53 -38.31 -47.63
N GLU S 36 -113.14 -37.16 -48.17
CA GLU S 36 -113.52 -36.81 -49.53
C GLU S 36 -112.81 -37.71 -50.53
N ARG S 37 -113.56 -38.20 -51.51
CA ARG S 37 -113.01 -39.09 -52.52
C ARG S 37 -113.57 -38.68 -53.87
N LYS S 38 -112.73 -38.75 -54.90
CA LYS S 38 -113.13 -38.43 -56.26
C LYS S 38 -113.12 -39.70 -57.09
N ARG S 39 -114.30 -40.13 -57.54
CA ARG S 39 -114.42 -41.29 -58.39
C ARG S 39 -113.91 -40.95 -59.79
N ARG S 40 -112.90 -41.69 -60.24
CA ARG S 40 -112.26 -41.40 -61.51
C ARG S 40 -113.16 -41.78 -62.67
N THR S 41 -112.97 -41.10 -63.80
CA THR S 41 -113.89 -41.17 -64.92
C THR S 41 -113.30 -41.87 -66.14
N ASP S 42 -112.27 -42.69 -65.96
CA ASP S 42 -111.73 -43.45 -67.09
C ASP S 42 -112.35 -44.83 -67.20
N LEU S 43 -113.50 -45.07 -66.57
CA LEU S 43 -114.09 -46.39 -66.60
C LEU S 43 -115.13 -46.52 -67.71
N GLU S 44 -115.01 -47.57 -68.50
CA GLU S 44 -115.88 -47.84 -69.63
C GLU S 44 -116.47 -49.24 -69.49
N CYS S 45 -117.72 -49.40 -69.89
CA CYS S 45 -118.39 -50.68 -69.76
C CYS S 45 -117.89 -51.67 -70.80
N GLY S 46 -117.60 -52.89 -70.34
CA GLY S 46 -117.24 -53.98 -71.24
C GLY S 46 -115.74 -54.15 -71.49
N MET S 47 -114.91 -53.66 -70.57
CA MET S 47 -113.47 -53.65 -70.81
C MET S 47 -112.76 -54.58 -69.85
N ILE S 48 -111.49 -54.87 -70.16
CA ILE S 48 -110.69 -55.81 -69.37
C ILE S 48 -109.84 -55.05 -68.37
N VAL S 49 -109.96 -55.44 -67.10
CA VAL S 49 -109.33 -54.74 -65.98
C VAL S 49 -108.57 -55.72 -65.10
N VAL S 50 -107.31 -55.42 -64.81
CA VAL S 50 -106.48 -56.26 -63.94
C VAL S 50 -106.71 -55.85 -62.49
N VAL S 51 -106.73 -56.82 -61.60
CA VAL S 51 -107.05 -56.59 -60.19
C VAL S 51 -105.77 -56.52 -59.37
N CYS S 52 -105.61 -55.44 -58.61
CA CYS S 52 -104.51 -55.29 -57.66
C CYS S 52 -105.05 -55.40 -56.24
N GLU S 53 -104.26 -55.97 -55.34
CA GLU S 53 -104.47 -56.12 -53.89
C GLU S 53 -105.65 -57.01 -53.50
N GLY S 54 -106.31 -57.67 -54.44
CA GLY S 54 -107.42 -58.53 -54.08
C GLY S 54 -106.99 -59.96 -53.82
N ILE S 55 -107.97 -60.78 -53.42
CA ILE S 55 -107.71 -62.21 -53.28
C ILE S 55 -107.43 -62.83 -54.65
N TYR S 56 -108.11 -62.33 -55.68
CA TYR S 56 -107.79 -62.68 -57.06
C TYR S 56 -106.78 -61.68 -57.61
N GLU S 57 -105.59 -61.70 -57.01
CA GLU S 57 -104.48 -60.94 -57.57
C GLU S 57 -103.99 -61.59 -58.86
N ALA S 58 -103.54 -60.75 -59.79
CA ALA S 58 -103.06 -61.15 -61.11
C ALA S 58 -104.13 -61.90 -61.90
N LYS S 59 -105.33 -61.33 -61.98
CA LYS S 59 -106.41 -61.85 -62.80
C LYS S 59 -107.13 -60.71 -63.49
N ARG S 60 -107.49 -60.93 -64.74
CA ARG S 60 -108.13 -59.92 -65.56
C ARG S 60 -109.64 -60.11 -65.49
N VAL S 61 -110.34 -59.02 -65.18
CA VAL S 61 -111.75 -59.06 -64.81
C VAL S 61 -112.50 -57.99 -65.61
N PHE S 62 -113.63 -58.40 -66.19
CA PHE S 62 -114.51 -57.50 -66.92
C PHE S 62 -115.17 -56.50 -65.96
N TYR S 63 -115.01 -55.21 -66.25
CA TYR S 63 -115.68 -54.17 -65.48
C TYR S 63 -117.07 -53.95 -66.07
N LEU S 64 -118.09 -54.35 -65.29
CA LEU S 64 -119.45 -54.24 -65.77
C LEU S 64 -120.02 -52.84 -65.51
N LYS S 65 -120.14 -52.46 -64.25
CA LYS S 65 -120.85 -51.23 -63.91
C LYS S 65 -120.38 -50.74 -62.54
N GLY S 66 -120.40 -49.42 -62.36
CA GLY S 66 -120.08 -48.82 -61.11
C GLY S 66 -121.32 -48.64 -60.25
N LEU S 67 -121.13 -48.83 -58.94
CA LEU S 67 -122.19 -48.62 -57.97
C LEU S 67 -122.14 -47.22 -57.41
N ASP S 68 -122.88 -47.02 -56.32
CA ASP S 68 -122.96 -45.73 -55.64
C ASP S 68 -122.17 -45.70 -54.34
N LYS S 69 -121.66 -46.84 -53.88
CA LYS S 69 -121.01 -46.96 -52.58
C LYS S 69 -119.51 -46.75 -52.66
N ASN S 70 -119.04 -45.97 -53.65
CA ASN S 70 -117.63 -45.87 -54.05
C ASN S 70 -117.04 -47.25 -54.34
N LEU S 71 -117.85 -48.10 -54.97
CA LEU S 71 -117.44 -49.44 -55.36
C LEU S 71 -117.79 -49.63 -56.83
N VAL S 72 -117.54 -50.84 -57.31
CA VAL S 72 -117.84 -51.23 -58.69
C VAL S 72 -118.44 -52.62 -58.67
N LEU S 73 -119.09 -53.00 -59.78
CA LEU S 73 -119.50 -54.38 -60.01
C LEU S 73 -118.54 -54.99 -61.02
N CYS S 74 -118.15 -56.24 -60.79
CA CYS S 74 -117.14 -56.90 -61.60
C CYS S 74 -117.47 -58.38 -61.75
N ALA S 75 -117.05 -58.97 -62.86
CA ALA S 75 -117.33 -60.37 -63.16
C ALA S 75 -116.05 -61.07 -63.61
N VAL S 76 -115.67 -62.12 -62.89
CA VAL S 76 -114.48 -62.90 -63.18
C VAL S 76 -114.93 -64.26 -63.71
N LEU S 77 -114.15 -64.82 -64.64
CA LEU S 77 -114.46 -66.18 -65.11
C LEU S 77 -114.05 -67.21 -64.07
N LYS S 78 -114.58 -68.42 -64.20
CA LYS S 78 -114.25 -69.53 -63.31
C LYS S 78 -113.82 -70.73 -64.16
N ASP S 79 -113.78 -71.89 -63.51
CA ASP S 79 -113.20 -73.16 -64.00
C ASP S 79 -113.88 -73.54 -65.32
N GLY S 80 -115.18 -73.83 -65.33
CA GLY S 80 -115.82 -74.04 -66.61
C GLY S 80 -117.01 -73.13 -66.85
N ASN S 81 -116.82 -72.12 -67.70
CA ASN S 81 -117.88 -71.26 -68.25
C ASN S 81 -118.73 -70.60 -67.17
N ASN S 82 -118.13 -70.30 -66.03
CA ASN S 82 -118.85 -69.80 -64.87
C ASN S 82 -118.34 -68.41 -64.51
N VAL S 83 -119.27 -67.52 -64.16
CA VAL S 83 -118.93 -66.16 -63.76
C VAL S 83 -119.48 -65.92 -62.37
N SER S 84 -119.03 -64.81 -61.77
CA SER S 84 -119.46 -64.42 -60.44
C SER S 84 -119.59 -62.90 -60.39
N PHE S 85 -119.86 -62.40 -59.18
CA PHE S 85 -119.95 -60.97 -58.92
C PHE S 85 -119.22 -60.65 -57.63
N PHE S 86 -118.61 -59.46 -57.58
CA PHE S 86 -117.94 -59.00 -56.37
C PHE S 86 -117.79 -57.49 -56.46
N LYS S 87 -117.52 -56.88 -55.31
CA LYS S 87 -117.36 -55.42 -55.19
C LYS S 87 -116.01 -55.11 -54.56
N ILE S 88 -115.23 -54.27 -55.25
CA ILE S 88 -113.99 -53.73 -54.70
C ILE S 88 -113.91 -52.25 -55.05
N ASP S 89 -112.91 -51.58 -54.50
CA ASP S 89 -112.75 -50.14 -54.70
C ASP S 89 -112.34 -49.84 -56.13
N GLU S 90 -112.60 -48.59 -56.55
CA GLU S 90 -112.15 -48.13 -57.86
C GLU S 90 -110.63 -48.06 -57.93
N SER S 91 -109.97 -47.84 -56.79
CA SER S 91 -108.54 -47.57 -56.79
C SER S 91 -107.74 -48.86 -56.87
N TYR S 92 -108.39 -50.01 -56.76
CA TYR S 92 -107.66 -51.28 -56.71
C TYR S 92 -107.41 -51.82 -58.11
N LEU S 93 -107.75 -51.04 -59.14
CA LEU S 93 -107.84 -51.56 -60.50
C LEU S 93 -106.71 -51.05 -61.37
N LEU S 94 -106.63 -51.63 -62.57
CA LEU S 94 -105.70 -51.21 -63.61
C LEU S 94 -106.33 -51.48 -64.96
N ALA S 95 -106.26 -50.49 -65.87
CA ALA S 95 -107.05 -50.56 -67.09
C ALA S 95 -106.21 -51.03 -68.27
N THR S 96 -106.86 -51.76 -69.18
CA THR S 96 -106.27 -52.20 -70.43
C THR S 96 -107.14 -51.73 -71.58
N SER S 97 -106.58 -51.73 -72.79
CA SER S 97 -107.25 -51.10 -73.91
C SER S 97 -108.25 -52.04 -74.58
N THR S 98 -108.27 -53.32 -74.19
CA THR S 98 -109.17 -54.27 -74.83
C THR S 98 -110.59 -54.13 -74.27
N LYS S 99 -111.58 -54.25 -75.16
CA LYS S 99 -112.96 -53.99 -74.81
C LYS S 99 -113.89 -54.78 -75.74
N ILE S 100 -114.94 -55.34 -75.15
CA ILE S 100 -116.07 -55.92 -75.89
C ILE S 100 -117.28 -55.04 -75.63
N ASN S 101 -118.35 -55.28 -76.38
CA ASN S 101 -119.56 -54.46 -76.27
C ASN S 101 -120.63 -55.19 -75.46
N ILE S 102 -120.92 -54.65 -74.28
CA ILE S 102 -122.00 -55.16 -73.43
C ILE S 102 -122.85 -53.98 -73.00
N ASN S 103 -124.15 -54.04 -73.33
CA ASN S 103 -125.04 -52.94 -73.03
C ASN S 103 -125.38 -52.92 -71.54
N VAL S 104 -125.69 -51.72 -71.03
CA VAL S 104 -125.81 -51.53 -69.59
C VAL S 104 -127.24 -51.81 -69.14
N ASN S 105 -128.18 -51.87 -70.08
CA ASN S 105 -129.58 -52.07 -69.73
C ASN S 105 -129.92 -53.55 -69.64
N GLU S 106 -129.09 -54.40 -70.26
CA GLU S 106 -129.27 -55.83 -70.12
C GLU S 106 -128.94 -56.29 -68.71
N ILE S 107 -127.84 -55.77 -68.15
CA ILE S 107 -127.39 -56.13 -66.81
C ILE S 107 -128.21 -55.38 -65.77
N HIS S 108 -128.69 -56.10 -64.76
CA HIS S 108 -129.37 -55.45 -63.65
C HIS S 108 -128.60 -55.65 -62.36
N ILE S 109 -128.80 -54.73 -61.42
CA ILE S 109 -127.93 -54.56 -60.26
C ILE S 109 -128.76 -54.73 -59.00
N SER S 110 -128.29 -55.56 -58.07
CA SER S 110 -128.83 -55.66 -56.73
C SER S 110 -127.69 -55.80 -55.74
N GLU S 111 -127.65 -54.92 -54.75
CA GLU S 111 -126.46 -54.79 -53.90
C GLU S 111 -126.31 -55.96 -52.94
N ASP S 112 -127.42 -56.53 -52.49
CA ASP S 112 -127.35 -57.54 -51.44
C ASP S 112 -126.92 -58.89 -51.99
N GLU S 113 -127.20 -59.14 -53.26
CA GLU S 113 -126.81 -60.36 -53.94
C GLU S 113 -125.30 -60.48 -54.05
N VAL S 114 -124.67 -59.37 -54.39
CA VAL S 114 -123.24 -59.33 -54.71
C VAL S 114 -122.44 -59.12 -53.42
N PRO S 115 -121.37 -59.89 -53.20
CA PRO S 115 -120.53 -59.67 -52.03
C PRO S 115 -119.40 -58.69 -52.33
N LEU S 116 -118.57 -58.44 -51.32
CA LEU S 116 -117.40 -57.58 -51.47
C LEU S 116 -116.15 -58.32 -51.03
N ILE S 117 -115.01 -57.69 -51.27
CA ILE S 117 -113.69 -58.22 -50.94
C ILE S 117 -112.82 -57.06 -50.47
N THR S 118 -112.23 -57.20 -49.28
CA THR S 118 -111.38 -56.18 -48.69
C THR S 118 -109.94 -56.38 -49.12
N LYS S 119 -109.04 -55.59 -48.52
CA LYS S 119 -107.63 -55.72 -48.84
C LYS S 119 -107.04 -57.00 -48.25
N ASP S 120 -107.33 -57.28 -46.99
CA ASP S 120 -106.66 -58.35 -46.26
C ASP S 120 -107.11 -59.72 -46.75
N LYS S 121 -106.18 -60.68 -46.75
CA LYS S 121 -106.44 -61.97 -47.38
C LYS S 121 -107.34 -62.84 -46.52
N SER S 122 -107.06 -62.92 -45.21
CA SER S 122 -107.69 -63.92 -44.35
C SER S 122 -109.06 -63.44 -43.89
N ILE S 123 -109.95 -63.29 -44.86
CA ILE S 123 -111.38 -63.11 -44.63
C ILE S 123 -112.12 -64.10 -45.50
N GLU S 124 -112.90 -64.97 -44.86
CA GLU S 124 -113.70 -65.96 -45.57
C GLU S 124 -114.90 -65.28 -46.21
N ILE S 125 -115.09 -65.51 -47.51
CA ILE S 125 -116.21 -64.95 -48.25
C ILE S 125 -117.22 -66.06 -48.47
N MET S 126 -118.50 -65.70 -48.53
CA MET S 126 -119.60 -66.64 -48.66
C MET S 126 -120.08 -66.69 -50.10
N ASP S 127 -120.35 -67.89 -50.60
CA ASP S 127 -120.83 -68.04 -51.96
C ASP S 127 -122.36 -67.95 -51.98
N ILE S 128 -122.87 -66.88 -52.56
CA ILE S 128 -124.30 -66.67 -52.64
C ILE S 128 -124.86 -67.42 -53.85
N GLU S 129 -126.09 -67.91 -53.71
CA GLU S 129 -126.76 -68.67 -54.76
C GLU S 129 -126.96 -67.82 -56.01
N ASN S 130 -126.75 -68.45 -57.16
CA ASN S 130 -126.66 -67.77 -58.44
C ASN S 130 -128.00 -67.21 -58.89
N SER S 131 -127.99 -65.93 -59.29
CA SER S 131 -129.22 -65.25 -59.63
C SER S 131 -129.72 -65.70 -60.99
N GLU S 132 -131.05 -65.66 -61.16
CA GLU S 132 -131.65 -66.03 -62.44
C GLU S 132 -131.36 -65.01 -63.52
N LYS S 133 -131.16 -63.75 -63.14
CA LYS S 133 -130.82 -62.72 -64.12
C LYS S 133 -129.40 -62.90 -64.65
N MET S 134 -128.53 -63.55 -63.84
CA MET S 134 -127.14 -63.71 -64.23
C MET S 134 -126.98 -64.67 -65.40
N THR S 135 -127.73 -65.78 -65.38
CA THR S 135 -127.54 -66.83 -66.38
C THR S 135 -128.01 -66.37 -67.75
N LYS S 136 -129.01 -65.48 -67.79
CA LYS S 136 -129.38 -64.84 -69.05
C LYS S 136 -128.29 -63.88 -69.51
N ILE S 137 -127.60 -63.24 -68.57
CA ILE S 137 -126.47 -62.38 -68.92
C ILE S 137 -125.25 -63.23 -69.22
N GLU S 138 -125.19 -64.44 -68.63
CA GLU S 138 -124.04 -65.32 -68.82
C GLU S 138 -123.93 -65.81 -70.26
N LYS S 139 -125.08 -66.02 -70.92
CA LYS S 139 -125.02 -66.36 -72.34
C LYS S 139 -124.72 -65.14 -73.18
N SER S 140 -124.86 -63.94 -72.60
CA SER S 140 -124.57 -62.72 -73.36
C SER S 140 -123.11 -62.34 -73.24
N ILE S 141 -122.36 -63.00 -72.36
CA ILE S 141 -120.94 -62.72 -72.22
C ILE S 141 -120.08 -63.94 -72.59
N MET S 142 -120.57 -65.16 -72.34
CA MET S 142 -119.78 -66.34 -72.72
C MET S 142 -119.83 -66.60 -74.21
N ASP S 143 -120.77 -65.95 -74.91
CA ASP S 143 -120.72 -65.94 -76.36
C ASP S 143 -119.67 -64.96 -76.85
N GLU S 144 -119.37 -63.92 -76.06
CA GLU S 144 -118.44 -62.89 -76.51
C GLU S 144 -117.01 -63.38 -76.42
N VAL S 145 -116.75 -64.35 -75.54
CA VAL S 145 -115.39 -64.86 -75.40
C VAL S 145 -115.04 -65.80 -76.56
N ARG S 146 -116.06 -66.39 -77.19
CA ARG S 146 -115.81 -67.32 -78.29
C ARG S 146 -115.53 -66.58 -79.59
N LYS S 147 -115.89 -65.30 -79.67
CA LYS S 147 -115.73 -64.57 -80.92
C LYS S 147 -114.27 -64.20 -81.17
N VAL S 148 -113.62 -63.55 -80.20
CA VAL S 148 -112.24 -63.12 -80.37
C VAL S 148 -111.33 -64.33 -80.28
N ASP S 149 -110.38 -64.43 -81.22
CA ASP S 149 -109.47 -65.57 -81.25
C ASP S 149 -108.53 -65.56 -80.05
N TYR S 150 -108.54 -66.69 -79.32
CA TYR S 150 -107.73 -66.94 -78.13
C TYR S 150 -108.02 -65.95 -77.02
N LEU S 151 -109.29 -65.82 -76.64
CA LEU S 151 -109.63 -64.95 -75.51
C LEU S 151 -109.78 -65.75 -74.21
N LYS S 152 -110.16 -67.02 -74.33
CA LYS S 152 -110.24 -67.87 -73.14
C LYS S 152 -108.85 -68.19 -72.60
N THR S 153 -107.85 -68.22 -73.48
CA THR S 153 -106.48 -68.39 -73.02
C THR S 153 -105.93 -67.09 -72.45
N TYR S 154 -106.55 -65.96 -72.79
CA TYR S 154 -106.08 -64.69 -72.26
C TYR S 154 -106.50 -64.50 -70.80
N LEU S 155 -107.69 -64.96 -70.45
CA LEU S 155 -108.20 -64.70 -69.11
C LEU S 155 -107.80 -65.80 -68.14
N ASN S 156 -107.10 -66.83 -68.63
CA ASN S 156 -106.61 -67.87 -67.74
C ASN S 156 -105.19 -67.58 -67.26
N THR S 157 -104.40 -66.91 -68.09
CA THR S 157 -103.01 -66.65 -67.74
C THR S 157 -102.92 -65.48 -66.76
N PRO S 158 -102.18 -65.63 -65.67
CA PRO S 158 -102.06 -64.53 -64.70
C PRO S 158 -101.17 -63.41 -65.21
N PHE S 159 -101.48 -62.20 -64.73
CA PHE S 159 -100.79 -61.00 -65.15
C PHE S 159 -99.47 -60.90 -64.39
N GLU S 160 -98.39 -60.56 -65.09
CA GLU S 160 -97.08 -60.48 -64.47
C GLU S 160 -96.37 -59.20 -64.88
N ILE S 161 -95.67 -58.59 -63.92
CA ILE S 161 -94.76 -57.50 -64.22
C ILE S 161 -93.49 -58.07 -64.83
N ASP S 162 -93.03 -57.46 -65.92
CA ASP S 162 -91.84 -57.91 -66.62
C ASP S 162 -90.63 -57.14 -66.12
N SER S 163 -89.54 -57.85 -65.87
CA SER S 163 -88.31 -57.20 -65.46
C SER S 163 -87.62 -56.56 -66.66
N SER S 164 -86.54 -55.83 -66.39
CA SER S 164 -85.65 -55.13 -67.34
C SER S 164 -86.32 -54.04 -68.15
N VAL S 165 -87.57 -53.68 -67.85
CA VAL S 165 -88.28 -52.61 -68.55
C VAL S 165 -89.06 -51.82 -67.50
N GLU S 166 -89.15 -50.51 -67.69
CA GLU S 166 -89.90 -49.67 -66.76
C GLU S 166 -91.39 -49.91 -66.91
N PHE S 167 -92.13 -49.67 -65.82
CA PHE S 167 -93.55 -49.99 -65.82
C PHE S 167 -94.36 -48.98 -66.60
N TYR S 168 -94.05 -47.69 -66.47
CA TYR S 168 -94.86 -46.68 -67.13
C TYR S 168 -94.38 -46.35 -68.53
N SER S 169 -93.66 -47.26 -69.19
CA SER S 169 -93.23 -47.01 -70.57
C SER S 169 -94.24 -47.57 -71.56
N GLN S 170 -94.70 -48.79 -71.32
CA GLN S 170 -95.54 -49.49 -72.29
C GLN S 170 -96.95 -48.94 -72.32
N LYS S 171 -97.73 -49.40 -73.30
CA LYS S 171 -99.05 -48.82 -73.52
C LYS S 171 -100.13 -49.57 -72.75
N TYR S 172 -99.93 -50.87 -72.53
CA TYR S 172 -100.86 -51.77 -71.82
C TYR S 172 -102.27 -51.77 -72.41
N THR T 1 61.30 -61.59 -11.02
CA THR T 1 62.38 -62.57 -10.98
C THR T 1 61.99 -63.78 -10.13
N GLY T 2 61.42 -64.79 -10.78
CA GLY T 2 60.96 -65.97 -10.10
C GLY T 2 61.96 -67.09 -10.00
N GLY T 3 63.17 -66.91 -10.48
CA GLY T 3 64.16 -67.96 -10.45
C GLY T 3 65.58 -67.44 -10.48
N PRO T 4 66.52 -68.28 -10.88
CA PRO T 4 67.93 -67.88 -10.87
C PRO T 4 68.28 -66.99 -12.06
N ARG T 5 69.44 -66.35 -11.97
CA ARG T 5 69.97 -65.55 -13.05
C ARG T 5 71.02 -66.32 -13.83
N LYS T 6 71.04 -66.12 -15.15
CA LYS T 6 71.97 -66.82 -16.01
C LYS T 6 72.83 -65.91 -16.88
N HIS T 7 72.58 -64.60 -16.90
CA HIS T 7 73.34 -63.66 -17.71
C HIS T 7 74.13 -62.73 -16.80
N LEU T 8 75.41 -62.55 -17.12
CA LEU T 8 76.28 -61.67 -16.36
C LEU T 8 76.71 -60.52 -17.25
N ASN T 9 77.05 -59.39 -16.62
CA ASN T 9 77.33 -58.15 -17.33
C ASN T 9 78.81 -57.79 -17.19
N ARG T 10 79.37 -57.17 -18.24
CA ARG T 10 80.81 -56.94 -18.26
C ARG T 10 81.23 -55.84 -17.31
N LYS T 11 80.34 -54.91 -16.99
CA LYS T 11 80.72 -53.82 -16.12
C LYS T 11 80.83 -54.27 -14.68
N VAL T 12 80.00 -55.26 -14.29
CA VAL T 12 80.10 -55.82 -12.94
C VAL T 12 81.01 -57.03 -12.88
N ALA T 13 81.77 -57.28 -13.94
CA ALA T 13 82.76 -58.35 -13.90
C ALA T 13 83.89 -57.99 -12.93
N PRO T 14 84.55 -58.98 -12.34
CA PRO T 14 85.70 -58.66 -11.49
C PRO T 14 86.84 -58.07 -12.29
N THR T 15 87.51 -57.08 -11.70
CA THR T 15 88.59 -56.40 -12.40
C THR T 15 89.84 -57.27 -12.48
N SER T 16 89.92 -58.30 -11.64
CA SER T 16 91.08 -59.18 -11.65
C SER T 16 91.08 -60.15 -12.82
N TRP T 17 90.02 -60.14 -13.64
CA TRP T 17 90.01 -60.98 -14.84
C TRP T 17 90.75 -60.32 -15.98
N LYS T 18 91.15 -59.05 -15.82
CA LYS T 18 91.91 -58.27 -16.80
C LYS T 18 91.19 -58.14 -18.13
N LEU T 19 89.86 -58.07 -18.10
CA LEU T 19 89.09 -57.90 -19.32
C LEU T 19 89.06 -56.43 -19.72
N ASP T 20 88.78 -56.18 -20.99
CA ASP T 20 88.58 -54.82 -21.46
C ASP T 20 87.12 -54.44 -21.28
N LYS T 21 86.87 -53.22 -20.81
CA LYS T 21 85.49 -52.77 -20.63
C LYS T 21 84.95 -52.12 -21.89
N SER T 22 85.52 -52.50 -23.04
CA SER T 22 85.21 -52.06 -24.38
C SER T 22 83.98 -52.78 -24.92
N ILE T 23 83.95 -52.92 -26.25
CA ILE T 23 82.82 -53.26 -27.11
C ILE T 23 81.87 -54.35 -26.64
N GLY T 24 82.33 -55.27 -25.79
CA GLY T 24 81.48 -56.33 -25.31
C GLY T 24 80.39 -55.88 -24.38
N THR T 25 79.35 -56.70 -24.21
CA THR T 25 78.28 -56.37 -23.27
C THR T 25 78.14 -57.44 -22.19
N TYR T 26 78.23 -58.71 -22.56
CA TYR T 26 78.03 -59.80 -21.62
C TYR T 26 79.35 -60.50 -21.36
N ALA T 27 79.40 -61.25 -20.27
CA ALA T 27 80.56 -62.03 -19.88
C ALA T 27 80.11 -63.41 -19.45
N ILE T 28 81.06 -64.35 -19.43
CA ILE T 28 80.71 -65.75 -19.15
C ILE T 28 80.48 -65.95 -17.67
N ARG T 29 79.30 -66.46 -17.32
CA ARG T 29 78.99 -66.82 -15.95
C ARG T 29 79.42 -68.25 -15.70
N PRO T 30 80.44 -68.49 -14.88
CA PRO T 30 81.01 -69.82 -14.77
C PRO T 30 80.14 -70.75 -13.92
N HIS T 31 80.50 -72.03 -13.95
CA HIS T 31 79.73 -73.05 -13.27
C HIS T 31 79.97 -73.01 -11.76
N SER T 32 79.11 -73.70 -11.03
CA SER T 32 79.34 -73.91 -9.61
C SER T 32 80.44 -74.93 -9.43
N GLY T 33 81.27 -74.73 -8.41
CA GLY T 33 82.39 -75.60 -8.20
C GLY T 33 82.89 -75.62 -6.77
N PRO T 34 84.11 -76.12 -6.58
CA PRO T 34 84.65 -76.22 -5.21
C PRO T 34 85.09 -74.89 -4.64
N HIS T 35 85.59 -73.98 -5.48
CA HIS T 35 86.08 -72.70 -5.01
C HIS T 35 84.94 -71.72 -4.84
N LYS T 36 85.26 -70.56 -4.26
CA LYS T 36 84.26 -69.54 -4.05
C LYS T 36 84.03 -68.73 -5.32
N LYS T 37 83.26 -67.65 -5.18
CA LYS T 37 82.94 -66.81 -6.33
C LYS T 37 84.08 -65.87 -6.66
N ASP T 38 85.02 -65.68 -5.74
CA ASP T 38 86.07 -64.70 -5.93
C ASP T 38 87.33 -65.33 -6.49
N LEU T 39 87.68 -66.52 -6.01
CA LEU T 39 88.94 -67.15 -6.37
C LEU T 39 88.85 -68.01 -7.62
N CYS T 40 87.80 -67.87 -8.41
CA CYS T 40 87.61 -68.69 -9.60
C CYS T 40 87.64 -67.83 -10.85
N ILE T 41 88.05 -68.43 -11.96
CA ILE T 41 88.05 -67.79 -13.27
C ILE T 41 87.55 -68.83 -14.28
N PRO T 42 86.90 -68.42 -15.36
CA PRO T 42 86.52 -69.39 -16.38
C PRO T 42 87.73 -69.87 -17.15
N LEU T 43 87.59 -71.05 -17.77
CA LEU T 43 88.73 -71.64 -18.46
C LEU T 43 88.94 -71.01 -19.83
N ALA T 44 87.87 -70.52 -20.46
CA ALA T 44 87.98 -70.03 -21.82
C ALA T 44 88.73 -68.71 -21.90
N TYR T 45 88.82 -68.00 -20.78
CA TYR T 45 89.62 -66.78 -20.76
C TYR T 45 91.10 -67.08 -20.60
N VAL T 46 91.43 -68.23 -20.02
CA VAL T 46 92.83 -68.58 -19.78
C VAL T 46 93.52 -68.95 -21.09
N LEU T 47 92.81 -69.68 -21.95
CA LEU T 47 93.41 -70.09 -23.23
C LEU T 47 93.39 -68.95 -24.24
N GLU T 48 92.69 -67.86 -23.93
CA GLU T 48 92.61 -66.76 -24.88
C GLU T 48 93.50 -65.60 -24.46
N LYS T 49 93.34 -65.10 -23.24
CA LYS T 49 93.98 -63.86 -22.82
C LYS T 49 95.33 -64.08 -22.14
N PHE T 50 95.36 -64.83 -21.05
CA PHE T 50 96.59 -64.98 -20.28
C PHE T 50 97.59 -65.87 -21.02
N LEU T 51 97.24 -67.13 -21.22
CA LEU T 51 97.94 -67.92 -22.21
C LEU T 51 97.42 -67.54 -23.59
N GLU T 52 98.27 -67.67 -24.59
CA GLU T 52 97.96 -67.24 -25.94
C GLU T 52 98.09 -68.46 -26.86
N TYR T 53 97.00 -69.21 -26.98
CA TYR T 53 96.99 -70.43 -27.78
C TYR T 53 95.89 -70.46 -28.82
N ALA T 54 94.88 -69.58 -28.70
CA ALA T 54 93.73 -69.59 -29.60
C ALA T 54 93.38 -68.16 -29.97
N ASN T 55 92.58 -68.00 -31.02
CA ASN T 55 92.21 -66.65 -31.45
C ASN T 55 90.71 -66.43 -31.34
N ASN T 56 89.91 -67.42 -31.68
CA ASN T 56 88.46 -67.27 -31.69
C ASN T 56 87.84 -68.49 -31.02
N ARG T 57 86.52 -68.64 -31.16
CA ARG T 57 85.81 -69.69 -30.45
C ARG T 57 86.09 -71.07 -31.02
N LYS T 58 86.45 -71.14 -32.31
CA LYS T 58 86.64 -72.43 -32.94
C LYS T 58 87.90 -73.13 -32.44
N GLU T 59 88.98 -72.37 -32.23
CA GLU T 59 90.24 -72.97 -31.80
C GLU T 59 90.20 -73.35 -30.32
N ILE T 60 89.19 -72.89 -29.59
CA ILE T 60 89.03 -73.32 -28.21
C ILE T 60 88.61 -74.78 -28.15
N GLN T 61 87.73 -75.19 -29.06
CA GLN T 61 87.23 -76.56 -29.05
C GLN T 61 88.29 -77.54 -29.52
N ILE T 62 89.27 -77.07 -30.29
CA ILE T 62 90.26 -77.96 -30.87
C ILE T 62 91.21 -78.47 -29.79
N ILE T 63 91.68 -77.57 -28.92
CA ILE T 63 92.62 -77.98 -27.88
C ILE T 63 91.88 -78.75 -26.78
N LEU T 64 90.62 -78.40 -26.54
CA LEU T 64 89.88 -79.05 -25.46
C LEU T 64 89.42 -80.45 -25.86
N LYS T 65 88.98 -80.64 -27.10
CA LYS T 65 88.56 -81.98 -27.51
C LYS T 65 89.73 -82.89 -27.83
N SER T 66 90.94 -82.33 -28.03
CA SER T 66 92.11 -83.17 -28.23
C SER T 66 92.64 -83.77 -26.94
N LYS T 67 92.04 -83.42 -25.80
CA LYS T 67 92.24 -84.03 -24.49
C LYS T 67 93.68 -83.92 -24.00
N ASN T 68 94.30 -82.75 -24.17
CA ASN T 68 95.64 -82.54 -23.62
C ASN T 68 95.59 -81.73 -22.34
N ILE T 69 94.49 -81.01 -22.10
CA ILE T 69 94.43 -80.15 -20.92
C ILE T 69 94.17 -80.99 -19.69
N LYS T 70 95.03 -80.83 -18.68
CA LYS T 70 95.02 -81.68 -17.50
C LYS T 70 95.03 -80.80 -16.25
N ILE T 71 93.85 -80.61 -15.66
CA ILE T 71 93.73 -79.82 -14.44
C ILE T 71 93.58 -80.75 -13.25
N ASN T 72 94.51 -80.63 -12.30
CA ASN T 72 94.61 -81.50 -11.11
C ASN T 72 94.68 -82.97 -11.50
N GLY T 73 95.42 -83.27 -12.57
CA GLY T 73 95.59 -84.62 -13.03
C GLY T 73 94.37 -85.25 -13.67
N LYS T 74 93.42 -84.44 -14.13
CA LYS T 74 92.20 -84.94 -14.77
C LYS T 74 91.99 -84.24 -16.09
N ILE T 75 91.49 -84.99 -17.08
CA ILE T 75 91.15 -84.39 -18.36
C ILE T 75 89.79 -83.73 -18.27
N ILE T 76 89.65 -82.57 -18.89
CA ILE T 76 88.41 -81.79 -18.85
C ILE T 76 88.17 -81.20 -20.24
N GLU T 77 86.92 -81.22 -20.69
CA GLU T 77 86.57 -80.72 -22.02
C GLU T 77 85.49 -79.65 -22.00
N LYS T 78 85.14 -79.13 -20.83
CA LYS T 78 84.11 -78.09 -20.72
C LYS T 78 84.80 -76.74 -20.60
N ARG T 79 84.32 -75.77 -21.38
CA ARG T 79 84.94 -74.45 -21.37
C ARG T 79 84.51 -73.61 -20.18
N LYS T 80 83.45 -74.01 -19.49
CA LYS T 80 82.92 -73.28 -18.35
C LYS T 80 83.47 -73.79 -17.02
N TYR T 81 84.48 -74.64 -17.07
CA TYR T 81 85.04 -75.20 -15.84
C TYR T 81 85.80 -74.12 -15.08
N PRO T 82 85.54 -73.95 -13.79
CA PRO T 82 86.24 -72.91 -13.03
C PRO T 82 87.61 -73.35 -12.54
N VAL T 83 88.64 -72.59 -12.89
CA VAL T 83 89.98 -72.79 -12.40
C VAL T 83 90.13 -71.96 -11.14
N GLY T 84 90.45 -72.59 -10.03
CA GLY T 84 90.50 -71.91 -8.76
C GLY T 84 91.89 -71.46 -8.38
N PHE T 85 92.04 -71.19 -7.08
CA PHE T 85 93.34 -70.86 -6.52
C PHE T 85 94.15 -72.13 -6.32
N GLY T 86 95.47 -72.02 -6.49
CA GLY T 86 96.39 -73.02 -6.02
C GLY T 86 96.45 -74.32 -6.82
N ASP T 87 95.53 -74.55 -7.74
CA ASP T 87 95.54 -75.78 -8.49
C ASP T 87 96.60 -75.74 -9.58
N VAL T 88 97.07 -76.93 -9.96
CA VAL T 88 98.09 -77.08 -10.99
C VAL T 88 97.42 -77.62 -12.25
N LEU T 89 97.49 -76.87 -13.33
CA LEU T 89 97.03 -77.32 -14.63
C LEU T 89 98.25 -77.65 -15.47
N SER T 90 98.09 -78.57 -16.41
CA SER T 90 99.19 -78.96 -17.27
C SER T 90 98.66 -79.43 -18.60
N ILE T 91 99.54 -79.37 -19.60
CA ILE T 91 99.29 -79.96 -20.91
C ILE T 91 100.06 -81.27 -20.96
N ILE T 92 99.46 -82.31 -21.53
CA ILE T 92 100.16 -83.59 -21.67
C ILE T 92 101.26 -83.46 -22.70
N LYS T 93 101.00 -82.74 -23.78
CA LYS T 93 102.03 -82.39 -24.75
C LYS T 93 102.89 -81.27 -24.17
N THR T 94 104.16 -81.24 -24.57
CA THR T 94 105.21 -80.24 -24.31
C THR T 94 105.63 -80.15 -22.84
N ASP T 95 105.01 -80.91 -21.93
CA ASP T 95 105.38 -81.01 -20.51
C ASP T 95 105.38 -79.64 -19.81
N GLU T 96 104.35 -78.85 -20.08
CA GLU T 96 104.23 -77.52 -19.51
C GLU T 96 103.29 -77.57 -18.31
N HIS T 97 103.75 -77.01 -17.18
CA HIS T 97 103.01 -77.03 -15.93
C HIS T 97 102.97 -75.62 -15.36
N TYR T 98 101.88 -75.29 -14.67
CA TYR T 98 101.73 -73.97 -14.07
C TYR T 98 101.04 -74.08 -12.72
N ARG T 99 101.41 -73.19 -11.81
CA ARG T 99 100.69 -72.99 -10.57
C ARG T 99 99.96 -71.66 -10.62
N VAL T 100 98.77 -71.62 -10.08
CA VAL T 100 97.87 -70.48 -10.18
C VAL T 100 97.75 -69.82 -8.82
N PHE T 101 98.39 -68.66 -8.66
CA PHE T 101 98.04 -67.76 -7.58
C PHE T 101 98.20 -66.33 -8.06
N TYR T 102 97.78 -65.40 -7.21
CA TYR T 102 97.71 -64.00 -7.59
C TYR T 102 99.11 -63.39 -7.69
N GLY T 103 99.20 -62.32 -8.48
CA GLY T 103 100.44 -61.59 -8.62
C GLY T 103 100.67 -60.65 -7.45
N VAL T 104 101.02 -59.42 -7.79
CA VAL T 104 101.27 -58.41 -6.76
C VAL T 104 100.19 -57.33 -6.80
N ASP T 105 99.62 -57.06 -7.98
CA ASP T 105 98.65 -56.00 -8.15
C ASP T 105 97.21 -56.52 -8.26
N LYS T 106 96.89 -57.58 -7.52
CA LYS T 106 95.55 -58.20 -7.49
C LYS T 106 95.11 -58.67 -8.87
N ASN T 107 95.96 -59.44 -9.53
CA ASN T 107 95.64 -60.03 -10.83
C ASN T 107 96.09 -61.48 -10.87
N PHE T 108 95.48 -62.25 -11.75
CA PHE T 108 95.82 -63.66 -11.89
C PHE T 108 97.11 -63.81 -12.68
N THR T 109 97.96 -64.72 -12.23
CA THR T 109 99.22 -65.01 -12.89
C THR T 109 99.35 -66.50 -13.10
N PHE T 110 100.31 -66.89 -13.94
CA PHE T 110 100.62 -68.30 -14.17
C PHE T 110 102.13 -68.47 -14.21
N ILE T 111 102.65 -69.30 -13.31
CA ILE T 111 104.09 -69.44 -13.10
C ILE T 111 104.51 -70.86 -13.44
N LYS T 112 105.46 -70.97 -14.37
CA LYS T 112 105.93 -72.27 -14.80
C LYS T 112 106.76 -72.93 -13.70
N ILE T 113 106.45 -74.19 -13.41
CA ILE T 113 107.11 -74.93 -12.34
C ILE T 113 107.69 -76.23 -12.88
N ASP T 114 108.28 -76.99 -11.97
CA ASP T 114 109.02 -78.22 -12.28
C ASP T 114 108.15 -79.45 -12.03
N LYS T 115 108.60 -80.58 -12.58
CA LYS T 115 107.84 -81.82 -12.46
C LYS T 115 107.88 -82.38 -11.05
N GLU T 116 108.90 -82.01 -10.26
CA GLU T 116 108.92 -82.43 -8.86
C GLU T 116 107.88 -81.65 -8.06
N GLU T 117 107.56 -80.43 -8.49
CA GLU T 117 106.46 -79.70 -7.86
C GLU T 117 105.13 -80.01 -8.53
N ALA T 118 105.16 -80.69 -9.68
CA ALA T 118 103.92 -80.92 -10.42
C ALA T 118 103.07 -82.02 -9.79
N ASN T 119 103.64 -82.78 -8.86
CA ASN T 119 102.89 -83.87 -8.26
C ASN T 119 101.89 -83.36 -7.23
N PHE T 120 102.36 -82.57 -6.27
CA PHE T 120 101.60 -82.30 -5.06
C PHE T 120 100.76 -81.04 -5.16
N LYS T 121 100.06 -80.75 -4.08
CA LYS T 121 99.10 -79.64 -3.99
C LYS T 121 98.94 -79.29 -2.52
N LEU T 122 98.64 -78.02 -2.24
CA LEU T 122 98.47 -77.54 -0.87
C LEU T 122 97.04 -77.09 -0.65
N ALA T 123 96.52 -77.33 0.55
CA ALA T 123 95.21 -76.88 0.96
C ALA T 123 95.20 -76.68 2.47
N LYS T 124 94.10 -76.17 3.00
CA LYS T 124 94.00 -75.77 4.39
C LYS T 124 92.76 -76.37 5.03
N VAL T 125 92.91 -76.94 6.22
CA VAL T 125 91.80 -77.54 6.94
C VAL T 125 90.90 -76.45 7.49
N THR T 126 89.59 -76.68 7.48
CA THR T 126 88.63 -75.78 8.09
C THR T 126 87.81 -76.44 9.19
N ASN T 127 87.59 -77.76 9.12
CA ASN T 127 86.66 -78.43 10.02
C ASN T 127 87.01 -79.91 10.11
N LYS T 128 86.74 -80.50 11.27
CA LYS T 128 87.09 -81.88 11.56
C LYS T 128 86.12 -82.45 12.58
N LYS T 129 85.56 -83.63 12.29
CA LYS T 129 84.71 -84.35 13.22
C LYS T 129 84.72 -85.83 12.86
N VAL T 130 84.16 -86.64 13.75
CA VAL T 130 84.10 -88.08 13.57
C VAL T 130 82.74 -88.45 12.96
N MET T 131 82.79 -89.21 11.87
CA MET T 131 81.58 -89.57 11.15
C MET T 131 81.04 -90.91 11.66
N TYR T 132 80.15 -91.51 10.86
CA TYR T 132 79.50 -92.78 11.18
C TYR T 132 80.51 -93.90 11.40
N GLU T 133 80.13 -94.82 12.30
CA GLU T 133 80.86 -96.05 12.60
C GLU T 133 82.27 -95.78 13.11
N ASN T 134 82.43 -94.63 13.79
CA ASN T 134 83.65 -94.26 14.52
C ASN T 134 84.86 -94.14 13.59
N VAL T 135 84.72 -93.31 12.56
CA VAL T 135 85.78 -93.04 11.59
C VAL T 135 86.05 -91.53 11.63
N PRO T 136 87.30 -91.10 11.87
CA PRO T 136 87.58 -89.67 11.91
C PRO T 136 87.62 -89.09 10.51
N TYR T 137 87.35 -87.79 10.42
CA TYR T 137 87.35 -87.10 9.13
C TYR T 137 87.90 -85.69 9.27
N ILE T 138 88.49 -85.21 8.18
CA ILE T 138 89.07 -83.88 8.09
C ILE T 138 88.59 -83.25 6.80
N PHE T 139 88.01 -82.05 6.90
CA PHE T 139 87.43 -81.36 5.77
C PHE T 139 88.30 -80.16 5.40
N THR T 140 88.63 -80.06 4.11
CA THR T 140 89.47 -79.01 3.60
C THR T 140 88.62 -77.85 3.07
N ASN T 141 89.28 -76.90 2.42
CA ASN T 141 88.57 -75.74 1.90
C ASN T 141 87.76 -76.09 0.66
N ASP T 142 88.31 -76.92 -0.23
CA ASP T 142 87.65 -77.18 -1.50
C ASP T 142 86.48 -78.15 -1.37
N GLY T 143 86.39 -78.90 -0.29
CA GLY T 143 85.31 -79.84 -0.11
C GLY T 143 85.69 -81.29 -0.23
N ALA T 144 86.97 -81.62 -0.19
CA ALA T 144 87.38 -83.02 -0.16
C ALA T 144 87.38 -83.53 1.27
N CYS T 145 87.01 -84.80 1.42
CA CYS T 145 86.99 -85.45 2.72
C CYS T 145 88.17 -86.40 2.82
N PHE T 146 88.74 -86.50 4.02
CA PHE T 146 89.90 -87.36 4.25
C PHE T 146 89.80 -88.00 5.62
N LYS T 147 90.10 -89.29 5.67
CA LYS T 147 89.94 -90.09 6.88
C LYS T 147 91.28 -90.73 7.25
N TYR T 148 91.35 -91.18 8.50
CA TYR T 148 92.48 -91.93 9.07
C TYR T 148 93.81 -91.18 8.96
N CYS T 149 93.78 -89.88 9.23
CA CYS T 149 94.99 -89.10 9.16
C CYS T 149 95.68 -89.06 10.51
N ASP T 150 96.78 -88.31 10.57
CA ASP T 150 97.54 -88.17 11.80
C ASP T 150 96.74 -87.35 12.80
N PRO T 151 96.72 -87.74 14.08
CA PRO T 151 95.97 -86.96 15.07
C PRO T 151 96.63 -85.65 15.46
N ALA T 152 97.85 -85.38 15.00
CA ALA T 152 98.50 -84.12 15.36
C ALA T 152 98.06 -82.98 14.45
N ILE T 153 97.22 -83.26 13.46
CA ILE T 153 96.73 -82.21 12.57
C ILE T 153 95.49 -81.57 13.18
N ASN T 154 95.54 -80.26 13.43
CA ASN T 154 94.44 -79.54 14.05
C ASN T 154 93.53 -78.86 13.03
N ILE T 155 92.63 -78.01 13.49
CA ILE T 155 91.56 -77.44 12.67
C ILE T 155 92.11 -76.43 11.67
N ASN T 156 93.21 -75.77 12.00
CA ASN T 156 93.68 -74.64 11.21
C ASN T 156 94.96 -74.92 10.45
N ASP T 157 95.53 -76.12 10.58
CA ASP T 157 96.80 -76.46 9.98
C ASP T 157 96.60 -76.79 8.51
N THR T 158 97.68 -76.71 7.73
CA THR T 158 97.59 -77.00 6.30
C THR T 158 98.10 -78.40 5.99
N VAL T 159 97.67 -78.92 4.83
CA VAL T 159 98.00 -80.26 4.39
C VAL T 159 98.71 -80.19 3.05
N LYS T 160 99.12 -81.36 2.57
CA LYS T 160 99.81 -81.52 1.29
C LYS T 160 99.20 -82.71 0.57
N ILE T 161 98.42 -82.44 -0.48
CA ILE T 161 97.69 -83.49 -1.19
C ILE T 161 98.55 -84.02 -2.33
N ASP T 162 98.65 -85.35 -2.42
CA ASP T 162 99.55 -85.98 -3.39
C ASP T 162 99.01 -85.86 -4.81
N LEU T 163 97.69 -85.69 -4.96
CA LEU T 163 96.92 -85.40 -6.17
C LEU T 163 96.82 -86.61 -7.11
N GLU T 164 97.53 -87.70 -6.85
CA GLU T 164 97.41 -88.89 -7.70
C GLU T 164 96.84 -90.07 -6.93
N THR T 165 97.31 -90.32 -5.72
CA THR T 165 96.70 -91.31 -4.84
C THR T 165 95.62 -90.71 -3.97
N ARG T 166 95.49 -89.38 -3.98
CA ARG T 166 94.50 -88.62 -3.20
C ARG T 166 94.64 -88.88 -1.70
N LEU T 167 95.88 -88.99 -1.24
CA LEU T 167 96.15 -89.30 0.16
C LEU T 167 96.90 -88.14 0.80
N VAL T 168 96.57 -87.87 2.06
CA VAL T 168 97.31 -86.87 2.82
C VAL T 168 98.71 -87.40 3.09
N VAL T 169 99.72 -86.63 2.69
CA VAL T 169 101.12 -87.04 2.80
C VAL T 169 101.83 -86.28 3.91
N ASP T 170 101.89 -84.94 3.82
CA ASP T 170 102.58 -84.15 4.81
C ASP T 170 101.66 -83.04 5.29
N TYR T 171 101.96 -82.50 6.47
CA TYR T 171 101.23 -81.38 7.03
C TYR T 171 102.20 -80.41 7.67
N VAL T 172 101.78 -79.16 7.74
CA VAL T 172 102.52 -78.13 8.46
C VAL T 172 101.57 -77.52 9.48
N SER T 173 101.99 -77.50 10.75
CA SER T 173 101.14 -77.00 11.81
C SER T 173 101.06 -75.48 11.78
N PHE T 174 100.20 -74.94 12.63
CA PHE T 174 99.96 -73.50 12.69
C PHE T 174 100.55 -72.97 13.99
N LYS T 175 101.50 -72.05 13.88
CA LYS T 175 102.16 -71.46 15.03
C LYS T 175 102.72 -70.11 14.61
N GLU T 176 103.44 -69.47 15.54
CA GLU T 176 104.07 -68.20 15.24
C GLU T 176 105.45 -68.43 14.60
N GLY T 177 105.94 -67.39 13.93
CA GLY T 177 107.20 -67.46 13.25
C GLY T 177 107.15 -68.35 12.02
N ASP T 178 106.02 -68.33 11.32
CA ASP T 178 105.85 -69.08 10.09
C ASP T 178 105.71 -68.12 8.92
N VAL T 179 106.17 -68.56 7.75
CA VAL T 179 105.93 -67.80 6.53
C VAL T 179 104.49 -68.01 6.09
N VAL T 180 103.87 -66.97 5.54
CA VAL T 180 102.44 -66.97 5.31
C VAL T 180 102.18 -66.45 3.89
N PHE T 181 101.01 -66.76 3.36
CA PHE T 181 100.53 -66.24 2.08
C PHE T 181 99.09 -65.81 2.26
N VAL T 182 98.73 -64.66 1.69
CA VAL T 182 97.38 -64.14 1.80
C VAL T 182 96.75 -64.13 0.41
N MET T 183 95.42 -64.26 0.36
CA MET T 183 94.71 -64.37 -0.91
C MET T 183 93.47 -63.51 -1.01
N ARG T 184 93.08 -62.84 0.06
CA ARG T 184 91.89 -62.00 0.02
C ARG T 184 92.16 -60.72 0.79
N GLY T 185 91.09 -59.99 1.07
CA GLY T 185 91.19 -58.74 1.79
C GLY T 185 91.68 -57.61 0.90
N GLU T 186 91.91 -56.46 1.53
CA GLU T 186 92.42 -55.31 0.79
C GLU T 186 93.88 -55.51 0.41
N ASP T 187 94.58 -56.39 1.14
CA ASP T 187 95.96 -56.71 0.86
C ASP T 187 96.04 -58.16 0.40
N THR T 188 96.23 -58.36 -0.89
CA THR T 188 96.38 -59.70 -1.46
C THR T 188 97.82 -59.90 -1.91
N GLY T 189 98.26 -61.15 -1.86
CA GLY T 189 99.56 -61.50 -2.39
C GLY T 189 100.75 -61.11 -1.55
N ARG T 190 100.55 -60.80 -0.28
CA ARG T 190 101.64 -60.49 0.63
C ARG T 190 102.20 -61.76 1.23
N VAL T 191 103.53 -61.86 1.28
CA VAL T 191 104.23 -62.97 1.91
C VAL T 191 104.89 -62.45 3.17
N GLY T 192 104.58 -63.04 4.31
CA GLY T 192 105.02 -62.48 5.56
C GLY T 192 105.43 -63.44 6.67
N ILE T 193 106.13 -62.93 7.68
CA ILE T 193 106.52 -63.73 8.82
C ILE T 193 105.62 -63.41 10.00
N ILE T 194 105.09 -64.45 10.64
CA ILE T 194 104.15 -64.29 11.74
C ILE T 194 104.90 -63.79 12.98
N LYS T 195 104.40 -62.74 13.60
CA LYS T 195 104.92 -62.24 14.87
C LYS T 195 103.98 -62.48 16.04
N LYS T 196 102.72 -62.06 15.91
CA LYS T 196 101.73 -62.22 16.96
C LYS T 196 100.44 -62.78 16.38
N ILE T 197 99.92 -63.82 17.02
CA ILE T 197 98.66 -64.45 16.64
C ILE T 197 97.60 -64.01 17.63
N GLN T 198 96.61 -63.26 17.16
CA GLN T 198 95.46 -62.93 17.98
C GLN T 198 94.34 -63.94 17.75
N ASN T 199 93.20 -63.70 18.39
CA ASN T 199 92.10 -64.65 18.32
C ASN T 199 91.36 -64.58 16.98
N THR T 200 91.42 -63.43 16.31
CA THR T 200 90.70 -63.22 15.07
C THR T 200 91.60 -62.70 13.94
N THR T 201 92.67 -61.99 14.27
CA THR T 201 93.61 -61.50 13.28
C THR T 201 95.01 -62.02 13.58
N VAL T 202 95.94 -61.73 12.69
CA VAL T 202 97.34 -62.07 12.87
C VAL T 202 98.18 -60.83 12.61
N ILE T 203 99.15 -60.61 13.48
CA ILE T 203 100.09 -59.49 13.36
C ILE T 203 101.36 -60.03 12.72
N CYS T 204 101.68 -59.51 11.54
CA CYS T 204 102.66 -60.14 10.66
C CYS T 204 103.77 -59.15 10.33
N GLU T 205 104.80 -59.66 9.66
CA GLU T 205 105.96 -58.88 9.25
C GLU T 205 106.33 -59.22 7.82
N ASP T 206 106.38 -58.21 6.97
CA ASP T 206 106.78 -58.38 5.58
C ASP T 206 108.27 -58.69 5.47
N LEU T 207 108.70 -59.07 4.26
CA LEU T 207 110.12 -59.21 3.97
C LEU T 207 110.82 -57.85 3.97
N SER T 208 110.08 -56.78 3.72
CA SER T 208 110.58 -55.42 3.88
C SER T 208 110.32 -54.87 5.28
N ASN T 209 110.15 -55.76 6.27
CA ASN T 209 110.03 -55.45 7.69
C ASN T 209 108.85 -54.55 8.04
N LYS T 210 107.80 -54.53 7.21
CA LYS T 210 106.63 -53.72 7.51
C LYS T 210 105.68 -54.48 8.42
N GLU T 211 104.46 -53.95 8.55
CA GLU T 211 103.46 -54.53 9.41
C GLU T 211 102.08 -54.38 8.77
N PHE T 212 101.26 -55.41 8.98
CA PHE T 212 99.87 -55.42 8.52
C PHE T 212 99.11 -56.45 9.34
N GLU T 213 97.82 -56.20 9.50
CA GLU T 213 96.95 -57.10 10.25
C GLU T 213 95.89 -57.64 9.31
N THR T 214 95.59 -58.93 9.43
CA THR T 214 94.74 -59.63 8.48
C THR T 214 94.05 -60.76 9.23
N SER T 215 92.77 -60.97 8.94
CA SER T 215 91.98 -62.02 9.55
C SER T 215 92.53 -63.41 9.21
N ILE T 216 92.18 -64.38 10.05
CA ILE T 216 92.81 -65.70 9.98
C ILE T 216 92.26 -66.50 8.81
N ASP T 217 91.03 -66.21 8.39
CA ASP T 217 90.43 -66.97 7.30
C ASP T 217 91.05 -66.63 5.95
N SER T 218 91.71 -65.48 5.83
CA SER T 218 92.16 -65.03 4.52
C SER T 218 93.59 -65.49 4.23
N MET T 219 94.28 -66.05 5.22
CA MET T 219 95.66 -66.47 5.06
C MET T 219 95.78 -67.97 4.90
N ILE T 220 96.92 -68.39 4.33
CA ILE T 220 97.35 -69.79 4.31
C ILE T 220 98.84 -69.82 4.57
N VAL T 221 99.24 -70.57 5.59
CA VAL T 221 100.65 -70.78 5.91
C VAL T 221 101.22 -71.77 4.88
N ILE T 222 102.36 -71.42 4.28
CA ILE T 222 102.95 -72.31 3.28
C ILE T 222 104.18 -73.00 3.84
N GLY T 223 104.72 -72.49 4.94
CA GLY T 223 105.85 -73.12 5.58
C GLY T 223 105.95 -72.71 7.02
N ASP T 224 106.39 -73.66 7.86
CA ASP T 224 106.61 -73.37 9.27
C ASP T 224 107.81 -72.46 9.47
N ASN T 225 108.81 -72.56 8.59
CA ASN T 225 110.05 -71.81 8.77
C ASN T 225 110.41 -71.17 7.45
N GLU T 226 111.33 -70.20 7.53
CA GLU T 226 111.83 -69.54 6.34
C GLU T 226 112.64 -70.51 5.48
N GLU T 227 113.32 -71.46 6.12
CA GLU T 227 114.15 -72.39 5.37
C GLU T 227 113.34 -73.51 4.74
N SER T 228 112.08 -73.70 5.20
CA SER T 228 111.24 -74.74 4.62
C SER T 228 110.88 -74.42 3.17
N LEU T 229 110.04 -73.39 2.97
CA LEU T 229 109.60 -72.88 1.67
C LEU T 229 109.09 -74.00 0.75
N LEU T 230 107.94 -74.55 1.15
CA LEU T 230 107.41 -75.77 0.55
C LEU T 230 107.05 -75.57 -0.93
N ILE T 231 106.67 -74.36 -1.30
CA ILE T 231 106.41 -74.04 -2.70
C ILE T 231 107.48 -73.09 -3.21
N SER T 232 107.45 -72.80 -4.50
CA SER T 232 108.32 -71.79 -5.11
C SER T 232 107.62 -70.44 -5.01
N LEU T 233 108.39 -69.40 -4.72
CA LEU T 233 107.85 -68.07 -4.54
C LEU T 233 107.77 -67.35 -5.88
N PRO T 234 106.93 -66.32 -5.99
CA PRO T 234 106.94 -65.50 -7.21
C PRO T 234 108.19 -64.65 -7.32
N GLU T 235 108.30 -63.95 -8.45
CA GLU T 235 109.52 -63.22 -8.77
C GLU T 235 109.64 -61.96 -7.91
N GLU T 236 108.52 -61.26 -7.69
CA GLU T 236 108.54 -60.09 -6.82
C GLU T 236 108.57 -60.50 -5.36
N LYS T 237 108.15 -61.74 -5.07
CA LYS T 237 107.93 -62.33 -3.75
C LYS T 237 106.90 -61.56 -2.94
N GLY T 238 106.01 -60.83 -3.59
CA GLY T 238 104.88 -60.20 -2.92
C GLY T 238 105.23 -59.07 -1.98
N ILE T 239 106.22 -58.26 -2.35
CA ILE T 239 106.66 -57.21 -1.44
C ILE T 239 105.71 -56.01 -1.49
N ARG T 240 105.33 -55.60 -2.70
CA ARG T 240 104.32 -54.55 -2.95
C ARG T 240 104.73 -53.22 -2.31
N LEU T 241 105.78 -52.62 -2.88
CA LEU T 241 106.31 -51.34 -2.44
C LEU T 241 105.25 -50.25 -2.51
N THR T 242 105.40 -49.26 -1.63
CA THR T 242 104.41 -48.21 -1.49
C THR T 242 104.55 -47.18 -2.62
N ALA T 243 103.59 -46.26 -2.66
CA ALA T 243 103.60 -45.23 -3.70
C ALA T 243 104.68 -44.19 -3.45
N LEU T 244 105.18 -44.11 -2.21
CA LEU T 244 106.29 -43.21 -1.92
C LEU T 244 107.57 -43.68 -2.61
N GLU T 245 107.87 -44.97 -2.50
CA GLU T 245 109.08 -45.49 -3.13
C GLU T 245 108.91 -45.61 -4.63
N GLU T 246 107.66 -45.71 -5.10
CA GLU T 246 107.42 -45.61 -6.54
C GLU T 246 107.62 -44.18 -7.02
N SER T 247 107.41 -43.21 -6.14
CA SER T 247 107.76 -41.84 -6.47
C SER T 247 109.24 -41.57 -6.24
N ASN T 248 109.89 -42.46 -5.50
CA ASN T 248 111.33 -42.29 -5.23
C ASN T 248 112.18 -42.87 -6.35
N LEU T 249 111.71 -43.95 -6.98
CA LEU T 249 112.53 -44.60 -8.01
C LEU T 249 112.48 -43.84 -9.32
N LYS T 250 111.41 -43.09 -9.56
CA LYS T 250 111.28 -42.36 -10.81
C LYS T 250 112.25 -41.18 -10.87
N PHE T 251 112.26 -40.36 -9.83
CA PHE T 251 112.96 -39.10 -9.85
C PHE T 251 114.18 -39.07 -8.94
N GLY T 252 114.56 -40.20 -8.35
CA GLY T 252 115.59 -40.19 -7.35
C GLY T 252 115.05 -39.87 -5.98
N GLU T 253 115.89 -40.06 -4.97
CA GLU T 253 115.47 -39.77 -3.61
C GLU T 253 115.73 -38.29 -3.28
N ILE T 254 114.98 -37.80 -2.32
CA ILE T 254 115.09 -36.39 -1.92
C ILE T 254 116.37 -36.21 -1.13
N VAL T 255 117.31 -35.44 -1.69
CA VAL T 255 118.53 -35.13 -0.97
C VAL T 255 118.23 -34.14 0.14
N GLU T 256 118.80 -34.39 1.32
CA GLU T 256 118.54 -33.53 2.46
C GLU T 256 119.83 -32.96 3.02
N PRO U 8 -118.45 -42.65 -27.64
CA PRO U 8 -117.38 -42.23 -26.72
C PRO U 8 -117.32 -40.73 -26.56
N ASN U 9 -116.48 -40.26 -25.64
CA ASN U 9 -116.30 -38.82 -25.48
C ASN U 9 -115.37 -38.29 -26.57
N PRO U 10 -115.73 -37.20 -27.24
CA PRO U 10 -114.80 -36.63 -28.23
C PRO U 10 -113.59 -35.96 -27.60
N LEU U 11 -113.64 -35.66 -26.30
CA LEU U 11 -112.55 -34.93 -25.66
C LEU U 11 -111.33 -35.83 -25.44
N ILE U 12 -111.53 -37.15 -25.45
CA ILE U 12 -110.41 -38.07 -25.23
C ILE U 12 -109.49 -38.10 -26.44
N ALA U 13 -110.05 -37.98 -27.63
CA ALA U 13 -109.22 -37.98 -28.84
C ALA U 13 -108.51 -36.64 -29.00
N ILE U 14 -109.12 -35.56 -28.49
CA ILE U 14 -108.47 -34.25 -28.54
C ILE U 14 -107.36 -34.18 -27.50
N LYS U 15 -107.53 -34.91 -26.39
CA LYS U 15 -106.54 -34.86 -25.31
C LYS U 15 -105.25 -35.55 -25.72
N GLU U 16 -105.34 -36.59 -26.54
CA GLU U 16 -104.14 -37.35 -26.89
C GLU U 16 -103.29 -36.65 -27.94
N GLU U 17 -103.78 -35.56 -28.54
CA GLU U 17 -102.98 -34.85 -29.51
C GLU U 17 -101.88 -34.05 -28.84
N PHE U 18 -102.13 -33.57 -27.62
CA PHE U 18 -101.15 -32.78 -26.88
C PHE U 18 -100.51 -33.69 -25.83
N ARG U 19 -99.50 -34.45 -26.23
CA ARG U 19 -98.71 -35.21 -25.27
C ARG U 19 -97.25 -35.13 -25.68
N LYS U 20 -96.35 -35.32 -24.72
CA LYS U 20 -94.92 -35.22 -24.96
C LYS U 20 -94.20 -36.33 -24.22
N LYS U 21 -92.92 -36.52 -24.52
CA LYS U 21 -92.13 -37.50 -23.79
C LYS U 21 -91.08 -36.84 -22.92
N ILE U 22 -90.87 -35.53 -23.09
CA ILE U 22 -89.72 -34.86 -22.50
C ILE U 22 -89.90 -34.74 -21.00
N LYS U 23 -88.81 -35.02 -20.27
CA LYS U 23 -88.91 -35.28 -18.84
C LYS U 23 -88.21 -34.25 -17.95
N PHE U 24 -87.23 -33.51 -18.47
CA PHE U 24 -86.51 -32.44 -17.76
C PHE U 24 -85.82 -32.95 -16.50
N VAL U 25 -84.87 -33.84 -16.71
CA VAL U 25 -84.06 -34.41 -15.63
C VAL U 25 -82.85 -33.50 -15.45
N ARG U 26 -82.45 -33.27 -14.19
CA ARG U 26 -81.33 -32.39 -13.87
C ARG U 26 -80.02 -32.92 -14.42
N HIS U 27 -79.14 -32.01 -14.80
CA HIS U 27 -77.85 -32.37 -15.38
C HIS U 27 -76.96 -33.06 -14.35
N HIS U 28 -76.17 -34.02 -14.83
CA HIS U 28 -75.24 -34.85 -14.07
C HIS U 28 -75.90 -35.65 -12.95
N SER U 29 -77.19 -35.94 -13.04
CA SER U 29 -77.87 -36.63 -11.94
C SER U 29 -77.62 -38.14 -11.99
N ASP U 30 -77.02 -38.62 -13.08
CA ASP U 30 -76.73 -40.03 -13.21
C ASP U 30 -75.30 -40.33 -12.77
N ARG U 31 -74.45 -39.31 -12.76
CA ARG U 31 -73.03 -39.52 -12.54
C ARG U 31 -72.71 -39.72 -11.06
N TYR U 32 -73.44 -39.05 -10.18
CA TYR U 32 -73.25 -39.17 -8.74
C TYR U 32 -74.59 -39.42 -8.07
N ASN U 33 -74.55 -39.88 -6.82
CA ASN U 33 -75.80 -40.06 -6.08
C ASN U 33 -76.09 -38.88 -5.18
N ARG U 34 -75.17 -37.91 -5.10
CA ARG U 34 -75.44 -36.66 -4.39
C ARG U 34 -76.59 -35.91 -5.04
N VAL U 35 -76.53 -35.77 -6.36
CA VAL U 35 -77.45 -34.89 -7.06
C VAL U 35 -78.75 -35.63 -7.31
N LYS U 36 -79.84 -35.07 -6.81
CA LYS U 36 -81.17 -35.65 -6.95
C LYS U 36 -81.77 -35.25 -8.28
N PRO U 37 -82.62 -36.10 -8.88
CA PRO U 37 -83.09 -35.81 -10.24
C PRO U 37 -84.18 -34.75 -10.35
N SER U 38 -84.43 -33.95 -9.32
CA SER U 38 -85.35 -32.82 -9.47
C SER U 38 -84.66 -31.67 -10.18
N TRP U 39 -85.43 -30.86 -10.89
CA TRP U 39 -84.85 -29.90 -11.81
C TRP U 39 -84.36 -28.65 -11.10
N ARG U 40 -83.13 -28.24 -11.42
CA ARG U 40 -82.57 -26.97 -10.99
C ARG U 40 -81.87 -26.34 -12.20
N LYS U 41 -81.76 -25.03 -12.20
CA LYS U 41 -81.19 -24.39 -13.39
C LYS U 41 -79.72 -24.08 -13.18
N PRO U 42 -78.86 -24.40 -14.15
CA PRO U 42 -77.43 -24.12 -13.96
C PRO U 42 -77.11 -22.65 -14.15
N ARG U 43 -76.27 -22.14 -13.25
CA ARG U 43 -75.87 -20.73 -13.26
C ARG U 43 -74.36 -20.56 -13.22
N GLY U 44 -73.60 -21.43 -13.90
CA GLY U 44 -72.16 -21.33 -13.84
C GLY U 44 -71.60 -20.30 -14.81
N ILE U 45 -70.32 -20.43 -15.11
CA ILE U 45 -69.70 -19.55 -16.11
C ILE U 45 -69.53 -20.30 -17.43
N ASP U 46 -68.88 -21.46 -17.39
CA ASP U 46 -68.61 -22.23 -18.60
C ASP U 46 -69.70 -23.24 -18.91
N SER U 47 -70.93 -23.00 -18.46
CA SER U 47 -71.95 -24.04 -18.52
C SER U 47 -72.46 -24.24 -19.93
N ASN U 48 -72.30 -25.45 -20.44
CA ASN U 48 -72.74 -25.74 -21.80
C ASN U 48 -74.25 -25.90 -21.88
N VAL U 49 -74.90 -26.23 -20.76
CA VAL U 49 -76.34 -26.42 -20.77
C VAL U 49 -77.05 -25.08 -20.75
N ARG U 50 -76.42 -24.07 -20.16
CA ARG U 50 -77.05 -22.76 -20.05
C ARG U 50 -77.12 -22.06 -21.40
N LYS U 51 -76.09 -22.22 -22.22
CA LYS U 51 -76.10 -21.61 -23.54
C LYS U 51 -77.00 -22.33 -24.53
N GLY U 52 -77.25 -23.62 -24.33
CA GLY U 52 -78.19 -24.33 -25.17
C GLY U 52 -77.62 -24.83 -26.48
N LEU U 53 -76.39 -25.35 -26.45
CA LEU U 53 -75.82 -25.96 -27.63
C LEU U 53 -76.51 -27.29 -27.91
N HIS U 54 -76.42 -27.76 -29.14
CA HIS U 54 -77.09 -29.00 -29.48
C HIS U 54 -76.29 -30.19 -29.01
N GLY U 55 -77.01 -31.21 -28.54
CA GLY U 55 -76.40 -32.36 -27.92
C GLY U 55 -76.55 -32.44 -26.42
N GLN U 56 -77.00 -31.37 -25.77
CA GLN U 56 -77.15 -31.35 -24.32
C GLN U 56 -78.63 -31.39 -23.97
N ARG U 57 -78.92 -31.26 -22.68
CA ARG U 57 -80.29 -31.39 -22.21
C ARG U 57 -81.10 -30.14 -22.54
N LYS U 58 -82.43 -30.30 -22.53
CA LYS U 58 -83.35 -29.22 -22.87
C LYS U 58 -83.84 -28.56 -21.59
N MET U 59 -84.23 -27.29 -21.70
CA MET U 59 -84.66 -26.50 -20.56
C MET U 59 -86.15 -26.19 -20.65
N PRO U 60 -86.83 -26.00 -19.52
CA PRO U 60 -88.26 -25.70 -19.56
C PRO U 60 -88.54 -24.29 -20.03
N LYS U 61 -89.51 -24.17 -20.94
CA LYS U 61 -89.94 -22.88 -21.45
C LYS U 61 -91.46 -22.85 -21.47
N ILE U 62 -92.02 -21.66 -21.66
CA ILE U 62 -93.47 -21.49 -21.60
C ILE U 62 -94.17 -21.94 -22.87
N GLY U 63 -93.42 -22.27 -23.92
CA GLY U 63 -94.06 -22.69 -25.16
C GLY U 63 -94.59 -24.11 -25.10
N TYR U 64 -94.25 -24.85 -24.05
CA TYR U 64 -94.72 -26.22 -23.92
C TYR U 64 -96.09 -26.32 -23.31
N LYS U 65 -96.69 -25.21 -22.89
CA LYS U 65 -97.90 -25.24 -22.08
C LYS U 65 -99.11 -25.66 -22.91
N LYS U 66 -99.91 -26.56 -22.36
CA LYS U 66 -101.11 -27.06 -23.01
C LYS U 66 -102.22 -26.02 -22.91
N PRO U 67 -103.22 -26.07 -23.79
CA PRO U 67 -104.33 -25.13 -23.69
C PRO U 67 -105.21 -25.42 -22.48
N ASP U 68 -106.17 -24.52 -22.25
CA ASP U 68 -106.92 -24.56 -20.99
C ASP U 68 -108.12 -25.48 -21.09
N VAL U 69 -108.46 -25.95 -22.29
CA VAL U 69 -109.50 -26.96 -22.43
C VAL U 69 -108.99 -28.32 -21.95
N VAL U 70 -107.75 -28.64 -22.34
CA VAL U 70 -107.19 -29.98 -22.15
C VAL U 70 -106.46 -30.13 -20.82
N ARG U 71 -106.08 -29.02 -20.18
CA ARG U 71 -105.26 -29.05 -18.99
C ARG U 71 -106.00 -29.69 -17.82
N TYR U 72 -105.26 -30.46 -17.02
CA TYR U 72 -105.75 -31.16 -15.82
C TYR U 72 -106.84 -32.18 -16.11
N LEU U 73 -106.77 -32.85 -17.25
CA LEU U 73 -107.81 -33.79 -17.64
C LEU U 73 -107.33 -35.22 -17.45
N LEU U 74 -108.17 -36.04 -16.80
CA LEU U 74 -107.90 -37.45 -16.64
C LEU U 74 -108.09 -38.17 -17.99
N PRO U 75 -107.58 -39.39 -18.13
CA PRO U 75 -107.83 -40.14 -19.38
C PRO U 75 -109.28 -40.54 -19.58
N ASN U 76 -110.10 -40.54 -18.53
CA ASN U 76 -111.51 -40.86 -18.70
C ASN U 76 -112.28 -39.70 -19.29
N GLY U 77 -111.72 -38.50 -19.23
CA GLY U 77 -112.38 -37.32 -19.73
C GLY U 77 -112.92 -36.37 -18.69
N LEU U 78 -112.60 -36.57 -17.42
CA LEU U 78 -113.13 -35.78 -16.33
C LEU U 78 -112.01 -35.17 -15.50
N ARG U 79 -112.39 -34.35 -14.54
CA ARG U 79 -111.45 -33.72 -13.62
C ARG U 79 -111.78 -34.16 -12.20
N LYS U 80 -110.77 -34.60 -11.46
CA LYS U 80 -111.04 -35.29 -10.21
C LYS U 80 -111.17 -34.31 -9.05
N PHE U 81 -111.79 -34.78 -7.97
CA PHE U 81 -112.03 -34.01 -6.77
C PHE U 81 -112.04 -34.95 -5.56
N ILE U 82 -111.60 -34.44 -4.41
CA ILE U 82 -111.36 -35.24 -3.22
C ILE U 82 -112.48 -34.99 -2.22
N ILE U 83 -113.07 -36.07 -1.70
CA ILE U 83 -114.11 -36.00 -0.69
C ILE U 83 -113.58 -36.61 0.60
N HIS U 84 -114.16 -36.21 1.73
CA HIS U 84 -113.73 -36.74 3.02
C HIS U 84 -114.86 -37.45 3.75
N ASN U 85 -116.10 -37.11 3.44
CA ASN U 85 -117.25 -37.67 4.12
C ASN U 85 -118.03 -38.56 3.17
N ALA U 86 -119.19 -39.02 3.66
CA ALA U 86 -120.17 -39.62 2.78
C ALA U 86 -121.20 -38.58 2.35
N ASP U 87 -121.25 -37.45 3.06
CA ASP U 87 -122.16 -36.36 2.76
C ASP U 87 -121.49 -35.24 1.99
N ASP U 88 -120.21 -35.37 1.65
CA ASP U 88 -119.46 -34.32 0.98
C ASP U 88 -119.76 -34.25 -0.51
N LEU U 89 -120.55 -35.19 -1.04
CA LEU U 89 -120.85 -35.26 -2.45
C LEU U 89 -121.92 -34.26 -2.88
N GLU U 90 -122.44 -33.45 -1.96
CA GLU U 90 -123.53 -32.54 -2.28
C GLU U 90 -123.20 -31.43 -3.28
N PRO U 91 -122.03 -30.75 -3.26
CA PRO U 91 -121.83 -29.70 -4.28
C PRO U 91 -121.63 -30.21 -5.69
N LEU U 92 -121.20 -31.46 -5.87
CA LEU U 92 -120.96 -31.96 -7.22
C LEU U 92 -122.05 -32.91 -7.72
N ILE U 93 -123.30 -32.68 -7.31
CA ILE U 93 -124.40 -33.47 -7.86
C ILE U 93 -124.76 -32.99 -9.26
N CYS U 94 -124.78 -31.67 -9.46
CA CYS U 94 -125.19 -31.13 -10.75
C CYS U 94 -124.09 -31.30 -11.80
N LEU U 95 -122.84 -31.41 -11.36
CA LEU U 95 -121.70 -31.55 -12.27
C LEU U 95 -121.35 -33.03 -12.43
N ASN U 96 -122.35 -33.81 -12.87
CA ASN U 96 -122.18 -35.24 -12.92
C ASN U 96 -121.34 -35.68 -14.11
N ARG U 97 -121.43 -34.95 -15.22
CA ARG U 97 -120.73 -35.38 -16.43
C ARG U 97 -119.32 -34.78 -16.50
N THR U 98 -119.10 -33.66 -15.82
CA THR U 98 -117.82 -32.99 -15.95
C THR U 98 -116.81 -33.50 -14.92
N TYR U 99 -117.23 -33.66 -13.68
CA TYR U 99 -116.33 -33.99 -12.59
C TYR U 99 -116.52 -35.43 -12.15
N CYS U 100 -115.45 -36.02 -11.62
CA CYS U 100 -115.50 -37.31 -10.97
C CYS U 100 -114.87 -37.19 -9.60
N ALA U 101 -115.26 -38.07 -8.69
CA ALA U 101 -114.85 -37.99 -7.30
C ALA U 101 -113.95 -39.16 -6.94
N GLU U 102 -113.12 -38.97 -5.93
CA GLU U 102 -112.30 -40.03 -5.39
C GLU U 102 -112.15 -39.85 -3.89
N ILE U 103 -111.78 -40.93 -3.20
CA ILE U 103 -111.78 -40.92 -1.75
C ILE U 103 -110.37 -40.65 -1.26
N ALA U 104 -110.25 -39.96 -0.13
CA ALA U 104 -108.95 -39.69 0.45
C ALA U 104 -108.35 -40.96 1.04
N HIS U 105 -107.06 -40.91 1.33
CA HIS U 105 -106.34 -42.13 1.71
C HIS U 105 -106.36 -42.34 3.21
N SER U 106 -107.06 -41.50 3.94
CA SER U 106 -107.14 -41.63 5.39
C SER U 106 -108.48 -42.22 5.83
N VAL U 107 -109.44 -42.37 4.92
CA VAL U 107 -110.75 -42.85 5.30
C VAL U 107 -110.69 -44.35 5.59
N GLY U 108 -111.26 -44.75 6.71
CA GLY U 108 -111.24 -46.14 7.10
C GLY U 108 -112.10 -47.02 6.22
N ALA U 109 -111.98 -48.32 6.42
CA ALA U 109 -112.65 -49.27 5.55
C ALA U 109 -114.14 -49.35 5.85
N LYS U 110 -114.53 -49.03 7.09
CA LYS U 110 -115.94 -49.07 7.45
C LYS U 110 -116.69 -47.90 6.83
N LYS U 111 -116.10 -46.70 6.87
CA LYS U 111 -116.77 -45.53 6.31
C LYS U 111 -116.72 -45.55 4.79
N ARG U 112 -115.81 -46.34 4.21
CA ARG U 112 -115.66 -46.37 2.77
C ARG U 112 -116.82 -47.11 2.10
N ILE U 113 -117.53 -47.94 2.86
CA ILE U 113 -118.65 -48.69 2.30
C ILE U 113 -119.84 -47.77 2.05
N ALA U 114 -120.07 -46.83 2.97
CA ALA U 114 -121.26 -45.99 2.89
C ALA U 114 -121.13 -44.93 1.80
N ILE U 115 -119.92 -44.70 1.30
CA ILE U 115 -119.73 -43.72 0.24
C ILE U 115 -120.17 -44.29 -1.10
N VAL U 116 -119.90 -45.58 -1.33
CA VAL U 116 -120.20 -46.18 -2.62
C VAL U 116 -121.71 -46.32 -2.83
N ASN U 117 -122.45 -46.53 -1.74
CA ASN U 117 -123.90 -46.64 -1.87
C ASN U 117 -124.54 -45.27 -2.11
N ARG U 118 -123.89 -44.20 -1.67
CA ARG U 118 -124.45 -42.88 -1.88
C ARG U 118 -124.06 -42.31 -3.23
N ALA U 119 -122.93 -42.77 -3.78
CA ALA U 119 -122.55 -42.34 -5.12
C ALA U 119 -123.30 -43.12 -6.19
N LYS U 120 -123.97 -44.19 -5.79
CA LYS U 120 -124.70 -45.00 -6.76
C LYS U 120 -126.04 -44.38 -7.11
N GLU U 121 -126.71 -43.78 -6.13
CA GLU U 121 -128.05 -43.26 -6.37
C GLU U 121 -128.00 -41.95 -7.17
N LEU U 122 -127.03 -41.11 -6.87
CA LEU U 122 -126.97 -39.81 -7.53
C LEU U 122 -126.37 -39.92 -8.93
N GLY U 123 -125.56 -40.94 -9.16
CA GLY U 123 -124.94 -41.11 -10.46
C GLY U 123 -123.53 -40.58 -10.57
N ILE U 124 -122.79 -40.50 -9.46
CA ILE U 124 -121.43 -39.99 -9.50
C ILE U 124 -120.47 -41.13 -9.78
N HIS U 125 -119.51 -40.90 -10.66
CA HIS U 125 -118.53 -41.91 -11.03
C HIS U 125 -117.29 -41.83 -10.16
N VAL U 126 -116.99 -42.91 -9.45
CA VAL U 126 -115.92 -42.94 -8.45
C VAL U 126 -114.75 -43.71 -9.05
N THR U 127 -113.56 -43.12 -8.98
CA THR U 127 -112.37 -43.79 -9.49
C THR U 127 -111.75 -44.71 -8.45
N ASN U 128 -111.57 -44.21 -7.23
CA ASN U 128 -110.86 -44.94 -6.20
C ASN U 128 -111.73 -46.03 -5.61
N GLU U 129 -111.39 -47.29 -5.90
CA GLU U 129 -112.13 -48.43 -5.38
C GLU U 129 -111.17 -49.42 -4.75
N LYS U 130 -111.74 -50.44 -4.11
CA LYS U 130 -111.02 -51.51 -3.40
C LYS U 130 -110.00 -51.01 -2.37
N GLN V 4 32.99 1.21 -33.45
CA GLN V 4 33.46 2.40 -34.14
C GLN V 4 34.99 2.50 -34.10
N ILE V 5 35.64 1.40 -34.44
CA ILE V 5 37.10 1.31 -34.50
C ILE V 5 37.50 0.96 -35.92
N ASN V 6 38.43 1.72 -36.48
CA ASN V 6 38.84 1.55 -37.87
C ASN V 6 40.02 0.57 -37.95
N ILE V 7 39.92 -0.38 -38.86
CA ILE V 7 41.03 -1.29 -39.18
C ILE V 7 41.39 -1.18 -40.66
N LYS V 8 40.86 -0.18 -41.36
CA LYS V 8 41.08 -0.08 -42.80
C LYS V 8 42.49 0.42 -43.13
N LYS V 9 43.17 1.05 -42.19
CA LYS V 9 44.48 1.63 -42.46
C LYS V 9 45.62 0.67 -42.15
N ALA V 10 45.39 -0.64 -42.23
CA ALA V 10 46.44 -1.59 -41.92
C ALA V 10 47.45 -1.66 -43.06
N GLY V 11 48.70 -1.39 -42.74
CA GLY V 11 49.75 -1.40 -43.76
C GLY V 11 49.70 -0.20 -44.68
N LYS V 12 49.83 1.01 -44.13
CA LYS V 12 49.78 2.21 -44.96
C LYS V 12 51.17 2.65 -45.40
N VAL V 13 52.14 2.58 -44.50
CA VAL V 13 53.43 3.21 -44.77
C VAL V 13 54.31 2.33 -45.67
N LYS V 14 54.30 1.01 -45.44
CA LYS V 14 55.32 0.16 -46.05
C LYS V 14 55.05 -0.07 -47.53
N ASN V 15 53.77 -0.09 -47.92
CA ASN V 15 53.45 -0.20 -49.33
C ASN V 15 53.57 1.14 -50.05
N GLN V 16 53.73 2.23 -49.29
CA GLN V 16 53.71 3.55 -49.90
C GLN V 16 55.11 4.00 -50.29
N THR V 17 56.14 3.57 -49.56
CA THR V 17 57.50 4.00 -49.87
C THR V 17 58.01 3.27 -51.10
N PRO V 18 58.65 3.98 -52.02
CA PRO V 18 59.09 3.35 -53.27
C PRO V 18 60.32 2.49 -53.05
N LYS V 19 60.47 1.49 -53.91
CA LYS V 19 61.53 0.52 -53.80
C LYS V 19 62.64 0.86 -54.78
N VAL V 20 63.87 0.90 -54.29
CA VAL V 20 65.05 0.97 -55.14
C VAL V 20 65.80 -0.35 -54.99
N ALA V 21 66.49 -0.75 -56.05
CA ALA V 21 67.03 -2.09 -56.11
C ALA V 21 68.35 -2.19 -55.35
N LYS V 22 68.71 -3.43 -55.01
CA LYS V 22 69.98 -3.67 -54.35
C LYS V 22 71.13 -3.54 -55.35
N GLN V 23 72.32 -3.29 -54.83
CA GLN V 23 73.54 -3.18 -55.63
C GLN V 23 74.48 -4.30 -55.25
N GLU V 24 74.89 -5.08 -56.25
CA GLU V 24 75.69 -6.27 -56.00
C GLU V 24 77.10 -5.91 -55.55
N LYS V 25 77.61 -6.70 -54.62
CA LYS V 25 78.86 -6.42 -53.95
C LYS V 25 79.81 -7.58 -54.21
N GLN V 26 81.09 -7.35 -53.98
CA GLN V 26 82.09 -8.41 -54.09
C GLN V 26 81.86 -9.46 -53.01
N ARG V 27 82.34 -10.67 -53.26
CA ARG V 27 82.22 -11.73 -52.28
C ARG V 27 83.10 -11.43 -51.08
N ALA V 28 82.48 -11.35 -49.91
CA ALA V 28 83.15 -10.97 -48.68
C ALA V 28 83.95 -12.14 -48.15
N LYS V 29 85.20 -11.88 -47.76
CA LYS V 29 86.09 -12.93 -47.29
C LYS V 29 85.64 -13.45 -45.94
N THR V 30 85.86 -14.75 -45.72
CA THR V 30 85.36 -15.45 -44.53
C THR V 30 86.47 -16.27 -43.91
N GLY V 31 86.51 -16.29 -42.59
CA GLY V 31 87.46 -17.15 -41.90
C GLY V 31 88.54 -16.39 -41.15
N ARG V 32 89.75 -16.95 -41.10
CA ARG V 32 90.86 -16.23 -40.48
C ARG V 32 91.30 -15.05 -41.35
N CYS V 33 91.03 -15.13 -42.65
CA CYS V 33 91.32 -14.00 -43.53
C CYS V 33 90.34 -12.86 -43.30
N ALA V 34 89.14 -13.18 -42.84
CA ALA V 34 88.22 -12.13 -42.44
C ALA V 34 88.69 -11.44 -41.18
N ASN V 35 89.27 -12.20 -40.25
CA ASN V 35 89.88 -11.59 -39.07
C ASN V 35 91.19 -10.91 -39.42
N ARG V 36 91.82 -11.32 -40.53
CA ARG V 36 93.08 -10.72 -40.94
C ARG V 36 92.86 -9.35 -41.56
N ARG V 37 91.78 -9.19 -42.34
CA ARG V 37 91.50 -7.90 -42.98
C ARG V 37 91.05 -6.88 -41.95
N LYS V 38 90.53 -7.35 -40.82
CA LYS V 38 90.04 -6.44 -39.79
C LYS V 38 91.17 -5.99 -38.87
N TYR V 39 92.19 -6.84 -38.71
CA TYR V 39 93.27 -6.49 -37.79
C TYR V 39 94.27 -5.53 -38.42
N GLU V 40 94.59 -5.73 -39.69
CA GLU V 40 95.52 -4.82 -40.37
C GLU V 40 94.87 -3.46 -40.62
N ALA V 41 93.55 -3.42 -40.73
CA ALA V 41 92.86 -2.16 -40.96
C ALA V 41 92.79 -1.34 -39.68
N ARG V 42 92.82 -2.00 -38.52
CA ARG V 42 92.76 -1.27 -37.27
C ARG V 42 94.13 -0.76 -36.85
N LEU V 43 95.19 -1.46 -37.26
CA LEU V 43 96.51 -1.14 -36.76
C LEU V 43 97.09 0.09 -37.43
N GLU V 44 96.61 0.40 -38.64
CA GLU V 44 97.17 1.54 -39.38
C GLU V 44 96.64 2.87 -38.85
N MET V 45 95.43 2.88 -38.30
CA MET V 45 94.86 4.11 -37.76
C MET V 45 95.14 4.30 -36.28
N GLY V 46 95.99 3.46 -35.69
CA GLY V 46 96.35 3.63 -34.29
C GLY V 46 95.22 3.36 -33.32
N TYR V 47 94.35 2.40 -33.65
CA TYR V 47 93.16 2.15 -32.85
C TYR V 47 93.50 1.52 -31.50
N PHE V 48 94.66 0.87 -31.42
CA PHE V 48 95.07 0.27 -30.16
C PHE V 48 95.70 1.30 -29.23
N GLU V 49 96.29 2.35 -29.80
CA GLU V 49 97.07 3.28 -28.98
C GLU V 49 96.18 4.28 -28.26
N CYS V 50 95.14 4.77 -28.94
CA CYS V 50 94.24 5.75 -28.33
C CYS V 50 93.12 5.11 -27.52
N ASN V 51 93.21 3.80 -27.27
CA ASN V 51 92.29 3.03 -26.44
C ASN V 51 90.85 3.10 -26.93
N GLY V 52 90.65 3.05 -28.25
CA GLY V 52 89.32 2.96 -28.80
C GLY V 52 88.53 4.26 -28.83
N LYS V 53 89.20 5.41 -28.71
CA LYS V 53 88.50 6.69 -28.67
C LYS V 53 88.54 7.36 -30.06
N MET V 54 87.78 6.77 -30.98
CA MET V 54 87.60 7.35 -32.31
C MET V 54 86.31 6.79 -32.89
N LYS V 55 85.94 7.29 -34.07
CA LYS V 55 84.75 6.85 -34.78
C LYS V 55 85.16 5.88 -35.88
N LEU V 56 84.61 4.67 -35.84
CA LEU V 56 84.94 3.70 -36.88
C LEU V 56 84.10 3.92 -38.13
N ASN V 57 82.78 3.91 -38.01
CA ASN V 57 81.90 4.10 -39.15
C ASN V 57 81.85 5.59 -39.48
N LEU V 58 82.66 6.01 -40.44
CA LEU V 58 82.72 7.41 -40.85
C LEU V 58 82.15 7.53 -42.25
N LYS V 59 81.12 8.37 -42.38
CA LYS V 59 80.43 8.54 -43.65
C LYS V 59 79.73 9.89 -43.68
N PHE W 10 -137.48 0.27 -15.65
CA PHE W 10 -136.73 -0.97 -15.61
C PHE W 10 -136.62 -1.49 -14.18
N LYS W 11 -137.16 -2.69 -13.97
CA LYS W 11 -137.31 -3.25 -12.64
C LYS W 11 -136.56 -4.58 -12.56
N SER W 12 -135.76 -4.88 -13.58
CA SER W 12 -134.95 -6.10 -13.56
C SER W 12 -133.78 -5.98 -14.53
N LEU W 13 -132.70 -6.70 -14.25
CA LEU W 13 -131.59 -6.77 -15.20
C LEU W 13 -132.00 -7.53 -16.45
N GLN W 14 -132.89 -8.51 -16.29
CA GLN W 14 -133.34 -9.26 -17.47
C GLN W 14 -134.46 -8.52 -18.19
N GLU W 15 -134.98 -7.45 -17.60
CA GLU W 15 -135.92 -6.60 -18.32
C GLU W 15 -135.18 -5.63 -19.23
N TYR W 16 -134.07 -5.08 -18.75
CA TYR W 16 -133.30 -4.11 -19.52
C TYR W 16 -132.58 -4.75 -20.69
N GLU W 17 -132.03 -5.95 -20.48
CA GLU W 17 -131.08 -6.52 -21.43
C GLU W 17 -131.77 -7.00 -22.70
N LYS W 18 -133.09 -7.13 -22.67
CA LYS W 18 -133.83 -7.55 -23.87
C LYS W 18 -134.02 -6.38 -24.82
N LYS W 19 -134.29 -5.19 -24.27
CA LYS W 19 -134.47 -3.99 -25.08
C LYS W 19 -133.19 -3.59 -25.79
N GLN W 20 -132.02 -3.91 -25.21
CA GLN W 20 -130.76 -3.64 -25.87
C GLN W 20 -130.53 -4.54 -27.08
N ALA W 21 -131.16 -5.72 -27.07
CA ALA W 21 -130.96 -6.67 -28.17
C ALA W 21 -131.63 -6.18 -29.45
N LEU W 22 -132.74 -5.46 -29.32
CA LEU W 22 -133.49 -5.03 -30.49
C LEU W 22 -132.77 -3.92 -31.24
N ILE W 23 -131.96 -3.15 -30.54
CA ILE W 23 -131.24 -2.06 -31.19
C ILE W 23 -129.98 -2.58 -31.88
N ILE W 24 -129.40 -3.65 -31.34
CA ILE W 24 -128.27 -4.29 -32.02
C ILE W 24 -128.75 -5.02 -33.26
N ASP W 25 -129.87 -5.73 -33.16
CA ASP W 25 -130.35 -6.53 -34.28
C ASP W 25 -130.94 -5.66 -35.37
N ALA W 26 -131.35 -4.44 -35.05
CA ALA W 26 -131.77 -3.52 -36.09
C ALA W 26 -130.59 -2.90 -36.82
N LYS W 27 -129.43 -2.86 -36.17
CA LYS W 27 -128.23 -2.34 -36.84
C LYS W 27 -127.58 -3.40 -37.71
N LYS W 28 -127.75 -4.67 -37.33
CA LYS W 28 -127.23 -5.76 -38.16
C LYS W 28 -127.97 -5.84 -39.49
N SER W 29 -129.28 -5.56 -39.47
CA SER W 29 -130.04 -5.54 -40.71
C SER W 29 -129.64 -4.35 -41.60
N GLU W 30 -129.19 -3.26 -40.97
CA GLU W 30 -128.76 -2.10 -41.75
C GLU W 30 -127.33 -2.24 -42.21
N TYR W 31 -126.52 -3.03 -41.50
CA TYR W 31 -125.14 -3.23 -41.91
C TYR W 31 -125.05 -4.06 -43.18
N GLU W 32 -125.95 -5.03 -43.34
CA GLU W 32 -125.91 -5.89 -44.51
C GLU W 32 -126.34 -5.15 -45.76
N GLN W 33 -127.16 -4.12 -45.60
CA GLN W 33 -127.52 -3.29 -46.74
C GLN W 33 -126.36 -2.40 -47.16
N ARG W 34 -125.44 -2.12 -46.23
CA ARG W 34 -124.26 -1.34 -46.56
C ARG W 34 -123.28 -2.17 -47.39
N VAL W 35 -123.31 -3.49 -47.22
CA VAL W 35 -122.37 -4.37 -47.92
C VAL W 35 -122.73 -4.49 -49.38
N LEU W 36 -124.03 -4.67 -49.67
CA LEU W 36 -124.45 -4.98 -51.04
C LEU W 36 -124.31 -3.77 -51.95
N ARG W 37 -124.42 -2.56 -51.40
CA ARG W 37 -124.17 -1.37 -52.20
C ARG W 37 -122.69 -1.21 -52.50
N ASN W 38 -121.83 -1.73 -51.63
CA ASN W 38 -120.40 -1.70 -51.89
C ASN W 38 -120.01 -2.72 -52.96
N LYS W 39 -120.83 -3.77 -53.12
CA LYS W 39 -120.47 -4.84 -54.05
C LYS W 39 -120.90 -4.51 -55.47
N GLU W 40 -122.08 -3.89 -55.61
CA GLU W 40 -122.53 -3.47 -56.93
C GLU W 40 -121.69 -2.32 -57.47
N TYR W 41 -121.21 -1.45 -56.58
CA TYR W 41 -120.47 -0.27 -57.01
C TYR W 41 -119.08 -0.65 -57.50
N ALA W 42 -118.54 -1.77 -57.03
CA ALA W 42 -117.19 -2.16 -57.41
C ALA W 42 -117.13 -2.66 -58.85
N LEU W 43 -118.20 -3.31 -59.32
CA LEU W 43 -118.17 -3.87 -60.66
C LEU W 43 -118.36 -2.81 -61.73
N GLU W 44 -118.83 -1.62 -61.34
CA GLU W 44 -119.00 -0.56 -62.32
C GLU W 44 -117.71 0.24 -62.50
N THR W 45 -116.96 0.45 -61.41
CA THR W 45 -115.84 1.37 -61.47
C THR W 45 -114.64 0.77 -62.18
N THR W 46 -114.48 -0.56 -62.10
CA THR W 46 -113.34 -1.18 -62.75
C THR W 46 -113.47 -1.16 -64.26
N GLU W 47 -114.69 -1.16 -64.77
CA GLU W 47 -114.87 -1.06 -66.22
C GLU W 47 -114.61 0.35 -66.71
N LYS W 48 -114.74 1.34 -65.82
CA LYS W 48 -114.39 2.70 -66.20
C LYS W 48 -112.88 2.90 -66.17
N LEU W 49 -112.24 2.48 -65.07
CA LEU W 49 -110.84 2.84 -64.86
C LEU W 49 -109.91 2.04 -65.74
N LEU W 50 -110.31 0.82 -66.11
CA LEU W 50 -109.48 0.06 -67.05
C LEU W 50 -109.59 0.62 -68.46
N ASN W 51 -110.74 1.18 -68.81
CA ASN W 51 -110.87 1.83 -70.11
C ASN W 51 -110.09 3.13 -70.16
N LYS W 52 -109.93 3.79 -69.01
CA LYS W 52 -109.14 5.01 -68.97
C LYS W 52 -107.66 4.70 -69.14
N TYR W 53 -107.23 3.52 -68.71
CA TYR W 53 -105.86 3.10 -68.95
C TYR W 53 -105.64 2.75 -70.41
N TYR W 54 -106.65 2.17 -71.06
CA TYR W 54 -106.52 1.73 -72.44
C TYR W 54 -106.38 2.92 -73.39
N ASP W 55 -107.08 4.01 -73.10
CA ASP W 55 -107.02 5.16 -73.99
C ASP W 55 -105.74 5.96 -73.76
N SER W 56 -105.14 5.81 -72.58
CA SER W 56 -103.91 6.55 -72.30
C SER W 56 -102.73 5.97 -73.05
N VAL W 57 -102.72 4.64 -73.26
CA VAL W 57 -101.62 4.00 -73.96
C VAL W 57 -101.70 4.29 -75.46
N LYS W 58 -102.92 4.37 -76.00
CA LYS W 58 -103.09 4.53 -77.44
C LYS W 58 -102.68 5.92 -77.91
N GLU W 59 -102.81 6.92 -77.05
CA GLU W 59 -102.52 8.28 -77.49
C GLU W 59 -101.03 8.52 -77.60
N LEU W 60 -100.22 7.78 -76.84
CA LEU W 60 -98.78 7.97 -76.86
C LEU W 60 -98.20 7.54 -78.21
N GLU W 61 -98.80 6.53 -78.84
CA GLU W 61 -98.34 6.13 -80.15
C GLU W 61 -98.82 7.11 -81.21
N LYS W 62 -99.97 7.76 -80.94
CA LYS W 62 -100.50 8.70 -81.93
C LYS W 62 -99.74 10.01 -81.91
N THR W 63 -99.31 10.46 -80.74
CA THR W 63 -98.50 11.67 -80.68
C THR W 63 -97.08 11.39 -81.14
N LYS W 64 -96.63 10.13 -81.08
CA LYS W 64 -95.31 9.79 -81.58
C LYS W 64 -95.30 9.70 -83.10
N SER W 65 -96.39 9.23 -83.70
CA SER W 65 -96.44 9.09 -85.14
C SER W 65 -96.60 10.44 -85.83
N ASP W 66 -97.31 11.37 -85.18
CA ASP W 66 -97.54 12.67 -85.80
C ASP W 66 -96.29 13.54 -85.74
N TYR W 67 -95.40 13.26 -84.78
CA TYR W 67 -94.12 13.95 -84.77
C TYR W 67 -93.10 13.24 -85.64
N LYS W 68 -93.39 12.01 -86.05
CA LYS W 68 -92.48 11.29 -86.94
C LYS W 68 -92.55 11.87 -88.35
N SER W 69 -93.71 12.38 -88.75
CA SER W 69 -93.87 12.87 -90.12
C SER W 69 -93.20 14.22 -90.31
N LYS W 70 -92.85 14.89 -89.22
CA LYS W 70 -92.13 16.15 -89.28
C LYS W 70 -90.68 16.03 -88.83
N ASN W 71 -90.18 14.80 -88.70
CA ASN W 71 -88.84 14.48 -88.20
C ASN W 71 -88.59 15.07 -86.82
N MET W 72 -89.47 14.71 -85.88
CA MET W 72 -89.32 15.10 -84.48
C MET W 72 -89.26 13.83 -83.64
N LEU W 73 -88.68 13.94 -82.44
CA LEU W 73 -88.33 12.74 -81.70
C LEU W 73 -89.36 12.40 -80.64
N TYR W 74 -89.72 13.37 -79.79
CA TYR W 74 -90.72 13.24 -78.71
C TYR W 74 -90.34 12.13 -77.71
N ILE W 75 -89.29 12.41 -76.95
CA ILE W 75 -88.96 11.51 -75.84
C ILE W 75 -89.96 11.74 -74.71
N PRO W 76 -90.61 10.70 -74.19
CA PRO W 76 -91.69 10.91 -73.22
C PRO W 76 -91.18 11.13 -71.81
N LYS W 77 -92.14 11.19 -70.89
CA LYS W 77 -91.89 11.49 -69.49
C LYS W 77 -91.42 10.23 -68.75
N GLU W 78 -90.89 10.44 -67.54
CA GLU W 78 -90.47 9.34 -66.69
C GLU W 78 -91.67 8.69 -66.01
N PRO W 79 -91.48 7.50 -65.40
CA PRO W 79 -92.54 6.97 -64.52
C PRO W 79 -92.73 7.81 -63.28
N ASN W 80 -93.84 7.55 -62.58
CA ASN W 80 -94.20 8.40 -61.45
C ASN W 80 -93.74 7.81 -60.13
N PHE W 81 -93.36 6.53 -60.12
CA PHE W 81 -93.05 5.82 -58.89
C PHE W 81 -92.02 4.75 -59.15
N LEU W 82 -91.50 4.17 -58.07
CA LEU W 82 -90.54 3.08 -58.14
C LEU W 82 -91.00 1.97 -57.21
N VAL W 83 -90.33 0.82 -57.31
CA VAL W 83 -90.57 -0.32 -56.43
C VAL W 83 -89.25 -0.71 -55.80
N VAL W 84 -89.19 -0.73 -54.48
CA VAL W 84 -87.96 -0.95 -53.73
C VAL W 84 -88.05 -2.30 -53.04
N VAL W 85 -87.03 -3.13 -53.19
CA VAL W 85 -86.99 -4.47 -52.61
C VAL W 85 -85.73 -4.58 -51.75
N LYS W 86 -85.87 -5.09 -50.54
CA LYS W 86 -84.73 -5.36 -49.66
C LYS W 86 -84.34 -6.82 -49.82
N ILE W 87 -83.04 -7.07 -50.00
CA ILE W 87 -82.55 -8.43 -50.21
C ILE W 87 -81.57 -8.88 -49.14
N LYS W 88 -80.50 -8.14 -48.90
CA LYS W 88 -79.45 -8.58 -48.00
C LYS W 88 -79.80 -8.12 -46.59
N SER W 89 -79.49 -8.95 -45.60
CA SER W 89 -79.77 -8.60 -44.22
C SER W 89 -78.84 -7.50 -43.75
N SER W 90 -79.27 -6.79 -42.71
CA SER W 90 -78.64 -5.55 -42.29
C SER W 90 -78.23 -5.59 -40.82
N ILE W 91 -77.52 -6.64 -40.41
CA ILE W 91 -77.16 -6.76 -38.99
C ILE W 91 -76.05 -5.78 -38.64
N GLY W 92 -74.90 -5.88 -39.29
CA GLY W 92 -73.84 -4.95 -38.98
C GLY W 92 -73.73 -3.84 -40.00
N ALA W 93 -74.27 -2.68 -39.69
CA ALA W 93 -74.32 -1.59 -40.66
C ALA W 93 -73.87 -0.29 -40.01
N ALA W 94 -73.47 0.65 -40.87
CA ALA W 94 -73.04 1.96 -40.43
C ALA W 94 -74.24 2.77 -39.92
N PRO W 95 -74.01 3.80 -39.10
CA PRO W 95 -75.17 4.53 -38.54
C PRO W 95 -75.99 5.32 -39.54
N ARG W 96 -75.41 5.76 -40.65
CA ARG W 96 -76.22 6.49 -41.63
C ARG W 96 -77.08 5.54 -42.45
N GLN W 97 -76.51 4.42 -42.90
CA GLN W 97 -77.30 3.46 -43.68
C GLN W 97 -78.30 2.73 -42.81
N ARG W 98 -78.15 2.79 -41.49
CA ARG W 98 -79.19 2.30 -40.60
C ARG W 98 -80.34 3.29 -40.49
N SER W 99 -80.04 4.58 -40.60
CA SER W 99 -81.07 5.59 -40.44
C SER W 99 -81.95 5.70 -41.69
N ILE W 100 -81.37 5.48 -42.86
CA ILE W 100 -82.14 5.61 -44.10
C ILE W 100 -83.06 4.41 -44.28
N LEU W 101 -82.65 3.25 -43.76
CA LEU W 101 -83.49 2.06 -43.85
C LEU W 101 -84.69 2.15 -42.92
N LYS W 102 -84.60 2.99 -41.89
CA LYS W 102 -85.75 3.19 -41.02
C LYS W 102 -86.80 4.04 -41.70
N LEU W 103 -86.37 5.00 -42.52
CA LEU W 103 -87.31 5.94 -43.13
C LEU W 103 -88.03 5.33 -44.32
N LEU W 104 -87.58 4.17 -44.77
CA LEU W 104 -88.22 3.48 -45.88
C LEU W 104 -89.09 2.31 -45.43
N ARG W 105 -89.20 2.08 -44.11
CA ARG W 105 -89.99 1.00 -43.51
C ARG W 105 -89.55 -0.38 -44.02
N LEU W 106 -88.26 -0.66 -43.89
CA LEU W 106 -87.69 -1.89 -44.45
C LEU W 106 -86.91 -2.67 -43.41
N ASN W 107 -87.54 -2.94 -42.26
CA ASN W 107 -86.83 -3.62 -41.19
C ASN W 107 -86.77 -5.13 -41.41
N LYS W 108 -87.62 -5.67 -42.28
CA LYS W 108 -87.68 -7.11 -42.49
C LYS W 108 -87.13 -7.48 -43.86
N THR W 109 -86.39 -8.58 -43.92
CA THR W 109 -85.82 -9.02 -45.18
C THR W 109 -86.91 -9.64 -46.07
N ASN W 110 -86.65 -9.58 -47.38
CA ASN W 110 -87.61 -9.97 -48.43
C ASN W 110 -88.94 -9.23 -48.31
N SER W 111 -88.89 -7.91 -48.35
CA SER W 111 -90.07 -7.07 -48.25
C SER W 111 -89.96 -5.93 -49.25
N ALA W 112 -91.11 -5.38 -49.65
CA ALA W 112 -91.15 -4.38 -50.70
C ALA W 112 -92.06 -3.22 -50.34
N VAL W 113 -91.75 -2.04 -50.87
CA VAL W 113 -92.53 -0.83 -50.66
C VAL W 113 -92.71 -0.11 -51.99
N LEU W 114 -93.41 1.03 -51.93
CA LEU W 114 -93.59 1.91 -53.07
C LEU W 114 -93.15 3.32 -52.69
N VAL W 115 -92.44 3.99 -53.59
CA VAL W 115 -91.79 5.26 -53.28
C VAL W 115 -91.88 6.17 -54.50
N LYS W 116 -92.33 7.40 -54.28
CA LYS W 116 -92.31 8.43 -55.31
C LYS W 116 -90.87 8.86 -55.62
N ASN W 117 -90.57 9.03 -56.90
CA ASN W 117 -89.22 9.43 -57.30
C ASN W 117 -89.14 10.94 -57.46
N ASN W 118 -88.27 11.57 -56.69
CA ASN W 118 -88.01 12.99 -56.76
C ASN W 118 -86.52 13.20 -56.93
N LYS W 119 -86.09 14.46 -56.80
CA LYS W 119 -84.67 14.73 -56.80
C LYS W 119 -84.04 14.28 -55.49
N SER W 120 -84.83 14.27 -54.41
CA SER W 120 -84.28 13.90 -53.11
C SER W 120 -84.39 12.42 -52.85
N MET W 121 -85.39 11.76 -53.44
CA MET W 121 -85.57 10.34 -53.18
C MET W 121 -84.55 9.50 -53.92
N LYS W 122 -84.08 9.98 -55.08
CA LYS W 122 -83.07 9.23 -55.82
C LYS W 122 -81.71 9.30 -55.12
N ARG W 123 -81.45 10.40 -54.43
CA ARG W 123 -80.17 10.54 -53.73
C ARG W 123 -80.15 9.66 -52.48
N MET W 124 -81.32 9.37 -51.91
CA MET W 124 -81.36 8.50 -50.75
C MET W 124 -81.14 7.04 -51.15
N LEU W 125 -81.58 6.66 -52.34
CA LEU W 125 -81.37 5.29 -52.78
C LEU W 125 -79.93 5.07 -53.20
N GLN W 126 -79.22 6.15 -53.51
CA GLN W 126 -77.81 6.03 -53.87
C GLN W 126 -76.97 5.64 -52.67
N LEU W 127 -77.28 6.21 -51.50
CA LEU W 127 -76.48 5.93 -50.31
C LEU W 127 -76.76 4.54 -49.76
N ALA W 128 -77.99 4.06 -49.89
CA ALA W 128 -78.40 2.78 -49.32
C ALA W 128 -78.35 1.65 -50.32
N LYS W 129 -77.39 1.67 -51.24
CA LYS W 129 -77.35 0.71 -52.34
C LYS W 129 -76.79 -0.64 -51.95
N ASP W 130 -76.35 -0.83 -50.71
CA ASP W 130 -75.72 -2.09 -50.33
C ASP W 130 -76.75 -3.13 -49.92
N TYR W 131 -78.01 -2.73 -49.78
CA TYR W 131 -79.07 -3.63 -49.35
C TYR W 131 -80.30 -3.56 -50.23
N ILE W 132 -80.28 -2.78 -51.30
CA ILE W 132 -81.48 -2.37 -51.99
C ILE W 132 -81.34 -2.67 -53.48
N SER W 133 -82.34 -3.34 -54.05
CA SER W 133 -82.49 -3.46 -55.48
C SER W 133 -83.85 -2.91 -55.88
N TYR W 134 -83.85 -2.00 -56.85
CA TYR W 134 -85.05 -1.22 -57.15
C TYR W 134 -85.19 -1.03 -58.64
N GLY W 135 -86.40 -0.68 -59.06
CA GLY W 135 -86.69 -0.56 -60.49
C GLY W 135 -87.98 0.20 -60.74
N SER W 136 -88.62 -0.13 -61.84
CA SER W 136 -89.85 0.53 -62.27
C SER W 136 -90.74 -0.45 -63.03
N ILE W 137 -91.73 -1.01 -62.34
CA ILE W 137 -92.60 -2.04 -62.90
C ILE W 137 -93.71 -1.43 -63.73
N SER W 138 -94.46 -2.27 -64.43
CA SER W 138 -95.55 -1.84 -65.29
C SER W 138 -96.86 -1.81 -64.53
N TYR W 139 -97.96 -1.64 -65.28
CA TYR W 139 -99.29 -1.53 -64.67
C TYR W 139 -99.86 -2.89 -64.33
N GLU W 140 -99.57 -3.90 -65.15
CA GLU W 140 -100.20 -5.20 -64.97
C GLU W 140 -99.63 -5.93 -63.77
N LEU W 141 -98.34 -5.77 -63.52
CA LEU W 141 -97.73 -6.40 -62.35
C LEU W 141 -98.11 -5.66 -61.08
N LEU W 142 -98.30 -4.34 -61.17
CA LEU W 142 -98.74 -3.55 -60.02
C LEU W 142 -100.14 -3.95 -59.59
N ARG W 143 -100.98 -4.33 -60.55
CA ARG W 143 -102.30 -4.83 -60.23
C ARG W 143 -102.23 -6.20 -59.57
N LYS W 144 -101.17 -6.96 -59.86
CA LYS W 144 -101.07 -8.31 -59.31
C LYS W 144 -100.61 -8.30 -57.86
N LEU W 145 -99.87 -7.26 -57.46
CA LEU W 145 -99.36 -7.21 -56.08
C LEU W 145 -100.48 -6.96 -55.08
N VAL W 146 -101.36 -6.01 -55.38
CA VAL W 146 -102.26 -5.45 -54.36
C VAL W 146 -103.36 -6.45 -54.02
N TYR W 147 -103.77 -7.25 -54.99
CA TYR W 147 -104.87 -8.19 -54.75
C TYR W 147 -104.41 -9.40 -53.97
N LYS W 148 -103.12 -9.74 -54.04
CA LYS W 148 -102.64 -10.90 -53.31
C LYS W 148 -102.14 -10.51 -51.92
N HIS W 149 -101.25 -9.53 -51.84
CA HIS W 149 -100.67 -9.10 -50.57
C HIS W 149 -101.06 -7.65 -50.32
N GLY W 150 -102.18 -7.46 -49.61
CA GLY W 150 -102.59 -6.12 -49.25
C GLY W 150 -103.10 -6.05 -47.83
N VAL W 151 -102.52 -5.17 -47.02
CA VAL W 151 -102.95 -4.96 -45.64
C VAL W 151 -103.09 -3.47 -45.39
N ILE W 152 -104.26 -3.06 -44.93
CA ILE W 152 -104.59 -1.66 -44.73
C ILE W 152 -104.46 -1.34 -43.25
N LYS W 153 -104.24 -0.07 -42.94
CA LYS W 153 -104.24 0.41 -41.57
C LYS W 153 -105.48 1.25 -41.33
N VAL W 154 -106.15 1.01 -40.20
CA VAL W 154 -107.19 1.91 -39.72
C VAL W 154 -107.14 1.91 -38.19
N ASN W 155 -106.98 3.11 -37.62
CA ASN W 155 -106.83 3.33 -36.18
C ASN W 155 -105.65 2.54 -35.60
N ASP W 156 -104.53 2.55 -36.33
CA ASP W 156 -103.25 1.94 -35.93
C ASP W 156 -103.35 0.45 -35.69
N LYS W 157 -104.17 -0.24 -36.48
CA LYS W 157 -104.26 -1.69 -36.41
C LYS W 157 -104.39 -2.24 -37.82
N HIS W 158 -103.74 -3.37 -38.09
CA HIS W 158 -103.79 -3.95 -39.42
C HIS W 158 -105.12 -4.66 -39.66
N ARG W 159 -105.62 -4.58 -40.88
CA ARG W 159 -106.93 -5.15 -41.21
C ARG W 159 -106.87 -5.90 -42.53
N LYS W 160 -108.04 -6.39 -42.94
CA LYS W 160 -108.17 -7.39 -44.00
C LYS W 160 -108.21 -6.80 -45.40
N LEU W 161 -108.28 -5.47 -45.52
CA LEU W 161 -108.49 -4.75 -46.79
C LEU W 161 -109.75 -5.24 -47.49
N ASN W 162 -110.89 -4.94 -46.88
CA ASN W 162 -112.17 -5.22 -47.50
C ASN W 162 -112.66 -3.99 -48.25
N ASN W 163 -113.94 -4.01 -48.62
CA ASN W 163 -114.54 -2.82 -49.22
C ASN W 163 -115.07 -1.87 -48.15
N GLU W 164 -115.09 -2.31 -46.89
CA GLU W 164 -115.68 -1.49 -45.84
C GLU W 164 -114.60 -0.79 -45.03
N ASN W 165 -113.42 -1.39 -44.93
CA ASN W 165 -112.33 -0.74 -44.20
C ASN W 165 -111.70 0.36 -45.04
N ILE W 166 -111.91 0.32 -46.36
CA ILE W 166 -111.46 1.39 -47.24
C ILE W 166 -112.24 2.67 -46.94
N GLU W 167 -113.52 2.52 -46.56
CA GLU W 167 -114.35 3.65 -46.17
C GLU W 167 -113.78 4.37 -44.95
N ASP W 168 -113.41 3.62 -43.92
CA ASP W 168 -112.95 4.24 -42.69
C ASP W 168 -111.50 4.69 -42.79
N ALA W 169 -110.78 4.20 -43.78
CA ALA W 169 -109.41 4.67 -43.99
C ALA W 169 -109.40 6.07 -44.57
N PHE W 170 -110.22 6.31 -45.60
CA PHE W 170 -110.19 7.56 -46.35
C PHE W 170 -111.39 8.44 -46.06
N ARG W 171 -112.17 8.12 -45.02
CA ARG W 171 -113.34 8.90 -44.58
C ARG W 171 -114.40 9.04 -45.68
N GLY W 172 -114.53 8.00 -46.50
CA GLY W 172 -115.60 7.96 -47.48
C GLY W 172 -115.27 8.49 -48.86
N GLU W 173 -114.03 8.94 -49.09
CA GLU W 173 -113.69 9.48 -50.41
C GLU W 173 -113.45 8.36 -51.42
N LEU W 174 -112.92 7.23 -50.98
CA LEU W 174 -112.61 6.10 -51.86
C LEU W 174 -113.44 4.91 -51.41
N LYS W 175 -114.02 4.19 -52.36
CA LYS W 175 -114.95 3.10 -52.05
C LYS W 175 -114.55 1.77 -52.67
N CYS W 176 -113.41 1.70 -53.36
CA CYS W 176 -113.05 0.46 -54.03
C CYS W 176 -111.54 0.32 -54.05
N ILE W 177 -111.09 -0.92 -54.27
CA ILE W 177 -109.66 -1.19 -54.33
C ILE W 177 -109.07 -0.66 -55.63
N GLU W 178 -109.88 -0.62 -56.70
CA GLU W 178 -109.39 -0.17 -58.00
C GLU W 178 -109.14 1.34 -58.00
N GLU W 179 -109.73 2.05 -57.05
CA GLU W 179 -109.47 3.48 -56.92
C GLU W 179 -108.04 3.74 -56.43
N ILE W 180 -107.45 2.76 -55.72
CA ILE W 180 -106.14 2.99 -55.14
C ILE W 180 -105.05 2.85 -56.20
N ILE W 181 -105.21 1.88 -57.11
CA ILE W 181 -104.17 1.58 -58.08
C ILE W 181 -104.12 2.66 -59.15
N HIS W 182 -105.24 3.35 -59.38
CA HIS W 182 -105.28 4.42 -60.36
C HIS W 182 -104.52 5.65 -59.88
N ASN W 183 -104.33 5.79 -58.56
CA ASN W 183 -103.71 6.99 -58.03
C ASN W 183 -102.22 6.81 -57.82
N ILE W 184 -101.75 5.58 -57.68
CA ILE W 184 -100.32 5.36 -57.58
C ILE W 184 -99.67 5.47 -58.96
N TYR W 185 -100.38 5.03 -60.00
CA TYR W 185 -99.80 5.04 -61.34
C TYR W 185 -99.71 6.45 -61.89
N PHE W 186 -100.86 7.10 -62.09
CA PHE W 186 -100.89 8.51 -62.46
C PHE W 186 -100.75 9.32 -61.19
N GLY W 187 -99.58 9.94 -61.00
CA GLY W 187 -99.28 10.65 -59.78
C GLY W 187 -100.18 11.84 -59.51
N THR W 188 -101.08 11.67 -58.56
CA THR W 188 -102.08 12.69 -58.25
C THR W 188 -101.86 13.16 -56.83
N GLU W 189 -102.79 13.99 -56.34
CA GLU W 189 -102.65 14.58 -55.02
C GLU W 189 -102.97 13.59 -53.91
N TYR W 190 -103.59 12.46 -54.27
CA TYR W 190 -103.82 11.40 -53.29
C TYR W 190 -102.68 10.41 -53.24
N PHE W 191 -101.47 10.77 -53.68
CA PHE W 191 -100.39 9.78 -53.74
C PHE W 191 -99.87 9.44 -52.36
N LYS W 192 -99.70 10.44 -51.50
CA LYS W 192 -99.03 10.21 -50.22
C LYS W 192 -99.94 9.45 -49.25
N VAL W 193 -101.24 9.73 -49.29
CA VAL W 193 -102.15 9.12 -48.33
C VAL W 193 -102.44 7.66 -48.69
N CYS W 194 -102.43 7.32 -49.98
CA CYS W 194 -102.68 5.94 -50.37
C CYS W 194 -101.43 5.08 -50.23
N ALA W 195 -100.26 5.68 -50.47
CA ALA W 195 -99.03 4.89 -50.37
C ALA W 195 -98.63 4.64 -48.93
N ASN W 196 -99.16 5.44 -47.99
CA ASN W 196 -98.75 5.31 -46.60
C ASN W 196 -99.67 4.36 -45.84
N THR W 197 -100.92 4.21 -46.31
CA THR W 197 -101.85 3.36 -45.59
C THR W 197 -101.62 1.89 -45.87
N LEU W 198 -100.76 1.57 -46.85
CA LEU W 198 -100.32 0.20 -47.02
C LEU W 198 -99.09 -0.07 -46.17
N ILE W 199 -99.08 -1.22 -45.51
CA ILE W 199 -97.88 -1.68 -44.80
C ILE W 199 -96.97 -2.28 -45.85
N PRO W 200 -95.68 -2.49 -45.59
CA PRO W 200 -94.81 -3.11 -46.59
C PRO W 200 -95.23 -4.52 -46.94
N PHE W 201 -95.08 -4.87 -48.21
CA PHE W 201 -95.45 -6.19 -48.69
C PHE W 201 -94.48 -7.24 -48.14
N ARG W 202 -94.95 -8.48 -48.07
CA ARG W 202 -94.16 -9.59 -47.55
C ARG W 202 -94.16 -10.70 -48.58
N LEU W 203 -93.02 -10.94 -49.19
CA LEU W 203 -92.90 -11.81 -50.35
C LEU W 203 -92.09 -13.05 -50.02
N LYS W 204 -92.13 -14.02 -50.92
CA LYS W 204 -91.44 -15.28 -50.75
C LYS W 204 -90.05 -15.23 -51.36
N SER W 205 -89.26 -16.26 -51.07
CA SER W 205 -87.98 -16.43 -51.73
C SER W 205 -88.21 -16.72 -53.21
N PRO W 206 -87.28 -16.32 -54.08
CA PRO W 206 -87.53 -16.48 -55.53
C PRO W 206 -87.49 -17.94 -55.96
N GLN W 207 -88.41 -18.29 -56.84
CA GLN W 207 -88.45 -19.64 -57.39
C GLN W 207 -87.37 -19.79 -58.44
N GLY W 208 -86.33 -20.56 -58.12
CA GLY W 208 -85.19 -20.69 -58.99
C GLY W 208 -83.93 -20.06 -58.45
N GLY W 209 -84.01 -19.27 -57.40
CA GLY W 209 -82.83 -18.76 -56.75
C GLY W 209 -82.17 -17.63 -57.52
N PHE W 210 -81.17 -17.04 -56.87
CA PHE W 210 -80.42 -15.93 -57.42
C PHE W 210 -79.31 -16.48 -58.32
N LYS W 211 -78.96 -15.72 -59.35
CA LYS W 211 -78.08 -16.25 -60.38
C LYS W 211 -76.62 -16.24 -59.95
N GLY W 212 -76.09 -15.06 -59.66
CA GLY W 212 -74.68 -14.96 -59.37
C GLY W 212 -74.45 -14.95 -57.87
N LYS W 213 -74.25 -13.77 -57.31
CA LYS W 213 -74.09 -13.60 -55.88
C LYS W 213 -75.10 -12.59 -55.38
N LYS W 214 -75.25 -12.50 -54.06
CA LYS W 214 -76.14 -11.50 -53.48
C LYS W 214 -75.37 -10.26 -53.04
N SER W 215 -74.05 -10.33 -53.06
CA SER W 215 -73.26 -9.25 -52.46
C SER W 215 -72.79 -8.25 -53.51
N LYS W 216 -72.47 -8.73 -54.71
CA LYS W 216 -71.94 -7.85 -55.74
C LYS W 216 -73.06 -7.05 -56.41
N GLY W 217 -72.65 -6.04 -57.16
CA GLY W 217 -73.62 -5.20 -57.85
C GLY W 217 -74.20 -5.88 -59.09
N PHE W 218 -75.21 -5.22 -59.67
CA PHE W 218 -75.90 -5.78 -60.83
C PHE W 218 -75.00 -5.78 -62.05
N THR W 219 -74.34 -4.66 -62.33
CA THR W 219 -73.47 -4.58 -63.49
C THR W 219 -72.15 -5.31 -63.24
N GLU W 220 -71.88 -5.67 -61.98
CA GLU W 220 -70.66 -6.39 -61.67
C GLU W 220 -70.84 -7.89 -61.82
N GLY W 221 -72.07 -8.38 -61.66
CA GLY W 221 -72.34 -9.79 -61.82
C GLY W 221 -73.31 -10.37 -60.82
N GLY W 222 -73.80 -9.53 -59.90
CA GLY W 222 -74.65 -9.99 -58.82
C GLY W 222 -76.10 -9.60 -59.00
N ASN W 223 -76.66 -9.01 -57.95
CA ASN W 223 -78.07 -8.64 -57.91
C ASN W 223 -78.35 -7.25 -57.36
N LEU W 224 -77.45 -6.68 -56.57
CA LEU W 224 -77.75 -5.41 -55.94
C LEU W 224 -77.59 -4.26 -56.93
N GLY W 225 -78.33 -3.19 -56.68
CA GLY W 225 -78.22 -1.98 -57.46
C GLY W 225 -79.48 -1.66 -58.22
N ASN W 226 -79.30 -0.92 -59.32
CA ASN W 226 -80.40 -0.40 -60.11
C ASN W 226 -80.61 -1.26 -61.34
N HIS W 227 -81.66 -2.07 -61.32
CA HIS W 227 -82.24 -2.62 -62.53
C HIS W 227 -83.18 -1.54 -63.04
N TYR W 228 -83.10 -1.21 -64.32
CA TYR W 228 -83.93 -0.10 -64.79
C TYR W 228 -85.34 -0.57 -65.11
N ASP W 229 -85.48 -1.45 -66.09
CA ASP W 229 -86.77 -2.02 -66.44
C ASP W 229 -86.76 -3.53 -66.30
N LEU W 230 -85.64 -4.11 -65.92
CA LEU W 230 -85.52 -5.54 -65.74
C LEU W 230 -85.79 -5.97 -64.32
N ILE W 231 -86.44 -5.12 -63.52
CA ILE W 231 -86.84 -5.54 -62.18
C ILE W 231 -88.06 -6.43 -62.26
N GLY W 232 -88.76 -6.42 -63.40
CA GLY W 232 -89.93 -7.25 -63.55
C GLY W 232 -89.62 -8.72 -63.70
N GLU W 233 -88.34 -9.06 -63.88
CA GLU W 233 -87.94 -10.45 -63.94
C GLU W 233 -87.75 -11.03 -62.55
N LEU W 234 -87.35 -10.20 -61.59
CA LEU W 234 -87.01 -10.71 -60.27
C LEU W 234 -88.23 -10.76 -59.35
N VAL W 235 -89.16 -9.82 -59.52
CA VAL W 235 -90.28 -9.72 -58.57
C VAL W 235 -91.29 -10.82 -58.81
N GLU W 236 -91.48 -11.24 -60.06
CA GLU W 236 -92.52 -12.22 -60.38
C GLU W 236 -92.20 -13.60 -59.84
N ARG W 237 -90.92 -13.95 -59.72
CA ARG W 237 -90.57 -15.23 -59.11
C ARG W 237 -90.66 -15.14 -57.60
N MET W 238 -90.44 -13.95 -57.04
CA MET W 238 -90.62 -13.76 -55.61
C MET W 238 -92.09 -13.60 -55.25
N LEU W 239 -92.93 -13.32 -56.23
CA LEU W 239 -94.34 -13.09 -55.98
C LEU W 239 -95.07 -14.39 -55.73
N ALA X 2 61.47 109.99 17.20
CA ALA X 2 60.61 109.35 16.21
C ALA X 2 60.71 107.83 16.30
N ASP X 3 59.58 107.18 16.56
CA ASP X 3 59.51 105.74 16.64
C ASP X 3 58.50 105.24 15.62
N ILE X 4 58.56 103.94 15.32
CA ILE X 4 57.61 103.34 14.39
C ILE X 4 56.25 103.24 15.07
N LYS X 5 55.22 103.67 14.36
CA LYS X 5 53.86 103.64 14.88
C LYS X 5 53.06 102.55 14.16
N LEU X 6 51.82 102.37 14.61
CA LEU X 6 50.97 101.34 14.03
C LEU X 6 50.51 101.74 12.64
N PHE X 7 49.72 102.81 12.55
CA PHE X 7 49.25 103.30 11.26
C PHE X 7 49.58 104.78 11.10
N GLU X 8 50.67 105.23 11.74
CA GLU X 8 51.02 106.63 12.04
C GLU X 8 49.95 107.31 12.89
N LYS X 9 49.09 106.55 13.55
CA LYS X 9 48.03 107.08 14.39
C LYS X 9 47.93 106.41 15.75
N TYR X 10 48.32 105.15 15.87
CA TYR X 10 48.34 104.44 17.13
C TYR X 10 49.76 104.03 17.45
N SER X 11 49.97 103.40 18.60
CA SER X 11 51.33 103.09 19.02
C SER X 11 51.42 101.65 19.48
N TYR X 12 52.57 101.02 19.19
CA TYR X 12 52.81 99.66 19.63
C TYR X 12 52.98 99.57 21.15
N ASP X 13 53.41 100.67 21.76
CA ASP X 13 53.44 100.75 23.22
C ASP X 13 52.04 100.98 23.76
N ASP X 14 51.97 101.19 25.09
CA ASP X 14 50.78 101.43 25.91
C ASP X 14 49.81 100.24 25.90
N VAL X 15 50.21 99.09 25.39
CA VAL X 15 49.41 97.87 25.44
C VAL X 15 50.18 96.89 26.31
N ASN X 16 49.46 96.00 27.00
CA ASN X 16 50.04 95.04 27.93
C ASN X 16 49.12 93.83 28.06
N CYS X 17 49.71 92.65 28.11
CA CYS X 17 48.97 91.40 28.23
C CYS X 17 48.76 91.09 29.71
N SER X 18 47.49 90.94 30.11
CA SER X 18 47.18 90.72 31.51
C SER X 18 47.41 89.27 31.92
N ASP X 19 47.36 88.34 30.96
CA ASP X 19 47.56 86.93 31.26
C ASP X 19 49.05 86.62 31.32
N GLU X 20 49.46 85.80 32.28
CA GLU X 20 50.88 85.48 32.44
C GLU X 20 51.28 84.29 31.58
N SER X 21 50.38 83.33 31.42
CA SER X 21 50.70 82.10 30.70
C SER X 21 50.81 82.34 29.21
N ILE X 22 50.05 83.30 28.68
CA ILE X 22 49.94 83.53 27.25
C ILE X 22 50.95 84.55 26.77
N SER X 23 51.60 85.27 27.70
CA SER X 23 52.35 86.46 27.36
C SER X 23 53.67 86.14 26.64
N SER X 24 54.10 84.88 26.68
CA SER X 24 55.37 84.52 26.04
C SER X 24 55.25 84.50 24.53
N TYR X 25 54.17 83.92 24.01
CA TYR X 25 54.00 83.83 22.56
C TYR X 25 53.27 85.05 22.01
N ILE X 26 52.71 85.87 22.90
CA ILE X 26 52.14 87.15 22.51
C ILE X 26 53.29 88.06 22.13
N ASN X 27 53.35 88.47 20.86
CA ASN X 27 54.50 89.20 20.36
C ASN X 27 54.16 90.68 20.20
N LEU X 28 55.11 91.54 20.60
CA LEU X 28 54.99 92.97 20.38
C LEU X 28 56.24 93.58 19.76
N SER X 29 57.28 92.77 19.52
CA SER X 29 58.57 93.32 19.10
C SER X 29 58.54 93.80 17.65
N ARG X 30 57.91 93.03 16.77
CA ARG X 30 57.86 93.42 15.36
C ARG X 30 56.92 94.60 15.17
N ARG X 31 57.46 95.68 14.63
CA ARG X 31 56.71 96.91 14.39
C ARG X 31 56.62 97.16 12.89
N PHE X 32 55.41 97.39 12.41
CA PHE X 32 55.14 97.57 11.00
C PHE X 32 54.12 98.68 10.81
N ILE X 33 54.42 99.62 9.92
CA ILE X 33 53.43 100.61 9.52
C ILE X 33 52.32 99.93 8.73
N ILE X 34 52.71 99.04 7.82
CA ILE X 34 51.79 98.13 7.16
C ILE X 34 52.29 96.73 7.49
N PRO X 35 51.46 95.85 8.03
CA PRO X 35 51.96 94.52 8.46
C PRO X 35 52.29 93.63 7.28
N HIS X 36 53.57 93.47 7.01
CA HIS X 36 54.03 92.70 5.87
C HIS X 36 55.37 92.07 6.21
N GLU X 37 55.58 90.86 5.70
CA GLU X 37 56.76 90.07 6.05
C GLU X 37 57.52 89.70 4.80
N GLY X 38 58.85 89.78 4.86
CA GLY X 38 59.68 89.44 3.73
C GLY X 38 60.97 88.72 4.09
N SER X 39 60.96 87.99 5.20
CA SER X 39 62.16 87.29 5.66
C SER X 39 61.96 85.79 5.50
N ARG X 40 62.96 85.14 4.91
CA ARG X 40 62.93 83.68 4.81
C ARG X 40 63.14 83.03 6.17
N ALA X 41 63.90 83.70 7.04
CA ALA X 41 64.34 83.08 8.29
C ALA X 41 63.21 82.99 9.31
N ILE X 42 62.32 83.99 9.33
CA ILE X 42 61.21 83.96 10.28
C ILE X 42 60.19 82.91 9.85
N ILE X 43 60.04 82.68 8.55
CA ILE X 43 59.03 81.75 8.07
C ILE X 43 59.43 80.31 8.32
N LYS X 44 60.57 79.89 7.76
CA LYS X 44 61.05 78.53 7.92
C LYS X 44 61.62 78.39 9.33
N SER X 45 60.76 78.02 10.27
CA SER X 45 61.18 77.85 11.66
C SER X 45 60.25 76.87 12.34
N LYS X 46 60.83 76.05 13.23
CA LYS X 46 60.02 75.13 14.02
C LYS X 46 59.20 75.87 15.07
N THR X 47 59.71 77.00 15.53
CA THR X 47 59.08 77.75 16.61
C THR X 47 58.17 78.83 16.05
N LYS X 48 57.08 79.09 16.79
CA LYS X 48 56.11 80.10 16.41
C LYS X 48 56.05 81.24 17.41
N ALA X 49 57.13 81.47 18.17
CA ALA X 49 57.12 82.54 19.15
C ALA X 49 57.26 83.90 18.48
N ASN X 50 58.15 84.01 17.50
CA ASN X 50 58.47 85.27 16.84
C ASN X 50 57.57 85.45 15.61
N LEU X 51 56.31 85.76 15.85
CA LEU X 51 55.38 86.06 14.77
C LEU X 51 54.45 87.17 15.23
N SER X 52 54.29 88.19 14.39
CA SER X 52 53.48 89.34 14.76
C SER X 52 52.00 88.97 14.80
N ILE X 53 51.31 89.46 15.84
CA ILE X 53 49.91 89.10 16.03
C ILE X 53 49.03 89.78 14.99
N ILE X 54 49.38 91.01 14.63
CA ILE X 54 48.68 91.72 13.56
C ILE X 54 48.92 91.02 12.23
N ASN X 55 50.11 90.46 12.06
CA ASN X 55 50.39 89.67 10.86
C ASN X 55 49.60 88.37 10.89
N ARG X 56 49.37 87.82 12.09
CA ARG X 56 48.58 86.60 12.18
C ARG X 56 47.09 86.88 12.08
N PHE X 57 46.68 88.12 12.35
CA PHE X 57 45.26 88.43 12.36
C PHE X 57 44.72 88.62 10.95
N VAL X 58 45.51 89.27 10.07
CA VAL X 58 45.04 89.52 8.72
C VAL X 58 45.09 88.25 7.89
N ASN X 59 45.88 87.26 8.32
CA ASN X 59 45.95 86.01 7.59
C ASN X 59 44.71 85.16 7.83
N SER X 60 43.93 85.48 8.85
CA SER X 60 42.64 84.83 9.04
C SER X 60 41.53 85.52 8.26
N LEU X 61 41.87 86.58 7.52
CA LEU X 61 40.84 87.28 6.75
C LEU X 61 40.66 86.66 5.37
N MET X 62 41.75 86.47 4.64
CA MET X 62 41.69 85.95 3.27
C MET X 62 41.52 84.43 3.30
N ARG X 63 40.29 84.02 3.58
CA ARG X 63 40.04 82.64 3.99
C ARG X 63 39.51 81.74 2.88
N ASN X 64 38.42 82.10 2.23
CA ASN X 64 37.80 81.20 1.26
C ASN X 64 38.58 81.18 -0.05
N GLY X 65 38.29 80.16 -0.86
CA GLY X 65 39.05 79.95 -2.08
C GLY X 65 38.77 80.99 -3.15
N ARG X 66 37.58 81.59 -3.10
CA ARG X 66 37.30 82.69 -4.01
C ARG X 66 37.95 83.99 -3.52
N ASN X 67 38.35 84.02 -2.26
CA ASN X 67 38.92 85.23 -1.66
C ASN X 67 40.38 85.07 -1.28
N SER X 68 41.02 83.95 -1.62
CA SER X 68 42.41 83.76 -1.23
C SER X 68 43.33 84.59 -2.11
N GLY X 69 44.47 84.97 -1.56
CA GLY X 69 45.49 85.67 -2.32
C GLY X 69 45.35 87.18 -2.35
N LYS X 70 44.59 87.76 -1.43
CA LYS X 70 44.36 89.20 -1.40
C LYS X 70 44.73 89.75 -0.04
N LYS X 71 45.86 90.46 0.03
CA LYS X 71 46.21 91.21 1.22
C LYS X 71 45.87 92.69 1.13
N ARG X 72 45.71 93.22 -0.09
CA ARG X 72 45.33 94.61 -0.25
C ARG X 72 43.89 94.83 0.21
N LEU X 73 43.00 93.89 -0.09
CA LEU X 73 41.61 94.02 0.34
C LEU X 73 41.48 93.78 1.83
N ALA X 74 42.46 93.10 2.44
CA ALA X 74 42.44 92.92 3.88
C ALA X 74 42.90 94.17 4.61
N ASN X 75 43.87 94.88 4.03
CA ASN X 75 44.48 96.00 4.73
C ASN X 75 43.57 97.23 4.73
N VAL X 76 42.63 97.29 3.79
CA VAL X 76 41.71 98.42 3.76
C VAL X 76 40.65 98.29 4.85
N CYS X 77 40.09 97.08 5.00
CA CYS X 77 38.95 96.92 5.88
C CYS X 77 39.38 96.84 7.35
N VAL X 78 40.66 96.62 7.61
CA VAL X 78 41.12 96.65 8.99
C VAL X 78 41.37 98.09 9.42
N GLU X 79 41.65 98.97 8.46
CA GLU X 79 41.85 100.38 8.79
C GLU X 79 40.52 101.05 9.12
N ASP X 80 39.47 100.75 8.35
CA ASP X 80 38.16 101.32 8.63
C ASP X 80 37.52 100.66 9.85
N ALA X 81 38.05 99.52 10.28
CA ALA X 81 37.56 98.90 11.50
C ALA X 81 38.08 99.61 12.74
N PHE X 82 39.39 99.85 12.81
CA PHE X 82 40.02 100.29 14.05
C PHE X 82 39.70 101.74 14.37
N VAL X 83 39.29 102.53 13.38
CA VAL X 83 38.98 103.93 13.63
C VAL X 83 37.66 104.05 14.37
N ILE X 84 36.74 103.10 14.16
CA ILE X 84 35.46 103.14 14.86
C ILE X 84 35.62 102.67 16.29
N ILE X 85 36.56 101.74 16.53
CA ILE X 85 36.80 101.24 17.87
C ILE X 85 37.51 102.30 18.70
N ASN X 86 38.27 103.18 18.05
CA ASN X 86 39.02 104.20 18.78
C ASN X 86 38.09 105.28 19.31
N CYS X 87 37.18 105.78 18.47
CA CYS X 87 36.35 106.90 18.87
C CYS X 87 35.24 106.47 19.80
N LEU X 88 34.73 105.24 19.64
CA LEU X 88 33.61 104.79 20.47
C LEU X 88 34.05 104.47 21.90
N THR X 89 35.29 104.02 22.07
CA THR X 89 35.76 103.57 23.38
C THR X 89 36.77 104.50 24.03
N LYS X 90 37.39 105.41 23.26
CA LYS X 90 38.47 106.31 23.72
C LYS X 90 39.65 105.54 24.30
N LYS X 91 39.90 104.35 23.77
CA LYS X 91 41.00 103.50 24.17
C LYS X 91 41.97 103.34 23.01
N ASN X 92 43.11 102.77 23.30
CA ASN X 92 43.97 102.25 22.25
C ASN X 92 43.24 101.08 21.61
N PRO X 93 43.06 101.05 20.28
CA PRO X 93 42.40 99.89 19.66
C PRO X 93 43.22 98.61 19.73
N LEU X 94 44.52 98.71 20.00
CA LEU X 94 45.31 97.51 20.23
C LEU X 94 45.01 96.92 21.60
N GLN X 95 44.52 97.74 22.53
CA GLN X 95 44.27 97.25 23.89
C GLN X 95 43.04 96.36 23.93
N VAL X 96 42.03 96.65 23.11
CA VAL X 96 40.84 95.79 23.07
C VAL X 96 41.14 94.53 22.27
N LEU X 97 42.22 94.52 21.52
CA LEU X 97 42.59 93.35 20.72
C LEU X 97 43.15 92.24 21.61
N VAL X 98 44.03 92.61 22.56
CA VAL X 98 44.66 91.60 23.40
C VAL X 98 43.67 91.07 24.44
N ASP X 99 42.64 91.86 24.74
CA ASP X 99 41.58 91.37 25.62
C ASP X 99 40.60 90.50 24.85
N ALA X 100 40.63 90.57 23.52
CA ALA X 100 39.77 89.71 22.72
C ALA X 100 40.34 88.30 22.60
N ILE X 101 41.66 88.19 22.55
CA ILE X 101 42.30 86.88 22.41
C ILE X 101 42.20 86.10 23.72
N ILE X 102 42.37 86.80 24.85
CA ILE X 102 42.44 86.14 26.16
C ILE X 102 41.08 85.57 26.54
N ASN X 103 40.02 86.35 26.34
CA ASN X 103 38.70 85.94 26.80
C ASN X 103 38.11 84.82 25.94
N ALA X 104 38.36 84.86 24.63
CA ALA X 104 37.77 83.86 23.75
C ALA X 104 38.63 82.60 23.68
N GLY X 105 39.83 82.64 24.25
CA GLY X 105 40.71 81.50 24.28
C GLY X 105 40.22 80.42 25.23
N PRO X 106 40.07 79.20 24.73
CA PRO X 106 39.53 78.12 25.56
C PRO X 106 40.58 77.61 26.54
N ARG X 107 40.12 77.10 27.68
CA ARG X 107 41.04 76.82 28.77
C ARG X 107 41.50 75.36 28.75
N GLU X 108 40.55 74.43 28.73
CA GLU X 108 40.90 73.02 28.65
C GLU X 108 39.84 72.30 27.81
N ASP X 109 40.25 71.20 27.19
CA ASP X 109 39.41 70.49 26.24
C ASP X 109 39.55 68.99 26.46
N THR X 110 38.58 68.24 25.97
CA THR X 110 38.56 66.80 26.16
C THR X 110 39.18 66.07 24.98
N ALA X 111 39.44 64.78 25.17
CA ALA X 111 40.01 63.91 24.15
C ALA X 111 39.26 62.59 24.15
N ARG X 112 38.84 62.16 22.96
CA ARG X 112 38.08 60.93 22.80
C ARG X 112 38.97 59.81 22.28
N VAL X 113 39.24 58.83 23.15
CA VAL X 113 39.93 57.60 22.79
C VAL X 113 38.99 56.44 23.03
N GLY X 114 38.79 55.62 22.01
CA GLY X 114 37.85 54.54 22.05
C GLY X 114 36.97 54.51 20.83
N ARG X 115 36.11 53.49 20.79
CA ARG X 115 35.27 53.28 19.62
C ARG X 115 34.00 52.54 20.04
N GLY X 116 32.91 52.87 19.39
CA GLY X 116 31.66 52.19 19.64
C GLY X 116 30.87 52.82 20.76
N GLY X 117 29.93 52.02 21.29
CA GLY X 117 29.10 52.47 22.39
C GLY X 117 29.85 52.55 23.70
N SER X 118 31.02 51.93 23.76
CA SER X 118 31.94 52.05 24.89
C SER X 118 33.12 52.90 24.44
N MET X 119 33.06 54.20 24.73
CA MET X 119 34.08 55.15 24.30
C MET X 119 34.56 55.97 25.48
N LYS X 120 35.85 55.92 25.76
CA LYS X 120 36.40 56.61 26.92
C LYS X 120 36.61 58.09 26.61
N ARG X 121 36.20 58.94 27.54
CA ARG X 121 36.40 60.38 27.43
C ARG X 121 37.30 60.83 28.58
N THR X 122 38.26 61.69 28.26
CA THR X 122 39.26 62.13 29.22
C THR X 122 39.47 63.63 29.02
N ALA X 123 39.69 64.35 30.13
CA ALA X 123 39.83 65.79 30.12
C ALA X 123 41.29 66.16 30.37
N VAL X 124 41.87 66.91 29.42
CA VAL X 124 43.29 67.29 29.46
C VAL X 124 43.38 68.81 29.38
N ASP X 125 44.60 69.34 29.44
CA ASP X 125 44.78 70.78 29.35
C ASP X 125 45.34 71.19 27.99
N VAL X 126 45.40 72.51 27.77
CA VAL X 126 45.76 73.08 26.48
C VAL X 126 47.04 73.88 26.62
N SER X 127 47.99 73.65 25.71
CA SER X 127 49.21 74.44 25.68
C SER X 127 48.91 75.88 25.26
N PRO X 128 49.72 76.85 25.71
CA PRO X 128 49.50 78.24 25.28
C PRO X 128 49.68 78.47 23.79
N SER X 129 50.54 77.70 23.13
CA SER X 129 50.66 77.82 21.68
C SER X 129 49.42 77.29 20.98
N LYS X 130 48.72 76.34 21.61
CA LYS X 130 47.49 75.82 21.01
C LYS X 130 46.30 76.68 21.38
N ARG X 131 46.41 77.44 22.49
CA ARG X 131 45.30 78.28 22.92
C ARG X 131 45.18 79.53 22.05
N VAL X 132 46.32 80.07 21.61
CA VAL X 132 46.31 81.24 20.73
C VAL X 132 45.76 80.86 19.36
N SER X 133 46.25 79.75 18.80
CA SER X 133 45.86 79.35 17.45
C SER X 133 44.39 78.96 17.38
N LEU X 134 43.83 78.49 18.49
CA LEU X 134 42.43 78.13 18.49
C LEU X 134 41.55 79.38 18.62
N ALA X 135 42.09 80.42 19.27
CA ALA X 135 41.29 81.60 19.56
C ALA X 135 41.08 82.45 18.30
N ILE X 136 42.09 82.51 17.43
CA ILE X 136 41.97 83.34 16.23
C ILE X 136 41.01 82.70 15.24
N GLN X 137 40.98 81.37 15.19
CA GLN X 137 40.12 80.68 14.25
C GLN X 137 38.65 80.82 14.64
N LEU X 138 38.38 81.04 15.92
CA LEU X 138 37.00 81.23 16.37
C LEU X 138 36.45 82.57 15.93
N LEU X 139 37.27 83.61 15.98
CA LEU X 139 36.77 84.98 15.81
C LEU X 139 36.43 85.27 14.35
N SER X 140 37.24 84.75 13.42
CA SER X 140 37.00 85.02 12.01
C SER X 140 35.77 84.29 11.50
N ASN X 141 35.36 83.23 12.18
CA ASN X 141 34.20 82.46 11.73
C ASN X 141 32.91 83.21 11.98
N GLY X 142 32.76 83.82 13.16
CA GLY X 142 31.56 84.58 13.46
C GLY X 142 31.49 85.87 12.67
N ILE X 143 32.64 86.37 12.24
CA ILE X 143 32.67 87.53 11.35
C ILE X 143 32.11 87.14 9.98
N ARG X 144 32.56 85.99 9.46
CA ARG X 144 32.12 85.56 8.13
C ARG X 144 30.68 85.05 8.16
N SER X 145 30.19 84.66 9.33
CA SER X 145 28.79 84.27 9.43
C SER X 145 27.87 85.48 9.49
N SER X 146 28.30 86.53 10.20
CA SER X 146 27.44 87.68 10.42
C SER X 146 27.46 88.64 9.25
N ALA X 147 28.47 88.53 8.38
CA ALA X 147 28.62 89.44 7.26
C ALA X 147 28.47 88.76 5.91
N PHE X 148 27.91 87.54 5.87
CA PHE X 148 27.83 86.82 4.61
C PHE X 148 26.71 87.35 3.72
N LYS X 149 25.48 87.39 4.24
CA LYS X 149 24.33 87.78 3.45
C LYS X 149 23.60 88.93 4.16
N SER X 150 24.36 89.94 4.57
CA SER X 150 23.76 91.07 5.26
C SER X 150 24.43 92.36 4.80
N ARG X 151 23.75 93.48 5.05
CA ARG X 151 24.20 94.77 4.52
C ARG X 151 25.31 95.37 5.36
N LYS X 152 25.72 94.70 6.43
CA LYS X 152 26.91 95.11 7.15
C LYS X 152 28.14 94.91 6.27
N SER X 153 29.00 95.93 6.22
CA SER X 153 30.27 95.78 5.55
C SER X 153 31.22 94.96 6.40
N LEU X 154 32.37 94.61 5.80
CA LEU X 154 33.38 93.88 6.55
C LEU X 154 34.01 94.74 7.64
N ALA X 155 34.03 96.05 7.44
CA ALA X 155 34.61 96.94 8.45
C ALA X 155 33.72 97.06 9.67
N GLU X 156 32.41 96.98 9.47
CA GLU X 156 31.49 97.16 10.60
C GLU X 156 31.50 95.97 11.53
N CYS X 157 31.57 94.77 10.97
CA CYS X 157 31.38 93.56 11.77
C CYS X 157 32.63 93.22 12.58
N ILE X 158 33.77 93.76 12.20
CA ILE X 158 35.00 93.54 12.97
C ILE X 158 34.93 94.28 14.30
N ALA X 159 34.33 95.47 14.28
CA ALA X 159 34.41 96.38 15.43
C ALA X 159 33.58 95.88 16.60
N ASP X 160 32.31 95.53 16.34
CA ASP X 160 31.43 95.13 17.43
C ASP X 160 31.73 93.69 17.88
N GLU X 161 32.49 92.95 17.07
CA GLU X 161 32.92 91.63 17.48
C GLU X 161 33.97 91.72 18.59
N LEU X 162 34.98 92.57 18.40
CA LEU X 162 36.07 92.65 19.34
C LEU X 162 35.67 93.42 20.60
N ASN X 163 34.68 94.30 20.48
CA ASN X 163 34.22 95.04 21.65
C ASN X 163 33.38 94.16 22.56
N ASN X 164 32.57 93.25 21.98
CA ASN X 164 31.71 92.41 22.79
C ASN X 164 32.48 91.25 23.40
N ALA X 165 33.52 90.78 22.72
CA ALA X 165 34.27 89.64 23.23
C ALA X 165 35.22 90.06 24.34
N ALA X 166 35.80 91.26 24.22
CA ALA X 166 36.70 91.74 25.26
C ALA X 166 35.93 92.13 26.53
N ALA X 167 34.74 92.69 26.35
CA ALA X 167 33.95 93.12 27.50
C ALA X 167 33.17 91.98 28.14
N ASN X 168 33.33 90.75 27.64
CA ASN X 168 32.71 89.54 28.18
C ASN X 168 31.19 89.64 28.17
N SER X 169 30.65 90.30 27.14
CA SER X 169 29.24 90.67 27.14
C SER X 169 28.34 89.53 26.70
N GLN X 170 28.92 88.38 26.36
CA GLN X 170 28.34 87.08 25.97
C GLN X 170 27.34 87.15 24.81
N ASN X 171 27.20 88.28 24.13
CA ASN X 171 26.35 88.33 22.95
C ASN X 171 27.17 88.11 21.69
N SER X 172 28.50 88.02 21.83
CA SER X 172 29.35 87.75 20.69
C SER X 172 29.32 86.27 20.34
N TYR X 173 30.03 85.91 19.27
CA TYR X 173 29.96 84.54 18.79
C TYR X 173 30.91 83.63 19.56
N ALA X 174 32.18 84.02 19.70
CA ALA X 174 33.20 83.11 20.19
C ALA X 174 33.07 82.87 21.69
N VAL X 175 32.35 83.74 22.38
CA VAL X 175 32.16 83.56 23.81
C VAL X 175 31.07 82.51 24.08
N LYS X 176 30.07 82.45 23.20
CA LYS X 176 29.04 81.42 23.33
C LYS X 176 29.59 80.05 22.96
N LYS X 177 30.49 79.98 21.98
CA LYS X 177 31.06 78.70 21.60
C LYS X 177 32.07 78.22 22.63
N ARG X 178 32.71 79.14 23.33
CA ARG X 178 33.63 78.76 24.40
C ARG X 178 32.86 78.29 25.63
N GLU X 179 31.59 78.69 25.73
CA GLU X 179 30.79 78.34 26.91
C GLU X 179 30.47 76.85 26.95
N GLU X 180 30.14 76.26 25.81
CA GLU X 180 29.77 74.85 25.80
C GLU X 180 30.99 73.93 25.89
N ILE X 181 32.11 74.33 25.28
CA ILE X 181 33.27 73.45 25.22
C ILE X 181 33.97 73.41 26.58
N GLU X 182 33.83 74.48 27.36
CA GLU X 182 34.35 74.45 28.73
C GLU X 182 33.40 73.68 29.65
N ARG X 183 32.12 73.63 29.28
CA ARG X 183 31.15 72.83 30.01
C ARG X 183 31.32 71.35 29.72
N ILE X 184 31.64 71.01 28.46
CA ILE X 184 31.75 69.61 28.04
C ILE X 184 32.95 68.96 28.71
N ALA X 185 34.07 69.67 28.79
CA ALA X 185 35.28 69.11 29.40
C ALA X 185 35.12 68.98 30.91
N LYS X 186 34.22 69.75 31.50
CA LYS X 186 34.03 69.69 32.95
C LYS X 186 33.21 68.47 33.35
N SER X 187 32.10 68.23 32.64
CA SER X 187 31.23 67.13 33.02
C SER X 187 31.82 65.79 32.61
N ASN X 188 32.72 65.79 31.62
CA ASN X 188 33.36 64.55 31.20
C ASN X 188 34.40 64.09 32.20
N ARG X 189 34.82 64.99 33.10
CA ARG X 189 35.83 64.68 34.11
C ARG X 189 35.23 63.85 35.23
N MET Y 1 -98.38 -58.48 -57.01
CA MET Y 1 -98.23 -57.18 -57.63
C MET Y 1 -97.38 -56.25 -56.78
N PHE Y 2 -96.07 -56.30 -56.98
CA PHE Y 2 -95.13 -55.46 -56.25
C PHE Y 2 -93.83 -55.36 -57.02
N ILE Y 3 -93.21 -54.20 -56.93
CA ILE Y 3 -91.95 -53.91 -57.60
C ILE Y 3 -90.90 -53.70 -56.53
N PRO Y 4 -89.77 -54.41 -56.55
CA PRO Y 4 -88.83 -54.36 -55.43
C PRO Y 4 -88.01 -53.07 -55.41
N GLY Y 5 -87.52 -52.72 -54.22
CA GLY Y 5 -86.74 -51.52 -54.04
C GLY Y 5 -85.73 -51.71 -52.93
N ILE Y 6 -84.93 -50.67 -52.71
CA ILE Y 6 -83.84 -50.70 -51.73
C ILE Y 6 -83.88 -49.40 -50.92
N PHE Y 7 -83.95 -49.53 -49.60
CA PHE Y 7 -83.89 -48.40 -48.69
C PHE Y 7 -82.44 -47.97 -48.56
N VAL Y 8 -82.12 -46.78 -49.06
CA VAL Y 8 -80.73 -46.36 -49.12
C VAL Y 8 -80.32 -45.65 -47.83
N SER Y 9 -80.96 -44.53 -47.52
CA SER Y 9 -80.63 -43.74 -46.33
C SER Y 9 -81.79 -42.79 -46.05
N HIS Y 10 -81.70 -42.10 -44.91
CA HIS Y 10 -82.62 -41.04 -44.57
C HIS Y 10 -82.28 -39.79 -45.34
N ARG Y 11 -83.16 -38.79 -45.25
CA ARG Y 11 -82.86 -37.49 -45.84
C ARG Y 11 -81.79 -36.80 -45.01
N ARG Y 12 -80.67 -36.48 -45.65
CA ARG Y 12 -79.46 -36.16 -44.92
C ARG Y 12 -79.04 -34.72 -45.17
N ALA Y 13 -78.31 -34.19 -44.21
CA ALA Y 13 -77.28 -33.20 -44.45
C ALA Y 13 -75.97 -33.91 -44.18
N LEU Y 14 -74.88 -33.17 -44.16
CA LEU Y 14 -73.60 -33.81 -43.86
C LEU Y 14 -73.55 -34.26 -42.40
N ARG Y 15 -74.12 -33.46 -41.50
CA ARG Y 15 -74.01 -33.72 -40.07
C ARG Y 15 -75.35 -33.67 -39.34
N ARG Y 16 -76.47 -33.65 -40.04
CA ARG Y 16 -77.78 -33.64 -39.40
C ARG Y 16 -78.72 -34.51 -40.22
N ILE Y 17 -79.58 -35.25 -39.51
CA ILE Y 17 -80.46 -36.23 -40.13
C ILE Y 17 -81.89 -35.84 -39.84
N ARG Y 18 -82.73 -35.81 -40.89
CA ARG Y 18 -84.16 -35.61 -40.76
C ARG Y 18 -84.81 -36.99 -40.73
N HIS Y 19 -85.38 -37.35 -39.59
CA HIS Y 19 -85.73 -38.75 -39.35
C HIS Y 19 -87.09 -39.12 -39.95
N THR Y 20 -87.79 -38.18 -40.56
CA THR Y 20 -89.17 -38.45 -40.95
C THR Y 20 -89.28 -38.90 -42.40
N GLN Y 21 -88.34 -38.51 -43.25
CA GLN Y 21 -88.41 -38.83 -44.67
C GLN Y 21 -87.28 -39.78 -45.05
N ALA Y 22 -87.60 -40.76 -45.88
CA ALA Y 22 -86.65 -41.81 -46.27
C ALA Y 22 -86.49 -41.84 -47.78
N LEU Y 23 -85.30 -42.24 -48.23
CA LEU Y 23 -85.02 -42.31 -49.67
C LEU Y 23 -85.04 -43.75 -50.15
N ILE Y 24 -85.70 -43.98 -51.28
CA ILE Y 24 -85.91 -45.32 -51.81
C ILE Y 24 -85.43 -45.33 -53.25
N LYS Y 25 -84.64 -46.35 -53.61
CA LYS Y 25 -84.23 -46.57 -54.99
C LYS Y 25 -85.15 -47.62 -55.60
N ILE Y 26 -85.94 -47.21 -56.58
CA ILE Y 26 -86.89 -48.09 -57.26
C ILE Y 26 -86.11 -48.81 -58.36
N ASN Y 27 -86.59 -49.97 -58.78
CA ASN Y 27 -85.92 -50.76 -59.80
C ASN Y 27 -86.15 -50.15 -61.18
N ASN Y 28 -85.08 -50.02 -61.95
CA ASN Y 28 -85.03 -49.62 -63.37
C ASN Y 28 -85.51 -48.20 -63.62
N VAL Y 29 -85.48 -47.31 -62.64
CA VAL Y 29 -85.82 -45.91 -62.84
C VAL Y 29 -84.53 -45.09 -62.80
N VAL Y 30 -84.23 -44.39 -63.89
CA VAL Y 30 -82.94 -43.74 -64.06
C VAL Y 30 -83.03 -42.24 -64.30
N ASN Y 31 -84.22 -41.64 -64.27
CA ASN Y 31 -84.36 -40.23 -64.62
C ASN Y 31 -85.30 -39.53 -63.65
N LYS Y 32 -85.36 -38.20 -63.79
CA LYS Y 32 -86.40 -37.44 -63.11
C LYS Y 32 -87.75 -37.69 -63.75
N GLU Y 33 -87.78 -37.80 -65.08
CA GLU Y 33 -89.04 -37.77 -65.81
C GLU Y 33 -89.80 -39.07 -65.65
N GLN Y 34 -89.09 -40.19 -65.53
CA GLN Y 34 -89.76 -41.45 -65.26
C GLN Y 34 -90.19 -41.53 -63.81
N ALA Y 35 -89.53 -40.79 -62.92
CA ALA Y 35 -89.83 -40.89 -61.51
C ALA Y 35 -91.04 -40.05 -61.12
N LYS Y 36 -91.49 -39.18 -62.02
CA LYS Y 36 -92.62 -38.32 -61.70
C LYS Y 36 -93.94 -39.07 -61.79
N ASN Y 37 -93.95 -40.21 -62.45
CA ASN Y 37 -95.18 -41.00 -62.55
C ASN Y 37 -95.45 -41.76 -61.26
N TYR Y 38 -94.39 -42.14 -60.55
CA TYR Y 38 -94.50 -42.89 -59.30
C TYR Y 38 -94.66 -41.91 -58.15
N ILE Y 39 -95.85 -41.33 -58.05
CA ILE Y 39 -96.20 -40.44 -56.95
C ILE Y 39 -97.61 -40.80 -56.49
N GLY Y 40 -97.80 -40.82 -55.17
CA GLY Y 40 -99.05 -41.29 -54.61
C GLY Y 40 -99.17 -42.80 -54.50
N HIS Y 41 -98.13 -43.55 -54.86
CA HIS Y 41 -98.19 -45.00 -54.76
C HIS Y 41 -97.89 -45.47 -53.35
N VAL Y 42 -98.65 -46.45 -52.91
CA VAL Y 42 -98.49 -46.97 -51.56
C VAL Y 42 -97.26 -47.87 -51.50
N VAL Y 43 -96.43 -47.66 -50.48
CA VAL Y 43 -95.22 -48.45 -50.26
C VAL Y 43 -95.38 -49.22 -48.96
N VAL Y 44 -95.20 -50.53 -49.04
CA VAL Y 44 -95.32 -51.42 -47.88
C VAL Y 44 -93.95 -51.97 -47.54
N SER Y 45 -93.55 -51.82 -46.28
CA SER Y 45 -92.30 -52.36 -45.78
C SER Y 45 -92.61 -53.45 -44.76
N LYS Y 46 -91.81 -54.50 -44.76
CA LYS Y 46 -92.05 -55.66 -43.92
C LYS Y 46 -91.01 -55.73 -42.81
N ARG Y 47 -91.47 -55.71 -41.57
CA ARG Y 47 -90.60 -55.76 -40.41
C ARG Y 47 -91.20 -56.72 -39.40
N LEU Y 48 -90.37 -57.22 -38.49
CA LEU Y 48 -90.82 -58.29 -37.61
C LEU Y 48 -91.58 -57.76 -36.41
N ASN Y 49 -92.12 -58.69 -35.64
CA ASN Y 49 -92.82 -58.42 -34.41
C ASN Y 49 -91.98 -58.91 -33.24
N ASP Y 50 -92.56 -58.85 -32.04
CA ASP Y 50 -91.85 -59.34 -30.85
C ASP Y 50 -92.01 -60.85 -30.72
N ASP Y 51 -93.20 -61.37 -31.00
CA ASP Y 51 -93.46 -62.80 -31.04
C ASP Y 51 -93.14 -63.44 -32.39
N LYS Y 52 -92.29 -62.81 -33.20
CA LYS Y 52 -91.74 -63.25 -34.49
C LYS Y 52 -92.79 -63.42 -35.59
N THR Y 53 -94.00 -62.91 -35.42
CA THR Y 53 -94.96 -62.86 -36.53
C THR Y 53 -94.57 -61.74 -37.49
N PRO Y 54 -95.11 -61.75 -38.72
CA PRO Y 54 -94.90 -60.59 -39.59
C PRO Y 54 -95.73 -59.39 -39.14
N ARG Y 55 -95.17 -58.20 -39.37
CA ARG Y 55 -95.85 -56.93 -39.12
C ARG Y 55 -95.63 -56.05 -40.34
N ASP Y 56 -96.59 -55.15 -40.62
CA ASP Y 56 -96.54 -54.35 -41.82
C ASP Y 56 -96.87 -52.90 -41.50
N VAL Y 57 -96.09 -51.98 -42.09
CA VAL Y 57 -96.33 -50.54 -42.02
C VAL Y 57 -96.33 -50.03 -43.46
N GLU Y 58 -97.22 -49.09 -43.77
CA GLU Y 58 -97.41 -48.59 -45.12
C GLU Y 58 -97.09 -47.10 -45.21
N GLY Y 59 -96.83 -46.62 -46.42
CA GLY Y 59 -96.51 -45.22 -46.62
C GLY Y 59 -96.77 -44.73 -48.04
N VAL Y 60 -96.79 -43.41 -48.23
CA VAL Y 60 -97.15 -42.79 -49.50
C VAL Y 60 -95.96 -41.99 -50.01
N VAL Y 61 -95.70 -42.10 -51.31
CA VAL Y 61 -94.63 -41.32 -51.94
C VAL Y 61 -94.99 -39.84 -51.96
N ILE Y 62 -94.06 -39.01 -51.50
CA ILE Y 62 -94.24 -37.56 -51.45
C ILE Y 62 -93.72 -36.88 -52.71
N GLY Y 63 -92.46 -37.14 -53.08
CA GLY Y 63 -91.90 -36.47 -54.24
C GLY Y 63 -90.55 -37.01 -54.63
N VAL Y 64 -89.97 -36.38 -55.64
CA VAL Y 64 -88.70 -36.81 -56.21
C VAL Y 64 -87.55 -36.18 -55.45
N HIS Y 65 -86.34 -36.70 -55.65
CA HIS Y 65 -85.16 -36.21 -54.96
C HIS Y 65 -83.92 -36.50 -55.79
N GLY Y 66 -83.37 -35.47 -56.41
CA GLY Y 66 -82.15 -35.62 -57.19
C GLY Y 66 -82.42 -35.69 -58.68
N ASN Y 67 -81.39 -36.11 -59.41
CA ASN Y 67 -81.47 -36.21 -60.87
C ASN Y 67 -81.43 -37.64 -61.37
N LYS Y 68 -81.43 -38.63 -60.48
CA LYS Y 68 -81.27 -40.02 -60.89
C LYS Y 68 -82.44 -40.91 -60.46
N GLY Y 69 -83.55 -40.33 -60.06
CA GLY Y 69 -84.74 -41.11 -59.79
C GLY Y 69 -84.93 -41.57 -58.37
N LEU Y 70 -84.19 -41.03 -57.42
CA LEU Y 70 -84.44 -41.35 -56.03
C LEU Y 70 -85.71 -40.65 -55.55
N VAL Y 71 -86.44 -41.30 -54.67
CA VAL Y 71 -87.82 -40.96 -54.37
C VAL Y 71 -88.00 -40.86 -52.87
N ARG Y 72 -88.56 -39.75 -52.39
CA ARG Y 72 -88.90 -39.58 -50.99
C ARG Y 72 -90.20 -40.29 -50.66
N VAL Y 73 -90.34 -40.74 -49.42
CA VAL Y 73 -91.55 -41.42 -48.96
C VAL Y 73 -91.69 -41.20 -47.46
N LYS Y 74 -92.94 -41.09 -47.00
CA LYS Y 74 -93.26 -40.83 -45.61
C LYS Y 74 -94.05 -42.00 -45.05
N PHE Y 75 -93.60 -42.53 -43.92
CA PHE Y 75 -94.20 -43.71 -43.32
C PHE Y 75 -95.08 -43.33 -42.14
N GLU Y 76 -95.61 -44.35 -41.47
CA GLU Y 76 -96.37 -44.10 -40.25
C GLU Y 76 -95.46 -44.08 -39.03
N ARG Y 77 -94.74 -45.17 -38.79
CA ARG Y 77 -93.65 -45.20 -37.82
C ARG Y 77 -92.35 -45.29 -38.59
N ASN Y 78 -91.40 -44.43 -38.24
CA ASN Y 78 -90.25 -44.20 -39.11
C ASN Y 78 -89.32 -45.41 -39.12
N MET Y 79 -88.44 -45.44 -40.12
CA MET Y 79 -87.60 -46.61 -40.34
C MET Y 79 -86.53 -46.70 -39.26
N PRO Y 80 -86.20 -47.91 -38.80
CA PRO Y 80 -85.38 -48.03 -37.59
C PRO Y 80 -83.91 -47.72 -37.76
N ALA Y 81 -83.46 -47.41 -38.98
CA ALA Y 81 -82.11 -46.99 -39.37
C ALA Y 81 -81.05 -48.08 -39.23
N LYS Y 82 -81.40 -49.23 -38.68
CA LYS Y 82 -80.58 -50.43 -38.79
C LYS Y 82 -81.02 -51.29 -39.95
N SER Y 83 -82.11 -50.91 -40.62
CA SER Y 83 -82.61 -51.60 -41.79
C SER Y 83 -82.10 -50.99 -43.08
N VAL Y 84 -80.91 -50.37 -43.04
CA VAL Y 84 -80.26 -49.89 -44.24
C VAL Y 84 -79.91 -51.07 -45.12
N THR Y 85 -80.06 -50.88 -46.44
CA THR Y 85 -79.87 -51.85 -47.52
C THR Y 85 -80.84 -53.02 -47.43
N ASN Y 86 -81.99 -52.86 -46.81
CA ASN Y 86 -83.02 -53.89 -46.90
C ASN Y 86 -83.90 -53.64 -48.12
N VAL Y 87 -84.93 -54.47 -48.26
CA VAL Y 87 -85.78 -54.43 -49.44
C VAL Y 87 -87.22 -54.12 -49.01
N VAL Y 88 -87.78 -53.09 -49.62
CA VAL Y 88 -89.20 -52.76 -49.49
C VAL Y 88 -89.80 -52.87 -50.88
N GLU Y 89 -91.13 -52.79 -50.96
CA GLU Y 89 -91.80 -52.95 -52.25
C GLU Y 89 -92.83 -51.85 -52.48
N VAL Y 90 -93.14 -51.62 -53.75
CA VAL Y 90 -94.07 -50.57 -54.15
C VAL Y 90 -95.32 -51.21 -54.73
N ARG Y 91 -96.47 -50.81 -54.22
CA ARG Y 91 -97.72 -51.29 -54.77
C ARG Y 91 -98.08 -50.49 -56.03
N LEU Y 92 -99.16 -50.91 -56.68
CA LEU Y 92 -99.65 -50.23 -57.88
C LEU Y 92 -100.98 -49.53 -57.62
N VAL Y 93 -101.25 -49.21 -56.36
CA VAL Y 93 -102.48 -48.58 -55.93
C VAL Y 93 -102.16 -47.13 -55.56
N LYS Y 94 -102.90 -46.20 -56.14
CA LYS Y 94 -102.71 -44.79 -55.86
C LYS Y 94 -103.61 -44.37 -54.70
N LYS Y 95 -103.11 -43.45 -53.89
CA LYS Y 95 -103.81 -43.02 -52.68
C LYS Y 95 -103.82 -41.50 -52.65
N GLU Y 96 -105.01 -40.92 -52.72
CA GLU Y 96 -105.12 -39.47 -52.70
C GLU Y 96 -105.99 -38.98 -51.55
N ASN Z 77 36.81 41.05 -40.98
CA ASN Z 77 36.02 40.09 -41.77
C ASN Z 77 35.42 40.71 -43.03
N LYS Z 78 36.28 41.32 -43.84
CA LYS Z 78 35.87 41.87 -45.12
C LYS Z 78 35.55 40.75 -46.10
N LYS Z 79 34.53 40.96 -46.93
CA LYS Z 79 34.06 39.98 -47.89
C LYS Z 79 33.95 40.63 -49.27
N LYS Z 80 33.61 39.81 -50.27
CA LYS Z 80 33.44 40.33 -51.62
C LYS Z 80 32.13 41.11 -51.74
N LYS Z 81 32.21 42.29 -52.35
CA LYS Z 81 30.99 43.05 -52.62
C LYS Z 81 30.26 42.45 -53.81
N ALA Z 82 29.07 41.91 -53.55
CA ALA Z 82 28.22 41.38 -54.60
C ALA Z 82 27.30 42.49 -55.10
N PHE Z 83 27.44 42.82 -56.37
CA PHE Z 83 26.69 43.92 -56.97
C PHE Z 83 25.48 43.36 -57.69
N LYS Z 84 24.29 43.86 -57.33
CA LYS Z 84 23.06 43.42 -58.00
C LYS Z 84 23.01 43.92 -59.44
N THR Z 85 23.71 45.01 -59.72
CA THR Z 85 23.80 45.49 -61.09
C THR Z 85 24.91 44.75 -61.84
N PRO Z 86 24.70 44.48 -63.14
CA PRO Z 86 25.79 43.92 -63.95
C PRO Z 86 26.83 44.98 -64.31
N LYS Z 87 27.87 44.57 -65.03
CA LYS Z 87 28.94 45.48 -65.46
C LYS Z 87 28.43 46.35 -66.58
N ILE Z 88 28.69 47.65 -66.49
CA ILE Z 88 28.47 48.54 -67.62
C ILE Z 88 29.56 48.26 -68.64
N VAL Z 89 29.17 48.02 -69.89
CA VAL Z 89 30.14 47.61 -70.90
C VAL Z 89 30.99 48.80 -71.30
N LYS Z 90 32.22 48.53 -71.66
CA LYS Z 90 33.18 49.46 -72.21
C LYS Z 90 33.06 49.49 -73.72
N PRO Z 91 33.33 50.64 -74.35
CA PRO Z 91 33.32 50.69 -75.82
C PRO Z 91 34.49 49.91 -76.39
N ALA Z 92 34.23 49.18 -77.47
CA ALA Z 92 35.27 48.34 -78.06
C ALA Z 92 36.28 49.17 -78.82
N VAL Z 93 37.52 48.68 -78.89
CA VAL Z 93 38.57 49.40 -79.58
C VAL Z 93 38.43 49.19 -81.08
N VAL Z 94 38.62 50.27 -81.84
CA VAL Z 94 38.53 50.26 -83.29
C VAL Z 94 39.89 50.64 -83.86
N LYS Z 95 40.16 50.23 -85.10
CA LYS Z 95 41.31 50.66 -85.86
C LYS Z 95 41.00 50.56 -87.34
N GLU Z 96 41.13 51.67 -88.07
CA GLU Z 96 40.80 51.72 -89.49
C GLU Z 96 41.96 51.15 -90.29
N LYS Z 97 41.64 50.27 -91.24
CA LYS Z 97 42.68 49.58 -91.99
C LYS Z 97 43.23 50.47 -93.10
N MET Z 98 44.57 50.48 -93.22
CA MET Z 98 45.33 51.28 -94.18
C MET Z 98 45.00 52.77 -94.06
N GLY Z 99 45.04 53.27 -92.83
CA GLY Z 99 44.70 54.66 -92.59
C GLY Z 99 45.73 55.63 -93.11
N TRP Z 100 46.98 55.16 -93.26
CA TRP Z 100 48.04 56.03 -93.72
C TRP Z 100 48.01 56.17 -95.24
N LEU Z 101 47.43 55.19 -95.93
CA LEU Z 101 47.45 55.21 -97.39
C LEU Z 101 46.34 56.11 -97.96
N LYS Z 102 45.41 56.54 -97.11
CA LYS Z 102 44.32 57.42 -97.54
C LYS Z 102 44.84 58.79 -97.96
N ASN Z 103 45.95 59.22 -97.35
CA ASN Z 103 46.47 60.57 -97.57
C ASN Z 103 47.11 60.73 -98.94
N PHE Z 104 47.40 59.63 -99.63
CA PHE Z 104 47.99 59.68 -100.96
C PHE Z 104 47.03 59.12 -101.98
N ARG Z 105 47.12 59.63 -103.21
CA ARG Z 105 46.38 59.10 -104.34
C ARG Z 105 47.35 58.57 -105.38
N ILE Z 106 46.97 57.48 -106.01
CA ILE Z 106 47.79 56.85 -107.04
C ILE Z 106 47.12 57.10 -108.39
N GLY Z 107 47.87 57.71 -109.31
CA GLY Z 107 47.39 57.94 -110.65
C GLY Z 107 47.61 56.73 -111.53
N THR Z 108 47.00 56.78 -112.72
CA THR Z 108 47.20 55.73 -113.71
C THR Z 108 48.56 55.87 -114.38
N ASP Z 109 49.21 57.02 -114.23
CA ASP Z 109 50.57 57.18 -114.74
C ASP Z 109 51.60 56.55 -113.80
N GLY Z 110 51.22 56.26 -112.56
CA GLY Z 110 52.15 55.80 -111.55
C GLY Z 110 52.63 56.88 -110.60
N SER Z 111 52.25 58.13 -110.83
CA SER Z 111 52.68 59.22 -109.95
C SER Z 111 51.73 59.35 -108.77
N VAL Z 112 52.23 59.96 -107.70
CA VAL Z 112 51.48 60.14 -106.46
C VAL Z 112 50.87 61.53 -106.47
N GLN Z 113 49.58 61.60 -106.17
CA GLN Z 113 48.86 62.86 -106.01
C GLN Z 113 48.58 63.07 -104.52
N VAL Z 114 49.21 64.10 -103.95
CA VAL Z 114 49.14 64.35 -102.52
C VAL Z 114 47.96 65.29 -102.26
N ILE Z 115 47.09 64.90 -101.32
CA ILE Z 115 45.91 65.69 -100.99
C ILE Z 115 45.98 66.26 -99.58
N GLY Z 116 46.45 65.48 -98.61
CA GLY Z 116 46.60 65.94 -97.24
C GLY Z 116 47.65 67.03 -97.12
N LYS Z 117 47.68 67.65 -95.94
CA LYS Z 117 48.47 68.84 -95.71
C LYS Z 117 49.56 68.56 -94.69
N MET Z 118 50.79 68.98 -95.00
CA MET Z 118 51.94 68.77 -94.14
C MET Z 118 52.32 70.07 -93.44
N CYS Z 119 52.52 69.98 -92.12
CA CYS Z 119 52.74 71.14 -91.26
C CYS Z 119 54.12 71.72 -91.52
N GLU Z 120 54.27 73.03 -91.34
CA GLU Z 120 55.44 73.73 -91.88
C GLU Z 120 56.73 73.43 -91.11
N LYS Z 121 56.65 73.11 -89.82
CA LYS Z 121 57.85 72.72 -89.11
C LYS Z 121 58.27 71.30 -89.47
N CYS Z 122 57.29 70.45 -89.79
CA CYS Z 122 57.51 69.04 -90.08
C CYS Z 122 57.04 68.64 -91.47
N ASP Z 123 57.46 69.38 -92.51
CA ASP Z 123 56.95 69.21 -93.87
C ASP Z 123 57.33 67.87 -94.49
N ASP Z 124 58.35 67.19 -93.95
CA ASP Z 124 58.86 65.98 -94.60
C ASP Z 124 57.91 64.81 -94.44
N CYS Z 125 57.46 64.55 -93.22
CA CYS Z 125 56.75 63.30 -92.93
C CYS Z 125 55.31 63.47 -92.47
N SER Z 126 55.04 64.34 -91.50
CA SER Z 126 53.78 64.33 -90.77
C SER Z 126 52.70 65.09 -91.53
N PHE Z 127 51.45 64.68 -91.32
CA PHE Z 127 50.29 65.31 -91.91
C PHE Z 127 49.53 66.10 -90.86
N MET Z 128 48.80 67.11 -91.29
CA MET Z 128 47.98 67.90 -90.39
C MET Z 128 46.62 67.24 -90.22
N ARG Z 129 46.12 67.21 -88.98
CA ARG Z 129 44.84 66.60 -88.67
C ARG Z 129 43.73 67.52 -89.15
N ASN Z 130 42.90 67.01 -90.06
CA ASN Z 130 41.92 67.82 -90.78
C ASN Z 130 40.66 67.97 -89.93
N MET Z 131 40.54 69.13 -89.27
CA MET Z 131 39.29 69.52 -88.65
C MET Z 131 38.67 70.69 -89.43
N LYS Z 132 37.41 71.01 -89.09
CA LYS Z 132 36.65 71.97 -89.87
C LYS Z 132 37.15 73.39 -89.68
N PHE Z 133 37.33 73.80 -88.43
CA PHE Z 133 37.81 75.14 -88.10
C PHE Z 133 39.29 75.17 -87.75
N ASN Z 134 39.93 74.00 -87.68
CA ASN Z 134 41.29 73.88 -87.17
C ASN Z 134 42.09 72.92 -88.05
N TYR Z 135 43.38 73.21 -88.16
CA TYR Z 135 44.36 72.25 -88.63
C TYR Z 135 45.29 71.91 -87.47
N LYS Z 136 45.50 70.63 -87.22
CA LYS Z 136 46.14 70.17 -86.00
C LYS Z 136 47.35 69.32 -86.32
N CYS Z 137 48.45 69.57 -85.63
CA CYS Z 137 49.66 68.77 -85.75
C CYS Z 137 49.70 67.74 -84.63
N GLY Z 138 50.09 66.50 -84.98
CA GLY Z 138 50.22 65.46 -83.98
C GLY Z 138 51.57 65.43 -83.29
N LYS Z 139 52.56 66.16 -83.82
CA LYS Z 139 53.89 66.17 -83.24
C LYS Z 139 54.09 67.41 -82.39
N CYS Z 140 53.79 68.58 -82.94
CA CYS Z 140 54.02 69.85 -82.26
C CYS Z 140 52.73 70.53 -81.81
N GLY Z 141 51.60 70.16 -82.40
CA GLY Z 141 50.33 70.78 -82.01
C GLY Z 141 50.13 72.17 -82.58
N LEU Z 142 50.64 72.44 -83.77
CA LEU Z 142 50.44 73.76 -84.37
C LEU Z 142 49.02 73.88 -84.88
N SER Z 143 48.38 75.01 -84.56
CA SER Z 143 46.97 75.22 -84.81
C SER Z 143 46.78 76.29 -85.87
N GLU Z 144 45.87 76.03 -86.81
CA GLU Z 144 45.58 76.96 -87.88
C GLU Z 144 44.11 76.91 -88.26
N ALA AA 2 -36.96 -10.24 42.00
CA ALA AA 2 -36.74 -10.27 40.56
C ALA AA 2 -35.46 -9.54 40.20
N LEU AA 3 -35.09 -9.65 38.92
CA LEU AA 3 -33.90 -9.01 38.34
C LEU AA 3 -32.61 -9.45 39.02
N GLY AA 4 -32.56 -10.67 39.52
CA GLY AA 4 -31.34 -11.23 40.06
C GLY AA 4 -30.92 -10.65 41.40
N LYS AA 5 -31.85 -9.99 42.09
CA LYS AA 5 -31.61 -9.40 43.39
C LYS AA 5 -32.16 -10.30 44.48
N PRO AA 6 -31.51 -10.37 45.64
CA PRO AA 6 -31.95 -11.31 46.68
C PRO AA 6 -33.27 -10.91 47.30
N LYS AA 7 -33.89 -11.88 47.97
CA LYS AA 7 -35.16 -11.65 48.63
C LYS AA 7 -34.98 -10.70 49.80
N GLN AA 8 -36.02 -9.92 50.07
CA GLN AA 8 -35.97 -8.92 51.11
C GLN AA 8 -35.88 -9.59 52.49
N LYS AA 9 -35.26 -8.89 53.43
CA LYS AA 9 -34.98 -9.44 54.75
C LYS AA 9 -35.73 -8.64 55.81
N LYS AA 10 -36.23 -9.36 56.81
CA LYS AA 10 -37.07 -8.79 57.86
C LYS AA 10 -36.36 -8.91 59.19
N SER AA 11 -36.09 -7.77 59.83
CA SER AA 11 -35.42 -7.76 61.11
C SER AA 11 -36.43 -7.96 62.25
N PHE AA 12 -35.91 -8.19 63.45
CA PHE AA 12 -36.71 -8.43 64.63
C PHE AA 12 -36.55 -7.26 65.59
N VAL AA 13 -37.51 -7.10 66.50
CA VAL AA 13 -37.48 -6.06 67.52
C VAL AA 13 -37.81 -6.71 68.85
N PRO AA 14 -37.23 -6.26 69.97
CA PRO AA 14 -37.72 -6.70 71.28
C PRO AA 14 -38.77 -5.73 71.82
N LYS AA 15 -39.74 -6.29 72.53
CA LYS AA 15 -40.69 -5.45 73.25
C LYS AA 15 -40.01 -4.88 74.49
N LEU AA 16 -40.35 -3.64 74.82
CA LEU AA 16 -39.69 -2.95 75.94
C LEU AA 16 -40.20 -3.48 77.27
N THR AA 17 -39.25 -3.69 78.20
CA THR AA 17 -39.61 -4.14 79.54
C THR AA 17 -40.05 -2.95 80.39
N LYS AA 18 -40.58 -3.29 81.57
CA LYS AA 18 -41.14 -2.27 82.46
C LYS AA 18 -40.06 -1.40 83.09
N ASP AA 19 -38.84 -1.93 83.19
CA ASP AA 19 -37.72 -1.09 83.60
C ASP AA 19 -37.21 -0.25 82.43
N GLN AA 20 -37.27 -0.78 81.22
CA GLN AA 20 -36.69 -0.10 80.07
C GLN AA 20 -37.58 1.06 79.62
N LYS AA 21 -38.87 0.99 79.91
CA LYS AA 21 -39.76 2.08 79.53
C LYS AA 21 -39.56 3.28 80.45
N ASP AA 22 -39.40 3.02 81.75
CA ASP AA 22 -39.20 4.09 82.71
C ASP AA 22 -37.82 4.71 82.57
N GLU AA 23 -36.85 3.91 82.09
CA GLU AA 23 -35.50 4.40 81.90
C GLU AA 23 -35.42 5.37 80.73
N LYS AA 24 -36.15 5.08 79.64
CA LYS AA 24 -36.07 5.91 78.46
C LYS AA 24 -36.82 7.23 78.63
N GLU AA 25 -37.88 7.23 79.46
CA GLU AA 25 -38.62 8.46 79.71
C GLU AA 25 -37.82 9.43 80.56
N ARG AA 26 -36.82 8.94 81.28
CA ARG AA 26 -35.98 9.81 82.08
C ARG AA 26 -35.03 10.63 81.22
N LEU AA 27 -34.53 10.04 80.12
CA LEU AA 27 -33.61 10.77 79.26
C LEU AA 27 -34.35 11.72 78.34
N ILE AA 28 -35.67 11.58 78.25
CA ILE AA 28 -36.46 12.54 77.48
C ILE AA 28 -36.65 13.82 78.28
N THR AA 29 -37.05 13.71 79.55
CA THR AA 29 -37.28 14.89 80.35
C THR AA 29 -35.97 15.56 80.76
N LYS AA 30 -34.86 14.82 80.74
CA LYS AA 30 -33.57 15.42 81.05
C LYS AA 30 -33.09 16.33 79.93
N LYS AA 31 -33.37 15.94 78.67
CA LYS AA 31 -32.92 16.72 77.53
C LYS AA 31 -33.69 18.03 77.43
N ILE AA 32 -34.94 18.04 77.84
CA ILE AA 32 -35.77 19.23 77.74
C ILE AA 32 -35.33 20.28 78.76
N TYR AA 33 -34.90 19.83 79.94
CA TYR AA 33 -34.54 20.77 80.99
C TYR AA 33 -33.24 21.49 80.68
N LYS AA 34 -32.35 20.86 79.92
CA LYS AA 34 -31.16 21.57 79.45
C LYS AA 34 -31.48 22.45 78.27
N LEU AA 35 -32.58 22.15 77.56
CA LEU AA 35 -32.90 22.91 76.36
C LEU AA 35 -33.55 24.24 76.70
N ALA AA 36 -34.58 24.23 77.55
CA ALA AA 36 -35.45 25.39 77.70
C ALA AA 36 -34.76 26.51 78.48
N TYR AA 37 -33.75 26.17 79.28
CA TYR AA 37 -33.05 27.19 80.04
C TYR AA 37 -32.08 27.95 79.16
N ALA AA 38 -31.46 27.28 78.20
CA ALA AA 38 -30.39 27.88 77.41
C ALA AA 38 -30.92 28.91 76.42
N ILE AA 39 -32.11 28.68 75.89
CA ILE AA 39 -32.77 29.69 75.08
C ILE AA 39 -33.49 30.67 75.99
N LYS AA 40 -33.91 31.80 75.41
CA LYS AA 40 -34.60 32.85 76.14
C LYS AA 40 -36.10 32.63 76.05
N ARG AA 41 -36.76 32.59 77.20
CA ARG AA 41 -38.20 32.36 77.23
C ARG AA 41 -38.95 33.69 77.31
N PRO AA 42 -40.19 33.73 76.82
CA PRO AA 42 -40.96 34.98 76.81
C PRO AA 42 -41.32 35.44 78.21
N PRO AA 43 -41.66 36.72 78.38
CA PRO AA 43 -41.95 37.24 79.73
C PRO AA 43 -43.20 36.68 80.38
N ALA AA 44 -44.16 36.18 79.59
CA ALA AA 44 -45.42 35.73 80.17
C ALA AA 44 -45.25 34.41 80.91
N ILE AA 45 -44.19 33.66 80.59
CA ILE AA 45 -43.92 32.42 81.31
C ILE AA 45 -42.98 32.69 82.47
N GLN AA 46 -42.14 33.72 82.34
CA GLN AA 46 -41.14 34.05 83.35
C GLN AA 46 -41.77 34.52 84.66
N GLN AA 47 -43.02 35.00 84.60
CA GLN AA 47 -43.70 35.44 85.82
C GLN AA 47 -44.11 34.27 86.71
N PHE AA 48 -44.09 33.04 86.20
CA PHE AA 48 -44.55 31.89 86.97
C PHE AA 48 -43.44 31.23 87.76
N LYS AA 49 -42.43 31.98 88.21
CA LYS AA 49 -41.35 31.38 88.96
C LYS AA 49 -41.47 31.65 90.46
N THR AA 50 -42.30 32.61 90.84
CA THR AA 50 -42.45 32.93 92.26
C THR AA 50 -43.46 31.99 92.92
N ILE AA 51 -43.06 31.36 94.02
CA ILE AA 51 -43.87 30.35 94.68
C ILE AA 51 -44.29 30.88 96.05
N LEU AA 52 -43.87 32.12 96.31
CA LEU AA 52 -44.07 33.00 97.47
C LEU AA 52 -43.32 32.61 98.74
N GLU AA 53 -43.11 31.31 98.95
CA GLU AA 53 -42.25 30.62 99.93
C GLU AA 53 -42.67 29.17 99.81
N SER AA 54 -42.01 28.26 100.53
CA SER AA 54 -42.63 26.99 100.88
C SER AA 54 -43.48 27.10 102.13
N GLU AA 55 -43.16 28.06 103.01
CA GLU AA 55 -43.79 28.10 104.33
C GLU AA 55 -45.10 28.88 104.32
N ASP AA 56 -45.21 29.91 103.46
CA ASP AA 56 -46.36 30.80 103.54
C ASP AA 56 -47.60 30.17 102.91
N CYS AA 57 -47.43 29.04 102.23
CA CYS AA 57 -48.58 28.30 101.70
C CYS AA 57 -49.44 27.73 102.83
N LYS AA 58 -48.83 27.40 103.96
CA LYS AA 58 -49.52 26.71 105.04
C LYS AA 58 -50.54 27.61 105.72
N ARG AA 59 -50.34 28.92 105.67
CA ARG AA 59 -51.30 29.83 106.31
C ARG AA 59 -52.57 29.96 105.49
N ALA AA 60 -52.46 29.84 104.15
CA ALA AA 60 -53.64 30.00 103.31
C ALA AA 60 -54.45 28.71 103.26
N LEU AA 61 -53.78 27.56 103.25
CA LEU AA 61 -54.50 26.29 103.19
C LEU AA 61 -55.15 25.98 104.53
N ALA AA 62 -54.62 26.54 105.62
CA ALA AA 62 -55.28 26.37 106.92
C ALA AA 62 -56.51 27.26 107.03
N LEU AA 63 -56.60 28.28 106.18
CA LEU AA 63 -57.81 29.09 106.12
C LEU AA 63 -58.91 28.37 105.38
N PHE AA 64 -58.60 27.81 104.20
CA PHE AA 64 -59.61 27.24 103.34
C PHE AA 64 -60.18 25.93 103.87
N SER AA 65 -59.46 25.25 104.75
CA SER AA 65 -59.96 24.00 105.31
C SER AA 65 -61.08 24.23 106.32
N LYS AA 66 -61.28 25.47 106.76
CA LYS AA 66 -62.48 25.79 107.53
C LYS AA 66 -63.74 25.61 106.71
N TYR AA 67 -63.68 25.95 105.43
CA TYR AA 67 -64.82 25.87 104.53
C TYR AA 67 -64.62 24.71 103.57
N LYS AA 68 -65.07 23.54 103.98
CA LYS AA 68 -65.09 22.41 103.06
C LYS AA 68 -66.53 22.10 102.65
N PRO AA 69 -66.75 21.68 101.42
CA PRO AA 69 -68.10 21.26 101.01
C PRO AA 69 -68.47 19.92 101.62
N GLU AA 70 -69.76 19.61 101.54
CA GLU AA 70 -70.27 18.37 102.09
C GLU AA 70 -69.81 17.18 101.25
N THR AA 71 -69.81 16.01 101.87
CA THR AA 71 -69.45 14.79 101.16
C THR AA 71 -70.67 14.24 100.43
N HIS AA 72 -70.46 13.08 99.79
CA HIS AA 72 -71.56 12.43 99.08
C HIS AA 72 -72.60 11.90 100.05
N GLU AA 73 -72.15 11.26 101.13
CA GLU AA 73 -73.08 10.63 102.06
C GLU AA 73 -73.78 11.67 102.91
N GLU AA 74 -73.14 12.83 103.11
CA GLU AA 74 -73.80 13.92 103.82
C GLU AA 74 -74.84 14.59 102.95
N ARG AA 75 -74.66 14.52 101.63
CA ARG AA 75 -75.58 15.18 100.72
C ARG AA 75 -76.91 14.46 100.65
N LEU AA 76 -76.89 13.13 100.80
CA LEU AA 76 -78.14 12.36 100.77
C LEU AA 76 -78.89 12.50 102.09
N GLU AA 77 -78.15 12.61 103.20
CA GLU AA 77 -78.83 12.79 104.48
C GLU AA 77 -79.34 14.21 104.64
N ARG AA 78 -78.75 15.15 103.91
CA ARG AA 78 -79.27 16.51 103.90
C ARG AA 78 -80.62 16.59 103.20
N LEU AA 79 -80.87 15.65 102.27
CA LEU AA 79 -82.16 15.61 101.59
C LEU AA 79 -83.15 14.71 102.30
N LYS AA 80 -82.72 13.93 103.29
CA LYS AA 80 -83.67 13.12 104.05
C LYS AA 80 -84.53 13.99 104.96
N LYS AA 81 -84.03 15.16 105.34
CA LYS AA 81 -84.80 16.09 106.13
C LYS AA 81 -85.95 16.66 105.31
N SER AA 82 -86.97 17.16 106.02
CA SER AA 82 -88.15 17.69 105.35
C SER AA 82 -87.83 18.95 104.57
N ASN AA 83 -87.35 19.98 105.25
CA ASN AA 83 -86.91 21.18 104.57
C ASN AA 83 -85.42 21.03 104.26
N PRO AA 84 -85.01 21.11 102.99
CA PRO AA 84 -83.57 21.04 102.70
C PRO AA 84 -82.83 22.29 103.13
N GLN AA 85 -83.47 23.45 103.02
CA GLN AA 85 -82.87 24.73 103.38
C GLN AA 85 -83.32 25.14 104.77
N GLU AA 86 -82.43 24.97 105.75
CA GLU AA 86 -82.76 25.25 107.14
C GLU AA 86 -81.63 26.10 107.73
N GLY AA 87 -81.94 27.37 108.01
CA GLY AA 87 -80.96 28.29 108.52
C GLY AA 87 -80.44 29.21 107.44
N PRO AA 88 -79.33 29.88 107.70
CA PRO AA 88 -78.78 30.82 106.72
C PRO AA 88 -78.04 30.11 105.60
N LYS AA 89 -77.59 30.90 104.64
CA LYS AA 89 -76.82 30.35 103.54
C LYS AA 89 -75.39 30.06 104.00
N PRO AA 90 -74.87 28.86 103.72
CA PRO AA 90 -73.53 28.51 104.20
C PRO AA 90 -72.42 29.02 103.30
N ILE AA 91 -71.29 29.40 103.90
CA ILE AA 91 -70.16 29.91 103.14
C ILE AA 91 -69.29 28.75 102.69
N LEU AA 92 -68.99 28.70 101.39
CA LEU AA 92 -68.26 27.57 100.81
C LEU AA 92 -67.04 28.07 100.05
N ALA AA 93 -66.38 27.14 99.36
CA ALA AA 93 -65.19 27.42 98.57
C ALA AA 93 -65.30 26.75 97.21
N LYS AA 94 -65.27 27.55 96.15
CA LYS AA 94 -65.37 27.03 94.80
C LYS AA 94 -64.01 26.52 94.33
N GLN AA 95 -64.03 25.60 93.35
CA GLN AA 95 -62.80 24.90 93.00
C GLN AA 95 -62.62 24.64 91.50
N GLY AA 96 -63.42 25.24 90.63
CA GLY AA 96 -63.39 24.93 89.21
C GLY AA 96 -62.78 26.06 88.41
N LEU AA 97 -62.13 25.70 87.29
CA LEU AA 97 -61.53 26.73 86.44
C LEU AA 97 -62.60 27.48 85.65
N ARG AA 98 -63.56 26.75 85.07
CA ARG AA 98 -64.57 27.40 84.23
C ARG AA 98 -65.58 28.18 85.06
N HIS AA 99 -65.62 27.91 86.36
CA HIS AA 99 -66.54 28.61 87.23
C HIS AA 99 -65.91 29.84 87.86
N VAL AA 100 -64.60 29.80 88.09
CA VAL AA 100 -63.94 30.92 88.78
C VAL AA 100 -63.81 32.13 87.87
N THR AA 101 -63.55 31.90 86.58
CA THR AA 101 -63.44 33.02 85.64
C THR AA 101 -64.80 33.69 85.38
N ARG AA 102 -65.89 33.01 85.72
CA ARG AA 102 -67.18 33.69 85.78
C ARG AA 102 -67.26 34.59 86.99
N LEU AA 103 -66.66 34.18 88.11
CA LEU AA 103 -66.73 34.97 89.33
C LEU AA 103 -65.88 36.24 89.24
N ILE AA 104 -64.71 36.14 88.62
CA ILE AA 104 -63.85 37.32 88.49
C ILE AA 104 -64.41 38.29 87.47
N GLU AA 105 -65.06 37.78 86.42
CA GLU AA 105 -65.67 38.65 85.41
C GLU AA 105 -66.90 39.34 85.96
N THR AA 106 -67.52 38.76 86.99
CA THR AA 106 -68.63 39.41 87.67
C THR AA 106 -68.22 40.08 88.97
N LYS AA 107 -66.91 40.08 89.29
CA LYS AA 107 -66.31 40.72 90.46
C LYS AA 107 -66.88 40.23 91.77
N LYS AA 108 -66.98 38.91 91.97
CA LYS AA 108 -67.52 38.41 93.23
C LYS AA 108 -66.41 37.96 94.18
N ALA AA 109 -65.26 37.56 93.63
CA ALA AA 109 -64.24 36.91 94.43
C ALA AA 109 -63.47 37.90 95.29
N LYS AA 110 -62.68 37.38 96.22
CA LYS AA 110 -61.86 38.19 97.10
C LYS AA 110 -60.42 37.70 97.22
N PHE AA 111 -60.16 36.43 96.91
CA PHE AA 111 -58.81 35.88 96.99
C PHE AA 111 -58.72 34.65 96.13
N VAL AA 112 -57.72 34.60 95.26
CA VAL AA 112 -57.58 33.55 94.25
C VAL AA 112 -56.20 32.92 94.38
N LEU AA 113 -56.15 31.59 94.37
CA LEU AA 113 -54.89 30.83 94.37
C LEU AA 113 -54.74 30.10 93.06
N VAL AA 114 -53.54 30.16 92.47
CA VAL AA 114 -53.28 29.58 91.16
C VAL AA 114 -52.12 28.60 91.29
N ALA AA 115 -52.32 27.38 90.78
CA ALA AA 115 -51.28 26.36 90.76
C ALA AA 115 -50.47 26.51 89.48
N ALA AA 116 -49.14 26.51 89.61
CA ALA AA 116 -48.28 26.64 88.44
C ALA AA 116 -47.82 25.29 87.91
N ASP AA 117 -48.47 24.21 88.36
CA ASP AA 117 -48.04 22.86 88.05
C ASP AA 117 -48.62 22.32 86.75
N VAL AA 118 -49.48 23.08 86.06
CA VAL AA 118 -50.30 22.50 85.01
C VAL AA 118 -49.50 22.30 83.73
N ASN AA 119 -49.70 21.16 83.08
CA ASN AA 119 -49.13 20.86 81.78
C ASN AA 119 -50.25 20.30 80.91
N PRO AA 120 -50.58 20.92 79.76
CA PRO AA 120 -50.09 22.09 79.03
C PRO AA 120 -50.20 23.42 79.76
N ALA AA 121 -49.37 24.38 79.36
CA ALA AA 121 -49.16 25.57 80.19
C ALA AA 121 -50.02 26.74 79.74
N GLU AA 122 -50.76 26.58 78.64
CA GLU AA 122 -51.46 27.72 78.06
C GLU AA 122 -52.73 28.07 78.82
N LEU AA 123 -53.15 27.20 79.74
CA LEU AA 123 -54.49 27.34 80.31
C LEU AA 123 -54.56 28.46 81.33
N VAL AA 124 -53.46 28.75 82.02
CA VAL AA 124 -53.46 29.75 83.08
C VAL AA 124 -52.56 30.93 82.76
N LEU AA 125 -52.28 31.18 81.48
CA LEU AA 125 -51.40 32.30 81.14
C LEU AA 125 -52.12 33.63 81.27
N PHE AA 126 -53.44 33.62 81.16
CA PHE AA 126 -54.21 34.85 81.15
C PHE AA 126 -54.77 35.23 82.52
N ILE AA 127 -54.51 34.44 83.55
CA ILE AA 127 -55.13 34.65 84.86
C ILE AA 127 -54.59 35.87 85.60
N PRO AA 128 -53.26 36.11 85.75
CA PRO AA 128 -52.85 37.30 86.54
C PRO AA 128 -53.19 38.64 85.90
N THR AA 129 -53.34 38.67 84.58
CA THR AA 129 -53.73 39.91 83.93
C THR AA 129 -55.21 40.20 84.12
N LEU AA 130 -56.03 39.14 84.15
CA LEU AA 130 -57.48 39.33 84.28
C LEU AA 130 -57.85 39.80 85.68
N CYS AA 131 -57.12 39.35 86.70
CA CYS AA 131 -57.38 39.81 88.06
C CYS AA 131 -56.91 41.25 88.25
N LYS AA 132 -55.95 41.68 87.44
CA LYS AA 132 -55.43 43.04 87.55
C LYS AA 132 -56.45 44.06 87.07
N LYS AA 133 -57.26 43.68 86.07
CA LYS AA 133 -58.24 44.62 85.54
C LYS AA 133 -59.45 44.75 86.45
N MET AA 134 -59.65 43.79 87.34
CA MET AA 134 -60.76 43.86 88.27
C MET AA 134 -60.31 44.08 89.71
N ASN AA 135 -59.01 44.36 89.93
CA ASN AA 135 -58.43 44.68 91.23
C ASN AA 135 -58.62 43.56 92.25
N ILE AA 136 -58.14 42.38 91.93
CA ILE AA 136 -58.25 41.21 92.78
C ILE AA 136 -56.84 40.81 93.23
N PRO AA 137 -56.62 40.54 94.51
CA PRO AA 137 -55.32 40.01 94.93
C PRO AA 137 -55.17 38.56 94.50
N TYR AA 138 -53.94 38.15 94.22
CA TYR AA 138 -53.69 36.82 93.69
C TYR AA 138 -52.36 36.30 94.19
N ALA AA 139 -52.21 34.97 94.13
CA ALA AA 139 -51.02 34.30 94.64
C ALA AA 139 -50.79 33.03 93.85
N ILE AA 140 -49.56 32.52 93.90
CA ILE AA 140 -49.14 31.36 93.13
C ILE AA 140 -48.55 30.32 94.07
N VAL AA 141 -49.08 29.10 94.02
CA VAL AA 141 -48.56 27.97 94.77
C VAL AA 141 -47.95 26.99 93.77
N GLU AA 142 -47.17 26.02 94.27
CA GLU AA 142 -46.41 25.16 93.36
C GLU AA 142 -47.28 24.12 92.69
N SER AA 143 -47.86 23.20 93.47
CA SER AA 143 -48.40 21.96 92.93
C SER AA 143 -49.92 21.97 93.02
N GLN AA 144 -50.55 21.39 91.99
CA GLN AA 144 -52.00 21.28 92.01
C GLN AA 144 -52.48 20.15 92.91
N ASN AA 145 -51.57 19.28 93.35
CA ASN AA 145 -51.93 18.28 94.35
C ASN AA 145 -52.18 18.92 95.70
N MET AA 146 -51.53 20.06 95.97
CA MET AA 146 -51.71 20.73 97.24
C MET AA 146 -53.09 21.37 97.33
N LEU AA 147 -53.64 21.79 96.19
CA LEU AA 147 -54.97 22.40 96.20
C LEU AA 147 -56.06 21.34 96.24
N GLY AA 148 -55.78 20.14 95.72
CA GLY AA 148 -56.75 19.07 95.79
C GLY AA 148 -56.88 18.47 97.17
N SER AA 149 -55.91 18.75 98.04
CA SER AA 149 -55.93 18.25 99.41
C SER AA 149 -57.02 18.93 100.24
N VAL AA 150 -57.44 20.11 99.82
CA VAL AA 150 -58.50 20.81 100.53
C VAL AA 150 -59.86 20.26 100.14
N VAL AA 151 -60.09 20.04 98.85
CA VAL AA 151 -61.41 19.69 98.34
C VAL AA 151 -61.58 18.19 98.17
N ASN AA 152 -60.65 17.39 98.72
CA ASN AA 152 -60.67 15.92 98.68
C ASN AA 152 -60.63 15.38 97.25
N MET AA 153 -59.96 16.11 96.36
CA MET AA 153 -59.85 15.73 94.97
C MET AA 153 -58.40 15.45 94.64
N LYS AA 154 -58.17 14.81 93.49
CA LYS AA 154 -56.81 14.45 93.10
C LYS AA 154 -56.03 15.67 92.65
N LYS AA 155 -56.49 16.32 91.58
CA LYS AA 155 -55.84 17.51 91.05
C LYS AA 155 -56.86 18.62 90.94
N THR AA 156 -56.43 19.85 91.18
CA THR AA 156 -57.30 21.01 91.10
C THR AA 156 -56.46 22.21 90.65
N THR AA 157 -56.90 22.88 89.60
CA THR AA 157 -56.08 23.95 89.04
C THR AA 157 -56.20 25.23 89.86
N ILE AA 158 -57.41 25.77 90.00
CA ILE AA 158 -57.61 27.05 90.65
C ILE AA 158 -58.53 26.85 91.83
N LEU AA 159 -58.54 27.82 92.75
CA LEU AA 159 -59.35 27.77 93.96
C LEU AA 159 -59.53 29.19 94.47
N ALA AA 160 -60.76 29.51 94.87
CA ALA AA 160 -61.08 30.86 95.29
C ALA AA 160 -62.24 30.85 96.27
N LEU AA 161 -62.32 31.90 97.09
CA LEU AA 161 -63.41 32.10 98.05
C LEU AA 161 -64.26 33.26 97.57
N CYS AA 162 -65.54 33.25 97.93
CA CYS AA 162 -66.40 34.40 97.67
C CYS AA 162 -66.46 35.32 98.88
N ASP AA 163 -66.60 34.72 100.07
CA ASP AA 163 -66.69 35.48 101.32
C ASP AA 163 -66.05 34.67 102.43
N VAL AA 164 -65.90 35.28 103.60
CA VAL AA 164 -65.40 34.60 104.79
C VAL AA 164 -66.30 34.95 105.97
N LYS AA 165 -66.12 34.21 107.07
CA LYS AA 165 -66.86 34.48 108.28
C LYS AA 165 -66.25 35.66 109.02
N GLY AA 166 -66.94 36.10 110.08
CA GLY AA 166 -66.52 37.32 110.76
C GLY AA 166 -65.29 37.11 111.65
N GLU AA 167 -65.10 35.90 112.16
CA GLU AA 167 -64.05 35.68 113.14
C GLU AA 167 -62.67 35.61 112.50
N ASP AA 168 -62.59 35.10 111.27
CA ASP AA 168 -61.34 35.03 110.54
C ASP AA 168 -61.12 36.23 109.64
N LYS AA 169 -61.70 37.38 109.98
CA LYS AA 169 -61.51 38.57 109.17
C LYS AA 169 -60.09 39.10 109.31
N LYS AA 170 -59.59 39.19 110.54
CA LYS AA 170 -58.25 39.73 110.76
C LYS AA 170 -57.19 38.73 110.28
N GLU AA 171 -57.51 37.44 110.27
CA GLU AA 171 -56.57 36.45 109.75
C GLU AA 171 -56.44 36.55 108.24
N LEU AA 172 -57.46 37.09 107.57
CA LEU AA 172 -57.43 37.20 106.13
C LEU AA 172 -56.58 38.38 105.69
N GLU AA 173 -56.59 39.47 106.45
CA GLU AA 173 -55.87 40.68 106.06
C GLU AA 173 -54.38 40.52 106.22
N GLU AA 174 -53.94 39.56 107.04
CA GLU AA 174 -52.52 39.28 107.17
C GLU AA 174 -51.96 38.64 105.91
N ILE AA 175 -52.78 37.84 105.23
CA ILE AA 175 -52.32 37.09 104.07
C ILE AA 175 -52.15 38.01 102.87
N ILE AA 176 -53.05 38.97 102.73
CA ILE AA 176 -53.12 39.78 101.51
C ILE AA 176 -51.93 40.73 101.42
N LYS AA 177 -51.41 41.15 102.57
CA LYS AA 177 -50.30 42.10 102.58
C LYS AA 177 -49.02 41.46 102.06
N ILE AA 178 -48.75 40.22 102.45
CA ILE AA 178 -47.56 39.53 101.96
C ILE AA 178 -47.77 39.06 100.53
N SER AA 179 -49.03 38.83 100.15
CA SER AA 179 -49.29 38.38 98.78
C SER AA 179 -49.17 39.52 97.79
N ASN AA 180 -49.51 40.74 98.21
CA ASN AA 180 -49.57 41.84 97.26
C ASN AA 180 -48.20 42.43 96.97
N GLU AA 181 -47.29 42.37 97.94
CA GLU AA 181 -45.98 42.98 97.74
C GLU AA 181 -45.07 42.11 96.90
N MET AA 182 -45.47 40.86 96.65
CA MET AA 182 -44.67 40.00 95.79
C MET AA 182 -45.15 40.06 94.36
N PHE AA 183 -46.45 40.28 94.13
CA PHE AA 183 -47.01 40.21 92.80
C PHE AA 183 -47.56 41.53 92.29
N SER AA 184 -48.55 42.10 92.97
CA SER AA 184 -49.35 43.16 92.36
C SER AA 184 -48.64 44.50 92.42
N GLU AA 185 -47.75 44.68 93.39
CA GLU AA 185 -47.00 45.92 93.47
C GLU AA 185 -45.86 45.92 92.44
N GLN AA 186 -45.42 44.74 92.01
CA GLN AA 186 -44.43 44.60 90.97
C GLN AA 186 -44.98 43.95 89.71
N TYR AA 187 -46.25 44.16 89.40
CA TYR AA 187 -46.84 43.54 88.21
C TYR AA 187 -46.29 44.17 86.94
N GLU AA 188 -46.04 45.48 86.97
CA GLU AA 188 -45.54 46.16 85.79
C GLU AA 188 -44.09 45.81 85.49
N GLN AA 189 -43.38 45.29 86.50
CA GLN AA 189 -42.04 44.77 86.26
C GLN AA 189 -42.09 43.34 85.74
N HIS AA 190 -43.17 42.62 86.03
CA HIS AA 190 -43.25 41.21 85.64
C HIS AA 190 -43.49 41.07 84.14
N MET AA 191 -44.11 42.08 83.53
CA MET AA 191 -44.32 42.03 82.09
C MET AA 191 -43.05 42.35 81.32
N THR AA 192 -42.11 43.06 81.97
CA THR AA 192 -40.96 43.57 81.25
C THR AA 192 -39.77 42.61 81.35
N ARG AA 193 -39.78 41.73 82.34
CA ARG AA 193 -38.64 40.85 82.57
C ARG AA 193 -38.59 39.73 81.52
N TRP AA 194 -37.56 39.76 80.69
CA TRP AA 194 -37.31 38.70 79.71
C TRP AA 194 -36.43 37.65 80.37
N GLY AA 195 -36.95 36.43 80.48
CA GLY AA 195 -36.18 35.37 81.11
C GLY AA 195 -35.12 34.83 80.15
N GLY AA 196 -33.88 34.85 80.61
CA GLY AA 196 -32.77 34.39 79.80
C GLY AA 196 -31.66 33.73 80.60
N MET BA 1 20.63 -92.56 -39.63
CA MET BA 1 22.03 -92.76 -39.30
C MET BA 1 22.62 -93.90 -40.12
N LYS BA 2 23.88 -93.76 -40.52
CA LYS BA 2 24.57 -94.87 -41.15
C LYS BA 2 25.52 -95.52 -40.14
N LEU BA 3 25.51 -96.85 -40.09
CA LEU BA 3 26.23 -97.59 -39.08
C LEU BA 3 27.59 -98.01 -39.59
N ASN BA 4 28.58 -98.00 -38.71
CA ASN BA 4 29.89 -98.54 -39.01
C ASN BA 4 30.07 -99.86 -38.28
N ILE BA 5 30.48 -100.89 -39.00
CA ILE BA 5 30.68 -102.21 -38.43
C ILE BA 5 32.05 -102.72 -38.80
N ALA BA 6 32.62 -103.56 -37.95
CA ALA BA 6 33.93 -104.14 -38.16
C ALA BA 6 33.93 -105.58 -37.69
N ASP BA 7 34.86 -106.37 -38.22
CA ASP BA 7 34.98 -107.77 -37.84
C ASP BA 7 36.28 -107.98 -37.08
N PRO BA 8 36.23 -108.31 -35.79
CA PRO BA 8 37.48 -108.48 -35.03
C PRO BA 8 38.23 -109.74 -35.39
N VAL BA 9 37.55 -110.77 -35.87
CA VAL BA 9 38.23 -112.03 -36.18
C VAL BA 9 38.77 -112.00 -37.60
N ASN BA 10 38.26 -111.11 -38.44
CA ASN BA 10 38.69 -111.02 -39.83
C ASN BA 10 39.50 -109.76 -40.13
N GLY BA 11 39.31 -108.70 -39.37
CA GLY BA 11 40.04 -107.47 -39.62
C GLY BA 11 39.51 -106.66 -40.79
N THR BA 12 38.20 -106.76 -41.05
CA THR BA 12 37.55 -106.01 -42.12
C THR BA 12 36.47 -105.12 -41.52
N GLN BA 13 36.39 -103.88 -42.00
CA GLN BA 13 35.37 -102.95 -41.57
C GLN BA 13 34.68 -102.35 -42.79
N LYS BA 14 33.39 -102.05 -42.63
CA LYS BA 14 32.59 -101.58 -43.75
C LYS BA 14 31.47 -100.69 -43.21
N MET BA 15 30.87 -99.94 -44.12
CA MET BA 15 29.80 -99.01 -43.79
C MET BA 15 28.50 -99.49 -44.45
N TYR BA 16 27.38 -99.13 -43.85
CA TYR BA 16 26.06 -99.52 -44.36
C TYR BA 16 25.03 -98.47 -44.01
N GLU BA 17 23.89 -98.55 -44.68
CA GLU BA 17 22.82 -97.56 -44.57
C GLU BA 17 21.54 -98.22 -44.10
N ILE BA 18 20.79 -97.52 -43.25
CA ILE BA 18 19.59 -98.05 -42.62
C ILE BA 18 18.37 -97.35 -43.24
N GLU BA 19 17.25 -98.07 -43.31
CA GLU BA 19 15.98 -97.41 -43.56
C GLU BA 19 15.54 -96.64 -42.32
N HIS BA 20 14.61 -95.70 -42.51
CA HIS BA 20 14.24 -94.81 -41.41
C HIS BA 20 13.42 -95.51 -40.35
N LYS BA 21 12.67 -96.54 -40.74
CA LYS BA 21 11.74 -97.15 -39.81
C LYS BA 21 12.45 -98.10 -38.85
N ALA BA 22 13.72 -98.42 -39.13
CA ALA BA 22 14.49 -99.19 -38.18
C ALA BA 22 15.31 -98.28 -37.25
N GLN BA 23 15.29 -96.98 -37.51
CA GLN BA 23 16.11 -96.07 -36.72
C GLN BA 23 15.50 -95.78 -35.36
N LEU BA 24 14.18 -95.84 -35.26
CA LEU BA 24 13.52 -95.54 -33.99
C LEU BA 24 13.62 -96.71 -33.02
N LYS BA 25 14.02 -97.89 -33.52
CA LYS BA 25 14.21 -99.03 -32.63
C LYS BA 25 15.42 -98.84 -31.73
N LEU BA 26 16.43 -98.10 -32.20
CA LEU BA 26 17.69 -97.98 -31.49
C LEU BA 26 17.73 -96.81 -30.52
N TYR BA 27 16.60 -96.25 -30.13
CA TYR BA 27 16.63 -95.12 -29.23
C TYR BA 27 16.70 -95.58 -27.78
N ASN BA 28 17.34 -94.74 -26.95
CA ASN BA 28 17.56 -94.97 -25.52
C ASN BA 28 18.36 -96.24 -25.27
N LYS BA 29 19.56 -96.32 -25.82
CA LYS BA 29 20.48 -97.41 -25.58
C LYS BA 29 21.85 -96.86 -25.22
N LYS BA 30 22.35 -97.23 -24.05
CA LYS BA 30 23.62 -96.74 -23.56
C LYS BA 30 24.76 -97.40 -24.34
N ILE BA 31 25.85 -96.63 -24.54
CA ILE BA 31 27.06 -97.15 -25.18
C ILE BA 31 27.64 -98.28 -24.34
N GLY BA 32 27.78 -99.45 -24.96
CA GLY BA 32 28.26 -100.62 -24.27
C GLY BA 32 27.22 -101.68 -24.01
N ASP BA 33 26.06 -101.61 -24.65
CA ASP BA 33 24.99 -102.57 -24.44
C ASP BA 33 24.76 -103.38 -25.70
N GLN BA 34 24.70 -104.69 -25.56
CA GLN BA 34 24.47 -105.56 -26.71
C GLN BA 34 23.00 -105.59 -27.05
N PHE BA 35 22.71 -105.93 -28.31
CA PHE BA 35 21.33 -106.09 -28.78
C PHE BA 35 21.31 -107.05 -29.95
N ASN BA 36 20.15 -107.65 -30.19
CA ASN BA 36 20.00 -108.62 -31.27
C ASN BA 36 19.79 -107.92 -32.60
N GLY BA 37 20.42 -108.46 -33.66
CA GLY BA 37 20.35 -107.84 -34.96
C GLY BA 37 19.10 -108.13 -35.74
N ASP BA 38 18.14 -108.87 -35.16
CA ASP BA 38 16.91 -109.18 -35.87
C ASP BA 38 16.01 -107.97 -35.98
N ILE BA 39 16.07 -107.08 -34.99
CA ILE BA 39 15.13 -105.95 -34.94
C ILE BA 39 15.57 -104.85 -35.89
N LEU BA 40 16.81 -104.94 -36.40
CA LEU BA 40 17.31 -103.93 -37.32
C LEU BA 40 16.90 -104.23 -38.76
N ASP BA 41 17.05 -105.48 -39.19
CA ASP BA 41 16.79 -105.86 -40.57
C ASP BA 41 16.46 -107.35 -40.63
N GLU BA 42 15.97 -107.77 -41.79
CA GLU BA 42 15.80 -109.19 -42.05
C GLU BA 42 17.11 -109.83 -42.51
N LYS BA 43 17.99 -109.03 -43.12
CA LYS BA 43 19.27 -109.54 -43.59
C LYS BA 43 20.18 -109.90 -42.43
N PHE BA 44 20.02 -109.21 -41.30
CA PHE BA 44 20.91 -109.34 -40.15
C PHE BA 44 20.39 -110.34 -39.13
N ASN BA 45 19.74 -111.41 -39.57
CA ASN BA 45 19.19 -112.40 -38.65
C ASN BA 45 20.30 -113.18 -37.96
N GLY BA 46 20.07 -113.50 -36.69
CA GLY BA 46 21.01 -114.27 -35.91
C GLY BA 46 22.27 -113.53 -35.50
N TYR BA 47 22.33 -112.22 -35.69
CA TYR BA 47 23.54 -111.46 -35.44
C TYR BA 47 23.48 -110.81 -34.08
N VAL BA 48 24.61 -110.80 -33.38
CA VAL BA 48 24.75 -110.14 -32.08
C VAL BA 48 25.66 -108.95 -32.25
N PHE BA 49 25.20 -107.77 -31.83
CA PHE BA 49 25.87 -106.51 -32.08
C PHE BA 49 26.02 -105.74 -30.79
N GLU BA 50 27.07 -104.93 -30.71
CA GLU BA 50 27.34 -104.11 -29.53
C GLU BA 50 27.88 -102.73 -29.95
N ILE BA 51 27.36 -101.70 -29.28
CA ILE BA 51 27.65 -100.31 -29.59
C ILE BA 51 28.90 -99.90 -28.81
N THR BA 52 29.86 -99.26 -29.49
CA THR BA 52 31.09 -98.83 -28.86
C THR BA 52 31.50 -97.39 -29.15
N GLY BA 53 30.80 -96.69 -30.04
CA GLY BA 53 31.18 -95.31 -30.32
C GLY BA 53 30.28 -94.68 -31.36
N GLY BA 54 30.40 -93.36 -31.48
CA GLY BA 54 29.60 -92.62 -32.45
C GLY BA 54 29.94 -91.15 -32.45
N ASP BA 55 29.53 -90.47 -33.52
CA ASP BA 55 29.78 -89.06 -33.71
C ASP BA 55 28.46 -88.31 -33.88
N ASP BA 56 28.53 -86.98 -33.75
CA ASP BA 56 27.40 -86.10 -33.91
C ASP BA 56 27.34 -85.57 -35.36
N ALA BA 57 26.25 -84.86 -35.66
CA ALA BA 57 26.10 -84.25 -36.97
C ALA BA 57 27.07 -83.08 -37.15
N GLN BA 58 27.51 -82.48 -36.05
CA GLN BA 58 28.55 -81.46 -36.11
C GLN BA 58 29.94 -82.03 -35.87
N GLY BA 59 30.06 -83.34 -35.64
CA GLY BA 59 31.35 -83.96 -35.51
C GLY BA 59 31.82 -84.20 -34.09
N PHE BA 60 31.02 -83.88 -33.11
CA PHE BA 60 31.48 -84.03 -31.74
C PHE BA 60 31.33 -85.48 -31.29
N PRO BA 61 32.36 -86.06 -30.67
CA PRO BA 61 32.29 -87.47 -30.29
C PRO BA 61 31.43 -87.70 -29.07
N MET BA 62 31.03 -88.95 -28.89
CA MET BA 62 30.19 -89.36 -27.78
C MET BA 62 31.07 -90.00 -26.71
N SER BA 63 30.88 -89.60 -25.47
CA SER BA 63 31.67 -90.16 -24.38
C SER BA 63 31.02 -91.42 -23.83
N LYS BA 64 31.71 -92.05 -22.88
CA LYS BA 64 31.26 -93.28 -22.26
C LYS BA 64 30.64 -93.06 -20.89
N LYS BA 65 31.10 -92.05 -20.16
CA LYS BA 65 30.82 -91.94 -18.72
C LYS BA 65 29.97 -90.75 -18.33
N TYR BA 66 29.10 -90.25 -19.20
CA TYR BA 66 28.45 -88.99 -18.85
C TYR BA 66 26.94 -89.12 -18.72
N LEU BA 67 26.34 -90.11 -19.39
CA LEU BA 67 24.96 -90.56 -19.13
C LEU BA 67 23.91 -89.47 -19.34
N THR BA 68 23.96 -88.82 -20.49
CA THR BA 68 23.03 -87.74 -20.80
C THR BA 68 22.75 -87.80 -22.29
N PRO BA 69 21.62 -87.26 -22.76
CA PRO BA 69 21.40 -87.23 -24.21
C PRO BA 69 21.99 -86.02 -24.89
N ASN BA 70 22.21 -84.93 -24.17
CA ASN BA 70 22.55 -83.68 -24.78
C ASN BA 70 24.04 -83.34 -24.63
N ARG BA 71 24.41 -82.18 -25.15
CA ARG BA 71 25.81 -81.75 -25.20
C ARG BA 71 26.25 -81.22 -23.84
N ILE BA 72 27.50 -81.54 -23.48
CA ILE BA 72 28.06 -81.09 -22.21
C ILE BA 72 29.47 -80.56 -22.49
N ARG BA 73 29.95 -79.67 -21.61
CA ARG BA 73 31.27 -79.07 -21.77
C ARG BA 73 32.09 -79.26 -20.51
N PRO BA 74 32.76 -80.38 -20.32
CA PRO BA 74 33.56 -80.56 -19.11
C PRO BA 74 35.00 -80.11 -19.29
N LEU BA 75 35.76 -80.07 -18.21
CA LEU BA 75 37.17 -79.69 -18.25
C LEU BA 75 38.00 -80.96 -18.43
N LEU BA 76 38.36 -81.24 -19.68
CA LEU BA 76 39.07 -82.47 -20.00
C LEU BA 76 40.54 -82.35 -19.61
N SER BA 77 41.20 -83.51 -19.55
CA SER BA 77 42.63 -83.57 -19.26
C SER BA 77 43.27 -84.56 -20.23
N LYS BA 78 44.50 -84.95 -19.94
CA LYS BA 78 45.22 -85.84 -20.83
C LYS BA 78 44.65 -87.25 -20.79
N GLY BA 79 44.30 -87.77 -21.97
CA GLY BA 79 43.87 -89.15 -22.10
C GLY BA 79 42.37 -89.35 -22.27
N ASP BA 80 41.56 -88.33 -22.00
CA ASP BA 80 40.12 -88.49 -22.13
C ASP BA 80 39.72 -88.45 -23.59
N VAL BA 81 38.47 -88.83 -23.84
CA VAL BA 81 37.90 -88.77 -25.18
C VAL BA 81 37.60 -87.32 -25.51
N GLY BA 82 38.24 -86.80 -26.56
CA GLY BA 82 37.92 -85.49 -27.07
C GLY BA 82 39.03 -84.46 -27.01
N TYR BA 83 40.11 -84.73 -26.28
CA TYR BA 83 41.20 -83.77 -26.14
C TYR BA 83 42.53 -84.47 -26.30
N ARG BA 84 43.30 -84.05 -27.32
CA ARG BA 84 44.63 -84.59 -27.61
C ARG BA 84 45.64 -83.54 -27.19
N CYS BA 85 46.47 -83.86 -26.19
CA CYS BA 85 47.30 -82.86 -25.55
C CYS BA 85 48.57 -82.59 -26.36
N ARG BA 86 49.07 -81.36 -26.23
CA ARG BA 86 50.32 -80.94 -26.86
C ARG BA 86 51.35 -80.41 -25.87
N ARG BA 87 50.96 -80.09 -24.64
CA ARG BA 87 51.88 -79.72 -23.60
C ARG BA 87 51.68 -80.66 -22.42
N LYS BA 88 52.32 -80.34 -21.30
CA LYS BA 88 52.19 -81.17 -20.11
C LYS BA 88 51.38 -80.46 -19.06
N GLY BA 89 50.43 -81.18 -18.47
CA GLY BA 89 49.63 -80.66 -17.37
C GLY BA 89 48.72 -79.50 -17.74
N VAL BA 90 48.39 -79.36 -19.02
CA VAL BA 90 47.63 -78.24 -19.52
C VAL BA 90 46.26 -78.76 -19.90
N ARG BA 91 45.25 -78.41 -19.12
CA ARG BA 91 43.90 -78.91 -19.29
C ARG BA 91 43.00 -77.77 -19.70
N MET BA 92 42.05 -78.06 -20.59
CA MET BA 92 41.15 -77.02 -21.10
C MET BA 92 39.77 -77.60 -21.37
N ARG BA 93 38.85 -76.70 -21.73
CA ARG BA 93 37.47 -77.07 -21.98
C ARG BA 93 37.28 -77.48 -23.43
N LYS BA 94 36.36 -78.41 -23.67
CA LYS BA 94 35.92 -78.78 -25.00
C LYS BA 94 34.43 -79.02 -24.97
N SER BA 95 33.91 -79.68 -26.00
CA SER BA 95 32.50 -80.02 -26.10
C SER BA 95 32.35 -81.45 -26.59
N VAL BA 96 31.65 -82.27 -25.82
CA VAL BA 96 31.47 -83.68 -26.14
C VAL BA 96 29.98 -84.03 -26.13
N ARG BA 97 29.67 -85.30 -26.37
CA ARG BA 97 28.30 -85.79 -26.39
C ARG BA 97 28.16 -86.89 -25.36
N GLY BA 98 26.98 -86.97 -24.75
CA GLY BA 98 26.73 -87.97 -23.73
C GLY BA 98 26.61 -89.38 -24.29
N ALA BA 99 26.26 -90.31 -23.40
CA ALA BA 99 26.38 -91.73 -23.73
C ALA BA 99 25.14 -92.25 -24.45
N ILE BA 100 23.94 -91.84 -24.02
CA ILE BA 100 22.73 -92.48 -24.51
C ILE BA 100 22.36 -91.97 -25.89
N VAL BA 101 21.75 -92.85 -26.69
CA VAL BA 101 21.56 -92.65 -28.12
C VAL BA 101 20.20 -92.02 -28.35
N SER BA 102 20.19 -90.86 -28.99
CA SER BA 102 18.95 -90.20 -29.35
C SER BA 102 18.95 -89.81 -30.82
N GLU BA 103 17.98 -88.98 -31.22
CA GLU BA 103 17.76 -88.62 -32.61
C GLU BA 103 18.86 -87.78 -33.23
N GLU BA 104 19.79 -87.25 -32.45
CA GLU BA 104 20.87 -86.44 -32.99
C GLU BA 104 22.13 -87.23 -33.27
N THR BA 105 22.14 -88.53 -33.01
CA THR BA 105 23.29 -89.35 -33.37
C THR BA 105 23.35 -89.49 -34.88
N ASN BA 106 24.57 -89.37 -35.43
CA ASN BA 106 24.75 -89.41 -36.86
C ASN BA 106 25.35 -90.71 -37.38
N VAL BA 107 26.35 -91.26 -36.71
CA VAL BA 107 26.92 -92.55 -37.07
C VAL BA 107 27.09 -93.37 -35.81
N LEU BA 108 27.26 -94.67 -35.97
CA LEU BA 108 27.43 -95.56 -34.84
C LEU BA 108 28.50 -96.60 -35.16
N ALA BA 109 29.33 -96.88 -34.15
CA ALA BA 109 30.38 -97.89 -34.26
C ALA BA 109 29.89 -99.16 -33.57
N ILE BA 110 29.85 -100.25 -34.33
CA ILE BA 110 29.22 -101.48 -33.89
C ILE BA 110 30.18 -102.64 -34.11
N ILE BA 111 30.37 -103.45 -33.07
CA ILE BA 111 31.25 -104.60 -33.12
C ILE BA 111 30.40 -105.84 -33.41
N VAL BA 112 31.04 -106.88 -33.92
CA VAL BA 112 30.37 -108.12 -34.27
C VAL BA 112 30.79 -109.20 -33.27
N ILE BA 113 29.81 -109.79 -32.59
CA ILE BA 113 30.09 -110.79 -31.57
C ILE BA 113 29.87 -112.18 -32.13
N LYS BA 114 28.68 -112.45 -32.64
CA LYS BA 114 28.30 -113.77 -33.10
C LYS BA 114 27.78 -113.68 -34.52
N LYS BA 115 28.36 -114.46 -35.43
CA LYS BA 115 27.93 -114.46 -36.82
C LYS BA 115 26.56 -115.09 -36.96
N GLY BA 116 25.72 -114.45 -37.76
CA GLY BA 116 24.37 -114.92 -38.00
C GLY BA 116 24.33 -116.06 -39.00
N ASP BA 117 23.26 -116.04 -39.81
CA ASP BA 117 23.09 -117.08 -40.81
C ASP BA 117 23.86 -116.77 -42.09
N ASN BA 118 23.64 -115.59 -42.65
CA ASN BA 118 24.15 -115.23 -43.96
C ASN BA 118 25.50 -114.55 -43.83
N GLU BA 119 26.38 -114.82 -44.79
CA GLU BA 119 27.73 -114.28 -44.81
C GLU BA 119 27.74 -112.97 -45.58
N LEU BA 120 28.49 -112.01 -45.08
CA LEU BA 120 28.66 -110.74 -45.79
C LEU BA 120 29.75 -110.86 -46.83
N GLU BA 121 29.50 -110.27 -48.00
CA GLU BA 121 30.37 -110.48 -49.15
C GLU BA 121 31.67 -109.69 -49.01
N GLY BA 122 31.66 -108.59 -48.26
CA GLY BA 122 32.83 -107.77 -48.12
C GLY BA 122 33.35 -107.75 -46.70
N LEU BA 123 32.48 -108.08 -45.74
CA LEU BA 123 32.86 -108.01 -44.34
C LEU BA 123 33.35 -109.35 -43.83
N THR BA 124 32.57 -110.42 -44.04
CA THR BA 124 32.88 -111.71 -43.45
C THR BA 124 33.68 -112.63 -44.37
N ASP BA 125 33.77 -112.31 -45.66
CA ASP BA 125 34.38 -113.24 -46.60
C ASP BA 125 35.91 -113.21 -46.52
N ARG BA 126 36.51 -112.07 -46.83
CA ARG BA 126 37.95 -111.95 -46.94
C ARG BA 126 38.55 -111.73 -45.55
N SER BA 127 39.80 -112.16 -45.38
CA SER BA 127 40.55 -111.81 -44.18
C SER BA 127 41.69 -110.87 -44.55
N ASN BA 128 42.01 -109.97 -43.62
CA ASN BA 128 43.11 -109.04 -43.81
C ASN BA 128 44.29 -109.48 -42.97
N PRO BA 129 45.47 -109.59 -43.57
CA PRO BA 129 46.61 -110.14 -42.84
C PRO BA 129 47.20 -109.14 -41.87
N ARG BA 130 47.88 -109.68 -40.84
CA ARG BA 130 48.51 -108.84 -39.84
C ARG BA 130 49.75 -108.15 -40.42
N THR BA 131 50.21 -107.11 -39.72
CA THR BA 131 51.23 -106.23 -40.27
C THR BA 131 52.48 -106.12 -39.41
N HIS BA 132 52.37 -106.19 -38.09
CA HIS BA 132 53.52 -105.97 -37.23
C HIS BA 132 53.71 -107.15 -36.29
N LEU BA 133 54.95 -107.34 -35.87
CA LEU BA 133 55.37 -108.43 -35.01
C LEU BA 133 56.01 -107.88 -33.74
N PRO BA 134 55.96 -108.60 -32.62
CA PRO BA 134 56.63 -108.13 -31.41
C PRO BA 134 58.15 -108.15 -31.57
N LYS BA 135 58.81 -107.22 -30.89
CA LYS BA 135 60.27 -107.15 -30.96
C LYS BA 135 60.92 -107.94 -29.84
N LYS BA 136 60.15 -108.27 -28.80
CA LYS BA 136 60.70 -108.97 -27.65
C LYS BA 136 60.97 -110.43 -27.99
N ASP BA 137 62.16 -110.90 -27.59
CA ASP BA 137 62.65 -112.18 -28.07
C ASP BA 137 61.94 -113.35 -27.41
N LYS BA 138 61.44 -113.14 -26.19
CA LYS BA 138 60.83 -114.24 -25.44
C LYS BA 138 59.50 -114.66 -26.05
N LYS BA 139 58.70 -113.69 -26.50
CA LYS BA 139 57.47 -114.04 -27.19
C LYS BA 139 57.71 -114.28 -28.68
N LEU BA 140 58.88 -113.86 -29.17
CA LEU BA 140 59.27 -114.21 -30.53
C LEU BA 140 59.68 -115.68 -30.63
N ARG BA 141 60.21 -116.23 -29.54
CA ARG BA 141 60.66 -117.62 -29.57
C ARG BA 141 59.50 -118.59 -29.34
N SER BA 142 58.41 -118.09 -28.76
CA SER BA 142 57.28 -118.96 -28.46
C SER BA 142 56.49 -119.30 -29.72
N MET BA 143 56.38 -118.35 -30.65
CA MET BA 143 55.62 -118.60 -31.88
C MET BA 143 56.43 -119.46 -32.84
N PHE BA 144 57.73 -119.28 -32.89
CA PHE BA 144 58.61 -120.02 -33.76
C PHE BA 144 59.60 -120.81 -32.90
N ASN BA 145 59.34 -122.10 -32.73
CA ASN BA 145 60.08 -122.94 -31.80
C ASN BA 145 61.46 -123.24 -32.36
N ILE BA 146 62.42 -122.36 -32.05
CA ILE BA 146 63.82 -122.56 -32.41
C ILE BA 146 64.62 -122.44 -31.12
N PRO BA 147 65.45 -123.44 -30.83
CA PRO BA 147 66.16 -123.46 -29.55
C PRO BA 147 67.55 -122.85 -29.66
N GLU BA 148 68.11 -122.79 -30.87
CA GLU BA 148 69.52 -122.43 -31.02
C GLU BA 148 69.74 -120.92 -31.01
N GLY BA 149 68.66 -120.15 -30.78
CA GLY BA 149 68.69 -118.69 -30.55
C GLY BA 149 69.27 -117.92 -31.73
N GLU BA 150 69.03 -118.40 -32.95
CA GLU BA 150 69.37 -117.66 -34.15
C GLU BA 150 68.09 -117.04 -34.68
N ASP BA 151 67.74 -115.87 -34.12
CA ASP BA 151 66.41 -115.30 -34.36
C ASP BA 151 66.29 -114.74 -35.77
N ILE BA 152 67.28 -113.97 -36.22
CA ILE BA 152 67.24 -113.41 -37.56
C ILE BA 152 67.68 -114.45 -38.59
N VAL BA 153 68.53 -115.39 -38.18
CA VAL BA 153 69.09 -116.36 -39.13
C VAL BA 153 68.07 -117.43 -39.50
N THR BA 154 67.39 -118.00 -38.50
CA THR BA 154 66.41 -119.04 -38.80
C THR BA 154 65.16 -118.46 -39.45
N TYR BA 155 64.91 -117.17 -39.21
CA TYR BA 155 63.86 -116.48 -39.96
C TYR BA 155 64.30 -116.24 -41.40
N LEU BA 156 65.60 -116.01 -41.61
CA LEU BA 156 66.13 -116.02 -42.97
C LEU BA 156 66.13 -117.43 -43.54
N LYS BA 157 66.35 -118.43 -42.68
CA LYS BA 157 66.17 -119.82 -43.10
C LYS BA 157 64.70 -120.14 -43.32
N ASP BA 158 63.81 -119.43 -42.62
CA ASP BA 158 62.39 -119.53 -42.91
C ASP BA 158 62.04 -118.81 -44.20
N LEU BA 159 62.88 -117.86 -44.61
CA LEU BA 159 62.69 -117.13 -45.86
C LEU BA 159 63.28 -117.90 -47.03
N PRO BA 171 59.93 -108.91 -45.29
CA PRO BA 171 59.38 -108.86 -43.93
C PRO BA 171 60.40 -109.27 -42.88
N ASN BA 172 61.28 -108.34 -42.49
CA ASN BA 172 62.33 -108.62 -41.52
C ASN BA 172 61.97 -107.95 -40.19
N ILE BA 173 62.32 -108.61 -39.10
CA ILE BA 173 62.01 -108.14 -37.75
C ILE BA 173 63.32 -107.93 -36.99
N LYS BA 174 63.43 -106.80 -36.30
CA LYS BA 174 64.62 -106.46 -35.56
C LYS BA 174 64.36 -106.66 -34.07
N PRO BA 175 64.97 -107.66 -33.45
CA PRO BA 175 64.70 -107.94 -32.03
C PRO BA 175 65.35 -106.92 -31.11
N THR BA 176 64.98 -107.01 -29.84
CA THR BA 176 65.45 -106.07 -28.82
C THR BA 176 66.25 -106.73 -27.72
N GLY BA 177 66.72 -107.97 -27.95
CA GLY BA 177 67.49 -108.65 -26.93
C GLY BA 177 68.89 -108.07 -26.76
N HIS BA 178 69.37 -107.35 -27.77
CA HIS BA 178 70.69 -106.71 -27.68
C HIS BA 178 70.64 -105.49 -26.77
N ILE BA 179 69.49 -104.80 -26.75
CA ILE BA 179 69.39 -103.56 -25.99
C ILE BA 179 69.36 -103.82 -24.49
N HIS BA 180 68.55 -104.79 -24.07
CA HIS BA 180 68.41 -105.09 -22.64
C HIS BA 180 69.63 -105.82 -22.10
N GLU BA 181 70.41 -106.43 -22.99
CA GLU BA 181 71.66 -107.04 -22.56
C GLU BA 181 72.72 -105.98 -22.27
N ARG BA 182 72.60 -104.81 -22.90
CA ARG BA 182 73.64 -103.80 -22.80
C ARG BA 182 73.65 -103.14 -21.43
N LYS BA 183 72.49 -102.75 -20.92
CA LYS BA 183 72.44 -102.13 -19.61
C LYS BA 183 72.58 -103.16 -18.50
N ARG BA 184 72.24 -104.42 -18.80
CA ARG BA 184 72.42 -105.48 -17.80
C ARG BA 184 73.90 -105.81 -17.63
N ALA BA 185 74.70 -105.59 -18.68
CA ALA BA 185 76.14 -105.72 -18.53
C ALA BA 185 76.72 -104.54 -17.77
N GLN BA 186 76.16 -103.35 -17.98
CA GLN BA 186 76.68 -102.16 -17.30
C GLN BA 186 76.28 -102.14 -15.84
N LYS BA 187 75.20 -102.84 -15.48
CA LYS BA 187 74.78 -102.88 -14.09
C LYS BA 187 75.73 -103.75 -13.27
N GLU BA 188 76.29 -104.80 -13.87
CA GLU BA 188 77.26 -105.62 -13.18
C GLU BA 188 78.64 -104.98 -13.20
N ALA BA 189 78.83 -103.98 -14.08
CA ALA BA 189 80.12 -103.31 -14.18
C ALA BA 189 80.41 -102.47 -12.95
N SER BA 190 79.36 -101.92 -12.33
CA SER BA 190 79.55 -101.08 -11.16
C SER BA 190 79.92 -101.92 -9.94
N LYS BA 191 79.35 -103.12 -9.83
CA LYS BA 191 79.52 -103.93 -8.63
C LYS BA 191 80.94 -104.48 -8.53
N LYS BA 192 81.63 -104.58 -9.67
CA LYS BA 192 83.01 -105.04 -9.65
C LYS BA 192 83.95 -103.98 -9.09
N ALA BA 193 83.77 -102.73 -9.55
CA ALA BA 193 84.67 -101.67 -9.10
C ALA BA 193 84.29 -101.18 -7.71
N HIS BA 194 83.02 -101.32 -7.32
CA HIS BA 194 82.61 -100.83 -6.01
C HIS BA 194 83.12 -101.74 -4.90
N ALA BA 195 83.21 -103.05 -5.17
CA ALA BA 195 83.51 -104.00 -4.12
C ALA BA 195 84.97 -103.92 -3.69
N GLU BA 196 85.87 -103.67 -4.64
CA GLU BA 196 87.29 -103.61 -4.32
C GLU BA 196 87.63 -102.34 -3.54
N ARG BA 197 86.77 -101.33 -3.65
CA ARG BA 197 86.94 -100.12 -2.84
C ARG BA 197 86.81 -100.42 -1.36
N LYS BA 198 85.94 -101.37 -1.00
CA LYS BA 198 85.74 -101.72 0.40
C LYS BA 198 86.94 -102.48 0.96
N ALA BA 199 87.74 -103.09 0.10
CA ALA BA 199 88.93 -103.79 0.57
C ALA BA 199 90.06 -102.81 0.86
N ARG BA 200 90.11 -101.71 0.12
CA ARG BA 200 91.26 -100.80 0.20
C ARG BA 200 91.20 -99.95 1.48
N ASN BA 201 90.00 -99.53 1.87
CA ASN BA 201 89.87 -98.71 3.07
C ASN BA 201 90.08 -99.55 4.33
N GLU BA 202 89.72 -100.84 4.26
CA GLU BA 202 89.89 -101.71 5.41
C GLU BA 202 91.35 -102.06 5.64
N ALA BA 203 92.13 -102.16 4.55
CA ALA BA 203 93.56 -102.38 4.69
C ALA BA 203 94.24 -101.13 5.26
N GLN BA 204 93.71 -99.95 4.93
CA GLN BA 204 94.19 -98.72 5.56
C GLN BA 204 93.76 -98.67 7.02
N ARG BA 205 92.54 -99.12 7.31
CA ARG BA 205 91.99 -99.01 8.67
C ARG BA 205 92.75 -99.86 9.67
N GLN BA 206 93.05 -101.11 9.30
CA GLN BA 206 93.84 -101.97 10.17
C GLN BA 206 95.27 -101.47 10.30
N GLN BA 207 95.78 -100.83 9.24
CA GLN BA 207 97.11 -100.23 9.32
C GLN BA 207 97.09 -98.96 10.14
N TRP BA 208 95.98 -98.21 10.10
CA TRP BA 208 95.89 -96.96 10.84
C TRP BA 208 95.82 -97.19 12.34
N LEU BA 209 95.29 -98.34 12.75
CA LEU BA 209 95.16 -98.66 14.17
C LEU BA 209 96.38 -99.39 14.72
N LYS BA 210 97.35 -99.73 13.88
CA LYS BA 210 98.56 -100.37 14.40
C LYS BA 210 99.45 -99.36 15.13
N THR BA 211 99.61 -98.18 14.54
CA THR BA 211 100.32 -97.12 15.24
C THR BA 211 99.50 -96.59 16.41
N TYR BA 212 98.20 -96.42 16.21
CA TYR BA 212 97.34 -95.90 17.26
C TYR BA 212 96.09 -96.77 17.42
N HIS CA 2 -21.62 -72.56 42.87
CA HIS CA 2 -20.92 -71.29 42.86
C HIS CA 2 -21.32 -70.46 44.07
N LYS CA 3 -20.32 -70.02 44.84
CA LYS CA 3 -20.61 -69.34 46.09
C LYS CA 3 -20.80 -67.84 45.88
N ILE CA 4 -21.63 -67.25 46.73
CA ILE CA 4 -22.00 -65.84 46.65
C ILE CA 4 -21.77 -65.19 48.00
N ILE CA 5 -21.02 -64.09 48.02
CA ILE CA 5 -20.86 -63.32 49.25
C ILE CA 5 -22.17 -62.58 49.56
N ILE CA 6 -22.53 -62.56 50.83
CA ILE CA 6 -23.76 -61.93 51.29
C ILE CA 6 -23.42 -60.56 51.85
N HIS CA 7 -24.08 -59.53 51.30
CA HIS CA 7 -23.87 -58.15 51.72
C HIS CA 7 -25.19 -57.60 52.25
N LYS CA 8 -25.12 -56.91 53.40
CA LYS CA 8 -26.29 -56.32 54.03
C LYS CA 8 -25.98 -54.86 54.36
N GLY CA 9 -26.82 -53.96 53.86
CA GLY CA 9 -26.64 -52.55 54.14
C GLY CA 9 -26.52 -51.78 52.84
N ARG CA 10 -26.00 -50.56 52.97
CA ARG CA 10 -25.70 -49.76 51.79
C ARG CA 10 -24.32 -50.11 51.26
N THR CA 11 -24.12 -49.88 49.97
CA THR CA 11 -22.90 -50.34 49.31
C THR CA 11 -21.90 -49.23 49.04
N TYR CA 12 -22.08 -48.04 49.60
CA TYR CA 12 -21.11 -46.98 49.38
C TYR CA 12 -19.88 -47.22 50.27
N LYS CA 13 -18.71 -46.81 49.77
CA LYS CA 13 -17.47 -46.98 50.50
C LYS CA 13 -17.07 -45.66 51.15
N THR CA 14 -17.75 -45.32 52.24
CA THR CA 14 -17.42 -44.12 52.98
C THR CA 14 -16.46 -44.46 54.12
N ARG CA 15 -16.30 -43.51 55.03
CA ARG CA 15 -15.34 -43.68 56.11
C ARG CA 15 -15.85 -44.64 57.18
N SER CA 16 -17.16 -44.65 57.40
CA SER CA 16 -17.74 -45.47 58.45
C SER CA 16 -18.26 -46.81 57.97
N ASN CA 17 -18.08 -47.14 56.68
CA ASN CA 17 -18.66 -48.34 56.11
C ASN CA 17 -17.60 -49.39 55.76
N VAL CA 18 -16.59 -49.58 56.62
CA VAL CA 18 -15.57 -50.58 56.36
C VAL CA 18 -16.14 -51.96 56.60
N ARG CA 19 -15.78 -52.92 55.76
CA ARG CA 19 -16.26 -54.28 55.88
C ARG CA 19 -15.14 -55.28 55.62
N LYS CA 20 -15.30 -56.46 56.19
CA LYS CA 20 -14.39 -57.59 56.00
C LYS CA 20 -15.20 -58.84 55.71
N VAL CA 21 -14.51 -59.85 55.19
CA VAL CA 21 -15.15 -61.10 54.74
C VAL CA 21 -14.76 -62.22 55.70
N VAL CA 22 -15.75 -62.79 56.37
CA VAL CA 22 -15.56 -63.86 57.33
C VAL CA 22 -16.25 -65.11 56.81
N LYS CA 23 -15.68 -66.27 57.12
CA LYS CA 23 -16.21 -67.56 56.70
C LYS CA 23 -16.94 -68.20 57.88
N THR CA 24 -18.13 -68.72 57.62
CA THR CA 24 -18.96 -69.37 58.62
C THR CA 24 -18.63 -70.85 58.72
N PRO CA 25 -19.01 -71.50 59.84
CA PRO CA 25 -18.84 -72.96 59.90
C PRO CA 25 -19.66 -73.75 58.90
N SER CA 26 -20.89 -73.31 58.59
CA SER CA 26 -21.72 -74.08 57.68
C SER CA 26 -21.28 -73.89 56.23
N GLY CA 27 -20.69 -72.75 55.90
CA GLY CA 27 -20.15 -72.57 54.58
C GLY CA 27 -20.53 -71.27 53.90
N LYS CA 28 -21.24 -70.40 54.61
CA LYS CA 28 -21.66 -69.14 54.04
C LYS CA 28 -20.49 -68.16 53.97
N LEU CA 29 -20.68 -67.09 53.23
CA LEU CA 29 -19.78 -65.95 53.21
C LEU CA 29 -20.58 -64.71 53.55
N VAL CA 30 -20.01 -63.84 54.39
CA VAL CA 30 -20.73 -62.70 54.92
C VAL CA 30 -19.76 -61.52 55.01
N ALA CA 31 -20.26 -60.33 54.67
CA ALA CA 31 -19.48 -59.10 54.77
C ALA CA 31 -19.88 -58.41 56.08
N ARG CA 32 -19.12 -58.65 57.13
CA ARG CA 32 -19.45 -58.11 58.45
C ARG CA 32 -18.90 -56.71 58.60
N ARG CA 33 -19.69 -55.84 59.23
CA ARG CA 33 -19.26 -54.48 59.49
C ARG CA 33 -18.30 -54.45 60.67
N GLN CA 34 -17.50 -53.39 60.73
CA GLN CA 34 -16.53 -53.21 61.79
C GLN CA 34 -16.59 -51.80 62.34
N LYS CA 35 -15.92 -51.60 63.46
CA LYS CA 35 -15.94 -50.32 64.15
C LYS CA 35 -15.12 -49.27 63.40
N LYS CA 36 -15.33 -48.02 63.77
CA LYS CA 36 -14.61 -46.93 63.13
C LYS CA 36 -13.18 -46.84 63.66
N HIS CA 37 -12.26 -46.45 62.80
CA HIS CA 37 -10.84 -46.45 63.14
C HIS CA 37 -10.48 -45.23 63.96
N ALA CA 38 -9.74 -45.45 65.04
CA ALA CA 38 -9.35 -44.38 65.95
C ALA CA 38 -7.83 -44.28 66.03
N LYS CA 39 -7.35 -43.11 66.44
CA LYS CA 39 -5.94 -42.80 66.45
C LYS CA 39 -5.47 -42.47 67.86
N PHE CA 40 -4.17 -42.26 67.99
CA PHE CA 40 -3.58 -41.99 69.30
C PHE CA 40 -3.72 -40.52 69.67
N HIS CA 41 -3.88 -40.26 70.96
CA HIS CA 41 -3.89 -38.89 71.44
C HIS CA 41 -2.48 -38.32 71.41
N ARG CA 42 -2.38 -37.00 71.26
CA ARG CA 42 -1.10 -36.35 71.07
C ARG CA 42 -0.91 -35.23 72.09
N CYS CA 43 0.35 -34.91 72.38
CA CYS CA 43 0.67 -33.87 73.33
C CYS CA 43 0.22 -32.51 72.81
N HIS CA 44 -0.16 -31.62 73.72
CA HIS CA 44 -0.63 -30.30 73.31
C HIS CA 44 0.53 -29.40 72.92
N GLU CA 45 1.75 -29.73 73.37
CA GLU CA 45 2.86 -28.82 73.08
C GLU CA 45 3.91 -29.47 72.20
N CYS CA 46 4.47 -30.60 72.61
CA CYS CA 46 5.56 -31.23 71.87
C CYS CA 46 5.08 -32.15 70.76
N ASN CA 47 3.79 -32.50 70.77
CA ASN CA 47 3.09 -33.18 69.67
C ASN CA 47 3.68 -34.56 69.39
N THR CA 48 3.93 -35.33 70.44
CA THR CA 48 4.35 -36.71 70.32
C THR CA 48 3.18 -37.62 70.66
N LYS CA 49 3.31 -38.89 70.29
CA LYS CA 49 2.23 -39.83 70.54
C LYS CA 49 2.21 -40.23 72.00
N LEU CA 50 1.06 -40.05 72.64
CA LEU CA 50 0.88 -40.37 74.05
C LEU CA 50 0.41 -41.80 74.17
N LEU CA 51 1.34 -42.73 74.36
CA LEU CA 51 0.95 -44.12 74.52
C LEU CA 51 0.41 -44.37 75.92
N SER CA 52 0.00 -45.62 76.15
CA SER CA 52 -0.61 -46.21 77.35
C SER CA 52 -2.01 -45.66 77.65
N ILE CA 53 -2.49 -44.69 76.89
CA ILE CA 53 -3.87 -44.22 76.97
C ILE CA 53 -4.67 -45.01 75.94
N ALA CA 54 -5.85 -45.49 76.34
CA ALA CA 54 -6.65 -46.33 75.47
C ALA CA 54 -7.21 -45.53 74.29
N ARG CA 55 -6.88 -45.97 73.08
CA ARG CA 55 -7.34 -45.32 71.86
C ARG CA 55 -8.63 -46.00 71.42
N MET CA 56 -9.72 -45.26 71.45
CA MET CA 56 -11.01 -45.74 70.95
C MET CA 56 -11.88 -44.53 70.64
N ARG CA 57 -13.06 -44.82 70.11
CA ARG CA 57 -14.10 -43.83 69.86
C ARG CA 57 -14.57 -43.23 71.19
N PRO CA 58 -14.92 -41.93 71.20
CA PRO CA 58 -15.25 -41.29 72.49
C PRO CA 58 -16.50 -41.79 73.19
N ALA CA 59 -17.37 -42.53 72.50
CA ALA CA 59 -18.51 -43.13 73.19
C ALA CA 59 -18.04 -44.24 74.12
N GLU CA 60 -17.17 -45.12 73.63
CA GLU CA 60 -16.66 -46.19 74.46
C GLU CA 60 -15.61 -45.68 75.44
N PHE CA 61 -15.02 -44.51 75.15
CA PHE CA 61 -13.92 -44.00 75.96
C PHE CA 61 -14.40 -43.54 77.32
N SER CA 62 -15.67 -43.18 77.44
CA SER CA 62 -16.19 -42.77 78.75
C SER CA 62 -16.46 -43.97 79.64
N ARG CA 63 -16.54 -45.17 79.05
CA ARG CA 63 -16.87 -46.34 79.85
C ARG CA 63 -15.63 -46.95 80.51
N GLN CA 64 -14.45 -46.46 80.19
CA GLN CA 64 -13.24 -47.03 80.77
C GLN CA 64 -12.98 -46.46 82.15
N LYS CA 65 -12.16 -47.16 82.93
CA LYS CA 65 -11.76 -46.69 84.25
C LYS CA 65 -10.81 -45.50 84.12
N VAL CA 66 -10.65 -44.79 85.24
CA VAL CA 66 -9.88 -43.54 85.22
C VAL CA 66 -8.39 -43.83 85.13
N SER CA 67 -7.96 -45.00 85.60
CA SER CA 67 -6.56 -45.38 85.45
C SER CA 67 -6.21 -45.67 84.00
N ALA CA 68 -7.21 -45.99 83.18
CA ALA CA 68 -6.97 -46.24 81.77
C ALA CA 68 -7.12 -44.96 80.95
N ARG CA 69 -7.53 -43.86 81.58
CA ARG CA 69 -7.66 -42.61 80.85
C ARG CA 69 -6.50 -41.67 81.15
N LYS CA 70 -5.89 -41.81 82.31
CA LYS CA 70 -4.97 -40.84 82.89
C LYS CA 70 -3.62 -41.48 83.16
N VAL CA 71 -2.65 -40.65 83.53
CA VAL CA 71 -1.37 -41.10 84.08
C VAL CA 71 -1.21 -40.46 85.45
N ASN CA 72 -0.60 -41.18 86.38
CA ASN CA 72 -0.40 -40.67 87.75
C ASN CA 72 0.67 -39.58 87.77
N ARG CA 73 0.24 -38.38 87.37
CA ARG CA 73 1.09 -37.22 87.26
C ARG CA 73 0.16 -36.03 87.11
N PRO CA 74 0.54 -34.86 87.65
CA PRO CA 74 -0.22 -33.64 87.33
C PRO CA 74 -0.10 -33.29 85.87
N LEU CA 75 -1.22 -32.81 85.30
CA LEU CA 75 -1.42 -32.65 83.85
C LEU CA 75 -1.13 -33.95 83.11
N GLY CA 76 -1.74 -35.04 83.58
CA GLY CA 76 -1.46 -36.34 82.99
C GLY CA 76 -2.26 -36.60 81.73
N SER CA 77 -3.34 -35.86 81.53
CA SER CA 77 -4.22 -36.13 80.40
C SER CA 77 -3.83 -35.31 79.18
N THR CA 78 -3.09 -34.24 79.38
CA THR CA 78 -2.87 -33.24 78.33
C THR CA 78 -1.44 -33.19 77.81
N THR CA 79 -0.45 -33.49 78.64
CA THR CA 79 0.95 -33.26 78.31
C THR CA 79 1.76 -34.55 78.42
N CYS CA 80 3.02 -34.48 78.00
CA CYS CA 80 3.77 -35.71 77.73
C CYS CA 80 4.54 -36.19 78.94
N GLY CA 81 4.95 -35.29 79.81
CA GLY CA 81 5.77 -35.66 80.94
C GLY CA 81 7.21 -35.21 80.85
N LYS CA 82 7.69 -34.87 79.66
CA LYS CA 82 8.91 -34.11 79.51
C LYS CA 82 8.65 -32.61 79.45
N CYS CA 83 7.46 -32.21 79.00
CA CYS CA 83 7.12 -30.80 78.95
C CYS CA 83 6.86 -30.22 80.32
N VAL CA 84 6.56 -31.07 81.31
CA VAL CA 84 6.30 -30.57 82.65
C VAL CA 84 7.60 -30.21 83.35
N LYS CA 85 8.70 -30.85 82.94
CA LYS CA 85 10.00 -30.53 83.55
C LYS CA 85 10.46 -29.14 83.17
N GLU CA 86 10.10 -28.67 81.97
CA GLU CA 86 10.44 -27.32 81.58
C GLU CA 86 9.55 -26.30 82.29
N LYS CA 87 8.31 -26.71 82.62
CA LYS CA 87 7.37 -25.77 83.20
C LYS CA 87 7.69 -25.47 84.66
N ILE CA 88 8.05 -26.50 85.42
CA ILE CA 88 8.23 -26.34 86.86
C ILE CA 88 9.48 -25.52 87.15
N ILE CA 89 10.54 -25.72 86.36
CA ILE CA 89 11.75 -24.93 86.50
C ILE CA 89 11.49 -23.49 86.07
N GLU CA 90 10.67 -23.30 85.03
CA GLU CA 90 10.38 -21.94 84.56
C GLU CA 90 9.50 -21.19 85.53
N ALA CA 91 8.51 -21.86 86.13
CA ALA CA 91 7.57 -21.18 87.01
C ALA CA 91 8.23 -20.78 88.32
N PHE CA 92 9.26 -21.53 88.74
CA PHE CA 92 9.93 -21.21 89.99
C PHE CA 92 10.92 -20.06 89.80
N LEU CA 93 11.59 -20.02 88.65
CA LEU CA 93 12.64 -19.02 88.45
C LEU CA 93 12.06 -17.63 88.21
N ASN CA 94 10.83 -17.56 87.69
CA ASN CA 94 10.22 -16.27 87.42
C ASN CA 94 9.75 -15.59 88.70
N ASP CA 95 9.60 -16.36 89.77
CA ASP CA 95 9.25 -15.75 91.04
C ASP CA 95 10.45 -15.07 91.68
N GLU CA 96 11.63 -15.65 91.52
CA GLU CA 96 12.81 -15.09 92.16
C GLU CA 96 13.32 -13.86 91.42
N GLU CA 97 12.89 -13.68 90.17
CA GLU CA 97 13.26 -12.46 89.46
C GLU CA 97 12.44 -11.27 89.94
N ARG CA 98 11.23 -11.53 90.43
CA ARG CA 98 10.35 -10.44 90.85
C ARG CA 98 10.82 -9.84 92.18
N ILE CA 99 11.34 -10.68 93.06
CA ILE CA 99 11.67 -10.24 94.42
C ILE CA 99 12.91 -9.35 94.41
N VAL CA 100 13.81 -9.58 93.45
CA VAL CA 100 14.94 -8.68 93.28
C VAL CA 100 14.48 -7.34 92.71
N ARG CA 101 13.77 -7.38 91.59
CA ARG CA 101 13.31 -6.16 90.94
C ARG CA 101 12.02 -5.65 91.58
N ASP DA 5 102.94 90.33 36.95
CA ASP DA 5 101.67 91.03 37.07
C ASP DA 5 100.98 91.20 35.71
N LEU DA 6 99.98 90.38 35.45
CA LEU DA 6 99.24 90.44 34.20
C LEU DA 6 97.83 90.95 34.51
N ARG DA 7 97.48 92.09 33.92
CA ARG DA 7 96.16 92.68 34.10
C ARG DA 7 95.50 92.87 32.73
N VAL DA 8 94.21 92.55 32.66
CA VAL DA 8 93.44 92.69 31.43
C VAL DA 8 92.91 94.12 31.37
N LEU DA 9 93.21 94.81 30.26
CA LEU DA 9 92.94 96.24 30.18
C LEU DA 9 91.55 96.50 29.64
N GLU DA 10 91.29 96.08 28.41
CA GLU DA 10 90.04 96.38 27.72
C GLU DA 10 89.90 95.43 26.53
N PRO DA 11 88.67 95.07 26.17
CA PRO DA 11 88.48 94.33 24.92
C PRO DA 11 88.34 95.26 23.72
N LEU DA 12 88.94 94.87 22.59
CA LEU DA 12 88.75 95.58 21.34
C LEU DA 12 87.97 94.68 20.39
N LEU DA 13 86.80 95.15 19.97
CA LEU DA 13 85.86 94.36 19.18
C LEU DA 13 85.69 95.02 17.82
N ALA DA 14 86.30 94.43 16.78
CA ALA DA 14 86.19 94.98 15.45
C ALA DA 14 85.81 93.94 14.41
N HIS DA 15 86.20 92.69 14.64
CA HIS DA 15 86.08 91.66 13.61
C HIS DA 15 84.81 90.85 13.77
N LYS DA 16 84.71 89.79 12.95
CA LYS DA 16 83.75 88.72 13.14
C LYS DA 16 84.39 87.35 12.96
N GLN DA 17 85.62 87.28 12.44
CA GLN DA 17 86.29 86.02 12.15
C GLN DA 17 87.68 86.01 12.77
N SER DA 18 88.38 84.89 12.58
CA SER DA 18 89.72 84.74 13.12
C SER DA 18 90.71 85.64 12.39
N VAL DA 19 91.72 86.11 13.13
CA VAL DA 19 92.72 86.99 12.58
C VAL DA 19 93.75 86.16 11.80
N THR DA 20 94.58 86.84 11.02
CA THR DA 20 95.69 86.18 10.34
C THR DA 20 97.06 86.76 10.65
N CYS DA 21 97.22 88.08 10.71
CA CYS DA 21 98.53 88.68 10.96
C CYS DA 21 98.35 90.01 11.68
N ILE DA 22 99.37 90.35 12.48
CA ILE DA 22 99.45 91.67 13.12
C ILE DA 22 100.78 92.28 12.72
N GLN DA 23 100.78 93.57 12.36
CA GLN DA 23 102.00 94.29 12.09
C GLN DA 23 101.89 95.70 12.65
N LYS DA 24 102.97 96.18 13.26
CA LYS DA 24 102.96 97.52 13.81
C LYS DA 24 103.60 98.51 12.84
N LEU DA 25 103.46 99.80 13.18
CA LEU DA 25 103.86 100.86 12.28
C LEU DA 25 105.38 101.00 12.22
N ARG DA 26 106.04 100.76 13.34
CA ARG DA 26 107.46 101.02 13.64
C ARG DA 26 107.76 102.51 13.59
N ASN DA 27 106.77 103.37 13.86
CA ASN DA 27 106.99 104.79 14.04
C ASN DA 27 106.44 105.21 15.40
N GLY DA 28 107.24 105.97 16.15
CA GLY DA 28 106.89 106.26 17.52
C GLY DA 28 105.96 107.45 17.67
N SER DA 29 105.88 108.30 16.65
CA SER DA 29 105.12 109.53 16.76
C SER DA 29 103.62 109.28 16.74
N SER DA 30 103.13 108.52 15.77
CA SER DA 30 101.72 108.20 15.66
C SER DA 30 101.55 106.71 15.87
N ASN DA 31 100.34 106.32 16.25
CA ASN DA 31 100.01 104.94 16.58
C ASN DA 31 98.94 104.44 15.62
N VAL DA 32 99.19 103.30 14.98
CA VAL DA 32 98.25 102.68 14.07
C VAL DA 32 98.32 101.17 14.27
N LEU DA 33 97.23 100.47 13.96
CA LEU DA 33 97.19 99.02 14.00
C LEU DA 33 96.49 98.50 12.74
N ILE DA 34 97.14 97.58 12.05
CA ILE DA 34 96.61 96.96 10.85
C ILE DA 34 96.60 95.46 11.06
N SER DA 35 95.44 94.84 10.93
CA SER DA 35 95.31 93.38 11.08
C SER DA 35 94.37 92.88 9.99
N ALA DA 36 94.75 91.76 9.36
CA ALA DA 36 93.91 91.11 8.37
C ALA DA 36 93.28 89.88 9.01
N SER DA 37 91.96 89.79 8.94
CA SER DA 37 91.24 88.64 9.45
C SER DA 37 90.98 87.64 8.33
N LYS DA 38 90.21 86.60 8.65
CA LYS DA 38 89.92 85.58 7.66
C LYS DA 38 88.84 86.04 6.67
N ASP DA 39 87.91 86.87 7.11
CA ASP DA 39 87.02 87.49 6.15
C ASP DA 39 87.76 88.58 5.39
N LYS DA 40 87.27 88.88 4.18
CA LYS DA 40 88.00 89.73 3.26
C LYS DA 40 87.89 91.18 3.70
N SER DA 41 88.69 91.57 4.69
CA SER DA 41 88.70 92.92 5.22
C SER DA 41 90.07 93.21 5.83
N ILE DA 42 90.43 94.49 5.84
CA ILE DA 42 91.66 94.97 6.46
C ILE DA 42 91.33 96.23 7.24
N PHE DA 43 91.69 96.26 8.52
CA PHE DA 43 91.21 97.27 9.45
C PHE DA 43 92.34 98.21 9.82
N TYR DA 44 92.03 99.50 9.92
CA TYR DA 44 93.01 100.55 10.16
C TYR DA 44 92.66 101.23 11.48
N TRP DA 45 93.19 100.71 12.59
CA TRP DA 45 92.85 101.32 13.87
C TRP DA 45 93.72 102.53 14.18
N SER DA 46 93.58 103.01 15.41
CA SER DA 46 94.44 104.01 16.00
C SER DA 46 94.35 103.85 17.50
N LEU DA 47 95.51 103.90 18.17
CA LEU DA 47 95.53 103.59 19.59
C LEU DA 47 95.09 104.80 20.42
N ASP DA 48 95.35 106.01 19.92
CA ASP DA 48 94.98 107.23 20.60
C ASP DA 48 93.78 107.86 19.90
N SER DA 49 92.61 107.76 20.52
CA SER DA 49 91.39 108.38 20.02
C SER DA 49 90.44 108.58 21.19
N GLU DA 50 89.52 109.54 21.04
CA GLU DA 50 88.63 109.92 22.12
C GLU DA 50 87.15 109.95 21.72
N ILE DA 51 86.82 109.47 20.52
CA ILE DA 51 85.42 109.37 20.14
C ILE DA 51 84.73 108.31 20.98
N GLU DA 52 83.57 108.66 21.53
CA GLU DA 52 82.92 107.87 22.56
C GLU DA 52 81.99 106.79 21.98
N SER DA 53 82.22 106.36 20.75
CA SER DA 53 81.49 105.23 20.22
C SER DA 53 82.08 103.93 20.77
N ASP DA 54 81.36 102.83 20.53
CA ASP DA 54 81.81 101.53 21.02
C ASP DA 54 83.04 101.05 20.26
N PHE DA 55 83.22 101.49 19.02
CA PHE DA 55 84.40 101.16 18.21
C PHE DA 55 84.93 102.43 17.55
N GLY DA 56 85.10 103.49 18.35
CA GLY DA 56 85.51 104.77 17.80
C GLY DA 56 86.97 104.81 17.36
N LYS DA 57 87.73 103.76 17.67
CA LYS DA 57 89.14 103.71 17.28
C LYS DA 57 89.30 103.45 15.79
N LEU DA 58 88.25 102.95 15.13
CA LEU DA 58 88.33 102.59 13.72
C LEU DA 58 88.47 103.84 12.85
N LEU DA 59 89.46 103.84 11.95
CA LEU DA 59 89.70 104.99 11.09
C LEU DA 59 89.25 104.70 9.67
N LYS DA 60 89.72 103.62 9.05
CA LYS DA 60 89.39 103.31 7.67
C LYS DA 60 89.29 101.80 7.50
N GLU DA 61 88.80 101.39 6.34
CA GLU DA 61 88.62 99.98 5.99
C GLU DA 61 89.06 99.77 4.55
N TYR DA 62 89.84 98.73 4.32
CA TYR DA 62 90.38 98.42 3.00
C TYR DA 62 89.96 97.01 2.60
N ALA DA 63 88.89 96.92 1.82
CA ALA DA 63 88.28 95.65 1.50
C ALA DA 63 87.59 95.73 0.15
N GLY DA 64 87.07 94.60 -0.30
CA GLY DA 64 86.34 94.53 -1.54
C GLY DA 64 87.16 94.23 -2.77
N LYS DA 65 88.23 93.44 -2.64
CA LYS DA 65 89.04 93.08 -3.79
C LYS DA 65 89.29 91.58 -3.90
N HIS DA 66 89.50 90.90 -2.77
CA HIS DA 66 89.94 89.51 -2.76
C HIS DA 66 88.74 88.59 -2.73
N SER DA 67 88.89 87.40 -3.33
CA SER DA 67 87.83 86.40 -3.27
C SER DA 67 88.02 85.45 -2.09
N LYS DA 68 89.26 85.29 -1.65
CA LYS DA 68 89.59 84.41 -0.53
C LYS DA 68 90.38 85.22 0.50
N ASN DA 69 90.79 84.53 1.58
CA ASN DA 69 91.28 85.21 2.78
C ASN DA 69 92.65 85.82 2.55
N VAL DA 70 92.98 86.83 3.36
CA VAL DA 70 94.20 87.60 3.22
C VAL DA 70 95.28 86.92 4.06
N ASN DA 71 96.32 86.41 3.39
CA ASN DA 71 97.32 85.61 4.08
C ASN DA 71 98.31 86.47 4.84
N GLY DA 72 98.87 87.49 4.19
CA GLY DA 72 99.83 88.34 4.85
C GLY DA 72 99.74 89.75 4.32
N VAL DA 73 100.36 90.67 5.05
CA VAL DA 73 100.44 92.07 4.65
C VAL DA 73 101.86 92.55 4.90
N ALA DA 74 102.16 93.73 4.36
CA ALA DA 74 103.42 94.42 4.64
C ALA DA 74 103.15 95.90 4.47
N ILE DA 75 103.67 96.70 5.40
CA ILE DA 75 103.45 98.14 5.41
C ILE DA 75 104.74 98.83 5.00
N SER DA 76 104.62 99.90 4.23
CA SER DA 76 105.73 100.81 3.99
C SER DA 76 106.19 101.43 5.30
N PRO DA 77 107.50 101.70 5.44
CA PRO DA 77 107.99 102.26 6.72
C PRO DA 77 107.49 103.66 7.01
N ASN DA 78 107.46 104.52 5.99
CA ASN DA 78 106.88 105.84 6.13
C ASN DA 78 105.36 105.81 6.19
N GLY DA 79 104.73 104.75 5.68
CA GLY DA 79 103.29 104.67 5.67
C GLY DA 79 102.62 105.43 4.56
N ASP DA 80 103.30 105.62 3.42
CA ASP DA 80 102.65 106.26 2.28
C ASP DA 80 101.84 105.26 1.46
N MET DA 81 102.29 104.01 1.41
CA MET DA 81 101.66 102.98 0.62
C MET DA 81 101.43 101.74 1.49
N LEU DA 82 100.85 100.72 0.86
CA LEU DA 82 100.52 99.48 1.55
C LEU DA 82 100.52 98.38 0.50
N VAL DA 83 101.02 97.20 0.87
CA VAL DA 83 100.84 96.01 0.04
C VAL DA 83 100.14 94.94 0.88
N SER DA 84 99.25 94.19 0.24
CA SER DA 84 98.49 93.13 0.89
C SER DA 84 98.38 91.96 -0.06
N VAL DA 85 98.65 90.75 0.43
CA VAL DA 85 98.66 89.56 -0.40
C VAL DA 85 97.66 88.56 0.18
N GLY DA 86 97.06 87.75 -0.69
CA GLY DA 86 96.03 86.82 -0.27
C GLY DA 86 96.26 85.41 -0.76
N SER DA 87 95.32 84.53 -0.39
CA SER DA 87 95.35 83.14 -0.77
C SER DA 87 94.61 82.89 -2.08
N ASP DA 88 94.51 83.89 -2.94
CA ASP DA 88 93.94 83.77 -4.27
C ASP DA 88 94.98 83.97 -5.37
N LYS DA 89 96.24 83.59 -5.10
CA LYS DA 89 97.39 83.64 -6.00
C LYS DA 89 97.72 85.05 -6.48
N MET DA 90 97.25 86.09 -5.80
CA MET DA 90 97.43 87.46 -6.28
C MET DA 90 97.99 88.34 -5.18
N GLY DA 91 98.64 89.41 -5.62
CA GLY DA 91 99.09 90.44 -4.70
C GLY DA 91 98.59 91.80 -5.17
N TYR DA 92 98.35 92.67 -4.19
CA TYR DA 92 97.80 93.98 -4.50
C TYR DA 92 98.50 95.03 -3.65
N ILE DA 93 98.96 96.08 -4.31
CA ILE DA 93 99.62 97.20 -3.66
C ILE DA 93 98.56 98.28 -3.45
N TRP DA 94 98.09 98.40 -2.23
CA TRP DA 94 97.08 99.39 -1.89
C TRP DA 94 97.67 100.78 -1.77
N ASP DA 95 96.80 101.75 -1.55
CA ASP DA 95 97.18 103.07 -1.09
C ASP DA 95 96.38 103.40 0.16
N VAL DA 96 97.05 103.88 1.20
CA VAL DA 96 96.37 104.21 2.43
C VAL DA 96 95.54 105.49 2.28
N THR DA 97 95.99 106.42 1.44
CA THR DA 97 95.37 107.74 1.38
C THR DA 97 94.07 107.74 0.59
N SER DA 98 94.07 107.15 -0.61
CA SER DA 98 92.92 107.22 -1.52
C SER DA 98 92.12 105.93 -1.56
N LYS DA 99 92.50 104.92 -0.77
CA LYS DA 99 91.86 103.60 -0.72
C LYS DA 99 91.79 102.95 -2.10
N ASN DA 100 92.91 102.98 -2.82
CA ASN DA 100 92.94 102.48 -4.19
C ASN DA 100 94.16 101.60 -4.39
N ILE DA 101 94.01 100.64 -5.31
CA ILE DA 101 95.07 99.72 -5.68
C ILE DA 101 95.61 100.10 -7.04
N THR DA 102 96.90 100.40 -7.10
CA THR DA 102 97.53 100.88 -8.33
C THR DA 102 98.47 99.87 -8.96
N ALA DA 103 98.98 98.90 -8.19
CA ALA DA 103 99.88 97.90 -8.73
C ALA DA 103 99.42 96.52 -8.27
N SER DA 104 99.85 95.49 -9.00
CA SER DA 104 99.43 94.11 -8.75
C SER DA 104 100.59 93.17 -9.07
N LEU DA 105 100.59 92.00 -8.44
CA LEU DA 105 101.62 91.00 -8.71
C LEU DA 105 100.98 89.76 -9.35
N LYS DA 106 101.41 89.43 -10.57
CA LYS DA 106 100.75 88.40 -11.39
C LYS DA 106 101.78 87.43 -11.99
N GLY DA 107 102.65 86.90 -11.15
CA GLY DA 107 103.61 85.94 -11.64
C GLY DA 107 103.70 84.65 -10.85
N HIS DA 108 102.60 84.25 -10.21
CA HIS DA 108 102.60 83.10 -9.31
C HIS DA 108 101.60 82.06 -9.78
N ASP DA 109 101.92 80.79 -9.51
CA ASP DA 109 101.01 79.70 -9.89
C ASP DA 109 100.17 79.25 -8.71
N ARG DA 110 100.81 78.96 -7.58
CA ARG DA 110 100.12 78.56 -6.36
C ARG DA 110 100.00 79.74 -5.42
N ASP DA 111 99.51 79.49 -4.21
CA ASP DA 111 99.16 80.58 -3.31
C ASP DA 111 100.41 81.22 -2.70
N ILE DA 112 100.18 82.29 -1.94
CA ILE DA 112 101.27 83.01 -1.28
C ILE DA 112 101.02 83.00 0.22
N LEU DA 113 102.07 82.74 1.00
CA LEU DA 113 101.94 82.63 2.45
C LEU DA 113 102.38 83.90 3.17
N SER DA 114 103.37 84.62 2.66
CA SER DA 114 103.81 85.88 3.26
C SER DA 114 104.57 86.70 2.24
N VAL DA 115 104.73 87.99 2.55
CA VAL DA 115 105.58 88.90 1.78
C VAL DA 115 106.46 89.65 2.77
N ALA DA 116 107.55 90.22 2.25
CA ALA DA 116 108.45 90.99 3.09
C ALA DA 116 108.61 92.38 2.49
N ILE DA 117 108.84 93.35 3.36
CA ILE DA 117 108.99 94.74 2.97
C ILE DA 117 110.44 95.16 3.23
N ASN DA 118 110.99 95.92 2.29
CA ASN DA 118 112.34 96.43 2.40
C ASN DA 118 112.44 97.45 3.53
N LYS DA 119 113.68 97.77 3.91
CA LYS DA 119 113.92 98.80 4.93
C LYS DA 119 113.46 100.17 4.45
N GLU DA 120 113.58 100.43 3.14
CA GLU DA 120 113.04 101.64 2.54
C GLU DA 120 111.75 101.40 1.79
N GLY DA 121 111.42 100.15 1.48
CA GLY DA 121 110.23 99.84 0.70
C GLY DA 121 110.42 99.84 -0.79
N THR DA 122 111.67 99.89 -1.28
CA THR DA 122 111.89 99.97 -2.72
C THR DA 122 111.75 98.60 -3.38
N LYS DA 123 111.86 97.53 -2.61
CA LYS DA 123 111.67 96.18 -3.12
C LYS DA 123 110.70 95.41 -2.24
N ILE DA 124 110.00 94.47 -2.85
CA ILE DA 124 109.06 93.59 -2.15
C ILE DA 124 109.43 92.15 -2.48
N VAL DA 125 109.66 91.36 -1.44
CA VAL DA 125 110.10 89.98 -1.58
C VAL DA 125 109.04 89.08 -0.97
N THR DA 126 108.59 88.10 -1.74
CA THR DA 126 107.39 87.34 -1.40
C THR DA 126 107.75 85.89 -1.08
N GLY DA 127 106.95 85.28 -0.21
CA GLY DA 127 107.10 83.87 0.12
C GLY DA 127 105.82 83.12 -0.20
N SER DA 128 105.90 82.21 -1.17
CA SER DA 128 104.72 81.59 -1.73
C SER DA 128 104.69 80.08 -1.53
N VAL DA 129 103.64 79.42 -2.02
CA VAL DA 129 103.57 77.97 -2.00
C VAL DA 129 104.12 77.39 -3.30
N ASP DA 130 104.65 78.25 -4.17
CA ASP DA 130 105.23 77.85 -5.46
C ASP DA 130 106.61 77.22 -5.34
N CYS DA 131 107.11 77.02 -4.10
CA CYS DA 131 108.50 76.62 -3.83
C CYS DA 131 109.50 77.56 -4.50
N SER DA 132 109.19 78.86 -4.46
CA SER DA 132 109.99 79.86 -5.14
C SER DA 132 109.77 81.21 -4.45
N ILE DA 133 110.76 82.09 -4.59
CA ILE DA 133 110.74 83.40 -3.95
C ILE DA 133 111.08 84.44 -5.01
N LYS DA 134 110.20 85.43 -5.18
CA LYS DA 134 110.33 86.41 -6.26
C LYS DA 134 110.38 87.82 -5.69
N LEU DA 135 110.95 88.73 -6.48
CA LEU DA 135 111.10 90.12 -6.06
C LEU DA 135 110.14 91.01 -6.83
N TRP DA 136 109.65 92.07 -6.18
CA TRP DA 136 108.74 93.01 -6.80
C TRP DA 136 109.09 94.43 -6.38
N ASN DA 137 108.85 95.38 -7.27
CA ASN DA 137 109.08 96.79 -6.98
C ASN DA 137 107.77 97.47 -6.58
N THR DA 138 107.84 98.77 -6.34
CA THR DA 138 106.63 99.54 -6.04
C THR DA 138 105.71 99.59 -7.25
N LYS DA 139 106.29 99.77 -8.44
CA LYS DA 139 105.58 99.44 -9.66
C LYS DA 139 105.93 98.00 -10.06
N GLY DA 140 104.91 97.18 -10.23
CA GLY DA 140 105.13 95.75 -10.32
C GLY DA 140 105.81 95.28 -11.60
N ILE DA 141 107.10 94.97 -11.48
CA ILE DA 141 107.88 94.36 -12.55
C ILE DA 141 108.67 93.25 -11.87
N LEU DA 142 108.84 92.11 -12.56
CA LEU DA 142 109.65 91.02 -12.07
C LEU DA 142 111.11 91.43 -12.06
N ILE DA 143 111.74 91.34 -10.88
CA ILE DA 143 113.13 91.75 -10.69
C ILE DA 143 114.05 90.54 -10.61
N ASN DA 144 113.78 89.63 -9.69
CA ASN DA 144 114.54 88.39 -9.58
C ASN DA 144 113.65 87.31 -8.98
N THR DA 145 114.02 86.06 -9.27
CA THR DA 145 113.37 84.89 -8.68
C THR DA 145 114.40 84.05 -7.97
N PHE DA 146 113.96 83.39 -6.89
CA PHE DA 146 114.77 82.40 -6.19
C PHE DA 146 114.01 81.07 -6.24
N GLY DA 147 114.22 80.32 -7.32
CA GLY DA 147 113.46 79.12 -7.55
C GLY DA 147 114.28 77.85 -7.45
N PRO DA 148 113.83 76.79 -8.10
CA PRO DA 148 114.53 75.51 -8.04
C PRO DA 148 115.80 75.53 -8.87
N GLY DA 149 116.55 74.44 -8.77
CA GLY DA 149 117.84 74.33 -9.40
C GLY DA 149 119.01 74.77 -8.54
N LEU DA 150 118.75 75.48 -7.45
CA LEU DA 150 119.77 75.90 -6.49
C LEU DA 150 120.21 74.67 -5.71
N GLU DA 151 121.45 74.69 -5.21
CA GLU DA 151 122.01 73.50 -4.57
C GLU DA 151 121.38 73.26 -3.21
N ASN DA 152 121.01 74.32 -2.51
CA ASN DA 152 120.31 74.25 -1.23
C ASN DA 152 119.21 75.29 -1.26
N CYS DA 153 118.04 74.89 -1.76
CA CYS DA 153 116.88 75.73 -1.82
C CYS DA 153 115.74 75.02 -1.09
N HIS DA 154 114.72 75.80 -0.73
CA HIS DA 154 113.58 75.23 -0.03
C HIS DA 154 112.75 74.36 -0.98
N LYS DA 155 112.42 73.16 -0.52
CA LYS DA 155 111.70 72.17 -1.31
C LYS DA 155 110.30 72.00 -0.72
N ASN DA 156 109.85 73.04 -0.02
CA ASN DA 156 108.55 73.08 0.65
C ASN DA 156 108.04 74.49 0.82
N TRP DA 157 107.08 74.65 1.72
CA TRP DA 157 106.34 75.91 1.85
C TRP DA 157 107.15 76.92 2.64
N VAL DA 158 107.48 78.05 2.03
CA VAL DA 158 108.07 79.16 2.78
C VAL DA 158 106.95 79.94 3.45
N THR DA 159 106.74 79.65 4.74
CA THR DA 159 105.62 80.27 5.45
C THR DA 159 106.00 81.66 5.95
N CYS DA 160 107.11 81.76 6.66
CA CYS DA 160 107.52 82.98 7.35
C CYS DA 160 108.65 83.66 6.60
N LEU DA 161 108.63 84.99 6.58
CA LEU DA 161 109.66 85.80 5.97
C LEU DA 161 109.81 87.09 6.75
N GLU DA 162 111.03 87.37 7.20
CA GLU DA 162 111.33 88.64 7.83
C GLU DA 162 112.59 89.22 7.21
N PHE DA 163 112.73 90.54 7.34
CA PHE DA 163 113.82 91.28 6.73
C PHE DA 163 114.74 91.81 7.82
N ASP DA 164 116.02 91.93 7.50
CA ASP DA 164 116.99 92.47 8.44
C ASP DA 164 116.76 93.97 8.62
N SER DA 165 117.20 94.47 9.77
CA SER DA 165 117.08 95.89 10.08
C SER DA 165 118.41 96.62 10.02
N ARG DA 166 119.52 95.90 10.17
CA ARG DA 166 120.83 96.54 10.11
C ARG DA 166 121.39 96.55 8.70
N ASP DA 167 120.73 95.86 7.78
CA ASP DA 167 121.16 95.78 6.39
C ASP DA 167 120.00 96.01 5.45
N GLU DA 168 120.32 96.45 4.23
CA GLU DA 168 119.30 96.55 3.19
C GLU DA 168 119.37 95.36 2.25
N ASN DA 169 120.26 94.41 2.51
CA ASN DA 169 120.55 93.33 1.57
C ASN DA 169 120.39 91.93 2.17
N ILE DA 170 120.39 91.80 3.50
CA ILE DA 170 120.27 90.47 4.10
C ILE DA 170 118.80 90.14 4.32
N LEU DA 171 118.38 88.96 3.87
CA LEU DA 171 117.00 88.53 4.02
C LEU DA 171 116.97 87.07 4.45
N TYR DA 172 116.29 86.83 5.58
CA TYR DA 172 116.19 85.52 6.18
C TYR DA 172 115.00 84.77 5.62
N SER DA 173 114.95 83.47 5.89
CA SER DA 173 113.85 82.63 5.40
C SER DA 173 113.72 81.40 6.29
N GLY DA 174 112.48 81.08 6.63
CA GLY DA 174 112.18 79.84 7.32
C GLY DA 174 111.00 79.15 6.67
N SER DA 175 111.13 77.85 6.50
CA SER DA 175 110.18 77.11 5.68
C SER DA 175 109.85 75.78 6.34
N LYS DA 176 108.93 75.04 5.70
CA LYS DA 176 108.42 73.80 6.25
C LYS DA 176 109.40 72.64 6.15
N ASP DA 177 110.53 72.84 5.45
CA ASP DA 177 111.55 71.80 5.36
C ASP DA 177 112.24 71.57 6.70
N GLY DA 178 112.18 72.55 7.59
CA GLY DA 178 112.86 72.50 8.87
C GLY DA 178 114.14 73.29 8.90
N SER DA 179 114.45 74.02 7.84
CA SER DA 179 115.70 74.73 7.72
C SER DA 179 115.44 76.23 7.73
N VAL DA 180 116.32 76.96 8.42
CA VAL DA 180 116.30 78.42 8.41
C VAL DA 180 117.45 78.88 7.53
N LYS DA 181 117.12 79.41 6.36
CA LYS DA 181 118.10 79.77 5.35
C LYS DA 181 118.14 81.28 5.17
N ILE DA 182 119.33 81.81 4.97
CA ILE DA 182 119.54 83.26 4.88
C ILE DA 182 120.01 83.60 3.48
N TRP DA 183 119.32 84.55 2.84
CA TRP DA 183 119.64 85.00 1.50
C TRP DA 183 120.23 86.40 1.54
N ASN DA 184 121.06 86.68 0.54
CA ASN DA 184 121.47 88.05 0.22
C ASN DA 184 120.82 88.42 -1.09
N ILE DA 185 120.08 89.53 -1.10
CA ILE DA 185 119.17 89.80 -2.21
C ILE DA 185 119.93 90.34 -3.42
N GLU DA 186 121.18 90.76 -3.23
CA GLU DA 186 121.91 91.35 -4.34
C GLU DA 186 122.48 90.28 -5.26
N ASP DA 187 123.03 89.21 -4.69
CA ASP DA 187 123.73 88.21 -5.46
C ASP DA 187 122.93 86.96 -5.74
N GLY DA 188 121.81 86.75 -5.03
CA GLY DA 188 121.11 85.48 -5.12
C GLY DA 188 121.90 84.34 -4.51
N THR DA 189 122.54 84.60 -3.37
CA THR DA 189 123.49 83.66 -2.79
C THR DA 189 123.01 83.20 -1.42
N LEU DA 190 123.51 82.04 -1.00
CA LEU DA 190 123.22 81.53 0.32
C LEU DA 190 124.20 82.10 1.34
N LEU DA 191 123.71 82.39 2.54
CA LEU DA 191 124.57 82.64 3.68
C LEU DA 191 124.73 81.41 4.56
N LYS DA 192 123.64 80.94 5.16
CA LYS DA 192 123.69 79.79 6.06
C LYS DA 192 122.36 79.04 5.95
N THR DA 193 122.38 77.79 6.42
CA THR DA 193 121.15 77.00 6.59
C THR DA 193 121.15 76.48 8.03
N PHE DA 194 120.17 76.88 8.81
CA PHE DA 194 120.10 76.49 10.21
C PHE DA 194 119.17 75.30 10.39
N VAL DA 195 119.70 74.21 10.95
CA VAL DA 195 118.89 73.07 11.33
C VAL DA 195 119.05 72.78 12.83
N GLU DA 196 118.02 73.09 13.61
CA GLU DA 196 117.94 72.93 15.07
C GLU DA 196 119.06 73.65 15.82
N GLY DA 197 119.68 74.67 15.23
CA GLY DA 197 120.83 75.30 15.83
C GLY DA 197 122.15 74.72 15.34
N ASN DA 198 122.23 74.42 14.05
CA ASN DA 198 123.43 73.85 13.45
C ASN DA 198 123.64 74.51 12.10
N VAL DA 199 124.91 74.71 11.75
CA VAL DA 199 125.26 75.34 10.49
C VAL DA 199 125.78 74.30 9.51
N LEU DA 200 124.94 73.94 8.54
CA LEU DA 200 125.32 72.92 7.57
C LEU DA 200 126.30 73.48 6.56
N ASP DA 201 127.23 72.62 6.12
CA ASP DA 201 128.16 72.94 5.05
C ASP DA 201 128.04 71.81 4.03
N TYR DA 202 127.47 72.14 2.87
CA TYR DA 202 127.20 71.09 1.89
C TYR DA 202 128.46 70.68 1.15
N GLN DA 203 129.49 71.51 1.18
CA GLN DA 203 130.74 71.17 0.52
C GLN DA 203 131.70 70.48 1.48
N ASN DA 204 131.93 71.09 2.64
CA ASN DA 204 132.90 70.52 3.58
C ASN DA 204 132.28 69.42 4.43
N TYR DA 205 131.13 69.69 5.05
CA TYR DA 205 130.62 68.79 6.08
C TYR DA 205 129.82 67.63 5.48
N GLU DA 206 129.72 67.57 4.16
CA GLU DA 206 129.06 66.42 3.53
C GLU DA 206 129.95 65.18 3.63
N LYS DA 207 131.27 65.36 3.53
CA LYS DA 207 132.18 64.27 3.85
C LYS DA 207 132.14 63.95 5.33
N GLU DA 208 131.89 64.95 6.17
CA GLU DA 208 131.62 64.70 7.58
C GLU DA 208 130.25 64.06 7.77
N THR DA 209 129.32 64.32 6.85
CA THR DA 209 128.04 63.62 6.87
C THR DA 209 128.14 62.26 6.17
N GLY DA 210 129.27 62.01 5.50
CA GLY DA 210 129.69 60.80 4.80
C GLY DA 210 128.83 60.47 3.57
N GLU DA 211 127.84 61.30 3.23
CA GLU DA 211 127.00 61.11 2.06
C GLU DA 211 126.32 62.44 1.76
N LYS DA 212 125.35 62.40 0.84
CA LYS DA 212 124.52 63.57 0.65
C LYS DA 212 123.53 63.68 1.80
N PRO DA 213 123.38 64.88 2.37
CA PRO DA 213 122.40 65.06 3.45
C PRO DA 213 120.96 64.92 2.96
N LYS DA 214 120.04 64.86 3.91
CA LYS DA 214 118.66 64.51 3.61
C LYS DA 214 117.94 65.69 2.96
N ASP DA 215 117.04 65.39 2.03
CA ASP DA 215 116.45 66.44 1.19
C ASP DA 215 115.37 67.19 1.94
N ASN DA 216 114.44 66.48 2.56
CA ASN DA 216 113.39 67.10 3.36
C ASN DA 216 113.21 66.34 4.66
N GLU DA 217 113.20 67.08 5.77
CA GLU DA 217 113.10 66.53 7.12
C GLU DA 217 111.84 67.12 7.75
N LEU DA 218 110.71 66.46 7.53
CA LEU DA 218 109.41 66.98 7.95
C LEU DA 218 109.04 66.62 9.39
N ALA DA 219 110.01 66.26 10.23
CA ALA DA 219 109.73 66.01 11.63
C ALA DA 219 109.40 67.30 12.37
N LEU DA 220 109.95 68.42 11.92
CA LEU DA 220 109.70 69.74 12.52
C LEU DA 220 109.73 70.78 11.41
N SER DA 221 108.73 71.66 11.42
CA SER DA 221 108.68 72.78 10.49
C SER DA 221 109.17 74.05 11.16
N VAL DA 222 109.15 75.14 10.40
CA VAL DA 222 109.44 76.47 10.93
C VAL DA 222 108.14 77.25 10.93
N THR DA 223 107.80 77.79 12.10
CA THR DA 223 106.50 78.43 12.31
C THR DA 223 106.59 79.95 12.24
N CYS DA 224 107.55 80.54 12.93
CA CYS DA 224 107.61 81.99 13.07
C CYS DA 224 109.06 82.45 13.17
N LEU DA 225 109.38 83.54 12.47
CA LEU DA 225 110.73 84.07 12.46
C LEU DA 225 110.74 85.53 12.93
N THR DA 226 111.54 85.80 13.95
CA THR DA 226 111.67 87.15 14.49
C THR DA 226 113.11 87.60 14.39
N PHE DA 227 113.33 88.86 14.76
CA PHE DA 227 114.66 89.45 14.80
C PHE DA 227 114.68 90.52 15.88
N CYS DA 228 115.77 90.58 16.63
CA CYS DA 228 115.95 91.59 17.67
C CYS DA 228 117.11 92.49 17.29
N GLU DA 229 117.05 93.76 17.72
CA GLU DA 229 118.05 94.73 17.34
C GLU DA 229 118.90 95.20 18.52
N GLY DA 230 118.48 94.93 19.76
CA GLY DA 230 119.36 95.15 20.90
C GLY DA 230 120.54 94.20 20.88
N GLY DA 231 120.24 92.90 20.87
CA GLY DA 231 121.22 91.90 20.50
C GLY DA 231 120.76 91.24 19.23
N ASN DA 232 121.59 91.27 18.19
CA ASN DA 232 121.16 90.89 16.85
C ASN DA 232 121.07 89.37 16.76
N PHE DA 233 119.94 88.82 17.17
CA PHE DA 233 119.68 87.39 17.03
C PHE DA 233 118.28 87.18 16.47
N LEU DA 234 118.14 86.08 15.72
CA LEU DA 234 116.84 85.61 15.26
C LEU DA 234 116.38 84.47 16.16
N ILE DA 235 115.09 84.44 16.44
CA ILE DA 235 114.49 83.38 17.24
C ILE DA 235 113.41 82.72 16.40
N TYR DA 236 113.56 81.42 16.16
CA TYR DA 236 112.57 80.66 15.42
C TYR DA 236 112.00 79.55 16.29
N GLY DA 237 110.74 79.22 16.03
CA GLY DA 237 110.08 78.15 16.74
C GLY DA 237 109.79 76.99 15.79
N GLY DA 238 109.72 75.80 16.36
CA GLY DA 238 109.54 74.61 15.56
C GLY DA 238 108.23 73.90 15.80
N LYS DA 239 107.96 72.86 15.02
CA LYS DA 239 106.76 72.04 15.18
C LYS DA 239 106.84 71.15 16.40
N ASN DA 240 108.03 70.84 16.89
CA ASN DA 240 108.22 69.95 18.03
C ASN DA 240 108.09 70.68 19.37
N ASN DA 241 107.44 71.84 19.39
CA ASN DA 241 107.18 72.74 20.51
C ASN DA 241 108.46 73.35 21.10
N LYS DA 242 109.62 73.15 20.47
CA LYS DA 242 110.85 73.71 20.99
C LYS DA 242 111.13 75.07 20.35
N VAL DA 243 111.80 75.93 21.11
CA VAL DA 243 112.21 77.26 20.66
C VAL DA 243 113.72 77.28 20.64
N TYR DA 244 114.31 78.05 19.73
CA TYR DA 244 115.76 78.10 19.54
C TYR DA 244 116.23 79.53 19.45
N ILE DA 245 117.25 79.88 20.25
CA ILE DA 245 117.87 81.19 20.21
C ILE DA 245 119.32 81.02 19.78
N VAL DA 246 119.71 81.66 18.68
CA VAL DA 246 121.06 81.62 18.16
C VAL DA 246 121.52 83.07 17.97
N ASN DA 247 122.57 83.47 18.67
CA ASN DA 247 123.13 84.81 18.59
C ASN DA 247 123.93 84.95 17.31
N LEU DA 248 123.44 85.78 16.38
CA LEU DA 248 124.00 85.81 15.03
C LEU DA 248 125.31 86.59 14.98
N ASP DA 249 125.65 87.30 16.06
CA ASP DA 249 126.90 88.03 16.10
C ASP DA 249 128.09 87.08 16.18
N THR DA 250 127.92 85.96 16.90
CA THR DA 250 128.91 84.91 16.96
C THR DA 250 128.50 83.66 16.18
N ASN DA 251 127.24 83.59 15.75
CA ASN DA 251 126.64 82.43 15.08
C ASN DA 251 126.79 81.15 15.92
N GLU DA 252 126.51 81.28 17.21
CA GLU DA 252 126.51 80.14 18.13
C GLU DA 252 125.19 80.11 18.87
N CYS DA 253 124.75 78.90 19.23
CA CYS DA 253 123.46 78.74 19.89
C CYS DA 253 123.53 79.21 21.33
N VAL DA 254 122.40 79.75 21.82
CA VAL DA 254 122.35 80.34 23.16
C VAL DA 254 121.49 79.48 24.07
N ALA DA 255 120.21 79.33 23.74
CA ALA DA 255 119.28 78.65 24.63
C ALA DA 255 118.23 77.91 23.81
N SER DA 256 117.70 76.84 24.38
CA SER DA 256 116.68 76.00 23.75
C SER DA 256 115.63 75.63 24.78
N VAL DA 257 114.43 76.19 24.64
CA VAL DA 257 113.32 75.93 25.54
C VAL DA 257 112.20 75.24 24.78
N ALA DA 258 111.66 74.18 25.38
CA ALA DA 258 110.55 73.42 24.82
C ALA DA 258 109.31 73.64 25.66
N VAL DA 259 108.19 73.93 25.00
CA VAL DA 259 106.97 74.41 25.65
C VAL DA 259 105.94 73.28 25.50
N GLU DA 260 104.74 73.49 26.07
CA GLU DA 260 103.72 72.43 26.09
C GLU DA 260 103.15 72.17 24.69
N ASN DA 261 102.51 73.18 24.10
CA ASN DA 261 101.92 73.03 22.77
C ASN DA 261 102.77 73.76 21.74
N THR DA 262 102.29 73.74 20.50
CA THR DA 262 103.09 74.25 19.40
C THR DA 262 103.08 75.76 19.36
N VAL DA 263 104.23 76.33 19.00
CA VAL DA 263 104.35 77.77 18.89
C VAL DA 263 103.66 78.26 17.63
N ARG DA 264 102.87 79.31 17.75
CA ARG DA 264 102.21 79.90 16.60
C ARG DA 264 102.94 81.18 16.18
N SER DA 265 103.30 82.02 17.15
CA SER DA 265 104.15 83.18 16.88
C SER DA 265 104.92 83.51 18.16
N VAL DA 266 106.06 84.18 17.97
CA VAL DA 266 106.76 84.82 19.07
C VAL DA 266 107.06 86.25 18.65
N THR DA 267 107.50 87.05 19.61
CA THR DA 267 107.87 88.44 19.34
C THR DA 267 108.83 88.92 20.43
N SER DA 268 109.62 89.93 20.08
CA SER DA 268 110.52 90.59 21.01
C SER DA 268 109.83 91.84 21.52
N PHE DA 269 110.33 92.37 22.64
CA PHE DA 269 109.74 93.58 23.19
C PHE DA 269 110.60 94.80 22.88
N GLU DA 270 110.14 95.94 23.38
CA GLU DA 270 110.92 97.17 23.25
C GLU DA 270 111.93 97.29 24.40
N SER DA 271 111.52 96.89 25.59
CA SER DA 271 112.41 96.85 26.75
C SER DA 271 112.48 95.42 27.27
N PHE DA 272 113.34 95.22 28.27
CA PHE DA 272 113.56 94.00 29.07
C PHE DA 272 114.25 92.87 28.30
N ALA DA 273 114.47 93.01 26.99
CA ALA DA 273 115.06 91.99 26.11
C ALA DA 273 114.35 90.64 26.25
N GLY DA 274 113.02 90.68 26.27
CA GLY DA 274 112.23 89.50 26.56
C GLY DA 274 111.57 88.96 25.30
N ILE DA 275 110.99 87.78 25.46
CA ILE DA 275 110.25 87.12 24.38
C ILE DA 275 108.89 86.68 24.91
N ALA DA 276 107.84 87.10 24.25
CA ALA DA 276 106.51 86.53 24.43
C ALA DA 276 106.35 85.35 23.49
N ILE DA 277 105.69 84.30 23.99
CA ILE DA 277 105.54 83.07 23.22
C ILE DA 277 104.06 82.79 23.04
N GLY DA 278 103.65 82.62 21.80
CA GLY DA 278 102.27 82.30 21.48
C GLY DA 278 102.07 80.82 21.24
N THR DA 279 101.42 80.16 22.18
CA THR DA 279 101.07 78.74 22.04
C THR DA 279 99.59 78.63 21.67
N ASP DA 280 99.08 77.41 21.58
CA ASP DA 280 97.65 77.24 21.36
C ASP DA 280 96.86 77.48 22.63
N ASP DA 281 97.42 77.09 23.77
CA ASP DA 281 96.69 77.03 25.03
C ASP DA 281 96.96 78.21 25.95
N ALA DA 282 98.10 78.89 25.82
CA ALA DA 282 98.43 79.96 26.76
C ALA DA 282 99.42 80.91 26.10
N ILE DA 283 99.76 81.97 26.84
CA ILE DA 283 100.78 82.93 26.44
C ILE DA 283 101.92 82.82 27.46
N TYR DA 284 103.16 82.84 26.97
CA TYR DA 284 104.33 82.60 27.81
C TYR DA 284 105.26 83.79 27.74
N ILE DA 285 105.93 84.09 28.86
CA ILE DA 285 106.90 85.17 28.95
C ILE DA 285 108.26 84.54 29.24
N TYR DA 286 109.31 85.09 28.65
CA TYR DA 286 110.66 84.54 28.77
C TYR DA 286 111.67 85.63 28.42
N ASP DA 287 112.81 85.63 29.10
CA ASP DA 287 113.89 86.57 28.84
C ASP DA 287 115.19 85.81 28.61
N VAL DA 288 116.06 86.39 27.77
CA VAL DA 288 117.26 85.69 27.34
C VAL DA 288 118.32 85.71 28.44
N CYS DA 289 118.24 86.68 29.35
CA CYS DA 289 119.26 86.80 30.38
C CYS DA 289 119.01 85.82 31.51
N SER DA 290 117.87 85.94 32.20
CA SER DA 290 117.58 85.09 33.34
C SER DA 290 117.18 83.67 32.96
N LYS DA 291 116.80 83.44 31.69
CA LYS DA 291 116.39 82.13 31.17
C LYS DA 291 115.23 81.53 31.95
N SER DA 292 114.26 82.39 32.30
CA SER DA 292 113.19 81.97 33.19
C SER DA 292 111.86 82.41 32.64
N ILE DA 293 110.81 81.70 33.05
CA ILE DA 293 109.43 82.04 32.71
C ILE DA 293 108.84 82.76 33.91
N VAL DA 294 108.39 83.99 33.68
CA VAL DA 294 107.88 84.82 34.77
C VAL DA 294 106.49 84.35 35.15
N ALA DA 295 105.56 84.43 34.20
CA ALA DA 295 104.19 83.99 34.42
C ALA DA 295 103.64 83.51 33.09
N THR DA 296 102.50 82.82 33.15
CA THR DA 296 101.88 82.23 31.98
C THR DA 296 100.37 82.24 32.15
N HIS DA 297 99.68 82.94 31.26
CA HIS DA 297 98.22 83.10 31.36
C HIS DA 297 97.55 82.18 30.35
N SER DA 298 96.69 81.30 30.84
CA SER DA 298 95.95 80.39 30.00
C SER DA 298 94.75 81.10 29.39
N LEU DA 299 94.42 80.72 28.16
CA LEU DA 299 93.19 81.12 27.51
C LEU DA 299 92.14 80.02 27.51
N LEU DA 300 92.31 79.03 28.39
CA LEU DA 300 91.36 77.92 28.45
C LEU DA 300 90.04 78.35 29.05
N GLU DA 301 90.06 79.39 29.90
CA GLU DA 301 88.84 79.80 30.59
C GLU DA 301 87.94 80.60 29.65
N MET DA 302 88.51 81.17 28.59
CA MET DA 302 87.70 81.92 27.63
C MET DA 302 86.90 80.97 26.75
N GLY DA 303 87.49 79.85 26.38
CA GLY DA 303 86.81 78.83 25.60
C GLY DA 303 87.75 77.71 25.26
N LYS DA 304 87.18 76.56 24.89
CA LYS DA 304 88.00 75.38 24.64
C LYS DA 304 88.74 75.49 23.30
N GLY DA 305 88.04 75.95 22.26
CA GLY DA 305 88.58 75.92 20.92
C GLY DA 305 89.36 77.13 20.46
N ILE DA 306 89.87 77.96 21.38
CA ILE DA 306 90.55 79.18 20.97
C ILE DA 306 92.05 78.94 20.90
N SER DA 307 92.73 79.69 20.03
CA SER DA 307 94.18 79.75 20.00
C SER DA 307 94.61 81.17 19.68
N CYS DA 308 95.86 81.49 20.01
CA CYS DA 308 96.42 82.81 19.71
C CYS DA 308 97.38 82.65 18.54
N ASN DA 309 97.26 83.53 17.55
CA ASN DA 309 97.91 83.30 16.27
C ASN DA 309 99.18 84.14 16.12
N SER DA 310 99.05 85.47 16.22
CA SER DA 310 100.20 86.35 16.02
C SER DA 310 100.20 87.42 17.10
N LEU DA 311 101.40 87.84 17.48
CA LEU DA 311 101.59 88.71 18.63
C LEU DA 311 102.48 89.88 18.26
N VAL DA 312 102.02 91.09 18.58
CA VAL DA 312 102.76 92.33 18.35
C VAL DA 312 102.50 93.24 19.56
N SER DA 313 103.57 93.75 20.17
CA SER DA 313 103.48 94.57 21.37
C SER DA 313 104.12 95.93 21.10
N GLN DA 314 103.33 97.00 21.23
CA GLN DA 314 103.83 98.32 20.87
C GLN DA 314 104.49 99.03 22.05
N GLY DA 315 104.13 98.63 23.28
CA GLY DA 315 104.73 99.21 24.46
C GLY DA 315 105.09 98.15 25.48
N ASN DA 316 104.53 98.28 26.68
CA ASN DA 316 104.42 97.19 27.63
C ASN DA 316 103.13 96.41 27.44
N ILE DA 317 102.44 96.64 26.33
CA ILE DA 317 101.07 96.21 26.12
C ILE DA 317 101.06 95.13 25.05
N LEU DA 318 100.48 93.98 25.37
CA LEU DA 318 100.30 92.96 24.34
C LEU DA 318 99.02 93.20 23.55
N TYR DA 319 99.09 92.87 22.27
CA TYR DA 319 97.92 92.77 21.41
C TYR DA 319 97.85 91.34 20.92
N CYS DA 320 96.84 90.61 21.36
CA CYS DA 320 96.79 89.16 21.20
C CYS DA 320 95.95 88.80 19.99
N GLY DA 321 96.53 88.05 19.06
CA GLY DA 321 95.83 87.59 17.88
C GLY DA 321 95.05 86.32 18.10
N LEU DA 322 93.87 86.41 18.71
CA LEU DA 322 93.01 85.25 18.91
C LEU DA 322 92.44 84.72 17.61
N SER DA 323 92.07 83.43 17.63
CA SER DA 323 91.26 82.84 16.58
C SER DA 323 89.77 82.91 16.89
N ASN DA 324 89.39 83.61 17.96
CA ASN DA 324 87.98 83.69 18.32
C ASN DA 324 87.23 84.68 17.43
N GLY DA 325 87.81 85.86 17.21
CA GLY DA 325 87.12 86.93 16.50
C GLY DA 325 87.33 88.30 17.09
N GLN DA 326 88.18 88.46 18.10
CA GLN DA 326 88.50 89.75 18.70
C GLN DA 326 90.02 89.90 18.81
N ILE DA 327 90.45 90.95 19.49
CA ILE DA 327 91.86 91.20 19.76
C ILE DA 327 91.98 91.68 21.21
N TYR DA 328 92.94 91.09 21.93
CA TYR DA 328 92.97 91.09 23.38
C TYR DA 328 94.14 91.93 23.86
N THR DA 329 93.95 92.62 24.99
CA THR DA 329 94.91 93.59 25.49
C THR DA 329 95.44 93.12 26.85
N LEU DA 330 96.76 93.04 26.97
CA LEU DA 330 97.42 92.68 28.22
C LEU DA 330 98.67 93.51 28.40
N GLU DA 331 98.69 94.32 29.45
CA GLU DA 331 99.87 95.08 29.83
C GLU DA 331 100.44 94.44 31.08
N TYR DA 332 101.75 94.21 31.09
CA TYR DA 332 102.39 93.57 32.22
C TYR DA 332 103.48 94.45 32.80
N SER DA 333 103.74 94.23 34.08
CA SER DA 333 104.82 94.88 34.81
C SER DA 333 105.24 93.94 35.94
N LYS DA 334 106.02 94.47 36.86
CA LYS DA 334 106.47 93.68 38.01
C LYS DA 334 106.29 94.45 39.31
N THR EA 2 -48.43 -27.09 -87.22
CA THR EA 2 -49.30 -28.26 -87.17
C THR EA 2 -50.12 -28.38 -88.43
N ARG EA 3 -49.63 -29.17 -89.38
CA ARG EA 3 -50.33 -29.34 -90.64
C ARG EA 3 -51.46 -30.35 -90.49
N ILE EA 4 -52.31 -30.43 -91.53
CA ILE EA 4 -53.41 -31.38 -91.50
C ILE EA 4 -52.89 -32.79 -91.71
N LEU EA 5 -52.25 -33.04 -92.86
CA LEU EA 5 -51.88 -34.38 -93.28
C LEU EA 5 -50.38 -34.47 -93.46
N THR EA 6 -49.77 -35.50 -92.86
CA THR EA 6 -48.38 -35.84 -93.08
C THR EA 6 -48.29 -37.23 -93.68
N GLU EA 7 -47.27 -37.47 -94.50
CA GLU EA 7 -47.14 -38.75 -95.18
C GLU EA 7 -45.67 -39.06 -95.43
N ARG EA 8 -45.33 -40.35 -95.34
CA ARG EA 8 -44.01 -40.85 -95.66
C ARG EA 8 -44.15 -42.14 -96.44
N LYS EA 9 -43.24 -42.35 -97.39
CA LYS EA 9 -43.24 -43.55 -98.22
C LYS EA 9 -41.88 -44.22 -98.17
N ILE EA 10 -41.89 -45.56 -98.18
CA ILE EA 10 -40.68 -46.36 -98.12
C ILE EA 10 -40.76 -47.44 -99.19
N SER EA 11 -39.82 -47.43 -100.13
CA SER EA 11 -39.79 -48.41 -101.21
C SER EA 11 -38.97 -49.62 -100.80
N ILE EA 12 -39.54 -50.81 -101.00
CA ILE EA 12 -38.91 -52.07 -100.60
C ILE EA 12 -38.29 -52.69 -101.85
N PRO EA 13 -37.28 -53.56 -101.71
CA PRO EA 13 -36.79 -54.28 -102.88
C PRO EA 13 -37.60 -55.54 -103.13
N GLY EA 14 -37.19 -56.31 -104.14
CA GLY EA 14 -37.92 -57.51 -104.49
C GLY EA 14 -37.48 -58.73 -103.71
N GLU EA 15 -36.24 -58.74 -103.24
CA GLU EA 15 -35.71 -59.92 -102.56
C GLU EA 15 -36.08 -59.93 -101.09
N CYS EA 16 -36.32 -58.77 -100.49
CA CYS EA 16 -36.74 -58.69 -99.09
C CYS EA 16 -38.25 -58.76 -99.02
N GLN EA 17 -38.77 -59.80 -98.39
CA GLN EA 17 -40.21 -60.00 -98.25
C GLN EA 17 -40.65 -59.45 -96.91
N VAL EA 18 -41.78 -58.74 -96.91
CA VAL EA 18 -42.36 -58.16 -95.70
C VAL EA 18 -43.85 -58.46 -95.68
N ASP EA 19 -44.31 -58.98 -94.54
CA ASP EA 19 -45.73 -59.16 -94.27
C ASP EA 19 -46.00 -58.63 -92.87
N LEU EA 20 -47.20 -58.09 -92.65
CA LEU EA 20 -47.52 -57.48 -91.37
C LEU EA 20 -48.91 -57.93 -90.93
N THR EA 21 -49.02 -58.29 -89.67
CA THR EA 21 -50.30 -58.37 -88.98
C THR EA 21 -50.59 -57.00 -88.36
N LYS EA 22 -51.58 -56.95 -87.47
CA LYS EA 22 -51.94 -55.71 -86.82
C LYS EA 22 -50.81 -55.22 -85.91
N LYS EA 23 -50.19 -54.10 -86.34
CA LYS EA 23 -49.19 -53.35 -85.56
C LYS EA 23 -47.95 -54.19 -85.24
N CYS EA 24 -47.57 -55.05 -86.18
CA CYS EA 24 -46.38 -55.87 -86.02
C CYS EA 24 -45.84 -56.24 -87.39
N PHE EA 25 -44.52 -56.17 -87.53
CA PHE EA 25 -43.86 -56.38 -88.80
C PHE EA 25 -42.98 -57.63 -88.75
N THR EA 26 -42.83 -58.27 -89.89
CA THR EA 26 -42.00 -59.47 -90.03
C THR EA 26 -41.20 -59.39 -91.32
N PHE EA 27 -39.88 -59.28 -91.19
CA PHE EA 27 -39.00 -59.20 -92.35
C PHE EA 27 -38.27 -60.52 -92.51
N THR EA 28 -38.37 -61.11 -93.70
CA THR EA 28 -37.70 -62.36 -94.00
C THR EA 28 -36.96 -62.21 -95.33
N GLY EA 29 -35.64 -62.41 -95.29
CA GLY EA 29 -34.82 -62.33 -96.47
C GLY EA 29 -33.74 -63.39 -96.45
N PRO EA 30 -32.73 -63.22 -97.32
CA PRO EA 30 -31.68 -64.25 -97.38
C PRO EA 30 -30.77 -64.28 -96.17
N LYS EA 31 -30.38 -63.13 -95.65
CA LYS EA 31 -29.34 -63.09 -94.62
C LYS EA 31 -29.87 -63.06 -93.20
N GLY EA 32 -31.11 -63.47 -92.97
CA GLY EA 32 -31.60 -63.59 -91.60
C GLY EA 32 -33.08 -63.35 -91.52
N LYS EA 33 -33.50 -62.90 -90.33
CA LYS EA 33 -34.90 -62.63 -90.02
C LYS EA 33 -34.96 -61.56 -88.93
N LEU EA 34 -35.92 -60.65 -89.05
CA LEU EA 34 -36.21 -59.67 -88.01
C LEU EA 34 -37.69 -59.49 -87.83
N VAL EA 35 -38.09 -59.20 -86.59
CA VAL EA 35 -39.46 -58.85 -86.25
C VAL EA 35 -39.45 -57.52 -85.50
N HIS EA 36 -40.45 -56.69 -85.76
CA HIS EA 36 -40.50 -55.35 -85.22
C HIS EA 36 -41.90 -55.09 -84.68
N ASP EA 37 -41.97 -54.47 -83.50
CA ASP EA 37 -43.24 -54.14 -82.87
C ASP EA 37 -43.51 -52.65 -83.04
N CYS EA 38 -44.63 -52.33 -83.69
CA CYS EA 38 -45.00 -50.95 -83.92
C CYS EA 38 -46.34 -50.59 -83.27
N SER EA 39 -46.69 -51.26 -82.17
CA SER EA 39 -48.00 -51.03 -81.56
C SER EA 39 -47.96 -49.83 -80.64
N LYS EA 40 -46.76 -49.39 -80.25
CA LYS EA 40 -46.66 -48.35 -79.23
C LYS EA 40 -46.99 -46.98 -79.81
N TYR EA 41 -46.78 -46.78 -81.10
CA TYR EA 41 -47.02 -45.47 -81.69
C TYR EA 41 -48.49 -45.31 -82.06
N LEU EA 42 -48.95 -44.05 -82.09
CA LEU EA 42 -50.33 -43.72 -82.41
C LEU EA 42 -50.43 -43.29 -83.88
N MET EA 43 -50.25 -44.27 -84.77
CA MET EA 43 -50.19 -43.97 -86.19
C MET EA 43 -50.90 -45.05 -87.00
N TYR EA 44 -50.94 -44.84 -88.31
CA TYR EA 44 -51.61 -45.75 -89.24
C TYR EA 44 -50.57 -46.40 -90.15
N PHE EA 45 -50.71 -47.69 -90.39
CA PHE EA 45 -49.79 -48.44 -91.23
C PHE EA 45 -50.56 -49.16 -92.32
N THR EA 46 -50.24 -48.86 -93.58
CA THR EA 46 -50.85 -49.52 -94.72
C THR EA 46 -49.75 -49.98 -95.66
N VAL EA 47 -49.76 -51.26 -96.02
CA VAL EA 47 -48.83 -51.80 -97.00
C VAL EA 47 -49.49 -51.76 -98.37
N GLU EA 48 -48.90 -50.98 -99.28
CA GLU EA 48 -49.37 -50.93 -100.65
C GLU EA 48 -48.59 -51.92 -101.50
N ASP EA 49 -48.73 -51.76 -102.81
CA ASP EA 49 -47.95 -52.56 -103.75
C ASP EA 49 -46.47 -52.17 -103.69
N SER EA 50 -45.68 -53.00 -103.01
CA SER EA 50 -44.24 -52.90 -102.83
C SER EA 50 -43.79 -51.59 -102.19
N GLU EA 51 -44.60 -51.01 -101.31
CA GLU EA 51 -44.22 -49.79 -100.61
C GLU EA 51 -45.03 -49.68 -99.33
N ILE EA 52 -44.38 -49.11 -98.30
CA ILE EA 52 -45.00 -48.87 -97.01
C ILE EA 52 -45.38 -47.40 -96.93
N VAL EA 53 -46.61 -47.13 -96.52
CA VAL EA 53 -47.11 -45.77 -96.37
C VAL EA 53 -47.49 -45.55 -94.91
N ILE EA 54 -47.05 -44.44 -94.34
CA ILE EA 54 -47.37 -44.06 -92.98
C ILE EA 54 -48.02 -42.68 -92.99
N ARG EA 55 -49.23 -42.59 -92.42
CA ARG EA 55 -50.01 -41.36 -92.43
C ARG EA 55 -50.37 -40.98 -91.00
N LEU EA 56 -50.62 -39.70 -90.77
CA LEU EA 56 -50.80 -39.14 -89.44
C LEU EA 56 -51.53 -37.80 -89.54
N TRP EA 57 -52.68 -37.70 -88.87
CA TRP EA 57 -53.55 -36.54 -88.99
C TRP EA 57 -53.55 -35.72 -87.72
N HIS EA 58 -53.51 -34.39 -87.88
CA HIS EA 58 -53.66 -33.42 -86.80
C HIS EA 58 -52.59 -33.58 -85.72
N ALA EA 59 -51.33 -33.58 -86.11
CA ALA EA 59 -50.26 -33.73 -85.14
C ALA EA 59 -49.66 -32.38 -84.78
N LYS EA 60 -49.03 -32.31 -83.61
CA LYS EA 60 -48.29 -31.12 -83.22
C LYS EA 60 -46.82 -31.32 -83.58
N ARG EA 61 -45.99 -30.37 -83.15
CA ARG EA 61 -44.59 -30.35 -83.57
C ARG EA 61 -43.78 -31.46 -82.92
N LYS EA 62 -44.15 -31.86 -81.72
CA LYS EA 62 -43.44 -32.96 -81.06
C LYS EA 62 -43.82 -34.31 -81.66
N GLN EA 63 -44.94 -34.36 -82.38
CA GLN EA 63 -45.37 -35.61 -82.98
C GLN EA 63 -44.97 -35.71 -84.44
N ILE EA 64 -44.70 -34.57 -85.08
CA ILE EA 64 -44.22 -34.57 -86.46
C ILE EA 64 -42.81 -35.14 -86.53
N ALA EA 65 -41.97 -34.83 -85.54
CA ALA EA 65 -40.58 -35.25 -85.59
C ALA EA 65 -40.43 -36.74 -85.36
N LEU EA 66 -41.45 -37.38 -84.78
CA LEU EA 66 -41.37 -38.82 -84.55
C LEU EA 66 -41.66 -39.59 -85.83
N ALA EA 67 -42.31 -38.95 -86.80
CA ALA EA 67 -42.67 -39.65 -88.03
C ALA EA 67 -41.44 -39.92 -88.88
N THR EA 68 -40.44 -39.04 -88.82
CA THR EA 68 -39.21 -39.26 -89.55
C THR EA 68 -38.35 -40.33 -88.87
N THR EA 69 -38.36 -40.34 -87.53
CA THR EA 69 -37.49 -41.26 -86.79
C THR EA 69 -37.96 -42.70 -86.94
N VAL EA 70 -39.28 -42.93 -86.85
CA VAL EA 70 -39.78 -44.30 -86.98
C VAL EA 70 -39.72 -44.75 -88.44
N THR EA 71 -39.63 -43.79 -89.38
CA THR EA 71 -39.38 -44.15 -90.77
C THR EA 71 -37.97 -44.67 -90.94
N SER EA 72 -36.97 -43.94 -90.41
CA SER EA 72 -35.59 -44.31 -90.63
C SER EA 72 -35.20 -45.55 -89.84
N LEU EA 73 -35.90 -45.82 -88.74
CA LEU EA 73 -35.65 -47.04 -87.99
C LEU EA 73 -36.12 -48.27 -88.75
N LEU EA 74 -37.29 -48.17 -89.38
CA LEU EA 74 -37.80 -49.28 -90.15
C LEU EA 74 -37.13 -49.38 -91.51
N ARG EA 75 -36.56 -48.26 -91.97
CA ARG EA 75 -35.81 -48.28 -93.23
C ARG EA 75 -34.50 -49.04 -93.07
N ASN EA 76 -33.90 -48.99 -91.88
CA ASN EA 76 -32.65 -49.69 -91.66
C ASN EA 76 -32.86 -51.19 -91.58
N SER EA 77 -34.02 -51.61 -91.08
CA SER EA 77 -34.28 -53.04 -90.90
C SER EA 77 -34.55 -53.72 -92.24
N ILE EA 78 -34.90 -52.95 -93.26
CA ILE EA 78 -35.08 -53.52 -94.59
C ILE EA 78 -33.73 -53.90 -95.19
N THR EA 79 -32.77 -52.98 -95.18
CA THR EA 79 -31.48 -53.24 -95.79
C THR EA 79 -30.65 -54.20 -94.94
N ALA EA 80 -30.94 -54.26 -93.65
CA ALA EA 80 -30.17 -55.10 -92.74
C ALA EA 80 -30.38 -56.58 -93.02
N VAL EA 81 -31.58 -56.95 -93.47
CA VAL EA 81 -31.87 -58.35 -93.76
C VAL EA 81 -31.36 -58.71 -95.15
N THR EA 82 -31.33 -57.72 -96.06
CA THR EA 82 -30.71 -57.94 -97.35
C THR EA 82 -29.19 -58.01 -97.23
N LYS EA 83 -28.59 -57.01 -96.58
CA LYS EA 83 -27.14 -56.93 -96.43
C LYS EA 83 -26.81 -56.80 -94.95
N GLY EA 84 -25.90 -57.63 -94.47
CA GLY EA 84 -25.43 -57.49 -93.11
C GLY EA 84 -24.51 -56.29 -92.95
N PHE EA 85 -24.19 -55.97 -91.69
CA PHE EA 85 -23.30 -54.86 -91.38
C PHE EA 85 -21.93 -55.37 -90.99
N SER EA 86 -20.94 -54.48 -91.01
CA SER EA 86 -19.57 -54.82 -90.64
C SER EA 86 -18.91 -53.61 -90.00
N TYR EA 87 -18.40 -53.78 -88.78
CA TYR EA 87 -17.72 -52.70 -88.07
C TYR EA 87 -16.29 -53.15 -87.77
N VAL EA 88 -15.32 -52.35 -88.20
CA VAL EA 88 -13.91 -52.71 -88.09
C VAL EA 88 -13.27 -51.86 -87.01
N MET EA 89 -12.77 -52.51 -85.96
CA MET EA 89 -12.16 -51.85 -84.82
C MET EA 89 -10.72 -52.31 -84.68
N LYS EA 90 -9.80 -51.35 -84.66
CA LYS EA 90 -8.36 -51.61 -84.63
C LYS EA 90 -7.76 -51.04 -83.35
N ALA EA 91 -6.91 -51.82 -82.70
CA ALA EA 91 -6.35 -51.45 -81.41
C ALA EA 91 -4.99 -50.79 -81.58
N VAL EA 92 -4.80 -49.65 -80.91
CA VAL EA 92 -3.54 -48.91 -80.92
C VAL EA 92 -2.90 -49.02 -79.55
N HIS EA 93 -1.58 -49.20 -79.51
CA HIS EA 93 -0.87 -49.42 -78.27
C HIS EA 93 0.46 -48.69 -78.28
N LYS EA 94 1.02 -48.51 -77.10
CA LYS EA 94 2.30 -47.82 -76.92
C LYS EA 94 3.04 -48.52 -75.79
N HIS EA 95 4.17 -49.15 -76.12
CA HIS EA 95 5.12 -49.86 -75.26
C HIS EA 95 4.59 -51.19 -74.73
N PHE EA 96 3.32 -51.51 -74.96
CA PHE EA 96 2.78 -52.80 -74.59
C PHE EA 96 2.05 -53.40 -75.78
N SER EA 97 1.74 -54.69 -75.67
CA SER EA 97 1.10 -55.43 -76.75
C SER EA 97 -0.20 -56.01 -76.23
N ILE EA 98 -1.07 -56.43 -77.14
CA ILE EA 98 -2.41 -56.89 -76.82
C ILE EA 98 -2.70 -58.16 -77.62
N ASN EA 99 -3.26 -59.15 -76.96
CA ASN EA 99 -3.58 -60.42 -77.60
C ASN EA 99 -5.10 -60.61 -77.64
N PHE EA 100 -5.58 -61.15 -78.75
CA PHE EA 100 -7.01 -61.38 -78.96
C PHE EA 100 -7.29 -62.88 -78.96
N GLU EA 101 -8.21 -63.31 -78.10
CA GLU EA 101 -8.59 -64.70 -78.01
C GLU EA 101 -10.10 -64.83 -78.21
N ILE EA 102 -10.51 -65.77 -79.06
CA ILE EA 102 -11.91 -65.97 -79.41
C ILE EA 102 -12.35 -67.31 -78.85
N LYS EA 103 -13.49 -67.34 -78.17
CA LYS EA 103 -14.00 -68.56 -77.58
C LYS EA 103 -15.47 -68.73 -77.95
N GLU EA 104 -15.92 -70.01 -77.88
CA GLU EA 104 -17.26 -70.51 -78.19
C GLU EA 104 -17.90 -69.85 -79.42
N ASN EA 105 -17.18 -69.94 -80.54
CA ASN EA 105 -17.68 -69.62 -81.89
C ASN EA 105 -18.13 -68.16 -82.03
N GLY EA 106 -17.30 -67.24 -81.55
CA GLY EA 106 -17.56 -65.84 -81.75
C GLY EA 106 -18.57 -65.23 -80.80
N LYS EA 107 -18.80 -65.82 -79.62
CA LYS EA 107 -19.73 -65.22 -78.69
C LYS EA 107 -19.00 -64.49 -77.57
N VAL EA 108 -17.75 -64.84 -77.32
CA VAL EA 108 -16.96 -64.28 -76.24
C VAL EA 108 -15.65 -63.77 -76.80
N LEU EA 109 -15.34 -62.51 -76.53
CA LEU EA 109 -14.06 -61.91 -76.87
C LEU EA 109 -13.25 -61.75 -75.60
N LEU EA 110 -11.98 -62.17 -75.64
CA LEU EA 110 -11.10 -62.17 -74.49
C LEU EA 110 -9.90 -61.29 -74.77
N ILE EA 111 -9.65 -60.32 -73.91
CA ILE EA 111 -8.59 -59.34 -74.09
C ILE EA 111 -7.57 -59.48 -72.96
N LYS EA 112 -6.30 -59.64 -73.32
CA LYS EA 112 -5.24 -59.91 -72.37
C LYS EA 112 -4.12 -58.92 -72.54
N ASN EA 113 -3.37 -58.71 -71.44
CA ASN EA 113 -2.15 -57.90 -71.38
C ASN EA 113 -2.41 -56.44 -71.78
N PHE EA 114 -3.56 -55.91 -71.40
CA PHE EA 114 -3.86 -54.51 -71.65
C PHE EA 114 -3.09 -53.68 -70.63
N MET EA 115 -2.07 -52.96 -71.12
CA MET EA 115 -1.19 -52.12 -70.31
C MET EA 115 -0.48 -52.90 -69.21
N GLY EA 116 -0.22 -54.18 -69.45
CA GLY EA 116 0.51 -54.99 -68.50
C GLY EA 116 -0.23 -55.28 -67.21
N GLU EA 117 -1.52 -55.59 -67.30
CA GLU EA 117 -2.29 -56.00 -66.14
C GLU EA 117 -2.57 -57.50 -66.24
N LYS EA 118 -2.73 -58.15 -65.09
CA LYS EA 118 -2.79 -59.61 -65.08
C LYS EA 118 -4.21 -60.11 -65.28
N ALA EA 119 -5.20 -59.34 -64.85
CA ALA EA 119 -6.58 -59.80 -64.93
C ALA EA 119 -7.11 -59.62 -66.35
N PRO EA 120 -7.53 -60.69 -67.01
CA PRO EA 120 -8.07 -60.55 -68.37
C PRO EA 120 -9.50 -60.06 -68.36
N ARG EA 121 -9.97 -59.53 -69.48
CA ARG EA 121 -11.31 -58.96 -69.59
C ARG EA 121 -12.14 -59.82 -70.53
N GLU EA 122 -13.43 -59.95 -70.21
CA GLU EA 122 -14.38 -60.71 -71.03
C GLU EA 122 -15.45 -59.78 -71.53
N PHE EA 123 -15.96 -60.07 -72.72
CA PHE EA 123 -17.07 -59.33 -73.31
C PHE EA 123 -18.00 -60.30 -74.02
N ARG EA 124 -19.28 -60.25 -73.68
CA ARG EA 124 -20.26 -61.05 -74.38
C ARG EA 124 -20.74 -60.31 -75.62
N MET EA 125 -21.37 -61.05 -76.52
CA MET EA 125 -21.94 -60.48 -77.74
C MET EA 125 -23.44 -60.35 -77.59
N LYS EA 126 -24.03 -59.45 -78.35
CA LYS EA 126 -25.47 -59.25 -78.28
C LYS EA 126 -26.18 -60.29 -79.15
N GLY EA 127 -27.50 -60.12 -79.24
CA GLY EA 127 -28.30 -61.08 -79.99
C GLY EA 127 -28.09 -60.93 -81.49
N GLN EA 128 -27.91 -62.08 -82.15
CA GLN EA 128 -27.68 -62.18 -83.60
C GLN EA 128 -26.46 -61.38 -84.05
N ALA EA 129 -25.29 -61.75 -83.53
CA ALA EA 129 -24.02 -61.15 -83.93
C ALA EA 129 -22.89 -62.13 -83.66
N VAL EA 130 -21.72 -61.83 -84.23
CA VAL EA 130 -20.55 -62.71 -84.12
C VAL EA 130 -19.31 -61.87 -84.41
N VAL EA 131 -18.15 -62.38 -83.99
CA VAL EA 131 -16.87 -61.70 -84.17
C VAL EA 131 -15.89 -62.66 -84.83
N LYS EA 132 -15.08 -62.15 -85.76
CA LYS EA 132 -14.06 -62.93 -86.46
C LYS EA 132 -12.75 -62.16 -86.45
N MET EA 133 -11.65 -62.90 -86.52
CA MET EA 133 -10.33 -62.27 -86.66
C MET EA 133 -10.08 -61.90 -88.12
N LEU EA 134 -9.08 -61.05 -88.33
CA LEU EA 134 -8.63 -60.74 -89.69
C LEU EA 134 -7.13 -60.95 -89.77
N PRO EA 135 -6.65 -61.96 -90.51
CA PRO EA 135 -5.20 -62.19 -90.57
C PRO EA 135 -4.48 -61.26 -91.52
N GLU EA 136 -5.23 -60.50 -92.33
CA GLU EA 136 -4.59 -59.67 -93.34
C GLU EA 136 -4.09 -58.36 -92.73
N ARG EA 137 -4.94 -57.65 -92.01
CA ARG EA 137 -4.59 -56.32 -91.53
C ARG EA 137 -3.90 -56.38 -90.17
N LYS EA 138 -3.82 -57.58 -89.57
CA LYS EA 138 -3.07 -58.02 -88.37
C LYS EA 138 -3.30 -57.19 -87.11
N GLY EA 139 -4.29 -56.30 -87.07
CA GLY EA 139 -4.47 -55.50 -85.87
C GLY EA 139 -5.92 -55.15 -85.58
N CYS EA 140 -6.86 -55.86 -86.20
CA CYS EA 140 -8.26 -55.48 -86.08
C CYS EA 140 -9.14 -56.71 -86.22
N ILE EA 141 -10.41 -56.54 -85.85
CA ILE EA 141 -11.43 -57.57 -85.96
C ILE EA 141 -12.69 -56.91 -86.50
N SER EA 142 -13.63 -57.72 -86.99
CA SER EA 142 -14.83 -57.23 -87.64
C SER EA 142 -16.06 -57.87 -87.04
N ILE EA 143 -16.94 -57.04 -86.48
CA ILE EA 143 -18.20 -57.51 -85.93
C ILE EA 143 -19.22 -57.51 -87.06
N GLU EA 144 -19.75 -58.68 -87.36
CA GLU EA 144 -20.69 -58.86 -88.46
C GLU EA 144 -21.97 -59.47 -87.94
N GLY EA 145 -23.10 -58.87 -88.28
CA GLY EA 145 -24.38 -59.35 -87.83
C GLY EA 145 -25.49 -58.92 -88.76
N PRO EA 146 -26.63 -59.59 -88.69
CA PRO EA 146 -27.78 -59.15 -89.48
C PRO EA 146 -28.34 -57.82 -89.05
N SER EA 147 -28.50 -57.58 -87.75
CA SER EA 147 -29.20 -56.39 -87.26
C SER EA 147 -28.23 -55.29 -86.88
N LEU EA 148 -28.63 -54.04 -87.16
CA LEU EA 148 -27.77 -52.90 -86.84
C LEU EA 148 -27.69 -52.53 -85.35
N PRO EA 149 -28.78 -52.42 -84.56
CA PRO EA 149 -28.59 -51.93 -83.18
C PRO EA 149 -27.89 -52.91 -82.26
N ASP EA 150 -27.84 -54.19 -82.61
CA ASP EA 150 -27.05 -55.13 -81.82
C ASP EA 150 -25.57 -54.97 -82.13
N VAL EA 151 -25.24 -54.68 -83.39
CA VAL EA 151 -23.85 -54.51 -83.78
C VAL EA 151 -23.30 -53.21 -83.22
N SER EA 152 -24.05 -52.12 -83.37
CA SER EA 152 -23.55 -50.81 -83.00
C SER EA 152 -23.51 -50.61 -81.49
N GLN EA 153 -24.26 -51.42 -80.74
CA GLN EA 153 -24.17 -51.36 -79.29
C GLN EA 153 -22.92 -52.09 -78.80
N THR EA 154 -22.56 -53.20 -79.46
CA THR EA 154 -21.46 -54.02 -78.99
C THR EA 154 -20.12 -53.34 -79.23
N ALA EA 155 -20.00 -52.60 -80.33
CA ALA EA 155 -18.75 -51.89 -80.61
C ALA EA 155 -18.57 -50.73 -79.64
N GLY EA 156 -19.67 -50.15 -79.16
CA GLY EA 156 -19.55 -49.08 -78.19
C GLY EA 156 -19.21 -49.60 -76.81
N ASP EA 157 -19.46 -50.88 -76.56
CA ASP EA 157 -19.19 -51.44 -75.24
C ASP EA 157 -17.70 -51.68 -75.05
N ILE EA 158 -16.99 -52.04 -76.13
CA ILE EA 158 -15.57 -52.32 -76.02
C ILE EA 158 -14.79 -51.02 -75.86
N THR EA 159 -15.26 -49.94 -76.50
CA THR EA 159 -14.53 -48.68 -76.49
C THR EA 159 -14.59 -48.02 -75.13
N ASN EA 160 -15.73 -48.11 -74.44
CA ASN EA 160 -15.87 -47.44 -73.16
C ASN EA 160 -15.22 -48.26 -72.04
N ALA EA 161 -15.17 -49.58 -72.19
CA ALA EA 161 -14.67 -50.41 -71.11
C ALA EA 161 -13.16 -50.58 -71.17
N CYS EA 162 -12.55 -50.30 -72.33
CA CYS EA 162 -11.11 -50.45 -72.45
C CYS EA 162 -10.35 -49.14 -72.40
N ARG EA 163 -10.93 -48.09 -71.85
CA ARG EA 163 -10.20 -46.85 -71.66
C ARG EA 163 -9.47 -46.87 -70.33
N ALA EA 164 -8.48 -46.00 -70.19
CA ALA EA 164 -7.71 -45.90 -68.96
C ALA EA 164 -8.25 -44.78 -68.09
N LYS EA 165 -8.45 -45.09 -66.81
CA LYS EA 165 -8.88 -44.12 -65.82
C LYS EA 165 -7.78 -43.92 -64.80
N LYS EA 166 -7.97 -42.92 -63.93
CA LYS EA 166 -7.08 -42.47 -62.85
C LYS EA 166 -5.75 -41.91 -63.33
N LEU EA 167 -5.54 -41.77 -64.64
CA LEU EA 167 -4.31 -41.26 -65.21
C LEU EA 167 -4.66 -40.19 -66.23
N ASP EA 168 -3.64 -39.48 -66.70
CA ASP EA 168 -3.87 -38.40 -67.65
C ASP EA 168 -4.18 -38.96 -69.03
N ALA EA 169 -5.42 -38.77 -69.47
CA ALA EA 169 -5.89 -39.43 -70.69
C ALA EA 169 -5.42 -38.72 -71.94
N ARG EA 170 -4.86 -37.52 -71.80
CA ARG EA 170 -4.39 -36.79 -72.97
C ARG EA 170 -2.97 -37.21 -73.34
N LEU EA 171 -2.38 -38.12 -72.58
CA LEU EA 171 -0.99 -38.48 -72.78
C LEU EA 171 -0.83 -39.97 -73.09
N PHE EA 172 -1.71 -40.80 -72.54
CA PHE EA 172 -1.46 -42.24 -72.57
C PHE EA 172 -1.91 -42.88 -73.87
N LEU EA 173 -3.15 -42.62 -74.29
CA LEU EA 173 -3.66 -42.90 -75.64
C LEU EA 173 -3.65 -44.40 -75.97
N ASP EA 174 -4.24 -45.21 -75.10
CA ASP EA 174 -4.32 -46.64 -75.31
C ASP EA 174 -5.79 -47.06 -75.29
N GLY EA 175 -6.24 -47.70 -76.35
CA GLY EA 175 -7.62 -48.14 -76.41
C GLY EA 175 -7.90 -48.87 -77.70
N ILE EA 176 -9.18 -49.09 -77.95
CA ILE EA 176 -9.67 -49.77 -79.14
C ILE EA 176 -10.64 -48.84 -79.84
N TYR EA 177 -10.43 -48.60 -81.13
CA TYR EA 177 -11.15 -47.56 -81.84
C TYR EA 177 -11.69 -48.09 -83.16
N VAL EA 178 -12.88 -47.63 -83.49
CA VAL EA 178 -13.59 -48.08 -84.69
C VAL EA 178 -13.02 -47.36 -85.91
N VAL EA 179 -12.73 -48.12 -86.96
CA VAL EA 179 -12.10 -47.56 -88.15
C VAL EA 179 -13.13 -47.23 -89.21
N GLU EA 180 -13.88 -48.23 -89.67
CA GLU EA 180 -14.85 -48.01 -90.73
C GLU EA 180 -16.11 -48.82 -90.47
N LYS EA 181 -17.22 -48.35 -91.03
CA LYS EA 181 -18.52 -49.00 -90.89
C LYS EA 181 -19.10 -49.24 -92.28
N THR EA 182 -18.92 -50.44 -92.80
CA THR EA 182 -19.45 -50.79 -94.12
C THR EA 182 -20.39 -51.99 -94.00
N THR EA 183 -21.08 -52.30 -95.09
CA THR EA 183 -21.94 -53.45 -95.09
C THR EA 183 -21.13 -54.72 -95.35
N MET EA 184 -21.78 -55.87 -95.18
CA MET EA 184 -21.09 -57.14 -95.41
C MET EA 184 -20.79 -57.34 -96.89
N VAL EA 185 -21.75 -57.01 -97.76
CA VAL EA 185 -21.54 -57.06 -99.20
C VAL EA 185 -21.83 -55.69 -99.80
N THR FA 7 101.96 -48.22 67.09
CA THR FA 7 102.48 -47.43 65.99
C THR FA 7 103.96 -47.14 66.18
N GLU FA 8 104.25 -46.29 67.17
CA GLU FA 8 105.60 -45.84 67.46
C GLU FA 8 105.63 -45.29 68.88
N LYS FA 9 106.81 -45.32 69.49
CA LYS FA 9 107.00 -44.94 70.89
C LYS FA 9 106.75 -43.45 71.14
N GLN FA 10 107.37 -42.59 70.33
CA GLN FA 10 107.29 -41.15 70.51
C GLN FA 10 105.87 -40.63 70.27
N ILE FA 11 105.10 -41.34 69.46
CA ILE FA 11 103.69 -41.01 69.29
C ILE FA 11 102.93 -41.25 70.59
N SER FA 12 103.23 -42.38 71.25
CA SER FA 12 102.46 -42.78 72.43
C SER FA 12 102.76 -41.88 73.62
N GLU FA 13 103.91 -41.23 73.62
CA GLU FA 13 104.24 -40.30 74.70
C GLU FA 13 103.41 -39.02 74.59
N ILE FA 14 102.97 -38.70 73.37
CA ILE FA 14 102.11 -37.54 73.18
C ILE FA 14 100.71 -37.84 73.68
N ILE FA 15 100.30 -39.11 73.62
CA ILE FA 15 98.91 -39.49 73.79
C ILE FA 15 98.46 -39.28 75.23
N LYS FA 16 99.24 -39.77 76.20
CA LYS FA 16 98.79 -39.79 77.59
C LYS FA 16 98.83 -38.41 78.22
N LYS FA 17 99.40 -37.43 77.52
CA LYS FA 17 99.29 -36.04 77.96
C LYS FA 17 97.86 -35.53 77.82
N PHE FA 18 97.31 -35.60 76.61
CA PHE FA 18 96.06 -34.93 76.29
C PHE FA 18 94.84 -35.83 76.33
N VAL FA 19 94.97 -37.08 76.80
CA VAL FA 19 93.78 -37.84 77.16
C VAL FA 19 93.25 -37.38 78.51
N THR FA 20 94.05 -36.63 79.26
CA THR FA 20 93.53 -35.91 80.41
C THR FA 20 92.95 -34.57 79.99
N ASP FA 21 93.39 -34.04 78.84
CA ASP FA 21 92.82 -32.80 78.32
C ASP FA 21 91.39 -33.00 77.84
N ILE FA 22 91.13 -34.10 77.15
CA ILE FA 22 89.76 -34.49 76.82
C ILE FA 22 89.70 -36.01 76.83
N ASP FA 23 88.54 -36.53 77.20
CA ASP FA 23 88.31 -37.97 77.30
C ASP FA 23 87.38 -38.42 76.18
N GLU FA 24 87.81 -39.45 75.43
CA GLU FA 24 87.02 -40.00 74.36
C GLU FA 24 87.35 -41.49 74.19
N LYS FA 25 86.30 -42.30 74.02
CA LYS FA 25 86.50 -43.73 73.79
C LYS FA 25 86.92 -43.99 72.34
N LYS FA 26 86.81 -42.98 71.48
CA LYS FA 26 87.31 -43.08 70.12
C LYS FA 26 88.82 -43.29 70.15
N LEU FA 27 89.26 -44.31 69.43
CA LEU FA 27 90.66 -44.72 69.47
C LEU FA 27 91.54 -43.71 68.77
N GLN FA 28 92.43 -43.08 69.54
CA GLN FA 28 93.24 -41.97 69.08
C GLN FA 28 94.67 -42.38 68.78
N GLU FA 29 95.20 -43.39 69.49
CA GLU FA 29 96.60 -43.75 69.34
C GLU FA 29 96.84 -44.48 68.04
N ILE FA 30 95.77 -45.07 67.49
CA ILE FA 30 95.92 -45.89 66.29
C ILE FA 30 96.10 -45.01 65.05
N ASN FA 31 95.51 -43.81 65.05
CA ASN FA 31 95.65 -42.87 63.95
C ASN FA 31 96.00 -41.48 64.50
N ILE FA 32 97.27 -41.30 64.85
CA ILE FA 32 97.88 -40.02 65.17
C ILE FA 32 99.33 -40.13 64.76
N GLN FA 33 99.81 -39.17 63.98
CA GLN FA 33 101.14 -39.27 63.41
C GLN FA 33 101.90 -37.98 63.62
N THR FA 34 103.22 -38.08 63.44
CA THR FA 34 104.13 -36.95 63.58
C THR FA 34 104.93 -36.82 62.29
N PHE FA 35 105.33 -35.59 61.96
CA PHE FA 35 106.13 -35.32 60.78
C PHE FA 35 107.23 -34.34 61.15
N ILE FA 36 108.45 -34.66 60.74
CA ILE FA 36 109.65 -33.94 61.18
C ILE FA 36 110.38 -33.41 59.96
N ARG FA 37 110.72 -32.12 60.01
CA ARG FA 37 111.58 -31.47 59.00
C ARG FA 37 112.39 -30.39 59.71
N ASP FA 38 113.51 -29.99 59.11
CA ASP FA 38 114.41 -29.04 59.75
C ASP FA 38 115.15 -28.19 58.74
N ASN FA 39 115.14 -26.87 58.97
CA ASN FA 39 115.95 -25.91 58.23
C ASN FA 39 116.61 -25.00 59.29
N LYS FA 40 117.72 -25.49 59.85
CA LYS FA 40 118.59 -24.90 60.88
C LYS FA 40 117.92 -24.78 62.25
N ARG FA 41 116.63 -25.07 62.36
CA ARG FA 41 115.94 -25.30 63.62
C ARG FA 41 115.00 -26.47 63.38
N LYS FA 42 114.45 -27.01 64.46
CA LYS FA 42 113.59 -28.19 64.38
C LYS FA 42 112.13 -27.78 64.49
N VAL FA 43 111.33 -28.17 63.51
CA VAL FA 43 109.89 -28.00 63.57
C VAL FA 43 109.25 -29.37 63.41
N MET FA 44 108.11 -29.57 64.05
CA MET FA 44 107.42 -30.85 64.05
C MET FA 44 105.92 -30.59 64.09
N THR FA 45 105.16 -31.40 63.36
CA THR FA 45 103.73 -31.19 63.20
C THR FA 45 102.99 -32.49 63.47
N VAL FA 46 102.13 -32.49 64.48
CA VAL FA 46 101.36 -33.68 64.77
C VAL FA 46 100.10 -33.71 63.91
N LYS FA 47 99.52 -34.90 63.79
CA LYS FA 47 98.31 -35.11 63.03
C LYS FA 47 97.23 -35.63 63.98
N VAL FA 48 96.04 -35.07 63.85
CA VAL FA 48 94.94 -35.38 64.77
C VAL FA 48 93.74 -35.79 63.90
N PRO FA 49 93.03 -36.86 64.23
CA PRO FA 49 91.81 -37.21 63.48
C PRO FA 49 90.72 -36.19 63.68
N VAL FA 50 89.75 -36.22 62.76
CA VAL FA 50 88.80 -35.12 62.63
C VAL FA 50 87.74 -35.17 63.71
N GLU FA 51 87.62 -36.32 64.39
CA GLU FA 51 86.64 -36.44 65.46
C GLU FA 51 87.10 -35.69 66.71
N ILE FA 52 88.41 -35.62 66.91
CA ILE FA 52 88.94 -34.99 68.12
C ILE FA 52 89.04 -33.49 67.94
N ILE FA 53 89.60 -33.03 66.82
CA ILE FA 53 89.90 -31.62 66.64
C ILE FA 53 88.63 -30.82 66.45
N SER FA 54 87.56 -31.46 65.96
CA SER FA 54 86.26 -30.80 65.83
C SER FA 54 85.47 -30.94 67.13
N LYS FA 55 86.01 -30.33 68.18
CA LYS FA 55 85.39 -30.32 69.50
C LYS FA 55 85.54 -28.93 70.08
N SER FA 56 84.43 -28.37 70.56
CA SER FA 56 84.47 -27.06 71.18
C SER FA 56 85.09 -27.16 72.57
N GLN FA 57 85.22 -25.97 73.20
CA GLN FA 57 85.80 -25.71 74.53
C GLN FA 57 87.06 -26.55 74.83
N ILE FA 58 88.02 -26.56 73.91
CA ILE FA 58 89.32 -27.18 74.15
C ILE FA 58 90.37 -26.07 74.20
N ASN FA 59 91.13 -26.02 75.28
CA ASN FA 59 92.23 -25.09 75.42
C ASN FA 59 93.42 -25.60 74.60
N PHE FA 60 93.69 -24.95 73.47
CA PHE FA 60 94.63 -25.51 72.51
C PHE FA 60 96.08 -25.26 72.93
N GLY FA 61 96.36 -24.06 73.45
CA GLY FA 61 97.73 -23.73 73.80
C GLY FA 61 98.24 -24.52 75.00
N SER FA 62 97.31 -24.99 75.85
CA SER FA 62 97.69 -25.85 76.95
C SER FA 62 98.18 -27.21 76.44
N ILE FA 63 97.62 -27.68 75.33
CA ILE FA 63 98.12 -28.89 74.71
C ILE FA 63 99.49 -28.63 74.08
N ILE FA 64 99.68 -27.44 73.53
CA ILE FA 64 100.97 -27.11 72.95
C ILE FA 64 101.99 -26.84 74.04
N LYS FA 65 101.55 -26.28 75.17
CA LYS FA 65 102.47 -26.07 76.28
C LYS FA 65 102.87 -27.40 76.92
N ASN FA 66 101.98 -28.39 76.88
CA ASN FA 66 102.29 -29.69 77.46
C ASN FA 66 103.37 -30.42 76.67
N ILE FA 67 103.41 -30.20 75.36
CA ILE FA 67 104.49 -30.77 74.55
C ILE FA 67 105.74 -29.90 74.65
N LYS FA 68 105.56 -28.60 74.76
CA LYS FA 68 106.71 -27.70 74.82
C LYS FA 68 107.36 -27.72 76.21
N GLN FA 69 106.62 -28.18 77.22
CA GLN FA 69 107.24 -28.48 78.51
C GLN FA 69 108.21 -29.64 78.37
N LYS FA 70 107.85 -30.64 77.56
CA LYS FA 70 108.75 -31.75 77.30
C LYS FA 70 109.87 -31.31 76.37
N PHE FA 71 109.52 -30.63 75.28
CA PHE FA 71 110.40 -30.44 74.14
C PHE FA 71 110.76 -28.98 73.98
N GLN FA 72 112.05 -28.67 74.03
CA GLN FA 72 112.49 -27.35 73.64
C GLN FA 72 113.10 -27.39 72.25
N ASP FA 73 113.36 -26.19 71.72
CA ASP FA 73 113.73 -25.90 70.31
C ASP FA 73 112.90 -26.70 69.29
N TYR FA 74 111.61 -26.84 69.59
CA TYR FA 74 110.62 -27.38 68.67
C TYR FA 74 109.52 -26.35 68.52
N TYR FA 75 108.95 -26.29 67.33
CA TYR FA 75 107.78 -25.47 67.06
C TYR FA 75 106.66 -26.41 66.64
N ILE FA 76 105.66 -26.56 67.50
CA ILE FA 76 104.64 -27.58 67.36
C ILE FA 76 103.43 -26.98 66.67
N ILE FA 77 102.91 -27.68 65.67
CA ILE FA 77 101.77 -27.21 64.88
C ILE FA 77 100.69 -28.28 64.90
N LEU FA 78 99.46 -27.85 65.20
CA LEU FA 78 98.29 -28.72 65.22
C LEU FA 78 97.54 -28.58 63.90
N VAL FA 79 97.52 -29.65 63.11
CA VAL FA 79 96.79 -29.69 61.85
C VAL FA 79 95.79 -30.84 61.89
N GLU FA 80 95.03 -30.98 60.82
CA GLU FA 80 94.14 -32.13 60.68
C GLU FA 80 94.82 -33.26 59.93
N ASN FA 81 94.50 -34.48 60.32
CA ASN FA 81 94.98 -35.67 59.61
C ASN FA 81 94.09 -35.92 58.40
N ILE FA 82 94.67 -35.81 57.21
CA ILE FA 82 93.92 -35.92 55.97
C ILE FA 82 94.70 -36.84 55.03
N LYS FA 83 93.96 -37.54 54.16
CA LYS FA 83 94.52 -38.58 53.33
C LYS FA 83 95.48 -38.00 52.29
N ASN FA 84 96.65 -38.60 52.20
CA ASN FA 84 97.68 -38.11 51.29
C ASN FA 84 97.40 -38.57 49.86
N GLU FA 85 97.51 -37.63 48.93
CA GLU FA 85 97.25 -37.91 47.52
C GLU FA 85 98.21 -37.09 46.66
N GLU FA 86 98.09 -37.28 45.35
CA GLU FA 86 98.98 -36.60 44.42
C GLU FA 86 98.66 -35.11 44.32
N LYS FA 87 97.39 -34.75 44.45
CA LYS FA 87 96.94 -33.37 44.35
C LYS FA 87 95.83 -33.14 45.35
N THR FA 88 96.06 -32.23 46.28
CA THR FA 88 95.13 -31.92 47.35
C THR FA 88 94.02 -31.04 46.81
N SER FA 89 92.82 -31.17 47.39
CA SER FA 89 91.71 -30.30 47.04
C SER FA 89 91.98 -28.90 47.56
N TRP FA 90 91.27 -27.92 46.98
CA TRP FA 90 91.43 -26.55 47.43
C TRP FA 90 90.84 -26.34 48.81
N ASN FA 91 89.73 -27.02 49.11
CA ASN FA 91 89.17 -26.95 50.46
C ASN FA 91 90.06 -27.66 51.46
N ASP FA 92 90.66 -28.78 51.06
CA ASP FA 92 91.49 -29.54 51.99
C ASP FA 92 92.83 -28.85 52.20
N CYS FA 93 93.23 -27.99 51.28
CA CYS FA 93 94.39 -27.14 51.52
C CYS FA 93 94.08 -26.07 52.55
N LYS FA 94 92.83 -25.58 52.56
CA LYS FA 94 92.47 -24.46 53.42
C LYS FA 94 92.38 -24.86 54.89
N LYS FA 95 92.23 -26.16 55.18
CA LYS FA 95 92.19 -26.59 56.57
C LYS FA 95 93.59 -26.61 57.18
N ILE FA 96 94.61 -26.73 56.35
CA ILE FA 96 95.99 -26.67 56.84
C ILE FA 96 96.36 -25.24 57.20
N PHE FA 97 95.89 -24.27 56.41
CA PHE FA 97 96.19 -22.87 56.69
C PHE FA 97 95.50 -22.40 57.96
N LYS FA 98 94.37 -23.01 58.30
CA LYS FA 98 93.66 -22.63 59.52
C LYS FA 98 94.37 -23.16 60.75
N GLY FA 99 95.12 -24.26 60.61
CA GLY FA 99 95.75 -24.88 61.75
C GLY FA 99 97.20 -24.46 61.93
N ALA FA 100 97.81 -23.90 60.89
CA ALA FA 100 99.22 -23.56 60.96
C ALA FA 100 99.45 -22.32 61.83
N CYS FA 101 98.72 -21.24 61.54
CA CYS FA 101 98.77 -20.05 62.37
C CYS FA 101 97.57 -20.07 63.30
N TYR FA 102 97.79 -20.61 64.50
CA TYR FA 102 96.69 -20.83 65.42
C TYR FA 102 96.12 -19.56 66.06
N PRO FA 103 96.89 -18.68 66.74
CA PRO FA 103 96.20 -17.67 67.57
C PRO FA 103 95.59 -16.51 66.80
N PHE FA 104 95.68 -16.52 65.47
CA PHE FA 104 95.11 -15.46 64.65
C PHE FA 104 94.51 -16.04 63.38
N ASN FA 105 93.59 -15.28 62.78
CA ASN FA 105 92.83 -15.76 61.64
C ASN FA 105 93.41 -15.23 60.33
N ILE FA 106 92.72 -15.56 59.23
CA ILE FA 106 93.16 -15.19 57.89
C ILE FA 106 92.14 -14.22 57.30
N ASN FA 107 92.63 -13.08 56.80
CA ASN FA 107 91.75 -12.16 56.10
C ASN FA 107 91.38 -12.70 54.73
N GLY FA 108 92.36 -12.92 53.87
CA GLY FA 108 92.09 -13.42 52.53
C GLY FA 108 93.33 -14.04 51.94
N ILE FA 109 93.17 -14.52 50.71
CA ILE FA 109 94.24 -15.19 49.97
C ILE FA 109 94.39 -14.53 48.61
N ARG FA 110 95.54 -13.93 48.37
CA ARG FA 110 95.86 -13.36 47.06
C ARG FA 110 97.01 -14.15 46.45
N THR FA 111 96.83 -14.58 45.21
CA THR FA 111 97.85 -15.34 44.49
C THR FA 111 98.27 -14.58 43.24
N ASP FA 112 99.54 -14.70 42.89
CA ASP FA 112 100.16 -13.94 41.81
C ASP FA 112 100.81 -14.91 40.84
N VAL FA 113 100.74 -14.59 39.55
CA VAL FA 113 101.39 -15.38 38.51
C VAL FA 113 102.12 -14.43 37.56
N ILE FA 114 103.44 -14.59 37.47
CA ILE FA 114 104.31 -13.63 36.78
C ILE FA 114 105.20 -14.38 35.82
N SER FA 115 104.81 -15.60 35.47
CA SER FA 115 105.58 -16.52 34.63
C SER FA 115 104.64 -17.63 34.21
N PRO FA 116 104.86 -18.31 33.08
CA PRO FA 116 103.90 -19.32 32.63
C PRO FA 116 103.80 -20.57 33.49
N GLU FA 117 104.62 -20.72 34.52
CA GLU FA 117 104.55 -21.88 35.39
C GLU FA 117 104.66 -21.53 36.87
N GLU FA 118 104.91 -20.28 37.21
CA GLU FA 118 105.24 -19.88 38.58
C GLU FA 118 104.01 -19.31 39.25
N GLU FA 119 103.75 -19.74 40.48
CA GLU FA 119 102.60 -19.27 41.25
C GLU FA 119 103.04 -18.94 42.66
N ILE FA 120 102.92 -17.68 43.05
CA ILE FA 120 103.22 -17.23 44.40
C ILE FA 120 101.92 -16.87 45.09
N VAL FA 121 101.57 -17.60 46.13
CA VAL FA 121 100.31 -17.39 46.85
C VAL FA 121 100.63 -16.67 48.15
N ASN FA 122 99.77 -15.74 48.54
CA ASN FA 122 99.92 -15.05 49.81
C ASN FA 122 98.70 -15.31 50.68
N VAL FA 123 98.92 -15.41 51.98
CA VAL FA 123 97.84 -15.46 52.97
C VAL FA 123 98.04 -14.29 53.93
N LEU FA 124 96.95 -13.61 54.26
CA LEU FA 124 97.01 -12.34 54.97
C LEU FA 124 96.40 -12.50 56.36
N LEU FA 125 97.16 -12.10 57.37
CA LEU FA 125 96.69 -12.19 58.74
C LEU FA 125 96.11 -10.86 59.17
N GLU FA 126 95.75 -10.75 60.44
CA GLU FA 126 95.09 -9.56 60.96
C GLU FA 126 96.11 -8.44 61.19
N LYS FA 127 95.59 -7.29 61.64
CA LYS FA 127 96.45 -6.15 61.91
C LYS FA 127 97.12 -6.28 63.27
N LYS FA 128 96.51 -7.00 64.20
CA LYS FA 128 97.03 -7.17 65.54
C LYS FA 128 97.73 -8.51 65.74
N CYS FA 129 98.41 -9.02 64.71
CA CYS FA 129 99.07 -10.32 64.81
C CYS FA 129 100.26 -10.26 65.76
N THR FA 130 101.27 -9.44 65.42
CA THR FA 130 102.50 -9.27 66.19
C THR FA 130 103.21 -10.59 66.45
N PHE FA 131 103.70 -11.20 65.37
CA PHE FA 131 104.58 -12.34 65.49
C PHE FA 131 106.03 -11.91 65.39
N ASN FA 132 106.91 -12.89 65.22
CA ASN FA 132 108.31 -12.63 64.99
C ASN FA 132 108.63 -12.72 63.50
N GLU FA 133 109.78 -12.15 63.12
CA GLU FA 133 110.18 -12.19 61.71
C GLU FA 133 110.63 -13.58 61.30
N ASP FA 134 111.17 -14.35 62.25
CA ASP FA 134 111.64 -15.69 61.91
C ASP FA 134 110.50 -16.69 61.95
N GLU FA 135 109.41 -16.33 62.65
CA GLU FA 135 108.21 -17.16 62.75
C GLU FA 135 107.59 -17.41 61.39
N PHE FA 136 107.70 -16.42 60.50
CA PHE FA 136 107.20 -16.60 59.14
C PHE FA 136 108.04 -17.60 58.38
N LYS FA 137 109.34 -17.70 58.70
CA LYS FA 137 110.19 -18.67 58.02
C LYS FA 137 109.90 -20.09 58.50
N MET FA 138 109.58 -20.26 59.79
CA MET FA 138 109.25 -21.58 60.30
C MET FA 138 107.92 -22.06 59.76
N ILE FA 139 106.93 -21.17 59.69
CA ILE FA 139 105.59 -21.57 59.33
C ILE FA 139 105.49 -21.76 57.82
N GLU FA 140 106.44 -21.20 57.05
CA GLU FA 140 106.40 -21.39 55.61
C GLU FA 140 107.02 -22.71 55.21
N THR FA 141 107.97 -23.21 56.00
CA THR FA 141 108.57 -24.50 55.70
C THR FA 141 107.61 -25.64 56.04
N ALA FA 142 106.68 -25.40 56.96
CA ALA FA 142 105.74 -26.44 57.37
C ALA FA 142 104.71 -26.71 56.27
N ILE FA 143 104.30 -25.66 55.56
CA ILE FA 143 103.29 -25.84 54.52
C ILE FA 143 103.96 -26.10 53.17
N LYS FA 144 105.29 -25.99 53.13
CA LYS FA 144 106.01 -26.18 51.88
C LYS FA 144 106.02 -27.63 51.44
N GLY FA 145 106.48 -28.54 52.29
CA GLY FA 145 106.56 -29.93 51.90
C GLY FA 145 105.28 -30.70 52.15
N LEU FA 146 104.34 -30.08 52.88
CA LEU FA 146 103.11 -30.77 53.23
C LEU FA 146 102.19 -30.92 52.02
N VAL FA 147 101.97 -29.84 51.28
CA VAL FA 147 101.13 -29.88 50.09
C VAL FA 147 101.91 -29.65 48.80
N GLY FA 148 102.97 -28.86 48.83
CA GLY FA 148 103.80 -28.68 47.64
C GLY FA 148 103.52 -27.40 46.89
N MET FA 149 103.32 -26.30 47.62
CA MET FA 149 103.07 -25.00 47.02
C MET FA 149 104.09 -24.00 47.56
N ASN FA 150 104.26 -22.89 46.85
CA ASN FA 150 105.08 -21.81 47.36
C ASN FA 150 104.21 -20.80 48.10
N VAL FA 151 104.38 -20.73 49.41
CA VAL FA 151 103.56 -19.88 50.26
C VAL FA 151 104.46 -18.78 50.81
N VAL FA 152 103.93 -17.55 50.83
CA VAL FA 152 104.60 -16.40 51.43
C VAL FA 152 103.58 -15.71 52.32
N VAL FA 153 103.89 -15.62 53.62
CA VAL FA 153 102.94 -15.16 54.62
C VAL FA 153 103.36 -13.79 55.14
N SER FA 154 102.41 -12.89 55.25
CA SER FA 154 102.63 -11.57 55.85
C SER FA 154 101.29 -11.04 56.36
N THR FA 155 101.37 -9.92 57.07
CA THR FA 155 100.17 -9.27 57.58
C THR FA 155 99.54 -8.38 56.52
N ASN FA 156 98.28 -8.05 56.74
CA ASN FA 156 97.46 -7.34 55.77
C ASN FA 156 97.45 -5.86 56.12
N PHE FA 157 97.77 -5.01 55.14
CA PHE FA 157 97.76 -3.57 55.33
C PHE FA 157 96.68 -2.86 54.54
N HIS FA 158 95.79 -3.59 53.88
CA HIS FA 158 94.75 -2.99 53.06
C HIS FA 158 93.37 -3.49 53.41
N SER FA 159 93.15 -3.99 54.62
CA SER FA 159 91.84 -4.47 55.01
C SER FA 159 90.99 -3.32 55.55
N LEU FA 160 89.78 -3.67 55.96
CA LEU FA 160 88.87 -2.66 56.50
C LEU FA 160 89.27 -2.25 57.91
N ASN FA 161 89.54 -3.22 58.78
CA ASN FA 161 89.89 -2.93 60.15
C ASN FA 161 91.34 -2.52 60.27
N LYS GA 2 -84.97 -55.49 70.50
CA LYS GA 2 -85.11 -54.04 70.58
C LYS GA 2 -85.24 -53.59 72.02
N MET GA 3 -84.96 -52.31 72.26
CA MET GA 3 -85.12 -51.69 73.56
C MET GA 3 -85.77 -50.32 73.40
N ASP GA 4 -86.61 -49.95 74.34
CA ASP GA 4 -87.30 -48.67 74.28
C ASP GA 4 -86.45 -47.57 74.92
N CYS GA 5 -86.69 -46.33 74.48
CA CYS GA 5 -85.99 -45.20 75.08
C CYS GA 5 -86.63 -44.81 76.41
N GLN GA 6 -87.82 -45.35 76.69
CA GLN GA 6 -88.53 -44.98 77.91
C GLN GA 6 -87.93 -45.67 79.13
N SER GA 7 -87.38 -46.86 78.95
CA SER GA 7 -86.87 -47.63 80.08
C SER GA 7 -85.57 -47.05 80.60
N PHE GA 8 -84.82 -46.36 79.75
CA PHE GA 8 -83.57 -45.76 80.21
C PHE GA 8 -83.82 -44.54 81.07
N ARG GA 9 -84.93 -43.82 80.82
CA ARG GA 9 -85.24 -42.64 81.60
C ARG GA 9 -85.74 -43.00 82.99
N GLU GA 10 -86.14 -44.27 83.18
CA GLU GA 10 -86.60 -44.72 84.48
C GLU GA 10 -85.46 -44.82 85.48
N LYS GA 11 -84.30 -45.32 85.05
CA LYS GA 11 -83.30 -45.79 85.98
C LYS GA 11 -82.42 -44.67 86.51
N ASN GA 12 -81.62 -45.00 87.52
CA ASN GA 12 -80.71 -44.10 88.20
C ASN GA 12 -79.50 -43.79 87.31
N ILE GA 13 -78.70 -42.81 87.75
CA ILE GA 13 -77.45 -42.48 87.07
C ILE GA 13 -76.44 -43.60 87.25
N SER GA 14 -76.35 -44.14 88.47
CA SER GA 14 -75.41 -45.23 88.72
C SER GA 14 -75.88 -46.52 88.05
N GLU GA 15 -77.19 -46.68 87.90
CA GLU GA 15 -77.71 -47.88 87.24
C GLU GA 15 -77.65 -47.74 85.73
N LEU GA 16 -77.47 -46.53 85.22
CA LEU GA 16 -77.36 -46.35 83.78
C LEU GA 16 -75.99 -46.80 83.28
N GLU GA 17 -74.97 -46.72 84.14
CA GLU GA 17 -73.61 -47.01 83.68
C GLU GA 17 -73.36 -48.50 83.55
N GLU GA 18 -74.03 -49.31 84.39
CA GLU GA 18 -73.79 -50.75 84.34
C GLU GA 18 -74.41 -51.37 83.10
N GLU GA 19 -75.40 -50.70 82.50
CA GLU GA 19 -76.03 -51.23 81.31
C GLU GA 19 -75.14 -51.05 80.09
N ILE GA 20 -74.44 -49.92 80.02
CA ILE GA 20 -73.62 -49.59 78.85
C ILE GA 20 -72.47 -50.58 78.73
N ILE GA 21 -71.91 -51.00 79.86
CA ILE GA 21 -70.85 -51.99 79.85
C ILE GA 21 -71.40 -53.36 79.48
N ASN GA 22 -72.58 -53.70 80.00
CA ASN GA 22 -73.15 -55.01 79.71
C ASN GA 22 -73.69 -55.08 78.29
N LEU GA 23 -74.07 -53.93 77.72
CA LEU GA 23 -74.43 -53.92 76.30
C LEU GA 23 -73.19 -54.01 75.43
N LYS GA 24 -72.08 -53.41 75.88
CA LYS GA 24 -70.85 -53.45 75.11
C LYS GA 24 -70.23 -54.83 75.13
N ASN GA 25 -70.49 -55.61 76.18
CA ASN GA 25 -70.03 -56.99 76.20
C ASN GA 25 -70.83 -57.85 75.22
N ASP GA 26 -72.06 -57.44 74.92
CA ASP GA 26 -72.90 -58.20 74.02
C ASP GA 26 -72.44 -58.05 72.58
N LEU GA 27 -71.86 -56.90 72.24
CA LEU GA 27 -71.35 -56.70 70.89
C LEU GA 27 -70.09 -57.52 70.64
N LEU GA 28 -69.36 -57.84 71.70
CA LEU GA 28 -68.11 -58.57 71.54
C LEU GA 28 -68.37 -60.02 71.13
N GLN GA 29 -69.36 -60.65 71.74
CA GLN GA 29 -69.64 -62.04 71.42
C GLN GA 29 -70.38 -62.18 70.10
N LEU GA 30 -71.06 -61.11 69.66
CA LEU GA 30 -71.73 -61.14 68.38
C LEU GA 30 -70.73 -61.03 67.24
N ARG GA 31 -69.69 -60.23 67.43
CA ARG GA 31 -68.73 -60.00 66.37
C ARG GA 31 -67.84 -61.22 66.17
N GLN GA 32 -67.59 -61.96 67.25
CA GLN GA 32 -66.85 -63.21 67.13
C GLN GA 32 -67.68 -64.28 66.43
N LYS GA 33 -69.00 -64.20 66.53
CA LYS GA 33 -69.87 -65.15 65.87
C LYS GA 33 -69.85 -64.97 64.36
N LYS GA 34 -69.58 -63.74 63.91
CA LYS GA 34 -69.52 -63.49 62.47
C LYS GA 34 -68.32 -64.17 61.83
N VAL GA 35 -67.22 -64.28 62.57
CA VAL GA 35 -66.01 -64.86 62.01
C VAL GA 35 -66.10 -66.38 61.98
N SER GA 36 -66.47 -67.00 63.10
CA SER GA 36 -66.36 -68.45 63.25
C SER GA 36 -67.69 -69.17 63.17
N SER GA 37 -68.78 -68.47 62.85
CA SER GA 37 -70.09 -69.12 62.75
C SER GA 37 -70.96 -68.29 61.82
N THR GA 38 -72.26 -68.53 61.90
CA THR GA 38 -73.21 -67.74 61.13
C THR GA 38 -73.97 -66.77 62.03
N VAL GA 39 -74.39 -65.66 61.42
CA VAL GA 39 -75.07 -64.58 62.13
C VAL GA 39 -76.33 -64.22 61.34
N GLU GA 40 -77.44 -64.09 62.05
CA GLU GA 40 -78.72 -63.73 61.44
C GLU GA 40 -78.65 -62.36 60.76
N PRO GA 41 -79.40 -62.14 59.68
CA PRO GA 41 -79.14 -60.95 58.85
C PRO GA 41 -79.64 -59.63 59.44
N ASP GA 42 -80.14 -59.61 60.67
CA ASP GA 42 -80.51 -58.35 61.32
C ASP GA 42 -80.12 -58.31 62.79
N GLU GA 43 -78.95 -58.84 63.16
CA GLU GA 43 -78.72 -59.09 64.58
C GLU GA 43 -77.72 -58.09 65.16
N ILE GA 44 -76.74 -57.66 64.37
CA ILE GA 44 -75.75 -56.72 64.90
C ILE GA 44 -76.33 -55.31 64.95
N LYS GA 45 -77.16 -54.95 63.96
CA LYS GA 45 -77.67 -53.59 63.84
C LYS GA 45 -78.58 -53.21 65.00
N THR GA 46 -79.34 -54.17 65.52
CA THR GA 46 -80.19 -53.87 66.66
C THR GA 46 -79.38 -53.70 67.93
N ALA GA 47 -78.19 -54.30 67.98
CA ALA GA 47 -77.36 -54.18 69.17
C ALA GA 47 -76.58 -52.87 69.16
N ARG GA 48 -76.21 -52.38 67.98
CA ARG GA 48 -75.48 -51.12 67.91
C ARG GA 48 -76.38 -49.93 68.24
N LYS GA 49 -77.64 -49.99 67.80
CA LYS GA 49 -78.53 -48.86 68.02
C LYS GA 49 -79.03 -48.81 69.45
N ASN GA 50 -78.84 -49.90 70.21
CA ASN GA 50 -79.23 -49.88 71.61
C ASN GA 50 -78.29 -49.01 72.43
N ILE GA 51 -76.99 -49.02 72.10
CA ILE GA 51 -76.02 -48.23 72.85
C ILE GA 51 -76.15 -46.76 72.50
N ALA GA 52 -76.53 -46.46 71.26
CA ALA GA 52 -76.71 -45.06 70.87
C ALA GA 52 -77.91 -44.44 71.57
N LYS GA 53 -78.93 -45.24 71.84
CA LYS GA 53 -80.08 -44.71 72.58
C LYS GA 53 -79.76 -44.58 74.05
N ALA GA 54 -78.87 -45.43 74.57
CA ALA GA 54 -78.60 -45.42 76.00
C ALA GA 54 -77.66 -44.27 76.36
N LEU GA 55 -76.74 -43.92 75.46
CA LEU GA 55 -75.81 -42.83 75.74
C LEU GA 55 -76.51 -41.49 75.67
N ARG GA 56 -77.57 -41.38 74.87
CA ARG GA 56 -78.26 -40.11 74.68
C ARG GA 56 -79.08 -39.74 75.92
N VAL GA 57 -79.51 -40.73 76.69
CA VAL GA 57 -80.19 -40.44 77.95
C VAL GA 57 -79.19 -39.98 79.00
N ARG GA 58 -77.98 -40.54 78.96
CA ARG GA 58 -76.94 -40.15 79.90
C ARG GA 58 -76.49 -38.71 79.69
N HIS GA 59 -76.41 -38.29 78.42
CA HIS GA 59 -76.00 -36.93 78.12
C HIS GA 59 -77.07 -35.92 78.51
N GLU GA 60 -78.31 -36.37 78.62
CA GLU GA 60 -79.39 -35.48 79.03
C GLU GA 60 -79.47 -35.38 80.54
N LYS GA 61 -79.05 -36.42 81.25
CA LYS GA 61 -79.19 -36.43 82.70
C LYS GA 61 -78.11 -35.60 83.37
N LEU GA 62 -76.92 -35.56 82.79
CA LEU GA 62 -75.86 -34.69 83.33
C LEU GA 62 -76.16 -33.23 83.04
N LEU GA 63 -76.95 -32.97 81.99
CA LEU GA 63 -77.20 -31.58 81.58
C LEU GA 63 -78.16 -30.89 82.54
N GLU GA 64 -79.09 -31.63 83.12
CA GLU GA 64 -80.04 -30.99 84.03
C GLU GA 64 -79.39 -30.69 85.37
N GLU GA 65 -78.27 -31.35 85.68
CA GLU GA 65 -77.52 -31.00 86.88
C GLU GA 65 -76.83 -29.65 86.71
N GLN GA 66 -76.46 -29.32 85.47
CA GLN GA 66 -75.72 -28.07 85.25
C GLN GA 66 -76.66 -26.86 85.33
N CYS GA 67 -77.94 -27.07 85.01
CA CYS GA 67 -78.88 -25.95 85.00
C CYS GA 67 -79.24 -25.52 86.42
N LYS GA 68 -79.21 -26.45 87.37
CA LYS GA 68 -79.55 -26.09 88.74
C LYS GA 68 -78.42 -25.32 89.42
N LYS GA 69 -77.20 -25.47 88.90
CA LYS GA 69 -76.06 -24.82 89.52
C LYS GA 69 -75.93 -23.37 89.08
N TYR GA 70 -76.21 -23.10 87.80
CA TYR GA 70 -76.05 -21.75 87.26
C TYR GA 70 -77.40 -21.10 87.00
N GLU GA 71 -78.35 -21.25 87.92
CA GLU GA 71 -79.78 -20.99 87.66
C GLU GA 71 -80.01 -19.48 87.56
N ASN GA 72 -79.49 -18.66 88.46
CA ASN GA 72 -79.82 -17.24 88.48
C ASN GA 72 -78.56 -16.40 88.52
N MET GA 73 -78.04 -16.05 87.34
CA MET GA 73 -76.82 -15.28 87.20
C MET GA 73 -76.96 -14.39 85.99
N PRO GA 74 -76.14 -13.35 85.87
CA PRO GA 74 -76.06 -12.62 84.60
C PRO GA 74 -75.42 -13.45 83.50
N LEU GA 75 -75.42 -12.91 82.28
CA LEU GA 75 -75.04 -13.71 81.12
C LEU GA 75 -73.53 -13.89 81.04
N ASN GA 76 -72.76 -12.99 81.63
CA ASN GA 76 -71.31 -13.09 81.54
C ASN GA 76 -70.75 -14.03 82.61
N LYS GA 77 -71.61 -14.57 83.46
CA LYS GA 77 -71.14 -15.48 84.50
C LYS GA 77 -71.21 -16.93 84.05
N ILE GA 78 -72.22 -17.27 83.26
CA ILE GA 78 -72.48 -18.66 82.87
C ILE GA 78 -71.50 -19.08 81.77
N PRO GA 79 -71.23 -20.37 81.58
CA PRO GA 79 -70.33 -20.78 80.50
C PRO GA 79 -70.93 -20.55 79.12
N LYS GA 80 -70.06 -20.59 78.12
CA LYS GA 80 -70.46 -20.17 76.78
C LYS GA 80 -71.30 -21.23 76.09
N GLU GA 81 -71.22 -22.48 76.54
CA GLU GA 81 -72.01 -23.53 75.88
C GLU GA 81 -73.48 -23.45 76.25
N LEU GA 82 -73.78 -22.98 77.46
CA LEU GA 82 -75.17 -22.92 77.88
C LEU GA 82 -75.81 -21.59 77.48
N ARG GA 83 -75.03 -20.70 76.88
CA ARG GA 83 -75.57 -19.43 76.43
C ARG GA 83 -76.47 -19.66 75.21
N PRO GA 84 -77.47 -18.79 74.99
CA PRO GA 84 -78.28 -18.92 73.77
C PRO GA 84 -77.51 -18.41 72.56
N LYS GA 85 -77.60 -19.14 71.46
CA LYS GA 85 -76.90 -18.79 70.23
C LYS GA 85 -77.89 -18.45 69.13
N LYS GA 86 -77.68 -17.32 68.46
CA LYS GA 86 -78.46 -17.00 67.28
C LYS GA 86 -77.59 -16.95 66.03
N THR GA 87 -76.62 -16.04 65.98
CA THR GA 87 -75.62 -15.90 64.93
C THR GA 87 -74.64 -14.83 65.40
N ARG GA 88 -73.51 -14.75 64.71
CA ARG GA 88 -72.43 -13.86 65.17
C ARG GA 88 -72.78 -12.40 64.94
N ALA GA 89 -73.57 -12.11 63.91
CA ALA GA 89 -73.91 -10.72 63.62
C ALA GA 89 -74.98 -10.20 64.57
N GLU GA 90 -75.72 -11.11 65.21
CA GLU GA 90 -76.78 -10.67 66.11
C GLU GA 90 -76.27 -10.47 67.52
N ARG GA 91 -75.19 -11.18 67.88
CA ARG GA 91 -74.64 -11.03 69.22
C ARG GA 91 -73.93 -9.68 69.37
N ARG GA 92 -73.51 -9.08 68.26
CA ARG GA 92 -72.84 -7.80 68.32
C ARG GA 92 -73.81 -6.64 68.18
N LYS GA 93 -75.08 -6.93 67.88
CA LYS GA 93 -76.07 -5.88 67.74
C LYS GA 93 -76.46 -5.34 69.11
N LEU GA 94 -76.74 -4.05 69.18
CA LEU GA 94 -77.17 -3.44 70.42
C LEU GA 94 -78.69 -3.57 70.58
N THR GA 95 -79.14 -3.47 71.82
CA THR GA 95 -80.49 -3.87 72.18
C THR GA 95 -81.53 -2.85 71.73
N LYS GA 96 -82.79 -3.22 71.91
CA LYS GA 96 -83.89 -2.33 71.58
C LYS GA 96 -84.00 -1.19 72.58
N LYS GA 97 -83.64 -1.46 73.84
CA LYS GA 97 -83.72 -0.44 74.87
C LYS GA 97 -82.64 0.61 74.70
N GLN GA 98 -81.47 0.20 74.19
CA GLN GA 98 -80.38 1.14 74.04
C GLN GA 98 -80.53 1.99 72.80
N ALA GA 99 -81.24 1.49 71.79
CA ALA GA 99 -81.31 2.21 70.52
C ALA GA 99 -82.33 3.33 70.57
N ASN GA 100 -83.30 3.24 71.48
CA ASN GA 100 -84.39 4.22 71.50
C ASN GA 100 -84.21 5.29 72.56
N ARG GA 101 -83.09 5.31 73.28
CA ARG GA 101 -82.85 6.36 74.24
C ARG GA 101 -82.55 7.67 73.51
N LYS GA 102 -82.95 8.79 74.12
CA LYS GA 102 -82.86 10.08 73.45
C LYS GA 102 -82.44 11.17 74.42
N VAL GA 103 -82.07 12.31 73.86
CA VAL GA 103 -81.54 13.47 74.57
C VAL GA 103 -82.68 14.13 75.32
N PRO GA 104 -82.45 14.84 76.43
CA PRO GA 104 -83.55 15.50 77.13
C PRO GA 104 -84.23 16.63 76.38
N LYS GA 105 -83.63 17.14 75.32
CA LYS GA 105 -84.29 18.22 74.58
C LYS GA 105 -85.38 17.66 73.67
N VAL GA 106 -85.34 16.37 73.38
CA VAL GA 106 -86.29 15.80 72.43
C VAL GA 106 -87.48 15.20 73.16
N TRP GA 107 -87.23 14.32 74.14
CA TRP GA 107 -88.33 13.58 74.77
C TRP GA 107 -89.17 14.50 75.65
N ARG GA 108 -88.59 15.59 76.13
CA ARG GA 108 -89.39 16.57 76.86
C ARG GA 108 -90.32 17.32 75.93
N ARG GA 109 -89.94 17.48 74.67
CA ARG GA 109 -90.75 18.26 73.76
C ARG GA 109 -91.97 17.49 73.29
N GLU GA 110 -91.79 16.20 72.97
CA GLU GA 110 -92.86 15.42 72.37
C GLU GA 110 -93.91 15.03 73.40
N LEU GA 111 -93.59 15.19 74.69
CA LEU GA 111 -94.56 14.88 75.73
C LEU GA 111 -95.59 16.00 75.86
N LYS GA 112 -95.29 17.18 75.30
CA LYS GA 112 -96.23 18.29 75.37
C LYS GA 112 -97.25 18.23 74.24
N ASN GA 113 -96.86 17.71 73.09
CA ASN GA 113 -97.75 17.70 71.94
C ASN GA 113 -97.95 16.29 71.40
N PRO GA 114 -98.92 15.53 71.91
CA PRO GA 114 -99.10 14.15 71.47
C PRO GA 114 -99.90 14.06 70.18
N LYS GA 115 -100.21 12.81 69.82
CA LYS GA 115 -100.87 12.53 68.54
C LYS GA 115 -102.35 12.89 68.58
N ILE GA 116 -102.87 13.32 67.43
CA ILE GA 116 -104.27 13.70 67.28
C ILE GA 116 -104.91 12.83 66.22
N TYR GA 117 -106.16 12.44 66.46
CA TYR GA 117 -106.95 11.68 65.50
C TYR GA 117 -108.04 12.58 64.93
N PHE GA 118 -108.05 12.74 63.61
CA PHE GA 118 -108.95 13.70 62.99
C PHE GA 118 -109.62 13.04 61.77
N ALA GA 119 -110.32 13.84 60.98
CA ALA GA 119 -111.29 13.35 60.02
C ALA GA 119 -110.94 13.85 58.62
N TYR GA 120 -111.88 13.73 57.70
CA TYR GA 120 -111.62 13.98 56.29
C TYR GA 120 -111.41 15.47 56.02
N THR GA 121 -110.91 15.76 54.83
CA THR GA 121 -110.75 17.13 54.38
C THR GA 121 -112.05 17.71 53.86
N ALA HA 2 -19.91 -2.33 -38.07
CA ALA HA 2 -20.00 -2.45 -39.52
C ALA HA 2 -21.38 -2.01 -39.99
N ARG HA 3 -21.55 -1.91 -41.31
CA ARG HA 3 -22.80 -1.44 -41.87
C ARG HA 3 -23.83 -2.57 -41.87
N ARG HA 4 -25.10 -2.20 -41.65
CA ARG HA 4 -26.16 -3.17 -41.59
C ARG HA 4 -26.49 -3.69 -42.99
N PRO HA 5 -27.15 -4.85 -43.09
CA PRO HA 5 -27.61 -5.30 -44.40
C PRO HA 5 -28.68 -4.39 -44.99
N GLY HA 6 -28.85 -4.49 -46.31
CA GLY HA 6 -29.69 -3.55 -47.00
C GLY HA 6 -31.17 -3.84 -46.88
N ARG HA 7 -31.52 -5.00 -46.33
CA ARG HA 7 -32.92 -5.35 -46.19
C ARG HA 7 -33.56 -4.65 -45.00
N CYS HA 8 -32.75 -4.03 -44.14
CA CYS HA 8 -33.31 -3.30 -43.00
C CYS HA 8 -33.88 -1.96 -43.41
N TYR HA 9 -33.30 -1.35 -44.44
CA TYR HA 9 -33.78 -0.08 -44.98
C TYR HA 9 -34.09 -0.28 -46.46
N ARG HA 10 -35.33 -0.64 -46.77
CA ARG HA 10 -35.71 -0.88 -48.14
C ARG HA 10 -37.02 -0.24 -48.57
N TYR HA 11 -37.97 -0.02 -47.67
CA TYR HA 11 -39.29 0.44 -48.07
C TYR HA 11 -39.57 1.82 -47.51
N LEU HA 12 -40.38 2.59 -48.22
CA LEU HA 12 -40.55 4.00 -47.93
C LEU HA 12 -41.44 4.23 -46.72
N SER HA 13 -41.06 5.20 -45.90
CA SER HA 13 -41.96 5.76 -44.91
C SER HA 13 -42.82 6.83 -45.55
N LYS HA 14 -43.84 7.28 -44.82
CA LYS HA 14 -44.74 8.25 -45.42
C LYS HA 14 -44.16 9.66 -45.36
N LYS HA 15 -43.35 9.95 -44.35
CA LYS HA 15 -42.84 11.29 -44.11
C LYS HA 15 -41.33 11.32 -44.25
N ALA HA 16 -40.81 12.40 -44.80
CA ALA HA 16 -39.37 12.56 -44.94
C ALA HA 16 -38.77 13.15 -43.66
N TYR HA 17 -37.45 13.03 -43.55
CA TYR HA 17 -36.72 13.51 -42.38
C TYR HA 17 -35.40 14.11 -42.85
N HIS HA 18 -35.36 15.42 -43.01
CA HIS HA 18 -34.24 16.09 -43.65
C HIS HA 18 -33.26 16.62 -42.63
N LYS HA 19 -32.12 17.08 -43.13
CA LYS HA 19 -31.16 17.78 -42.30
C LYS HA 19 -31.52 19.26 -42.23
N SER HA 20 -31.66 19.78 -41.03
CA SER HA 20 -32.12 21.14 -40.79
C SER HA 20 -31.63 21.56 -39.42
N ARG HA 21 -32.23 22.61 -38.87
CA ARG HA 21 -31.82 23.05 -37.52
C ARG HA 21 -32.36 22.12 -36.44
N PHE HA 22 -33.35 21.30 -36.78
CA PHE HA 22 -33.87 20.35 -35.81
C PHE HA 22 -33.02 19.09 -35.73
N CYS HA 23 -32.22 18.81 -36.76
CA CYS HA 23 -31.34 17.66 -36.78
C CYS HA 23 -29.98 18.10 -37.30
N LYS HA 24 -29.03 18.26 -36.39
CA LYS HA 24 -27.76 18.91 -36.73
C LYS HA 24 -26.62 17.96 -36.99
N SER HA 25 -26.38 17.00 -36.10
CA SER HA 25 -25.18 16.15 -36.15
C SER HA 25 -25.36 15.09 -37.22
N VAL HA 26 -24.98 15.40 -38.46
CA VAL HA 26 -25.09 14.44 -39.56
C VAL HA 26 -23.70 14.18 -40.11
N PRO HA 27 -23.33 12.93 -40.37
CA PRO HA 27 -22.03 12.65 -41.01
C PRO HA 27 -22.03 13.00 -42.49
N ASP HA 28 -20.85 12.92 -43.08
CA ASP HA 28 -20.65 13.44 -44.43
C ASP HA 28 -20.89 12.37 -45.48
N LEU HA 29 -20.75 12.77 -46.75
CA LEU HA 29 -21.10 11.93 -47.88
C LEU HA 29 -19.88 11.26 -48.48
N LYS HA 30 -20.13 10.31 -49.37
CA LYS HA 30 -19.03 9.61 -50.05
C LYS HA 30 -18.99 9.96 -51.53
N ILE HA 31 -20.16 10.01 -52.17
CA ILE HA 31 -20.24 10.35 -53.59
C ILE HA 31 -19.96 11.84 -53.77
N LYS HA 32 -19.14 12.18 -54.75
CA LYS HA 32 -18.75 13.56 -54.98
C LYS HA 32 -18.95 14.02 -56.42
N ILE HA 33 -18.86 13.13 -57.40
CA ILE HA 33 -18.94 13.50 -58.81
C ILE HA 33 -20.28 13.02 -59.35
N TRP HA 34 -21.09 13.95 -59.85
CA TRP HA 34 -22.36 13.61 -60.43
C TRP HA 34 -22.37 13.60 -61.95
N ASP HA 35 -21.49 14.37 -62.58
CA ASP HA 35 -21.41 14.44 -64.04
C ASP HA 35 -20.02 14.02 -64.48
N SER HA 36 -19.94 13.05 -65.37
CA SER HA 36 -18.67 12.53 -65.83
C SER HA 36 -18.63 12.52 -67.35
N GLY HA 37 -17.42 12.47 -67.88
CA GLY HA 37 -17.23 12.51 -69.32
C GLY HA 37 -16.88 13.90 -69.79
N ARG HA 38 -17.21 14.14 -71.06
CA ARG HA 38 -17.00 15.44 -71.68
C ARG HA 38 -18.28 16.24 -71.58
N ARG HA 39 -18.38 17.04 -70.52
CA ARG HA 39 -19.62 17.79 -70.28
C ARG HA 39 -19.60 19.15 -70.95
N LYS HA 40 -18.47 19.54 -71.53
CA LYS HA 40 -18.37 20.86 -72.14
C LYS HA 40 -18.88 20.89 -73.58
N ALA HA 41 -19.30 19.76 -74.12
CA ALA HA 41 -19.70 19.70 -75.51
C ALA HA 41 -21.08 20.32 -75.71
N GLU HA 42 -21.27 20.95 -76.86
CA GLU HA 42 -22.45 21.76 -77.10
C GLU HA 42 -23.63 20.90 -77.55
N VAL HA 43 -24.64 21.58 -78.10
CA VAL HA 43 -25.91 20.94 -78.42
C VAL HA 43 -25.76 20.00 -79.61
N LEU HA 44 -24.87 20.35 -80.53
CA LEU HA 44 -24.86 19.65 -81.83
C LEU HA 44 -23.90 18.47 -81.83
N ASP HA 45 -23.20 18.23 -80.72
CA ASP HA 45 -22.22 17.16 -80.69
C ASP HA 45 -22.88 15.80 -80.42
N PHE HA 46 -23.69 15.71 -79.38
CA PHE HA 46 -24.29 14.43 -79.00
C PHE HA 46 -25.81 14.50 -79.14
N PRO HA 47 -26.39 13.92 -80.19
CA PRO HA 47 -27.84 14.03 -80.42
C PRO HA 47 -28.69 12.84 -79.96
N ILE HA 48 -28.13 11.82 -79.32
CA ILE HA 48 -28.87 10.60 -79.01
C ILE HA 48 -28.78 10.33 -77.52
N CYS HA 49 -29.92 10.25 -76.84
CA CYS HA 49 -29.98 10.12 -75.39
C CYS HA 49 -30.60 8.79 -75.00
N ILE HA 50 -30.01 8.14 -73.99
CA ILE HA 50 -30.44 6.82 -73.52
C ILE HA 50 -30.68 6.91 -72.01
N ASN HA 51 -31.84 6.43 -71.58
CA ASN HA 51 -32.28 6.57 -70.19
C ASN HA 51 -32.31 5.24 -69.47
N LEU HA 52 -32.49 5.32 -68.16
CA LEU HA 52 -32.74 4.17 -67.29
C LEU HA 52 -33.94 4.50 -66.42
N ILE HA 53 -35.04 3.79 -66.62
CA ILE HA 53 -36.32 4.09 -65.99
C ILE HA 53 -36.59 3.03 -64.91
N SER HA 54 -37.16 3.45 -63.80
CA SER HA 54 -37.33 2.55 -62.66
C SER HA 54 -38.67 1.83 -62.69
N HIS HA 55 -38.82 0.82 -61.82
CA HIS HA 55 -40.04 0.04 -61.72
C HIS HA 55 -40.41 -0.33 -60.29
N ALA HA 56 -39.96 0.42 -59.29
CA ALA HA 56 -40.18 0.04 -57.90
C ALA HA 56 -40.20 1.25 -57.00
N ARG HA 57 -40.76 1.06 -55.80
CA ARG HA 57 -40.78 2.09 -54.76
C ARG HA 57 -39.79 1.70 -53.67
N GLU HA 58 -38.64 2.36 -53.64
CA GLU HA 58 -37.52 1.82 -52.88
C GLU HA 58 -36.70 2.95 -52.29
N ASN HA 59 -35.75 2.56 -51.47
CA ASN HA 59 -34.68 3.44 -50.98
C ASN HA 59 -33.37 2.97 -51.60
N ILE HA 60 -32.69 3.87 -52.28
CA ILE HA 60 -31.38 3.58 -52.84
C ILE HA 60 -30.34 4.30 -51.99
N SER HA 61 -29.39 3.55 -51.46
CA SER HA 61 -28.44 4.10 -50.51
C SER HA 61 -27.44 5.01 -51.21
N GLU HA 62 -26.84 5.90 -50.42
CA GLU HA 62 -25.89 6.86 -50.98
C GLU HA 62 -24.60 6.19 -51.41
N GLN HA 63 -24.20 5.13 -50.71
CA GLN HA 63 -22.97 4.43 -51.06
C GLN HA 63 -23.15 3.58 -52.31
N ALA HA 64 -24.39 3.24 -52.65
CA ALA HA 64 -24.62 2.40 -53.82
C ALA HA 64 -24.64 3.24 -55.09
N LEU HA 65 -24.98 4.52 -54.97
CA LEU HA 65 -25.02 5.39 -56.14
C LEU HA 65 -23.61 5.68 -56.65
N ASP HA 66 -22.63 5.64 -55.76
CA ASP HA 66 -21.25 5.88 -56.16
C ASP HA 66 -20.70 4.73 -56.98
N ALA HA 67 -20.93 3.49 -56.52
CA ALA HA 67 -20.34 2.34 -57.20
C ALA HA 67 -21.04 2.05 -58.52
N ALA HA 68 -22.27 2.54 -58.68
CA ALA HA 68 -22.98 2.33 -59.94
C ALA HA 68 -22.47 3.29 -61.01
N ARG HA 69 -21.95 4.44 -60.61
CA ARG HA 69 -21.48 5.42 -61.57
C ARG HA 69 -20.10 5.05 -62.11
N ILE HA 70 -19.24 4.47 -61.27
CA ILE HA 70 -17.90 4.08 -61.71
C ILE HA 70 -17.98 2.91 -62.67
N ALA HA 71 -18.99 2.05 -62.51
CA ALA HA 71 -19.12 0.89 -63.38
C ALA HA 71 -19.51 1.28 -64.79
N ALA HA 72 -20.41 2.26 -64.94
CA ALA HA 72 -20.82 2.66 -66.27
C ALA HA 72 -19.79 3.57 -66.92
N HIS HA 73 -18.99 4.27 -66.12
CA HIS HA 73 -18.02 5.19 -66.68
C HIS HA 73 -16.75 4.47 -67.14
N HIS HA 74 -16.38 3.39 -66.45
CA HIS HA 74 -15.14 2.69 -66.79
C HIS HA 74 -15.29 1.87 -68.06
N TYR HA 75 -16.52 1.48 -68.39
CA TYR HA 75 -16.72 0.68 -69.60
C TYR HA 75 -16.77 1.54 -70.85
N MET HA 76 -17.39 2.71 -70.76
CA MET HA 76 -17.53 3.57 -71.94
C MET HA 76 -16.21 4.21 -72.32
N VAL HA 77 -15.31 4.37 -71.34
CA VAL HA 77 -13.95 4.83 -71.63
C VAL HA 77 -13.21 3.79 -72.45
N LYS HA 78 -13.43 2.51 -72.14
CA LYS HA 78 -12.66 1.44 -72.75
C LYS HA 78 -13.02 1.23 -74.22
N THR HA 79 -14.25 1.59 -74.60
CA THR HA 79 -14.72 1.37 -75.97
C THR HA 79 -14.92 2.67 -76.73
N ALA HA 80 -15.62 3.65 -76.16
CA ALA HA 80 -15.97 4.84 -76.92
C ALA HA 80 -14.89 5.91 -76.83
N GLY HA 81 -14.20 5.99 -75.71
CA GLY HA 81 -13.19 7.01 -75.53
C GLY HA 81 -13.59 8.04 -74.49
N ARG HA 82 -12.65 8.91 -74.15
CA ARG HA 82 -12.88 9.87 -73.08
C ARG HA 82 -13.62 11.11 -73.58
N ASP HA 83 -13.90 11.17 -74.88
CA ASP HA 83 -14.51 12.35 -75.49
C ASP HA 83 -15.62 12.00 -76.46
N ASN HA 84 -16.49 11.07 -76.09
CA ASN HA 84 -17.57 10.65 -76.97
C ASN HA 84 -18.88 10.43 -76.24
N PHE HA 85 -19.00 10.91 -75.00
CA PHE HA 85 -20.20 10.70 -74.21
C PHE HA 85 -20.26 11.72 -73.08
N HIS HA 86 -21.45 11.89 -72.53
CA HIS HA 86 -21.67 12.71 -71.35
C HIS HA 86 -22.60 11.97 -70.42
N LEU HA 87 -22.14 11.70 -69.20
CA LEU HA 87 -22.86 10.86 -68.25
C LEU HA 87 -23.23 11.69 -67.02
N ARG HA 88 -24.45 11.50 -66.52
CA ARG HA 88 -24.88 12.22 -65.33
C ARG HA 88 -25.86 11.39 -64.52
N VAL HA 89 -25.95 11.72 -63.23
CA VAL HA 89 -26.86 11.11 -62.28
C VAL HA 89 -27.88 12.17 -61.88
N ASN HA 90 -29.13 11.77 -61.64
CA ASN HA 90 -30.17 12.76 -61.41
C ASN HA 90 -30.39 13.03 -59.92
N VAL HA 91 -30.49 11.98 -59.13
CA VAL HA 91 -31.01 12.10 -57.77
C VAL HA 91 -29.94 12.62 -56.83
N TYR HA 92 -30.36 13.02 -55.63
CA TYR HA 92 -29.50 13.49 -54.56
C TYR HA 92 -30.05 12.99 -53.23
N PRO HA 93 -29.20 12.45 -52.35
CA PRO HA 93 -29.71 11.90 -51.09
C PRO HA 93 -30.06 12.94 -50.04
N PHE HA 94 -31.34 12.99 -49.65
CA PHE HA 94 -31.83 13.93 -48.66
C PHE HA 94 -32.28 13.28 -47.36
N HIS HA 95 -32.76 12.04 -47.42
CA HIS HA 95 -33.37 11.39 -46.26
C HIS HA 95 -32.31 10.88 -45.30
N VAL HA 96 -32.66 10.80 -44.02
CA VAL HA 96 -31.72 10.41 -42.96
C VAL HA 96 -32.30 9.21 -42.21
N LEU HA 97 -31.44 8.22 -41.92
CA LEU HA 97 -31.81 6.99 -41.24
C LEU HA 97 -31.47 7.10 -39.76
N ARG HA 98 -31.89 6.10 -38.97
CA ARG HA 98 -31.69 6.12 -37.53
C ARG HA 98 -31.40 4.72 -36.98
N ILE HA 99 -30.64 4.66 -35.87
CA ILE HA 99 -30.25 3.42 -35.20
C ILE HA 99 -30.56 3.56 -33.71
N ASN HA 100 -31.07 2.47 -33.10
CA ASN HA 100 -31.26 2.47 -31.65
C ASN HA 100 -29.98 2.10 -30.90
N LYS HA 101 -29.20 1.17 -31.45
CA LYS HA 101 -27.84 0.82 -31.01
C LYS HA 101 -27.79 0.30 -29.57
N MET HA 102 -28.37 -0.88 -29.38
CA MET HA 102 -28.26 -1.57 -28.10
C MET HA 102 -26.81 -1.96 -27.82
N LEU HA 103 -26.35 -1.68 -26.61
CA LEU HA 103 -24.97 -1.85 -26.21
C LEU HA 103 -24.83 -3.01 -25.25
N SER HA 104 -23.63 -3.16 -24.69
CA SER HA 104 -23.39 -4.23 -23.71
C SER HA 104 -23.51 -3.71 -22.29
N CYS HA 105 -22.66 -2.75 -21.91
CA CYS HA 105 -22.63 -2.28 -20.54
C CYS HA 105 -23.80 -1.34 -20.26
N ALA HA 106 -24.66 -1.74 -19.34
CA ALA HA 106 -25.90 -1.02 -19.06
C ALA HA 106 -26.39 -1.42 -17.69
N GLY HA 107 -27.63 -1.08 -17.40
CA GLY HA 107 -28.20 -1.38 -16.09
C GLY HA 107 -27.67 -0.49 -15.01
N ALA HA 108 -27.34 0.76 -15.35
CA ALA HA 108 -26.75 1.70 -14.42
C ALA HA 108 -27.21 3.09 -14.79
N ASP HA 109 -26.53 4.09 -14.22
CA ASP HA 109 -26.88 5.47 -14.49
C ASP HA 109 -26.48 5.85 -15.91
N ARG HA 110 -27.38 6.53 -16.62
CA ARG HA 110 -27.25 7.09 -17.97
C ARG HA 110 -27.01 6.04 -19.04
N LEU HA 111 -27.31 4.77 -18.79
CA LEU HA 111 -27.22 3.71 -19.80
C LEU HA 111 -28.35 2.73 -19.54
N GLN HA 112 -29.49 2.97 -20.17
CA GLN HA 112 -30.71 2.21 -19.92
C GLN HA 112 -30.84 1.12 -20.96
N THR HA 113 -31.72 0.15 -20.69
CA THR HA 113 -31.88 -0.99 -21.57
C THR HA 113 -33.22 -0.92 -22.31
N GLY HA 114 -33.26 -1.58 -23.46
CA GLY HA 114 -34.50 -1.92 -24.10
C GLY HA 114 -35.19 -0.74 -24.77
N MET HA 115 -36.52 -0.76 -24.68
CA MET HA 115 -37.36 0.22 -25.36
C MET HA 115 -37.56 1.50 -24.55
N ARG HA 116 -36.85 1.68 -23.46
CA ARG HA 116 -36.92 2.95 -22.75
C ARG HA 116 -36.07 4.00 -23.46
N GLN HA 117 -36.69 5.15 -23.76
CA GLN HA 117 -36.06 6.27 -24.48
C GLN HA 117 -35.49 5.84 -25.83
N SER HA 118 -36.38 5.46 -26.74
CA SER HA 118 -35.96 4.76 -27.94
C SER HA 118 -36.04 5.61 -29.21
N PHE HA 119 -35.63 6.86 -29.18
CA PHE HA 119 -35.50 7.62 -30.41
C PHE HA 119 -34.10 7.43 -30.98
N GLY HA 120 -34.00 7.29 -32.30
CA GLY HA 120 -32.77 6.87 -32.94
C GLY HA 120 -31.79 8.02 -33.17
N LYS HA 121 -30.54 7.67 -33.38
CA LYS HA 121 -29.51 8.61 -33.75
C LYS HA 121 -29.13 8.41 -35.22
N PRO HA 122 -28.72 9.47 -35.92
CA PRO HA 122 -28.53 9.36 -37.38
C PRO HA 122 -27.31 8.55 -37.77
N GLU HA 123 -27.44 7.81 -38.87
CA GLU HA 123 -26.35 7.00 -39.41
C GLU HA 123 -25.94 7.41 -40.82
N GLY HA 124 -26.87 7.43 -41.78
CA GLY HA 124 -26.49 7.66 -43.17
C GLY HA 124 -27.64 8.25 -43.95
N ARG HA 125 -27.44 8.34 -45.26
CA ARG HA 125 -28.39 8.99 -46.15
C ARG HA 125 -28.78 8.08 -47.31
N VAL HA 126 -30.01 8.23 -47.78
CA VAL HA 126 -30.55 7.47 -48.92
C VAL HA 126 -31.30 8.43 -49.81
N ALA HA 127 -31.67 7.97 -51.01
CA ALA HA 127 -32.56 8.70 -51.89
C ALA HA 127 -33.89 7.95 -52.04
N ARG HA 128 -34.97 8.71 -52.17
CA ARG HA 128 -36.31 8.16 -52.22
C ARG HA 128 -36.83 8.17 -53.65
N ILE HA 129 -37.21 7.00 -54.15
CA ILE HA 129 -37.50 6.80 -55.56
C ILE HA 129 -38.89 6.19 -55.71
N PHE HA 130 -39.74 6.85 -56.49
CA PHE HA 130 -41.10 6.41 -56.76
C PHE HA 130 -41.16 5.65 -58.08
N PHE HA 131 -42.39 5.35 -58.51
CA PHE HA 131 -42.59 4.62 -59.74
C PHE HA 131 -42.34 5.52 -60.94
N ASP HA 132 -41.78 4.92 -62.00
CA ASP HA 132 -41.59 5.54 -63.32
C ASP HA 132 -40.74 6.81 -63.23
N GLN HA 133 -39.51 6.65 -62.79
CA GLN HA 133 -38.60 7.78 -62.60
C GLN HA 133 -37.28 7.45 -63.28
N ILE HA 134 -36.66 8.47 -63.86
CA ILE HA 134 -35.35 8.29 -64.47
C ILE HA 134 -34.28 8.44 -63.41
N VAL HA 135 -33.25 7.60 -63.48
CA VAL HA 135 -32.17 7.63 -62.51
C VAL HA 135 -30.86 8.09 -63.16
N MET HA 136 -30.55 7.63 -64.36
CA MET HA 136 -29.28 7.98 -65.01
C MET HA 136 -29.52 8.14 -66.50
N SER HA 137 -28.54 8.76 -67.17
CA SER HA 137 -28.67 9.05 -68.59
C SER HA 137 -27.30 9.30 -69.22
N ILE HA 138 -27.18 8.94 -70.49
CA ILE HA 138 -26.00 9.23 -71.32
C ILE HA 138 -26.48 9.86 -72.62
N ARG HA 139 -25.70 10.80 -73.15
CA ARG HA 139 -25.87 11.25 -74.53
C ARG HA 139 -24.61 10.93 -75.32
N THR HA 140 -24.78 10.40 -76.52
CA THR HA 140 -23.65 10.01 -77.38
C THR HA 140 -23.93 10.45 -78.80
N LYS HA 141 -23.07 9.99 -79.71
CA LYS HA 141 -23.24 10.21 -81.14
C LYS HA 141 -24.03 9.07 -81.77
N LYS HA 142 -23.98 9.02 -83.10
CA LYS HA 142 -24.72 7.98 -83.82
C LYS HA 142 -24.00 6.64 -83.79
N GLY HA 143 -22.74 6.63 -83.36
CA GLY HA 143 -21.97 5.40 -83.42
C GLY HA 143 -22.11 4.53 -82.19
N ASN HA 144 -22.06 5.13 -81.01
CA ASN HA 144 -21.95 4.36 -79.79
C ASN HA 144 -23.29 3.98 -79.19
N GLU HA 145 -24.33 3.81 -80.01
CA GLU HA 145 -25.65 3.46 -79.48
C GLU HA 145 -25.67 2.05 -78.91
N ALA HA 146 -24.83 1.16 -79.45
CA ALA HA 146 -24.81 -0.21 -78.98
C ALA HA 146 -24.03 -0.35 -77.68
N ALA HA 147 -23.04 0.52 -77.47
CA ALA HA 147 -22.19 0.38 -76.31
C ALA HA 147 -22.88 0.83 -75.03
N ALA HA 148 -23.73 1.87 -75.11
CA ALA HA 148 -24.31 2.42 -73.90
C ALA HA 148 -25.47 1.59 -73.38
N MET HA 149 -26.05 0.74 -74.22
CA MET HA 149 -27.03 -0.23 -73.73
C MET HA 149 -26.34 -1.34 -72.95
N GLU HA 150 -25.05 -1.56 -73.20
CA GLU HA 150 -24.31 -2.55 -72.43
C GLU HA 150 -23.75 -1.94 -71.15
N ALA HA 151 -23.29 -0.70 -71.22
CA ALA HA 151 -22.70 -0.07 -70.04
C ALA HA 151 -23.76 0.26 -69.00
N LEU HA 152 -24.99 0.53 -69.43
CA LEU HA 152 -26.06 0.77 -68.47
C LEU HA 152 -26.59 -0.54 -67.91
N ARG HA 153 -26.29 -1.66 -68.56
CA ARG HA 153 -26.69 -2.94 -68.01
C ARG HA 153 -25.88 -3.31 -66.79
N ARG HA 154 -24.58 -2.98 -66.79
CA ARG HA 154 -23.73 -3.32 -65.66
C ARG HA 154 -24.07 -2.50 -64.43
N SER HA 155 -24.64 -1.33 -64.63
CA SER HA 155 -24.95 -0.48 -63.49
C SER HA 155 -26.25 -0.91 -62.83
N ARG HA 156 -27.07 -1.69 -63.54
CA ARG HA 156 -28.38 -2.06 -63.02
C ARG HA 156 -28.26 -3.10 -61.91
N HIS HA 157 -27.21 -3.92 -61.93
CA HIS HA 157 -27.07 -4.99 -60.95
C HIS HA 157 -26.57 -4.49 -59.60
N LYS HA 158 -26.36 -3.18 -59.46
CA LYS HA 158 -25.93 -2.65 -58.17
C LYS HA 158 -27.12 -2.17 -57.35
N PHE HA 159 -28.27 -1.99 -57.99
CA PHE HA 159 -29.46 -1.52 -57.28
C PHE HA 159 -30.34 -2.70 -56.91
N PRO HA 160 -31.13 -2.59 -55.83
CA PRO HA 160 -32.15 -3.62 -55.56
C PRO HA 160 -33.43 -3.36 -56.32
N GLY HA 161 -34.12 -4.41 -56.74
CA GLY HA 161 -35.39 -4.28 -57.42
C GLY HA 161 -35.28 -4.62 -58.89
N LYS HA 162 -36.19 -4.04 -59.67
CA LYS HA 162 -36.25 -4.27 -61.11
C LYS HA 162 -36.16 -2.94 -61.85
N TYR HA 163 -35.27 -2.88 -62.84
CA TYR HA 163 -35.04 -1.67 -63.62
C TYR HA 163 -34.98 -2.03 -65.09
N GLU HA 164 -35.20 -1.03 -65.94
CA GLU HA 164 -35.24 -1.25 -67.38
C GLU HA 164 -34.54 -0.10 -68.11
N VAL HA 165 -33.67 -0.45 -69.06
CA VAL HA 165 -32.98 0.53 -69.89
C VAL HA 165 -33.67 0.56 -71.25
N GLN HA 166 -33.70 1.74 -71.86
CA GLN HA 166 -34.35 1.90 -73.16
C GLN HA 166 -33.85 3.16 -73.83
N VAL HA 167 -34.21 3.32 -75.10
CA VAL HA 167 -33.79 4.45 -75.92
C VAL HA 167 -34.87 5.51 -75.85
N SER HA 168 -34.49 6.72 -75.44
CA SER HA 168 -35.43 7.82 -75.39
C SER HA 168 -35.63 8.41 -76.78
N SER HA 169 -36.65 9.25 -76.90
CA SER HA 169 -36.96 9.89 -78.17
C SER HA 169 -36.75 11.39 -78.15
N LYS HA 170 -35.97 11.92 -77.19
CA LYS HA 170 -35.73 13.34 -77.14
C LYS HA 170 -34.34 13.66 -77.68
N PHE HA 171 -34.11 14.94 -77.99
CA PHE HA 171 -32.86 15.37 -78.62
C PHE HA 171 -31.91 15.86 -77.54
N GLY HA 172 -31.13 14.95 -76.98
CA GLY HA 172 -30.15 15.37 -76.01
C GLY HA 172 -30.78 15.72 -74.67
N PHE HA 173 -30.12 16.64 -73.97
CA PHE HA 173 -30.51 16.90 -72.59
C PHE HA 173 -31.48 18.08 -72.49
N THR HA 174 -32.04 18.51 -73.61
CA THR HA 174 -33.17 19.43 -73.52
C THR HA 174 -34.47 18.64 -73.39
N GLY HA 175 -35.53 19.33 -73.02
CA GLY HA 175 -36.83 18.70 -72.98
C GLY HA 175 -37.59 18.91 -74.29
N LEU HA 176 -37.06 18.40 -75.39
CA LEU HA 176 -37.69 18.57 -76.69
C LEU HA 176 -37.66 17.25 -77.44
N TYR HA 177 -38.80 16.89 -78.02
CA TYR HA 177 -38.84 15.73 -78.89
C TYR HA 177 -38.14 16.02 -80.21
N THR HA 178 -37.83 14.97 -80.96
CA THR HA 178 -37.12 15.16 -82.22
C THR HA 178 -38.03 15.74 -83.29
N GLU HA 179 -39.32 15.36 -83.28
CA GLU HA 179 -40.28 15.94 -84.22
C GLU HA 179 -40.47 17.42 -83.96
N GLU HA 180 -40.49 17.82 -82.70
CA GLU HA 180 -40.67 19.21 -82.34
C GLU HA 180 -39.38 20.00 -82.56
N PHE HA 181 -38.24 19.32 -82.55
CA PHE HA 181 -36.97 20.00 -82.73
C PHE HA 181 -36.78 20.45 -84.16
N ASN HA 182 -37.25 19.66 -85.11
CA ASN HA 182 -36.90 19.91 -86.50
C ASN HA 182 -37.77 20.99 -87.12
N LYS HA 183 -39.01 21.13 -86.65
CA LYS HA 183 -39.88 22.18 -87.17
C LYS HA 183 -39.40 23.56 -86.74
N LEU HA 184 -38.87 23.66 -85.53
CA LEU HA 184 -38.42 24.95 -85.01
C LEU HA 184 -37.15 25.40 -85.71
N ARG HA 185 -36.27 24.46 -86.05
CA ARG HA 185 -35.02 24.83 -86.71
C ARG HA 185 -35.25 25.19 -88.17
N GLU HA 186 -36.39 24.77 -88.73
CA GLU HA 186 -36.72 25.19 -90.08
C GLU HA 186 -37.20 26.64 -90.09
N GLU HA 187 -37.97 27.04 -89.09
CA GLU HA 187 -38.43 28.43 -89.04
C GLU HA 187 -37.30 29.35 -88.60
N GLY HA 188 -36.45 28.90 -87.70
CA GLY HA 188 -35.45 29.75 -87.10
C GLY HA 188 -35.84 30.35 -85.77
N CYS HA 189 -36.78 29.74 -85.05
CA CYS HA 189 -37.15 30.19 -83.71
C CYS HA 189 -36.40 29.34 -82.70
N LEU HA 190 -35.08 29.31 -82.82
CA LEU HA 190 -34.24 28.61 -81.85
C LEU HA 190 -33.05 29.49 -81.51
N LEU HA 191 -32.60 29.38 -80.27
CA LEU HA 191 -31.51 30.19 -79.77
C LEU HA 191 -30.41 29.28 -79.26
N ALA HA 192 -29.17 29.71 -79.45
CA ALA HA 192 -28.00 28.87 -79.16
C ALA HA 192 -27.39 29.22 -77.81
N ASN HA 193 -27.94 28.61 -76.76
CA ASN HA 193 -27.30 28.63 -75.46
C ASN HA 193 -26.20 27.56 -75.45
N GLY HA 194 -25.39 27.55 -74.39
CA GLY HA 194 -24.18 26.74 -74.39
C GLY HA 194 -24.46 25.25 -74.36
N ASN HA 195 -25.29 24.81 -73.42
CA ASN HA 195 -25.51 23.37 -73.25
C ASN HA 195 -26.70 22.89 -74.06
N THR HA 196 -27.80 23.64 -74.04
CA THR HA 196 -29.00 23.28 -74.78
C THR HA 196 -29.51 24.51 -75.51
N VAL HA 197 -30.77 24.44 -75.96
CA VAL HA 197 -31.34 25.52 -76.73
C VAL HA 197 -32.28 26.34 -75.87
N ALA HA 198 -32.69 27.50 -76.40
CA ALA HA 198 -33.74 28.32 -75.82
C ALA HA 198 -34.73 28.69 -76.92
N VAL HA 199 -36.01 28.75 -76.57
CA VAL HA 199 -37.04 29.02 -77.57
C VAL HA 199 -37.35 30.52 -77.62
N LEU HA 200 -37.38 31.06 -78.83
CA LEU HA 200 -37.64 32.47 -79.04
C LEU HA 200 -39.11 32.67 -79.40
N LYS HA 201 -39.75 33.63 -78.72
CA LYS HA 201 -41.18 33.88 -78.88
C LYS HA 201 -41.41 35.34 -79.28
N GLN HA 202 -42.68 35.71 -79.30
CA GLN HA 202 -43.11 37.05 -79.68
C GLN HA 202 -43.70 37.84 -78.51
N LYS HA 203 -43.10 37.76 -77.33
CA LYS HA 203 -43.75 38.30 -76.14
C LYS HA 203 -43.19 39.66 -75.74
N GLY HA 204 -41.88 39.86 -75.91
CA GLY HA 204 -41.25 41.07 -75.44
C GLY HA 204 -41.54 42.28 -76.31
N PRO HA 205 -40.86 43.39 -76.03
CA PRO HA 205 -40.92 44.53 -76.95
C PRO HA 205 -40.17 44.21 -78.24
N ILE HA 206 -40.48 44.98 -79.29
CA ILE HA 206 -40.00 44.64 -80.62
C ILE HA 206 -38.50 44.91 -80.75
N SER HA 207 -38.01 45.95 -80.07
CA SER HA 207 -36.61 46.33 -80.18
C SER HA 207 -35.70 45.30 -79.53
N GLN HA 208 -36.20 44.57 -78.54
CA GLN HA 208 -35.38 43.54 -77.90
C GLN HA 208 -35.41 42.24 -78.69
N TYR HA 209 -36.46 42.05 -79.49
CA TYR HA 209 -36.54 40.86 -80.35
C TYR HA 209 -35.42 40.85 -81.38
N MET HA 210 -35.12 42.02 -81.97
CA MET HA 210 -34.02 42.10 -82.91
C MET HA 210 -32.68 41.98 -82.19
N LYS HA 211 -32.63 42.33 -80.91
CA LYS HA 211 -31.40 42.18 -80.15
C LYS HA 211 -31.12 40.72 -79.83
N LYS HA 212 -32.17 39.90 -79.74
CA LYS HA 212 -31.97 38.50 -79.45
C LYS HA 212 -31.60 37.71 -80.70
N LEU HA 213 -31.83 38.28 -81.87
CA LEU HA 213 -31.82 37.50 -83.11
C LEU HA 213 -30.42 37.16 -83.60
N GLU HA 214 -29.39 37.88 -83.14
CA GLU HA 214 -28.05 37.57 -83.63
C GLU HA 214 -27.40 36.46 -82.82
N LYS HA 215 -28.09 35.93 -81.81
CA LYS HA 215 -27.63 34.72 -81.16
C LYS HA 215 -28.46 33.52 -81.59
N GLN HA 216 -28.85 33.48 -82.87
CA GLN HA 216 -29.81 32.51 -83.41
C GLN HA 216 -29.20 31.10 -83.31
N LEU HA 217 -28.16 30.79 -84.05
CA LEU HA 217 -27.59 29.43 -84.00
C LEU HA 217 -26.10 29.44 -84.30
N GLY IA 8 45.33 -69.67 -1.94
CA GLY IA 8 44.12 -69.94 -1.19
C GLY IA 8 44.19 -69.39 0.21
N ILE IA 9 45.08 -69.94 1.02
CA ILE IA 9 45.30 -69.51 2.39
C ILE IA 9 46.75 -69.05 2.50
N ASN IA 10 46.94 -67.77 2.80
CA ASN IA 10 48.28 -67.19 2.88
C ASN IA 10 48.73 -67.08 4.32
N HIS IA 11 50.04 -66.96 4.51
CA HIS IA 11 50.63 -66.66 5.80
C HIS IA 11 51.43 -65.37 5.79
N ARG IA 12 51.07 -64.41 4.94
CA ARG IA 12 51.81 -63.16 4.88
C ARG IA 12 51.48 -62.26 6.06
N GLY IA 13 52.21 -61.18 6.20
CA GLY IA 13 51.99 -60.22 7.26
C GLY IA 13 51.72 -58.81 6.79
N GLU IA 14 51.34 -58.61 5.53
CA GLU IA 14 51.25 -57.27 4.98
C GLU IA 14 49.85 -56.69 5.17
N HIS IA 15 48.91 -57.52 5.60
CA HIS IA 15 47.52 -57.07 5.68
C HIS IA 15 47.16 -56.55 7.06
N LYS IA 16 47.97 -56.80 8.07
CA LYS IA 16 47.60 -56.43 9.42
C LYS IA 16 47.89 -54.96 9.70
N ARG IA 17 47.28 -54.44 10.75
CA ARG IA 17 47.45 -53.04 11.12
C ARG IA 17 48.83 -52.79 11.72
N LYS IA 18 49.17 -51.51 11.83
CA LYS IA 18 50.47 -51.13 12.36
C LYS IA 18 50.48 -51.21 13.87
N LYS IA 19 51.63 -50.88 14.45
CA LYS IA 19 51.76 -50.85 15.91
C LYS IA 19 50.96 -49.71 16.51
N SER IA 20 50.82 -48.61 15.76
CA SER IA 20 50.08 -47.46 16.26
C SER IA 20 48.58 -47.59 16.06
N GLY IA 21 48.13 -48.49 15.20
CA GLY IA 21 46.72 -48.66 14.93
C GLY IA 21 46.25 -48.09 13.61
N GLY IA 22 47.13 -47.54 12.79
CA GLY IA 22 46.72 -47.03 11.50
C GLY IA 22 46.54 -48.14 10.48
N LYS IA 23 45.81 -47.84 9.43
CA LYS IA 23 45.52 -48.83 8.40
C LYS IA 23 46.76 -49.09 7.55
N SER IA 24 46.72 -50.16 6.77
CA SER IA 24 47.82 -50.54 5.90
C SER IA 24 47.34 -50.65 4.46
N VAL IA 25 48.29 -50.59 3.54
CA VAL IA 25 48.02 -50.63 2.10
C VAL IA 25 48.94 -51.66 1.47
N LEU IA 26 48.43 -52.37 0.46
CA LEU IA 26 49.19 -53.39 -0.24
C LEU IA 26 49.78 -52.82 -1.52
N HIS IA 27 50.80 -53.48 -2.03
CA HIS IA 27 51.40 -53.05 -3.28
C HIS IA 27 51.71 -54.19 -4.25
N ARG IA 28 51.56 -55.45 -3.82
CA ARG IA 28 51.85 -56.57 -4.72
C ARG IA 28 50.82 -57.66 -4.50
N LYS IA 29 50.74 -58.58 -5.46
CA LYS IA 29 49.74 -59.63 -5.41
C LYS IA 29 50.17 -60.76 -4.49
N LYS IA 30 49.38 -61.83 -4.50
CA LYS IA 30 49.66 -62.96 -3.63
C LYS IA 30 50.79 -63.80 -4.20
N ARG IA 31 51.75 -64.13 -3.34
CA ARG IA 31 52.89 -64.94 -3.75
C ARG IA 31 52.65 -66.40 -3.44
N ASN IA 32 53.37 -67.26 -4.14
CA ASN IA 32 53.32 -68.70 -3.92
C ASN IA 32 54.25 -69.17 -2.82
N ASN IA 33 55.12 -68.29 -2.31
CA ASN IA 33 56.10 -68.67 -1.31
C ASN IA 33 55.43 -68.99 0.03
N ARG IA 34 54.45 -68.18 0.41
CA ARG IA 34 53.73 -68.37 1.66
C ARG IA 34 52.35 -68.96 1.36
N ARG IA 35 52.28 -70.29 1.36
CA ARG IA 35 51.09 -71.00 0.89
C ARG IA 35 50.65 -71.97 1.96
N GLY IA 36 49.34 -72.01 2.23
CA GLY IA 36 48.81 -72.78 3.33
C GLY IA 36 47.87 -73.88 2.86
N SER IA 37 47.30 -74.57 3.85
CA SER IA 37 46.37 -75.65 3.61
C SER IA 37 45.28 -75.60 4.68
N GLN IA 38 44.30 -76.49 4.52
CA GLN IA 38 43.21 -76.55 5.48
C GLN IA 38 43.50 -77.57 6.57
N MET IA 39 42.70 -77.53 7.63
CA MET IA 39 42.91 -78.43 8.76
C MET IA 39 42.47 -79.83 8.43
N ALA IA 40 43.32 -80.80 8.73
CA ALA IA 40 42.99 -82.22 8.63
C ALA IA 40 42.78 -82.75 10.04
N ALA IA 41 41.54 -83.08 10.38
CA ALA IA 41 41.18 -83.59 11.69
C ALA IA 41 41.25 -85.10 11.67
N THR IA 42 42.13 -85.66 12.48
CA THR IA 42 42.33 -87.10 12.49
C THR IA 42 41.30 -87.77 13.39
N LYS IA 43 40.47 -88.61 12.80
CA LYS IA 43 39.41 -89.31 13.51
C LYS IA 43 39.86 -90.70 13.88
N VAL IA 44 38.96 -91.46 14.50
CA VAL IA 44 39.22 -92.84 14.86
C VAL IA 44 38.31 -93.77 14.04
N GLY IA 45 38.89 -94.80 13.46
CA GLY IA 45 38.14 -95.71 12.61
C GLY IA 45 39.08 -96.71 11.98
N SER IA 46 38.73 -97.14 10.77
CA SER IA 46 39.65 -97.94 9.97
C SER IA 46 40.76 -97.04 9.43
N THR IA 47 41.95 -97.60 9.29
CA THR IA 47 43.13 -96.78 9.02
C THR IA 47 43.15 -96.26 7.58
N LYS IA 48 43.75 -95.09 7.39
CA LYS IA 48 43.79 -94.39 6.10
C LYS IA 48 44.89 -93.35 6.12
N VAL IA 49 45.79 -93.40 5.14
CA VAL IA 49 46.90 -92.45 5.01
C VAL IA 49 46.98 -91.97 3.56
N VAL IA 50 47.03 -90.65 3.36
CA VAL IA 50 47.21 -90.03 2.07
C VAL IA 50 48.54 -89.28 2.09
N GLU IA 51 49.13 -89.08 0.91
CA GLU IA 51 50.41 -88.40 0.78
C GLU IA 51 50.25 -86.96 0.32
N LYS IA 52 51.26 -86.15 0.63
CA LYS IA 52 51.32 -84.76 0.26
C LYS IA 52 52.57 -84.49 -0.58
N ARG IA 53 52.59 -83.34 -1.23
CA ARG IA 53 53.78 -82.88 -1.95
C ARG IA 53 54.15 -81.51 -1.40
N ALA IA 54 55.38 -81.36 -0.94
CA ALA IA 54 55.84 -80.14 -0.35
C ALA IA 54 56.86 -79.45 -1.26
N ARG IA 55 57.46 -78.37 -0.77
CA ARG IA 55 58.32 -77.57 -1.63
C ARG IA 55 59.66 -78.25 -1.87
N GLY IA 56 59.92 -78.58 -3.14
CA GLY IA 56 61.14 -79.27 -3.51
C GLY IA 56 61.15 -80.72 -3.06
N GLY IA 57 60.23 -81.52 -3.60
CA GLY IA 57 60.09 -82.90 -3.16
C GLY IA 57 59.56 -82.96 -1.74
N ASN IA 58 60.24 -83.73 -0.88
CA ASN IA 58 60.05 -83.76 0.57
C ASN IA 58 58.61 -84.11 0.96
N LYS IA 59 58.22 -85.35 0.65
CA LYS IA 59 56.83 -85.77 0.79
C LYS IA 59 56.39 -85.80 2.25
N LYS IA 60 55.19 -85.26 2.49
CA LYS IA 60 54.57 -85.27 3.80
C LYS IA 60 53.44 -86.29 3.80
N TYR IA 61 53.16 -86.85 4.97
CA TYR IA 61 52.08 -87.80 5.15
C TYR IA 61 51.04 -87.23 6.11
N LYS IA 62 49.78 -87.29 5.72
CA LYS IA 62 48.69 -86.89 6.59
C LYS IA 62 47.76 -88.09 6.79
N ALA IA 63 47.18 -88.19 7.97
CA ALA IA 63 46.34 -89.31 8.35
C ALA IA 63 44.93 -88.81 8.58
N LEU IA 64 43.98 -89.34 7.83
CA LEU IA 64 42.60 -88.92 8.00
C LEU IA 64 41.93 -89.71 9.13
N ARG IA 65 42.06 -91.02 9.13
CA ARG IA 65 41.48 -91.87 10.17
C ARG IA 65 42.55 -92.80 10.71
N LEU IA 66 42.80 -92.72 12.02
CA LEU IA 66 43.93 -93.39 12.63
C LEU IA 66 43.45 -94.47 13.60
N ASN IA 67 44.23 -95.53 13.72
CA ASN IA 67 43.93 -96.63 14.63
C ASN IA 67 45.24 -97.33 14.97
N GLU IA 68 45.22 -98.03 16.11
CA GLU IA 68 46.33 -98.80 16.70
C GLU IA 68 47.65 -98.00 16.75
N GLY IA 69 47.64 -96.98 17.59
CA GLY IA 69 48.81 -96.16 17.83
C GLY IA 69 49.82 -96.86 18.74
N GLU IA 70 51.07 -96.43 18.66
CA GLU IA 70 52.13 -97.01 19.46
C GLU IA 70 52.32 -96.23 20.75
N PHE IA 71 52.68 -96.93 21.83
CA PHE IA 71 52.88 -96.30 23.12
C PHE IA 71 54.04 -96.95 23.83
N LEU IA 72 54.60 -96.23 24.81
CA LEU IA 72 55.76 -96.67 25.57
C LEU IA 72 55.43 -96.78 27.04
N TYR IA 73 55.88 -97.88 27.65
CA TYR IA 73 55.80 -98.08 29.09
C TYR IA 73 57.06 -97.47 29.70
N LYS IA 74 56.88 -96.59 30.68
CA LYS IA 74 58.02 -95.82 31.19
C LYS IA 74 58.82 -96.61 32.22
N SER IA 75 58.13 -97.40 33.05
CA SER IA 75 58.83 -98.10 34.13
C SER IA 75 59.61 -99.30 33.61
N GLY IA 76 58.96 -100.17 32.83
CA GLY IA 76 59.64 -101.36 32.36
C GLY IA 76 60.44 -101.15 31.09
N ASN IA 77 60.26 -99.99 30.46
CA ASN IA 77 60.96 -99.55 29.25
C ASN IA 77 60.76 -100.49 28.07
N ILE IA 78 59.53 -100.86 27.76
CA ILE IA 78 59.23 -101.57 26.52
C ILE IA 78 58.15 -100.80 25.77
N ILE IA 79 58.02 -101.12 24.48
CA ILE IA 79 57.09 -100.46 23.58
C ILE IA 79 56.16 -101.52 23.01
N ASN IA 80 54.85 -101.25 23.04
CA ASN IA 80 53.87 -102.20 22.54
C ASN IA 80 52.69 -101.45 21.94
N SER IA 81 52.00 -102.12 21.02
CA SER IA 81 50.86 -101.52 20.36
C SER IA 81 49.57 -101.78 21.13
N SER IA 82 48.63 -100.86 21.01
CA SER IA 82 47.31 -100.99 21.63
C SER IA 82 46.29 -100.28 20.75
N LYS IA 83 45.02 -100.57 21.01
CA LYS IA 83 43.93 -99.91 20.31
C LYS IA 83 43.56 -98.61 21.01
N ILE IA 84 42.78 -97.79 20.31
CA ILE IA 84 42.36 -96.49 20.79
C ILE IA 84 40.84 -96.48 20.88
N ILE IA 85 40.31 -96.11 22.04
CA ILE IA 85 38.88 -96.23 22.32
C ILE IA 85 38.21 -94.86 22.35
N GLU IA 86 38.61 -94.01 23.29
CA GLU IA 86 37.93 -92.75 23.54
C GLU IA 86 38.96 -91.68 23.86
N VAL IA 87 38.52 -90.43 23.83
CA VAL IA 87 39.35 -89.30 24.21
C VAL IA 87 38.78 -88.72 25.49
N MET IA 88 39.67 -88.30 26.41
CA MET IA 88 39.20 -87.85 27.70
C MET IA 88 39.30 -86.34 27.83
N TYR IA 89 40.35 -85.75 27.26
CA TYR IA 89 40.61 -84.34 27.48
C TYR IA 89 41.34 -83.75 26.28
N HIS IA 90 40.97 -82.53 25.91
CA HIS IA 90 41.69 -81.76 24.90
C HIS IA 90 41.89 -80.35 25.41
N PRO IA 91 43.10 -79.79 25.31
CA PRO IA 91 43.40 -78.54 26.02
C PRO IA 91 42.70 -77.30 25.48
N THR IA 92 42.81 -77.02 24.18
CA THR IA 92 42.39 -75.71 23.69
C THR IA 92 40.88 -75.64 23.46
N ASN IA 93 40.30 -76.66 22.83
CA ASN IA 93 38.88 -76.66 22.48
C ASN IA 93 38.22 -77.87 23.07
N ASN IA 94 37.12 -77.67 23.79
CA ASN IA 94 36.48 -78.76 24.49
C ASN IA 94 35.41 -79.44 23.64
N ASP IA 95 35.28 -79.04 22.38
CA ASP IA 95 34.29 -79.67 21.51
C ASP IA 95 34.85 -80.89 20.81
N TYR IA 96 36.18 -81.09 20.86
CA TYR IA 96 36.78 -82.20 20.13
C TYR IA 96 36.49 -83.54 20.79
N VAL IA 97 36.02 -83.52 22.04
CA VAL IA 97 35.82 -84.76 22.77
C VAL IA 97 34.51 -85.41 22.35
N ARG IA 98 33.59 -84.63 21.77
CA ARG IA 98 32.34 -85.22 21.32
C ARG IA 98 32.42 -85.66 19.87
N THR IA 99 33.40 -85.16 19.14
CA THR IA 99 33.61 -85.53 17.74
C THR IA 99 34.71 -86.55 17.56
N ASN IA 100 35.47 -86.84 18.62
CA ASN IA 100 36.56 -87.83 18.63
C ASN IA 100 37.63 -87.53 17.59
N THR IA 101 38.31 -86.40 17.75
CA THR IA 101 39.45 -86.06 16.93
C THR IA 101 40.72 -86.14 17.77
N ILE IA 102 41.78 -86.70 17.19
CA ILE IA 102 43.05 -86.88 17.88
C ILE IA 102 44.04 -85.86 17.35
N THR IA 103 44.59 -85.05 18.25
CA THR IA 103 45.66 -84.13 17.92
C THR IA 103 46.77 -84.29 18.94
N LYS IA 104 47.73 -83.37 18.90
CA LYS IA 104 48.87 -83.44 19.80
C LYS IA 104 48.47 -83.05 21.21
N SER IA 105 48.97 -83.82 22.18
CA SER IA 105 48.78 -83.62 23.61
C SER IA 105 47.29 -83.65 23.99
N SER IA 106 46.66 -84.78 23.71
CA SER IA 106 45.27 -85.03 24.09
C SER IA 106 45.18 -86.45 24.61
N VAL IA 107 44.75 -86.61 25.86
CA VAL IA 107 44.82 -87.91 26.50
C VAL IA 107 43.71 -88.82 26.00
N VAL IA 108 43.98 -90.12 25.98
CA VAL IA 108 43.08 -91.11 25.41
C VAL IA 108 42.90 -92.28 26.37
N LYS IA 109 42.22 -93.30 25.87
CA LYS IA 109 41.88 -94.50 26.62
C LYS IA 109 42.18 -95.71 25.75
N ILE IA 110 43.07 -96.58 26.20
CA ILE IA 110 43.62 -97.64 25.37
C ILE IA 110 43.33 -99.00 25.99
N SER IA 111 43.35 -100.04 25.17
CA SER IA 111 43.14 -101.40 25.64
C SER IA 111 44.40 -101.94 26.29
N SER IA 112 44.22 -102.68 27.38
CA SER IA 112 45.34 -103.24 28.13
C SER IA 112 45.55 -104.71 27.88
N GLU IA 113 45.30 -105.19 26.66
CA GLU IA 113 45.38 -106.61 26.38
C GLU IA 113 46.82 -107.08 26.30
N GLY IA 114 47.58 -106.54 25.35
CA GLY IA 114 48.94 -107.02 25.14
C GLY IA 114 49.93 -106.45 26.13
N ILE IA 115 49.52 -105.44 26.89
CA ILE IA 115 50.41 -104.78 27.83
C ILE IA 115 50.62 -105.67 29.05
N LYS IA 116 51.87 -105.79 29.49
CA LYS IA 116 52.22 -106.51 30.70
C LYS IA 116 52.71 -105.50 31.72
N ILE IA 117 51.87 -105.20 32.70
CA ILE IA 117 52.09 -104.09 33.63
C ILE IA 117 52.76 -104.66 34.87
N GLN IA 118 53.46 -103.81 35.62
CA GLN IA 118 53.92 -104.17 36.95
C GLN IA 118 52.78 -103.97 37.95
N ASP IA 119 53.06 -104.25 39.23
CA ASP IA 119 52.06 -104.19 40.27
C ASP IA 119 52.18 -102.88 41.04
N GLU IA 120 51.40 -101.88 40.62
CA GLU IA 120 51.37 -100.59 41.29
C GLU IA 120 49.98 -100.39 41.85
N GLU IA 121 49.86 -99.46 42.80
CA GLU IA 121 48.58 -99.29 43.49
C GLU IA 121 47.55 -98.61 42.60
N ASP IA 122 47.98 -97.68 41.75
CA ASP IA 122 47.04 -96.85 41.03
C ASP IA 122 46.50 -97.55 39.79
N LEU IA 123 47.38 -98.26 39.07
CA LEU IA 123 46.99 -98.85 37.80
C LEU IA 123 46.21 -100.14 37.98
N LYS IA 124 46.12 -100.64 39.22
CA LYS IA 124 45.60 -101.98 39.47
C LYS IA 124 44.09 -102.03 39.23
N GLU IA 125 43.38 -100.96 39.60
CA GLU IA 125 41.92 -100.98 39.55
C GLU IA 125 41.43 -100.84 38.12
N MET IA 126 42.18 -100.13 37.28
CA MET IA 126 41.82 -100.04 35.87
C MET IA 126 42.28 -101.29 35.11
N TYR IA 127 43.33 -101.94 35.61
CA TYR IA 127 43.85 -103.13 34.94
C TYR IA 127 42.93 -104.34 35.12
N GLU IA 128 42.03 -104.30 36.10
CA GLU IA 128 40.99 -105.31 36.20
C GLU IA 128 40.07 -105.25 34.99
N LYS IA 129 39.70 -104.03 34.60
CA LYS IA 129 39.02 -103.84 33.33
C LYS IA 129 40.04 -103.76 32.20
N GLY IA 130 39.57 -103.38 31.02
CA GLY IA 130 40.42 -103.46 29.85
C GLY IA 130 41.22 -102.20 29.59
N TYR IA 131 40.93 -101.13 30.32
CA TYR IA 131 41.38 -99.82 29.86
C TYR IA 131 42.57 -99.30 30.65
N LEU IA 132 43.40 -98.53 29.95
CA LEU IA 132 44.49 -97.74 30.52
C LEU IA 132 44.51 -96.37 29.85
N TYR IA 133 45.40 -95.51 30.33
CA TYR IA 133 45.47 -94.13 29.88
C TYR IA 133 46.81 -93.84 29.22
N ALA IA 134 46.78 -92.94 28.23
CA ALA IA 134 47.97 -92.55 27.50
C ALA IA 134 47.77 -91.14 26.95
N VAL IA 135 48.88 -90.47 26.66
CA VAL IA 135 48.87 -89.10 26.16
C VAL IA 135 49.74 -89.02 24.91
N ILE IA 136 49.20 -88.41 23.85
CA ILE IA 136 49.88 -88.36 22.56
C ILE IA 136 50.99 -87.33 22.61
N ASN IA 137 52.07 -87.57 21.89
CA ASN IA 137 53.21 -86.65 21.86
C ASN IA 137 53.74 -86.37 20.46
N SER IA 138 53.04 -86.79 19.42
CA SER IA 138 53.50 -86.57 18.06
C SER IA 138 52.42 -85.85 17.27
N ARG IA 139 52.84 -85.10 16.25
CA ARG IA 139 51.92 -84.39 15.37
C ARG IA 139 51.26 -85.41 14.44
N PRO IA 140 49.94 -85.59 14.53
CA PRO IA 140 49.33 -86.65 13.72
C PRO IA 140 49.15 -86.26 12.26
N GLY IA 141 48.89 -84.99 11.98
CA GLY IA 141 48.54 -84.60 10.62
C GLY IA 141 49.74 -84.43 9.72
N GLN IA 142 50.94 -84.40 10.29
CA GLN IA 142 52.14 -84.14 9.52
C GLN IA 142 53.14 -85.28 9.55
N VAL IA 143 53.29 -85.95 10.70
CA VAL IA 143 54.12 -87.15 10.73
C VAL IA 143 53.35 -88.33 10.15
N GLY IA 144 52.10 -88.49 10.54
CA GLY IA 144 51.25 -89.53 10.00
C GLY IA 144 51.02 -90.72 10.90
N LYS IA 145 51.49 -90.67 12.15
CA LYS IA 145 51.31 -91.77 13.09
C LYS IA 145 51.50 -91.24 14.50
N ALA IA 146 50.79 -91.84 15.44
CA ALA IA 146 50.74 -91.37 16.82
C ALA IA 146 51.70 -92.18 17.68
N GLU IA 147 52.39 -91.50 18.58
CA GLU IA 147 53.21 -92.13 19.61
C GLU IA 147 53.04 -91.36 20.89
N GLY IA 148 53.20 -92.04 22.03
CA GLY IA 148 53.01 -91.36 23.29
C GLY IA 148 53.51 -92.17 24.47
N GLU IA 149 53.12 -91.71 25.66
CA GLU IA 149 53.58 -92.27 26.93
C GLU IA 149 52.38 -92.73 27.74
N ILE IA 150 52.62 -93.70 28.63
CA ILE IA 150 51.59 -94.17 29.54
C ILE IA 150 51.66 -93.38 30.84
N LEU IA 151 50.49 -92.94 31.32
CA LEU IA 151 50.40 -92.11 32.52
C LEU IA 151 50.75 -92.92 33.76
N GLN IA 152 51.70 -92.42 34.54
CA GLN IA 152 52.14 -93.04 35.77
C GLN IA 152 52.48 -91.97 36.80
N GLY IA 153 52.13 -92.22 38.05
CA GLY IA 153 52.61 -91.36 39.13
C GLY IA 153 51.82 -90.07 39.25
N SER IA 154 52.54 -88.98 39.50
CA SER IA 154 51.90 -87.70 39.76
C SER IA 154 51.39 -87.06 38.47
N LYS IA 155 51.87 -87.54 37.32
CA LYS IA 155 51.31 -87.12 36.04
C LYS IA 155 49.88 -87.59 35.89
N LEU IA 156 49.53 -88.72 36.52
CA LEU IA 156 48.15 -89.15 36.54
C LEU IA 156 47.34 -88.32 37.52
N GLU IA 157 47.99 -87.75 38.53
CA GLU IA 157 47.27 -86.93 39.49
C GLU IA 157 46.88 -85.58 38.90
N PHE IA 158 47.57 -85.15 37.86
CA PHE IA 158 47.32 -83.82 37.31
C PHE IA 158 46.14 -83.83 36.37
N TYR IA 159 46.05 -84.83 35.50
CA TYR IA 159 45.03 -84.81 34.45
C TYR IA 159 43.67 -85.18 35.00
N THR IA 160 43.62 -86.01 36.04
CA THR IA 160 42.34 -86.56 36.50
C THR IA 160 41.52 -85.54 37.26
N ASN IA 161 42.11 -84.40 37.61
CA ASN IA 161 41.31 -83.29 38.12
C ASN IA 161 40.57 -82.57 36.99
N LEU IA 162 41.05 -82.74 35.77
CA LEU IA 162 40.45 -82.08 34.60
C LEU IA 162 39.45 -82.95 33.87
N PHE IA 163 39.06 -84.09 34.43
CA PHE IA 163 38.19 -85.00 33.71
C PHE IA 163 36.73 -84.57 33.85
N LYS IA 164 35.84 -85.31 33.17
CA LYS IA 164 34.46 -84.85 33.05
C LYS IA 164 33.68 -85.00 34.35
N LYS IA 165 33.90 -86.10 35.08
CA LYS IA 165 33.29 -86.42 36.38
C LYS IA 165 31.76 -86.37 36.37
N MET JA 1 -81.60 39.13 19.30
CA MET JA 1 -83.05 39.06 19.26
C MET JA 1 -83.64 39.40 20.62
N ARG JA 2 -82.79 39.43 21.64
CA ARG JA 2 -83.26 39.83 22.96
C ARG JA 2 -83.07 41.33 23.16
N ARG JA 3 -82.32 41.97 22.26
CA ARG JA 3 -81.97 43.38 22.45
C ARG JA 3 -83.16 44.30 22.21
N GLY JA 4 -83.85 44.12 21.09
CA GLY JA 4 -84.94 45.03 20.76
C GLY JA 4 -86.17 44.82 21.61
N LEU JA 5 -86.37 43.58 22.08
CA LEU JA 5 -87.52 43.30 22.92
C LEU JA 5 -87.30 43.80 24.34
N LYS JA 6 -86.04 44.03 24.72
CA LYS JA 6 -85.75 44.53 26.06
C LYS JA 6 -85.94 46.03 26.14
N LYS JA 7 -85.96 46.71 25.00
CA LYS JA 7 -86.12 48.17 25.01
C LYS JA 7 -87.53 48.56 25.40
N THR JA 8 -88.50 47.70 25.11
CA THR JA 8 -89.90 47.93 25.44
C THR JA 8 -90.34 46.82 26.38
N GLN JA 9 -90.33 47.10 27.68
CA GLN JA 9 -90.73 46.11 28.67
C GLN JA 9 -91.57 46.79 29.75
N VAL JA 10 -92.72 46.21 30.03
CA VAL JA 10 -93.64 46.71 31.04
C VAL JA 10 -93.83 45.63 32.09
N HIS JA 11 -93.72 46.00 33.36
CA HIS JA 11 -93.83 45.08 34.47
C HIS JA 11 -95.25 45.07 35.01
N HIS JA 12 -95.73 43.88 35.37
CA HIS JA 12 -97.04 43.76 35.99
C HIS JA 12 -96.99 44.25 37.42
N GLN JA 13 -97.98 45.06 37.79
CA GLN JA 13 -97.96 45.80 39.05
C GLN JA 13 -98.53 44.95 40.18
N VAL JA 14 -97.78 44.81 41.26
CA VAL JA 14 -98.21 44.10 42.45
C VAL JA 14 -97.84 44.93 43.66
N THR JA 15 -98.65 44.87 44.72
CA THR JA 15 -98.42 45.63 45.94
C THR JA 15 -97.41 44.89 46.82
N LYS JA 16 -96.42 45.61 47.32
CA LYS JA 16 -95.33 44.99 48.06
C LYS JA 16 -95.67 44.92 49.55
N ILE JA 17 -94.86 44.16 50.29
CA ILE JA 17 -94.98 44.06 51.74
C ILE JA 17 -93.59 43.79 52.31
N ASP JA 18 -93.42 44.04 53.60
CA ASP JA 18 -92.20 43.72 54.32
C ASP JA 18 -92.55 43.28 55.73
N ILE JA 19 -92.37 42.00 56.01
CA ILE JA 19 -92.70 41.43 57.32
C ILE JA 19 -91.48 40.68 57.84
N PRO JA 20 -91.05 40.94 59.07
CA PRO JA 20 -89.90 40.20 59.61
C PRO JA 20 -90.30 38.79 60.01
N LYS JA 21 -89.31 37.90 60.00
CA LYS JA 21 -89.56 36.48 60.22
C LYS JA 21 -89.89 36.19 61.67
N ILE JA 22 -90.66 35.13 61.91
CA ILE JA 22 -91.01 34.75 63.27
C ILE JA 22 -89.83 34.06 63.94
N MET JA 23 -89.30 33.02 63.30
CA MET JA 23 -88.13 32.32 63.81
C MET JA 23 -87.01 32.45 62.80
N PRO JA 24 -86.01 33.28 63.04
CA PRO JA 24 -84.92 33.40 62.07
C PRO JA 24 -83.90 32.31 62.26
N LYS JA 25 -83.10 32.05 61.22
CA LYS JA 25 -82.02 31.08 61.35
C LYS JA 25 -80.83 31.67 62.08
N TYR JA 26 -80.77 33.00 62.15
CA TYR JA 26 -79.68 33.72 62.80
C TYR JA 26 -80.26 34.79 63.71
N LYS JA 27 -79.99 34.69 65.00
CA LYS JA 27 -80.34 35.72 65.96
C LYS JA 27 -79.06 36.41 66.41
N LYS JA 28 -78.94 37.70 66.11
CA LYS JA 28 -77.76 38.44 66.52
C LYS JA 28 -77.81 38.66 68.03
N ASN JA 29 -76.79 38.15 68.73
CA ASN JA 29 -76.71 38.24 70.18
C ASN JA 29 -75.72 39.34 70.53
N SER JA 30 -76.20 40.34 71.28
CA SER JA 30 -75.35 41.47 71.63
C SER JA 30 -74.36 41.10 72.72
N LYS JA 31 -74.77 40.25 73.66
CA LYS JA 31 -73.89 39.83 74.75
C LYS JA 31 -72.74 38.97 74.23
N ARG JA 32 -73.03 38.13 73.24
CA ARG JA 32 -72.04 37.16 72.77
C ARG JA 32 -70.96 37.83 71.94
N ILE JA 33 -71.28 38.96 71.31
CA ILE JA 33 -70.31 39.66 70.48
C ILE JA 33 -69.31 40.41 71.35
N GLU JA 34 -69.81 41.05 72.41
CA GLU JA 34 -68.99 41.97 73.20
C GLU JA 34 -67.93 41.24 74.02
N GLU JA 35 -68.15 39.96 74.31
CA GLU JA 35 -67.11 39.20 74.99
C GLU JA 35 -65.98 38.84 74.04
N LYS JA 36 -66.29 38.63 72.76
CA LYS JA 36 -65.25 38.32 71.79
C LYS JA 36 -64.41 39.55 71.49
N LYS JA 37 -65.04 40.72 71.44
CA LYS JA 37 -64.32 41.95 71.13
C LYS JA 37 -63.48 42.42 72.31
N PHE JA 38 -63.86 42.02 73.52
CA PHE JA 38 -63.14 42.44 74.72
C PHE JA 38 -61.97 41.51 74.99
N ALA JA 39 -62.10 40.24 74.63
CA ALA JA 39 -61.05 39.27 74.92
C ALA JA 39 -59.88 39.42 73.98
N ARG JA 40 -60.13 39.87 72.75
CA ARG JA 40 -59.05 39.97 71.77
C ARG JA 40 -58.09 41.09 72.13
N SER JA 41 -58.59 42.16 72.72
CA SER JA 41 -57.72 43.27 73.12
C SER JA 41 -56.85 42.90 74.31
N LEU JA 42 -57.20 41.83 75.02
CA LEU JA 42 -56.39 41.40 76.16
C LEU JA 42 -55.28 40.46 75.72
N VAL JA 43 -55.55 39.59 74.76
CA VAL JA 43 -54.58 38.57 74.37
C VAL JA 43 -53.44 39.18 73.56
N ARG JA 44 -53.72 40.24 72.79
CA ARG JA 44 -52.69 40.85 71.96
C ARG JA 44 -51.64 41.58 72.80
N GLU JA 45 -51.94 41.85 74.07
CA GLU JA 45 -50.96 42.52 74.91
C GLU JA 45 -49.95 41.53 75.48
N ILE JA 46 -50.42 40.37 75.93
CA ILE JA 46 -49.52 39.36 76.49
C ILE JA 46 -48.65 38.76 75.39
N SER JA 47 -49.27 38.33 74.29
CA SER JA 47 -48.52 37.82 73.17
C SER JA 47 -47.98 39.00 72.35
N GLY JA 48 -47.22 38.70 71.29
CA GLY JA 48 -46.61 39.73 70.49
C GLY JA 48 -47.18 39.74 69.08
N TYR JA 49 -46.35 40.19 68.14
CA TYR JA 49 -46.75 40.23 66.75
C TYR JA 49 -46.09 39.09 65.98
N ALA JA 50 -46.58 38.87 64.75
CA ALA JA 50 -45.98 37.91 63.86
C ALA JA 50 -44.65 38.46 63.34
N PRO JA 51 -43.74 37.57 62.90
CA PRO JA 51 -42.46 38.07 62.36
C PRO JA 51 -42.58 38.81 61.04
N TYR JA 52 -43.69 38.69 60.32
CA TYR JA 52 -43.89 39.54 59.16
C TYR JA 52 -44.57 40.84 59.55
N GLU JA 53 -45.28 40.85 60.67
CA GLU JA 53 -45.93 42.08 61.11
C GLU JA 53 -44.96 42.98 61.84
N SER JA 54 -43.87 42.42 62.36
CA SER JA 54 -42.86 43.25 63.02
C SER JA 54 -42.02 44.01 62.00
N LYS JA 55 -41.82 43.43 60.82
CA LYS JA 55 -41.06 44.12 59.78
C LYS JA 55 -41.91 45.20 59.12
N ALA JA 56 -43.23 45.03 59.12
CA ALA JA 56 -44.09 46.03 58.49
C ALA JA 56 -44.22 47.27 59.36
N ILE JA 57 -44.00 47.13 60.67
CA ILE JA 57 -44.03 48.29 61.55
C ILE JA 57 -42.81 49.17 61.33
N SER JA 58 -41.62 48.55 61.23
CA SER JA 58 -40.38 49.30 61.13
C SER JA 58 -40.25 49.98 59.77
N ILE JA 59 -40.90 49.42 58.75
CA ILE JA 59 -40.96 50.08 57.45
C ILE JA 59 -41.86 51.30 57.54
N LEU JA 60 -42.96 51.20 58.28
CA LEU JA 60 -43.87 52.32 58.43
C LEU JA 60 -43.31 53.41 59.34
N LYS JA 61 -42.22 53.13 60.05
CA LYS JA 61 -41.55 54.19 60.80
C LYS JA 61 -40.74 55.08 59.89
N LEU JA 62 -40.39 54.58 58.70
CA LEU JA 62 -39.63 55.37 57.73
C LEU JA 62 -40.51 56.08 56.73
N LYS JA 63 -41.83 55.98 56.87
CA LYS JA 63 -42.85 56.52 55.97
C LYS JA 63 -42.66 56.03 54.54
N ASP JA 64 -42.40 54.73 54.36
CA ASP JA 64 -42.44 54.11 53.04
C ASP JA 64 -43.77 53.38 52.89
N ILE JA 65 -44.83 54.18 52.73
CA ILE JA 65 -46.18 53.62 52.63
C ILE JA 65 -46.34 52.89 51.30
N ALA JA 66 -45.79 53.44 50.22
CA ALA JA 66 -45.90 52.80 48.92
C ALA JA 66 -45.05 51.54 48.86
N ARG JA 67 -44.01 51.45 49.68
CA ARG JA 67 -43.23 50.22 49.75
C ARG JA 67 -43.91 49.18 50.63
N ALA JA 68 -44.62 49.62 51.68
CA ALA JA 68 -45.22 48.68 52.61
C ALA JA 68 -46.48 48.05 52.03
N THR JA 69 -47.09 48.70 51.04
CA THR JA 69 -48.31 48.18 50.44
C THR JA 69 -48.02 46.95 49.58
N ILE JA 70 -46.90 46.96 48.86
CA ILE JA 70 -46.54 45.81 48.04
C ILE JA 70 -46.00 44.68 48.92
N PHE JA 71 -45.52 45.02 50.12
CA PHE JA 71 -45.03 44.00 51.02
C PHE JA 71 -46.16 43.16 51.59
N LEU JA 72 -47.33 43.76 51.80
CA LEU JA 72 -48.45 43.02 52.36
C LEU JA 72 -49.29 42.37 51.26
N LYS JA 73 -49.24 42.92 50.05
CA LYS JA 73 -49.96 42.33 48.93
C LYS JA 73 -49.35 40.99 48.52
N ARG JA 74 -48.04 40.83 48.73
CA ARG JA 74 -47.41 39.54 48.44
C ARG JA 74 -47.77 38.50 49.49
N ARG JA 75 -48.03 38.94 50.72
CA ARG JA 75 -48.30 37.97 51.79
C ARG JA 75 -49.77 37.54 51.78
N LEU JA 76 -50.68 38.49 51.99
CA LEU JA 76 -52.11 38.20 52.00
C LEU JA 76 -52.61 38.22 50.56
N GLY JA 77 -53.80 37.68 50.34
CA GLY JA 77 -54.31 37.60 48.99
C GLY JA 77 -54.87 38.91 48.48
N SER JA 78 -55.97 39.38 49.07
CA SER JA 78 -56.75 40.45 48.48
C SER JA 78 -56.18 41.82 48.81
N ASN JA 79 -56.56 42.81 47.99
CA ASN JA 79 -56.14 44.18 48.23
C ASN JA 79 -56.91 44.79 49.41
N LYS JA 80 -58.12 44.28 49.68
CA LYS JA 80 -58.90 44.81 50.78
C LYS JA 80 -58.31 44.42 52.11
N ARG JA 81 -57.74 43.22 52.20
CA ARG JA 81 -57.13 42.78 53.45
C ARG JA 81 -55.81 43.50 53.71
N THR JA 82 -55.19 44.06 52.68
CA THR JA 82 -54.01 44.89 52.92
C THR JA 82 -54.39 46.19 53.61
N GLN JA 83 -55.41 46.88 53.09
CA GLN JA 83 -55.76 48.18 53.62
C GLN JA 83 -56.42 48.08 54.98
N LYS JA 84 -56.93 46.90 55.33
CA LYS JA 84 -57.42 46.69 56.69
C LYS JA 84 -56.27 46.42 57.65
N LYS JA 85 -55.14 45.93 57.14
CA LYS JA 85 -54.02 45.62 58.02
C LYS JA 85 -53.15 46.85 58.25
N ILE JA 86 -53.09 47.76 57.27
CA ILE JA 86 -52.25 48.94 57.42
C ILE JA 86 -52.83 49.88 58.47
N LYS JA 87 -54.16 49.92 58.58
CA LYS JA 87 -54.81 50.72 59.61
C LYS JA 87 -54.56 50.15 61.00
N GLU JA 88 -54.29 48.85 61.10
CA GLU JA 88 -53.97 48.27 62.40
C GLU JA 88 -52.51 48.51 62.77
N LEU JA 89 -51.65 48.69 61.76
CA LEU JA 89 -50.23 48.85 62.04
C LEU JA 89 -49.84 50.32 62.13
N GLN JA 90 -50.57 51.19 61.43
CA GLN JA 90 -50.27 52.62 61.50
C GLN JA 90 -50.66 53.21 62.84
N ILE JA 91 -51.58 52.56 63.55
CA ILE JA 91 -51.91 52.97 64.92
C ILE JA 91 -50.78 52.56 65.87
N ALA JA 92 -50.22 51.38 65.66
CA ALA JA 92 -49.21 50.87 66.58
C ALA JA 92 -47.82 51.38 66.24
N ALA JA 93 -47.70 52.30 65.29
CA ALA JA 93 -46.41 52.90 64.97
C ALA JA 93 -46.53 54.41 64.81
N ILE KA 3 -35.93 80.70 -73.50
CA ILE KA 3 -35.92 79.71 -72.43
C ILE KA 3 -36.84 80.20 -71.33
N ASN KA 4 -37.65 79.29 -70.78
CA ASN KA 4 -38.56 79.66 -69.71
C ASN KA 4 -37.76 79.90 -68.44
N PRO KA 5 -38.08 80.95 -67.68
CA PRO KA 5 -37.32 81.24 -66.45
C PRO KA 5 -37.55 80.24 -65.32
N MET KA 6 -38.45 79.27 -65.50
CA MET KA 6 -38.58 78.21 -64.50
C MET KA 6 -37.59 77.08 -64.77
N ARG KA 7 -36.84 77.17 -65.86
CA ARG KA 7 -35.82 76.16 -66.14
C ARG KA 7 -34.45 76.53 -65.60
N GLU KA 8 -34.36 77.57 -64.77
CA GLU KA 8 -33.08 78.06 -64.30
C GLU KA 8 -32.47 77.11 -63.27
N ILE KA 9 -31.18 77.32 -62.99
CA ILE KA 9 -30.46 76.60 -61.94
C ILE KA 9 -30.02 77.61 -60.90
N LYS KA 10 -30.05 77.22 -59.63
CA LYS KA 10 -29.71 78.11 -58.54
C LYS KA 10 -28.93 77.36 -57.47
N ILE KA 11 -28.77 78.00 -56.32
CA ILE KA 11 -28.05 77.44 -55.18
C ILE KA 11 -29.05 77.29 -54.04
N LYS KA 12 -29.24 76.05 -53.57
CA LYS KA 12 -30.18 75.84 -52.48
C LYS KA 12 -29.55 76.19 -51.15
N LYS KA 13 -28.47 75.51 -50.78
CA LYS KA 13 -27.83 75.75 -49.50
C LYS KA 13 -26.38 75.33 -49.59
N LEU KA 14 -25.60 75.73 -48.58
CA LEU KA 14 -24.21 75.36 -48.45
C LEU KA 14 -24.02 74.82 -47.04
N SER KA 15 -23.10 73.89 -46.88
CA SER KA 15 -22.82 73.25 -45.60
C SER KA 15 -21.34 73.33 -45.30
N ILE KA 16 -21.00 73.62 -44.06
CA ILE KA 16 -19.61 73.69 -43.61
C ILE KA 16 -19.42 72.68 -42.50
N VAL KA 17 -18.25 72.03 -42.46
CA VAL KA 17 -17.95 70.97 -41.51
C VAL KA 17 -16.51 71.12 -41.06
N ILE KA 18 -16.30 71.23 -39.75
CA ILE KA 18 -14.96 71.20 -39.16
C ILE KA 18 -14.82 69.89 -38.40
N ASN KA 19 -13.96 69.00 -38.91
CA ASN KA 19 -13.73 67.71 -38.26
C ASN KA 19 -12.53 67.81 -37.31
N VAL KA 20 -12.83 68.04 -36.06
CA VAL KA 20 -11.86 67.90 -34.98
C VAL KA 20 -12.19 66.60 -34.26
N GLY KA 21 -11.15 65.88 -33.85
CA GLY KA 21 -11.36 64.69 -33.04
C GLY KA 21 -10.53 64.75 -31.78
N GLY KA 22 -11.18 64.89 -30.62
CA GLY KA 22 -10.43 65.00 -29.39
C GLY KA 22 -11.33 64.91 -28.19
N GLY KA 23 -10.70 64.87 -27.02
CA GLY KA 23 -11.42 64.88 -25.77
C GLY KA 23 -11.54 66.23 -25.10
N SER KA 24 -10.86 67.24 -25.63
CA SER KA 24 -10.80 68.55 -25.01
C SER KA 24 -11.98 69.38 -25.47
N SER KA 25 -12.69 70.00 -24.51
CA SER KA 25 -13.76 70.91 -24.85
C SER KA 25 -13.22 72.24 -25.34
N THR KA 26 -11.97 72.54 -25.01
CA THR KA 26 -11.38 73.82 -25.39
C THR KA 26 -11.08 73.89 -26.88
N ARG KA 27 -10.82 72.74 -27.50
CA ARG KA 27 -10.66 72.74 -28.96
C ARG KA 27 -12.01 72.85 -29.64
N LEU KA 28 -13.06 72.36 -28.98
CA LEU KA 28 -14.41 72.52 -29.52
C LEU KA 28 -14.86 73.97 -29.41
N ASN KA 29 -14.70 74.56 -28.22
CA ASN KA 29 -15.27 75.88 -27.98
C ASN KA 29 -14.46 76.97 -28.64
N ASN KA 30 -13.19 76.71 -28.95
CA ASN KA 30 -12.44 77.63 -29.79
C ASN KA 30 -12.93 77.57 -31.22
N ALA KA 31 -13.16 76.35 -31.74
CA ALA KA 31 -13.62 76.19 -33.10
C ALA KA 31 -15.08 76.58 -33.25
N ALA KA 32 -15.82 76.58 -32.14
CA ALA KA 32 -17.21 77.01 -32.20
C ALA KA 32 -17.33 78.51 -32.42
N LYS KA 33 -16.32 79.26 -32.02
CA LYS KA 33 -16.37 80.71 -32.20
C LYS KA 33 -15.99 81.11 -33.62
N VAL KA 34 -15.30 80.22 -34.35
CA VAL KA 34 -14.86 80.55 -35.70
C VAL KA 34 -16.04 80.55 -36.66
N LEU KA 35 -16.95 79.60 -36.49
CA LEU KA 35 -18.12 79.53 -37.37
C LEU KA 35 -19.08 80.69 -37.09
N LYS KA 36 -19.16 81.13 -35.84
CA LYS KA 36 -19.92 82.32 -35.52
C LYS KA 36 -19.25 83.57 -36.07
N GLN KA 37 -17.92 83.56 -36.09
CA GLN KA 37 -17.19 84.71 -36.62
C GLN KA 37 -17.31 84.79 -38.14
N LEU KA 38 -17.50 83.66 -38.80
CA LEU KA 38 -17.62 83.69 -40.25
C LEU KA 38 -19.03 84.10 -40.67
N THR KA 39 -20.05 83.48 -40.07
CA THR KA 39 -21.43 83.86 -40.32
C THR KA 39 -22.18 83.85 -39.00
N SER KA 40 -23.24 84.65 -38.92
CA SER KA 40 -23.87 84.93 -37.62
C SER KA 40 -24.72 83.78 -37.11
N GLN KA 41 -24.79 82.67 -37.84
CA GLN KA 41 -25.52 81.51 -37.33
C GLN KA 41 -24.75 80.86 -36.20
N ASP KA 42 -25.46 80.08 -35.39
CA ASP KA 42 -24.84 79.37 -34.28
C ASP KA 42 -24.53 77.93 -34.65
N CYS KA 43 -23.58 77.35 -33.94
CA CYS KA 43 -23.06 76.03 -34.27
C CYS KA 43 -24.03 74.93 -33.88
N LEU KA 44 -23.85 73.78 -34.52
CA LEU KA 44 -24.61 72.57 -34.21
C LEU KA 44 -23.64 71.41 -34.07
N PHE KA 45 -23.74 70.69 -32.96
CA PHE KA 45 -22.76 69.66 -32.65
C PHE KA 45 -23.13 68.33 -33.28
N SER KA 46 -22.26 67.35 -33.08
CA SER KA 46 -22.46 66.00 -33.57
C SER KA 46 -21.82 65.02 -32.60
N LYS KA 47 -22.32 63.78 -32.60
CA LYS KA 47 -21.89 62.77 -31.67
C LYS KA 47 -21.30 61.58 -32.41
N ALA KA 48 -20.97 60.54 -31.64
CA ALA KA 48 -20.34 59.35 -32.15
C ALA KA 48 -21.36 58.23 -32.29
N ARG KA 49 -21.02 57.21 -33.10
CA ARG KA 49 -21.93 56.08 -33.25
C ARG KA 49 -21.44 54.87 -32.46
N TYR KA 50 -20.14 54.67 -32.40
CA TYR KA 50 -19.56 53.54 -31.68
C TYR KA 50 -18.34 54.00 -30.90
N THR KA 51 -17.57 53.03 -30.43
CA THR KA 51 -16.30 53.31 -29.76
C THR KA 51 -15.17 52.73 -30.60
N LEU KA 52 -14.30 53.60 -31.11
CA LEU KA 52 -13.20 53.18 -31.96
C LEU KA 52 -11.89 53.65 -31.34
N ARG KA 53 -11.05 52.70 -30.91
CA ARG KA 53 -9.82 53.03 -30.22
C ARG KA 53 -8.80 53.62 -31.20
N ASN KA 54 -8.86 53.21 -32.47
CA ASN KA 54 -7.88 53.66 -33.45
C ASN KA 54 -8.07 55.13 -33.81
N PHE KA 55 -9.26 55.68 -33.58
CA PHE KA 55 -9.49 57.09 -33.82
C PHE KA 55 -9.65 57.89 -32.54
N GLY KA 56 -9.56 57.26 -31.38
CA GLY KA 56 -9.74 57.97 -30.12
C GLY KA 56 -11.18 58.42 -29.91
N ILE KA 57 -12.13 57.54 -30.17
CA ILE KA 57 -13.55 57.86 -30.14
C ILE KA 57 -14.25 56.89 -29.22
N ARG KA 58 -15.03 57.42 -28.29
CA ARG KA 58 -15.93 56.62 -27.47
C ARG KA 58 -17.38 56.93 -27.83
N ARG KA 59 -18.27 55.99 -27.52
CA ARG KA 59 -19.67 56.10 -27.92
C ARG KA 59 -20.37 57.21 -27.15
N ASN KA 60 -21.29 57.90 -27.85
CA ASN KA 60 -22.15 58.95 -27.30
C ASN KA 60 -21.32 60.12 -26.76
N GLU KA 61 -20.46 60.66 -27.59
CA GLU KA 61 -19.50 61.68 -27.21
C GLU KA 61 -19.34 62.68 -28.35
N LYS KA 62 -19.16 63.95 -28.00
CA LYS KA 62 -19.11 65.01 -29.01
C LYS KA 62 -17.84 64.94 -29.83
N ILE KA 63 -17.98 65.15 -31.15
CA ILE KA 63 -16.83 65.09 -32.03
C ILE KA 63 -16.66 66.40 -32.78
N SER KA 64 -17.65 66.78 -33.60
CA SER KA 64 -17.45 67.82 -34.58
C SER KA 64 -18.62 68.78 -34.59
N VAL KA 65 -18.50 69.85 -35.38
CA VAL KA 65 -19.54 70.86 -35.51
C VAL KA 65 -19.82 71.08 -36.99
N HIS KA 66 -21.04 71.53 -37.30
CA HIS KA 66 -21.44 71.83 -38.66
C HIS KA 66 -22.56 72.85 -38.67
N VAL KA 67 -22.63 73.64 -39.74
CA VAL KA 67 -23.59 74.73 -39.89
C VAL KA 67 -24.11 74.75 -41.31
N ASN KA 68 -25.43 74.77 -41.46
CA ASN KA 68 -26.07 74.88 -42.75
C ASN KA 68 -26.46 76.34 -43.00
N VAL KA 69 -26.01 76.89 -44.12
CA VAL KA 69 -26.25 78.28 -44.46
C VAL KA 69 -27.00 78.33 -45.78
N SER KA 70 -27.69 79.44 -46.03
CA SER KA 70 -28.39 79.67 -47.29
C SER KA 70 -28.31 81.15 -47.65
N GLY KA 71 -29.16 81.54 -48.58
CA GLY KA 71 -29.28 82.94 -48.98
C GLY KA 71 -28.10 83.41 -49.81
N ASP KA 72 -27.98 84.75 -49.87
CA ASP KA 72 -26.89 85.35 -50.61
C ASP KA 72 -25.60 85.34 -49.80
N LYS KA 73 -25.68 85.02 -48.51
CA LYS KA 73 -24.48 84.88 -47.68
C LYS KA 73 -23.62 83.71 -48.13
N ALA KA 74 -24.25 82.71 -48.76
CA ALA KA 74 -23.52 81.54 -49.23
C ALA KA 74 -22.66 81.87 -50.44
N MET KA 75 -23.01 82.94 -51.16
CA MET KA 75 -22.21 83.33 -52.31
C MET KA 75 -20.89 83.94 -51.88
N GLU KA 76 -20.87 84.63 -50.75
CA GLU KA 76 -19.66 85.30 -50.30
C GLU KA 76 -18.66 84.29 -49.73
N ILE KA 77 -19.18 83.19 -49.18
CA ILE KA 77 -18.30 82.15 -48.69
C ILE KA 77 -17.78 81.31 -49.84
N LEU KA 78 -18.60 81.13 -50.87
CA LEU KA 78 -18.21 80.28 -51.99
C LEU KA 78 -17.21 80.99 -52.89
N LYS KA 79 -17.36 82.30 -53.05
CA LYS KA 79 -16.45 83.05 -53.92
C LYS KA 79 -15.08 83.19 -53.28
N LYS KA 80 -15.02 83.18 -51.96
CA LYS KA 80 -13.73 83.16 -51.28
C LYS KA 80 -13.02 81.82 -51.48
N ALA KA 81 -13.76 80.73 -51.34
CA ALA KA 81 -13.13 79.41 -51.30
C ALA KA 81 -12.62 78.98 -52.67
N LEU KA 82 -13.20 79.53 -53.74
CA LEU KA 82 -12.73 79.16 -55.08
C LEU KA 82 -11.42 79.84 -55.43
N LYS KA 83 -11.09 80.92 -54.74
CA LYS KA 83 -9.86 81.64 -55.05
C LYS KA 83 -8.64 80.91 -54.49
N VAL KA 84 -8.86 80.02 -53.52
CA VAL KA 84 -7.73 79.29 -52.92
C VAL KA 84 -7.20 78.26 -53.90
N ARG KA 85 -8.08 77.60 -54.63
CA ARG KA 85 -7.66 76.69 -55.70
C ARG KA 85 -7.54 77.39 -57.04
N GLU KA 86 -7.51 78.73 -57.05
CA GLU KA 86 -7.35 79.57 -58.24
C GLU KA 86 -8.44 79.33 -59.28
N TYR KA 87 -9.66 79.07 -58.79
CA TYR KA 87 -10.84 78.81 -59.62
C TYR KA 87 -10.63 77.61 -60.55
N GLU KA 88 -9.97 76.57 -60.04
CA GLU KA 88 -9.66 75.38 -60.81
C GLU KA 88 -10.18 74.15 -60.06
N LEU KA 89 -10.90 73.29 -60.77
CA LEU KA 89 -11.49 72.11 -60.17
C LEU KA 89 -11.28 70.90 -61.06
N SER KA 90 -11.41 69.72 -60.47
CA SER KA 90 -11.30 68.47 -61.21
C SER KA 90 -12.62 68.13 -61.90
N LYS KA 91 -12.63 67.01 -62.60
CA LYS KA 91 -13.84 66.59 -63.28
C LYS KA 91 -14.69 65.67 -62.42
N ASP KA 92 -14.07 65.00 -61.44
CA ASP KA 92 -14.80 63.98 -60.69
C ASP KA 92 -15.44 64.51 -59.42
N CYS KA 93 -15.43 65.83 -59.18
CA CYS KA 93 -16.04 66.37 -57.98
C CYS KA 93 -17.56 66.43 -58.13
N PHE KA 94 -18.07 66.23 -59.34
CA PHE KA 94 -19.50 66.31 -59.59
C PHE KA 94 -20.15 64.95 -59.38
N ASN KA 95 -21.28 64.95 -58.68
CA ASN KA 95 -21.94 63.68 -58.37
C ASN KA 95 -22.87 63.27 -59.50
N GLN KA 96 -23.62 62.20 -59.24
CA GLN KA 96 -24.66 61.81 -60.18
C GLN KA 96 -25.83 62.78 -60.13
N THR KA 97 -26.10 63.35 -58.95
CA THR KA 97 -27.28 64.19 -58.78
C THR KA 97 -26.98 65.65 -59.10
N GLY KA 98 -25.71 66.06 -58.98
CA GLY KA 98 -25.34 67.40 -59.39
C GLY KA 98 -24.47 68.20 -58.45
N CYS KA 99 -24.37 67.77 -57.19
CA CYS KA 99 -23.63 68.55 -56.21
C CYS KA 99 -22.12 68.37 -56.37
N PHE KA 100 -21.36 69.23 -55.66
CA PHE KA 100 -19.91 69.12 -55.60
C PHE KA 100 -19.39 69.72 -54.30
N GLY KA 101 -18.09 69.58 -54.07
CA GLY KA 101 -17.49 70.11 -52.87
C GLY KA 101 -15.99 70.30 -53.00
N LEU KA 102 -15.40 70.82 -51.93
CA LEU KA 102 -13.98 71.10 -51.88
C LEU KA 102 -13.56 71.23 -50.41
N GLY KA 103 -12.26 71.31 -50.18
CA GLY KA 103 -11.72 71.45 -48.83
C GLY KA 103 -10.45 72.28 -48.81
N ILE KA 104 -10.28 73.05 -47.74
CA ILE KA 104 -9.12 73.92 -47.55
C ILE KA 104 -8.46 73.54 -46.24
N ASN KA 105 -7.12 73.48 -46.23
CA ASN KA 105 -6.41 73.03 -45.04
C ASN KA 105 -6.36 74.10 -43.96
N GLU KA 106 -6.44 75.37 -44.35
CA GLU KA 106 -6.22 76.49 -43.44
C GLU KA 106 -7.34 77.51 -43.56
N HIS KA 107 -7.86 77.95 -42.42
CA HIS KA 107 -8.91 78.96 -42.46
C HIS KA 107 -8.34 80.36 -42.38
N ILE KA 108 -7.03 80.49 -42.13
CA ILE KA 108 -6.39 81.80 -42.19
C ILE KA 108 -6.33 82.34 -43.61
N ASP KA 109 -6.32 81.44 -44.61
CA ASP KA 109 -6.31 81.87 -46.00
C ASP KA 109 -7.67 82.44 -46.40
N LEU KA 110 -8.72 82.16 -45.62
CA LEU KA 110 -10.02 82.78 -45.86
C LEU KA 110 -9.97 84.29 -45.61
N GLY KA 111 -9.15 84.72 -44.65
CA GLY KA 111 -8.96 86.13 -44.39
C GLY KA 111 -9.28 86.59 -42.98
N MET KA 112 -9.25 85.70 -42.00
CA MET KA 112 -9.45 86.14 -40.62
C MET KA 112 -8.11 86.42 -39.95
N LYS KA 113 -8.18 86.91 -38.71
CA LYS KA 113 -6.98 87.20 -37.96
C LYS KA 113 -6.38 85.92 -37.40
N TYR KA 114 -5.19 86.04 -36.79
CA TYR KA 114 -4.53 84.86 -36.24
C TYR KA 114 -5.20 84.42 -34.95
N ASP KA 115 -5.10 85.25 -33.89
CA ASP KA 115 -5.67 85.05 -32.55
C ASP KA 115 -5.20 83.72 -32.00
N PRO KA 116 -3.96 83.64 -31.48
CA PRO KA 116 -3.25 82.35 -31.38
C PRO KA 116 -3.86 81.32 -30.43
N ASP KA 117 -4.57 81.75 -29.40
CA ASP KA 117 -5.17 80.78 -28.48
C ASP KA 117 -6.34 80.05 -29.12
N ILE KA 118 -6.93 80.61 -30.17
CA ILE KA 118 -7.94 79.89 -30.93
C ILE KA 118 -7.30 78.76 -31.72
N GLY KA 119 -6.21 79.06 -32.44
CA GLY KA 119 -5.51 78.05 -33.20
C GLY KA 119 -5.83 78.13 -34.68
N ILE KA 120 -5.29 77.16 -35.41
CA ILE KA 120 -5.49 77.07 -36.85
C ILE KA 120 -6.25 75.78 -37.14
N TYR KA 121 -7.33 75.90 -37.92
CA TYR KA 121 -8.14 74.76 -38.28
C TYR KA 121 -8.25 74.65 -39.79
N GLY KA 122 -8.97 73.62 -40.22
CA GLY KA 122 -9.30 73.45 -41.62
C GLY KA 122 -10.72 72.94 -41.77
N MET KA 123 -11.31 73.11 -42.95
CA MET KA 123 -12.69 72.68 -43.14
C MET KA 123 -12.89 72.29 -44.59
N ASN KA 124 -14.08 71.76 -44.87
CA ASN KA 124 -14.48 71.39 -46.22
C ASN KA 124 -15.95 71.72 -46.45
N PHE KA 125 -16.25 72.17 -47.65
CA PHE KA 125 -17.56 72.70 -48.00
C PHE KA 125 -18.27 71.75 -48.95
N TYR KA 126 -19.57 71.93 -49.09
CA TYR KA 126 -20.39 71.16 -50.02
C TYR KA 126 -21.61 71.98 -50.38
N VAL KA 127 -21.98 71.97 -51.67
CA VAL KA 127 -23.02 72.85 -52.18
C VAL KA 127 -24.16 72.01 -52.73
N ASP KA 128 -25.35 72.61 -52.82
CA ASP KA 128 -26.53 71.99 -53.39
C ASP KA 128 -27.08 72.86 -54.52
N LEU KA 129 -27.56 72.22 -55.58
CA LEU KA 129 -28.16 72.90 -56.72
C LEU KA 129 -29.56 72.37 -56.93
N LYS KA 130 -30.55 73.26 -57.03
CA LYS KA 130 -31.92 72.87 -57.28
C LYS KA 130 -32.56 73.88 -58.23
N ARG KA 131 -33.39 73.38 -59.13
CA ARG KA 131 -34.21 74.21 -59.99
C ARG KA 131 -35.44 74.67 -59.23
N PRO KA 132 -36.14 75.69 -59.71
CA PRO KA 132 -37.43 76.03 -59.10
C PRO KA 132 -38.47 74.95 -59.34
N GLY KA 133 -39.30 74.73 -58.33
CA GLY KA 133 -40.22 73.62 -58.34
C GLY KA 133 -39.82 72.45 -57.46
N ASP KA 134 -38.96 72.66 -56.48
CA ASP KA 134 -38.52 71.62 -55.57
C ASP KA 134 -39.38 71.52 -54.32
N ARG KA 135 -40.41 72.34 -54.20
CA ARG KA 135 -41.31 72.23 -53.06
C ARG KA 135 -42.20 71.00 -53.14
N VAL KA 136 -42.29 70.38 -54.32
CA VAL KA 136 -43.24 69.29 -54.55
C VAL KA 136 -42.91 68.08 -53.70
N SER KA 137 -41.63 67.74 -53.59
CA SER KA 137 -41.26 66.57 -52.80
C SER KA 137 -41.01 66.92 -51.34
N LYS KA 138 -41.22 68.19 -50.96
CA LYS KA 138 -40.84 68.59 -49.60
C LYS KA 138 -42.05 68.95 -48.74
N ARG KA 139 -43.20 69.23 -49.35
CA ARG KA 139 -44.37 69.58 -48.59
C ARG KA 139 -44.96 68.34 -47.91
N LYS KA 140 -45.78 68.55 -46.89
CA LYS KA 140 -46.47 67.42 -46.26
C LYS KA 140 -47.74 67.07 -47.01
N ARG KA 141 -48.70 67.98 -47.06
CA ARG KA 141 -49.91 67.81 -47.85
C ARG KA 141 -49.50 67.88 -49.31
N PHE KA 142 -50.15 67.07 -50.15
CA PHE KA 142 -49.85 66.91 -51.58
C PHE KA 142 -48.41 66.51 -51.86
N ARG KA 143 -47.88 65.53 -51.13
CA ARG KA 143 -46.52 65.08 -51.38
C ARG KA 143 -46.50 64.20 -52.63
N SER KA 144 -45.44 64.34 -53.42
CA SER KA 144 -45.28 63.55 -54.64
C SER KA 144 -43.82 63.59 -55.07
N LYS KA 145 -43.55 62.98 -56.22
CA LYS KA 145 -42.20 62.91 -56.74
C LYS KA 145 -41.92 64.06 -57.70
N ILE KA 146 -40.66 64.19 -58.09
CA ILE KA 146 -40.26 65.20 -59.06
C ILE KA 146 -40.33 64.60 -60.46
N GLY KA 147 -40.58 65.45 -61.46
CA GLY KA 147 -40.61 64.99 -62.82
C GLY KA 147 -39.22 64.60 -63.33
N ASN KA 148 -39.20 63.92 -64.46
CA ASN KA 148 -37.94 63.42 -64.99
C ASN KA 148 -37.23 64.48 -65.82
N LYS KA 149 -37.93 65.56 -66.15
CA LYS KA 149 -37.36 66.59 -67.02
C LYS KA 149 -36.53 67.60 -66.24
N GLN KA 150 -36.69 67.65 -64.92
CA GLN KA 150 -36.17 68.79 -64.18
C GLN KA 150 -34.92 68.45 -63.39
N LYS KA 151 -34.54 67.18 -63.36
CA LYS KA 151 -33.41 66.80 -62.51
C LYS KA 151 -32.09 67.13 -63.18
N ILE KA 152 -31.14 67.58 -62.37
CA ILE KA 152 -29.81 68.01 -62.82
C ILE KA 152 -28.91 66.78 -62.94
N SER KA 153 -28.05 66.77 -63.95
CA SER KA 153 -27.11 65.67 -64.15
C SER KA 153 -25.69 66.17 -63.96
N LYS KA 154 -24.73 65.31 -64.32
CA LYS KA 154 -23.32 65.62 -64.09
C LYS KA 154 -22.82 66.69 -65.05
N GLU KA 155 -23.29 66.67 -66.30
CA GLU KA 155 -22.80 67.63 -67.27
C GLU KA 155 -23.50 68.97 -67.13
N ASP KA 156 -24.67 69.00 -66.49
CA ASP KA 156 -25.33 70.27 -66.23
C ASP KA 156 -24.59 71.06 -65.17
N ALA KA 157 -23.92 70.36 -64.25
CA ALA KA 157 -23.06 71.05 -63.31
C ALA KA 157 -21.77 71.51 -63.99
N GLN KA 158 -21.36 70.83 -65.05
CA GLN KA 158 -20.17 71.22 -65.77
C GLN KA 158 -20.42 72.45 -66.63
N LYS KA 159 -21.67 72.67 -67.04
CA LYS KA 159 -21.99 73.88 -67.80
C LYS KA 159 -22.11 75.09 -66.88
N TRP KA 160 -22.89 74.95 -65.81
CA TRP KA 160 -23.26 76.11 -64.99
C TRP KA 160 -22.07 76.62 -64.18
N PHE KA 161 -21.11 75.75 -63.91
CA PHE KA 161 -19.97 76.16 -63.09
C PHE KA 161 -19.06 77.11 -63.85
N VAL KA 162 -18.83 76.84 -65.14
CA VAL KA 162 -17.90 77.64 -65.92
C VAL KA 162 -18.48 79.01 -66.24
N ASP KA 163 -19.79 79.08 -66.45
CA ASP KA 163 -20.41 80.34 -66.84
C ASP KA 163 -20.52 81.29 -65.66
N THR KA 164 -20.95 80.79 -64.51
CA THR KA 164 -21.12 81.67 -63.36
C THR KA 164 -19.79 81.97 -62.68
N PHE KA 165 -18.78 81.14 -62.93
CA PHE KA 165 -17.43 81.35 -62.43
C PHE KA 165 -16.47 80.94 -63.53
N GLU KA 166 -15.80 81.91 -64.15
CA GLU KA 166 -14.92 81.60 -65.27
C GLU KA 166 -13.70 80.85 -64.76
N GLY KA 167 -13.72 79.52 -64.95
CA GLY KA 167 -12.74 78.66 -64.33
C GLY KA 167 -12.32 77.54 -65.24
N ILE KA 168 -11.34 76.78 -64.79
CA ILE KA 168 -10.69 75.74 -65.59
C ILE KA 168 -11.09 74.38 -65.05
N LEU KA 169 -11.45 73.48 -65.95
CA LEU KA 169 -11.77 72.09 -65.62
C LEU KA 169 -10.58 71.21 -65.91
N LEU KA 170 -10.36 70.22 -65.04
CA LEU KA 170 -9.20 69.34 -65.17
C LEU KA 170 -9.64 67.89 -65.37
N ALA LA 2 74.56 -32.73 -19.77
CA ALA LA 2 74.30 -33.87 -20.65
C ALA LA 2 75.18 -35.04 -20.29
N ASN LA 3 75.36 -35.96 -21.24
CA ASN LA 3 76.22 -37.11 -21.03
C ASN LA 3 77.69 -36.69 -21.03
N GLN LA 4 78.57 -37.64 -20.72
CA GLN LA 4 79.98 -37.31 -20.62
C GLN LA 4 80.60 -37.08 -22.00
N PHE LA 5 80.07 -37.73 -23.03
CA PHE LA 5 80.62 -37.52 -24.37
C PHE LA 5 80.04 -36.28 -25.03
N SER LA 6 79.04 -35.66 -24.41
CA SER LA 6 78.31 -34.59 -25.05
C SER LA 6 78.19 -33.32 -24.21
N LYS LA 7 78.94 -33.21 -23.12
CA LYS LA 7 78.94 -31.95 -22.38
C LYS LA 7 79.79 -30.93 -23.10
N ARG LA 8 79.64 -29.66 -22.74
CA ARG LA 8 80.43 -28.59 -23.33
C ARG LA 8 81.56 -28.20 -22.39
N LEU LA 9 82.60 -27.59 -22.96
CA LEU LA 9 83.81 -27.36 -22.19
C LEU LA 9 83.89 -25.92 -21.68
N VAL LA 10 83.55 -24.95 -22.54
CA VAL LA 10 83.76 -23.54 -22.23
C VAL LA 10 82.50 -22.76 -22.53
N HIS LA 11 82.22 -21.76 -21.71
CA HIS LA 11 81.04 -20.91 -21.87
C HIS LA 11 81.43 -19.55 -22.43
N LYS LA 12 80.43 -18.68 -22.56
CA LYS LA 12 80.65 -17.32 -22.96
C LYS LA 12 81.25 -16.53 -21.80
N PRO LA 13 81.95 -15.43 -22.08
CA PRO LA 13 82.46 -14.59 -20.99
C PRO LA 13 81.33 -13.87 -20.27
N ARG LA 14 81.67 -13.34 -19.10
CA ARG LA 14 80.67 -12.74 -18.22
C ARG LA 14 80.15 -11.44 -18.77
N ASN LA 15 81.04 -10.54 -19.17
CA ASN LA 15 80.63 -9.28 -19.78
C ASN LA 15 80.81 -9.39 -21.28
N PRO LA 16 79.74 -9.30 -22.07
CA PRO LA 16 79.89 -9.51 -23.51
C PRO LA 16 80.56 -8.36 -24.24
N PHE LA 17 80.35 -7.13 -23.81
CA PHE LA 17 80.91 -5.96 -24.49
C PHE LA 17 81.66 -5.10 -23.50
N GLU LA 18 82.98 -5.19 -23.53
CA GLU LA 18 83.88 -4.26 -22.86
C GLU LA 18 84.87 -3.75 -23.88
N LYS LA 19 85.12 -2.45 -23.90
CA LYS LA 19 86.14 -1.94 -24.81
C LYS LA 19 87.53 -2.23 -24.26
N ASP LA 20 87.63 -2.55 -22.98
CA ASP LA 20 88.93 -2.78 -22.37
C ASP LA 20 89.34 -4.25 -22.43
N ARG LA 21 88.47 -5.09 -23.00
CA ARG LA 21 88.80 -6.51 -23.10
C ARG LA 21 88.99 -6.95 -24.54
N LEU LA 22 88.21 -6.38 -25.47
CA LEU LA 22 88.31 -6.76 -26.87
C LEU LA 22 89.60 -6.27 -27.50
N ILE LA 23 90.14 -5.15 -27.00
CA ILE LA 23 91.37 -4.59 -27.55
C ILE LA 23 92.57 -5.44 -27.14
N LYS LA 24 92.56 -5.93 -25.90
CA LYS LA 24 93.65 -6.75 -25.41
C LYS LA 24 93.70 -8.10 -26.13
N GLU LA 25 92.52 -8.68 -26.39
CA GLU LA 25 92.47 -10.02 -26.96
C GLU LA 25 92.75 -10.00 -28.46
N MET LA 26 92.38 -8.91 -29.15
CA MET LA 26 92.60 -8.83 -30.60
C MET LA 26 94.09 -8.71 -30.92
N GLN LA 27 94.88 -8.22 -29.97
CA GLN LA 27 96.33 -8.22 -30.13
C GLN LA 27 96.90 -9.63 -30.11
N ILE LA 28 96.16 -10.58 -29.53
CA ILE LA 28 96.67 -11.94 -29.44
C ILE LA 28 96.25 -12.76 -30.66
N VAL LA 29 95.07 -12.44 -31.21
CA VAL LA 29 94.57 -13.18 -32.36
C VAL LA 29 95.39 -12.85 -33.61
N GLY LA 30 95.67 -11.57 -33.83
CA GLY LA 30 96.39 -11.18 -35.03
C GLY LA 30 97.86 -11.55 -34.98
N LYS LA 31 98.40 -11.71 -33.77
CA LYS LA 31 99.82 -12.00 -33.64
C LYS LA 31 100.11 -13.48 -33.85
N PHE LA 32 99.25 -14.35 -33.32
CA PHE LA 32 99.53 -15.78 -33.35
C PHE LA 32 98.80 -16.46 -34.50
N GLY LA 33 97.84 -15.78 -35.11
CA GLY LA 33 97.14 -16.34 -36.25
C GLY LA 33 96.13 -17.41 -35.90
N LEU LA 34 95.06 -17.04 -35.21
CA LEU LA 34 94.00 -17.97 -34.85
C LEU LA 34 92.73 -17.57 -35.58
N LYS LA 35 91.89 -18.55 -35.90
CA LYS LA 35 90.75 -18.27 -36.78
C LYS LA 35 89.50 -17.93 -35.99
N ASN LA 36 89.32 -18.53 -34.82
CA ASN LA 36 88.11 -18.36 -34.04
C ASN LA 36 88.44 -17.77 -32.68
N LYS LA 37 87.47 -17.04 -32.13
CA LYS LA 37 87.58 -16.62 -30.74
C LYS LA 37 87.37 -17.81 -29.82
N HIS LA 38 86.70 -18.85 -30.32
CA HIS LA 38 86.41 -20.04 -29.53
C HIS LA 38 87.68 -20.82 -29.22
N GLU LA 39 88.57 -20.98 -30.21
CA GLU LA 39 89.76 -21.81 -30.02
C GLU LA 39 90.78 -21.13 -29.12
N LEU LA 40 90.65 -19.82 -28.94
CA LEU LA 40 91.46 -19.13 -27.94
C LEU LA 40 90.98 -19.48 -26.53
N ARG LA 41 89.69 -19.77 -26.38
CA ARG LA 41 89.14 -20.00 -25.05
C ARG LA 41 89.52 -21.37 -24.51
N LEU LA 42 89.91 -22.28 -25.39
CA LEU LA 42 90.24 -23.62 -24.93
C LEU LA 42 91.61 -23.66 -24.28
N VAL LA 43 92.54 -22.84 -24.77
CA VAL LA 43 93.92 -22.94 -24.32
C VAL LA 43 94.13 -22.16 -23.02
N GLU LA 44 93.15 -21.35 -22.64
CA GLU LA 44 93.32 -20.55 -21.43
C GLU LA 44 92.70 -21.24 -20.23
N LYS LA 45 91.75 -22.15 -20.46
CA LYS LA 45 91.09 -22.80 -19.33
C LYS LA 45 92.00 -23.81 -18.65
N ASN LA 46 92.77 -24.56 -19.43
CA ASN LA 46 93.76 -25.46 -18.84
C ASN LA 46 94.94 -24.67 -18.28
N PHE LA 47 95.12 -23.43 -18.74
CA PHE LA 47 96.07 -22.53 -18.08
C PHE LA 47 95.55 -22.09 -16.72
N SER LA 48 94.22 -22.05 -16.56
CA SER LA 48 93.64 -21.72 -15.28
C SER LA 48 93.64 -22.91 -14.32
N ASN LA 49 93.65 -24.14 -14.86
CA ASN LA 49 93.38 -25.30 -14.02
C ASN LA 49 94.58 -25.73 -13.19
N ASP LA 50 95.79 -25.58 -13.74
CA ASP LA 50 96.97 -25.90 -12.94
C ASP LA 50 97.25 -24.80 -11.91
N LYS LA 51 96.88 -23.56 -12.23
CA LYS LA 51 96.99 -22.48 -11.26
C LYS LA 51 95.98 -22.67 -10.13
N LYS LA 52 94.88 -23.38 -10.40
CA LYS LA 52 93.99 -23.80 -9.32
C LYS LA 52 94.65 -24.88 -8.47
N GLU LA 53 95.59 -25.63 -9.05
CA GLU LA 53 96.25 -26.69 -8.30
C GLU LA 53 97.58 -26.24 -7.72
N ALA LA 54 98.14 -25.16 -8.27
CA ALA LA 54 99.42 -24.67 -7.76
C ALA LA 54 99.26 -24.02 -6.40
N ARG LA 55 98.07 -23.47 -6.12
CA ARG LA 55 97.86 -22.78 -4.85
C ARG LA 55 97.71 -23.76 -3.70
N LEU LA 56 97.20 -24.96 -3.99
CA LEU LA 56 96.93 -25.92 -2.92
C LEU LA 56 98.20 -26.55 -2.40
N LEU LA 57 99.20 -26.74 -3.28
CA LEU LA 57 100.40 -27.46 -2.87
C LEU LA 57 101.31 -26.58 -2.02
N LEU LA 58 101.13 -25.28 -2.08
CA LEU LA 58 101.87 -24.40 -1.19
C LEU LA 58 101.31 -24.44 0.22
N THR LA 59 100.02 -24.75 0.36
CA THR LA 59 99.35 -24.76 1.64
C THR LA 59 99.16 -26.15 2.22
N SER LA 60 99.73 -27.19 1.60
CA SER LA 60 99.53 -28.53 2.11
C SER LA 60 100.42 -28.78 3.33
N ASN LA 61 99.84 -29.40 4.35
CA ASN LA 61 100.57 -29.78 5.56
C ASN LA 61 100.99 -31.24 5.56
N LYS LA 62 100.74 -31.96 4.48
CA LYS LA 62 101.14 -33.36 4.41
C LYS LA 62 102.62 -33.46 4.09
N VAL LA 63 103.29 -34.45 4.68
CA VAL LA 63 104.73 -34.58 4.50
C VAL LA 63 105.05 -35.24 3.17
N GLU LA 64 104.11 -36.00 2.62
CA GLU LA 64 104.32 -36.71 1.37
C GLU LA 64 103.84 -35.94 0.15
N ASP LA 65 102.99 -34.93 0.35
CA ASP LA 65 102.44 -34.20 -0.78
C ASP LA 65 103.48 -33.28 -1.40
N ILE LA 66 104.52 -32.94 -0.63
CA ILE LA 66 105.65 -32.21 -1.19
C ILE LA 66 106.52 -33.14 -2.03
N SER LA 67 106.38 -34.46 -1.83
CA SER LA 67 107.24 -35.40 -2.52
C SER LA 67 106.58 -35.94 -3.79
N ILE LA 68 105.28 -36.18 -3.76
CA ILE LA 68 104.65 -36.98 -4.81
C ILE LA 68 103.93 -36.14 -5.85
N ASN LA 69 102.86 -35.46 -5.45
CA ASN LA 69 101.99 -34.80 -6.43
C ASN LA 69 102.65 -33.55 -7.00
N SER LA 70 103.43 -32.85 -6.18
CA SER LA 70 104.12 -31.65 -6.64
C SER LA 70 105.21 -31.99 -7.64
N ARG LA 71 105.96 -33.07 -7.38
CA ARG LA 71 106.92 -33.57 -8.36
C ARG LA 71 106.20 -34.15 -9.57
N ASN LA 72 104.96 -34.62 -9.38
CA ASN LA 72 104.15 -35.05 -10.52
C ASN LA 72 103.48 -33.87 -11.19
N LEU LA 73 103.62 -32.66 -10.62
CA LEU LA 73 103.15 -31.47 -11.32
C LEU LA 73 104.24 -30.90 -12.21
N LEU LA 74 105.48 -30.89 -11.73
CA LEU LA 74 106.55 -30.17 -12.42
C LEU LA 74 106.99 -30.88 -13.70
N ASP LA 75 106.76 -32.19 -13.77
CA ASP LA 75 107.24 -32.95 -14.92
C ASP LA 75 106.40 -32.67 -16.16
N LYS LA 76 105.08 -32.59 -15.99
CA LYS LA 76 104.15 -32.58 -17.12
C LYS LA 76 104.32 -31.32 -17.97
N LEU LA 77 104.64 -30.20 -17.33
CA LEU LA 77 104.99 -29.00 -18.08
C LEU LA 77 106.37 -29.14 -18.72
N CYS LA 78 107.28 -29.88 -18.07
CA CYS LA 78 108.65 -29.96 -18.56
C CYS LA 78 108.76 -30.86 -19.78
N THR LA 79 107.88 -31.86 -19.89
CA THR LA 79 107.88 -32.71 -21.08
C THR LA 79 107.41 -31.94 -22.31
N ALA LA 80 106.36 -31.13 -22.16
CA ALA LA 80 105.98 -30.23 -23.24
C ALA LA 80 106.98 -29.10 -23.39
N GLY LA 81 107.64 -28.73 -22.29
CA GLY LA 81 108.77 -27.83 -22.35
C GLY LA 81 108.47 -26.38 -22.07
N ILE LA 82 107.33 -26.06 -21.45
CA ILE LA 82 107.05 -24.68 -21.08
C ILE LA 82 108.03 -24.24 -20.00
N LEU LA 83 108.25 -25.09 -19.01
CA LEU LA 83 109.34 -24.91 -18.05
C LEU LA 83 110.62 -25.47 -18.65
N ASN LA 84 111.74 -24.95 -18.21
CA ASN LA 84 113.02 -25.29 -18.85
C ASN LA 84 113.62 -26.56 -18.27
N GLY LA 85 113.82 -26.61 -16.96
CA GLY LA 85 114.45 -27.77 -16.36
C GLY LA 85 114.98 -27.43 -14.98
N ILE LA 86 114.89 -28.42 -14.09
CA ILE LA 86 115.22 -28.23 -12.69
C ILE LA 86 115.60 -29.58 -12.08
N ASP LA 87 116.32 -29.55 -10.96
CA ASP LA 87 116.76 -30.76 -10.27
C ASP LA 87 115.68 -31.18 -9.28
N LEU LA 88 115.14 -32.39 -9.46
CA LEU LA 88 113.99 -32.80 -8.66
C LEU LA 88 114.41 -33.45 -7.35
N THR LA 89 115.71 -33.72 -7.17
CA THR LA 89 116.15 -34.28 -5.90
C THR LA 89 116.18 -33.24 -4.82
N SER LA 90 116.57 -32.01 -5.17
CA SER LA 90 116.70 -30.94 -4.19
C SER LA 90 115.33 -30.42 -3.76
N LYS LA 91 115.17 -30.21 -2.46
CA LYS LA 91 113.86 -29.86 -1.92
C LYS LA 91 113.51 -28.41 -2.20
N GLU LA 92 114.48 -27.51 -2.08
CA GLU LA 92 114.19 -26.08 -2.13
C GLU LA 92 113.86 -25.61 -3.55
N GLU LA 93 114.30 -26.36 -4.56
CA GLU LA 93 113.98 -25.96 -5.93
C GLU LA 93 112.59 -26.44 -6.33
N ILE LA 94 112.05 -27.41 -5.59
CA ILE LA 94 110.65 -27.80 -5.79
C ILE LA 94 109.73 -26.65 -5.37
N LEU LA 95 110.09 -25.94 -4.29
CA LEU LA 95 109.38 -24.74 -3.91
C LEU LA 95 109.51 -23.64 -4.96
N ASN LA 96 110.67 -23.58 -5.62
CA ASN LA 96 110.89 -22.55 -6.64
C ASN LA 96 110.13 -22.88 -7.91
N GLY LA 97 109.85 -24.17 -8.14
CA GLY LA 97 109.19 -24.55 -9.37
C GLY LA 97 107.72 -24.15 -9.41
N LEU LA 98 107.02 -24.33 -8.29
CA LEU LA 98 105.64 -23.89 -8.22
C LEU LA 98 105.56 -22.37 -8.12
N ASN LA 99 106.61 -21.73 -7.60
CA ASN LA 99 106.63 -20.28 -7.54
C ASN LA 99 106.90 -19.68 -8.91
N SER LA 100 107.59 -20.43 -9.78
CA SER LA 100 107.79 -19.95 -11.13
C SER LA 100 106.55 -20.15 -11.98
N ILE LA 101 105.65 -21.04 -11.55
CA ILE LA 101 104.43 -21.36 -12.30
C ILE LA 101 103.50 -20.16 -12.34
N LEU LA 102 103.48 -19.37 -11.27
CA LEU LA 102 102.55 -18.25 -11.18
C LEU LA 102 102.98 -17.07 -12.04
N ASP LA 103 104.20 -17.12 -12.58
CA ASP LA 103 104.70 -16.01 -13.38
C ASP LA 103 104.51 -16.24 -14.87
N LEU LA 104 103.78 -17.27 -15.26
CA LEU LA 104 103.56 -17.53 -16.68
C LEU LA 104 102.41 -16.68 -17.22
N THR LA 105 102.15 -16.82 -18.52
CA THR LA 105 101.06 -16.13 -19.20
C THR LA 105 100.36 -17.10 -20.14
N ILE LA 106 99.47 -16.55 -20.97
CA ILE LA 106 98.84 -17.37 -22.01
C ILE LA 106 99.80 -17.62 -23.15
N ASP LA 107 100.75 -16.70 -23.35
CA ASP LA 107 101.66 -16.79 -24.49
C ASP LA 107 102.70 -17.87 -24.28
N SER LA 108 102.94 -18.27 -23.04
CA SER LA 108 103.85 -19.38 -22.78
C SER LA 108 103.25 -20.70 -23.24
N TYR LA 109 101.92 -20.79 -23.27
CA TYR LA 109 101.27 -21.96 -23.84
C TYR LA 109 101.09 -21.83 -25.34
N LEU LA 110 100.75 -20.64 -25.81
CA LEU LA 110 100.41 -20.42 -27.20
C LEU LA 110 101.63 -20.43 -28.12
N GLU LA 111 102.84 -20.47 -27.57
CA GLU LA 111 104.02 -20.39 -28.42
C GLU LA 111 104.53 -21.78 -28.79
N ARG LA 112 104.14 -22.80 -28.02
CA ARG LA 112 104.61 -24.16 -28.29
C ARG LA 112 103.56 -24.91 -29.13
N THR LA 113 103.12 -24.26 -30.20
CA THR LA 113 102.19 -24.86 -31.14
C THR LA 113 102.88 -24.98 -32.48
N LEU LA 114 102.51 -26.02 -33.23
CA LEU LA 114 103.29 -26.39 -34.42
C LEU LA 114 103.08 -25.40 -35.56
N GLN LA 115 102.02 -24.60 -35.50
CA GLN LA 115 101.87 -23.53 -36.48
C GLN LA 115 102.86 -22.41 -36.23
N TYR LA 116 102.95 -21.96 -34.98
CA TYR LA 116 103.87 -20.88 -34.66
C TYR LA 116 105.31 -21.36 -34.64
N LYS LA 117 105.53 -22.64 -34.32
CA LYS LA 117 106.90 -23.12 -34.17
C LYS LA 117 107.57 -23.35 -35.52
N VAL LA 118 106.78 -23.41 -36.60
CA VAL LA 118 107.38 -23.43 -37.93
C VAL LA 118 107.88 -22.04 -38.29
N TYR LA 119 107.04 -21.02 -38.07
CA TYR LA 119 107.36 -19.65 -38.47
C TYR LA 119 108.51 -19.08 -37.65
N SER LA 120 108.65 -19.49 -36.39
CA SER LA 120 109.77 -19.02 -35.58
C SER LA 120 111.07 -19.66 -36.03
N SER LA 121 111.00 -20.80 -36.70
CA SER LA 121 112.12 -21.36 -37.43
C SER LA 121 112.14 -20.74 -38.83
N GLY LA 122 113.16 -21.03 -39.61
CA GLY LA 122 113.26 -20.42 -40.91
C GLY LA 122 112.40 -21.01 -42.01
N LEU LA 123 111.49 -21.92 -41.69
CA LEU LA 123 110.75 -22.63 -42.72
C LEU LA 123 109.68 -21.75 -43.34
N ALA LA 124 109.03 -20.92 -42.53
CA ALA LA 124 107.91 -20.10 -42.99
C ALA LA 124 108.28 -18.63 -42.92
N LYS LA 125 107.70 -17.85 -43.83
CA LYS LA 125 107.91 -16.41 -43.81
C LYS LA 125 107.01 -15.73 -42.80
N SER LA 126 105.71 -15.94 -42.92
CA SER LA 126 104.75 -15.36 -41.98
C SER LA 126 104.12 -16.49 -41.19
N VAL LA 127 103.33 -16.12 -40.19
CA VAL LA 127 102.58 -17.14 -39.45
C VAL LA 127 101.42 -17.64 -40.31
N HIS LA 128 100.88 -16.79 -41.18
CA HIS LA 128 99.84 -17.22 -42.11
C HIS LA 128 100.41 -18.11 -43.21
N HIS LA 129 101.73 -18.07 -43.41
CA HIS LA 129 102.37 -19.00 -44.32
C HIS LA 129 102.36 -20.41 -43.76
N SER LA 130 102.25 -20.56 -42.45
CA SER LA 130 102.31 -21.88 -41.84
C SER LA 130 100.95 -22.58 -41.89
N ARG LA 131 99.88 -21.83 -41.69
CA ARG LA 131 98.53 -22.42 -41.70
C ARG LA 131 98.18 -22.90 -43.10
N TRP LA 132 98.66 -22.21 -44.13
CA TRP LA 132 98.41 -22.63 -45.49
C TRP LA 132 99.33 -23.78 -45.89
N LEU LA 133 100.43 -23.97 -45.16
CA LEU LA 133 101.39 -25.00 -45.54
C LEU LA 133 101.06 -26.34 -44.89
N ILE LA 134 100.58 -26.31 -43.64
CA ILE LA 134 100.37 -27.53 -42.88
C ILE LA 134 99.22 -28.35 -43.44
N THR LA 135 98.14 -27.67 -43.83
CA THR LA 135 96.91 -28.36 -44.23
C THR LA 135 97.06 -29.08 -45.57
N LYS LA 136 98.02 -28.68 -46.38
CA LYS LA 136 98.24 -29.41 -47.63
C LYS LA 136 99.10 -30.65 -47.42
N GLY LA 137 99.77 -30.79 -46.28
CA GLY LA 137 100.56 -31.98 -46.04
C GLY LA 137 101.98 -31.91 -46.55
N GLN LA 138 102.70 -30.82 -46.25
CA GLN LA 138 104.07 -30.63 -46.72
C GLN LA 138 105.09 -30.66 -45.59
N ILE LA 139 104.64 -30.68 -44.34
CA ILE LA 139 105.51 -30.56 -43.19
C ILE LA 139 105.44 -31.87 -42.41
N SER LA 140 106.60 -32.36 -41.98
CA SER LA 140 106.64 -33.60 -41.24
C SER LA 140 107.60 -33.48 -40.07
N ILE LA 141 107.19 -34.06 -38.94
CA ILE LA 141 108.07 -34.37 -37.83
C ILE LA 141 108.75 -35.70 -38.19
N GLN LA 142 109.77 -36.07 -37.42
CA GLN LA 142 110.84 -37.09 -37.64
C GLN LA 142 110.31 -38.34 -38.34
N GLY LA 143 109.15 -38.85 -37.98
CA GLY LA 143 108.55 -39.93 -38.75
C GLY LA 143 107.18 -39.58 -39.28
N VAL LA 144 106.45 -38.73 -38.56
CA VAL LA 144 105.01 -38.60 -38.76
C VAL LA 144 104.71 -37.37 -39.61
N VAL LA 145 103.67 -37.47 -40.44
CA VAL LA 145 103.16 -36.35 -41.23
C VAL LA 145 101.88 -35.85 -40.57
N ILE LA 146 101.94 -34.63 -40.03
CA ILE LA 146 100.86 -34.09 -39.21
C ILE LA 146 100.09 -33.06 -40.03
N LYS LA 147 98.77 -33.03 -39.84
CA LYS LA 147 97.88 -32.10 -40.52
C LYS LA 147 97.09 -31.22 -39.55
N ARG LA 148 97.54 -31.09 -38.31
CA ARG LA 148 96.86 -30.28 -37.31
C ARG LA 148 97.79 -29.17 -36.85
N PRO LA 149 97.51 -27.90 -37.18
CA PRO LA 149 98.44 -26.83 -36.81
C PRO LA 149 98.49 -26.54 -35.33
N ASN LA 150 97.43 -26.88 -34.58
CA ASN LA 150 97.43 -26.67 -33.13
C ASN LA 150 98.00 -27.85 -32.36
N TYR LA 151 98.83 -28.68 -32.99
CA TYR LA 151 99.44 -29.78 -32.27
C TYR LA 151 100.53 -29.26 -31.36
N VAL LA 152 100.45 -29.62 -30.08
CA VAL LA 152 101.48 -29.24 -29.13
C VAL LA 152 102.77 -29.98 -29.45
N VAL LA 153 103.89 -29.26 -29.40
CA VAL LA 153 105.21 -29.81 -29.65
C VAL LA 153 105.91 -29.97 -28.31
N LYS LA 154 106.35 -31.19 -28.02
CA LYS LA 154 107.03 -31.45 -26.76
C LYS LA 154 108.46 -30.93 -26.80
N ALA LA 155 109.19 -31.19 -25.70
CA ALA LA 155 110.51 -30.60 -25.56
C ALA LA 155 111.54 -31.32 -26.43
N GLU LA 156 111.57 -32.65 -26.35
CA GLU LA 156 112.64 -33.40 -27.01
C GLU LA 156 112.46 -33.46 -28.52
N GLU LA 157 111.22 -33.34 -28.98
CA GLU LA 157 110.90 -33.40 -30.40
C GLU LA 157 111.00 -32.05 -31.09
N GLU LA 158 111.66 -31.08 -30.47
CA GLU LA 158 111.65 -29.71 -31.00
C GLU LA 158 112.57 -29.57 -32.21
N ALA LA 159 113.80 -30.10 -32.09
CA ALA LA 159 114.80 -29.84 -33.11
C ALA LA 159 114.56 -30.67 -34.37
N PHE LA 160 113.73 -31.70 -34.28
CA PHE LA 160 113.57 -32.62 -35.39
C PHE LA 160 112.44 -32.25 -36.34
N ILE LA 161 112.09 -30.98 -36.46
CA ILE LA 161 111.08 -30.58 -37.44
C ILE LA 161 111.74 -30.28 -38.77
N GLU LA 162 111.27 -30.92 -39.83
CA GLU LA 162 111.83 -30.73 -41.15
C GLU LA 162 110.71 -30.61 -42.17
N LEU LA 163 111.09 -30.48 -43.42
CA LEU LA 163 110.12 -30.63 -44.50
C LEU LA 163 109.86 -32.10 -44.76
N THR LA 164 108.79 -32.37 -45.49
CA THR LA 164 108.53 -33.72 -45.94
C THR LA 164 109.49 -34.05 -47.08
N PRO LA 165 110.25 -35.15 -46.99
CA PRO LA 165 111.32 -35.38 -47.97
C PRO LA 165 110.81 -35.73 -49.36
N TYR LA 166 109.62 -36.31 -49.48
CA TYR LA 166 109.11 -36.72 -50.78
C TYR LA 166 107.98 -35.83 -51.29
N SER LA 167 107.80 -34.66 -50.70
CA SER LA 167 106.73 -33.77 -51.13
C SER LA 167 107.17 -32.90 -52.30
N TRP LA 168 106.21 -32.21 -52.89
CA TRP LA 168 106.53 -31.25 -53.96
C TRP LA 168 107.10 -29.96 -53.41
N SER LA 169 107.02 -29.74 -52.10
CA SER LA 169 107.68 -28.58 -51.51
C SER LA 169 109.19 -28.72 -51.59
N ASN LA 170 109.70 -29.94 -51.54
CA ASN LA 170 111.08 -30.19 -51.89
C ASN LA 170 111.21 -30.38 -53.40
N ASN LA 171 112.36 -30.92 -53.80
CA ASN LA 171 112.64 -31.08 -55.22
C ASN LA 171 111.84 -32.23 -55.82
N THR LA 172 111.67 -33.31 -55.07
CA THR LA 172 111.02 -34.51 -55.58
C THR LA 172 109.53 -34.33 -55.73
N SER MA 2 -28.66 -36.29 23.26
CA SER MA 2 -29.72 -35.82 22.38
C SER MA 2 -30.84 -35.16 23.16
N LYS MA 3 -31.79 -34.57 22.43
CA LYS MA 3 -32.88 -33.86 23.09
C LYS MA 3 -34.12 -34.73 23.24
N GLY MA 4 -34.26 -35.76 22.41
CA GLY MA 4 -35.49 -36.49 22.32
C GLY MA 4 -35.58 -37.74 23.17
N THR MA 5 -35.59 -38.90 22.51
CA THR MA 5 -35.83 -40.17 23.17
C THR MA 5 -34.70 -40.53 24.11
N ALA MA 6 -33.49 -40.12 23.79
CA ALA MA 6 -32.34 -40.51 24.58
C ALA MA 6 -32.23 -39.76 25.89
N SER MA 7 -32.99 -38.68 26.09
CA SER MA 7 -32.89 -37.89 27.30
C SER MA 7 -34.10 -38.03 28.20
N PHE MA 8 -35.09 -38.81 27.79
CA PHE MA 8 -36.24 -39.06 28.65
C PHE MA 8 -36.00 -40.21 29.62
N GLY MA 9 -34.82 -40.82 29.59
CA GLY MA 9 -34.51 -41.82 30.59
C GLY MA 9 -34.07 -41.20 31.90
N LYS MA 10 -33.65 -39.94 31.86
CA LYS MA 10 -33.08 -39.31 33.04
C LYS MA 10 -34.10 -38.61 33.92
N LYS MA 11 -35.38 -38.85 33.72
CA LYS MA 11 -36.41 -38.15 34.49
C LYS MA 11 -36.92 -39.08 35.58
N ASN MA 12 -36.26 -39.08 36.74
CA ASN MA 12 -36.72 -39.88 37.87
C ASN MA 12 -36.60 -39.08 39.16
N LYS MA 13 -36.97 -37.81 39.13
CA LYS MA 13 -36.97 -36.98 40.32
C LYS MA 13 -38.34 -36.33 40.41
N ARG MA 14 -38.89 -36.25 41.61
CA ARG MA 14 -40.27 -35.78 41.79
C ARG MA 14 -40.26 -34.52 42.64
N ASN MA 15 -40.98 -33.48 42.18
CA ASN MA 15 -40.87 -32.16 42.77
C ASN MA 15 -42.12 -31.70 43.51
N HIS MA 16 -43.30 -32.12 43.10
CA HIS MA 16 -44.53 -31.65 43.73
C HIS MA 16 -45.12 -32.76 44.60
N THR MA 17 -45.69 -32.37 45.74
CA THR MA 17 -46.22 -33.31 46.72
C THR MA 17 -47.60 -32.77 47.15
N LEU MA 18 -48.26 -33.47 48.07
CA LEU MA 18 -49.60 -33.07 48.52
C LEU MA 18 -49.56 -31.75 49.27
N CYS MA 19 -50.70 -31.05 49.25
CA CYS MA 19 -50.90 -29.85 50.04
C CYS MA 19 -51.79 -30.18 51.22
N LYS MA 20 -51.67 -29.41 52.30
CA LYS MA 20 -52.51 -29.67 53.47
C LYS MA 20 -53.89 -29.06 53.30
N ARG MA 21 -53.99 -27.94 52.59
CA ARG MA 21 -55.19 -27.16 52.64
C ARG MA 21 -56.13 -27.46 51.47
N CYS MA 22 -55.59 -27.71 50.28
CA CYS MA 22 -56.41 -27.92 49.10
C CYS MA 22 -56.53 -29.37 48.68
N GLY MA 23 -55.53 -30.20 48.92
CA GLY MA 23 -55.59 -31.60 48.57
C GLY MA 23 -55.06 -31.94 47.20
N LYS MA 24 -54.60 -30.95 46.44
CA LYS MA 24 -54.02 -31.24 45.13
C LYS MA 24 -52.54 -31.55 45.27
N MET MA 25 -51.97 -32.09 44.18
CA MET MA 25 -50.55 -32.46 44.17
C MET MA 25 -49.73 -31.34 43.54
N SER MA 26 -49.74 -30.19 44.20
CA SER MA 26 -49.11 -29.01 43.64
C SER MA 26 -48.34 -28.24 44.69
N TYR MA 27 -47.74 -28.95 45.65
CA TYR MA 27 -46.95 -28.32 46.70
C TYR MA 27 -45.48 -28.56 46.43
N HIS MA 28 -44.75 -27.51 46.10
CA HIS MA 28 -43.34 -27.58 45.77
C HIS MA 28 -42.55 -27.86 47.05
N LYS MA 29 -41.56 -28.74 46.96
CA LYS MA 29 -40.84 -29.12 48.17
C LYS MA 29 -39.58 -28.30 48.35
N GLN MA 30 -39.15 -27.57 47.32
CA GLN MA 30 -37.99 -26.71 47.48
C GLN MA 30 -38.39 -25.26 47.63
N LEU MA 31 -39.36 -24.80 46.83
CA LEU MA 31 -39.83 -23.42 46.95
C LEU MA 31 -40.75 -23.23 48.14
N ARG MA 32 -41.28 -24.33 48.68
CA ARG MA 32 -42.12 -24.37 49.88
C ARG MA 32 -43.35 -23.49 49.74
N LYS MA 33 -44.16 -23.80 48.73
CA LYS MA 33 -45.33 -23.00 48.38
C LYS MA 33 -46.22 -23.83 47.48
N CYS MA 34 -47.53 -23.75 47.69
CA CYS MA 34 -48.48 -24.45 46.83
C CYS MA 34 -48.71 -23.64 45.57
N ALA MA 35 -48.81 -24.32 44.43
CA ALA MA 35 -48.93 -23.60 43.17
C ALA MA 35 -50.39 -23.33 42.84
N SER MA 36 -51.31 -23.83 43.65
CA SER MA 36 -52.73 -23.61 43.41
C SER MA 36 -53.40 -22.80 44.50
N CYS MA 37 -53.01 -23.01 45.76
CA CYS MA 37 -53.63 -22.29 46.86
C CYS MA 37 -52.68 -21.36 47.59
N ALA MA 38 -51.37 -21.46 47.31
CA ALA MA 38 -50.31 -20.66 47.95
C ALA MA 38 -50.34 -20.80 49.47
N TYR MA 39 -50.06 -22.02 49.94
CA TYR MA 39 -50.39 -22.49 51.29
C TYR MA 39 -49.92 -21.64 52.47
N PRO MA 40 -48.65 -21.22 52.61
CA PRO MA 40 -48.26 -20.57 53.88
C PRO MA 40 -48.86 -19.19 54.09
N GLN MA 41 -49.43 -18.58 53.05
CA GLN MA 41 -50.12 -17.32 53.23
C GLN MA 41 -51.51 -17.58 53.82
N PRO MA 42 -52.07 -16.62 54.57
CA PRO MA 42 -53.41 -16.85 55.12
C PRO MA 42 -54.52 -16.79 54.09
N LYS MA 43 -54.53 -15.81 53.21
CA LYS MA 43 -55.57 -15.67 52.19
C LYS MA 43 -55.31 -16.67 51.07
N MET MA 44 -56.38 -17.05 50.37
CA MET MA 44 -56.21 -18.00 49.28
C MET MA 44 -55.95 -17.26 47.97
N ARG MA 45 -55.40 -17.98 47.00
CA ARG MA 45 -55.02 -17.39 45.73
C ARG MA 45 -56.24 -17.23 44.82
N THR MA 46 -56.28 -16.13 44.08
CA THR MA 46 -57.33 -15.97 43.09
C THR MA 46 -57.09 -16.93 41.92
N PRO MA 47 -58.14 -17.58 41.44
CA PRO MA 47 -57.94 -18.62 40.42
C PRO MA 47 -57.57 -18.05 39.07
N GLY MA 48 -57.13 -18.93 38.17
CA GLY MA 48 -56.45 -18.47 36.97
C GLY MA 48 -57.40 -18.12 35.84
N SER MA 49 -58.57 -18.72 35.80
CA SER MA 49 -59.48 -18.53 34.69
C SER MA 49 -60.92 -18.44 35.18
N ILE MA 50 -61.84 -18.39 34.23
CA ILE MA 50 -63.26 -18.30 34.56
C ILE MA 50 -63.81 -19.66 34.93
N LYS MA 51 -63.33 -20.71 34.25
CA LYS MA 51 -63.78 -22.07 34.54
C LYS MA 51 -63.26 -22.56 35.88
N ALA MA 52 -62.22 -21.94 36.42
CA ALA MA 52 -61.63 -22.43 37.65
C ALA MA 52 -62.47 -22.07 38.86
N ARG MA 53 -63.42 -21.13 38.69
CA ARG MA 53 -64.30 -20.78 39.80
C ARG MA 53 -65.44 -21.78 39.91
N ARG MA 54 -65.66 -22.59 38.89
CA ARG MA 54 -66.74 -23.56 38.93
C ARG MA 54 -66.36 -24.77 39.77
N ARG MA 55 -65.07 -25.12 39.76
CA ARG MA 55 -64.67 -26.47 40.13
C ARG MA 55 -64.70 -26.69 41.63
N ASN MA 56 -64.55 -25.62 42.42
CA ASN MA 56 -64.57 -25.75 43.86
C ASN MA 56 -65.35 -24.62 44.53
N ALA MA 57 -66.56 -24.35 44.07
CA ALA MA 57 -67.31 -23.22 44.60
C ALA MA 57 -67.97 -23.58 45.92
N LEU MA 58 -68.63 -22.60 46.52
CA LEU MA 58 -69.49 -22.84 47.65
C LEU MA 58 -70.73 -23.60 47.22
N GLY MA 59 -70.90 -24.81 47.75
CA GLY MA 59 -72.08 -25.59 47.46
C GLY MA 59 -71.83 -26.90 46.74
N THR MA 60 -70.61 -27.14 46.28
CA THR MA 60 -70.31 -28.45 45.71
C THR MA 60 -69.75 -29.38 46.76
N GLY MA 61 -69.67 -28.94 48.00
CA GLY MA 61 -69.10 -29.70 49.08
C GLY MA 61 -70.15 -30.45 49.87
N ARG MA 62 -69.94 -30.46 51.19
CA ARG MA 62 -70.86 -31.18 52.06
C ARG MA 62 -71.83 -30.23 52.76
N MET MA 63 -71.36 -29.02 53.06
CA MET MA 63 -72.11 -27.96 53.76
C MET MA 63 -72.67 -28.47 55.07
N ARG MA 64 -71.76 -28.78 56.00
CA ARG MA 64 -72.14 -29.41 57.26
C ARG MA 64 -72.90 -28.44 58.15
N HIS MA 65 -72.70 -27.14 57.97
CA HIS MA 65 -73.33 -26.18 58.85
C HIS MA 65 -74.40 -25.37 58.13
N LEU MA 66 -74.16 -24.99 56.87
CA LEU MA 66 -75.06 -24.06 56.21
C LEU MA 66 -76.35 -24.73 55.78
N LYS MA 67 -76.36 -26.06 55.73
CA LYS MA 67 -77.61 -26.79 55.53
C LYS MA 67 -78.56 -26.58 56.69
N LYS MA 68 -78.01 -26.45 57.91
CA LYS MA 68 -78.85 -26.22 59.08
C LYS MA 68 -79.39 -24.80 59.10
N VAL MA 69 -78.54 -23.82 58.75
CA VAL MA 69 -78.90 -22.42 58.90
C VAL MA 69 -79.99 -22.02 57.91
N ILE MA 70 -79.95 -22.62 56.71
CA ILE MA 70 -81.02 -22.40 55.73
C ILE MA 70 -82.32 -23.02 56.20
N HIS MA 71 -82.24 -24.15 56.90
CA HIS MA 71 -83.45 -24.86 57.29
C HIS MA 71 -84.18 -24.17 58.44
N GLU MA 72 -83.46 -23.38 59.25
CA GLU MA 72 -84.15 -22.63 60.29
C GLU MA 72 -84.75 -21.35 59.74
N HIS MA 73 -84.39 -20.97 58.52
CA HIS MA 73 -84.96 -19.78 57.92
C HIS MA 73 -86.38 -20.05 57.43
N VAL MA 74 -86.60 -21.24 56.86
CA VAL MA 74 -87.90 -21.55 56.29
C VAL MA 74 -88.85 -22.07 57.36
N HIS MA 75 -88.43 -23.10 58.10
CA HIS MA 75 -89.22 -23.65 59.20
C HIS MA 75 -88.63 -23.16 60.50
N GLY MA 76 -89.45 -23.14 61.55
CA GLY MA 76 -88.96 -22.68 62.84
C GLY MA 76 -88.02 -23.70 63.47
N LYS MA 77 -87.27 -23.26 64.47
CA LYS MA 77 -86.32 -24.14 65.12
C LYS MA 77 -86.97 -24.91 66.26
N LYS MA 78 -86.75 -26.22 66.27
CA LYS MA 78 -87.18 -27.03 67.41
C LYS MA 78 -86.27 -26.75 68.59
N VAL MA 79 -86.87 -26.56 69.75
CA VAL MA 79 -86.14 -26.15 70.95
C VAL MA 79 -86.06 -27.33 71.90
N ASN MA 80 -85.06 -27.30 72.76
CA ASN MA 80 -84.98 -28.26 73.84
C ASN MA 80 -85.79 -27.75 75.02
N PRO MA 81 -86.70 -28.55 75.58
CA PRO MA 81 -87.52 -28.03 76.70
C PRO MA 81 -86.72 -27.79 77.97
N ILE MA 82 -85.63 -28.54 78.17
CA ILE MA 82 -84.77 -28.29 79.31
C ILE MA 82 -84.01 -26.99 79.13
N LEU MA 83 -83.61 -26.69 77.89
CA LEU MA 83 -82.91 -25.44 77.64
C LEU MA 83 -83.86 -24.26 77.64
N ALA MA 84 -85.13 -24.49 77.27
CA ALA MA 84 -86.08 -23.38 77.16
C ALA MA 84 -86.47 -22.86 78.54
N ALA MA 85 -86.57 -23.75 79.52
CA ALA MA 85 -86.90 -23.33 80.88
C ALA MA 85 -85.75 -22.59 81.52
N PHE MA 86 -84.52 -22.89 81.11
CA PHE MA 86 -83.35 -22.31 81.76
C PHE MA 86 -83.12 -20.88 81.32
N TRP MA 87 -83.41 -20.56 80.05
CA TRP MA 87 -83.10 -19.24 79.52
C TRP MA 87 -84.04 -18.18 80.08
N LYS MA 88 -85.21 -18.60 80.55
CA LYS MA 88 -86.14 -17.65 81.16
C LYS MA 88 -85.66 -17.24 82.55
N THR MA 89 -84.80 -18.04 83.16
CA THR MA 89 -84.23 -17.70 84.46
C THR MA 89 -82.97 -16.85 84.37
N ILE MA 90 -82.64 -16.35 83.17
CA ILE MA 90 -81.49 -15.45 83.05
C ILE MA 90 -81.95 -14.04 83.40
N LYS MA 91 -81.10 -13.31 84.13
CA LYS MA 91 -81.34 -11.91 84.46
C LYS MA 91 -81.49 -11.01 83.24
N MET NA 1 -71.49 5.87 1.59
CA MET NA 1 -72.03 7.20 1.37
C MET NA 1 -71.99 7.55 -0.08
N LYS NA 2 -73.02 7.21 -0.84
CA LYS NA 2 -73.01 7.52 -2.26
C LYS NA 2 -74.34 8.06 -2.75
N ASN NA 3 -75.00 8.86 -1.91
CA ASN NA 3 -76.22 9.55 -2.32
C ASN NA 3 -76.45 10.78 -1.48
N ASN NA 4 -77.65 11.34 -1.53
CA ASN NA 4 -78.00 12.55 -0.79
C ASN NA 4 -78.62 12.18 0.55
N HIS NA 5 -77.84 12.29 1.61
CA HIS NA 5 -78.30 12.02 2.97
C HIS NA 5 -77.82 13.13 3.87
N ILE NA 6 -78.38 13.20 5.08
CA ILE NA 6 -77.85 14.13 6.07
C ILE NA 6 -76.62 13.50 6.71
N LEU NA 7 -75.88 14.29 7.45
CA LEU NA 7 -74.68 13.78 8.09
C LEU NA 7 -75.08 12.95 9.31
N PRO NA 8 -74.80 11.64 9.31
CA PRO NA 8 -75.25 10.80 10.42
C PRO NA 8 -74.37 11.00 11.64
N ASN NA 9 -75.02 10.98 12.80
CA ASN NA 9 -74.35 11.15 14.08
C ASN NA 9 -74.86 10.08 15.04
N ASN NA 10 -74.21 8.92 15.01
CA ASN NA 10 -74.56 7.80 15.89
C ASN NA 10 -73.32 7.40 16.66
N HIS NA 11 -73.42 7.39 17.98
CA HIS NA 11 -72.25 7.19 18.81
C HIS NA 11 -71.88 5.71 18.87
N ARG NA 12 -70.63 5.44 19.22
CA ARG NA 12 -70.09 4.08 19.11
C ARG NA 12 -70.63 3.17 20.20
N ASN NA 13 -70.81 3.70 21.41
CA ASN NA 13 -71.30 2.90 22.53
C ASN NA 13 -72.78 3.11 22.79
N ALA NA 14 -73.58 3.32 21.75
CA ALA NA 14 -75.00 3.56 21.92
C ALA NA 14 -75.74 2.27 22.27
N MET NA 15 -75.35 1.16 21.64
CA MET NA 15 -76.06 -0.09 21.89
C MET NA 15 -75.30 -1.05 22.79
N LYS NA 16 -74.22 -0.60 23.44
CA LYS NA 16 -73.43 -1.53 24.25
C LYS NA 16 -73.89 -1.51 25.70
N ARG NA 17 -74.44 -0.40 26.17
CA ARG NA 17 -74.93 -0.28 27.53
C ARG NA 17 -76.42 0.03 27.50
N VAL NA 18 -77.24 -1.00 27.68
CA VAL NA 18 -78.68 -0.90 27.47
C VAL NA 18 -79.41 -1.25 28.76
N LYS NA 19 -80.45 -0.47 29.06
CA LYS NA 19 -81.39 -0.77 30.13
C LYS NA 19 -82.75 -1.07 29.52
N GLU NA 20 -83.34 -2.19 29.89
CA GLU NA 20 -84.58 -2.66 29.29
C GLU NA 20 -85.74 -2.52 30.28
N TRP NA 21 -86.89 -2.14 29.78
CA TRP NA 21 -88.07 -1.92 30.62
C TRP NA 21 -89.02 -3.12 30.63
N HIS NA 22 -88.57 -4.30 31.05
CA HIS NA 22 -89.45 -5.46 30.98
C HIS NA 22 -90.43 -5.48 32.14
N ASN NA 23 -90.10 -4.80 33.23
CA ASN NA 23 -90.90 -4.87 34.45
C ASN NA 23 -91.84 -3.69 34.63
N GLN NA 24 -92.34 -3.12 33.55
CA GLN NA 24 -93.19 -1.94 33.68
C GLN NA 24 -94.61 -2.24 34.17
N PRO NA 25 -95.36 -3.24 33.65
CA PRO NA 25 -96.69 -3.46 34.25
C PRO NA 25 -96.62 -4.10 35.62
N SER NA 26 -95.53 -4.77 35.95
CA SER NA 26 -95.43 -5.40 37.26
C SER NA 26 -95.06 -4.39 38.33
N ARG NA 27 -94.43 -3.28 37.94
CA ARG NA 27 -94.08 -2.25 38.92
C ARG NA 27 -95.31 -1.46 39.34
N ALA NA 28 -96.22 -1.20 38.39
CA ALA NA 28 -97.38 -0.37 38.69
C ALA NA 28 -98.40 -1.12 39.55
N GLN NA 29 -98.35 -2.45 39.56
CA GLN NA 29 -99.23 -3.20 40.46
C GLN NA 29 -98.75 -3.09 41.89
N ARG NA 30 -97.43 -3.03 42.09
CA ARG NA 30 -96.89 -3.00 43.44
C ARG NA 30 -97.13 -1.64 44.10
N ARG NA 31 -97.00 -0.56 43.33
CA ARG NA 31 -97.12 0.77 43.91
C ARG NA 31 -98.54 1.07 44.33
N ALA NA 32 -99.53 0.51 43.63
CA ALA NA 32 -100.91 0.69 44.05
C ALA NA 32 -101.23 -0.25 45.22
N LYS NA 33 -100.41 -1.28 45.42
CA LYS NA 33 -100.67 -2.23 46.48
C LYS NA 33 -100.23 -1.69 47.84
N THR NA 34 -99.06 -1.06 47.90
CA THR NA 34 -98.60 -0.49 49.16
C THR NA 34 -99.34 0.80 49.48
N ARG NA 35 -99.85 1.49 48.46
CA ARG NA 35 -100.64 2.68 48.68
C ARG NA 35 -101.98 2.33 49.32
N SER NA 36 -102.56 1.20 48.91
CA SER NA 36 -103.84 0.80 49.48
C SER NA 36 -103.66 0.17 50.85
N SER NA 37 -102.49 -0.43 51.10
CA SER NA 37 -102.25 -1.04 52.40
C SER NA 37 -101.90 0.01 53.45
N LYS NA 38 -101.43 1.17 53.00
CA LYS NA 38 -101.13 2.26 53.92
C LYS NA 38 -102.40 2.99 54.35
N ALA NA 39 -103.48 2.81 53.59
CA ALA NA 39 -104.69 3.58 53.86
C ALA NA 39 -105.44 3.05 55.07
N LYS NA 40 -105.31 1.75 55.35
CA LYS NA 40 -106.04 1.17 56.46
C LYS NA 40 -105.36 1.45 57.80
N VAL NA 41 -104.08 1.80 57.75
CA VAL NA 41 -103.33 2.07 58.98
C VAL NA 41 -103.82 3.35 59.63
N LEU NA 42 -104.00 4.40 58.84
CA LEU NA 42 -104.62 5.63 59.31
C LEU NA 42 -105.97 5.77 58.60
N TYR NA 43 -107.01 5.26 59.26
CA TYR NA 43 -108.29 5.13 58.57
C TYR NA 43 -109.06 6.45 58.43
N PRO NA 44 -109.34 7.23 59.48
CA PRO NA 44 -110.17 8.42 59.23
C PRO NA 44 -109.40 9.56 58.59
N ALA NA 45 -108.08 9.58 58.74
CA ALA NA 45 -107.28 10.64 58.16
C ALA NA 45 -107.18 10.48 56.65
N PRO NA 46 -107.04 11.58 55.91
CA PRO NA 46 -106.87 11.48 54.47
C PRO NA 46 -105.48 10.98 54.10
N LEU NA 47 -105.29 10.72 52.81
CA LEU NA 47 -104.07 10.08 52.36
C LEU NA 47 -102.95 11.09 52.12
N LYS NA 48 -103.30 12.29 51.68
CA LYS NA 48 -102.32 13.31 51.31
C LYS NA 48 -102.45 14.51 52.25
N LYS NA 49 -101.62 15.52 52.04
CA LYS NA 49 -101.64 16.68 52.90
C LYS NA 49 -101.86 17.95 52.09
N LEU NA 50 -102.00 19.07 52.79
CA LEU NA 50 -102.34 20.34 52.16
C LEU NA 50 -101.09 21.03 51.62
N CYS NA 51 -101.26 21.71 50.49
CA CYS NA 51 -100.18 22.39 49.79
C CYS NA 51 -100.64 23.79 49.39
N PRO NA 52 -99.71 24.75 49.29
CA PRO NA 52 -100.11 26.11 48.91
C PRO NA 52 -100.11 26.31 47.41
N ILE NA 53 -100.39 27.56 47.01
CA ILE NA 53 -100.48 27.95 45.61
C ILE NA 53 -99.43 29.02 45.34
N VAL NA 54 -98.61 28.80 44.31
CA VAL NA 54 -97.55 29.72 43.95
C VAL NA 54 -97.60 30.03 42.45
N ARG NA 55 -96.71 30.91 42.02
CA ARG NA 55 -96.53 31.24 40.61
C ARG NA 55 -95.25 30.60 40.08
N CYS NA 56 -95.21 30.42 38.77
CA CYS NA 56 -94.03 29.83 38.14
C CYS NA 56 -93.04 30.93 37.78
N PRO NA 57 -91.73 30.67 37.82
CA PRO NA 57 -90.76 31.78 37.76
C PRO NA 57 -90.64 32.49 36.42
N THR NA 58 -90.38 31.79 35.32
CA THR NA 58 -89.90 32.50 34.14
C THR NA 58 -91.04 33.14 33.35
N ILE NA 59 -90.68 33.77 32.24
CA ILE NA 59 -91.65 34.53 31.46
C ILE NA 59 -92.41 33.64 30.50
N ARG NA 60 -91.92 32.42 30.28
CA ARG NA 60 -92.63 31.49 29.42
C ARG NA 60 -93.85 30.93 30.14
N TYR NA 61 -93.71 30.64 31.43
CA TYR NA 61 -94.81 30.15 32.25
C TYR NA 61 -95.26 31.18 33.28
N ASN NA 62 -95.33 32.44 32.91
CA ASN NA 62 -95.60 33.48 33.88
C ASN NA 62 -97.08 33.52 34.26
N LYS NA 63 -97.95 33.05 33.37
CA LYS NA 63 -99.39 33.13 33.57
C LYS NA 63 -99.99 31.81 34.05
N LYS NA 64 -99.26 31.03 34.83
CA LYS NA 64 -99.71 29.72 35.28
C LYS NA 64 -99.56 29.62 36.79
N GLN NA 65 -100.56 29.05 37.45
CA GLN NA 65 -100.50 28.83 38.89
C GLN NA 65 -100.38 27.34 39.18
N ARG NA 66 -99.74 27.00 40.29
CA ARG NA 66 -99.22 25.66 40.51
C ARG NA 66 -99.16 25.37 42.00
N LEU NA 67 -99.40 24.12 42.37
CA LEU NA 67 -99.28 23.69 43.76
C LEU NA 67 -97.82 23.69 44.20
N GLY NA 68 -97.51 24.50 45.22
CA GLY NA 68 -96.16 24.65 45.71
C GLY NA 68 -95.80 23.57 46.72
N LYS NA 69 -94.84 23.90 47.58
CA LYS NA 69 -94.39 22.91 48.55
C LYS NA 69 -95.03 23.13 49.92
N GLY NA 70 -94.83 24.29 50.54
CA GLY NA 70 -95.25 24.45 51.92
C GLY NA 70 -95.60 25.87 52.28
N PHE NA 71 -96.23 25.99 53.45
CA PHE NA 71 -96.78 27.26 53.94
C PHE NA 71 -95.75 27.97 54.79
N THR NA 72 -95.62 29.27 54.60
CA THR NA 72 -94.78 30.06 55.48
C THR NA 72 -95.51 30.30 56.80
N PRO NA 73 -94.77 30.45 57.91
CA PRO NA 73 -95.45 30.59 59.22
C PRO NA 73 -96.21 31.89 59.39
N GLU NA 74 -96.02 32.87 58.51
CA GLU NA 74 -96.75 34.12 58.64
C GLU NA 74 -98.17 33.99 58.12
N GLU NA 75 -98.39 33.09 57.16
CA GLU NA 75 -99.75 32.84 56.70
C GLU NA 75 -100.52 32.02 57.73
N LEU NA 76 -99.81 31.23 58.54
CA LEU NA 76 -100.47 30.54 59.64
C LEU NA 76 -100.80 31.49 60.77
N LYS NA 77 -100.04 32.57 60.89
CA LYS NA 77 -100.32 33.56 61.93
C LYS NA 77 -101.58 34.34 61.61
N GLU NA 78 -101.90 34.48 60.34
CA GLU NA 78 -103.16 35.12 59.97
C GLU NA 78 -104.35 34.22 60.29
N ALA NA 79 -104.21 32.92 60.04
CA ALA NA 79 -105.31 32.00 60.31
C ALA NA 79 -105.41 31.68 61.80
N GLY NA 80 -104.28 31.70 62.50
CA GLY NA 80 -104.29 31.48 63.93
C GLY NA 80 -103.76 30.14 64.39
N LEU NA 81 -103.01 29.44 63.55
CA LEU NA 81 -102.45 28.16 63.96
C LEU NA 81 -100.99 28.32 64.37
N GLU NA 82 -100.51 27.37 65.18
CA GLU NA 82 -99.12 27.30 65.55
C GLU NA 82 -98.46 26.12 64.86
N VAL NA 83 -97.15 26.24 64.64
CA VAL NA 83 -96.48 25.37 63.67
C VAL NA 83 -96.22 23.99 64.27
N ASN NA 84 -96.22 23.89 65.60
CA ASN NA 84 -96.10 22.58 66.22
C ASN NA 84 -97.47 21.91 66.30
N TYR NA 85 -98.53 22.71 66.27
CA TYR NA 85 -99.87 22.14 66.23
C TYR NA 85 -100.29 21.83 64.80
N ALA NA 86 -99.88 22.66 63.85
CA ALA NA 86 -100.37 22.50 62.48
C ALA NA 86 -99.67 21.36 61.77
N ARG NA 87 -98.49 20.96 62.24
CA ARG NA 87 -97.80 19.84 61.63
C ARG NA 87 -98.48 18.52 61.98
N ARG NA 88 -99.18 18.47 63.11
CA ARG NA 88 -99.83 17.24 63.51
C ARG NA 88 -101.11 17.02 62.72
N ILE NA 89 -101.72 18.09 62.24
CA ILE NA 89 -102.78 17.99 61.24
C ILE NA 89 -102.06 17.92 59.90
N GLY NA 90 -102.75 17.52 58.84
CA GLY NA 90 -102.09 17.39 57.55
C GLY NA 90 -101.83 18.71 56.84
N ILE NA 91 -100.86 19.47 57.35
CA ILE NA 91 -100.46 20.74 56.75
C ILE NA 91 -98.94 20.72 56.56
N ARG NA 92 -98.48 21.09 55.38
CA ARG NA 92 -97.05 21.16 55.08
C ARG NA 92 -96.53 22.56 55.40
N VAL NA 93 -95.31 22.64 55.93
CA VAL NA 93 -94.71 23.90 56.33
C VAL NA 93 -93.34 24.02 55.68
N ASP NA 94 -93.10 25.16 55.04
CA ASP NA 94 -91.80 25.48 54.43
C ASP NA 94 -91.23 26.71 55.14
N ASN NA 95 -89.94 26.66 55.47
CA ASN NA 95 -89.33 27.75 56.22
C ASN NA 95 -88.34 28.55 55.37
N ARG NA 96 -87.97 28.03 54.21
CA ARG NA 96 -86.96 28.72 53.39
C ARG NA 96 -87.56 29.87 52.59
N ARG NA 97 -88.88 29.84 52.38
CA ARG NA 97 -89.52 30.81 51.50
C ARG NA 97 -89.65 32.17 52.17
N ARG NA 98 -89.64 33.23 51.35
CA ARG NA 98 -89.77 34.59 51.84
C ARG NA 98 -91.04 35.22 51.30
N ASN NA 99 -91.63 36.11 52.10
CA ASN NA 99 -92.87 36.76 51.71
C ASN NA 99 -92.57 37.89 50.73
N MET NA 100 -93.43 38.05 49.73
CA MET NA 100 -93.22 39.04 48.69
C MET NA 100 -94.33 40.07 48.60
N ASN NA 101 -95.59 39.64 48.49
CA ASN NA 101 -96.68 40.54 48.12
C ASN NA 101 -97.78 40.49 49.17
N LYS NA 102 -98.89 41.16 48.83
CA LYS NA 102 -100.09 41.06 49.65
C LYS NA 102 -101.11 40.15 49.01
N GLU NA 103 -101.10 40.05 47.68
CA GLU NA 103 -102.10 39.26 46.99
C GLU NA 103 -101.84 37.78 47.16
N THR NA 104 -100.56 37.38 47.20
CA THR NA 104 -100.26 35.97 47.40
C THR NA 104 -100.39 35.56 48.86
N LEU NA 105 -100.48 36.55 49.77
CA LEU NA 105 -100.63 36.21 51.17
C LEU NA 105 -102.10 36.17 51.57
N ASP NA 106 -102.94 36.99 50.94
CA ASP NA 106 -104.36 36.95 51.23
C ASP NA 106 -105.04 35.77 50.56
N LEU NA 107 -104.42 35.21 49.53
CA LEU NA 107 -104.98 34.03 48.89
C LEU NA 107 -104.79 32.80 49.74
N ASN NA 108 -103.58 32.61 50.27
CA ASN NA 108 -103.29 31.42 51.07
C ASN NA 108 -103.97 31.49 52.43
N ALA NA 109 -104.21 32.70 52.93
CA ALA NA 109 -104.86 32.85 54.23
C ALA NA 109 -106.34 32.48 54.14
N GLN NA 110 -106.96 32.75 52.98
CA GLN NA 110 -108.35 32.36 52.80
C GLN NA 110 -108.48 30.86 52.64
N ARG NA 111 -107.43 30.21 52.11
CA ARG NA 111 -107.50 28.78 51.83
C ARG NA 111 -107.40 27.96 53.10
N LEU NA 112 -106.77 28.51 54.14
CA LEU NA 112 -106.62 27.78 55.39
C LEU NA 112 -107.92 27.73 56.16
N LYS NA 113 -108.78 28.73 55.97
CA LYS NA 113 -110.08 28.73 56.64
C LYS NA 113 -111.00 27.67 56.05
N GLU NA 114 -110.85 27.37 54.76
CA GLU NA 114 -111.70 26.37 54.13
C GLU NA 114 -111.34 24.97 54.59
N TYR NA 115 -110.06 24.73 54.88
CA TYR NA 115 -109.66 23.42 55.35
C TYR NA 115 -110.06 23.20 56.80
N LEU NA 116 -110.12 24.28 57.59
CA LEU NA 116 -110.44 24.15 59.00
C LEU NA 116 -111.92 23.95 59.22
N SER NA 117 -112.74 24.35 58.25
CA SER NA 117 -114.18 24.28 58.42
C SER NA 117 -114.72 22.89 58.06
N LYS NA 118 -113.84 21.99 57.64
CA LYS NA 118 -114.31 20.68 57.22
C LYS NA 118 -113.85 19.57 58.15
N ILE NA 119 -112.65 19.69 58.72
CA ILE NA 119 -112.10 18.63 59.55
C ILE NA 119 -112.79 18.61 60.92
N THR NA 120 -112.91 17.41 61.49
CA THR NA 120 -113.35 17.23 62.86
C THR NA 120 -112.25 16.53 63.63
N ILE NA 121 -112.39 16.48 64.95
CA ILE NA 121 -111.39 15.87 65.83
C ILE NA 121 -112.11 15.06 66.90
N PHE NA 122 -111.73 13.79 67.04
CA PHE NA 122 -112.31 12.90 68.04
C PHE NA 122 -111.42 12.84 69.27
N LYS NA 123 -111.80 11.99 70.22
CA LYS NA 123 -111.04 11.86 71.46
C LYS NA 123 -109.86 10.90 71.28
N ASN NA 124 -110.14 9.64 70.99
CA ASN NA 124 -109.10 8.64 70.88
C ASN NA 124 -109.39 7.76 69.66
N GLY NA 125 -108.44 6.88 69.35
CA GLY NA 125 -108.50 6.16 68.09
C GLY NA 125 -109.56 5.07 68.09
N LYS NA 126 -109.96 4.60 69.27
CA LYS NA 126 -111.05 3.64 69.36
C LYS NA 126 -112.37 4.27 68.96
N GLU NA 127 -112.55 5.55 69.29
CA GLU NA 127 -113.75 6.26 68.86
C GLU NA 127 -113.73 6.52 67.36
N ALA NA 128 -112.55 6.75 66.80
CA ALA NA 128 -112.45 7.17 65.40
C ALA NA 128 -112.63 5.99 64.46
N LYS NA 129 -112.18 4.80 64.85
CA LYS NA 129 -112.32 3.63 63.98
C LYS NA 129 -113.77 3.17 63.89
N GLU NA 130 -114.58 3.48 64.91
CA GLU NA 130 -115.95 2.99 64.93
C GLU NA 130 -116.84 3.78 63.99
N SER NA 131 -116.57 5.08 63.84
CA SER NA 131 -117.39 5.89 62.94
C SER NA 131 -117.04 5.60 61.49
N GLY NA 132 -118.07 5.38 60.68
CA GLY NA 132 -117.86 5.11 59.27
C GLY NA 132 -118.01 6.36 58.41
N VAL NA 133 -116.89 6.97 58.07
CA VAL NA 133 -116.88 8.19 57.25
C VAL NA 133 -116.03 7.91 56.02
N LYS NA 134 -116.51 8.37 54.86
CA LYS NA 134 -115.81 8.18 53.60
C LYS NA 134 -114.44 8.85 53.61
N GLN NA 135 -113.42 8.10 53.20
CA GLN NA 135 -112.04 8.55 53.23
C GLN NA 135 -111.63 9.06 51.85
N HIS NA 136 -111.17 10.30 51.80
CA HIS NA 136 -110.73 10.89 50.54
C HIS NA 136 -109.38 10.32 50.14
N LEU NA 137 -109.14 10.19 48.84
CA LEU NA 137 -107.95 9.50 48.36
C LEU NA 137 -107.10 10.30 47.38
N GLY NA 138 -107.65 11.31 46.71
CA GLY NA 138 -106.90 12.03 45.70
C GLY NA 138 -106.09 13.18 46.28
N ARG NA 139 -105.80 14.16 45.43
CA ARG NA 139 -105.22 15.40 45.91
C ARG NA 139 -106.25 16.18 46.72
N ILE NA 140 -105.77 17.04 47.60
CA ILE NA 140 -106.65 17.80 48.48
C ILE NA 140 -106.80 19.20 47.92
N MET NA 141 -107.99 19.51 47.39
CA MET NA 141 -108.34 20.81 46.84
C MET NA 141 -107.35 21.32 45.78
N PRO NA 142 -107.32 20.72 44.61
CA PRO NA 142 -106.31 21.11 43.62
C PRO NA 142 -106.69 22.39 42.90
N VAL NA 143 -105.76 22.87 42.08
CA VAL NA 143 -106.10 23.95 41.17
C VAL NA 143 -106.81 23.37 39.96
N HIS NA 144 -107.56 24.21 39.26
CA HIS NA 144 -108.25 23.78 38.05
C HIS NA 144 -107.85 24.68 36.89
N LYS NA 145 -107.81 24.10 35.69
CA LYS NA 145 -107.34 24.81 34.52
C LYS NA 145 -108.33 25.87 34.09
N MET NA 146 -107.83 27.06 33.79
CA MET NA 146 -108.67 28.20 33.48
C MET NA 146 -109.19 28.13 32.05
N THR NA 147 -110.31 28.81 31.84
CA THR NA 147 -110.89 29.02 30.52
C THR NA 147 -110.87 30.51 30.19
N PRO NA 148 -110.35 30.89 29.03
CA PRO NA 148 -110.26 32.31 28.69
C PRO NA 148 -111.62 32.92 28.41
N LYS NA 149 -111.77 34.19 28.76
CA LYS NA 149 -113.04 34.91 28.63
C LYS NA 149 -112.80 36.24 27.94
N VAL NA 150 -113.60 36.52 26.91
CA VAL NA 150 -113.47 37.73 26.10
C VAL NA 150 -114.55 38.71 26.53
N GLU NA 151 -114.13 39.91 26.91
CA GLU NA 151 -115.05 40.97 27.34
C GLU NA 151 -115.49 41.79 26.13
N ILE NA 152 -116.78 42.10 26.09
CA ILE NA 152 -117.37 42.93 25.03
C ILE NA 152 -117.54 44.34 25.56
N ILE NA 153 -117.08 45.32 24.78
CA ILE NA 153 -117.08 46.72 25.21
C ILE NA 153 -117.80 47.53 24.13
N LYS NA 154 -118.29 48.71 24.52
CA LYS NA 154 -119.01 49.57 23.61
C LYS NA 154 -118.07 50.32 22.66
N LYS NA 155 -118.67 51.06 21.73
CA LYS NA 155 -117.89 51.65 20.65
C LYS NA 155 -117.19 52.93 21.09
N ALA NA 156 -117.71 53.60 22.10
CA ALA NA 156 -117.21 54.94 22.43
C ALA NA 156 -115.90 54.88 23.21
N GLU NA 157 -115.73 53.83 24.03
CA GLU NA 157 -114.64 53.83 25.00
C GLU NA 157 -113.31 53.37 24.41
N VAL NA 158 -113.26 53.03 23.12
CA VAL NA 158 -112.03 52.47 22.56
C VAL NA 158 -111.02 53.57 22.29
N ALA NA 159 -111.46 54.83 22.24
CA ALA NA 159 -110.53 55.93 22.06
C ALA NA 159 -109.82 56.27 23.37
N SER NA 160 -110.40 55.86 24.49
CA SER NA 160 -109.87 56.16 25.81
C SER NA 160 -109.65 54.92 26.66
N TYR NA 161 -109.50 53.75 26.05
CA TYR NA 161 -109.23 52.54 26.82
C TYR NA 161 -107.79 52.53 27.32
N GLU NA 162 -107.52 51.67 28.28
CA GLU NA 162 -106.20 51.58 28.89
C GLU NA 162 -105.53 50.26 28.54
N ILE OA 2 52.70 -78.80 39.76
CA ILE OA 2 53.42 -79.01 41.01
C ILE OA 2 53.55 -77.70 41.78
N ASP OA 3 53.80 -76.60 41.07
CA ASP OA 3 53.76 -75.26 41.67
C ASP OA 3 52.60 -74.50 41.04
N THR OA 4 51.94 -73.68 41.85
CA THR OA 4 50.73 -72.97 41.43
C THR OA 4 51.03 -71.47 41.19
N THR OA 5 52.29 -71.14 40.93
CA THR OA 5 52.62 -69.75 40.62
C THR OA 5 52.20 -69.39 39.19
N LEU OA 6 52.10 -70.39 38.31
CA LEU OA 6 51.74 -70.17 36.92
C LEU OA 6 50.63 -71.14 36.56
N LYS OA 7 49.49 -70.63 36.10
CA LYS OA 7 48.35 -71.49 35.83
C LYS OA 7 48.54 -72.26 34.53
N TYR OA 8 48.33 -73.57 34.59
CA TYR OA 8 48.70 -74.45 33.50
C TYR OA 8 47.48 -75.10 32.86
N LYS OA 9 47.65 -75.46 31.59
CA LYS OA 9 46.71 -76.28 30.86
C LYS OA 9 47.36 -77.56 30.35
N ILE OA 10 48.59 -77.83 30.77
CA ILE OA 10 49.33 -79.00 30.34
C ILE OA 10 50.33 -79.31 31.45
N PHE OA 11 50.89 -80.52 31.41
CA PHE OA 11 51.77 -80.95 32.49
C PHE OA 11 53.08 -80.18 32.45
N PRO OA 12 53.47 -79.51 33.54
CA PRO OA 12 54.66 -78.66 33.50
C PRO OA 12 55.97 -79.43 33.68
N GLU OA 13 56.55 -79.91 32.59
CA GLU OA 13 57.87 -80.51 32.61
C GLU OA 13 58.75 -79.80 31.59
N GLN OA 14 60.06 -80.00 31.68
CA GLN OA 14 60.99 -79.37 30.75
C GLN OA 14 61.31 -80.29 29.58
N LYS OA 15 61.89 -79.73 28.54
CA LYS OA 15 62.15 -80.48 27.32
C LYS OA 15 63.42 -81.30 27.44
N GLY OA 16 63.32 -82.59 27.13
CA GLY OA 16 64.47 -83.47 27.12
C GLY OA 16 64.86 -84.03 28.46
N VAL OA 17 64.33 -83.51 29.55
CA VAL OA 17 64.70 -83.92 30.90
C VAL OA 17 63.67 -84.94 31.37
N SER OA 18 64.05 -86.22 31.32
CA SER OA 18 63.17 -87.32 31.68
C SER OA 18 63.78 -88.13 32.81
N LEU OA 19 62.90 -88.74 33.60
CA LEU OA 19 63.31 -89.50 34.78
C LEU OA 19 62.19 -90.46 35.14
N ASP OA 20 62.36 -91.17 36.25
CA ASP OA 20 61.33 -92.10 36.70
C ASP OA 20 60.11 -91.31 37.19
N PRO OA 21 58.90 -91.86 37.03
CA PRO OA 21 57.71 -91.10 37.44
C PRO OA 21 57.57 -90.92 38.94
N TYR OA 22 57.75 -91.97 39.71
CA TYR OA 22 57.68 -91.89 41.17
C TYR OA 22 58.98 -91.24 41.64
N ALA OA 23 58.99 -89.91 41.68
CA ALA OA 23 60.19 -89.15 41.95
C ALA OA 23 59.95 -88.19 43.09
N THR OA 24 60.94 -88.09 43.98
CA THR OA 24 60.86 -87.21 45.13
C THR OA 24 61.13 -85.77 44.72
N ALA OA 25 60.96 -84.86 45.69
CA ALA OA 25 61.09 -83.43 45.41
C ALA OA 25 62.54 -83.04 45.17
N GLU OA 26 63.47 -83.62 45.93
CA GLU OA 26 64.88 -83.30 45.75
C GLU OA 26 65.44 -83.97 44.51
N GLU OA 27 64.88 -85.11 44.13
CA GLU OA 27 65.31 -85.78 42.90
C GLU OA 27 64.84 -85.00 41.68
N LEU OA 28 63.68 -84.34 41.79
CA LEU OA 28 63.24 -83.43 40.74
C LEU OA 28 64.09 -82.16 40.74
N LYS OA 29 64.60 -81.77 41.91
CA LYS OA 29 65.25 -80.47 42.01
C LYS OA 29 66.65 -80.49 41.43
N ALA OA 30 67.36 -81.60 41.57
CA ALA OA 30 68.72 -81.71 41.06
C ALA OA 30 68.78 -81.97 39.57
N SER OA 31 67.66 -82.13 38.89
CA SER OA 31 67.66 -82.45 37.47
C SER OA 31 67.23 -81.29 36.58
N ARG OA 32 67.01 -80.11 37.15
CA ARG OA 32 66.68 -78.95 36.33
C ARG OA 32 67.90 -78.51 35.53
N ARG OA 33 67.71 -78.39 34.21
CA ARG OA 33 68.78 -78.04 33.30
C ARG OA 33 68.86 -76.53 33.19
N ILE OA 34 70.06 -75.98 33.44
CA ILE OA 34 70.31 -74.55 33.33
C ILE OA 34 71.12 -74.31 32.07
N ASN OA 35 70.72 -73.31 31.29
CA ASN OA 35 71.39 -73.04 30.03
C ASN OA 35 72.73 -72.37 30.25
N GLU OA 36 73.50 -72.25 29.17
CA GLU OA 36 74.80 -71.58 29.20
C GLU OA 36 74.65 -70.19 28.60
N MET OA 37 75.48 -69.25 29.06
CA MET OA 37 75.32 -67.86 28.64
C MET OA 37 76.59 -67.34 27.98
N ARG OA 38 76.51 -66.09 27.52
CA ARG OA 38 77.65 -65.38 27.00
C ARG OA 38 78.45 -64.77 28.15
N GLU OA 39 79.65 -64.30 27.81
CA GLU OA 39 80.56 -63.73 28.80
C GLU OA 39 80.02 -62.41 29.35
N GLY OA 40 80.40 -62.11 30.59
CA GLY OA 40 79.95 -60.91 31.26
C GLY OA 40 78.60 -61.01 31.91
N PHE OA 41 77.92 -62.15 31.80
CA PHE OA 41 76.59 -62.35 32.35
C PHE OA 41 76.58 -63.59 33.21
N THR OA 42 76.00 -63.47 34.40
CA THR OA 42 75.84 -64.60 35.29
C THR OA 42 74.37 -64.97 35.37
N VAL OA 43 74.12 -66.26 35.55
CA VAL OA 43 72.76 -66.71 35.83
C VAL OA 43 72.38 -66.25 37.24
N PRO OA 44 71.16 -65.76 37.46
CA PRO OA 44 70.82 -65.25 38.79
C PRO OA 44 70.61 -66.39 39.77
N LYS OA 45 70.48 -66.01 41.04
CA LYS OA 45 70.23 -67.00 42.09
C LYS OA 45 68.82 -67.55 42.00
N THR OA 46 67.88 -66.74 41.51
CA THR OA 46 66.48 -67.17 41.47
C THR OA 46 66.20 -68.06 40.28
N ALA OA 47 67.18 -68.28 39.40
CA ALA OA 47 66.96 -69.14 38.24
C ALA OA 47 67.14 -70.61 38.61
N ILE OA 48 67.76 -70.87 39.76
CA ILE OA 48 68.09 -72.25 40.10
C ILE OA 48 67.15 -72.80 41.17
N ASP OA 49 66.91 -72.03 42.23
CA ASP OA 49 66.15 -72.55 43.36
C ASP OA 49 64.65 -72.57 43.09
N ALA OA 50 64.21 -71.82 42.08
CA ALA OA 50 62.78 -71.72 41.83
C ALA OA 50 62.29 -72.95 41.07
N THR OA 51 60.98 -73.03 40.90
CA THR OA 51 60.35 -74.21 40.34
C THR OA 51 59.50 -73.91 39.11
N TYR OA 52 59.51 -72.66 38.62
CA TYR OA 52 58.70 -72.26 37.49
C TYR OA 52 59.22 -72.87 36.20
N ILE OA 53 58.33 -72.95 35.20
CA ILE OA 53 58.69 -73.39 33.87
C ILE OA 53 58.10 -72.41 32.87
N ASP OA 54 58.98 -71.72 32.13
CA ASP OA 54 58.60 -70.73 31.15
C ASP OA 54 59.22 -71.09 29.82
N LYS OA 55 58.48 -70.88 28.74
CA LYS OA 55 59.00 -71.26 27.43
C LYS OA 55 59.99 -70.22 26.90
N LYS OA 56 59.85 -68.98 27.35
CA LYS OA 56 60.57 -67.87 26.73
C LYS OA 56 61.65 -67.26 27.62
N CYS OA 57 61.87 -67.81 28.81
CA CYS OA 57 62.93 -67.29 29.65
C CYS OA 57 64.26 -67.90 29.22
N PRO OA 58 65.33 -67.10 29.10
CA PRO OA 58 66.58 -67.64 28.54
C PRO OA 58 67.36 -68.53 29.50
N PHE OA 59 67.18 -68.36 30.80
CA PHE OA 59 67.73 -69.27 31.79
C PHE OA 59 66.74 -70.40 31.99
N THR OA 60 67.21 -71.64 31.83
CA THR OA 60 66.37 -72.85 31.79
C THR OA 60 65.25 -72.72 30.77
N GLY OA 61 65.64 -72.54 29.50
CA GLY OA 61 64.67 -72.31 28.45
C GLY OA 61 65.20 -72.72 27.10
N ASP OA 62 64.46 -72.30 26.06
CA ASP OA 62 64.76 -72.76 24.71
C ASP OA 62 65.40 -71.67 23.86
N VAL OA 63 65.12 -70.41 24.16
CA VAL OA 63 65.53 -69.32 23.30
C VAL OA 63 67.01 -69.01 23.51
N LYS OA 64 67.77 -68.97 22.42
CA LYS OA 64 69.17 -68.61 22.46
C LYS OA 64 69.33 -67.20 21.92
N VAL OA 65 70.09 -66.38 22.64
CA VAL OA 65 70.29 -64.98 22.29
C VAL OA 65 71.50 -64.84 21.36
N THR OA 66 71.27 -64.28 20.18
CA THR OA 66 72.33 -64.02 19.22
C THR OA 66 72.18 -62.61 18.67
N GLY OA 67 73.29 -61.90 18.61
CA GLY OA 67 73.26 -60.57 18.02
C GLY OA 67 73.79 -59.51 18.97
N LYS OA 68 73.33 -58.28 18.72
CA LYS OA 68 73.84 -57.14 19.46
C LYS OA 68 73.21 -57.07 20.85
N ILE OA 69 73.63 -56.06 21.60
CA ILE OA 69 73.15 -55.80 22.95
C ILE OA 69 72.92 -54.30 23.09
N PHE OA 70 71.74 -53.93 23.58
CA PHE OA 70 71.41 -52.52 23.75
C PHE OA 70 71.01 -52.26 25.20
N GLU OA 71 70.54 -51.04 25.45
CA GLU OA 71 70.28 -50.55 26.79
C GLU OA 71 69.10 -49.59 26.77
N GLY OA 72 68.53 -49.32 27.95
CA GLY OA 72 67.47 -48.33 28.04
C GLY OA 72 66.93 -48.09 29.43
N VAL OA 73 65.81 -47.37 29.51
CA VAL OA 73 65.12 -47.06 30.75
C VAL OA 73 63.70 -47.60 30.62
N VAL OA 74 63.19 -48.21 31.68
CA VAL OA 74 61.83 -48.76 31.64
C VAL OA 74 60.81 -47.63 31.67
N TYR OA 75 59.65 -47.88 31.07
CA TYR OA 75 58.58 -46.90 30.96
C TYR OA 75 57.28 -47.36 31.59
N LYS OA 76 56.90 -48.62 31.37
CA LYS OA 76 55.66 -49.17 31.88
C LYS OA 76 55.89 -50.62 32.31
N MET OA 77 55.09 -51.05 33.29
CA MET OA 77 55.15 -52.42 33.79
C MET OA 77 53.76 -52.99 34.04
N LYS OA 78 52.77 -52.63 33.23
CA LYS OA 78 51.38 -52.94 33.59
C LYS OA 78 51.02 -54.37 33.26
N ALA OA 79 51.40 -54.85 32.08
CA ALA OA 79 50.95 -56.16 31.62
C ALA OA 79 51.78 -57.28 32.24
N ASP OA 80 51.60 -58.48 31.70
CA ASP OA 80 52.26 -59.68 32.19
C ASP OA 80 53.44 -60.03 31.30
N LYS OA 81 54.61 -60.15 31.91
CA LYS OA 81 55.91 -60.51 31.33
C LYS OA 81 56.37 -59.57 30.22
N THR OA 82 55.79 -58.39 30.09
CA THR OA 82 56.21 -57.41 29.10
C THR OA 82 56.48 -56.08 29.78
N ILE OA 83 57.57 -55.43 29.36
CA ILE OA 83 57.91 -54.10 29.83
C ILE OA 83 58.35 -53.28 28.61
N VAL OA 84 58.21 -51.97 28.73
CA VAL OA 84 58.48 -51.04 27.63
C VAL OA 84 59.76 -50.29 27.94
N VAL OA 85 60.76 -50.45 27.09
CA VAL OA 85 62.06 -49.86 27.29
C VAL OA 85 62.21 -48.66 26.36
N ARG OA 86 62.56 -47.52 26.93
CA ARG OA 86 62.75 -46.28 26.18
C ARG OA 86 64.24 -46.07 25.90
N ILE OA 87 64.57 -45.85 24.63
CA ILE OA 87 65.95 -45.67 24.19
C ILE OA 87 66.11 -44.25 23.66
N ASN OA 88 67.12 -43.55 24.16
CA ASN OA 88 67.42 -42.19 23.75
C ASN OA 88 68.69 -42.18 22.91
N ARG OA 89 68.75 -41.26 21.95
CA ARG OA 89 69.92 -41.11 21.08
C ARG OA 89 69.95 -39.71 20.48
N LEU OA 90 71.00 -39.45 19.70
CA LEU OA 90 71.25 -38.14 19.12
C LEU OA 90 71.57 -38.30 17.64
N VAL OA 91 70.97 -37.45 16.80
CA VAL OA 91 71.22 -37.45 15.37
C VAL OA 91 71.92 -36.15 15.00
N TYR OA 92 72.63 -36.15 13.89
CA TYR OA 92 73.45 -35.02 13.48
C TYR OA 92 72.91 -34.42 12.19
N ASN OA 93 72.76 -33.10 12.17
CA ASN OA 93 72.29 -32.39 10.98
C ASN OA 93 73.46 -31.63 10.37
N LYS OA 94 73.68 -31.84 9.06
CA LYS OA 94 74.93 -31.39 8.45
C LYS OA 94 74.87 -29.92 8.07
N LYS OA 95 73.67 -29.40 7.81
CA LYS OA 95 73.58 -28.00 7.38
C LYS OA 95 73.73 -27.05 8.55
N TYR OA 96 72.91 -27.21 9.58
CA TYR OA 96 72.94 -26.32 10.73
C TYR OA 96 74.05 -26.65 11.72
N ARG OA 97 74.66 -27.84 11.59
CA ARG OA 97 75.76 -28.31 12.43
C ARG OA 97 75.39 -28.31 13.91
N ARG OA 98 74.29 -28.98 14.23
CA ARG OA 98 73.79 -29.10 15.59
C ARG OA 98 73.24 -30.49 15.79
N TYR OA 99 72.68 -30.74 16.96
CA TYR OA 99 72.16 -32.06 17.30
C TYR OA 99 70.67 -32.01 17.64
N GLY OA 100 70.00 -33.14 17.43
CA GLY OA 100 68.62 -33.27 17.82
C GLY OA 100 68.46 -34.48 18.73
N ARG OA 101 67.29 -34.57 19.36
CA ARG OA 101 66.99 -35.64 20.30
C ARG OA 101 65.85 -36.49 19.77
N ARG OA 102 66.09 -37.79 19.68
CA ARG OA 102 65.09 -38.75 19.23
C ARG OA 102 64.92 -39.84 20.28
N HIS OA 103 63.80 -40.56 20.19
CA HIS OA 103 63.48 -41.59 21.16
C HIS OA 103 62.69 -42.70 20.48
N THR OA 104 62.81 -43.91 21.02
CA THR OA 104 62.09 -45.08 20.53
C THR OA 104 61.44 -45.80 21.70
N ASN OA 105 60.50 -46.67 21.39
CA ASN OA 105 59.90 -47.56 22.38
C ASN OA 105 60.04 -49.00 21.89
N VAL OA 106 60.57 -49.86 22.75
CA VAL OA 106 60.78 -51.27 22.41
C VAL OA 106 60.22 -52.11 23.55
N SER OA 107 59.27 -53.00 23.23
CA SER OA 107 58.69 -53.90 24.22
C SER OA 107 59.52 -55.18 24.26
N THR OA 108 59.96 -55.55 25.46
CA THR OA 108 60.86 -56.68 25.63
C THR OA 108 60.29 -57.67 26.64
N HIS OA 109 60.82 -58.88 26.61
CA HIS OA 109 60.29 -59.97 27.42
C HIS OA 109 60.98 -60.02 28.78
N MET OA 110 60.19 -60.10 29.83
CA MET OA 110 60.68 -60.13 31.20
C MET OA 110 60.57 -61.54 31.75
N SER OA 111 61.69 -62.07 32.24
CA SER OA 111 61.72 -63.40 32.82
C SER OA 111 61.10 -63.39 34.21
N PRO OA 112 60.55 -64.52 34.67
CA PRO OA 112 59.98 -64.57 36.03
C PRO OA 112 61.00 -64.61 37.15
N CYS OA 113 62.29 -64.48 36.88
CA CYS OA 113 63.27 -64.44 37.96
C CYS OA 113 63.22 -63.11 38.70
N PHE OA 114 63.15 -62.01 37.98
CA PHE OA 114 63.11 -60.68 38.56
C PHE OA 114 61.65 -60.30 38.83
N GLU OA 115 61.27 -60.31 40.10
CA GLU OA 115 59.86 -60.07 40.41
C GLU OA 115 59.64 -58.77 41.17
N GLY OA 116 60.24 -58.63 42.34
CA GLY OA 116 60.02 -57.44 43.14
C GLY OA 116 61.14 -56.43 43.00
N LEU OA 117 62.17 -56.79 42.23
CA LEU OA 117 63.36 -55.94 42.18
C LEU OA 117 63.15 -54.74 41.28
N ILE OA 118 62.86 -54.98 40.01
CA ILE OA 118 62.87 -53.94 38.99
C ILE OA 118 61.64 -53.08 39.14
N HIS OA 119 61.85 -51.76 39.22
CA HIS OA 119 60.79 -50.78 39.42
C HIS OA 119 60.75 -49.85 38.22
N VAL OA 120 60.01 -48.76 38.36
CA VAL OA 120 59.96 -47.77 37.29
C VAL OA 120 61.10 -46.77 37.46
N GLY OA 121 61.92 -46.64 36.42
CA GLY OA 121 62.92 -45.60 36.37
C GLY OA 121 64.35 -46.04 36.56
N ASP OA 122 64.72 -47.23 36.13
CA ASP OA 122 66.09 -47.73 36.26
C ASP OA 122 66.50 -48.49 35.01
N THR OA 123 67.80 -48.63 34.83
CA THR OA 123 68.34 -49.13 33.57
C THR OA 123 68.21 -50.64 33.48
N VAL OA 124 68.13 -51.12 32.23
CA VAL OA 124 68.03 -52.54 31.91
C VAL OA 124 68.96 -52.82 30.73
N ILE OA 125 69.76 -53.88 30.86
CA ILE OA 125 70.63 -54.34 29.78
C ILE OA 125 69.95 -55.52 29.11
N CYS OA 126 69.67 -55.39 27.82
CA CYS OA 126 68.88 -56.36 27.08
C CYS OA 126 69.75 -57.10 26.07
N GLY OA 127 69.12 -58.01 25.33
CA GLY OA 127 69.78 -58.69 24.24
C GLY OA 127 68.77 -59.16 23.23
N GLU OA 128 69.16 -59.03 21.96
CA GLU OA 128 68.25 -59.32 20.84
C GLU OA 128 68.30 -60.81 20.50
N THR OA 129 67.12 -61.38 20.26
CA THR OA 129 66.96 -62.77 19.87
C THR OA 129 66.14 -62.83 18.58
N ARG OA 130 65.72 -64.05 18.23
CA ARG OA 130 64.74 -64.22 17.17
C ARG OA 130 63.38 -63.72 17.60
N ARG OA 131 62.43 -63.72 16.67
CA ARG OA 131 61.12 -63.13 16.93
C ARG OA 131 60.30 -64.01 17.86
N LEU OA 132 59.57 -63.37 18.77
CA LEU OA 132 58.78 -64.08 19.77
C LEU OA 132 57.29 -63.78 19.71
N SER OA 133 56.90 -62.67 19.10
CA SER OA 133 55.50 -62.27 18.97
C SER OA 133 55.41 -61.32 17.79
N LYS OA 134 54.30 -60.59 17.71
CA LYS OA 134 54.20 -59.54 16.70
C LYS OA 134 55.17 -58.41 16.98
N THR OA 135 55.32 -58.03 18.25
CA THR OA 135 56.08 -56.85 18.62
C THR OA 135 57.25 -57.16 19.54
N LYS OA 136 57.49 -58.43 19.86
CA LYS OA 136 58.46 -58.79 20.89
C LYS OA 136 59.64 -59.52 20.26
N SER OA 137 60.84 -58.97 20.44
CA SER OA 137 62.04 -59.57 19.85
C SER OA 137 63.25 -59.61 20.78
N SER OA 138 63.22 -58.99 21.95
CA SER OA 138 64.39 -59.02 22.80
C SER OA 138 64.05 -59.50 24.20
N VAL OA 139 65.09 -59.64 25.03
CA VAL OA 139 65.02 -60.35 26.31
C VAL OA 139 65.82 -59.57 27.35
N VAL OA 140 65.22 -59.34 28.52
CA VAL OA 140 65.90 -58.67 29.63
C VAL OA 140 66.96 -59.60 30.23
N LEU OA 141 68.19 -59.08 30.39
CA LEU OA 141 69.28 -59.85 30.96
C LEU OA 141 69.77 -59.37 32.32
N ASP OA 142 69.99 -58.07 32.50
CA ASP OA 142 70.56 -57.57 33.75
C ASP OA 142 70.07 -56.15 33.97
N PHE OA 143 70.14 -55.71 35.22
CA PHE OA 143 69.60 -54.41 35.59
C PHE OA 143 70.49 -53.75 36.63
N ARG OA 144 70.38 -52.43 36.73
CA ARG OA 144 71.01 -51.64 37.77
C ARG OA 144 69.96 -50.75 38.40
N LYS OA 145 70.17 -50.40 39.66
CA LYS OA 145 69.20 -49.58 40.37
C LYS OA 145 69.27 -48.13 39.91
N LYS OA 146 68.23 -47.38 40.24
CA LYS OA 146 68.21 -45.95 39.93
C LYS OA 146 69.24 -45.22 40.79
N SER OA 147 69.99 -44.33 40.15
CA SER OA 147 71.07 -43.64 40.84
C SER OA 147 70.53 -42.64 41.85
N THR OA 148 71.25 -42.51 42.95
CA THR OA 148 70.91 -41.60 44.04
C THR OA 148 72.09 -40.64 44.21
N GLU OA 149 72.06 -39.55 43.45
CA GLU OA 149 73.14 -38.58 43.53
C GLU OA 149 72.87 -37.57 44.64
N GLY OA 150 71.77 -36.84 44.53
CA GLY OA 150 71.44 -35.86 45.54
C GLY OA 150 70.08 -36.10 46.15
N ASN OA 151 70.04 -36.45 47.43
CA ASN OA 151 68.79 -36.62 48.15
C ASN OA 151 69.02 -36.23 49.60
N PHE OA 152 67.92 -36.07 50.33
CA PHE OA 152 67.99 -35.71 51.73
C PHE OA 152 68.53 -36.88 52.54
N LYS OA 153 69.67 -36.69 53.19
CA LYS OA 153 70.32 -37.72 53.97
C LYS OA 153 70.38 -37.26 55.42
N ARG OA 154 69.84 -38.08 56.31
CA ARG OA 154 69.95 -37.78 57.74
C ARG OA 154 71.30 -38.24 58.26
N LEU OA 155 71.49 -38.09 59.58
CA LEU OA 155 72.75 -38.43 60.20
C LEU OA 155 72.98 -39.95 60.21
N GLU OA 156 71.88 -40.71 60.25
CA GLU OA 156 72.00 -42.16 60.19
C GLU OA 156 72.23 -42.63 58.75
N ASP OA 157 71.98 -41.75 57.79
CA ASP OA 157 72.30 -42.08 56.40
C ASP OA 157 73.77 -41.81 56.11
N PHE OA 158 74.44 -41.06 56.98
CA PHE OA 158 75.86 -40.76 56.80
C PHE OA 158 76.72 -42.00 57.06
N GLY PA 2 -41.27 -48.50 47.20
CA GLY PA 2 -39.92 -48.99 47.08
C GLY PA 2 -39.32 -49.40 48.41
N SER PA 3 -40.18 -49.97 49.27
CA SER PA 3 -39.88 -50.48 50.61
C SER PA 3 -39.36 -49.42 51.58
N ARG PA 4 -39.45 -48.13 51.23
CA ARG PA 4 -39.14 -47.03 52.13
C ARG PA 4 -40.20 -45.98 51.90
N LYS PA 5 -41.30 -46.06 52.63
CA LYS PA 5 -42.42 -45.15 52.44
C LYS PA 5 -42.63 -44.33 53.69
N THR PA 6 -43.27 -43.18 53.54
CA THR PA 6 -43.69 -42.41 54.70
C THR PA 6 -45.04 -42.90 55.18
N GLU PA 7 -45.65 -42.14 56.10
CA GLU PA 7 -46.94 -42.56 56.62
C GLU PA 7 -48.07 -42.27 55.64
N ILE PA 8 -48.01 -41.12 54.98
CA ILE PA 8 -49.10 -40.68 54.11
C ILE PA 8 -49.17 -41.55 52.87
N ILE PA 9 -48.00 -41.94 52.35
CA ILE PA 9 -47.94 -42.71 51.10
C ILE PA 9 -48.56 -44.09 51.29
N LYS PA 10 -48.38 -44.68 52.46
CA LYS PA 10 -48.95 -46.00 52.70
C LYS PA 10 -50.45 -45.93 52.90
N THR PA 11 -50.94 -44.90 53.61
CA THR PA 11 -52.37 -44.80 53.88
C THR PA 11 -53.14 -44.47 52.62
N ARG PA 12 -52.54 -43.73 51.68
CA ARG PA 12 -53.22 -43.46 50.43
C ARG PA 12 -53.18 -44.67 49.52
N LEU PA 13 -52.14 -45.50 49.62
CA LEU PA 13 -52.00 -46.62 48.71
C LEU PA 13 -52.91 -47.77 49.10
N VAL PA 14 -53.25 -47.87 50.39
CA VAL PA 14 -54.15 -48.93 50.83
C VAL PA 14 -55.56 -48.66 50.34
N ARG PA 15 -55.98 -47.39 50.36
CA ARG PA 15 -57.32 -47.04 49.95
C ARG PA 15 -57.48 -47.16 48.43
N ALA PA 16 -56.40 -47.00 47.68
CA ALA PA 16 -56.51 -47.09 46.23
C ALA PA 16 -56.54 -48.54 45.76
N ARG PA 17 -56.10 -49.46 46.61
CA ARG PA 17 -56.21 -50.87 46.28
C ARG PA 17 -57.63 -51.36 46.49
N ARG PA 18 -58.34 -50.78 47.46
CA ARG PA 18 -59.66 -51.27 47.83
C ARG PA 18 -60.70 -50.93 46.77
N SER PA 19 -60.52 -49.81 46.07
CA SER PA 19 -61.57 -49.32 45.19
C SER PA 19 -61.50 -49.97 43.81
N ASN PA 20 -60.49 -50.78 43.53
CA ASN PA 20 -60.38 -51.44 42.24
C ASN PA 20 -60.90 -52.87 42.38
N ARG PA 21 -62.19 -53.04 42.17
CA ARG PA 21 -62.82 -54.35 42.34
C ARG PA 21 -64.08 -54.39 41.49
N ALA PA 22 -64.41 -55.59 41.00
CA ALA PA 22 -65.67 -55.79 40.30
C ALA PA 22 -66.83 -55.81 41.29
N ILE PA 23 -68.04 -55.84 40.75
CA ILE PA 23 -69.26 -55.90 41.57
C ILE PA 23 -69.34 -57.26 42.24
N PRO PA 24 -69.68 -57.35 43.52
CA PRO PA 24 -69.78 -58.67 44.16
C PRO PA 24 -70.95 -59.48 43.63
N ALA PA 25 -70.88 -60.79 43.86
CA ALA PA 25 -71.82 -61.70 43.21
C ALA PA 25 -73.18 -61.69 43.91
N TRP PA 26 -73.22 -61.31 45.19
CA TRP PA 26 -74.48 -61.30 45.91
C TRP PA 26 -75.36 -60.14 45.47
N LYS PA 27 -74.76 -59.10 44.93
CA LYS PA 27 -75.54 -57.95 44.46
C LYS PA 27 -76.01 -58.16 43.03
N SER PA 28 -75.33 -59.01 42.28
CA SER PA 28 -75.61 -59.13 40.85
C SER PA 28 -76.87 -59.95 40.60
N GLU PA 29 -77.34 -60.68 41.61
CA GLU PA 29 -78.56 -61.46 41.43
C GLU PA 29 -79.80 -60.61 41.56
N LEU PA 30 -79.66 -59.39 42.05
CA LEU PA 30 -80.80 -58.50 42.22
C LEU PA 30 -81.31 -58.02 40.86
N PRO PA 31 -82.58 -57.62 40.76
CA PRO PA 31 -83.09 -57.10 39.47
C PRO PA 31 -82.45 -55.79 39.04
N GLU PA 32 -81.92 -55.00 39.99
CA GLU PA 32 -81.34 -53.72 39.64
C GLU PA 32 -80.02 -53.90 38.90
N PHE PA 33 -79.20 -54.84 39.34
CA PHE PA 33 -77.85 -55.03 38.82
C PHE PA 33 -77.73 -56.37 38.10
N LYS PA 34 -78.70 -56.67 37.24
CA LYS PA 34 -78.74 -57.97 36.57
C LYS PA 34 -77.63 -58.08 35.52
N ASP PA 35 -77.43 -57.03 34.74
CA ASP PA 35 -76.40 -57.04 33.71
C ASP PA 35 -75.39 -55.91 33.87
N LYS PA 36 -75.57 -55.04 34.85
CA LYS PA 36 -74.65 -53.93 35.05
C LYS PA 36 -73.30 -54.42 35.56
N TYR PA 37 -72.25 -53.73 35.12
CA TYR PA 37 -70.90 -54.09 35.50
C TYR PA 37 -70.10 -52.81 35.70
N ASN PA 38 -68.95 -52.96 36.36
CA ASN PA 38 -68.14 -51.81 36.74
C ASN PA 38 -67.40 -51.26 35.53
N MET PA 39 -67.29 -49.93 35.48
CA MET PA 39 -66.62 -49.25 34.38
C MET PA 39 -65.36 -48.51 34.83
N LYS PA 40 -65.14 -48.35 36.13
CA LYS PA 40 -64.04 -47.55 36.63
C LYS PA 40 -62.85 -48.40 37.06
N ARG PA 41 -62.66 -49.56 36.47
CA ARG PA 41 -61.50 -50.38 36.79
C ARG PA 41 -60.27 -49.83 36.08
N ARG PA 42 -59.10 -50.13 36.63
CA ARG PA 42 -57.84 -49.69 36.05
C ARG PA 42 -56.86 -50.85 36.02
N HIS PA 43 -55.79 -50.67 35.26
CA HIS PA 43 -54.75 -51.67 35.12
C HIS PA 43 -53.44 -51.10 35.62
N TRP PA 44 -52.62 -51.93 36.25
CA TRP PA 44 -51.43 -51.41 36.91
C TRP PA 44 -50.31 -51.15 35.93
N ARG PA 45 -50.39 -51.69 34.72
CA ARG PA 45 -49.35 -51.47 33.74
C ARG PA 45 -49.74 -50.38 32.74
N ALA PA 46 -51.04 -50.20 32.52
CA ALA PA 46 -51.48 -49.21 31.55
C ALA PA 46 -51.41 -47.79 32.11
N LYS PA 47 -52.15 -47.51 33.18
CA LYS PA 47 -52.32 -46.16 33.69
C LYS PA 47 -51.72 -46.05 35.08
N LYS PA 48 -51.10 -44.90 35.36
CA LYS PA 48 -50.37 -44.70 36.61
C LYS PA 48 -51.22 -43.89 37.60
N LEU PA 49 -50.87 -44.00 38.88
CA LEU PA 49 -51.78 -43.57 39.93
C LEU PA 49 -51.50 -42.15 40.40
N LYS PA 50 -50.27 -41.66 40.18
CA LYS PA 50 -49.81 -40.32 40.56
C LYS PA 50 -49.94 -40.10 42.08
N ILE PA 51 -49.11 -40.81 42.84
CA ILE PA 51 -49.04 -40.66 44.29
C ILE PA 51 -47.70 -40.09 44.74
N TYR PA 52 -46.60 -40.51 44.12
CA TYR PA 52 -45.23 -40.04 44.35
C TYR PA 52 -44.79 -40.29 45.78
N LYS QA 2 -64.52 -44.58 -93.25
CA LYS QA 2 -65.43 -43.45 -93.36
C LYS QA 2 -64.71 -42.16 -92.99
N PHE QA 3 -65.18 -41.05 -93.55
CA PHE QA 3 -64.52 -39.77 -93.41
C PHE QA 3 -65.53 -38.68 -93.10
N ILE QA 4 -65.03 -37.46 -92.94
CA ILE QA 4 -65.87 -36.28 -92.78
C ILE QA 4 -65.90 -35.58 -94.14
N GLU QA 5 -67.11 -35.40 -94.67
CA GLU QA 5 -67.29 -34.71 -95.94
C GLU QA 5 -68.69 -34.10 -95.96
N LEU QA 6 -68.94 -33.29 -96.99
CA LEU QA 6 -70.23 -32.62 -97.08
C LEU QA 6 -71.28 -33.58 -97.63
N GLY QA 7 -72.30 -33.86 -96.82
CA GLY QA 7 -73.33 -34.81 -97.18
C GLY QA 7 -73.33 -36.07 -96.36
N ARG QA 8 -72.41 -36.21 -95.40
CA ARG QA 8 -72.36 -37.38 -94.55
C ARG QA 8 -73.50 -37.37 -93.55
N LEU QA 9 -74.23 -38.48 -93.48
CA LEU QA 9 -75.34 -38.63 -92.54
C LEU QA 9 -74.80 -38.92 -91.15
N VAL QA 10 -75.38 -38.27 -90.15
CA VAL QA 10 -74.93 -38.42 -88.77
C VAL QA 10 -76.12 -38.74 -87.88
N ALA QA 11 -75.83 -39.16 -86.66
CA ALA QA 11 -76.80 -39.59 -85.67
C ALA QA 11 -76.25 -39.25 -84.30
N PRO QA 12 -77.09 -39.27 -83.26
CA PRO QA 12 -76.55 -39.16 -81.89
C PRO QA 12 -75.69 -40.35 -81.51
N ILE QA 13 -74.92 -40.18 -80.44
CA ILE QA 13 -73.85 -41.12 -80.14
C ILE QA 13 -74.39 -42.37 -79.44
N ILE QA 14 -75.38 -42.21 -78.58
CA ILE QA 14 -75.85 -43.32 -77.76
C ILE QA 14 -76.70 -44.27 -78.61
N LYS QA 15 -76.70 -45.55 -78.26
CA LYS QA 15 -77.42 -46.53 -79.07
C LYS QA 15 -78.92 -46.42 -78.85
N LYS QA 16 -79.33 -45.97 -77.67
CA LYS QA 16 -80.70 -45.50 -77.54
C LYS QA 16 -80.79 -44.05 -77.97
N GLU QA 17 -82.03 -43.53 -77.97
CA GLU QA 17 -82.39 -42.12 -78.26
C GLU QA 17 -81.81 -41.59 -79.58
N ARG QA 18 -81.57 -42.49 -80.54
CA ARG QA 18 -81.14 -42.13 -81.89
C ARG QA 18 -82.31 -42.36 -82.84
N ASN QA 19 -83.15 -41.35 -82.97
CA ASN QA 19 -84.32 -41.39 -83.85
C ASN QA 19 -84.24 -40.36 -84.96
N ILE QA 20 -83.39 -39.35 -84.83
CA ILE QA 20 -83.36 -38.20 -85.70
C ILE QA 20 -81.98 -38.13 -86.34
N LYS QA 21 -81.92 -37.78 -87.62
CA LYS QA 21 -80.66 -37.72 -88.34
C LYS QA 21 -80.43 -36.31 -88.85
N ALA QA 22 -79.20 -36.05 -89.29
CA ALA QA 22 -78.82 -34.74 -89.80
C ALA QA 22 -77.73 -34.89 -90.86
N ILE QA 23 -77.48 -33.81 -91.58
CA ILE QA 23 -76.53 -33.79 -92.69
C ILE QA 23 -75.57 -32.62 -92.47
N ILE QA 24 -74.27 -32.90 -92.62
CA ILE QA 24 -73.26 -31.86 -92.49
C ILE QA 24 -73.33 -30.89 -93.66
N ILE QA 25 -73.41 -29.60 -93.36
CA ILE QA 25 -73.39 -28.55 -94.38
C ILE QA 25 -71.98 -28.05 -94.65
N GLY QA 26 -71.27 -27.66 -93.60
CA GLY QA 26 -69.95 -27.08 -93.77
C GLY QA 26 -69.00 -27.45 -92.65
N ILE QA 27 -67.70 -27.26 -92.86
CA ILE QA 27 -66.69 -27.68 -91.90
C ILE QA 27 -66.03 -26.45 -91.31
N ILE QA 28 -66.08 -26.32 -89.98
CA ILE QA 28 -65.50 -25.15 -89.33
C ILE QA 28 -64.04 -25.39 -88.98
N ASP QA 29 -63.76 -26.47 -88.26
CA ASP QA 29 -62.42 -26.68 -87.73
C ASP QA 29 -62.17 -28.18 -87.67
N SER QA 30 -61.16 -28.57 -86.89
CA SER QA 30 -60.81 -29.97 -86.75
C SER QA 30 -61.85 -30.72 -85.93
N THR QA 31 -62.61 -30.01 -85.11
CA THR QA 31 -63.54 -30.66 -84.21
C THR QA 31 -64.93 -30.06 -84.21
N PHE QA 32 -65.23 -29.11 -85.07
CA PHE QA 32 -66.55 -28.50 -85.12
C PHE QA 32 -67.14 -28.63 -86.53
N VAL QA 33 -68.43 -28.93 -86.59
CA VAL QA 33 -69.15 -29.10 -87.85
C VAL QA 33 -70.49 -28.38 -87.76
N VAL QA 34 -71.07 -28.11 -88.93
CA VAL QA 34 -72.37 -27.45 -89.04
C VAL QA 34 -73.35 -28.44 -89.63
N LEU QA 35 -74.53 -28.57 -89.01
CA LEU QA 35 -75.52 -29.56 -89.39
C LEU QA 35 -76.76 -28.88 -89.94
N LYS QA 36 -77.67 -29.70 -90.46
CA LYS QA 36 -79.03 -29.28 -90.80
C LYS QA 36 -80.01 -30.24 -90.16
N LYS QA 37 -80.85 -29.74 -89.27
CA LYS QA 37 -81.82 -30.58 -88.60
C LYS QA 37 -82.98 -30.90 -89.53
N SER QA 38 -83.93 -31.66 -88.99
CA SER QA 38 -85.16 -31.94 -89.74
C SER QA 38 -86.11 -30.75 -89.71
N ASN QA 39 -85.96 -29.88 -88.70
CA ASN QA 39 -86.85 -28.74 -88.59
C ASN QA 39 -86.38 -27.57 -89.47
N GLY QA 40 -85.08 -27.48 -89.72
CA GLY QA 40 -84.55 -26.45 -90.59
C GLY QA 40 -83.59 -25.50 -89.92
N GLU QA 41 -83.40 -25.56 -88.61
CA GLU QA 41 -82.41 -24.71 -87.98
C GLU QA 41 -81.01 -25.29 -88.15
N ASN QA 42 -80.03 -24.41 -88.13
CA ASN QA 42 -78.65 -24.79 -88.31
C ASN QA 42 -77.95 -24.79 -86.96
N GLU QA 43 -77.37 -25.92 -86.60
CA GLU QA 43 -76.76 -26.07 -85.29
C GLU QA 43 -75.27 -26.30 -85.45
N VAL QA 44 -74.50 -25.68 -84.55
CA VAL QA 44 -73.05 -25.85 -84.49
C VAL QA 44 -72.74 -26.74 -83.30
N CYS QA 45 -72.10 -27.87 -83.58
CA CYS QA 45 -71.96 -28.95 -82.61
C CYS QA 45 -70.62 -29.62 -82.82
N PRO QA 46 -69.94 -30.02 -81.74
CA PRO QA 46 -68.64 -30.69 -81.89
C PRO QA 46 -68.79 -32.12 -82.39
N VAL QA 47 -67.64 -32.69 -82.78
CA VAL QA 47 -67.60 -34.04 -83.32
C VAL QA 47 -67.91 -35.07 -82.24
N SER QA 48 -67.57 -34.77 -80.98
CA SER QA 48 -67.62 -35.76 -79.92
C SER QA 48 -69.05 -36.07 -79.46
N SER QA 49 -70.05 -35.47 -80.11
CA SER QA 49 -71.43 -35.83 -79.80
C SER QA 49 -72.04 -36.70 -80.88
N LEU QA 50 -71.30 -36.97 -81.95
CA LEU QA 50 -71.90 -37.62 -83.11
C LEU QA 50 -71.30 -39.00 -83.38
N ILE QA 51 -72.03 -39.79 -84.16
CA ILE QA 51 -71.51 -40.99 -84.79
C ILE QA 51 -71.88 -40.91 -86.26
N LEU QA 52 -71.13 -41.61 -87.11
CA LEU QA 52 -71.26 -41.47 -88.55
C LEU QA 52 -72.07 -42.63 -89.13
N LEU QA 53 -72.84 -42.33 -90.16
CA LEU QA 53 -73.52 -43.39 -90.90
C LEU QA 53 -72.85 -43.55 -92.28
N ASP QA 54 -73.16 -44.66 -92.92
CA ASP QA 54 -72.51 -45.01 -94.19
C ASP QA 54 -73.37 -44.64 -95.39
N GLU QA 55 -73.55 -43.34 -95.59
CA GLU QA 55 -74.26 -42.84 -96.76
C GLU QA 55 -73.85 -41.41 -97.04
N VAL QA 56 -73.63 -41.09 -98.31
CA VAL QA 56 -73.21 -39.77 -98.76
C VAL QA 56 -74.19 -39.27 -99.81
N TYR QA 57 -74.63 -38.03 -99.69
CA TYR QA 57 -75.48 -37.39 -100.67
C TYR QA 57 -74.73 -36.23 -101.33
N ASP QA 58 -75.25 -35.76 -102.45
CA ASP QA 58 -74.72 -34.60 -103.16
C ASP QA 58 -75.64 -33.41 -102.90
N ILE QA 59 -75.07 -32.35 -102.33
CA ILE QA 59 -75.84 -31.18 -101.95
C ILE QA 59 -75.20 -29.91 -102.52
N LYS QA 60 -74.50 -30.05 -103.64
CA LYS QA 60 -73.71 -28.94 -104.18
C LYS QA 60 -74.61 -27.86 -104.78
N ASN QA 61 -75.80 -28.24 -105.23
CA ASN QA 61 -76.66 -27.32 -105.98
C ASN QA 61 -78.04 -27.16 -105.37
N LEU QA 62 -78.34 -27.84 -104.27
CA LEU QA 62 -79.71 -27.89 -103.78
C LEU QA 62 -80.08 -26.64 -103.00
N SER QA 63 -81.37 -26.42 -102.83
CA SER QA 63 -81.90 -25.32 -102.06
C SER QA 63 -81.95 -25.69 -100.58
N SER QA 64 -82.73 -24.91 -99.83
CA SER QA 64 -82.93 -25.23 -98.42
C SER QA 64 -83.87 -26.40 -98.24
N GLU QA 65 -84.96 -26.43 -98.99
CA GLU QA 65 -86.03 -27.38 -98.70
C GLU QA 65 -85.72 -28.77 -99.22
N GLU QA 66 -84.86 -28.87 -100.24
CA GLU QA 66 -84.59 -30.16 -100.85
C GLU QA 66 -83.70 -31.03 -99.98
N ILE QA 67 -82.87 -30.42 -99.13
CA ILE QA 67 -82.05 -31.20 -98.21
C ILE QA 67 -82.92 -31.76 -97.09
N VAL QA 68 -84.03 -31.09 -96.79
CA VAL QA 68 -84.96 -31.59 -95.79
C VAL QA 68 -85.74 -32.79 -96.34
N LYS QA 69 -85.81 -32.93 -97.66
CA LYS QA 69 -86.47 -34.08 -98.26
C LYS QA 69 -85.67 -35.36 -98.04
N LEU QA 70 -84.35 -35.30 -98.23
CA LEU QA 70 -83.54 -36.51 -98.16
C LEU QA 70 -83.28 -36.95 -96.73
N ILE QA 71 -83.66 -36.12 -95.75
CA ILE QA 71 -83.55 -36.50 -94.35
C ILE QA 71 -84.51 -37.64 -94.02
N GLU QA 72 -85.78 -37.48 -94.38
CA GLU QA 72 -86.78 -38.49 -94.07
C GLU QA 72 -86.68 -39.71 -94.97
N ALA QA 80 -98.23 -49.22 -82.61
CA ALA QA 80 -98.34 -49.31 -81.16
C ALA QA 80 -98.99 -50.63 -80.74
N SER QA 81 -98.36 -51.33 -79.81
CA SER QA 81 -98.82 -52.64 -79.36
C SER QA 81 -99.23 -52.57 -77.90
N ASN QA 82 -100.38 -53.16 -77.58
CA ASN QA 82 -100.84 -53.16 -76.20
C ASN QA 82 -100.42 -54.44 -75.50
N ASP QA 83 -100.98 -54.66 -74.30
CA ASP QA 83 -100.60 -55.81 -73.50
C ASP QA 83 -101.16 -57.11 -74.07
N PHE QA 84 -102.31 -57.03 -74.74
CA PHE QA 84 -102.91 -58.24 -75.28
C PHE QA 84 -102.16 -58.74 -76.52
N GLU QA 85 -101.63 -57.81 -77.31
CA GLU QA 85 -100.89 -58.21 -78.50
C GLU QA 85 -99.51 -58.72 -78.12
N ARG QA 86 -99.03 -58.35 -76.93
CA ARG QA 86 -97.76 -58.90 -76.46
C ARG QA 86 -97.95 -60.22 -75.75
N PHE QA 87 -99.22 -60.65 -75.60
CA PHE QA 87 -99.49 -61.98 -75.06
C PHE QA 87 -99.35 -63.04 -76.14
N LYS QA 88 -99.64 -62.68 -77.39
CA LYS QA 88 -99.57 -63.66 -78.48
C LYS QA 88 -98.13 -63.91 -78.90
N ASN QA 89 -97.34 -62.85 -79.00
CA ASN QA 89 -96.00 -62.96 -79.55
C ASN QA 89 -95.07 -63.67 -78.56
N LYS QA 90 -95.37 -63.57 -77.27
CA LYS QA 90 -94.68 -64.38 -76.28
C LYS QA 90 -95.05 -65.85 -76.45
N LEU QA 91 -96.31 -66.12 -76.79
CA LEU QA 91 -96.80 -67.50 -76.87
C LEU QA 91 -96.21 -68.23 -78.07
N ARG QA 92 -95.89 -67.50 -79.14
CA ARG QA 92 -95.46 -68.14 -80.36
C ARG QA 92 -94.03 -68.67 -80.23
N GLU QA 93 -93.15 -67.90 -79.59
CA GLU QA 93 -91.78 -68.36 -79.39
C GLU QA 93 -91.67 -69.27 -78.17
N GLU QA 94 -92.74 -69.33 -77.36
CA GLU QA 94 -92.74 -70.22 -76.20
C GLU QA 94 -92.78 -71.68 -76.63
N VAL QA 95 -93.50 -71.98 -77.70
CA VAL QA 95 -93.64 -73.36 -78.12
C VAL QA 95 -92.46 -73.79 -78.98
N LYS QA 96 -91.75 -72.83 -79.57
CA LYS QA 96 -90.64 -73.17 -80.46
C LYS QA 96 -89.43 -73.67 -79.68
N LYS QA 97 -89.30 -73.24 -78.43
CA LYS QA 97 -88.22 -73.75 -77.59
C LYS QA 97 -88.67 -74.99 -76.83
N ASN QA 98 -89.98 -75.21 -76.73
CA ASN QA 98 -90.47 -76.39 -76.01
C ASN QA 98 -90.27 -77.66 -76.84
N ILE QA 99 -90.30 -77.54 -78.16
CA ILE QA 99 -90.13 -78.68 -79.05
C ILE QA 99 -88.69 -79.16 -79.04
N LEU RA 73 4.77 -42.55 -81.40
CA LEU RA 73 3.76 -43.20 -82.22
C LEU RA 73 3.84 -42.80 -83.68
N ASP RA 74 2.91 -43.33 -84.47
CA ASP RA 74 2.74 -42.89 -85.84
C ASP RA 74 1.92 -41.61 -85.87
N GLU RA 75 1.87 -40.95 -87.03
CA GLU RA 75 1.07 -39.75 -87.15
C GLU RA 75 -0.39 -40.06 -87.36
N ASN RA 76 -0.70 -41.20 -87.98
CA ASN RA 76 -2.07 -41.45 -88.40
C ASN RA 76 -2.87 -42.17 -87.32
N ASP RA 77 -2.19 -42.77 -86.35
CA ASP RA 77 -2.90 -43.39 -85.25
C ASP RA 77 -3.34 -42.35 -84.23
N ARG RA 78 -2.75 -41.15 -84.31
CA ARG RA 78 -2.95 -40.13 -83.30
C ARG RA 78 -4.35 -39.53 -83.38
N GLU RA 79 -4.97 -39.56 -84.56
CA GLU RA 79 -6.27 -38.92 -84.71
C GLU RA 79 -7.37 -39.73 -84.05
N LEU RA 80 -7.26 -41.06 -84.08
CA LEU RA 80 -8.27 -41.89 -83.44
C LEU RA 80 -8.15 -41.80 -81.92
N ALA RA 81 -6.93 -41.64 -81.42
CA ALA RA 81 -6.74 -41.57 -79.98
C ALA RA 81 -7.11 -40.20 -79.44
N ASN RA 82 -6.84 -39.14 -80.20
CA ASN RA 82 -7.16 -37.79 -79.74
C ASN RA 82 -8.56 -37.35 -80.11
N LYS RA 83 -9.44 -38.27 -80.52
CA LYS RA 83 -10.82 -37.89 -80.81
C LYS RA 83 -11.60 -37.66 -79.52
N ARG RA 84 -11.12 -38.23 -78.41
CA ARG RA 84 -11.87 -38.15 -77.17
C ARG RA 84 -11.68 -36.79 -76.49
N ASN RA 85 -10.68 -36.02 -76.92
CA ASN RA 85 -10.36 -34.80 -76.19
C ASN RA 85 -10.83 -33.53 -76.88
N LYS RA 86 -11.61 -33.64 -77.95
CA LYS RA 86 -12.18 -32.46 -78.58
C LYS RA 86 -13.57 -32.21 -78.00
N LYS RA 87 -13.65 -31.48 -76.90
CA LYS RA 87 -14.89 -31.34 -76.15
C LYS RA 87 -15.07 -29.88 -75.74
N LEU RA 88 -16.27 -29.57 -75.23
CA LEU RA 88 -16.57 -28.29 -74.61
C LEU RA 88 -17.15 -28.56 -73.22
N ILE RA 89 -16.89 -27.64 -72.29
CA ILE RA 89 -17.22 -27.84 -70.88
C ILE RA 89 -18.05 -26.67 -70.40
N CYS RA 90 -19.23 -26.95 -69.86
CA CYS RA 90 -20.07 -25.92 -69.25
C CYS RA 90 -19.44 -25.49 -67.94
N ARG RA 91 -19.56 -24.19 -67.63
CA ARG RA 91 -18.92 -23.69 -66.41
C ARG RA 91 -19.83 -23.86 -65.21
N ARG RA 92 -21.13 -24.01 -65.42
CA ARG RA 92 -22.05 -24.17 -64.30
C ARG RA 92 -22.12 -25.62 -63.83
N CYS RA 93 -22.60 -26.52 -64.69
CA CYS RA 93 -22.89 -27.88 -64.29
C CYS RA 93 -21.78 -28.88 -64.62
N ASN RA 94 -20.73 -28.45 -65.33
CA ASN RA 94 -19.46 -29.17 -65.48
C ASN RA 94 -19.63 -30.51 -66.20
N VAL RA 95 -20.18 -30.46 -67.40
CA VAL RA 95 -20.49 -31.65 -68.20
C VAL RA 95 -19.87 -31.48 -69.58
N ARG RA 96 -19.18 -32.51 -70.05
CA ARG RA 96 -18.56 -32.48 -71.38
C ARG RA 96 -19.63 -32.41 -72.47
N LEU RA 97 -19.28 -31.75 -73.58
CA LEU RA 97 -20.23 -31.50 -74.66
C LEU RA 97 -19.50 -31.55 -76.00
N SER RA 98 -20.28 -31.47 -77.07
CA SER RA 98 -19.73 -31.53 -78.42
C SER RA 98 -19.16 -30.17 -78.83
N VAL RA 99 -18.68 -30.12 -80.07
CA VAL RA 99 -18.02 -28.92 -80.57
C VAL RA 99 -19.04 -27.97 -81.20
N ASN RA 100 -20.08 -28.52 -81.83
CA ASN RA 100 -21.06 -27.69 -82.50
C ASN RA 100 -22.16 -27.22 -81.55
N ALA RA 101 -22.04 -27.54 -80.26
CA ALA RA 101 -23.10 -27.19 -79.32
C ALA RA 101 -23.07 -25.72 -78.97
N THR RA 102 -24.24 -25.17 -78.67
CA THR RA 102 -24.39 -23.79 -78.24
C THR RA 102 -25.16 -23.65 -76.94
N ASN RA 103 -25.59 -24.76 -76.35
CA ASN RA 103 -26.34 -24.77 -75.10
C ASN RA 103 -26.00 -26.02 -74.32
N CYS RA 104 -26.21 -25.97 -73.01
CA CYS RA 104 -25.91 -27.13 -72.19
C CYS RA 104 -26.98 -28.21 -72.37
N ARG RA 105 -26.57 -29.46 -72.22
CA ARG RA 105 -27.44 -30.58 -72.54
C ARG RA 105 -28.40 -30.91 -71.40
N LYS RA 106 -27.99 -30.63 -70.16
CA LYS RA 106 -28.72 -31.11 -69.00
C LYS RA 106 -30.02 -30.34 -68.81
N LYS RA 107 -30.91 -30.91 -67.99
CA LYS RA 107 -32.22 -30.31 -67.78
C LYS RA 107 -32.14 -29.14 -66.82
N GLY RA 108 -31.14 -29.14 -65.93
CA GLY RA 108 -31.09 -28.14 -64.89
C GLY RA 108 -30.67 -26.76 -65.38
N CYS RA 109 -29.47 -26.65 -65.96
CA CYS RA 109 -28.87 -25.35 -66.20
C CYS RA 109 -29.19 -24.81 -67.59
N GLY RA 110 -28.73 -25.47 -68.64
CA GLY RA 110 -28.93 -24.96 -69.99
C GLY RA 110 -28.28 -23.62 -70.27
N SER RA 111 -27.05 -23.44 -69.81
CA SER RA 111 -26.38 -22.15 -69.96
C SER RA 111 -25.88 -21.95 -71.38
N LYS RA 112 -25.32 -20.76 -71.64
CA LYS RA 112 -24.86 -20.44 -72.98
C LYS RA 112 -23.35 -20.32 -73.04
N ASP RA 113 -22.70 -20.14 -71.89
CA ASP RA 113 -21.25 -19.99 -71.88
C ASP RA 113 -20.58 -21.37 -71.83
N LEU RA 114 -19.72 -21.63 -72.82
CA LEU RA 114 -18.95 -22.85 -72.87
C LEU RA 114 -17.49 -22.48 -73.11
N ARG RA 115 -16.60 -23.35 -72.68
CA ARG RA 115 -15.17 -23.11 -72.82
C ARG RA 115 -14.51 -24.36 -73.35
N PRO RA 116 -13.41 -24.22 -74.09
CA PRO RA 116 -12.74 -25.41 -74.63
C PRO RA 116 -11.95 -26.14 -73.56
N LYS RA 117 -11.84 -27.45 -73.73
CA LYS RA 117 -11.02 -28.27 -72.84
C LYS RA 117 -9.55 -27.94 -73.07
N LYS RA 118 -8.80 -27.76 -71.99
CA LYS RA 118 -7.43 -27.25 -72.06
C LYS RA 118 -6.51 -28.29 -72.67
N GLN RA 119 -5.89 -27.94 -73.79
CA GLN RA 119 -5.07 -28.87 -74.53
C GLN RA 119 -3.71 -29.02 -73.85
N LEU RA 120 -3.00 -30.09 -74.21
CA LEU RA 120 -1.66 -30.32 -73.69
C LEU RA 120 -0.70 -29.26 -74.20
N LYS RA 121 0.27 -28.89 -73.36
CA LYS RA 121 1.41 -28.11 -73.76
C LYS RA 121 2.68 -28.85 -73.36
N PRO RA 122 3.60 -29.11 -74.29
CA PRO RA 122 4.85 -29.82 -73.96
C PRO RA 122 5.80 -28.96 -73.11
N GLN SA 12 83.52 30.60 -98.95
CA GLN SA 12 83.66 31.84 -98.20
C GLN SA 12 82.43 32.10 -97.34
N GLN SA 13 82.65 32.16 -96.03
CA GLN SA 13 81.58 32.31 -95.06
C GLN SA 13 81.20 33.77 -94.82
N TYR SA 14 81.78 34.70 -95.56
CA TYR SA 14 81.32 36.09 -95.53
C TYR SA 14 80.39 36.35 -96.72
N THR SA 15 79.21 35.75 -96.64
CA THR SA 15 78.26 35.84 -97.73
C THR SA 15 77.53 37.17 -97.71
N LEU SA 16 76.63 37.34 -98.68
CA LEU SA 16 75.95 38.62 -98.85
C LEU SA 16 74.89 38.83 -97.77
N ARG SA 17 74.32 37.73 -97.26
CA ARG SA 17 73.32 37.83 -96.20
C ARG SA 17 73.94 38.29 -94.89
N ASP SA 18 75.15 37.80 -94.59
CA ASP SA 18 75.75 38.00 -93.28
C ASP SA 18 76.23 39.44 -93.08
N ALA SA 19 76.45 40.17 -94.18
CA ALA SA 19 76.76 41.58 -94.06
C ALA SA 19 75.54 42.39 -93.63
N LEU SA 20 74.35 41.87 -93.92
CA LEU SA 20 73.13 42.60 -93.59
C LEU SA 20 72.70 42.31 -92.16
N THR SA 21 73.14 41.19 -91.59
CA THR SA 21 72.80 40.86 -90.21
C THR SA 21 73.48 41.80 -89.23
N GLN SA 22 74.71 42.20 -89.54
CA GLN SA 22 75.39 43.17 -88.68
C GLN SA 22 75.00 44.59 -89.07
N ALA SA 23 74.35 44.74 -90.23
CA ALA SA 23 73.93 46.07 -90.68
C ALA SA 23 72.69 46.53 -89.94
N CYS SA 24 71.81 45.60 -89.58
CA CYS SA 24 70.57 45.97 -88.91
C CYS SA 24 70.76 46.08 -87.40
N ARG SA 25 71.65 45.26 -86.84
CA ARG SA 25 71.88 45.30 -85.40
C ARG SA 25 72.60 46.58 -85.00
N ALA SA 26 73.57 47.02 -85.80
CA ALA SA 26 74.28 48.26 -85.50
C ALA SA 26 73.44 49.48 -85.83
N ALA SA 27 72.35 49.29 -86.57
CA ALA SA 27 71.47 50.41 -86.88
C ALA SA 27 70.39 50.57 -85.82
N ARG SA 28 69.91 49.46 -85.26
CA ARG SA 28 68.78 49.52 -84.31
C ARG SA 28 69.22 50.04 -82.95
N ILE SA 29 70.51 49.88 -82.61
CA ILE SA 29 70.99 50.36 -81.32
C ILE SA 29 71.02 51.88 -81.29
N SER SA 30 71.32 52.50 -82.41
CA SER SA 30 71.12 53.93 -82.61
C SER SA 30 69.77 54.13 -83.29
N ASN SA 31 69.53 55.33 -83.82
CA ASN SA 31 68.28 55.65 -84.48
C ASN SA 31 68.34 55.46 -85.98
N ASN SA 32 69.27 54.63 -86.49
CA ASN SA 32 69.45 54.53 -87.94
C ASN SA 32 68.35 53.68 -88.57
N LEU SA 33 67.97 52.58 -87.94
CA LEU SA 33 67.00 51.67 -88.55
C LEU SA 33 65.59 52.22 -88.36
N ALA SA 34 64.74 51.98 -89.37
CA ALA SA 34 63.33 52.31 -89.31
C ALA SA 34 62.56 51.28 -90.11
N LYS SA 35 61.52 50.71 -89.50
CA LYS SA 35 60.76 49.62 -90.09
C LYS SA 35 59.28 49.97 -90.08
N GLY SA 36 58.46 49.04 -90.57
CA GLY SA 36 57.04 49.26 -90.70
C GLY SA 36 56.70 49.89 -92.04
N GLY SA 37 55.62 49.41 -92.68
CA GLY SA 37 55.41 49.73 -94.09
C GLY SA 37 55.01 51.17 -94.35
N ARG SA 38 54.21 51.75 -93.46
CA ARG SA 38 53.80 53.14 -93.64
C ARG SA 38 54.94 54.10 -93.37
N GLU SA 39 55.94 53.67 -92.58
CA GLU SA 39 56.98 54.59 -92.14
C GLU SA 39 58.09 54.73 -93.17
N CYS SA 40 58.38 53.66 -93.91
CA CYS SA 40 59.51 53.70 -94.84
C CYS SA 40 59.21 54.58 -96.06
N VAL SA 41 57.95 54.63 -96.46
CA VAL SA 41 57.59 55.38 -97.67
C VAL SA 41 57.64 56.88 -97.41
N LYS SA 42 57.18 57.30 -96.22
CA LYS SA 42 57.28 58.72 -95.87
C LYS SA 42 58.71 59.11 -95.51
N LYS SA 43 59.54 58.12 -95.17
CA LYS SA 43 60.95 58.42 -94.89
C LYS SA 43 61.77 58.47 -96.17
N ILE SA 44 61.20 58.00 -97.29
CA ILE SA 44 61.88 58.13 -98.58
C ILE SA 44 61.75 59.56 -99.10
N CYS SA 45 60.53 60.11 -99.06
CA CYS SA 45 60.33 61.48 -99.54
C CYS SA 45 60.88 62.53 -98.58
N ALA SA 46 61.29 62.13 -97.37
CA ALA SA 46 62.07 63.02 -96.52
C ALA SA 46 63.52 63.08 -96.99
N ASN SA 47 63.90 62.26 -97.97
CA ASN SA 47 65.18 62.21 -98.69
C ASN SA 47 66.31 61.87 -97.74
N ASN SA 48 66.04 61.11 -96.68
CA ASN SA 48 67.06 60.63 -95.76
C ASN SA 48 67.40 59.16 -95.98
N ALA SA 49 66.80 58.53 -96.99
CA ALA SA 49 66.97 57.09 -97.19
C ALA SA 49 68.27 56.79 -97.93
N LYS SA 50 68.97 55.76 -97.47
CA LYS SA 50 70.18 55.27 -98.12
C LYS SA 50 70.05 53.82 -98.58
N PHE SA 51 69.67 52.91 -97.69
CA PHE SA 51 69.46 51.51 -98.04
C PHE SA 51 68.02 51.12 -97.80
N VAL SA 52 67.28 50.91 -98.89
CA VAL SA 52 65.87 50.52 -98.82
C VAL SA 52 65.73 49.08 -99.29
N LEU SA 53 65.00 48.30 -98.51
CA LEU SA 53 64.83 46.88 -98.76
C LEU SA 53 63.36 46.59 -99.04
N LEU SA 54 63.10 45.94 -100.17
CA LEU SA 54 61.74 45.57 -100.53
C LEU SA 54 61.68 44.07 -100.77
N ALA SA 55 60.72 43.42 -100.11
CA ALA SA 55 60.39 42.04 -100.42
C ALA SA 55 59.21 42.02 -101.38
N GLU SA 56 59.30 41.19 -102.42
CA GLU SA 56 58.34 41.27 -103.51
C GLU SA 56 57.01 40.61 -103.15
N ASP SA 57 56.96 39.87 -102.05
CA ASP SA 57 55.72 39.27 -101.60
C ASP SA 57 54.92 40.17 -100.68
N CYS SA 58 55.15 41.48 -100.71
CA CYS SA 58 54.32 42.42 -99.98
C CYS SA 58 53.09 42.78 -100.80
N GLU SA 59 52.25 43.67 -100.27
CA GLU SA 59 51.12 44.22 -100.97
C GLU SA 59 51.62 45.12 -102.10
N PRO SA 60 51.07 44.99 -103.31
CA PRO SA 60 51.61 45.77 -104.45
C PRO SA 60 51.31 47.25 -104.41
N LYS SA 61 50.26 47.67 -103.69
CA LYS SA 61 49.90 49.09 -103.67
C LYS SA 61 50.90 49.91 -102.87
N ILE SA 62 51.32 49.38 -101.71
CA ILE SA 62 52.40 50.02 -100.96
C ILE SA 62 53.72 49.85 -101.71
N LYS SA 63 53.85 48.75 -102.46
CA LYS SA 63 55.04 48.54 -103.27
C LYS SA 63 55.07 49.48 -104.48
N THR SA 64 53.90 49.96 -104.89
CA THR SA 64 53.81 50.84 -106.06
C THR SA 64 54.45 52.20 -105.77
N VAL SA 65 54.13 52.78 -104.62
CA VAL SA 65 54.64 54.11 -104.29
C VAL SA 65 56.08 54.03 -103.83
N ALA SA 66 56.46 52.89 -103.21
CA ALA SA 66 57.78 52.77 -102.60
C ALA SA 66 58.89 52.69 -103.65
N THR SA 67 58.61 52.02 -104.78
CA THR SA 67 59.57 52.04 -105.87
C THR SA 67 59.60 53.41 -106.53
N PHE SA 68 58.47 54.12 -106.53
CA PHE SA 68 58.33 55.31 -107.36
C PHE SA 68 59.05 56.51 -106.76
N PHE SA 69 58.91 56.72 -105.45
CA PHE SA 69 59.55 57.87 -104.83
C PHE SA 69 61.05 57.68 -104.72
N ALA SA 70 61.50 56.44 -104.56
CA ALA SA 70 62.94 56.15 -104.56
C ALA SA 70 63.50 56.25 -105.97
N GLN SA 71 62.64 56.09 -106.99
CA GLN SA 71 63.08 56.33 -108.36
C GLN SA 71 63.35 57.81 -108.59
N LYS SA 72 62.60 58.68 -107.92
CA LYS SA 72 62.91 60.11 -107.94
C LYS SA 72 64.21 60.40 -107.22
N ASN SA 73 64.33 59.94 -105.98
CA ASN SA 73 65.40 60.33 -105.09
C ASN SA 73 66.67 59.51 -105.29
N LYS SA 74 66.66 58.57 -106.24
CA LYS SA 74 67.83 57.79 -106.68
C LYS SA 74 68.46 57.00 -105.53
N ILE SA 75 67.70 56.04 -105.01
CA ILE SA 75 68.17 55.22 -103.90
C ILE SA 75 68.52 53.82 -104.42
N PRO SA 76 69.71 53.31 -104.11
CA PRO SA 76 70.03 51.92 -104.47
C PRO SA 76 69.29 50.94 -103.59
N ILE SA 77 68.49 50.09 -104.21
CA ILE SA 77 67.54 49.23 -103.51
C ILE SA 77 67.97 47.78 -103.68
N ILE SA 78 68.05 47.05 -102.57
CA ILE SA 78 68.35 45.62 -102.57
C ILE SA 78 67.09 44.87 -102.23
N SER SA 79 66.78 43.85 -103.02
CA SER SA 79 65.53 43.10 -102.88
C SER SA 79 65.78 41.78 -102.16
N ILE SA 80 64.74 41.25 -101.54
CA ILE SA 80 64.73 39.94 -100.89
C ILE SA 80 63.54 39.18 -101.43
N GLU SA 81 63.71 37.88 -101.66
CA GLU SA 81 62.65 37.09 -102.29
C GLU SA 81 61.46 36.88 -101.34
N ASP SA 82 61.74 36.79 -100.04
CA ASP SA 82 60.72 36.48 -99.03
C ASP SA 82 60.74 37.54 -97.94
N ARG SA 83 59.55 37.92 -97.47
CA ARG SA 83 59.46 38.85 -96.34
C ARG SA 83 59.75 38.15 -95.03
N LYS SA 84 59.57 36.83 -94.99
CA LYS SA 84 59.93 36.05 -93.80
C LYS SA 84 61.45 35.98 -93.64
N GLU SA 85 62.17 35.96 -94.77
CA GLU SA 85 63.63 35.86 -94.71
C GLU SA 85 64.25 37.18 -94.23
N LEU SA 86 63.57 38.29 -94.47
CA LEU SA 86 64.05 39.58 -93.96
C LEU SA 86 63.95 39.64 -92.44
N GLY SA 87 63.01 38.90 -91.87
CA GLY SA 87 62.89 38.85 -90.42
C GLY SA 87 64.01 38.04 -89.78
N ARG SA 88 64.55 37.07 -90.51
CA ARG SA 88 65.65 36.26 -89.97
C ARG SA 88 66.92 37.09 -89.85
N ILE SA 89 67.13 38.02 -90.77
CA ILE SA 89 68.20 39.01 -90.60
C ILE SA 89 67.86 39.96 -89.45
N LEU SA 90 66.59 40.34 -89.35
CA LEU SA 90 66.15 41.37 -88.41
C LEU SA 90 65.91 40.82 -87.01
N ASN SA 91 66.07 39.50 -86.79
CA ASN SA 91 65.79 38.81 -85.52
C ASN SA 91 64.36 39.07 -85.06
N PHE SA 92 63.44 39.06 -86.01
CA PHE SA 92 62.09 39.60 -85.85
C PHE SA 92 61.09 38.57 -85.29
N GLU SA 93 61.37 37.28 -85.42
CA GLU SA 93 60.44 36.23 -85.04
C GLU SA 93 60.88 35.61 -83.72
N LYS SA 94 60.02 34.76 -83.15
CA LYS SA 94 60.33 34.09 -81.89
C LYS SA 94 60.09 32.60 -82.03
N THR SA 95 60.75 31.83 -81.16
CA THR SA 95 60.71 30.39 -81.17
C THR SA 95 60.44 29.86 -79.76
N ASN SA 96 59.52 28.90 -79.65
CA ASN SA 96 59.28 28.19 -78.41
C ASN SA 96 60.28 27.05 -78.28
N LEU SA 97 60.13 26.26 -77.22
CA LEU SA 97 61.08 25.23 -76.80
C LEU SA 97 61.39 24.19 -77.88
N ALA SA 98 60.36 23.61 -78.50
CA ALA SA 98 60.57 22.55 -79.47
C ALA SA 98 59.41 22.48 -80.46
N GLY SA 99 59.75 22.42 -81.74
CA GLY SA 99 58.81 22.01 -82.77
C GLY SA 99 58.02 23.11 -83.46
N LYS SA 100 58.23 24.37 -83.10
CA LYS SA 100 57.41 25.43 -83.65
C LYS SA 100 58.17 26.76 -83.61
N VAL SA 101 58.04 27.52 -84.70
CA VAL SA 101 58.52 28.89 -84.78
C VAL SA 101 57.34 29.77 -85.18
N ARG SA 102 57.21 30.91 -84.49
CA ARG SA 102 56.13 31.85 -84.74
C ARG SA 102 56.58 32.82 -85.82
N ASN SA 103 55.67 33.17 -86.74
CA ASN SA 103 56.05 33.97 -87.90
C ASN SA 103 55.06 35.08 -88.13
N ASN SA 104 55.61 36.27 -88.39
CA ASN SA 104 54.88 37.42 -88.89
C ASN SA 104 55.82 38.22 -89.78
N GLY SA 105 55.43 38.38 -91.04
CA GLY SA 105 56.32 38.93 -92.03
C GLY SA 105 56.34 40.44 -92.10
N CYS SA 106 57.49 41.04 -91.84
CA CYS SA 106 57.64 42.49 -91.98
C CYS SA 106 57.70 42.87 -93.46
N GLY SA 107 57.08 44.01 -93.79
CA GLY SA 107 56.93 44.35 -95.20
C GLY SA 107 58.20 44.90 -95.82
N ILE SA 108 58.61 46.09 -95.39
CA ILE SA 108 59.74 46.80 -96.01
C ILE SA 108 60.57 47.43 -94.90
N ALA SA 109 61.85 47.63 -95.16
CA ALA SA 109 62.77 48.16 -94.16
C ALA SA 109 63.59 49.29 -94.76
N LEU SA 110 64.29 50.01 -93.89
CA LEU SA 110 65.08 51.17 -94.28
C LEU SA 110 66.07 51.50 -93.16
N ILE SA 111 67.29 51.87 -93.56
CA ILE SA 111 68.22 52.56 -92.66
C ILE SA 111 68.60 53.85 -93.34
N SER SA 112 68.97 54.86 -92.53
CA SER SA 112 69.14 56.19 -93.07
C SER SA 112 70.59 56.64 -93.18
N GLU SA 113 71.42 56.32 -92.20
CA GLU SA 113 72.81 56.79 -92.18
C GLU SA 113 73.68 55.72 -91.57
N PHE SA 114 75.00 55.95 -91.64
CA PHE SA 114 75.98 55.06 -91.05
C PHE SA 114 76.76 55.84 -90.01
N ASN SA 115 76.67 55.42 -88.75
CA ASN SA 115 77.38 56.11 -87.68
C ASN SA 115 78.87 55.79 -87.71
N GLU SA 116 79.22 54.58 -88.16
CA GLU SA 116 80.60 54.19 -88.35
C GLU SA 116 80.71 53.23 -89.53
N LYS SA 117 81.72 53.46 -90.37
CA LYS SA 117 82.11 52.51 -91.40
C LYS SA 117 82.56 51.20 -90.75
N THR SA 118 81.76 50.16 -90.94
CA THR SA 118 82.08 48.84 -90.45
C THR SA 118 82.36 47.92 -91.63
N LYS SA 119 82.91 46.74 -91.33
CA LYS SA 119 83.23 45.77 -92.38
C LYS SA 119 81.96 45.22 -93.01
N ALA SA 120 80.87 45.19 -92.24
CA ALA SA 120 79.56 44.92 -92.83
C ALA SA 120 79.02 46.12 -93.59
N SER SA 121 79.47 47.33 -93.24
CA SER SA 121 78.98 48.53 -93.93
C SER SA 121 79.70 48.76 -95.24
N GLU SA 122 81.02 48.58 -95.27
CA GLU SA 122 81.77 48.87 -96.48
C GLU SA 122 81.54 47.79 -97.54
N PHE SA 123 81.20 46.58 -97.10
CA PHE SA 123 81.03 45.46 -98.01
C PHE SA 123 79.80 45.64 -98.91
N ILE SA 124 78.76 46.29 -98.39
CA ILE SA 124 77.58 46.54 -99.21
C ILE SA 124 77.82 47.70 -100.17
N LEU SA 125 78.71 48.61 -99.79
CA LEU SA 125 78.99 49.78 -100.62
C LEU SA 125 80.14 49.56 -101.60
N ASN SA 126 80.84 48.43 -101.50
CA ASN SA 126 81.90 48.14 -102.46
C ASN SA 126 81.33 47.43 -103.69
N GLU SA 127 80.68 46.28 -103.50
CA GLU SA 127 80.34 45.40 -104.61
C GLU SA 127 79.03 45.75 -105.31
N LEU SA 128 78.47 46.94 -105.10
CA LEU SA 128 77.24 47.29 -105.79
C LEU SA 128 77.48 48.29 -106.90
N GLU SA 129 78.26 49.34 -106.63
CA GLU SA 129 78.47 50.38 -107.63
C GLU SA 129 79.44 49.92 -108.71
N THR SA 130 80.42 49.09 -108.34
CA THR SA 130 81.49 48.71 -109.27
C THR SA 130 81.02 47.75 -110.35
N ALA TA 2 -66.34 33.58 77.87
CA ALA TA 2 -65.63 33.39 79.12
C ALA TA 2 -64.33 32.64 78.89
N ALA TA 3 -64.08 31.61 79.70
CA ALA TA 3 -62.79 30.94 79.68
C ALA TA 3 -62.61 30.07 78.44
N ALA TA 4 -63.69 29.82 77.71
CA ALA TA 4 -63.57 29.16 76.42
C ALA TA 4 -62.99 30.11 75.38
N ASP TA 5 -63.09 31.43 75.62
CA ASP TA 5 -62.69 32.38 74.60
C ASP TA 5 -61.26 32.87 74.81
N TYR TA 6 -60.78 32.85 76.05
CA TYR TA 6 -59.41 33.26 76.28
C TYR TA 6 -58.44 32.18 75.81
N ILE TA 7 -58.85 30.91 75.86
CA ILE TA 7 -57.97 29.84 75.43
C ILE TA 7 -57.93 29.77 73.90
N ARG TA 8 -59.08 29.93 73.26
CA ARG TA 8 -59.17 29.78 71.81
C ARG TA 8 -58.45 30.90 71.08
N GLU TA 9 -58.34 32.07 71.71
CA GLU TA 9 -57.60 33.16 71.08
C GLU TA 9 -56.11 33.01 71.30
N ILE TA 10 -55.72 32.28 72.35
CA ILE TA 10 -54.29 32.06 72.61
C ILE TA 10 -53.73 31.05 71.61
N GLN TA 11 -54.47 29.96 71.38
CA GLN TA 11 -53.95 28.90 70.53
C GLN TA 11 -54.20 29.17 69.05
N LYS TA 12 -54.66 30.37 68.70
CA LYS TA 12 -54.93 30.67 67.29
C LYS TA 12 -53.70 31.26 66.61
N ALA TA 13 -53.01 32.16 67.27
CA ALA TA 13 -51.86 32.84 66.69
C ALA TA 13 -50.63 31.97 66.86
N LYS TA 14 -50.24 31.28 65.79
CA LYS TA 14 -49.15 30.32 65.84
C LYS TA 14 -47.81 30.90 65.41
N GLN TA 15 -47.70 32.22 65.30
CA GLN TA 15 -46.45 32.88 64.98
C GLN TA 15 -45.99 33.84 66.06
N SER TA 16 -46.64 33.84 67.21
CA SER TA 16 -46.32 34.79 68.25
C SER TA 16 -45.08 34.37 69.03
N ASP TA 17 -44.81 35.10 70.11
CA ASP TA 17 -43.66 34.76 70.94
C ASP TA 17 -43.97 33.58 71.85
N ILE TA 18 -45.23 33.44 72.26
CA ILE TA 18 -45.59 32.33 73.14
C ILE TA 18 -45.61 31.02 72.38
N MET TA 19 -46.28 30.99 71.23
CA MET TA 19 -46.49 29.73 70.55
C MET TA 19 -45.23 29.27 69.81
N ARG TA 20 -44.33 30.19 69.47
CA ARG TA 20 -43.05 29.76 68.90
C ARG TA 20 -42.16 29.15 69.96
N TYR TA 21 -42.33 29.57 71.20
CA TYR TA 21 -41.56 28.98 72.29
C TYR TA 21 -42.06 27.59 72.62
N LEU TA 22 -43.37 27.41 72.64
CA LEU TA 22 -43.93 26.14 73.12
C LEU TA 22 -43.86 25.06 72.05
N LEU TA 23 -43.90 25.46 70.78
CA LEU TA 23 -43.89 24.46 69.71
C LEU TA 23 -42.48 23.90 69.51
N ARG TA 24 -41.46 24.64 69.91
CA ARG TA 24 -40.09 24.15 69.75
C ARG TA 24 -39.80 23.03 70.73
N LEU TA 25 -40.40 23.06 71.91
CA LEU TA 25 -40.10 22.06 72.92
C LEU TA 25 -40.75 20.73 72.58
N ARG TA 26 -41.96 20.75 72.01
CA ARG TA 26 -42.70 19.52 71.81
C ARG TA 26 -42.17 18.73 70.61
N VAL TA 27 -41.55 19.42 69.65
CA VAL TA 27 -40.99 18.75 68.49
C VAL TA 27 -39.78 17.91 68.90
N CYS TA 28 -38.98 18.43 69.83
CA CYS TA 28 -37.84 17.67 70.33
C CYS TA 28 -38.28 16.49 71.19
N GLU TA 29 -39.50 16.51 71.69
CA GLU TA 29 -40.03 15.37 72.42
C GLU TA 29 -40.56 14.31 71.47
N TYR TA 30 -40.90 14.70 70.24
CA TYR TA 30 -41.57 13.75 69.36
C TYR TA 30 -40.55 12.88 68.63
N ARG TA 31 -39.31 13.36 68.49
CA ARG TA 31 -38.33 12.62 67.69
C ARG TA 31 -37.80 11.41 68.44
N GLN TA 32 -37.91 11.41 69.76
CA GLN TA 32 -37.45 10.26 70.53
C GLN TA 32 -38.42 9.10 70.42
N ARG TA 33 -39.65 9.38 69.98
CA ARG TA 33 -40.69 8.36 69.91
C ARG TA 33 -40.65 7.66 68.56
N GLY TA 34 -41.65 6.81 68.34
CA GLY TA 34 -41.73 6.02 67.13
C GLY TA 34 -42.55 6.68 66.04
N GLU TA 35 -43.45 5.90 65.45
CA GLU TA 35 -44.36 6.46 64.47
C GLU TA 35 -45.67 6.88 65.10
N VAL TA 36 -46.32 5.98 65.85
CA VAL TA 36 -47.54 6.28 66.56
C VAL TA 36 -47.34 6.03 68.04
N PHE TA 37 -47.69 7.02 68.85
CA PHE TA 37 -47.57 6.93 70.30
C PHE TA 37 -48.83 7.51 70.91
N ARG TA 38 -48.95 7.35 72.22
CA ARG TA 38 -50.18 7.65 72.92
C ARG TA 38 -49.98 8.77 73.92
N VAL TA 39 -50.81 9.81 73.81
CA VAL TA 39 -50.82 10.92 74.75
C VAL TA 39 -52.12 10.86 75.53
N GLU TA 40 -52.17 11.58 76.65
CA GLU TA 40 -53.33 11.48 77.54
C GLU TA 40 -54.35 12.55 77.23
N ARG TA 41 -53.95 13.82 77.33
CA ARG TA 41 -54.85 14.93 77.11
C ARG TA 41 -54.44 15.61 75.82
N PRO TA 42 -55.41 16.09 75.03
CA PRO TA 42 -55.06 16.71 73.75
C PRO TA 42 -54.33 18.03 73.92
N THR TA 43 -53.47 18.35 72.96
CA THR TA 43 -52.65 19.55 73.05
C THR TA 43 -53.49 20.80 72.81
N PHE TA 44 -54.32 20.78 71.79
CA PHE TA 44 -55.21 21.90 71.47
C PHE TA 44 -56.56 21.55 72.09
N LEU TA 45 -56.85 22.13 73.25
CA LEU TA 45 -58.02 21.70 74.01
C LEU TA 45 -59.31 22.23 73.38
N GLN TA 46 -59.36 23.52 73.11
CA GLN TA 46 -60.62 24.13 72.66
C GLN TA 46 -60.93 23.76 71.22
N ARG TA 47 -59.91 23.44 70.43
CA ARG TA 47 -60.15 23.01 69.06
C ARG TA 47 -60.69 21.59 69.04
N ALA TA 48 -60.17 20.72 69.91
CA ALA TA 48 -60.60 19.32 69.90
C ALA TA 48 -62.00 19.17 70.48
N ARG TA 49 -62.43 20.13 71.29
CA ARG TA 49 -63.73 20.01 71.94
C ARG TA 49 -64.87 20.24 70.95
N THR TA 50 -64.67 21.13 69.97
CA THR TA 50 -65.70 21.36 68.97
C THR TA 50 -65.83 20.22 67.99
N LEU TA 51 -64.83 19.36 67.87
CA LEU TA 51 -64.90 18.22 66.97
C LEU TA 51 -65.55 17.00 67.62
N GLY TA 52 -66.10 17.15 68.83
CA GLY TA 52 -66.88 16.11 69.46
C GLY TA 52 -66.24 15.42 70.64
N TYR TA 53 -65.07 15.87 71.10
CA TYR TA 53 -64.38 15.19 72.18
C TYR TA 53 -65.09 15.43 73.50
N ARG TA 54 -65.14 14.38 74.32
CA ARG TA 54 -65.74 14.43 75.65
C ARG TA 54 -64.80 13.73 76.61
N ASN TA 55 -64.60 14.33 77.78
CA ASN TA 55 -63.72 13.74 78.78
C ASN TA 55 -64.46 12.60 79.49
N LYS TA 56 -64.43 11.44 78.85
CA LYS TA 56 -65.10 10.26 79.34
C LYS TA 56 -64.16 9.06 79.16
N GLU TA 57 -64.43 7.99 79.88
CA GLU TA 57 -63.60 6.80 79.72
C GLU TA 57 -63.98 6.06 78.46
N GLY TA 58 -62.98 5.66 77.70
CA GLY TA 58 -63.18 5.10 76.39
C GLY TA 58 -62.93 6.04 75.24
N VAL TA 59 -62.35 7.20 75.49
CA VAL TA 59 -61.98 8.16 74.46
C VAL TA 59 -60.48 8.37 74.52
N LEU TA 60 -59.78 7.97 73.46
CA LEU TA 60 -58.32 7.88 73.46
C LEU TA 60 -57.73 8.71 72.33
N CYS TA 61 -56.52 9.23 72.55
CA CYS TA 61 -55.87 10.14 71.62
C CYS TA 61 -54.49 9.62 71.24
N TYR TA 62 -54.16 9.69 69.95
CA TYR TA 62 -52.89 9.23 69.43
C TYR TA 62 -52.32 10.28 68.51
N ILE TA 63 -51.03 10.11 68.15
CA ILE TA 63 -50.32 11.05 67.29
C ILE TA 63 -49.47 10.28 66.29
N ALA TA 64 -49.60 10.62 65.00
CA ALA TA 64 -48.88 9.97 63.93
C ALA TA 64 -48.06 10.98 63.14
N ARG TA 65 -47.44 10.52 62.05
CA ARG TA 65 -46.60 11.38 61.21
C ARG TA 65 -46.63 10.94 59.75
N VAL TA 66 -46.47 11.92 58.85
CA VAL TA 66 -46.40 11.71 57.40
C VAL TA 66 -45.16 12.45 56.91
N LYS TA 67 -44.62 12.03 55.76
CA LYS TA 67 -43.30 12.45 55.30
C LYS TA 67 -43.29 13.69 54.40
N LYS TA 68 -44.44 14.30 54.14
CA LYS TA 68 -44.61 15.60 53.42
C LYS TA 68 -43.87 15.68 52.08
N GLY TA 69 -44.34 14.90 51.11
CA GLY TA 69 -43.87 15.04 49.75
C GLY TA 69 -44.72 14.22 48.80
N ASN TA 70 -44.43 14.35 47.52
CA ASN TA 70 -45.07 13.48 46.55
C ASN TA 70 -44.47 12.07 46.64
N ARG TA 71 -45.18 11.12 46.05
CA ARG TA 71 -44.75 9.72 46.05
C ARG TA 71 -44.42 9.32 44.62
N LYS TA 72 -43.26 8.70 44.45
CA LYS TA 72 -42.73 8.41 43.12
C LYS TA 72 -43.30 7.09 42.60
N ARG TA 73 -43.55 7.03 41.30
CA ARG TA 73 -43.94 5.77 40.68
C ARG TA 73 -42.75 4.86 40.59
N GLU TA 74 -43.00 3.55 40.59
CA GLU TA 74 -41.94 2.56 40.74
C GLU TA 74 -41.96 1.57 39.60
N TYR TA 75 -41.15 1.84 38.58
CA TYR TA 75 -40.87 0.89 37.51
C TYR TA 75 -39.38 0.62 37.49
N ASN TA 76 -38.96 -0.26 36.59
CA ASN TA 76 -37.60 -0.79 36.67
C ASN TA 76 -36.57 0.24 36.23
N ASN TA 77 -36.81 0.90 35.10
CA ASN TA 77 -35.84 1.85 34.58
C ASN TA 77 -36.51 3.08 34.00
N GLY TA 78 -37.74 3.37 34.40
CA GLY TA 78 -38.53 4.34 33.70
C GLY TA 78 -39.20 3.80 32.46
N ASN TA 79 -39.43 2.50 32.39
CA ASN TA 79 -40.08 1.87 31.25
C ASN TA 79 -41.51 1.51 31.64
N THR TA 80 -42.48 2.21 31.05
CA THR TA 80 -43.88 1.93 31.32
C THR TA 80 -44.52 1.05 30.26
N ARG TA 81 -43.79 0.77 29.17
CA ARG TA 81 -44.21 -0.12 28.08
C ARG TA 81 -45.54 0.33 27.47
N GLY TA 82 -45.51 1.51 26.87
CA GLY TA 82 -46.72 2.05 26.27
C GLY TA 82 -46.37 3.25 25.42
N LYS TA 83 -47.37 4.09 25.19
CA LYS TA 83 -47.16 5.27 24.38
C LYS TA 83 -46.44 6.35 25.18
N CYS TA 84 -46.11 7.44 24.50
CA CYS TA 84 -45.42 8.54 25.16
C CYS TA 84 -46.37 9.56 25.75
N LYS TA 85 -47.69 9.33 25.68
CA LYS TA 85 -48.62 10.26 26.29
C LYS TA 85 -48.55 10.20 27.80
N ASN TA 86 -48.32 9.01 28.35
CA ASN TA 86 -48.28 8.81 29.79
C ASN TA 86 -46.99 8.06 30.13
N ALA TA 87 -45.93 8.83 30.31
CA ALA TA 87 -44.66 8.31 30.78
C ALA TA 87 -44.04 9.18 31.85
N ARG TA 88 -44.78 10.13 32.40
CA ARG TA 88 -44.25 10.98 33.45
C ARG TA 88 -44.17 10.18 34.74
N ILE TA 89 -43.16 10.48 35.56
CA ILE TA 89 -42.87 9.76 36.79
C ILE TA 89 -42.89 10.68 38.00
N HIS TA 90 -42.26 11.85 37.90
CA HIS TA 90 -41.93 12.61 39.10
C HIS TA 90 -43.10 13.45 39.60
N GLN TA 91 -43.59 14.38 38.78
CA GLN TA 91 -44.53 15.40 39.24
C GLN TA 91 -45.95 14.84 39.20
N ILE TA 92 -46.31 14.05 40.20
CA ILE TA 92 -47.66 13.50 40.33
C ILE TA 92 -48.10 13.66 41.77
N THR TA 93 -49.26 14.29 41.97
CA THR TA 93 -49.79 14.66 43.27
C THR TA 93 -50.81 13.63 43.77
N PRO TA 94 -50.87 13.38 45.08
CA PRO TA 94 -51.76 12.33 45.58
C PRO TA 94 -53.22 12.76 45.57
N ALA TA 95 -54.10 11.78 45.75
CA ALA TA 95 -55.53 12.02 45.59
C ALA TA 95 -56.14 12.67 46.83
N VAL TA 96 -55.76 12.21 48.01
CA VAL TA 96 -56.33 12.70 49.26
C VAL TA 96 -55.28 13.51 50.01
N ARG TA 97 -55.73 14.25 51.01
CA ARG TA 97 -54.84 15.09 51.79
C ARG TA 97 -53.99 14.26 52.72
N HIS TA 98 -53.01 14.91 53.35
CA HIS TA 98 -52.12 14.20 54.27
C HIS TA 98 -52.79 13.99 55.63
N GLN TA 99 -53.91 14.65 55.87
CA GLN TA 99 -54.69 14.34 57.06
C GLN TA 99 -55.35 12.97 56.91
N ALA TA 100 -55.70 12.60 55.69
CA ALA TA 100 -56.39 11.32 55.48
C ALA TA 100 -55.43 10.15 55.62
N THR TA 101 -54.20 10.31 55.17
CA THR TA 101 -53.25 9.20 55.24
C THR TA 101 -52.77 8.98 56.67
N ALA TA 102 -52.90 10.00 57.52
CA ALA TA 102 -52.60 9.82 58.93
C ALA TA 102 -53.63 8.94 59.62
N GLU TA 103 -54.87 8.97 59.14
CA GLU TA 103 -55.91 8.17 59.77
C GLU TA 103 -55.81 6.71 59.38
N GLN TA 104 -55.31 6.43 58.17
CA GLN TA 104 -55.25 5.05 57.71
C GLN TA 104 -54.13 4.29 58.39
N ILE TA 105 -53.11 5.00 58.88
CA ILE TA 105 -52.02 4.35 59.59
C ILE TA 105 -52.45 3.94 60.99
N VAL TA 106 -53.09 4.87 61.71
CA VAL TA 106 -53.49 4.59 63.09
C VAL TA 106 -54.71 3.67 63.10
N GLY TA 107 -55.54 3.74 62.08
CA GLY TA 107 -56.72 2.88 62.04
C GLY TA 107 -56.38 1.44 61.73
N LYS TA 108 -55.27 1.22 61.02
CA LYS TA 108 -54.88 -0.14 60.67
C LYS TA 108 -54.15 -0.82 61.82
N ARG TA 109 -53.36 -0.06 62.59
CA ARG TA 109 -52.60 -0.64 63.69
C ARG TA 109 -53.51 -1.05 64.84
N HIS TA 110 -54.57 -0.27 65.09
CA HIS TA 110 -55.56 -0.60 66.10
C HIS TA 110 -56.84 -1.05 65.42
N PRO TA 111 -57.08 -2.35 65.28
CA PRO TA 111 -58.38 -2.80 64.77
C PRO TA 111 -59.44 -2.85 65.84
N ASN TA 112 -59.12 -2.41 67.06
CA ASN TA 112 -60.07 -2.47 68.16
C ASN TA 112 -61.09 -1.34 68.09
N LEU TA 113 -60.68 -0.17 67.60
CA LEU TA 113 -61.42 1.06 67.81
C LEU TA 113 -61.91 1.63 66.48
N ARG TA 114 -62.61 2.77 66.59
CA ARG TA 114 -63.12 3.52 65.45
C ARG TA 114 -62.55 4.92 65.50
N VAL TA 115 -62.66 5.65 64.40
CA VAL TA 115 -62.03 6.96 64.30
C VAL TA 115 -63.11 8.05 64.25
N LEU TA 116 -62.77 9.25 64.76
CA LEU TA 116 -63.65 10.41 64.67
C LEU TA 116 -63.09 11.52 63.80
N ASN TA 117 -61.92 12.07 64.16
CA ASN TA 117 -61.46 13.31 63.56
C ASN TA 117 -59.97 13.47 63.81
N SER TA 118 -59.39 14.51 63.22
CA SER TA 118 -57.95 14.75 63.33
C SER TA 118 -57.66 16.21 63.00
N TYR TA 119 -56.49 16.67 63.41
CA TYR TA 119 -56.07 18.04 63.13
C TYR TA 119 -54.56 18.15 63.18
N TRP TA 120 -54.08 19.35 62.83
CA TRP TA 120 -52.65 19.61 62.67
C TRP TA 120 -52.03 19.99 64.00
N VAL TA 121 -50.77 19.62 64.21
CA VAL TA 121 -50.07 19.90 65.47
C VAL TA 121 -48.84 20.77 65.25
N ASN TA 122 -47.84 20.26 64.53
CA ASN TA 122 -46.62 21.02 64.25
C ASN TA 122 -45.83 20.34 63.13
N GLN TA 123 -44.88 21.09 62.58
CA GLN TA 123 -44.14 20.69 61.40
C GLN TA 123 -42.65 20.59 61.71
N ASP TA 124 -41.93 19.96 60.77
CA ASP TA 124 -40.49 19.87 60.79
C ASP TA 124 -39.99 20.08 59.37
N LEU TA 125 -38.73 19.75 59.13
CA LEU TA 125 -38.22 19.77 57.76
C LEU TA 125 -38.67 18.53 56.99
N VAL TA 126 -38.81 17.41 57.70
CA VAL TA 126 -39.01 16.13 57.01
C VAL TA 126 -40.43 15.62 57.22
N TYR TA 127 -41.08 16.03 58.30
CA TYR TA 127 -42.34 15.40 58.70
C TYR TA 127 -43.44 16.41 58.95
N LYS TA 128 -44.66 15.88 59.01
CA LYS TA 128 -45.85 16.60 59.45
C LYS TA 128 -46.53 15.77 60.53
N TYR TA 129 -46.95 16.41 61.61
CA TYR TA 129 -47.47 15.70 62.77
C TYR TA 129 -48.96 15.96 62.91
N PHE TA 130 -49.74 14.90 63.15
CA PHE TA 130 -51.18 15.01 63.32
C PHE TA 130 -51.61 14.24 64.56
N GLU TA 131 -52.74 14.66 65.13
CA GLU TA 131 -53.31 14.02 66.31
C GLU TA 131 -54.67 13.45 65.95
N VAL TA 132 -54.88 12.16 66.26
CA VAL TA 132 -56.11 11.46 65.90
C VAL TA 132 -56.86 11.10 67.18
N ILE TA 133 -58.18 11.17 67.13
CA ILE TA 133 -59.05 10.87 68.26
C ILE TA 133 -59.84 9.61 67.96
N MET TA 134 -59.68 8.59 68.80
CA MET TA 134 -60.33 7.31 68.60
C MET TA 134 -61.13 6.90 69.83
N VAL TA 135 -62.23 6.18 69.60
CA VAL TA 135 -63.19 5.85 70.64
C VAL TA 135 -63.57 4.37 70.54
N ASP TA 136 -63.67 3.70 71.69
CA ASP TA 136 -64.01 2.29 71.77
C ASP TA 136 -65.50 2.13 71.53
N PRO TA 137 -65.93 1.23 70.64
CA PRO TA 137 -67.37 0.96 70.53
C PRO TA 137 -67.87 -0.03 71.56
N PHE TA 138 -67.02 -0.95 72.03
CA PHE TA 138 -67.54 -2.03 72.87
C PHE TA 138 -67.43 -1.73 74.36
N HIS TA 139 -67.18 -0.48 74.73
CA HIS TA 139 -67.24 -0.12 76.13
C HIS TA 139 -68.69 0.11 76.54
N ASN TA 140 -69.00 -0.20 77.79
CA ASN TA 140 -70.40 -0.16 78.22
C ASN TA 140 -70.82 1.28 78.54
N ALA TA 141 -69.84 2.17 78.71
CA ALA TA 141 -70.16 3.56 79.01
C ALA TA 141 -70.54 4.32 77.75
N ILE TA 142 -70.10 3.85 76.59
CA ILE TA 142 -70.39 4.55 75.34
C ILE TA 142 -71.52 3.84 74.60
N ARG TA 143 -71.87 2.64 75.04
CA ARG TA 143 -72.99 1.93 74.43
C ARG TA 143 -74.32 2.40 75.02
N ASN TA 144 -74.28 3.22 76.07
CA ASN TA 144 -75.50 3.50 76.82
C ASN TA 144 -76.00 4.92 76.63
N ASP TA 145 -75.10 5.86 76.40
CA ASP TA 145 -75.53 7.25 76.27
C ASP TA 145 -76.10 7.50 74.87
N PRO TA 146 -77.10 8.37 74.76
CA PRO TA 146 -77.65 8.65 73.43
C PRO TA 146 -76.78 9.57 72.60
N LYS TA 147 -75.76 10.18 73.20
CA LYS TA 147 -75.02 11.21 72.48
C LYS TA 147 -74.04 10.60 71.48
N LEU TA 148 -73.45 9.45 71.81
CA LEU TA 148 -72.56 8.74 70.91
C LEU TA 148 -73.06 7.34 70.58
N ASN TA 149 -74.37 7.12 70.57
CA ASN TA 149 -74.89 5.78 70.36
C ASN TA 149 -74.90 5.42 68.88
N TRP TA 150 -74.55 6.36 68.01
CA TRP TA 150 -74.61 6.11 66.58
C TRP TA 150 -73.41 5.34 66.09
N ILE TA 151 -72.28 5.41 66.80
CA ILE TA 151 -71.03 4.84 66.31
C ILE TA 151 -70.95 3.33 66.50
N CYS TA 152 -71.89 2.73 67.22
CA CYS TA 152 -71.90 1.29 67.41
C CYS TA 152 -72.72 0.56 66.35
N LYS TA 153 -73.03 1.21 65.23
CA LYS TA 153 -73.80 0.57 64.18
C LYS TA 153 -72.91 -0.35 63.35
N GLY TA 154 -73.54 -1.02 62.38
CA GLY TA 154 -72.79 -1.89 61.51
C GLY TA 154 -72.10 -1.15 60.38
N VAL TA 155 -72.70 -0.05 59.91
CA VAL TA 155 -72.16 0.63 58.74
C VAL TA 155 -71.04 1.58 59.08
N MET TA 156 -70.71 1.75 60.36
CA MET TA 156 -69.66 2.68 60.75
C MET TA 156 -68.31 2.02 60.94
N LYS TA 157 -68.16 0.76 60.56
CA LYS TA 157 -66.85 0.12 60.61
C LYS TA 157 -65.96 0.67 59.51
N HIS TA 158 -64.78 1.15 59.91
CA HIS TA 158 -63.70 1.57 59.01
C HIS TA 158 -64.14 2.69 58.07
N ARG TA 159 -64.41 3.86 58.65
CA ARG TA 159 -64.88 4.97 57.82
C ARG TA 159 -63.76 5.59 57.01
N GLU TA 160 -62.50 5.23 57.29
CA GLU TA 160 -61.40 5.83 56.56
C GLU TA 160 -61.22 5.18 55.18
N CYS TA 161 -61.48 3.88 55.07
CA CYS TA 161 -61.19 3.17 53.84
C CYS TA 161 -62.24 3.45 52.77
N ARG TA 162 -63.37 4.00 53.17
CA ARG TA 162 -64.43 4.34 52.23
C ARG TA 162 -64.57 5.83 52.00
N GLY TA 163 -63.87 6.65 52.77
CA GLY TA 163 -63.92 8.09 52.56
C GLY TA 163 -65.17 8.75 53.08
N LEU TA 164 -65.44 8.61 54.38
CA LEU TA 164 -66.62 9.20 54.99
C LEU TA 164 -66.29 10.19 56.09
N THR TA 165 -65.04 10.23 56.55
CA THR TA 165 -64.64 11.22 57.53
C THR TA 165 -64.53 12.59 56.88
N SER TA 166 -64.56 13.63 57.71
CA SER TA 166 -64.63 14.99 57.20
C SER TA 166 -63.30 15.44 56.60
N ALA TA 167 -62.21 14.73 56.90
CA ALA TA 167 -60.92 15.09 56.34
C ALA TA 167 -60.82 14.68 54.89
N SER TA 168 -61.32 13.49 54.55
CA SER TA 168 -61.18 12.98 53.20
C SER TA 168 -62.47 13.15 52.39
N LYS TA 169 -63.51 13.72 52.99
CA LYS TA 169 -64.74 13.91 52.24
C LYS TA 169 -64.63 15.07 51.26
N LYS TA 170 -63.71 15.99 51.51
CA LYS TA 170 -63.62 17.20 50.71
C LYS TA 170 -63.09 16.91 49.31
N SER TA 171 -62.32 15.84 49.16
CA SER TA 171 -61.68 15.57 47.88
C SER TA 171 -62.65 14.93 46.88
N ARG TA 172 -63.85 14.57 47.32
CA ARG TA 172 -64.82 14.00 46.40
C ARG TA 172 -65.63 15.06 45.67
N GLY TA 173 -65.73 16.27 46.22
CA GLY TA 173 -66.34 17.36 45.49
C GLY TA 173 -67.86 17.35 45.47
N LEU TA 174 -68.49 17.50 46.63
CA LEU TA 174 -69.94 17.50 46.70
C LEU TA 174 -70.46 18.88 47.11
N GLY TA 175 -71.66 19.20 46.65
CA GLY TA 175 -72.27 20.47 47.02
C GLY TA 175 -73.50 20.73 46.18
N HIS TA 176 -74.07 21.92 46.37
CA HIS TA 176 -75.25 22.35 45.64
C HIS TA 176 -74.83 23.30 44.53
N GLY TA 177 -75.61 23.35 43.47
CA GLY TA 177 -75.46 24.37 42.44
C GLY TA 177 -74.96 23.80 41.12
N ILE TA 178 -74.66 24.73 40.21
CA ILE TA 178 -74.24 24.35 38.87
C ILE TA 178 -72.74 24.14 38.80
N LYS TA 179 -72.01 24.52 39.84
CA LYS TA 179 -70.57 24.31 39.82
C LYS TA 179 -70.24 22.86 40.09
N TYR TA 180 -71.09 22.18 40.85
CA TYR TA 180 -70.94 20.74 41.06
C TYR TA 180 -71.88 19.94 40.16
N ASN TA 181 -71.74 20.11 38.84
CA ASN TA 181 -72.58 19.36 37.92
C ASN TA 181 -72.16 17.90 37.84
N ASN TA 182 -70.88 17.63 37.98
CA ASN TA 182 -70.47 16.26 38.23
C ASN TA 182 -70.88 15.87 39.64
N THR TA 183 -70.92 14.55 39.88
CA THR TA 183 -71.47 13.95 41.10
C THR TA 183 -72.88 14.44 41.38
N ILE TA 184 -73.74 14.39 40.35
CA ILE TA 184 -75.10 14.88 40.53
C ILE TA 184 -75.97 13.80 41.17
N GLY TA 185 -75.50 12.56 41.17
CA GLY TA 185 -76.13 11.55 41.99
C GLY TA 185 -75.12 10.72 42.74
N GLY TA 186 -75.07 10.85 44.06
CA GLY TA 186 -74.16 10.04 44.85
C GLY TA 186 -72.70 10.38 44.61
N SER TA 187 -72.01 9.46 43.95
CA SER TA 187 -70.57 9.54 43.73
C SER TA 187 -70.24 9.99 42.31
N VAL TA 188 -68.96 9.92 41.97
CA VAL TA 188 -68.53 10.24 40.61
C VAL TA 188 -68.96 9.16 39.65
N ARG TA 189 -68.74 7.89 40.02
CA ARG TA 189 -69.00 6.79 39.10
C ARG TA 189 -70.49 6.54 38.94
N ALA TA 190 -71.29 6.92 39.93
CA ALA TA 190 -72.74 6.73 39.80
C ALA TA 190 -73.33 7.75 38.83
N CYS TA 191 -72.72 8.93 38.72
CA CYS TA 191 -73.22 9.93 37.78
C CYS TA 191 -72.87 9.55 36.35
N TRP TA 192 -71.76 8.86 36.14
CA TRP TA 192 -71.36 8.52 34.78
C TRP TA 192 -72.20 7.38 34.23
N LYS TA 193 -72.54 6.41 35.06
CA LYS TA 193 -73.18 5.19 34.56
C LYS TA 193 -74.60 5.45 34.09
N ARG TA 194 -75.32 6.35 34.76
CA ARG TA 194 -76.71 6.58 34.38
C ARG TA 194 -76.81 7.52 33.19
N ASN TA 195 -75.72 8.18 32.82
CA ASN TA 195 -75.78 9.13 31.71
C ASN TA 195 -75.50 8.43 30.38
N VAL TA 196 -74.68 7.38 30.40
CA VAL TA 196 -74.30 6.74 29.15
C VAL TA 196 -75.37 5.77 28.67
N THR TA 197 -76.03 5.07 29.58
CA THR TA 197 -76.95 4.00 29.20
C THR TA 197 -78.23 4.55 28.58
N THR TA 198 -78.57 4.04 27.41
CA THR TA 198 -79.77 4.42 26.68
C THR TA 198 -80.94 3.61 27.19
N SER TA 199 -82.12 4.22 27.21
CA SER TA 199 -83.31 3.58 27.74
C SER TA 199 -84.16 3.03 26.58
N LEU TA 200 -84.53 1.76 26.70
CA LEU TA 200 -85.38 1.10 25.72
C LEU TA 200 -86.73 0.81 26.38
N ARG TA 201 -87.73 1.64 26.11
CA ARG TA 201 -89.03 1.42 26.69
C ARG TA 201 -89.82 0.39 25.88
N ARG TA 202 -91.04 0.13 26.31
CA ARG TA 202 -91.81 -0.98 25.75
C ARG TA 202 -92.41 -0.63 24.41
N PHE TA 203 -93.18 0.46 24.36
CA PHE TA 203 -93.92 0.78 23.15
C PHE TA 203 -93.05 1.51 22.14
N ARG TA 204 -92.16 2.37 22.62
CA ARG TA 204 -91.28 3.24 21.82
C ARG TA 204 -92.05 4.09 20.82
N ALA UA 2 65.76 -8.91 39.03
CA ALA UA 2 66.62 -9.79 39.81
C ALA UA 2 65.82 -10.47 40.90
N LYS UA 3 64.76 -9.80 41.36
CA LYS UA 3 63.87 -10.41 42.32
C LYS UA 3 62.97 -11.43 41.62
N MET UA 4 62.21 -12.19 42.43
CA MET UA 4 61.38 -13.24 41.86
C MET UA 4 60.11 -12.67 41.25
N HIS UA 5 59.35 -11.90 42.01
CA HIS UA 5 58.05 -11.42 41.55
C HIS UA 5 57.94 -9.91 41.57
N SER UA 6 59.06 -9.20 41.55
CA SER UA 6 59.04 -7.75 41.40
C SER UA 6 60.34 -7.30 40.76
N SER UA 7 60.42 -6.01 40.47
CA SER UA 7 61.57 -5.44 39.77
C SER UA 7 62.38 -4.61 40.77
N GLY UA 8 63.34 -5.26 41.39
CA GLY UA 8 64.26 -4.57 42.29
C GLY UA 8 65.66 -5.11 42.14
N ARG UA 9 66.63 -4.25 42.38
CA ARG UA 9 68.05 -4.60 42.30
C ARG UA 9 68.81 -4.17 43.53
N GLY UA 10 68.18 -4.30 44.70
CA GLY UA 10 68.81 -3.83 45.92
C GLY UA 10 69.90 -4.79 46.38
N ILE UA 11 70.91 -4.23 47.03
CA ILE UA 11 71.97 -5.03 47.65
C ILE UA 11 72.17 -4.60 49.10
N SER UA 12 71.43 -5.22 50.01
CA SER UA 12 71.54 -4.93 51.44
C SER UA 12 71.48 -6.25 52.18
N THR UA 13 72.65 -6.82 52.46
CA THR UA 13 72.74 -8.17 53.01
C THR UA 13 73.53 -8.11 54.30
N SER UA 14 73.90 -9.29 54.79
CA SER UA 14 74.68 -9.44 56.00
C SER UA 14 75.76 -10.49 55.78
N MET UA 15 76.99 -10.19 56.21
CA MET UA 15 78.15 -11.02 55.91
C MET UA 15 78.71 -11.61 57.18
N LYS UA 16 78.94 -12.92 57.18
CA LYS UA 16 79.57 -13.60 58.29
C LYS UA 16 81.08 -13.63 58.09
N PRO UA 17 81.86 -13.60 59.16
CA PRO UA 17 83.31 -13.44 59.02
C PRO UA 17 84.00 -14.68 58.48
N PHE UA 18 85.27 -14.48 58.15
CA PHE UA 18 86.14 -15.53 57.65
C PHE UA 18 86.80 -16.25 58.82
N SER UA 19 86.60 -17.57 58.89
CA SER UA 19 87.29 -18.49 59.80
C SER UA 19 87.08 -18.11 61.28
N THR UA 20 85.82 -18.19 61.69
CA THR UA 20 85.45 -17.86 63.07
C THR UA 20 85.91 -18.94 64.04
N MET UA 21 86.58 -18.52 65.11
CA MET UA 21 87.08 -19.43 66.14
C MET UA 21 86.20 -19.32 67.38
N PHE UA 22 86.63 -19.98 68.45
CA PHE UA 22 85.79 -20.14 69.63
C PHE UA 22 85.71 -18.83 70.41
N PRO UA 23 84.51 -18.35 70.74
CA PRO UA 23 84.38 -17.12 71.53
C PRO UA 23 84.72 -17.33 72.99
N THR UA 24 85.42 -16.38 73.60
CA THR UA 24 85.86 -16.50 74.98
C THR UA 24 85.18 -15.53 75.93
N TRP UA 25 84.44 -14.56 75.40
CA TRP UA 25 83.84 -13.51 76.20
C TRP UA 25 82.45 -13.84 76.70
N ILE UA 26 82.06 -15.11 76.69
CA ILE UA 26 80.75 -15.49 77.19
C ILE UA 26 80.81 -15.57 78.72
N ASP UA 27 79.69 -15.25 79.37
CA ASP UA 27 79.59 -15.31 80.83
C ASP UA 27 78.76 -16.48 81.33
N VAL UA 28 77.89 -17.04 80.49
CA VAL UA 28 77.07 -18.20 80.84
C VAL UA 28 77.78 -19.43 80.28
N SER UA 29 77.75 -20.53 81.04
CA SER UA 29 78.47 -21.72 80.61
C SER UA 29 77.75 -22.40 79.45
N VAL UA 30 78.44 -23.35 78.82
CA VAL UA 30 77.98 -23.94 77.57
C VAL UA 30 76.80 -24.87 77.82
N ASP UA 31 76.76 -25.54 78.97
CA ASP UA 31 75.71 -26.52 79.21
C ASP UA 31 74.39 -25.84 79.54
N GLU UA 32 74.44 -24.59 79.98
CA GLU UA 32 73.20 -23.85 80.20
C GLU UA 32 72.65 -23.31 78.88
N ILE UA 33 73.54 -23.04 77.92
CA ILE UA 33 73.07 -22.47 76.65
C ILE UA 33 72.51 -23.57 75.77
N LYS UA 34 72.80 -24.83 76.09
CA LYS UA 34 72.13 -25.93 75.42
C LYS UA 34 70.78 -26.24 76.06
N ALA UA 35 70.58 -25.76 77.29
CA ALA UA 35 69.36 -26.10 78.02
C ALA UA 35 68.17 -25.28 77.53
N ASP UA 36 68.38 -23.99 77.31
CA ASP UA 36 67.25 -23.11 77.00
C ASP UA 36 66.83 -23.23 75.54
N VAL UA 37 67.75 -23.63 74.66
CA VAL UA 37 67.41 -23.71 73.24
C VAL UA 37 66.50 -24.90 72.98
N LEU UA 38 66.54 -25.92 73.84
CA LEU UA 38 65.56 -26.99 73.72
C LEU UA 38 64.24 -26.57 74.35
N LYS UA 39 64.28 -25.61 75.27
CA LYS UA 39 63.03 -25.08 75.83
C LYS UA 39 62.31 -24.23 74.81
N MET UA 40 63.06 -23.56 73.93
CA MET UA 40 62.44 -22.69 72.93
C MET UA 40 61.83 -23.52 71.81
N ASN UA 41 62.54 -24.56 71.35
CA ASN UA 41 62.08 -25.34 70.20
C ASN UA 41 60.88 -26.20 70.58
N THR UA 42 60.88 -26.77 71.78
CA THR UA 42 59.74 -27.57 72.20
C THR UA 42 58.53 -26.71 72.52
N LYS UA 43 58.75 -25.42 72.84
CA LYS UA 43 57.61 -24.55 73.09
C LYS UA 43 56.95 -24.12 71.78
N GLY UA 44 57.74 -23.91 70.73
CA GLY UA 44 57.19 -23.69 69.41
C GLY UA 44 57.65 -22.44 68.68
N VAL UA 45 58.74 -21.79 69.09
CA VAL UA 45 59.22 -20.62 68.35
C VAL UA 45 60.09 -21.10 67.19
N SER UA 46 60.22 -20.26 66.17
CA SER UA 46 60.93 -20.65 64.95
C SER UA 46 62.44 -20.74 65.19
N SER UA 47 63.11 -21.40 64.25
CA SER UA 47 64.56 -21.54 64.36
C SER UA 47 65.27 -20.25 63.95
N ALA UA 48 64.60 -19.43 63.13
CA ALA UA 48 65.17 -18.14 62.77
C ALA UA 48 65.07 -17.16 63.94
N GLU UA 49 64.06 -17.32 64.79
CA GLU UA 49 63.92 -16.45 65.95
C GLU UA 49 64.92 -16.81 67.03
N ILE UA 50 65.39 -18.06 67.03
CA ILE UA 50 66.33 -18.52 68.05
C ILE UA 50 67.69 -17.86 67.86
N GLY UA 51 68.14 -17.78 66.62
CA GLY UA 51 69.44 -17.17 66.36
C GLY UA 51 69.45 -15.68 66.56
N ASN UA 52 68.28 -15.04 66.53
CA ASN UA 52 68.20 -13.63 66.85
C ASN UA 52 68.43 -13.39 68.33
N LYS UA 53 67.77 -14.18 69.19
CA LYS UA 53 67.89 -14.01 70.62
C LYS UA 53 69.24 -14.48 71.12
N LEU UA 54 69.80 -15.52 70.50
CA LEU UA 54 71.07 -16.09 70.95
C LEU UA 54 72.23 -15.13 70.67
N ARG UA 55 72.06 -14.24 69.70
CA ARG UA 55 73.07 -13.23 69.45
C ARG UA 55 72.95 -12.07 70.42
N ASP UA 56 71.73 -11.68 70.77
CA ASP UA 56 71.51 -10.43 71.50
C ASP UA 56 71.86 -10.57 72.97
N VAL UA 57 71.15 -11.45 73.69
CA VAL UA 57 71.20 -11.42 75.14
C VAL UA 57 72.28 -12.33 75.70
N TYR UA 58 72.87 -13.21 74.89
CA TYR UA 58 73.82 -14.17 75.44
C TYR UA 58 75.25 -13.84 75.03
N GLY UA 59 75.45 -13.32 73.83
CA GLY UA 59 76.75 -12.82 73.43
C GLY UA 59 77.52 -13.69 72.46
N VAL UA 60 76.89 -14.66 71.81
CA VAL UA 60 77.54 -15.46 70.79
C VAL UA 60 76.78 -15.29 69.48
N GLY UA 61 77.51 -14.91 68.42
CA GLY UA 61 76.90 -14.55 67.16
C GLY UA 61 76.62 -15.71 66.24
N ASP UA 62 77.61 -16.54 65.99
CA ASP UA 62 77.48 -17.68 65.09
C ASP UA 62 77.22 -18.94 65.90
N CYS UA 63 76.14 -19.65 65.55
CA CYS UA 63 75.72 -20.82 66.31
C CYS UA 63 76.45 -22.09 65.91
N LYS UA 64 77.45 -22.00 65.03
CA LYS UA 64 78.14 -23.20 64.57
C LYS UA 64 79.32 -23.54 65.47
N THR UA 65 79.73 -22.63 66.35
CA THR UA 65 81.02 -22.76 67.01
C THR UA 65 80.87 -23.32 68.42
N ILE UA 66 79.78 -22.98 69.11
CA ILE UA 66 79.57 -23.51 70.45
C ILE UA 66 79.19 -24.98 70.40
N PHE UA 67 78.60 -25.42 69.29
CA PHE UA 67 78.38 -26.82 69.07
C PHE UA 67 79.61 -27.43 68.41
N ASP UA 68 79.52 -28.71 68.04
CA ASP UA 68 80.68 -29.46 67.57
C ASP UA 68 80.78 -29.38 66.05
N GLY UA 69 80.66 -28.15 65.54
CA GLY UA 69 80.65 -27.94 64.10
C GLY UA 69 79.40 -28.42 63.41
N LEU UA 70 78.26 -28.36 64.08
CA LEU UA 70 76.99 -28.78 63.52
C LEU UA 70 76.10 -27.57 63.32
N SER UA 71 75.33 -27.57 62.23
CA SER UA 71 74.35 -26.52 62.03
C SER UA 71 73.17 -26.71 62.98
N LEU UA 72 72.37 -25.64 63.10
CA LEU UA 72 71.33 -25.60 64.12
C LEU UA 72 70.20 -26.59 63.84
N SER UA 73 69.79 -26.69 62.58
CA SER UA 73 68.76 -27.67 62.24
C SER UA 73 69.31 -29.08 62.26
N ARG UA 74 70.63 -29.23 62.07
CA ARG UA 74 71.24 -30.55 62.15
C ARG UA 74 71.49 -30.94 63.60
N PHE UA 75 71.76 -29.95 64.45
CA PHE UA 75 72.08 -30.24 65.86
C PHE UA 75 70.84 -30.70 66.61
N LEU UA 76 69.65 -30.21 66.22
CA LEU UA 76 68.42 -30.59 66.90
C LEU UA 76 68.06 -32.04 66.63
N GLU UA 77 68.51 -32.60 65.49
CA GLU UA 77 68.13 -33.95 65.12
C GLU UA 77 68.80 -34.98 66.00
N LYS UA 78 69.99 -34.66 66.52
CA LYS UA 78 70.74 -35.62 67.32
C LYS UA 78 70.07 -35.91 68.66
N GLU UA 79 69.23 -35.00 69.13
CA GLU UA 79 68.52 -35.17 70.38
C GLU UA 79 67.02 -35.39 70.20
N GLY UA 80 66.61 -36.08 69.13
CA GLY UA 80 65.24 -36.49 68.96
C GLY UA 80 64.32 -35.45 68.37
N ASN UA 81 64.65 -34.16 68.48
CA ASN UA 81 63.82 -33.10 67.92
C ASN UA 81 64.14 -32.95 66.44
N PHE UA 82 63.52 -33.79 65.63
CA PHE UA 82 63.68 -33.75 64.19
C PHE UA 82 62.58 -32.90 63.59
N ILE UA 83 62.93 -32.10 62.59
CA ILE UA 83 61.98 -31.22 61.91
C ILE UA 83 61.53 -31.94 60.64
N GLU UA 84 60.23 -32.23 60.56
CA GLU UA 84 59.72 -32.96 59.40
C GLU UA 84 59.61 -32.06 58.18
N ILE UA 85 58.77 -31.06 58.25
CA ILE UA 85 58.59 -30.08 57.18
C ILE UA 85 59.42 -28.86 57.51
N PRO UA 86 60.28 -28.39 56.61
CA PRO UA 86 61.13 -27.24 56.92
C PRO UA 86 60.34 -25.95 57.06
N GLU UA 87 61.02 -24.92 57.58
CA GLU UA 87 60.30 -23.76 58.10
C GLU UA 87 59.81 -22.85 57.00
N ASP UA 88 60.42 -22.90 55.81
CA ASP UA 88 60.01 -21.99 54.74
C ASP UA 88 58.64 -22.36 54.19
N VAL UA 89 58.25 -23.62 54.33
CA VAL UA 89 56.91 -24.03 53.91
C VAL UA 89 55.88 -23.62 54.94
N LYS UA 90 56.23 -23.68 56.23
CA LYS UA 90 55.23 -23.52 57.27
C LYS UA 90 54.86 -22.05 57.48
N ASP UA 91 55.79 -21.14 57.22
CA ASP UA 91 55.45 -19.72 57.35
C ASP UA 91 54.64 -19.24 56.15
N LEU UA 92 54.78 -19.92 55.01
CA LEU UA 92 54.04 -19.50 53.83
C LEU UA 92 52.58 -19.94 53.92
N VAL UA 93 52.31 -21.10 54.52
CA VAL UA 93 50.93 -21.54 54.66
C VAL UA 93 50.21 -20.73 55.73
N LYS UA 94 50.95 -20.21 56.71
CA LYS UA 94 50.32 -19.36 57.71
C LYS UA 94 49.99 -17.99 57.14
N ARG UA 95 50.87 -17.47 56.29
CA ARG UA 95 50.61 -16.17 55.66
C ARG UA 95 49.48 -16.27 54.65
N ALA UA 96 49.30 -17.44 54.05
CA ALA UA 96 48.22 -17.63 53.09
C ALA UA 96 46.86 -17.69 53.78
N ASN UA 97 46.82 -18.13 55.03
CA ASN UA 97 45.54 -18.28 55.72
C ASN UA 97 45.00 -16.93 56.19
N ILE UA 98 45.85 -15.91 56.23
CA ILE UA 98 45.39 -14.58 56.62
C ILE UA 98 44.56 -13.96 55.51
N LEU UA 99 44.97 -14.17 54.26
CA LEU UA 99 44.28 -13.54 53.14
C LEU UA 99 42.94 -14.21 52.85
N ARG UA 100 42.88 -15.53 53.05
CA ARG UA 100 41.60 -16.24 52.88
C ARG UA 100 40.64 -15.86 53.99
N LYS UA 101 41.17 -15.51 55.17
CA LYS UA 101 40.34 -14.94 56.21
C LYS UA 101 39.84 -13.56 55.81
N HIS UA 102 40.65 -12.81 55.08
CA HIS UA 102 40.32 -11.42 54.74
C HIS UA 102 39.27 -11.35 53.64
N ILE UA 103 39.31 -12.29 52.69
CA ILE UA 103 38.42 -12.21 51.53
C ILE UA 103 37.00 -12.60 51.92
N ASN UA 104 36.85 -13.45 52.93
CA ASN UA 104 35.53 -13.89 53.35
C ASN UA 104 34.71 -12.77 53.97
N THR UA 105 35.38 -11.73 54.48
CA THR UA 105 34.66 -10.54 54.90
C THR UA 105 34.44 -9.58 53.74
N HIS UA 106 35.52 -9.17 53.07
CA HIS UA 106 35.47 -8.17 52.01
C HIS UA 106 35.58 -8.89 50.67
N SER UA 107 34.49 -8.85 49.90
CA SER UA 107 34.45 -9.58 48.64
C SER UA 107 34.90 -8.71 47.48
N ARG UA 108 34.64 -7.40 47.55
CA ARG UA 108 34.88 -6.54 46.39
C ARG UA 108 36.36 -6.23 46.22
N ASP UA 109 37.16 -6.48 47.25
CA ASP UA 109 38.59 -6.23 47.16
C ASP UA 109 39.25 -7.28 46.27
N LYS UA 110 39.54 -6.90 45.03
CA LYS UA 110 40.21 -7.79 44.11
C LYS UA 110 41.69 -7.48 43.97
N ASP UA 111 42.20 -6.46 44.65
CA ASP UA 111 43.65 -6.30 44.76
C ASP UA 111 44.25 -7.38 45.63
N SER UA 112 43.49 -7.87 46.61
CA SER UA 112 43.99 -8.92 47.48
C SER UA 112 43.93 -10.28 46.80
N LYS UA 113 42.99 -10.46 45.87
CA LYS UA 113 42.90 -11.71 45.13
C LYS UA 113 44.09 -11.88 44.20
N TYR UA 114 44.65 -10.78 43.72
CA TYR UA 114 45.88 -10.85 42.95
C TYR UA 114 47.05 -11.25 43.83
N ARG UA 115 47.02 -10.84 45.10
CA ARG UA 115 48.13 -11.15 46.00
C ARG UA 115 48.16 -12.61 46.41
N LEU UA 116 46.99 -13.27 46.36
CA LEU UA 116 46.94 -14.68 46.70
C LEU UA 116 47.61 -15.54 45.64
N GLY UA 117 47.53 -15.13 44.37
CA GLY UA 117 48.09 -15.94 43.31
C GLY UA 117 49.60 -15.96 43.31
N LEU UA 118 50.21 -14.87 43.78
CA LEU UA 118 51.67 -14.79 43.75
C LEU UA 118 52.29 -15.62 44.85
N ILE UA 119 51.62 -15.73 46.00
CA ILE UA 119 52.22 -16.41 47.13
C ILE UA 119 52.00 -17.91 47.03
N ILE UA 120 50.86 -18.33 46.49
CA ILE UA 120 50.58 -19.76 46.31
C ILE UA 120 51.47 -20.33 45.21
N SER UA 121 51.71 -19.55 44.16
CA SER UA 121 52.66 -19.97 43.14
C SER UA 121 54.08 -19.97 43.66
N ARG UA 122 54.38 -19.14 44.65
CA ARG UA 122 55.68 -19.19 45.30
C ARG UA 122 55.78 -20.40 46.22
N LEU UA 123 54.64 -20.89 46.69
CA LEU UA 123 54.64 -22.07 47.55
C LEU UA 123 54.93 -23.34 46.74
N ASN UA 124 54.28 -23.48 45.58
CA ASN UA 124 54.34 -24.73 44.83
C ASN UA 124 55.69 -24.94 44.18
N ARG UA 125 56.46 -23.87 43.99
CA ARG UA 125 57.79 -24.04 43.39
C ARG UA 125 58.77 -24.61 44.41
N CYS UA 126 58.47 -24.46 45.70
CA CYS UA 126 59.35 -25.02 46.73
C CYS UA 126 58.98 -26.46 47.05
N VAL UA 127 57.68 -26.78 46.99
CA VAL UA 127 57.23 -28.12 47.34
C VAL UA 127 57.60 -29.11 46.24
N LYS UA 128 57.49 -28.67 44.98
CA LYS UA 128 57.77 -29.55 43.86
C LYS UA 128 59.25 -29.92 43.79
N HIS UA 129 60.13 -29.02 44.23
CA HIS UA 129 61.54 -29.35 44.30
C HIS UA 129 61.85 -30.25 45.48
N TYR UA 130 61.11 -30.11 46.58
CA TYR UA 130 61.36 -30.93 47.76
C TYR UA 130 60.98 -32.39 47.52
N LYS UA 131 59.95 -32.64 46.71
CA LYS UA 131 59.56 -34.02 46.44
C LYS UA 131 60.56 -34.70 45.51
N LYS UA 132 61.37 -33.92 44.80
CA LYS UA 132 62.47 -34.50 44.05
C LYS UA 132 63.57 -34.98 44.99
N LYS UA 133 63.82 -34.25 46.07
CA LYS UA 133 64.89 -34.57 46.99
C LYS UA 133 64.48 -35.59 48.05
N LEU UA 134 63.21 -36.03 48.03
CA LEU UA 134 62.63 -36.95 49.02
C LEU UA 134 62.75 -36.41 50.44
N ARG UA 135 62.45 -35.13 50.60
CA ARG UA 135 62.43 -34.48 51.90
C ARG UA 135 61.10 -34.62 52.62
N ILE UA 136 59.99 -34.37 51.92
CA ILE UA 136 58.64 -34.50 52.46
C ILE UA 136 58.12 -35.82 51.92
N PRO UA 137 57.21 -36.52 52.60
CA PRO UA 137 56.55 -37.67 51.98
C PRO UA 137 55.73 -37.26 50.77
N SER UA 138 55.59 -38.21 49.84
CA SER UA 138 55.07 -37.88 48.50
C SER UA 138 53.60 -37.53 48.54
N THR UA 139 52.84 -38.12 49.46
CA THR UA 139 51.42 -37.79 49.59
C THR UA 139 51.25 -36.82 50.75
N TRP UA 140 51.61 -35.57 50.47
CA TRP UA 140 51.47 -34.48 51.43
C TRP UA 140 50.81 -33.29 50.77
N LYS UA 141 49.73 -32.82 51.37
CA LYS UA 141 49.03 -31.64 50.89
C LYS UA 141 48.91 -30.66 52.05
N PRO UA 142 49.13 -29.37 51.82
CA PRO UA 142 48.98 -28.41 52.92
C PRO UA 142 47.52 -28.15 53.23
N LYS UA 143 47.26 -27.85 54.49
CA LYS UA 143 45.90 -27.63 54.99
C LYS UA 143 45.54 -26.16 54.83
N LEU UA 144 44.58 -25.88 53.96
CA LEU UA 144 44.19 -24.51 53.63
C LEU UA 144 42.75 -24.27 54.05
N VAL UA 145 42.47 -23.02 54.41
CA VAL UA 145 41.10 -22.63 54.76
C VAL UA 145 40.25 -22.65 53.49
N GLU UA 146 38.99 -23.07 53.63
CA GLU UA 146 38.09 -23.08 52.49
C GLU UA 146 37.71 -21.67 52.08
N LEU UA 147 37.17 -21.53 50.87
CA LEU UA 147 36.61 -20.29 50.37
C LEU UA 147 35.13 -20.48 50.11
N ILE UA 148 34.31 -19.59 50.66
CA ILE UA 148 32.88 -19.68 50.47
C ILE UA 148 32.52 -19.03 49.15
N PHE VA 65 -80.47 -72.48 12.71
CA PHE VA 65 -81.44 -72.96 13.69
C PHE VA 65 -80.82 -72.95 15.09
N SER VA 66 -79.73 -73.68 15.26
CA SER VA 66 -79.06 -73.81 16.54
C SER VA 66 -77.56 -73.62 16.37
N SER VA 67 -76.94 -72.96 17.34
CA SER VA 67 -75.49 -72.85 17.42
C SER VA 67 -74.98 -73.82 18.46
N ASN VA 68 -73.76 -74.30 18.28
CA ASN VA 68 -73.19 -75.31 19.13
C ASN VA 68 -71.94 -74.78 19.82
N TYR VA 69 -71.40 -75.58 20.73
CA TYR VA 69 -70.17 -75.22 21.41
C TYR VA 69 -68.97 -75.46 20.50
N ALA VA 70 -68.07 -74.49 20.44
CA ALA VA 70 -66.91 -74.58 19.57
C ALA VA 70 -65.76 -73.77 20.17
N ASP VA 71 -64.55 -74.09 19.73
CA ASP VA 71 -63.37 -73.37 20.16
C ASP VA 71 -63.09 -72.13 19.32
N HIS VA 72 -63.81 -71.96 18.21
CA HIS VA 72 -63.69 -70.78 17.36
C HIS VA 72 -64.82 -69.78 17.58
N LYS VA 73 -65.57 -69.91 18.68
CA LYS VA 73 -66.68 -69.00 18.94
C LYS VA 73 -66.18 -67.73 19.59
N ILE VA 74 -67.07 -66.73 19.66
CA ILE VA 74 -66.70 -65.41 20.15
C ILE VA 74 -66.57 -65.41 21.68
N ASP VA 75 -66.03 -64.32 22.19
CA ASP VA 75 -65.81 -64.12 23.62
C ASP VA 75 -66.40 -62.80 24.06
N LEU VA 76 -66.85 -62.74 25.32
CA LEU VA 76 -67.37 -61.49 25.86
C LEU VA 76 -66.27 -60.65 26.47
N LEU VA 77 -65.13 -61.26 26.77
CA LEU VA 77 -63.99 -60.57 27.38
C LEU VA 77 -63.29 -59.66 26.38
N SER VA 78 -63.28 -60.05 25.10
CA SER VA 78 -62.60 -59.26 24.09
C SER VA 78 -63.39 -58.02 23.72
N VAL VA 79 -64.70 -58.04 23.97
CA VAL VA 79 -65.54 -56.89 23.62
C VAL VA 79 -65.33 -55.74 24.60
N GLU VA 80 -64.79 -56.03 25.78
CA GLU VA 80 -64.60 -54.98 26.79
C GLU VA 80 -63.43 -54.07 26.43
N ASN VA 81 -62.33 -54.64 25.96
CA ASN VA 81 -61.17 -53.83 25.63
C ASN VA 81 -61.22 -53.35 24.18
N LYS VA 82 -62.18 -53.85 23.40
CA LYS VA 82 -62.30 -53.42 22.01
C LYS VA 82 -62.81 -52.00 21.90
N ASP VA 83 -63.84 -51.65 22.68
CA ASP VA 83 -64.35 -50.29 22.68
C ASP VA 83 -63.41 -49.34 23.41
N PHE VA 84 -62.50 -49.89 24.22
CA PHE VA 84 -61.47 -49.06 24.85
C PHE VA 84 -60.41 -48.65 23.86
N PRO VA 85 -60.22 -49.44 22.80
CA PRO VA 85 -59.25 -49.13 21.76
C PRO VA 85 -59.86 -48.40 20.58
N LYS VA 86 -61.01 -47.75 20.77
CA LYS VA 86 -61.72 -47.07 19.69
C LYS VA 86 -61.95 -45.59 19.97
N LYS VA 87 -61.12 -44.97 20.81
CA LYS VA 87 -61.28 -43.55 21.13
C LYS VA 87 -59.91 -42.93 21.40
N GLN VA 88 -59.46 -42.08 20.49
CA GLN VA 88 -58.18 -41.40 20.62
C GLN VA 88 -58.25 -40.07 19.91
N LYS VA 89 -57.08 -39.48 19.69
CA LYS VA 89 -57.00 -38.22 18.95
C LYS VA 89 -56.87 -38.50 17.46
N LYS VA 90 -57.72 -37.86 16.66
CA LYS VA 90 -57.67 -38.07 15.22
C LYS VA 90 -56.62 -37.19 14.55
N VAL VA 91 -56.58 -35.91 14.93
CA VAL VA 91 -55.58 -34.98 14.43
C VAL VA 91 -54.85 -34.35 15.61
N LYS VA 92 -53.53 -34.25 15.49
CA LYS VA 92 -52.70 -33.76 16.58
C LYS VA 92 -51.56 -32.92 16.03
N ASP VA 93 -50.88 -32.22 16.92
CA ASP VA 93 -49.78 -31.33 16.55
C ASP VA 93 -48.42 -31.98 16.81
N ASN VA 101 -32.83 -27.83 -0.96
CA ASN VA 101 -32.91 -28.68 -2.14
C ASN VA 101 -34.33 -28.69 -2.69
N ARG VA 102 -34.93 -27.50 -2.74
CA ARG VA 102 -36.31 -27.37 -3.14
C ARG VA 102 -36.43 -27.11 -4.64
N ASP VA 103 -37.66 -26.91 -5.09
CA ASP VA 103 -37.93 -26.67 -6.50
C ASP VA 103 -37.60 -25.24 -6.89
N ARG VA 104 -36.78 -25.09 -7.94
CA ARG VA 104 -36.39 -23.82 -8.56
C ARG VA 104 -35.73 -22.87 -7.56
N ASP VA 105 -34.58 -23.31 -7.05
CA ASP VA 105 -33.86 -22.62 -6.00
C ASP VA 105 -32.70 -21.84 -6.58
N PHE VA 106 -32.67 -20.54 -6.29
CA PHE VA 106 -31.51 -19.68 -6.45
C PHE VA 106 -31.43 -18.75 -5.25
N GLY VA 107 -30.34 -17.99 -5.15
CA GLY VA 107 -30.17 -17.13 -4.00
C GLY VA 107 -30.74 -15.74 -4.21
N ARG VA 108 -30.43 -14.86 -3.27
CA ARG VA 108 -30.95 -13.51 -3.32
C ARG VA 108 -30.15 -12.67 -4.30
N SER VA 109 -30.68 -11.49 -4.63
CA SER VA 109 -30.04 -10.63 -5.61
C SER VA 109 -28.91 -9.84 -4.97
N LYS VA 110 -28.18 -9.11 -5.81
CA LYS VA 110 -27.09 -8.29 -5.33
C LYS VA 110 -27.60 -6.93 -4.86
N ARG VA 111 -26.90 -6.35 -3.88
CA ARG VA 111 -27.19 -5.02 -3.37
C ARG VA 111 -26.04 -4.10 -3.75
N GLY VA 112 -26.34 -3.04 -4.49
CA GLY VA 112 -25.30 -2.18 -5.03
C GLY VA 112 -24.71 -1.24 -3.98
N HIS VA 113 -23.67 -0.53 -4.40
CA HIS VA 113 -23.07 0.51 -3.58
C HIS VA 113 -23.44 1.88 -4.15
N VAL VA 114 -24.11 2.68 -3.34
CA VAL VA 114 -24.62 3.99 -3.75
C VAL VA 114 -23.74 5.05 -3.10
N ARG VA 115 -23.24 5.98 -3.91
CA ARG VA 115 -22.23 6.91 -3.41
C ARG VA 115 -22.84 8.01 -2.54
N ASN VA 116 -23.99 8.56 -2.95
CA ASN VA 116 -24.68 9.56 -2.16
C ASN VA 116 -26.04 9.03 -1.73
N LYS VA 117 -26.33 9.12 -0.44
CA LYS VA 117 -27.56 8.53 0.08
C LYS VA 117 -28.35 9.52 0.92
N THR VA 125 -33.57 21.03 -8.29
CA THR VA 125 -34.09 21.42 -9.60
C THR VA 125 -32.99 21.37 -10.66
N ARG VA 126 -33.02 20.33 -11.49
CA ARG VA 126 -31.99 20.20 -12.53
C ARG VA 126 -32.46 20.80 -13.85
N ARG VA 127 -33.56 20.29 -14.39
CA ARG VA 127 -34.18 20.73 -15.66
C ARG VA 127 -33.20 20.67 -16.82
N ILE VA 128 -32.76 19.45 -17.14
CA ILE VA 128 -31.81 19.22 -18.22
C ILE VA 128 -32.23 17.98 -19.01
N LYS VA 129 -31.96 18.02 -20.31
CA LYS VA 129 -32.37 16.99 -21.26
C LYS VA 129 -31.29 15.93 -21.38
N ILE VA 130 -31.52 14.76 -20.78
CA ILE VA 130 -30.56 13.66 -20.80
C ILE VA 130 -31.22 12.44 -21.42
N ARG VA 131 -30.71 12.00 -22.57
CA ARG VA 131 -31.21 10.84 -23.29
C ARG VA 131 -30.12 9.79 -23.36
N LYS VA 132 -30.50 8.52 -23.51
CA LYS VA 132 -29.52 7.44 -23.40
C LYS VA 132 -28.75 7.24 -24.70
N ASN VA 133 -29.28 7.74 -25.82
CA ASN VA 133 -28.65 7.49 -27.11
C ASN VA 133 -27.43 8.38 -27.34
N ASN VA 134 -27.33 9.47 -26.56
CA ASN VA 134 -26.18 10.36 -26.73
C ASN VA 134 -24.92 9.76 -26.13
N TYR VA 135 -25.06 8.98 -25.07
CA TYR VA 135 -23.93 8.48 -24.30
C TYR VA 135 -23.67 7.02 -24.63
N GLU VA 136 -22.40 6.64 -24.71
CA GLU VA 136 -22.00 5.28 -25.02
C GLU VA 136 -21.07 4.68 -23.96
N SER VA 137 -20.82 5.39 -22.86
CA SER VA 137 -19.87 4.88 -21.87
C SER VA 137 -20.35 5.21 -20.46
N ASN VA 138 -19.68 4.60 -19.49
CA ASN VA 138 -20.01 4.77 -18.08
C ASN VA 138 -19.05 5.82 -17.51
N ASP VA 139 -19.34 7.08 -17.81
CA ASP VA 139 -18.50 8.16 -17.35
C ASP VA 139 -18.63 8.38 -15.85
N ILE VA 140 -19.82 8.73 -15.38
CA ILE VA 140 -20.10 8.85 -13.96
C ILE VA 140 -20.81 7.58 -13.51
N ASN VA 141 -20.36 7.04 -12.38
CA ASN VA 141 -20.87 5.77 -11.89
C ASN VA 141 -21.27 5.94 -10.43
N ASN VA 142 -22.58 6.14 -10.21
CA ASN VA 142 -23.16 6.19 -8.88
C ASN VA 142 -23.49 4.81 -8.33
N TYR VA 143 -23.70 3.82 -9.20
CA TYR VA 143 -24.13 2.49 -8.80
C TYR VA 143 -23.05 1.49 -9.13
N ASN VA 144 -22.36 0.99 -8.12
CA ASN VA 144 -21.27 0.03 -8.30
C ASN VA 144 -21.62 -1.25 -7.56
N ILE VA 145 -21.41 -2.39 -8.23
CA ILE VA 145 -21.52 -3.68 -7.54
C ILE VA 145 -20.15 -4.10 -7.00
N LYS VA 146 -19.09 -3.89 -7.77
CA LYS VA 146 -17.73 -3.99 -7.28
C LYS VA 146 -17.28 -2.62 -6.81
N THR VA 147 -16.69 -2.57 -5.61
CA THR VA 147 -16.38 -1.29 -4.98
C THR VA 147 -15.20 -0.61 -5.65
N ILE VA 148 -15.17 0.71 -5.56
CA ILE VA 148 -14.13 1.55 -6.17
C ILE VA 148 -13.40 2.25 -5.04
N SER VA 149 -12.07 2.26 -5.09
CA SER VA 149 -11.26 2.80 -4.03
C SER VA 149 -11.40 4.32 -3.93
N LYS VA 150 -10.95 4.87 -2.80
CA LYS VA 150 -10.93 6.32 -2.63
C LYS VA 150 -9.69 6.94 -3.26
N LYS VA 151 -8.60 6.18 -3.30
CA LYS VA 151 -7.35 6.69 -3.88
C LYS VA 151 -7.46 6.87 -5.38
N SER VA 152 -8.23 6.00 -6.06
CA SER VA 152 -8.36 6.11 -7.51
C SER VA 152 -9.39 7.16 -7.90
N ARG VA 153 -10.30 7.50 -6.98
CA ARG VA 153 -11.24 8.58 -7.27
C ARG VA 153 -10.55 9.94 -7.20
N ARG VA 154 -9.50 10.04 -6.38
CA ARG VA 154 -8.76 11.30 -6.27
C ARG VA 154 -7.94 11.55 -7.54
N LYS VA 155 -7.46 10.49 -8.18
CA LYS VA 155 -6.65 10.65 -9.39
C LYS VA 155 -7.50 11.14 -10.56
N GLU VA 156 -8.79 10.80 -10.57
CA GLU VA 156 -9.66 11.24 -11.65
C GLU VA 156 -9.99 12.72 -11.50
N ALA VA 157 -10.01 13.22 -10.27
CA ALA VA 157 -10.20 14.65 -10.06
C ALA VA 157 -8.96 15.43 -10.44
N GLU VA 158 -7.79 14.81 -10.33
CA GLU VA 158 -6.53 15.47 -10.63
C GLU VA 158 -5.91 14.94 -11.92
N MET WA 1 13.62 47.01 16.81
CA MET WA 1 12.85 48.24 16.76
C MET WA 1 12.09 48.34 15.44
N LYS WA 2 10.88 47.82 15.42
CA LYS WA 2 10.10 47.73 14.19
C LYS WA 2 9.05 48.82 14.17
N TYR WA 3 9.16 49.74 13.20
CA TYR WA 3 8.23 50.83 13.06
C TYR WA 3 7.25 50.55 11.93
N GLU WA 4 6.25 51.41 11.76
CA GLU WA 4 5.30 51.32 10.66
C GLU WA 4 5.05 52.71 10.11
N LEU WA 5 4.34 52.76 8.98
CA LEU WA 5 3.88 54.02 8.40
C LEU WA 5 2.36 54.04 8.41
N ILE WA 6 1.79 54.99 9.13
CA ILE WA 6 0.36 55.02 9.40
C ILE WA 6 -0.13 56.45 9.19
N ALA WA 7 -1.16 56.61 8.35
CA ALA WA 7 -1.77 57.89 8.06
C ALA WA 7 -3.18 57.90 8.63
N LYS WA 8 -3.51 58.96 9.37
CA LYS WA 8 -4.82 59.10 10.00
C LYS WA 8 -5.39 60.47 9.68
N ALA WA 9 -6.62 60.49 9.17
CA ALA WA 9 -7.31 61.71 8.78
C ALA WA 9 -8.80 61.38 8.66
N ASP WA 10 -9.58 62.39 8.26
CA ASP WA 10 -11.00 62.18 7.99
C ASP WA 10 -11.20 61.92 6.51
N PHE WA 11 -11.68 60.73 6.17
CA PHE WA 11 -11.73 60.24 4.81
C PHE WA 11 -13.18 60.08 4.35
N ASP WA 12 -13.44 60.42 3.10
CA ASP WA 12 -14.74 60.16 2.47
C ASP WA 12 -14.55 59.97 0.97
N ASN WA 13 -15.30 59.02 0.41
CA ASN WA 13 -15.36 58.72 -1.03
C ASN WA 13 -13.99 58.31 -1.59
N ILE WA 14 -13.18 57.65 -0.75
CA ILE WA 14 -11.92 57.07 -1.19
C ILE WA 14 -11.97 55.58 -0.94
N LYS WA 15 -11.11 54.84 -1.63
CA LYS WA 15 -11.02 53.40 -1.43
C LYS WA 15 -9.64 52.97 -0.95
N GLY WA 16 -8.60 53.70 -1.30
CA GLY WA 16 -7.26 53.31 -0.87
C GLY WA 16 -6.25 54.38 -1.21
N LEU WA 17 -5.03 54.14 -0.73
CA LEU WA 17 -3.91 55.06 -0.93
C LEU WA 17 -2.70 54.27 -1.40
N SER WA 18 -1.86 54.92 -2.19
CA SER WA 18 -0.65 54.30 -2.70
C SER WA 18 0.44 55.35 -2.82
N CYS WA 19 1.69 54.90 -2.77
CA CYS WA 19 2.83 55.81 -2.83
C CYS WA 19 4.03 55.07 -3.40
N ASP WA 20 5.09 55.84 -3.62
CA ASP WA 20 6.39 55.28 -3.98
C ASP WA 20 7.20 55.05 -2.71
N GLN WA 21 8.02 54.00 -2.72
CA GLN WA 21 8.75 53.60 -1.51
C GLN WA 21 10.00 54.48 -1.40
N THR WA 22 9.78 55.72 -0.97
CA THR WA 22 10.84 56.70 -0.83
C THR WA 22 10.43 57.74 0.21
N TYR WA 23 11.22 57.87 1.27
CA TYR WA 23 10.87 58.70 2.41
C TYR WA 23 12.11 59.43 2.93
N PRO WA 24 12.11 60.77 2.95
CA PRO WA 24 13.19 61.49 3.64
C PRO WA 24 12.95 61.53 5.14
N ALA WA 25 13.98 61.34 5.94
CA ALA WA 25 13.82 61.23 7.38
C ALA WA 25 15.04 61.78 8.11
N ILE WA 26 14.88 61.91 9.43
CA ILE WA 26 15.94 62.38 10.32
C ILE WA 26 16.26 61.27 11.30
N LEU WA 27 17.51 60.85 11.34
CA LEU WA 27 17.95 59.70 12.11
C LEU WA 27 18.73 60.13 13.33
N SER WA 28 18.96 59.19 14.23
CA SER WA 28 19.63 59.49 15.50
C SER WA 28 20.25 58.23 16.10
N CYS WA 29 21.48 58.35 16.58
CA CYS WA 29 22.20 57.21 17.11
C CYS WA 29 21.65 56.82 18.47
N THR WA 30 21.85 55.55 18.83
CA THR WA 30 21.42 55.03 20.14
C THR WA 30 22.57 54.74 21.09
N ALA WA 31 23.81 54.91 20.66
CA ALA WA 31 24.94 54.88 21.59
C ALA WA 31 25.26 56.26 22.15
N CYS WA 32 25.20 57.28 21.32
CA CYS WA 32 25.21 58.66 21.75
C CYS WA 32 23.90 59.31 21.35
N SER WA 33 23.35 60.14 22.22
CA SER WA 33 22.14 60.88 21.88
C SER WA 33 22.53 62.03 20.98
N PHE WA 34 22.69 61.74 19.69
CA PHE WA 34 23.12 62.71 18.71
C PHE WA 34 22.16 62.66 17.53
N VAL WA 35 21.72 63.83 17.10
CA VAL WA 35 20.79 63.96 15.99
C VAL WA 35 21.60 64.36 14.78
N HIS WA 36 21.48 63.57 13.71
CA HIS WA 36 22.14 63.93 12.46
C HIS WA 36 21.46 65.15 11.86
N PRO WA 37 22.21 66.24 11.63
CA PRO WA 37 21.57 67.53 11.29
C PRO WA 37 20.97 67.59 9.90
N LYS WA 38 21.33 66.68 9.00
CA LYS WA 38 20.88 66.72 7.62
C LYS WA 38 19.86 65.62 7.37
N VAL WA 39 18.89 65.91 6.50
CA VAL WA 39 17.87 64.93 6.16
C VAL WA 39 18.50 63.87 5.26
N VAL WA 40 17.97 62.64 5.34
CA VAL WA 40 18.50 61.51 4.59
C VAL WA 40 17.34 60.88 3.84
N ILE WA 41 17.50 60.73 2.53
CA ILE WA 41 16.49 60.10 1.67
C ILE WA 41 16.81 58.62 1.56
N LEU WA 42 15.78 57.79 1.69
CA LEU WA 42 15.92 56.34 1.64
C LEU WA 42 15.05 55.77 0.53
N THR WA 43 15.61 54.80 -0.20
CA THR WA 43 14.92 54.18 -1.32
C THR WA 43 14.91 52.67 -1.14
N SER WA 44 13.92 52.02 -1.75
CA SER WA 44 13.79 50.57 -1.74
C SER WA 44 14.58 49.91 -2.86
N GLU WA 45 15.33 50.69 -3.64
CA GLU WA 45 16.06 50.16 -4.78
C GLU WA 45 17.56 50.00 -4.53
N SER WA 46 18.08 50.58 -3.46
CA SER WA 46 19.53 50.54 -3.19
C SER WA 46 19.83 49.32 -2.33
N THR WA 47 20.62 48.39 -2.84
CA THR WA 47 20.88 47.15 -2.12
C THR WA 47 22.36 47.04 -1.73
N ILE WA 48 22.58 46.59 -0.50
CA ILE WA 48 23.91 46.31 0.03
C ILE WA 48 23.90 44.92 0.62
N LYS WA 49 24.70 44.02 0.06
CA LYS WA 49 24.66 42.62 0.46
C LYS WA 49 26.05 42.10 0.81
N GLU WA 50 26.17 41.52 2.00
CA GLU WA 50 27.35 40.78 2.40
C GLU WA 50 26.89 39.34 2.55
N PRO WA 51 27.70 38.33 2.23
CA PRO WA 51 27.20 36.94 2.27
C PRO WA 51 26.84 36.40 3.64
N ASN WA 52 27.71 36.45 4.65
CA ASN WA 52 27.47 35.67 5.86
C ASN WA 52 27.40 36.48 7.15
N VAL WA 53 27.38 37.81 7.09
CA VAL WA 53 27.30 38.63 8.28
C VAL WA 53 25.97 39.38 8.35
N TYR WA 54 25.65 40.17 7.35
CA TYR WA 54 24.47 41.03 7.41
C TYR WA 54 24.02 41.37 6.01
N LYS WA 55 22.81 41.91 5.91
CA LYS WA 55 22.31 42.49 4.67
C LYS WA 55 21.39 43.64 5.04
N CYS WA 56 21.44 44.70 4.24
CA CYS WA 56 20.76 45.93 4.61
C CYS WA 56 20.41 46.73 3.36
N ASN WA 57 19.61 47.76 3.58
CA ASN WA 57 19.09 48.63 2.54
C ASN WA 57 19.77 50.00 2.54
N TRP WA 58 20.21 50.49 3.69
CA TRP WA 58 21.01 51.72 3.76
C TRP WA 58 22.04 51.57 4.88
N GLU WA 59 23.15 52.28 4.73
CA GLU WA 59 24.29 52.16 5.63
C GLU WA 59 24.74 53.54 6.07
N MET WA 60 25.35 53.60 7.26
CA MET WA 60 25.76 54.87 7.84
C MET WA 60 26.83 54.58 8.89
N LYS WA 61 27.68 55.57 9.14
CA LYS WA 61 28.63 55.52 10.25
C LYS WA 61 28.55 56.84 11.01
N CYS WA 62 28.42 56.75 12.32
CA CYS WA 62 28.27 57.90 13.20
C CYS WA 62 29.55 58.72 13.23
N HIS WA 63 29.41 59.99 13.60
CA HIS WA 63 30.54 60.91 13.71
C HIS WA 63 31.03 61.10 15.13
N SER WA 64 30.10 61.17 16.10
CA SER WA 64 30.48 61.35 17.49
C SER WA 64 30.96 60.07 18.13
N CYS WA 65 30.32 58.94 17.86
CA CYS WA 65 30.66 57.68 18.51
C CYS WA 65 31.01 56.55 17.54
N LYS WA 66 30.86 56.76 16.23
CA LYS WA 66 31.24 55.81 15.18
C LYS WA 66 30.52 54.46 15.31
N ASN WA 67 29.25 54.52 15.72
CA ASN WA 67 28.41 53.34 15.80
C ASN WA 67 27.69 53.12 14.48
N ASP WA 68 27.61 51.86 14.06
CA ASP WA 68 27.02 51.52 12.78
C ASP WA 68 25.49 51.57 12.86
N ILE WA 69 24.89 52.13 11.81
CA ILE WA 69 23.44 52.28 11.70
C ILE WA 69 23.00 51.63 10.40
N LYS WA 70 22.10 50.65 10.50
CA LYS WA 70 21.59 49.94 9.33
C LYS WA 70 20.08 50.12 9.27
N VAL WA 71 19.59 50.51 8.09
CA VAL WA 71 18.18 50.75 7.84
C VAL WA 71 17.73 49.75 6.78
N SER WA 72 16.53 49.19 6.94
CA SER WA 72 15.95 48.30 5.96
C SER WA 72 14.49 48.63 5.74
N ILE WA 73 14.01 48.42 4.52
CA ILE WA 73 12.65 48.74 4.11
C ILE WA 73 11.95 47.45 3.68
N TYR WA 74 10.75 47.24 4.19
CA TYR WA 74 9.91 46.12 3.78
C TYR WA 74 8.64 46.65 3.12
N LYS WA 75 7.93 45.75 2.45
CA LYS WA 75 6.69 46.14 1.80
C LYS WA 75 5.52 45.93 2.74
N SER WA 76 4.36 46.37 2.29
CA SER WA 76 3.16 46.30 3.12
C SER WA 76 2.57 44.89 3.11
N PRO WA 77 2.11 44.40 4.26
CA PRO WA 77 1.55 43.04 4.28
C PRO WA 77 0.16 42.93 3.68
N SER WA 78 -0.72 43.90 3.93
CA SER WA 78 -2.11 43.82 3.47
C SER WA 78 -2.25 44.60 2.17
N LEU WA 79 -1.79 43.99 1.09
CA LEU WA 79 -1.74 44.63 -0.22
C LEU WA 79 -2.68 43.90 -1.17
N SER WA 80 -3.72 44.60 -1.62
CA SER WA 80 -4.76 44.01 -2.44
C SER WA 80 -4.85 44.71 -3.78
N THR WA 81 -5.57 44.08 -4.72
CA THR WA 81 -5.68 44.55 -6.10
C THR WA 81 -7.11 44.42 -6.58
N VAL WA 82 -7.58 45.47 -7.28
CA VAL WA 82 -8.91 45.53 -7.86
C VAL WA 82 -8.74 45.91 -9.34
N ASN WA 83 -9.57 45.34 -10.21
CA ASN WA 83 -9.62 45.68 -11.62
C ASN WA 83 -10.26 47.04 -11.79
N ILE WA 84 -9.96 47.70 -12.92
CA ILE WA 84 -10.48 49.03 -13.21
C ILE WA 84 -10.55 49.21 -14.71
N LYS WA 85 -11.54 49.99 -15.17
CA LYS WA 85 -11.70 50.31 -16.58
C LYS WA 85 -11.14 51.68 -16.89
N ASP WA 86 -10.69 51.87 -18.13
CA ASP WA 86 -10.10 53.11 -18.59
C ASP WA 86 -11.15 53.96 -19.33
N ARG WA 87 -10.66 55.01 -20.01
CA ARG WA 87 -11.53 55.80 -20.90
C ARG WA 87 -12.06 54.93 -22.03
N TYR WA 88 -11.18 54.30 -22.77
CA TYR WA 88 -11.58 53.27 -23.73
C TYR WA 88 -11.94 52.01 -22.97
N GLU WA 89 -12.84 51.21 -23.55
CA GLU WA 89 -13.39 50.04 -22.87
C GLU WA 89 -12.38 48.89 -22.90
N ASP WA 90 -11.62 48.81 -21.81
CA ASP WA 90 -10.70 47.70 -21.56
C ASP WA 90 -10.51 47.55 -20.06
N ASP WA 91 -9.73 46.54 -19.68
CA ASP WA 91 -9.46 46.27 -18.28
C ASP WA 91 -7.97 46.36 -17.97
N VAL WA 92 -7.64 46.91 -16.81
CA VAL WA 92 -6.26 47.06 -16.37
C VAL WA 92 -6.18 46.78 -14.87
N LEU WA 93 -5.21 45.96 -14.49
CA LEU WA 93 -5.00 45.60 -13.09
C LEU WA 93 -4.14 46.64 -12.41
N VAL WA 94 -4.63 47.18 -11.29
CA VAL WA 94 -3.90 48.15 -10.48
C VAL WA 94 -3.75 47.60 -9.07
N SER WA 95 -2.73 48.07 -8.38
CA SER WA 95 -2.47 47.69 -6.99
C SER WA 95 -2.60 48.90 -6.09
N TYR WA 96 -2.98 48.65 -4.83
CA TYR WA 96 -3.25 49.72 -3.88
C TYR WA 96 -3.29 49.15 -2.47
N ASN WA 97 -3.31 50.04 -1.49
CA ASN WA 97 -3.42 49.63 -0.10
C ASN WA 97 -4.80 50.02 0.43
N PRO WA 98 -5.58 49.09 0.97
CA PRO WA 98 -6.96 49.42 1.37
C PRO WA 98 -7.00 50.26 2.63
N VAL WA 99 -7.76 51.36 2.58
CA VAL WA 99 -7.96 52.21 3.74
C VAL WA 99 -8.93 51.51 4.68
N ASN WA 100 -8.58 51.46 5.96
CA ASN WA 100 -9.43 50.88 6.97
C ASN WA 100 -10.25 52.01 7.60
N LYS WA 101 -10.87 51.76 8.74
CA LYS WA 101 -11.63 52.79 9.44
C LYS WA 101 -10.68 53.83 10.01
N ASN WA 102 -10.59 54.98 9.31
CA ASN WA 102 -9.82 56.17 9.71
C ASN WA 102 -8.33 55.92 9.80
N GLU WA 103 -7.83 54.83 9.21
CA GLU WA 103 -6.42 54.48 9.27
C GLU WA 103 -5.98 53.87 7.95
N CYS WA 104 -4.69 53.94 7.68
CA CYS WA 104 -4.12 53.34 6.47
C CYS WA 104 -2.64 53.05 6.69
N LEU WA 105 -2.21 51.84 6.37
CA LEU WA 105 -0.81 51.44 6.45
C LEU WA 105 -0.14 51.59 5.09
N LEU WA 106 1.14 51.98 5.10
CA LEU WA 106 1.88 52.14 3.85
C LEU WA 106 3.07 51.19 3.75
N SER WA 107 3.98 51.18 4.72
CA SER WA 107 5.18 50.35 4.64
C SER WA 107 5.71 50.09 6.04
N ILE WA 108 6.64 49.14 6.14
CA ILE WA 108 7.27 48.76 7.39
C ILE WA 108 8.73 49.19 7.34
N LEU WA 109 9.19 49.87 8.38
CA LEU WA 109 10.60 50.19 8.55
C LEU WA 109 11.19 49.41 9.71
N GLU WA 110 12.52 49.28 9.68
CA GLU WA 110 13.24 48.55 10.72
C GLU WA 110 14.65 49.08 10.78
N CYS WA 111 15.24 49.01 11.97
CA CYS WA 111 16.51 49.68 12.22
C CYS WA 111 17.25 48.93 13.32
N SER WA 112 18.55 48.75 13.13
CA SER WA 112 19.38 48.01 14.06
C SER WA 112 20.56 48.82 14.59
N GLY WA 113 20.67 50.08 14.21
CA GLY WA 113 21.69 50.93 14.78
C GLY WA 113 21.17 52.17 15.47
N GLY WA 114 20.06 52.71 14.99
CA GLY WA 114 19.58 53.99 15.48
C GLY WA 114 18.08 54.10 15.45
N GLU WA 115 17.58 55.29 15.77
CA GLU WA 115 16.16 55.59 15.79
C GLU WA 115 15.77 56.43 14.59
N ILE WA 116 14.47 56.46 14.32
CA ILE WA 116 13.90 57.39 13.36
C ILE WA 116 13.12 58.42 14.17
N ARG WA 117 13.12 59.67 13.69
CA ARG WA 117 12.45 60.75 14.42
C ARG WA 117 11.25 61.31 13.68
N GLU WA 118 11.44 61.77 12.45
CA GLU WA 118 10.36 62.41 11.71
C GLU WA 118 10.50 62.08 10.24
N ILE WA 119 9.37 61.84 9.59
CA ILE WA 119 9.33 61.51 8.16
C ILE WA 119 8.63 62.66 7.46
N LYS WA 120 9.15 63.03 6.29
CA LYS WA 120 8.61 64.14 5.54
C LYS WA 120 7.41 63.66 4.72
N ASN WA 121 6.87 64.53 3.87
CA ASN WA 121 5.62 64.24 3.17
C ASN WA 121 5.89 63.67 1.78
N VAL WA 122 5.04 62.76 1.36
CA VAL WA 122 5.20 62.03 0.10
C VAL WA 122 3.99 62.36 -0.77
N PRO WA 123 4.20 62.58 -2.07
CA PRO WA 123 3.05 62.77 -2.98
C PRO WA 123 2.32 61.48 -3.28
N LEU WA 124 1.35 61.12 -2.43
CA LEU WA 124 0.66 59.85 -2.52
C LEU WA 124 -0.26 59.78 -3.74
N ASN WA 125 -0.72 58.57 -4.03
CA ASN WA 125 -1.69 58.30 -5.10
C ASN WA 125 -3.02 57.96 -4.46
N ILE WA 126 -4.09 58.57 -4.96
CA ILE WA 126 -5.41 58.45 -4.35
C ILE WA 126 -6.27 57.52 -5.21
N LEU WA 127 -7.03 56.65 -4.55
CA LEU WA 127 -7.98 55.77 -5.21
C LEU WA 127 -9.40 56.21 -4.90
N THR WA 128 -10.23 56.25 -5.94
CA THR WA 128 -11.62 56.67 -5.80
C THR WA 128 -12.50 55.48 -5.39
N ASP WA 129 -13.39 55.73 -4.42
CA ASP WA 129 -14.35 54.70 -3.99
C ASP WA 129 -15.26 54.24 -5.12
N ASP WA 130 -15.71 55.15 -5.97
CA ASP WA 130 -16.53 54.77 -7.12
C ASP WA 130 -15.67 54.51 -8.36
N LEU WA 131 -14.62 53.71 -8.18
CA LEU WA 131 -13.84 53.07 -9.24
C LEU WA 131 -13.20 54.07 -10.20
N ARG WA 132 -12.25 54.85 -9.68
CA ARG WA 132 -11.43 55.70 -10.53
C ARG WA 132 -10.06 55.87 -9.88
N LEU WA 133 -9.12 56.43 -10.63
CA LEU WA 133 -7.74 56.53 -10.19
C LEU WA 133 -7.13 57.84 -10.69
N PHE WA 134 -6.42 58.51 -9.79
CA PHE WA 134 -5.69 59.74 -10.12
C PHE WA 134 -4.25 59.56 -9.68
N ASN WA 135 -3.31 60.11 -10.47
CA ASN WA 135 -1.93 59.66 -10.36
C ASN WA 135 -1.19 60.25 -9.16
N GLU WA 136 -0.99 61.56 -9.11
CA GLU WA 136 -0.06 62.14 -8.13
C GLU WA 136 -0.64 63.42 -7.56
N LYS WA 137 -0.90 63.42 -6.25
CA LYS WA 137 -1.43 64.59 -5.56
C LYS WA 137 -0.48 64.95 -4.42
N VAL WA 138 -0.35 66.25 -4.16
CA VAL WA 138 0.56 66.77 -3.15
C VAL WA 138 -0.26 67.52 -2.11
N VAL WA 139 -0.14 67.10 -0.84
CA VAL WA 139 -0.91 67.72 0.24
C VAL WA 139 -0.36 69.11 0.55
N ASP WA 140 -1.27 70.07 0.64
CA ASP WA 140 -0.94 71.48 0.75
C ASP WA 140 -0.61 71.88 2.20
N GLU WA 141 -0.54 73.19 2.43
CA GLU WA 141 -0.21 73.75 3.73
C GLU WA 141 -1.29 73.46 4.78
N LYS WA 142 -2.55 73.44 4.37
CA LYS WA 142 -3.66 73.23 5.29
C LYS WA 142 -3.76 71.78 5.79
N ARG WA 143 -2.90 70.88 5.29
CA ARG WA 143 -2.94 69.44 5.55
C ARG WA 143 -4.29 68.83 5.18
N SER WA 144 -4.89 69.35 4.10
CA SER WA 144 -6.21 68.94 3.69
C SER WA 144 -6.37 69.19 2.20
N LEU WA 145 -6.58 68.12 1.44
CA LEU WA 145 -6.72 68.19 0.00
C LEU WA 145 -8.15 67.82 -0.36
N ALA WA 146 -8.76 68.62 -1.22
CA ALA WA 146 -10.09 68.34 -1.75
C ALA WA 146 -10.09 68.55 -3.26
N GLU WA 147 -10.76 67.66 -3.98
CA GLU WA 147 -10.85 67.79 -5.42
C GLU WA 147 -12.22 67.30 -5.87
N VAL WA 148 -12.82 68.02 -6.82
CA VAL WA 148 -14.18 67.73 -7.29
C VAL WA 148 -14.09 67.11 -8.68
N TYR WA 149 -14.81 66.01 -8.86
CA TYR WA 149 -14.93 65.37 -10.17
C TYR WA 149 -15.89 66.16 -11.04
N GLY WA 150 -15.90 65.84 -12.34
CA GLY WA 150 -16.70 66.59 -13.29
C GLY WA 150 -18.19 66.34 -13.15
N ASN WA 151 -18.58 65.09 -12.87
CA ASN WA 151 -20.00 64.74 -12.79
C ASN WA 151 -20.51 64.83 -11.34
N ASN WA 152 -20.21 65.98 -10.72
CA ASN WA 152 -20.69 66.36 -9.38
C ASN WA 152 -20.33 65.32 -8.31
N LYS WA 153 -19.10 64.83 -8.36
CA LYS WA 153 -18.57 63.92 -7.35
C LYS WA 153 -17.38 64.58 -6.66
N THR WA 154 -17.25 64.35 -5.36
CA THR WA 154 -16.21 65.01 -4.59
C THR WA 154 -15.61 64.03 -3.60
N TYR WA 155 -14.28 64.11 -3.46
CA TYR WA 155 -13.54 63.41 -2.43
C TYR WA 155 -12.66 64.44 -1.73
N SER WA 156 -12.33 64.18 -0.46
CA SER WA 156 -11.49 65.10 0.27
C SER WA 156 -10.75 64.37 1.38
N ILE WA 157 -9.64 64.98 1.81
CA ILE WA 157 -8.92 64.57 3.01
C ILE WA 157 -8.96 65.74 3.98
N ILE WA 158 -9.19 65.46 5.26
CA ILE WA 158 -9.27 66.48 6.30
C ILE WA 158 -8.26 66.15 7.38
N ASN WA 159 -7.31 67.06 7.61
CA ASN WA 159 -6.28 66.99 8.66
C ASN WA 159 -5.43 65.71 8.53
N TYR WA 160 -4.68 65.68 7.43
CA TYR WA 160 -3.78 64.57 7.16
C TYR WA 160 -2.56 64.70 8.05
N GLU WA 161 -2.33 63.72 8.92
CA GLU WA 161 -1.17 63.72 9.79
C GLU WA 161 -0.52 62.35 9.84
N LEU WA 162 0.79 62.34 9.63
CA LEU WA 162 1.58 61.12 9.61
C LEU WA 162 2.06 60.82 11.03
N GLU WA 163 2.33 59.55 11.30
CA GLU WA 163 2.81 59.12 12.59
C GLU WA 163 3.69 57.88 12.44
N ILE WA 164 4.47 57.60 13.49
CA ILE WA 164 5.26 56.39 13.60
C ILE WA 164 5.06 55.82 14.99
N ARG WA 165 5.02 54.49 15.08
CA ARG WA 165 4.94 53.81 16.38
C ARG WA 165 5.74 52.53 16.30
N ARG WA 166 6.61 52.33 17.28
CA ARG WA 166 7.35 51.09 17.32
C ARG WA 166 6.45 49.97 17.81
N VAL WA 167 6.81 48.75 17.45
CA VAL WA 167 6.03 47.59 17.87
C VAL WA 167 6.86 46.67 18.75
N MET XA 1 -82.86 -58.86 -54.62
CA MET XA 1 -82.49 -58.09 -55.80
C MET XA 1 -80.97 -58.02 -55.89
N HIS XA 2 -80.32 -58.37 -54.79
CA HIS XA 2 -78.88 -58.28 -54.70
C HIS XA 2 -78.21 -59.33 -55.59
N LYS XA 3 -77.26 -58.88 -56.39
CA LYS XA 3 -76.64 -59.70 -57.42
C LYS XA 3 -75.22 -60.08 -57.02
N HIS XA 4 -74.72 -61.13 -57.67
CA HIS XA 4 -73.32 -61.52 -57.57
C HIS XA 4 -72.66 -61.22 -58.90
N ILE XA 5 -71.51 -60.55 -58.86
CA ILE XA 5 -70.86 -60.02 -60.04
C ILE XA 5 -69.38 -60.38 -60.02
N VAL XA 6 -68.90 -60.95 -61.13
CA VAL XA 6 -67.49 -61.21 -61.34
C VAL XA 6 -66.96 -60.14 -62.27
N VAL XA 7 -65.83 -59.52 -61.91
CA VAL XA 7 -65.28 -58.40 -62.67
C VAL XA 7 -63.91 -58.78 -63.21
N ASP XA 8 -63.71 -58.58 -64.50
CA ASP XA 8 -62.38 -58.60 -65.11
C ASP XA 8 -61.76 -57.22 -64.87
N ALA XA 9 -60.58 -57.19 -64.25
CA ALA XA 9 -60.02 -55.92 -63.83
C ALA XA 9 -59.04 -55.36 -64.86
N SER XA 10 -58.79 -56.09 -65.95
CA SER XA 10 -57.79 -55.66 -66.91
C SER XA 10 -58.28 -54.47 -67.71
N ASN XA 11 -57.31 -53.67 -68.19
CA ASN XA 11 -57.53 -52.46 -68.98
C ASN XA 11 -58.32 -51.40 -68.21
N HIS XA 12 -58.16 -51.36 -66.90
CA HIS XA 12 -58.88 -50.42 -66.06
C HIS XA 12 -57.88 -49.55 -65.29
N VAL XA 13 -58.27 -48.32 -65.01
CA VAL XA 13 -57.50 -47.48 -64.11
C VAL XA 13 -57.68 -47.99 -62.69
N ALA XA 14 -56.61 -47.95 -61.90
CA ALA XA 14 -56.64 -48.59 -60.59
C ALA XA 14 -57.50 -47.81 -59.61
N GLY XA 15 -57.33 -46.49 -59.57
CA GLY XA 15 -58.05 -45.71 -58.59
C GLY XA 15 -59.52 -45.51 -58.93
N LYS XA 16 -59.82 -45.38 -60.22
CA LYS XA 16 -61.19 -45.07 -60.61
C LYS XA 16 -62.09 -46.29 -60.53
N LEU XA 17 -61.54 -47.48 -60.74
CA LEU XA 17 -62.33 -48.70 -60.61
C LEU XA 17 -62.70 -48.96 -59.17
N ALA XA 18 -61.82 -48.62 -58.23
CA ALA XA 18 -62.09 -48.86 -56.83
C ALA XA 18 -63.11 -47.85 -56.28
N SER XA 19 -63.33 -46.75 -56.99
CA SER XA 19 -64.31 -45.78 -56.56
C SER XA 19 -65.73 -46.28 -56.80
N LYS XA 20 -65.97 -46.91 -57.95
CA LYS XA 20 -67.32 -47.33 -58.29
C LYS XA 20 -67.73 -48.59 -57.53
N ILE XA 21 -66.75 -49.39 -57.12
CA ILE XA 21 -67.04 -50.64 -56.42
C ILE XA 21 -67.49 -50.36 -55.00
N ALA XA 22 -66.93 -49.31 -54.37
CA ALA XA 22 -67.21 -49.03 -52.98
C ALA XA 22 -68.63 -48.51 -52.77
N LYS XA 23 -69.24 -47.93 -53.80
CA LYS XA 23 -70.66 -47.61 -53.70
C LYS XA 23 -71.51 -48.84 -54.02
N PHE XA 24 -70.98 -49.75 -54.82
CA PHE XA 24 -71.73 -50.95 -55.16
C PHE XA 24 -71.76 -51.93 -53.99
N LEU XA 25 -70.84 -51.78 -53.04
CA LEU XA 25 -70.86 -52.63 -51.85
C LEU XA 25 -71.78 -52.06 -50.78
N LEU XA 26 -71.89 -50.73 -50.71
CA LEU XA 26 -72.65 -50.11 -49.64
C LEU XA 26 -74.15 -50.16 -49.88
N GLU XA 27 -74.60 -50.77 -50.96
CA GLU XA 27 -76.01 -51.07 -51.17
C GLU XA 27 -76.31 -52.55 -50.95
N GLY XA 28 -75.31 -53.35 -50.59
CA GLY XA 28 -75.55 -54.70 -50.14
C GLY XA 28 -75.42 -55.80 -51.18
N HIS XA 29 -74.54 -55.62 -52.17
CA HIS XA 29 -74.33 -56.69 -53.13
C HIS XA 29 -73.07 -57.46 -52.79
N LYS XA 30 -72.71 -58.40 -53.67
CA LYS XA 30 -71.50 -59.18 -53.54
C LYS XA 30 -70.72 -59.11 -54.85
N VAL XA 31 -69.41 -58.96 -54.77
CA VAL XA 31 -68.60 -58.73 -55.96
C VAL XA 31 -67.25 -59.43 -55.79
N THR XA 32 -66.70 -59.90 -56.90
CA THR XA 32 -65.40 -60.58 -56.94
C THR XA 32 -64.56 -60.01 -58.08
N VAL XA 33 -63.27 -59.90 -57.84
CA VAL XA 33 -62.34 -59.29 -58.80
C VAL XA 33 -61.34 -60.34 -59.24
N LEU XA 34 -61.12 -60.41 -60.55
CA LEU XA 34 -60.13 -61.30 -61.13
C LEU XA 34 -59.12 -60.49 -61.91
N CYS XA 35 -57.90 -61.05 -62.00
CA CYS XA 35 -56.77 -60.49 -62.76
C CYS XA 35 -56.43 -59.08 -62.29
N THR XA 36 -56.10 -58.94 -61.00
CA THR XA 36 -55.78 -57.62 -60.47
C THR XA 36 -54.34 -57.23 -60.72
N GLU XA 37 -53.54 -58.11 -61.31
CA GLU XA 37 -52.16 -57.74 -61.63
C GLU XA 37 -52.04 -57.02 -62.96
N ARG XA 38 -53.15 -56.81 -63.67
CA ARG XA 38 -53.11 -56.15 -64.96
C ARG XA 38 -53.86 -54.82 -64.97
N SER XA 39 -54.01 -54.16 -63.83
CA SER XA 39 -54.59 -52.82 -63.82
C SER XA 39 -53.52 -51.80 -64.18
N ILE XA 40 -53.95 -50.63 -64.58
CA ILE XA 40 -53.08 -49.61 -65.15
C ILE XA 40 -52.91 -48.48 -64.15
N LEU XA 41 -51.70 -47.91 -64.08
CA LEU XA 41 -51.42 -46.71 -63.31
C LEU XA 41 -50.84 -45.66 -64.25
N THR XA 42 -51.48 -44.50 -64.32
CA THR XA 42 -51.05 -43.48 -65.26
C THR XA 42 -49.77 -42.80 -64.78
N GLY XA 43 -49.11 -42.12 -65.71
CA GLY XA 43 -47.86 -41.45 -65.44
C GLY XA 43 -46.66 -42.28 -65.85
N PRO XA 44 -45.47 -41.70 -65.73
CA PRO XA 44 -44.26 -42.48 -66.01
C PRO XA 44 -43.99 -43.50 -64.93
N LEU XA 45 -43.10 -44.45 -65.25
CA LEU XA 45 -42.69 -45.45 -64.28
C LEU XA 45 -41.82 -44.84 -63.19
N ASP XA 46 -41.24 -43.67 -63.45
CA ASP XA 46 -40.23 -43.14 -62.57
C ASP XA 46 -40.84 -42.41 -61.39
N ARG XA 47 -42.01 -41.79 -61.59
CA ARG XA 47 -42.72 -41.18 -60.48
C ARG XA 47 -43.40 -42.24 -59.62
N SER XA 48 -43.85 -43.33 -60.25
CA SER XA 48 -44.62 -44.33 -59.52
C SER XA 48 -43.73 -45.15 -58.60
N ILE XA 49 -42.43 -45.18 -58.89
CA ILE XA 49 -41.49 -45.79 -57.95
C ILE XA 49 -41.26 -44.85 -56.78
N LEU XA 50 -41.18 -43.55 -57.05
CA LEU XA 50 -40.92 -42.57 -56.00
C LEU XA 50 -42.09 -42.44 -55.05
N LYS XA 51 -43.31 -42.72 -55.53
CA LYS XA 51 -44.46 -42.66 -54.64
C LYS XA 51 -44.48 -43.85 -53.69
N PHE XA 52 -44.16 -45.04 -54.20
CA PHE XA 52 -44.20 -46.23 -53.34
C PHE XA 52 -43.03 -46.26 -52.40
N LYS XA 53 -41.91 -45.63 -52.77
CA LYS XA 53 -40.75 -45.62 -51.89
C LYS XA 53 -40.99 -44.75 -50.67
N SER XA 54 -41.87 -43.75 -50.79
CA SER XA 54 -42.22 -42.94 -49.64
C SER XA 54 -43.19 -43.67 -48.72
N PHE XA 55 -43.94 -44.63 -49.27
CA PHE XA 55 -44.84 -45.42 -48.44
C PHE XA 55 -44.07 -46.46 -47.64
N MET XA 56 -42.92 -46.89 -48.15
CA MET XA 56 -42.11 -47.88 -47.43
C MET XA 56 -41.24 -47.25 -46.36
N ASN XA 57 -41.38 -45.95 -46.10
CA ASN XA 57 -40.55 -45.31 -45.09
C ASN XA 57 -41.28 -45.19 -43.77
N LYS XA 58 -42.61 -45.21 -43.79
CA LYS XA 58 -43.39 -45.01 -42.59
C LYS XA 58 -43.40 -46.27 -41.74
N ARG XA 59 -42.73 -46.23 -40.60
CA ARG XA 59 -42.81 -47.33 -39.63
C ARG XA 59 -42.69 -46.75 -38.24
N CYS XA 60 -43.31 -47.44 -37.28
CA CYS XA 60 -43.34 -46.95 -35.91
C CYS XA 60 -41.97 -47.09 -35.29
N ARG XA 61 -41.52 -46.05 -34.60
CA ARG XA 61 -40.13 -46.03 -34.14
C ARG XA 61 -39.96 -46.76 -32.83
N VAL XA 62 -40.98 -46.72 -31.96
CA VAL XA 62 -40.86 -47.33 -30.64
C VAL XA 62 -40.92 -48.85 -30.74
N ASN XA 63 -42.00 -49.37 -31.29
CA ASN XA 63 -42.14 -50.79 -31.51
C ASN XA 63 -42.58 -51.03 -32.94
N PRO XA 64 -41.69 -51.52 -33.80
CA PRO XA 64 -42.05 -51.64 -35.23
C PRO XA 64 -43.03 -52.75 -35.52
N ARG XA 65 -43.32 -53.62 -34.57
CA ARG XA 65 -44.34 -54.64 -34.79
C ARG XA 65 -45.73 -54.04 -34.81
N LYS XA 66 -45.98 -53.03 -33.98
CA LYS XA 66 -47.29 -52.39 -33.89
C LYS XA 66 -47.34 -51.17 -34.80
N GLY XA 67 -46.98 -51.38 -36.07
CA GLY XA 67 -46.80 -50.28 -36.98
C GLY XA 67 -47.49 -50.50 -38.30
N PRO XA 68 -47.36 -49.54 -39.21
CA PRO XA 68 -47.99 -49.67 -40.53
C PRO XA 68 -47.36 -50.79 -41.34
N PHE XA 69 -48.20 -51.70 -41.81
CA PHE XA 69 -47.75 -52.87 -42.55
C PHE XA 69 -47.77 -52.56 -44.04
N HIS XA 70 -46.86 -53.19 -44.78
CA HIS XA 70 -46.77 -53.00 -46.22
C HIS XA 70 -46.92 -54.35 -46.91
N HIS XA 71 -48.09 -54.56 -47.53
CA HIS XA 71 -48.36 -55.80 -48.24
C HIS XA 71 -47.76 -55.72 -49.63
N VAL XA 72 -47.40 -56.87 -50.19
CA VAL XA 72 -46.70 -56.90 -51.48
C VAL XA 72 -47.57 -57.48 -52.59
N LEU XA 73 -48.43 -58.45 -52.28
CA LEU XA 73 -49.18 -59.16 -53.30
C LEU XA 73 -50.21 -58.24 -53.96
N PRO XA 74 -50.43 -58.36 -55.27
CA PRO XA 74 -51.37 -57.46 -55.94
C PRO XA 74 -52.82 -57.66 -55.55
N SER XA 75 -53.17 -58.83 -55.00
CA SER XA 75 -54.49 -58.98 -54.42
C SER XA 75 -54.60 -58.19 -53.13
N MET XA 76 -53.63 -58.32 -52.24
CA MET XA 76 -53.72 -57.66 -50.94
C MET XA 76 -53.39 -56.19 -51.04
N ARG XA 77 -52.77 -55.77 -52.13
CA ARG XA 77 -52.55 -54.35 -52.35
C ARG XA 77 -53.81 -53.67 -52.85
N PHE XA 78 -54.62 -54.40 -53.61
CA PHE XA 78 -55.86 -53.83 -54.12
C PHE XA 78 -56.91 -53.71 -53.02
N LYS XA 79 -56.79 -54.53 -51.97
CA LYS XA 79 -57.75 -54.44 -50.87
C LYS XA 79 -57.48 -53.20 -50.02
N ARG XA 80 -56.24 -52.73 -49.98
CA ARG XA 80 -55.91 -51.55 -49.20
C ARG XA 80 -56.45 -50.29 -49.86
N ILE XA 81 -56.64 -50.33 -51.18
CA ILE XA 81 -57.17 -49.17 -51.88
C ILE XA 81 -58.66 -49.02 -51.59
N ILE XA 82 -59.39 -50.14 -51.58
CA ILE XA 82 -60.84 -50.08 -51.39
C ILE XA 82 -61.18 -49.76 -49.93
N ARG XA 83 -60.27 -50.05 -49.01
CA ARG XA 83 -60.53 -49.78 -47.60
C ARG XA 83 -60.51 -48.29 -47.29
N GLY XA 84 -59.87 -47.49 -48.15
CA GLY XA 84 -59.83 -46.06 -47.91
C GLY XA 84 -61.14 -45.37 -48.22
N MET XA 85 -61.99 -46.02 -49.03
CA MET XA 85 -63.26 -45.40 -49.38
C MET XA 85 -64.33 -45.70 -48.34
N ILE XA 86 -64.18 -46.79 -47.59
CA ILE XA 86 -65.24 -47.32 -46.75
C ILE XA 86 -64.98 -46.96 -45.30
N PRO XA 87 -65.99 -46.57 -44.51
CA PRO XA 87 -65.80 -46.36 -43.06
C PRO XA 87 -65.61 -47.67 -42.31
N TYR XA 88 -64.37 -48.17 -42.31
CA TYR XA 88 -64.12 -49.55 -41.90
C TYR XA 88 -64.08 -49.72 -40.39
N LYS XA 89 -64.36 -48.66 -39.61
CA LYS XA 89 -64.27 -48.81 -38.16
C LYS XA 89 -65.62 -49.16 -37.55
N PHE XA 90 -66.70 -48.57 -38.04
CA PHE XA 90 -68.00 -48.80 -37.43
C PHE XA 90 -68.61 -50.12 -37.91
N HIS XA 91 -69.83 -50.38 -37.43
CA HIS XA 91 -70.53 -51.60 -37.81
C HIS XA 91 -71.03 -51.52 -39.24
N LYS XA 92 -71.26 -50.29 -39.73
CA LYS XA 92 -71.76 -50.10 -41.08
C LYS XA 92 -70.73 -50.52 -42.12
N GLY XA 93 -69.45 -50.28 -41.83
CA GLY XA 93 -68.41 -50.62 -42.79
C GLY XA 93 -67.84 -52.01 -42.58
N LYS XA 94 -68.03 -52.57 -41.39
CA LYS XA 94 -67.55 -53.92 -41.13
C LYS XA 94 -68.37 -54.95 -41.89
N GLU XA 95 -69.63 -54.64 -42.19
CA GLU XA 95 -70.46 -55.60 -42.90
C GLU XA 95 -70.18 -55.59 -44.39
N ALA XA 96 -69.89 -54.42 -44.95
CA ALA XA 96 -69.69 -54.32 -46.39
C ALA XA 96 -68.37 -54.93 -46.82
N LEU XA 97 -67.40 -54.99 -45.92
CA LEU XA 97 -66.13 -55.61 -46.25
C LEU XA 97 -66.17 -57.13 -46.16
N LYS XA 98 -67.28 -57.70 -45.69
CA LYS XA 98 -67.38 -59.15 -45.63
C LYS XA 98 -67.93 -59.73 -46.92
N ASN XA 99 -68.20 -58.88 -47.91
CA ASN XA 99 -68.68 -59.33 -49.21
C ASN XA 99 -67.69 -59.06 -50.32
N LEU XA 100 -66.41 -58.92 -50.01
CA LEU XA 100 -65.39 -58.58 -50.99
C LEU XA 100 -64.35 -59.68 -51.06
N GLU XA 101 -63.96 -60.04 -52.29
CA GLU XA 101 -62.97 -61.07 -52.56
C GLU XA 101 -62.21 -60.72 -53.83
N CYS XA 102 -60.88 -60.76 -53.75
CA CYS XA 102 -60.02 -60.50 -54.89
C CYS XA 102 -59.07 -61.69 -55.07
N HIS XA 103 -58.52 -61.83 -56.27
CA HIS XA 103 -57.69 -62.98 -56.59
C HIS XA 103 -56.55 -62.59 -57.52
N GLU XA 104 -55.61 -63.52 -57.66
CA GLU XA 104 -54.44 -63.34 -58.52
C GLU XA 104 -54.66 -64.08 -59.83
N GLY XA 105 -54.79 -63.34 -60.91
CA GLY XA 105 -55.01 -63.98 -62.20
C GLY XA 105 -56.41 -64.55 -62.31
N ILE XA 106 -56.51 -65.77 -62.82
CA ILE XA 106 -57.77 -66.48 -62.96
C ILE XA 106 -57.63 -67.84 -62.29
N PRO XA 107 -58.27 -68.09 -61.16
CA PRO XA 107 -58.25 -69.43 -60.56
C PRO XA 107 -59.14 -70.40 -61.32
N SER XA 108 -59.26 -71.60 -60.74
CA SER XA 108 -59.88 -72.71 -61.46
C SER XA 108 -61.39 -72.64 -61.42
N GLU XA 109 -61.96 -71.92 -60.46
CA GLU XA 109 -63.40 -71.98 -60.23
C GLU XA 109 -64.16 -71.13 -61.23
N PHE XA 110 -63.50 -70.15 -61.83
CA PHE XA 110 -64.19 -69.12 -62.58
C PHE XA 110 -63.91 -69.19 -64.09
N ILE XA 111 -63.66 -70.38 -64.62
CA ILE XA 111 -63.37 -70.50 -66.04
C ILE XA 111 -64.63 -70.32 -66.86
N ASN XA 112 -65.77 -70.73 -66.31
CA ASN XA 112 -67.00 -70.73 -67.09
C ASN XA 112 -67.88 -69.53 -66.77
N SER XA 113 -67.62 -68.85 -65.64
CA SER XA 113 -68.45 -67.72 -65.24
C SER XA 113 -68.11 -66.49 -66.07
N GLU XA 114 -69.13 -65.67 -66.31
CA GLU XA 114 -68.98 -64.48 -67.13
C GLU XA 114 -68.29 -63.37 -66.34
N ARG XA 115 -67.92 -62.31 -67.06
CA ARG XA 115 -67.30 -61.15 -66.46
C ARG XA 115 -67.92 -59.90 -67.04
N VAL XA 116 -67.70 -58.77 -66.37
CA VAL XA 116 -68.21 -57.48 -66.81
C VAL XA 116 -67.07 -56.49 -66.82
N MET XA 117 -67.33 -55.32 -67.38
CA MET XA 117 -66.38 -54.23 -67.42
C MET XA 117 -67.11 -52.93 -67.14
N PHE XA 118 -66.39 -51.89 -66.76
CA PHE XA 118 -67.00 -50.61 -66.48
C PHE XA 118 -66.62 -49.60 -67.55
N PRO XA 119 -67.58 -49.01 -68.27
CA PRO XA 119 -67.20 -48.09 -69.34
C PRO XA 119 -66.78 -46.71 -68.86
N GLU XA 120 -66.97 -46.42 -67.57
CA GLU XA 120 -66.52 -45.14 -67.04
C GLU XA 120 -65.09 -45.23 -66.53
N CYS XA 121 -64.46 -46.40 -66.66
CA CYS XA 121 -63.15 -46.63 -66.09
C CYS XA 121 -62.15 -47.18 -67.09
N LEU XA 122 -62.58 -47.49 -68.31
CA LEU XA 122 -61.66 -48.00 -69.31
C LEU XA 122 -60.77 -46.89 -69.82
N LEU XA 123 -59.52 -47.24 -70.14
CA LEU XA 123 -58.50 -46.22 -70.40
C LEU XA 123 -58.73 -45.53 -71.74
N LYS XA 124 -59.34 -46.23 -72.70
CA LYS XA 124 -59.59 -45.64 -74.01
C LYS XA 124 -60.68 -44.59 -73.94
N TYR XA 125 -61.54 -44.66 -72.93
CA TYR XA 125 -62.70 -43.77 -72.90
C TYR XA 125 -62.64 -42.82 -71.72
N CYS XA 126 -61.60 -42.90 -70.90
CA CYS XA 126 -61.52 -42.02 -69.75
C CYS XA 126 -60.66 -40.79 -70.03
N ASN XA 127 -59.51 -40.98 -70.65
CA ASN XA 127 -58.49 -39.94 -70.71
C ASN XA 127 -58.22 -39.52 -72.15
N LYS XA 128 -57.26 -38.61 -72.30
CA LYS XA 128 -56.81 -38.20 -73.61
C LYS XA 128 -55.84 -39.25 -74.16
N PRO XA 129 -55.79 -39.44 -75.48
CA PRO XA 129 -54.94 -40.48 -76.03
C PRO XA 129 -53.50 -40.02 -76.20
N GLY XA 130 -52.58 -40.94 -75.91
CA GLY XA 130 -51.19 -40.73 -76.23
C GLY XA 130 -50.29 -40.30 -75.08
N LYS XA 131 -50.49 -40.83 -73.89
CA LYS XA 131 -49.63 -40.54 -72.76
C LYS XA 131 -49.11 -41.84 -72.16
N LYS XA 132 -48.10 -41.73 -71.31
CA LYS XA 132 -47.40 -42.92 -70.84
C LYS XA 132 -48.05 -43.48 -69.58
N TYR XA 133 -47.86 -44.78 -69.36
CA TYR XA 133 -48.50 -45.49 -68.27
C TYR XA 133 -47.70 -46.75 -67.97
N CYS XA 134 -48.21 -47.53 -67.01
CA CYS XA 134 -47.56 -48.77 -66.61
C CYS XA 134 -48.57 -49.66 -65.91
N LEU XA 135 -48.25 -50.95 -65.82
CA LEU XA 135 -49.13 -51.91 -65.18
C LEU XA 135 -48.89 -51.93 -63.67
N LEU XA 136 -49.70 -52.73 -62.96
CA LEU XA 136 -49.56 -52.81 -61.51
C LEU XA 136 -48.60 -53.90 -61.10
N GLY XA 137 -48.74 -55.10 -61.68
CA GLY XA 137 -47.86 -56.20 -61.32
C GLY XA 137 -46.46 -56.04 -61.88
N GLU XA 138 -46.31 -55.18 -62.89
CA GLU XA 138 -44.99 -54.83 -63.39
C GLU XA 138 -44.21 -54.01 -62.35
N LEU XA 139 -44.93 -53.20 -61.56
CA LEU XA 139 -44.28 -52.37 -60.57
C LEU XA 139 -43.86 -53.16 -59.34
N LEU XA 140 -44.64 -54.18 -58.98
CA LEU XA 140 -44.42 -54.83 -57.69
C LEU XA 140 -43.35 -55.91 -57.75
N VAL XA 141 -42.81 -56.18 -58.94
CA VAL XA 141 -41.69 -57.12 -59.06
C VAL XA 141 -40.45 -56.52 -58.41
N LYS XA 142 -40.27 -55.20 -58.55
CA LYS XA 142 -39.08 -54.55 -58.02
C LYS XA 142 -39.13 -54.40 -56.52
N PHE XA 143 -40.30 -54.60 -55.90
CA PHE XA 143 -40.39 -54.48 -54.45
C PHE XA 143 -40.41 -55.83 -53.76
N GLY XA 144 -40.37 -56.92 -54.51
CA GLY XA 144 -40.21 -58.21 -53.89
C GLY XA 144 -41.36 -59.19 -54.02
N TRP XA 145 -42.06 -59.15 -55.16
CA TRP XA 145 -43.06 -60.17 -55.45
C TRP XA 145 -42.34 -61.40 -56.01
N LYS XA 146 -42.49 -62.53 -55.34
CA LYS XA 146 -41.63 -63.68 -55.62
C LYS XA 146 -42.03 -64.40 -56.91
N HIS XA 147 -43.29 -64.28 -57.30
CA HIS XA 147 -43.83 -65.09 -58.40
C HIS XA 147 -44.72 -64.27 -59.32
N SER XA 148 -44.12 -63.69 -60.35
CA SER XA 148 -44.85 -63.03 -61.42
C SER XA 148 -44.81 -63.79 -62.73
N LYS XA 149 -44.16 -64.95 -62.76
CA LYS XA 149 -43.92 -65.64 -64.03
C LYS XA 149 -44.90 -66.77 -64.25
N ILE XA 150 -45.31 -67.46 -63.18
CA ILE XA 150 -46.18 -68.62 -63.34
C ILE XA 150 -47.61 -68.17 -63.59
N VAL XA 151 -47.99 -67.03 -63.04
CA VAL XA 151 -49.35 -66.51 -63.20
C VAL XA 151 -49.58 -66.07 -64.65
N LYS XA 152 -48.53 -65.62 -65.32
CA LYS XA 152 -48.65 -65.17 -66.70
C LYS XA 152 -48.87 -66.34 -67.64
N GLU XA 153 -48.31 -67.50 -67.33
CA GLU XA 153 -48.43 -68.65 -68.22
C GLU XA 153 -49.80 -69.29 -68.13
N LEU XA 154 -50.32 -69.43 -66.90
CA LEU XA 154 -51.53 -70.19 -66.70
C LEU XA 154 -52.76 -69.41 -67.16
N THR XA 155 -52.73 -68.08 -67.03
CA THR XA 155 -53.89 -67.30 -67.42
C THR XA 155 -53.99 -67.17 -68.94
N ASP XA 156 -52.84 -67.10 -69.61
CA ASP XA 156 -52.84 -66.85 -71.05
C ASP XA 156 -53.35 -68.05 -71.84
N SER XA 157 -53.12 -69.26 -71.31
CA SER XA 157 -53.69 -70.45 -71.95
C SER XA 157 -55.20 -70.50 -71.76
N ILE XA 158 -55.70 -69.93 -70.66
CA ILE XA 158 -57.13 -69.81 -70.47
C ILE XA 158 -57.70 -68.77 -71.42
N LEU XA 159 -56.99 -67.66 -71.59
CA LEU XA 159 -57.49 -66.59 -72.45
C LEU XA 159 -57.26 -66.90 -73.93
N GLU XA 160 -56.54 -67.97 -74.24
CA GLU XA 160 -56.38 -68.37 -75.63
C GLU XA 160 -57.52 -69.28 -76.07
N LYS XA 161 -57.94 -70.21 -75.21
CA LYS XA 161 -58.90 -71.23 -75.61
C LYS XA 161 -60.30 -70.67 -75.76
N GLU XA 162 -60.57 -69.52 -75.13
CA GLU XA 162 -61.90 -68.93 -75.22
C GLU XA 162 -62.05 -68.06 -76.46
N LYS XA 163 -60.94 -67.59 -77.01
CA LYS XA 163 -60.98 -66.75 -78.21
C LYS XA 163 -61.30 -67.56 -79.46
N GLU XA 183 -94.31 -79.85 -85.89
CA GLU XA 183 -95.64 -80.05 -85.33
C GLU XA 183 -96.08 -78.83 -84.56
N LEU XA 184 -95.67 -77.65 -85.04
CA LEU XA 184 -95.94 -76.42 -84.31
C LEU XA 184 -97.36 -75.93 -84.52
N GLU XA 185 -97.89 -76.11 -85.73
CA GLU XA 185 -99.25 -75.65 -86.02
C GLU XA 185 -100.29 -76.51 -85.31
N LYS XA 186 -99.94 -77.76 -85.02
CA LYS XA 186 -100.86 -78.63 -84.29
C LYS XA 186 -100.94 -78.24 -82.82
N ARG XA 187 -99.79 -77.93 -82.22
CA ARG XA 187 -99.78 -77.54 -80.81
C ARG XA 187 -100.35 -76.14 -80.61
N LEU XA 188 -100.21 -75.29 -81.63
CA LEU XA 188 -100.83 -73.97 -81.56
C LEU XA 188 -102.34 -74.06 -81.71
N LEU XA 189 -102.82 -75.06 -82.46
CA LEU XA 189 -104.26 -75.24 -82.64
C LEU XA 189 -104.88 -75.96 -81.45
N SER XA 190 -104.17 -76.94 -80.89
CA SER XA 190 -104.73 -77.75 -79.82
C SER XA 190 -104.75 -76.97 -78.50
N LEU XA 191 -103.63 -76.31 -78.16
CA LEU XA 191 -103.59 -75.54 -76.91
C LEU XA 191 -104.38 -74.25 -77.04
N LYS XA 192 -104.51 -73.74 -78.27
CA LYS XA 192 -105.23 -72.51 -78.62
C LYS XA 192 -104.74 -71.29 -77.84
N ILE YA 5 23.83 58.88 67.35
CA ILE YA 5 22.68 59.58 66.81
C ILE YA 5 22.39 59.10 65.40
N GLU YA 6 21.19 58.56 65.19
CA GLU YA 6 20.74 58.08 63.89
C GLU YA 6 19.27 58.48 63.71
N THR YA 7 19.06 59.61 63.05
CA THR YA 7 17.72 60.10 62.82
C THR YA 7 17.08 59.36 61.64
N SER YA 8 15.83 59.71 61.36
CA SER YA 8 15.16 59.15 60.19
C SER YA 8 15.59 59.88 58.92
N ASN YA 9 16.31 60.98 59.07
CA ASN YA 9 16.72 61.75 57.89
C ASN YA 9 18.10 61.35 57.41
N GLU YA 10 18.86 60.60 58.23
CA GLU YA 10 20.21 60.17 57.87
C GLU YA 10 20.50 58.82 58.50
N TYR YA 11 21.01 57.89 57.70
CA TYR YA 11 21.43 56.58 58.19
C TYR YA 11 22.41 55.97 57.20
N THR YA 12 22.74 54.71 57.43
CA THR YA 12 23.73 53.99 56.63
C THR YA 12 23.05 52.82 55.92
N ALA YA 13 23.37 52.62 54.64
CA ALA YA 13 22.73 51.61 53.82
C ALA YA 13 23.77 50.78 53.09
N ILE YA 14 23.34 49.63 52.57
CA ILE YA 14 24.24 48.74 51.86
C ILE YA 14 23.86 48.71 50.38
N CYS YA 15 24.86 48.65 49.51
CA CYS YA 15 24.64 48.62 48.07
C CYS YA 15 25.22 47.34 47.50
N HIS YA 16 24.41 46.61 46.73
CA HIS YA 16 24.87 45.46 45.98
C HIS YA 16 24.96 45.82 44.50
N ILE YA 17 26.00 45.33 43.85
CA ILE YA 17 26.18 45.52 42.42
C ILE YA 17 26.53 44.19 41.78
N LYS YA 18 25.74 43.76 40.80
CA LYS YA 18 25.96 42.51 40.09
C LYS YA 18 26.27 42.84 38.63
N ALA YA 19 27.54 42.74 38.26
CA ALA YA 19 28.00 43.19 36.96
C ALA YA 19 28.55 42.01 36.17
N THR YA 20 27.99 41.79 34.99
CA THR YA 20 28.47 40.80 34.03
C THR YA 20 28.74 41.55 32.72
N LYS YA 21 29.09 40.81 31.67
CA LYS YA 21 29.33 41.44 30.38
C LYS YA 21 28.02 41.85 29.71
N ASN YA 22 26.90 41.29 30.16
CA ASN YA 22 25.64 41.55 29.49
C ASN YA 22 24.83 42.64 30.18
N ASN YA 23 24.90 42.73 31.50
CA ASN YA 23 24.05 43.66 32.24
C ASN YA 23 24.68 43.98 33.58
N THR YA 24 24.30 45.16 34.11
CA THR YA 24 24.64 45.59 35.47
C THR YA 24 23.37 45.95 36.20
N ILE YA 25 23.22 45.46 37.43
CA ILE YA 25 22.05 45.69 38.26
C ILE YA 25 22.50 46.34 39.56
N ILE YA 26 21.92 47.49 39.89
CA ILE YA 26 22.25 48.23 41.10
C ILE YA 26 21.08 48.11 42.06
N HIS YA 27 21.33 47.54 43.23
CA HIS YA 27 20.33 47.28 44.24
C HIS YA 27 20.83 47.79 45.57
N VAL YA 28 20.12 48.76 46.15
CA VAL YA 28 20.49 49.37 47.41
C VAL YA 28 19.42 49.04 48.43
N THR YA 29 19.84 48.54 49.60
CA THR YA 29 18.91 48.21 50.65
C THR YA 29 19.48 48.66 52.00
N ASP YA 30 18.71 48.41 53.04
CA ASP YA 30 19.06 48.77 54.40
C ASP YA 30 20.06 47.77 54.98
N ILE YA 31 20.24 47.83 56.30
CA ILE YA 31 21.32 47.09 56.94
C ILE YA 31 20.93 45.61 57.10
N THR YA 32 19.64 45.31 57.00
CA THR YA 32 19.20 43.92 57.17
C THR YA 32 19.19 43.18 55.85
N GLY YA 33 18.77 43.85 54.78
CA GLY YA 33 18.61 43.21 53.50
C GLY YA 33 17.25 42.60 53.25
N SER YA 34 16.20 43.11 53.90
CA SER YA 34 14.88 42.52 53.74
C SER YA 34 13.92 43.46 53.01
N GLU YA 35 14.26 44.74 52.92
CA GLU YA 35 13.40 45.73 52.28
C GLU YA 35 14.18 46.47 51.20
N THR YA 36 13.53 46.68 50.07
CA THR YA 36 14.16 47.32 48.93
C THR YA 36 13.91 48.83 48.99
N ILE YA 37 14.99 49.60 49.07
CA ILE YA 37 14.86 51.05 48.97
C ILE YA 37 14.68 51.47 47.51
N CYS YA 38 15.61 51.05 46.65
CA CYS YA 38 15.54 51.34 45.24
C CYS YA 38 16.29 50.26 44.48
N ARG YA 39 15.92 50.08 43.21
CA ARG YA 39 16.55 49.08 42.36
C ARG YA 39 16.33 49.46 40.91
N ILE YA 40 17.41 49.82 40.21
CA ILE YA 40 17.33 50.22 38.81
C ILE YA 40 18.46 49.52 38.05
N SER YA 41 18.07 48.79 37.01
CA SER YA 41 19.00 48.01 36.21
C SER YA 41 19.42 48.78 34.97
N GLY YA 42 20.56 48.39 34.42
CA GLY YA 42 21.14 49.14 33.31
C GLY YA 42 20.37 48.98 32.02
N GLY YA 43 19.64 47.87 31.88
CA GLY YA 43 18.88 47.66 30.66
C GLY YA 43 17.62 48.49 30.61
N MET YA 44 17.20 49.04 31.75
CA MET YA 44 15.94 49.79 31.80
C MET YA 44 16.09 51.16 31.17
N ARG YA 45 17.32 51.68 31.08
CA ARG YA 45 17.50 53.02 30.52
C ARG YA 45 17.89 52.96 29.05
N VAL YA 46 18.38 51.81 28.59
CA VAL YA 46 18.90 51.71 27.23
C VAL YA 46 17.81 51.19 26.30
N LYS YA 47 17.99 51.43 25.00
CA LYS YA 47 17.00 51.06 23.99
C LYS YA 47 17.44 49.94 23.05
N SER YA 48 18.73 49.72 22.87
CA SER YA 48 19.23 48.69 21.96
C SER YA 48 19.79 47.52 22.75
N LYS YA 49 19.62 46.31 22.21
CA LYS YA 49 19.96 45.12 22.97
C LYS YA 49 21.46 44.90 23.07
N ARG YA 50 22.23 45.51 22.16
CA ARG YA 50 23.68 45.42 22.23
C ARG YA 50 24.25 46.21 23.39
N ASP YA 51 23.59 47.29 23.78
CA ASP YA 51 24.15 48.24 24.72
C ASP YA 51 23.60 48.11 26.13
N GLU YA 52 23.21 46.91 26.55
CA GLU YA 52 22.72 46.74 27.91
C GLU YA 52 23.88 46.74 28.92
N GLY YA 53 25.03 46.21 28.52
CA GLY YA 53 26.14 46.11 29.45
C GLY YA 53 27.24 47.12 29.21
N SER YA 54 26.95 48.18 28.44
CA SER YA 54 27.96 49.16 28.11
C SER YA 54 28.25 50.06 29.30
N PRO YA 55 29.46 50.63 29.37
CA PRO YA 55 29.73 51.62 30.43
C PRO YA 55 29.00 52.94 30.24
N TYR YA 56 28.47 53.19 29.05
CA TYR YA 56 27.67 54.39 28.84
C TYR YA 56 26.33 54.30 29.57
N ALA YA 57 25.64 53.17 29.46
CA ALA YA 57 24.32 53.05 30.04
C ALA YA 57 24.38 52.82 31.54
N ALA YA 58 25.56 52.47 32.05
CA ALA YA 58 25.71 52.29 33.49
C ALA YA 58 25.75 53.63 34.21
N MET YA 59 26.39 54.63 33.60
CA MET YA 59 26.50 55.93 34.26
C MET YA 59 25.18 56.69 34.19
N ILE YA 60 24.30 56.30 33.27
CA ILE YA 60 22.91 56.77 33.35
C ILE YA 60 22.18 56.01 34.45
N ALA YA 61 22.53 54.74 34.63
CA ALA YA 61 21.85 53.92 35.62
C ALA YA 61 22.32 54.23 37.04
N ALA YA 62 23.44 54.95 37.16
CA ALA YA 62 23.95 55.26 38.50
C ALA YA 62 23.53 56.64 38.94
N GLN YA 63 23.23 57.54 38.00
CA GLN YA 63 22.94 58.92 38.37
C GLN YA 63 21.47 59.08 38.80
N ASP YA 64 20.58 58.33 38.17
CA ASP YA 64 19.18 58.38 38.59
C ASP YA 64 18.95 57.64 39.90
N VAL YA 65 19.91 56.80 40.29
CA VAL YA 65 19.88 56.17 41.61
C VAL YA 65 20.11 57.20 42.70
N ALA YA 66 21.05 58.12 42.47
CA ALA YA 66 21.40 59.12 43.48
C ALA YA 66 20.28 60.13 43.70
N ALA YA 67 19.39 60.29 42.72
CA ALA YA 67 18.32 61.27 42.84
C ALA YA 67 17.23 60.77 43.79
N ILE YA 68 16.85 59.50 43.67
CA ILE YA 68 15.75 58.97 44.48
C ILE YA 68 16.25 58.63 45.87
N ILE YA 69 17.52 58.26 45.99
CA ILE YA 69 18.07 57.87 47.29
C ILE YA 69 18.28 59.11 48.17
N ALA YA 70 18.27 60.30 47.58
CA ALA YA 70 18.36 61.52 48.36
C ALA YA 70 17.04 61.83 49.06
N LYS YA 71 15.94 61.35 48.48
CA LYS YA 71 14.62 61.58 49.10
C LYS YA 71 14.46 60.74 50.37
N ARG YA 72 14.98 59.52 50.37
CA ARG YA 72 14.70 58.61 51.46
C ARG YA 72 15.73 58.66 52.57
N GLY YA 73 16.63 59.64 52.55
CA GLY YA 73 17.41 59.96 53.72
C GLY YA 73 18.67 59.14 53.94
N VAL YA 74 19.39 58.81 52.88
CA VAL YA 74 20.61 58.03 53.06
C VAL YA 74 21.82 58.94 52.99
N LYS YA 75 22.72 58.80 53.96
CA LYS YA 75 23.92 59.61 54.05
C LYS YA 75 25.17 58.86 53.58
N THR YA 76 25.44 57.69 54.14
CA THR YA 76 26.61 56.90 53.80
C THR YA 76 26.15 55.53 53.32
N VAL YA 77 26.99 54.92 52.47
CA VAL YA 77 26.64 53.69 51.76
C VAL YA 77 27.81 52.72 51.85
N HIS YA 78 27.50 51.47 52.21
CA HIS YA 78 28.44 50.36 52.11
C HIS YA 78 28.28 49.67 50.77
N PHE YA 79 29.35 49.04 50.29
CA PHE YA 79 29.37 48.46 48.95
C PHE YA 79 29.66 46.98 48.99
N MET YA 80 28.86 46.22 48.24
CA MET YA 80 29.04 44.79 48.05
C MET YA 80 29.11 44.49 46.55
N LEU YA 81 30.27 44.07 46.06
CA LEU YA 81 30.47 43.79 44.65
C LEU YA 81 30.60 42.29 44.45
N ARG YA 82 30.01 41.79 43.38
CA ARG YA 82 30.11 40.38 43.02
C ARG YA 82 29.97 40.22 41.53
N GLY YA 83 30.34 39.04 41.03
CA GLY YA 83 30.27 38.73 39.62
C GLY YA 83 29.12 37.80 39.28
N ALA YA 84 29.33 37.00 38.24
CA ALA YA 84 28.30 36.04 37.84
C ALA YA 84 28.28 34.84 38.76
N GLY YA 85 29.44 34.24 38.99
CA GLY YA 85 29.56 33.18 39.96
C GLY YA 85 29.10 31.82 39.45
N GLY YA 86 29.36 30.81 40.28
CA GLY YA 86 28.95 29.47 39.93
C GLY YA 86 29.83 28.90 38.84
N VAL YA 87 29.18 28.32 37.82
CA VAL YA 87 29.91 27.80 36.67
C VAL YA 87 30.15 28.87 35.61
N LYS YA 88 29.61 30.06 35.79
CA LYS YA 88 29.80 31.17 34.86
C LYS YA 88 31.08 31.89 35.26
N PRO YA 89 31.79 32.54 34.32
CA PRO YA 89 33.24 32.80 34.54
C PRO YA 89 33.60 33.82 35.61
N LYS YA 90 32.62 34.41 36.31
CA LYS YA 90 32.79 35.05 37.63
C LYS YA 90 33.64 36.33 37.61
N ALA YA 91 34.19 36.70 36.45
CA ALA YA 91 35.03 37.88 36.33
C ALA YA 91 34.17 39.14 36.36
N LEU YA 92 34.75 40.23 36.85
CA LEU YA 92 33.99 41.45 37.04
C LEU YA 92 33.75 42.14 35.71
N GLY YA 93 32.54 42.68 35.54
CA GLY YA 93 32.15 43.27 34.28
C GLY YA 93 32.77 44.63 34.06
N ALA YA 94 32.39 45.24 32.93
CA ALA YA 94 32.91 46.56 32.59
C ALA YA 94 32.23 47.65 33.39
N GLY YA 95 30.96 47.44 33.75
CA GLY YA 95 30.21 48.47 34.45
C GLY YA 95 30.42 48.50 35.95
N ALA YA 96 31.47 47.85 36.45
CA ALA YA 96 31.71 47.85 37.89
C ALA YA 96 32.28 49.17 38.35
N GLN YA 97 33.39 49.59 37.75
CA GLN YA 97 34.08 50.80 38.20
C GLN YA 97 33.32 52.06 37.84
N VAL YA 98 32.45 51.97 36.82
CA VAL YA 98 31.69 53.13 36.38
C VAL YA 98 30.64 53.52 37.41
N ALA YA 99 29.99 52.50 38.01
CA ALA YA 99 28.89 52.78 38.91
C ALA YA 99 29.36 53.31 40.26
N VAL YA 100 30.52 52.85 40.72
CA VAL YA 100 31.00 53.24 42.04
C VAL YA 100 31.52 54.68 42.00
N ARG YA 101 31.87 55.17 40.81
CA ARG YA 101 32.40 56.53 40.71
C ARG YA 101 31.29 57.56 40.62
N SER YA 102 30.12 57.15 40.11
CA SER YA 102 29.08 58.13 39.84
C SER YA 102 28.24 58.43 41.07
N ILE YA 103 28.09 57.45 41.97
CA ILE YA 103 27.34 57.69 43.20
C ILE YA 103 28.14 58.56 44.16
N ILE YA 104 29.46 58.33 44.21
CA ILE YA 104 30.36 59.13 45.04
C ILE YA 104 30.40 60.57 44.53
N ARG YA 105 30.32 60.75 43.21
CA ARG YA 105 30.44 62.07 42.60
C ARG YA 105 29.25 62.97 42.96
N SER YA 106 28.10 62.37 43.23
CA SER YA 106 26.91 63.17 43.55
C SER YA 106 27.00 63.77 44.95
N GLY YA 107 27.81 63.19 45.83
CA GLY YA 107 28.01 63.76 47.15
C GLY YA 107 27.79 62.79 48.30
N ILE YA 108 27.55 61.52 47.98
CA ILE YA 108 27.27 60.50 48.98
C ILE YA 108 28.58 59.88 49.43
N LYS YA 109 28.76 59.76 50.74
CA LYS YA 109 29.97 59.15 51.28
C LYS YA 109 29.88 57.63 51.23
N MET YA 110 31.04 56.99 51.27
CA MET YA 110 31.14 55.54 51.22
C MET YA 110 31.59 55.01 52.57
N GLY YA 111 31.04 53.87 52.97
CA GLY YA 111 31.47 53.25 54.21
C GLY YA 111 32.48 52.14 54.08
N ARG YA 112 32.15 51.10 53.31
CA ARG YA 112 32.93 49.87 53.25
C ARG YA 112 32.70 49.18 51.92
N ILE YA 113 33.75 48.50 51.44
CA ILE YA 113 33.73 47.80 50.16
C ILE YA 113 34.12 46.36 50.40
N GLU YA 114 33.33 45.43 49.88
CA GLU YA 114 33.60 44.01 50.06
C GLU YA 114 33.30 43.26 48.78
N ASP YA 115 33.93 42.08 48.65
CA ASP YA 115 33.85 41.24 47.46
C ASP YA 115 33.22 39.90 47.85
N VAL YA 116 32.08 39.59 47.24
CA VAL YA 116 31.25 38.47 47.68
C VAL YA 116 30.91 37.49 46.56
N THR YA 117 31.81 37.32 45.58
CA THR YA 117 31.55 36.40 44.48
C THR YA 117 31.48 34.96 44.98
N PRO YA 118 30.37 34.26 44.75
CA PRO YA 118 30.23 32.89 45.28
C PRO YA 118 31.06 31.90 44.48
N GLU YA 119 32.02 31.27 45.15
CA GLU YA 119 32.92 30.32 44.52
C GLU YA 119 32.57 28.90 44.96
N PRO YA 120 32.34 27.98 44.03
CA PRO YA 120 31.98 26.62 44.43
C PRO YA 120 33.20 25.82 44.85
N THR YA 121 32.99 24.94 45.82
CA THR YA 121 34.02 23.97 46.18
C THR YA 121 34.18 22.96 45.05
N ASP YA 122 33.09 22.59 44.39
CA ASP YA 122 33.14 21.65 43.28
C ASP YA 122 32.12 22.02 42.22
N LYS YA 123 32.47 21.74 40.98
CA LYS YA 123 31.68 22.16 39.83
C LYS YA 123 30.69 21.07 39.43
N VAL YA 124 29.76 21.45 38.58
CA VAL YA 124 28.91 20.52 37.84
C VAL YA 124 29.31 20.61 36.38
N ARG YA 125 28.67 19.80 35.53
CA ARG YA 125 29.10 19.73 34.14
C ARG YA 125 28.64 20.97 33.37
N MET YA 126 29.60 21.65 32.75
CA MET YA 126 29.33 22.89 32.04
C MET YA 126 28.68 22.61 30.68
N LYS YA 127 28.27 23.68 30.03
CA LYS YA 127 27.70 23.57 28.70
C LYS YA 127 28.80 23.37 27.67
N GLY YA 128 28.55 22.48 26.72
CA GLY YA 128 29.52 22.19 25.69
C GLY YA 128 29.98 20.74 25.77
N GLY YA 129 30.29 20.16 24.61
CA GLY YA 129 30.60 18.76 24.50
C GLY YA 129 32.02 18.42 24.89
N HIS YA 130 32.47 17.24 24.46
CA HIS YA 130 33.85 16.84 24.69
C HIS YA 130 34.80 17.63 23.81
N ARG YA 131 34.31 18.15 22.69
CA ARG YA 131 35.13 18.95 21.80
C ARG YA 131 34.86 20.44 21.94
N GLY YA 132 33.89 20.83 22.74
CA GLY YA 132 33.73 22.23 23.10
C GLY YA 132 32.80 23.00 22.18
N ARG YA 133 32.67 24.28 22.47
CA ARG YA 133 31.83 25.20 21.71
C ARG YA 133 32.66 25.72 20.53
N ARG YA 134 32.28 25.35 19.33
CA ARG YA 134 33.06 25.64 18.13
C ARG YA 134 32.32 26.61 17.25
N VAL YA 135 32.73 27.87 17.28
CA VAL YA 135 32.16 28.87 16.38
C VAL YA 135 33.19 29.21 15.31
N VAL ZA 2 -36.38 47.78 -8.52
CA VAL ZA 2 -37.63 48.50 -8.70
C VAL ZA 2 -37.61 49.77 -7.88
N ASN ZA 3 -37.88 50.91 -8.53
CA ASN ZA 3 -37.90 52.20 -7.89
C ASN ZA 3 -39.34 52.62 -7.67
N LEU ZA 4 -39.67 53.00 -6.44
CA LEU ZA 4 -41.02 53.39 -6.07
C LEU ZA 4 -41.02 54.82 -5.52
N PRO ZA 5 -42.05 55.61 -5.81
CA PRO ZA 5 -42.08 56.98 -5.30
C PRO ZA 5 -42.56 57.02 -3.86
N LYS ZA 6 -42.50 58.22 -3.27
CA LYS ZA 6 -42.96 58.43 -1.91
C LYS ZA 6 -44.20 59.32 -1.85
N VAL ZA 7 -44.63 59.85 -2.97
CA VAL ZA 7 -45.81 60.72 -3.04
C VAL ZA 7 -46.69 60.23 -4.18
N ARG ZA 8 -47.95 59.94 -3.87
CA ARG ZA 8 -48.91 59.51 -4.88
C ARG ZA 8 -50.25 60.15 -4.58
N ARG ZA 9 -50.89 60.67 -5.62
CA ARG ZA 9 -52.16 61.39 -5.48
C ARG ZA 9 -53.29 60.50 -5.96
N THR ZA 10 -54.12 60.01 -5.04
CA THR ZA 10 -55.12 59.00 -5.36
C THR ZA 10 -56.48 59.42 -4.84
N HIS ZA 11 -57.49 58.65 -5.22
CA HIS ZA 11 -58.85 58.88 -4.77
C HIS ZA 11 -59.04 58.35 -3.35
N CYS ZA 12 -59.59 59.19 -2.49
CA CYS ZA 12 -59.84 58.83 -1.10
C CYS ZA 12 -61.34 58.64 -0.90
N ALA ZA 13 -61.72 57.52 -0.28
CA ALA ZA 13 -63.12 57.14 -0.22
C ALA ZA 13 -63.88 57.94 0.84
N HIS ZA 14 -63.18 58.38 1.89
CA HIS ZA 14 -63.86 59.08 2.97
C HIS ZA 14 -64.09 60.55 2.61
N CYS ZA 15 -63.11 61.18 1.96
CA CYS ZA 15 -63.27 62.58 1.58
C CYS ZA 15 -64.05 62.72 0.28
N ASN ZA 16 -64.10 61.64 -0.52
CA ASN ZA 16 -64.63 61.62 -1.89
C ASN ZA 16 -63.95 62.64 -2.80
N ALA ZA 17 -62.62 62.67 -2.77
CA ALA ZA 17 -61.83 63.55 -3.62
C ALA ZA 17 -60.41 63.02 -3.73
N HIS ZA 18 -59.69 63.47 -4.75
CA HIS ZA 18 -58.27 63.18 -4.83
C HIS ZA 18 -57.49 64.02 -3.83
N THR ZA 19 -56.51 63.39 -3.18
CA THR ZA 19 -55.69 64.06 -2.18
C THR ZA 19 -54.31 63.43 -2.23
N VAL ZA 20 -53.29 64.24 -1.93
CA VAL ZA 20 -51.91 63.76 -1.88
C VAL ZA 20 -51.72 62.81 -0.71
N HIS ZA 21 -51.14 61.63 -0.99
CA HIS ZA 21 -50.90 60.63 0.03
C HIS ZA 21 -49.42 60.49 0.28
N LYS ZA 22 -49.09 59.77 1.36
CA LYS ZA 22 -47.71 59.47 1.73
C LYS ZA 22 -47.54 57.96 1.80
N VAL ZA 23 -46.39 57.47 1.34
CA VAL ZA 23 -46.16 56.05 1.12
C VAL ZA 23 -45.09 55.57 2.09
N SER ZA 24 -45.34 54.43 2.72
CA SER ZA 24 -44.36 53.79 3.60
C SER ZA 24 -44.43 52.29 3.43
N LEU ZA 25 -43.35 51.61 3.78
CA LEU ZA 25 -43.27 50.17 3.69
C LEU ZA 25 -44.04 49.50 4.83
N TYR ZA 26 -44.09 48.17 4.77
CA TYR ZA 26 -44.81 47.38 5.75
C TYR ZA 26 -43.95 46.21 6.23
N LYS ZA 27 -43.93 45.99 7.53
CA LYS ZA 27 -43.20 44.89 8.14
C LYS ZA 27 -44.09 44.22 9.17
N LYS ZA 28 -43.92 42.91 9.32
CA LYS ZA 28 -44.74 42.17 10.26
C LYS ZA 28 -44.35 42.50 11.70
N SER ZA 29 -45.32 42.93 12.48
CA SER ZA 29 -45.07 43.32 13.86
C SER ZA 29 -44.88 42.10 14.75
N LYS ZA 30 -44.60 42.37 16.02
CA LYS ZA 30 -44.33 41.30 16.96
C LYS ZA 30 -45.62 40.86 17.65
N ASP ZA 31 -45.82 39.54 17.72
CA ASP ZA 31 -47.05 38.95 18.24
C ASP ZA 31 -47.12 39.08 19.76
N SER ZA 32 -48.30 38.78 20.30
CA SER ZA 32 -48.55 38.84 21.73
C SER ZA 32 -49.12 37.52 22.21
N GLU ZA 33 -49.23 37.39 23.53
CA GLU ZA 33 -49.59 36.13 24.17
C GLU ZA 33 -50.97 36.15 24.81
N ILE ZA 34 -51.75 37.21 24.61
CA ILE ZA 34 -53.11 37.23 25.16
C ILE ZA 34 -54.14 36.88 24.09
N VAL ZA 35 -53.73 36.79 22.83
CA VAL ZA 35 -54.62 36.39 21.75
C VAL ZA 35 -54.94 34.91 21.90
N SER ZA 36 -56.13 34.51 21.44
CA SER ZA 36 -56.70 33.20 21.77
C SER ZA 36 -55.92 32.05 21.15
N GLY ZA 37 -55.13 32.32 20.11
CA GLY ZA 37 -54.33 31.26 19.52
C GLY ZA 37 -53.15 30.88 20.40
N ALA ZA 38 -52.70 31.81 21.23
CA ALA ZA 38 -51.57 31.50 22.11
C ALA ZA 38 -52.04 30.90 23.43
N ARG ZA 39 -53.28 31.19 23.84
CA ARG ZA 39 -53.77 30.63 25.09
C ARG ZA 39 -54.17 29.18 24.93
N ARG ZA 40 -54.59 28.78 23.73
CA ARG ZA 40 -54.82 27.37 23.48
C ARG ZA 40 -53.50 26.61 23.40
N TYR ZA 41 -52.51 27.20 22.72
CA TYR ZA 41 -51.27 26.50 22.46
C TYR ZA 41 -50.42 26.39 23.71
N ARG ZA 42 -50.60 27.31 24.65
CA ARG ZA 42 -49.79 27.26 25.87
C ARG ZA 42 -50.28 26.17 26.80
N LEU ZA 43 -51.58 25.86 26.76
CA LEU ZA 43 -52.12 24.85 27.66
C LEU ZA 43 -52.13 23.47 27.02
N LYS ZA 44 -52.09 23.41 25.69
CA LYS ZA 44 -51.96 22.12 25.03
C LYS ZA 44 -50.56 21.56 25.18
N GLN ZA 45 -49.56 22.44 25.25
CA GLN ZA 45 -48.17 22.02 25.26
C GLN ZA 45 -47.68 21.55 26.62
N LYS ZA 46 -48.55 21.47 27.63
CA LYS ZA 46 -48.16 20.92 28.93
C LYS ZA 46 -48.44 19.42 28.96
N THR ZA 47 -47.92 18.73 27.94
CA THR ZA 47 -48.08 17.30 27.81
C THR ZA 47 -46.78 16.79 27.20
N ILE ZA 48 -46.46 15.53 27.49
CA ILE ZA 48 -45.21 14.95 27.02
C ILE ZA 48 -45.26 14.75 25.52
N GLY ZA 49 -44.38 15.44 24.81
CA GLY ZA 49 -44.40 15.44 23.36
C GLY ZA 49 -44.74 16.81 22.81
N GLN ZA 50 -44.96 16.84 21.50
CA GLN ZA 50 -45.41 18.04 20.81
C GLN ZA 50 -46.68 17.70 20.05
N THR ZA 51 -47.64 18.63 20.04
CA THR ZA 51 -48.98 18.30 19.60
C THR ZA 51 -49.31 18.90 18.24
N LYS ZA 52 -48.62 19.97 17.84
CA LYS ZA 52 -49.04 20.59 16.59
C LYS ZA 52 -47.88 20.67 15.60
N PRO ZA 53 -48.15 20.48 14.31
CA PRO ZA 53 -47.07 20.34 13.33
C PRO ZA 53 -46.38 21.64 12.99
N ILE ZA 54 -45.14 21.52 12.53
CA ILE ZA 54 -44.35 22.63 12.02
C ILE ZA 54 -43.99 22.29 10.59
N LEU ZA 55 -44.06 23.28 9.70
CA LEU ZA 55 -43.72 23.05 8.30
C LEU ZA 55 -42.22 22.95 8.13
N LYS ZA 56 -41.76 21.91 7.43
CA LYS ZA 56 -40.35 21.59 7.34
C LYS ZA 56 -39.73 21.82 5.98
N ARG ZA 57 -40.46 21.58 4.90
CA ARG ZA 57 -39.95 21.79 3.55
C ARG ZA 57 -40.69 22.96 2.90
N LYS ZA 58 -39.92 23.98 2.50
CA LYS ZA 58 -40.49 25.13 1.82
C LYS ZA 58 -39.61 25.48 0.64
N ALA ZA 59 -40.18 26.17 -0.36
CA ALA ZA 59 -39.50 26.40 -1.61
C ALA ZA 59 -39.64 27.79 -2.19
N LYS ZA 60 -40.35 28.70 -1.53
CA LYS ZA 60 -40.43 30.06 -2.04
C LYS ZA 60 -39.13 30.79 -1.82
N LEU ZA 61 -38.93 31.87 -2.57
CA LEU ZA 61 -37.72 32.65 -2.47
C LEU ZA 61 -37.94 34.11 -2.07
N THR ZA 62 -38.98 34.76 -2.59
CA THR ZA 62 -39.21 36.17 -2.28
C THR ZA 62 -40.69 36.40 -2.08
N LYS ZA 63 -41.01 37.38 -1.22
CA LYS ZA 63 -42.38 37.67 -0.83
C LYS ZA 63 -42.90 38.88 -1.61
N LYS ZA 64 -44.20 39.13 -1.49
CA LYS ZA 64 -44.83 40.24 -2.19
C LYS ZA 64 -44.58 41.55 -1.45
N ILE ZA 65 -45.09 42.65 -2.02
CA ILE ZA 65 -44.88 43.97 -1.45
C ILE ZA 65 -46.22 44.54 -0.98
N MET ZA 66 -46.22 45.10 0.22
CA MET ZA 66 -47.39 45.80 0.76
C MET ZA 66 -47.05 47.26 0.97
N LEU ZA 67 -47.98 48.15 0.63
CA LEU ZA 67 -47.79 49.57 0.77
C LEU ZA 67 -48.83 50.16 1.70
N LYS ZA 68 -48.69 51.46 2.01
CA LYS ZA 68 -49.53 52.13 3.00
C LYS ZA 68 -49.73 53.59 2.58
N LEU ZA 69 -50.85 53.86 1.92
CA LEU ZA 69 -51.19 55.23 1.57
C LEU ZA 69 -51.95 55.89 2.71
N GLU ZA 70 -51.74 57.19 2.88
CA GLU ZA 70 -52.30 57.90 4.02
C GLU ZA 70 -52.81 59.27 3.60
N CYS ZA 71 -54.11 59.50 3.83
CA CYS ZA 71 -54.75 60.77 3.56
C CYS ZA 71 -54.47 61.73 4.71
N PRO ZA 72 -54.16 63.00 4.43
CA PRO ZA 72 -53.92 63.94 5.53
C PRO ZA 72 -55.20 64.43 6.19
N LYS ZA 73 -56.29 64.54 5.44
CA LYS ZA 73 -57.54 65.03 6.02
C LYS ZA 73 -58.17 63.98 6.93
N CYS ZA 74 -58.31 62.74 6.45
CA CYS ZA 74 -58.95 61.71 7.24
C CYS ZA 74 -58.04 61.20 8.34
N LYS ZA 75 -56.72 61.25 8.11
CA LYS ZA 75 -55.70 60.48 8.84
C LYS ZA 75 -56.05 58.99 8.89
N LYS ZA 76 -56.44 58.44 7.76
CA LYS ZA 76 -56.82 57.03 7.65
C LYS ZA 76 -55.98 56.36 6.58
N ILE ZA 77 -55.65 55.09 6.81
CA ILE ZA 77 -54.67 54.41 5.99
C ILE ZA 77 -55.36 53.43 5.04
N GLN ZA 78 -54.81 53.31 3.84
CA GLN ZA 78 -55.22 52.27 2.89
C GLN ZA 78 -54.04 51.34 2.65
N GLN ZA 79 -54.32 50.19 2.05
CA GLN ZA 79 -53.30 49.19 1.80
C GLN ZA 79 -53.39 48.74 0.35
N LYS ZA 80 -52.23 48.65 -0.31
CA LYS ZA 80 -52.15 48.23 -1.70
C LYS ZA 80 -50.99 47.25 -1.88
N VAL ZA 81 -50.98 46.59 -3.03
CA VAL ZA 81 -50.11 45.44 -3.25
C VAL ZA 81 -49.54 45.50 -4.68
N CYS ZA 82 -48.25 45.14 -4.79
CA CYS ZA 82 -47.57 45.09 -6.08
C CYS ZA 82 -47.05 43.67 -6.31
N LYS ZA 83 -46.34 43.49 -7.40
CA LYS ZA 83 -45.86 42.17 -7.77
C LYS ZA 83 -44.58 41.82 -7.02
N ARG ZA 84 -44.08 40.61 -7.28
CA ARG ZA 84 -42.87 40.14 -6.64
C ARG ZA 84 -41.64 40.84 -7.23
N ALA ZA 85 -40.61 41.04 -6.42
CA ALA ZA 85 -39.39 41.71 -6.83
C ALA ZA 85 -38.27 41.36 -5.87
N LYS ZA 86 -37.03 41.41 -6.36
CA LYS ZA 86 -35.90 41.00 -5.54
C LYS ZA 86 -35.23 42.19 -4.86
N HIS ZA 87 -35.13 43.32 -5.54
CA HIS ZA 87 -34.49 44.51 -5.00
C HIS ZA 87 -35.48 45.66 -5.01
N VAL ZA 88 -35.85 46.13 -3.82
CA VAL ZA 88 -36.86 47.18 -3.65
C VAL ZA 88 -36.21 48.38 -3.00
N VAL ZA 89 -36.18 49.50 -3.71
CA VAL ZA 89 -35.70 50.77 -3.18
C VAL ZA 89 -36.75 51.83 -3.48
N MET ZA 90 -37.05 52.66 -2.48
CA MET ZA 90 -38.07 53.69 -2.63
C MET ZA 90 -37.43 55.07 -2.51
N GLY ZA 91 -37.87 55.98 -3.37
CA GLY ZA 91 -37.37 57.34 -3.34
C GLY ZA 91 -36.03 57.56 -3.98
N GLY ZA 92 -35.63 56.72 -4.93
CA GLY ZA 92 -34.33 56.87 -5.54
C GLY ZA 92 -34.29 57.97 -6.58
N GLU ZA 93 -33.12 58.13 -7.20
CA GLU ZA 93 -32.98 59.13 -8.25
C GLU ZA 93 -33.41 58.54 -9.59
N LYS ZA 94 -34.11 59.35 -10.38
CA LYS ZA 94 -34.75 58.86 -11.59
C LYS ZA 94 -33.73 58.61 -12.70
N LYS ZA 95 -34.21 58.03 -13.79
CA LYS ZA 95 -33.35 57.64 -14.90
C LYS ZA 95 -32.86 58.88 -15.66
N ARG ZA 96 -31.71 58.74 -16.30
CA ARG ZA 96 -31.09 59.81 -17.08
C ARG ZA 96 -31.05 59.41 -18.53
N LYS ZA 97 -31.66 60.24 -19.38
CA LYS ZA 97 -31.87 59.87 -20.78
C LYS ZA 97 -30.61 60.11 -21.61
N ASN ZA 98 -29.87 59.03 -21.87
CA ASN ZA 98 -28.77 58.98 -22.82
C ASN ZA 98 -27.63 59.97 -22.49
N GLU ZA 99 -27.01 59.77 -21.34
CA GLU ZA 99 -25.84 60.56 -20.96
C GLU ZA 99 -24.59 59.69 -20.80
N ALA AB 2 -78.89 -65.20 15.92
CA ALA AB 2 -80.22 -65.40 15.37
C ALA AB 2 -80.30 -64.86 13.95
N ILE AB 3 -79.29 -65.18 13.16
CA ILE AB 3 -79.35 -64.83 11.74
C ILE AB 3 -80.33 -65.76 11.04
N ASN AB 4 -81.21 -65.17 10.24
CA ASN AB 4 -82.19 -65.94 9.48
C ASN AB 4 -81.55 -66.45 8.21
N PHE AB 5 -82.06 -67.57 7.71
CA PHE AB 5 -81.55 -68.14 6.48
C PHE AB 5 -82.23 -67.50 5.28
N ALA AB 6 -81.50 -67.41 4.18
CA ALA AB 6 -82.09 -67.03 2.91
C ALA AB 6 -82.60 -68.22 2.12
N TYR AB 7 -82.76 -69.37 2.78
CA TYR AB 7 -83.21 -70.58 2.12
C TYR AB 7 -84.72 -70.72 2.23
N ASP AB 8 -85.35 -71.14 1.14
CA ASP AB 8 -86.80 -71.34 1.10
C ASP AB 8 -87.08 -72.84 1.21
N VAL AB 9 -87.68 -73.24 2.32
CA VAL AB 9 -87.85 -74.64 2.67
C VAL AB 9 -89.22 -75.09 2.21
N VAL AB 10 -89.26 -76.07 1.30
CA VAL AB 10 -90.52 -76.57 0.77
C VAL AB 10 -91.07 -77.70 1.63
N ASP AB 11 -90.19 -78.47 2.27
CA ASP AB 11 -90.57 -79.59 3.12
C ASP AB 11 -89.90 -79.45 4.48
N PRO AB 12 -90.65 -79.27 5.56
CA PRO AB 12 -90.01 -79.06 6.87
C PRO AB 12 -89.34 -80.31 7.41
N THR AB 13 -89.83 -81.49 7.08
CA THR AB 13 -89.12 -82.72 7.36
C THR AB 13 -87.98 -82.85 6.35
N LYS AB 14 -86.96 -83.63 6.73
CA LYS AB 14 -85.83 -84.00 5.87
C LYS AB 14 -84.98 -82.79 5.45
N VAL AB 15 -84.95 -81.75 6.28
CA VAL AB 15 -84.08 -80.60 6.09
C VAL AB 15 -83.38 -80.32 7.40
N ILE AB 16 -82.06 -80.29 7.38
CA ILE AB 16 -81.25 -80.11 8.58
C ILE AB 16 -80.42 -78.83 8.43
N LYS AB 17 -80.52 -77.95 9.42
CA LYS AB 17 -79.80 -76.68 9.41
C LYS AB 17 -78.85 -76.60 10.59
N SER AB 18 -77.80 -75.80 10.43
CA SER AB 18 -76.81 -75.58 11.47
C SER AB 18 -76.10 -74.27 11.20
N GLN AB 19 -75.46 -73.73 12.24
CA GLN AB 19 -75.14 -72.30 12.24
C GLN AB 19 -74.03 -72.01 13.24
N ILE AB 20 -73.12 -71.13 12.83
CA ILE AB 20 -72.15 -70.53 13.74
C ILE AB 20 -72.17 -69.03 13.49
N ASP AB 21 -72.32 -68.25 14.54
CA ASP AB 21 -72.40 -66.80 14.44
C ASP AB 21 -71.12 -66.16 14.95
N SER AB 22 -70.54 -65.28 14.13
CA SER AB 22 -69.35 -64.48 14.45
C SER AB 22 -68.15 -65.36 14.80
N ALA AB 23 -67.74 -66.20 13.86
CA ALA AB 23 -66.60 -67.07 14.09
C ALA AB 23 -65.31 -66.30 13.85
N ARG AB 24 -64.26 -66.68 14.57
CA ARG AB 24 -63.01 -65.91 14.60
C ARG AB 24 -62.06 -66.36 13.49
N VAL AB 25 -62.61 -66.43 12.27
CA VAL AB 25 -61.83 -66.83 11.11
C VAL AB 25 -61.94 -65.69 10.10
N SER AB 26 -60.90 -65.52 9.27
CA SER AB 26 -60.91 -64.46 8.27
C SER AB 26 -61.99 -64.69 7.22
N PHE AB 27 -62.57 -63.60 6.73
CA PHE AB 27 -63.75 -63.72 5.87
C PHE AB 27 -63.38 -64.08 4.45
N LYS AB 28 -62.28 -63.53 3.94
CA LYS AB 28 -61.95 -63.72 2.53
C LYS AB 28 -61.42 -65.11 2.26
N LYS AB 29 -61.02 -65.84 3.29
CA LYS AB 29 -60.46 -67.17 3.07
C LYS AB 29 -61.52 -68.26 3.19
N THR AB 30 -62.50 -68.09 4.07
CA THR AB 30 -63.57 -69.07 4.15
C THR AB 30 -64.52 -68.95 2.98
N ARG AB 31 -64.58 -67.77 2.35
CA ARG AB 31 -65.37 -67.63 1.14
C ARG AB 31 -64.73 -68.38 -0.01
N GLU AB 32 -63.40 -68.45 -0.02
CA GLU AB 32 -62.71 -69.13 -1.11
C GLU AB 32 -62.84 -70.64 -1.01
N THR AB 33 -62.90 -71.17 0.22
CA THR AB 33 -62.99 -72.62 0.35
C THR AB 33 -64.39 -73.14 0.07
N ALA AB 34 -65.41 -72.39 0.46
CA ALA AB 34 -66.76 -72.93 0.41
C ALA AB 34 -67.45 -72.75 -0.94
N ASN AB 35 -66.74 -72.29 -1.97
CA ASN AB 35 -67.42 -72.03 -3.25
C ASN AB 35 -67.74 -73.31 -4.00
N THR AB 36 -67.04 -74.40 -3.70
CA THR AB 36 -67.23 -75.65 -4.41
C THR AB 36 -67.81 -76.76 -3.55
N LEU AB 37 -68.53 -76.41 -2.48
CA LEU AB 37 -69.09 -77.45 -1.62
C LEU AB 37 -70.54 -77.75 -1.99
N ARG AB 38 -71.20 -76.82 -2.67
CA ARG AB 38 -72.60 -77.01 -3.03
C ARG AB 38 -72.73 -78.08 -4.11
N LYS AB 39 -73.88 -78.76 -4.08
CA LYS AB 39 -74.20 -79.90 -4.95
C LYS AB 39 -73.16 -81.01 -4.83
N ARG AB 40 -72.93 -81.44 -3.59
CA ARG AB 40 -72.02 -82.54 -3.30
C ARG AB 40 -72.66 -83.46 -2.27
N SER AB 41 -72.16 -84.68 -2.20
CA SER AB 41 -72.55 -85.57 -1.11
C SER AB 41 -71.88 -85.11 0.17
N LEU AB 42 -72.49 -85.42 1.31
CA LEU AB 42 -71.90 -85.00 2.58
C LEU AB 42 -70.67 -85.82 2.91
N LEU AB 43 -70.60 -87.04 2.39
CA LEU AB 43 -69.44 -87.87 2.67
C LEU AB 43 -68.25 -87.47 1.81
N ASN AB 44 -68.51 -86.96 0.61
CA ASN AB 44 -67.41 -86.53 -0.24
C ASN AB 44 -66.79 -85.22 0.25
N ALA AB 45 -67.56 -84.46 1.03
CA ALA AB 45 -67.07 -83.17 1.50
C ALA AB 45 -66.07 -83.34 2.62
N ILE AB 46 -66.32 -84.26 3.55
CA ILE AB 46 -65.43 -84.45 4.69
C ILE AB 46 -64.13 -85.11 4.25
N SER AB 47 -64.20 -85.93 3.21
CA SER AB 47 -62.98 -86.51 2.66
C SER AB 47 -62.15 -85.46 1.94
N TYR AB 48 -62.82 -84.49 1.32
CA TYR AB 48 -62.11 -83.48 0.55
C TYR AB 48 -61.41 -82.48 1.45
N LEU AB 49 -62.05 -82.13 2.56
CA LEU AB 49 -61.49 -81.08 3.42
C LEU AB 49 -60.32 -81.59 4.25
N ASN AB 50 -60.21 -82.90 4.41
CA ASN AB 50 -59.06 -83.44 5.12
C ASN AB 50 -57.83 -83.47 4.23
N ASN AB 51 -58.02 -83.46 2.91
CA ASN AB 51 -56.88 -83.43 2.00
C ASN AB 51 -56.31 -82.04 1.89
N VAL AB 52 -57.08 -81.02 2.25
CA VAL AB 52 -56.57 -79.65 2.22
C VAL AB 52 -55.62 -79.42 3.38
N VAL AB 53 -55.88 -80.08 4.51
CA VAL AB 53 -55.04 -79.90 5.69
C VAL AB 53 -53.69 -80.59 5.50
N VAL AB 54 -53.69 -81.76 4.84
CA VAL AB 54 -52.44 -82.47 4.60
C VAL AB 54 -51.83 -82.13 3.25
N LYS AB 55 -52.31 -81.08 2.58
CA LYS AB 55 -51.82 -80.53 1.32
C LYS AB 55 -51.84 -81.51 0.16
N LYS AB 56 -52.97 -82.17 -0.10
CA LYS AB 56 -53.02 -83.07 -1.25
C LYS AB 56 -53.99 -82.57 -2.31
N GLU AB 57 -54.94 -81.72 -1.94
CA GLU AB 57 -55.82 -81.06 -2.89
C GLU AB 57 -55.87 -79.57 -2.56
N CYS AB 58 -55.98 -78.75 -3.60
CA CYS AB 58 -55.89 -77.31 -3.44
C CYS AB 58 -57.25 -76.68 -3.62
N VAL AB 59 -57.33 -75.40 -3.27
CA VAL AB 59 -58.56 -74.62 -3.38
C VAL AB 59 -58.41 -73.60 -4.51
N PRO AB 60 -59.31 -73.55 -5.46
CA PRO AB 60 -59.14 -72.60 -6.57
C PRO AB 60 -59.61 -71.20 -6.22
N MET AB 61 -58.68 -70.24 -6.23
CA MET AB 61 -59.03 -68.88 -5.88
C MET AB 61 -59.64 -68.17 -7.07
N ARG AB 62 -60.85 -67.65 -6.90
CA ARG AB 62 -61.58 -67.10 -8.03
C ARG AB 62 -61.93 -65.63 -7.87
N ARG AB 63 -62.40 -65.22 -6.69
CA ARG AB 63 -62.81 -63.83 -6.54
C ARG AB 63 -61.66 -62.96 -6.05
N TYR AB 64 -61.04 -63.31 -4.93
CA TYR AB 64 -59.92 -62.57 -4.36
C TYR AB 64 -58.66 -63.38 -4.62
N ALA AB 65 -57.98 -63.08 -5.72
CA ALA AB 65 -56.89 -63.95 -6.17
C ALA AB 65 -55.69 -63.18 -6.71
N ARG AB 66 -55.55 -61.92 -6.35
CA ARG AB 66 -54.42 -61.16 -6.87
C ARG AB 66 -53.15 -61.49 -6.12
N GLY AB 67 -52.25 -62.19 -6.79
CA GLY AB 67 -50.98 -62.56 -6.17
C GLY AB 67 -50.97 -63.92 -5.53
N CYS AB 68 -51.35 -64.96 -6.28
CA CYS AB 68 -51.35 -66.33 -5.81
C CYS AB 68 -50.43 -67.15 -6.69
N GLY AB 69 -49.70 -68.09 -6.10
CA GLY AB 69 -48.73 -68.85 -6.88
C GLY AB 69 -49.40 -69.94 -7.70
N HIS AB 70 -48.82 -70.20 -8.87
CA HIS AB 70 -49.33 -71.26 -9.73
C HIS AB 70 -48.93 -72.62 -9.20
N THR AB 71 -49.73 -73.63 -9.51
CA THR AB 71 -49.43 -75.01 -9.14
C THR AB 71 -50.09 -75.96 -10.11
N ARG AB 72 -49.69 -77.22 -10.04
CA ARG AB 72 -50.23 -78.22 -10.95
C ARG AB 72 -51.44 -78.94 -10.38
N GLN AB 73 -51.69 -78.82 -9.07
CA GLN AB 73 -52.85 -79.48 -8.49
C GLN AB 73 -54.16 -78.79 -8.86
N ALA AB 74 -54.11 -77.56 -9.36
CA ALA AB 74 -55.30 -76.84 -9.78
C ALA AB 74 -55.65 -77.12 -11.23
N ARG AB 75 -55.12 -78.18 -11.82
CA ARG AB 75 -55.53 -78.55 -13.17
C ARG AB 75 -56.85 -79.31 -13.14
N ALA AB 76 -57.25 -79.78 -11.96
CA ALA AB 76 -58.50 -80.53 -11.85
C ALA AB 76 -59.71 -79.61 -11.98
N PHE AB 77 -59.53 -78.33 -11.72
CA PHE AB 77 -60.59 -77.35 -11.86
C PHE AB 77 -60.45 -76.50 -13.11
N ASN AB 78 -59.58 -76.90 -14.04
CA ASN AB 78 -59.21 -76.13 -15.24
C ASN AB 78 -58.71 -74.74 -14.87
N GLN AB 79 -57.94 -74.65 -13.80
CA GLN AB 79 -57.46 -73.39 -13.26
C GLN AB 79 -55.95 -73.36 -13.32
N ARG AB 80 -55.38 -72.29 -12.77
CA ARG AB 80 -53.95 -72.14 -12.72
C ARG AB 80 -53.47 -71.58 -11.39
N LYS AB 81 -54.36 -71.27 -10.45
CA LYS AB 81 -54.00 -70.77 -9.13
C LYS AB 81 -54.57 -71.68 -8.06
N GLY AB 82 -53.87 -71.80 -6.93
CA GLY AB 82 -54.35 -72.62 -5.84
C GLY AB 82 -53.60 -72.38 -4.56
N ARG AB 83 -54.30 -72.58 -3.44
CA ARG AB 83 -53.73 -72.41 -2.11
C ARG AB 83 -54.42 -73.38 -1.15
N TRP AB 84 -53.80 -73.60 0.00
CA TRP AB 84 -54.28 -74.56 0.98
C TRP AB 84 -54.46 -73.91 2.35
N PRO AB 85 -55.59 -73.28 2.65
CA PRO AB 85 -55.73 -72.64 3.96
C PRO AB 85 -56.01 -73.61 5.08
N LYS AB 86 -55.28 -73.50 6.20
CA LYS AB 86 -55.49 -74.42 7.31
C LYS AB 86 -56.72 -74.05 8.12
N LYS AB 87 -56.71 -72.87 8.74
CA LYS AB 87 -57.64 -72.55 9.82
C LYS AB 87 -59.06 -72.37 9.30
N SER AB 88 -59.21 -72.07 8.01
CA SER AB 88 -60.54 -71.93 7.44
C SER AB 88 -61.18 -73.30 7.23
N ALA AB 89 -60.37 -74.33 7.02
CA ALA AB 89 -60.92 -75.65 6.78
C ALA AB 89 -61.33 -76.34 8.06
N LEU AB 90 -60.66 -76.01 9.17
CA LEU AB 90 -61.02 -76.61 10.45
C LEU AB 90 -62.33 -76.04 10.98
N ALA AB 91 -62.63 -74.79 10.65
CA ALA AB 91 -63.89 -74.21 11.10
C ALA AB 91 -65.06 -74.76 10.32
N LEU AB 92 -64.86 -75.09 9.05
CA LEU AB 92 -65.95 -75.66 8.25
C LEU AB 92 -66.14 -77.14 8.57
N LEU AB 93 -65.11 -77.80 9.08
CA LEU AB 93 -65.24 -79.21 9.41
C LEU AB 93 -66.08 -79.41 10.66
N GLN AB 94 -66.05 -78.45 11.57
CA GLN AB 94 -66.83 -78.57 12.81
C GLN AB 94 -68.31 -78.43 12.53
N VAL AB 95 -68.67 -77.75 11.45
CA VAL AB 95 -70.07 -77.58 11.10
C VAL AB 95 -70.63 -78.85 10.50
N LEU AB 96 -69.81 -79.56 9.71
CA LEU AB 96 -70.33 -80.71 8.99
C LEU AB 96 -70.44 -81.94 9.90
N GLU AB 97 -69.70 -81.97 10.99
CA GLU AB 97 -69.85 -83.07 11.94
C GLU AB 97 -71.14 -82.95 12.72
N ASN AB 98 -71.55 -81.71 13.01
CA ASN AB 98 -72.76 -81.48 13.79
C ASN AB 98 -74.00 -81.84 12.99
N ILE AB 99 -73.94 -81.74 11.67
CA ILE AB 99 -75.06 -82.14 10.82
C ILE AB 99 -75.19 -83.67 10.82
N LYS AB 100 -74.06 -84.37 10.90
CA LYS AB 100 -74.08 -85.82 10.88
C LYS AB 100 -74.64 -86.41 12.16
N GLU AB 101 -74.59 -85.64 13.26
CA GLU AB 101 -75.07 -86.15 14.53
C GLU AB 101 -76.57 -86.02 14.66
N GLN AB 102 -77.15 -84.98 14.08
CA GLN AB 102 -78.59 -84.81 14.15
C GLN AB 102 -79.30 -85.81 13.23
N ALA AB 103 -78.59 -86.30 12.22
CA ALA AB 103 -79.20 -87.25 11.30
C ALA AB 103 -79.38 -88.62 11.95
N VAL AB 104 -78.44 -89.02 12.81
CA VAL AB 104 -78.57 -90.31 13.47
C VAL AB 104 -79.50 -90.19 14.68
N GLU AB 105 -79.71 -88.97 15.17
CA GLU AB 105 -80.68 -88.80 16.24
C GLU AB 105 -82.10 -88.80 15.69
N LYS AB 106 -82.30 -88.18 14.52
CA LYS AB 106 -83.61 -88.25 13.89
C LYS AB 106 -83.75 -89.49 13.02
N GLY AB 107 -82.73 -90.35 12.99
CA GLY AB 107 -82.83 -91.62 12.34
C GLY AB 107 -82.72 -91.59 10.83
N LEU AB 108 -82.26 -90.48 10.26
CA LEU AB 108 -82.18 -90.38 8.81
C LEU AB 108 -80.99 -91.17 8.27
N GLU AB 109 -81.01 -91.41 6.96
CA GLU AB 109 -79.94 -92.14 6.31
C GLU AB 109 -78.83 -91.18 5.90
N VAL AB 110 -77.59 -91.54 6.22
CA VAL AB 110 -76.48 -90.59 6.12
C VAL AB 110 -76.03 -90.45 4.67
N GLU AB 111 -76.13 -91.53 3.89
CA GLU AB 111 -75.59 -91.51 2.53
C GLU AB 111 -76.46 -90.69 1.59
N LYS AB 112 -77.76 -90.57 1.89
CA LYS AB 112 -78.67 -89.97 0.94
C LYS AB 112 -78.64 -88.44 0.99
N LEU AB 113 -77.96 -87.87 1.99
CA LEU AB 113 -78.01 -86.42 2.17
C LEU AB 113 -77.17 -85.71 1.12
N ASP AB 114 -77.53 -84.45 0.86
CA ASP AB 114 -76.76 -83.58 -0.01
C ASP AB 114 -76.69 -82.18 0.59
N LEU AB 115 -75.65 -81.45 0.21
CA LEU AB 115 -75.51 -80.06 0.58
C LEU AB 115 -76.35 -79.22 -0.38
N ASP AB 116 -77.17 -78.33 0.18
CA ASP AB 116 -78.11 -77.57 -0.62
C ASP AB 116 -77.85 -76.07 -0.60
N HIS AB 117 -77.73 -75.48 0.58
CA HIS AB 117 -77.63 -74.03 0.72
C HIS AB 117 -76.40 -73.70 1.54
N VAL AB 118 -75.43 -73.04 0.92
CA VAL AB 118 -74.20 -72.64 1.58
C VAL AB 118 -73.97 -71.18 1.30
N GLN AB 119 -74.01 -70.34 2.34
CA GLN AB 119 -73.69 -68.93 2.21
C GLN AB 119 -72.96 -68.47 3.46
N ILE AB 120 -72.05 -67.51 3.29
CA ILE AB 120 -71.42 -66.81 4.40
C ILE AB 120 -71.58 -65.32 4.15
N CYS AB 121 -71.32 -64.51 5.18
CA CYS AB 121 -71.52 -63.08 5.09
C CYS AB 121 -70.62 -62.39 6.11
N ARG AB 122 -70.63 -61.06 6.08
CA ARG AB 122 -69.75 -60.28 6.93
C ARG AB 122 -70.34 -60.11 8.32
N ALA AB 123 -69.53 -59.56 9.22
CA ALA AB 123 -69.82 -59.47 10.64
C ALA AB 123 -69.23 -58.18 11.18
N PRO AB 124 -69.71 -57.69 12.33
CA PRO AB 124 -69.11 -56.50 12.92
C PRO AB 124 -67.67 -56.71 13.37
N LYS AB 125 -66.90 -55.62 13.38
CA LYS AB 125 -65.45 -55.71 13.53
C LYS AB 125 -65.05 -55.72 14.99
N VAL AB 126 -63.77 -56.02 15.22
CA VAL AB 126 -63.12 -55.97 16.53
C VAL AB 126 -61.85 -55.15 16.37
N PHE AB 127 -61.76 -54.03 17.08
CA PHE AB 127 -60.75 -53.04 16.76
C PHE AB 127 -59.43 -53.28 17.49
N GLY AB 128 -58.35 -52.70 16.94
CA GLY AB 128 -57.00 -52.91 17.42
C GLY AB 128 -56.15 -51.67 17.22
N ARG AB 129 -54.85 -51.83 17.41
CA ARG AB 129 -53.92 -50.70 17.43
C ARG AB 129 -52.51 -51.14 17.01
N ILE AB 130 -51.73 -50.17 16.56
CA ILE AB 130 -50.32 -50.38 16.23
C ILE AB 130 -49.59 -49.05 16.41
N PHE AB 131 -48.28 -49.12 16.58
CA PHE AB 131 -47.45 -47.92 16.74
C PHE AB 131 -46.36 -47.93 15.68
N ARG AB 132 -46.38 -46.95 14.79
CA ARG AB 132 -45.48 -46.90 13.66
C ARG AB 132 -44.36 -45.90 13.90
N ALA AB 133 -43.57 -45.67 12.85
CA ALA AB 133 -42.42 -44.77 12.96
C ALA AB 133 -42.88 -43.33 13.06
N HIS AB 134 -42.01 -42.49 13.64
CA HIS AB 134 -42.25 -41.08 13.95
C HIS AB 134 -43.47 -40.86 14.85
N GLY AB 135 -43.84 -41.86 15.65
CA GLY AB 135 -44.87 -41.67 16.65
C GLY AB 135 -46.29 -41.59 16.14
N ARG AB 136 -46.63 -42.33 15.08
CA ARG AB 136 -48.00 -42.31 14.61
C ARG AB 136 -48.69 -43.64 14.87
N VAL AB 137 -50.02 -43.60 14.97
CA VAL AB 137 -50.83 -44.72 15.39
C VAL AB 137 -51.83 -45.07 14.29
N ASN AB 138 -51.85 -46.34 13.89
CA ASN AB 138 -52.69 -46.82 12.80
C ASN AB 138 -53.55 -47.96 13.29
N PRO AB 139 -54.74 -48.15 12.70
CA PRO AB 139 -55.61 -49.23 13.16
C PRO AB 139 -55.15 -50.60 12.69
N PHE AB 140 -55.53 -51.62 13.46
CA PHE AB 140 -55.05 -52.99 13.28
C PHE AB 140 -56.19 -53.99 13.52
N ASN AB 141 -57.36 -53.73 12.96
CA ASN AB 141 -58.52 -54.52 13.32
C ASN AB 141 -58.68 -55.75 12.43
N LYS AB 142 -59.59 -56.64 12.84
CA LYS AB 142 -59.85 -57.90 12.14
C LYS AB 142 -61.33 -58.03 11.84
N SER AB 143 -61.68 -58.99 10.96
CA SER AB 143 -63.01 -59.08 10.39
C SER AB 143 -63.56 -60.49 10.47
N PRO AB 144 -64.49 -60.78 11.37
CA PRO AB 144 -65.09 -62.11 11.44
C PRO AB 144 -66.19 -62.33 10.43
N CYS AB 145 -66.88 -63.47 10.49
CA CYS AB 145 -67.92 -63.81 9.52
C CYS AB 145 -68.99 -64.68 10.18
N HIS AB 146 -70.12 -64.81 9.49
CA HIS AB 146 -71.19 -65.73 9.86
C HIS AB 146 -71.20 -66.90 8.89
N ILE AB 147 -71.47 -68.12 9.39
CA ILE AB 147 -71.43 -69.33 8.58
C ILE AB 147 -72.80 -70.00 8.64
N LEU AB 148 -73.38 -70.27 7.47
CA LEU AB 148 -74.73 -70.81 7.35
C LEU AB 148 -74.73 -71.94 6.34
N VAL AB 149 -75.18 -73.13 6.76
CA VAL AB 149 -75.15 -74.35 5.96
C VAL AB 149 -76.41 -75.15 6.24
N ALA AB 150 -77.08 -75.60 5.17
CA ALA AB 150 -78.26 -76.46 5.29
C ALA AB 150 -78.08 -77.71 4.43
N ALA AB 151 -78.62 -78.83 4.90
CA ALA AB 151 -78.49 -80.12 4.22
C ALA AB 151 -79.87 -80.70 3.95
N LYS AB 152 -80.00 -81.39 2.83
CA LYS AB 152 -81.28 -81.91 2.35
C LYS AB 152 -81.09 -83.32 1.83
N VAL AB 153 -82.09 -84.18 2.05
CA VAL AB 153 -82.02 -85.54 1.52
C VAL AB 153 -82.25 -85.51 0.01
N ARG AB 154 -81.68 -86.49 -0.68
CA ARG AB 154 -81.97 -86.66 -2.10
C ARG AB 154 -83.36 -87.26 -2.28
N ASP AB 155 -83.84 -87.24 -3.51
CA ASP AB 155 -85.15 -87.80 -3.82
C ASP AB 155 -85.10 -89.32 -3.82
N PHE BB 9 -6.27 85.17 -57.49
CA PHE BB 9 -4.94 84.58 -57.58
C PHE BB 9 -4.30 84.40 -56.21
N ARG BB 10 -3.00 84.21 -56.19
CA ARG BB 10 -2.22 84.16 -54.97
C ARG BB 10 -1.15 85.25 -55.01
N LYS BB 11 -1.23 86.20 -54.09
CA LYS BB 11 -0.24 87.27 -53.99
C LYS BB 11 0.93 86.73 -53.20
N PHE BB 12 2.09 86.68 -53.84
CA PHE BB 12 3.30 86.17 -53.22
C PHE BB 12 4.40 87.21 -53.28
N SER BB 13 5.17 87.33 -52.19
CA SER BB 13 6.24 88.32 -52.09
C SER BB 13 7.44 87.73 -51.35
N TYR BB 14 8.61 88.31 -51.59
CA TYR BB 14 9.83 87.86 -50.91
C TYR BB 14 10.32 88.84 -49.85
N ARG BB 15 10.54 90.09 -50.21
CA ARG BB 15 10.98 91.13 -49.27
C ARG BB 15 10.20 92.40 -49.49
N GLY BB 16 8.91 92.27 -49.80
CA GLY BB 16 8.11 93.40 -50.20
C GLY BB 16 8.08 93.63 -51.69
N VAL BB 17 8.74 92.80 -52.48
CA VAL BB 17 8.75 92.92 -53.93
C VAL BB 17 7.74 91.94 -54.49
N ASP BB 18 7.25 92.22 -55.70
CA ASP BB 18 6.27 91.34 -56.31
C ASP BB 18 6.95 90.15 -56.96
N PHE BB 19 6.28 89.01 -56.94
CA PHE BB 19 6.86 87.76 -57.42
C PHE BB 19 7.08 87.77 -58.93
N ASP BB 20 6.20 88.46 -59.68
CA ASP BB 20 6.30 88.43 -61.13
C ASP BB 20 7.48 89.23 -61.63
N ILE BB 21 7.93 90.22 -60.85
CA ILE BB 21 9.08 91.02 -61.24
C ILE BB 21 10.36 90.22 -61.09
N ILE BB 22 10.36 89.24 -60.18
CA ILE BB 22 11.52 88.38 -60.00
C ILE BB 22 11.71 87.47 -61.21
N LYS BB 23 10.62 87.16 -61.92
CA LYS BB 23 10.69 86.30 -63.09
C LYS BB 23 11.36 87.00 -64.27
N ASN BB 24 11.51 88.33 -64.20
CA ASN BB 24 12.11 89.07 -65.30
C ASN BB 24 13.44 89.70 -64.93
N MET BB 25 13.84 89.62 -63.66
CA MET BB 25 15.07 90.27 -63.22
C MET BB 25 16.30 89.48 -63.64
N LYS BB 26 17.45 90.15 -63.64
CA LYS BB 26 18.71 89.48 -63.91
C LYS BB 26 19.25 88.83 -62.63
N PHE BB 27 20.38 88.14 -62.78
CA PHE BB 27 20.95 87.43 -61.64
C PHE BB 27 21.63 88.38 -60.67
N SER BB 28 22.17 89.49 -61.17
CA SER BB 28 22.78 90.49 -60.29
C SER BB 28 21.72 91.20 -59.46
N GLU BB 29 20.55 91.46 -60.07
CA GLU BB 29 19.48 92.15 -59.36
C GLU BB 29 18.86 91.27 -58.29
N TYR BB 30 18.75 89.97 -58.56
CA TYR BB 30 18.19 89.05 -57.58
C TYR BB 30 19.12 88.82 -56.41
N ALA BB 31 20.44 88.89 -56.62
CA ALA BB 31 21.39 88.54 -55.57
C ALA BB 31 21.42 89.59 -54.47
N GLU BB 32 20.98 90.81 -54.78
CA GLU BB 32 21.02 91.88 -53.79
C GLU BB 32 19.95 91.69 -52.72
N LEU BB 33 18.90 90.94 -53.03
CA LEU BB 33 17.86 90.67 -52.05
C LEU BB 33 18.20 89.47 -51.16
N LEU BB 34 19.22 88.70 -51.52
CA LEU BB 34 19.66 87.57 -50.71
C LEU BB 34 20.34 88.07 -49.43
N PRO BB 35 20.42 87.24 -48.40
CA PRO BB 35 21.18 87.62 -47.20
C PRO BB 35 22.68 87.71 -47.45
N SER BB 36 23.40 88.07 -46.38
CA SER BB 36 24.80 88.47 -46.52
C SER BB 36 25.71 87.28 -46.82
N ARG BB 37 25.43 86.13 -46.20
CA ARG BB 37 26.22 84.94 -46.49
C ARG BB 37 25.92 84.43 -47.90
N LEU BB 38 24.68 84.61 -48.35
CA LEU BB 38 24.32 84.23 -49.71
C LEU BB 38 24.95 85.17 -50.72
N ARG BB 39 25.17 86.43 -50.34
CA ARG BB 39 25.87 87.35 -51.24
C ARG BB 39 27.34 87.00 -51.36
N ARG BB 40 27.94 86.48 -50.28
CA ARG BB 40 29.34 86.08 -50.34
C ARG BB 40 29.51 84.85 -51.21
N ARG BB 41 28.50 83.99 -51.25
CA ARG BB 41 28.62 82.73 -51.98
C ARG BB 41 28.52 82.95 -53.49
N VAL BB 42 27.63 83.85 -53.93
CA VAL BB 42 27.52 84.17 -55.35
C VAL BB 42 28.76 84.93 -55.81
N LYS BB 43 29.35 85.72 -54.91
CA LYS BB 43 30.55 86.49 -55.24
C LYS BB 43 31.75 85.57 -55.44
N ARG BB 44 31.76 84.42 -54.76
CA ARG BB 44 32.89 83.50 -54.92
C ARG BB 44 32.84 82.79 -56.26
N GLY BB 45 31.66 82.39 -56.70
CA GLY BB 45 31.52 81.78 -58.00
C GLY BB 45 30.52 80.63 -57.97
N LEU BB 46 30.52 79.88 -59.07
CA LEU BB 46 29.67 78.71 -59.25
C LEU BB 46 30.50 77.54 -59.72
N SER BB 47 30.21 76.35 -59.20
CA SER BB 47 30.99 75.17 -59.55
C SER BB 47 30.56 74.60 -60.90
N GLY BB 48 31.27 73.55 -61.32
CA GLY BB 48 30.95 72.92 -62.59
C GLY BB 48 29.71 72.05 -62.50
N ARG BB 49 29.42 71.52 -61.32
CA ARG BB 49 28.24 70.67 -61.16
C ARG BB 49 26.97 71.52 -61.04
N GLU BB 50 27.11 72.78 -60.62
CA GLU BB 50 25.93 73.61 -60.39
C GLU BB 50 25.41 74.19 -61.69
N VAL BB 51 26.30 74.49 -62.63
CA VAL BB 51 25.90 75.21 -63.84
C VAL BB 51 25.12 74.30 -64.78
N GLU BB 52 25.35 72.98 -64.69
CA GLU BB 52 24.63 72.05 -65.55
C GLU BB 52 23.19 71.87 -65.09
N LEU BB 53 22.91 72.15 -63.81
CA LEU BB 53 21.55 72.04 -63.30
C LEU BB 53 20.66 73.13 -63.90
N ILE BB 54 21.23 74.32 -64.06
CA ILE BB 54 20.43 75.48 -64.44
C ILE BB 54 20.04 75.41 -65.91
N LYS BB 55 20.83 74.72 -66.72
CA LYS BB 55 20.44 74.47 -68.10
C LYS BB 55 19.42 73.36 -68.20
N SER BB 56 19.58 72.31 -67.40
CA SER BB 56 18.77 71.11 -67.55
C SER BB 56 17.37 71.30 -66.99
N CYS BB 57 17.20 72.21 -66.02
CA CYS BB 57 15.88 72.43 -65.45
C CYS BB 57 14.98 73.20 -66.41
N ILE BB 58 15.57 74.18 -67.10
CA ILE BB 58 14.79 74.99 -68.05
C ILE BB 58 14.52 74.18 -69.31
N ALA BB 59 15.45 73.29 -69.67
CA ALA BB 59 15.24 72.44 -70.84
C ALA BB 59 14.15 71.41 -70.58
N SER BB 60 13.98 71.00 -69.32
CA SER BB 60 12.88 70.10 -68.98
C SER BB 60 11.56 70.85 -68.90
N LYS BB 61 11.63 72.17 -68.70
CA LYS BB 61 10.42 72.99 -68.67
C LYS BB 61 9.84 73.14 -70.07
N GLU BB 62 10.69 73.40 -71.06
CA GLU BB 62 10.22 73.59 -72.43
C GLU BB 62 9.99 72.25 -73.12
N ALA BB 63 10.32 71.14 -72.46
CA ALA BB 63 10.15 69.83 -73.07
C ALA BB 63 8.68 69.47 -73.20
N MET BB 64 7.90 69.66 -72.15
CA MET BB 64 6.51 69.23 -72.19
C MET BB 64 5.59 70.35 -72.66
N THR BB 65 5.45 71.41 -71.85
CA THR BB 65 4.63 72.60 -72.11
C THR BB 65 3.21 72.22 -72.59
N ASN BB 66 2.61 71.23 -71.92
CA ASN BB 66 1.28 70.80 -72.31
C ASN BB 66 0.55 70.17 -71.12
N ALA BB 67 -0.74 70.52 -71.00
CA ALA BB 67 -1.76 69.83 -70.23
C ALA BB 67 -1.52 69.78 -68.73
N HIS BB 68 -0.60 70.60 -68.19
CA HIS BB 68 -0.30 70.71 -66.76
C HIS BB 68 0.14 69.38 -66.14
N GLU BB 69 1.06 68.70 -66.80
CA GLU BB 69 1.63 67.47 -66.26
C GLU BB 69 2.96 67.75 -65.57
N LYS BB 70 3.43 66.79 -64.80
CA LYS BB 70 4.68 66.98 -64.08
C LYS BB 70 5.87 66.79 -65.02
N PRO BB 71 6.74 67.78 -65.14
CA PRO BB 71 7.91 67.64 -66.04
C PRO BB 71 8.98 66.73 -65.45
N GLU BB 72 10.12 66.73 -66.12
CA GLU BB 72 11.14 65.71 -65.89
C GLU BB 72 11.84 65.88 -64.54
N ILE BB 73 12.12 64.74 -63.89
CA ILE BB 73 12.89 64.73 -62.65
C ILE BB 73 14.37 64.90 -62.98
N VAL BB 74 15.07 65.63 -62.11
CA VAL BB 74 16.50 65.91 -62.28
C VAL BB 74 17.22 65.37 -61.05
N LYS BB 75 18.30 64.62 -61.28
CA LYS BB 75 19.13 64.07 -60.21
C LYS BB 75 20.41 64.89 -60.11
N THR BB 76 20.83 65.20 -58.90
CA THR BB 76 22.00 66.03 -58.68
C THR BB 76 22.79 65.52 -57.47
N HIS BB 77 24.05 65.93 -57.40
CA HIS BB 77 24.92 65.59 -56.28
C HIS BB 77 25.33 66.78 -55.43
N ALA BB 78 25.01 68.00 -55.85
CA ALA BB 78 25.37 69.20 -55.10
C ALA BB 78 24.19 69.60 -54.23
N ARG BB 79 24.33 69.40 -52.91
CA ARG BB 79 23.26 69.76 -52.00
C ARG BB 79 23.36 71.22 -51.56
N SER BB 80 24.43 71.90 -51.95
CA SER BB 80 24.63 73.29 -51.58
C SER BB 80 24.27 74.25 -52.70
N ALA BB 81 23.47 73.83 -53.67
CA ALA BB 81 23.11 74.69 -54.78
C ALA BB 81 22.11 75.75 -54.34
N ILE BB 82 22.34 76.99 -54.78
CA ILE BB 82 21.43 78.08 -54.45
C ILE BB 82 20.19 77.98 -55.34
N ILE BB 83 19.02 78.07 -54.70
CA ILE BB 83 17.75 78.01 -55.42
C ILE BB 83 17.57 79.31 -56.18
N TRP BB 84 17.37 79.21 -57.48
CA TRP BB 84 17.21 80.34 -58.37
C TRP BB 84 15.76 80.50 -58.78
N PRO BB 85 15.34 81.67 -59.27
CA PRO BB 85 13.94 81.80 -59.70
C PRO BB 85 13.61 81.07 -60.98
N CYS BB 86 14.61 80.64 -61.75
CA CYS BB 86 14.34 79.99 -63.01
C CYS BB 86 13.89 78.54 -62.85
N MET BB 87 14.18 77.92 -61.71
CA MET BB 87 13.93 76.50 -61.51
C MET BB 87 12.66 76.20 -60.71
N VAL BB 88 11.60 76.98 -60.91
CA VAL BB 88 10.41 76.86 -60.08
C VAL BB 88 9.63 75.59 -60.42
N GLY BB 89 9.33 75.40 -61.71
CA GLY BB 89 8.30 74.44 -62.09
C GLY BB 89 8.76 72.99 -62.05
N SER BB 90 10.02 72.75 -62.37
CA SER BB 90 10.49 71.37 -62.50
C SER BB 90 10.69 70.72 -61.14
N ILE BB 91 10.96 69.43 -61.16
CA ILE BB 91 11.17 68.64 -59.95
C ILE BB 91 12.60 68.15 -59.94
N VAL BB 92 13.25 68.22 -58.78
CA VAL BB 92 14.66 67.89 -58.64
C VAL BB 92 14.80 66.80 -57.58
N GLY BB 93 15.80 65.93 -57.74
CA GLY BB 93 16.11 64.92 -56.74
C GLY BB 93 17.47 65.12 -56.11
N VAL BB 94 17.50 65.23 -54.78
CA VAL BB 94 18.72 65.57 -54.05
C VAL BB 94 19.35 64.29 -53.52
N HIS BB 95 20.65 64.13 -53.76
CA HIS BB 95 21.42 62.98 -53.29
C HIS BB 95 21.46 63.00 -51.77
N VAL BB 96 20.82 62.01 -51.14
CA VAL BB 96 20.78 62.01 -49.68
C VAL BB 96 21.92 61.16 -49.11
N GLY BB 97 22.50 60.27 -49.91
CA GLY BB 97 23.62 59.48 -49.46
C GLY BB 97 23.56 58.05 -49.91
N ASN BB 98 22.34 57.52 -50.06
CA ASN BB 98 22.15 56.20 -50.64
C ASN BB 98 21.13 56.20 -51.76
N GLY BB 99 20.55 57.36 -52.09
CA GLY BB 99 19.57 57.46 -53.15
C GLY BB 99 19.19 58.89 -53.39
N TYR BB 100 18.31 59.09 -54.36
CA TYR BB 100 17.85 60.42 -54.75
C TYR BB 100 16.45 60.65 -54.20
N LEU BB 101 16.28 61.74 -53.45
CA LEU BB 101 15.01 62.07 -52.82
C LEU BB 101 14.33 63.17 -53.63
N PRO BB 102 13.13 62.93 -54.16
CA PRO BB 102 12.48 63.95 -54.99
C PRO BB 102 11.83 65.02 -54.13
N ILE BB 103 11.90 66.26 -54.61
CA ILE BB 103 11.30 67.41 -53.95
C ILE BB 103 10.67 68.32 -55.00
N GLU BB 104 9.42 68.69 -54.79
CA GLU BB 104 8.80 69.71 -55.61
C GLU BB 104 9.23 71.09 -55.12
N ILE BB 105 9.32 72.03 -56.05
CA ILE BB 105 9.81 73.37 -55.76
C ILE BB 105 8.65 74.35 -55.89
N ARG BB 106 8.36 75.05 -54.81
CA ARG BB 106 7.39 76.13 -54.77
C ARG BB 106 8.14 77.44 -54.71
N PRO BB 107 7.51 78.55 -55.11
CA PRO BB 107 8.18 79.86 -54.97
C PRO BB 107 8.43 80.28 -53.54
N GLU BB 108 7.77 79.66 -52.56
CA GLU BB 108 8.02 79.96 -51.15
C GLU BB 108 9.42 79.54 -50.70
N MET BB 109 10.02 78.54 -51.36
CA MET BB 109 11.27 77.95 -50.94
C MET BB 109 12.51 78.75 -51.36
N LEU BB 110 12.36 80.00 -51.78
CA LEU BB 110 13.51 80.76 -52.26
C LEU BB 110 14.35 81.26 -51.10
N GLY BB 111 15.51 81.81 -51.40
CA GLY BB 111 16.37 82.40 -50.39
C GLY BB 111 17.17 81.43 -49.56
N CYS BB 112 17.23 80.17 -49.96
CA CYS BB 112 17.96 79.14 -49.22
C CYS BB 112 18.57 78.14 -50.18
N LEU BB 113 19.44 77.30 -49.66
CA LEU BB 113 20.11 76.27 -50.45
C LEU BB 113 19.23 75.03 -50.55
N LEU BB 114 19.85 73.94 -51.01
CA LEU BB 114 19.14 72.67 -51.05
C LEU BB 114 19.41 71.84 -49.80
N SER BB 115 20.41 72.22 -49.01
CA SER BB 115 20.87 71.37 -47.92
C SER BB 115 19.92 71.39 -46.73
N ASP BB 116 19.02 72.36 -46.67
CA ASP BB 116 18.04 72.42 -45.60
C ASP BB 116 16.70 71.82 -46.01
N PHE BB 117 16.69 70.89 -46.96
CA PHE BB 117 15.47 70.25 -47.42
C PHE BB 117 15.62 68.75 -47.58
N ALA BB 118 16.78 68.18 -47.28
CA ALA BB 118 17.01 66.76 -47.41
C ALA BB 118 17.70 66.26 -46.14
N PRO BB 119 16.96 65.68 -45.20
CA PRO BB 119 17.59 65.14 -43.98
C PRO BB 119 18.36 63.86 -44.25
N THR BB 120 19.60 63.79 -43.77
CA THR BB 120 20.44 62.64 -44.09
C THR BB 120 20.10 61.43 -43.22
N ARG BB 121 19.72 61.66 -41.96
CA ARG BB 121 19.62 60.59 -40.97
C ARG BB 121 18.17 60.18 -40.76
N VAL BB 122 17.98 58.94 -40.33
CA VAL BB 122 16.68 58.51 -39.84
C VAL BB 122 16.56 58.81 -38.36
N HIS BB 123 15.40 59.29 -37.95
CA HIS BB 123 15.15 59.56 -36.56
C HIS BB 123 14.89 58.26 -35.79
N PRO BB 124 15.58 58.05 -34.66
CA PRO BB 124 15.35 56.83 -33.88
C PRO BB 124 14.01 56.85 -33.18
N LYS BB 125 13.48 55.67 -32.86
CA LYS BB 125 12.11 55.57 -32.37
C LYS BB 125 12.05 55.65 -30.85
N HIS BB 126 13.03 55.06 -30.17
CA HIS BB 126 13.04 55.00 -28.71
C HIS BB 126 13.28 56.36 -28.09
N ASN CB 3 23.31 -33.96 36.70
CA ASN CB 3 24.57 -33.99 35.98
C ASN CB 3 24.36 -34.07 34.48
N GLY CB 4 23.19 -34.54 34.08
CA GLY CB 4 22.97 -34.87 32.68
C GLY CB 4 22.80 -33.64 31.79
N THR CB 5 22.53 -32.49 32.39
CA THR CB 5 22.13 -31.31 31.65
C THR CB 5 23.30 -30.32 31.61
N LYS CB 6 23.40 -29.57 30.51
CA LYS CB 6 24.55 -28.69 30.30
C LYS CB 6 24.34 -27.34 30.98
N LYS CB 7 23.22 -26.67 30.68
CA LYS CB 7 22.97 -25.35 31.25
C LYS CB 7 21.54 -25.08 31.65
N VAL CB 8 20.64 -26.06 31.57
CA VAL CB 8 19.25 -25.79 31.95
C VAL CB 8 19.07 -25.93 33.45
N GLY CB 9 19.48 -27.06 34.02
CA GLY CB 9 19.42 -27.19 35.47
C GLY CB 9 18.07 -27.72 35.92
N ILE CB 10 17.51 -27.03 36.93
CA ILE CB 10 16.25 -27.49 37.55
C ILE CB 10 15.05 -27.28 36.64
N SER CB 11 15.14 -26.42 35.63
CA SER CB 11 14.00 -26.15 34.76
C SER CB 11 13.91 -27.10 33.59
N GLY CB 12 14.51 -28.29 33.69
CA GLY CB 12 14.39 -29.26 32.62
C GLY CB 12 13.09 -30.03 32.67
N ARG CB 13 12.31 -29.84 33.73
CA ARG CB 13 11.02 -30.50 33.82
C ARG CB 13 10.02 -29.89 32.84
N PHE CB 14 10.25 -28.65 32.41
CA PHE CB 14 9.28 -27.98 31.56
C PHE CB 14 9.35 -28.44 30.12
N GLY CB 15 10.42 -29.08 29.71
CA GLY CB 15 10.49 -29.59 28.36
C GLY CB 15 10.82 -28.48 27.39
N ALA CB 16 10.22 -28.53 26.21
CA ALA CB 16 10.54 -27.61 25.12
C ALA CB 16 9.41 -26.63 24.85
N ARG CB 17 8.76 -26.11 25.89
CA ARG CB 17 7.68 -25.15 25.73
C ARG CB 17 7.92 -23.94 26.61
N TYR CB 18 6.97 -23.00 26.56
CA TYR CB 18 6.86 -21.73 27.27
C TYR CB 18 7.89 -20.70 26.84
N GLY CB 19 8.73 -21.00 25.86
CA GLY CB 19 9.65 -19.95 25.47
C GLY CB 19 11.05 -20.20 25.99
N SER CB 20 11.90 -19.19 25.80
CA SER CB 20 13.27 -19.30 26.27
C SER CB 20 13.49 -18.46 27.51
N THR CB 21 13.09 -17.19 27.48
CA THR CB 21 13.39 -16.31 28.60
C THR CB 21 12.39 -16.48 29.74
N LEU CB 22 11.30 -17.20 29.51
CA LEU CB 22 10.41 -17.51 30.62
C LEU CB 22 11.00 -18.62 31.47
N ARG CB 23 11.80 -19.50 30.86
CA ARG CB 23 12.43 -20.55 31.63
C ARG CB 23 13.69 -20.07 32.33
N LYS CB 24 14.25 -18.94 31.90
CA LYS CB 24 15.34 -18.33 32.64
C LYS CB 24 14.84 -17.75 33.95
N ARG CB 25 13.63 -17.18 33.95
CA ARG CB 25 13.08 -16.57 35.15
C ARG CB 25 12.64 -17.62 36.15
N MET CB 26 12.44 -18.86 35.69
CA MET CB 26 12.06 -19.92 36.62
C MET CB 26 13.28 -20.49 37.32
N LYS CB 27 14.45 -20.39 36.70
CA LYS CB 27 15.64 -20.99 37.29
C LYS CB 27 16.17 -20.14 38.44
N LYS CB 28 15.91 -18.84 38.43
CA LYS CB 28 16.34 -18.00 39.53
C LYS CB 28 15.52 -18.26 40.79
N VAL CB 29 14.21 -18.44 40.62
CA VAL CB 29 13.33 -18.54 41.78
C VAL CB 29 13.33 -19.95 42.35
N LEU CB 30 13.39 -20.96 41.49
CA LEU CB 30 13.25 -22.33 41.97
C LEU CB 30 14.53 -22.84 42.63
N GLU CB 31 15.64 -22.13 42.44
CA GLU CB 31 16.86 -22.51 43.14
C GLU CB 31 16.80 -22.11 44.61
N THR CB 32 16.16 -20.99 44.92
CA THR CB 32 16.16 -20.48 46.28
C THR CB 32 14.98 -21.00 47.08
N GLN CB 33 13.99 -21.59 46.41
CA GLN CB 33 12.85 -22.14 47.13
C GLN CB 33 13.15 -23.52 47.68
N LYS CB 34 13.83 -24.35 46.88
CA LYS CB 34 14.02 -25.75 47.28
C LYS CB 34 15.24 -25.91 48.18
N LYS CB 35 16.02 -24.86 48.37
CA LYS CB 35 17.20 -24.92 49.21
C LYS CB 35 16.80 -24.97 50.68
N THR CB 36 17.61 -25.64 51.49
CA THR CB 36 17.45 -25.64 52.94
C THR CB 36 18.43 -24.63 53.54
N TYR CB 37 18.07 -24.09 54.70
CA TYR CB 37 18.86 -23.04 55.33
C TYR CB 37 19.19 -23.39 56.78
N GLU CB 38 20.04 -22.56 57.38
CA GLU CB 38 20.42 -22.75 58.78
C GLU CB 38 19.34 -22.21 59.70
N CYS CB 39 19.14 -22.89 60.83
CA CYS CB 39 18.23 -22.39 61.84
C CYS CB 39 18.94 -21.33 62.67
N ARG CB 40 18.29 -20.19 62.86
CA ARG CB 40 18.90 -19.13 63.66
C ARG CB 40 18.84 -19.48 65.14
N ALA CB 41 17.90 -20.35 65.53
CA ALA CB 41 17.79 -20.72 66.93
C ALA CB 41 18.78 -21.83 67.29
N CYS CB 42 18.64 -23.01 66.66
CA CYS CB 42 19.42 -24.17 67.07
C CYS CB 42 20.75 -24.29 66.34
N GLY CB 43 20.93 -23.63 65.20
CA GLY CB 43 22.18 -23.68 64.50
C GLY CB 43 22.33 -24.81 63.50
N LYS CB 44 21.29 -25.62 63.31
CA LYS CB 44 21.34 -26.72 62.37
C LYS CB 44 20.78 -26.29 61.03
N THR CB 45 21.12 -27.04 59.97
CA THR CB 45 20.66 -26.72 58.62
C THR CB 45 19.45 -27.59 58.29
N SER CB 46 18.29 -27.15 58.76
CA SER CB 46 17.05 -27.90 58.54
C SER CB 46 15.84 -27.02 58.26
N VAL CB 47 16.02 -25.75 57.96
CA VAL CB 47 14.88 -24.87 57.74
C VAL CB 47 14.38 -25.05 56.31
N LYS CB 48 13.09 -25.35 56.17
CA LYS CB 48 12.47 -25.51 54.87
C LYS CB 48 11.19 -24.69 54.81
N ARG CB 49 10.64 -24.54 53.61
CA ARG CB 49 9.42 -23.78 53.40
C ARG CB 49 8.29 -24.74 53.09
N ASP CB 50 7.07 -24.40 53.53
CA ASP CB 50 5.91 -25.25 53.33
C ASP CB 50 4.72 -24.43 52.83
N VAL CB 51 4.67 -23.15 53.21
CA VAL CB 51 3.56 -22.27 52.85
C VAL CB 51 4.22 -20.96 52.40
N VAL CB 52 3.53 -20.16 51.61
CA VAL CB 52 4.01 -18.85 51.22
C VAL CB 52 4.13 -17.96 52.45
N GLY CB 53 5.35 -17.57 52.80
CA GLY CB 53 5.58 -16.67 53.90
C GLY CB 53 5.81 -17.32 55.25
N ILE CB 54 6.03 -18.63 55.30
CA ILE CB 54 6.21 -19.34 56.54
C ILE CB 54 7.38 -20.30 56.36
N TRP CB 55 8.39 -20.15 57.22
CA TRP CB 55 9.58 -21.01 57.19
C TRP CB 55 9.72 -21.65 58.56
N THR CB 56 9.90 -22.97 58.57
CA THR CB 56 9.94 -23.73 59.81
C THR CB 56 11.11 -24.70 59.80
N CYS CB 57 11.56 -25.08 60.99
CA CYS CB 57 12.72 -25.96 61.14
C CYS CB 57 12.27 -27.37 61.48
N ARG CB 58 13.09 -28.34 61.13
CA ARG CB 58 12.74 -29.74 61.39
C ARG CB 58 13.10 -30.15 62.80
N SER CB 59 14.22 -29.64 63.32
CA SER CB 59 14.70 -30.11 64.61
C SER CB 59 14.01 -29.40 65.77
N CYS CB 60 14.18 -28.08 65.85
CA CYS CB 60 13.65 -27.34 66.99
C CYS CB 60 12.19 -26.96 66.83
N LYS CB 61 11.64 -27.03 65.61
CA LYS CB 61 10.23 -26.80 65.29
C LYS CB 61 9.78 -25.39 65.71
N ILE CB 62 10.43 -24.38 65.15
CA ILE CB 62 10.12 -22.98 65.41
C ILE CB 62 9.89 -22.30 64.07
N LYS CB 63 8.74 -21.66 63.91
CA LYS CB 63 8.39 -21.02 62.65
C LYS CB 63 8.95 -19.61 62.59
N PHE CB 64 9.34 -19.21 61.38
CA PHE CB 64 9.87 -17.88 61.12
C PHE CB 64 9.07 -17.24 60.00
N ALA CB 65 8.80 -15.95 60.12
CA ALA CB 65 8.19 -15.21 59.03
C ALA CB 65 9.25 -14.77 58.03
N GLY CB 66 8.87 -14.68 56.76
CA GLY CB 66 9.84 -14.33 55.73
C GLY CB 66 9.17 -13.97 54.44
N GLY CB 67 9.94 -14.07 53.36
CA GLY CB 67 9.44 -13.69 52.06
C GLY CB 67 8.68 -14.80 51.36
N ALA CB 68 8.40 -14.57 50.09
CA ALA CB 68 7.66 -15.57 49.31
C ALA CB 68 8.55 -16.73 48.93
N TYR CB 69 9.74 -16.45 48.40
CA TYR CB 69 10.60 -17.47 47.85
C TYR CB 69 12.00 -17.49 48.46
N ALA CB 70 12.35 -16.50 49.27
CA ALA CB 70 13.64 -16.46 49.90
C ALA CB 70 13.46 -16.41 51.40
N TYR CB 71 14.48 -16.86 52.13
CA TYR CB 71 14.42 -16.87 53.59
C TYR CB 71 14.54 -15.47 54.15
N VAL CB 72 15.35 -14.63 53.51
CA VAL CB 72 15.50 -13.23 53.89
C VAL CB 72 15.21 -12.38 52.67
N THR CB 73 14.68 -11.18 52.89
CA THR CB 73 14.32 -10.29 51.80
C THR CB 73 15.36 -9.18 51.67
N PRO CB 74 15.77 -8.83 50.45
CA PRO CB 74 16.75 -7.73 50.29
C PRO CB 74 16.23 -6.38 50.76
N ALA CB 75 14.92 -6.15 50.70
CA ALA CB 75 14.37 -4.95 51.30
C ALA CB 75 14.14 -5.15 52.79
N GLY CB 76 14.31 -6.38 53.27
CA GLY CB 76 14.07 -6.64 54.67
C GLY CB 76 15.32 -6.45 55.53
N THR CB 77 16.49 -6.55 54.92
CA THR CB 77 17.73 -6.50 55.70
C THR CB 77 18.27 -5.08 55.83
N THR CB 78 17.89 -4.19 54.90
CA THR CB 78 18.39 -2.82 54.97
C THR CB 78 17.74 -2.06 56.11
N PHE CB 79 16.55 -2.46 56.51
CA PHE CB 79 15.87 -1.75 57.59
C PHE CB 79 16.27 -2.30 58.95
N ASN CB 80 17.08 -3.36 58.96
CA ASN CB 80 17.65 -3.83 60.21
C ASN CB 80 18.92 -3.05 60.56
N ASN CB 81 19.61 -2.55 59.54
CA ASN CB 81 20.86 -1.84 59.77
C ASN CB 81 20.62 -0.45 60.37
N MET CB 82 19.54 0.21 59.94
CA MET CB 82 19.29 1.56 60.40
C MET CB 82 18.72 1.57 61.80
N LEU CB 83 18.27 0.42 62.30
CA LEU CB 83 17.84 0.33 63.69
C LEU CB 83 19.00 -0.02 64.61
N LYS CB 84 20.10 -0.53 64.04
CA LYS CB 84 21.26 -0.84 64.86
C LYS CB 84 22.03 0.42 65.21
N GLN CB 85 21.81 1.50 64.47
CA GLN CB 85 22.45 2.77 64.75
C GLN CB 85 21.47 3.77 65.37
N ILE DB 3 -103.29 16.93 -49.46
CA ILE DB 3 -104.45 16.34 -48.82
C ILE DB 3 -104.04 15.45 -47.67
N THR DB 4 -104.42 15.84 -46.46
CA THR DB 4 -104.12 15.10 -45.25
C THR DB 4 -105.42 14.77 -44.52
N PHE DB 5 -105.31 13.89 -43.53
CA PHE DB 5 -106.38 13.61 -42.58
C PHE DB 5 -105.79 13.67 -41.18
N ALA DB 6 -106.49 14.34 -40.26
CA ALA DB 6 -106.01 14.54 -38.90
C ALA DB 6 -106.59 13.45 -38.02
N LYS DB 7 -105.74 12.80 -37.23
CA LYS DB 7 -106.20 11.72 -36.39
C LYS DB 7 -106.68 12.27 -35.05
N LYS DB 8 -107.69 11.60 -34.48
CA LYS DB 8 -108.25 12.03 -33.21
C LYS DB 8 -107.30 11.72 -32.08
N ILE DB 9 -107.16 12.67 -31.16
CA ILE DB 9 -106.23 12.59 -30.05
C ILE DB 9 -107.01 12.34 -28.78
N ILE DB 10 -106.88 11.14 -28.22
CA ILE DB 10 -107.48 10.80 -26.94
C ILE DB 10 -106.52 11.26 -25.85
N PRO DB 11 -106.94 12.12 -24.93
CA PRO DB 11 -106.03 12.61 -23.90
C PRO DB 11 -105.72 11.51 -22.89
N LYS DB 12 -104.53 11.60 -22.30
CA LYS DB 12 -104.08 10.53 -21.41
C LYS DB 12 -104.67 10.69 -20.03
N SER DB 13 -105.30 11.83 -19.75
CA SER DB 13 -105.98 12.00 -18.47
C SER DB 13 -107.36 11.37 -18.46
N THR DB 14 -107.75 10.71 -19.56
CA THR DB 14 -109.04 10.06 -19.61
C THR DB 14 -108.91 8.55 -19.80
N VAL DB 15 -107.71 8.05 -20.07
CA VAL DB 15 -107.54 6.61 -20.23
C VAL DB 15 -107.35 5.98 -18.84
N ILE DB 16 -107.82 4.74 -18.69
CA ILE DB 16 -107.80 4.03 -17.43
C ILE DB 16 -106.83 2.87 -17.54
N LYS DB 17 -105.98 2.69 -16.53
CA LYS DB 17 -104.98 1.63 -16.57
C LYS DB 17 -105.21 0.54 -15.54
N ARG DB 18 -105.62 0.87 -14.32
CA ARG DB 18 -105.75 -0.11 -13.24
C ARG DB 18 -107.22 -0.33 -12.93
N LYS DB 19 -107.66 -1.57 -13.04
CA LYS DB 19 -109.06 -1.88 -12.72
C LYS DB 19 -109.24 -2.16 -11.23
N THR DB 20 -108.15 -2.44 -10.52
CA THR DB 20 -108.19 -2.79 -9.11
C THR DB 20 -107.47 -1.75 -8.28
N VAL DB 21 -108.11 -1.32 -7.19
CA VAL DB 21 -107.55 -0.31 -6.31
C VAL DB 21 -106.62 -0.96 -5.30
N LYS DB 22 -105.53 -0.27 -4.96
CA LYS DB 22 -104.51 -0.85 -4.10
C LYS DB 22 -104.92 -0.84 -2.63
N SER DB 23 -105.94 -0.07 -2.29
CA SER DB 23 -106.36 -0.01 -0.90
C SER DB 23 -107.19 -1.25 -0.56
N PRO DB 24 -107.11 -1.75 0.67
CA PRO DB 24 -107.88 -2.94 1.04
C PRO DB 24 -109.27 -2.59 1.59
N ASN DB 25 -109.97 -1.72 0.88
CA ASN DB 25 -111.29 -1.28 1.29
C ASN DB 25 -112.33 -1.87 0.35
N PRO DB 26 -113.33 -2.58 0.85
CA PRO DB 26 -114.33 -3.16 -0.06
C PRO DB 26 -115.34 -2.14 -0.56
N LEU DB 27 -115.52 -1.04 0.16
CA LEU DB 27 -116.48 -0.03 -0.28
C LEU DB 27 -115.90 0.81 -1.42
N LEU DB 28 -114.60 1.07 -1.40
CA LEU DB 28 -113.98 1.84 -2.47
C LEU DB 28 -113.92 1.04 -3.76
N GLN DB 29 -113.90 -0.29 -3.65
CA GLN DB 29 -113.93 -1.11 -4.86
C GLN DB 29 -115.31 -1.10 -5.49
N SER DB 30 -116.35 -0.91 -4.69
CA SER DB 30 -117.70 -0.92 -5.23
C SER DB 30 -118.07 0.42 -5.85
N LEU DB 31 -117.41 1.50 -5.43
CA LEU DB 31 -117.59 2.77 -6.11
C LEU DB 31 -116.80 2.81 -7.41
N ALA DB 32 -115.67 2.11 -7.45
CA ALA DB 32 -114.74 2.29 -8.56
C ALA DB 32 -115.24 1.61 -9.82
N ASP DB 33 -115.84 0.43 -9.69
CA ASP DB 33 -116.29 -0.29 -10.87
C ASP DB 33 -117.61 0.25 -11.38
N PHE DB 34 -118.34 0.98 -10.53
CA PHE DB 34 -119.58 1.59 -10.98
C PHE DB 34 -119.31 2.72 -11.97
N TYR DB 35 -118.36 3.60 -11.65
CA TYR DB 35 -118.01 4.68 -12.57
C TYR DB 35 -117.26 4.18 -13.79
N ILE DB 36 -116.63 3.00 -13.71
CA ILE DB 36 -116.00 2.43 -14.90
C ILE DB 36 -117.07 1.89 -15.84
N LYS DB 37 -118.14 1.34 -15.27
CA LYS DB 37 -119.23 0.81 -16.08
C LYS DB 37 -119.98 1.93 -16.81
N VAL DB 38 -120.01 3.12 -16.23
CA VAL DB 38 -120.71 4.23 -16.88
C VAL DB 38 -119.81 4.89 -17.92
N ALA DB 39 -118.51 4.98 -17.64
CA ALA DB 39 -117.61 5.79 -18.47
C ALA DB 39 -117.33 5.14 -19.81
N LYS DB 40 -117.64 3.84 -19.96
CA LYS DB 40 -117.44 3.20 -21.25
C LYS DB 40 -118.51 3.62 -22.24
N ASN DB 41 -119.74 3.80 -21.78
CA ASN DB 41 -120.86 4.14 -22.65
C ASN DB 41 -121.30 5.59 -22.49
N CYS DB 42 -120.40 6.47 -22.08
CA CYS DB 42 -120.71 7.88 -21.88
C CYS DB 42 -119.92 8.72 -22.87
N SER DB 43 -120.49 9.83 -23.31
CA SER DB 43 -119.78 10.70 -24.24
C SER DB 43 -119.21 11.93 -23.53
N ASN DB 44 -119.70 12.23 -22.34
CA ASN DB 44 -119.21 13.38 -21.59
C ASN DB 44 -117.80 13.14 -21.07
N ASP DB 45 -116.97 14.18 -21.11
CA ASP DB 45 -115.55 13.99 -20.85
C ASP DB 45 -115.24 14.02 -19.36
N ASP DB 46 -115.98 14.82 -18.59
CA ASP DB 46 -115.63 15.02 -17.19
C ASP DB 46 -115.95 13.79 -16.34
N ILE DB 47 -116.86 12.94 -16.81
CA ILE DB 47 -117.16 11.71 -16.10
C ILE DB 47 -116.00 10.73 -16.25
N LYS DB 48 -115.35 10.72 -17.41
CA LYS DB 48 -114.19 9.85 -17.61
C LYS DB 48 -113.01 10.30 -16.77
N ARG DB 49 -112.96 11.59 -16.42
CA ARG DB 49 -111.88 12.06 -15.56
C ARG DB 49 -112.08 11.60 -14.13
N ILE DB 50 -113.33 11.38 -13.72
CA ILE DB 50 -113.58 10.93 -12.35
C ILE DB 50 -113.20 9.46 -12.20
N ALA DB 51 -113.46 8.66 -13.25
CA ALA DB 51 -113.21 7.22 -13.16
C ALA DB 51 -111.72 6.92 -13.11
N LYS DB 52 -110.89 7.77 -13.70
CA LYS DB 52 -109.45 7.60 -13.55
C LYS DB 52 -108.98 8.05 -12.18
N ARG DB 53 -109.60 9.10 -11.63
CA ARG DB 53 -109.09 9.69 -10.40
C ARG DB 53 -109.41 8.83 -9.18
N LEU DB 54 -110.34 7.89 -9.30
CA LEU DB 54 -110.63 7.02 -8.17
C LEU DB 54 -109.55 5.94 -8.03
N THR DB 55 -108.87 5.60 -9.12
CA THR DB 55 -107.89 4.54 -9.08
C THR DB 55 -106.48 5.03 -8.82
N MET DB 56 -106.31 6.29 -8.41
CA MET DB 56 -104.97 6.79 -8.16
C MET DB 56 -104.60 6.59 -6.69
N SER DB 57 -103.41 7.03 -6.34
CA SER DB 57 -102.87 6.83 -5.00
C SER DB 57 -103.39 7.89 -4.03
N ASN DB 58 -102.78 7.94 -2.86
CA ASN DB 58 -103.13 8.98 -1.89
C ASN DB 58 -102.43 10.30 -2.24
N LYS DB 59 -101.22 10.20 -2.80
CA LYS DB 59 -100.44 11.38 -3.12
C LYS DB 59 -101.05 12.18 -4.27
N ASP DB 60 -101.65 11.47 -5.24
CA ASP DB 60 -102.05 12.14 -6.48
C ASP DB 60 -103.39 12.83 -6.35
N ARG DB 61 -104.12 12.56 -5.28
CA ARG DB 61 -105.31 13.36 -4.98
C ARG DB 61 -105.11 14.14 -3.69
N PRO DB 62 -104.52 15.33 -3.74
CA PRO DB 62 -104.23 16.06 -2.51
C PRO DB 62 -105.47 16.73 -1.94
N VAL DB 63 -105.27 17.37 -0.78
CA VAL DB 63 -106.40 17.93 -0.06
C VAL DB 63 -106.72 19.32 -0.60
N VAL DB 64 -107.98 19.73 -0.46
CA VAL DB 64 -108.47 20.97 -1.04
C VAL DB 64 -109.12 21.78 0.08
N ARG DB 65 -108.70 23.04 0.24
CA ARG DB 65 -109.31 23.91 1.21
C ARG DB 65 -110.64 24.46 0.71
N VAL DB 66 -111.33 25.20 1.57
CA VAL DB 66 -112.62 25.76 1.20
C VAL DB 66 -112.44 27.01 0.36
N SER DB 67 -111.42 27.82 0.69
CA SER DB 67 -111.23 29.11 0.03
C SER DB 67 -110.86 28.97 -1.43
N GLU DB 68 -110.36 27.80 -1.85
CA GLU DB 68 -110.11 27.58 -3.26
C GLU DB 68 -111.40 27.29 -4.01
N ILE DB 69 -112.43 26.83 -3.31
CA ILE DB 69 -113.69 26.52 -3.98
C ILE DB 69 -114.51 27.79 -4.18
N VAL DB 70 -114.48 28.69 -3.20
CA VAL DB 70 -115.22 29.95 -3.30
C VAL DB 70 -114.61 30.84 -4.39
N LYS DB 71 -113.28 30.80 -4.51
CA LYS DB 71 -112.61 31.63 -5.50
C LYS DB 71 -112.81 31.07 -6.91
N SER DB 72 -112.90 29.75 -7.03
CA SER DB 72 -113.05 29.14 -8.35
C SER DB 72 -114.51 29.22 -8.82
N LEU DB 73 -115.44 29.34 -7.88
CA LEU DB 73 -116.84 29.43 -8.27
C LEU DB 73 -117.20 30.82 -8.76
N ASN DB 74 -116.43 31.83 -8.33
CA ASN DB 74 -116.62 33.28 -8.59
C ASN DB 74 -118.04 33.78 -8.32
N GLU DB 75 -118.77 33.08 -7.43
CA GLU DB 75 -120.18 33.30 -7.11
C GLU DB 75 -121.05 33.33 -8.36
N ASP DB 76 -121.09 32.20 -9.08
CA ASP DB 76 -122.05 32.05 -10.16
C ASP DB 76 -123.41 31.59 -9.61
N SER DB 77 -123.44 31.10 -8.38
CA SER DB 77 -124.59 30.65 -7.58
C SER DB 77 -125.46 29.60 -8.25
N ASP DB 78 -125.01 28.93 -9.31
CA ASP DB 78 -125.76 27.85 -9.91
C ASP DB 78 -124.88 26.66 -10.25
N LYS DB 79 -123.57 26.81 -10.27
CA LYS DB 79 -122.68 25.70 -10.55
C LYS DB 79 -122.51 24.84 -9.29
N VAL DB 80 -122.24 23.56 -9.52
CA VAL DB 80 -122.03 22.59 -8.45
C VAL DB 80 -120.60 22.12 -8.49
N ALA DB 81 -119.90 22.20 -7.36
CA ALA DB 81 -118.50 21.82 -7.28
C ALA DB 81 -118.39 20.33 -7.06
N VAL DB 82 -117.42 19.69 -7.72
CA VAL DB 82 -117.14 18.27 -7.57
C VAL DB 82 -115.66 18.11 -7.24
N VAL DB 83 -115.37 17.49 -6.11
CA VAL DB 83 -114.00 17.29 -5.65
C VAL DB 83 -113.81 15.82 -5.31
N VAL DB 84 -112.84 15.19 -5.96
CA VAL DB 84 -112.47 13.83 -5.59
C VAL DB 84 -111.38 13.92 -4.52
N GLY DB 85 -111.80 14.07 -3.27
CA GLY DB 85 -110.85 14.24 -2.20
C GLY DB 85 -111.56 14.65 -0.92
N LYS DB 86 -110.80 15.23 0.00
CA LYS DB 86 -111.33 15.68 1.28
C LYS DB 86 -111.34 17.20 1.31
N VAL DB 87 -112.43 17.78 1.80
CA VAL DB 87 -112.58 19.22 1.90
C VAL DB 87 -112.33 19.62 3.34
N LEU DB 88 -111.41 20.55 3.56
CA LEU DB 88 -111.02 20.96 4.90
C LEU DB 88 -111.34 22.43 5.13
N ASP DB 89 -111.41 22.80 6.41
CA ASP DB 89 -111.85 24.14 6.77
C ASP DB 89 -110.72 25.15 6.61
N ASP DB 90 -111.07 26.33 6.10
CA ASP DB 90 -110.18 27.47 6.06
C ASP DB 90 -110.39 28.27 7.34
N GLU DB 91 -109.31 28.55 8.05
CA GLU DB 91 -109.43 29.14 9.38
C GLU DB 91 -109.79 30.61 9.31
N ARG DB 92 -109.33 31.31 8.28
CA ARG DB 92 -109.45 32.76 8.25
C ARG DB 92 -110.87 33.20 7.94
N LEU DB 93 -111.57 32.50 7.06
CA LEU DB 93 -112.92 32.88 6.68
C LEU DB 93 -113.91 32.53 7.79
N VAL DB 94 -114.79 33.48 8.11
CA VAL DB 94 -115.77 33.28 9.17
C VAL DB 94 -117.18 33.10 8.63
N THR DB 95 -117.58 33.86 7.61
CA THR DB 95 -118.87 33.66 6.96
C THR DB 95 -118.64 33.24 5.53
N LEU DB 96 -119.51 32.37 5.03
CA LEU DB 96 -119.38 31.84 3.69
C LEU DB 96 -120.66 32.07 2.90
N PRO DB 97 -120.55 32.33 1.59
CA PRO DB 97 -121.74 32.41 0.75
C PRO DB 97 -122.36 31.05 0.56
N PRO DB 98 -123.66 30.96 0.25
CA PRO DB 98 -124.29 29.65 0.12
C PRO DB 98 -123.87 28.94 -1.14
N MET DB 99 -123.67 27.63 -1.03
CA MET DB 99 -123.16 26.83 -2.13
C MET DB 99 -123.55 25.38 -1.89
N ARG DB 100 -123.38 24.55 -2.92
CA ARG DB 100 -123.66 23.13 -2.84
C ARG DB 100 -122.46 22.35 -3.34
N ILE DB 101 -121.83 21.59 -2.46
CA ILE DB 101 -120.59 20.88 -2.78
C ILE DB 101 -120.87 19.38 -2.79
N VAL DB 102 -120.35 18.69 -3.80
CA VAL DB 102 -120.39 17.24 -3.87
C VAL DB 102 -118.95 16.75 -3.80
N ALA DB 103 -118.62 16.01 -2.75
CA ALA DB 103 -117.24 15.58 -2.55
C ALA DB 103 -117.23 14.19 -1.96
N LEU DB 104 -116.01 13.69 -1.70
CA LEU DB 104 -115.88 12.36 -1.12
C LEU DB 104 -115.94 12.41 0.39
N ASP DB 105 -115.18 13.32 1.01
CA ASP DB 105 -115.13 13.43 2.45
C ASP DB 105 -115.23 14.90 2.83
N TRP DB 106 -115.36 15.13 4.13
CA TRP DB 106 -115.26 16.48 4.69
C TRP DB 106 -114.95 16.36 6.18
N SER DB 107 -114.33 17.40 6.71
CA SER DB 107 -114.04 17.44 8.13
C SER DB 107 -115.32 17.72 8.92
N LYS DB 108 -115.25 17.48 10.22
CA LYS DB 108 -116.41 17.73 11.06
C LYS DB 108 -116.62 19.21 11.31
N SER DB 109 -115.53 19.99 11.24
CA SER DB 109 -115.62 21.41 11.57
C SER DB 109 -116.26 22.20 10.42
N VAL DB 110 -116.13 21.70 9.19
CA VAL DB 110 -116.58 22.48 8.04
C VAL DB 110 -118.06 22.25 7.81
N GLN DB 111 -118.64 21.23 8.43
CA GLN DB 111 -120.06 20.93 8.23
C GLN DB 111 -120.93 21.98 8.90
N GLU DB 112 -120.46 22.55 10.01
CA GLU DB 112 -121.25 23.56 10.70
C GLU DB 112 -121.17 24.90 9.99
N LYS DB 113 -120.10 25.13 9.22
CA LYS DB 113 -119.94 26.40 8.53
C LYS DB 113 -120.88 26.50 7.34
N VAL DB 114 -120.87 25.47 6.48
CA VAL DB 114 -121.65 25.51 5.25
C VAL DB 114 -123.14 25.41 5.56
N GLU DB 115 -123.49 24.67 6.62
CA GLU DB 115 -124.89 24.56 6.99
C GLU DB 115 -125.39 25.78 7.74
N ARG DB 116 -124.48 26.67 8.18
CA ARG DB 116 -124.92 27.90 8.81
C ARG DB 116 -125.42 28.89 7.77
N SER DB 117 -124.98 28.74 6.52
CA SER DB 117 -125.41 29.60 5.43
C SER DB 117 -126.33 28.87 4.46
N SER DB 118 -127.03 27.83 4.93
CA SER DB 118 -127.96 26.99 4.15
C SER DB 118 -127.31 26.40 2.89
N GLY DB 119 -126.25 25.62 3.09
CA GLY DB 119 -125.65 24.84 2.02
C GLY DB 119 -125.25 23.48 2.56
N LYS DB 120 -125.37 22.46 1.72
CA LYS DB 120 -125.25 21.08 2.16
C LYS DB 120 -124.14 20.35 1.42
N PHE DB 121 -123.61 19.31 2.07
CA PHE DB 121 -122.63 18.40 1.49
C PHE DB 121 -123.34 17.15 1.02
N PHE DB 122 -122.87 16.56 -0.07
CA PHE DB 122 -123.45 15.35 -0.62
C PHE DB 122 -122.35 14.35 -0.93
N THR DB 123 -122.71 13.07 -0.96
CA THR DB 123 -121.75 12.03 -1.32
C THR DB 123 -121.60 11.95 -2.83
N LEU DB 124 -120.65 11.12 -3.27
CA LEU DB 124 -120.31 11.09 -4.69
C LEU DB 124 -121.33 10.31 -5.49
N ASP DB 125 -122.08 9.41 -4.84
CA ASP DB 125 -123.02 8.57 -5.57
C ASP DB 125 -124.30 9.30 -5.96
N GLN DB 126 -124.54 10.48 -5.39
CA GLN DB 126 -125.70 11.28 -5.75
C GLN DB 126 -125.38 12.36 -6.77
N LEU DB 127 -124.46 12.08 -7.70
CA LEU DB 127 -124.04 13.10 -8.64
C LEU DB 127 -125.12 13.37 -9.68
N PHE DB 128 -125.82 12.32 -10.11
CA PHE DB 128 -126.78 12.48 -11.21
C PHE DB 128 -128.12 13.00 -10.72
N LYS DB 129 -128.41 12.83 -9.44
CA LYS DB 129 -129.70 13.28 -8.92
C LYS DB 129 -129.74 14.80 -8.81
N ILE DB 130 -128.60 15.42 -8.50
CA ILE DB 130 -128.56 16.87 -8.35
C ILE DB 130 -128.24 17.53 -9.69
N CYS DB 131 -127.13 17.12 -10.32
CA CYS DB 131 -126.70 17.67 -11.59
C CYS DB 131 -127.41 16.94 -12.73
N SER DB 132 -128.67 17.31 -12.92
CA SER DB 132 -129.41 16.82 -14.09
C SER DB 132 -129.02 17.59 -15.33
N ASP DB 133 -128.52 18.82 -15.15
CA ASP DB 133 -128.11 19.63 -16.30
C ASP DB 133 -126.79 19.14 -16.86
N LEU DB 134 -125.86 18.78 -15.98
CA LEU DB 134 -124.51 18.23 -16.22
C LEU DB 134 -123.55 19.26 -16.82
N ASN DB 135 -124.03 20.45 -17.15
CA ASN DB 135 -123.18 21.54 -17.63
C ASN DB 135 -122.81 22.51 -16.51
N ASN DB 136 -123.07 22.13 -15.25
CA ASN DB 136 -122.74 22.96 -14.11
C ASN DB 136 -121.66 22.34 -13.23
N MET DB 137 -121.10 21.20 -13.62
CA MET DB 137 -120.04 20.59 -12.83
C MET DB 137 -118.74 21.36 -13.00
N VAL DB 138 -118.02 21.54 -11.89
CA VAL DB 138 -116.72 22.19 -11.88
C VAL DB 138 -115.77 21.33 -11.08
N LEU DB 139 -114.75 20.78 -11.75
CA LEU DB 139 -113.76 19.93 -11.10
C LEU DB 139 -112.65 20.79 -10.53
N ILE DB 140 -112.41 20.67 -9.23
CA ILE DB 140 -111.34 21.39 -8.54
C ILE DB 140 -110.39 20.36 -7.96
N GLN DB 141 -109.09 20.65 -8.02
CA GLN DB 141 -108.09 19.77 -7.44
C GLN DB 141 -106.91 20.59 -6.96
N GLY DB 142 -106.18 20.05 -5.99
CA GLY DB 142 -104.99 20.72 -5.51
C GLY DB 142 -103.75 20.32 -6.28
N ASP DB 143 -102.70 21.12 -6.14
CA ASP DB 143 -101.45 20.84 -6.80
C ASP DB 143 -100.69 19.77 -6.03
N ARG DB 144 -100.00 18.89 -6.75
CA ARG DB 144 -99.30 17.80 -6.10
C ARG DB 144 -97.85 18.14 -5.83
N MET DB 145 -97.34 19.21 -6.46
CA MET DB 145 -95.95 19.58 -6.24
C MET DB 145 -95.79 20.63 -5.15
N LYS DB 146 -96.83 20.88 -4.37
CA LYS DB 146 -96.75 21.80 -3.23
C LYS DB 146 -96.68 20.98 -1.95
N ARG DB 147 -95.50 20.49 -1.62
CA ARG DB 147 -95.35 19.67 -0.42
C ARG DB 147 -94.25 20.26 0.43
N LYS DB 148 -94.16 19.76 1.67
CA LYS DB 148 -93.09 20.18 2.56
C LYS DB 148 -91.75 19.68 2.04
N SER DB 149 -91.72 18.48 1.46
CA SER DB 149 -90.48 17.89 1.00
C SER DB 149 -90.05 18.39 -0.37
N ALA DB 150 -90.73 19.38 -0.94
CA ALA DB 150 -90.29 19.94 -2.20
C ALA DB 150 -89.20 20.98 -2.04
N LYS DB 151 -88.89 21.37 -0.80
CA LYS DB 151 -87.86 22.38 -0.57
C LYS DB 151 -86.47 21.83 -0.84
N TYR DB 152 -86.32 20.51 -0.86
CA TYR DB 152 -85.00 19.93 -1.04
C TYR DB 152 -84.81 19.40 -2.45
N TRP DB 153 -85.90 19.31 -3.22
CA TRP DB 153 -85.83 18.76 -4.56
C TRP DB 153 -85.39 19.82 -5.56
N GLY DB 154 -84.83 19.36 -6.67
CA GLY DB 154 -84.48 20.22 -7.77
C GLY DB 154 -82.99 20.26 -8.00
N LYS DB 155 -82.46 21.46 -8.08
CA LYS DB 155 -81.03 21.64 -8.21
C LYS DB 155 -80.32 21.25 -6.92
N SER DB 156 -79.12 20.71 -7.06
CA SER DB 156 -78.33 20.39 -5.89
C SER DB 156 -77.59 21.64 -5.41
N PRO DB 157 -77.39 21.78 -4.10
CA PRO DB 157 -76.83 23.05 -3.58
C PRO DB 157 -75.34 23.22 -3.80
N GLY DB 158 -74.70 22.38 -4.61
CA GLY DB 158 -73.30 22.60 -4.93
C GLY DB 158 -73.11 23.35 -6.24
N GLN DB 159 -74.11 23.33 -7.10
CA GLN DB 159 -73.99 23.94 -8.41
C GLN DB 159 -74.06 25.46 -8.32
N LYS DB 160 -73.76 26.11 -9.45
CA LYS DB 160 -73.61 27.57 -9.45
C LYS DB 160 -74.96 28.26 -9.40
N GLY DB 161 -75.20 28.98 -8.31
CA GLY DB 161 -76.47 29.68 -8.11
C GLY DB 161 -77.64 28.74 -7.93
N SER DB 162 -77.65 27.99 -6.83
CA SER DB 162 -78.55 26.85 -6.73
C SER DB 162 -79.84 27.18 -5.99
N THR DB 163 -79.73 28.04 -4.95
CA THR DB 163 -80.82 28.54 -4.08
C THR DB 163 -81.81 27.46 -3.60
N THR DB 164 -81.32 26.26 -3.33
CA THR DB 164 -82.11 25.22 -2.67
C THR DB 164 -81.54 24.97 -1.29
N LEU DB 165 -82.36 24.38 -0.43
CA LEU DB 165 -81.94 24.15 0.94
C LEU DB 165 -81.18 22.84 1.06
N PRO DB 166 -80.09 22.79 1.81
CA PRO DB 166 -79.40 21.53 2.04
C PRO DB 166 -80.12 20.72 3.11
N ARG DB 167 -79.78 19.43 3.17
CA ARG DB 167 -80.41 18.53 4.12
C ARG DB 167 -79.64 18.57 5.44
N ALA DB 168 -80.02 19.49 6.31
CA ALA DB 168 -79.34 19.66 7.58
C ALA DB 168 -80.32 20.28 8.57
N ASN DB 169 -79.86 20.47 9.80
CA ASN DB 169 -80.69 21.06 10.84
C ASN DB 169 -80.72 22.56 10.66
N LYS DB 170 -81.90 23.16 10.83
CA LYS DB 170 -82.08 24.58 10.66
C LYS DB 170 -82.13 25.34 11.98
N LYS DB 171 -82.16 24.64 13.11
CA LYS DB 171 -82.38 25.31 14.38
C LYS DB 171 -81.08 25.88 14.96
N GLN DB 172 -79.94 25.52 14.37
CA GLN DB 172 -78.68 26.04 14.88
C GLN DB 172 -78.33 27.35 14.20
N ARG DB 173 -77.80 28.29 14.98
CA ARG DB 173 -77.34 29.56 14.45
C ARG DB 173 -75.91 29.52 13.96
N GLY DB 174 -75.29 28.35 13.90
CA GLY DB 174 -73.90 28.28 13.50
C GLY DB 174 -73.58 27.22 12.47
N GLY DB 175 -74.59 26.61 11.87
CA GLY DB 175 -74.31 25.52 10.95
C GLY DB 175 -75.12 25.44 9.68
N GLU DB 176 -74.41 25.47 8.55
CA GLU DB 176 -74.89 25.06 7.23
C GLU DB 176 -76.10 25.86 6.74
N LYS DB 177 -75.88 27.13 6.43
CA LYS DB 177 -76.87 27.88 5.69
C LYS DB 177 -76.57 27.83 4.20
N ARG DB 178 -77.37 28.56 3.42
CA ARG DB 178 -77.11 28.69 1.99
C ARG DB 178 -75.91 29.58 1.77
N ILE DB 179 -75.13 29.29 0.73
CA ILE DB 179 -74.00 30.13 0.37
C ILE DB 179 -73.91 30.37 -1.13
N ARG DB 180 -74.61 29.61 -1.95
CA ARG DB 180 -74.66 29.86 -3.39
C ARG DB 180 -75.82 30.76 -3.77
N MET DB 181 -76.65 31.15 -2.82
CA MET DB 181 -77.75 32.06 -3.10
C MET DB 181 -77.21 33.47 -3.32
N LYS DB 182 -78.00 34.29 -4.00
CA LYS DB 182 -77.51 35.59 -4.44
C LYS DB 182 -77.55 36.62 -3.30
N GLY DB 183 -78.73 36.88 -2.75
CA GLY DB 183 -78.90 37.99 -1.83
C GLY DB 183 -79.24 37.61 -0.41
N ARG DB 184 -78.51 36.65 0.16
CA ARG DB 184 -78.83 36.14 1.49
C ARG DB 184 -78.54 37.16 2.58
N LYS DB 185 -77.39 37.83 2.51
CA LYS DB 185 -76.91 38.59 3.65
C LYS DB 185 -77.61 39.94 3.77
N ALA DB 186 -78.44 40.30 2.80
CA ALA DB 186 -79.22 41.50 2.92
C ALA DB 186 -80.70 41.21 2.70
N THR EB 4 84.15 117.83 -6.10
CA THR EB 4 83.36 117.10 -7.09
C THR EB 4 82.08 116.55 -6.49
N ILE EB 5 81.16 116.13 -7.37
CA ILE EB 5 79.89 115.55 -6.95
C ILE EB 5 80.12 114.06 -6.72
N LYS EB 6 80.03 113.65 -5.47
CA LYS EB 6 80.27 112.26 -5.06
C LYS EB 6 79.02 111.45 -5.32
N SER EB 7 79.17 110.30 -5.97
CA SER EB 7 78.00 109.51 -6.31
C SER EB 7 78.34 108.04 -6.20
N VAL EB 8 77.44 107.29 -5.57
CA VAL EB 8 77.50 105.85 -5.52
C VAL EB 8 76.22 105.30 -6.15
N ILE EB 9 76.32 104.16 -6.81
CA ILE EB 9 75.17 103.51 -7.42
C ILE EB 9 75.16 102.04 -7.01
N THR EB 10 74.05 101.62 -6.40
CA THR EB 10 73.93 100.26 -5.87
C THR EB 10 72.66 99.64 -6.42
N GLN EB 11 72.69 98.31 -6.57
CA GLN EB 11 71.56 97.57 -7.11
C GLN EB 11 71.05 96.55 -6.11
N GLY EB 12 69.73 96.40 -6.06
CA GLY EB 12 69.11 95.35 -5.29
C GLY EB 12 67.93 94.80 -6.05
N LYS EB 13 67.82 93.47 -6.03
CA LYS EB 13 66.88 92.81 -6.93
C LYS EB 13 66.14 91.69 -6.22
N ARG EB 14 65.02 91.31 -6.79
CA ARG EB 14 64.16 90.24 -6.30
C ARG EB 14 63.94 89.26 -7.44
N LYS EB 15 62.90 88.43 -7.31
CA LYS EB 15 62.49 87.35 -8.22
C LYS EB 15 62.59 87.76 -9.69
N THR EB 16 61.94 88.84 -10.11
CA THR EB 16 62.09 89.37 -11.47
C THR EB 16 62.31 90.87 -11.48
N ALA EB 17 62.22 91.53 -10.32
CA ALA EB 17 62.32 92.98 -10.25
C ALA EB 17 63.78 93.41 -10.17
N LEU EB 18 64.04 94.64 -10.60
CA LEU EB 18 65.38 95.23 -10.54
C LEU EB 18 65.27 96.66 -10.06
N ALA EB 19 66.21 97.07 -9.21
CA ALA EB 19 66.26 98.43 -8.69
C ALA EB 19 67.68 98.96 -8.77
N THR EB 20 67.84 100.21 -9.19
CA THR EB 20 69.14 100.84 -9.35
C THR EB 20 69.05 102.30 -8.88
N CYS EB 21 69.39 102.51 -7.60
CA CYS EB 21 69.38 103.85 -7.04
C CYS EB 21 70.65 104.58 -7.41
N LYS EB 22 70.67 105.90 -7.17
CA LYS EB 22 71.90 106.69 -7.26
C LYS EB 22 71.87 107.75 -6.15
N CYS EB 23 72.91 107.73 -5.31
CA CYS EB 23 73.10 108.77 -4.33
C CYS EB 23 73.84 109.95 -4.95
N SER EB 24 73.48 111.15 -4.50
CA SER EB 24 74.20 112.36 -4.87
C SER EB 24 74.00 113.38 -3.77
N GLU EB 25 74.92 114.34 -3.69
CA GLU EB 25 74.93 115.31 -2.60
C GLU EB 25 74.18 116.56 -3.03
N SER EB 26 73.10 116.87 -2.30
CA SER EB 26 72.39 118.12 -2.46
C SER EB 26 72.03 118.63 -1.07
N GLU EB 27 71.68 119.91 -0.99
CA GLU EB 27 71.46 120.53 0.32
C GLU EB 27 70.09 120.16 0.87
N GLU EB 28 69.17 119.73 0.02
CA GLU EB 28 67.83 119.34 0.42
C GLU EB 28 67.69 117.83 0.32
N MET EB 29 67.06 117.23 1.33
CA MET EB 29 66.86 115.79 1.32
C MET EB 29 65.70 115.44 0.41
N SER EB 30 66.00 114.71 -0.67
CA SER EB 30 64.99 114.41 -1.67
C SER EB 30 65.16 112.98 -2.14
N ILE EB 31 64.02 112.34 -2.40
CA ILE EB 31 63.95 110.97 -2.87
C ILE EB 31 63.01 110.93 -4.06
N LEU EB 32 63.50 110.44 -5.20
CA LEU EB 32 62.75 110.47 -6.44
C LEU EB 32 62.56 109.05 -6.95
N VAL EB 33 61.32 108.66 -7.17
CA VAL EB 33 60.97 107.37 -7.77
C VAL EB 33 60.23 107.62 -9.08
N ASP EB 34 60.93 107.37 -10.19
CA ASP EB 34 60.49 107.71 -11.55
C ASP EB 34 60.14 109.19 -11.66
N LYS EB 35 61.04 110.01 -11.10
CA LYS EB 35 60.96 111.49 -11.08
C LYS EB 35 59.71 111.99 -10.35
N VAL EB 36 59.17 111.17 -9.45
CA VAL EB 36 58.00 111.53 -8.67
C VAL EB 36 58.48 111.72 -7.23
N PRO EB 37 58.04 112.77 -6.53
CA PRO EB 37 58.30 112.84 -5.09
C PRO EB 37 57.61 111.71 -4.35
N TYR EB 38 58.27 111.22 -3.30
CA TYR EB 38 57.80 110.01 -2.63
C TYR EB 38 56.57 110.27 -1.78
N LYS EB 39 56.29 111.53 -1.47
CA LYS EB 39 55.18 111.87 -0.59
C LYS EB 39 53.84 111.83 -1.30
N ILE EB 40 53.84 111.63 -2.62
CA ILE EB 40 52.62 111.70 -3.41
C ILE EB 40 52.43 110.37 -4.15
N LEU EB 41 53.13 109.33 -3.69
CA LEU EB 41 53.00 108.01 -4.28
C LEU EB 41 51.61 107.41 -4.03
N SER EB 42 51.10 106.71 -5.04
CA SER EB 42 49.81 106.06 -4.89
C SER EB 42 49.94 104.68 -4.26
N ASN EB 43 50.95 103.92 -4.67
CA ASN EB 43 51.20 102.60 -4.09
C ASN EB 43 51.74 102.79 -2.67
N LYS EB 44 50.88 102.61 -1.69
CA LYS EB 44 51.23 102.98 -0.32
C LYS EB 44 52.15 101.94 0.32
N LEU EB 45 52.16 100.72 -0.21
CA LEU EB 45 53.09 99.71 0.28
C LEU EB 45 54.51 100.06 -0.10
N MET EB 46 54.70 100.58 -1.31
CA MET EB 46 56.00 101.08 -1.74
C MET EB 46 56.39 102.31 -0.92
N LEU EB 47 55.40 103.10 -0.50
CA LEU EB 47 55.67 104.27 0.31
C LEU EB 47 56.00 103.89 1.74
N SER EB 48 55.36 102.84 2.27
CA SER EB 48 55.50 102.52 3.69
C SER EB 48 56.85 101.88 4.00
N LYS EB 49 57.41 101.13 3.05
CA LYS EB 49 58.70 100.49 3.28
C LYS EB 49 59.83 101.53 3.30
N ILE EB 50 59.71 102.56 2.47
CA ILE EB 50 60.66 103.66 2.54
C ILE EB 50 60.44 104.46 3.81
N LYS EB 51 59.18 104.55 4.26
CA LYS EB 51 58.87 105.22 5.52
C LYS EB 51 59.39 104.43 6.72
N GLU EB 52 59.63 103.13 6.53
CA GLU EB 52 60.25 102.33 7.60
C GLU EB 52 61.70 102.73 7.81
N ILE EB 53 62.46 102.85 6.72
CA ILE EB 53 63.90 103.07 6.84
C ILE EB 53 64.19 104.53 7.17
N ILE EB 54 63.23 105.43 6.91
CA ILE EB 54 63.46 106.84 7.20
C ILE EB 54 63.34 107.11 8.70
N CYS EB 55 62.78 106.17 9.44
CA CYS EB 55 62.51 106.42 10.86
C CYS EB 55 63.45 105.64 11.77
N VAL EB 56 63.92 104.48 11.32
CA VAL EB 56 64.75 103.64 12.20
C VAL EB 56 66.14 104.26 12.36
N VAL EB 57 66.73 104.76 11.28
CA VAL EB 57 67.88 105.64 11.37
C VAL EB 57 67.35 107.07 11.32
N ASP EB 58 68.06 107.99 11.96
CA ASP EB 58 67.52 109.33 12.14
C ASP EB 58 67.63 110.14 10.85
N ASP EB 59 66.74 111.12 10.72
CA ASP EB 59 66.79 112.05 9.59
C ASP EB 59 67.93 113.05 9.75
N VAL EB 60 68.47 113.18 10.96
CA VAL EB 60 69.64 114.03 11.18
C VAL EB 60 70.85 113.43 10.46
N ASN EB 61 71.00 112.11 10.51
CA ASN EB 61 72.11 111.46 9.83
C ASN EB 61 71.92 111.51 8.31
N LEU EB 62 70.68 111.38 7.85
CA LEU EB 62 70.34 111.55 6.44
C LEU EB 62 69.90 113.00 6.20
N LYS EB 63 70.84 113.90 6.42
CA LYS EB 63 70.49 115.32 6.43
C LYS EB 63 70.37 115.87 5.02
N ASN EB 64 71.46 115.82 4.27
CA ASN EB 64 71.56 116.50 2.99
C ASN EB 64 72.10 115.52 1.93
N LEU EB 65 71.20 114.69 1.41
CA LEU EB 65 71.52 113.72 0.37
C LEU EB 65 70.36 113.68 -0.61
N SER EB 66 70.63 113.28 -1.85
CA SER EB 66 69.60 113.09 -2.86
C SER EB 66 69.66 111.66 -3.40
N PHE EB 67 68.50 111.04 -3.56
CA PHE EB 67 68.39 109.70 -4.13
C PHE EB 67 67.42 109.74 -5.29
N GLN EB 68 67.82 109.14 -6.42
CA GLN EB 68 66.96 109.00 -7.59
C GLN EB 68 66.88 107.52 -7.93
N ILE EB 69 65.66 107.04 -8.20
CA ILE EB 69 65.37 105.61 -8.27
C ILE EB 69 64.66 105.29 -9.57
N THR EB 70 65.20 104.35 -10.33
CA THR EB 70 64.55 103.81 -11.51
C THR EB 70 64.20 102.35 -11.25
N THR EB 71 63.12 101.90 -11.89
CA THR EB 71 62.63 100.54 -11.72
C THR EB 71 62.65 99.81 -13.06
N LYS EB 72 62.49 98.49 -13.00
CA LYS EB 72 62.50 97.64 -14.18
C LYS EB 72 61.83 96.32 -13.85
N ILE EB 73 61.27 95.69 -14.89
CA ILE EB 73 60.82 94.30 -14.84
C ILE EB 73 61.42 93.60 -16.05
N LYS EB 74 62.03 92.43 -15.81
CA LYS EB 74 62.71 91.70 -16.88
C LYS EB 74 61.72 91.19 -17.93
N GLU EB 75 62.24 90.89 -19.12
CA GLU EB 75 61.41 90.50 -20.23
C GLU EB 75 60.97 89.04 -20.10
N GLY EB 76 60.24 88.58 -21.11
CA GLY EB 76 59.73 87.24 -21.17
C GLY EB 76 58.22 87.13 -20.98
N VAL EB 77 57.63 87.98 -20.15
CA VAL EB 77 56.20 87.97 -19.89
C VAL EB 77 55.63 89.31 -20.33
N VAL EB 78 54.37 89.32 -20.76
CA VAL EB 78 53.65 90.53 -21.10
C VAL EB 78 52.29 90.49 -20.38
N THR EB 79 51.96 91.59 -19.71
CA THR EB 79 50.76 91.64 -18.88
C THR EB 79 49.98 92.91 -19.20
N HIS EB 80 48.76 92.74 -19.72
CA HIS EB 80 47.84 93.85 -19.91
C HIS EB 80 47.04 94.14 -18.65
N LYS EB 81 47.20 93.34 -17.60
CA LYS EB 81 46.45 93.54 -16.37
C LYS EB 81 47.09 94.62 -15.51
N LYS EB 82 46.28 95.24 -14.67
CA LYS EB 82 46.82 96.20 -13.71
C LYS EB 82 47.22 95.49 -12.42
N GLY EB 83 48.01 96.19 -11.60
CA GLY EB 83 48.43 95.64 -10.32
C GLY EB 83 49.41 94.49 -10.44
N ASN EB 84 50.28 94.51 -11.45
CA ASN EB 84 51.13 93.36 -11.71
C ASN EB 84 52.32 93.31 -10.75
N GLY EB 85 53.19 94.31 -10.80
CA GLY EB 85 54.45 94.25 -10.09
C GLY EB 85 54.52 95.10 -8.85
N GLU EB 86 53.45 95.11 -8.06
CA GLU EB 86 53.36 96.09 -6.97
C GLU EB 86 54.28 95.73 -5.81
N VAL EB 87 54.15 94.52 -5.28
CA VAL EB 87 54.86 94.14 -4.06
C VAL EB 87 56.33 93.87 -4.39
N ALA EB 88 56.58 93.21 -5.51
CA ALA EB 88 57.93 92.76 -5.88
C ALA EB 88 58.87 93.92 -6.16
N LEU EB 89 58.36 94.99 -6.78
CA LEU EB 89 59.19 96.18 -6.98
C LEU EB 89 59.41 96.93 -5.68
N ALA EB 90 58.46 96.84 -4.75
CA ALA EB 90 58.57 97.59 -3.50
C ALA EB 90 59.65 96.99 -2.61
N TYR EB 91 59.83 95.67 -2.66
CA TYR EB 91 60.90 95.05 -1.90
C TYR EB 91 62.25 95.29 -2.56
N ALA EB 92 62.25 95.52 -3.88
CA ALA EB 92 63.50 95.79 -4.57
C ALA EB 92 64.02 97.18 -4.22
N VAL EB 93 63.13 98.18 -4.17
CA VAL EB 93 63.57 99.53 -3.87
C VAL EB 93 63.79 99.72 -2.38
N ARG EB 94 63.21 98.84 -1.57
CA ARG EB 94 63.53 98.85 -0.15
C ARG EB 94 64.93 98.28 0.08
N MET EB 95 65.36 97.37 -0.79
CA MET EB 95 66.67 96.76 -0.64
C MET EB 95 67.78 97.66 -1.18
N ALA EB 96 67.57 98.26 -2.35
CA ALA EB 96 68.65 98.98 -3.01
C ALA EB 96 68.89 100.35 -2.38
N PHE EB 97 67.84 100.96 -1.83
CA PHE EB 97 68.00 102.27 -1.20
C PHE EB 97 68.79 102.15 0.10
N ALA EB 98 68.62 101.05 0.82
CA ALA EB 98 69.36 100.85 2.06
C ALA EB 98 70.83 100.53 1.80
N LYS EB 99 71.14 100.11 0.56
CA LYS EB 99 72.53 99.85 0.20
C LYS EB 99 73.33 101.14 0.04
N ALA EB 100 72.70 102.17 -0.54
CA ALA EB 100 73.45 103.39 -0.87
C ALA EB 100 73.74 104.23 0.36
N ILE EB 101 73.00 104.00 1.45
CA ILE EB 101 73.24 104.75 2.68
C ILE EB 101 74.58 104.35 3.29
N VAL EB 102 74.78 103.04 3.48
CA VAL EB 102 76.03 102.56 4.05
C VAL EB 102 77.16 102.65 3.01
N ALA EB 103 76.81 102.75 1.73
CA ALA EB 103 77.83 102.91 0.70
C ALA EB 103 78.47 104.28 0.76
N TYR EB 104 77.68 105.32 1.03
CA TYR EB 104 78.24 106.66 1.06
C TYR EB 104 79.04 106.89 2.34
N TYR EB 105 78.61 106.29 3.44
CA TYR EB 105 79.31 106.48 4.70
C TYR EB 105 80.63 105.72 4.75
N GLY EB 106 80.86 104.80 3.82
CA GLY EB 106 82.09 104.03 3.84
C GLY EB 106 83.19 104.63 2.99
N THR EB 107 82.81 105.40 1.97
CA THR EB 107 83.81 105.85 1.01
C THR EB 107 84.30 107.27 1.31
N TYR EB 108 83.39 108.19 1.63
CA TYR EB 108 83.73 109.61 1.77
C TYR EB 108 83.27 110.14 3.13
N CYS EB 109 83.09 109.25 4.10
CA CYS EB 109 82.75 109.67 5.45
C CYS EB 109 83.60 108.89 6.45
N ASP EB 110 83.41 109.20 7.73
CA ASP EB 110 84.15 108.53 8.79
C ASP EB 110 83.66 107.09 8.94
N GLU EB 111 84.62 106.18 9.16
CA GLU EB 111 84.30 104.76 9.09
C GLU EB 111 83.67 104.25 10.38
N TRP EB 112 83.90 104.95 11.49
CA TRP EB 112 83.34 104.50 12.76
C TRP EB 112 81.83 104.74 12.84
N LYS EB 113 81.33 105.65 12.01
CA LYS EB 113 79.88 105.88 11.97
C LYS EB 113 79.19 104.89 11.04
N LYS EB 114 79.97 104.23 10.17
CA LYS EB 114 79.40 103.35 9.17
C LYS EB 114 78.83 102.08 9.80
N GLN EB 115 79.58 101.45 10.70
CA GLN EB 115 79.14 100.21 11.31
C GLN EB 115 78.10 100.47 12.40
N GLU EB 116 77.93 101.74 12.79
CA GLU EB 116 76.96 102.08 13.83
C GLU EB 116 75.53 101.91 13.33
N ILE EB 117 75.20 102.54 12.20
CA ILE EB 117 73.85 102.41 11.66
C ILE EB 117 73.67 101.05 11.01
N LYS EB 118 74.78 100.40 10.63
CA LYS EB 118 74.71 99.07 10.03
C LYS EB 118 74.21 98.04 11.03
N LYS EB 119 74.62 98.19 12.29
CA LYS EB 119 74.17 97.27 13.33
C LYS EB 119 72.69 97.44 13.63
N VAL EB 120 72.18 98.66 13.48
CA VAL EB 120 70.79 98.95 13.84
C VAL EB 120 69.84 98.27 12.86
N LEU EB 121 70.11 98.42 11.56
CA LEU EB 121 69.24 97.84 10.55
C LEU EB 121 69.40 96.33 10.47
N MET EB 122 70.59 95.82 10.77
CA MET EB 122 70.80 94.37 10.76
C MET EB 122 70.12 93.72 11.96
N SER EB 123 70.03 94.46 13.08
CA SER EB 123 69.21 94.00 14.19
C SER EB 123 67.73 94.19 13.86
N PHE EB 124 67.42 95.10 12.93
CA PHE EB 124 66.04 95.30 12.51
C PHE EB 124 65.61 94.21 11.52
N ASP EB 125 66.43 93.96 10.50
CA ASP EB 125 66.15 92.95 9.48
C ASP EB 125 67.46 92.61 8.79
N ARG EB 126 67.85 91.33 8.83
CA ARG EB 126 69.06 90.92 8.11
C ARG EB 126 68.84 90.96 6.60
N TYR EB 127 67.61 90.68 6.16
CA TYR EB 127 67.33 90.56 4.74
C TYR EB 127 66.92 91.87 4.10
N CYS EB 128 67.38 93.02 4.61
CA CYS EB 128 67.15 94.27 3.90
C CYS EB 128 68.27 94.55 2.92
N LEU EB 129 69.43 93.91 3.12
CA LEU EB 129 70.61 94.18 2.32
C LEU EB 129 71.05 93.00 1.47
N VAL EB 130 70.39 91.85 1.59
CA VAL EB 130 70.73 90.67 0.83
C VAL EB 130 69.49 90.17 0.11
N GLY EB 131 69.70 89.54 -1.05
CA GLY EB 131 68.58 89.07 -1.85
C GLY EB 131 68.00 87.78 -1.31
N ASP EB 132 66.86 87.41 -1.88
CA ASP EB 132 66.15 86.20 -1.48
C ASP EB 132 66.47 85.05 -2.43
N ILE EB 133 66.13 83.84 -2.02
CA ILE EB 133 66.38 82.64 -2.81
C ILE EB 133 65.10 82.05 -3.37
N ARG EB 134 63.97 82.28 -2.71
CA ARG EB 134 62.72 81.60 -3.04
C ARG EB 134 62.17 82.06 -4.38
N LYS EB 135 61.75 81.10 -5.20
CA LYS EB 135 61.24 81.38 -6.54
C LYS EB 135 60.03 80.48 -6.78
N LYS EB 136 59.50 80.53 -7.99
CA LYS EB 136 58.47 79.59 -8.40
C LYS EB 136 59.09 78.26 -8.81
N GLU EB 137 58.61 77.19 -8.18
CA GLU EB 137 59.09 75.84 -8.51
C GLU EB 137 58.50 75.39 -9.83
N PRO EB 138 59.28 74.73 -10.68
CA PRO EB 138 58.78 74.35 -12.01
C PRO EB 138 57.75 73.23 -11.96
N LYS EB 139 56.87 73.23 -12.95
CA LYS EB 139 55.81 72.24 -13.05
C LYS EB 139 56.32 70.95 -13.67
N LYS EB 140 55.93 69.82 -13.09
CA LYS EB 140 56.25 68.51 -13.64
C LYS EB 140 55.00 67.92 -14.29
N PHE EB 141 55.21 67.01 -15.23
CA PHE EB 141 54.11 66.43 -15.98
C PHE EB 141 53.30 65.47 -15.12
N GLY EB 142 52.07 65.22 -15.55
CA GLY EB 142 51.15 64.37 -14.82
C GLY EB 142 50.23 65.10 -13.87
N GLY EB 143 50.33 66.43 -13.80
CA GLY EB 143 49.52 67.22 -12.91
C GLY EB 143 49.44 68.66 -13.40
N PRO EB 144 48.58 69.47 -12.79
CA PRO EB 144 48.47 70.86 -13.25
C PRO EB 144 49.49 71.79 -12.62
N GLY EB 145 50.01 71.46 -11.44
CA GLY EB 145 50.90 72.33 -10.71
C GLY EB 145 52.26 71.69 -10.41
N ALA EB 146 52.90 72.25 -9.38
CA ALA EB 146 54.17 71.71 -8.93
C ALA EB 146 53.96 70.40 -8.17
N ARG EB 147 53.24 70.46 -7.05
CA ARG EB 147 52.94 69.27 -6.27
C ARG EB 147 51.53 68.73 -6.50
N ALA EB 148 50.67 69.49 -7.15
CA ALA EB 148 49.32 69.03 -7.41
C ALA EB 148 49.31 67.96 -8.49
N ARG EB 149 48.68 66.83 -8.17
CA ARG EB 149 48.50 65.75 -9.12
C ARG EB 149 47.03 65.67 -9.50
N TYR EB 150 46.76 65.17 -10.70
CA TYR EB 150 45.39 65.08 -11.19
C TYR EB 150 44.60 64.07 -10.37
N GLN EB 151 43.31 64.35 -10.18
CA GLN EB 151 42.46 63.49 -9.38
C GLN EB 151 42.13 62.21 -10.14
N LYS EB 152 42.39 61.07 -9.51
CA LYS EB 152 42.17 59.77 -10.12
C LYS EB 152 40.92 59.15 -9.52
N SER EB 153 40.32 58.21 -10.26
CA SER EB 153 39.10 57.54 -9.82
C SER EB 153 39.09 56.12 -10.32
N TYR EB 154 38.79 55.18 -9.42
CA TYR EB 154 38.52 53.79 -9.76
C TYR EB 154 37.21 53.39 -9.11
N ARG EB 155 36.40 52.63 -9.84
CA ARG EB 155 35.05 52.33 -9.38
C ARG EB 155 34.60 50.94 -9.83
N ASN FB 8 -50.80 -82.66 36.97
CA ASN FB 8 -49.44 -82.38 36.53
C ASN FB 8 -48.86 -81.18 37.26
N LYS FB 9 -48.54 -81.37 38.54
CA LYS FB 9 -47.95 -80.30 39.34
C LYS FB 9 -46.42 -80.42 39.37
N SER FB 10 -45.85 -80.43 38.16
CA SER FB 10 -44.41 -80.60 38.04
C SER FB 10 -43.67 -79.31 38.37
N GLU FB 11 -44.27 -78.16 38.08
CA GLU FB 11 -43.56 -76.90 38.25
C GLU FB 11 -43.45 -76.52 39.73
N LYS FB 12 -44.39 -76.97 40.54
CA LYS FB 12 -44.33 -76.68 41.98
C LYS FB 12 -43.22 -77.49 42.64
N ALA FB 13 -42.96 -78.69 42.12
CA ALA FB 13 -41.93 -79.53 42.71
C ALA FB 13 -40.53 -79.03 42.35
N ARG FB 14 -40.36 -78.52 41.13
CA ARG FB 14 -39.06 -78.05 40.69
C ARG FB 14 -38.62 -76.81 41.46
N SER FB 15 -39.57 -75.92 41.75
CA SER FB 15 -39.21 -74.67 42.39
C SER FB 15 -38.98 -74.85 43.88
N MET FB 16 -39.77 -75.72 44.53
CA MET FB 16 -39.61 -75.92 45.96
C MET FB 16 -38.35 -76.71 46.28
N ALA FB 17 -38.01 -77.68 45.45
CA ALA FB 17 -36.84 -78.51 45.72
C ALA FB 17 -35.55 -77.75 45.45
N ALA FB 18 -35.63 -76.64 44.71
CA ALA FB 18 -34.46 -75.81 44.52
C ALA FB 18 -34.13 -75.02 45.79
N LYS FB 19 -35.14 -74.70 46.59
CA LYS FB 19 -34.90 -73.90 47.79
C LYS FB 19 -34.31 -74.75 48.90
N VAL FB 20 -34.69 -76.03 48.98
CA VAL FB 20 -34.27 -76.89 50.07
C VAL FB 20 -32.79 -77.24 49.98
N LEU FB 21 -32.26 -77.46 48.79
CA LEU FB 21 -30.87 -77.85 48.63
C LEU FB 21 -29.94 -76.69 48.29
N ASN FB 22 -30.48 -75.47 48.12
CA ASN FB 22 -29.74 -74.30 47.62
C ASN FB 22 -29.04 -74.60 46.30
N CYS FB 23 -29.82 -74.88 45.27
CA CYS FB 23 -29.31 -75.31 43.97
C CYS FB 23 -30.16 -74.71 42.87
N GLY FB 24 -29.72 -74.91 41.63
CA GLY FB 24 -30.45 -74.38 40.50
C GLY FB 24 -31.58 -75.29 40.07
N LYS FB 25 -32.45 -74.76 39.20
CA LYS FB 25 -33.58 -75.53 38.73
C LYS FB 25 -33.16 -76.58 37.71
N ASN FB 26 -32.07 -76.33 36.98
CA ASN FB 26 -31.72 -77.20 35.87
C ASN FB 26 -31.03 -78.48 36.34
N LYS FB 27 -30.67 -78.55 37.62
CA LYS FB 27 -29.94 -79.71 38.09
C LYS FB 27 -30.88 -80.78 38.65
N ILE FB 28 -32.13 -80.43 38.91
CA ILE FB 28 -33.05 -81.36 39.56
C ILE FB 28 -33.55 -82.38 38.55
N TRP FB 29 -33.49 -83.66 38.93
CA TRP FB 29 -33.96 -84.75 38.09
C TRP FB 29 -35.16 -85.41 38.75
N LEU FB 30 -36.34 -85.24 38.17
CA LEU FB 30 -37.49 -85.96 38.67
C LEU FB 30 -37.47 -87.39 38.15
N ASP FB 31 -38.24 -88.25 38.80
CA ASP FB 31 -38.30 -89.63 38.37
C ASP FB 31 -39.66 -89.91 37.75
N PRO FB 32 -39.69 -90.36 36.48
CA PRO FB 32 -41.00 -90.64 35.86
C PRO FB 32 -41.66 -91.88 36.39
N SER FB 33 -40.94 -92.75 37.10
CA SER FB 33 -41.56 -93.93 37.67
C SER FB 33 -42.44 -93.58 38.87
N GLY FB 34 -41.97 -92.70 39.74
CA GLY FB 34 -42.78 -92.27 40.86
C GLY FB 34 -43.63 -91.06 40.51
N LYS FB 35 -44.44 -91.20 39.47
CA LYS FB 35 -45.23 -90.07 38.97
C LYS FB 35 -46.35 -89.71 39.92
N GLU FB 36 -46.83 -90.69 40.69
CA GLU FB 36 -48.03 -90.51 41.48
C GLU FB 36 -47.76 -89.68 42.74
N GLN FB 37 -46.57 -89.84 43.33
CA GLN FB 37 -46.32 -89.25 44.64
C GLN FB 37 -46.09 -87.74 44.54
N ILE FB 38 -45.63 -87.27 43.39
CA ILE FB 38 -45.26 -85.87 43.26
C ILE FB 38 -46.48 -84.99 43.06
N ASN FB 39 -47.61 -85.57 42.67
CA ASN FB 39 -48.79 -84.75 42.38
C ASN FB 39 -49.54 -84.38 43.65
N GLN FB 40 -49.10 -84.87 44.81
CA GLN FB 40 -49.77 -84.60 46.07
C GLN FB 40 -48.91 -83.84 47.06
N VAL FB 41 -47.81 -83.23 46.62
CA VAL FB 41 -46.95 -82.52 47.55
C VAL FB 41 -47.57 -81.16 47.84
N SER FB 42 -47.53 -80.75 49.11
CA SER FB 42 -47.91 -79.39 49.48
C SER FB 42 -47.00 -78.76 50.52
N THR FB 43 -46.18 -79.52 51.22
CA THR FB 43 -45.39 -78.99 52.33
C THR FB 43 -43.90 -79.12 52.02
N ARG FB 44 -43.10 -78.46 52.86
CA ARG FB 44 -41.66 -78.65 52.81
C ARG FB 44 -41.28 -80.00 53.39
N GLU FB 45 -42.12 -80.53 54.28
CA GLU FB 45 -41.78 -81.76 54.99
C GLU FB 45 -41.89 -82.98 54.10
N GLN FB 46 -42.86 -82.98 53.18
CA GLN FB 46 -43.06 -84.13 52.31
C GLN FB 46 -41.96 -84.25 51.28
N ILE FB 47 -41.27 -83.14 50.98
CA ILE FB 47 -40.18 -83.18 50.03
C ILE FB 47 -38.97 -83.88 50.61
N ARG FB 48 -38.70 -83.65 51.90
CA ARG FB 48 -37.49 -84.20 52.52
C ARG FB 48 -37.55 -85.72 52.65
N GLN FB 49 -38.76 -86.29 52.60
CA GLN FB 49 -38.85 -87.74 52.49
C GLN FB 49 -38.68 -88.20 51.05
N LEU FB 50 -38.98 -87.32 50.08
CA LEU FB 50 -38.85 -87.72 48.69
C LEU FB 50 -37.40 -87.68 48.24
N ILE FB 51 -36.56 -86.86 48.89
CA ILE FB 51 -35.14 -86.86 48.57
C ILE FB 51 -34.48 -88.11 49.11
N ASP FB 52 -34.92 -88.56 50.29
CA ASP FB 52 -34.30 -89.73 50.91
C ASP FB 52 -34.71 -91.02 50.21
N ASP FB 53 -35.85 -91.02 49.53
CA ASP FB 53 -36.23 -92.17 48.72
C ASP FB 53 -35.65 -92.13 47.32
N ASN FB 54 -34.79 -91.14 47.02
CA ASN FB 54 -34.14 -90.93 45.74
C ASN FB 54 -35.12 -90.80 44.58
N VAL FB 55 -36.28 -90.22 44.82
CA VAL FB 55 -37.19 -89.89 43.74
C VAL FB 55 -36.81 -88.56 43.11
N ILE FB 56 -36.26 -87.66 43.93
CA ILE FB 56 -35.77 -86.36 43.47
C ILE FB 56 -34.30 -86.27 43.84
N ILE FB 57 -33.43 -86.36 42.83
CA ILE FB 57 -31.99 -86.40 43.07
C ILE FB 57 -31.34 -85.22 42.36
N LYS FB 58 -30.10 -84.95 42.75
CA LYS FB 58 -29.34 -83.84 42.19
C LYS FB 58 -28.38 -84.36 41.12
N LYS FB 59 -28.12 -83.52 40.13
CA LYS FB 59 -27.11 -83.80 39.12
C LYS FB 59 -25.80 -83.16 39.56
N LEU FB 60 -24.69 -83.74 39.10
CA LEU FB 60 -23.39 -83.24 39.53
C LEU FB 60 -22.99 -82.02 38.71
N ASP FB 61 -22.11 -81.21 39.30
CA ASP FB 61 -21.61 -80.00 38.66
C ASP FB 61 -20.31 -80.30 37.94
N LYS FB 62 -19.91 -79.42 37.03
CA LYS FB 62 -18.64 -79.59 36.35
C LYS FB 62 -17.60 -78.64 36.91
N TYR FB 63 -16.33 -79.03 36.79
CA TYR FB 63 -15.21 -78.18 37.14
C TYR FB 63 -14.11 -78.41 36.11
N ASN FB 64 -13.47 -77.34 35.69
CA ASN FB 64 -12.47 -77.46 34.64
C ASN FB 64 -11.21 -78.13 35.15
N SER FB 65 -10.61 -78.97 34.31
CA SER FB 65 -9.45 -79.74 34.71
C SER FB 65 -8.18 -78.95 34.45
N LYS FB 66 -7.17 -79.15 35.30
CA LYS FB 66 -5.89 -78.49 35.16
C LYS FB 66 -4.76 -79.46 34.83
N GLY FB 67 -5.08 -80.61 34.24
CA GLY FB 67 -4.04 -81.57 33.91
C GLY FB 67 -3.18 -81.10 32.75
N ARG FB 68 -3.76 -80.30 31.85
CA ARG FB 68 -2.99 -79.72 30.77
C ARG FB 68 -1.97 -78.72 31.30
N SER FB 69 -2.37 -77.89 32.25
CA SER FB 69 -1.53 -76.80 32.69
C SER FB 69 -0.48 -77.27 33.69
N ARG FB 70 -0.73 -78.39 34.37
CA ARG FB 70 0.25 -78.90 35.31
C ARG FB 70 1.45 -79.51 34.58
N ILE FB 71 1.21 -80.06 33.39
CA ILE FB 71 2.31 -80.58 32.58
C ILE FB 71 3.15 -79.43 32.04
N TYR FB 72 2.49 -78.41 31.49
CA TYR FB 72 3.18 -77.30 30.85
C TYR FB 72 4.00 -76.49 31.84
N LYS FB 73 3.57 -76.45 33.10
CA LYS FB 73 4.35 -75.73 34.10
C LYS FB 73 5.58 -76.50 34.50
N GLU FB 74 5.63 -77.81 34.21
CA GLU FB 74 6.78 -78.61 34.58
C GLU FB 74 7.93 -78.41 33.60
N ALA FB 75 7.62 -78.22 32.33
CA ALA FB 75 8.67 -78.03 31.33
C ALA FB 75 9.33 -76.67 31.49
N VAL FB 76 8.57 -75.67 31.95
CA VAL FB 76 9.14 -74.36 32.23
C VAL FB 76 10.04 -74.42 33.46
N ALA FB 77 9.77 -75.35 34.38
CA ALA FB 77 10.63 -75.52 35.55
C ALA FB 77 12.00 -76.06 35.15
N LYS FB 78 12.09 -76.74 34.01
CA LYS FB 78 13.37 -77.07 33.44
C LYS FB 78 13.90 -75.96 32.52
N GLY FB 79 13.09 -74.96 32.22
CA GLY FB 79 13.53 -73.86 31.39
C GLY FB 79 13.33 -74.05 29.90
N ARG FB 80 12.25 -74.71 29.48
CA ARG FB 80 12.10 -75.02 28.07
C ARG FB 80 11.51 -73.85 27.29
N HIS FB 81 10.30 -73.43 27.65
CA HIS FB 81 9.49 -72.60 26.77
C HIS FB 81 9.77 -71.12 26.86
N MET FB 82 10.84 -70.70 27.50
CA MET FB 82 11.15 -69.27 27.63
C MET FB 82 12.19 -68.86 26.58
N GLY FB 83 11.80 -69.01 25.33
CA GLY FB 83 12.69 -68.70 24.23
C GLY FB 83 12.78 -67.22 23.94
N LEU FB 84 13.31 -66.91 22.76
CA LEU FB 84 13.32 -65.52 22.31
C LEU FB 84 12.09 -65.23 21.48
N GLY FB 85 11.44 -66.26 20.97
CA GLY FB 85 10.25 -66.12 20.16
C GLY FB 85 8.96 -66.17 20.92
N LYS FB 86 9.00 -66.46 22.22
CA LYS FB 86 7.80 -66.48 23.04
C LYS FB 86 7.86 -65.46 24.16
N ARG FB 87 8.43 -64.29 23.90
CA ARG FB 87 8.36 -63.15 24.79
C ARG FB 87 7.58 -62.06 24.10
N LEU FB 88 6.65 -61.43 24.82
CA LEU FB 88 5.84 -60.37 24.26
C LEU FB 88 5.90 -59.09 25.07
N GLY FB 89 6.58 -59.09 26.21
CA GLY FB 89 6.76 -57.89 26.99
C GLY FB 89 8.22 -57.49 27.01
N THR FB 90 8.48 -56.34 27.62
CA THR FB 90 9.85 -55.85 27.71
C THR FB 90 10.63 -56.63 28.76
N ALA FB 91 11.91 -56.28 28.90
CA ALA FB 91 12.74 -56.94 29.90
C ALA FB 91 12.41 -56.46 31.31
N ASN FB 92 11.85 -55.25 31.41
CA ASN FB 92 11.49 -54.71 32.72
C ASN FB 92 10.14 -55.25 33.18
N ALA FB 93 9.31 -55.67 32.24
CA ALA FB 93 8.00 -56.19 32.59
C ALA FB 93 8.10 -57.59 33.18
N ARG FB 94 8.92 -58.44 32.58
CA ARG FB 94 9.03 -59.83 33.03
C ARG FB 94 9.80 -59.91 34.34
N LEU FB 95 10.75 -59.02 34.54
CA LEU FB 95 11.54 -58.95 35.76
C LEU FB 95 11.83 -57.50 36.06
N ASN FB 96 11.49 -57.05 37.26
CA ASN FB 96 11.70 -55.65 37.61
C ASN FB 96 13.17 -55.39 37.89
N LYS FB 97 13.66 -54.24 37.44
CA LYS FB 97 15.07 -53.90 37.68
C LYS FB 97 15.26 -53.25 39.03
N LYS FB 98 14.19 -52.70 39.61
CA LYS FB 98 14.30 -52.06 40.91
C LYS FB 98 14.40 -53.09 42.02
N THR FB 99 13.65 -54.19 41.91
CA THR FB 99 13.63 -55.20 42.97
C THR FB 99 14.93 -55.98 43.00
N LEU FB 100 15.63 -56.06 41.88
CA LEU FB 100 16.89 -56.80 41.85
C LEU FB 100 18.00 -56.02 42.55
N TRP FB 101 17.85 -54.70 42.62
CA TRP FB 101 18.82 -53.90 43.38
C TRP FB 101 18.52 -53.99 44.87
N ILE FB 102 17.26 -54.18 45.24
CA ILE FB 102 16.90 -54.26 46.65
C ILE FB 102 17.26 -55.63 47.21
N LYS FB 103 17.21 -56.66 46.37
CA LYS FB 103 17.65 -57.99 46.80
C LYS FB 103 19.15 -58.01 47.06
N LYS FB 104 19.92 -57.30 46.23
CA LYS FB 104 21.37 -57.37 46.35
C LYS FB 104 21.88 -56.53 47.51
N ILE FB 105 21.27 -55.36 47.72
CA ILE FB 105 21.82 -54.44 48.71
C ILE FB 105 21.35 -54.83 50.11
N ARG FB 106 20.35 -55.68 50.22
CA ARG FB 106 19.91 -56.14 51.54
C ARG FB 106 20.74 -57.33 52.00
N VAL FB 107 21.18 -58.15 51.06
CA VAL FB 107 22.01 -59.30 51.42
C VAL FB 107 23.43 -58.85 51.70
N MET FB 108 23.94 -57.90 50.92
CA MET FB 108 25.30 -57.42 51.11
C MET FB 108 25.43 -56.62 52.41
N ARG FB 109 24.33 -56.02 52.88
CA ARG FB 109 24.40 -55.31 54.15
C ARG FB 109 24.31 -56.26 55.32
N LYS FB 110 23.77 -57.46 55.10
CA LYS FB 110 23.68 -58.44 56.17
C LYS FB 110 25.03 -59.11 56.42
N GLU FB 111 25.76 -59.42 55.35
CA GLU FB 111 27.00 -60.18 55.50
C GLU FB 111 28.12 -59.31 56.03
N LEU FB 112 27.99 -57.99 55.94
CA LEU FB 112 29.01 -57.13 56.52
C LEU FB 112 28.89 -57.07 58.03
N LYS FB 113 27.69 -57.25 58.56
CA LYS FB 113 27.52 -57.27 60.01
C LYS FB 113 28.10 -58.54 60.62
N ASP FB 114 28.06 -59.64 59.88
CA ASP FB 114 28.57 -60.91 60.42
C ASP FB 114 30.08 -60.92 60.43
N MET FB 115 30.71 -60.27 59.46
CA MET FB 115 32.17 -60.26 59.42
C MET FB 115 32.73 -59.28 60.44
N LYS FB 116 31.91 -58.33 60.90
CA LYS FB 116 32.36 -57.44 61.98
C LYS FB 116 32.22 -58.11 63.34
N ALA FB 117 31.19 -58.93 63.51
CA ALA FB 117 30.93 -59.52 64.82
C ALA FB 117 31.93 -60.60 65.16
N GLU FB 118 32.39 -61.35 64.16
CA GLU FB 118 33.37 -62.40 64.42
C GLU FB 118 34.76 -61.82 64.67
N GLY FB 119 35.01 -60.62 64.16
CA GLY FB 119 36.30 -59.99 64.31
C GLY FB 119 37.14 -59.96 63.05
N LYS FB 120 36.58 -60.36 61.91
CA LYS FB 120 37.35 -60.33 60.67
C LYS FB 120 37.56 -58.90 60.18
N ILE FB 121 36.58 -58.04 60.38
CA ILE FB 121 36.64 -56.65 59.92
C ILE FB 121 36.51 -55.74 61.13
N ASN FB 122 37.49 -54.88 61.33
CA ASN FB 122 37.44 -53.88 62.38
C ASN FB 122 36.53 -52.72 61.99
N ALA FB 123 36.45 -51.73 62.87
CA ALA FB 123 35.48 -50.66 62.71
C ALA FB 123 35.85 -49.71 61.58
N GLU FB 124 37.14 -49.54 61.31
CA GLU FB 124 37.57 -48.59 60.28
C GLU FB 124 37.31 -49.13 58.88
N GLU FB 125 37.61 -50.41 58.67
CA GLU FB 125 37.45 -50.99 57.34
C GLU FB 125 35.99 -51.29 57.05
N TYR FB 126 35.17 -51.36 58.10
CA TYR FB 126 33.74 -51.62 57.92
C TYR FB 126 33.05 -50.42 57.28
N GLN FB 127 33.50 -49.21 57.61
CA GLN FB 127 32.85 -48.02 57.07
C GLN FB 127 33.25 -47.77 55.62
N LEU FB 128 34.42 -48.28 55.22
CA LEU FB 128 34.85 -48.06 53.84
C LEU FB 128 34.12 -49.00 52.88
N PHE FB 129 33.95 -50.26 53.26
CA PHE FB 129 33.30 -51.22 52.38
C PHE FB 129 31.80 -50.99 52.30
N ARG FB 130 31.23 -50.29 53.29
CA ARG FB 130 29.80 -50.04 53.28
C ARG FB 130 29.42 -49.01 52.23
N LYS FB 131 30.32 -48.06 51.96
CA LYS FB 131 30.02 -47.03 50.99
C LYS FB 131 30.37 -47.48 49.58
N ARG FB 132 31.18 -48.54 49.45
CA ARG FB 132 31.40 -49.11 48.13
C ARG FB 132 30.26 -50.01 47.71
N ALA FB 133 29.42 -50.43 48.66
CA ALA FB 133 28.23 -51.19 48.29
C ALA FB 133 27.20 -50.29 47.63
N LYS FB 134 27.12 -49.03 48.06
CA LYS FB 134 26.26 -48.08 47.37
C LYS FB 134 26.84 -47.70 46.01
N GLY FB 135 28.16 -47.75 45.88
CA GLY FB 135 28.80 -47.28 44.66
C GLY FB 135 28.77 -48.27 43.52
N ASN FB 136 28.15 -49.44 43.71
CA ASN FB 136 28.01 -50.48 42.70
C ASN FB 136 29.35 -50.97 42.18
N LEU FB 137 30.29 -51.21 43.09
CA LEU FB 137 31.59 -51.75 42.67
C LEU FB 137 31.53 -53.26 42.51
N PHE FB 138 30.96 -53.96 43.48
CA PHE FB 138 30.86 -55.41 43.44
C PHE FB 138 29.62 -55.81 42.65
N LYS FB 139 29.72 -56.91 41.92
CA LYS FB 139 28.56 -57.40 41.19
C LYS FB 139 27.58 -58.10 42.12
N ASN FB 140 28.09 -58.92 43.03
CA ASN FB 140 27.26 -59.64 43.99
C ASN FB 140 28.11 -60.01 45.19
N ARG FB 141 27.54 -60.82 46.08
CA ARG FB 141 28.18 -61.06 47.36
C ARG FB 141 29.34 -62.05 47.24
N VAL FB 142 29.40 -62.79 46.13
CA VAL FB 142 30.51 -63.71 45.93
C VAL FB 142 31.76 -62.94 45.55
N THR FB 143 31.64 -61.97 44.64
CA THR FB 143 32.79 -61.19 44.22
C THR FB 143 33.21 -60.21 45.29
N MET FB 144 32.35 -59.94 46.27
CA MET FB 144 32.71 -59.01 47.33
C MET FB 144 33.70 -59.64 48.30
N LYS FB 145 33.51 -60.91 48.64
CA LYS FB 145 34.37 -61.56 49.64
C LYS FB 145 35.79 -61.74 49.14
N GLU FB 146 35.96 -61.91 47.82
CA GLU FB 146 37.29 -62.04 47.27
C GLU FB 146 38.03 -60.70 47.29
N HIS FB 147 37.29 -59.60 47.19
CA HIS FB 147 37.93 -58.29 47.20
C HIS FB 147 38.37 -57.90 48.59
N ILE FB 148 37.69 -58.42 49.62
CA ILE FB 148 38.14 -58.18 50.99
C ILE FB 148 39.41 -58.98 51.28
N ALA FB 149 39.50 -60.18 50.71
CA ALA FB 149 40.67 -61.02 50.95
C ALA FB 149 41.90 -60.48 50.22
N LYS FB 150 41.69 -59.69 49.17
CA LYS FB 150 42.82 -59.08 48.49
C LYS FB 150 43.43 -57.97 49.31
N LYS FB 151 42.60 -57.04 49.81
CA LYS FB 151 43.13 -55.86 50.48
C LYS FB 151 43.63 -56.19 51.88
N GLN FB 152 43.16 -57.30 52.45
CA GLN FB 152 43.71 -57.73 53.73
C GLN FB 152 45.08 -58.35 53.56
N ALA FB 153 45.25 -59.17 52.52
CA ALA FB 153 46.52 -59.86 52.33
C ALA FB 153 47.55 -58.97 51.66
N ALA FB 154 47.10 -57.89 51.03
CA ALA FB 154 48.06 -56.98 50.40
C ALA FB 154 48.77 -56.11 51.42
N GLU FB 155 48.11 -55.81 52.53
CA GLU FB 155 48.73 -54.98 53.56
C GLU FB 155 49.69 -55.81 54.40
N LEU FB 156 49.53 -57.13 54.40
CA LEU FB 156 50.49 -57.98 55.09
C LEU FB 156 51.82 -58.02 54.36
N ARG FB 157 51.81 -57.77 53.04
CA ARG FB 157 53.05 -57.67 52.29
C ARG FB 157 53.84 -56.43 52.69
N ILE FB 158 53.13 -55.38 53.09
CA ILE FB 158 53.79 -54.16 53.58
C ILE FB 158 54.41 -54.42 54.94
N LYS FB 159 53.71 -55.17 55.80
CA LYS FB 159 54.17 -55.40 57.17
C LYS FB 159 55.43 -56.26 57.22
N GLU FB 160 55.70 -57.00 56.14
CA GLU FB 160 56.92 -57.80 56.09
C GLU FB 160 58.14 -56.91 55.89
N LEU FB 161 58.00 -55.81 55.16
CA LEU FB 161 59.17 -55.09 54.68
C LEU FB 161 59.73 -54.16 55.75
N GLU FB 162 58.85 -53.51 56.52
CA GLU FB 162 59.33 -52.55 57.52
C GLU FB 162 59.92 -53.26 58.73
N GLU FB 163 59.43 -54.47 59.04
CA GLU FB 163 60.04 -55.23 60.12
C GLU FB 163 61.34 -55.86 59.67
N GLN FB 164 61.47 -56.17 58.39
CA GLN FB 164 62.73 -56.66 57.86
C GLN FB 164 63.74 -55.53 57.74
N ALA FB 165 63.26 -54.29 57.64
CA ALA FB 165 64.16 -53.15 57.76
C ALA FB 165 64.69 -53.01 59.17
N LYS FB 166 63.89 -53.38 60.17
CA LYS FB 166 64.38 -53.37 61.55
C LYS FB 166 65.38 -54.48 61.77
N ALA FB 167 65.19 -55.61 61.09
CA ALA FB 167 66.14 -56.70 61.18
C ALA FB 167 67.42 -56.37 60.43
N LEU FB 168 67.32 -55.50 59.42
CA LEU FB 168 68.50 -55.13 58.64
C LEU FB 168 69.18 -53.91 59.24
N LYS FB 169 68.50 -53.19 60.14
CA LYS FB 169 69.08 -51.98 60.72
C LYS FB 169 70.17 -52.31 61.74
N MET FB 170 70.13 -53.52 62.29
CA MET FB 170 71.20 -53.94 63.18
C MET FB 170 72.46 -54.28 62.40
N LYS FB 171 72.32 -54.71 61.14
CA LYS FB 171 73.48 -55.10 60.35
C LYS FB 171 74.11 -53.90 59.64
N LYS FB 172 73.35 -52.83 59.47
CA LYS FB 172 73.83 -51.63 58.80
C LYS FB 172 74.94 -50.93 59.57
N GLY GB 1 75.37 61.94 1.52
CA GLY GB 1 75.83 63.25 1.94
C GLY GB 1 76.16 63.34 3.41
N ASN GB 2 75.17 63.09 4.25
CA ASN GB 2 75.36 63.06 5.70
C ASN GB 2 76.00 61.77 6.18
N ILE GB 3 76.11 60.77 5.31
CA ILE GB 3 76.80 59.51 5.64
C ILE GB 3 77.83 59.26 4.56
N ARG GB 4 79.08 59.08 4.98
CA ARG GB 4 80.20 59.00 4.05
C ARG GB 4 80.26 57.63 3.38
N ASN GB 5 80.73 57.63 2.13
CA ASN GB 5 80.84 56.39 1.38
C ASN GB 5 82.03 55.58 1.83
N ARG GB 6 81.96 54.26 1.61
CA ARG GB 6 83.07 53.39 2.00
C ARG GB 6 84.28 53.56 1.10
N VAL GB 7 84.07 54.09 -0.10
CA VAL GB 7 85.20 54.44 -0.96
C VAL GB 7 85.92 55.66 -0.41
N ILE GB 8 85.17 56.61 0.13
CA ILE GB 8 85.76 57.81 0.72
C ILE GB 8 86.53 57.47 1.98
N LYS GB 9 85.95 56.64 2.86
CA LYS GB 9 86.57 56.35 4.14
C LYS GB 9 87.81 55.49 3.98
N ARG GB 10 87.78 54.54 3.05
CA ARG GB 10 88.93 53.68 2.81
C ARG GB 10 90.09 54.48 2.20
N ALA GB 11 89.78 55.38 1.28
CA ALA GB 11 90.82 56.19 0.66
C ALA GB 11 91.32 57.26 1.63
N ALA GB 12 90.55 57.60 2.65
CA ALA GB 12 91.01 58.56 3.64
C ALA GB 12 91.92 57.89 4.66
N ARG GB 13 91.70 56.60 4.93
CA ARG GB 13 92.46 55.93 5.97
C ARG GB 13 93.89 55.65 5.52
N GLN GB 14 94.11 55.53 4.22
CA GLN GB 14 95.45 55.26 3.72
C GLN GB 14 96.34 56.49 3.81
N ILE GB 15 95.76 57.68 3.68
CA ILE GB 15 96.57 58.89 3.64
C ILE GB 15 97.03 59.28 5.05
N VAL GB 16 96.39 58.71 6.07
CA VAL GB 16 96.85 58.95 7.43
C VAL GB 16 98.12 58.14 7.71
N GLU GB 17 98.27 57.00 7.04
CA GLU GB 17 99.40 56.11 7.32
C GLU GB 17 100.70 56.66 6.73
N LYS GB 18 100.70 56.98 5.44
CA LYS GB 18 101.94 57.39 4.79
C LYS GB 18 102.24 58.86 5.03
N HIS GB 19 101.21 59.69 5.18
CA HIS GB 19 101.37 61.13 5.22
C HIS GB 19 100.85 61.72 6.51
N PHE GB 20 101.23 61.13 7.64
CA PHE GB 20 100.75 61.60 8.94
C PHE GB 20 101.36 62.94 9.33
N LEU GB 21 102.61 63.19 8.96
CA LEU GB 21 103.37 64.27 9.59
C LEU GB 21 103.00 65.63 9.01
N SER GB 22 102.50 65.66 7.78
CA SER GB 22 102.18 66.94 7.17
C SER GB 22 100.77 67.41 7.52
N LEU GB 23 100.08 66.67 8.38
CA LEU GB 23 98.74 67.06 8.81
C LEU GB 23 98.84 68.16 9.86
N ASP GB 24 97.70 68.79 10.15
CA ASP GB 24 97.64 69.89 11.11
C ASP GB 24 96.26 69.95 11.75
N LYS GB 25 96.05 70.97 12.58
CA LYS GB 25 94.80 71.10 13.32
C LYS GB 25 93.73 71.81 12.50
N SER GB 26 94.13 72.70 11.59
CA SER GB 26 93.16 73.49 10.85
C SER GB 26 92.71 72.78 9.57
N PHE GB 27 91.49 73.08 9.15
CA PHE GB 27 90.86 72.33 8.06
C PHE GB 27 91.33 72.80 6.69
N ASP GB 28 91.59 74.11 6.55
CA ASP GB 28 91.76 74.69 5.22
C ASP GB 28 93.11 74.36 4.62
N ASP GB 29 94.11 74.06 5.46
CA ASP GB 29 95.42 73.71 4.92
C ASP GB 29 95.44 72.25 4.46
N ASN GB 30 94.49 71.44 4.94
CA ASN GB 30 94.41 70.06 4.48
C ASN GB 30 93.83 69.98 3.08
N LEU GB 31 93.20 71.06 2.61
CA LEU GB 31 92.69 71.07 1.25
C LEU GB 31 93.83 71.16 0.25
N LEU GB 32 94.97 71.75 0.66
CA LEU GB 32 96.07 71.92 -0.27
C LEU GB 32 96.83 70.60 -0.46
N VAL GB 33 97.01 69.85 0.62
CA VAL GB 33 97.95 68.73 0.61
C VAL GB 33 97.39 67.56 -0.19
N VAL GB 34 96.06 67.42 -0.21
CA VAL GB 34 95.44 66.30 -0.94
C VAL GB 34 95.53 66.53 -2.44
N GLN GB 35 95.75 67.78 -2.86
CA GLN GB 35 95.97 68.06 -4.27
C GLN GB 35 97.36 67.64 -4.71
N ASP GB 36 98.27 67.42 -3.75
CA ASP GB 36 99.61 66.96 -4.10
C ASP GB 36 99.71 65.44 -4.09
N VAL GB 37 99.01 64.78 -3.17
CA VAL GB 37 99.24 63.35 -2.93
C VAL GB 37 98.09 62.48 -3.41
N ALA GB 38 97.00 63.05 -3.87
CA ALA GB 38 95.86 62.26 -4.31
C ALA GB 38 95.42 62.70 -5.70
N LEU GB 39 95.01 61.74 -6.50
CA LEU GB 39 94.53 61.96 -7.86
C LEU GB 39 93.03 61.71 -7.89
N VAL GB 40 92.25 62.78 -7.85
CA VAL GB 40 90.81 62.72 -7.68
C VAL GB 40 90.16 63.33 -8.93
N GLN GB 41 89.12 62.67 -9.43
CA GLN GB 41 88.48 63.12 -10.66
C GLN GB 41 87.69 64.41 -10.46
N SER GB 42 86.90 64.48 -9.39
CA SER GB 42 85.92 65.55 -9.22
C SER GB 42 86.37 66.53 -8.15
N LYS GB 43 85.53 67.54 -7.93
CA LYS GB 43 85.85 68.58 -6.96
C LYS GB 43 85.08 68.37 -5.66
N ARG GB 44 83.82 67.96 -5.76
CA ARG GB 44 82.94 67.87 -4.60
C ARG GB 44 83.34 66.74 -3.67
N VAL GB 45 83.84 65.63 -4.23
CA VAL GB 45 84.27 64.51 -3.42
C VAL GB 45 85.62 64.82 -2.76
N ARG GB 46 86.39 65.74 -3.34
CA ARG GB 46 87.69 66.10 -2.79
C ARG GB 46 87.57 66.84 -1.46
N ASN GB 47 86.55 67.70 -1.32
CA ASN GB 47 86.38 68.44 -0.08
C ASN GB 47 85.90 67.54 1.04
N GLN GB 48 85.26 66.42 0.70
CA GLN GB 48 84.83 65.48 1.72
C GLN GB 48 86.01 64.69 2.28
N ILE GB 49 87.04 64.48 1.46
CA ILE GB 49 88.21 63.72 1.90
C ILE GB 49 89.02 64.52 2.91
N ALA GB 50 89.28 65.80 2.60
CA ALA GB 50 90.11 66.61 3.49
C ALA GB 50 89.37 66.97 4.76
N GLY GB 51 88.05 67.08 4.70
CA GLY GB 51 87.28 67.30 5.92
C GLY GB 51 87.24 66.08 6.80
N TYR GB 52 87.36 64.89 6.20
CA TYR GB 52 87.35 63.66 6.98
C TYR GB 52 88.72 63.41 7.60
N VAL GB 53 89.76 63.98 7.01
CA VAL GB 53 91.13 63.77 7.51
C VAL GB 53 91.33 64.51 8.83
N THR GB 54 90.79 65.73 8.93
CA THR GB 54 90.85 66.45 10.20
C THR GB 54 89.97 65.81 11.24
N HIS GB 55 88.96 65.05 10.82
CA HIS GB 55 88.15 64.31 11.77
C HIS GB 55 88.94 63.17 12.40
N LEU GB 56 89.74 62.46 11.62
CA LEU GB 56 90.51 61.35 12.15
C LEU GB 56 91.73 61.83 12.93
N TYR GB 57 92.40 62.87 12.43
CA TYR GB 57 93.64 63.31 13.04
C TYR GB 57 93.40 63.94 14.40
N LYS GB 58 92.31 64.71 14.52
CA LYS GB 58 91.96 65.29 15.81
C LYS GB 58 91.46 64.21 16.78
N CYS GB 59 90.82 63.16 16.24
CA CYS GB 59 90.35 62.08 17.09
C CYS GB 59 91.47 61.10 17.43
N ILE GB 60 92.64 61.27 16.80
CA ILE GB 60 93.83 60.53 17.25
C ILE GB 60 94.41 61.21 18.49
N LEU GB 61 94.47 62.54 18.48
CA LEU GB 61 95.22 63.27 19.48
C LEU GB 61 94.56 63.20 20.86
N LYS GB 62 93.24 63.09 20.90
CA LYS GB 62 92.52 63.06 22.17
C LYS GB 62 91.59 61.87 22.30
N GLY GB 63 91.04 61.37 21.19
CA GLY GB 63 90.01 60.36 21.25
C GLY GB 63 90.55 58.96 21.05
N THR GB 64 89.61 58.02 20.89
CA THR GB 64 89.92 56.62 20.70
C THR GB 64 89.48 56.21 19.30
N ALA GB 65 90.43 56.19 18.36
CA ALA GB 65 90.18 55.76 17.00
C ALA GB 65 90.66 54.32 16.87
N LYS GB 66 89.71 53.38 16.84
CA LYS GB 66 90.06 51.98 16.79
C LYS GB 66 90.44 51.58 15.37
N LYS GB 67 91.12 50.43 15.26
CA LYS GB 67 91.57 49.78 14.03
C LYS GB 67 92.46 50.68 13.18
N LEU GB 68 93.36 51.43 13.80
CA LEU GB 68 94.30 52.29 13.09
C LEU GB 68 95.56 52.43 13.92
N TYR GB 69 96.69 52.03 13.35
CA TYR GB 69 97.96 52.09 14.05
C TYR GB 69 98.92 53.00 13.30
N ILE GB 70 99.42 54.02 14.01
CA ILE GB 70 100.48 54.89 13.51
C ILE GB 70 101.65 54.78 14.49
N LYS GB 71 102.85 54.56 13.95
CA LYS GB 71 104.00 54.28 14.81
C LYS GB 71 104.48 55.54 15.53
N SER GB 72 104.25 56.71 14.94
CA SER GB 72 104.87 57.93 15.46
C SER GB 72 104.16 58.43 16.71
N HIS GB 73 102.84 58.35 16.75
CA HIS GB 73 102.08 58.94 17.86
C HIS GB 73 102.15 58.07 19.10
N GLU GB 74 102.32 56.75 18.94
CA GLU GB 74 102.24 55.85 20.08
C GLU GB 74 103.54 55.82 20.87
N ASP GB 75 104.66 56.21 20.23
CA ASP GB 75 105.96 56.08 20.88
C ASP GB 75 106.13 57.10 21.99
N GLU GB 76 105.82 58.36 21.72
CA GLU GB 76 105.98 59.41 22.72
C GLU GB 76 104.94 59.28 23.83
N ARG GB 77 103.79 58.68 23.52
CA ARG GB 77 102.74 58.49 24.52
C ARG GB 77 103.17 57.47 25.58
N GLU GB 78 103.95 56.47 25.18
CA GLU GB 78 104.48 55.51 26.14
C GLU GB 78 105.58 56.13 26.98
N LYS GB 79 106.26 57.15 26.45
CA LYS GB 79 107.32 57.81 27.21
C LYS GB 79 106.75 58.61 28.38
N LYS GB 80 105.50 59.07 28.24
CA LYS GB 80 104.83 59.69 29.37
C LYS GB 80 104.47 58.66 30.43
N GLU GB 81 104.24 57.41 30.01
CA GLU GB 81 103.90 56.33 30.92
C GLU GB 81 105.08 55.45 31.28
N ASN GB 82 106.28 55.77 30.79
CA ASN GB 82 107.49 55.10 31.23
C ASN GB 82 108.11 55.75 32.46
N ILE GB 83 107.39 56.66 33.13
CA ILE GB 83 107.89 57.21 34.38
C ILE GB 83 107.80 56.15 35.47
N MET GB 84 108.63 56.30 36.49
CA MET GB 84 108.50 55.29 37.53
C MET GB 84 107.90 55.90 38.78
N PRO GB 85 107.08 55.16 39.51
CA PRO GB 85 106.65 55.60 40.83
C PRO GB 85 107.82 55.59 41.80
N LYS GB 86 107.82 56.55 42.73
CA LYS GB 86 108.85 56.57 43.76
C LYS GB 86 108.64 55.42 44.75
N ASP GB 87 107.39 55.07 45.02
CA ASP GB 87 107.05 54.01 45.97
C ASP GB 87 106.26 52.92 45.27
N SER GB 88 106.72 51.68 45.39
CA SER GB 88 106.03 50.55 44.80
C SER GB 88 105.14 49.88 45.85
N ILE GB 89 104.53 48.76 45.45
CA ILE GB 89 103.81 47.91 46.37
C ILE GB 89 104.78 47.11 47.25
N MET GB 90 105.99 46.86 46.77
CA MET GB 90 106.96 46.01 47.44
C MET GB 90 107.68 46.68 48.61
N ASP GB 91 107.18 47.82 49.10
CA ASP GB 91 107.86 48.49 50.20
C ASP GB 91 107.33 48.01 51.54
N THR GB 92 106.18 47.33 51.55
CA THR GB 92 105.57 46.89 52.80
C THR GB 92 106.33 45.70 53.38
N GLU GB 93 106.59 45.75 54.68
CA GLU GB 93 107.33 44.70 55.36
C GLU GB 93 106.43 43.65 56.00
N VAL GB 94 105.16 43.97 56.23
CA VAL GB 94 104.23 43.10 56.94
C VAL GB 94 103.25 42.51 55.96
N VAL GB 95 103.14 41.18 55.97
CA VAL GB 95 102.28 40.46 55.05
C VAL GB 95 101.15 39.80 55.85
N GLU GB 96 99.95 39.85 55.29
CA GLU GB 96 98.75 39.30 55.92
C GLU GB 96 98.55 37.86 55.45
N VAL GB 97 98.59 36.93 56.39
CA VAL GB 97 98.56 35.50 56.10
C VAL GB 97 97.42 34.87 56.88
N ASP GB 98 96.65 34.04 56.19
CA ASP GB 98 95.52 33.31 56.74
C ASP GB 98 95.99 32.10 57.53
N PRO GB 99 95.22 31.65 58.53
CA PRO GB 99 95.64 30.47 59.31
C PRO GB 99 95.61 29.17 58.52
N MET GB 100 94.90 29.14 57.39
CA MET GB 100 95.03 28.01 56.49
C MET GB 100 96.33 28.10 55.70
N THR GB 101 96.67 29.30 55.23
CA THR GB 101 97.85 29.46 54.39
C THR GB 101 99.13 29.46 55.21
N LEU GB 102 99.01 29.50 56.54
CA LEU GB 102 100.18 29.47 57.40
C LEU GB 102 100.89 28.12 57.34
N GLU GB 103 100.13 27.05 57.14
CA GLU GB 103 100.70 25.71 57.28
C GLU GB 103 101.53 25.32 56.06
N MET GB 104 101.24 25.92 54.91
CA MET GB 104 102.03 25.68 53.72
C MET GB 104 103.41 26.29 53.85
N LEU GB 105 103.48 27.48 54.44
CA LEU GB 105 104.72 28.21 54.56
C LEU GB 105 105.63 27.56 55.60
N ASN GB 106 105.04 26.86 56.57
CA ASN GB 106 105.85 26.13 57.55
C ASN GB 106 106.25 24.76 57.03
N LYS GB 107 105.42 24.17 56.17
CA LYS GB 107 105.73 22.84 55.63
C LYS GB 107 106.92 22.90 54.68
N ASN GB 108 106.96 23.91 53.81
CA ASN GB 108 108.05 24.05 52.86
C ASN GB 108 109.28 24.72 53.45
N GLU GB 109 109.19 25.20 54.71
CA GLU GB 109 110.28 25.86 55.44
C GLU GB 109 110.79 27.10 54.71
N TYR GB 110 109.91 28.09 54.57
CA TYR GB 110 110.26 29.34 53.93
C TYR GB 110 110.63 30.40 54.96
N ARG GB 111 111.42 31.38 54.51
CA ARG GB 111 112.05 32.35 55.39
C ARG GB 111 111.34 33.69 55.42
N GLY GB 112 110.10 33.78 54.97
CA GLY GB 112 109.36 35.02 55.08
C GLY GB 112 108.85 35.27 56.49
N ASN GB 113 108.59 36.54 56.78
CA ASN GB 113 108.07 36.95 58.08
C ASN GB 113 106.56 37.16 57.96
N PHE GB 114 105.80 36.21 58.49
CA PHE GB 114 104.36 36.17 58.29
C PHE GB 114 103.64 36.52 59.58
N LYS GB 115 102.61 37.35 59.46
CA LYS GB 115 101.79 37.75 60.59
C LYS GB 115 100.32 37.61 60.21
N LEU GB 116 99.52 37.11 61.13
CA LEU GB 116 98.12 36.80 60.83
C LEU GB 116 97.27 38.06 60.89
N ILE GB 117 95.96 37.88 60.68
CA ILE GB 117 95.00 38.99 60.69
C ILE GB 117 94.74 39.47 62.11
N MET HB 1 -80.04 -26.78 -79.38
CA MET HB 1 -79.19 -27.43 -78.38
C MET HB 1 -79.61 -28.88 -78.16
N ASP HB 2 -79.70 -29.63 -79.26
CA ASP HB 2 -80.09 -31.03 -79.14
C ASP HB 2 -78.88 -31.94 -79.04
N PHE HB 3 -77.90 -31.77 -79.93
CA PHE HB 3 -76.74 -32.64 -79.95
C PHE HB 3 -75.67 -32.14 -78.98
N ALA HB 4 -75.43 -30.83 -78.97
CA ALA HB 4 -74.40 -30.26 -78.12
C ALA HB 4 -74.86 -30.20 -76.67
N LYS HB 5 -73.94 -29.79 -75.79
CA LYS HB 5 -74.26 -29.61 -74.39
C LYS HB 5 -74.29 -28.14 -73.98
N ARG HB 6 -73.97 -27.23 -74.89
CA ARG HB 6 -74.12 -25.80 -74.67
C ARG HB 6 -74.56 -25.17 -75.99
N ASN HB 7 -75.19 -24.01 -75.90
CA ASN HB 7 -75.68 -23.32 -77.08
C ASN HB 7 -74.50 -22.63 -77.76
N TYR HB 8 -74.00 -23.22 -78.83
CA TYR HB 8 -72.92 -22.62 -79.60
C TYR HB 8 -73.42 -21.80 -80.78
N THR HB 9 -74.70 -21.90 -81.14
CA THR HB 9 -75.18 -21.15 -82.29
C THR HB 9 -75.75 -19.80 -81.87
N VAL HB 10 -76.39 -19.72 -80.70
CA VAL HB 10 -76.86 -18.45 -80.16
C VAL HB 10 -76.15 -18.26 -78.83
N PRO HB 11 -75.03 -17.55 -78.82
CA PRO HB 11 -74.29 -17.34 -77.58
C PRO HB 11 -74.99 -16.32 -76.69
N PRO HB 12 -74.56 -16.13 -75.43
CA PRO HB 12 -75.21 -15.12 -74.59
C PRO HB 12 -75.03 -13.70 -75.08
N PHE HB 13 -73.90 -13.36 -75.69
CA PHE HB 13 -73.66 -12.00 -76.15
C PHE HB 13 -74.46 -11.73 -77.42
N LYS HB 14 -75.03 -10.53 -77.51
CA LYS HB 14 -75.84 -10.14 -78.65
C LYS HB 14 -75.29 -8.84 -79.22
N GLU HB 15 -76.04 -8.23 -80.13
CA GLU HB 15 -75.64 -6.98 -80.76
C GLU HB 15 -76.73 -5.93 -80.57
N TYR HB 16 -76.36 -4.78 -80.03
CA TYR HB 16 -77.30 -3.71 -79.75
C TYR HB 16 -76.81 -2.41 -80.37
N LYS HB 17 -77.73 -1.68 -80.99
CA LYS HB 17 -77.44 -0.35 -81.53
C LYS HB 17 -78.00 0.69 -80.57
N LEU HB 18 -77.13 1.55 -80.06
CA LEU HB 18 -77.49 2.49 -79.01
C LEU HB 18 -77.42 3.92 -79.54
N SER HB 19 -78.04 4.84 -78.79
CA SER HB 19 -78.05 6.26 -79.10
C SER HB 19 -78.47 7.02 -77.85
N ALA HB 20 -77.82 8.16 -77.60
CA ALA HB 20 -78.11 8.96 -76.42
C ALA HB 20 -77.73 10.41 -76.66
N CYS HB 21 -78.15 11.27 -75.74
CA CYS HB 21 -77.83 12.70 -75.78
C CYS HB 21 -77.91 13.27 -74.37
N LEU HB 22 -77.67 14.56 -74.26
CA LEU HB 22 -77.73 15.22 -72.96
C LEU HB 22 -79.14 15.71 -72.66
N THR HB 23 -79.45 15.87 -71.38
CA THR HB 23 -80.74 16.43 -71.01
C THR HB 23 -80.74 17.93 -71.28
N PRO HB 24 -81.82 18.46 -71.85
CA PRO HB 24 -81.82 19.87 -72.25
C PRO HB 24 -81.89 20.80 -71.05
N THR HB 25 -81.28 21.99 -71.22
CA THR HB 25 -81.26 23.02 -70.20
C THR HB 25 -81.56 24.37 -70.83
N SER HB 26 -81.34 25.43 -70.05
CA SER HB 26 -81.63 26.77 -70.52
C SER HB 26 -80.51 27.32 -71.38
N LYS HB 27 -79.26 27.10 -70.97
CA LYS HB 27 -78.12 27.59 -71.75
C LYS HB 27 -77.96 26.83 -73.05
N ASN HB 28 -78.35 25.56 -73.07
CA ASN HB 28 -78.15 24.71 -74.25
C ASN HB 28 -79.36 23.80 -74.44
N PRO HB 29 -80.40 24.24 -75.13
CA PRO HB 29 -81.43 23.30 -75.57
C PRO HB 29 -81.06 22.67 -76.91
N GLN HB 30 -81.61 21.48 -77.18
CA GLN HB 30 -81.36 20.65 -78.35
C GLN HB 30 -79.88 20.36 -78.60
N PRO HB 31 -79.25 19.49 -77.80
CA PRO HB 31 -77.82 19.21 -78.00
C PRO HB 31 -77.60 18.08 -79.00
N GLN HB 32 -76.32 17.70 -79.13
CA GLN HB 32 -75.89 16.75 -80.13
C GLN HB 32 -76.28 15.33 -79.77
N ILE HB 33 -76.50 14.50 -80.79
CA ILE HB 33 -76.87 13.09 -80.65
C ILE HB 33 -75.70 12.23 -81.12
N TYR HB 34 -75.55 11.06 -80.49
CA TYR HB 34 -74.50 10.11 -80.83
C TYR HB 34 -75.10 8.73 -81.07
N GLU HB 35 -74.31 7.85 -81.69
CA GLU HB 35 -74.73 6.49 -82.04
C GLU HB 35 -73.52 5.56 -82.05
N SER HB 36 -73.77 4.28 -81.74
CA SER HB 36 -72.73 3.26 -81.70
C SER HB 36 -73.36 1.88 -81.68
N THR HB 37 -72.51 0.86 -81.65
CA THR HB 37 -72.92 -0.53 -81.49
C THR HB 37 -72.00 -1.22 -80.49
N ILE HB 38 -72.59 -1.73 -79.41
CA ILE HB 38 -71.85 -2.43 -78.37
C ILE HB 38 -72.42 -3.84 -78.27
N TYR HB 39 -71.56 -4.80 -77.93
CA TYR HB 39 -71.96 -6.19 -77.77
C TYR HB 39 -72.06 -6.53 -76.29
N ALA HB 40 -73.23 -7.00 -75.87
CA ALA HB 40 -73.47 -7.32 -74.47
C ALA HB 40 -74.58 -8.36 -74.37
N GLN HB 41 -75.11 -8.51 -73.16
CA GLN HB 41 -76.09 -9.57 -72.91
C GLN HB 41 -77.50 -9.02 -72.81
N ASN HB 42 -77.67 -7.83 -72.25
CA ASN HB 42 -78.95 -7.14 -72.27
C ASN HB 42 -78.69 -5.68 -72.60
N HIS HB 43 -79.76 -4.89 -72.66
CA HIS HB 43 -79.59 -3.48 -72.96
C HIS HB 43 -79.11 -2.71 -71.74
N VAL HB 44 -79.31 -3.26 -70.55
CA VAL HB 44 -78.87 -2.59 -69.33
C VAL HB 44 -77.36 -2.71 -69.18
N PHE HB 45 -76.80 -3.88 -69.49
CA PHE HB 45 -75.35 -4.02 -69.51
C PHE HB 45 -74.73 -3.20 -70.64
N ALA HB 46 -75.45 -3.05 -71.75
CA ALA HB 46 -74.93 -2.29 -72.87
C ALA HB 46 -75.08 -0.79 -72.64
N ARG HB 47 -76.03 -0.40 -71.78
CA ARG HB 47 -76.13 1.00 -71.40
C ARG HB 47 -74.93 1.43 -70.56
N SER HB 48 -74.48 0.54 -69.67
CA SER HB 48 -73.38 0.89 -68.78
C SER HB 48 -72.05 0.93 -69.51
N LYS HB 49 -71.89 0.08 -70.53
CA LYS HB 49 -70.63 0.06 -71.27
C LYS HB 49 -70.52 1.26 -72.19
N PHE HB 50 -71.64 1.67 -72.77
CA PHE HB 50 -71.62 2.75 -73.74
C PHE HB 50 -71.45 4.10 -73.06
N PHE HB 51 -72.00 4.26 -71.85
CA PHE HB 51 -71.90 5.54 -71.17
C PHE HB 51 -70.50 5.79 -70.63
N LYS HB 52 -69.74 4.71 -70.42
CA LYS HB 52 -68.36 4.88 -69.98
C LYS HB 52 -67.46 5.29 -71.15
N LEU HB 53 -67.80 4.83 -72.35
CA LEU HB 53 -67.05 5.25 -73.54
C LEU HB 53 -67.26 6.73 -73.83
N LEU HB 54 -68.45 7.25 -73.52
CA LEU HB 54 -68.72 8.66 -73.75
C LEU HB 54 -68.09 9.53 -72.67
N ASN HB 55 -67.56 8.92 -71.61
CA ASN HB 55 -66.90 9.69 -70.57
C ASN HB 55 -65.48 10.04 -70.98
N ASP HB 56 -64.89 9.26 -71.90
CA ASP HB 56 -63.46 9.41 -72.16
C ASP HB 56 -63.21 10.31 -73.36
N LYS HB 57 -63.98 10.16 -74.42
CA LYS HB 57 -63.74 10.98 -75.61
C LYS HB 57 -64.27 12.39 -75.42
N TYR HB 58 -65.34 12.55 -74.65
CA TYR HB 58 -65.88 13.85 -74.31
C TYR HB 58 -66.13 13.91 -72.82
N LYS HB 59 -66.14 15.13 -72.28
CA LYS HB 59 -66.42 15.31 -70.85
C LYS HB 59 -67.93 15.35 -70.63
N LEU HB 60 -68.54 14.18 -70.74
CA LEU HB 60 -69.97 14.02 -70.50
C LEU HB 60 -70.14 13.05 -69.34
N LYS HB 61 -70.63 13.54 -68.22
CA LYS HB 61 -70.87 12.68 -67.08
C LYS HB 61 -72.13 11.85 -67.33
N PRO HB 62 -72.15 10.58 -66.89
CA PRO HB 62 -73.32 9.74 -67.18
C PRO HB 62 -74.53 10.08 -66.34
N SER HB 63 -74.36 10.88 -65.29
CA SER HB 63 -75.49 11.26 -64.45
C SER HB 63 -76.38 12.29 -65.15
N LYS HB 64 -75.84 12.97 -66.16
CA LYS HB 64 -76.63 14.00 -66.83
C LYS HB 64 -77.20 13.48 -68.15
N LEU HB 65 -76.90 12.24 -68.52
CA LEU HB 65 -77.31 11.74 -69.83
C LEU HB 65 -78.72 11.16 -69.78
N VAL HB 66 -79.27 10.91 -70.98
CA VAL HB 66 -80.59 10.32 -71.14
C VAL HB 66 -80.55 9.36 -72.33
N LEU HB 67 -81.11 8.17 -72.15
CA LEU HB 67 -81.03 7.10 -73.15
C LEU HB 67 -82.18 7.26 -74.14
N LEU HB 68 -81.86 7.32 -75.42
CA LEU HB 68 -82.86 7.60 -76.44
C LEU HB 68 -83.59 6.34 -76.87
N GLY HB 69 -82.87 5.36 -77.40
CA GLY HB 69 -83.49 4.14 -77.85
C GLY HB 69 -82.46 3.11 -78.24
N ALA HB 70 -82.75 1.86 -77.88
CA ALA HB 70 -81.85 0.74 -78.13
C ALA HB 70 -82.62 -0.42 -78.72
N GLU HB 71 -82.19 -0.89 -79.88
CA GLU HB 71 -82.82 -2.02 -80.54
C GLU HB 71 -81.78 -3.07 -80.86
N GLU HB 72 -82.25 -4.30 -81.05
CA GLU HB 72 -81.38 -5.44 -81.29
C GLU HB 72 -81.38 -5.80 -82.77
N ILE HB 73 -80.25 -6.31 -83.23
CA ILE HB 73 -80.03 -6.64 -84.63
C ILE HB 73 -79.85 -8.14 -84.76
N LYS HB 74 -80.67 -8.76 -85.60
CA LYS HB 74 -80.56 -10.18 -85.91
C LYS HB 74 -80.32 -10.37 -87.40
N GLU HB 75 -79.68 -11.47 -87.75
CA GLU HB 75 -79.25 -11.73 -89.12
C GLU HB 75 -79.91 -13.01 -89.63
N GLN HB 76 -80.51 -12.92 -90.80
CA GLN HB 76 -81.11 -14.11 -91.42
C GLN HB 76 -80.02 -15.03 -91.91
N VAL HB 77 -79.78 -16.10 -91.15
CA VAL HB 77 -78.65 -16.99 -91.38
C VAL HB 77 -79.03 -17.98 -92.48
N THR HB 78 -78.10 -18.19 -93.41
CA THR HB 78 -78.31 -19.22 -94.41
C THR HB 78 -77.67 -20.53 -93.99
N GLY HB 79 -76.43 -20.49 -93.53
CA GLY HB 79 -75.74 -21.67 -93.10
C GLY HB 79 -74.41 -21.94 -93.75
N GLU HB 80 -73.91 -21.03 -94.57
CA GLU HB 80 -72.59 -21.19 -95.17
C GLU HB 80 -71.53 -20.64 -94.21
N VAL HB 81 -70.41 -21.34 -94.11
CA VAL HB 81 -69.34 -20.91 -93.24
C VAL HB 81 -68.53 -19.83 -93.93
N LYS HB 82 -68.21 -18.76 -93.20
CA LYS HB 82 -67.49 -17.63 -93.76
C LYS HB 82 -66.25 -17.36 -92.95
N ASN HB 83 -65.40 -16.47 -93.45
CA ASN HB 83 -64.17 -16.09 -92.78
C ASN HB 83 -64.33 -14.72 -92.14
N TYR HB 84 -63.74 -14.54 -90.97
CA TYR HB 84 -63.85 -13.32 -90.21
C TYR HB 84 -62.51 -12.95 -89.60
N GLY HB 85 -62.26 -11.64 -89.48
CA GLY HB 85 -61.06 -11.15 -88.83
C GLY HB 85 -61.38 -10.09 -87.80
N ILE HB 86 -61.00 -10.32 -86.55
CA ILE HB 86 -61.40 -9.48 -85.43
C ILE HB 86 -60.17 -8.74 -84.92
N SER HB 87 -60.32 -7.44 -84.71
CA SER HB 87 -59.27 -6.61 -84.11
C SER HB 87 -59.81 -6.02 -82.83
N PHE HB 88 -59.01 -6.04 -81.77
CA PHE HB 88 -59.52 -5.75 -80.44
C PHE HB 88 -58.38 -5.30 -79.55
N VAL HB 89 -58.75 -4.80 -78.36
CA VAL HB 89 -57.82 -4.37 -77.34
C VAL HB 89 -58.19 -5.05 -76.04
N PHE HB 90 -57.22 -5.70 -75.40
CA PHE HB 90 -57.48 -6.43 -74.16
C PHE HB 90 -56.65 -5.83 -73.03
N ARG HB 91 -57.17 -5.96 -71.80
CA ARG HB 91 -56.47 -5.46 -70.63
C ARG HB 91 -55.86 -6.62 -69.85
N CYS HB 92 -54.58 -6.50 -69.53
CA CYS HB 92 -53.85 -7.54 -68.81
C CYS HB 92 -53.25 -6.93 -67.54
N LYS HB 93 -52.35 -7.68 -66.92
CA LYS HB 93 -51.76 -7.23 -65.66
C LYS HB 93 -50.86 -6.02 -65.86
N LYS HB 94 -50.06 -6.01 -66.93
CA LYS HB 94 -49.04 -5.00 -67.06
C LYS HB 94 -49.58 -3.72 -67.69
N GLY HB 95 -50.58 -3.84 -68.56
CA GLY HB 95 -51.09 -2.68 -69.26
C GLY HB 95 -52.06 -3.11 -70.34
N LEU HB 96 -52.22 -2.25 -71.33
CA LEU HB 96 -53.09 -2.56 -72.45
C LEU HB 96 -52.29 -3.00 -73.65
N GLN HB 97 -52.86 -3.93 -74.41
CA GLN HB 97 -52.28 -4.39 -75.67
C GLN HB 97 -53.37 -4.48 -76.72
N ASN HB 98 -52.94 -4.51 -77.97
CA ASN HB 98 -53.84 -4.62 -79.11
C ASN HB 98 -53.32 -5.71 -80.05
N SER HB 99 -54.24 -6.51 -80.56
CA SER HB 99 -53.88 -7.69 -81.33
C SER HB 99 -54.83 -7.83 -82.51
N TYR HB 100 -54.78 -9.01 -83.13
CA TYR HB 100 -55.55 -9.30 -84.34
C TYR HB 100 -55.67 -10.81 -84.49
N ARG HB 101 -56.89 -11.28 -84.77
CA ARG HB 101 -57.13 -12.71 -84.95
C ARG HB 101 -58.00 -12.93 -86.17
N GLU HB 102 -57.96 -14.16 -86.69
CA GLU HB 102 -58.78 -14.56 -87.82
C GLU HB 102 -59.49 -15.86 -87.47
N PHE HB 103 -60.78 -15.92 -87.75
CA PHE HB 103 -61.58 -17.07 -87.37
C PHE HB 103 -62.41 -17.55 -88.54
N ARG HB 104 -63.28 -18.51 -88.26
CA ARG HB 104 -64.14 -19.11 -89.26
C ARG HB 104 -65.43 -19.56 -88.58
N ALA HB 105 -66.54 -18.93 -88.94
CA ALA HB 105 -67.81 -19.27 -88.29
C ALA HB 105 -68.97 -18.95 -89.23
N ILE HB 106 -70.18 -19.07 -88.68
CA ILE HB 106 -71.38 -18.87 -89.49
C ILE HB 106 -71.81 -17.41 -89.49
N SER HB 107 -71.82 -16.77 -88.32
CA SER HB 107 -72.22 -15.37 -88.23
C SER HB 107 -71.34 -14.67 -87.21
N ARG HB 108 -71.38 -13.33 -87.22
CA ARG HB 108 -70.42 -12.57 -86.43
C ARG HB 108 -70.74 -12.62 -84.95
N VAL HB 109 -71.97 -12.98 -84.59
CA VAL HB 109 -72.28 -13.26 -83.20
C VAL HB 109 -71.58 -14.55 -82.77
N SER HB 110 -71.55 -15.54 -83.67
CA SER HB 110 -70.92 -16.81 -83.34
C SER HB 110 -69.41 -16.71 -83.40
N ALA HB 111 -68.88 -15.88 -84.29
CA ALA HB 111 -67.44 -15.77 -84.45
C ALA HB 111 -66.80 -15.02 -83.28
N LEU HB 112 -67.60 -14.23 -82.56
CA LEU HB 112 -67.10 -13.55 -81.37
C LEU HB 112 -66.88 -14.55 -80.26
N ASP HB 113 -67.73 -15.57 -80.16
CA ASP HB 113 -67.63 -16.51 -79.05
C ASP HB 113 -66.48 -17.47 -79.24
N PHE HB 114 -66.01 -17.63 -80.47
CA PHE HB 114 -64.81 -18.44 -80.69
C PHE HB 114 -63.57 -17.68 -80.25
N LEU HB 115 -63.66 -16.36 -80.14
CA LEU HB 115 -62.55 -15.59 -79.60
C LEU HB 115 -62.48 -15.72 -78.09
N PHE HB 116 -63.63 -15.81 -77.43
CA PHE HB 116 -63.64 -15.93 -75.97
C PHE HB 116 -63.10 -17.29 -75.54
N ARG HB 117 -63.30 -18.32 -76.36
CA ARG HB 117 -62.77 -19.64 -76.04
C ARG HB 117 -61.26 -19.68 -76.19
N GLU HB 118 -60.73 -19.00 -77.21
CA GLU HB 118 -59.28 -18.97 -77.39
C GLU HB 118 -58.63 -18.07 -76.35
N ALA HB 119 -59.32 -17.01 -75.93
CA ALA HB 119 -58.73 -16.07 -74.98
C ALA HB 119 -58.73 -16.64 -73.57
N ALA HB 120 -59.46 -17.73 -73.34
CA ALA HB 120 -59.50 -18.33 -72.01
C ALA HB 120 -58.21 -19.08 -71.71
N ILE HB 121 -57.42 -19.38 -72.74
CA ILE HB 121 -56.18 -20.13 -72.52
C ILE HB 121 -54.97 -19.23 -72.74
N ARG HB 122 -54.93 -18.53 -73.86
CA ARG HB 122 -53.76 -17.76 -74.23
C ARG HB 122 -53.61 -16.49 -73.39
N ILE HB 123 -54.73 -15.88 -73.01
CA ILE HB 123 -54.71 -14.61 -72.31
C ILE HB 123 -55.12 -14.71 -70.85
N ARG HB 124 -56.10 -15.56 -70.52
CA ARG HB 124 -56.58 -15.80 -69.16
C ARG HB 124 -57.10 -14.53 -68.48
N CYS HB 125 -58.20 -14.02 -69.01
CA CYS HB 125 -58.85 -12.83 -68.47
C CYS HB 125 -60.36 -12.97 -68.56
N LYS HB 126 -61.07 -12.20 -67.73
CA LYS HB 126 -62.53 -12.17 -67.74
C LYS HB 126 -63.05 -11.58 -69.05
N ARG HB 127 -64.29 -11.95 -69.38
CA ARG HB 127 -64.84 -11.63 -70.70
C ARG HB 127 -65.17 -10.16 -70.84
N ASN HB 128 -65.25 -9.44 -69.72
CA ASN HB 128 -65.59 -8.02 -69.77
C ASN HB 128 -64.36 -7.16 -70.02
N ASP HB 129 -63.20 -7.78 -70.14
CA ASP HB 129 -61.96 -7.01 -70.23
C ASP HB 129 -61.55 -6.79 -71.69
N ILE HB 130 -62.10 -7.56 -72.62
CA ILE HB 130 -61.81 -7.37 -74.02
C ILE HB 130 -62.75 -6.33 -74.61
N PHE HB 131 -62.20 -5.36 -75.32
CA PHE HB 131 -62.98 -4.36 -76.04
C PHE HB 131 -62.81 -4.59 -77.53
N VAL HB 132 -63.92 -4.86 -78.21
CA VAL HB 132 -63.90 -5.26 -79.61
C VAL HB 132 -64.02 -4.01 -80.46
N ILE HB 133 -63.11 -3.83 -81.42
CA ILE HB 133 -63.19 -2.66 -82.29
C ILE HB 133 -64.15 -2.91 -83.44
N ASP HB 134 -63.87 -3.92 -84.27
CA ASP HB 134 -64.72 -4.16 -85.42
C ASP HB 134 -64.67 -5.63 -85.79
N ILE HB 135 -65.77 -6.10 -86.38
CA ILE HB 135 -65.85 -7.41 -87.00
C ILE HB 135 -66.19 -7.21 -88.47
N LYS HB 136 -65.42 -7.83 -89.35
CA LYS HB 136 -65.64 -7.68 -90.78
C LYS HB 136 -65.57 -9.05 -91.42
N GLU HB 137 -66.30 -9.21 -92.53
CA GLU HB 137 -66.18 -10.42 -93.32
C GLU HB 137 -65.05 -10.28 -94.33
N LEU HB 138 -64.17 -11.26 -94.32
CA LEU HB 138 -62.97 -11.24 -95.15
C LEU HB 138 -63.24 -11.97 -96.46
N GLU HB 139 -62.88 -11.35 -97.57
CA GLU HB 139 -62.87 -12.08 -98.82
C GLU HB 139 -61.59 -12.87 -98.97
N ASP HB 140 -61.40 -13.45 -100.14
CA ASP HB 140 -60.19 -14.20 -100.41
C ASP HB 140 -59.02 -13.24 -100.62
N GLU HB 141 -57.81 -13.79 -100.55
CA GLU HB 141 -56.52 -13.12 -100.76
C GLU HB 141 -56.27 -12.01 -99.75
N GLU HB 142 -56.95 -12.02 -98.61
CA GLU HB 142 -56.63 -11.17 -97.47
C GLU HB 142 -56.32 -12.01 -96.24
N ILE HB 143 -56.36 -13.32 -96.38
CA ILE HB 143 -56.14 -14.25 -95.27
C ILE HB 143 -54.65 -14.28 -94.96
N LYS HB 144 -54.29 -13.85 -93.75
CA LYS HB 144 -52.91 -13.73 -93.35
C LYS HB 144 -52.45 -14.88 -92.46
N THR HB 145 -53.27 -15.89 -92.26
CA THR HB 145 -52.93 -16.99 -91.37
C THR HB 145 -53.11 -18.31 -92.11
N GLY HB 146 -52.17 -19.23 -91.94
CA GLY HB 146 -52.22 -20.48 -92.68
C GLY HB 146 -53.30 -21.42 -92.19
N LYS HB 147 -53.81 -21.19 -90.98
CA LYS HB 147 -54.84 -22.06 -90.43
C LYS HB 147 -56.15 -21.90 -91.18
N VAL HB 148 -56.51 -20.66 -91.51
CA VAL HB 148 -57.71 -20.43 -92.31
C VAL HB 148 -57.47 -20.84 -93.75
N ALA HB 149 -56.24 -20.66 -94.24
CA ALA HB 149 -55.93 -20.97 -95.62
C ALA HB 149 -55.83 -22.48 -95.85
N GLU HB 150 -55.63 -23.25 -94.78
CA GLU HB 150 -55.58 -24.70 -94.93
C GLU HB 150 -56.98 -25.29 -95.03
N PHE HB 151 -57.95 -24.71 -94.32
CA PHE HB 151 -59.30 -25.27 -94.34
C PHE HB 151 -60.15 -24.69 -95.47
N ASN HB 152 -59.67 -23.64 -96.15
CA ASN HB 152 -60.50 -23.02 -97.18
C ASN HB 152 -60.45 -23.77 -98.49
N GLN HB 153 -59.48 -24.66 -98.65
CA GLN HB 153 -59.30 -25.38 -99.90
C GLN HB 153 -60.37 -26.47 -100.01
N PRO HB 154 -60.93 -26.71 -101.20
CA PRO HB 154 -62.12 -27.54 -101.32
C PRO HB 154 -61.80 -29.02 -101.24
N ASP HB 155 -62.88 -29.80 -101.06
CA ASP HB 155 -62.86 -31.27 -101.01
C ASP HB 155 -61.95 -31.79 -99.90
N LEU HB 156 -62.33 -31.52 -98.66
CA LEU HB 156 -61.58 -31.99 -97.51
C LEU HB 156 -62.16 -33.31 -97.03
N LYS HB 157 -61.27 -34.26 -96.73
CA LYS HB 157 -61.66 -35.53 -96.13
C LYS HB 157 -60.62 -35.91 -95.09
N PHE HB 158 -61.06 -36.16 -93.87
CA PHE HB 158 -60.17 -36.70 -92.84
C PHE HB 158 -61.01 -37.48 -91.84
N PRO HB 159 -60.53 -38.63 -91.39
CA PRO HB 159 -61.33 -39.47 -90.49
C PRO HB 159 -61.29 -38.94 -89.06
N VAL HB 160 -61.86 -39.75 -88.17
CA VAL HB 160 -62.01 -39.39 -86.76
C VAL HB 160 -61.58 -40.58 -85.90
N PHE HB 161 -60.81 -40.31 -84.86
CA PHE HB 161 -60.41 -41.33 -83.89
C PHE HB 161 -61.54 -41.54 -82.91
N GLY HB 162 -62.02 -42.77 -82.81
CA GLY HB 162 -63.18 -43.06 -82.00
C GLY HB 162 -62.85 -43.40 -80.56
N LYS HB 163 -63.32 -42.58 -79.63
CA LYS HB 163 -63.05 -42.79 -78.22
C LYS HB 163 -64.24 -42.50 -77.30
N TYR HB 164 -65.47 -42.71 -77.76
CA TYR HB 164 -66.62 -42.39 -76.91
C TYR HB 164 -67.58 -43.57 -76.84
N ALA HB 165 -68.07 -43.84 -75.64
CA ALA HB 165 -68.92 -45.00 -75.41
C ALA HB 165 -70.36 -44.71 -75.80
N ASN HB 166 -71.06 -45.73 -76.29
CA ASN HB 166 -72.41 -45.55 -76.80
C ASN HB 166 -73.49 -46.05 -75.86
N THR HB 167 -73.19 -46.29 -74.60
CA THR HB 167 -74.20 -46.73 -73.64
C THR HB 167 -74.04 -45.99 -72.32
N ARG HB 168 -75.16 -45.51 -71.78
CA ARG HB 168 -75.16 -44.84 -70.49
C ARG HB 168 -75.66 -45.79 -69.41
N ASP HB 169 -74.89 -46.86 -69.22
CA ASP HB 169 -75.23 -47.88 -68.24
C ASP HB 169 -74.05 -48.07 -67.30
N LEU HB 170 -74.29 -48.79 -66.20
CA LEU HB 170 -73.24 -48.97 -65.21
C LEU HB 170 -72.27 -50.05 -65.63
N TYR HB 171 -72.76 -51.23 -65.98
CA TYR HB 171 -71.87 -52.28 -66.44
C TYR HB 171 -72.50 -53.02 -67.61
N VAL HB 172 -71.64 -53.44 -68.54
CA VAL HB 172 -72.03 -54.26 -69.68
C VAL HB 172 -71.20 -55.54 -69.60
N PRO HB 173 -71.60 -56.63 -70.25
CA PRO HB 173 -70.73 -57.80 -70.30
C PRO HB 173 -69.51 -57.55 -71.17
N VAL HB 174 -68.46 -58.34 -70.92
CA VAL HB 174 -67.27 -58.29 -71.74
C VAL HB 174 -67.61 -58.86 -73.12
N ASN HB 175 -66.99 -58.29 -74.15
CA ASN HB 175 -67.03 -58.44 -75.62
C ASN HB 175 -68.19 -57.69 -76.29
N THR HB 176 -68.89 -56.81 -75.58
CA THR HB 176 -69.79 -55.89 -76.27
C THR HB 176 -69.00 -54.70 -76.79
N ASN HB 177 -69.22 -54.37 -78.05
CA ASN HB 177 -68.40 -53.39 -78.76
C ASN HB 177 -69.02 -52.01 -78.61
N LEU HB 178 -68.28 -51.09 -78.01
CA LEU HB 178 -68.68 -49.70 -77.91
C LEU HB 178 -68.12 -48.97 -79.12
N SER HB 179 -68.88 -48.95 -80.20
CA SER HB 179 -68.41 -48.38 -81.45
C SER HB 179 -68.86 -46.92 -81.60
N SER IB 9 12.62 123.33 1.10
CA SER IB 9 13.54 122.87 2.14
C SER IB 9 14.44 121.75 1.61
N TYR IB 10 13.83 120.59 1.35
CA TYR IB 10 14.53 119.39 0.93
C TYR IB 10 13.91 118.91 -0.37
N THR IB 11 14.72 118.78 -1.42
CA THR IB 11 14.22 118.42 -2.74
C THR IB 11 14.96 117.29 -3.43
N SER IB 12 15.93 116.65 -2.76
CA SER IB 12 16.67 115.57 -3.42
C SER IB 12 15.86 114.28 -3.46
N ASP IB 13 14.81 114.20 -2.66
CA ASP IB 13 13.88 113.09 -2.61
C ASP IB 13 12.48 113.62 -2.81
N PRO IB 14 11.64 112.93 -3.60
CA PRO IB 14 10.27 113.40 -3.82
C PRO IB 14 9.41 113.28 -2.58
N GLN IB 15 8.32 114.04 -2.57
CA GLN IB 15 7.38 113.99 -1.45
C GLN IB 15 6.64 112.67 -1.42
N GLU IB 16 5.84 112.39 -2.45
CA GLU IB 16 5.11 111.13 -2.54
C GLU IB 16 5.34 110.51 -3.92
N LEU IB 17 5.05 109.22 -4.01
CA LEU IB 17 5.26 108.45 -5.23
C LEU IB 17 3.99 107.68 -5.58
N GLN IB 18 4.11 106.83 -6.60
CA GLN IB 18 3.09 105.87 -6.97
C GLN IB 18 3.72 104.49 -7.08
N HIS IB 19 2.88 103.46 -7.14
CA HIS IB 19 3.42 102.10 -7.09
C HIS IB 19 3.33 101.39 -8.44
N ILE IB 20 2.12 101.27 -8.99
CA ILE IB 20 1.88 100.43 -10.16
C ILE IB 20 1.40 101.28 -11.33
N ILE IB 21 2.03 101.09 -12.49
CA ILE IB 21 1.74 101.84 -13.70
C ILE IB 21 1.31 100.86 -14.78
N ARG IB 22 0.44 101.31 -15.69
CA ARG IB 22 -0.08 100.49 -16.77
C ARG IB 22 0.37 101.06 -18.11
N ILE IB 23 1.31 100.38 -18.77
CA ILE IB 23 1.93 100.86 -20.01
C ILE IB 23 2.05 99.68 -20.97
N PHE IB 24 1.49 99.82 -22.18
CA PHE IB 24 1.50 98.80 -23.24
C PHE IB 24 0.94 97.46 -22.76
N ASN IB 25 -0.05 97.52 -21.87
CA ASN IB 25 -0.74 96.36 -21.27
C ASN IB 25 0.24 95.42 -20.55
N THR IB 26 1.23 95.98 -19.87
CA THR IB 26 1.95 95.25 -18.84
C THR IB 26 2.06 96.17 -17.63
N ASN IB 27 2.22 95.56 -16.45
CA ASN IB 27 2.26 96.32 -15.21
C ASN IB 27 3.71 96.60 -14.81
N VAL IB 28 4.28 97.61 -15.46
CA VAL IB 28 5.54 98.15 -14.99
C VAL IB 28 5.28 98.90 -13.69
N ASP IB 29 6.13 98.65 -12.69
CA ASP IB 29 5.79 99.09 -11.34
C ASP IB 29 7.04 99.17 -10.49
N GLY IB 30 6.84 99.64 -9.26
CA GLY IB 30 7.91 99.70 -8.30
C GLY IB 30 8.51 101.08 -8.13
N THR IB 31 9.34 101.20 -7.10
CA THR IB 31 10.10 102.43 -6.84
C THR IB 31 11.50 102.29 -7.46
N LYS IB 32 11.52 101.89 -8.73
CA LYS IB 32 12.76 101.65 -9.43
C LYS IB 32 13.09 102.85 -10.30
N ARG IB 33 14.34 102.90 -10.74
CA ARG IB 33 14.77 103.89 -11.72
C ARG IB 33 14.09 103.62 -13.07
N ILE IB 34 14.09 104.64 -13.93
CA ILE IB 34 13.38 104.51 -15.21
C ILE IB 34 14.14 103.59 -16.16
N ALA IB 35 15.42 103.37 -15.90
CA ALA IB 35 16.19 102.45 -16.73
C ALA IB 35 15.89 101.00 -16.35
N HIS IB 36 15.70 100.73 -15.06
CA HIS IB 36 15.51 99.35 -14.63
C HIS IB 36 14.04 98.95 -14.67
N ALA IB 37 13.13 99.89 -14.41
CA ALA IB 37 11.72 99.55 -14.37
C ALA IB 37 11.16 99.30 -15.77
N LEU IB 38 11.77 99.91 -16.78
CA LEU IB 38 11.34 99.67 -18.15
C LEU IB 38 11.90 98.38 -18.72
N CYS IB 39 12.71 97.64 -17.96
CA CYS IB 39 13.22 96.37 -18.44
C CYS IB 39 12.29 95.21 -18.16
N ALA IB 40 11.11 95.48 -17.57
CA ALA IB 40 10.16 94.41 -17.31
C ALA IB 40 9.50 93.94 -18.60
N ILE IB 41 9.28 94.86 -19.54
CA ILE IB 41 8.59 94.50 -20.78
C ILE IB 41 9.55 93.80 -21.73
N THR IB 42 9.08 92.70 -22.32
CA THR IB 42 9.85 92.02 -23.35
C THR IB 42 9.89 92.85 -24.62
N GLY IB 43 10.96 92.65 -25.39
CA GLY IB 43 11.27 93.52 -26.50
C GLY IB 43 12.11 94.73 -26.12
N VAL IB 44 12.22 95.04 -24.84
CA VAL IB 44 13.00 96.18 -24.35
C VAL IB 44 14.02 95.64 -23.36
N GLY IB 45 15.30 95.77 -23.71
CA GLY IB 45 16.38 95.35 -22.85
C GLY IB 45 17.09 96.52 -22.18
N LYS IB 46 18.17 96.19 -21.47
CA LYS IB 46 18.85 97.16 -20.62
C LYS IB 46 19.66 98.15 -21.43
N ARG IB 47 20.02 97.78 -22.67
CA ARG IB 47 20.72 98.72 -23.53
C ARG IB 47 19.76 99.73 -24.15
N ILE IB 48 18.60 99.25 -24.60
CA ILE IB 48 17.69 100.11 -25.34
C ILE IB 48 16.83 100.93 -24.38
N SER IB 49 16.74 100.52 -23.11
CA SER IB 49 15.97 101.29 -22.15
C SER IB 49 16.67 102.57 -21.77
N ASN IB 50 18.00 102.53 -21.69
CA ASN IB 50 18.77 103.75 -21.44
C ASN IB 50 18.88 104.57 -22.72
N ALA IB 51 18.75 103.92 -23.88
CA ALA IB 51 18.92 104.62 -25.14
C ALA IB 51 17.71 105.46 -25.50
N ILE IB 52 16.53 105.06 -25.04
CA ILE IB 52 15.32 105.80 -25.42
C ILE IB 52 15.11 107.00 -24.52
N CYS IB 53 15.52 106.91 -23.25
CA CYS IB 53 15.18 107.96 -22.29
C CYS IB 53 16.08 109.17 -22.44
N LYS IB 54 17.25 109.00 -23.07
CA LYS IB 54 18.12 110.14 -23.30
C LYS IB 54 17.61 111.00 -24.45
N ARG IB 55 16.83 110.41 -25.35
CA ARG IB 55 16.23 111.20 -26.43
C ARG IB 55 15.01 111.97 -25.93
N VAL IB 56 14.22 111.36 -25.04
CA VAL IB 56 13.08 112.06 -24.46
C VAL IB 56 13.56 113.13 -23.50
N GLY IB 57 14.71 112.93 -22.86
CA GLY IB 57 15.31 113.94 -22.01
C GLY IB 57 15.03 113.78 -20.54
N VAL IB 58 14.17 112.83 -20.15
CA VAL IB 58 13.94 112.58 -18.74
C VAL IB 58 15.18 111.94 -18.15
N ASP IB 59 15.55 112.36 -16.94
CA ASP IB 59 16.76 111.87 -16.31
C ASP IB 59 16.59 110.42 -15.90
N VAL IB 60 17.67 109.65 -15.98
CA VAL IB 60 17.64 108.23 -15.66
C VAL IB 60 17.39 108.02 -14.18
N LEU IB 61 17.95 108.88 -13.32
CA LEU IB 61 17.79 108.75 -11.88
C LEU IB 61 16.53 109.47 -11.43
N ARG IB 62 15.40 108.95 -11.90
CA ARG IB 62 14.08 109.42 -11.49
C ARG IB 62 13.19 108.21 -11.32
N ARG IB 63 12.59 108.09 -10.13
CA ARG IB 63 11.72 106.96 -9.86
C ARG IB 63 10.39 107.14 -10.59
N ALA IB 64 9.85 106.02 -11.10
CA ALA IB 64 8.74 106.10 -12.04
C ALA IB 64 7.42 106.38 -11.35
N GLY IB 65 7.38 106.29 -10.02
CA GLY IB 65 6.17 106.62 -9.29
C GLY IB 65 5.82 108.10 -9.37
N ASP IB 66 6.82 108.96 -9.23
CA ASP IB 66 6.64 110.40 -9.42
C ASP IB 66 7.01 110.73 -10.86
N LEU IB 67 5.99 110.97 -11.69
CA LEU IB 67 6.20 111.34 -13.07
C LEU IB 67 4.93 112.01 -13.60
N ASN IB 68 5.12 112.98 -14.49
CA ASN IB 68 4.02 113.73 -15.07
C ASN IB 68 3.45 112.99 -16.26
N SER IB 69 2.13 113.11 -16.45
CA SER IB 69 1.45 112.36 -17.50
C SER IB 69 1.78 112.87 -18.88
N ASP IB 70 2.25 114.13 -18.99
CA ASP IB 70 2.73 114.61 -20.28
C ASP IB 70 4.06 113.96 -20.65
N GLU IB 71 4.83 113.55 -19.65
CA GLU IB 71 6.06 112.82 -19.93
C GLU IB 71 5.75 111.38 -20.34
N LEU IB 72 4.61 110.86 -19.90
CA LEU IB 72 4.24 109.50 -20.27
C LEU IB 72 3.87 109.39 -21.74
N GLU IB 73 3.29 110.44 -22.31
CA GLU IB 73 2.80 110.37 -23.69
C GLU IB 73 3.95 110.37 -24.69
N LYS IB 74 5.07 111.00 -24.34
CA LYS IB 74 6.25 110.92 -25.18
C LYS IB 74 6.84 109.52 -25.13
N ILE IB 75 6.73 108.85 -23.99
CA ILE IB 75 7.23 107.49 -23.84
C ILE IB 75 6.41 106.52 -24.68
N GLN IB 76 5.09 106.74 -24.75
CA GLN IB 76 4.23 105.85 -25.52
C GLN IB 76 4.44 106.04 -27.01
N LYS IB 77 4.83 107.24 -27.43
CA LYS IB 77 5.06 107.47 -28.86
C LYS IB 77 6.44 107.03 -29.29
N ALA IB 78 7.42 107.11 -28.38
CA ALA IB 78 8.80 106.82 -28.75
C ALA IB 78 9.02 105.33 -28.98
N ILE IB 79 8.47 104.49 -28.10
CA ILE IB 79 8.62 103.04 -28.26
C ILE IB 79 7.79 102.56 -29.44
N ALA IB 80 6.64 103.19 -29.69
CA ALA IB 80 5.84 102.84 -30.85
C ALA IB 80 6.49 103.31 -32.14
N ASP IB 81 7.02 104.52 -32.15
CA ASP IB 81 7.65 105.09 -33.35
C ASP IB 81 9.12 105.37 -33.05
N PRO IB 82 10.00 104.39 -33.20
CA PRO IB 82 11.39 104.60 -32.78
C PRO IB 82 12.22 105.34 -33.81
N THR IB 83 11.81 105.37 -35.07
CA THR IB 83 12.57 106.08 -36.09
C THR IB 83 12.29 107.57 -36.11
N SER IB 84 11.33 108.04 -35.31
CA SER IB 84 10.99 109.46 -35.33
C SER IB 84 11.85 110.25 -34.34
N VAL IB 85 12.16 109.64 -33.19
CA VAL IB 85 12.83 110.36 -32.11
C VAL IB 85 14.32 110.54 -32.38
N GLY IB 86 14.87 109.82 -33.35
CA GLY IB 86 16.26 109.95 -33.69
C GLY IB 86 17.13 108.78 -33.28
N ILE IB 87 16.53 107.60 -33.08
CA ILE IB 87 17.35 106.42 -32.79
C ILE IB 87 18.00 105.94 -34.08
N PRO IB 88 19.28 105.59 -34.08
CA PRO IB 88 19.85 104.92 -35.26
C PRO IB 88 19.26 103.53 -35.43
N THR IB 89 19.31 103.04 -36.66
CA THR IB 89 18.62 101.80 -37.02
C THR IB 89 19.32 100.55 -36.52
N SER IB 90 20.51 100.66 -35.91
CA SER IB 90 21.26 99.48 -35.51
C SER IB 90 20.71 98.89 -34.22
N PHE IB 91 19.79 99.59 -33.56
CA PHE IB 91 19.28 99.12 -32.28
C PHE IB 91 18.06 98.22 -32.45
N PHE IB 92 17.60 98.04 -33.68
CA PHE IB 92 16.35 97.33 -33.91
C PHE IB 92 16.56 95.83 -33.94
N ASN IB 93 15.49 95.08 -33.69
CA ASN IB 93 15.55 93.63 -33.78
C ASN IB 93 15.35 93.15 -35.22
N PHE IB 94 14.27 93.59 -35.84
CA PHE IB 94 14.01 93.31 -37.25
C PHE IB 94 14.61 94.42 -38.10
N LYS IB 95 15.94 94.38 -38.26
CA LYS IB 95 16.61 95.16 -39.27
C LYS IB 95 16.52 94.39 -40.58
N ARG IB 96 15.91 95.01 -41.59
CA ARG IB 96 15.68 94.41 -42.92
C ARG IB 96 14.98 93.05 -42.81
N ASN IB 97 13.77 93.06 -42.27
CA ASN IB 97 13.05 91.83 -42.00
C ASN IB 97 12.61 91.18 -43.30
N PRO IB 98 12.45 89.86 -43.33
CA PRO IB 98 12.04 89.22 -44.58
C PRO IB 98 10.58 89.46 -44.94
N VAL IB 99 9.71 89.64 -43.94
CA VAL IB 99 8.28 89.76 -44.24
C VAL IB 99 7.97 91.11 -44.86
N ASP IB 100 8.72 92.15 -44.49
CA ASP IB 100 8.45 93.49 -44.99
C ASP IB 100 9.62 94.07 -45.78
N GLY IB 101 10.79 94.14 -45.18
CA GLY IB 101 11.95 94.72 -45.83
C GLY IB 101 12.46 96.00 -45.21
N ASN IB 102 11.82 96.51 -44.17
CA ASN IB 102 12.23 97.75 -43.53
C ASN IB 102 12.48 97.50 -42.05
N ASP IB 103 13.19 98.42 -41.41
CA ASP IB 103 13.63 98.22 -40.04
C ASP IB 103 12.52 98.56 -39.05
N VAL IB 104 12.22 97.61 -38.15
CA VAL IB 104 11.20 97.80 -37.13
C VAL IB 104 11.64 97.04 -35.88
N HIS IB 105 11.30 97.59 -34.72
CA HIS IB 105 11.58 96.96 -33.42
C HIS IB 105 10.28 96.38 -32.88
N LEU IB 106 10.38 95.22 -32.22
CA LEU IB 106 9.20 94.50 -31.79
C LEU IB 106 8.81 94.84 -30.35
N VAL IB 107 7.51 94.98 -30.14
CA VAL IB 107 6.91 95.16 -28.82
C VAL IB 107 5.92 94.00 -28.65
N SER IB 108 5.80 93.53 -27.41
CA SER IB 108 5.28 92.22 -26.93
C SER IB 108 4.13 91.66 -27.76
N THR IB 109 3.05 92.41 -27.97
CA THR IB 109 1.84 91.83 -28.55
C THR IB 109 2.02 91.52 -30.03
N ARG IB 110 2.72 92.38 -30.76
CA ARG IB 110 3.08 92.06 -32.13
C ARG IB 110 4.29 91.14 -32.17
N MET IB 111 5.09 91.15 -31.10
CA MET IB 111 6.33 90.39 -31.08
C MET IB 111 6.09 88.89 -31.07
N ASP IB 112 5.20 88.42 -30.18
CA ASP IB 112 4.88 87.01 -30.15
C ASP IB 112 4.09 86.58 -31.37
N ALA IB 113 3.21 87.46 -31.86
CA ALA IB 113 2.36 87.12 -32.98
C ALA IB 113 3.14 87.03 -34.29
N GLU IB 114 4.26 87.74 -34.36
CA GLU IB 114 5.11 87.64 -35.54
C GLU IB 114 5.98 86.40 -35.48
N TYR IB 115 6.41 86.02 -34.26
CA TYR IB 115 7.35 84.91 -34.13
C TYR IB 115 6.72 83.57 -34.44
N ARG IB 116 5.51 83.33 -33.93
CA ARG IB 116 4.85 82.05 -34.17
C ARG IB 116 4.35 81.95 -35.60
N MET IB 117 4.06 83.10 -36.23
CA MET IB 117 3.65 83.10 -37.62
C MET IB 117 4.80 82.68 -38.53
N MET IB 118 6.04 83.00 -38.12
CA MET IB 118 7.20 82.54 -38.85
C MET IB 118 7.39 81.03 -38.69
N LEU IB 119 6.92 80.48 -37.59
CA LEU IB 119 7.09 79.05 -37.33
C LEU IB 119 6.12 78.22 -38.15
N GLU IB 120 4.95 78.76 -38.46
CA GLU IB 120 3.93 77.99 -39.16
C GLU IB 120 4.27 77.79 -40.63
N LYS IB 121 4.97 78.76 -41.23
CA LYS IB 121 5.27 78.66 -42.65
C LYS IB 121 6.37 77.65 -42.92
N GLY IB 122 7.17 77.32 -41.91
CA GLY IB 122 8.19 76.31 -42.08
C GLY IB 122 7.62 74.90 -42.02
N LYS IB 123 6.43 74.75 -41.45
CA LYS IB 123 5.80 73.43 -41.38
C LYS IB 123 5.30 72.98 -42.74
N LYS IB 124 4.76 73.91 -43.53
CA LYS IB 124 4.28 73.56 -44.86
C LYS IB 124 5.45 73.38 -45.83
N MET IB 125 6.53 74.13 -45.63
CA MET IB 125 7.71 73.98 -46.47
C MET IB 125 8.64 72.87 -45.99
N ARG IB 126 8.39 72.33 -44.79
CA ARG IB 126 9.18 71.26 -44.18
C ARG IB 126 10.67 71.66 -44.05
N HIS IB 127 10.90 72.90 -43.64
CA HIS IB 127 12.25 73.37 -43.38
C HIS IB 127 12.85 72.64 -42.19
N VAL IB 128 13.92 71.89 -42.43
CA VAL IB 128 14.39 70.94 -41.44
C VAL IB 128 15.07 71.65 -40.28
N ARG IB 129 15.62 72.84 -40.54
CA ARG IB 129 16.14 73.65 -39.44
C ARG IB 129 15.02 74.27 -38.63
N LEU IB 130 13.86 74.46 -39.26
CA LEU IB 130 12.80 75.21 -38.60
C LEU IB 130 11.90 74.28 -37.80
N CYS IB 131 11.66 73.06 -38.30
CA CYS IB 131 10.71 72.19 -37.62
C CYS IB 131 11.32 71.57 -36.37
N ARG IB 132 12.64 71.56 -36.26
CA ARG IB 132 13.27 71.06 -35.05
C ARG IB 132 13.13 72.05 -33.91
N VAL IB 133 12.84 73.32 -34.24
CA VAL IB 133 12.60 74.32 -33.22
C VAL IB 133 11.27 74.07 -32.54
N ALA IB 134 10.29 73.56 -33.30
CA ALA IB 134 8.95 73.37 -32.77
C ALA IB 134 8.90 72.21 -31.77
N CYS IB 135 9.54 71.09 -32.11
CA CYS IB 135 9.56 69.97 -31.17
C CYS IB 135 10.56 70.22 -30.04
N GLY IB 136 11.67 70.89 -30.34
CA GLY IB 136 12.63 71.24 -29.32
C GLY IB 136 14.01 70.63 -29.47
N LEU IB 137 14.48 70.40 -30.69
CA LEU IB 137 15.83 69.92 -30.87
C LEU IB 137 16.79 71.08 -31.12
N LYS IB 138 18.05 70.87 -30.74
CA LYS IB 138 19.05 71.93 -30.89
C LYS IB 138 19.44 72.09 -32.36
N VAL IB 139 19.13 73.27 -32.90
CA VAL IB 139 19.28 73.54 -34.33
C VAL IB 139 20.74 73.78 -34.70
N HIS IB 140 21.57 74.18 -33.76
CA HIS IB 140 22.95 74.49 -34.05
C HIS IB 140 23.81 73.23 -33.92
N GLY IB 141 25.14 73.37 -33.98
CA GLY IB 141 26.05 72.27 -34.06
C GLY IB 141 26.36 71.54 -32.77
N GLN IB 142 25.39 71.42 -31.87
CA GLN IB 142 25.65 70.79 -30.59
C GLN IB 142 25.64 69.27 -30.71
N ARG IB 143 26.36 68.61 -29.81
CA ARG IB 143 26.39 67.16 -29.73
C ARG IB 143 25.49 66.70 -28.60
N SER IB 144 24.56 65.80 -28.91
CA SER IB 144 23.51 65.41 -27.98
C SER IB 144 23.76 64.06 -27.33
N LYS IB 145 25.00 63.75 -26.97
CA LYS IB 145 25.29 62.43 -26.40
C LYS IB 145 24.92 62.38 -24.93
N SER IB 146 25.50 63.26 -24.12
CA SER IB 146 25.37 63.16 -22.67
C SER IB 146 25.11 64.53 -22.05
N ASN IB 147 24.24 65.33 -22.66
CA ASN IB 147 23.88 66.61 -22.10
C ASN IB 147 22.48 66.99 -22.55
N GLY IB 148 21.74 67.65 -21.66
CA GLY IB 148 20.37 68.03 -21.94
C GLY IB 148 19.46 66.83 -22.05
N ARG IB 149 19.24 66.13 -20.93
CA ARG IB 149 18.50 64.88 -20.96
C ARG IB 149 17.02 65.08 -20.68
N HIS IB 150 16.69 65.71 -19.56
CA HIS IB 150 15.28 65.91 -19.22
C HIS IB 150 14.76 67.25 -19.73
N ILE IB 151 15.67 68.12 -20.18
CA ILE IB 151 15.27 69.47 -20.54
C ILE IB 151 14.80 69.54 -21.99
N ARG IB 152 14.11 70.64 -22.33
CA ARG IB 152 13.68 70.90 -23.68
C ARG IB 152 14.44 72.09 -24.25
N ALA IB 153 14.63 72.09 -25.57
CA ALA IB 153 15.54 73.04 -26.22
C ALA IB 153 14.85 73.80 -27.35
N GLY IB 154 13.66 74.35 -27.08
CA GLY IB 154 12.99 75.19 -28.05
C GLY IB 154 13.28 76.66 -27.83
N MET IB 155 12.29 77.49 -28.20
CA MET IB 155 12.33 78.90 -27.81
C MET IB 155 11.60 79.07 -26.50
N VAL IB 156 12.19 79.84 -25.59
CA VAL IB 156 11.76 79.88 -24.19
C VAL IB 156 11.45 81.33 -23.82
N PHE IB 157 10.33 81.51 -23.11
CA PHE IB 157 10.00 82.79 -22.52
C PHE IB 157 9.77 82.65 -21.03
N ARG IB 158 9.91 83.77 -20.31
CA ARG IB 158 9.57 83.79 -18.90
C ARG IB 158 8.05 83.71 -18.73
N ARG IB 159 7.64 82.96 -17.70
CA ARG IB 159 6.25 82.65 -17.34
C ARG IB 159 5.44 82.09 -18.51
N SER JB 2 -48.64 24.18 -27.16
CA SER JB 2 -49.83 23.35 -27.25
C SER JB 2 -50.22 22.82 -25.88
N ALA JB 3 -50.11 23.66 -24.87
CA ALA JB 3 -50.65 23.34 -23.55
C ALA JB 3 -52.03 23.97 -23.47
N GLY JB 4 -52.68 23.83 -22.33
CA GLY JB 4 -54.05 24.29 -22.26
C GLY JB 4 -54.15 25.75 -21.88
N GLY JB 5 -54.25 26.62 -22.89
CA GLY JB 5 -54.30 28.05 -22.65
C GLY JB 5 -55.46 28.66 -23.40
N TYR JB 6 -55.49 29.99 -23.43
CA TYR JB 6 -56.63 30.68 -24.01
C TYR JB 6 -56.54 30.75 -25.52
N ARG JB 7 -55.35 30.65 -26.07
CA ARG JB 7 -55.12 30.88 -27.49
C ARG JB 7 -54.30 29.76 -28.09
N ARG JB 8 -54.64 28.51 -27.79
CA ARG JB 8 -53.83 27.39 -28.19
C ARG JB 8 -54.13 26.98 -29.63
N LYS JB 9 -53.07 26.59 -30.34
CA LYS JB 9 -53.12 25.96 -31.66
C LYS JB 9 -53.77 26.86 -32.71
N THR JB 10 -53.33 28.11 -32.73
CA THR JB 10 -53.84 29.09 -33.70
C THR JB 10 -52.68 29.59 -34.54
N ARG JB 11 -52.42 28.92 -35.65
CA ARG JB 11 -51.40 29.37 -36.60
C ARG JB 11 -52.00 29.75 -37.93
N GLN JB 12 -53.03 29.05 -38.39
CA GLN JB 12 -53.67 29.39 -39.64
C GLN JB 12 -55.09 29.89 -39.44
N LEU JB 13 -55.56 29.93 -38.20
CA LEU JB 13 -56.90 30.47 -37.94
C LEU JB 13 -56.83 31.95 -37.58
N LEU JB 14 -55.73 32.40 -37.00
CA LEU JB 14 -55.57 33.78 -36.56
C LEU JB 14 -54.42 34.41 -37.32
N LYS JB 15 -54.35 34.13 -38.61
CA LYS JB 15 -53.39 34.77 -39.50
C LYS JB 15 -54.16 35.58 -40.52
N GLN JB 16 -53.73 36.81 -40.77
CA GLN JB 16 -54.42 37.66 -41.72
C GLN JB 16 -53.97 37.30 -43.13
N PRO JB 17 -54.90 37.22 -44.10
CA PRO JB 17 -54.56 36.63 -45.40
C PRO JB 17 -53.63 37.48 -46.24
N PHE JB 18 -53.31 36.97 -47.42
CA PHE JB 18 -52.25 37.55 -48.24
C PHE JB 18 -52.69 38.86 -48.86
N ARG JB 19 -51.80 39.86 -48.82
CA ARG JB 19 -52.03 41.21 -49.36
C ARG JB 19 -53.24 41.89 -48.75
N LYS JB 20 -53.55 41.59 -47.49
CA LYS JB 20 -54.71 42.18 -46.85
C LYS JB 20 -54.43 42.56 -45.39
N HIS JB 21 -53.20 42.96 -45.08
CA HIS JB 21 -52.91 43.40 -43.74
C HIS JB 21 -53.48 44.80 -43.50
N GLY JB 22 -53.58 45.17 -42.23
CA GLY JB 22 -53.92 46.53 -41.84
C GLY JB 22 -55.23 46.61 -41.09
N THR JB 23 -55.44 47.77 -40.48
CA THR JB 23 -56.61 48.12 -39.69
C THR JB 23 -57.83 48.20 -40.61
N PRO JB 24 -58.99 47.73 -40.13
CA PRO JB 24 -60.20 47.75 -40.99
C PRO JB 24 -60.72 49.14 -41.28
N GLY JB 25 -61.72 49.18 -42.16
CA GLY JB 25 -62.22 50.43 -42.70
C GLY JB 25 -63.45 50.96 -41.98
N LEU JB 26 -64.11 51.93 -42.62
CA LEU JB 26 -65.21 52.64 -41.98
C LEU JB 26 -66.55 51.95 -42.21
N SER JB 27 -66.66 51.05 -43.19
CA SER JB 27 -67.94 50.43 -43.46
C SER JB 27 -68.33 49.43 -42.38
N VAL JB 28 -67.34 48.98 -41.59
CA VAL JB 28 -67.63 48.14 -40.43
C VAL JB 28 -68.35 48.94 -39.34
N TYR JB 29 -67.87 50.16 -39.09
CA TYR JB 29 -68.34 50.92 -37.94
C TYR JB 29 -69.69 51.58 -38.19
N LEU JB 30 -70.11 51.67 -39.45
CA LEU JB 30 -71.34 52.39 -39.74
C LEU JB 30 -72.58 51.52 -39.57
N ALA JB 31 -72.40 50.21 -39.44
CA ALA JB 31 -73.54 49.32 -39.35
C ALA JB 31 -74.16 49.35 -37.97
N THR JB 32 -75.45 49.02 -37.91
CA THR JB 32 -76.20 48.99 -36.66
C THR JB 32 -76.78 47.60 -36.46
N TYR JB 33 -77.13 47.28 -35.22
CA TYR JB 33 -77.73 46.00 -34.90
C TYR JB 33 -78.89 46.21 -33.95
N ARG JB 34 -79.96 45.46 -34.17
CA ARG JB 34 -81.16 45.54 -33.35
C ARG JB 34 -81.46 44.16 -32.77
N ILE JB 35 -82.38 44.15 -31.80
CA ILE JB 35 -82.65 42.92 -31.07
C ILE JB 35 -83.51 41.99 -31.92
N GLY JB 36 -83.02 40.78 -32.11
CA GLY JB 36 -83.73 39.79 -32.90
C GLY JB 36 -83.16 39.51 -34.26
N ASP JB 37 -82.00 40.07 -34.59
CA ASP JB 37 -81.39 39.81 -35.90
C ASP JB 37 -80.63 38.49 -35.91
N TYR JB 38 -79.88 38.29 -36.98
CA TYR JB 38 -79.07 37.10 -37.15
C TYR JB 38 -77.67 37.51 -37.55
N VAL JB 39 -76.68 37.01 -36.82
CA VAL JB 39 -75.32 37.50 -36.88
C VAL JB 39 -74.37 36.31 -36.87
N THR JB 40 -73.41 36.30 -37.81
CA THR JB 40 -72.31 35.35 -37.82
C THR JB 40 -71.10 36.01 -37.20
N ILE JB 41 -70.14 35.20 -36.74
CA ILE JB 41 -68.97 35.70 -36.04
C ILE JB 41 -67.72 35.37 -36.85
N SER JB 42 -66.92 36.39 -37.14
CA SER JB 42 -65.64 36.21 -37.83
C SER JB 42 -64.60 37.09 -37.17
N ILE JB 43 -63.54 36.48 -36.68
CA ILE JB 43 -62.50 37.17 -35.93
C ILE JB 43 -61.60 37.95 -36.89
N ASN JB 44 -61.43 39.24 -36.63
CA ASN JB 44 -60.43 40.05 -37.31
C ASN JB 44 -59.21 40.15 -36.41
N PRO JB 45 -58.09 39.52 -36.75
CA PRO JB 45 -56.97 39.39 -35.82
C PRO JB 45 -56.04 40.61 -35.77
N SER JB 46 -56.63 41.80 -35.73
CA SER JB 46 -55.87 43.02 -35.62
C SER JB 46 -56.21 43.85 -34.39
N ILE JB 47 -57.26 43.50 -33.66
CA ILE JB 47 -57.60 44.17 -32.41
C ILE JB 47 -57.60 43.13 -31.31
N HIS JB 48 -57.16 43.53 -30.12
CA HIS JB 48 -56.97 42.60 -29.02
C HIS JB 48 -57.91 42.85 -27.86
N LYS JB 49 -58.97 43.63 -28.07
CA LYS JB 49 -59.95 43.89 -27.03
C LYS JB 49 -61.32 43.45 -27.50
N GLY JB 50 -61.79 42.32 -27.00
CA GLY JB 50 -63.09 41.80 -27.33
C GLY JB 50 -63.08 40.55 -28.18
N MET JB 51 -61.96 39.86 -28.30
CA MET JB 51 -61.91 38.62 -29.05
C MET JB 51 -62.60 37.51 -28.27
N PRO JB 52 -63.48 36.74 -28.89
CA PRO JB 52 -64.03 35.57 -28.20
C PRO JB 52 -63.08 34.39 -28.23
N PHE JB 53 -63.52 33.25 -27.73
CA PHE JB 53 -62.73 32.03 -27.84
C PHE JB 53 -62.69 31.56 -29.30
N LYS JB 54 -61.73 30.69 -29.60
CA LYS JB 54 -61.52 30.28 -30.99
C LYS JB 54 -62.57 29.29 -31.46
N TYR JB 55 -63.35 28.75 -30.53
CA TYR JB 55 -64.35 27.75 -30.90
C TYR JB 55 -65.52 28.37 -31.64
N TYR JB 56 -65.80 29.64 -31.37
CA TYR JB 56 -67.01 30.25 -31.91
C TYR JB 56 -66.77 30.90 -33.25
N HIS JB 57 -65.62 30.66 -33.88
CA HIS JB 57 -65.30 31.31 -35.14
C HIS JB 57 -66.12 30.71 -36.27
N GLY JB 58 -67.20 31.40 -36.64
CA GLY JB 58 -68.00 31.00 -37.77
C GLY JB 58 -69.35 30.41 -37.45
N ARG JB 59 -69.92 30.71 -36.29
CA ARG JB 59 -71.20 30.16 -35.89
C ARG JB 59 -72.20 31.30 -35.74
N THR JB 60 -73.44 31.05 -36.16
CA THR JB 60 -74.45 32.10 -36.21
C THR JB 60 -75.33 32.04 -34.97
N GLY JB 61 -75.75 33.21 -34.51
CA GLY JB 61 -76.60 33.32 -33.33
C GLY JB 61 -77.64 34.38 -33.50
N ARG JB 62 -78.12 34.92 -32.39
CA ARG JB 62 -79.11 35.99 -32.39
C ARG JB 62 -78.71 37.04 -31.38
N VAL JB 63 -79.12 38.27 -31.63
CA VAL JB 63 -78.70 39.42 -30.84
C VAL JB 63 -79.82 39.77 -29.88
N PHE JB 64 -79.51 39.83 -28.59
CA PHE JB 64 -80.55 40.09 -27.59
C PHE JB 64 -80.33 41.37 -26.79
N THR JB 65 -79.08 41.84 -26.63
CA THR JB 65 -78.81 43.09 -25.94
C THR JB 65 -77.79 43.93 -26.70
N VAL JB 66 -77.90 45.25 -26.52
CA VAL JB 66 -77.00 46.20 -27.16
C VAL JB 66 -76.48 47.15 -26.08
N ASN JB 67 -75.18 47.13 -25.85
CA ASN JB 67 -74.52 47.91 -24.81
C ASN JB 67 -73.73 49.05 -25.44
N PRO JB 68 -73.17 49.99 -24.66
CA PRO JB 68 -72.29 51.00 -25.27
C PRO JB 68 -71.02 50.46 -25.91
N LYS JB 69 -70.51 49.30 -25.50
CA LYS JB 69 -69.31 48.75 -26.12
C LYS JB 69 -69.46 47.28 -26.50
N SER JB 70 -70.59 46.65 -26.20
CA SER JB 70 -70.69 45.25 -26.54
C SER JB 70 -72.05 44.89 -27.12
N VAL JB 71 -72.09 43.76 -27.82
CA VAL JB 71 -73.33 43.19 -28.35
C VAL JB 71 -73.47 41.79 -27.77
N GLY JB 72 -74.68 41.40 -27.38
CA GLY JB 72 -74.88 40.09 -26.81
C GLY JB 72 -75.43 39.06 -27.77
N VAL JB 73 -74.77 37.91 -27.90
CA VAL JB 73 -75.13 36.87 -28.87
C VAL JB 73 -75.39 35.57 -28.11
N VAL JB 74 -76.46 34.87 -28.48
CA VAL JB 74 -76.81 33.57 -27.89
C VAL JB 74 -76.53 32.47 -28.91
N LEU JB 75 -76.07 31.32 -28.42
CA LEU JB 75 -75.61 30.23 -29.28
C LEU JB 75 -76.03 28.89 -28.71
N HIS JB 76 -75.43 27.83 -29.23
CA HIS JB 76 -75.63 26.46 -28.77
C HIS JB 76 -74.31 25.71 -28.81
N LYS JB 77 -73.93 25.10 -27.70
CA LYS JB 77 -72.72 24.31 -27.62
C LYS JB 77 -73.10 22.86 -27.35
N LYS JB 78 -72.21 21.94 -27.73
CA LYS JB 78 -72.44 20.51 -27.55
C LYS JB 78 -71.61 20.00 -26.39
N VAL JB 79 -72.17 20.10 -25.18
CA VAL JB 79 -71.58 19.55 -23.97
C VAL JB 79 -72.05 18.11 -23.91
N ASN JB 80 -71.29 17.24 -23.22
CA ASN JB 80 -71.12 15.77 -23.36
C ASN JB 80 -72.41 15.06 -23.80
N GLY JB 81 -73.56 15.35 -23.20
CA GLY JB 81 -74.77 14.69 -23.65
C GLY JB 81 -75.65 15.56 -24.52
N ARG JB 82 -75.86 16.81 -24.12
CA ARG JB 82 -76.97 17.62 -24.57
C ARG JB 82 -76.51 18.79 -25.44
N LEU JB 83 -77.43 19.70 -25.76
CA LEU JB 83 -77.11 20.94 -26.43
C LEU JB 83 -77.49 22.10 -25.52
N SER JB 84 -76.49 22.81 -25.02
CA SER JB 84 -76.71 23.84 -24.02
C SER JB 84 -76.82 25.22 -24.66
N VAL JB 85 -76.83 26.24 -23.82
CA VAL JB 85 -77.07 27.63 -24.23
C VAL JB 85 -75.92 28.49 -23.72
N LYS JB 86 -75.30 29.25 -24.61
CA LYS JB 86 -74.19 30.13 -24.27
C LYS JB 86 -74.49 31.57 -24.65
N THR JB 87 -73.93 32.50 -23.88
CA THR JB 87 -74.01 33.93 -24.19
C THR JB 87 -72.61 34.52 -24.15
N ILE JB 88 -72.30 35.38 -25.11
CA ILE JB 88 -71.00 36.05 -25.18
C ILE JB 88 -71.20 37.51 -25.59
N PHE JB 89 -70.28 38.36 -25.17
CA PHE JB 89 -70.26 39.77 -25.52
C PHE JB 89 -69.05 40.09 -26.36
N VAL JB 90 -69.29 40.60 -27.58
CA VAL JB 90 -68.22 40.85 -28.54
C VAL JB 90 -68.29 42.29 -29.01
N ARG JB 91 -67.27 42.71 -29.73
CA ARG JB 91 -67.22 44.05 -30.31
C ARG JB 91 -67.78 44.01 -31.73
N VAL JB 92 -67.98 45.21 -32.30
CA VAL JB 92 -68.66 45.33 -33.58
C VAL JB 92 -67.77 44.93 -34.74
N GLU JB 93 -66.45 44.86 -34.53
CA GLU JB 93 -65.50 44.62 -35.61
C GLU JB 93 -65.27 43.13 -35.84
N HIS JB 94 -66.10 42.29 -35.23
CA HIS JB 94 -65.99 40.85 -35.33
C HIS JB 94 -67.25 40.20 -35.89
N LEU JB 95 -68.23 40.98 -36.33
CA LEU JB 95 -69.51 40.43 -36.74
C LEU JB 95 -69.69 40.58 -38.24
N LYS JB 96 -70.86 40.13 -38.72
CA LYS JB 96 -71.24 40.14 -40.12
C LYS JB 96 -72.73 39.86 -40.18
N LYS JB 97 -73.46 40.54 -41.06
CA LYS JB 97 -74.89 40.30 -41.13
C LYS JB 97 -75.20 39.01 -41.87
N TYR JB 98 -75.90 38.10 -41.21
CA TYR JB 98 -76.22 36.81 -41.80
C TYR JB 98 -77.26 36.96 -42.89
N LYS JB 99 -76.88 36.65 -44.12
CA LYS JB 99 -77.84 36.58 -45.21
C LYS JB 99 -78.52 35.22 -45.17
N GLY JB 100 -79.40 34.96 -46.13
CA GLY JB 100 -80.08 33.69 -46.19
C GLY JB 100 -81.53 33.73 -45.79
N ARG JB 101 -81.97 34.77 -45.10
CA ARG JB 101 -83.39 35.02 -44.89
C ARG JB 101 -83.94 36.04 -45.86
N ASP JB 102 -83.10 36.61 -46.72
CA ASP JB 102 -83.52 37.67 -47.62
C ASP JB 102 -84.44 37.13 -48.71
N ALA JB 103 -84.13 35.94 -49.22
CA ALA JB 103 -85.03 35.30 -50.17
C ALA JB 103 -86.29 34.82 -49.47
N PHE JB 104 -86.22 34.58 -48.17
CA PHE JB 104 -87.41 34.18 -47.43
C PHE JB 104 -88.27 35.39 -47.07
N LEU JB 105 -87.65 36.48 -46.64
CA LEU JB 105 -88.42 37.64 -46.21
C LEU JB 105 -89.06 38.35 -47.39
N GLU JB 106 -88.48 38.21 -48.57
CA GLU JB 106 -89.12 38.74 -49.76
C GLU JB 106 -90.38 37.94 -50.10
N ARG JB 107 -90.35 36.63 -49.84
CA ARG JB 107 -91.49 35.79 -50.13
C ARG JB 107 -92.63 36.05 -49.15
N VAL JB 108 -92.30 36.50 -47.94
CA VAL JB 108 -93.32 36.87 -46.98
C VAL JB 108 -94.03 38.14 -47.43
N ASN JB 109 -93.26 39.12 -47.90
CA ASN JB 109 -93.83 40.41 -48.28
C ASN JB 109 -94.67 40.30 -49.55
N LYS JB 110 -94.31 39.38 -50.44
CA LYS JB 110 -95.04 39.27 -51.69
C LYS JB 110 -96.30 38.43 -51.53
N ASN JB 111 -96.25 37.40 -50.68
CA ASN JB 111 -97.45 36.63 -50.38
C ASN JB 111 -98.47 37.45 -49.60
N ASN JB 112 -97.99 38.42 -48.82
CA ASN JB 112 -98.90 39.27 -48.08
C ASN JB 112 -99.63 40.24 -49.00
N GLU JB 113 -99.07 40.49 -50.18
CA GLU JB 113 -99.76 41.35 -51.14
C GLU JB 113 -100.81 40.57 -51.92
N ILE JB 114 -100.56 39.29 -52.17
CA ILE JB 114 -101.52 38.46 -52.90
C ILE JB 114 -102.76 38.22 -52.06
N LEU JB 115 -102.58 38.06 -50.75
CA LEU JB 115 -103.70 37.94 -49.82
C LEU JB 115 -104.54 39.20 -49.79
N LYS JB 116 -103.92 40.36 -49.99
CA LYS JB 116 -104.66 41.62 -49.91
C LYS JB 116 -105.53 41.82 -51.14
N GLU JB 117 -105.01 41.50 -52.33
CA GLU JB 117 -105.77 41.71 -53.56
C GLU JB 117 -106.90 40.70 -53.69
N ALA JB 118 -106.79 39.55 -53.03
CA ALA JB 118 -107.82 38.55 -53.12
C ALA JB 118 -108.94 38.79 -52.11
N ARG JB 119 -108.77 39.76 -51.21
CA ARG JB 119 -109.86 40.12 -50.31
C ARG JB 119 -110.96 40.85 -51.06
N GLU JB 120 -110.59 41.62 -52.10
CA GLU JB 120 -111.58 42.37 -52.85
C GLU JB 120 -112.33 41.46 -53.81
N LYS JB 121 -111.75 40.32 -54.15
CA LYS JB 121 -112.42 39.36 -55.00
C LYS JB 121 -112.93 38.18 -54.18
N GLY JB 122 -113.62 37.27 -54.85
CA GLY JB 122 -114.14 36.08 -54.21
C GLY JB 122 -113.32 34.83 -54.42
N ILE JB 123 -112.11 34.98 -54.95
CA ILE JB 123 -111.31 33.82 -55.31
C ILE JB 123 -110.54 33.28 -54.10
N LYS JB 124 -109.96 32.10 -54.28
CA LYS JB 124 -109.08 31.50 -53.30
C LYS JB 124 -107.64 31.96 -53.53
N LEU JB 125 -106.83 31.85 -52.49
CA LEU JB 125 -105.46 32.33 -52.55
C LEU JB 125 -104.58 31.37 -53.32
N GLU JB 126 -103.68 31.94 -54.14
CA GLU JB 126 -102.68 31.19 -54.88
C GLU JB 126 -101.30 31.65 -54.40
N TYR JB 127 -100.82 31.02 -53.33
CA TYR JB 127 -99.63 31.51 -52.66
C TYR JB 127 -98.37 31.17 -53.43
N ILE JB 128 -97.26 31.73 -52.98
CA ILE JB 128 -95.95 31.44 -53.52
C ILE JB 128 -95.20 30.55 -52.54
N ARG JB 129 -94.84 29.36 -52.99
CA ARG JB 129 -94.01 28.45 -52.22
C ARG JB 129 -92.87 28.00 -53.11
N GLN JB 130 -91.83 27.42 -52.50
CA GLN JB 130 -90.66 27.07 -53.27
C GLN JB 130 -90.92 25.83 -54.13
N LYS JB 131 -90.21 25.76 -55.25
CA LYS JB 131 -90.49 24.75 -56.26
C LYS JB 131 -90.00 23.38 -55.82
N GLU JB 132 -90.48 22.35 -56.51
CA GLU JB 132 -90.10 20.97 -56.24
C GLU JB 132 -89.49 20.40 -57.50
N GLU JB 133 -88.56 19.46 -57.34
CA GLU JB 133 -87.99 18.79 -58.49
C GLU JB 133 -88.38 17.31 -58.48
N GLY JB 134 -89.07 16.89 -59.53
CA GLY JB 134 -89.56 15.54 -59.61
C GLY JB 134 -88.93 14.78 -60.75
N PRO JB 135 -89.74 13.98 -61.45
CA PRO JB 135 -89.21 13.21 -62.58
C PRO JB 135 -88.84 14.09 -63.76
N ARG JB 136 -88.06 13.54 -64.68
CA ARG JB 136 -87.62 14.29 -65.85
C ARG JB 136 -88.80 14.53 -66.78
N GLU JB 137 -88.95 15.78 -67.22
CA GLU JB 137 -90.05 16.14 -68.10
C GLU JB 137 -89.75 15.71 -69.53
N GLU JB 138 -90.75 15.82 -70.38
CA GLU JB 138 -90.59 15.45 -71.78
C GLU JB 138 -90.05 16.63 -72.58
N PHE JB 139 -89.42 16.32 -73.71
CA PHE JB 139 -88.92 17.34 -74.61
C PHE JB 139 -88.99 16.85 -76.05
N ILE JB 140 -88.78 17.77 -76.98
CA ILE JB 140 -88.96 17.53 -78.40
C ILE JB 140 -87.66 17.89 -79.10
N LEU JB 141 -87.06 16.92 -79.79
CA LEU JB 141 -85.85 17.13 -80.56
C LEU JB 141 -86.19 17.15 -82.03
N ASN JB 142 -85.41 17.88 -82.82
CA ASN JB 142 -85.59 17.95 -84.26
C ASN JB 142 -84.41 17.28 -84.95
N LEU JB 143 -84.71 16.46 -85.96
CA LEU JB 143 -83.68 15.81 -86.75
C LEU JB 143 -83.46 16.50 -88.08
N ASP JB 144 -83.89 17.75 -88.23
CA ASP JB 144 -83.68 18.46 -89.49
C ASP JB 144 -82.26 18.99 -89.57
N GLU JB 145 -81.76 19.57 -88.49
CA GLU JB 145 -80.42 20.11 -88.44
C GLU JB 145 -79.49 19.33 -87.52
N ASN JB 146 -79.97 18.29 -86.87
CA ASN JB 146 -79.18 17.51 -85.94
C ASN JB 146 -78.83 16.17 -86.59
N LYS JB 147 -77.53 15.92 -86.75
CA LYS JB 147 -77.07 14.69 -87.34
C LYS JB 147 -76.31 13.86 -86.32
N PRO JB 148 -76.56 12.56 -86.24
CA PRO JB 148 -75.87 11.74 -85.24
C PRO JB 148 -74.42 11.50 -85.62
N VAL JB 149 -73.58 11.37 -84.61
CA VAL JB 149 -72.14 11.22 -84.76
C VAL JB 149 -71.80 9.80 -84.34
N LYS JB 150 -71.11 9.06 -85.20
CA LYS JB 150 -70.72 7.70 -84.86
C LYS JB 150 -69.53 7.71 -83.90
N VAL JB 151 -69.64 6.93 -82.83
CA VAL JB 151 -68.59 6.80 -81.83
C VAL JB 151 -68.18 5.33 -81.78
N GLY JB 152 -66.87 5.09 -81.68
CA GLY JB 152 -66.39 3.74 -81.54
C GLY JB 152 -65.12 3.71 -80.72
N TYR JB 153 -64.59 2.51 -80.53
CA TYR JB 153 -63.31 2.35 -79.87
C TYR JB 153 -62.19 2.79 -80.80
N GLU JB 154 -60.99 2.87 -80.24
CA GLU JB 154 -59.80 3.30 -80.96
C GLU JB 154 -58.61 2.55 -80.41
N PRO JB 155 -57.67 2.16 -81.26
CA PRO JB 155 -56.53 1.36 -80.78
C PRO JB 155 -55.60 2.14 -79.88
N PHE JB 156 -54.90 1.41 -79.02
CA PHE JB 156 -54.04 2.03 -78.03
C PHE JB 156 -52.72 2.46 -78.65
N ILE JB 157 -52.19 3.59 -78.20
CA ILE JB 157 -50.95 4.16 -78.69
C ILE JB 157 -50.13 4.61 -77.51
N LYS JB 158 -48.87 4.17 -77.44
CA LYS JB 158 -47.99 4.54 -76.34
C LYS JB 158 -47.63 6.01 -76.41
N VAL JB 159 -47.28 6.59 -75.26
CA VAL JB 159 -47.10 8.03 -75.18
C VAL JB 159 -45.76 8.45 -75.76
N TYR JB 160 -44.85 7.49 -75.95
CA TYR JB 160 -43.57 7.79 -76.58
C TYR JB 160 -43.33 6.86 -77.77
N ASP KB 2 59.28 118.34 -18.38
CA ASP KB 2 58.53 117.13 -18.08
C ASP KB 2 58.25 117.03 -16.59
N GLU KB 3 57.64 118.09 -16.06
CA GLU KB 3 57.31 118.17 -14.64
C GLU KB 3 55.90 117.65 -14.34
N ILE KB 4 55.35 116.82 -15.22
CA ILE KB 4 53.99 116.31 -15.02
C ILE KB 4 53.99 115.27 -13.91
N TYR KB 5 55.16 114.66 -13.65
CA TYR KB 5 55.32 113.72 -12.55
C TYR KB 5 55.13 114.36 -11.18
N THR KB 6 55.30 115.69 -11.09
CA THR KB 6 55.32 116.35 -9.79
C THR KB 6 53.92 116.48 -9.21
N VAL KB 7 52.88 116.38 -10.04
CA VAL KB 7 51.50 116.44 -9.60
C VAL KB 7 50.85 115.08 -9.80
N LYS KB 8 49.64 114.92 -9.28
CA LYS KB 8 48.91 113.66 -9.44
C LYS KB 8 48.30 113.56 -10.83
N THR KB 9 47.54 112.48 -11.05
CA THR KB 9 46.92 112.28 -12.36
C THR KB 9 45.45 112.69 -12.33
N THR KB 10 44.76 112.50 -11.20
CA THR KB 10 43.33 112.75 -11.17
C THR KB 10 43.04 114.25 -11.05
N ASP KB 11 43.97 115.02 -10.50
CA ASP KB 11 43.73 116.46 -10.36
C ASP KB 11 44.14 117.21 -11.63
N PHE KB 12 45.03 116.63 -12.42
CA PHE KB 12 45.44 117.24 -13.68
C PHE KB 12 44.30 117.18 -14.69
N VAL KB 13 43.45 116.16 -14.59
CA VAL KB 13 42.34 116.01 -15.52
C VAL KB 13 41.14 116.83 -15.06
N ASN KB 14 40.99 116.99 -13.73
CA ASN KB 14 39.78 117.60 -13.17
C ASN KB 14 39.69 119.08 -13.47
N ILE KB 15 40.81 119.73 -13.73
CA ILE KB 15 40.78 121.16 -14.03
C ILE KB 15 40.83 121.38 -15.54
N LEU KB 16 41.56 120.54 -16.27
CA LEU KB 16 41.85 120.81 -17.67
C LEU KB 16 40.67 120.48 -18.57
N LYS KB 17 39.72 119.68 -18.07
CA LYS KB 17 38.64 119.22 -18.92
C LYS KB 17 37.56 120.29 -19.10
N LYS KB 18 37.50 121.26 -18.18
CA LYS KB 18 36.51 122.32 -18.32
C LYS KB 18 36.91 123.29 -19.43
N SER KB 19 38.20 123.59 -19.54
CA SER KB 19 38.67 124.46 -20.60
C SER KB 19 38.67 123.74 -21.94
N LEU KB 20 38.79 122.41 -21.92
CA LEU KB 20 38.69 121.64 -23.16
C LEU KB 20 37.26 121.61 -23.67
N GLN KB 21 36.28 121.84 -22.79
CA GLN KB 21 34.92 122.05 -23.26
C GLN KB 21 34.74 123.46 -23.80
N SER KB 22 35.31 124.45 -23.14
CA SER KB 22 35.03 125.85 -23.47
C SER KB 22 35.82 126.34 -24.68
N ASN KB 23 36.70 125.52 -25.25
CA ASN KB 23 37.42 125.92 -26.46
C ASN KB 23 36.47 125.97 -27.66
N THR KB 24 35.57 124.97 -27.75
CA THR KB 24 34.52 124.88 -28.79
C THR KB 24 35.09 124.94 -30.20
N ASP KB 25 36.18 124.20 -30.44
CA ASP KB 25 36.79 124.14 -31.75
C ASP KB 25 36.90 122.71 -32.27
N ILE KB 26 36.16 121.77 -31.67
CA ILE KB 26 36.32 120.35 -31.94
C ILE KB 26 35.02 119.83 -32.57
N THR KB 27 35.15 118.85 -33.44
CA THR KB 27 33.97 118.13 -33.89
C THR KB 27 33.80 116.85 -33.07
N LEU KB 28 32.58 116.32 -33.09
CA LEU KB 28 32.24 115.15 -32.31
C LEU KB 28 31.45 114.17 -33.17
N PRO KB 29 31.51 112.87 -32.87
CA PRO KB 29 30.66 111.91 -33.58
C PRO KB 29 29.18 112.14 -33.30
N LYS KB 30 28.35 111.59 -34.19
CA LYS KB 30 26.94 111.95 -34.22
C LYS KB 30 26.16 111.35 -33.07
N ASP KB 31 26.60 110.22 -32.54
CA ASP KB 31 25.90 109.53 -31.47
C ASP KB 31 26.86 109.17 -30.34
N HIS KB 32 27.68 110.13 -29.92
CA HIS KB 32 28.67 109.88 -28.88
C HIS KB 32 28.05 109.93 -27.49
N ASP KB 33 26.76 110.20 -27.41
CA ASP KB 33 26.09 110.20 -26.12
C ASP KB 33 25.63 108.81 -25.73
N ILE KB 34 25.09 108.04 -26.69
CA ILE KB 34 24.62 106.70 -26.38
C ILE KB 34 25.34 105.68 -27.25
N LEU KB 35 26.49 105.20 -26.77
CA LEU KB 35 27.25 104.09 -27.35
C LEU KB 35 28.20 103.53 -26.32
N LYS KB 36 28.73 102.35 -26.63
CA LYS KB 36 29.83 101.78 -25.85
C LYS KB 36 31.15 102.33 -26.35
N THR KB 37 32.14 102.38 -25.46
CA THR KB 37 33.46 102.85 -25.86
C THR KB 37 34.21 101.78 -26.64
N SER KB 38 33.89 100.51 -26.40
CA SER KB 38 34.48 99.40 -27.12
C SER KB 38 33.54 98.20 -27.06
N THR KB 39 33.88 97.17 -27.84
CA THR KB 39 33.07 95.95 -27.83
C THR KB 39 33.31 95.15 -26.56
N GLY KB 40 34.43 95.39 -25.89
CA GLY KB 40 34.70 94.69 -24.64
C GLY KB 40 33.88 95.22 -23.48
N LYS KB 41 33.43 96.46 -23.58
CA LYS KB 41 32.67 97.06 -22.49
C LYS KB 41 31.23 96.57 -22.54
N GLU KB 42 30.55 96.66 -21.39
CA GLU KB 42 29.17 96.21 -21.31
C GLU KB 42 28.20 97.32 -21.70
N ASN KB 43 28.25 98.45 -21.00
CA ASN KB 43 27.27 99.50 -21.15
C ASN KB 43 27.95 100.79 -21.58
N CYS KB 44 27.12 101.81 -21.81
CA CYS KB 44 27.61 103.16 -22.04
C CYS KB 44 28.13 103.76 -20.74
N PRO KB 45 29.06 104.71 -20.81
CA PRO KB 45 29.61 105.30 -19.58
C PRO KB 45 28.58 106.13 -18.82
N VAL KB 46 28.74 106.16 -17.50
CA VAL KB 46 27.76 106.83 -16.64
C VAL KB 46 27.98 108.34 -16.64
N SER KB 47 29.20 108.78 -16.97
CA SER KB 47 29.50 110.20 -16.98
C SER KB 47 28.86 110.86 -18.19
N ASP KB 48 28.31 112.06 -17.97
CA ASP KB 48 27.67 112.81 -19.05
C ASP KB 48 28.69 113.29 -20.07
N ASP KB 49 29.92 113.54 -19.64
CA ASP KB 49 31.00 113.89 -20.55
C ASP KB 49 32.14 112.89 -20.37
N TRP KB 50 32.59 112.32 -21.48
CA TRP KB 50 33.80 111.51 -21.51
C TRP KB 50 34.69 111.85 -22.69
N TYR KB 51 34.17 112.52 -23.71
CA TYR KB 51 34.96 112.85 -24.89
C TYR KB 51 35.98 113.93 -24.58
N TYR KB 52 35.73 114.74 -23.54
CA TYR KB 52 36.67 115.77 -23.16
C TYR KB 52 37.62 115.27 -22.08
N ALA KB 53 37.13 114.44 -21.16
CA ALA KB 53 37.96 113.96 -20.07
C ALA KB 53 38.99 112.95 -20.55
N ARG KB 54 38.67 112.21 -21.62
CA ARG KB 54 39.64 111.32 -22.21
C ARG KB 54 40.72 112.09 -22.94
N MET KB 55 40.36 113.26 -23.48
CA MET KB 55 41.35 114.09 -24.16
C MET KB 55 42.31 114.73 -23.16
N ALA KB 56 41.84 114.96 -21.93
CA ALA KB 56 42.76 115.38 -20.89
C ALA KB 56 43.63 114.21 -20.44
N ALA KB 57 43.11 112.99 -20.52
CA ALA KB 57 43.88 111.83 -20.09
C ALA KB 57 44.96 111.48 -21.10
N ILE KB 58 44.68 111.66 -22.40
CA ILE KB 58 45.67 111.32 -23.42
C ILE KB 58 46.79 112.35 -23.44
N LEU KB 59 46.55 113.56 -22.90
CA LEU KB 59 47.59 114.58 -22.91
C LEU KB 59 48.62 114.32 -21.82
N ASN KB 60 48.29 113.47 -20.85
CA ASN KB 60 49.29 113.03 -19.88
C ASN KB 60 50.34 112.16 -20.55
N LEU KB 61 49.91 111.25 -21.42
CA LEU KB 61 50.81 110.20 -21.91
C LEU KB 61 51.78 110.74 -22.95
N ILE KB 62 51.32 111.63 -23.83
CA ILE KB 62 52.22 112.15 -24.87
C ILE KB 62 53.22 113.14 -24.26
N ALA KB 63 52.84 113.77 -23.16
CA ALA KB 63 53.76 114.68 -22.49
C ALA KB 63 54.83 113.92 -21.72
N LYS KB 64 54.47 112.80 -21.10
CA LYS KB 64 55.44 112.02 -20.34
C LYS KB 64 56.30 111.13 -21.23
N LYS KB 65 55.94 110.94 -22.50
CA LYS KB 65 56.64 110.02 -23.37
C LYS KB 65 57.13 110.74 -24.61
N GLY KB 66 57.81 109.98 -25.48
CA GLY KB 66 58.39 110.59 -26.67
C GLY KB 66 57.38 110.79 -27.79
N ASN KB 67 56.77 109.71 -28.25
CA ASN KB 67 55.80 109.77 -29.33
C ASN KB 67 54.66 108.80 -29.05
N MET KB 68 53.45 109.21 -29.40
CA MET KB 68 52.24 108.43 -29.13
C MET KB 68 51.47 108.28 -30.43
N THR KB 69 51.36 107.04 -30.91
CA THR KB 69 50.60 106.77 -32.12
C THR KB 69 49.16 106.42 -31.79
N VAL KB 70 48.40 106.10 -32.83
CA VAL KB 70 46.99 105.75 -32.65
C VAL KB 70 46.86 104.32 -32.11
N GLU KB 71 47.78 103.44 -32.50
CA GLU KB 71 47.66 102.04 -32.08
C GLU KB 71 48.08 101.86 -30.63
N GLU KB 72 48.97 102.72 -30.15
CA GLU KB 72 49.38 102.64 -28.75
C GLU KB 72 48.30 103.14 -27.82
N ALA KB 73 47.34 103.90 -28.34
CA ALA KB 73 46.24 104.38 -27.49
C ALA KB 73 45.25 103.26 -27.20
N CYS KB 74 45.02 102.38 -28.17
CA CYS KB 74 44.01 101.35 -28.00
C CYS KB 74 44.44 100.28 -27.00
N VAL KB 75 45.75 100.11 -26.82
CA VAL KB 75 46.23 99.02 -25.98
C VAL KB 75 46.22 99.42 -24.51
N GLU KB 76 46.23 100.72 -24.23
CA GLU KB 76 46.28 101.16 -22.83
C GLU KB 76 44.89 101.25 -22.25
N PHE KB 77 43.86 101.25 -23.09
CA PHE KB 77 42.48 101.31 -22.65
C PHE KB 77 41.74 100.01 -22.94
N GLY KB 78 42.43 98.87 -22.89
CA GLY KB 78 41.80 97.61 -23.19
C GLY KB 78 40.90 97.12 -22.06
N ASN KB 79 40.23 96.01 -22.32
CA ASN KB 79 39.26 95.48 -21.38
C ASN KB 79 39.39 93.97 -21.30
N TYR KB 80 38.90 93.42 -20.18
CA TYR KB 80 38.81 91.98 -19.97
C TYR KB 80 37.34 91.62 -19.79
N LYS KB 81 36.71 91.15 -20.85
CA LYS KB 81 35.29 90.82 -20.83
C LYS KB 81 35.13 89.30 -20.79
N ASN KB 82 33.99 88.85 -20.29
CA ASN KB 82 33.71 87.42 -20.25
C ASN KB 82 33.12 86.96 -21.57
N ARG KB 83 33.57 85.82 -22.05
CA ARG KB 83 33.01 85.23 -23.26
C ARG KB 83 32.00 84.15 -22.97
N GLY KB 84 31.65 83.96 -21.70
CA GLY KB 84 30.69 82.94 -21.34
C GLY KB 84 31.18 82.04 -20.22
N ARG KB 85 30.93 80.73 -20.36
CA ARG KB 85 31.40 79.78 -19.35
C ARG KB 85 32.91 79.63 -19.41
N ARG KB 86 33.50 79.82 -20.58
CA ARG KB 86 34.95 79.78 -20.71
C ARG KB 86 35.55 81.04 -20.08
N PRO KB 87 36.82 80.98 -19.68
CA PRO KB 87 37.46 82.17 -19.09
C PRO KB 87 37.61 83.33 -20.08
N SER KB 88 38.00 84.46 -19.52
CA SER KB 88 37.98 85.73 -20.22
C SER KB 88 39.12 85.86 -21.22
N MET KB 89 39.06 86.93 -22.01
CA MET KB 89 40.03 87.24 -23.04
C MET KB 89 40.23 88.75 -23.08
N PHE KB 90 41.40 89.18 -23.53
CA PHE KB 90 41.76 90.59 -23.57
C PHE KB 90 41.39 91.17 -24.92
N VAL KB 91 40.75 92.34 -24.91
CA VAL KB 91 40.37 93.06 -26.12
C VAL KB 91 41.04 94.42 -26.08
N LYS KB 92 41.04 95.10 -27.22
CA LYS KB 92 41.56 96.46 -27.27
C LYS KB 92 40.42 97.46 -27.44
N ALA KB 93 40.79 98.74 -27.38
CA ALA KB 93 39.80 99.81 -27.51
C ALA KB 93 39.39 99.99 -28.96
N ASP KB 94 38.40 100.86 -29.18
CA ASP KB 94 37.89 101.09 -30.52
C ASP KB 94 38.79 102.08 -31.26
N GLU KB 95 39.11 101.76 -32.51
CA GLU KB 95 40.06 102.59 -33.25
C GLU KB 95 39.37 103.80 -33.87
N MET KB 96 38.04 103.80 -33.93
CA MET KB 96 37.33 104.88 -34.60
C MET KB 96 37.17 106.09 -33.69
N PHE KB 97 36.92 105.86 -32.39
CA PHE KB 97 36.71 106.96 -31.45
C PHE KB 97 37.99 107.73 -31.18
N MET KB 98 39.13 107.03 -31.10
CA MET KB 98 40.39 107.72 -30.85
C MET KB 98 40.88 108.42 -32.11
N LYS KB 99 40.41 107.98 -33.28
CA LYS KB 99 40.75 108.62 -34.54
C LYS KB 99 40.22 110.04 -34.61
N SER KB 100 38.97 110.24 -34.18
CA SER KB 100 38.42 111.59 -34.13
C SER KB 100 39.06 112.39 -33.01
N ILE KB 101 39.50 111.71 -31.96
CA ILE KB 101 40.21 112.38 -30.87
C ILE KB 101 41.60 112.81 -31.34
N PHE KB 102 42.28 111.94 -32.09
CA PHE KB 102 43.57 112.33 -32.69
C PHE KB 102 43.39 113.40 -33.76
N GLU KB 103 42.22 113.48 -34.37
CA GLU KB 103 42.01 114.44 -35.44
C GLU KB 103 41.68 115.82 -34.89
N ASN KB 104 40.98 115.86 -33.75
CA ASN KB 104 40.54 117.14 -33.19
C ASN KB 104 41.71 117.95 -32.66
N LEU KB 105 42.71 117.28 -32.10
CA LEU KB 105 43.84 117.99 -31.51
C LEU KB 105 44.81 118.46 -32.58
N GLU KB 106 44.78 117.83 -33.75
CA GLU KB 106 45.56 118.34 -34.88
C GLU KB 106 44.78 119.41 -35.63
N LYS KB 107 43.45 119.36 -35.54
CA LYS KB 107 42.62 120.42 -36.11
C LYS KB 107 42.74 121.70 -35.29
N ILE KB 108 42.86 121.57 -33.97
CA ILE KB 108 43.09 122.74 -33.12
C ILE KB 108 44.51 123.24 -33.32
N GLY KB 109 45.50 122.36 -33.17
CA GLY KB 109 46.89 122.77 -33.19
C GLY KB 109 47.64 122.53 -31.89
N TYR KB 110 47.13 121.65 -31.02
CA TYR KB 110 47.86 121.33 -29.80
C TYR KB 110 49.02 120.40 -30.10
N LEU KB 111 48.86 119.51 -31.07
CA LEU KB 111 49.91 118.58 -31.46
C LEU KB 111 50.12 118.69 -32.97
N LYS KB 112 51.33 118.32 -33.38
CA LYS KB 112 51.67 118.07 -34.77
C LYS KB 112 52.09 116.62 -34.88
N GLU KB 113 52.70 116.29 -36.03
CA GLU KB 113 52.87 114.97 -36.69
C GLU KB 113 53.08 113.84 -35.68
N ASN KB 114 54.04 113.94 -34.76
CA ASN KB 114 54.13 112.97 -33.68
C ASN KB 114 54.45 113.57 -32.32
N LYS KB 115 54.92 114.81 -32.26
CA LYS KB 115 55.21 115.47 -31.01
C LYS KB 115 54.13 116.50 -30.70
N LEU KB 116 54.33 117.28 -29.64
CA LEU KB 116 53.40 118.32 -29.26
C LEU KB 116 53.93 119.67 -29.70
N THR KB 117 53.02 120.63 -29.81
CA THR KB 117 53.38 121.99 -30.19
C THR KB 117 53.80 122.80 -28.98
N SER KB 118 54.28 124.01 -29.23
CA SER KB 118 54.62 124.91 -28.12
C SER KB 118 53.37 125.56 -27.54
N ASN KB 119 52.26 125.53 -28.30
CA ASN KB 119 51.04 126.18 -27.85
C ASN KB 119 50.39 125.42 -26.71
N ALA KB 120 50.37 124.09 -26.79
CA ALA KB 120 49.78 123.29 -25.72
C ALA KB 120 50.71 123.22 -24.51
N LYS KB 121 51.99 123.55 -24.71
CA LYS KB 121 52.96 123.46 -23.62
C LYS KB 121 52.76 124.58 -22.61
N GLU KB 122 52.38 125.77 -23.08
CA GLU KB 122 52.19 126.89 -22.17
C GLU KB 122 50.81 126.85 -21.53
N ILE KB 123 49.92 126.02 -22.08
CA ILE KB 123 48.64 125.76 -21.43
C ILE KB 123 48.85 124.88 -20.20
N ILE KB 124 49.64 123.82 -20.34
CA ILE KB 124 49.85 122.86 -19.26
C ILE KB 124 50.68 123.49 -18.13
N MET KB 125 51.60 124.39 -18.50
CA MET KB 125 52.47 125.01 -17.50
C MET KB 125 51.71 125.98 -16.60
N ASP KB 126 50.57 126.49 -17.08
CA ASP KB 126 49.67 127.24 -16.21
C ASP KB 126 49.01 126.29 -15.21
N VAL KB 127 48.69 125.07 -15.66
CA VAL KB 127 47.87 124.16 -14.87
C VAL KB 127 48.63 123.63 -13.66
N ILE KB 128 49.92 123.34 -13.84
CA ILE KB 128 50.72 122.78 -12.75
C ILE KB 128 50.92 123.82 -11.65
N GLN KB 129 51.04 125.09 -12.02
CA GLN KB 129 51.17 126.14 -11.02
C GLN KB 129 49.79 126.56 -10.50
N SER KB 130 48.72 126.18 -11.21
CA SER KB 130 47.38 126.45 -10.72
C SER KB 130 47.03 125.55 -9.55
N LEU KB 131 47.42 124.27 -9.61
CA LEU KB 131 47.16 123.36 -8.50
C LEU KB 131 48.10 123.62 -7.34
N SER KB 132 49.28 124.18 -7.62
CA SER KB 132 50.30 124.38 -6.60
C SER KB 132 51.09 125.65 -6.87
N GLN LB 7 11.77 -98.85 56.22
CA GLN LB 7 10.56 -98.28 56.81
C GLN LB 7 9.32 -99.02 56.35
N LYS LB 8 9.16 -100.24 56.82
CA LYS LB 8 8.13 -101.15 56.33
C LYS LB 8 6.77 -100.74 56.87
N LYS LB 9 5.78 -100.70 55.99
CA LYS LB 9 4.40 -100.44 56.39
C LYS LB 9 3.52 -101.58 55.88
N GLU LB 10 2.35 -101.73 56.48
CA GLU LB 10 1.46 -102.84 56.16
C GLU LB 10 0.03 -102.34 56.01
N TYR LB 11 -0.62 -102.76 54.93
CA TYR LB 11 -2.03 -102.49 54.70
C TYR LB 11 -2.75 -103.81 54.51
N SER LB 12 -4.01 -103.85 54.95
CA SER LB 12 -4.79 -105.08 54.91
C SER LB 12 -6.09 -104.82 54.16
N ILE LB 13 -6.47 -105.82 53.36
CA ILE LB 13 -7.70 -105.77 52.58
C ILE LB 13 -8.58 -106.95 52.99
N ASP LB 14 -9.68 -106.64 53.66
CA ASP LB 14 -10.65 -107.65 54.09
C ASP LB 14 -11.62 -107.91 52.96
N CYS LB 15 -11.80 -109.18 52.61
CA CYS LB 15 -12.65 -109.57 51.48
C CYS LB 15 -13.63 -110.67 51.86
N THR LB 16 -14.34 -110.52 52.98
CA THR LB 16 -15.23 -111.58 53.43
C THR LB 16 -16.56 -111.56 52.68
N HIS LB 17 -17.09 -110.36 52.42
CA HIS LB 17 -18.38 -110.25 51.73
C HIS LB 17 -18.36 -110.75 50.28
N PRO LB 18 -17.32 -110.54 49.47
CA PRO LB 18 -17.29 -111.26 48.19
C PRO LB 18 -17.00 -112.75 48.34
N ALA LB 19 -16.22 -113.15 49.34
CA ALA LB 19 -15.87 -114.55 49.49
C ALA LB 19 -17.03 -115.36 50.04
N SER LB 20 -17.96 -114.71 50.72
CA SER LB 20 -19.13 -115.40 51.24
C SER LB 20 -20.07 -115.82 50.12
N ASP LB 21 -20.16 -115.02 49.06
CA ASP LB 21 -20.98 -115.36 47.91
C ASP LB 21 -20.16 -115.78 46.70
N ASN LB 22 -18.86 -116.06 46.89
CA ASN LB 22 -17.94 -116.54 45.86
C ASN LB 22 -17.83 -115.56 44.69
N LEU LB 23 -17.46 -114.32 44.98
CA LEU LB 23 -17.27 -113.34 43.91
C LEU LB 23 -15.82 -113.23 43.49
N LEU LB 24 -14.90 -113.44 44.44
CA LEU LB 24 -13.49 -113.15 44.22
C LEU LB 24 -12.64 -114.28 44.75
N SER LB 25 -11.38 -114.28 44.32
CA SER LB 25 -10.35 -115.15 44.86
C SER LB 25 -9.30 -114.30 45.57
N PRO LB 26 -8.98 -114.61 46.83
CA PRO LB 26 -7.97 -113.79 47.53
C PRO LB 26 -6.56 -114.00 47.01
N SER LB 27 -6.31 -115.16 46.40
CA SER LB 27 -5.01 -115.39 45.77
C SER LB 27 -4.90 -114.64 44.45
N ASP LB 28 -5.94 -114.72 43.62
CA ASP LB 28 -5.88 -114.08 42.31
C ASP LB 28 -6.06 -112.58 42.43
N LEU LB 29 -6.58 -112.10 43.56
CA LEU LB 29 -6.47 -110.69 43.87
C LEU LB 29 -5.02 -110.32 44.11
N GLN LB 30 -4.28 -111.17 44.81
CA GLN LB 30 -2.87 -110.90 45.10
C GLN LB 30 -2.01 -110.99 43.85
N SER LB 31 -2.29 -111.97 42.98
CA SER LB 31 -1.51 -112.13 41.77
C SER LB 31 -1.75 -111.00 40.78
N HIS LB 32 -2.97 -110.44 40.80
CA HIS LB 32 -3.24 -109.28 39.98
C HIS LB 32 -2.63 -108.03 40.59
N LEU LB 33 -2.52 -108.00 41.92
CA LEU LB 33 -2.01 -106.82 42.60
C LEU LB 33 -0.49 -106.78 42.55
N GLU LB 34 0.15 -107.94 42.48
CA GLU LB 34 1.61 -108.00 42.55
C GLU LB 34 2.25 -107.47 41.28
N GLU LB 35 1.69 -107.81 40.12
CA GLU LB 35 2.29 -107.40 38.86
C GLU LB 35 2.14 -105.90 38.62
N LYS LB 36 1.07 -105.30 39.16
CA LYS LB 36 0.73 -103.94 38.76
C LYS LB 36 1.48 -102.91 39.60
N ILE LB 37 1.95 -103.29 40.79
CA ILE LB 37 2.73 -102.34 41.59
C ILE LB 37 4.12 -102.25 41.00
N LYS LB 38 4.40 -101.14 40.32
CA LYS LB 38 5.58 -101.02 39.48
C LYS LB 38 6.74 -100.50 40.32
N THR LB 39 7.88 -101.20 40.21
CA THR LB 39 9.09 -100.85 40.96
C THR LB 39 10.24 -100.74 39.97
N TYR LB 40 10.43 -99.54 39.41
CA TYR LB 40 11.52 -99.33 38.47
C TYR LB 40 12.80 -98.95 39.19
N THR LB 41 12.79 -98.91 40.53
CA THR LB 41 13.93 -98.37 41.25
C THR LB 41 14.92 -99.45 41.65
N GLY LB 42 14.44 -100.52 42.28
CA GLY LB 42 15.31 -101.58 42.75
C GLY LB 42 14.73 -102.94 42.42
N LYS LB 43 15.28 -103.96 43.07
CA LYS LB 43 14.79 -105.32 42.87
C LYS LB 43 13.45 -105.49 43.56
N LYS LB 44 12.47 -106.03 42.82
CA LYS LB 44 11.09 -106.02 43.29
C LYS LB 44 10.89 -106.98 44.46
N GLU LB 45 11.61 -108.11 44.45
CA GLU LB 45 11.47 -109.06 45.55
C GLU LB 45 12.14 -108.56 46.82
N LYS LB 46 13.07 -107.60 46.67
CA LYS LB 46 13.68 -106.98 47.85
C LYS LB 46 12.83 -105.82 48.35
N LEU LB 47 12.33 -104.98 47.44
CA LEU LB 47 11.66 -103.76 47.87
C LEU LB 47 10.19 -104.01 48.18
N LEU LB 48 9.62 -105.08 47.64
CA LEU LB 48 8.22 -105.44 47.84
C LEU LB 48 8.13 -106.87 48.34
N GLU LB 49 7.27 -107.10 49.32
CA GLU LB 49 6.92 -108.44 49.77
C GLU LB 49 5.43 -108.47 50.06
N VAL LB 50 4.69 -109.28 49.31
CA VAL LB 50 3.25 -109.42 49.49
C VAL LB 50 2.96 -110.78 50.09
N SER LB 51 2.16 -110.81 51.15
CA SER LB 51 1.82 -112.03 51.86
C SER LB 51 0.36 -112.35 51.63
N VAL LB 52 0.06 -113.63 51.46
CA VAL LB 52 -1.30 -114.11 51.23
C VAL LB 52 -1.78 -114.72 52.55
N ASN LB 53 -2.54 -113.95 53.31
CA ASN LB 53 -3.20 -114.51 54.48
C ASN LB 53 -4.39 -115.36 54.03
N ASP LB 54 -4.86 -116.22 54.91
CA ASP LB 54 -6.01 -117.04 54.58
C ASP LB 54 -7.30 -116.23 54.65
N THR LB 55 -7.40 -115.32 55.63
CA THR LB 55 -8.61 -114.51 55.76
C THR LB 55 -8.56 -113.31 54.84
N THR LB 56 -7.49 -112.52 54.93
CA THR LB 56 -7.36 -111.27 54.18
C THR LB 56 -6.13 -111.38 53.28
N VAL LB 57 -5.72 -110.24 52.74
CA VAL LB 57 -4.43 -110.11 52.08
C VAL LB 57 -3.69 -108.93 52.67
N VAL LB 58 -2.43 -109.15 53.02
CA VAL LB 58 -1.59 -108.12 53.63
C VAL LB 58 -0.53 -107.71 52.61
N VAL LB 59 -0.41 -106.41 52.37
CA VAL LB 59 0.55 -105.86 51.44
C VAL LB 59 1.59 -105.08 52.24
N LYS LB 60 2.85 -105.47 52.08
CA LYS LB 60 3.95 -104.83 52.79
C LYS LB 60 4.84 -104.11 51.79
N VAL LB 61 4.75 -102.79 51.78
CA VAL LB 61 5.65 -101.96 50.99
C VAL LB 61 6.73 -101.44 51.92
N ASN LB 62 7.96 -101.91 51.73
CA ASN LB 62 8.99 -101.67 52.73
C ASN LB 62 9.71 -100.35 52.49
N GLU LB 63 9.90 -99.95 51.24
CA GLU LB 63 10.72 -98.78 50.99
C GLU LB 63 9.87 -97.54 50.76
N ASP LB 64 8.57 -97.61 51.08
CA ASP LB 64 7.62 -96.49 51.02
C ASP LB 64 7.52 -95.89 49.62
N ILE LB 65 7.02 -96.69 48.67
CA ILE LB 65 6.94 -96.25 47.29
C ILE LB 65 5.56 -95.68 46.98
N ILE LB 66 4.51 -96.45 47.25
CA ILE LB 66 3.15 -96.11 46.84
C ILE LB 66 2.39 -95.57 48.04
N ASN LB 67 1.62 -94.52 47.83
CA ASN LB 67 0.77 -93.95 48.86
C ASN LB 67 -0.47 -94.81 49.07
N LYS LB 68 -1.16 -94.57 50.19
CA LYS LB 68 -2.35 -95.34 50.50
C LYS LB 68 -3.51 -94.98 49.57
N GLN LB 69 -3.63 -93.71 49.24
CA GLN LB 69 -4.64 -93.31 48.25
C GLN LB 69 -4.24 -93.75 46.86
N GLY LB 70 -2.95 -94.00 46.63
CA GLY LB 70 -2.53 -94.57 45.37
C GLY LB 70 -2.90 -96.04 45.24
N LEU LB 71 -3.05 -96.73 46.36
CA LEU LB 71 -3.46 -98.12 46.32
C LEU LB 71 -4.91 -98.26 45.87
N LYS LB 72 -5.72 -97.24 46.12
CA LYS LB 72 -7.13 -97.31 45.72
C LYS LB 72 -7.28 -97.19 44.21
N ASN LB 73 -6.28 -96.60 43.53
CA ASN LB 73 -6.30 -96.60 42.08
C ASN LB 73 -5.98 -97.98 41.51
N VAL LB 74 -5.31 -98.82 42.29
CA VAL LB 74 -5.00 -100.15 41.79
C VAL LB 74 -6.19 -101.08 41.93
N ILE LB 75 -6.87 -101.01 43.07
CA ILE LB 75 -7.93 -101.98 43.37
C ILE LB 75 -9.19 -101.64 42.58
N ARG LB 76 -9.43 -100.35 42.33
CA ARG LB 76 -10.57 -99.97 41.50
C ARG LB 76 -10.32 -100.30 40.04
N ARG LB 77 -9.05 -100.35 39.64
CA ARG LB 77 -8.72 -100.81 38.30
C ARG LB 77 -8.83 -102.34 38.22
N PHE LB 78 -8.84 -103.00 39.37
CA PHE LB 78 -9.02 -104.45 39.40
C PHE LB 78 -10.49 -104.82 39.28
N LEU LB 79 -11.37 -104.05 39.94
CA LEU LB 79 -12.80 -104.30 39.83
C LEU LB 79 -13.33 -103.93 38.46
N HIS LB 80 -12.67 -103.01 37.77
CA HIS LB 80 -13.09 -102.63 36.44
C HIS LB 80 -12.78 -103.71 35.43
N ALA LB 81 -11.73 -104.49 35.69
CA ALA LB 81 -11.37 -105.58 34.77
C ALA LB 81 -12.37 -106.71 34.86
N LYS LB 82 -12.74 -107.10 36.07
CA LYS LB 82 -13.64 -108.22 36.27
C LYS LB 82 -15.09 -107.79 36.44
N ARG LB 83 -15.38 -106.51 36.18
CA ARG LB 83 -16.74 -105.97 36.03
C ARG LB 83 -17.58 -106.15 37.29
N LEU LB 84 -17.15 -105.53 38.38
CA LEU LB 84 -17.82 -105.61 39.66
C LEU LB 84 -18.17 -104.25 40.24
N SER LB 85 -17.94 -103.18 39.47
CA SER LB 85 -18.22 -101.83 39.98
C SER LB 85 -19.72 -101.57 40.06
N ALA LB 86 -20.51 -102.33 39.30
CA ALA LB 86 -21.96 -102.26 39.43
C ALA LB 86 -22.45 -103.05 40.65
N PHE LB 87 -21.54 -103.79 41.30
CA PHE LB 87 -21.92 -104.57 42.47
C PHE LB 87 -21.15 -104.12 43.70
N ILE LB 88 -19.82 -104.07 43.62
CA ILE LB 88 -18.95 -103.88 44.77
C ILE LB 88 -18.30 -102.51 44.68
N LYS LB 89 -18.14 -101.87 45.84
CA LYS LB 89 -17.38 -100.63 45.96
C LYS LB 89 -16.42 -100.75 47.13
N VAL LB 90 -15.19 -100.26 46.94
CA VAL LB 90 -14.18 -100.35 47.98
C VAL LB 90 -14.34 -99.18 48.93
N TYR LB 91 -14.52 -99.48 50.22
CA TYR LB 91 -14.64 -98.47 51.26
C TYR LB 91 -13.48 -98.61 52.23
N GLY LB 92 -12.56 -97.66 52.21
CA GLY LB 92 -11.46 -97.69 53.14
C GLY LB 92 -11.80 -97.00 54.43
N ASP LB 93 -11.53 -97.65 55.56
CA ASP LB 93 -11.82 -97.11 56.87
C ASP LB 93 -10.68 -96.21 57.31
N LYS LB 94 -10.67 -95.86 58.60
CA LYS LB 94 -9.94 -94.72 59.18
C LYS LB 94 -8.44 -94.84 58.94
N LYS LB 95 -7.77 -95.89 59.39
CA LYS LB 95 -6.32 -95.96 59.33
C LYS LB 95 -5.83 -97.36 58.95
N ASN LB 96 -5.10 -97.41 57.82
CA ASN LB 96 -4.32 -98.57 57.38
C ASN LB 96 -5.17 -99.83 57.16
N GLY LB 97 -6.34 -99.65 56.55
CA GLY LB 97 -7.23 -100.76 56.30
C GLY LB 97 -8.11 -100.50 55.10
N PHE LB 98 -8.70 -101.59 54.59
CA PHE LB 98 -9.62 -101.53 53.47
C PHE LB 98 -10.69 -102.60 53.64
N GLU LB 99 -11.85 -102.39 53.03
CA GLU LB 99 -12.96 -103.32 53.13
C GLU LB 99 -13.75 -103.35 51.83
N PHE LB 100 -14.56 -104.40 51.68
CA PHE LB 100 -15.38 -104.62 50.50
C PHE LB 100 -16.85 -104.67 50.93
N ARG LB 101 -17.73 -104.04 50.14
CA ARG LB 101 -19.14 -103.98 50.48
C ARG LB 101 -19.99 -104.04 49.21
N TYR LB 102 -21.21 -104.54 49.38
CA TYR LB 102 -22.20 -104.59 48.31
C TYR LB 102 -22.95 -103.28 48.27
N MET LB 103 -23.05 -102.69 47.08
CA MET LB 103 -23.92 -101.54 46.85
C MET LB 103 -24.26 -101.43 45.37
N VAL MB 3 84.51 93.45 -40.95
CA VAL MB 3 84.45 92.07 -41.42
C VAL MB 3 83.92 91.21 -40.28
N HIS MB 4 82.60 91.01 -40.26
CA HIS MB 4 81.96 90.16 -39.27
C HIS MB 4 82.23 88.71 -39.65
N ILE MB 5 82.90 87.98 -38.77
CA ILE MB 5 83.15 86.55 -38.96
C ILE MB 5 82.73 85.83 -37.69
N ASP MB 6 82.13 84.65 -37.85
CA ASP MB 6 81.47 83.95 -36.76
C ASP MB 6 81.97 82.52 -36.63
N ILE MB 7 81.76 81.95 -35.45
CA ILE MB 7 82.00 80.54 -35.19
C ILE MB 7 80.69 79.93 -34.72
N SER MB 8 80.30 78.81 -35.32
CA SER MB 8 79.10 78.10 -34.88
C SER MB 8 79.43 76.62 -34.80
N THR MB 9 79.18 76.03 -33.64
CA THR MB 9 79.66 74.68 -33.35
C THR MB 9 78.51 73.85 -32.80
N THR MB 10 78.85 72.63 -32.39
CA THR MB 10 77.94 71.73 -31.69
C THR MB 10 78.48 71.27 -30.36
N ASN MB 11 79.80 71.31 -30.14
CA ASN MB 11 80.41 70.93 -28.88
C ASN MB 11 81.33 72.05 -28.40
N LYS MB 12 81.57 72.10 -27.09
CA LYS MB 12 82.38 73.17 -26.52
C LYS MB 12 83.86 72.98 -26.84
N SER MB 13 84.32 71.74 -26.91
CA SER MB 13 85.76 71.48 -26.94
C SER MB 13 86.38 71.88 -28.27
N ALA MB 14 85.58 71.93 -29.34
CA ALA MB 14 86.13 72.31 -30.63
C ALA MB 14 86.28 73.83 -30.76
N ILE MB 15 85.38 74.58 -30.12
CA ILE MB 15 85.43 76.04 -30.24
C ILE MB 15 86.50 76.62 -29.32
N THR MB 16 87.01 75.82 -28.39
CA THR MB 16 88.04 76.31 -27.48
C THR MB 16 89.42 76.29 -28.12
N LEU MB 17 89.77 75.19 -28.80
CA LEU MB 17 91.10 75.06 -29.37
C LEU MB 17 91.28 75.95 -30.59
N ALA MB 18 90.17 76.40 -31.18
CA ALA MB 18 90.26 77.33 -32.31
C ALA MB 18 90.50 78.75 -31.83
N CYS MB 19 90.33 79.01 -30.53
CA CYS MB 19 90.43 80.37 -30.02
C CYS MB 19 91.88 80.79 -29.82
N GLU MB 20 92.63 80.01 -29.04
CA GLU MB 20 94.01 80.39 -28.73
C GLU MB 20 94.93 80.19 -29.92
N LYS MB 21 94.49 79.41 -30.91
CA LYS MB 21 95.21 79.38 -32.18
C LYS MB 21 94.94 80.66 -32.98
N PHE MB 22 93.73 81.20 -32.88
CA PHE MB 22 93.39 82.38 -33.67
C PHE MB 22 93.82 83.67 -32.98
N GLU MB 23 93.84 83.66 -31.64
CA GLU MB 23 94.12 84.90 -30.91
C GLU MB 23 95.59 85.28 -31.02
N ALA MB 24 96.47 84.28 -31.06
CA ALA MB 24 97.90 84.54 -31.19
C ALA MB 24 98.25 84.92 -32.62
N PHE MB 25 97.53 84.38 -33.59
CA PHE MB 25 97.93 84.53 -34.99
C PHE MB 25 97.38 85.85 -35.57
N ALA MB 26 96.24 86.31 -35.07
CA ALA MB 26 95.55 87.44 -35.71
C ALA MB 26 95.81 88.74 -34.97
N GLU MB 27 95.82 88.70 -33.64
CA GLU MB 27 95.98 89.94 -32.87
C GLU MB 27 97.44 90.35 -32.76
N ASN MB 28 98.32 89.39 -32.50
CA ASN MB 28 99.72 89.72 -32.21
C ASN MB 28 100.49 90.07 -33.48
N PHE MB 29 99.99 89.65 -34.64
CA PHE MB 29 100.78 89.83 -35.85
C PHE MB 29 100.39 91.08 -36.62
N ILE MB 30 99.15 91.17 -37.09
CA ILE MB 30 98.86 92.23 -38.05
C ILE MB 30 97.88 93.25 -37.47
N GLU MB 31 96.66 92.81 -37.16
CA GLU MB 31 95.56 93.74 -36.92
C GLU MB 31 94.90 93.47 -35.59
N SER MB 32 94.01 94.39 -35.20
CA SER MB 32 93.24 94.24 -33.98
C SER MB 32 91.93 93.51 -34.26
N LEU MB 33 91.25 93.13 -33.18
CA LEU MB 33 89.99 92.41 -33.30
C LEU MB 33 89.16 92.58 -32.04
N GLU MB 34 87.96 92.00 -32.07
CA GLU MB 34 87.01 92.05 -30.96
C GLU MB 34 86.41 90.67 -30.78
N LYS MB 35 86.35 90.19 -29.54
CA LYS MB 35 85.72 88.90 -29.26
C LYS MB 35 84.30 89.09 -28.73
N GLU MB 36 83.40 88.25 -29.22
CA GLU MB 36 81.99 88.34 -28.86
C GLU MB 36 81.32 86.97 -28.85
N VAL MB 37 80.84 86.54 -27.69
CA VAL MB 37 80.20 85.24 -27.52
C VAL MB 37 78.72 85.46 -27.28
N LEU MB 38 77.89 84.72 -27.99
CA LEU MB 38 76.44 84.83 -27.88
C LEU MB 38 75.89 83.71 -27.02
N PRO MB 39 74.82 83.99 -26.26
CA PRO MB 39 74.19 82.94 -25.46
C PRO MB 39 73.53 81.88 -26.34
N LYS MB 40 73.36 80.71 -25.75
CA LYS MB 40 73.02 79.51 -26.49
C LYS MB 40 71.54 79.50 -26.87
N GLN MB 41 71.24 78.76 -27.94
CA GLN MB 41 69.89 78.61 -28.46
C GLN MB 41 69.50 77.13 -28.44
N VAL MB 42 68.35 76.83 -27.84
CA VAL MB 42 67.98 75.46 -27.49
C VAL MB 42 66.65 75.13 -28.18
N GLY MB 43 66.61 73.98 -28.85
CA GLY MB 43 65.38 73.48 -29.45
C GLY MB 43 64.73 72.40 -28.60
N LEU MB 44 63.42 72.47 -28.42
CA LEU MB 44 62.69 71.61 -27.51
C LEU MB 44 61.59 70.87 -28.25
N VAL MB 45 61.65 69.53 -28.23
CA VAL MB 45 60.59 68.71 -28.81
C VAL MB 45 60.03 67.80 -27.73
N PRO MB 46 59.05 68.23 -26.95
CA PRO MB 46 58.44 67.32 -25.98
C PRO MB 46 57.57 66.27 -26.66
N THR MB 47 57.86 65.01 -26.39
CA THR MB 47 57.25 63.88 -27.07
C THR MB 47 56.80 62.83 -26.07
N LEU MB 48 55.79 62.07 -26.46
CA LEU MB 48 55.32 60.96 -25.64
C LEU MB 48 56.13 59.71 -25.94
N LYS MB 49 56.33 58.89 -24.91
CA LYS MB 49 57.34 57.83 -25.00
C LYS MB 49 56.82 56.60 -25.76
N THR MB 50 55.74 55.99 -25.27
CA THR MB 50 55.27 54.71 -25.79
C THR MB 50 54.59 54.87 -27.14
N PRO MB 51 54.70 53.89 -28.04
CA PRO MB 51 53.91 53.93 -29.27
C PRO MB 51 52.53 53.32 -29.09
N CYS MB 52 51.85 53.73 -28.02
CA CYS MB 52 50.53 53.22 -27.66
C CYS MB 52 49.84 54.18 -26.71
N GLY MB 53 48.60 53.88 -26.36
CA GLY MB 53 47.88 54.68 -25.38
C GLY MB 53 47.39 53.83 -24.23
N GLN MB 54 48.23 52.87 -23.79
CA GLN MB 54 47.78 51.92 -22.79
C GLN MB 54 48.29 52.26 -21.39
N GLY MB 55 49.60 52.34 -21.23
CA GLY MB 55 50.22 52.46 -19.91
C GLY MB 55 50.18 53.86 -19.36
N THR MB 56 50.97 54.11 -18.33
CA THR MB 56 51.04 55.40 -17.68
C THR MB 56 51.78 56.37 -18.59
N LYS MB 57 51.16 57.51 -18.88
CA LYS MB 57 51.65 58.38 -19.93
C LYS MB 57 52.82 59.24 -19.44
N THR MB 58 54.00 59.00 -20.01
CA THR MB 58 55.21 59.73 -19.65
C THR MB 58 55.72 60.50 -20.86
N TRP MB 59 56.40 61.62 -20.61
CA TRP MB 59 56.91 62.48 -21.66
C TRP MB 59 58.43 62.57 -21.57
N ALA MB 60 59.06 62.91 -22.69
CA ALA MB 60 60.52 63.05 -22.76
C ALA MB 60 60.83 64.33 -23.53
N LYS MB 61 61.91 65.01 -23.15
CA LYS MB 61 62.30 66.27 -23.77
C LYS MB 61 63.67 66.12 -24.43
N TYR MB 62 63.71 66.27 -25.75
CA TYR MB 62 64.96 66.23 -26.48
C TYR MB 62 65.48 67.64 -26.72
N LYS MB 63 66.77 67.75 -27.01
CA LYS MB 63 67.43 69.04 -27.08
C LYS MB 63 68.56 69.00 -28.11
N ILE MB 64 68.95 70.19 -28.56
CA ILE MB 64 70.11 70.38 -29.42
C ILE MB 64 70.62 71.80 -29.21
N ILE MB 65 71.93 71.94 -28.98
CA ILE MB 65 72.52 73.18 -28.52
C ILE MB 65 73.48 73.70 -29.58
N VAL MB 66 73.52 75.02 -29.77
CA VAL MB 66 74.41 75.68 -30.71
C VAL MB 66 75.20 76.75 -29.97
N HIS MB 67 76.52 76.68 -30.07
CA HIS MB 67 77.40 77.70 -29.50
C HIS MB 67 77.77 78.71 -30.57
N GLN MB 68 77.80 79.98 -30.20
CA GLN MB 68 78.07 81.08 -31.12
C GLN MB 68 79.11 82.01 -30.54
N VAL MB 69 80.24 82.15 -31.23
CA VAL MB 69 81.26 83.15 -30.91
C VAL MB 69 81.57 83.92 -32.18
N ARG MB 70 81.48 85.25 -32.11
CA ARG MB 70 81.65 86.10 -33.28
C ARG MB 70 82.84 87.03 -33.09
N TYR MB 71 83.58 87.25 -34.17
CA TYR MB 71 84.67 88.21 -34.20
C TYR MB 71 84.28 89.38 -35.10
N VAL MB 72 84.64 90.60 -34.68
CA VAL MB 72 84.41 91.80 -35.48
C VAL MB 72 85.77 92.43 -35.76
N ILE MB 73 86.25 92.29 -37.00
CA ILE MB 73 87.58 92.71 -37.39
C ILE MB 73 87.45 93.71 -38.53
N THR MB 74 88.28 94.75 -38.51
CA THR MB 74 88.42 95.64 -39.66
C THR MB 74 89.91 95.71 -40.00
N SER MB 75 90.23 95.31 -41.23
CA SER MB 75 91.62 95.06 -41.60
C SER MB 75 91.81 95.46 -43.05
N SER MB 76 92.98 95.14 -43.59
CA SER MB 76 93.22 95.21 -45.02
C SER MB 76 92.71 93.94 -45.67
N HIS MB 77 92.87 93.83 -46.99
CA HIS MB 77 92.20 92.80 -47.79
C HIS MB 77 92.83 91.44 -47.50
N ASP MB 78 94.11 91.23 -47.80
CA ASP MB 78 94.65 89.87 -47.82
C ASP MB 78 95.09 89.42 -46.43
N GLN MB 79 95.14 90.35 -45.47
CA GLN MB 79 95.60 90.04 -44.12
C GLN MB 79 94.64 89.09 -43.40
N LEU MB 80 93.34 89.21 -43.65
CA LEU MB 80 92.39 88.26 -43.07
C LEU MB 80 92.26 87.01 -43.93
N GLU MB 81 92.45 87.15 -45.24
CA GLU MB 81 92.13 86.04 -46.13
C GLU MB 81 93.25 85.00 -46.18
N LYS MB 82 94.46 85.38 -45.75
CA LYS MB 82 95.51 84.39 -45.62
C LYS MB 82 95.23 83.46 -44.44
N VAL MB 83 94.50 83.95 -43.44
CA VAL MB 83 94.26 83.17 -42.23
C VAL MB 83 93.14 82.15 -42.46
N ILE MB 84 92.27 82.40 -43.44
CA ILE MB 84 91.20 81.47 -43.76
C ILE MB 84 91.78 80.18 -44.36
N GLN MB 85 92.77 80.33 -45.23
CA GLN MB 85 93.46 79.18 -45.79
C GLN MB 85 94.38 78.53 -44.77
N PHE MB 86 94.87 79.30 -43.80
CA PHE MB 86 95.87 78.78 -42.87
C PHE MB 86 95.21 78.15 -41.64
N LEU MB 87 94.18 78.79 -41.10
CA LEU MB 87 93.57 78.37 -39.84
C LEU MB 87 92.20 77.73 -40.05
N LYS MB 88 92.08 76.89 -41.08
CA LYS MB 88 90.87 76.09 -41.27
C LYS MB 88 90.91 74.83 -40.40
N ASN MB 89 90.10 74.80 -39.36
CA ASN MB 89 90.06 73.63 -38.49
C ASN MB 89 88.98 72.64 -38.93
N PHE MB 90 89.06 71.43 -38.39
CA PHE MB 90 88.41 70.28 -39.01
C PHE MB 90 86.90 70.23 -38.80
N PRO MB 91 86.32 70.17 -37.55
CA PRO MB 91 84.87 69.96 -37.49
C PRO MB 91 84.04 71.22 -37.56
N GLU MB 92 84.62 72.37 -37.20
CA GLU MB 92 83.85 73.58 -37.03
C GLU MB 92 83.58 74.23 -38.37
N ILE MB 93 82.49 74.99 -38.43
CA ILE MB 93 82.20 75.85 -39.58
C ILE MB 93 82.64 77.25 -39.20
N ASN MB 94 83.13 78.01 -40.17
CA ASN MB 94 83.44 79.42 -39.98
C ASN MB 94 83.04 80.18 -41.24
N ILE MB 95 81.78 80.61 -41.29
CA ILE MB 95 81.32 81.41 -42.41
C ILE MB 95 81.85 82.83 -42.24
N ASN MB 96 82.67 83.27 -43.18
CA ASN MB 96 83.32 84.57 -43.11
C ASN MB 96 82.58 85.55 -44.02
N LEU MB 97 82.21 86.70 -43.48
CA LEU MB 97 81.51 87.74 -44.22
C LEU MB 97 82.43 88.96 -44.33
N GLY MB 98 83.03 89.12 -45.50
CA GLY MB 98 84.02 90.16 -45.73
C GLY MB 98 83.46 91.57 -45.82
N LYS NB 12 9.48 -41.48 -44.39
CA LYS NB 12 10.09 -42.81 -44.35
C LYS NB 12 10.11 -43.37 -42.94
N LYS NB 13 9.08 -44.13 -42.59
CA LYS NB 13 9.08 -44.84 -41.32
C LYS NB 13 9.12 -46.35 -41.56
N VAL NB 14 9.41 -47.09 -40.50
CA VAL NB 14 9.58 -48.53 -40.63
C VAL NB 14 8.23 -49.21 -40.76
N ALA NB 15 8.09 -50.07 -41.77
CA ALA NB 15 6.88 -50.84 -41.94
C ALA NB 15 6.82 -51.97 -40.91
N ARG NB 16 5.60 -52.27 -40.47
CA ARG NB 16 5.38 -53.33 -39.50
C ARG NB 16 5.49 -54.68 -40.17
N LYS NB 17 6.13 -55.63 -39.50
CA LYS NB 17 6.29 -56.96 -40.06
C LYS NB 17 5.02 -57.77 -39.82
N PRO NB 18 4.73 -58.75 -40.67
CA PRO NB 18 3.61 -59.67 -40.38
C PRO NB 18 3.92 -60.50 -39.14
N HIS NB 19 2.86 -60.91 -38.45
CA HIS NB 19 3.01 -61.43 -37.11
C HIS NB 19 1.78 -62.25 -36.73
N ARG NB 20 2.01 -63.38 -36.07
CA ARG NB 20 0.92 -64.16 -35.52
C ARG NB 20 0.48 -63.55 -34.19
N ARG NB 21 -0.68 -63.98 -33.71
CA ARG NB 21 -1.26 -63.38 -32.52
C ARG NB 21 -0.76 -64.07 -31.26
N MET NB 22 -0.55 -63.29 -30.21
CA MET NB 22 -0.16 -63.79 -28.90
C MET NB 22 -0.92 -63.00 -27.85
N THR NB 23 -0.90 -63.49 -26.62
CA THR NB 23 -1.47 -62.73 -25.53
C THR NB 23 -0.57 -61.56 -25.20
N LYS NB 24 -1.17 -60.39 -24.99
CA LYS NB 24 -0.44 -59.14 -24.87
C LYS NB 24 -0.13 -58.87 -23.41
N GLY NB 25 1.16 -58.73 -23.09
CA GLY NB 25 1.55 -58.61 -21.70
C GLY NB 25 1.82 -57.19 -21.27
N CYS NB 26 2.57 -56.44 -22.07
CA CYS NB 26 3.03 -55.11 -21.70
C CYS NB 26 2.06 -54.06 -22.24
N GLN NB 27 1.80 -53.04 -21.43
CA GLN NB 27 0.86 -51.99 -21.77
C GLN NB 27 1.41 -50.66 -21.27
N MET NB 28 0.51 -49.67 -21.18
CA MET NB 28 0.85 -48.34 -20.69
C MET NB 28 1.42 -48.38 -19.28
N GLU NB 29 2.31 -47.43 -18.97
CA GLU NB 29 2.99 -47.21 -17.70
C GLU NB 29 3.88 -48.37 -17.28
N THR NB 30 4.25 -49.27 -18.18
CA THR NB 30 5.12 -50.38 -17.83
C THR NB 30 6.57 -49.91 -17.85
N LEU NB 31 7.38 -50.49 -16.98
CA LEU NB 31 8.80 -50.16 -16.88
C LEU NB 31 9.61 -51.33 -17.42
N LEU NB 32 10.35 -51.09 -18.50
CA LEU NB 32 11.11 -52.13 -19.18
C LEU NB 32 12.60 -51.90 -18.93
N LYS NB 33 13.31 -52.96 -18.61
CA LYS NB 33 14.75 -52.89 -18.44
C LYS NB 33 15.43 -53.03 -19.80
N CYS NB 34 16.39 -52.16 -20.08
CA CYS NB 34 17.01 -52.11 -21.39
C CYS NB 34 18.03 -53.24 -21.56
N ALA NB 35 17.96 -53.92 -22.70
CA ALA NB 35 18.84 -55.05 -23.01
C ALA NB 35 20.00 -54.65 -23.90
N ASP NB 36 20.33 -53.37 -23.96
CA ASP NB 36 21.36 -52.87 -24.85
C ASP NB 36 22.41 -52.10 -24.04
N ASN NB 37 23.53 -51.77 -24.68
CA ASN NB 37 24.53 -50.91 -24.09
C ASN NB 37 24.52 -49.50 -24.67
N SER NB 38 23.37 -48.99 -25.08
CA SER NB 38 23.33 -47.70 -25.75
C SER NB 38 23.42 -46.55 -24.75
N GLY NB 39 23.24 -46.84 -23.48
CA GLY NB 39 23.39 -45.84 -22.45
C GLY NB 39 22.15 -45.56 -21.63
N ALA NB 40 21.05 -46.25 -21.90
CA ALA NB 40 19.81 -46.04 -21.15
C ALA NB 40 19.60 -47.25 -20.24
N LYS NB 41 19.20 -46.99 -19.00
CA LYS NB 41 18.96 -48.09 -18.08
C LYS NB 41 17.48 -48.46 -18.03
N LEU NB 42 16.62 -47.53 -17.64
CA LEU NB 42 15.19 -47.77 -17.54
C LEU NB 42 14.46 -47.12 -18.71
N LEU NB 43 13.29 -47.67 -19.01
CA LEU NB 43 12.45 -47.18 -20.09
C LEU NB 43 11.00 -47.29 -19.63
N LYS NB 44 10.17 -46.34 -20.06
CA LYS NB 44 8.77 -46.27 -19.65
C LYS NB 44 7.87 -46.13 -20.85
N VAL NB 45 6.90 -47.02 -20.98
CA VAL NB 45 6.11 -47.17 -22.21
C VAL NB 45 5.11 -46.04 -22.32
N ILE NB 46 5.07 -45.39 -23.50
CA ILE NB 46 4.17 -44.29 -23.77
C ILE NB 46 3.08 -44.70 -24.76
N GLY NB 47 3.46 -45.27 -25.89
CA GLY NB 47 2.47 -45.63 -26.89
C GLY NB 47 2.95 -46.72 -27.81
N VAL NB 48 1.99 -47.38 -28.43
CA VAL NB 48 2.22 -48.49 -29.35
C VAL NB 48 1.88 -48.01 -30.75
N ARG NB 49 2.62 -48.48 -31.75
CA ARG NB 49 2.47 -47.95 -33.11
C ARG NB 49 1.17 -48.37 -33.76
N GLY NB 50 0.98 -49.66 -33.99
CA GLY NB 50 -0.27 -50.09 -34.58
C GLY NB 50 -1.32 -50.32 -33.52
N TYR NB 51 -2.20 -49.34 -33.31
CA TYR NB 51 -3.20 -49.44 -32.26
C TYR NB 51 -4.55 -49.01 -32.79
N LYS NB 52 -5.58 -49.77 -32.43
CA LYS NB 52 -6.97 -49.50 -32.80
C LYS NB 52 -7.87 -50.31 -31.89
N GLY NB 53 -8.79 -49.65 -31.21
CA GLY NB 53 -9.69 -50.35 -30.30
C GLY NB 53 -10.72 -49.42 -29.70
N ARG NB 54 -11.62 -50.01 -28.90
CA ARG NB 54 -12.73 -49.27 -28.35
C ARG NB 54 -12.29 -48.31 -27.25
N LEU NB 55 -13.28 -47.60 -26.69
CA LEU NB 55 -12.97 -46.51 -25.79
C LEU NB 55 -12.62 -47.03 -24.40
N ASN NB 56 -11.90 -46.16 -23.66
CA ASN NB 56 -11.16 -46.46 -22.42
C ASN NB 56 -10.52 -47.84 -22.39
N ARG NB 57 -9.81 -48.19 -23.48
CA ARG NB 57 -8.98 -49.38 -23.52
C ARG NB 57 -7.54 -48.96 -23.75
N TYR NB 58 -6.65 -49.39 -22.86
CA TYR NB 58 -5.24 -49.04 -22.98
C TYR NB 58 -4.61 -49.79 -24.17
N PRO NB 59 -3.62 -49.18 -24.81
CA PRO NB 59 -2.84 -49.92 -25.80
C PRO NB 59 -1.96 -50.97 -25.14
N ALA NB 60 -1.74 -52.08 -25.85
CA ALA NB 60 -0.92 -53.16 -25.35
C ALA NB 60 -0.07 -53.74 -26.48
N ALA NB 61 1.00 -54.42 -26.11
CA ALA NB 61 1.95 -54.95 -27.08
C ALA NB 61 2.40 -56.35 -26.70
N ALA NB 62 3.00 -57.02 -27.67
CA ALA NB 62 3.55 -58.37 -27.59
C ALA NB 62 5.00 -58.28 -28.03
N PRO NB 63 5.82 -59.30 -27.75
CA PRO NB 63 7.22 -59.24 -28.22
C PRO NB 63 7.34 -59.31 -29.74
N GLY NB 64 8.09 -58.36 -30.29
CA GLY NB 64 8.22 -58.21 -31.71
C GLY NB 64 7.59 -56.96 -32.29
N ASP NB 65 7.02 -56.10 -31.46
CA ASP NB 65 6.32 -54.91 -31.92
C ASP NB 65 7.14 -53.68 -31.60
N ILE NB 66 6.85 -52.58 -32.30
CA ILE NB 66 7.54 -51.32 -32.03
C ILE NB 66 6.77 -50.56 -30.95
N VAL NB 67 7.51 -50.01 -30.00
CA VAL NB 67 6.92 -49.35 -28.84
C VAL NB 67 7.59 -47.99 -28.67
N VAL NB 68 6.79 -46.94 -28.61
CA VAL NB 68 7.28 -45.60 -28.35
C VAL NB 68 7.49 -45.45 -26.86
N VAL NB 69 8.68 -45.00 -26.46
CA VAL NB 69 9.13 -45.14 -25.09
C VAL NB 69 9.93 -43.89 -24.72
N SER NB 70 10.11 -43.68 -23.43
CA SER NB 70 10.91 -42.57 -22.91
C SER NB 70 11.70 -43.05 -21.71
N CYS NB 71 12.98 -42.72 -21.65
CA CYS NB 71 13.86 -43.28 -20.64
C CYS NB 71 13.79 -42.43 -19.37
N LYS NB 72 13.93 -43.09 -18.22
CA LYS NB 72 13.84 -42.38 -16.95
C LYS NB 72 15.20 -42.25 -16.30
N LYS NB 73 16.13 -43.14 -16.61
CA LYS NB 73 17.48 -43.10 -16.08
C LYS NB 73 18.48 -43.41 -17.18
N GLY NB 74 19.69 -42.93 -17.01
CA GLY NB 74 20.75 -43.17 -17.98
C GLY NB 74 21.62 -41.95 -18.14
N LYS NB 75 22.27 -41.86 -19.30
CA LYS NB 75 23.18 -40.76 -19.58
C LYS NB 75 22.39 -39.46 -19.78
N PRO NB 76 22.99 -38.31 -19.42
CA PRO NB 76 22.19 -37.07 -19.39
C PRO NB 76 21.81 -36.53 -20.77
N ASP NB 77 22.43 -37.02 -21.84
CA ASP NB 77 22.00 -36.58 -23.17
C ASP NB 77 20.75 -37.34 -23.61
N LEU NB 78 20.56 -38.54 -23.07
CA LEU NB 78 19.43 -39.36 -23.50
C LEU NB 78 18.19 -39.08 -22.68
N ARG NB 79 18.35 -38.52 -21.49
CA ARG NB 79 17.25 -38.47 -20.54
C ARG NB 79 16.25 -37.37 -20.93
N LYS NB 80 15.00 -37.58 -20.51
CA LYS NB 80 13.87 -36.69 -20.77
C LYS NB 80 13.66 -36.47 -22.27
N LYS NB 81 13.63 -37.55 -23.04
CA LYS NB 81 13.42 -37.48 -24.47
C LYS NB 81 12.61 -38.70 -24.92
N VAL NB 82 12.21 -38.69 -26.18
CA VAL NB 82 11.32 -39.71 -26.73
C VAL NB 82 12.07 -40.52 -27.77
N HIS NB 83 12.05 -41.85 -27.62
CA HIS NB 83 12.75 -42.76 -28.52
C HIS NB 83 11.86 -43.95 -28.87
N TYR NB 84 12.28 -44.70 -29.88
CA TYR NB 84 11.58 -45.90 -30.30
C TYR NB 84 12.33 -47.15 -29.82
N ALA NB 85 11.61 -48.27 -29.71
CA ALA NB 85 12.21 -49.49 -29.19
C ALA NB 85 11.48 -50.70 -29.72
N ILE NB 86 12.03 -51.88 -29.42
CA ILE NB 86 11.49 -53.16 -29.85
C ILE NB 86 11.44 -54.10 -28.66
N LEU NB 87 10.27 -54.66 -28.37
CA LEU NB 87 10.16 -55.67 -27.33
C LEU NB 87 10.86 -56.95 -27.73
N VAL NB 88 11.52 -57.59 -26.78
CA VAL NB 88 12.16 -58.88 -27.03
C VAL NB 88 11.65 -59.95 -26.08
N ARG NB 89 11.44 -59.61 -24.80
CA ARG NB 89 11.12 -60.60 -23.79
C ARG NB 89 9.87 -60.19 -23.03
N GLN NB 90 9.18 -61.18 -22.46
CA GLN NB 90 7.89 -61.00 -21.82
C GLN NB 90 7.74 -62.00 -20.68
N LYS NB 91 7.00 -61.64 -19.64
CA LYS NB 91 6.86 -62.54 -18.50
C LYS NB 91 5.61 -63.39 -18.57
N LYS NB 92 4.55 -62.88 -19.20
CA LYS NB 92 3.32 -63.65 -19.40
C LYS NB 92 3.58 -64.79 -20.38
N VAL NB 93 2.94 -65.94 -20.12
CA VAL NB 93 3.13 -67.14 -20.91
C VAL NB 93 2.13 -67.14 -22.07
N TRP NB 94 2.59 -67.53 -23.25
CA TRP NB 94 1.76 -67.52 -24.44
C TRP NB 94 1.81 -68.86 -25.15
N ARG NB 95 0.69 -69.25 -25.74
CA ARG NB 95 0.56 -70.52 -26.42
C ARG NB 95 1.09 -70.41 -27.85
N ARG NB 96 1.90 -71.39 -28.24
CA ARG NB 96 2.47 -71.44 -29.57
C ARG NB 96 1.57 -72.24 -30.48
N GLU NB 97 2.01 -72.43 -31.73
CA GLU NB 97 1.20 -73.18 -32.68
C GLU NB 97 1.18 -74.67 -32.37
N ASP NB 98 2.30 -75.22 -31.93
CA ASP NB 98 2.36 -76.65 -31.67
C ASP NB 98 1.64 -77.01 -30.38
N GLY NB 99 1.57 -76.08 -29.43
CA GLY NB 99 0.87 -76.30 -28.19
C GLY NB 99 1.69 -76.04 -26.94
N THR NB 100 2.99 -75.78 -27.06
CA THR NB 100 3.80 -75.53 -25.87
C THR NB 100 3.60 -74.10 -25.38
N HIS NB 101 4.07 -73.85 -24.16
CA HIS NB 101 3.93 -72.55 -23.52
C HIS NB 101 5.29 -72.08 -23.04
N ILE NB 102 5.62 -70.81 -23.30
CA ILE NB 102 6.92 -70.25 -22.97
C ILE NB 102 6.74 -68.94 -22.24
N GLY NB 103 7.48 -68.78 -21.15
CA GLY NB 103 7.63 -67.47 -20.53
C GLY NB 103 9.09 -67.10 -20.50
N PHE NB 104 9.41 -66.02 -19.78
CA PHE NB 104 10.77 -65.60 -19.56
C PHE NB 104 10.93 -65.09 -18.14
N GLU NB 105 12.01 -64.36 -17.89
CA GLU NB 105 12.23 -63.80 -16.56
C GLU NB 105 11.68 -62.39 -16.46
N ASP NB 106 11.96 -61.54 -17.44
CA ASP NB 106 11.70 -60.11 -17.32
C ASP NB 106 11.18 -59.55 -18.62
N ASN NB 107 10.78 -58.29 -18.56
CA ASN NB 107 10.39 -57.54 -19.75
C ASN NB 107 11.58 -56.71 -20.20
N ALA NB 108 11.87 -56.74 -21.49
CA ALA NB 108 13.07 -56.12 -22.01
C ALA NB 108 12.81 -55.49 -23.37
N ALA NB 109 13.62 -54.48 -23.69
CA ALA NB 109 13.47 -53.74 -24.95
C ALA NB 109 14.86 -53.45 -25.51
N VAL NB 110 14.89 -53.05 -26.78
CA VAL NB 110 16.12 -52.74 -27.50
C VAL NB 110 15.93 -51.43 -28.25
N LEU NB 111 16.80 -50.46 -28.00
CA LEU NB 111 16.66 -49.13 -28.58
C LEU NB 111 16.93 -49.17 -30.08
N ILE NB 112 16.25 -48.29 -30.81
CA ILE NB 112 16.31 -48.28 -32.27
C ILE NB 112 16.14 -46.86 -32.76
N THR NB 113 16.72 -46.56 -33.92
CA THR NB 113 16.49 -45.29 -34.57
C THR NB 113 15.27 -45.39 -35.48
N ALA NB 114 14.90 -44.25 -36.07
CA ALA NB 114 13.63 -44.18 -36.80
C ALA NB 114 13.71 -44.87 -38.15
N LYS NB 115 14.93 -45.03 -38.69
CA LYS NB 115 15.06 -45.65 -40.00
C LYS NB 115 14.97 -47.17 -39.91
N GLY NB 116 15.32 -47.73 -38.76
CA GLY NB 116 15.19 -49.17 -38.57
C GLY NB 116 16.42 -49.82 -38.00
N ASP NB 117 17.53 -49.09 -37.95
CA ASP NB 117 18.76 -49.65 -37.42
C ASP NB 117 18.92 -49.32 -35.94
N MET NB 118 19.63 -50.19 -35.24
CA MET NB 118 19.79 -50.07 -33.80
C MET NB 118 21.02 -49.23 -33.49
N ARG NB 119 21.11 -48.72 -32.26
CA ARG NB 119 22.24 -47.87 -31.89
C ARG NB 119 23.39 -48.67 -31.31
N GLY NB 120 23.11 -49.52 -30.33
CA GLY NB 120 24.18 -50.19 -29.60
C GLY NB 120 24.77 -51.33 -30.42
N GLY NB 121 25.79 -51.97 -29.85
CA GLY NB 121 26.46 -53.06 -30.57
C GLY NB 121 25.92 -54.43 -30.20
N GLN NB 122 25.84 -54.73 -28.91
CA GLN NB 122 25.52 -56.07 -28.44
C GLN NB 122 24.20 -56.08 -27.70
N ILE NB 123 23.66 -57.29 -27.53
CA ILE NB 123 22.39 -57.53 -26.85
C ILE NB 123 22.64 -58.58 -25.78
N SER NB 124 22.11 -58.34 -24.58
CA SER NB 124 22.30 -59.25 -23.45
C SER NB 124 21.05 -60.09 -23.24
N GLY NB 125 21.24 -61.39 -23.01
CA GLY NB 125 20.15 -62.30 -22.75
C GLY NB 125 19.74 -63.12 -23.96
N SER NB 126 18.67 -63.88 -23.80
CA SER NB 126 18.20 -64.74 -24.88
C SER NB 126 17.04 -64.09 -25.62
N LEU NB 127 16.66 -64.72 -26.73
CA LEU NB 127 15.60 -64.24 -27.61
C LEU NB 127 14.67 -65.38 -28.01
N PRO NB 128 13.40 -65.11 -28.24
CA PRO NB 128 12.51 -66.17 -28.75
C PRO NB 128 12.72 -66.39 -30.24
N LYS NB 129 12.06 -67.43 -30.74
CA LYS NB 129 12.13 -67.72 -32.18
C LYS NB 129 11.21 -66.81 -32.97
N GLU NB 130 10.22 -66.21 -32.31
CA GLU NB 130 9.29 -65.34 -33.02
C GLU NB 130 9.93 -64.00 -33.36
N VAL NB 131 10.74 -63.46 -32.45
CA VAL NB 131 11.38 -62.17 -32.69
C VAL NB 131 12.51 -62.32 -33.69
N ALA NB 132 13.29 -63.39 -33.57
CA ALA NB 132 14.53 -63.51 -34.34
C ALA NB 132 14.29 -63.92 -35.79
N GLU NB 133 13.02 -64.06 -36.18
CA GLU NB 133 12.73 -64.33 -37.59
C GLU NB 133 12.24 -63.08 -38.31
N CYS NB 134 11.50 -62.22 -37.61
CA CYS NB 134 11.03 -60.98 -38.24
C CYS NB 134 12.16 -59.98 -38.40
N TRP NB 135 13.08 -59.95 -37.45
CA TRP NB 135 14.23 -59.03 -37.50
C TRP NB 135 15.50 -59.82 -37.72
N PRO NB 136 16.01 -59.91 -38.95
CA PRO NB 136 17.15 -60.80 -39.20
C PRO NB 136 18.47 -60.26 -38.69
N LYS NB 137 18.68 -58.95 -38.75
CA LYS NB 137 19.97 -58.38 -38.38
C LYS NB 137 20.14 -58.36 -36.86
N ILE NB 138 19.04 -58.39 -36.13
CA ILE NB 138 19.10 -58.58 -34.68
C ILE NB 138 19.51 -60.01 -34.35
N SER NB 139 19.13 -60.97 -35.21
CA SER NB 139 19.27 -62.38 -34.89
C SER NB 139 20.72 -62.83 -34.93
N ASN NB 140 21.50 -62.33 -35.88
CA ASN NB 140 22.87 -62.78 -36.09
C ASN NB 140 23.75 -62.16 -35.01
N SER NB 141 23.70 -62.73 -33.82
CA SER NB 141 24.49 -62.26 -32.69
C SER NB 141 24.96 -63.48 -31.91
N GLY NB 142 25.79 -63.23 -30.90
CA GLY NB 142 26.42 -64.34 -30.19
C GLY NB 142 25.51 -65.05 -29.22
N ASN NB 143 24.42 -64.38 -28.81
CA ASN NB 143 23.59 -64.92 -27.75
C ASN NB 143 22.68 -66.03 -28.26
N SER NB 144 22.03 -66.73 -27.33
CA SER NB 144 21.28 -67.93 -27.66
C SER NB 144 19.85 -67.58 -28.05
N ILE NB 145 19.43 -68.08 -29.20
CA ILE NB 145 18.07 -67.89 -29.72
C ILE NB 145 17.22 -69.07 -29.27
N ASN NB 146 16.21 -68.79 -28.47
CA ASN NB 146 15.37 -69.85 -27.92
C ASN NB 146 13.91 -69.42 -27.88
N PHE OB 2 108.10 2.73 4.24
CA PHE OB 2 106.98 2.83 5.16
C PHE OB 2 107.42 2.70 6.60
N GLU OB 3 107.61 3.82 7.27
CA GLU OB 3 107.94 3.85 8.68
C GLU OB 3 106.86 4.60 9.43
N ARG OB 4 106.73 4.29 10.72
CA ARG OB 4 105.69 4.88 11.55
C ARG OB 4 106.29 5.30 12.89
N ARG OB 5 105.89 6.47 13.37
CA ARG OB 5 106.33 6.94 14.67
C ARG OB 5 105.48 6.32 15.76
N ILE OB 6 106.11 5.94 16.87
CA ILE OB 6 105.44 5.29 17.98
C ILE OB 6 105.37 6.28 19.13
N CYS OB 7 104.15 6.50 19.65
CA CYS OB 7 103.98 7.38 20.79
C CYS OB 7 104.62 6.78 22.03
N SER OB 8 105.25 7.63 22.84
CA SER OB 8 105.97 7.14 24.00
C SER OB 8 105.04 6.97 25.19
N PHE OB 9 103.80 7.46 25.09
CA PHE OB 9 102.91 7.43 26.24
C PHE OB 9 101.98 6.21 26.19
N THR OB 10 101.32 5.98 25.06
CA THR OB 10 100.39 4.86 24.94
C THR OB 10 100.97 3.69 24.16
N LYS OB 11 102.18 3.84 23.63
CA LYS OB 11 102.96 2.77 22.98
C LYS OB 11 102.22 2.19 21.77
N ARG OB 12 101.77 3.07 20.89
CA ARG OB 12 101.05 2.72 19.69
C ARG OB 12 101.62 3.53 18.54
N PRO OB 13 101.51 3.03 17.31
CA PRO OB 13 101.96 3.82 16.16
C PRO OB 13 101.04 4.98 15.87
N ILE OB 14 101.59 6.03 15.26
CA ILE OB 14 100.90 7.28 15.02
C ILE OB 14 100.67 7.41 13.53
N ALA OB 15 99.45 7.80 13.14
CA ALA OB 15 99.05 7.83 11.75
C ALA OB 15 99.72 8.98 11.00
N SER OB 16 99.59 8.94 9.67
CA SER OB 16 100.16 10.00 8.84
C SER OB 16 99.32 11.25 8.89
N SER OB 17 98.00 11.11 8.87
CA SER OB 17 97.11 12.26 8.87
C SER OB 17 96.70 12.70 10.27
N ASP OB 18 97.48 12.38 11.29
CA ASP OB 18 97.16 12.80 12.65
C ASP OB 18 97.41 14.30 12.77
N LYS OB 19 96.34 15.06 12.98
CA LYS OB 19 96.42 16.51 12.98
C LYS OB 19 96.82 17.08 14.32
N SER OB 20 96.83 16.27 15.37
CA SER OB 20 97.13 16.76 16.70
C SER OB 20 98.43 16.22 17.27
N SER OB 21 99.14 15.38 16.53
CA SER OB 21 100.38 14.79 17.03
C SER OB 21 101.50 15.81 17.01
N VAL OB 22 102.06 16.11 18.17
CA VAL OB 22 103.12 17.09 18.30
C VAL OB 22 104.31 16.42 18.96
N GLN OB 23 105.52 16.79 18.52
CA GLN OB 23 106.77 16.32 19.11
C GLN OB 23 107.26 17.37 20.09
N ILE OB 24 107.21 17.05 21.38
CA ILE OB 24 107.55 18.02 22.41
C ILE OB 24 109.07 18.04 22.59
N THR OB 25 109.67 19.21 22.48
CA THR OB 25 111.11 19.37 22.48
C THR OB 25 111.56 19.99 23.80
N LEU OB 26 112.46 19.31 24.50
CA LEU OB 26 113.03 19.80 25.74
C LEU OB 26 114.54 19.85 25.64
N ALA OB 27 115.13 20.96 26.08
CA ALA OB 27 116.58 21.03 26.16
C ALA OB 27 117.05 20.42 27.48
N ASP OB 28 118.24 19.81 27.45
CA ASP OB 28 118.79 19.23 28.66
C ASP OB 28 119.57 20.27 29.45
N ILE OB 29 119.25 20.39 30.73
CA ILE OB 29 119.83 21.39 31.60
C ILE OB 29 120.57 20.68 32.72
N ASP OB 30 121.83 21.07 32.94
CA ASP OB 30 122.64 20.47 33.99
C ASP OB 30 122.28 21.04 35.36
N GLU OB 31 123.10 20.70 36.34
CA GLU OB 31 122.93 21.24 37.68
C GLU OB 31 123.33 22.72 37.70
N ASN OB 32 122.74 23.46 38.64
CA ASN OB 32 122.84 24.91 38.91
C ASN OB 32 122.21 25.78 37.81
N GLY OB 33 121.77 25.19 36.71
CA GLY OB 33 121.08 25.90 35.67
C GLY OB 33 122.06 26.58 34.73
N ARG OB 34 122.00 26.17 33.47
CA ARG OB 34 122.87 26.65 32.40
C ARG OB 34 122.16 26.43 31.07
N LEU OB 35 122.90 26.50 29.98
CA LEU OB 35 122.43 25.99 28.70
C LEU OB 35 123.38 24.91 28.23
N LEU OB 36 122.78 23.85 27.67
CA LEU OB 36 123.52 22.82 26.97
C LEU OB 36 122.90 22.66 25.59
N ASN OB 37 123.73 22.35 24.60
CA ASN OB 37 123.28 22.33 23.20
C ASN OB 37 122.81 20.93 22.81
N THR OB 38 121.94 20.37 23.64
CA THR OB 38 121.37 19.04 23.41
C THR OB 38 119.87 19.12 23.59
N ILE OB 39 119.14 18.44 22.71
CA ILE OB 39 117.69 18.44 22.69
C ILE OB 39 117.19 17.02 22.84
N SER OB 40 116.29 16.81 23.79
CA SER OB 40 115.63 15.53 23.99
C SER OB 40 114.15 15.69 23.67
N THR OB 41 113.58 14.74 22.94
CA THR OB 41 112.23 14.87 22.41
C THR OB 41 111.35 13.76 22.94
N TYR OB 42 110.04 13.99 22.94
CA TYR OB 42 109.03 12.98 23.19
C TYR OB 42 107.91 13.15 22.18
N ASP OB 43 107.12 12.09 21.99
CA ASP OB 43 106.01 12.15 21.07
C ASP OB 43 104.70 11.79 21.78
N VAL OB 44 103.61 12.40 21.33
CA VAL OB 44 102.29 12.18 21.91
C VAL OB 44 101.32 11.80 20.82
N CYS OB 45 100.19 11.22 21.22
CA CYS OB 45 99.14 10.88 20.27
C CYS OB 45 98.06 11.96 20.27
N GLY OB 46 97.20 11.90 19.25
CA GLY OB 46 96.21 12.95 19.08
C GLY OB 46 95.02 12.80 20.02
N VAL OB 47 94.73 11.58 20.46
CA VAL OB 47 93.54 11.35 21.26
C VAL OB 47 93.81 11.68 22.73
N VAL OB 48 95.06 11.54 23.16
CA VAL OB 48 95.38 11.74 24.58
C VAL OB 48 95.38 13.22 24.94
N ARG OB 49 95.64 14.10 23.96
CA ARG OB 49 95.67 15.52 24.25
C ARG OB 49 94.26 16.08 24.38
N ARG OB 50 93.32 15.55 23.61
CA ARG OB 50 91.97 16.09 23.58
C ARG OB 50 91.25 15.88 24.89
N ASN OB 51 91.52 14.76 25.57
CA ASN OB 51 90.86 14.49 26.83
C ASN OB 51 91.42 15.32 27.97
N GLY OB 52 92.65 15.80 27.85
CA GLY OB 52 93.28 16.54 28.91
C GLY OB 52 94.18 15.73 29.81
N LEU OB 53 94.55 14.52 29.40
CA LEU OB 53 95.43 13.66 30.18
C LEU OB 53 96.90 13.98 29.96
N SER OB 54 97.21 14.88 29.01
CA SER OB 54 98.59 15.04 28.55
C SER OB 54 99.46 15.73 29.58
N ASP OB 55 98.86 16.47 30.51
CA ASP OB 55 99.67 17.19 31.49
C ASP OB 55 100.17 16.27 32.59
N GLY OB 56 99.31 15.37 33.08
CA GLY OB 56 99.68 14.55 34.21
C GLY OB 56 100.70 13.49 33.85
N TYR OB 57 100.75 13.12 32.57
CA TYR OB 57 101.77 12.17 32.12
C TYR OB 57 103.14 12.82 32.13
N LEU OB 58 103.21 14.13 31.84
CA LEU OB 58 104.50 14.76 31.63
C LEU OB 58 105.19 15.09 32.95
N THR OB 59 104.41 15.41 33.98
CA THR OB 59 105.00 15.67 35.30
C THR OB 59 105.60 14.40 35.88
N ASP OB 60 104.91 13.28 35.73
CA ASP OB 60 105.40 12.02 36.27
C ASP OB 60 106.50 11.45 35.39
N LYS OB 61 106.62 11.94 34.16
CA LYS OB 61 107.68 11.47 33.28
C LYS OB 61 109.02 12.08 33.68
N ILE OB 62 109.03 13.33 34.10
CA ILE OB 62 110.28 14.04 34.36
C ILE OB 62 110.65 14.02 35.84
N PHE OB 63 109.82 14.60 36.69
CA PHE OB 63 110.17 14.69 38.10
C PHE OB 63 109.93 13.36 38.82
N GLY OB 64 109.04 12.54 38.30
CA GLY OB 64 108.75 11.25 38.89
C GLY OB 64 107.31 11.06 39.28
N MET PB 1 2.86 -89.00 -28.45
CA MET PB 1 4.12 -88.31 -28.31
C MET PB 1 4.32 -87.83 -26.87
N ILE PB 2 5.56 -87.91 -26.42
CA ILE PB 2 5.95 -87.35 -25.14
C ILE PB 2 6.52 -85.95 -25.36
N ASP PB 3 6.09 -85.01 -24.54
CA ASP PB 3 6.60 -83.65 -24.59
C ASP PB 3 7.97 -83.50 -23.96
N GLY PB 4 8.32 -84.36 -23.00
CA GLY PB 4 9.58 -84.24 -22.30
C GLY PB 4 9.53 -84.76 -20.87
N ILE PB 5 10.66 -84.70 -20.18
CA ILE PB 5 10.77 -85.23 -18.81
C ILE PB 5 10.93 -84.05 -17.87
N SER PB 6 10.09 -84.00 -16.84
CA SER PB 6 10.09 -82.86 -15.94
C SER PB 6 11.31 -82.89 -15.03
N ILE PB 7 11.78 -81.71 -14.66
CA ILE PB 7 12.99 -81.61 -13.83
C ILE PB 7 12.69 -82.03 -12.40
N TYR PB 8 11.56 -81.60 -11.86
CA TYR PB 8 11.28 -81.76 -10.44
C TYR PB 8 10.98 -83.20 -10.07
N SER PB 9 9.91 -83.77 -10.62
CA SER PB 9 9.47 -85.10 -10.24
C SER PB 9 10.12 -86.22 -11.02
N GLY PB 10 10.75 -85.92 -12.15
CA GLY PB 10 11.41 -86.94 -12.94
C GLY PB 10 10.51 -87.76 -13.82
N ARG PB 11 9.20 -87.56 -13.78
CA ARG PB 11 8.27 -88.33 -14.58
C ARG PB 11 8.17 -87.77 -15.99
N ALA PB 12 7.45 -88.49 -16.84
CA ALA PB 12 7.18 -88.00 -18.18
C ALA PB 12 6.00 -87.04 -18.16
N ILE PB 13 5.77 -86.39 -19.31
CA ILE PB 13 4.77 -85.33 -19.43
C ILE PB 13 4.02 -85.56 -20.74
N PRO PB 14 2.69 -85.59 -20.73
CA PRO PB 14 1.93 -85.73 -21.98
C PRO PB 14 2.01 -84.48 -22.83
N LYS PB 15 1.82 -84.66 -24.13
CA LYS PB 15 2.08 -83.59 -25.09
C LYS PB 15 1.01 -82.51 -25.04
N GLY PB 16 1.43 -81.28 -24.76
CA GLY PB 16 0.53 -80.16 -24.71
C GLY PB 16 0.11 -79.74 -23.32
N SER PB 17 0.89 -80.06 -22.29
CA SER PB 17 0.54 -79.72 -20.92
C SER PB 17 1.75 -79.26 -20.10
N SER PB 18 2.82 -78.86 -20.75
CA SER PB 18 4.03 -78.45 -20.07
C SER PB 18 4.29 -76.97 -20.33
N THR PB 19 4.82 -76.28 -19.31
CA THR PB 19 5.22 -74.89 -19.43
C THR PB 19 6.71 -74.77 -19.18
N VAL PB 20 7.36 -73.90 -19.95
CA VAL PB 20 8.81 -73.70 -19.90
C VAL PB 20 9.06 -72.30 -19.36
N ARG PB 21 10.10 -72.16 -18.56
CA ARG PB 21 10.56 -70.86 -18.09
C ARG PB 21 12.04 -70.75 -18.41
N ILE PB 22 12.41 -69.74 -19.18
CA ILE PB 22 13.77 -69.56 -19.66
C ILE PB 22 14.45 -68.48 -18.86
N THR PB 23 15.62 -68.79 -18.29
CA THR PB 23 16.37 -67.82 -17.51
C THR PB 23 17.34 -67.05 -18.41
N ASN PB 24 18.20 -66.26 -17.76
CA ASN PB 24 19.15 -65.46 -18.53
C ASN PB 24 20.41 -66.24 -18.88
N ASP PB 25 20.59 -67.41 -18.28
CA ASP PB 25 21.73 -68.24 -18.62
C ASP PB 25 21.43 -69.17 -19.78
N GLY PB 26 20.18 -69.19 -20.26
CA GLY PB 26 19.78 -70.08 -21.32
C GLY PB 26 19.19 -71.39 -20.84
N LYS PB 27 19.19 -71.64 -19.54
CA LYS PB 27 18.68 -72.90 -19.02
C LYS PB 27 17.16 -72.88 -18.95
N GLN PB 28 16.56 -74.06 -19.06
CA GLN PB 28 15.11 -74.21 -19.10
C GLN PB 28 14.63 -75.02 -17.91
N GLN PB 29 13.40 -74.76 -17.49
CA GLN PB 29 12.74 -75.55 -16.45
C GLN PB 29 11.42 -76.08 -17.01
N LEU PB 30 11.20 -77.38 -16.89
CA LEU PB 30 9.95 -78.00 -17.30
C LEU PB 30 9.17 -78.38 -16.05
N THR PB 31 7.92 -77.97 -15.97
CA THR PB 31 7.05 -78.28 -14.85
C THR PB 31 5.70 -78.76 -15.39
N ALA PB 32 5.19 -79.83 -14.80
CA ALA PB 32 3.99 -80.46 -15.33
C ALA PB 32 2.74 -79.65 -14.98
N ASN PB 33 2.67 -79.13 -13.76
CA ASN PB 33 1.47 -78.46 -13.29
C ASN PB 33 1.83 -77.53 -12.15
N LYS PB 34 0.80 -77.00 -11.48
CA LYS PB 34 0.99 -76.04 -10.40
C LYS PB 34 1.56 -76.69 -9.16
N LYS PB 35 1.34 -78.00 -9.00
CA LYS PB 35 1.82 -78.70 -7.81
C LYS PB 35 3.35 -78.76 -7.79
N GLU PB 36 3.97 -78.85 -8.96
CA GLU PB 36 5.43 -78.87 -9.00
C GLU PB 36 6.00 -77.47 -8.89
N ARG PB 37 5.29 -76.45 -9.39
CA ARG PB 37 5.83 -75.10 -9.39
C ARG PB 37 5.79 -74.50 -7.99
N SER PB 38 4.82 -74.89 -7.18
CA SER PB 38 4.68 -74.28 -5.85
C SER PB 38 5.74 -74.80 -4.89
N LEU PB 39 6.18 -76.04 -5.08
CA LEU PB 39 7.23 -76.58 -4.22
C LEU PB 39 8.58 -76.01 -4.59
N ILE PB 40 8.72 -75.55 -5.83
CA ILE PB 40 9.96 -74.92 -6.25
C ILE PB 40 10.12 -73.56 -5.58
N SER PB 41 9.06 -72.75 -5.61
CA SER PB 41 9.12 -71.40 -5.06
C SER PB 41 9.14 -71.38 -3.54
N ARG PB 42 8.85 -72.50 -2.88
CA ARG PB 42 9.00 -72.61 -1.45
C ARG PB 42 10.36 -73.17 -1.05
N LYS PB 43 11.23 -73.45 -2.04
CA LYS PB 43 12.61 -73.91 -1.84
C LYS PB 43 12.67 -75.22 -1.05
N ILE PB 44 12.07 -76.25 -1.60
CA ILE PB 44 12.02 -77.57 -0.97
C ILE PB 44 12.69 -78.56 -1.88
N ASN PB 45 13.68 -79.28 -1.35
CA ASN PB 45 14.41 -80.27 -2.13
C ASN PB 45 13.47 -81.40 -2.54
N PRO PB 46 13.57 -81.91 -3.77
CA PRO PB 46 12.64 -82.96 -4.19
C PRO PB 46 12.91 -84.32 -3.57
N LYS PB 47 14.03 -84.49 -2.88
CA LYS PB 47 14.34 -85.79 -2.32
C LYS PB 47 13.52 -86.07 -1.07
N LEU PB 48 12.94 -85.05 -0.47
CA LEU PB 48 12.09 -85.28 0.69
C LEU PB 48 10.72 -85.79 0.28
N VAL PB 49 10.19 -85.29 -0.83
CA VAL PB 49 8.83 -85.60 -1.24
C VAL PB 49 8.77 -87.02 -1.79
N LYS PB 50 7.93 -87.84 -1.17
CA LYS PB 50 8.12 -89.29 -1.26
C LYS PB 50 7.57 -89.87 -2.55
N TRP PB 51 6.68 -89.15 -3.24
CA TRP PB 51 6.17 -89.71 -4.49
C TRP PB 51 7.05 -89.35 -5.67
N THR PB 52 8.10 -88.59 -5.45
CA THR PB 52 8.99 -88.21 -6.55
C THR PB 52 9.90 -89.37 -6.90
N ILE PB 53 10.40 -89.34 -8.13
CA ILE PB 53 11.36 -90.36 -8.57
C ILE PB 53 12.74 -90.21 -7.92
N PRO PB 54 13.35 -89.01 -7.79
CA PRO PB 54 14.66 -88.98 -7.11
C PRO PB 54 14.62 -89.26 -5.61
N SER PB 55 13.43 -89.41 -5.01
CA SER PB 55 13.38 -89.92 -3.65
C SER PB 55 13.32 -91.44 -3.63
N ARG PB 56 13.00 -92.04 -4.78
CA ARG PB 56 12.95 -93.49 -4.84
C ARG PB 56 14.34 -94.09 -4.97
N VAL PB 57 15.32 -93.28 -5.38
CA VAL PB 57 16.67 -93.80 -5.53
C VAL PB 57 17.38 -93.81 -4.18
N VAL PB 58 17.02 -92.86 -3.31
CA VAL PB 58 17.63 -92.75 -1.99
C VAL PB 58 17.23 -93.93 -1.11
N ARG PB 59 15.95 -94.28 -1.11
CA ARG PB 59 15.45 -95.42 -0.38
C ARG PB 59 15.60 -96.74 -1.13
N LYS PB 60 16.42 -96.77 -2.18
CA LYS PB 60 16.83 -97.95 -2.94
C LYS PB 60 15.68 -98.72 -3.56
N LYS PB 61 14.65 -98.02 -4.03
CA LYS PB 61 13.55 -98.74 -4.67
C LYS PB 61 13.73 -98.79 -6.18
N HIS PB 62 14.47 -97.84 -6.75
CA HIS PB 62 14.48 -97.60 -8.19
C HIS PB 62 15.89 -97.78 -8.75
N GLU PB 63 15.95 -98.19 -10.01
CA GLU PB 63 17.20 -98.27 -10.76
C GLU PB 63 17.18 -97.24 -11.88
N LEU PB 64 18.26 -96.47 -12.00
CA LEU PB 64 18.27 -95.32 -12.89
C LEU PB 64 18.38 -95.74 -14.35
N PHE PB 65 19.49 -96.38 -14.72
CA PHE PB 65 19.73 -96.78 -16.10
C PHE PB 65 20.00 -98.27 -16.13
N THR PB 66 18.98 -99.04 -16.51
CA THR PB 66 19.08 -100.48 -16.57
C THR PB 66 19.33 -100.91 -18.02
N SER PB 67 19.81 -102.13 -18.19
CA SER PB 67 20.03 -102.66 -19.53
C SER PB 67 18.74 -103.25 -20.07
N SER PB 68 18.84 -103.82 -21.27
CA SER PB 68 17.72 -104.47 -21.93
C SER PB 68 17.53 -105.88 -21.39
N GLN PB 69 16.74 -106.69 -22.10
CA GLN PB 69 16.65 -108.11 -21.77
C GLN PB 69 17.93 -108.85 -22.14
N LYS PB 70 18.75 -108.26 -23.01
CA LYS PB 70 20.01 -108.87 -23.39
C LYS PB 70 21.00 -108.88 -22.23
N ASN PB 71 21.61 -110.04 -22.01
CA ASN PB 71 22.72 -110.20 -21.09
C ASN PB 71 24.02 -110.17 -21.88
N ILE PB 72 25.13 -109.97 -21.17
CA ILE PB 72 26.44 -109.94 -21.81
C ILE PB 72 26.84 -111.37 -22.13
N PRO PB 73 27.39 -111.56 -23.32
CA PRO PB 73 27.95 -112.85 -23.69
C PRO PB 73 29.47 -112.78 -23.75
N ARG PB 74 30.10 -113.94 -23.85
CA ARG PB 74 31.54 -113.98 -24.04
C ARG PB 74 31.86 -113.63 -25.49
N PRO PB 75 32.91 -112.84 -25.67
CA PRO PB 75 33.38 -112.53 -27.01
C PRO PB 75 34.04 -113.75 -27.63
N ALA PB 76 34.03 -113.80 -28.95
CA ALA PB 76 34.42 -115.01 -29.68
C ALA PB 76 35.93 -115.24 -29.60
N ARG PB 77 36.33 -116.45 -30.00
CA ARG PB 77 37.74 -116.83 -29.96
C ARG PB 77 38.51 -116.22 -31.11
N ILE PB 78 39.83 -116.24 -30.99
CA ILE PB 78 40.71 -115.57 -31.94
C ILE PB 78 41.20 -116.56 -33.00
N GLU PB 79 40.83 -116.30 -34.25
CA GLU PB 79 41.27 -117.09 -35.40
C GLU PB 79 41.86 -116.14 -36.42
N ARG PB 80 43.16 -116.25 -36.65
CA ARG PB 80 43.88 -115.23 -37.40
C ARG PB 80 44.71 -115.88 -38.49
N GLY PB 81 44.94 -115.12 -39.56
CA GLY PB 81 45.84 -115.48 -40.64
C GLY PB 81 47.29 -115.23 -40.24
N PHE PB 82 48.18 -115.24 -41.24
CA PHE PB 82 49.61 -115.13 -40.99
C PHE PB 82 49.96 -113.75 -40.44
N ARG PB 83 51.03 -113.71 -39.62
CA ARG PB 83 51.35 -112.50 -38.87
C ARG PB 83 52.07 -111.47 -39.74
N ASN PB 84 52.70 -111.91 -40.82
CA ASN PB 84 53.34 -110.98 -41.73
C ASN PB 84 52.37 -110.56 -42.82
N ILE PB 85 52.89 -109.78 -43.78
CA ILE PB 85 52.08 -109.35 -44.91
C ILE PB 85 51.72 -110.53 -45.82
N SER PB 86 52.71 -111.33 -46.19
CA SER PB 86 52.51 -112.49 -47.06
C SER PB 86 53.39 -113.64 -46.56
N ALA PB 87 52.77 -114.58 -45.85
CA ALA PB 87 53.47 -115.75 -45.36
C ALA PB 87 52.48 -116.89 -45.20
N ASP PB 88 53.00 -118.12 -45.11
CA ASP PB 88 52.19 -119.31 -44.90
C ASP PB 88 52.88 -120.27 -43.93
N LEU PB 89 53.75 -119.73 -43.08
CA LEU PB 89 54.57 -120.53 -42.18
C LEU PB 89 54.15 -120.26 -40.74
N LEU PB 90 53.62 -121.28 -40.08
CA LEU PB 90 53.27 -121.17 -38.67
C LEU PB 90 54.48 -121.47 -37.79
N MET QB 1 78.76 -20.06 28.56
CA MET QB 1 79.99 -19.33 28.81
C MET QB 1 79.71 -17.86 29.11
N LYS QB 2 78.95 -17.61 30.18
CA LYS QB 2 78.62 -16.24 30.55
C LYS QB 2 79.87 -15.52 31.07
N GLN QB 3 80.75 -16.25 31.75
CA GLN QB 3 81.90 -15.61 32.36
C GLN QB 3 82.98 -15.28 31.34
N LEU QB 4 83.09 -16.09 30.29
CA LEU QB 4 84.15 -15.86 29.31
C LEU QB 4 83.85 -14.66 28.43
N SER QB 5 82.59 -14.50 28.02
CA SER QB 5 82.24 -13.36 27.18
C SER QB 5 82.22 -12.06 27.98
N ASN QB 6 81.91 -12.15 29.27
CA ASN QB 6 81.95 -10.95 30.12
C ASN QB 6 83.38 -10.48 30.34
N LEU QB 7 84.34 -11.39 30.27
CA LEU QB 7 85.73 -11.00 30.37
C LEU QB 7 86.19 -10.27 29.12
N CYS QB 8 85.80 -10.78 27.94
CA CYS QB 8 86.37 -10.27 26.70
C CYS QB 8 85.82 -8.90 26.34
N LYS QB 9 84.58 -8.63 26.73
CA LYS QB 9 83.98 -7.33 26.39
C LYS QB 9 84.57 -6.23 27.24
N ALA QB 10 85.01 -6.55 28.46
CA ALA QB 10 85.58 -5.53 29.32
C ALA QB 10 86.99 -5.17 28.87
N ILE QB 11 87.67 -6.09 28.19
CA ILE QB 11 89.03 -5.83 27.76
C ILE QB 11 89.04 -4.94 26.52
N ASN QB 12 88.11 -5.18 25.60
CA ASN QB 12 88.04 -4.37 24.38
C ASN QB 12 87.63 -2.94 24.68
N ASN QB 13 86.81 -2.74 25.70
CA ASN QB 13 86.50 -1.38 26.14
C ASN QB 13 87.69 -0.74 26.82
N ALA QB 14 88.47 -1.53 27.56
CA ALA QB 14 89.59 -0.97 28.29
C ALA QB 14 90.77 -0.69 27.38
N SER QB 15 91.09 -1.63 26.48
CA SER QB 15 92.29 -1.50 25.67
C SER QB 15 92.12 -0.43 24.58
N ARG QB 16 90.89 -0.12 24.22
CA ARG QB 16 90.66 0.92 23.21
C ARG QB 16 90.83 2.30 23.82
N ALA QB 17 90.36 2.50 25.05
CA ALA QB 17 90.48 3.79 25.70
C ALA QB 17 91.90 4.05 26.18
N GLY QB 18 92.65 3.00 26.45
CA GLY QB 18 94.03 3.13 26.86
C GLY QB 18 94.29 3.07 28.35
N LYS QB 19 93.43 2.39 29.12
CA LYS QB 19 93.63 2.29 30.56
C LYS QB 19 94.78 1.34 30.87
N ARG QB 20 95.26 1.40 32.11
CA ARG QB 20 96.42 0.57 32.46
C ARG QB 20 96.00 -0.75 33.08
N GLN QB 21 95.04 -0.72 34.00
CA GLN QB 21 94.67 -1.89 34.78
C GLN QB 21 93.17 -2.14 34.67
N LEU QB 22 92.72 -3.23 35.29
CA LEU QB 22 91.35 -3.68 35.18
C LEU QB 22 91.02 -4.56 36.38
N LEU QB 23 89.78 -4.45 36.85
CA LEU QB 23 89.30 -5.22 38.00
C LEU QB 23 87.92 -5.79 37.70
N LEU QB 24 87.80 -7.11 37.72
CA LEU QB 24 86.55 -7.81 37.46
C LEU QB 24 86.13 -8.58 38.70
N HIS QB 25 84.83 -8.75 38.85
CA HIS QB 25 84.26 -9.34 40.05
C HIS QB 25 83.78 -10.77 39.85
N GLU QB 26 84.50 -11.57 39.08
CA GLU QB 26 84.23 -12.99 38.93
C GLU QB 26 85.48 -13.69 38.45
N SER QB 27 85.75 -14.87 38.99
CA SER QB 27 86.88 -15.69 38.58
C SER QB 27 86.41 -17.11 38.31
N ASN QB 28 87.11 -17.79 37.41
CA ASN QB 28 86.66 -19.08 36.92
C ASN QB 28 87.85 -19.86 36.36
N SER QB 29 87.76 -21.18 36.42
CA SER QB 29 88.88 -22.03 36.02
C SER QB 29 89.06 -22.03 34.51
N VAL QB 30 88.03 -21.65 33.76
CA VAL QB 30 88.20 -21.49 32.32
C VAL QB 30 88.96 -20.22 32.00
N THR QB 31 88.71 -19.15 32.78
CA THR QB 31 89.34 -17.86 32.51
C THR QB 31 90.80 -17.88 32.90
N ARG QB 32 91.18 -18.70 33.88
CA ARG QB 32 92.57 -18.72 34.33
C ARG QB 32 93.46 -19.40 33.30
N ASP QB 33 92.95 -20.44 32.62
CA ASP QB 33 93.75 -21.07 31.58
C ASP QB 33 93.75 -20.23 30.32
N PHE QB 34 92.77 -19.33 30.18
CA PHE QB 34 92.76 -18.41 29.05
C PHE QB 34 93.91 -17.42 29.14
N LEU QB 35 94.15 -16.89 30.33
CA LEU QB 35 95.12 -15.81 30.46
C LEU QB 35 96.55 -16.33 30.45
N LYS QB 36 96.75 -17.58 30.87
CA LYS QB 36 98.08 -18.17 30.84
C LYS QB 36 98.54 -18.40 29.41
N GLN QB 37 97.60 -18.66 28.50
CA GLN QB 37 97.94 -18.74 27.09
C GLN QB 37 98.18 -17.34 26.51
N MET QB 38 97.50 -16.34 27.05
CA MET QB 38 97.76 -14.97 26.63
C MET QB 38 99.06 -14.47 27.23
N LEU QB 39 99.44 -14.98 28.39
CA LEU QB 39 100.69 -14.56 29.02
C LEU QB 39 101.89 -15.21 28.35
N LYS QB 40 101.72 -16.42 27.80
CA LYS QB 40 102.84 -17.17 27.25
C LYS QB 40 103.36 -16.54 25.97
N HIS QB 41 102.46 -16.19 25.05
CA HIS QB 41 102.89 -15.60 23.79
C HIS QB 41 103.29 -14.14 23.92
N GLY QB 42 103.02 -13.50 25.05
CA GLY QB 42 103.46 -12.15 25.28
C GLY QB 42 102.51 -11.07 24.81
N TYR QB 43 101.23 -11.17 25.13
CA TYR QB 43 100.30 -10.11 24.72
C TYR QB 43 100.01 -9.16 25.87
N ILE QB 44 100.06 -9.65 27.12
CA ILE QB 44 99.81 -8.84 28.30
C ILE QB 44 100.96 -9.02 29.29
N THR QB 45 100.89 -8.27 30.38
CA THR QB 45 101.80 -8.42 31.50
C THR QB 45 101.18 -9.36 32.54
N LYS QB 46 101.73 -9.32 33.76
CA LYS QB 46 101.26 -10.18 34.86
C LYS QB 46 99.82 -9.89 35.24
N TYR QB 47 99.21 -10.82 35.97
CA TYR QB 47 97.86 -10.68 36.47
C TYR QB 47 97.71 -11.43 37.80
N SER QB 48 96.60 -11.16 38.49
CA SER QB 48 96.38 -11.77 39.80
C SER QB 48 94.89 -11.87 40.08
N TYR QB 49 94.55 -12.73 41.04
CA TYR QB 49 93.16 -13.05 41.36
C TYR QB 49 93.03 -13.45 42.83
N VAL QB 50 91.92 -13.04 43.45
CA VAL QB 50 91.74 -13.09 44.90
C VAL QB 50 90.53 -13.96 45.23
N ASP QB 51 90.69 -14.84 46.21
CA ASP QB 51 89.61 -15.68 46.72
C ASP QB 51 89.11 -15.13 48.05
N ASP QB 52 87.79 -14.94 48.16
CA ASP QB 52 87.20 -14.29 49.32
C ASP QB 52 85.91 -14.97 49.76
N LYS QB 53 85.83 -16.30 49.57
CA LYS QB 53 84.65 -17.12 49.89
C LYS QB 53 83.41 -16.61 49.18
N ARG QB 54 83.59 -16.22 47.93
CA ARG QB 54 82.59 -15.54 47.13
C ARG QB 54 82.90 -15.83 45.66
N LYS QB 55 82.37 -15.01 44.76
CA LYS QB 55 82.58 -15.22 43.33
C LYS QB 55 84.04 -15.04 42.93
N GLY QB 56 84.81 -14.28 43.71
CA GLY QB 56 86.20 -14.07 43.41
C GLY QB 56 86.42 -12.85 42.53
N LYS QB 57 87.66 -12.36 42.53
CA LYS QB 57 87.99 -11.17 41.76
C LYS QB 57 89.20 -11.46 40.88
N THR QB 58 89.39 -10.63 39.86
CA THR QB 58 90.50 -10.76 38.92
C THR QB 58 91.09 -9.39 38.58
N ILE QB 59 92.41 -9.29 38.63
CA ILE QB 59 93.14 -8.05 38.39
C ILE QB 59 94.22 -8.31 37.35
N VAL QB 60 94.21 -7.53 36.28
CA VAL QB 60 95.12 -7.72 35.15
C VAL QB 60 95.74 -6.37 34.79
N TRP QB 61 97.01 -6.38 34.38
CA TRP QB 61 97.72 -5.18 33.95
C TRP QB 61 98.04 -5.30 32.47
N LEU QB 62 97.62 -4.30 31.69
CA LEU QB 62 97.82 -4.33 30.25
C LEU QB 62 99.07 -3.54 29.85
N ASN QB 63 99.47 -3.69 28.59
CA ASN QB 63 100.62 -2.95 28.05
C ASN QB 63 100.31 -2.30 26.71
N GLY QB 64 99.10 -2.49 26.19
CA GLY QB 64 98.72 -1.85 24.94
C GLY QB 64 99.24 -2.58 23.71
N ARG QB 65 98.85 -3.84 23.54
CA ARG QB 65 99.25 -4.61 22.36
C ARG QB 65 98.09 -5.45 21.81
N LEU QB 66 96.89 -5.27 22.34
CA LEU QB 66 95.73 -6.08 21.97
C LEU QB 66 94.97 -5.36 20.87
N ASN QB 67 94.54 -6.12 19.86
CA ASN QB 67 93.71 -5.55 18.81
C ASN QB 67 92.24 -5.88 19.06
N LYS QB 68 91.93 -7.17 19.18
CA LYS QB 68 90.61 -7.61 19.60
C LYS QB 68 90.72 -9.01 20.18
N CYS QB 69 90.02 -9.24 21.28
CA CYS QB 69 89.85 -10.58 21.84
C CYS QB 69 88.37 -10.92 21.79
N GLY QB 70 88.08 -12.21 21.73
CA GLY QB 70 86.71 -12.64 21.54
C GLY QB 70 86.46 -14.04 22.03
N ALA QB 71 85.18 -14.42 22.00
CA ALA QB 71 84.72 -15.74 22.41
C ALA QB 71 83.61 -16.19 21.47
N ILE QB 72 83.47 -17.50 21.29
CA ILE QB 72 82.50 -18.08 20.38
C ILE QB 72 81.52 -18.93 21.19
N CYS QB 73 80.23 -18.75 20.92
CA CYS QB 73 79.17 -19.55 21.51
C CYS QB 73 78.12 -19.85 20.45
N PRO QB 74 77.68 -21.11 20.30
CA PRO QB 74 78.01 -22.32 21.06
C PRO QB 74 79.31 -22.96 20.65
N ASN QB 75 79.76 -23.90 21.49
CA ASN QB 75 81.05 -24.51 21.30
C ASN QB 75 80.96 -25.70 20.35
N TYR QB 76 81.40 -25.50 19.11
CA TYR QB 76 81.19 -26.46 18.03
C TYR QB 76 82.20 -27.59 18.13
N LYS QB 77 81.76 -28.81 17.85
CA LYS QB 77 82.68 -29.93 17.69
C LYS QB 77 83.29 -29.89 16.29
N VAL QB 78 84.60 -29.68 16.23
CA VAL QB 78 85.31 -29.55 14.97
C VAL QB 78 86.19 -30.77 14.78
N SER QB 79 86.16 -31.35 13.59
CA SER QB 79 87.04 -32.45 13.26
C SER QB 79 88.44 -31.93 12.91
N LEU QB 80 89.29 -32.85 12.47
CA LEU QB 80 90.68 -32.49 12.19
C LEU QB 80 90.81 -31.80 10.84
N ASP QB 81 89.86 -32.04 9.94
CA ASP QB 81 90.03 -31.58 8.56
C ASP QB 81 89.39 -30.22 8.34
N HIS QB 82 88.77 -29.65 9.38
CA HIS QB 82 88.10 -28.37 9.21
C HIS QB 82 88.78 -27.23 9.97
N ILE QB 83 89.97 -27.45 10.53
CA ILE QB 83 90.68 -26.36 11.19
C ILE QB 83 91.22 -25.39 10.15
N GLU QB 84 91.46 -25.88 8.93
CA GLU QB 84 91.89 -25.00 7.85
C GLU QB 84 90.75 -24.10 7.37
N ASN QB 85 89.51 -24.50 7.63
CA ASN QB 85 88.37 -23.68 7.22
C ASN QB 85 88.13 -22.56 8.23
N TYR QB 86 88.20 -22.87 9.53
CA TYR QB 86 87.88 -21.89 10.56
C TYR QB 86 88.97 -20.83 10.65
N ARG QB 87 90.21 -21.21 10.34
CA ARG QB 87 91.34 -20.28 10.52
C ARG QB 87 91.30 -19.17 9.48
N SER QB 88 90.73 -19.46 8.30
CA SER QB 88 90.62 -18.43 7.28
C SER QB 88 89.52 -17.44 7.62
N ARG QB 89 88.54 -17.86 8.42
CA ARG QB 89 87.39 -17.02 8.66
C ARG QB 89 87.69 -15.94 9.70
N LEU QB 90 88.33 -16.31 10.81
CA LEU QB 90 88.41 -15.46 11.97
C LEU QB 90 89.75 -14.77 12.13
N LEU QB 91 90.66 -14.91 11.18
CA LEU QB 91 91.99 -14.34 11.34
C LEU QB 91 92.32 -13.42 10.17
N PRO QB 92 93.05 -12.33 10.42
CA PRO QB 92 93.34 -11.39 9.34
C PRO QB 92 94.38 -11.89 8.34
N ALA QB 93 95.46 -12.48 8.83
CA ALA QB 93 96.56 -12.90 7.97
C ALA QB 93 97.14 -14.23 8.45
N ARG QB 94 97.92 -14.87 7.59
CA ARG QB 94 98.42 -16.21 7.90
C ARG QB 94 99.60 -16.17 8.84
N GLN QB 95 100.26 -15.00 8.97
CA GLN QB 95 101.53 -14.95 9.68
C GLN QB 95 101.34 -14.92 11.19
N PHE QB 96 100.17 -14.49 11.66
CA PHE QB 96 99.95 -14.33 13.09
C PHE QB 96 98.49 -14.58 13.42
N GLY QB 97 98.14 -14.35 14.68
CA GLY QB 97 96.86 -14.72 15.22
C GLY QB 97 96.93 -16.04 15.97
N HIS QB 98 95.91 -16.28 16.78
CA HIS QB 98 95.88 -17.49 17.61
C HIS QB 98 94.46 -17.98 17.81
N LEU QB 99 94.35 -19.27 18.13
CA LEU QB 99 93.08 -19.92 18.44
C LEU QB 99 93.25 -20.76 19.70
N LEU QB 100 92.16 -20.92 20.45
CA LEU QB 100 92.15 -21.73 21.65
C LEU QB 100 91.14 -22.85 21.51
N PHE QB 101 91.60 -24.09 21.65
CA PHE QB 101 90.75 -25.27 21.53
C PHE QB 101 90.74 -25.99 22.87
N SER QB 102 89.57 -26.49 23.27
CA SER QB 102 89.43 -27.19 24.55
C SER QB 102 89.63 -28.69 24.30
N THR QB 103 90.86 -29.05 23.96
CA THR QB 103 91.21 -30.43 23.67
C THR QB 103 91.45 -31.15 25.00
N GLU QB 104 91.53 -32.49 24.96
CA GLU QB 104 91.67 -33.26 26.19
C GLU QB 104 93.06 -33.10 26.81
N LYS QB 105 94.06 -32.77 25.99
CA LYS QB 105 95.38 -32.48 26.54
C LYS QB 105 95.39 -31.15 27.28
N GLY QB 106 94.47 -30.27 26.95
CA GLY QB 106 94.40 -28.97 27.59
C GLY QB 106 94.01 -27.91 26.57
N ILE QB 107 93.92 -26.68 27.05
CA ILE QB 107 93.63 -25.56 26.16
C ILE QB 107 94.90 -25.18 25.43
N ILE QB 108 94.97 -25.52 24.14
CA ILE QB 108 96.19 -25.34 23.36
C ILE QB 108 95.90 -24.58 22.09
N ASP QB 109 96.97 -24.14 21.44
CA ASP QB 109 96.88 -23.42 20.18
C ASP QB 109 96.50 -24.36 19.05
N HIS QB 110 96.08 -23.77 17.92
CA HIS QB 110 95.78 -24.58 16.75
C HIS QB 110 97.04 -25.13 16.10
N ASN QB 111 98.20 -24.56 16.41
CA ASN QB 111 99.45 -25.12 15.92
C ASN QB 111 99.78 -26.43 16.63
N GLU QB 112 99.42 -26.54 17.91
CA GLU QB 112 99.64 -27.80 18.62
C GLU QB 112 98.52 -28.79 18.33
N CYS QB 113 97.36 -28.30 17.91
CA CYS QB 113 96.26 -29.19 17.55
C CYS QB 113 96.55 -29.92 16.25
N ILE QB 114 97.16 -29.22 15.30
CA ILE QB 114 97.55 -29.84 14.03
C ILE QB 114 98.76 -30.74 14.25
N GLY QB 115 99.71 -30.31 15.08
CA GLY QB 115 100.96 -31.02 15.23
C GLY QB 115 100.82 -32.34 15.98
N SER QB 116 99.78 -32.46 16.81
CA SER QB 116 99.52 -33.69 17.53
C SER QB 116 98.30 -34.44 16.98
N ASN QB 117 97.67 -33.91 15.93
CA ASN QB 117 96.54 -34.53 15.23
C ASN QB 117 95.34 -34.78 16.16
N LEU QB 118 94.88 -33.72 16.82
CA LEU QB 118 93.76 -33.79 17.73
C LEU QB 118 92.75 -32.70 17.41
N GLY QB 119 91.50 -33.09 17.25
CA GLY QB 119 90.44 -32.12 17.02
C GLY QB 119 89.44 -32.12 18.14
N GLY QB 120 88.94 -30.95 18.53
CA GLY QB 120 88.05 -30.88 19.67
C GLY QB 120 87.08 -29.72 19.56
N SER QB 121 86.57 -29.32 20.73
CA SER QB 121 85.64 -28.19 20.78
C SER QB 121 86.40 -26.87 20.77
N ILE QB 122 85.79 -25.86 20.16
CA ILE QB 122 86.46 -24.58 19.98
C ILE QB 122 86.04 -23.60 21.08
N LEU QB 123 86.95 -22.71 21.46
CA LEU QB 123 86.66 -21.77 22.55
C LEU QB 123 86.62 -20.31 22.10
N GLY QB 124 87.71 -19.81 21.53
CA GLY QB 124 87.79 -18.39 21.23
C GLY QB 124 89.07 -18.07 20.49
N PHE QB 125 89.31 -16.76 20.34
CA PHE QB 125 90.42 -16.28 19.54
C PHE QB 125 90.90 -14.94 20.10
N PHE QB 126 92.19 -14.68 19.91
CA PHE QB 126 92.77 -13.40 20.29
C PHE QB 126 94.00 -13.13 19.44
N TYR QB 127 94.21 -11.85 19.12
CA TYR QB 127 95.40 -11.41 18.40
C TYR QB 127 95.67 -9.94 18.66
N LYS RB 9 -61.57 -31.03 80.80
CA LYS RB 9 -61.42 -29.63 80.43
C LYS RB 9 -62.74 -29.07 79.92
N ARG RB 10 -63.67 -29.97 79.62
CA ARG RB 10 -65.00 -29.61 79.13
C ARG RB 10 -65.99 -29.69 80.28
N ILE RB 11 -67.22 -29.24 80.01
CA ILE RB 11 -68.25 -29.28 81.05
C ILE RB 11 -68.76 -30.70 81.23
N ILE RB 12 -69.36 -31.26 80.19
CA ILE RB 12 -69.87 -32.63 80.20
C ILE RB 12 -68.86 -33.51 79.48
N PRO RB 13 -68.30 -34.53 80.14
CA PRO RB 13 -67.26 -35.31 79.50
C PRO RB 13 -67.77 -36.56 78.82
N LYS RB 14 -66.94 -37.12 77.96
CA LYS RB 14 -67.14 -38.45 77.44
C LYS RB 14 -66.88 -39.48 78.54
N PRO RB 15 -67.48 -40.66 78.45
CA PRO RB 15 -67.17 -41.71 79.42
C PRO RB 15 -65.76 -42.26 79.26
N ASP RB 16 -65.36 -43.10 80.22
CA ASP RB 16 -63.99 -43.59 80.26
C ASP RB 16 -63.77 -44.67 79.21
N ILE RB 17 -62.51 -44.82 78.78
CA ILE RB 17 -62.16 -45.85 77.82
C ILE RB 17 -62.24 -47.21 78.49
N VAL RB 18 -63.02 -48.09 77.87
CA VAL RB 18 -63.32 -49.41 78.42
C VAL RB 18 -62.61 -50.43 77.53
N PRO RB 19 -62.06 -51.50 78.12
CA PRO RB 19 -61.32 -52.50 77.31
C PRO RB 19 -62.11 -53.19 76.20
N GLN RB 20 -63.44 -53.05 76.14
CA GLN RB 20 -64.17 -53.57 74.99
C GLN RB 20 -64.05 -52.64 73.79
N ASP RB 21 -63.46 -51.46 73.96
CA ASP RB 21 -63.34 -50.52 72.85
C ASP RB 21 -62.09 -50.79 72.02
N ILE RB 22 -61.10 -51.48 72.59
CA ILE RB 22 -59.82 -51.61 71.92
C ILE RB 22 -59.74 -52.92 71.15
N ILE RB 23 -60.19 -54.01 71.74
CA ILE RB 23 -60.10 -55.34 71.14
C ILE RB 23 -61.38 -55.60 70.35
N LYS RB 24 -61.24 -56.07 69.11
CA LYS RB 24 -62.39 -56.40 68.29
C LYS RB 24 -62.75 -57.88 68.33
N ASN RB 25 -61.84 -58.76 67.94
CA ASN RB 25 -62.10 -60.19 67.87
C ASN RB 25 -60.77 -60.93 67.80
N ILE RB 26 -60.85 -62.24 67.53
CA ILE RB 26 -59.70 -63.13 67.54
C ILE RB 26 -59.54 -63.71 66.14
N HIS RB 27 -58.33 -63.62 65.59
CA HIS RB 27 -58.05 -64.11 64.25
C HIS RB 27 -57.99 -65.62 64.23
N THR RB 28 -58.57 -66.23 63.20
CA THR RB 28 -58.70 -67.68 63.10
C THR RB 28 -58.02 -68.22 61.85
N SER RB 29 -56.83 -67.73 61.53
CA SER RB 29 -56.16 -68.20 60.33
C SER RB 29 -55.31 -69.43 60.62
N GLU RB 30 -54.66 -69.94 59.57
CA GLU RB 30 -53.78 -71.09 59.74
C GLU RB 30 -52.48 -70.70 60.43
N LYS RB 31 -51.97 -69.51 60.11
CA LYS RB 31 -50.76 -69.02 60.76
C LYS RB 31 -51.01 -68.66 62.21
N ALA RB 32 -52.24 -68.25 62.52
CA ALA RB 32 -52.58 -67.93 63.90
C ALA RB 32 -52.69 -69.18 64.75
N MET RB 33 -53.11 -70.29 64.15
CA MET RB 33 -53.29 -71.52 64.92
C MET RB 33 -51.95 -72.15 65.25
N ARG RB 34 -50.94 -71.93 64.42
CA ARG RB 34 -49.61 -72.41 64.75
C ARG RB 34 -49.00 -71.61 65.89
N ASN RB 35 -49.40 -70.34 66.02
CA ASN RB 35 -48.84 -69.50 67.07
C ASN RB 35 -49.52 -69.75 68.40
N VAL RB 36 -50.68 -70.40 68.39
CA VAL RB 36 -51.36 -70.71 69.65
C VAL RB 36 -50.67 -71.89 70.33
N GLU RB 37 -50.35 -72.93 69.57
CA GLU RB 37 -49.90 -74.17 70.19
C GLU RB 37 -48.40 -74.15 70.49
N MET RB 38 -47.59 -73.83 69.49
CA MET RB 38 -46.14 -74.04 69.65
C MET RB 38 -45.51 -72.94 70.49
N HIS RB 39 -46.13 -71.77 70.57
CA HIS RB 39 -45.50 -70.62 71.22
C HIS RB 39 -46.37 -69.92 72.25
N ASN RB 40 -47.60 -70.39 72.48
CA ASN RB 40 -48.51 -69.89 73.53
C ASN RB 40 -48.83 -68.42 73.35
N THR RB 41 -49.09 -68.01 72.11
CA THR RB 41 -49.36 -66.61 71.81
C THR RB 41 -50.74 -66.46 71.20
N LEU RB 42 -51.32 -65.29 71.39
CA LEU RB 42 -52.64 -64.93 70.91
C LEU RB 42 -52.52 -63.89 69.81
N VAL RB 43 -53.32 -64.05 68.76
CA VAL RB 43 -53.35 -63.13 67.63
C VAL RB 43 -54.69 -62.41 67.65
N LEU RB 44 -54.68 -61.13 68.02
CA LEU RB 44 -55.90 -60.34 68.13
C LEU RB 44 -55.93 -59.29 67.02
N ILE RB 45 -57.09 -58.68 66.87
CA ILE RB 45 -57.27 -57.53 65.99
C ILE RB 45 -57.74 -56.36 66.84
N VAL RB 46 -56.99 -55.27 66.79
CA VAL RB 46 -57.22 -54.12 67.66
C VAL RB 46 -57.64 -52.94 66.80
N ASP RB 47 -57.86 -51.81 67.45
CA ASP RB 47 -58.11 -50.58 66.71
C ASP RB 47 -56.79 -49.92 66.36
N LYS RB 48 -56.84 -48.97 65.41
CA LYS RB 48 -55.62 -48.48 64.77
C LYS RB 48 -54.92 -47.44 65.63
N LYS RB 49 -55.66 -46.74 66.49
CA LYS RB 49 -55.11 -45.54 67.11
C LYS RB 49 -54.39 -45.83 68.41
N PHE RB 50 -54.51 -47.04 68.94
CA PHE RB 50 -53.93 -47.33 70.25
C PHE RB 50 -52.55 -47.94 70.13
N ASN RB 51 -51.70 -47.64 71.11
CA ASN RB 51 -50.30 -48.03 71.07
C ASN RB 51 -50.07 -49.36 71.78
N LYS RB 52 -48.80 -49.67 72.01
CA LYS RB 52 -48.41 -50.97 72.54
C LYS RB 52 -48.69 -51.08 74.03
N ARG RB 53 -48.51 -49.99 74.77
CA ARG RB 53 -48.65 -50.05 76.22
C ARG RB 53 -50.09 -50.23 76.65
N GLN RB 54 -51.03 -49.69 75.86
CA GLN RB 54 -52.43 -49.79 76.23
C GLN RB 54 -53.04 -51.11 75.80
N ILE RB 55 -52.46 -51.74 74.78
CA ILE RB 55 -52.96 -53.04 74.32
C ILE RB 55 -52.65 -54.11 75.35
N ARG RB 56 -51.41 -54.12 75.87
CA ARG RB 56 -50.98 -55.14 76.82
C ARG RB 56 -51.70 -54.99 78.15
N ASN RB 57 -52.02 -53.76 78.54
CA ASN RB 57 -52.75 -53.56 79.78
C ASN RB 57 -54.21 -53.98 79.65
N ALA RB 58 -54.72 -54.02 78.42
CA ALA RB 58 -56.12 -54.38 78.23
C ALA RB 58 -56.32 -55.89 78.25
N VAL RB 59 -55.34 -56.65 77.77
CA VAL RB 59 -55.48 -58.10 77.67
C VAL RB 59 -55.45 -58.72 79.06
N THR RB 60 -54.66 -58.14 79.97
CA THR RB 60 -54.61 -58.67 81.33
C THR RB 60 -55.83 -58.24 82.14
N LYS RB 61 -56.69 -57.40 81.58
CA LYS RB 61 -57.93 -57.04 82.27
C LYS RB 61 -59.09 -57.90 81.79
N LEU RB 62 -59.09 -58.28 80.52
CA LEU RB 62 -60.23 -59.03 79.96
C LEU RB 62 -60.24 -60.47 80.42
N TYR RB 63 -59.20 -61.22 80.08
CA TYR RB 63 -59.17 -62.66 80.32
C TYR RB 63 -58.60 -63.02 81.69
N GLY RB 64 -57.93 -62.09 82.35
CA GLY RB 64 -57.38 -62.37 83.67
C GLY RB 64 -56.10 -63.19 83.66
N CYS RB 65 -55.35 -63.12 82.57
CA CYS RB 65 -54.08 -63.83 82.45
C CYS RB 65 -52.98 -62.84 82.08
N PRO RB 66 -51.81 -62.93 82.69
CA PRO RB 66 -50.77 -61.91 82.45
C PRO RB 66 -50.13 -62.07 81.07
N CYS RB 67 -49.89 -60.93 80.43
CA CYS RB 67 -49.30 -60.87 79.10
C CYS RB 67 -48.01 -60.06 79.21
N ILE RB 68 -46.98 -60.48 78.48
CA ILE RB 68 -45.65 -59.89 78.68
C ILE RB 68 -45.32 -58.95 77.54
N LYS RB 69 -45.25 -59.45 76.31
CA LYS RB 69 -44.82 -58.66 75.17
C LYS RB 69 -45.86 -58.73 74.06
N VAL RB 70 -45.93 -57.66 73.28
CA VAL RB 70 -46.89 -57.53 72.19
C VAL RB 70 -46.17 -56.92 70.99
N ASN RB 71 -46.23 -57.60 69.85
CA ASN RB 71 -45.66 -57.12 68.59
C ASN RB 71 -46.81 -56.74 67.67
N THR RB 72 -46.81 -55.51 67.18
CA THR RB 72 -47.91 -55.04 66.36
C THR RB 72 -47.54 -55.04 64.88
N LEU RB 73 -48.54 -54.74 64.05
CA LEU RB 73 -48.44 -54.88 62.61
C LEU RB 73 -49.60 -54.14 61.97
N ILE RB 74 -49.36 -53.50 60.83
CA ILE RB 74 -50.41 -52.96 59.99
C ILE RB 74 -50.33 -53.66 58.65
N ASP RB 75 -51.33 -54.46 58.32
CA ASP RB 75 -51.32 -55.19 57.07
C ASP RB 75 -51.80 -54.30 55.93
N PHE RB 76 -51.83 -54.88 54.74
CA PHE RB 76 -52.16 -54.10 53.55
C PHE RB 76 -53.64 -53.78 53.42
N LYS RB 77 -54.50 -54.47 54.15
CA LYS RB 77 -55.94 -54.23 54.02
C LYS RB 77 -56.45 -53.19 54.99
N GLY RB 78 -55.58 -52.57 55.78
CA GLY RB 78 -55.96 -51.46 56.63
C GLY RB 78 -56.24 -51.80 58.07
N ARG RB 79 -56.04 -53.04 58.48
CA ARG RB 79 -56.28 -53.43 59.86
C ARG RB 79 -55.02 -53.22 60.70
N LYS RB 80 -55.10 -53.66 61.95
CA LYS RB 80 -53.95 -53.70 62.85
C LYS RB 80 -54.04 -54.95 63.69
N LYS RB 81 -53.02 -55.79 63.62
CA LYS RB 81 -52.99 -57.07 64.31
C LYS RB 81 -51.90 -57.06 65.37
N ALA RB 82 -52.11 -57.79 66.46
CA ALA RB 82 -51.19 -57.83 67.58
C ALA RB 82 -50.86 -59.26 67.93
N TYR RB 83 -49.59 -59.52 68.22
CA TYR RB 83 -49.12 -60.84 68.62
C TYR RB 83 -48.81 -60.80 70.11
N ALA RB 84 -49.70 -61.33 70.93
CA ALA RB 84 -49.61 -61.19 72.38
C ALA RB 84 -49.04 -62.45 73.00
N LYS RB 85 -47.85 -62.36 73.57
CA LYS RB 85 -47.26 -63.47 74.29
C LYS RB 85 -47.94 -63.65 75.64
N LEU RB 86 -48.11 -64.90 76.05
CA LEU RB 86 -48.71 -65.22 77.34
C LEU RB 86 -47.67 -65.80 78.27
N LYS RB 87 -47.82 -65.56 79.57
CA LYS RB 87 -46.80 -65.98 80.52
C LYS RB 87 -46.97 -67.45 80.90
N ASN RB 88 -48.10 -67.80 81.51
CA ASN RB 88 -48.29 -69.15 82.04
C ASN RB 88 -48.70 -70.09 80.91
N ASP RB 89 -48.44 -71.38 81.11
CA ASP RB 89 -48.72 -72.37 80.08
C ASP RB 89 -50.20 -72.68 80.02
N GLY RB 90 -50.66 -73.09 78.83
CA GLY RB 90 -52.04 -73.51 78.65
C GLY RB 90 -53.04 -72.39 78.64
N ASP RB 91 -52.62 -71.14 78.66
CA ASP RB 91 -53.56 -70.03 78.66
C ASP RB 91 -54.24 -69.86 77.31
N ALA RB 92 -53.46 -69.88 76.24
CA ALA RB 92 -54.00 -69.53 74.93
C ALA RB 92 -54.95 -70.60 74.40
N ILE RB 93 -54.74 -71.85 74.80
CA ILE RB 93 -55.67 -72.90 74.39
C ILE RB 93 -56.97 -72.78 75.16
N LYS RB 94 -56.89 -72.35 76.42
CA LYS RB 94 -58.09 -72.22 77.23
C LYS RB 94 -58.89 -70.99 76.82
N ILE RB 95 -58.20 -69.90 76.48
CA ILE RB 95 -58.87 -68.65 76.13
C ILE RB 95 -59.61 -68.79 74.81
N ALA RB 96 -58.96 -69.39 73.81
CA ALA RB 96 -59.57 -69.52 72.50
C ALA RB 96 -60.72 -70.52 72.50
N GLY RB 97 -60.73 -71.43 73.48
CA GLY RB 97 -61.83 -72.38 73.58
C GLY RB 97 -63.07 -71.76 74.20
N GLN RB 98 -62.89 -70.90 75.19
CA GLN RB 98 -64.03 -70.30 75.87
C GLN RB 98 -64.61 -69.14 75.08
N SER RB 99 -63.79 -68.49 74.25
CA SER RB 99 -64.28 -67.38 73.45
C SER RB 99 -65.04 -67.88 72.23
N GLY RB 100 -64.85 -69.14 71.87
CA GLY RB 100 -65.59 -69.76 70.79
C GLY RB 100 -64.85 -69.93 69.49
N ALA RB 101 -63.56 -69.61 69.46
CA ALA RB 101 -62.77 -69.73 68.25
C ALA RB 101 -62.46 -71.19 67.95
N MET SB 1 66.62 -19.28 19.76
CA MET SB 1 66.71 -20.68 19.41
C MET SB 1 68.12 -21.05 18.99
N ASN SB 2 69.11 -20.40 19.60
CA ASN SB 2 70.50 -20.66 19.31
C ASN SB 2 71.07 -21.57 20.38
N GLY SB 3 71.27 -22.84 20.05
CA GLY SB 3 71.78 -23.79 21.01
C GLY SB 3 72.41 -24.97 20.29
N LEU SB 4 73.14 -25.78 21.05
CA LEU SB 4 73.84 -26.89 20.45
C LEU SB 4 72.90 -28.05 20.16
N PHE SB 5 71.93 -28.28 21.05
CA PHE SB 5 71.00 -29.40 20.90
C PHE SB 5 69.61 -28.94 20.48
N ALA SB 6 69.54 -27.89 19.67
CA ALA SB 6 68.27 -27.30 19.27
C ALA SB 6 67.99 -27.46 17.78
N ALA SB 7 68.38 -28.58 17.18
CA ALA SB 7 68.14 -28.75 15.75
C ALA SB 7 66.67 -29.04 15.46
N ASN SB 8 65.95 -29.62 16.42
CA ASN SB 8 64.55 -29.92 16.19
C ASN SB 8 63.70 -28.66 16.23
N ASP SB 9 64.10 -27.69 17.03
CA ASP SB 9 63.34 -26.44 17.12
C ASP SB 9 63.76 -25.45 16.04
N LEU SB 10 64.94 -25.65 15.45
CA LEU SB 10 65.40 -24.73 14.42
C LEU SB 10 64.78 -25.04 13.07
N ILE SB 11 64.66 -26.32 12.74
CA ILE SB 11 64.12 -26.71 11.44
C ILE SB 11 62.62 -26.45 11.40
N LYS SB 12 61.94 -26.65 12.52
CA LYS SB 12 60.49 -26.42 12.56
C LYS SB 12 60.15 -24.95 12.48
N SER SB 13 61.05 -24.08 12.95
CA SER SB 13 60.76 -22.66 12.91
C SER SB 13 61.05 -22.05 11.55
N ARG SB 14 62.08 -22.57 10.87
CA ARG SB 14 62.51 -21.94 9.63
C ARG SB 14 61.65 -22.39 8.45
N LYS SB 15 60.89 -23.48 8.62
CA LYS SB 15 59.96 -23.88 7.57
C LYS SB 15 58.74 -23.00 7.56
N VAL SB 16 58.39 -22.43 8.72
CA VAL SB 16 57.23 -21.56 8.79
C VAL SB 16 57.54 -20.22 8.14
N LYS SB 17 58.74 -19.69 8.39
CA LYS SB 17 59.11 -18.38 7.85
C LYS SB 17 59.32 -18.43 6.34
N ARG SB 18 59.62 -19.62 5.80
CA ARG SB 18 59.87 -19.73 4.37
C ARG SB 18 58.59 -19.64 3.56
N ARG SB 19 57.43 -19.76 4.19
CA ARG SB 19 56.18 -19.77 3.46
C ARG SB 19 55.75 -18.38 3.01
N SER SB 20 56.39 -17.33 3.50
CA SER SB 20 56.05 -15.97 3.08
C SER SB 20 56.85 -15.51 1.87
N ASP SB 21 57.65 -16.39 1.29
CA ASP SB 21 58.29 -16.10 0.02
C ASP SB 21 57.24 -16.14 -1.08
N PRO SB 22 57.06 -15.06 -1.85
CA PRO SB 22 55.97 -15.03 -2.83
C PRO SB 22 56.20 -15.93 -4.03
N TYR SB 23 57.45 -16.30 -4.28
CA TYR SB 23 57.71 -17.25 -5.35
C TYR SB 23 57.53 -18.68 -4.87
N TYR SB 24 57.87 -18.95 -3.61
CA TYR SB 24 57.80 -20.30 -3.09
C TYR SB 24 56.36 -20.69 -2.75
N ARG SB 25 55.51 -19.69 -2.49
CA ARG SB 25 54.12 -19.98 -2.13
C ARG SB 25 53.36 -20.58 -3.30
N LYS SB 26 53.62 -20.12 -4.52
CA LYS SB 26 52.92 -20.66 -5.68
C LYS SB 26 53.42 -22.06 -6.01
N LYS SB 27 54.63 -22.42 -5.57
CA LYS SB 27 55.13 -23.77 -5.81
C LYS SB 27 54.44 -24.78 -4.93
N ILE SB 28 54.05 -24.39 -3.71
CA ILE SB 28 53.37 -25.30 -2.82
C ILE SB 28 51.95 -25.57 -3.29
N LEU SB 29 51.21 -24.51 -3.61
CA LEU SB 29 49.83 -24.67 -4.02
C LEU SB 29 49.68 -25.25 -5.41
N GLY SB 30 50.72 -25.18 -6.23
CA GLY SB 30 50.67 -25.73 -7.57
C GLY SB 30 49.72 -25.00 -8.49
N THR SB 31 49.89 -23.68 -8.58
CA THR SB 31 48.95 -22.88 -9.34
C THR SB 31 49.19 -23.01 -10.84
N LYS SB 32 50.36 -23.49 -11.24
CA LYS SB 32 50.67 -23.57 -12.67
C LYS SB 32 49.97 -24.77 -13.30
N TYR SB 33 49.50 -25.71 -12.49
CA TYR SB 33 48.68 -26.80 -13.01
C TYR SB 33 47.20 -26.44 -12.92
N LYS SB 34 46.85 -25.58 -11.97
CA LYS SB 34 45.44 -25.30 -11.73
C LYS SB 34 44.94 -24.17 -12.62
N HIS SB 35 45.62 -23.03 -12.60
CA HIS SB 35 45.12 -21.83 -13.25
C HIS SB 35 45.97 -21.40 -14.44
N SER SB 36 46.45 -22.35 -15.24
CA SER SB 36 47.22 -21.98 -16.42
C SER SB 36 46.29 -21.60 -17.55
N LYS SB 37 46.67 -20.57 -18.32
CA LYS SB 37 45.81 -20.07 -19.38
C LYS SB 37 45.95 -20.90 -20.64
N ILE SB 38 47.17 -21.34 -20.95
CA ILE SB 38 47.47 -21.98 -22.22
C ILE SB 38 47.80 -23.46 -22.04
N GLY SB 39 47.96 -23.90 -20.80
CA GLY SB 39 48.50 -25.22 -20.56
C GLY SB 39 49.95 -25.12 -20.11
N ASN SB 40 50.70 -26.18 -20.36
CA ASN SB 40 52.11 -26.22 -20.00
C ASN SB 40 52.90 -26.55 -21.26
N GLY SB 41 53.22 -25.53 -22.04
CA GLY SB 41 53.94 -25.72 -23.28
C GLY SB 41 54.40 -24.41 -23.87
N PRO SB 42 55.34 -24.48 -24.82
CA PRO SB 42 55.81 -23.25 -25.46
C PRO SB 42 54.81 -22.60 -26.39
N GLN SB 43 54.08 -23.38 -27.20
CA GLN SB 43 53.17 -22.81 -28.18
C GLN SB 43 51.80 -23.47 -28.05
N ALA SB 44 50.88 -23.08 -28.93
CA ALA SB 44 49.55 -23.64 -28.96
C ALA SB 44 48.98 -23.43 -30.36
N LYS SB 45 47.78 -23.97 -30.58
CA LYS SB 45 47.08 -23.82 -31.84
C LYS SB 45 45.69 -23.25 -31.58
N GLY SB 46 45.08 -22.72 -32.62
CA GLY SB 46 43.79 -22.07 -32.43
C GLY SB 46 43.06 -21.84 -33.74
N ILE SB 47 41.84 -21.33 -33.62
CA ILE SB 47 40.98 -21.02 -34.76
C ILE SB 47 40.52 -19.58 -34.60
N VAL SB 48 40.74 -18.76 -35.64
CA VAL SB 48 40.44 -17.34 -35.57
C VAL SB 48 38.95 -17.12 -35.68
N LEU SB 49 38.44 -16.11 -34.98
CA LEU SB 49 37.02 -15.78 -34.97
C LEU SB 49 36.75 -14.32 -35.32
N GLU SB 50 37.57 -13.39 -34.82
CA GLU SB 50 37.38 -11.97 -35.03
C GLU SB 50 38.69 -11.34 -35.46
N LYS SB 51 38.60 -10.16 -36.08
CA LYS SB 51 39.74 -9.30 -36.36
C LYS SB 51 39.39 -7.88 -35.91
N THR SB 52 39.92 -7.48 -34.76
CA THR SB 52 39.46 -6.29 -34.06
C THR SB 52 40.71 -5.57 -33.56
N GLY SB 53 40.59 -4.27 -33.28
CA GLY SB 53 41.70 -3.50 -32.76
C GLY SB 53 41.37 -2.91 -31.40
N VAL SB 54 42.43 -2.58 -30.67
CA VAL SB 54 42.34 -1.96 -29.35
C VAL SB 54 43.10 -0.65 -29.38
N GLU SB 55 42.96 0.12 -28.30
CA GLU SB 55 43.58 1.43 -28.18
C GLU SB 55 44.50 1.44 -26.97
N ALA SB 56 45.74 1.89 -27.16
CA ALA SB 56 46.74 1.80 -26.10
C ALA SB 56 46.51 2.87 -25.05
N LYS SB 57 47.24 2.74 -23.93
CA LYS SB 57 47.03 3.61 -22.79
C LYS SB 57 47.72 4.94 -22.98
N GLN SB 58 47.44 5.86 -22.06
CA GLN SB 58 48.11 7.14 -22.02
C GLN SB 58 49.56 6.97 -21.57
N PRO SB 59 50.48 7.83 -22.02
CA PRO SB 59 50.37 9.02 -22.86
C PRO SB 59 50.49 8.77 -24.36
N ASN SB 60 50.78 7.54 -24.75
CA ASN SB 60 50.88 7.23 -26.18
C ASN SB 60 49.50 7.15 -26.80
N SER SB 61 49.46 7.19 -28.13
CA SER SB 61 48.20 7.11 -28.87
C SER SB 61 48.42 6.34 -30.15
N ALA SB 62 47.70 5.23 -30.30
CA ALA SB 62 47.75 4.40 -31.51
C ALA SB 62 46.54 3.48 -31.50
N VAL SB 63 46.52 2.54 -32.43
CA VAL SB 63 45.55 1.45 -32.46
C VAL SB 63 46.32 0.16 -32.68
N ARG SB 64 46.20 -0.77 -31.74
CA ARG SB 64 46.92 -2.04 -31.79
C ARG SB 64 45.99 -3.12 -32.33
N LYS SB 65 46.45 -3.86 -33.33
CA LYS SB 65 45.63 -4.84 -34.02
C LYS SB 65 45.75 -6.20 -33.34
N ILE SB 66 44.61 -6.79 -32.97
CA ILE SB 66 44.59 -8.09 -32.30
C ILE SB 66 43.61 -9.04 -32.99
N VAL SB 67 43.46 -10.22 -32.39
CA VAL SB 67 42.65 -11.30 -32.93
C VAL SB 67 42.19 -12.20 -31.79
N LYS SB 68 40.91 -12.54 -31.81
CA LYS SB 68 40.31 -13.41 -30.79
C LYS SB 68 40.20 -14.82 -31.35
N ILE SB 69 40.85 -15.76 -30.68
CA ILE SB 69 40.93 -17.14 -31.14
C ILE SB 69 40.33 -18.07 -30.11
N GLN SB 70 40.33 -19.37 -30.43
CA GLN SB 70 39.86 -20.41 -29.53
C GLN SB 70 40.81 -21.59 -29.61
N LEU SB 71 41.36 -21.99 -28.46
CA LEU SB 71 42.41 -23.00 -28.42
C LEU SB 71 41.86 -24.40 -28.64
N ILE SB 72 42.76 -25.33 -28.96
CA ILE SB 72 42.35 -26.71 -29.23
C ILE SB 72 42.56 -27.59 -28.00
N LYS SB 73 43.68 -27.39 -27.30
CA LYS SB 73 44.06 -28.28 -26.21
C LYS SB 73 43.12 -28.13 -25.01
N THR SB 74 42.73 -26.89 -24.69
CA THR SB 74 41.83 -26.65 -23.58
C THR SB 74 40.40 -26.33 -24.01
N GLY SB 75 40.20 -25.57 -25.08
CA GLY SB 75 38.87 -25.18 -25.49
C GLY SB 75 38.42 -23.81 -25.06
N LYS SB 76 39.32 -22.97 -24.54
CA LYS SB 76 38.95 -21.65 -24.08
C LYS SB 76 39.12 -20.62 -25.18
N LYS SB 77 38.60 -19.41 -24.93
CA LYS SB 77 38.74 -18.28 -25.83
C LYS SB 77 39.78 -17.32 -25.27
N ILE SB 78 40.59 -16.75 -26.17
CA ILE SB 78 41.71 -15.91 -25.76
C ILE SB 78 42.04 -14.97 -26.92
N SER SB 79 42.71 -13.87 -26.60
CA SER SB 79 43.09 -12.86 -27.58
C SER SB 79 44.61 -12.81 -27.73
N ALA SB 80 45.07 -12.60 -28.96
CA ALA SB 80 46.50 -12.53 -29.27
C ALA SB 80 46.78 -11.33 -30.16
N PHE SB 81 48.03 -10.86 -30.14
CA PHE SB 81 48.38 -9.59 -30.76
C PHE SB 81 49.22 -9.83 -32.02
N VAL SB 82 48.80 -9.23 -33.13
CA VAL SB 82 49.49 -9.41 -34.40
C VAL SB 82 50.72 -8.50 -34.41
N PRO SB 83 51.92 -9.05 -34.54
CA PRO SB 83 53.14 -8.33 -34.12
C PRO SB 83 53.89 -7.55 -35.19
N HIS SB 84 53.35 -7.38 -36.39
CA HIS SB 84 54.10 -6.67 -37.42
C HIS SB 84 53.19 -5.89 -38.35
N ASP SB 85 53.82 -4.94 -39.06
CA ASP SB 85 53.09 -3.99 -39.88
C ASP SB 85 52.59 -4.63 -41.17
N GLY SB 86 51.31 -4.44 -41.45
CA GLY SB 86 50.74 -4.90 -42.70
C GLY SB 86 50.60 -6.41 -42.77
N SER SB 87 50.59 -7.08 -41.62
CA SER SB 87 50.53 -8.53 -41.57
C SER SB 87 49.11 -9.06 -41.44
N LEU SB 88 48.16 -8.20 -41.09
CA LEU SB 88 46.78 -8.64 -40.95
C LEU SB 88 46.10 -8.88 -42.29
N ASN SB 89 46.68 -8.39 -43.39
CA ASN SB 89 46.08 -8.57 -44.70
C ASN SB 89 46.21 -10.00 -45.19
N TYR SB 90 47.18 -10.75 -44.65
CA TYR SB 90 47.25 -12.17 -44.96
C TYR SB 90 46.11 -12.94 -44.31
N ILE SB 91 45.68 -12.50 -43.13
CA ILE SB 91 44.82 -13.32 -42.28
C ILE SB 91 43.38 -13.28 -42.76
N GLU SB 92 42.80 -14.46 -42.95
CA GLU SB 92 41.37 -14.60 -43.21
C GLU SB 92 40.75 -15.37 -42.06
N LEU SB 93 39.42 -15.32 -41.97
CA LEU SB 93 38.73 -16.06 -40.94
C LEU SB 93 38.66 -17.55 -41.29
N ASN SB 94 38.21 -18.34 -40.30
CA ASN SB 94 38.16 -19.80 -40.36
C ASN SB 94 39.51 -20.40 -40.73
N ASP SB 95 40.55 -19.94 -40.04
CA ASP SB 95 41.92 -20.34 -40.30
C ASP SB 95 42.60 -20.72 -38.99
N GLU SB 96 43.80 -21.27 -39.10
CA GLU SB 96 44.56 -21.74 -37.96
C GLU SB 96 45.74 -20.81 -37.69
N VAL SB 97 46.10 -20.66 -36.42
CA VAL SB 97 47.23 -19.83 -36.01
C VAL SB 97 48.01 -20.55 -34.93
N VAL SB 98 49.23 -20.07 -34.69
CA VAL SB 98 50.10 -20.56 -33.63
C VAL SB 98 50.49 -19.38 -32.76
N VAL SB 99 50.52 -19.58 -31.45
CA VAL SB 99 50.59 -18.52 -30.46
C VAL SB 99 51.82 -18.69 -29.59
N GLU SB 100 52.56 -17.59 -29.41
CA GLU SB 100 53.78 -17.57 -28.60
C GLU SB 100 53.64 -16.45 -27.56
N GLY SB 101 54.30 -16.62 -26.40
CA GLY SB 101 54.17 -15.67 -25.32
C GLY SB 101 55.18 -14.53 -25.38
N PHE SB 102 55.00 -13.57 -24.46
CA PHE SB 102 55.76 -12.32 -24.46
C PHE SB 102 57.09 -12.39 -23.73
N GLY SB 103 57.21 -13.20 -22.69
CA GLY SB 103 58.48 -13.30 -21.99
C GLY SB 103 58.65 -12.40 -20.80
N LYS SB 104 57.58 -12.11 -20.07
CA LYS SB 104 57.65 -11.26 -18.88
C LYS SB 104 56.95 -11.93 -17.71
N LYS SB 105 57.06 -13.26 -17.65
CA LYS SB 105 56.56 -14.10 -16.55
C LYS SB 105 55.05 -13.96 -16.36
N GLY SB 106 54.30 -14.12 -17.44
CA GLY SB 106 52.86 -14.16 -17.36
C GLY SB 106 52.19 -12.81 -17.23
N HIS SB 107 52.89 -11.72 -17.49
CA HIS SB 107 52.32 -10.39 -17.41
C HIS SB 107 52.27 -9.76 -18.79
N SER SB 108 51.59 -8.63 -18.87
CA SER SB 108 51.53 -7.87 -20.12
C SER SB 108 52.58 -6.79 -20.13
N CYS SB 109 53.34 -6.73 -21.23
CA CYS SB 109 54.40 -5.74 -21.37
C CYS SB 109 54.04 -4.77 -22.48
N GLY SB 110 54.70 -3.61 -22.48
CA GLY SB 110 54.36 -2.56 -23.41
C GLY SB 110 53.20 -1.75 -22.92
N ASP SB 111 52.57 -1.04 -23.85
CA ASP SB 111 51.33 -0.33 -23.51
C ASP SB 111 50.11 -1.08 -24.01
N ILE SB 112 50.25 -2.35 -24.36
CA ILE SB 112 49.06 -3.13 -24.74
C ILE SB 112 48.39 -3.65 -23.48
N PRO SB 113 47.12 -3.35 -23.24
CA PRO SB 113 46.50 -3.74 -21.96
C PRO SB 113 45.85 -5.11 -21.98
N GLY SB 114 46.14 -5.93 -20.97
CA GLY SB 114 45.43 -7.16 -20.73
C GLY SB 114 45.70 -8.30 -21.69
N ILE SB 115 46.68 -8.18 -22.57
CA ILE SB 115 46.96 -9.18 -23.59
C ILE SB 115 48.39 -9.67 -23.37
N SER SB 116 48.59 -10.99 -23.46
CA SER SB 116 49.88 -11.57 -23.14
C SER SB 116 50.34 -12.61 -24.16
N TYR SB 117 49.83 -12.56 -25.39
CA TYR SB 117 50.18 -13.56 -26.40
C TYR SB 117 50.25 -12.92 -27.78
N LYS SB 118 51.08 -13.50 -28.65
CA LYS SB 118 51.27 -12.98 -29.99
C LYS SB 118 51.34 -14.10 -31.01
N VAL SB 119 50.93 -13.80 -32.24
CA VAL SB 119 50.84 -14.80 -33.30
C VAL SB 119 52.20 -15.00 -33.96
N VAL SB 120 52.53 -16.25 -34.26
CA VAL SB 120 53.79 -16.55 -34.95
C VAL SB 120 53.59 -17.22 -36.30
N LYS SB 121 52.67 -18.16 -36.45
CA LYS SB 121 52.50 -18.88 -37.72
C LYS SB 121 51.07 -18.75 -38.20
N VAL SB 122 50.92 -18.67 -39.51
CA VAL SB 122 49.61 -18.74 -40.17
C VAL SB 122 49.75 -19.73 -41.32
N GLN SB 123 48.97 -20.81 -41.26
CA GLN SB 123 48.91 -21.86 -42.29
C GLN SB 123 50.28 -22.47 -42.55
N ASN SB 124 51.03 -22.68 -41.46
CA ASN SB 124 52.39 -23.25 -41.47
C ASN SB 124 53.35 -22.42 -42.34
N VAL SB 125 53.11 -21.11 -42.37
CA VAL SB 125 54.01 -20.16 -43.02
C VAL SB 125 54.50 -19.19 -41.96
N SER SB 126 55.82 -19.00 -41.89
CA SER SB 126 56.40 -18.15 -40.87
C SER SB 126 56.10 -16.68 -41.14
N LEU SB 127 55.48 -16.02 -40.16
CA LEU SB 127 55.07 -14.64 -40.34
C LEU SB 127 56.26 -13.69 -40.34
N LEU SB 128 57.35 -14.08 -39.70
CA LEU SB 128 58.57 -13.27 -39.75
C LEU SB 128 59.19 -13.31 -41.13
N ALA SB 129 59.10 -14.46 -41.81
CA ALA SB 129 59.62 -14.54 -43.17
C ALA SB 129 58.66 -13.93 -44.17
N LEU SB 130 57.35 -14.00 -43.91
CA LEU SB 130 56.37 -13.50 -44.86
C LEU SB 130 56.35 -11.98 -44.88
N PHE SB 131 56.71 -11.35 -43.76
CA PHE SB 131 56.90 -9.90 -43.75
C PHE SB 131 58.13 -9.51 -44.55
N LYS SB 132 59.17 -10.34 -44.49
CA LYS SB 132 60.36 -10.09 -45.30
C LYS SB 132 60.09 -10.28 -46.79
N GLY SB 133 59.14 -11.14 -47.13
CA GLY SB 133 58.77 -11.38 -48.51
C GLY SB 133 59.40 -12.59 -49.16
N LYS SB 134 59.93 -13.53 -48.37
CA LYS SB 134 60.58 -14.70 -48.94
C LYS SB 134 59.55 -15.67 -49.52
N LYS SB 135 58.41 -15.83 -48.85
CA LYS SB 135 57.40 -16.78 -49.28
C LYS SB 135 56.15 -16.05 -49.72
N GLU SB 136 55.16 -16.84 -50.16
CA GLU SB 136 53.85 -16.34 -50.55
C GLU SB 136 52.78 -17.14 -49.84
N LYS SB 137 51.65 -16.50 -49.56
CA LYS SB 137 50.57 -17.21 -48.88
C LYS SB 137 49.67 -17.91 -49.89
N PRO SB 138 49.40 -19.21 -49.69
CA PRO SB 138 48.45 -19.95 -50.53
C PRO SB 138 47.01 -19.50 -50.30
N ALA TB 19 -14.76 -1.45 68.06
CA ALA TB 19 -15.41 -2.66 67.56
C ALA TB 19 -14.41 -3.81 67.47
N ILE TB 20 -13.43 -3.79 68.36
CA ILE TB 20 -12.35 -4.78 68.36
C ILE TB 20 -12.59 -5.76 69.49
N PHE TB 21 -12.50 -7.04 69.17
CA PHE TB 21 -12.74 -8.10 70.15
C PHE TB 21 -11.59 -9.10 70.09
N SER TB 22 -11.39 -9.78 71.21
CA SER TB 22 -10.43 -10.88 71.24
C SER TB 22 -10.98 -12.08 70.49
N LEU TB 23 -10.10 -13.03 70.20
CA LEU TB 23 -10.55 -14.26 69.57
C LEU TB 23 -11.39 -15.10 70.52
N GLU TB 24 -11.12 -14.99 71.82
CA GLU TB 24 -11.79 -15.85 72.78
C GLU TB 24 -13.20 -15.35 73.06
N LYS TB 25 -13.41 -14.03 72.97
CA LYS TB 25 -14.75 -13.49 73.19
C LYS TB 25 -15.65 -13.76 71.99
N GLN TB 26 -15.06 -14.00 70.82
CA GLN TB 26 -15.84 -14.19 69.60
C GLN TB 26 -16.54 -15.54 69.59
N LYS TB 27 -16.04 -16.50 70.37
CA LYS TB 27 -16.73 -17.78 70.47
C LYS TB 27 -17.99 -17.66 71.31
N VAL TB 28 -18.03 -16.69 72.23
CA VAL TB 28 -19.22 -16.47 73.04
C VAL TB 28 -20.31 -15.80 72.20
N MET TB 29 -19.91 -14.88 71.31
CA MET TB 29 -20.88 -14.16 70.51
C MET TB 29 -21.47 -15.04 69.41
N LYS TB 30 -20.77 -16.11 69.04
CA LYS TB 30 -21.34 -17.04 68.08
C LYS TB 30 -22.44 -17.88 68.71
N GLN TB 31 -22.20 -18.39 69.92
CA GLN TB 31 -23.18 -19.21 70.61
C GLN TB 31 -24.39 -18.38 71.03
N GLU TB 32 -24.17 -17.11 71.37
CA GLU TB 32 -25.27 -16.23 71.71
C GLU TB 32 -26.09 -15.88 70.48
N ARG TB 33 -25.43 -15.82 69.32
CA ARG TB 33 -26.15 -15.66 68.05
C ARG TB 33 -26.90 -16.93 67.70
N LEU TB 34 -26.32 -18.08 68.03
CA LEU TB 34 -26.94 -19.35 67.65
C LEU TB 34 -27.95 -19.78 68.69
N GLN TB 35 -28.12 -19.00 69.75
CA GLN TB 35 -29.18 -19.27 70.72
C GLN TB 35 -30.46 -18.56 70.31
N LYS TB 36 -30.35 -17.39 69.70
CA LYS TB 36 -31.51 -16.66 69.24
C LYS TB 36 -32.15 -17.34 68.03
N ALA TB 37 -31.31 -17.96 67.18
CA ALA TB 37 -31.82 -18.61 65.99
C ALA TB 37 -32.62 -19.87 66.32
N LYS TB 38 -32.37 -20.46 67.50
CA LYS TB 38 -33.13 -21.62 67.92
C LYS TB 38 -34.53 -21.21 68.38
N ILE TB 39 -34.68 -19.98 68.85
CA ILE TB 39 -35.97 -19.55 69.40
C ILE TB 39 -36.85 -18.96 68.31
N LEU TB 40 -36.25 -18.29 67.33
CA LEU TB 40 -37.04 -17.69 66.25
C LEU TB 40 -37.59 -18.72 65.27
N ARG TB 41 -37.18 -19.98 65.39
CA ARG TB 41 -37.73 -21.01 64.51
C ARG TB 41 -39.19 -21.28 64.83
N GLU TB 42 -39.59 -21.08 66.08
CA GLU TB 42 -40.94 -21.45 66.48
C GLU TB 42 -41.96 -20.36 66.15
N LYS TB 43 -41.50 -19.26 65.54
CA LYS TB 43 -42.44 -18.24 65.09
C LYS TB 43 -42.71 -18.36 63.59
N ILE TB 44 -42.05 -19.32 62.92
CA ILE TB 44 -42.28 -19.51 61.50
C ILE TB 44 -43.46 -20.46 61.29
N LYS TB 45 -44.37 -20.09 60.41
CA LYS TB 45 -45.55 -20.90 60.14
C LYS TB 45 -45.20 -22.11 59.28
N GLY TB 46 -45.73 -23.26 59.66
CA GLY TB 46 -45.62 -24.43 58.81
C GLY TB 46 -44.30 -25.16 58.90
N LEU TB 47 -43.84 -25.47 60.10
CA LEU TB 47 -42.66 -26.29 60.31
C LEU TB 47 -42.98 -27.34 61.37
N LYS TB 48 -42.41 -28.52 61.23
CA LYS TB 48 -42.62 -29.56 62.22
C LYS TB 48 -41.84 -29.23 63.49
N GLU TB 49 -42.41 -29.59 64.63
CA GLU TB 49 -41.83 -29.23 65.91
C GLU TB 49 -40.62 -30.09 66.24
N LYS TB 50 -39.61 -29.46 66.85
CA LYS TB 50 -38.41 -30.13 67.29
C LYS TB 50 -38.59 -30.62 68.72
N LYS TB 51 -38.41 -31.91 68.93
CA LYS TB 51 -38.48 -32.50 70.25
C LYS TB 51 -37.13 -33.10 70.63
N LYS TB 52 -37.06 -33.62 71.85
CA LYS TB 52 -35.85 -34.26 72.30
C LYS TB 52 -35.80 -35.71 71.83
N GLN TB 53 -34.60 -36.29 71.87
CA GLN TB 53 -34.45 -37.71 71.58
C GLN TB 53 -35.09 -38.53 72.68
N TYR TB 54 -35.64 -39.70 72.32
CA TYR TB 54 -36.60 -40.36 73.18
C TYR TB 54 -35.94 -41.06 74.36
N TYR TB 55 -34.74 -41.61 74.16
CA TYR TB 55 -34.14 -42.38 75.26
C TYR TB 55 -33.45 -41.47 76.26
N LEU TB 56 -33.43 -40.16 76.00
CA LEU TB 56 -32.86 -39.22 76.97
C LEU TB 56 -33.94 -38.38 77.62
N ASP TB 57 -35.04 -38.15 76.92
CA ASP TB 57 -36.12 -37.31 77.42
C ASP TB 57 -36.96 -38.10 78.41
N LEU TB 58 -36.64 -37.97 79.70
CA LEU TB 58 -37.31 -38.78 80.71
C LEU TB 58 -38.69 -38.23 81.05
N ALA TB 59 -38.98 -37.00 80.66
CA ALA TB 59 -40.24 -36.38 81.02
C ALA TB 59 -41.40 -37.00 80.27
N ARG TB 60 -41.17 -37.40 79.02
CA ARG TB 60 -42.27 -37.99 78.24
C ARG TB 60 -42.52 -39.44 78.65
N GLN TB 61 -41.50 -40.12 79.16
CA GLN TB 61 -41.67 -41.52 79.52
C GLN TB 61 -42.46 -41.66 80.81
N LYS TB 62 -42.45 -40.64 81.65
CA LYS TB 62 -43.24 -40.68 82.87
C LYS TB 62 -44.71 -40.45 82.56
N ALA TB 63 -45.00 -39.54 81.62
CA ALA TB 63 -46.38 -39.12 81.39
C ALA TB 63 -47.16 -40.18 80.63
N ASP TB 64 -46.53 -40.83 79.65
CA ASP TB 64 -47.22 -41.84 78.87
C ASP TB 64 -47.45 -43.10 79.70
N LYS TB 65 -46.58 -43.35 80.68
CA LYS TB 65 -46.79 -44.49 81.57
C LYS TB 65 -47.92 -44.21 82.55
N LEU TB 66 -48.21 -42.93 82.81
CA LEU TB 66 -49.35 -42.59 83.66
C LEU TB 66 -50.67 -42.88 82.95
N GLU TB 67 -50.70 -42.68 81.63
CA GLU TB 67 -51.87 -43.07 80.86
C GLU TB 67 -51.98 -44.58 80.76
N ALA TB 68 -50.86 -45.28 80.88
CA ALA TB 68 -50.82 -46.72 80.64
C ALA TB 68 -51.54 -47.48 81.75
N ASP TB 69 -51.23 -47.20 83.01
CA ASP TB 69 -51.81 -47.98 84.10
C ASP TB 69 -53.16 -47.44 84.51
N LYS TB 70 -53.58 -46.31 83.93
CA LYS TB 70 -54.89 -45.76 84.22
C LYS TB 70 -55.99 -46.65 83.64
N LEU TB 71 -55.70 -47.30 82.52
CA LEU TB 71 -56.65 -48.23 81.91
C LEU TB 71 -56.77 -49.51 82.72
N LEU TB 72 -55.73 -49.84 83.49
CA LEU TB 72 -55.74 -51.06 84.30
C LEU TB 72 -56.76 -50.98 85.42
N ASN TB 73 -57.02 -49.78 85.92
CA ASN TB 73 -58.02 -49.57 86.95
C ASN TB 73 -59.43 -49.76 86.39
N MET UB 1 -88.47 -27.80 42.57
CA MET UB 1 -89.03 -29.07 42.15
C MET UB 1 -88.10 -30.23 42.45
N LEU UB 2 -87.79 -30.43 43.73
CA LEU UB 2 -86.77 -31.42 44.06
C LEU UB 2 -87.37 -32.82 44.12
N ALA UB 3 -88.22 -33.07 45.13
CA ALA UB 3 -88.83 -34.38 45.33
C ALA UB 3 -89.97 -34.23 46.33
N GLY UB 4 -91.16 -34.66 45.93
CA GLY UB 4 -92.32 -34.58 46.82
C GLY UB 4 -92.71 -33.15 47.14
N ARG UB 5 -92.78 -32.30 46.13
CA ARG UB 5 -92.89 -30.87 46.39
C ARG UB 5 -94.34 -30.44 46.54
N LYS UB 6 -95.27 -31.20 45.94
CA LYS UB 6 -96.72 -31.00 46.10
C LYS UB 6 -97.17 -29.62 45.60
N THR UB 7 -97.10 -29.42 44.30
CA THR UB 7 -97.27 -28.09 43.72
C THR UB 7 -98.68 -27.87 43.18
N LYS UB 8 -98.99 -26.60 42.94
CA LYS UB 8 -100.16 -26.21 42.16
C LYS UB 8 -99.70 -25.79 40.78
N SER UB 9 -99.76 -26.70 39.81
CA SER UB 9 -99.27 -26.38 38.49
C SER UB 9 -100.06 -27.15 37.46
N SER UB 10 -99.91 -26.73 36.20
CA SER UB 10 -100.66 -27.29 35.10
C SER UB 10 -99.79 -27.89 34.02
N LEU UB 11 -98.47 -27.86 34.16
CA LEU UB 11 -97.61 -28.44 33.16
C LEU UB 11 -97.65 -29.96 33.22
N ARG UB 12 -97.27 -30.60 32.12
CA ARG UB 12 -97.31 -32.06 32.07
C ARG UB 12 -96.14 -32.66 32.84
N LYS UB 13 -94.96 -32.05 32.73
CA LYS UB 13 -93.78 -32.67 33.35
C LYS UB 13 -93.68 -32.33 34.82
N LYS UB 14 -94.30 -31.24 35.26
CA LYS UB 14 -94.20 -30.85 36.65
C LYS UB 14 -95.11 -31.69 37.53
N GLN UB 15 -96.27 -32.07 37.00
CA GLN UB 15 -97.20 -32.87 37.77
C GLN UB 15 -96.77 -34.33 37.82
N ARG UB 16 -96.13 -34.81 36.76
CA ARG UB 16 -95.73 -36.21 36.72
C ARG UB 16 -94.51 -36.47 37.59
N LYS UB 17 -93.70 -35.44 37.86
CA LYS UB 17 -92.57 -35.62 38.76
C LYS UB 17 -93.04 -35.77 40.21
N ALA UB 18 -94.21 -35.21 40.52
CA ALA UB 18 -94.75 -35.37 41.86
C ALA UB 18 -95.38 -36.74 42.06
N LEU UB 19 -95.69 -37.43 40.96
CA LEU UB 19 -96.28 -38.76 41.08
C LEU UB 19 -95.20 -39.82 41.29
N PHE UB 20 -94.05 -39.64 40.65
CA PHE UB 20 -92.99 -40.62 40.78
C PHE UB 20 -92.20 -40.45 42.07
N THR UB 21 -91.83 -39.23 42.39
CA THR UB 21 -90.94 -38.98 43.51
C THR UB 21 -91.68 -38.60 44.79
N ALA UB 22 -92.89 -39.09 44.99
CA ALA UB 22 -93.58 -38.81 46.25
C ALA UB 22 -93.13 -39.78 47.33
N VAL UB 23 -93.14 -39.31 48.58
CA VAL UB 23 -92.76 -40.12 49.73
C VAL UB 23 -93.71 -39.83 50.89
N GLY UB 24 -93.69 -40.72 51.88
CA GLY UB 24 -94.34 -40.42 53.15
C GLY UB 24 -95.83 -40.72 53.12
N LYS UB 25 -96.60 -39.81 53.72
CA LYS UB 25 -98.05 -39.97 53.75
C LYS UB 25 -98.66 -39.67 52.39
N ASP UB 26 -97.93 -38.97 51.53
CA ASP UB 26 -98.44 -38.65 50.21
C ASP UB 26 -98.49 -39.89 49.32
N ARG UB 27 -97.58 -40.83 49.55
CA ARG UB 27 -97.58 -42.06 48.75
C ARG UB 27 -98.74 -42.97 49.15
N LEU UB 28 -99.21 -42.85 50.40
CA LEU UB 28 -100.32 -43.69 50.84
C LEU UB 28 -101.63 -43.28 50.18
N LYS UB 29 -101.86 -41.97 50.04
CA LYS UB 29 -103.18 -41.54 49.60
C LYS UB 29 -103.37 -41.68 48.10
N ARG UB 30 -102.30 -41.95 47.35
CA ARG UB 30 -102.47 -42.24 45.93
C ARG UB 30 -103.19 -43.57 45.72
N MET UB 31 -102.95 -44.52 46.61
CA MET UB 31 -103.58 -45.83 46.55
C MET UB 31 -104.75 -45.90 47.52
N SER UB 32 -105.90 -45.41 47.07
CA SER UB 32 -107.14 -45.44 47.84
C SER UB 32 -108.19 -46.15 46.99
N SER UB 33 -109.33 -46.47 47.60
CA SER UB 33 -110.36 -47.19 46.89
C SER UB 33 -111.74 -46.73 47.32
N HIS UB 34 -112.72 -46.99 46.45
CA HIS UB 34 -114.08 -46.49 46.65
C HIS UB 34 -114.83 -47.37 47.63
N LEU UB 35 -115.77 -46.76 48.35
CA LEU UB 35 -116.56 -47.44 49.37
C LEU UB 35 -117.81 -48.05 48.76
N SER UB 36 -118.34 -49.08 49.41
CA SER UB 36 -119.64 -49.61 49.04
C SER UB 36 -120.74 -48.67 49.52
N GLU UB 37 -121.96 -48.91 49.04
CA GLU UB 37 -123.07 -48.04 49.41
C GLU UB 37 -123.50 -48.27 50.85
N GLU UB 38 -123.53 -49.53 51.28
CA GLU UB 38 -123.94 -49.82 52.65
C GLU UB 38 -122.84 -49.44 53.65
N LEU UB 39 -121.58 -49.48 53.21
CA LEU UB 39 -120.51 -48.98 54.07
C LEU UB 39 -120.53 -47.46 54.14
N ARG UB 40 -121.03 -46.81 53.09
CA ARG UB 40 -121.10 -45.35 53.07
C ARG UB 40 -122.13 -44.84 54.07
N SER UB 41 -123.13 -45.66 54.37
CA SER UB 41 -124.16 -45.27 55.32
C SER UB 41 -123.65 -45.35 56.75
N GLN UB 42 -122.64 -46.19 57.00
CA GLN UB 42 -122.16 -46.37 58.37
C GLN UB 42 -121.23 -45.24 58.79
N TYR UB 43 -120.29 -44.87 57.93
CA TYR UB 43 -119.32 -43.82 58.27
C TYR UB 43 -119.65 -42.48 57.63
N GLY UB 44 -119.72 -42.42 56.30
CA GLY UB 44 -120.17 -41.21 55.66
C GLY UB 44 -119.21 -40.52 54.72
N PHE UB 45 -117.95 -40.97 54.65
CA PHE UB 45 -117.00 -40.40 53.72
C PHE UB 45 -116.97 -41.20 52.42
N ARG UB 46 -116.07 -40.82 51.51
CA ARG UB 46 -116.10 -41.41 50.18
C ARG UB 46 -115.05 -42.51 50.02
N SER UB 47 -113.82 -42.28 50.48
CA SER UB 47 -112.74 -43.22 50.23
C SER UB 47 -111.75 -43.22 51.38
N PHE UB 48 -110.86 -44.21 51.37
CA PHE UB 48 -109.94 -44.47 52.48
C PHE UB 48 -108.81 -45.35 51.95
N PRO UB 49 -107.58 -45.17 52.45
CA PRO UB 49 -106.45 -45.93 51.93
C PRO UB 49 -106.52 -47.41 52.26
N VAL UB 50 -105.65 -48.18 51.60
CA VAL UB 50 -105.81 -49.63 51.54
C VAL UB 50 -104.73 -50.32 52.35
N ALA UB 51 -105.13 -51.31 53.14
CA ALA UB 51 -104.21 -52.12 53.94
C ALA UB 51 -104.29 -53.57 53.48
N VAL UB 52 -103.63 -54.44 54.23
CA VAL UB 52 -103.48 -55.84 53.81
C VAL UB 52 -104.53 -56.70 54.49
N GLY UB 53 -105.28 -57.46 53.68
CA GLY UB 53 -106.14 -58.50 54.19
C GLY UB 53 -107.62 -58.22 54.18
N ASP UB 54 -108.06 -57.13 53.56
CA ASP UB 54 -109.48 -56.82 53.51
C ASP UB 54 -110.09 -57.22 52.16
N ILE UB 55 -111.36 -57.60 52.19
CA ILE UB 55 -111.98 -58.24 51.04
C ILE UB 55 -112.47 -57.18 50.06
N VAL UB 56 -112.01 -57.28 48.81
CA VAL UB 56 -112.26 -56.28 47.79
C VAL UB 56 -112.98 -56.92 46.61
N LYS UB 57 -113.53 -56.07 45.75
CA LYS UB 57 -114.24 -56.53 44.56
C LYS UB 57 -113.97 -55.58 43.40
N VAL UB 58 -113.54 -56.14 42.28
CA VAL UB 58 -113.17 -55.36 41.11
C VAL UB 58 -114.45 -54.85 40.45
N HIS UB 59 -114.44 -53.58 40.02
CA HIS UB 59 -115.66 -53.01 39.44
C HIS UB 59 -115.44 -52.57 37.99
N SER UB 60 -114.21 -52.66 37.49
CA SER UB 60 -113.92 -52.25 36.12
C SER UB 60 -112.70 -52.98 35.60
N GLY UB 61 -112.65 -53.13 34.27
CA GLY UB 61 -111.52 -53.74 33.62
C GLY UB 61 -111.85 -55.10 33.03
N PRO UB 62 -110.84 -55.84 32.59
CA PRO UB 62 -111.09 -57.18 32.04
C PRO UB 62 -111.37 -58.22 33.11
N TYR UB 63 -111.07 -57.91 34.37
CA TYR UB 63 -111.34 -58.80 35.48
C TYR UB 63 -112.61 -58.43 36.24
N LYS UB 64 -113.63 -57.97 35.52
CA LYS UB 64 -114.80 -57.39 36.17
C LYS UB 64 -115.63 -58.45 36.86
N GLY UB 65 -115.98 -58.17 38.12
CA GLY UB 65 -116.93 -58.98 38.86
C GLY UB 65 -116.35 -59.86 39.96
N LYS UB 66 -115.07 -60.19 39.88
CA LYS UB 66 -114.47 -61.18 40.78
C LYS UB 66 -114.16 -60.53 42.13
N GLU UB 67 -114.24 -61.32 43.19
CA GLU UB 67 -114.03 -60.86 44.55
C GLU UB 67 -112.96 -61.72 45.21
N GLY UB 68 -112.03 -61.07 45.92
CA GLY UB 68 -110.93 -61.78 46.52
C GLY UB 68 -110.31 -60.99 47.66
N GLN UB 69 -109.29 -61.61 48.26
CA GLN UB 69 -108.60 -60.98 49.37
C GLN UB 69 -107.25 -60.46 48.90
N ILE UB 70 -106.75 -59.43 49.58
CA ILE UB 70 -105.49 -58.81 49.18
C ILE UB 70 -104.31 -59.58 49.76
N LEU UB 71 -103.39 -59.99 48.88
CA LEU UB 71 -102.21 -60.74 49.28
C LEU UB 71 -100.99 -59.86 49.51
N GLU UB 72 -100.65 -59.00 48.55
CA GLU UB 72 -99.47 -58.15 48.69
C GLU UB 72 -99.82 -56.70 48.39
N VAL UB 73 -98.95 -55.81 48.83
CA VAL UB 73 -99.00 -54.39 48.46
C VAL UB 73 -97.59 -53.97 48.07
N PHE UB 74 -97.49 -53.26 46.94
CA PHE UB 74 -96.20 -52.79 46.42
C PHE UB 74 -96.23 -51.26 46.40
N LEU UB 75 -95.49 -50.64 47.31
CA LEU UB 75 -95.48 -49.18 47.34
C LEU UB 75 -94.68 -48.58 46.21
N LYS UB 76 -93.72 -49.34 45.67
CA LYS UB 76 -92.83 -48.77 44.66
C LYS UB 76 -93.46 -48.82 43.27
N ASP UB 77 -94.62 -49.45 43.13
CA ASP UB 77 -95.22 -49.68 41.82
C ASP UB 77 -96.67 -49.25 41.73
N TYR UB 78 -97.30 -48.92 42.86
CA TYR UB 78 -98.74 -48.65 42.97
C TYR UB 78 -99.58 -49.80 42.42
N ARG UB 79 -99.25 -51.02 42.82
CA ARG UB 79 -99.98 -52.20 42.35
C ARG UB 79 -100.30 -53.10 43.53
N ILE UB 80 -101.33 -53.92 43.37
CA ILE UB 80 -101.73 -54.91 44.37
C ILE UB 80 -102.06 -56.22 43.66
N THR UB 81 -102.16 -57.30 44.43
CA THR UB 81 -102.53 -58.61 43.94
C THR UB 81 -103.79 -59.09 44.65
N VAL UB 82 -104.78 -59.53 43.87
CA VAL UB 82 -106.07 -59.95 44.40
C VAL UB 82 -106.19 -61.46 44.18
N GLU UB 83 -106.80 -62.14 45.16
CA GLU UB 83 -106.97 -63.59 45.06
C GLU UB 83 -108.00 -63.96 43.99
N GLY UB 84 -107.82 -65.15 43.43
CA GLY UB 84 -108.74 -65.67 42.43
C GLY UB 84 -108.46 -65.23 41.01
N CYS UB 85 -107.49 -64.36 40.78
CA CYS UB 85 -107.18 -63.85 39.46
C CYS UB 85 -105.89 -64.50 38.98
N LEU UB 86 -105.84 -64.82 37.69
CA LEU UB 86 -104.69 -65.49 37.10
C LEU UB 86 -104.14 -64.66 35.95
N GLU UB 87 -102.84 -64.72 35.76
CA GLU UB 87 -102.16 -63.99 34.70
C GLU UB 87 -101.20 -64.93 33.99
N GLU UB 88 -101.11 -64.79 32.66
CA GLU UB 88 -100.29 -65.68 31.85
C GLU UB 88 -98.81 -65.33 31.96
N ASN UB 89 -97.98 -66.35 32.05
CA ASN UB 89 -96.54 -66.20 32.00
C ASN UB 89 -96.01 -67.11 30.90
N GLU UB 90 -94.69 -67.12 30.73
CA GLU UB 90 -94.07 -67.92 29.67
C GLU UB 90 -94.03 -69.40 30.04
N GLU UB 91 -94.37 -69.73 31.29
CA GLU UB 91 -94.41 -71.13 31.68
C GLU UB 91 -95.83 -71.57 32.06
N LYS UB 92 -96.53 -70.77 32.86
CA LYS UB 92 -97.86 -71.14 33.34
C LYS UB 92 -98.72 -69.89 33.46
N GLU UB 93 -99.98 -70.11 33.82
CA GLU UB 93 -100.91 -69.04 34.15
C GLU UB 93 -101.12 -68.91 35.65
N ASN UB 94 -100.19 -69.42 36.45
CA ASN UB 94 -100.39 -69.41 37.90
C ASN UB 94 -99.96 -68.08 38.51
N VAL UB 95 -99.45 -67.16 37.69
CA VAL UB 95 -99.05 -65.84 38.18
C VAL UB 95 -100.30 -65.05 38.56
N PRO UB 96 -100.36 -64.47 39.76
CA PRO UB 96 -101.52 -63.64 40.09
C PRO UB 96 -101.46 -62.30 39.36
N ALA UB 97 -102.61 -61.69 39.18
CA ALA UB 97 -102.68 -60.46 38.41
C ALA UB 97 -102.25 -59.27 39.26
N LYS UB 98 -101.80 -58.22 38.58
CA LYS UB 98 -101.44 -56.96 39.21
C LYS UB 98 -102.39 -55.86 38.75
N LEU UB 99 -103.05 -55.22 39.70
CA LEU UB 99 -104.08 -54.23 39.39
C LEU UB 99 -103.74 -52.91 40.06
N HIS UB 100 -104.33 -51.84 39.53
CA HIS UB 100 -104.26 -50.55 40.21
C HIS UB 100 -105.43 -50.42 41.17
N PRO UB 101 -105.20 -49.87 42.36
CA PRO UB 101 -106.27 -49.86 43.37
C PRO UB 101 -107.37 -48.84 43.14
N CYS UB 102 -107.33 -48.10 42.02
CA CYS UB 102 -108.42 -47.19 41.73
C CYS UB 102 -109.54 -47.90 40.98
N ASN UB 103 -109.32 -49.17 40.61
CA ASN UB 103 -110.35 -49.90 39.87
C ASN UB 103 -111.16 -50.81 40.79
N VAL UB 104 -110.85 -50.79 42.10
CA VAL UB 104 -111.44 -51.76 43.01
C VAL UB 104 -112.26 -51.03 44.07
N THR UB 105 -113.34 -51.66 44.53
CA THR UB 105 -114.08 -51.23 45.72
C THR UB 105 -114.05 -52.36 46.72
N PHE UB 106 -113.82 -52.03 47.99
CA PHE UB 106 -113.71 -53.06 49.02
C PHE UB 106 -115.02 -53.20 49.77
N VAL UB 107 -115.28 -54.43 50.25
CA VAL UB 107 -116.57 -54.77 50.82
C VAL UB 107 -116.49 -54.87 52.33
N LYS UB 108 -115.49 -55.59 52.84
CA LYS UB 108 -115.32 -55.75 54.27
C LYS UB 108 -113.92 -55.29 54.64
N PHE UB 109 -113.80 -54.64 55.80
CA PHE UB 109 -112.53 -54.11 56.26
C PHE UB 109 -111.65 -55.20 56.86
N ASN UB 110 -110.58 -54.75 57.52
CA ASN UB 110 -109.70 -55.58 58.32
C ASN UB 110 -109.10 -54.70 59.42
N MET UB 111 -109.37 -55.04 60.67
CA MET UB 111 -108.98 -54.21 61.80
C MET UB 111 -107.65 -54.69 62.35
N ASP UB 112 -106.57 -54.03 61.96
CA ASP UB 112 -105.26 -54.34 62.51
C ASP UB 112 -104.48 -53.05 62.71
N ASN UB 113 -103.64 -53.05 63.76
CA ASN UB 113 -102.68 -51.99 64.06
C ASN UB 113 -103.37 -50.65 64.29
N GLY UB 114 -104.43 -50.68 65.09
CA GLY UB 114 -105.16 -49.45 65.41
C GLY UB 114 -105.98 -48.94 64.25
N ARG UB 115 -106.61 -49.84 63.49
CA ARG UB 115 -107.39 -49.43 62.33
C ARG UB 115 -108.70 -48.79 62.75
N GLU UB 116 -109.27 -49.24 63.87
CA GLU UB 116 -110.53 -48.68 64.34
C GLU UB 116 -110.34 -47.29 64.91
N LYS UB 117 -109.15 -47.00 65.43
CA LYS UB 117 -108.85 -45.68 65.95
C LYS UB 117 -108.80 -44.65 64.83
N GLN UB 118 -108.28 -45.05 63.67
CA GLN UB 118 -108.15 -44.11 62.56
C GLN UB 118 -109.49 -43.83 61.91
N LEU UB 119 -110.33 -44.87 61.78
CA LEU UB 119 -111.60 -44.72 61.10
C LEU UB 119 -112.57 -43.86 61.91
N GLU UB 120 -112.47 -43.92 63.23
CA GLU UB 120 -113.35 -43.12 64.05
C GLU UB 120 -112.87 -41.68 64.17
N GLU UB 121 -111.59 -41.45 63.87
CA GLU UB 121 -111.09 -40.09 63.89
C GLU UB 121 -111.52 -39.31 62.66
N LYS UB 122 -111.65 -40.00 61.52
CA LYS UB 122 -112.10 -39.33 60.31
C LYS UB 122 -113.59 -39.02 60.38
N LYS UB 123 -114.37 -39.94 60.97
CA LYS UB 123 -115.81 -39.75 61.04
C LYS UB 123 -116.18 -38.62 62.00
N ILE UB 124 -115.32 -38.34 62.97
CA ILE UB 124 -115.54 -37.19 63.84
C ILE UB 124 -115.24 -35.91 63.09
N ALA UB 125 -114.17 -35.89 62.29
CA ALA UB 125 -113.73 -34.65 61.67
C ALA UB 125 -114.63 -34.26 60.50
N ARG UB 126 -115.39 -35.21 59.96
CA ARG UB 126 -116.22 -34.92 58.80
C ARG UB 126 -117.46 -34.11 59.18
N VAL UB 127 -118.11 -34.48 60.28
CA VAL UB 127 -119.40 -33.86 60.62
C VAL UB 127 -119.18 -32.46 61.18
N GLN UB 128 -118.00 -32.18 61.72
CA GLN UB 128 -117.69 -30.83 62.17
C GLN UB 128 -117.57 -29.87 61.00
N HIS UB 129 -117.18 -30.38 59.83
CA HIS UB 129 -117.11 -29.56 58.63
C HIS UB 129 -118.49 -29.14 58.17
N ILE UB 130 -119.50 -29.98 58.43
CA ILE UB 130 -120.85 -29.66 58.00
C ILE UB 130 -121.48 -28.62 58.91
N GLU UB 131 -121.05 -28.59 60.18
CA GLU UB 131 -121.62 -27.62 61.12
C GLU UB 131 -121.04 -26.23 60.92
N ARG UB 132 -119.89 -26.12 60.25
CA ARG UB 132 -119.33 -24.80 59.98
C ARG UB 132 -120.13 -24.07 58.93
N GLU UB 133 -120.74 -24.81 58.00
CA GLU UB 133 -121.34 -24.18 56.83
C GLU UB 133 -122.70 -23.58 57.14
N GLN UB 134 -123.53 -24.30 57.88
CA GLN UB 134 -124.89 -23.85 58.19
C GLN UB 134 -124.90 -22.70 59.18
N ALA VB 2 105.01 -48.16 -59.82
CA ALA VB 2 105.69 -47.95 -58.55
C ALA VB 2 105.16 -48.90 -57.48
N ALA VB 3 105.89 -49.99 -57.26
CA ALA VB 3 105.51 -50.99 -56.27
C ALA VB 3 106.74 -51.34 -55.43
N ASN VB 4 106.61 -51.23 -54.12
CA ASN VB 4 107.70 -51.50 -53.20
C ASN VB 4 107.20 -52.30 -52.01
N CYS VB 5 107.98 -53.31 -51.62
CA CYS VB 5 107.60 -54.15 -50.48
C CYS VB 5 108.86 -54.75 -49.87
N GLU VB 6 108.97 -54.68 -48.54
CA GLU VB 6 110.00 -55.35 -47.79
C GLU VB 6 109.36 -56.14 -46.67
N LEU VB 7 110.06 -57.15 -46.18
CA LEU VB 7 109.53 -58.04 -45.15
C LEU VB 7 110.45 -58.06 -43.95
N GLU VB 8 109.89 -57.80 -42.77
CA GLU VB 8 110.63 -57.89 -41.52
C GLU VB 8 109.81 -58.71 -40.54
N ILE VB 9 110.44 -59.71 -39.94
CA ILE VB 9 109.76 -60.71 -39.14
C ILE VB 9 109.96 -60.37 -37.67
N LEU VB 10 108.87 -60.07 -36.97
CA LEU VB 10 108.91 -59.72 -35.57
C LEU VB 10 108.06 -60.71 -34.79
N LEU VB 11 108.60 -61.18 -33.66
CA LEU VB 11 107.94 -62.11 -32.73
C LEU VB 11 107.53 -63.41 -33.41
N GLN VB 12 108.52 -64.17 -33.86
CA GLN VB 12 108.24 -65.51 -34.37
C GLN VB 12 108.01 -66.48 -33.21
N LYS VB 13 106.87 -67.16 -33.24
CA LYS VB 13 106.50 -68.10 -32.20
C LYS VB 13 105.96 -69.37 -32.85
N SER VB 14 106.13 -70.49 -32.15
CA SER VB 14 105.78 -71.81 -32.66
C SER VB 14 104.62 -72.37 -31.86
N ASN VB 15 103.64 -72.95 -32.56
CA ASN VB 15 102.46 -73.55 -31.94
C ASN VB 15 102.43 -75.03 -32.29
N SER VB 16 102.56 -75.88 -31.28
CA SER VB 16 102.65 -77.32 -31.46
C SER VB 16 101.29 -78.00 -31.52
N LEU VB 17 100.31 -77.52 -30.74
CA LEU VB 17 99.00 -78.17 -30.70
C LEU VB 17 98.22 -77.94 -31.98
N LEU VB 18 98.19 -76.71 -32.46
CA LEU VB 18 97.56 -76.40 -33.73
C LEU VB 18 98.48 -76.64 -34.91
N SER VB 19 99.75 -76.99 -34.65
CA SER VB 19 100.75 -77.36 -35.66
C SER VB 19 101.01 -76.22 -36.65
N ARG VB 20 101.36 -75.05 -36.12
CA ARG VB 20 101.57 -73.89 -36.95
C ARG VB 20 102.64 -72.99 -36.33
N LYS VB 21 103.05 -71.99 -37.10
CA LYS VB 21 103.94 -70.94 -36.62
C LYS VB 21 103.25 -69.60 -36.78
N GLU VB 22 103.58 -68.65 -35.90
CA GLU VB 22 103.03 -67.31 -35.95
C GLU VB 22 104.16 -66.29 -35.99
N LEU VB 23 103.90 -65.18 -36.67
CA LEU VB 23 104.85 -64.07 -36.75
C LEU VB 23 104.10 -62.81 -37.18
N SER VB 24 104.69 -61.66 -36.89
CA SER VB 24 104.12 -60.37 -37.25
C SER VB 24 105.01 -59.70 -38.28
N LEU VB 25 104.42 -59.34 -39.42
CA LEU VB 25 105.16 -58.82 -40.56
C LEU VB 25 105.25 -57.29 -40.51
N LYS VB 26 106.25 -56.76 -41.22
CA LYS VB 26 106.48 -55.33 -41.33
C LYS VB 26 106.76 -55.00 -42.79
N ILE VB 27 105.91 -54.14 -43.39
CA ILE VB 27 106.04 -53.78 -44.80
C ILE VB 27 106.48 -52.33 -44.95
N HIS VB 28 107.53 -52.13 -45.73
CA HIS VB 28 107.98 -50.80 -46.12
C HIS VB 28 107.54 -50.54 -47.55
N HIS VB 29 106.54 -49.68 -47.73
CA HIS VB 29 106.08 -49.30 -49.05
C HIS VB 29 106.39 -47.82 -49.22
N GLU VB 30 107.53 -47.54 -49.85
CA GLU VB 30 108.14 -46.22 -49.79
C GLU VB 30 107.39 -45.21 -50.66
N GLU VB 31 107.27 -45.50 -51.96
CA GLU VB 31 106.54 -44.65 -52.89
C GLU VB 31 105.43 -45.42 -53.58
N SER VB 32 104.62 -46.14 -52.81
CA SER VB 32 103.64 -47.03 -53.39
C SER VB 32 102.44 -47.14 -52.47
N PRO VB 33 101.30 -47.63 -52.94
CA PRO VB 33 100.21 -47.97 -52.03
C PRO VB 33 100.53 -49.19 -51.18
N VAL VB 34 99.55 -49.60 -50.39
CA VAL VB 34 99.68 -50.84 -49.64
C VAL VB 34 99.65 -52.02 -50.61
N PRO VB 35 100.49 -53.04 -50.43
CA PRO VB 35 100.59 -54.09 -51.45
C PRO VB 35 99.39 -55.02 -51.39
N GLN VB 36 99.05 -55.56 -52.55
CA GLN VB 36 98.04 -56.62 -52.59
C GLN VB 36 98.62 -57.90 -52.04
N LYS VB 37 97.73 -58.79 -51.58
CA LYS VB 37 98.20 -59.97 -50.85
C LYS VB 37 98.73 -61.03 -51.80
N LYS VB 38 98.55 -60.87 -53.11
CA LYS VB 38 99.03 -61.85 -54.07
C LYS VB 38 100.55 -61.89 -54.10
N VAL VB 39 101.19 -60.72 -54.06
CA VAL VB 39 102.63 -60.68 -54.22
C VAL VB 39 103.33 -61.02 -52.91
N ILE VB 40 102.68 -60.78 -51.77
CA ILE VB 40 103.33 -61.03 -50.48
C ILE VB 40 103.32 -62.52 -50.18
N THR VB 41 102.30 -63.24 -50.66
CA THR VB 41 102.27 -64.68 -50.50
C THR VB 41 103.37 -65.36 -51.33
N ASP VB 42 103.77 -64.71 -52.43
CA ASP VB 42 104.86 -65.27 -53.23
C ASP VB 42 106.20 -65.10 -52.53
N LYS VB 43 106.34 -64.05 -51.73
CA LYS VB 43 107.64 -63.74 -51.14
C LYS VB 43 107.99 -64.68 -49.99
N LEU VB 44 106.97 -65.20 -49.30
CA LEU VB 44 107.25 -66.07 -48.17
C LEU VB 44 107.54 -67.50 -48.63
N SER VB 45 107.22 -67.81 -49.88
CA SER VB 45 107.49 -69.14 -50.41
C SER VB 45 108.98 -69.36 -50.64
N LYS VB 46 109.73 -68.28 -50.84
CA LYS VB 46 111.18 -68.40 -50.97
C LYS VB 46 111.84 -68.59 -49.62
N LEU VB 47 111.44 -67.80 -48.62
CA LEU VB 47 112.06 -67.91 -47.31
C LEU VB 47 111.58 -69.16 -46.58
N PHE VB 48 110.27 -69.36 -46.49
CA PHE VB 48 109.69 -70.58 -45.95
C PHE VB 48 109.35 -71.49 -47.10
N GLN VB 49 109.97 -72.68 -47.14
CA GLN VB 49 109.98 -73.49 -48.35
C GLN VB 49 108.71 -74.31 -48.52
N THR VB 50 107.69 -74.09 -47.70
CA THR VB 50 106.39 -74.74 -47.89
C THR VB 50 105.71 -74.11 -49.11
N LYS VB 51 104.71 -74.82 -49.65
CA LYS VB 51 103.96 -74.34 -50.80
C LYS VB 51 103.20 -73.06 -50.49
N ASN VB 52 102.91 -72.29 -51.54
CA ASN VB 52 102.25 -71.01 -51.37
C ASN VB 52 100.77 -71.17 -51.01
N ASP VB 53 100.21 -72.36 -51.22
CA ASP VB 53 98.81 -72.57 -50.87
C ASP VB 53 98.63 -72.81 -49.38
N ASN VB 54 99.69 -73.26 -48.70
CA ASN VB 54 99.56 -73.55 -47.27
C ASN VB 54 99.63 -72.27 -46.44
N ILE VB 55 100.03 -71.15 -47.04
CA ILE VB 55 100.24 -69.91 -46.30
C ILE VB 55 99.01 -69.03 -46.41
N VAL VB 56 98.61 -68.44 -45.28
CA VAL VB 56 97.50 -67.49 -45.23
C VAL VB 56 97.98 -66.24 -44.49
N VAL VB 57 97.58 -65.08 -44.99
CA VAL VB 57 97.90 -63.78 -44.40
C VAL VB 57 96.61 -62.98 -44.29
N TYR VB 58 96.53 -62.11 -43.30
CA TYR VB 58 95.30 -61.38 -43.02
C TYR VB 58 95.62 -60.09 -42.28
N ASP VB 59 94.61 -59.22 -42.24
CA ASP VB 59 94.60 -57.99 -41.42
C ASP VB 59 95.76 -57.07 -41.76
N ILE VB 60 95.78 -56.59 -43.00
CA ILE VB 60 96.80 -55.65 -43.44
C ILE VB 60 96.28 -54.25 -43.16
N THR VB 61 96.79 -53.62 -42.10
CA THR VB 61 96.39 -52.27 -41.73
C THR VB 61 97.57 -51.34 -41.91
N ASN VB 62 97.32 -50.20 -42.55
CA ASN VB 62 98.34 -49.18 -42.77
C ASN VB 62 98.27 -48.15 -41.64
N THR VB 63 99.40 -47.90 -41.00
CA THR VB 63 99.48 -46.81 -40.05
C THR VB 63 99.43 -45.48 -40.80
N PRO VB 64 98.67 -44.51 -40.33
CA PRO VB 64 98.29 -43.37 -41.18
C PRO VB 64 99.42 -42.38 -41.38
N GLY VB 65 99.77 -42.15 -42.64
CA GLY VB 65 100.78 -41.15 -42.98
C GLY VB 65 102.20 -41.56 -42.62
N THR VB 66 102.47 -42.87 -42.66
CA THR VB 66 103.78 -43.38 -42.28
C THR VB 66 104.42 -44.28 -43.34
N HIS VB 67 103.68 -44.66 -44.38
CA HIS VB 67 104.14 -45.52 -45.48
C HIS VB 67 104.61 -46.90 -44.98
N THR VB 68 103.93 -47.43 -43.96
CA THR VB 68 104.32 -48.71 -43.37
C THR VB 68 103.09 -49.39 -42.78
N SER VB 69 102.90 -50.67 -43.14
CA SER VB 69 101.71 -51.41 -42.75
C SER VB 69 102.08 -52.64 -41.95
N ILE VB 70 101.09 -53.16 -41.20
CA ILE VB 70 101.24 -54.32 -40.33
C ILE VB 70 100.24 -55.39 -40.74
N GLY VB 71 100.64 -56.66 -40.63
CA GLY VB 71 99.77 -57.79 -40.92
C GLY VB 71 100.25 -59.01 -40.16
N ARG VB 72 99.51 -60.12 -40.29
CA ARG VB 72 99.83 -61.35 -39.59
C ARG VB 72 99.95 -62.53 -40.55
N VAL VB 73 100.71 -63.54 -40.14
CA VAL VB 73 101.07 -64.70 -40.96
C VAL VB 73 100.76 -65.97 -40.20
N ASN VB 74 100.03 -66.88 -40.85
CA ASN VB 74 99.84 -68.24 -40.36
C ASN VB 74 100.23 -69.21 -41.46
N ILE VB 75 101.03 -70.22 -41.11
CA ILE VB 75 101.50 -71.22 -42.07
C ILE VB 75 101.17 -72.60 -41.51
N TYR VB 76 100.89 -73.54 -42.40
CA TYR VB 76 100.71 -74.94 -42.03
C TYR VB 76 101.57 -75.80 -42.96
N SER VB 77 101.72 -77.07 -42.60
CA SER VB 77 102.51 -77.96 -43.44
C SER VB 77 101.73 -78.43 -44.65
N ASN VB 78 100.63 -79.15 -44.43
CA ASN VB 78 99.86 -79.74 -45.52
C ASN VB 78 98.61 -78.92 -45.77
N GLN VB 79 97.77 -79.42 -46.68
CA GLN VB 79 96.66 -78.61 -47.15
C GLN VB 79 95.39 -78.88 -46.36
N ASP VB 80 95.24 -80.10 -45.84
CA ASP VB 80 93.94 -80.52 -45.31
C ASP VB 80 93.67 -79.94 -43.93
N ASP VB 81 94.73 -79.75 -43.13
CA ASP VB 81 94.53 -79.21 -41.79
C ASP VB 81 94.24 -77.71 -41.83
N MET VB 82 94.60 -77.06 -42.94
CA MET VB 82 94.26 -75.65 -43.10
C MET VB 82 92.75 -75.48 -43.28
N LYS VB 83 92.10 -76.42 -43.95
CA LYS VB 83 90.65 -76.37 -44.07
C LYS VB 83 89.98 -76.78 -42.76
N ARG VB 84 90.71 -77.44 -41.88
CA ARG VB 84 90.13 -77.92 -40.64
C ARG VB 84 90.20 -76.87 -39.54
N VAL VB 85 91.31 -76.14 -39.45
CA VAL VB 85 91.55 -75.32 -38.26
C VAL VB 85 91.11 -73.88 -38.49
N GLU VB 86 90.98 -73.46 -39.75
CA GLU VB 86 90.58 -72.09 -40.00
C GLU VB 86 89.06 -71.96 -40.00
N LYS VB 87 88.59 -70.72 -40.10
CA LYS VB 87 87.16 -70.49 -40.27
C LYS VB 87 86.78 -70.70 -41.73
N SER VB 88 85.47 -70.67 -41.99
CA SER VB 88 84.99 -70.95 -43.33
C SER VB 88 85.26 -69.79 -44.28
N TYR VB 89 84.87 -68.58 -43.89
CA TYR VB 89 84.96 -67.44 -44.80
C TYR VB 89 86.41 -66.99 -44.99
N MET VB 90 87.28 -67.31 -44.03
CA MET VB 90 88.69 -67.03 -44.21
C MET VB 90 89.33 -68.00 -45.20
N VAL VB 91 88.75 -69.19 -45.34
CA VAL VB 91 89.21 -70.12 -46.37
C VAL VB 91 88.63 -69.74 -47.73
N ALA VB 92 87.35 -69.37 -47.76
CA ALA VB 92 86.67 -69.13 -49.02
C ALA VB 92 87.13 -67.83 -49.68
N ARG VB 93 87.76 -66.94 -48.92
CA ARG VB 93 88.37 -65.75 -49.53
C ARG VB 93 89.61 -66.15 -50.33
N LYS VB 94 90.31 -67.19 -49.89
CA LYS VB 94 91.53 -67.62 -50.57
C LYS VB 94 91.21 -68.25 -51.92
N THR VB 95 90.09 -68.96 -52.02
CA THR VB 95 89.69 -69.57 -53.28
C THR VB 95 88.53 -68.82 -53.91
N ARG VB 101 74.86 -68.87 -48.54
CA ARG VB 101 73.94 -69.99 -48.62
C ARG VB 101 72.50 -69.52 -48.85
N LYS VB 102 71.54 -70.24 -48.26
CA LYS VB 102 70.15 -69.85 -48.37
C LYS VB 102 69.89 -68.57 -47.60
N PRO VB 103 68.94 -67.74 -48.05
CA PRO VB 103 68.65 -66.49 -47.34
C PRO VB 103 67.98 -66.74 -46.00
N ARG VB 104 68.04 -65.74 -45.13
CA ARG VB 104 67.54 -65.88 -43.77
C ARG VB 104 66.02 -65.94 -43.75
N ARG VB 105 65.37 -65.23 -44.67
CA ARG VB 105 63.93 -65.05 -44.57
C ARG VB 105 63.16 -66.26 -45.10
N THR VB 106 63.87 -67.24 -45.65
CA THR VB 106 63.20 -68.46 -46.10
C THR VB 106 63.38 -69.59 -45.09
N ARG VB 107 64.50 -69.58 -44.36
CA ARG VB 107 64.74 -70.61 -43.36
C ARG VB 107 63.80 -70.47 -42.16
N LYS VB 108 63.30 -69.27 -41.92
CA LYS VB 108 62.36 -69.07 -40.84
C LYS VB 108 60.96 -69.57 -41.22
N ASP VB 109 60.69 -69.70 -42.51
CA ASP VB 109 59.35 -70.07 -42.95
C ASP VB 109 59.16 -71.58 -42.98
N GLU VB 110 60.21 -72.32 -43.37
CA GLU VB 110 60.09 -73.77 -43.45
C GLU VB 110 60.18 -74.43 -42.09
N ARG VB 111 60.90 -73.81 -41.15
CA ARG VB 111 61.01 -74.36 -39.80
C ARG VB 111 59.68 -74.24 -39.07
N LYS VB 112 58.95 -73.15 -39.30
CA LYS VB 112 57.68 -72.94 -38.62
C LYS VB 112 56.60 -73.87 -39.17
N LYS VB 113 56.70 -74.25 -40.44
CA LYS VB 113 55.76 -75.21 -41.00
C LYS VB 113 56.09 -76.63 -40.56
N ALA VB 114 57.35 -76.87 -40.19
CA ALA VB 114 57.74 -78.22 -39.78
C ALA VB 114 57.24 -78.55 -38.38
N TYR VB 115 57.19 -77.54 -37.50
CA TYR VB 115 56.74 -77.79 -36.14
C TYR VB 115 55.22 -77.81 -36.04
N LYS VB 116 54.53 -77.53 -37.15
CA LYS VB 116 53.07 -77.61 -37.16
C LYS VB 116 52.60 -79.06 -37.25
N ARG VB 117 53.30 -79.88 -38.05
CA ARG VB 117 52.77 -81.19 -38.41
C ARG VB 117 52.93 -82.20 -37.29
N PHE VB 118 51.96 -83.12 -37.22
CA PHE VB 118 51.99 -84.29 -36.35
C PHE VB 118 52.29 -85.57 -37.15
N GLY VB 119 53.19 -85.49 -38.12
CA GLY VB 119 53.45 -86.69 -38.89
C GLY VB 119 54.23 -86.40 -40.15
N THR VB 120 54.29 -87.41 -41.01
CA THR VB 120 55.03 -87.33 -42.24
C THR VB 120 54.23 -86.61 -43.32
N VAL VB 121 54.79 -86.60 -44.53
CA VAL VB 121 54.08 -86.05 -45.69
C VAL VB 121 53.11 -87.08 -46.24
N LYS VB 122 53.32 -88.36 -45.87
CA LYS VB 122 52.39 -89.42 -46.24
C LYS VB 122 51.01 -89.20 -45.61
N ARG VB 123 50.99 -88.74 -44.36
CA ARG VB 123 49.72 -88.45 -43.70
C ARG VB 123 49.11 -87.14 -44.16
N ALA VB 124 49.98 -86.16 -44.50
CA ALA VB 124 49.49 -84.85 -44.90
C ALA VB 124 48.80 -84.91 -46.26
N MET VB 125 49.21 -85.85 -47.12
CA MET VB 125 48.50 -86.06 -48.37
C MET VB 125 47.28 -86.95 -48.14
N LYS VB 126 47.35 -87.84 -47.15
CA LYS VB 126 46.31 -88.85 -46.96
C LYS VB 126 44.99 -88.23 -46.50
N LYS VB 127 45.07 -87.16 -45.71
CA LYS VB 127 43.85 -86.43 -45.36
C LYS VB 127 43.29 -85.69 -46.56
N ALA VB 128 44.16 -85.26 -47.48
CA ALA VB 128 43.69 -84.61 -48.69
C ALA VB 128 43.11 -85.62 -49.67
N GLU VB 129 43.44 -86.92 -49.51
CA GLU VB 129 42.84 -87.95 -50.33
C GLU VB 129 41.37 -88.13 -50.00
N ARG VB 130 41.00 -87.94 -48.73
CA ARG VB 130 39.64 -88.19 -48.30
C ARG VB 130 38.69 -87.10 -48.80
N LYS VB 131 39.20 -85.89 -49.00
CA LYS VB 131 38.36 -84.80 -49.48
C LYS VB 131 38.33 -84.74 -51.00
N MET WB 1 28.73 -32.83 98.08
CA MET WB 1 27.96 -32.27 96.98
C MET WB 1 27.39 -30.91 97.33
N LEU WB 2 26.56 -30.39 96.43
CA LEU WB 2 25.89 -29.12 96.68
C LEU WB 2 24.75 -29.30 97.67
N PHE WB 3 24.23 -30.51 97.79
CA PHE WB 3 23.05 -30.75 98.60
C PHE WB 3 23.43 -30.92 100.06
N ILE WB 4 22.82 -30.11 100.93
CA ILE WB 4 23.10 -30.14 102.36
C ILE WB 4 21.88 -30.72 103.07
N PRO WB 5 22.06 -31.29 104.26
CA PRO WB 5 20.90 -31.92 104.94
C PRO WB 5 19.92 -30.95 105.58
N ASN WB 6 19.97 -29.66 105.27
CA ASN WB 6 18.96 -28.73 105.73
C ASN WB 6 18.40 -27.86 104.62
N MET WB 7 18.22 -28.41 103.43
CA MET WB 7 17.81 -27.61 102.29
C MET WB 7 16.42 -28.02 101.81
N ILE WB 8 15.72 -27.08 101.18
CA ILE WB 8 14.41 -27.31 100.57
C ILE WB 8 14.64 -27.66 99.11
N VAL WB 9 13.90 -28.66 98.61
CA VAL WB 9 13.95 -29.03 97.20
C VAL WB 9 12.52 -29.15 96.68
N ILE WB 10 12.41 -29.32 95.38
CA ILE WB 10 11.15 -29.52 94.69
C ILE WB 10 11.32 -30.69 93.72
N PRO WB 11 10.59 -31.78 93.89
CA PRO WB 11 10.68 -32.88 92.91
C PRO WB 11 9.97 -32.51 91.63
N THR WB 12 10.42 -33.10 90.52
CA THR WB 12 9.97 -32.62 89.22
C THR WB 12 9.39 -33.73 88.36
N ALA WB 13 9.48 -34.98 88.81
CA ALA WB 13 9.02 -36.08 87.96
C ALA WB 13 8.48 -37.22 88.81
N GLY WB 14 7.21 -37.53 88.60
CA GLY WB 14 6.60 -38.74 89.09
C GLY WB 14 5.81 -38.56 90.37
N LYS WB 15 4.49 -38.43 90.24
CA LYS WB 15 3.49 -38.53 91.30
C LYS WB 15 3.54 -37.42 92.35
N PHE WB 16 4.58 -36.59 92.34
CA PHE WB 16 4.82 -35.64 93.41
C PHE WB 16 5.34 -34.31 92.91
N ALA WB 17 5.29 -34.07 91.61
CA ALA WB 17 5.90 -32.87 91.05
C ALA WB 17 5.09 -31.63 91.43
N GLY WB 18 5.78 -30.61 91.90
CA GLY WB 18 5.16 -29.42 92.43
C GLY WB 18 5.11 -29.36 93.94
N LYS WB 19 5.23 -30.48 94.64
CA LYS WB 19 5.28 -30.46 96.09
C LYS WB 19 6.63 -29.94 96.56
N LYS WB 20 6.74 -29.73 97.86
CA LYS WB 20 7.97 -29.22 98.47
C LYS WB 20 8.46 -30.22 99.50
N ALA WB 21 9.77 -30.33 99.64
CA ALA WB 21 10.35 -31.32 100.53
C ALA WB 21 11.56 -30.73 101.22
N VAL WB 22 12.13 -31.52 102.14
CA VAL WB 22 13.31 -31.14 102.91
C VAL WB 22 14.32 -32.28 102.80
N VAL WB 23 15.55 -31.93 102.41
CA VAL WB 23 16.64 -32.89 102.40
C VAL WB 23 16.97 -33.30 103.83
N VAL WB 24 17.19 -34.59 104.05
CA VAL WB 24 17.35 -35.11 105.40
C VAL WB 24 18.62 -35.93 105.58
N LYS WB 25 19.16 -36.54 104.54
CA LYS WB 25 20.41 -37.30 104.64
C LYS WB 25 21.04 -37.41 103.26
N ASN WB 26 22.32 -37.77 103.23
CA ASN WB 26 23.05 -38.00 102.00
C ASN WB 26 23.38 -39.48 101.89
N LEU WB 27 23.08 -40.07 100.74
CA LEU WB 27 23.55 -41.40 100.40
C LEU WB 27 24.86 -41.25 99.64
N ASP WB 28 25.32 -42.35 99.02
CA ASP WB 28 26.67 -42.46 98.45
C ASP WB 28 26.84 -41.45 97.32
N ASN WB 29 26.09 -41.55 96.22
CA ASN WB 29 26.14 -40.58 95.14
C ASN WB 29 24.87 -40.71 94.31
N ARG WB 30 24.35 -39.57 93.87
CA ARG WB 30 23.18 -39.40 93.02
C ARG WB 30 21.88 -39.91 93.64
N ASN WB 31 21.88 -40.26 94.93
CA ASN WB 31 20.66 -40.62 95.64
C ASN WB 31 20.60 -39.78 96.91
N VAL WB 32 19.45 -39.16 97.16
CA VAL WB 32 19.28 -38.23 98.26
C VAL WB 32 17.99 -38.55 98.98
N LEU WB 33 18.08 -38.75 100.29
CA LEU WB 33 16.89 -38.96 101.10
C LEU WB 33 16.22 -37.62 101.42
N ILE WB 34 14.90 -37.59 101.28
CA ILE WB 34 14.11 -36.38 101.45
C ILE WB 34 12.94 -36.67 102.36
N ALA WB 35 12.24 -35.63 102.78
CA ALA WB 35 10.97 -35.74 103.48
C ALA WB 35 10.11 -34.54 103.08
N GLY WB 36 8.86 -34.79 102.73
CA GLY WB 36 8.04 -33.73 102.18
C GLY WB 36 6.59 -33.78 102.61
N VAL WB 37 5.93 -32.64 102.48
CA VAL WB 37 4.54 -32.48 102.86
C VAL WB 37 3.71 -32.97 101.67
N GLN WB 38 2.58 -33.63 101.95
CA GLN WB 38 1.73 -34.09 100.87
C GLN WB 38 0.52 -33.18 100.68
N ARG WB 39 -0.18 -32.87 101.76
CA ARG WB 39 -1.38 -32.05 101.67
C ARG WB 39 -1.49 -31.18 102.90
N LEU WB 40 -2.22 -30.07 102.75
CA LEU WB 40 -2.46 -29.13 103.83
C LEU WB 40 -3.97 -29.02 104.04
N PRO WB 41 -4.44 -29.10 105.28
CA PRO WB 41 -5.89 -29.08 105.51
C PRO WB 41 -6.47 -27.68 105.36
N LYS WB 42 -7.48 -27.58 104.50
CA LYS WB 42 -8.21 -26.33 104.31
C LYS WB 42 -9.64 -26.57 104.75
N GLU WB 43 -10.30 -25.53 105.25
CA GLU WB 43 -11.60 -25.74 105.86
C GLU WB 43 -12.69 -25.80 104.80
N SER WB 44 -13.71 -26.61 105.09
CA SER WB 44 -14.73 -26.96 104.11
C SER WB 44 -15.85 -25.92 104.08
N GLU WB 45 -16.90 -26.27 103.34
CA GLU WB 45 -18.09 -25.45 103.18
C GLU WB 45 -19.32 -26.23 103.59
N ASP WB 46 -20.46 -25.55 103.58
CA ASP WB 46 -21.72 -26.21 103.90
C ASP WB 46 -22.36 -26.83 102.66
N TYR WB 47 -21.72 -26.64 101.50
CA TYR WB 47 -22.24 -27.22 100.26
C TYR WB 47 -22.08 -28.74 100.26
N MET WB 48 -20.85 -29.22 100.45
CA MET WB 48 -20.59 -30.65 100.59
C MET WB 48 -20.02 -30.90 101.97
N SER WB 49 -20.49 -31.95 102.63
CA SER WB 49 -20.14 -32.21 104.03
C SER WB 49 -19.75 -33.64 104.32
N LYS WB 50 -19.84 -34.54 103.34
CA LYS WB 50 -19.49 -35.94 103.51
C LYS WB 50 -17.99 -36.08 103.24
N VAL WB 51 -17.54 -37.31 102.94
CA VAL WB 51 -16.18 -37.85 103.07
C VAL WB 51 -15.08 -36.91 102.56
N GLU WB 52 -15.38 -36.11 101.55
CA GLU WB 52 -14.52 -35.01 101.13
C GLU WB 52 -14.26 -33.99 102.23
N LYS WB 53 -15.20 -33.75 103.13
CA LYS WB 53 -14.95 -32.93 104.31
C LYS WB 53 -14.12 -33.70 105.32
N ARG WB 54 -14.35 -35.02 105.41
CA ARG WB 54 -13.53 -35.86 106.27
C ARG WB 54 -12.12 -36.00 105.73
N LYS WB 55 -11.98 -36.04 104.41
CA LYS WB 55 -10.65 -36.11 103.81
C LYS WB 55 -9.92 -34.78 103.94
N ASN WB 56 -10.68 -33.68 104.01
CA ASN WB 56 -10.05 -32.36 104.01
C ASN WB 56 -9.48 -32.01 105.37
N ASP WB 57 -9.90 -32.73 106.42
CA ASP WB 57 -9.37 -32.46 107.75
C ASP WB 57 -7.92 -32.92 107.89
N ARG WB 58 -7.55 -33.97 107.16
CA ARG WB 58 -6.33 -34.71 107.46
C ARG WB 58 -5.10 -33.94 107.00
N PHE WB 59 -3.95 -34.37 107.51
CA PHE WB 59 -2.64 -33.83 107.18
C PHE WB 59 -1.68 -35.01 107.06
N LEU WB 60 -0.93 -35.06 105.97
CA LEU WB 60 -0.13 -36.25 105.67
C LEU WB 60 1.13 -35.88 104.91
N SER WB 61 2.09 -36.81 104.89
CA SER WB 61 3.43 -36.58 104.36
C SER WB 61 3.90 -37.80 103.57
N PHE WB 62 5.12 -37.68 103.03
CA PHE WB 62 5.74 -38.75 102.26
C PHE WB 62 7.25 -38.73 102.45
N VAL WB 63 7.87 -39.91 102.40
CA VAL WB 63 9.32 -40.07 102.50
C VAL WB 63 9.75 -41.13 101.50
N LYS WB 64 10.82 -40.86 100.75
CA LYS WB 64 11.36 -41.78 99.76
C LYS WB 64 12.77 -41.34 99.39
N LYS WB 65 13.50 -42.25 98.76
CA LYS WB 65 14.79 -41.94 98.16
C LYS WB 65 14.58 -41.60 96.69
N VAL WB 66 15.35 -40.65 96.18
CA VAL WB 66 15.14 -40.12 94.85
C VAL WB 66 16.49 -39.90 94.19
N ASN WB 67 16.50 -39.95 92.86
CA ASN WB 67 17.69 -39.61 92.09
C ASN WB 67 17.99 -38.11 92.22
N VAL WB 68 19.25 -37.75 92.04
CA VAL WB 68 19.63 -36.35 92.21
C VAL WB 68 19.24 -35.55 90.98
N ARG WB 69 18.98 -36.23 89.86
CA ARG WB 69 18.71 -35.52 88.62
C ARG WB 69 17.27 -35.05 88.56
N HIS WB 70 16.36 -35.71 89.27
CA HIS WB 70 14.95 -35.38 89.25
C HIS WB 70 14.59 -34.43 90.40
N LEU WB 71 15.35 -33.34 90.52
CA LEU WB 71 15.19 -32.45 91.66
C LEU WB 71 15.53 -31.02 91.25
N MET WB 72 15.07 -30.08 92.07
CA MET WB 72 15.33 -28.66 91.88
C MET WB 72 15.66 -28.06 93.23
N ALA WB 73 16.85 -27.48 93.34
CA ALA WB 73 17.29 -26.91 94.61
C ALA WB 73 16.88 -25.44 94.71
N THR WB 74 16.98 -24.88 95.90
CA THR WB 74 16.74 -23.46 96.12
C THR WB 74 17.60 -22.96 97.26
N ARG WB 75 17.51 -21.66 97.54
CA ARG WB 75 18.34 -21.07 98.57
C ARG WB 75 17.65 -21.02 99.92
N TYR WB 76 16.37 -21.37 99.98
CA TYR WB 76 15.65 -21.34 101.25
C TYR WB 76 16.01 -22.57 102.08
N LYS WB 77 16.17 -22.37 103.37
CA LYS WB 77 16.54 -23.43 104.30
C LYS WB 77 15.56 -23.46 105.46
N ALA WB 78 15.35 -24.64 106.03
CA ALA WB 78 14.51 -24.82 107.20
C ALA WB 78 15.29 -25.59 108.25
N ASP WB 79 15.71 -24.90 109.30
CA ASP WB 79 16.51 -25.49 110.36
C ASP WB 79 15.58 -25.98 111.46
N ILE WB 80 15.33 -27.29 111.48
CA ILE WB 80 14.44 -27.90 112.47
C ILE WB 80 14.90 -29.34 112.66
N GLY WB 81 14.39 -30.02 113.69
CA GLY WB 81 14.85 -31.34 114.04
C GLY WB 81 14.28 -32.48 113.23
N LEU WB 82 14.17 -32.32 111.91
CA LEU WB 82 13.71 -33.41 111.06
C LEU WB 82 14.79 -34.47 110.91
N GLY WB 83 16.05 -34.07 110.98
CA GLY WB 83 17.14 -35.04 110.87
C GLY WB 83 17.35 -35.89 112.11
N GLU WB 84 16.72 -35.53 113.22
CA GLU WB 84 16.84 -36.29 114.46
C GLU WB 84 15.70 -37.25 114.68
N ALA WB 85 14.99 -37.65 113.62
CA ALA WB 85 13.84 -38.53 113.78
C ALA WB 85 14.26 -39.98 114.00
N ASP WB 86 15.51 -40.31 113.62
CA ASP WB 86 16.11 -41.64 113.74
C ASP WB 86 15.28 -42.69 113.01
N TYR WB 87 15.28 -42.58 111.69
CA TYR WB 87 14.67 -43.57 110.82
C TYR WB 87 15.71 -44.68 110.58
N SER WB 88 15.73 -45.64 111.50
CA SER WB 88 16.69 -46.73 111.37
C SER WB 88 16.27 -47.71 110.30
N LYS WB 89 14.99 -48.06 110.26
CA LYS WB 89 14.48 -49.03 109.31
C LYS WB 89 13.35 -48.41 108.51
N ILE WB 90 13.51 -48.39 107.18
CA ILE WB 90 12.50 -47.90 106.26
C ILE WB 90 11.98 -49.00 105.36
N ASP WB 91 12.71 -50.12 105.24
CA ASP WB 91 12.35 -51.17 104.29
C ASP WB 91 11.10 -51.92 104.73
N ASP WB 92 10.88 -52.04 106.04
CA ASP WB 92 9.68 -52.68 106.55
C ASP WB 92 8.49 -51.75 106.37
N LEU WB 93 7.39 -52.29 105.84
CA LEU WB 93 6.23 -51.47 105.53
C LEU WB 93 5.51 -51.02 106.78
N ASN WB 94 5.45 -51.88 107.80
CA ASN WB 94 4.74 -51.53 109.03
C ASN WB 94 5.52 -50.49 109.83
N ILE WB 95 6.85 -50.53 109.75
CA ILE WB 95 7.66 -49.49 110.36
C ILE WB 95 7.52 -48.18 109.58
N LYS WB 96 7.34 -48.30 108.26
CA LYS WB 96 7.22 -47.12 107.40
C LYS WB 96 5.94 -46.36 107.68
N LYS WB 97 4.88 -47.05 108.10
CA LYS WB 97 3.64 -46.37 108.44
C LYS WB 97 3.78 -45.60 109.75
N GLU WB 98 4.63 -46.11 110.65
CA GLU WB 98 4.79 -45.47 111.95
C GLU WB 98 5.63 -44.20 111.85
N VAL WB 99 6.68 -44.23 111.02
CA VAL WB 99 7.60 -43.10 110.95
C VAL WB 99 7.01 -41.94 110.18
N ARG WB 100 5.94 -42.19 109.42
CA ARG WB 100 5.28 -41.10 108.72
C ARG WB 100 4.48 -40.24 109.70
N ASN WB 101 4.04 -40.81 110.81
CA ASN WB 101 3.30 -40.04 111.80
C ASN WB 101 4.24 -39.23 112.67
N LYS WB 102 5.49 -39.65 112.80
CA LYS WB 102 6.45 -38.92 113.62
C LYS WB 102 6.84 -37.61 112.99
N VAL WB 103 6.96 -37.57 111.66
CA VAL WB 103 7.39 -36.35 111.00
C VAL WB 103 6.25 -35.33 110.94
N VAL WB 104 5.01 -35.82 111.08
CA VAL WB 104 3.85 -34.93 111.07
C VAL WB 104 3.85 -34.04 112.30
N GLU WB 105 4.14 -34.63 113.47
CA GLU WB 105 4.11 -33.88 114.72
C GLU WB 105 5.26 -32.89 114.80
N ILE WB 106 6.35 -33.14 114.06
CA ILE WB 106 7.40 -32.14 113.97
C ILE WB 106 6.98 -31.02 113.03
N MET WB 107 6.28 -31.35 111.94
CA MET WB 107 5.90 -30.33 110.99
C MET WB 107 4.68 -29.55 111.48
N LYS WB 108 3.83 -30.17 112.29
CA LYS WB 108 2.63 -29.49 112.75
C LYS WB 108 2.97 -28.45 113.81
N LYS WB 109 4.03 -28.68 114.58
CA LYS WB 109 4.46 -27.70 115.58
C LYS WB 109 5.01 -26.44 114.93
N ALA WB 110 5.60 -26.58 113.74
CA ALA WB 110 6.22 -25.44 113.10
C ALA WB 110 5.19 -24.53 112.44
N GLN WB 111 3.97 -25.04 112.26
CA GLN WB 111 2.94 -24.31 111.51
C GLN WB 111 2.46 -23.08 112.27
N GLU WB 112 2.23 -23.22 113.58
CA GLU WB 112 1.84 -22.07 114.38
C GLU WB 112 3.04 -21.22 114.75
N SER WB 113 4.25 -21.79 114.65
CA SER WB 113 5.45 -21.01 114.97
C SER WB 113 5.92 -20.21 113.77
N GLY WB 114 5.88 -20.80 112.59
CA GLY WB 114 6.29 -20.08 111.39
C GLY WB 114 7.79 -19.93 111.25
N LYS WB 115 8.53 -21.02 111.42
CA LYS WB 115 9.99 -20.95 111.28
C LYS WB 115 10.39 -20.87 109.82
N ALA WB 116 9.72 -21.61 108.95
CA ALA WB 116 9.94 -21.54 107.51
C ALA WB 116 8.60 -21.50 106.82
N LYS WB 117 8.21 -20.31 106.37
CA LYS WB 117 6.91 -20.12 105.73
C LYS WB 117 6.93 -20.45 104.24
N PHE WB 118 8.10 -20.67 103.66
CA PHE WB 118 8.15 -21.07 102.26
C PHE WB 118 7.74 -22.54 102.09
N LEU WB 119 7.87 -23.33 103.17
CA LEU WB 119 7.57 -24.75 103.07
C LEU WB 119 6.07 -25.00 102.96
N PHE WB 120 5.26 -24.19 103.63
CA PHE WB 120 3.82 -24.39 103.61
C PHE WB 120 3.11 -23.59 102.53
N THR WB 121 3.82 -23.22 101.46
CA THR WB 121 3.19 -22.56 100.33
C THR WB 121 2.95 -23.54 99.20
N GLU WB 122 2.47 -23.02 98.07
CA GLU WB 122 2.18 -23.84 96.89
C GLU WB 122 2.64 -23.11 95.64
N LEU WB 123 3.33 -23.82 94.76
CA LEU WB 123 3.80 -23.27 93.50
C LEU WB 123 2.73 -23.39 92.44
N LYS WB 124 2.54 -22.33 91.66
CA LYS WB 124 1.45 -22.24 90.69
C LYS WB 124 2.02 -22.28 89.28
N PHE WB 125 1.47 -23.16 88.45
CA PHE WB 125 1.81 -23.18 87.03
C PHE WB 125 0.58 -23.45 86.18
N ALA XB 13 32.48 36.83 -3.77
CA ALA XB 13 31.45 37.03 -2.76
C ALA XB 13 31.98 37.88 -1.60
N LEU XB 14 32.41 39.11 -1.92
CA LEU XB 14 32.89 39.99 -0.86
C LEU XB 14 31.83 41.02 -0.48
N LYS XB 15 31.41 41.82 -1.44
CA LYS XB 15 30.51 42.94 -1.17
C LYS XB 15 29.76 43.29 -2.45
N ALA XB 16 28.45 43.51 -2.29
CA ALA XB 16 27.60 43.81 -3.44
C ALA XB 16 26.78 45.05 -3.09
N ALA XB 17 27.14 46.19 -3.68
CA ALA XB 17 26.50 47.45 -3.35
C ALA XB 17 25.94 48.08 -4.61
N SER XB 18 24.68 48.51 -4.53
CA SER XB 18 24.01 49.16 -5.64
C SER XB 18 23.28 50.40 -5.13
N THR XB 19 23.29 51.44 -5.95
CA THR XB 19 22.64 52.70 -5.63
C THR XB 19 21.73 53.10 -6.77
N SER XB 20 20.80 54.00 -6.50
CA SER XB 20 19.84 54.46 -7.49
C SER XB 20 20.06 55.92 -7.84
N LYS XB 21 19.41 56.34 -8.91
CA LYS XB 21 19.38 57.74 -9.30
C LYS XB 21 18.28 58.49 -8.54
N LYS XB 22 17.47 57.77 -7.77
CA LYS XB 22 16.43 58.41 -6.97
C LYS XB 22 17.01 59.04 -5.71
N GLU XB 23 18.20 58.60 -5.30
CA GLU XB 23 18.82 59.14 -4.10
C GLU XB 23 19.46 60.50 -4.36
N LYS XB 24 19.77 60.79 -5.62
CA LYS XB 24 20.55 61.99 -5.91
C LYS XB 24 19.69 63.24 -5.98
N LYS XB 25 18.37 63.10 -5.85
CA LYS XB 25 17.50 64.27 -5.86
C LYS XB 25 17.58 64.99 -4.53
N LYS XB 26 17.46 66.32 -4.58
CA LYS XB 26 17.51 67.12 -3.37
C LYS XB 26 16.11 67.28 -2.78
N TRP XB 27 16.07 67.42 -1.46
CA TRP XB 27 14.86 67.82 -0.74
C TRP XB 27 15.10 69.20 -0.15
N THR XB 28 14.17 70.11 -0.41
CA THR XB 28 14.24 71.47 0.11
C THR XB 28 12.86 71.88 0.63
N GLU XB 29 12.86 72.70 1.68
CA GLU XB 29 11.66 73.41 2.13
C GLU XB 29 11.24 74.37 1.01
N ILE XB 30 9.93 74.58 0.91
CA ILE XB 30 9.30 75.25 -0.22
C ILE XB 30 9.76 76.69 -0.43
N LYS XB 31 9.44 77.59 0.50
CA LYS XB 31 9.84 78.99 0.44
C LYS XB 31 9.72 79.62 1.81
N LYS XB 32 10.50 80.67 2.05
CA LYS XB 32 10.28 81.55 3.19
C LYS XB 32 9.35 82.68 2.79
N LYS XB 33 8.44 83.04 3.70
CA LYS XB 33 7.41 84.02 3.39
C LYS XB 33 7.99 85.43 3.28
N ASP XB 34 7.31 86.26 2.49
CA ASP XB 34 7.83 87.57 2.10
C ASP XB 34 7.75 88.56 3.26
N GLU XB 35 8.66 89.53 3.25
CA GLU XB 35 8.73 90.54 4.28
C GLU XB 35 8.05 91.83 3.80
N ALA XB 36 7.55 92.60 4.76
CA ALA XB 36 7.00 93.92 4.47
C ALA XB 36 8.08 94.88 3.98
N ARG XB 37 7.64 95.96 3.34
CA ARG XB 37 8.52 96.83 2.58
C ARG XB 37 9.06 97.96 3.46
N LYS XB 38 10.20 98.50 3.06
CA LYS XB 38 10.74 99.70 3.69
C LYS XB 38 10.14 100.94 3.05
N VAL XB 39 10.40 102.10 3.64
CA VAL XB 39 9.90 103.35 3.08
C VAL XB 39 10.94 103.93 2.12
N PHE XB 40 10.47 104.52 1.04
CA PHE XB 40 11.34 105.07 0.00
C PHE XB 40 11.19 106.58 -0.18
N THR XB 41 10.27 107.22 0.54
CA THR XB 41 10.04 108.65 0.41
C THR XB 41 10.31 109.37 1.72
N VAL XB 42 10.60 110.66 1.61
CA VAL XB 42 10.91 111.50 2.76
C VAL XB 42 9.64 112.25 3.18
N SER XB 43 9.39 112.30 4.49
CA SER XB 43 8.28 113.10 5.01
C SER XB 43 8.85 114.32 5.71
N ASP XB 44 7.97 115.26 6.02
CA ASP XB 44 8.38 116.48 6.72
C ASP XB 44 8.79 116.15 8.15
N GLU XB 45 8.10 115.19 8.77
CA GLU XB 45 8.50 114.75 10.11
C GLU XB 45 9.76 113.89 10.04
N LEU XB 46 9.98 113.20 8.92
CA LEU XB 46 11.22 112.45 8.77
C LEU XB 46 12.40 113.37 8.57
N LEU XB 47 12.13 114.58 8.05
CA LEU XB 47 13.18 115.59 7.92
C LEU XB 47 13.66 116.07 9.29
N GLN XB 48 12.72 116.21 10.24
CA GLN XB 48 13.08 116.75 11.55
C GLN XB 48 13.77 115.71 12.41
N LYS XB 49 13.29 114.47 12.37
CA LYS XB 49 13.71 113.47 13.34
C LYS XB 49 15.13 112.97 13.06
N VAL XB 50 15.60 113.13 11.82
CA VAL XB 50 16.95 112.67 11.50
C VAL XB 50 17.98 113.68 11.98
N GLU XB 51 17.64 114.96 11.99
CA GLU XB 51 18.62 115.99 12.31
C GLU XB 51 18.85 116.10 13.81
N LYS XB 52 17.82 115.82 14.61
CA LYS XB 52 17.98 115.90 16.06
C LYS XB 52 18.73 114.68 16.58
N GLU XB 53 18.57 113.53 15.94
CA GLU XB 53 19.18 112.30 16.43
C GLU XB 53 20.65 112.20 16.01
N VAL XB 54 20.98 112.72 14.83
CA VAL XB 54 22.36 112.65 14.32
C VAL XB 54 23.28 113.52 15.14
N LYS XB 55 22.79 114.66 15.62
CA LYS XB 55 23.60 115.55 16.44
C LYS XB 55 23.95 114.92 17.79
N LYS XB 56 23.12 113.98 18.24
CA LYS XB 56 23.49 113.22 19.43
C LYS XB 56 24.49 112.12 19.10
N MET XB 57 24.37 111.51 17.92
CA MET XB 57 25.14 110.31 17.60
C MET XB 57 26.52 110.69 17.11
N LYS XB 58 27.54 109.96 17.57
CA LYS XB 58 28.92 110.35 17.27
C LYS XB 58 29.37 109.89 15.90
N ILE XB 59 29.48 108.57 15.70
CA ILE XB 59 29.90 108.01 14.42
C ILE XB 59 28.67 107.46 13.74
N VAL XB 60 28.36 107.97 12.55
CA VAL XB 60 27.15 107.60 11.83
C VAL XB 60 27.56 106.99 10.50
N THR XB 61 26.83 105.97 10.06
CA THR XB 61 27.05 105.37 8.75
C THR XB 61 25.70 105.07 8.09
N ILE XB 62 25.78 104.46 6.92
CA ILE XB 62 24.61 104.31 6.05
C ILE XB 62 23.65 103.26 6.61
N PHE XB 63 24.19 102.12 7.05
CA PHE XB 63 23.33 101.04 7.53
C PHE XB 63 22.73 101.36 8.90
N SER XB 64 23.34 102.29 9.64
CA SER XB 64 22.94 102.53 11.02
C SER XB 64 21.59 103.22 11.10
N LEU XB 65 21.34 104.21 10.23
CA LEU XB 65 20.11 104.98 10.31
C LEU XB 65 18.94 104.26 9.65
N GLY XB 66 19.23 103.49 8.60
CA GLY XB 66 18.17 102.69 7.99
C GLY XB 66 17.72 101.54 8.85
N SER XB 67 18.60 101.09 9.75
CA SER XB 67 18.21 100.07 10.73
C SER XB 67 17.44 100.69 11.88
N LYS XB 68 17.44 102.02 11.98
CA LYS XB 68 16.61 102.69 12.98
C LYS XB 68 15.29 103.15 12.37
N MET XB 69 15.36 104.02 11.35
CA MET XB 69 14.16 104.63 10.78
C MET XB 69 13.55 103.85 9.63
N ASN XB 70 13.88 102.55 9.50
CA ASN XB 70 13.35 101.62 8.49
C ASN XB 70 13.59 102.09 7.06
N LEU XB 71 14.63 102.88 6.82
CA LEU XB 71 14.81 103.46 5.50
C LEU XB 71 15.68 102.56 4.63
N THR XB 72 15.40 102.56 3.33
CA THR XB 72 16.30 101.93 2.39
C THR XB 72 17.58 102.75 2.28
N LEU XB 73 18.66 102.10 1.86
CA LEU XB 73 19.97 102.72 1.97
C LEU XB 73 20.20 103.73 0.84
N SER XB 74 19.40 103.64 -0.22
CA SER XB 74 19.56 104.56 -1.35
C SER XB 74 19.08 105.97 -0.99
N VAL XB 75 18.07 106.07 -0.14
CA VAL XB 75 17.60 107.39 0.27
C VAL XB 75 18.37 107.88 1.49
N SER XB 76 19.12 107.00 2.15
CA SER XB 76 19.86 107.40 3.33
C SER XB 76 21.19 108.06 2.97
N LYS XB 77 21.64 107.88 1.73
CA LYS XB 77 22.88 108.49 1.29
C LYS XB 77 22.74 110.01 1.19
N ASN XB 78 21.61 110.48 0.68
CA ASN XB 78 21.41 111.92 0.55
C ASN XB 78 21.12 112.56 1.90
N LEU XB 79 20.53 111.80 2.84
CA LEU XB 79 20.29 112.33 4.17
C LEU XB 79 21.60 112.54 4.93
N LEU XB 80 22.60 111.72 4.64
CA LEU XB 80 23.93 111.98 5.18
C LEU XB 80 24.63 113.10 4.41
N ARG XB 81 24.38 113.18 3.10
CA ARG XB 81 25.02 114.22 2.30
C ARG XB 81 24.42 115.59 2.60
N HIS XB 82 23.13 115.64 2.92
CA HIS XB 82 22.50 116.91 3.25
C HIS XB 82 22.93 117.40 4.63
N CYS XB 83 23.17 116.46 5.55
CA CYS XB 83 23.60 116.82 6.89
C CYS XB 83 25.02 117.36 6.89
N VAL XB 84 25.88 116.86 6.00
CA VAL XB 84 27.25 117.33 5.96
C VAL XB 84 27.34 118.64 5.18
N ASN XB 85 26.29 118.97 4.41
CA ASN XB 85 26.23 120.31 3.82
C ASN XB 85 25.90 121.34 4.89
N LYS XB 86 25.34 120.92 6.01
CA LYS XB 86 25.30 121.78 7.19
C LYS XB 86 26.52 121.49 8.07
N GLY XB 87 26.74 122.38 9.04
CA GLY XB 87 27.89 122.21 9.91
C GLY XB 87 27.61 121.38 11.14
N ILE XB 88 27.07 120.18 10.95
CA ILE XB 88 26.66 119.30 12.05
C ILE XB 88 27.67 118.20 12.28
N ILE XB 89 27.90 117.36 11.26
CA ILE XB 89 28.89 116.29 11.33
C ILE XB 89 29.81 116.42 10.13
N SER XB 90 30.91 115.66 10.13
CA SER XB 90 31.89 115.72 9.06
C SER XB 90 32.39 114.32 8.72
N LEU XB 91 32.63 114.09 7.42
CA LEU XB 91 33.15 112.82 6.95
C LEU XB 91 34.59 112.64 7.41
N ILE XB 92 34.83 111.67 8.28
CA ILE XB 92 36.14 111.59 8.94
C ILE XB 92 37.03 110.55 8.27
N HIS XB 93 36.45 109.64 7.49
CA HIS XB 93 37.24 108.65 6.77
C HIS XB 93 36.51 108.23 5.51
N LYS XB 94 37.26 108.06 4.42
CA LYS XB 94 36.70 107.64 3.15
C LYS XB 94 37.66 106.71 2.44
N SER XB 95 37.12 105.58 1.98
CA SER XB 95 37.83 104.67 1.09
C SER XB 95 36.84 104.23 0.02
N GLN XB 96 37.28 103.30 -0.83
CA GLN XB 96 36.36 102.75 -1.82
C GLN XB 96 35.34 101.84 -1.17
N GLN XB 97 35.67 101.26 -0.02
CA GLN XB 97 34.74 100.36 0.65
C GLN XB 97 33.65 101.12 1.38
N THR XB 98 34.04 101.92 2.37
CA THR XB 98 33.08 102.44 3.34
C THR XB 98 33.53 103.84 3.75
N SER XB 99 32.55 104.75 3.81
CA SER XB 99 32.76 106.10 4.33
C SER XB 99 32.22 106.17 5.75
N ILE XB 100 32.87 106.98 6.59
CA ILE XB 100 32.52 107.12 8.00
C ILE XB 100 32.21 108.57 8.29
N TYR XB 101 31.00 108.83 8.77
CA TYR XB 101 30.56 110.17 9.17
C TYR XB 101 30.70 110.32 10.67
N GLY XB 102 31.41 111.36 11.11
CA GLY XB 102 31.64 111.57 12.52
C GLY XB 102 31.66 113.04 12.87
N GLN XB 103 32.12 113.33 14.09
CA GLN XB 103 32.18 114.71 14.57
C GLN XB 103 33.59 115.12 14.95
N SER YB 2 56.95 47.59 -70.92
CA SER YB 2 56.33 48.09 -72.13
C SER YB 2 56.95 49.41 -72.57
N LEU YB 3 58.26 49.52 -72.45
CA LEU YB 3 58.91 50.76 -72.83
C LEU YB 3 59.45 50.64 -74.24
N THR YB 4 59.67 51.79 -74.87
CA THR YB 4 60.16 51.80 -76.25
C THR YB 4 61.64 51.45 -76.31
N ASN YB 5 62.12 51.15 -77.51
CA ASN YB 5 63.53 50.83 -77.68
C ASN YB 5 64.42 52.06 -77.59
N SER YB 6 63.84 53.25 -77.77
CA SER YB 6 64.65 54.47 -77.72
C SER YB 6 65.04 54.82 -76.29
N GLN YB 7 64.12 54.58 -75.35
CA GLN YB 7 64.40 54.92 -73.96
C GLN YB 7 65.00 53.73 -73.21
N LYS YB 8 64.85 52.52 -73.76
CA LYS YB 8 65.48 51.36 -73.15
C LYS YB 8 66.99 51.40 -73.35
N VAL YB 9 67.45 51.98 -74.45
CA VAL YB 9 68.89 52.16 -74.64
C VAL YB 9 69.36 53.39 -73.87
N ALA YB 10 68.44 54.28 -73.52
CA ALA YB 10 68.76 55.42 -72.67
C ALA YB 10 69.02 54.98 -71.24
N VAL YB 11 68.52 53.81 -70.86
CA VAL YB 11 68.81 53.23 -69.56
C VAL YB 11 70.13 52.48 -69.57
N MET YB 12 70.39 51.69 -70.62
CA MET YB 12 71.58 50.85 -70.64
C MET YB 12 72.85 51.67 -70.89
N LYS YB 13 72.70 52.84 -71.48
CA LYS YB 13 73.87 53.70 -71.71
C LYS YB 13 74.35 54.32 -70.41
N HIS YB 14 73.43 54.53 -69.47
CA HIS YB 14 73.82 55.12 -68.19
C HIS YB 14 74.48 54.09 -67.29
N PHE YB 15 74.16 52.80 -67.50
CA PHE YB 15 74.71 51.76 -66.63
C PHE YB 15 76.14 51.40 -67.02
N LYS YB 16 76.53 51.68 -68.26
CA LYS YB 16 77.90 51.35 -68.68
C LYS YB 16 78.89 52.36 -68.15
N ASN YB 17 78.49 53.63 -68.06
CA ASN YB 17 79.39 54.67 -67.59
C ASN YB 17 79.55 54.63 -66.08
N LYS YB 18 78.45 54.80 -65.36
CA LYS YB 18 78.48 54.95 -63.91
C LYS YB 18 78.15 53.67 -63.16
N GLY YB 19 77.23 52.84 -63.67
CA GLY YB 19 76.84 51.62 -63.00
C GLY YB 19 75.80 51.78 -61.93
N SER YB 20 75.48 53.01 -61.52
CA SER YB 20 74.50 53.25 -60.48
C SER YB 20 73.45 54.22 -60.99
N LEU YB 21 72.27 54.15 -60.37
CA LEU YB 21 71.13 54.94 -60.76
C LEU YB 21 70.31 55.26 -59.53
N LEU YB 22 69.85 56.51 -59.43
CA LEU YB 22 69.01 56.94 -58.33
C LEU YB 22 67.59 57.13 -58.85
N VAL YB 23 66.64 56.42 -58.26
CA VAL YB 23 65.23 56.53 -58.59
C VAL YB 23 64.48 57.01 -57.37
N TYR YB 24 63.56 57.94 -57.56
CA TYR YB 24 62.69 58.35 -56.47
C TYR YB 24 61.41 57.51 -56.49
N ASP YB 25 60.49 57.84 -55.58
CA ASP YB 25 59.23 57.10 -55.48
C ASP YB 25 58.01 57.98 -55.68
N ARG YB 26 58.07 58.92 -56.62
CA ARG YB 26 56.88 59.68 -56.97
C ARG YB 26 56.13 58.95 -58.08
N LYS YB 27 54.81 58.90 -57.95
CA LYS YB 27 54.01 58.07 -58.85
C LYS YB 27 53.53 58.82 -60.08
N LEU YB 28 53.49 60.16 -60.05
CA LEU YB 28 53.22 60.96 -61.24
C LEU YB 28 54.33 62.00 -61.38
N GLU YB 29 55.48 61.57 -61.89
CA GLU YB 29 56.60 62.43 -62.24
C GLU YB 29 57.43 61.75 -63.31
N LYS YB 30 58.48 62.45 -63.73
CA LYS YB 30 59.46 61.96 -64.68
C LYS YB 30 60.86 62.16 -64.10
N ASN YB 31 61.79 61.27 -64.45
CA ASN YB 31 63.15 61.41 -63.97
C ASN YB 31 63.87 62.52 -64.73
N GLU YB 32 64.69 63.29 -64.01
CA GLU YB 32 65.36 64.45 -64.60
C GLU YB 32 66.51 64.02 -65.50
N ILE YB 33 67.19 62.93 -65.13
CA ILE YB 33 68.37 62.49 -65.87
C ILE YB 33 67.96 61.89 -67.20
N LEU YB 34 66.84 61.18 -67.21
CA LEU YB 34 66.35 60.50 -68.41
C LEU YB 34 64.83 60.38 -68.32
N ASP YB 35 64.15 60.94 -69.31
CA ASP YB 35 62.73 61.27 -69.23
C ASP YB 35 61.90 60.00 -69.44
N ILE YB 36 61.54 59.35 -68.33
CA ILE YB 36 60.62 58.22 -68.34
C ILE YB 36 59.66 58.45 -67.18
N ASN YB 37 58.38 58.08 -67.38
CA ASN YB 37 57.43 58.07 -66.28
C ASN YB 37 57.89 57.11 -65.18
N ASN YB 38 57.71 57.54 -63.94
CA ASN YB 38 58.47 56.96 -62.84
C ASN YB 38 57.89 55.62 -62.41
N LYS YB 39 56.60 55.40 -62.65
CA LYS YB 39 56.03 54.08 -62.36
C LYS YB 39 56.48 53.06 -63.39
N LYS YB 40 56.65 53.49 -64.64
CA LYS YB 40 57.09 52.57 -65.69
C LYS YB 40 58.56 52.24 -65.55
N LEU YB 41 59.37 53.22 -65.09
CA LEU YB 41 60.80 53.01 -64.97
C LEU YB 41 61.11 52.01 -63.85
N ARG YB 42 60.36 52.08 -62.75
CA ARG YB 42 60.57 51.13 -61.65
C ARG YB 42 60.19 49.72 -62.06
N SER YB 43 59.13 49.57 -62.84
CA SER YB 43 58.74 48.24 -63.31
C SER YB 43 59.75 47.69 -64.32
N TYR YB 44 60.52 48.57 -64.95
CA TYR YB 44 61.60 48.12 -65.82
C TYR YB 44 62.75 47.54 -65.01
N ILE YB 45 63.08 48.18 -63.89
CA ILE YB 45 64.19 47.70 -63.06
C ILE YB 45 63.80 46.39 -62.38
N GLN YB 46 62.52 46.23 -62.06
CA GLN YB 46 62.06 45.03 -61.38
C GLN YB 46 62.11 43.82 -62.32
N SER YB 47 62.03 44.06 -63.63
CA SER YB 47 62.16 42.96 -64.58
C SER YB 47 63.63 42.64 -64.84
N LEU YB 48 64.53 43.57 -64.56
CA LEU YB 48 65.95 43.30 -64.70
C LEU YB 48 66.47 42.42 -63.58
N LYS YB 49 65.79 42.43 -62.43
CA LYS YB 49 66.27 41.68 -61.27
C LYS YB 49 66.06 40.17 -61.46
N ASP YB 50 65.06 39.80 -62.25
CA ASP YB 50 64.75 38.38 -62.44
C ASP YB 50 65.79 37.72 -63.34
N GLN YB 51 66.48 38.51 -64.15
CA GLN YB 51 67.62 38.00 -64.91
C GLN YB 51 68.89 38.03 -64.06
N GLY YB 52 68.84 38.71 -62.92
CA GLY YB 52 69.93 38.71 -61.97
C GLY YB 52 70.99 39.77 -62.20
N TYR YB 53 70.73 40.74 -63.07
CA TYR YB 53 71.78 41.64 -63.50
C TYR YB 53 72.02 42.78 -62.51
N ILE YB 54 71.04 43.08 -61.66
CA ILE YB 54 71.12 44.24 -60.78
C ILE YB 54 70.43 43.92 -59.46
N GLU YB 55 71.02 44.40 -58.36
CA GLU YB 55 70.46 44.25 -57.03
C GLU YB 55 70.07 45.63 -56.51
N GLU YB 56 69.04 45.66 -55.66
CA GLU YB 56 68.40 46.90 -55.26
C GLU YB 56 68.42 47.08 -53.76
N HIS YB 57 68.25 48.33 -53.33
CA HIS YB 57 68.16 48.68 -51.93
C HIS YB 57 67.19 49.84 -51.76
N TYR YB 58 66.20 49.63 -50.90
CA TYR YB 58 65.17 50.64 -50.65
C TYR YB 58 65.24 51.10 -49.22
N VAL YB 59 65.61 52.36 -49.02
CA VAL YB 59 65.62 52.96 -47.69
C VAL YB 59 65.25 54.42 -47.83
N TRP YB 60 64.36 54.87 -46.94
CA TRP YB 60 63.91 56.26 -46.80
C TRP YB 60 63.28 56.79 -48.09
N GLN YB 61 62.38 55.97 -48.65
CA GLN YB 61 61.53 56.31 -49.79
C GLN YB 61 62.39 56.59 -51.03
N GLN YB 62 63.53 55.90 -51.13
CA GLN YB 62 64.47 56.07 -52.23
C GLN YB 62 65.00 54.71 -52.66
N LEU YB 63 65.31 54.58 -53.95
CA LEU YB 63 65.89 53.36 -54.51
C LEU YB 63 67.36 53.57 -54.78
N TYR YB 64 68.18 52.60 -54.41
CA TYR YB 64 69.60 52.60 -54.71
C TYR YB 64 69.98 51.24 -55.32
N CYS YB 65 70.32 51.25 -56.60
CA CYS YB 65 70.49 50.03 -57.38
C CYS YB 65 71.94 49.88 -57.80
N PHE YB 66 72.48 48.67 -57.65
CA PHE YB 66 73.83 48.34 -58.07
C PHE YB 66 73.81 47.12 -58.97
N ALA YB 67 74.34 47.27 -60.18
CA ALA YB 67 74.46 46.12 -61.07
C ALA YB 67 75.58 45.20 -60.60
N THR YB 68 75.55 43.97 -61.09
CA THR YB 68 76.57 42.99 -60.72
C THR YB 68 77.47 42.70 -61.92
N GLU YB 69 78.37 41.74 -61.72
CA GLU YB 69 79.31 41.35 -62.78
C GLU YB 69 78.58 40.66 -63.93
N SER YB 70 77.46 40.00 -63.64
CA SER YB 70 76.67 39.40 -64.71
C SER YB 70 75.95 40.47 -65.52
N GLY YB 71 75.65 41.60 -64.90
CA GLY YB 71 75.03 42.70 -65.64
C GLY YB 71 76.03 43.54 -66.39
N MET YB 72 77.18 43.82 -65.77
CA MET YB 72 78.19 44.66 -66.42
C MET YB 72 78.89 43.91 -67.53
N LYS YB 73 78.84 42.58 -67.51
CA LYS YB 73 79.23 41.80 -68.68
C LYS YB 73 78.19 41.93 -69.78
N TYR YB 74 76.92 41.95 -69.39
CA TYR YB 74 75.84 41.91 -70.39
C TYR YB 74 75.63 43.28 -71.02
N PHE YB 75 75.81 44.36 -70.27
CA PHE YB 75 75.40 45.68 -70.71
C PHE YB 75 76.35 46.30 -71.73
N ASN YB 76 77.66 46.12 -71.53
CA ASN YB 76 78.60 46.64 -72.52
C ASN YB 76 78.67 45.75 -73.75
N ASP YB 77 78.18 44.51 -73.63
CA ASP YB 77 78.12 43.61 -74.78
C ASP YB 77 76.94 43.98 -75.69
N GLN YB 78 75.96 44.69 -75.15
CA GLN YB 78 74.77 45.02 -75.92
C GLN YB 78 75.06 46.09 -76.96
N LEU YB 79 75.80 47.13 -76.58
CA LEU YB 79 76.13 48.20 -77.49
C LEU YB 79 77.41 47.94 -78.29
N GLU YB 80 77.91 46.71 -78.27
CA GLU YB 80 79.23 46.42 -78.82
C GLU YB 80 79.19 46.35 -80.35
N ILE YB 81 80.16 46.98 -80.99
CA ILE YB 81 80.37 46.91 -82.43
C ILE YB 81 81.45 45.87 -82.68
N PRO YB 82 81.25 44.92 -83.60
CA PRO YB 82 82.28 43.89 -83.83
C PRO YB 82 83.57 44.42 -84.42
N ASP YB 83 83.49 45.27 -85.45
CA ASP YB 83 84.70 45.81 -86.08
C ASP YB 83 84.54 47.31 -86.29
N VAL YB 84 85.63 48.05 -86.11
CA VAL YB 84 85.68 49.49 -86.32
C VAL YB 84 86.83 49.80 -87.27
N ILE YB 85 86.52 50.49 -88.36
CA ILE YB 85 87.51 50.82 -89.39
C ILE YB 85 87.65 52.33 -89.46
N GLU YB 86 88.81 52.84 -89.07
CA GLU YB 86 89.04 54.27 -89.01
C GLU YB 86 90.19 54.68 -89.92
#